data_7AOI
#
_entry.id   7AOI
#
_cell.length_a   1.00
_cell.length_b   1.00
_cell.length_c   1.00
_cell.angle_alpha   90.00
_cell.angle_beta   90.00
_cell.angle_gamma   90.00
#
_symmetry.space_group_name_H-M   'P 1'
#
loop_
_entity.id
_entity.type
_entity.pdbx_description
1 polymer bL28m
2 polymer uL29m
3 polymer uL30m
4 polymer bL32m
5 polymer bL33m
6 polymer 'mt-LSU rRNA'
7 polymer 'Ribosomal protein L3 mitochondrial, putative'
8 polymer 'Ribosomal protein L4/L1 family'
9 polymer 'RIBOSOMAL_L9 domain-containing protein'
10 polymer 'Ribosomal protein L11,uL11m'
11 polymer '50S ribosomal protein L13'
12 polymer 'Ribosomal_L18e/L15P domain-containing protein'
13 polymer '50S ribosomal protein L17'
14 polymer bL19m
15 polymer bL20m
16 polymer 'Ribosomal protein L21'
17 polymer 'Ribosomal protein L22p/L17e'
18 polymer 'Ribosomal protein L23'
19 polymer uL24m
20 polymer mL41
21 polymer mL42
22 polymer 'Mitochondrial ribosomal protein L51 / S25 / CI-B8 domain containing protein'
23 polymer mL49
24 polymer mL52
25 polymer mL53
26 polymer mL63
27 polymer mL64,mL64
28 polymer mL67
29 polymer mL68,mL68,mL68
30 polymer mL70
31 polymer mL71
32 polymer 'Tetratricopeptide repeat'
33 polymer mL74
34 polymer 'Mitochondrial RNA binding complex 1 subunit'
35 polymer mL76
36 polymer 'Chaperone protein DNAj, putative,mL77,Chaperone protein DNAj, putative'
37 polymer mL78
38 polymer mL80
39 polymer mL81
40 polymer 'Peptidyl-prolyl cis-trans isomerase'
41 polymer mL84
42 polymer mL85
43 polymer mL86
44 polymer mL87
45 polymer mL89
46 polymer 'LIM domain containing protein,mL90'
47 polymer 'Peptidyl-prolyl cis-trans isomerase'
48 polymer mL93
49 polymer mL94
50 polymer mL95
51 polymer mL98
52 polymer mL99
53 polymer mL100,mL100
54 polymer UNK1
55 polymer UNK2
56 polymer UNK3
57 polymer UNK4
58 polymer UNK5
59 polymer UNK6/mt-LAF15_2
60 polymer UNK7
61 polymer UNK8
62 polymer UNK9
63 polymer UNK10
64 polymer UNK11
65 polymer mt-LAF7,mt-LAF7
66 polymer 'DEAD-box helicase, putative,mt-LAF2'
67 polymer mt-LAF4
68 polymer 'Acyl carrier protein'
69 polymer mt-LAF15_1
70 polymer '50S ribosomal protein L14'
71 polymer mt-LAF8
72 polymer mt-LAF14
73 polymer 'RNA uridylyltransferase'
74 polymer 'GTP-binding protein, putative,mt-EngA'
75 polymer Complex1-LYR-like
76 polymer mt-LAF12
77 polymer 'SpoU rRNA Methylase family'
78 polymer 'Pseudouridylate synthase, putative'
79 polymer 'GTP-binding protein'
80 polymer 'Lipase (Class 3)'
81 polymer mL101
82 polymer mt-LAF19
83 non-polymer 'FE2/S2 (INORGANIC) CLUSTER'
84 non-polymer NICOTINAMIDE-ADENINE-DINUCLEOTIDE
85 non-polymer 'ZINC ION'
86 non-polymer 'MAGNESIUM ION'
87 non-polymer "ADENOSINE-5'-DIPHOSPHATE"
88 non-polymer "GUANOSINE-5'-TRIPHOSPHATE"
#
loop_
_entity_poly.entity_id
_entity_poly.type
_entity_poly.pdbx_seq_one_letter_code
_entity_poly.pdbx_strand_id
1 'polypeptide(L)'
;FSTFALNPETSVAPHGPPRGLVNRYVSMGLPPWAAWCNKVNRYSLYRMSGVTQRSFLPKPPQEMDVIWLNERVRERVRTS
RQVQNVYRQLKYPYVKTGIHYSDVLDHWVQVPMVEAAMFEVEKDGGFDNFILKRSGPELRSTYGERIRRHILVRQKEIQK
NFVLQKQAQMLVESMEKEILPMEDGKKVEEVLEKYGIDKEQLLRDIARAAVAKKQQL
;
A1
2 'polypeptide(L)'
;SAAAFYEFVDNNFLNNKRPPVPGGSWTVEVLRNKSLADLQHIWFLLLKERNMLKSMKEHYLRHQEELGAMPAPSRLKMID
ESMRNIKRVVKERDEEATARAVEIFKERLKRGIYRYPPGPPPPPGAHDKTSVVKVELSCYVEEERLRELFGRYDVFEPHK
GIVRVELKLPDEVLKQKEEAEQLWTQYMAECSDVKAYHQWSTAAPSAYDYTEVELAPGIFANDAISDKGAKHSGDTETHE
GVIVAARVPVPPPKEKQPPPKNPLERLKAERRSYLARTTIQLGYFPNVTLPPPRYETVEAVPRPVHPDEIEGPWEAYITY
DREDGLSYAQSLGITTIGVATVLGLTEHVREPQPYAVVDPVYCEALRRERAREETLMKWPHVPEWKYEYSTYTRKHLADI
VQYNYTNVVDYVDREVLLTGKSVWECPIHIDHTCGGSKTVPPHAKKPVRYMDAGIANVGVTDI
;
A2
3 'polypeptide(L)'
;AAAIAPGPYRRVGNIFIVHCDDHPFKHSWEVNRMLRELRLEFKGQTTIVPDIPQVRKRIWRVRHIVKVDVLDLDEAKALI
GVPEHISFTDLASQLPPSFGRVKAVPSPVIRSKMNFMKLRRMRLRDVLHRDALELRLLELKRSAMKNDEQ
;
A3
4 'polypeptide(L)' PKRKKNPMQLRRKVYGLHFKEKYLKMEEWYYCPLCAEPKKPGEWCRREDCRQIKP A5
5 'polypeptide(L)'
;PKMGCEEITRKARRVQLQPTEYLAQHRMQVWQLRFKEMGPPFSRVWVALGGKMRRRRVGRQVDVKDMRYYWRPIEPQYQR
LYMSRLRIRDHSNKLRQPMRLRATNADIGSGSSSIEWERASNRKYGAMLAPPKRQDFEFRVV
;
A8
6 'polyribonucleotide'
;AUUUUACCAAUUAAGAAGAAUAUUAUAAUAAUGGGUGUCUUAUAUUUUAAAUAAAUAUUUAAAUUCCGUGUAGUAAAUUU
AUUAUUUGUAUUAUUUAUAUAAUAGGUGUAUUAUAUUUAAAUUUUAAAUUUGUUGUUUUAUAUUUAGAUACAUAUUUAUA
GAUUAAUAUAUUUAAAUAAUAUUUUAAAAUUUAUUGAACUGUAAUGUUACAGUUGUAUGUACCAAAUAAAUAUAGUAAGA
UUAUUUUAGUUGAAUUAAUAAAUAAAUAUUUAUUUUUCUUUGUAAAUAUUAUGAACAAUUUAAUUAACUAAAAUGUUUGA
AUAUUUAUUUUUAUAUUUUUAGUAGGUAAAUGAAAAGUAUAAAUGGAUAUAACUUAAUAUUUAAUAUUUGUUUAAUGAAA
AGUAUUUUAUAUUGUAUAGUAUUAUUAUAGUGUAUAGUUUUUUAAAAAUAUAGUUAAAUAAAGUAUGAAUUAAUAUCAAA
AUUUUAAUAAAAAUUAAAAAAUUAAAAUAGGGCAAGUCCUACUCUCCUUUACAAAGAGAACAUUAUAUGUAAUUGUAUGU
UUGAUUGGGGCAAUACUAUAUUUAUUUAUAUAGCAUAAGAACUAUAUUCUUUGAAAUUAUAAAAGGAGCAGGUUAACAAG
CAUGUGUUUCAUCGUCUCGUUGUAAAGCAGAUUUGUAUAUUUAAUUUUUAUAAUUAAUAAUAAUUAAUAUAAGUACGCAA
GGAUUGAUUAUUGAAAAAAGAAAGAAGAAUAUAAUUUA
;
AA
7 'polypeptide(L)'
;RTDWYRCYPSLMREKDRDMYHCYYPYLFDHGDKMSLYPKIPENPREWQPEQLQTTYDAIREDKYDAFIRLREKFPELYQD
TRAWDNPPPFGEFNMFYSVRFGMVGVKAFTCKDYDELGNQFDCTAFWFPDNQVVKHSTRNGEVGTDKVYVGAMNVPVEFH
KPHVAAFYKAAGVPVKHVCAGFPITPDAYAPVGTKLDVRHFKPGQEVTITFQNTDYGFRGVMFRHGFDGGYVWLGDSRWQ
RRPGAMGTEGQKRIYPGHRMAGQTGAAAETYQGVPVWRIDYKNSLIYLPTLLDADVGTYVRFSDTINTKGLTLWNEHRGL
PAFPTFIPPEDEDLSKLATDECQLKSPPLYMYFRDEFPATQLVSQAD
;
AE
8 'polypeptide(L)'
;SSIFSPRYDWRTSGVHDIAPRDEGDFLYQGPQHVLPGAHPLPLHHPHNTITRPVISPYIPSPQRSHPYFTAPLPELPHFS
TTKPIVYTYGTMKERIIAPVFNLKNEVIYTRELDPFIFGMYPEVEELSKNLTYWMVRCQNFASKWDYETREIWRKAKKNW
PNTGMGMPRVGNRKNHLYTWGGRTKPSKPWNMLMPTMDVKTWSKSNRMMLTLKMLQGRLQVVDRLTLEEPTQECYLELCR
NMSWDVRHTGGGVLFMDGGSRITPSSEFDRAFFFGSFFNGRNKIVRPTVLCDEQYDYNKTAAKQRMKGPKGAKNPIPINR
FNAYDAMKHDRLVITEGALMQLEDELYEHKLQILPPHIRNQLPEYGYLDSEALGDCVPSLKTIQMEAAARTEEAESDMYK
SFIDNPYNPWKDNMDASYAVDGADGTVQKFVDGKKVSWSMLS
;
AF
9 'polypeptide(L)'
;VAPWVPPPRHDIKVTMPPPPGGEVGGRFGVSQGYSDRLARTPYWKRMALSTYKLRMMENATRYPMSEHRPGEYDIRYLPT
PYPCTIRNRPLLEVGEPRQIPSIRIPVIFLVNLFDEAKGCWFGRRYETVYVERQFMREELMPQRYAIYATPEAYKLLGLP
VVNHHTHEEIPKTPREYEKLLERQRYDEERWKYTIEYLFRKYEDGPPELLDR
;
AI
10 'polypeptide(L)'
;LPEALVVEKARDIFGRPEFPGKRVLHNWRFFIKAGKAATGPPVGQEFSKLGLKAMDFAKVFNDRTKPHFKEDVELIVRIQ
VYFDKSYLFTIEPPPTAWFILRALRKKRRETGPVPLRGHYCALMTLEMAYEIAKMKPLCWGRPEYPLLETRVRRVVGQAR
RMGVCFIGVDTPYSSPVKDMTEQQYTEECERYRRIHMEQYTTLRQRELEEAAAAAAAAAAAAAAAAAAAAAAAAAAAAAA
AAAAAAAAAAAAAAAAAAAAAAAAAAAAAAAAAAAAAA
;
AK
11 'polypeptide(L)'
;APFKSVLRRHKHHPEGLPLYNDMSKQWLCREGERWWLLDARGEQLPRVAAVAAQYITGQHRPDFTPGMITGDHVVIVNIK
DVVMVGDQWIRVPITWQTAYPGGKYRIRLTDMYERDPCMLMWWFLKDEVNRHFVRKLKTRIAPLEKAWLYEDSIHPHADK
NPRPLCWTDPE
;
AN
12 'polypeptide(L)'
;RYRLFHPRREAIPMHMCPAKTIFPLINSNNLLVKTRNSWEDFTGRKEFDEDHPLPVVGSRLNGRTTQHKWNHWDQYLNPQ
ITQSIKDLTPTPEYVGMRCGHNMIKMGWMKIGGSWKYSRGYNDRRRVFARGQWQERKMTPRFMLAPRVSAGGPRNRYEGK
LVFSPLRLSKLLWAIDTGRINPNEVITLYHLRQANVVGEREIVWPGFVLISNGVRRVPYPIHIELQNASAESIRLIEEAG
GSFTCVYMTHEGLYQELHPEEYPIFMDQELPERRGLESLATNPSKRGWLTRWYEDSSKYAHPAAGRRYSHYLKPPTERDF
PATVEEYEMVKHHQKWHLNQPGTGTLLPWHSYNT
;
AP
13 'polypeptide(L)'
;RAPPVIGCTRKARWAGIDDNPTITYKPWDTTEPLMADYGWTRGKLPKFRARSPFHRQQIARRMVTEMIRKDYCIVGGARA
PALRILADHVVELAKAGDTDSRQQLAYFLHDPLMVDKAFDEYPRRFKDMNAKYAMMTRLKSRRRTDAVAMYFVEYKNRDM
SDNHKGEDYSAGPERFFLPPRIVETEKGIQRPPHMQMAFDRWASKFKTEEFHHWWRLRHAKLRYWGVRNVPHPSDVDPLW
TEKEEEEWHNEMLANT
;
AR
14 'polypeptide(L)'
;GYTRERTNRHFFVARANAFFSRLPIARVQRSLAMEAVREGRMRPWKYTKEQILGAPVTCNFEYNPRPVRLIGTVMDAHTE
ETSIKGGLKVYARNEETNMMLWIPPGNPKLRHEVTSTKGSFQHYLDERDKWDEAWITG
;
AT
15 'polypeptide(L)'
;HYRAKLELDRIRSMLRGRARLERKVGLKRLFFLMRTQTRYRVEQQAHWERAIVRKNVDSAAREHGTGWQHLRNELGRQNV
MLLPRSQQLLAQYEPLAFRAVVELCASRIPPPPPPVVASVPEESYTLWPPASHDNSECASTDGSDAPHGQQQSLSHPAAR
VELRCGVERVLRRGPSGLGNNVNELIDAWKEFDVSP
;
AU
16 'polypeptide(L)'
;NGLRCPDALITRTLNPLLNGPKFAVIYCGNHQYKVAVGDVIAVQRLRVEIGSHIALKKVLMVGGPRFTAIGRPLLEGVRV
TAQVEEQKRMRNVVSLFATPGRRHVRWVDAPHAATIIRICEIFYSPNVVGELDKYKGELLETFTPGQHTNPVYPVDDGYD
VFRKKDKEAMENATTFLDLL
;
AV
17 'polypeptide(L)'
;PRPAPRFAMGHMLPHRSNVGSQFLHTQRHGSRSTWYKKHYFSLRPFAIQRHHGTTPRILLDRSLWKSLWITKLQLPDINR
WERVVNSRRVTEDRYAFVEEEGVMHKVNWGLYCERLETELTVTQERLPQHTLLMKAVPSSWKKLDIDISVIRGLSLREAM
AQCKLSLRKGHQIVFRALEMAQQGAEAKGLDKEHLRVAHISCYPGPTDKQIDIRSKGYYAWKTKKSSHLVLTLAEDPEMV
LPDRTCLPYSSLMSMKRAGLSAQPTVIDVPAITADGI
;
AW
18 'polypeptide(L)'
;GWRTWEYQHTRPDPRPFPDPPVNDYFGRSRIWNPIACKLGYVRKKADEWGWPNKPPPPTGLRYSQEFFPFFFERYFPDAE
VRLLLDSVLNNETKRPVFQIPCSMSKVELVNYLKNIYGIDNVVRVEVRNRRGRRYKNEVGEIKMMDDYKVAVVELDTPVS
VELKQ
;
AX
19 'polypeptide(L)'
;MYARFTTRSKFYFRPARPALAYNVDPNVMRRPKVKRGLLKGTYSDETVDLRDRERLELLESMRHPRERDFYQDHTYHNQW
LRRDLEKHQKQQLAARYKYFAPDFEISPWIWYPGDIVEVVSGEGIGQRGTIIAVIKYKNEIVVQNINVQDVVIPASESRP
EQIVQREHPISVTRVRHVDPSTNEICNIEMVKVRNKETGEMEEKRMSLESGILMSIPPVNDELEVGDPLKDTPIQDADEA
TYDREAEQAVLVDKRLEAMEEHFVQSLKQSYEFHEPLRRKNAEDMRQFQTDVIDMACAMLGERLLDTVNASDTSSFPAEW
QEAIAMHVEEIEAEMEEVAA
;
AY
20 'polypeptide(L)'
;KNSWPEWMDNGADGTGYGIGLHRTHPLSRLRGNLKRSPSHVPRVLGMMIQGVWHKSGVKLYFRGGKPPNPSVHPYLTGEP
CPLYGWKVTDESVIRQFNMPSIDGTNFRYKPYVALQ
;
Ae
21 'polypeptide(L)'
;FGGFGMSVYTPKKDRRFRVQPLPSLHANSLADDTPLVTTTRTLSPNFRAFALQDGGVFFTHPSHEQVMRVGQNILAEETK
ATGMTSMDTYVNSRIQSIIAENTVENVALSHWRRRHMWNLVRTHGKLQRHWGV
;
Af
22 'polypeptide(L)'
;SRNGELCLKKVIISYCPSNGAPNTRQFLATHLPHFHAKYPSVSIDLRPRLWPEMAITGVYRDGSERSYNTKNLSPMGIFL
RLNNLVSTANDYDQPFCASHLHFQRRSVQGTWNPWLWNYETERRRTEAPQWRRKLSEKEWDYYVGQYSAQMKQEEDEIQR
RVADRTCVQEQSTREVQERWKRHVV
;
Ag
23 'polypeptide(L)'
;SPTDVAANISAGAMPPEANVAAALPVPRIQYSKWNRALRSDVYDELLKLPLRYKLHDFAKLCPPQRCQEEPEAVGVVGRD
SAVGYLPPLGPADPLDTIPFFVHRSSNGVLPGKVFSMHPRNLMPAFYLRIQQVEGDMFRFEEELLKIFPTKKIFVRSHSI
YVYNVALDGRMVLHHWLLGLGF
;
Al
24 'polypeptide(L)'
;YSEARSNYDGTSLPAWPAPGKKPTYPAALSELRLPQPRMRKTRTEWMYYHGHGGCPGKYGPSREIADFEYADGTPASISG
RRFAFKHHQDHLLVQLIRAAATVERYDASGLLPRIPGTAEQRNWDPAIPLFLD
;
Ao
25 'polypeptide(L)'
;TVGLLPAQLALSRKPRLRPHVGNLKGLVYPLPYYAMWRGNHNKYTYNKSTVCLWGEGDTRSMYHQHYAHAKCPTDYGRGG
REFEYLTVKRGKMLQKPLPRVQYVAEGSKPVWLFKSWHTPLSSPSMWEREVQYAEHTPEHIGAKRPLAVVAPRTMHRYLF
LMHMEKVTITVSPLLFGYGHTIQKAVLDFYRRAISARSPFPKDKVFLFYAIDHITPRIEVTWLDGTSYVPPVLEGASSQD
LIQMVMEEAWLAADRMAAEGRVLNPLAIDDYKWDQLVVFKKVRDKEAS
;
Ap
26 'polypeptide(L)'
;RYRTAWRELLHPLPVRARKMEWLKRDAVEENEEILRRPYYTIKSYALPPAVGRQESIHNSNNIRGGMHSSHSLDLIMRQP
RRVKTPEQLRALRDRLRFIGVTGPMPQATSVSTKSYTDTYGSRLRPRYPESWDTVPPHQPSRELL
;
At
27 'polypeptide(L)'
;TPMMLNIQNMMWWNGKRNLYRATYREKTWYEISRTGAFTKGRRPVMRQKYSREALQAALAMVPPGFEVADVPRPPQRILA
QSEGIVGRWYSNYWTLHSMRYQCLLAGVEWPLGERQRPRTNYDEPFFFADFEESKARRDYRSRWINVNRSLVGMTKRMKE
AEEEARYMQFRKLQDTFWSNRKVLVNRVKSMYNQGA(UNK)
;
Av
28 'polypeptide(L)'
;RYRPIPESMQPKHLEDNFTPFPLPKFDESLEYGPVRLRNIPDIEAAKERRRGSRLAATEVLLQETLQEENQFATSGKGDG
NMAIAITERHTEDVTTPAADSRFPSQTMSPCSHEEEMRGYVVSRDYPLIDRLHCTRSIEELVAQFEDRPQIESRVAALAD
MASTVSFRSDEELLRMFTAISAPFSVDGRGLNFLTVKVSKFGRPYYVPNSLLPAYVNLVDATTIALVREQPWRLSASPAL
FIQVLQFMALIKVFEPNKWFTFSDHAPSNRADYRHAIGVNHSTAFWGTGEELYDFMVELLRVEDDGRIPTMLDLCTREQM
VDLLSGFCGVMPCGKAVGDVFKTITDAFLRRVRNDISGPWSAHDWAIVERMYLVTVLCDAGNNEILQLLLSDTASPRGPD
FFAAVSRTKDTPTKKRALCLLQEAIDNASAKADKVTLLGLLESGSEFLLSLVDKGVAHTFATQNLFDYRILNSFLHCSLV
ADRLRVEQSVITSLIPSSLRDVQVQMLMSNERNALNPLTSSLPGNSGAIATAPKLKRPLMTMLSQLEYLNSIDSVFILHS
SLMATSTDQLVSAVRRLPSGKDSLIVTMSCLRALSVKSLTSPSMKERIACARALEIVSYELEKGRAVLLPFSEEILLHDA
GAYCDEDLMLWTVAAFLARELPLVKVHTLMHSNCTARTPYRFLKGGHNLLVSSRSLYDKGAPLLSSLHSKELRLVTHNVR
LRTPVRDRKCTLQYYNPIRARFVYRRDKPLFDKYHVTARNLAPGFSRGALKHDWRALGVYTPDHPQVPYHPLQTWMLG
;
BA
29 'polypeptide(L)'
;KAWFEPYTPKKFDMEHQRISHNFYNLETKLIWTAFDTPELIGILLHDETIKGAPHLYDAEFLESAVHWTRESRYWRCIGI
TKPFYNKTTLRAQCWHDRGLQVGTLVFSQAMRDALMDLERAVRRKELGLEPNYVWDRWGPVGFIDGARTDHLPRFAHNPY
VDPDGVEVTEVDIAPFNTHEQIKERYGAFIDPDLRPFAAAAAAAAAAAAAAAAAAAAAAAAAAAAAAAAAAAAAAAAAAA
AAAAAAAAAAAAAAAAAAAAALAAAAEKVEALRLMENTRHDAARVRTFYEEKCGFSDFMRTPDKVITAAVLCYLQELQRI
CTETDWGKPLARCLTDLERVNVMGKDAFLVYRHIEDAILDKKRRVWATRFA
;
BB
30 'polypeptide(L)'
;PICPGLCGELAAVPFRVFLGTLPTLAVEERFLRQLQPVFAWYSSRKRVKEQANEFIEIDLASCDAELLLRYSHIYYVRRQ
LFDELIERQMTLLDSGKAPKMAEPSLLQCLAGCNMTIADRLQLEIRQLGAAKRAASVPGRRELDPVARLEVYDYACMMRL
VEEDAGAVGDAEMKARAYLPREVIESKLGHLTQLLLGSDARAALDKKDVKLLNRMIPPDYTRVGCVEKLRPFDVTAYFRF
YGERINNVKVENYFKRALWGHVYRRFATTPSFLSGVSTYWARHSGLDASFTTTTMPQEVAVAVCDQQIQFPAIKFRAQYV
YTSPETARQLWRTDAAVPLMRLFPLMGSRTAEDLAAGVLTDAFWMHLGLSEEENLLQDSLLLKVRRFVDEVGDMYETNID
SVLKRVDDNFKQVVPQL
;
BD
31 'polypeptide(L)'
;YQRGGWSPGSKHQKHMTLNPTLYLYRFPGPHGPGPYTMKYWWTLGCFPTGMEVPFRLHEFLSTYQQEHVPVEVEEWLRCY
IKDPLSELVNASNDFFKAVEVYPEVESARGYKTLQPSIAPLLVPMKKFEEQLGVKISPVGLRSVLSNPVLKDRFLDDLFD
YKSYVEKGGSTPHRRLARSRFEGSLSVLGECEKCLPEQHQVEISESLGTFIGATVSPAETTADDERSLILLLTTISEGCI
NAGNYSDAASVLADALMFCHDPDSQATTHANISFASLLNADFKGAEYNGREAALLQPQVKPTSTACARGYVGWAAAAAYQ
DDFEKAEAIVKDGLTLYVGNEHLEKLANKLQALREEQPSVYKQVPRSLRESRSHLPSQQSRGLLSGSGKGFSNEFDWVEF
KNKLYPSKMDPRNNEMGSVFRRVGDLGSFISTSRSMER
;
BE
32 'polypeptide(L)'
;MSRSAFSSRGALLFSSAPLQCQRRWVTRLYTSYYTGVLYPNQLVQPKQRLPADVSVSAILQKRSEPEAAAERGSNKGDKV
DVSKGEKTPRVSWDDADSTDVMRVDNTQQLKEAPQVERPYVPLGEVAKLELQGDYYMEGGMFQEALEHYGVVAKAYNYAY
PENHAQRIGIRIKLSAAFRQTGRLESSLANIEEVLRMLDASTRPSLELICEALLELGITREALGMKREATEAYEEALEVV
NSFHNWGESHRMLRLLPRLGRRFNYNFEEKFVYFSPFDYDRTFALVDQCLERAETIFNEIGDVEGAIRVLQQRKEMIDKK
FFNMRDFAGRIHTMRGHWKRRAQHLTNAPTPDELLRYSPTIHQVHRDFKYELTAPIGREKEVMPGVNRLVLDMGNPYRRR
GRLSNKMLKDADHKFANYVRQ
;
BF
33 'polypeptide(L)'
;PFKGLPKPKRQFGNEAAEVIWPYALLLERVVKVHPFTKSIYVYYAQRQSTARGKLAAEIARSFAREFLIPITFHNSQVYT
EAEMLLEYSETPWVVLHSLDNGQKPRILPVAPVEGTPAHTAVEQLLAEVVQGCEALGASVADPVTATRVLNERPLQNQYV
RVDYQWFGDTPDERASHLVRWEFEPEQIEPKIRHRTRHVLDWLNYDGNLPTHRAVHVNAMREKAR
;
BH
34 'polypeptide(L)'
;TRRGGKNLAWRPKMSERTLEQFVPLHLAFPRRHPNSWQERQFHLLGYVKWPKEIGFYNAGDNFELTPQAAYRIYKQNCDE
TFWTRLHNEKTIIHLLPLVEQDPGTNMVLVDDIFRHHLKRFGADHYIYNAVMQAAAFAKDFPRCEQLLAEMRGLGLEPNA
QSYVNMMLGARLTGKPRDQAEAFFREGIKTGAISAVMRLDTEFQMWMNQLERLGSFKAKVGYLSVNEEGASPMPRDMWAL
WGWHRTEAKFISRKQMISEQVQNRVRSGKELVGTVYQKARRQPWAKYNGMFPYDYNGPARRPAASFVDAPTPTHNAEVCG
TAY
;
BI
35 'polypeptide(L)'
;LEEETIRERVIYQVVEGVFRLSPTSADRRELRSVANIIDYVLTHVRAARPTDRERRQERPITSAALAVMQKCPIQPQLGF
VHALPHDTRDALLQEWERMHHLDWQFGKAVYTPRSKENVRGNLTWLREDRHYDQRMKFMQEVESGEARAKHMKLIAEAAG
N
;
BJ
36 'polypeptide(L)'
;VRNLYKRLGLDHKATSEEVKAAYRQRALECHPDVVDDNQKAQAEVDFRAVSEAYDVLIDPQKRKEHDKALGLERTVPPAK
KQQEGEGVGCDSKGSFNRGVTRPRNRKPFVRGDADRNFREAFHGMSLDQVLFRERLRQRRMQKQMEEKAKAAAAAAAAAA
AAAAAALSRDPQPPPSDYMPFRPFHGWTVPNGVRTPPEPTLGPTAKVEDVKDVQLAEPAVGDASHQRKLPKHFPTVQASD
GSSLLREETIACMERERRLPHNMGKLYSYHRPY
;
BK
37 'polypeptide(L)'
;VYGGSGRGDLLYENPDARRHSGRALGVLNGVRHSSQATMPESGQLYYRKLILHSRPPNGSCAGLQRHCHDTCNWSYLIPS
LHRCAESAISAKLWEKMCQLGLEDRSKAWVNLTQYERQRVRDGQNLYRYEVHQRLPLLEESIGWAQLDDLLGWFRSARRA
WVRLPTSVTLSRESSEAGVASVVSPSSAMSCRLEGHADSRDTTPGRNQVFDTPERVEQLTEATVHRIREELQRLNRSERS
DCEGSAAMRASARRLARDEELSRCVEEELGWHGVAL
;
BL
38 'polypeptide(L)'
;WQSGVHTPHGVVYRGAKMKNWPEQRIPENFKFTEEQRFRTKAIPRDVGTIPRNFVLGVLYRHQPCEVGGLWEHCTNDPEI
VLDSKRHLREVLKQAREEGFVTFERDAISNEWLCFLTRERYEEVQRIVTAKSEAVDTHSGLRGAAATETSTYAEKFREMN
VEAKEAHARRLEEEVANTTRYLRRFQQREIDYLPYTDLNGKVNFMWWYETRDVQ
;
BN
39 'polypeptide(L)'
;YWPYNEDFVPEGAETSRFQSSGSPGTRRRVLQEYALSPLFGARVPCCVVGTLRTAKEIIVLKRDIQSLLCELMELPQGSV
TLGPLQQLREMMLYRHGTPLSPRLGDERQLNMDAYARRPIAARTMMDVFLAEDMSLDEIVNFGRLSLGKLQIALNNLRKE
NAEKSSADCEDGSAVEPAQLLVDRMGISYCEIPSLDESDYVFAEVGGVAVTDEEAERVAQRWAERCE
;
BO
40 'polypeptide(L)'
;LQYFVPYERDEVNPVVFMDVTVEGDALGRVSVELFHDIVPKTTENFRSLCTGERGYSQCPLFYKGIPFHRVIPGFIVQGG
DILLKDGRGNVSVFGFPFPDESFEGKAGKHLRGTVAMAHSAPNQNGSQFFFNLARNDHLDGKFVVCGQVIDGWEVVDRVA
VLSGSSCGTPVSRAWITECGQSSGD
;
BQ
41 'polypeptide(L)'
;MAPELQLEYMPVLFTRTILGPQGGFAGEERLVKLEVARKYMEAGHAVTPTEELRRGLWCYNPDTDKYDCFIERNEEFLDF
AARKRQWLDVYWRVNTGYLLFGRQSWGQGFLINCPLRKRDVAQKLWEQYKVRIDPRLIEFREKDRRTGIQELGHNWCWLY
LPGAEELGINREVYDNKRVKVRIHVRKMNSMFALY
;
BR
42 'polypeptide(L)'
;GIATGGRVTNEDRRWWLVHLECAPDVTPGTFIAWLDCCGTHTCKKLIERNIWTIEQVAALDSDQVDELKYREGCLKMDVV
WEHARTIITPLRQREVTGGVESELQGRIMELRKKRELERRREEILKERANVSEQREETLRKLRE
;
BS
43 'polypeptide(L)'
;GFTMKYKKGTGLWDEDHVNDYKTNRYLSARATMRWYQEMERHQTRNSLNARRATQSHNNNRGLHHTGRGAFERELERRGV
QVEKYPLTTTTGTMRVAELVILRRMELEKRAEEALAEQRGELQKKNPTPSEWYDESKGPLNPNFLRSMRSHYEVDIANLP
DTPLIRG
;
BT
44 'polypeptide(L)'
;ESRHLPVLPMTPRIVFEHANEKRIDTAKRMRRDRRRIEELKTLEFWGWYMKLQRVRGRWCREQGVSSRGVYGPAVDAAEL
WG
;
BU
45 'polypeptide(L)'
;SGAFGCGSYRSVVAGTQNVPRRMTFYPSAYELIQLHKAHREVIRHFYVRDKIFDNKFPGNALANGLFKFVPNRRENYHMR
ELMESIRRRSIWMHRIKQQREINAKVVENMEVKYGKKAAASMLCFTTPDSNAYFAPHRYQDVANSWPNYWQHPSVNHVVP
KPRWRRHRELGGITRVEDPFAVQASDY
;
BW
46 'polypeptide(L)'
;PAYNEDVDRPMVVPPDAICFNCDKPIDAGDVNSYVWIPAGNATVPTPQGYFFHFGCFKCNRCKYRLGHNKFYSKDGKAWC
IPCALGRDVRVPTRRWHTSYVNTHRTGSRLTGHF(UNK)(UNK)
;
BX
47 'polypeptide(L)'
;RISERAFMDIAIGTKAPRRIVFKLFPRKCPSAVKNFIELCSGNVSTDTYESGNRDKLISESALPQLTYKNSTFHRVEKGY
LIQGGDIVTGRGTEQLSIYGGTFSAPEEVRASVFDKPGLVGTASSSPNAHGSQFFILTAKEANHLNGTCICFGQVADGLD
VVQEIEQVPIDPSGFPSLKVSIVDCGVLE
;
BZ
48 'polypeptide(L)'
;QGMFSHQLKRLLQKKSIHRYNWDPLPMYDPRKLVHASRHMDVETWREVPDPHWDERSYLVPDQMFYNIPVPPEYKDAYWW
RELQARRVQCPVEWVSHRMYNKGDRQRYDFQDLAFRKKFEFSYEEVVKNAKDMRS
;
Ba
49 'polypeptide(L)'
;HMVHDSHKLREKLSSRKGIFVIDVRDPGERKLNPVPRSVALHHHDLLSGASCPILPQQKSAAELFVLASNESRGLNSAAA
LRRWGYDSVVQVDYNTLVEAGYV
;
Bb
50 'polypeptide(L)'
;DSFKEHYHRVHLPRRLALQRYARQQSLRNAAKGNVKAEEVPYKYNRWWVNEEHEFVHQYAFVEDPEVTKAKRETLPPVTR
ENIWKEPQQTFFLPFAPYVRVVDYPKDPDAKFLKPVNIPRWKDYMQRTKPVIPRTWY
;
Bc
51 'polypeptide(L)'
;LSVRTEDFFSKEAISHARRVSWAPHTTEKKQGAFAKLARSNFGDPLPSSFAQEPYFEEEIEAHRKHHRPDVYIYKYNVSP
THFSLR
;
Bf
52 'polypeptide(L)'
;GRFNMDEAAAALQLNPAYAAALYRPLNYTFHIRGQLYPAQKGRPSRPGSLAASQGRMFPLYQRNDRLDKELFRLNSRGLT
TE
;
Bg
53 'polypeptide(L)'
;ALFSCFRCGYMYEFAVSNSYCRKLTLRNDHCPRCDQLTLFRFMSVSGMVGNMPFKPIGVPGPSYATLWWRKTREGKEASA
PLDAVCKSDRW(UNK)
;
Bh
54 'polypeptide(L)' AAAAAAAAAAAAAAAAAAAAAAAAAAAAAAAAAAAAAAAAAAAAAA UA
55 'polypeptide(L)' AAAAAAAAA UB
56 'polypeptide(L)' AAAAAAAAAAAAAA UC
57 'polypeptide(L)' AAAAAAAA UD
58 'polypeptide(L)' AAAAAAAAAAAA UE
59 'polypeptide(L)'
;AAAAAAAAAAAAAAAAAAAAAAAAAAAAAAAAAAAAAAAAAAAAAAAAAAAAAAAAAAAAAAAAAAAAAAAAAAAAAAAA
AAAAAAAAAAAAAAAAAAAAAAAAAAAAAAAAAAAAAAAAAAAAAAAAAAAAAAAAAAA
;
UF
60 'polypeptide(L)' AAAAAAAAAAAAAAAAAAA UG
61 'polypeptide(L)' AAAAAAAAAAAAAAAAA UH
62 'polypeptide(L)' AAAAAAAAAAAAAAAAAAAAAAAAAAAAAAAAAAAAAAA UI
63 'polypeptide(L)' AAAAAAAAAAAAAAAAAAAAAAAAA UJ
64 'polypeptide(L)' AAAAAAAAAAAAAAAAAAAAAAAAAAAAAAAAAAAAAAAAAAAAAAA UK
65 'polypeptide(L)'
;NIKGGVGSFLMRRAAPKSIRQKYQTGPQFYKRKFFQFQKGHHRLHRRISGVQTGSPTHQREYERFHHLPGDVRTRPQFDF
TFGETRADRVMFAWRKRGDLQLYQMSGRGETFVCYRCGYPVRSQLVAVKADNWDYRMCYRCYTNTVHRGMENDT(UNK)
;
XA
66 'polypeptide(L)'
;VPQQLKAYGGTFSRSVGERSNHLVSDVVLQSLSPSSTHNSPLLSKNIKTKTVTSFEDMPLYPELRSALRQLRITTPSPIQ
QSAVEVIMQRKDTVVAAPHGEGKTLAYLLPLYQNMIKDRDVYKIPLRERRPRMILLAPTRELIAQLHHVCSVLGEATGLH
AISFTSRKRANHRLSRLLKQQLVDVMIMDPKIVLRLIRARRVFLDDLRYVAVDEADGMLSSQHDHDAVHLLMKVQKRVMF
KHLWPVQTQTVFATAFITRKLEFVVGKKYPDAVTCIRRQRMHRPPGTLRHRFLPVEREREKMDTLQHLLKKHGNRPREIL
TDIEEEQAYSKPHYLSGSLEELVELRGLHLRRRPRMERHDHEGETPIATLSSTSAGDVSNYKVEENRSGFAAKGDNADEM
KERVRHALEGVRPVHWGHLTTVAAPFTCHVPRTVFADGKRCIIFTRGIDCATAVYHRLRGCGYTCSLLHAALPAAVRRRM
FADFASGRTNILCSTDVAARGLDLHVDFVVNFDMPTNALTYLSRAGRTARQGRLGQVYSLYTKRQGVIVSAVRAFLQKQL
PLEGISNWKRHMMEPRYAEWRTHKLNAIARSYVSLITQKTIPAHLERTYLRHNATWRPLFHPQTTGVHGGVPPRQQQRVM
DAITWKAVCFRRGLLARRKGGRAKFG(UNK)(UNK)
;
XB
67 'polypeptide(L)'
;MKVSSRGPIVRWALSRPTSGLVSSPSEWRCGRDLSDEEKHSGLLLRIRDICQPLAKNDQLPVAVVKAQPSDLQVNEVDAV
GDVAALSKVVKGKWRKISRQKTLLIEDDARTPFSDPSKSFSPRVQSYGEYVRLTGKLPRDLPVLRFVLYRDSYSLNSVEN
RLGYVLSLQPDCVFLRDQPGGSFGCITQHGVCLGVTKEILSHASRHYNLHPLIFEPREYFSTDKLHSLLQGARGHHHRVL
LRCVEGSQDTIRALLKKTAERGFINYFWLDRFSVGTNRFFDMAVLAARGDYLKSIGALLHCVAESNGVHYDHFLKYLNAD
PSTVPGIAQTWATTAKHMRSPNWIVQLLRGLHKYHADAECGKSSYLAELWSALPMREALRRSAAEFVWNAMASQRLLSKG
LNVVEGDVVRMGPADSVSGCDSSSLPNNCGNYHLVTKDDEEKGTFKITDVVLPVPYGSVAANNCLFPHLSPLDKKLYVEF
ATKHGMSFLFDEQMPSPLSNPLQFYRHLITKPVNMQVSVIRDPNSLTSIKSDLAVMQERKLVQIGDIDYSTRVREPCVYN
VSERFTEKMEEILKTHRGPNSVVLSCYLPEDSSPFVMLREVFDLRHASFHDLYGLL
;
XC
68 'polypeptide(L)'
;QYLLNKDDVLTRVLEVVKNFEKVDASKVTPQSHFVNDLGLN(4HH)LDVVEVVFAIEQEFILDIPDHDAEKIQSITDAVE
YISQNPM
;
XD,XE
69 'polypeptide(L)'
;QSYLNAVVVSNQVLRAADDVLIALSIGEMEAVRQTHGNLIDCVAALDASLQQTTENEEGGGGNGATQEVDCLSTWPLFTT
IQFLVEEGGLPLGPFPRMSRAYYRLKESTPVVAHSQLVWRTFELSRGPEGPTGELPAWPHRGFLRDIQRQIAEYTTDPPE
RIMAGVTGEKGPLRARVSGARLGLQRTPARIPWTMQGL
;
XF
70 'polypeptide(L)'
;KLPAGKPANKSWFRHNLIIRRKASYRSRWGTGAEGYGTGVPFSDQVKLHCVDNTNCKHVRLISKATAERFAHCRVFPAVA
HRVSVQRFKSGRGEVSRHRVKPGNIYWVCLLSRRQTNTRMSGLRTNFDRNTCILMNDQRVPLGTRVMYCAGRHVNHKYHL
KAVVLANFFV
;
XG
71 'polypeptide(L)'
;KSVFDIARSHVTFPVSRDGTALRRVLKDWLDYTECQSLQAKPAFPAELCITVHPSYTKRVRLLLWSAVLPWEVQRGLSMS
VLIIPGMLFVMSPESAAQGLCFWSGAIRQPIDIAFIAPVEPPAADTPSFSELRQRRLQLSLEGYDISRFFPDGELESPTV
TFAVQSHSYLDPFPDCEQRDQQVGCGSSRERNKGIEDSRRYTATPEGVGRGNENVRYVLETRRNLLRDSIRSALRECRCT
HGGVVWASNTGCGADGNPTGTGECDVEVTISLTLSDELKEDLREKARLYTNYVVPLEGHVRRHIKCLSGISPHPKGDATD
GSDALQQKGTEAVWGEEGCVCTNGSAPFVAPPPIIKPPLPVKVGTLASTRPRSPMLADEAEGRPTRLAPSVFGRHDAPAL
QRAQQECNQLISASALARIPNTSPRAPEIPPIDYEIFDLCLRLGLCQSEAIYYFYGRIMREWSKELRRLRAAKSHGEGGV
NDGNVMVLREEDVHRMLRLVHDPSLQVPPELSACVEAVASLRKITNEVGVPVV
;
XH
72 'polypeptide(L)'
;LKLSPDRTRNEEIQDRQNAFVWSDEHIFRPHQHFTHDPCSWSRSLEQSMKKQRKLSMVERLRSLEQRQLEEKQSASATAG
GSSKCANHMDGEKAEGPRFYGAVGDSEDLKEYVANEDYFYTMQQEEKPNDPPLQELVDEVQSLHVLLSSPRYEDTPLATV
ERLQCAYSEALRCVFDRVRNASVGKTMSCNALLFSWSLLLQGLPALLESLAEKRTEECLVRALSTVHEALNIVLQEFNRI
THSKERVELLPLEGWIESLDVVTHPLTNKDYTSLKGNIRLPESSFKPQCKLDSATVEFVHSRAIQAAAIRMIENDQSDVE
TEPLDPYHLYILLRCMVRLAEKGVNDSHIHRAALLTGMVGERIFSSLERTVAPPRRYSLRHALLGKQLRDASKPHAIPLD
VCAPPGGVKKPPTAADDVLLLTRACTLLMNVATNVLPQTKFKVLETVDTVLKTLSYAPNYDLSTADTVIFSNMVLEELHH
VDEASATDRHLRVLLLLSRLRLSMCADRSALSHLLSCLCNLLPPHSIQQDKLREWKRLRGLVMRHLLYSVRGEEVEQHYT
RVLKSSETWVEHLAFGQYSGGLPLSLWLEACHIYLTAGRKLTVSCAEALITLRGRCKDGGVLRSSNSAGVCPLDFVSVTL
LAQLLEVVSHGCCSADDLVASPVAWDKVRQTIQGAIGEDENTIQLLRAGRLCVADRQATGSLV
;
XI
73 'polypeptide(L)'
;QPLPYDDERFADMLLEMEVEGSLDETWQDGRKAYIEDVKEILEVLRSLKVRDICAIDVSNKTSNFDYMLFGTCEGPRHIH
LAAWAVQEADALKRVCKIRRKQVDHTWEVVPVGRIIVNLMQESLREELSLERKWAVTKCMDPLSVANAPV
;
XJ
74 'polypeptide(L)'
;SFNLPRERQILGGLHADWRTQMKRSGSILNDITPALPDTKRTEEQRRRVAGWRPVVKLLGDQRLRIAIVGRMNSGKSSLF
NLLRLEPTVPGRSNVVRDFDGITRDSVEGQAQLEGMHFTIIDTPGMVQGRMVEEAFRTVETADAAIFVTAVDEDIMPEEL
SLMQYLHLKHMPVVLLANKMDLIQEEEEEAVLDRYNSLGFGNAIPFSARRKSGLEMLAAVLEPLYHIHAMHKVENDWDIE
DLAMQGDESAMEEIRERNCSDRFIRIAIVGRTNSGKSSLVNRLVGFERNRAVDEKNSTRDPVELPCSYKGRKLKLIDTAG
LARHRYRADRDFIGRIHGLSVNEIRFAHVVIVVFDATEGHPNKYDMAVLHSVAAEGRPFLLCANKWDAVLDQSATAEAID
FKIKRQVREVKYSNAVVVSAHTGLNLTLLMDQALELYDKWNKRVRRAELTRLWRKMEKSVIIPYHVARIGRITQVNTRPP
TFLLQLQTKNDSNTLPKALQEMMKNTLVEEFDFRGVPIRLIQEVKD(UNK)(UNK)
;
XL
75 'polypeptide(L)'
;RAAARRMQLERRRLEASTHPPPVDPTAQQACVLYRRLLKAGHQQLLVTDKSYYARKVRHEFEVTARQTSARVRGIMYERG
QWLVENKLGGI
;
XM
76 'polypeptide(L)'
;CSPFLSSLLSPVETVPLHDVTRTYSTMDVVDPPARYNPMVPNVEPSSSSAGHMEQMLENEEEEGPVACAHKNGKLWGVFE
GSEDNKPPAWFYRLCKDLFYRTNSEDNMDDAALVSDIEPSHYISSTENLHIDGCDTTQRSAEAGTDVRDGVDPYVWIPFN
LLDEADYHVGPYRFPSTATYTHEQRTLLCLGDTRREYVHFCDSYAFPGRAQIPTSVGTCPSKLYVNPKQQQPVVYIQLSN
DIPPAMWLPVKGTAASVRRVLAEFASMAALHRDWHHDEFMERHATAVRMLELQRLPAGEGDILRYMAYDARNAQFAFAPI
REFPNQQEFFLGEHDDPEKLMEHVDLCPLLFAIPHMRTVVDLHAEHMIPTIAGPGVATSLYRCIYSKALLFVQVHLSSEV
KLPPQDPEAFKFMWKDSQVLPKMRIPVFVRVVWPTNERMSGGGGLLRRFNRLFGTEFASDIPVDAAMALLYVMQWSGHIK
DFLGVRGMRQRLADLLLASQQPEPTKLYPGTREIPNPEYTVAERLGMHVQYLAQLHDPDISLTIQRLLPVASAPVRMGCA
KAALIAGDRELFRHIVSSEPPGRMQTYMTKLVRKRKTRDLVDAEPRLLEDQYEFAAPLWT
;
XN
77 'polypeptide(L)'
;PASRNIVVPDAVHAKVGSPDTLPAEILQKRAQRALLMQLQQNVIWEGTVISDERHHLIQHFVKLRQNPKYRSSKQMMVVG
GRHLLHELHKRGYTPRHLLVREGQQKPKWATNTGVKTEIIRVDRHVADVCSPGNDGFIGDFDIPKPPPKESLIANKQRFD
RVLVLDNVDDPGLLGTVLRTAAGFHYDAVIATNHCADLYDHRVIRAARGAHFQKAVPIYTLKEEDGDNVYGMLNHILQRN
DLSPVCFAARDDNDATDELDDLVRQLRSGCAQPKSRTSPCGSPAVKRETLSDYCRNNFTKSDAKGQLLMVGPNHKRNSVR
RWSKQLSIPVTQLLLDEVSQTDALIAFSVVLHALRPHGNWDYLPLHNNQEQQETASLELQGMKASVDIGPNRFDLNEKDL
SLDEEEQVEKARLDNELMRWRRLQRAQG
;
XO
78 'polypeptide(L)'
;HARYRPLSLRARQTLSEKSDDLQYHVVTQEWFGERVDSFLTCHYPQWDYETIKRLVQQGHIYRYRKNGKKKFTRLTDRLE
FDELLVVPTRAFWEKQLAPPSGVLEETDGPKFKLSATAREMAHNMVLFKNEHVIVINKPHGLPMMPTDDPQEMSIAAMLP
AWKFTNVAKPVVCHNLDRETSGCVVLARTRNAHRMLGRMFVKRVVPNSVYWSFCVGKPTVNYGRVRMHFDITRGNKGDII
VARPSPTKTSKVAIAEFVVNASALEFGSFISFYPLTTRRHQERIMAAHALRCPVLGDAKYGGDAAFPSSLSLFWDPENKG
LPLHLHHRKIQLPYKNTAGEFICVTAPLPTQMEKTFKKLGWPCEVDDPLIP
;
XP
79 'polypeptide(L)'
;SRKGMSREAFVDINEKGAAWYLGHMQLASRTLAEKVKDADFVLEIRDARLPFTTGNPNLQKIIIDRPRLIVFNKAEMSNE
DCNRVIQQYYERTGNFALFTSAKRSWRDTVEAVQRFVTHILPAQRFKTTANVGLVVGMPNVGKSTLINSLRLAHEYQFHR
EDFRRPRTPEAVSIAPGTTRGVKLVPVCKDPNIVLYDSPGLTLPGCFAKEAGLKLAACGIIPTNDITLPRSLVARYIYDV
LSAAGVGEHMAECLHLPRAPISFDDCISMICERSGTSGQTDLGNLDPSRAQKFLIHDAQLGNLGR
;
XQ
80 'polypeptide(L)'
;VPSAIRIDTRVAYRRLIKVADQVTRDCPLYQTEGLRQYVGRRFLERAERNRQQYRHLLHDGSGDARGGRRKFQKQRVLTA
QYGKFIAKELQQVHGLAELLLRAPGNTALTSMLQVLSAGVGNVHYQQTVERNYVRYCQFEEKKLDRDEVEEEATSDRQNR
I
;
XR
81 'polypeptide(L)'
;KEYRLTVPYRSEVTMLRLANHKAINSNIRELFKKPLVMNNIKAIPRDLGEIPRDYVLRLLFFHQPIRLVDLWTICKEHDD
VPLDSAKHLRLVLKIAKLQRWVYAEKNQTNNLYYYYVHQSRIQEVQQMVRASEVRKKEQESVREIEAEKLRMEEQERRKV
ALDENIVALQNALVSNIAQIQE
;
XS
82 'polypeptide(L)'
;LVKRHKITNNQMLLMRRREPYKPTMKDRQEIADRAKLEEFERKNADGLMFVPEKALPPWQKSLAHNAKALGSRINFRGFR
VRVADGQDEPGFPTPFR
;
XT
#
# COMPACT_ATOMS: atom_id res chain seq x y z
N PHE A 1 11.29 74.09 9.70
CA PHE A 1 10.12 73.91 8.84
C PHE A 1 9.82 72.43 8.64
N SER A 2 9.14 72.09 7.55
CA SER A 2 8.73 70.72 7.32
C SER A 2 9.93 69.77 7.29
N THR A 3 9.79 68.63 7.95
CA THR A 3 10.82 67.60 7.94
C THR A 3 10.64 66.59 6.81
N PHE A 4 9.55 66.70 6.04
CA PHE A 4 9.31 65.80 4.92
C PHE A 4 9.93 66.29 3.62
N ALA A 5 10.64 67.42 3.66
CA ALA A 5 11.34 67.96 2.50
C ALA A 5 12.84 67.90 2.74
N LEU A 6 13.58 67.46 1.73
CA LEU A 6 15.03 67.40 1.84
C LEU A 6 15.58 68.79 2.13
N ASN A 7 16.45 68.87 3.14
CA ASN A 7 17.03 70.16 3.50
C ASN A 7 17.90 70.67 2.35
N PRO A 8 17.88 71.98 2.07
CA PRO A 8 18.77 72.50 1.01
C PRO A 8 20.23 72.21 1.26
N GLU A 9 20.67 72.23 2.53
CA GLU A 9 22.07 71.95 2.83
C GLU A 9 22.41 70.48 2.61
N THR A 10 21.47 69.58 2.90
CA THR A 10 21.72 68.16 2.72
C THR A 10 21.89 67.82 1.25
N SER A 11 22.77 66.85 0.98
CA SER A 11 23.02 66.37 -0.38
C SER A 11 22.82 64.85 -0.38
N VAL A 12 21.78 64.39 -1.06
CA VAL A 12 21.51 62.96 -1.14
C VAL A 12 22.54 62.30 -2.06
N ALA A 13 22.76 61.02 -1.84
CA ALA A 13 23.73 60.28 -2.63
C ALA A 13 23.27 60.12 -4.06
N PRO A 14 24.19 60.11 -5.02
CA PRO A 14 23.80 59.83 -6.41
C PRO A 14 23.23 58.42 -6.53
N HIS A 15 22.17 58.30 -7.34
CA HIS A 15 21.46 57.03 -7.48
C HIS A 15 21.29 56.58 -8.92
N GLY A 16 21.07 57.49 -9.86
CA GLY A 16 20.77 57.13 -11.22
C GLY A 16 21.97 56.55 -11.94
N PRO A 17 21.80 56.20 -13.21
CA PRO A 17 22.92 55.67 -13.97
C PRO A 17 24.04 56.70 -14.05
N PRO A 18 25.28 56.26 -14.01
CA PRO A 18 26.41 57.20 -13.96
C PRO A 18 26.71 57.83 -15.31
N ARG A 19 27.53 58.89 -15.24
CA ARG A 19 27.98 59.56 -16.46
C ARG A 19 28.67 58.60 -17.40
N GLY A 20 29.36 57.59 -16.87
CA GLY A 20 29.98 56.60 -17.75
C GLY A 20 28.98 55.87 -18.61
N LEU A 21 27.92 55.36 -17.98
CA LEU A 21 26.89 54.64 -18.73
C LEU A 21 26.17 55.57 -19.71
N VAL A 22 25.84 56.79 -19.26
CA VAL A 22 25.16 57.72 -20.16
C VAL A 22 26.06 58.07 -21.35
N ASN A 23 27.37 58.21 -21.09
CA ASN A 23 28.30 58.47 -22.18
C ASN A 23 28.39 57.30 -23.13
N ARG A 24 28.34 56.06 -22.62
CA ARG A 24 28.33 54.91 -23.50
C ARG A 24 27.12 54.94 -24.41
N TYR A 25 25.94 55.24 -23.85
CA TYR A 25 24.74 55.30 -24.67
C TYR A 25 24.82 56.44 -25.70
N VAL A 26 25.32 57.61 -25.29
CA VAL A 26 25.44 58.73 -26.21
C VAL A 26 26.39 58.40 -27.34
N SER A 27 27.53 57.77 -27.01
CA SER A 27 28.48 57.35 -28.02
C SER A 27 27.85 56.36 -28.99
N MET A 28 27.06 55.42 -28.46
CA MET A 28 26.28 54.56 -29.33
C MET A 28 25.32 55.37 -30.20
N GLY A 29 24.92 56.56 -29.75
CA GLY A 29 24.10 57.44 -30.54
C GLY A 29 22.66 57.51 -30.12
N LEU A 30 22.36 57.41 -28.84
CA LEU A 30 21.01 57.40 -28.31
C LEU A 30 20.86 58.52 -27.30
N PRO A 31 19.64 58.98 -27.04
CA PRO A 31 19.44 60.04 -26.05
C PRO A 31 19.88 59.58 -24.68
N PRO A 32 20.26 60.51 -23.79
CA PRO A 32 20.69 60.08 -22.44
C PRO A 32 19.66 59.23 -21.73
N TRP A 33 18.39 59.62 -21.79
CA TRP A 33 17.36 58.83 -21.12
C TRP A 33 17.21 57.43 -21.70
N ALA A 34 17.73 57.19 -22.91
CA ALA A 34 17.76 55.84 -23.44
C ALA A 34 18.54 54.89 -22.56
N ALA A 35 19.26 55.39 -21.56
CA ALA A 35 19.92 54.52 -20.59
C ALA A 35 18.92 53.77 -19.71
N TRP A 36 17.64 54.14 -19.74
CA TRP A 36 16.62 53.51 -18.92
C TRP A 36 16.00 52.36 -19.71
N CYS A 37 16.55 51.16 -19.56
CA CYS A 37 16.03 49.96 -20.17
C CYS A 37 15.97 48.86 -19.12
N ASN A 38 14.99 47.97 -19.26
CA ASN A 38 14.78 46.92 -18.27
C ASN A 38 16.05 46.09 -18.08
N LYS A 39 16.59 45.57 -19.16
CA LYS A 39 17.81 44.77 -19.10
C LYS A 39 18.62 45.02 -20.37
N VAL A 40 19.93 44.83 -20.24
CA VAL A 40 20.85 45.08 -21.36
C VAL A 40 22.08 44.23 -21.18
N ASN A 41 22.46 43.53 -22.24
CA ASN A 41 23.71 42.76 -22.28
C ASN A 41 24.48 43.15 -23.52
N ARG A 42 25.57 42.43 -23.83
CA ARG A 42 26.34 42.76 -25.02
C ARG A 42 25.51 42.61 -26.28
N TYR A 43 24.75 41.50 -26.38
CA TYR A 43 23.92 41.28 -27.56
C TYR A 43 22.82 42.34 -27.66
N SER A 44 22.23 42.71 -26.54
CA SER A 44 21.19 43.75 -26.57
C SER A 44 21.76 45.10 -26.98
N LEU A 45 22.97 45.42 -26.50
CA LEU A 45 23.62 46.66 -26.93
C LEU A 45 23.87 46.63 -28.44
N TYR A 46 24.37 45.51 -28.95
CA TYR A 46 24.57 45.40 -30.39
C TYR A 46 23.25 45.56 -31.15
N ARG A 47 22.18 44.94 -30.65
CA ARG A 47 20.88 45.03 -31.31
C ARG A 47 20.33 46.44 -31.32
N MET A 48 20.47 47.17 -30.21
CA MET A 48 19.93 48.53 -30.11
C MET A 48 20.86 49.58 -30.68
N SER A 49 22.11 49.23 -31.01
CA SER A 49 23.01 50.21 -31.59
C SER A 49 22.48 50.73 -32.92
N GLY A 50 21.94 49.83 -33.76
CA GLY A 50 21.42 50.21 -35.05
C GLY A 50 22.37 50.02 -36.21
N VAL A 51 23.61 49.62 -35.94
CA VAL A 51 24.57 49.40 -37.02
C VAL A 51 24.08 48.33 -37.98
N THR A 52 23.23 47.43 -37.52
CA THR A 52 22.62 46.41 -38.35
C THR A 52 21.15 46.72 -38.56
N GLN A 53 20.69 46.62 -39.80
CA GLN A 53 19.32 46.94 -40.16
C GLN A 53 18.49 45.66 -40.12
N ARG A 54 17.51 45.64 -39.22
CA ARG A 54 16.57 44.53 -39.10
C ARG A 54 15.25 44.85 -39.81
N SER A 55 15.33 44.95 -41.12
CA SER A 55 14.14 45.19 -41.94
C SER A 55 14.16 44.25 -43.16
N PHE A 56 13.17 44.39 -44.03
CA PHE A 56 13.06 43.51 -45.19
C PHE A 56 12.03 44.11 -46.14
N LEU A 57 11.89 43.48 -47.31
CA LEU A 57 10.91 43.83 -48.32
C LEU A 57 9.96 42.66 -48.54
N PRO A 58 8.72 42.92 -48.94
CA PRO A 58 7.77 41.80 -49.14
C PRO A 58 8.27 40.78 -50.14
N LYS A 59 8.99 41.21 -51.17
CA LYS A 59 9.54 40.35 -52.19
C LYS A 59 11.03 40.62 -52.36
N PRO A 60 11.79 39.65 -52.86
CA PRO A 60 13.23 39.89 -53.07
C PRO A 60 13.44 40.99 -54.08
N PRO A 61 14.65 41.57 -54.14
CA PRO A 61 14.86 42.73 -55.02
C PRO A 61 14.52 42.46 -56.48
N GLN A 62 14.71 41.23 -56.96
CA GLN A 62 14.43 40.92 -58.35
C GLN A 62 12.95 40.62 -58.60
N GLU A 63 12.12 40.61 -57.55
CA GLU A 63 10.70 40.32 -57.71
C GLU A 63 9.79 41.42 -57.22
N MET A 64 10.30 42.42 -56.50
CA MET A 64 9.47 43.48 -55.93
C MET A 64 8.97 44.35 -57.08
N ASP A 65 7.71 44.15 -57.47
CA ASP A 65 7.14 44.92 -58.55
C ASP A 65 6.91 46.38 -58.18
N VAL A 66 6.63 46.68 -56.92
CA VAL A 66 6.37 48.04 -56.50
C VAL A 66 7.68 48.78 -56.33
N ILE A 67 7.63 50.11 -56.41
CA ILE A 67 8.81 50.96 -56.32
C ILE A 67 8.95 51.39 -54.87
N TRP A 68 9.85 50.72 -54.14
CA TRP A 68 10.20 51.08 -52.76
C TRP A 68 11.63 51.62 -52.78
N LEU A 69 11.77 52.94 -52.76
CA LEU A 69 13.09 53.54 -52.82
C LEU A 69 13.93 53.13 -51.63
N ASN A 70 13.51 53.54 -50.43
CA ASN A 70 14.21 53.18 -49.20
C ASN A 70 13.28 52.74 -48.10
N GLU A 71 11.96 52.72 -48.34
CA GLU A 71 11.02 52.25 -47.34
C GLU A 71 11.05 50.74 -47.26
N ARG A 72 11.10 50.22 -46.04
CA ARG A 72 11.13 48.78 -45.79
C ARG A 72 10.18 48.45 -44.65
N VAL A 73 9.74 47.19 -44.62
CA VAL A 73 8.84 46.74 -43.57
C VAL A 73 9.61 46.64 -42.26
N ARG A 74 9.08 47.29 -41.22
CA ARG A 74 9.78 47.39 -39.94
C ARG A 74 8.83 47.01 -38.81
N GLU A 75 9.32 46.19 -37.88
CA GLU A 75 8.50 45.77 -36.74
C GLU A 75 8.74 46.73 -35.58
N ARG A 76 7.66 47.33 -35.08
CA ARG A 76 7.72 48.17 -33.90
C ARG A 76 7.28 47.38 -32.68
N VAL A 77 7.93 47.67 -31.54
CA VAL A 77 7.76 46.93 -30.30
C VAL A 77 7.13 47.85 -29.28
N ARG A 78 6.13 47.34 -28.56
CA ARG A 78 5.45 48.10 -27.52
C ARG A 78 5.28 47.23 -26.29
N THR A 79 5.72 47.73 -25.14
CA THR A 79 5.55 47.02 -23.88
C THR A 79 4.09 47.12 -23.43
N SER A 80 3.68 46.12 -22.65
CA SER A 80 2.33 46.14 -22.11
C SER A 80 2.24 47.15 -20.96
N ARG A 81 1.02 47.33 -20.45
CA ARG A 81 0.84 48.23 -19.30
C ARG A 81 1.80 47.85 -18.18
N GLN A 82 1.99 46.56 -17.96
CA GLN A 82 3.07 46.06 -17.12
C GLN A 82 4.24 45.71 -18.01
N VAL A 83 5.45 46.01 -17.53
CA VAL A 83 6.65 45.89 -18.35
C VAL A 83 7.05 44.42 -18.52
N GLN A 84 6.24 43.52 -17.99
CA GLN A 84 6.58 42.10 -18.03
C GLN A 84 6.66 41.58 -19.47
N ASN A 85 5.72 41.99 -20.33
CA ASN A 85 5.60 41.41 -21.65
C ASN A 85 5.57 42.51 -22.70
N VAL A 86 5.81 42.11 -23.95
CA VAL A 86 5.96 43.02 -25.07
C VAL A 86 5.24 42.43 -26.28
N TYR A 87 4.65 43.29 -27.10
CA TYR A 87 4.05 42.86 -28.35
C TYR A 87 4.63 43.66 -29.51
N ARG A 88 4.88 42.95 -30.62
CA ARG A 88 5.51 43.50 -31.80
C ARG A 88 4.53 43.48 -32.96
N GLN A 89 4.69 44.44 -33.88
CA GLN A 89 3.79 44.52 -35.02
C GLN A 89 4.52 45.12 -36.21
N LEU A 90 4.33 44.54 -37.37
CA LEU A 90 4.99 45.00 -38.59
C LEU A 90 4.28 46.23 -39.15
N LYS A 91 5.07 47.11 -39.76
CA LYS A 91 4.59 48.36 -40.34
C LYS A 91 5.16 48.50 -41.73
N TYR A 92 4.31 48.95 -42.66
CA TYR A 92 4.62 49.05 -44.08
C TYR A 92 4.49 50.52 -44.52
N PRO A 93 5.14 50.91 -45.62
CA PRO A 93 5.03 52.29 -46.08
C PRO A 93 3.69 52.57 -46.75
N TYR A 94 3.39 53.86 -46.91
CA TYR A 94 2.16 54.33 -47.52
C TYR A 94 2.32 54.28 -49.03
N VAL A 95 1.71 53.27 -49.66
CA VAL A 95 1.85 53.04 -51.10
C VAL A 95 0.77 53.85 -51.79
N LYS A 96 1.18 54.86 -52.55
CA LYS A 96 0.27 55.69 -53.33
C LYS A 96 0.49 55.43 -54.80
N THR A 97 -0.59 55.17 -55.53
CA THR A 97 -0.49 54.95 -56.96
C THR A 97 -0.14 56.25 -57.67
N GLY A 98 1.12 56.39 -58.07
CA GLY A 98 1.55 57.60 -58.73
C GLY A 98 1.07 57.64 -60.16
N ILE A 99 0.12 58.52 -60.44
CA ILE A 99 -0.38 58.75 -61.80
C ILE A 99 0.31 60.00 -62.29
N HIS A 100 1.46 59.83 -62.93
CA HIS A 100 2.26 60.94 -63.40
C HIS A 100 2.08 61.12 -64.90
N TYR A 101 2.65 62.20 -65.43
CA TYR A 101 2.67 62.47 -66.86
C TYR A 101 4.11 62.65 -67.29
N SER A 102 4.52 61.89 -68.30
CA SER A 102 5.88 61.92 -68.82
C SER A 102 5.88 62.70 -70.13
N ASP A 103 6.73 63.73 -70.20
CA ASP A 103 6.78 64.56 -71.40
C ASP A 103 7.18 63.74 -72.62
N VAL A 104 8.15 62.85 -72.45
CA VAL A 104 8.64 62.06 -73.59
C VAL A 104 7.52 61.20 -74.16
N LEU A 105 6.79 60.50 -73.28
CA LEU A 105 5.71 59.64 -73.75
C LEU A 105 4.49 60.43 -74.18
N ASP A 106 4.30 61.64 -73.66
CA ASP A 106 3.18 62.52 -73.96
C ASP A 106 1.87 61.98 -73.43
N HIS A 107 1.87 60.85 -72.73
CA HIS A 107 0.66 60.23 -72.23
C HIS A 107 0.83 59.87 -70.77
N TRP A 108 -0.26 59.98 -70.01
CA TRP A 108 -0.19 59.71 -68.59
C TRP A 108 0.20 58.26 -68.34
N VAL A 109 1.06 58.06 -67.34
CA VAL A 109 1.48 56.72 -66.92
C VAL A 109 1.27 56.62 -65.42
N GLN A 110 0.64 55.52 -64.98
CA GLN A 110 0.41 55.29 -63.57
C GLN A 110 1.15 54.03 -63.14
N VAL A 111 1.73 54.09 -61.95
CA VAL A 111 2.48 52.96 -61.40
C VAL A 111 2.41 53.04 -59.88
N PRO A 112 2.29 51.91 -59.17
CA PRO A 112 2.32 51.96 -57.71
C PRO A 112 3.64 52.54 -57.22
N MET A 113 3.56 53.39 -56.20
CA MET A 113 4.74 54.09 -55.68
C MET A 113 4.52 54.32 -54.18
N VAL A 114 5.42 55.11 -53.60
CA VAL A 114 5.37 55.48 -52.20
C VAL A 114 5.43 57.00 -52.11
N GLU A 115 5.09 57.53 -50.93
CA GLU A 115 5.18 58.98 -50.73
C GLU A 115 6.61 59.46 -50.95
N ALA A 116 7.59 58.70 -50.47
CA ALA A 116 8.99 59.05 -50.72
C ALA A 116 9.29 59.04 -52.21
N ALA A 117 8.74 58.08 -52.94
CA ALA A 117 8.94 58.03 -54.38
C ALA A 117 8.36 59.26 -55.07
N MET A 118 7.16 59.67 -54.65
CA MET A 118 6.55 60.86 -55.24
C MET A 118 7.38 62.10 -54.95
N PHE A 119 7.86 62.24 -53.71
CA PHE A 119 8.69 63.38 -53.37
C PHE A 119 9.99 63.38 -54.16
N GLU A 120 10.60 62.21 -54.34
CA GLU A 120 11.83 62.13 -55.13
C GLU A 120 11.58 62.43 -56.60
N VAL A 121 10.42 62.03 -57.13
CA VAL A 121 10.08 62.40 -58.50
C VAL A 121 9.95 63.92 -58.62
N GLU A 122 9.28 64.55 -57.66
CA GLU A 122 9.18 66.00 -57.68
C GLU A 122 10.55 66.65 -57.60
N LYS A 123 11.44 66.10 -56.75
CA LYS A 123 12.79 66.62 -56.65
C LYS A 123 13.50 66.54 -58.01
N ASP A 124 13.47 65.36 -58.64
CA ASP A 124 14.12 65.17 -59.92
C ASP A 124 13.45 65.96 -61.04
N GLY A 125 12.24 66.46 -60.82
CA GLY A 125 11.60 67.31 -61.80
C GLY A 125 10.98 66.58 -62.97
N GLY A 126 10.57 65.33 -62.77
CA GLY A 126 9.94 64.58 -63.83
C GLY A 126 10.04 63.08 -63.61
N PHE A 127 8.97 62.36 -63.97
CA PHE A 127 8.99 60.91 -63.82
C PHE A 127 10.10 60.29 -64.67
N ASP A 128 10.26 60.77 -65.90
CA ASP A 128 11.30 60.25 -66.78
C ASP A 128 12.68 60.50 -66.18
N ASN A 129 12.91 61.71 -65.68
CA ASN A 129 14.21 62.01 -65.07
C ASN A 129 14.46 61.14 -63.86
N PHE A 130 13.43 60.92 -63.03
CA PHE A 130 13.58 60.06 -61.87
C PHE A 130 13.96 58.64 -62.27
N ILE A 131 13.26 58.09 -63.26
CA ILE A 131 13.53 56.73 -63.70
C ILE A 131 14.95 56.63 -64.26
N LEU A 132 15.34 57.59 -65.10
CA LEU A 132 16.67 57.55 -65.70
C LEU A 132 17.75 57.68 -64.65
N LYS A 133 17.56 58.56 -63.66
CA LYS A 133 18.53 58.70 -62.58
C LYS A 133 18.67 57.42 -61.79
N ARG A 134 17.55 56.77 -61.47
CA ARG A 134 17.61 55.52 -60.74
C ARG A 134 18.12 54.40 -61.65
N SER A 135 19.10 53.66 -61.14
CA SER A 135 19.74 52.57 -61.88
C SER A 135 19.00 51.26 -61.60
N GLY A 136 19.39 50.23 -62.36
CA GLY A 136 18.76 48.94 -62.26
C GLY A 136 18.66 48.44 -60.84
N PRO A 137 19.80 48.15 -60.22
CA PRO A 137 19.78 47.68 -58.82
C PRO A 137 19.13 48.66 -57.87
N GLU A 138 19.28 49.97 -58.11
CA GLU A 138 18.70 50.96 -57.22
C GLU A 138 17.18 51.04 -57.35
N LEU A 139 16.65 50.83 -58.56
CA LEU A 139 15.21 50.79 -58.79
C LEU A 139 14.80 49.33 -58.92
N ARG A 140 14.29 48.77 -57.84
CA ARG A 140 13.96 47.35 -57.78
C ARG A 140 12.52 47.10 -58.21
N SER A 141 12.18 47.48 -59.45
CA SER A 141 10.82 47.34 -59.96
C SER A 141 10.85 46.83 -61.40
N THR A 142 10.16 45.72 -61.64
CA THR A 142 9.97 45.25 -63.02
C THR A 142 9.15 46.25 -63.82
N TYR A 143 8.11 46.82 -63.20
CA TYR A 143 7.38 47.91 -63.84
C TYR A 143 8.32 49.07 -64.13
N GLY A 144 9.21 49.38 -63.19
CA GLY A 144 10.19 50.42 -63.42
C GLY A 144 11.05 50.14 -64.64
N GLU A 145 11.51 48.89 -64.78
CA GLU A 145 12.33 48.55 -65.94
C GLU A 145 11.53 48.68 -67.23
N ARG A 146 10.28 48.23 -67.23
CA ARG A 146 9.46 48.34 -68.43
C ARG A 146 9.29 49.81 -68.84
N ILE A 147 8.94 50.67 -67.87
CA ILE A 147 8.76 52.08 -68.20
C ILE A 147 10.09 52.70 -68.61
N ARG A 148 11.19 52.25 -68.03
CA ARG A 148 12.50 52.77 -68.42
C ARG A 148 12.80 52.44 -69.88
N ARG A 149 12.52 51.20 -70.29
CA ARG A 149 12.73 50.84 -71.69
C ARG A 149 11.83 51.66 -72.61
N HIS A 150 10.55 51.81 -72.23
CA HIS A 150 9.65 52.62 -73.06
C HIS A 150 10.15 54.05 -73.16
N ILE A 151 10.62 54.62 -72.05
CA ILE A 151 11.09 56.00 -72.05
C ILE A 151 12.35 56.15 -72.89
N LEU A 152 13.26 55.18 -72.81
CA LEU A 152 14.46 55.25 -73.63
C LEU A 152 14.12 55.18 -75.12
N VAL A 153 13.23 54.26 -75.49
CA VAL A 153 12.84 54.16 -76.89
C VAL A 153 12.18 55.45 -77.35
N ARG A 154 11.31 56.02 -76.51
CA ARG A 154 10.64 57.26 -76.87
C ARG A 154 11.64 58.41 -76.99
N GLN A 155 12.65 58.44 -76.12
CA GLN A 155 13.66 59.49 -76.19
C GLN A 155 14.46 59.38 -77.49
N LYS A 156 14.83 58.15 -77.87
CA LYS A 156 15.49 57.96 -79.15
C LYS A 156 14.59 58.40 -80.30
N GLU A 157 13.28 58.14 -80.19
CA GLU A 157 12.36 58.61 -81.20
C GLU A 157 12.31 60.13 -81.25
N ILE A 158 12.37 60.79 -80.10
CA ILE A 158 12.41 62.25 -80.06
C ILE A 158 13.63 62.76 -80.81
N GLN A 159 14.78 62.14 -80.53
CA GLN A 159 16.02 62.57 -81.19
C GLN A 159 15.93 62.34 -82.69
N LYS A 160 15.39 61.19 -83.11
CA LYS A 160 15.24 60.93 -84.54
C LYS A 160 14.32 61.95 -85.20
N ASN A 161 13.22 62.30 -84.52
CA ASN A 161 12.31 63.29 -85.08
C ASN A 161 12.97 64.65 -85.20
N PHE A 162 13.78 65.03 -84.21
CA PHE A 162 14.51 66.29 -84.32
C PHE A 162 15.47 66.27 -85.50
N VAL A 163 16.19 65.15 -85.68
CA VAL A 163 17.09 65.04 -86.81
C VAL A 163 16.32 65.15 -88.12
N LEU A 164 15.15 64.51 -88.19
CA LEU A 164 14.30 64.61 -89.37
C LEU A 164 13.90 66.05 -89.64
N GLN A 165 13.50 66.77 -88.59
CA GLN A 165 13.11 68.17 -88.75
C GLN A 165 14.29 69.01 -89.25
N LYS A 166 15.48 68.76 -88.70
CA LYS A 166 16.65 69.52 -89.14
C LYS A 166 16.97 69.23 -90.60
N GLN A 167 16.88 67.97 -91.01
CA GLN A 167 17.12 67.63 -92.41
C GLN A 167 16.10 68.33 -93.31
N ALA A 168 14.82 68.33 -92.90
CA ALA A 168 13.80 69.01 -93.69
C ALA A 168 14.08 70.50 -93.78
N GLN A 169 14.53 71.12 -92.67
CA GLN A 169 14.86 72.53 -92.69
C GLN A 169 15.99 72.81 -93.66
N MET A 170 17.03 71.97 -93.65
CA MET A 170 18.14 72.16 -94.59
C MET A 170 17.66 72.04 -96.02
N LEU A 171 16.83 71.03 -96.30
CA LEU A 171 16.33 70.85 -97.67
C LEU A 171 15.51 72.04 -98.13
N VAL A 172 14.61 72.52 -97.27
CA VAL A 172 13.76 73.65 -97.65
C VAL A 172 14.60 74.90 -97.85
N GLU A 173 15.60 75.11 -97.00
CA GLU A 173 16.48 76.27 -97.19
C GLU A 173 17.22 76.18 -98.51
N SER A 174 17.75 75.00 -98.84
CA SER A 174 18.48 74.86 -100.10
C SER A 174 17.59 75.13 -101.29
N MET A 175 16.38 74.55 -101.30
CA MET A 175 15.49 74.76 -102.44
C MET A 175 14.98 76.20 -102.49
N GLU A 176 14.79 76.84 -101.35
CA GLU A 176 14.40 78.25 -101.33
C GLU A 176 15.50 79.11 -101.92
N LYS A 177 16.76 78.82 -101.59
CA LYS A 177 17.87 79.53 -102.24
C LYS A 177 17.86 79.27 -103.73
N GLU A 178 17.56 78.04 -104.14
CA GLU A 178 17.56 77.70 -105.57
C GLU A 178 16.49 78.49 -106.32
N ILE A 179 15.28 78.56 -105.77
CA ILE A 179 14.13 79.10 -106.51
C ILE A 179 13.59 80.38 -105.86
N LEU A 180 14.45 81.17 -105.21
CA LEU A 180 13.99 82.41 -104.59
C LEU A 180 13.25 83.32 -105.57
N PRO A 181 13.77 83.61 -106.76
CA PRO A 181 12.97 84.37 -107.73
C PRO A 181 11.86 83.51 -108.34
N MET A 182 10.82 84.19 -108.81
CA MET A 182 9.72 83.53 -109.50
C MET A 182 9.87 83.80 -110.99
N GLU A 183 10.04 82.73 -111.77
CA GLU A 183 10.25 82.86 -113.21
C GLU A 183 9.12 82.25 -114.02
N ASP A 184 8.75 80.99 -113.74
CA ASP A 184 7.66 80.36 -114.47
C ASP A 184 7.39 78.99 -113.86
N GLY A 185 6.15 78.53 -114.05
CA GLY A 185 5.76 77.23 -113.54
C GLY A 185 6.59 76.10 -114.11
N LYS A 186 7.07 76.26 -115.34
CA LYS A 186 7.90 75.23 -115.95
C LYS A 186 9.20 75.05 -115.16
N LYS A 187 9.90 76.15 -114.86
CA LYS A 187 11.12 76.04 -114.09
C LYS A 187 10.83 75.60 -112.66
N VAL A 188 9.70 76.04 -112.11
CA VAL A 188 9.32 75.59 -110.77
C VAL A 188 9.17 74.07 -110.75
N GLU A 189 8.48 73.52 -111.75
CA GLU A 189 8.31 72.07 -111.83
C GLU A 189 9.64 71.37 -112.06
N GLU A 190 10.52 71.99 -112.86
CA GLU A 190 11.84 71.40 -113.09
C GLU A 190 12.61 71.27 -111.78
N VAL A 191 12.60 72.33 -110.97
CA VAL A 191 13.29 72.25 -109.68
C VAL A 191 12.59 71.26 -108.75
N LEU A 192 11.25 71.21 -108.81
CA LEU A 192 10.51 70.27 -107.97
C LEU A 192 10.91 68.83 -108.28
N GLU A 193 11.00 68.49 -109.57
CA GLU A 193 11.41 67.14 -109.93
C GLU A 193 12.90 66.92 -109.68
N LYS A 194 13.70 67.98 -109.73
CA LYS A 194 15.11 67.87 -109.37
C LYS A 194 15.27 67.48 -107.91
N TYR A 195 14.44 68.07 -107.03
CA TYR A 195 14.49 67.76 -105.61
C TYR A 195 13.56 66.62 -105.20
N GLY A 196 12.84 66.03 -106.16
CA GLY A 196 12.00 64.88 -105.87
C GLY A 196 10.82 65.22 -104.97
N ILE A 197 9.90 66.04 -105.48
CA ILE A 197 8.72 66.45 -104.74
C ILE A 197 7.51 66.44 -105.67
N ASP A 198 6.34 66.18 -105.12
CA ASP A 198 5.10 66.10 -105.88
C ASP A 198 4.36 67.43 -105.81
N LYS A 199 3.99 67.97 -106.98
CA LYS A 199 3.30 69.24 -107.03
C LYS A 199 1.93 69.15 -106.37
N GLU A 200 1.26 68.01 -106.51
CA GLU A 200 -0.07 67.87 -105.93
C GLU A 200 -0.03 68.01 -104.41
N GLN A 201 0.92 67.32 -103.75
CA GLN A 201 1.02 67.44 -102.31
C GLN A 201 1.59 68.78 -101.90
N LEU A 202 2.47 69.37 -102.73
CA LEU A 202 2.91 70.73 -102.45
C LEU A 202 1.73 71.68 -102.39
N LEU A 203 0.85 71.59 -103.38
CA LEU A 203 -0.33 72.46 -103.41
C LEU A 203 -1.26 72.17 -102.24
N ARG A 204 -1.46 70.90 -101.91
CA ARG A 204 -2.36 70.57 -100.81
C ARG A 204 -1.83 71.12 -99.48
N ASP A 205 -0.53 70.99 -99.24
CA ASP A 205 0.02 71.53 -97.99
C ASP A 205 0.03 73.05 -97.99
N ILE A 206 0.25 73.68 -99.16
CA ILE A 206 0.15 75.13 -99.23
C ILE A 206 -1.26 75.59 -98.89
N ALA A 207 -2.26 74.88 -99.43
CA ALA A 207 -3.65 75.22 -99.11
C ALA A 207 -3.95 75.02 -97.63
N ARG A 208 -3.43 73.94 -97.05
CA ARG A 208 -3.64 73.71 -95.62
C ARG A 208 -3.00 74.82 -94.79
N ALA A 209 -1.79 75.23 -95.15
CA ALA A 209 -1.13 76.32 -94.43
C ALA A 209 -1.93 77.62 -94.56
N ALA A 210 -2.44 77.89 -95.77
CA ALA A 210 -3.25 79.09 -95.95
C ALA A 210 -4.51 79.04 -95.10
N VAL A 211 -5.16 77.87 -95.05
CA VAL A 211 -6.36 77.72 -94.23
C VAL A 211 -6.04 77.95 -92.76
N ALA A 212 -4.92 77.40 -92.29
CA ALA A 212 -4.52 77.61 -90.90
C ALA A 212 -4.25 79.08 -90.62
N LYS A 213 -3.56 79.75 -91.54
CA LYS A 213 -3.28 81.17 -91.36
C LYS A 213 -4.57 81.98 -91.29
N LYS A 214 -5.51 81.69 -92.20
CA LYS A 214 -6.78 82.41 -92.19
C LYS A 214 -7.55 82.15 -90.91
N GLN A 215 -7.55 80.90 -90.43
CA GLN A 215 -8.26 80.58 -89.20
C GLN A 215 -7.66 81.32 -88.01
N GLN A 216 -6.33 81.34 -87.92
CA GLN A 216 -5.68 81.99 -86.78
C GLN A 216 -5.73 83.50 -86.88
N LEU A 217 -5.93 84.05 -88.08
CA LEU A 217 -6.05 85.49 -88.25
C LEU A 217 -6.83 85.83 -89.52
N SER B 1 23.79 -21.42 -93.68
CA SER B 1 24.61 -22.48 -94.25
C SER B 1 25.22 -23.34 -93.16
N ALA B 2 25.49 -24.61 -93.49
CA ALA B 2 26.09 -25.51 -92.51
C ALA B 2 27.45 -24.99 -92.05
N ALA B 3 28.29 -24.55 -92.99
CA ALA B 3 29.58 -23.97 -92.62
C ALA B 3 29.39 -22.70 -91.81
N ALA B 4 28.43 -21.87 -92.19
CA ALA B 4 28.19 -20.63 -91.45
C ALA B 4 27.82 -20.92 -90.00
N PHE B 5 26.98 -21.93 -89.76
CA PHE B 5 26.62 -22.29 -88.40
C PHE B 5 27.75 -22.97 -87.65
N TYR B 6 28.53 -23.82 -88.32
CA TYR B 6 29.72 -24.36 -87.69
C TYR B 6 30.68 -23.25 -87.29
N GLU B 7 30.61 -22.12 -87.98
CA GLU B 7 31.45 -20.98 -87.64
C GLU B 7 31.23 -20.54 -86.19
N PHE B 8 30.06 -20.84 -85.62
CA PHE B 8 29.77 -20.58 -84.22
C PHE B 8 30.30 -21.68 -83.31
N VAL B 9 30.91 -22.71 -83.87
CA VAL B 9 31.33 -23.89 -83.11
C VAL B 9 32.82 -24.10 -83.29
N ASP B 10 33.45 -24.69 -82.28
CA ASP B 10 34.87 -25.02 -82.32
C ASP B 10 35.04 -26.44 -82.83
N ASN B 11 35.89 -26.60 -83.85
CA ASN B 11 36.05 -27.91 -84.48
C ASN B 11 36.56 -28.95 -83.48
N ASN B 12 37.54 -28.57 -82.65
CA ASN B 12 38.06 -29.51 -81.68
C ASN B 12 36.98 -29.93 -80.68
N PHE B 13 36.06 -29.03 -80.33
CA PHE B 13 34.96 -29.40 -79.46
C PHE B 13 34.11 -30.49 -80.10
N LEU B 14 33.79 -30.34 -81.39
CA LEU B 14 33.01 -31.36 -82.08
C LEU B 14 33.78 -32.68 -82.14
N ASN B 15 35.07 -32.61 -82.39
CA ASN B 15 35.90 -33.81 -82.47
C ASN B 15 36.22 -34.41 -81.12
N ASN B 16 35.87 -33.74 -80.02
CA ASN B 16 36.12 -34.16 -78.64
C ASN B 16 37.55 -33.93 -78.22
N LYS B 17 38.39 -33.36 -79.08
CA LYS B 17 39.78 -33.09 -78.71
C LYS B 17 39.87 -31.80 -77.91
N ARG B 18 40.85 -31.74 -77.02
CA ARG B 18 41.03 -30.58 -76.16
C ARG B 18 41.42 -29.37 -77.01
N PRO B 19 40.79 -28.22 -76.82
CA PRO B 19 41.17 -27.03 -77.58
C PRO B 19 42.51 -26.47 -77.10
N PRO B 20 43.53 -26.44 -77.95
CA PRO B 20 44.82 -25.88 -77.54
C PRO B 20 44.71 -24.38 -77.28
N VAL B 21 45.52 -23.91 -76.34
CA VAL B 21 45.57 -22.48 -76.03
C VAL B 21 46.22 -21.77 -77.22
N PRO B 22 45.79 -20.55 -77.55
CA PRO B 22 46.30 -19.90 -78.77
C PRO B 22 47.67 -19.28 -78.61
N GLY B 23 48.11 -18.98 -77.39
CA GLY B 23 49.41 -18.39 -77.17
C GLY B 23 49.34 -16.90 -76.88
N GLY B 24 49.70 -16.08 -77.86
CA GLY B 24 49.73 -14.64 -77.70
C GLY B 24 48.49 -13.99 -78.30
N SER B 25 48.37 -12.68 -78.03
CA SER B 25 47.27 -11.86 -78.53
C SER B 25 47.83 -10.60 -79.18
N TRP B 26 46.96 -9.89 -79.88
CA TRP B 26 47.36 -8.66 -80.54
C TRP B 26 47.78 -7.61 -79.53
N THR B 27 48.77 -6.80 -79.90
CA THR B 27 49.31 -5.75 -79.05
C THR B 27 49.32 -4.44 -79.81
N VAL B 28 49.32 -3.35 -79.04
CA VAL B 28 49.33 -2.02 -79.65
C VAL B 28 50.57 -1.83 -80.51
N GLU B 29 51.70 -2.39 -80.07
CA GLU B 29 52.95 -2.22 -80.82
C GLU B 29 52.83 -2.73 -82.24
N VAL B 30 51.93 -3.67 -82.51
CA VAL B 30 51.71 -4.19 -83.85
C VAL B 30 50.48 -3.53 -84.50
N LEU B 31 49.45 -3.27 -83.71
CA LEU B 31 48.24 -2.65 -84.26
C LEU B 31 48.53 -1.25 -84.79
N ARG B 32 49.47 -0.53 -84.17
CA ARG B 32 49.84 0.78 -84.69
C ARG B 32 50.39 0.68 -86.10
N ASN B 33 51.29 -0.27 -86.33
CA ASN B 33 51.82 -0.48 -87.68
C ASN B 33 50.76 -1.02 -88.63
N LYS B 34 49.77 -1.75 -88.13
CA LYS B 34 48.69 -2.20 -88.98
C LYS B 34 47.84 -1.03 -89.46
N SER B 35 47.26 -1.19 -90.65
CA SER B 35 46.50 -0.14 -91.31
C SER B 35 45.03 -0.23 -90.91
N LEU B 36 44.28 0.82 -91.28
CA LEU B 36 42.88 0.91 -90.88
C LEU B 36 42.07 -0.27 -91.42
N ALA B 37 42.25 -0.59 -92.71
CA ALA B 37 41.55 -1.74 -93.27
C ALA B 37 41.97 -3.03 -92.58
N ASP B 38 43.26 -3.20 -92.33
CA ASP B 38 43.73 -4.36 -91.60
C ASP B 38 43.16 -4.37 -90.18
N LEU B 39 43.09 -3.20 -89.54
CA LEU B 39 42.49 -3.12 -88.22
C LEU B 39 41.04 -3.58 -88.24
N GLN B 40 40.27 -3.13 -89.23
CA GLN B 40 38.88 -3.56 -89.32
C GLN B 40 38.77 -5.06 -89.55
N HIS B 41 39.61 -5.61 -90.42
CA HIS B 41 39.55 -7.05 -90.71
C HIS B 41 39.87 -7.86 -89.46
N ILE B 42 40.94 -7.49 -88.75
CA ILE B 42 41.30 -8.23 -87.55
C ILE B 42 40.24 -8.04 -86.48
N TRP B 43 39.62 -6.85 -86.42
CA TRP B 43 38.54 -6.64 -85.47
C TRP B 43 37.37 -7.57 -85.75
N PHE B 44 37.02 -7.75 -87.02
CA PHE B 44 35.93 -8.65 -87.35
C PHE B 44 36.30 -10.11 -87.08
N LEU B 45 37.56 -10.48 -87.33
CA LEU B 45 38.00 -11.83 -86.96
C LEU B 45 37.87 -12.04 -85.45
N LEU B 46 38.29 -11.05 -84.67
CA LEU B 46 38.17 -11.14 -83.22
C LEU B 46 36.71 -11.19 -82.79
N LEU B 47 35.85 -10.46 -83.48
CA LEU B 47 34.43 -10.49 -83.15
C LEU B 47 33.84 -11.87 -83.40
N LYS B 48 34.19 -12.49 -84.53
CA LYS B 48 33.74 -13.85 -84.80
C LYS B 48 34.25 -14.81 -83.74
N GLU B 49 35.54 -14.69 -83.38
CA GLU B 49 36.10 -15.57 -82.36
C GLU B 49 35.40 -15.37 -81.02
N ARG B 50 35.11 -14.12 -80.67
CA ARG B 50 34.43 -13.84 -79.41
C ARG B 50 33.01 -14.40 -79.41
N ASN B 51 32.31 -14.30 -80.54
CA ASN B 51 30.98 -14.89 -80.61
C ASN B 51 31.03 -16.39 -80.41
N MET B 52 31.98 -17.06 -81.08
CA MET B 52 32.11 -18.51 -80.90
C MET B 52 32.45 -18.86 -79.46
N LEU B 53 33.38 -18.11 -78.86
CA LEU B 53 33.77 -18.39 -77.48
C LEU B 53 32.62 -18.17 -76.52
N LYS B 54 31.84 -17.10 -76.72
CA LYS B 54 30.70 -16.84 -75.85
C LYS B 54 29.64 -17.93 -76.00
N SER B 55 29.41 -18.40 -77.23
CA SER B 55 28.47 -19.50 -77.42
C SER B 55 28.95 -20.74 -76.67
N MET B 56 30.24 -21.06 -76.77
CA MET B 56 30.77 -22.22 -76.06
C MET B 56 30.66 -22.03 -74.55
N LYS B 57 30.93 -20.82 -74.06
CA LYS B 57 30.83 -20.57 -72.63
C LYS B 57 29.40 -20.74 -72.14
N GLU B 58 28.44 -20.24 -72.92
CA GLU B 58 27.03 -20.42 -72.55
C GLU B 58 26.66 -21.89 -72.54
N HIS B 59 27.11 -22.65 -73.53
CA HIS B 59 26.81 -24.07 -73.58
C HIS B 59 27.39 -24.78 -72.36
N TYR B 60 28.65 -24.47 -72.01
CA TYR B 60 29.27 -25.11 -70.86
C TYR B 60 28.59 -24.71 -69.56
N LEU B 61 28.16 -23.46 -69.43
CA LEU B 61 27.41 -23.07 -68.24
C LEU B 61 26.08 -23.83 -68.15
N ARG B 62 25.39 -23.98 -69.28
CA ARG B 62 24.12 -24.70 -69.26
C ARG B 62 24.33 -26.16 -68.87
N HIS B 63 25.35 -26.80 -69.41
CA HIS B 63 25.64 -28.20 -69.14
C HIS B 63 26.81 -28.36 -68.18
N GLN B 64 26.91 -27.45 -67.20
CA GLN B 64 28.06 -27.45 -66.31
C GLN B 64 28.17 -28.75 -65.52
N GLU B 65 27.04 -29.25 -65.02
CA GLU B 65 27.10 -30.45 -64.18
C GLU B 65 27.61 -31.65 -64.96
N GLU B 66 27.29 -31.74 -66.26
CA GLU B 66 27.73 -32.87 -67.07
C GLU B 66 29.07 -32.58 -67.75
N LEU B 67 29.12 -31.52 -68.56
CA LEU B 67 30.35 -31.20 -69.28
C LEU B 67 31.48 -30.82 -68.32
N GLY B 68 31.17 -30.03 -67.30
CA GLY B 68 32.17 -29.56 -66.36
C GLY B 68 32.47 -28.08 -66.56
N ALA B 69 33.73 -27.76 -66.82
CA ALA B 69 34.18 -26.40 -67.05
C ALA B 69 34.77 -26.26 -68.45
N MET B 70 34.62 -25.08 -69.01
CA MET B 70 35.08 -24.82 -70.37
C MET B 70 36.60 -24.81 -70.42
N PRO B 71 37.23 -25.65 -71.24
CA PRO B 71 38.69 -25.64 -71.30
C PRO B 71 39.23 -24.41 -72.02
N ALA B 72 40.48 -24.10 -71.74
CA ALA B 72 41.17 -22.96 -72.34
C ALA B 72 40.36 -21.66 -72.17
N PRO B 73 40.04 -21.29 -70.93
CA PRO B 73 39.25 -20.08 -70.71
C PRO B 73 40.00 -18.78 -71.01
N SER B 74 41.33 -18.82 -71.12
CA SER B 74 42.10 -17.61 -71.37
C SER B 74 41.84 -17.03 -72.77
N ARG B 75 41.17 -17.78 -73.64
CA ARG B 75 40.89 -17.27 -74.98
C ARG B 75 39.98 -16.04 -74.92
N LEU B 76 38.98 -16.07 -74.04
CA LEU B 76 38.11 -14.90 -73.89
C LEU B 76 38.90 -13.68 -73.43
N LYS B 77 39.79 -13.86 -72.46
CA LYS B 77 40.59 -12.74 -71.98
C LYS B 77 41.49 -12.21 -73.08
N MET B 78 42.11 -13.10 -73.85
CA MET B 78 42.99 -12.66 -74.93
C MET B 78 42.21 -11.90 -76.00
N ILE B 79 41.01 -12.39 -76.34
CA ILE B 79 40.21 -11.71 -77.36
C ILE B 79 39.79 -10.33 -76.86
N ASP B 80 39.40 -10.23 -75.58
CA ASP B 80 39.03 -8.93 -75.03
C ASP B 80 40.22 -7.98 -75.04
N GLU B 81 41.41 -8.48 -74.68
CA GLU B 81 42.60 -7.65 -74.71
C GLU B 81 42.89 -7.15 -76.12
N SER B 82 42.78 -8.04 -77.12
CA SER B 82 43.02 -7.63 -78.49
C SER B 82 42.02 -6.56 -78.93
N MET B 83 40.74 -6.75 -78.59
CA MET B 83 39.74 -5.76 -78.97
C MET B 83 40.02 -4.41 -78.30
N ARG B 84 40.39 -4.43 -77.03
CA ARG B 84 40.70 -3.18 -76.34
C ARG B 84 41.91 -2.50 -76.95
N ASN B 85 42.94 -3.26 -77.33
CA ASN B 85 44.10 -2.67 -77.96
C ASN B 85 43.75 -2.05 -79.31
N ILE B 86 42.92 -2.73 -80.09
CA ILE B 86 42.49 -2.17 -81.37
C ILE B 86 41.74 -0.87 -81.15
N LYS B 87 40.85 -0.85 -80.16
CA LYS B 87 40.11 0.38 -79.86
C LYS B 87 41.06 1.49 -79.42
N ARG B 88 42.08 1.13 -78.64
CA ARG B 88 43.08 2.12 -78.21
C ARG B 88 43.77 2.75 -79.42
N VAL B 89 44.23 1.91 -80.35
CA VAL B 89 44.93 2.43 -81.53
C VAL B 89 44.01 3.31 -82.35
N VAL B 90 42.76 2.86 -82.56
CA VAL B 90 41.81 3.63 -83.35
C VAL B 90 41.53 4.96 -82.67
N LYS B 91 41.40 4.97 -81.35
CA LYS B 91 41.15 6.21 -80.63
C LYS B 91 42.33 7.17 -80.74
N GLU B 92 43.56 6.65 -80.67
CA GLU B 92 44.73 7.51 -80.84
C GLU B 92 44.72 8.16 -82.22
N ARG B 93 44.49 7.37 -83.26
CA ARG B 93 44.47 7.93 -84.60
C ARG B 93 43.33 8.93 -84.75
N ASP B 94 42.17 8.62 -84.19
CA ASP B 94 41.02 9.51 -84.29
C ASP B 94 41.28 10.84 -83.59
N GLU B 95 41.90 10.80 -82.41
CA GLU B 95 42.16 12.04 -81.69
C GLU B 95 43.23 12.87 -82.38
N GLU B 96 44.24 12.22 -82.98
CA GLU B 96 45.21 12.97 -83.77
C GLU B 96 44.52 13.67 -84.94
N ALA B 97 43.67 12.94 -85.66
CA ALA B 97 42.95 13.55 -86.78
C ALA B 97 42.04 14.66 -86.30
N THR B 98 41.40 14.48 -85.14
CA THR B 98 40.51 15.51 -84.60
C THR B 98 41.30 16.77 -84.27
N ALA B 99 42.48 16.63 -83.67
CA ALA B 99 43.29 17.80 -83.35
C ALA B 99 43.70 18.53 -84.63
N ARG B 100 44.14 17.77 -85.64
CA ARG B 100 44.53 18.41 -86.90
C ARG B 100 43.34 19.15 -87.53
N ALA B 101 42.18 18.49 -87.57
CA ALA B 101 41.00 19.12 -88.15
C ALA B 101 40.58 20.35 -87.36
N VAL B 102 40.71 20.30 -86.03
CA VAL B 102 40.32 21.43 -85.20
C VAL B 102 41.23 22.62 -85.45
N GLU B 103 42.54 22.39 -85.55
CA GLU B 103 43.43 23.51 -85.82
C GLU B 103 43.18 24.09 -87.21
N ILE B 104 42.92 23.22 -88.20
CA ILE B 104 42.58 23.73 -89.54
C ILE B 104 41.29 24.55 -89.48
N PHE B 105 40.30 24.06 -88.74
CA PHE B 105 39.03 24.76 -88.64
C PHE B 105 39.19 26.12 -87.96
N LYS B 106 40.01 26.18 -86.92
CA LYS B 106 40.28 27.47 -86.28
C LYS B 106 40.97 28.43 -87.23
N GLU B 107 41.95 27.93 -88.00
CA GLU B 107 42.61 28.78 -88.98
C GLU B 107 41.61 29.31 -90.01
N ARG B 108 40.69 28.45 -90.46
CA ARG B 108 39.65 28.90 -91.38
C ARG B 108 38.76 29.96 -90.73
N LEU B 109 38.39 29.75 -89.47
CA LEU B 109 37.51 30.69 -88.79
C LEU B 109 38.15 32.07 -88.65
N LYS B 110 39.44 32.10 -88.31
CA LYS B 110 40.11 33.39 -88.17
C LYS B 110 40.06 34.21 -89.46
N ARG B 111 39.97 33.55 -90.61
CA ARG B 111 39.83 34.24 -91.88
C ARG B 111 38.39 34.63 -92.19
N GLY B 112 37.42 33.95 -91.60
CA GLY B 112 36.02 34.27 -91.82
C GLY B 112 35.56 34.01 -93.24
N ILE B 113 36.00 32.88 -93.81
CA ILE B 113 35.59 32.54 -95.17
C ILE B 113 34.13 32.13 -95.24
N TYR B 114 33.59 31.52 -94.20
CA TYR B 114 32.22 31.03 -94.23
C TYR B 114 31.23 32.19 -94.25
N ARG B 115 30.04 31.91 -94.79
CA ARG B 115 29.01 32.93 -94.88
C ARG B 115 27.69 32.25 -95.23
N TYR B 116 26.60 32.81 -94.70
CA TYR B 116 25.25 32.39 -95.08
C TYR B 116 24.44 33.65 -95.38
N PRO B 117 23.66 33.67 -96.46
CA PRO B 117 23.48 32.59 -97.46
C PRO B 117 24.74 32.39 -98.30
N PRO B 118 24.80 31.30 -99.05
CA PRO B 118 26.04 30.97 -99.76
C PRO B 118 26.50 32.13 -100.65
N GLY B 119 27.81 32.37 -100.65
CA GLY B 119 28.39 33.43 -101.42
C GLY B 119 29.64 33.98 -100.75
N PRO B 120 30.55 34.54 -101.54
CA PRO B 120 31.78 35.08 -100.96
C PRO B 120 31.46 36.26 -100.06
N PRO B 121 32.24 36.46 -99.01
CA PRO B 121 32.00 37.60 -98.11
C PRO B 121 32.62 38.87 -98.68
N PRO B 122 32.24 40.03 -98.15
CA PRO B 122 32.82 41.29 -98.64
C PRO B 122 34.31 41.35 -98.33
N PRO B 123 35.06 42.17 -99.06
CA PRO B 123 36.51 42.24 -98.84
C PRO B 123 36.82 42.79 -97.47
N PRO B 124 37.94 42.39 -96.86
CA PRO B 124 38.25 42.84 -95.50
C PRO B 124 38.33 44.35 -95.35
N GLY B 125 38.86 45.04 -96.36
CA GLY B 125 39.12 46.47 -96.24
C GLY B 125 37.92 47.36 -96.41
N ALA B 126 36.88 46.90 -97.11
CA ALA B 126 35.75 47.76 -97.41
C ALA B 126 35.05 48.24 -96.15
N HIS B 127 34.81 47.32 -95.21
CA HIS B 127 34.09 47.70 -93.99
C HIS B 127 34.96 48.50 -93.04
N ASP B 128 36.26 48.21 -93.01
CA ASP B 128 37.17 48.87 -92.07
C ASP B 128 37.52 50.25 -92.58
N LYS B 129 37.35 51.26 -91.73
CA LYS B 129 37.67 52.65 -92.05
C LYS B 129 38.37 53.33 -90.89
N THR B 130 39.28 52.60 -90.24
CA THR B 130 40.00 53.11 -89.08
C THR B 130 41.51 52.95 -89.29
N SER B 131 42.27 53.77 -88.58
CA SER B 131 43.72 53.73 -88.64
C SER B 131 44.27 53.59 -87.23
N VAL B 132 45.47 53.01 -87.13
CA VAL B 132 46.14 52.81 -85.85
C VAL B 132 47.51 53.45 -85.93
N VAL B 133 47.77 54.42 -85.06
CA VAL B 133 49.03 55.16 -85.03
C VAL B 133 49.82 54.69 -83.81
N LYS B 134 51.04 54.23 -84.06
CA LYS B 134 51.96 53.85 -83.00
C LYS B 134 52.88 55.03 -82.69
N VAL B 135 52.95 55.39 -81.42
CA VAL B 135 53.77 56.49 -80.94
C VAL B 135 54.75 55.93 -79.93
N GLU B 136 56.04 56.17 -80.15
CA GLU B 136 57.08 55.76 -79.22
C GLU B 136 57.34 56.89 -78.24
N LEU B 137 57.15 56.62 -76.95
CA LEU B 137 57.28 57.62 -75.90
C LEU B 137 58.45 57.25 -75.01
N SER B 138 59.37 58.19 -74.81
CA SER B 138 60.54 57.94 -73.97
C SER B 138 60.13 57.62 -72.54
N CYS B 139 59.04 58.22 -72.06
CA CYS B 139 58.56 58.02 -70.70
C CYS B 139 57.06 57.77 -70.72
N TYR B 140 56.57 57.10 -69.69
CA TYR B 140 55.16 56.76 -69.59
C TYR B 140 54.31 58.02 -69.48
N VAL B 141 53.12 57.95 -70.09
CA VAL B 141 52.11 58.99 -70.00
C VAL B 141 50.77 58.31 -69.76
N GLU B 142 49.72 59.11 -69.61
CA GLU B 142 48.39 58.61 -69.32
C GLU B 142 47.51 58.71 -70.57
N GLU B 143 46.63 57.72 -70.71
CA GLU B 143 45.77 57.66 -71.90
C GLU B 143 44.90 58.89 -72.02
N GLU B 144 44.48 59.48 -70.90
CA GLU B 144 43.71 60.72 -70.96
C GLU B 144 44.52 61.84 -71.59
N ARG B 145 45.78 61.99 -71.17
CA ARG B 145 46.64 63.00 -71.75
C ARG B 145 46.87 62.74 -73.23
N LEU B 146 47.11 61.48 -73.60
CA LEU B 146 47.30 61.17 -75.02
C LEU B 146 46.06 61.51 -75.83
N ARG B 147 44.88 61.17 -75.30
CA ARG B 147 43.64 61.45 -76.03
C ARG B 147 43.43 62.94 -76.19
N GLU B 148 43.65 63.71 -75.12
CA GLU B 148 43.45 65.15 -75.22
C GLU B 148 44.47 65.80 -76.16
N LEU B 149 45.69 65.26 -76.23
CA LEU B 149 46.69 65.83 -77.13
C LEU B 149 46.43 65.45 -78.59
N PHE B 150 45.99 64.22 -78.84
CA PHE B 150 45.84 63.71 -80.19
C PHE B 150 44.40 63.75 -80.70
N GLY B 151 43.49 64.38 -79.96
CA GLY B 151 42.10 64.44 -80.41
C GLY B 151 41.97 65.23 -81.69
N ARG B 152 40.95 64.88 -82.47
CA ARG B 152 40.65 65.57 -83.72
C ARG B 152 39.96 66.88 -83.39
N TYR B 153 40.67 68.00 -83.60
CA TYR B 153 40.12 69.30 -83.26
C TYR B 153 38.86 69.62 -84.04
N ASP B 154 38.63 68.95 -85.17
CA ASP B 154 37.46 69.20 -86.00
C ASP B 154 36.29 68.26 -85.68
N VAL B 155 36.42 67.44 -84.65
CA VAL B 155 35.37 66.49 -84.26
C VAL B 155 34.73 67.00 -82.97
N PHE B 156 33.40 67.13 -83.00
CA PHE B 156 32.65 67.66 -81.87
C PHE B 156 32.37 66.62 -80.80
N GLU B 157 32.38 65.34 -81.14
CA GLU B 157 32.01 64.31 -80.17
C GLU B 157 33.04 64.24 -79.05
N PRO B 158 32.64 63.81 -77.85
CA PRO B 158 33.60 63.74 -76.74
C PRO B 158 34.79 62.85 -77.01
N HIS B 159 34.60 61.75 -77.75
CA HIS B 159 35.73 60.87 -78.05
C HIS B 159 36.74 61.55 -78.95
N LYS B 160 36.36 62.62 -79.64
CA LYS B 160 37.28 63.41 -80.45
C LYS B 160 37.99 62.56 -81.49
N GLY B 161 37.23 61.66 -82.12
CA GLY B 161 37.76 60.87 -83.22
C GLY B 161 38.77 59.82 -82.82
N ILE B 162 38.89 59.49 -81.54
CA ILE B 162 39.82 58.48 -81.07
C ILE B 162 39.01 57.30 -80.57
N VAL B 163 39.10 56.17 -81.28
CA VAL B 163 38.38 54.97 -80.88
C VAL B 163 38.92 54.43 -79.56
N ARG B 164 40.24 54.30 -79.46
CA ARG B 164 40.86 53.76 -78.26
C ARG B 164 42.30 54.25 -78.18
N VAL B 165 42.84 54.24 -76.97
CA VAL B 165 44.24 54.52 -76.72
C VAL B 165 44.79 53.41 -75.82
N GLU B 166 45.80 52.70 -76.32
CA GLU B 166 46.36 51.55 -75.62
C GLU B 166 47.83 51.83 -75.33
N LEU B 167 48.21 51.76 -74.06
CA LEU B 167 49.61 51.87 -73.66
C LEU B 167 50.19 50.49 -73.47
N LYS B 168 51.40 50.28 -73.99
CA LYS B 168 52.00 48.95 -73.95
C LYS B 168 53.52 49.11 -73.92
N LEU B 169 54.19 48.02 -73.57
CA LEU B 169 55.63 47.96 -73.56
C LEU B 169 56.12 46.87 -74.51
N PRO B 170 57.24 47.07 -75.19
CA PRO B 170 57.82 45.99 -75.99
C PRO B 170 58.20 44.81 -75.11
N ASP B 171 58.12 43.61 -75.69
CA ASP B 171 58.47 42.42 -74.94
C ASP B 171 59.92 42.46 -74.48
N GLU B 172 60.81 42.98 -75.31
CA GLU B 172 62.21 43.13 -74.90
C GLU B 172 62.31 44.06 -73.69
N VAL B 173 61.58 45.17 -73.71
CA VAL B 173 61.61 46.09 -72.59
C VAL B 173 61.09 45.42 -71.33
N LEU B 174 60.01 44.63 -71.46
CA LEU B 174 59.45 43.95 -70.30
C LEU B 174 60.44 42.93 -69.73
N LYS B 175 61.10 42.17 -70.61
CA LYS B 175 62.10 41.21 -70.14
C LYS B 175 63.24 41.91 -69.43
N GLN B 176 63.73 43.01 -70.02
CA GLN B 176 64.81 43.76 -69.38
C GLN B 176 64.37 44.29 -68.02
N LYS B 177 63.14 44.79 -67.93
CA LYS B 177 62.64 45.33 -66.67
C LYS B 177 62.52 44.25 -65.60
N GLU B 178 62.02 43.06 -65.97
CA GLU B 178 61.92 41.98 -65.00
C GLU B 178 63.30 41.53 -64.55
N GLU B 179 64.25 41.42 -65.48
CA GLU B 179 65.61 41.04 -65.10
C GLU B 179 66.22 42.07 -64.16
N ALA B 180 66.01 43.35 -64.46
CA ALA B 180 66.54 44.40 -63.59
C ALA B 180 65.89 44.36 -62.22
N GLU B 181 64.59 44.04 -62.15
CA GLU B 181 63.92 43.93 -60.87
C GLU B 181 64.50 42.78 -60.05
N GLN B 182 64.75 41.63 -60.69
CA GLN B 182 65.37 40.51 -59.99
C GLN B 182 66.76 40.90 -59.50
N LEU B 183 67.54 41.57 -60.34
CA LEU B 183 68.88 41.99 -59.94
C LEU B 183 68.82 42.98 -58.78
N TRP B 184 67.82 43.86 -58.79
CA TRP B 184 67.68 44.82 -57.69
C TRP B 184 67.32 44.12 -56.39
N THR B 185 66.43 43.15 -56.45
CA THR B 185 66.10 42.38 -55.24
C THR B 185 67.34 41.67 -54.71
N GLN B 186 68.11 41.05 -55.61
CA GLN B 186 69.33 40.38 -55.18
C GLN B 186 70.32 41.39 -54.60
N TYR B 187 70.40 42.58 -55.19
CA TYR B 187 71.31 43.60 -54.67
C TYR B 187 70.91 44.05 -53.27
N MET B 188 69.61 44.26 -53.04
CA MET B 188 69.16 44.61 -51.71
C MET B 188 69.50 43.53 -50.71
N ALA B 189 69.24 42.26 -51.08
CA ALA B 189 69.58 41.17 -50.19
C ALA B 189 71.08 41.13 -49.90
N GLU B 190 71.89 41.31 -50.93
CA GLU B 190 73.34 41.26 -50.75
C GLU B 190 73.84 42.39 -49.87
N CYS B 191 73.31 43.61 -50.06
CA CYS B 191 73.73 44.72 -49.23
C CYS B 191 73.34 44.51 -47.78
N SER B 192 72.11 44.02 -47.55
CA SER B 192 71.69 43.73 -46.18
C SER B 192 72.59 42.66 -45.55
N ASP B 193 72.91 41.62 -46.31
CA ASP B 193 73.77 40.57 -45.79
C ASP B 193 75.15 41.11 -45.48
N VAL B 194 75.71 41.95 -46.35
CA VAL B 194 77.03 42.51 -46.12
C VAL B 194 77.04 43.34 -44.85
N LYS B 195 76.02 44.21 -44.69
CA LYS B 195 75.96 45.04 -43.50
C LYS B 195 75.86 44.18 -42.25
N ALA B 196 74.95 43.20 -42.25
CA ALA B 196 74.77 42.37 -41.07
C ALA B 196 76.02 41.57 -40.74
N TYR B 197 76.71 41.05 -41.76
CA TYR B 197 77.89 40.22 -41.52
C TYR B 197 79.05 41.06 -41.01
N HIS B 198 79.28 42.24 -41.60
CA HIS B 198 80.47 43.03 -41.29
C HIS B 198 80.26 44.02 -40.14
N GLN B 199 79.03 44.19 -39.65
CA GLN B 199 78.80 45.10 -38.54
C GLN B 199 79.57 44.64 -37.30
N TRP B 200 79.58 43.33 -37.04
CA TRP B 200 80.21 42.83 -35.83
C TRP B 200 81.73 42.95 -35.91
N SER B 201 82.31 42.73 -37.08
CA SER B 201 83.74 42.94 -37.27
C SER B 201 84.09 44.42 -37.15
N THR B 202 83.27 45.30 -37.74
CA THR B 202 83.56 46.72 -37.68
C THR B 202 83.49 47.25 -36.26
N ALA B 203 82.50 46.81 -35.49
CA ALA B 203 82.36 47.27 -34.12
C ALA B 203 83.58 46.88 -33.29
N ALA B 204 83.96 47.77 -32.38
CA ALA B 204 85.09 47.53 -31.49
C ALA B 204 84.83 46.26 -30.68
N PRO B 205 85.84 45.73 -29.99
CA PRO B 205 85.61 44.53 -29.18
C PRO B 205 84.42 44.72 -28.24
N SER B 206 83.45 43.82 -28.36
CA SER B 206 82.22 43.94 -27.60
C SER B 206 82.50 43.80 -26.10
N ALA B 207 81.63 44.43 -25.30
CA ALA B 207 81.78 44.36 -23.85
C ALA B 207 81.64 42.94 -23.34
N TYR B 208 81.08 42.03 -24.13
CA TYR B 208 80.94 40.63 -23.74
C TYR B 208 82.12 39.79 -24.20
N ASP B 209 83.10 40.38 -24.88
CA ASP B 209 84.34 39.69 -25.17
C ASP B 209 85.24 39.58 -23.94
N TYR B 210 84.93 40.32 -22.87
CA TYR B 210 85.70 40.28 -21.64
C TYR B 210 85.02 39.46 -20.55
N THR B 211 83.99 38.69 -20.90
CA THR B 211 83.25 37.93 -19.90
C THR B 211 84.20 37.00 -19.16
N GLU B 212 84.03 36.95 -17.84
CA GLU B 212 84.90 36.13 -16.99
C GLU B 212 84.62 34.65 -17.23
N VAL B 213 85.63 33.94 -17.73
CA VAL B 213 85.57 32.50 -17.92
C VAL B 213 86.74 31.89 -17.16
N GLU B 214 86.43 30.96 -16.26
CA GLU B 214 87.46 30.33 -15.43
C GLU B 214 88.05 29.16 -16.21
N LEU B 215 89.07 29.46 -17.01
CA LEU B 215 89.73 28.42 -17.79
C LEU B 215 90.22 27.30 -16.90
N ALA B 216 90.92 27.66 -15.82
CA ALA B 216 91.38 26.73 -14.80
C ALA B 216 91.21 27.39 -13.45
N PRO B 217 91.08 26.60 -12.37
CA PRO B 217 90.93 27.20 -11.04
C PRO B 217 92.05 28.19 -10.76
N GLY B 218 91.67 29.45 -10.54
CA GLY B 218 92.62 30.52 -10.34
C GLY B 218 93.13 31.17 -11.60
N ILE B 219 92.69 30.71 -12.77
CA ILE B 219 93.12 31.26 -14.06
C ILE B 219 91.88 31.63 -14.86
N PHE B 220 91.91 32.84 -15.42
CA PHE B 220 90.79 33.36 -16.20
C PHE B 220 91.32 33.84 -17.54
N ALA B 221 90.42 33.94 -18.51
CA ALA B 221 90.80 34.44 -19.84
C ALA B 221 91.29 35.87 -19.80
N ASN B 222 90.68 36.73 -18.98
CA ASN B 222 91.09 38.11 -18.87
C ASN B 222 92.50 38.27 -18.33
N ASP B 223 93.05 37.23 -17.69
CA ASP B 223 94.41 37.30 -17.17
C ASP B 223 95.46 37.27 -18.27
N ALA B 224 95.10 36.84 -19.48
CA ALA B 224 96.06 36.78 -20.56
C ALA B 224 96.57 38.17 -20.91
N ILE B 225 95.68 39.16 -20.96
CA ILE B 225 96.06 40.53 -21.27
C ILE B 225 96.71 41.18 -20.07
N GLU B 240 97.16 43.26 -27.87
CA GLU B 240 95.95 42.81 -27.22
C GLU B 240 95.85 41.29 -27.25
N GLY B 241 95.98 40.67 -26.08
CA GLY B 241 95.88 39.23 -25.98
C GLY B 241 94.45 38.75 -25.79
N VAL B 242 93.50 39.67 -25.85
CA VAL B 242 92.10 39.33 -25.68
C VAL B 242 91.62 38.54 -26.89
N ILE B 243 90.58 37.73 -26.68
CA ILE B 243 89.97 36.93 -27.73
C ILE B 243 88.72 37.66 -28.19
N VAL B 244 88.71 38.08 -29.45
CA VAL B 244 87.59 38.80 -30.04
C VAL B 244 86.79 37.84 -30.91
N ALA B 245 85.51 37.70 -30.61
CA ALA B 245 84.65 36.79 -31.36
C ALA B 245 84.51 37.18 -32.82
N ALA B 246 84.37 38.48 -33.09
CA ALA B 246 84.21 38.92 -34.48
C ALA B 246 85.46 38.65 -35.31
N ARG B 247 86.64 38.86 -34.73
CA ARG B 247 87.89 38.66 -35.45
C ARG B 247 88.35 37.21 -35.50
N VAL B 248 87.66 36.30 -34.81
CA VAL B 248 88.10 34.91 -34.82
C VAL B 248 87.98 34.36 -36.23
N PRO B 249 88.95 33.59 -36.73
CA PRO B 249 88.82 33.04 -38.09
C PRO B 249 87.61 32.13 -38.20
N VAL B 250 86.96 32.19 -39.36
CA VAL B 250 85.75 31.44 -39.65
C VAL B 250 86.12 30.27 -40.56
N PRO B 251 85.97 29.02 -40.12
CA PRO B 251 86.23 27.90 -41.01
C PRO B 251 85.20 27.84 -42.13
N PRO B 252 85.55 27.30 -43.29
CA PRO B 252 84.60 27.24 -44.40
C PRO B 252 83.43 26.33 -44.08
N PRO B 253 82.25 26.60 -44.62
CA PRO B 253 81.08 25.74 -44.34
C PRO B 253 81.27 24.37 -44.97
N LYS B 254 81.38 23.35 -44.13
CA LYS B 254 81.61 22.00 -44.63
C LYS B 254 80.42 21.54 -45.47
N GLU B 255 80.72 20.97 -46.63
CA GLU B 255 79.69 20.36 -47.46
C GLU B 255 79.44 18.92 -47.02
N LYS B 256 78.42 18.30 -47.61
CA LYS B 256 78.14 16.90 -47.32
C LYS B 256 79.36 16.05 -47.61
N GLN B 257 79.70 15.17 -46.67
CA GLN B 257 80.89 14.36 -46.83
C GLN B 257 80.78 13.51 -48.09
N PRO B 258 81.83 13.46 -48.91
CA PRO B 258 81.75 12.71 -50.17
C PRO B 258 81.47 11.24 -49.90
N PRO B 259 80.70 10.58 -50.77
CA PRO B 259 80.40 9.16 -50.54
C PRO B 259 81.68 8.35 -50.49
N PRO B 260 81.79 7.37 -49.59
CA PRO B 260 82.98 6.52 -49.58
C PRO B 260 83.17 5.81 -50.90
N LYS B 261 84.42 5.65 -51.31
CA LYS B 261 84.70 4.95 -52.56
C LYS B 261 84.16 3.54 -52.53
N ASN B 262 84.10 2.91 -51.35
CA ASN B 262 83.58 1.56 -51.22
C ASN B 262 82.07 1.57 -51.48
N PRO B 263 81.57 0.82 -52.47
CA PRO B 263 80.13 0.84 -52.72
C PRO B 263 79.29 0.40 -51.55
N LEU B 264 79.75 -0.59 -50.77
CA LEU B 264 78.98 -1.01 -49.60
C LEU B 264 78.82 0.13 -48.60
N GLU B 265 79.92 0.83 -48.32
CA GLU B 265 79.85 1.95 -47.40
C GLU B 265 78.96 3.06 -47.96
N ARG B 266 79.06 3.32 -49.26
CA ARG B 266 78.22 4.35 -49.87
C ARG B 266 76.74 3.99 -49.71
N LEU B 267 76.39 2.74 -50.01
CA LEU B 267 75.00 2.32 -49.90
C LEU B 267 74.50 2.38 -48.47
N LYS B 268 75.33 1.96 -47.51
CA LYS B 268 74.92 2.02 -46.11
C LYS B 268 74.71 3.47 -45.67
N ALA B 269 75.64 4.36 -46.05
CA ALA B 269 75.49 5.77 -45.68
C ALA B 269 74.23 6.37 -46.30
N GLU B 270 73.95 6.03 -47.56
CA GLU B 270 72.74 6.52 -48.19
C GLU B 270 71.49 5.99 -47.48
N ARG B 271 71.52 4.72 -47.07
CA ARG B 271 70.37 4.13 -46.39
C ARG B 271 70.21 4.62 -44.96
N ARG B 272 71.25 5.23 -44.38
CA ARG B 272 71.12 5.77 -43.04
C ARG B 272 69.94 6.73 -42.96
N SER B 273 69.49 7.00 -41.73
CA SER B 273 68.36 7.88 -41.52
C SER B 273 68.74 9.33 -41.83
N TYR B 274 67.71 10.17 -41.93
CA TYR B 274 67.95 11.59 -42.19
C TYR B 274 68.76 12.22 -41.06
N LEU B 275 68.41 11.90 -39.81
CA LEU B 275 69.16 12.44 -38.68
C LEU B 275 70.61 11.99 -38.73
N ALA B 276 70.85 10.72 -39.06
CA ALA B 276 72.21 10.23 -39.17
C ALA B 276 72.97 10.95 -40.28
N ARG B 277 72.32 11.17 -41.42
CA ARG B 277 72.98 11.84 -42.54
C ARG B 277 73.14 13.34 -42.34
N THR B 278 72.46 13.92 -41.35
CA THR B 278 72.64 15.34 -41.07
C THR B 278 74.10 15.64 -40.77
N THR B 279 74.60 16.72 -41.36
CA THR B 279 75.99 17.13 -41.15
C THR B 279 76.10 18.04 -39.93
N ILE B 280 77.23 17.93 -39.24
CA ILE B 280 77.49 18.69 -38.03
C ILE B 280 78.84 19.39 -38.19
N GLN B 281 78.84 20.72 -38.09
CA GLN B 281 80.06 21.50 -38.09
C GLN B 281 80.31 22.22 -36.78
N LEU B 282 79.34 23.01 -36.32
CA LEU B 282 79.42 23.68 -35.03
C LEU B 282 78.59 23.00 -33.95
N GLY B 283 77.61 22.20 -34.33
CA GLY B 283 76.72 21.54 -33.40
C GLY B 283 75.54 22.40 -32.98
N TYR B 284 75.75 23.68 -32.72
CA TYR B 284 74.71 24.58 -32.29
C TYR B 284 74.34 25.53 -33.43
N PHE B 285 73.15 26.11 -33.35
CA PHE B 285 72.67 26.98 -34.41
C PHE B 285 73.59 28.19 -34.57
N PRO B 286 74.03 28.52 -35.79
CA PRO B 286 73.81 27.77 -37.03
C PRO B 286 74.67 26.53 -37.08
N ASN B 287 74.12 25.42 -37.59
CA ASN B 287 74.87 24.17 -37.61
C ASN B 287 76.12 24.30 -38.47
N VAL B 288 76.01 24.97 -39.61
CA VAL B 288 77.13 25.16 -40.53
C VAL B 288 77.38 26.67 -40.67
N THR B 289 78.65 27.04 -40.71
CA THR B 289 79.01 28.45 -40.80
C THR B 289 78.40 29.09 -42.04
N LEU B 290 78.43 30.41 -42.07
CA LEU B 290 77.86 31.16 -43.18
C LEU B 290 78.91 31.45 -44.24
N PRO B 291 78.53 31.57 -45.51
CA PRO B 291 79.48 31.97 -46.54
C PRO B 291 79.81 33.45 -46.43
N PRO B 292 81.09 33.81 -46.42
CA PRO B 292 81.43 35.23 -46.29
C PRO B 292 80.94 36.01 -47.48
N PRO B 293 80.59 37.28 -47.28
CA PRO B 293 80.10 38.09 -48.40
C PRO B 293 81.20 38.43 -49.40
N ARG B 294 80.82 38.82 -50.62
CA ARG B 294 81.77 39.16 -51.66
C ARG B 294 82.33 40.57 -51.52
N TYR B 295 81.77 41.39 -50.65
CA TYR B 295 82.20 42.78 -50.51
C TYR B 295 82.37 43.12 -49.04
N GLU B 296 83.19 44.14 -48.77
CA GLU B 296 83.51 44.55 -47.42
C GLU B 296 82.57 45.61 -46.87
N THR B 297 81.82 46.31 -47.73
CA THR B 297 80.94 47.37 -47.27
C THR B 297 79.81 47.58 -48.26
N VAL B 298 78.69 48.07 -47.74
CA VAL B 298 77.53 48.33 -48.60
C VAL B 298 77.88 49.35 -49.68
N GLU B 299 78.67 50.36 -49.34
CA GLU B 299 79.08 51.32 -50.36
C GLU B 299 79.91 50.64 -51.44
N ALA B 300 80.79 49.72 -51.05
CA ALA B 300 81.56 48.97 -52.04
C ALA B 300 80.65 48.09 -52.90
N VAL B 301 79.54 47.63 -52.34
CA VAL B 301 78.63 46.79 -53.14
C VAL B 301 78.09 47.62 -54.31
N PRO B 302 78.19 47.15 -55.55
CA PRO B 302 77.68 47.94 -56.67
C PRO B 302 76.16 48.01 -56.67
N ARG B 303 75.65 49.08 -57.25
CA ARG B 303 74.21 49.31 -57.34
C ARG B 303 73.74 49.07 -58.78
N PRO B 304 72.93 48.04 -59.04
CA PRO B 304 72.45 47.82 -60.41
C PRO B 304 71.35 48.81 -60.80
N VAL B 305 70.93 48.76 -62.06
CA VAL B 305 69.87 49.65 -62.53
C VAL B 305 68.56 49.26 -61.88
N HIS B 306 67.69 50.25 -61.67
CA HIS B 306 66.40 50.01 -61.05
C HIS B 306 65.30 49.89 -62.11
N PRO B 307 64.30 49.02 -61.91
CA PRO B 307 63.22 48.95 -62.92
C PRO B 307 62.54 50.28 -63.16
N ASP B 308 62.30 51.06 -62.10
CA ASP B 308 61.72 52.38 -62.27
C ASP B 308 62.68 53.34 -62.97
N GLU B 309 63.99 53.20 -62.75
CA GLU B 309 64.96 54.03 -63.44
C GLU B 309 65.10 53.66 -64.90
N ILE B 310 64.71 52.45 -65.30
CA ILE B 310 64.81 52.05 -66.69
C ILE B 310 63.96 52.97 -67.56
N GLU B 311 62.69 53.14 -67.20
CA GLU B 311 61.75 53.97 -67.96
C GLU B 311 61.83 53.66 -69.45
N GLY B 312 61.60 52.39 -69.79
CA GLY B 312 61.74 51.93 -71.15
C GLY B 312 60.80 52.64 -72.09
N PRO B 313 61.09 52.59 -73.40
CA PRO B 313 60.25 53.28 -74.38
C PRO B 313 58.88 52.63 -74.50
N TRP B 314 57.85 53.34 -74.06
CA TRP B 314 56.49 52.86 -74.18
C TRP B 314 56.00 53.03 -75.62
N GLU B 315 55.01 52.22 -75.99
CA GLU B 315 54.36 52.33 -77.29
C GLU B 315 52.87 52.59 -77.06
N ALA B 316 52.36 53.64 -77.67
CA ALA B 316 50.95 54.01 -77.56
C ALA B 316 50.27 53.81 -78.91
N TYR B 317 49.23 52.98 -78.91
CA TYR B 317 48.42 52.75 -80.11
C TYR B 317 47.17 53.61 -79.99
N ILE B 318 47.00 54.55 -80.92
CA ILE B 318 45.84 55.42 -80.97
C ILE B 318 45.03 55.03 -82.19
N THR B 319 43.77 54.68 -81.98
CA THR B 319 42.90 54.20 -83.06
C THR B 319 42.00 55.35 -83.49
N TYR B 320 42.29 55.94 -84.64
CA TYR B 320 41.45 56.96 -85.23
C TYR B 320 40.34 56.31 -86.04
N ASP B 321 39.12 56.83 -85.88
CA ASP B 321 37.96 56.28 -86.55
C ASP B 321 37.96 56.55 -88.04
N ARG B 322 38.87 57.37 -88.54
CA ARG B 322 38.99 57.68 -89.97
C ARG B 322 40.38 57.28 -90.45
N GLU B 323 40.58 57.36 -91.76
CA GLU B 323 41.80 56.92 -92.41
C GLU B 323 42.89 57.99 -92.41
N ASP B 324 42.62 59.17 -91.84
CA ASP B 324 43.57 60.27 -91.83
C ASP B 324 44.35 60.36 -90.52
N GLY B 325 44.40 59.26 -89.76
CA GLY B 325 45.06 59.31 -88.46
C GLY B 325 46.54 59.63 -88.56
N LEU B 326 47.24 58.94 -89.46
CA LEU B 326 48.68 59.14 -89.59
C LEU B 326 48.99 60.56 -90.08
N SER B 327 48.26 61.03 -91.09
CA SER B 327 48.48 62.37 -91.60
C SER B 327 48.19 63.42 -90.53
N TYR B 328 47.11 63.22 -89.77
CA TYR B 328 46.77 64.16 -88.70
C TYR B 328 47.86 64.19 -87.64
N ALA B 329 48.36 63.01 -87.24
CA ALA B 329 49.42 62.98 -86.24
C ALA B 329 50.68 63.66 -86.75
N GLN B 330 51.05 63.40 -88.00
CA GLN B 330 52.24 64.04 -88.56
C GLN B 330 52.06 65.56 -88.64
N SER B 331 50.87 66.02 -89.03
CA SER B 331 50.62 67.46 -89.10
C SER B 331 50.73 68.09 -87.73
N LEU B 332 50.19 67.43 -86.71
CA LEU B 332 50.32 67.94 -85.34
C LEU B 332 51.79 68.04 -84.97
N GLY B 333 52.18 69.16 -84.39
CA GLY B 333 53.56 69.38 -84.00
C GLY B 333 53.83 68.95 -82.57
N ILE B 334 53.58 67.68 -82.27
CA ILE B 334 53.79 67.14 -80.92
C ILE B 334 55.24 66.67 -80.87
N THR B 335 56.14 67.61 -80.58
CA THR B 335 57.56 67.26 -80.48
C THR B 335 57.87 66.55 -79.17
N THR B 336 57.19 66.91 -78.10
CA THR B 336 57.42 66.27 -76.81
C THR B 336 56.21 66.50 -75.91
N ILE B 337 56.10 65.66 -74.89
CA ILE B 337 55.06 65.79 -73.88
C ILE B 337 55.70 66.34 -72.62
N GLY B 338 54.87 66.85 -71.71
CA GLY B 338 55.33 67.50 -70.50
C GLY B 338 56.54 66.87 -69.85
N VAL B 339 56.57 65.53 -69.79
CA VAL B 339 57.69 64.82 -69.16
C VAL B 339 58.25 63.79 -70.12
N ALA B 340 57.48 63.43 -71.15
CA ALA B 340 57.87 62.40 -72.10
C ALA B 340 58.12 63.04 -73.47
N THR B 341 58.96 62.37 -74.26
CA THR B 341 59.31 62.82 -75.60
C THR B 341 58.97 61.72 -76.60
N VAL B 342 58.33 62.10 -77.70
CA VAL B 342 57.97 61.12 -78.72
C VAL B 342 59.21 60.74 -79.51
N LEU B 343 59.49 59.44 -79.57
CA LEU B 343 60.63 58.92 -80.31
C LEU B 343 60.27 58.49 -81.73
N GLY B 344 59.00 58.61 -82.12
CA GLY B 344 58.61 58.25 -83.46
C GLY B 344 57.13 57.99 -83.63
N LEU B 345 56.58 58.44 -84.76
CA LEU B 345 55.20 58.18 -85.14
C LEU B 345 55.18 57.27 -86.36
N THR B 346 54.32 56.26 -86.34
CA THR B 346 54.23 55.34 -87.47
C THR B 346 52.82 54.77 -87.52
N GLU B 347 52.56 53.99 -88.57
CA GLU B 347 51.28 53.32 -88.75
C GLU B 347 51.44 51.84 -88.41
N HIS B 348 50.60 51.35 -87.52
CA HIS B 348 50.66 49.96 -87.09
C HIS B 348 50.07 49.08 -88.17
N VAL B 349 50.86 48.12 -88.65
CA VAL B 349 50.42 47.22 -89.72
C VAL B 349 49.47 46.20 -89.12
N ARG B 350 48.19 46.28 -89.46
CA ARG B 350 47.18 45.36 -88.99
C ARG B 350 46.76 44.44 -90.13
N GLU B 351 46.69 43.15 -89.86
CA GLU B 351 46.23 42.20 -90.85
C GLU B 351 44.80 42.57 -91.25
N PRO B 352 44.49 42.64 -92.56
CA PRO B 352 43.16 43.09 -92.96
C PRO B 352 42.06 42.28 -92.30
N GLN B 353 41.25 42.94 -91.48
CA GLN B 353 40.19 42.28 -90.73
C GLN B 353 39.04 41.95 -91.67
N PRO B 354 38.61 40.69 -91.75
CA PRO B 354 37.49 40.34 -92.63
C PRO B 354 36.18 40.89 -92.07
N TYR B 355 35.20 41.02 -92.97
CA TYR B 355 33.88 41.47 -92.57
C TYR B 355 33.21 40.51 -91.59
N ALA B 356 33.69 39.27 -91.51
CA ALA B 356 33.12 38.32 -90.56
C ALA B 356 33.32 38.78 -89.12
N VAL B 357 34.45 39.43 -88.82
CA VAL B 357 34.71 39.88 -87.46
C VAL B 357 33.68 40.88 -86.97
N VAL B 358 33.03 41.60 -87.90
CA VAL B 358 32.04 42.59 -87.52
C VAL B 358 30.61 42.16 -87.86
N ASP B 359 30.43 41.13 -88.68
CA ASP B 359 29.10 40.68 -89.03
C ASP B 359 28.39 40.14 -87.79
N PRO B 360 27.23 40.68 -87.41
CA PRO B 360 26.55 40.17 -86.21
C PRO B 360 26.22 38.69 -86.29
N VAL B 361 25.87 38.17 -87.47
CA VAL B 361 25.55 36.76 -87.60
C VAL B 361 26.78 35.91 -87.29
N TYR B 362 27.91 36.24 -87.92
CA TYR B 362 29.13 35.48 -87.68
C TYR B 362 29.59 35.58 -86.23
N CYS B 363 29.52 36.78 -85.66
CA CYS B 363 29.91 36.95 -84.27
C CYS B 363 29.02 36.13 -83.34
N GLU B 364 27.70 36.13 -83.59
CA GLU B 364 26.81 35.34 -82.76
C GLU B 364 27.11 33.85 -82.89
N ALA B 365 27.38 33.38 -84.11
CA ALA B 365 27.71 31.96 -84.28
C ALA B 365 28.97 31.61 -83.51
N LEU B 366 30.01 32.45 -83.61
CA LEU B 366 31.24 32.20 -82.88
C LEU B 366 30.99 32.19 -81.37
N ARG B 367 30.21 33.15 -80.89
CA ARG B 367 29.96 33.23 -79.46
C ARG B 367 29.15 32.04 -78.96
N ARG B 368 28.20 31.56 -79.77
CA ARG B 368 27.46 30.37 -79.38
C ARG B 368 28.35 29.14 -79.33
N GLU B 369 29.25 29.00 -80.32
CA GLU B 369 30.19 27.89 -80.27
C GLU B 369 31.09 27.97 -79.03
N ARG B 370 31.57 29.17 -78.71
CA ARG B 370 32.41 29.34 -77.53
C ARG B 370 31.64 29.04 -76.26
N ALA B 371 30.37 29.44 -76.21
CA ALA B 371 29.54 29.14 -75.04
C ALA B 371 29.34 27.64 -74.89
N ARG B 372 29.10 26.93 -75.98
CA ARG B 372 28.99 25.48 -75.90
C ARG B 372 30.29 24.86 -75.40
N GLU B 373 31.42 25.34 -75.90
CA GLU B 373 32.71 24.83 -75.44
C GLU B 373 32.88 25.05 -73.94
N GLU B 374 32.59 26.26 -73.47
CA GLU B 374 32.75 26.56 -72.05
C GLU B 374 31.80 25.73 -71.20
N THR B 375 30.56 25.57 -71.65
CA THR B 375 29.61 24.76 -70.89
C THR B 375 30.07 23.31 -70.79
N LEU B 376 30.55 22.75 -71.91
CA LEU B 376 31.05 21.39 -71.87
C LEU B 376 32.26 21.27 -70.96
N MET B 377 33.12 22.28 -70.94
CA MET B 377 34.34 22.23 -70.13
C MET B 377 34.06 22.44 -68.65
N LYS B 378 33.01 23.18 -68.28
CA LYS B 378 32.73 23.51 -66.89
C LYS B 378 31.64 22.63 -66.29
N TRP B 379 30.43 22.68 -66.85
CA TRP B 379 29.30 21.98 -66.26
C TRP B 379 29.18 20.57 -66.83
N PRO B 380 28.88 19.55 -65.99
CA PRO B 380 28.67 19.63 -64.54
C PRO B 380 29.96 19.80 -63.77
N HIS B 381 29.88 20.42 -62.60
CA HIS B 381 31.04 20.68 -61.76
C HIS B 381 31.15 19.60 -60.70
N VAL B 382 32.29 18.89 -60.70
CA VAL B 382 32.56 17.86 -59.71
C VAL B 382 33.92 18.14 -59.09
N PRO B 383 34.05 18.15 -57.77
CA PRO B 383 35.35 18.48 -57.17
C PRO B 383 36.42 17.49 -57.55
N GLU B 384 37.65 17.99 -57.69
CA GLU B 384 38.77 17.14 -58.03
C GLU B 384 39.10 16.14 -56.94
N TRP B 385 38.73 16.42 -55.70
CA TRP B 385 38.92 15.47 -54.61
C TRP B 385 38.18 15.97 -53.38
N LYS B 386 37.84 15.03 -52.50
CA LYS B 386 37.22 15.34 -51.22
C LYS B 386 37.36 14.13 -50.30
N TYR B 387 37.53 14.38 -49.00
CA TYR B 387 37.74 13.28 -48.06
C TYR B 387 36.61 12.27 -48.11
N GLU B 388 35.42 12.72 -48.53
CA GLU B 388 34.29 11.81 -48.64
C GLU B 388 34.57 10.66 -49.60
N TYR B 389 35.40 10.90 -50.62
CA TYR B 389 35.74 9.82 -51.55
C TYR B 389 36.41 8.67 -50.81
N SER B 390 37.46 8.97 -50.05
CA SER B 390 38.14 7.93 -49.29
C SER B 390 37.22 7.34 -48.23
N THR B 391 36.43 8.18 -47.57
CA THR B 391 35.55 7.69 -46.52
C THR B 391 34.57 6.66 -47.07
N TYR B 392 34.02 6.91 -48.26
CA TYR B 392 33.06 5.98 -48.86
C TYR B 392 33.74 4.77 -49.46
N THR B 393 34.96 4.93 -49.99
CA THR B 393 35.66 3.83 -50.63
C THR B 393 36.42 2.94 -49.65
N ARG B 394 36.46 3.30 -48.37
CA ARG B 394 37.09 2.45 -47.37
C ARG B 394 36.14 1.31 -47.01
N LYS B 395 36.47 0.10 -47.46
CA LYS B 395 35.71 -1.10 -47.14
C LYS B 395 36.52 -2.02 -46.24
N HIS B 396 35.80 -2.90 -45.54
CA HIS B 396 36.43 -3.87 -44.65
C HIS B 396 36.87 -5.11 -45.42
N LEU B 397 37.75 -5.89 -44.79
CA LEU B 397 38.30 -7.07 -45.45
C LEU B 397 37.20 -8.09 -45.76
N ALA B 398 36.28 -8.30 -44.82
CA ALA B 398 35.20 -9.24 -45.07
C ALA B 398 34.33 -8.79 -46.23
N ASP B 399 34.03 -7.50 -46.29
CA ASP B 399 33.24 -6.97 -47.41
C ASP B 399 33.98 -7.15 -48.72
N ILE B 400 35.30 -6.90 -48.72
CA ILE B 400 36.08 -7.06 -49.95
C ILE B 400 36.03 -8.51 -50.42
N VAL B 401 36.24 -9.44 -49.49
CA VAL B 401 36.25 -10.86 -49.86
C VAL B 401 34.89 -11.26 -50.40
N GLN B 402 33.82 -10.88 -49.70
CA GLN B 402 32.48 -11.24 -50.16
C GLN B 402 32.18 -10.64 -51.53
N TYR B 403 32.59 -9.39 -51.76
CA TYR B 403 32.28 -8.74 -53.02
C TYR B 403 33.03 -9.37 -54.19
N ASN B 404 34.34 -9.58 -54.05
CA ASN B 404 35.16 -10.02 -55.17
C ASN B 404 35.88 -11.33 -54.88
N TYR B 405 35.16 -12.30 -54.33
CA TYR B 405 35.65 -13.67 -54.22
C TYR B 405 35.04 -14.53 -55.32
N THR B 406 35.84 -15.48 -55.81
CA THR B 406 35.39 -16.46 -56.79
C THR B 406 36.13 -17.76 -56.55
N ASN B 407 35.59 -18.85 -57.11
CA ASN B 407 36.20 -20.16 -56.98
C ASN B 407 37.55 -20.25 -57.65
N VAL B 408 37.90 -19.28 -58.49
CA VAL B 408 39.17 -19.33 -59.21
C VAL B 408 40.33 -19.34 -58.24
N VAL B 409 40.22 -18.57 -57.15
CA VAL B 409 41.33 -18.49 -56.19
C VAL B 409 41.60 -19.87 -55.60
N ASP B 410 40.55 -20.56 -55.15
CA ASP B 410 40.74 -21.86 -54.52
C ASP B 410 41.20 -22.90 -55.53
N TYR B 411 40.64 -22.88 -56.74
CA TYR B 411 41.06 -23.84 -57.76
C TYR B 411 42.53 -23.63 -58.12
N VAL B 412 42.95 -22.38 -58.24
CA VAL B 412 44.35 -22.09 -58.54
C VAL B 412 45.24 -22.50 -57.38
N ASP B 413 44.76 -22.33 -56.14
CA ASP B 413 45.53 -22.77 -54.99
C ASP B 413 45.77 -24.28 -55.05
N ARG B 414 44.72 -25.05 -55.34
CA ARG B 414 44.88 -26.49 -55.44
C ARG B 414 45.80 -26.87 -56.59
N GLU B 415 45.62 -26.21 -57.74
CA GLU B 415 46.44 -26.52 -58.90
C GLU B 415 47.91 -26.23 -58.62
N VAL B 416 48.21 -25.12 -57.94
CA VAL B 416 49.58 -24.82 -57.57
C VAL B 416 50.11 -25.87 -56.59
N LEU B 417 49.30 -26.22 -55.58
CA LEU B 417 49.75 -27.23 -54.62
C LEU B 417 50.10 -28.53 -55.33
N LEU B 418 49.35 -28.91 -56.36
CA LEU B 418 49.60 -30.18 -57.04
C LEU B 418 50.79 -30.08 -57.99
N THR B 419 50.78 -29.08 -58.88
CA THR B 419 51.77 -29.03 -59.95
C THR B 419 53.10 -28.41 -59.52
N GLY B 420 53.16 -27.75 -58.36
CA GLY B 420 54.39 -27.12 -57.93
C GLY B 420 54.75 -25.85 -58.66
N LYS B 421 53.86 -25.33 -59.50
CA LYS B 421 54.13 -24.12 -60.25
C LYS B 421 54.04 -22.90 -59.35
N SER B 422 54.77 -21.85 -59.72
CA SER B 422 54.75 -20.59 -59.01
C SER B 422 53.76 -19.63 -59.65
N VAL B 423 53.12 -18.81 -58.82
CA VAL B 423 52.16 -17.81 -59.26
C VAL B 423 52.67 -16.43 -58.85
N TRP B 424 52.69 -15.49 -59.79
CA TRP B 424 53.24 -14.17 -59.56
C TRP B 424 52.20 -13.09 -59.37
N GLU B 425 50.96 -13.30 -59.80
CA GLU B 425 49.90 -12.33 -59.63
C GLU B 425 48.61 -13.05 -59.26
N CYS B 426 47.72 -12.31 -58.61
CA CYS B 426 46.47 -12.92 -58.17
C CYS B 426 45.66 -13.40 -59.37
N PRO B 427 45.10 -14.61 -59.32
CA PRO B 427 44.32 -15.09 -60.48
C PRO B 427 43.11 -14.25 -60.80
N ILE B 428 42.60 -13.47 -59.84
CA ILE B 428 41.43 -12.63 -60.04
C ILE B 428 41.78 -11.20 -59.65
N HIS B 429 41.34 -10.25 -60.46
CA HIS B 429 41.49 -8.84 -60.10
C HIS B 429 40.62 -8.52 -58.89
N ILE B 430 41.18 -7.77 -57.95
CA ILE B 430 40.51 -7.43 -56.70
C ILE B 430 40.24 -5.94 -56.69
N ASP B 431 38.98 -5.57 -56.45
CA ASP B 431 38.57 -4.18 -56.32
C ASP B 431 38.34 -3.91 -54.84
N HIS B 432 39.32 -3.25 -54.20
CA HIS B 432 39.23 -2.99 -52.77
C HIS B 432 38.19 -1.95 -52.42
N THR B 433 37.65 -1.23 -53.41
CA THR B 433 36.62 -0.23 -53.17
C THR B 433 35.21 -0.79 -53.30
N CYS B 434 35.05 -1.90 -54.01
CA CYS B 434 33.74 -2.51 -54.22
C CYS B 434 32.77 -1.52 -54.87
N GLY B 435 33.27 -0.78 -55.85
CA GLY B 435 32.49 0.20 -56.58
C GLY B 435 32.75 1.64 -56.18
N GLY B 436 33.43 1.87 -55.07
CA GLY B 436 33.75 3.23 -54.69
C GLY B 436 34.59 3.93 -55.74
N SER B 437 35.51 3.20 -56.37
CA SER B 437 36.30 3.80 -57.44
C SER B 437 35.41 4.22 -58.60
N LYS B 438 34.42 3.39 -58.95
CA LYS B 438 33.48 3.77 -60.00
C LYS B 438 32.69 5.01 -59.61
N THR B 439 32.26 5.08 -58.34
CA THR B 439 31.50 6.25 -57.90
C THR B 439 32.35 7.51 -57.95
N VAL B 440 33.62 7.43 -57.57
CA VAL B 440 34.52 8.57 -57.59
C VAL B 440 34.67 9.07 -59.03
N PRO B 441 34.71 10.38 -59.26
CA PRO B 441 34.90 10.87 -60.63
C PRO B 441 36.23 10.42 -61.21
N PRO B 442 36.31 10.23 -62.53
CA PRO B 442 37.54 9.68 -63.11
C PRO B 442 38.77 10.52 -62.87
N HIS B 443 38.63 11.85 -62.86
CA HIS B 443 39.78 12.74 -62.75
C HIS B 443 40.19 13.03 -61.31
N ALA B 444 39.80 12.17 -60.36
CA ALA B 444 40.12 12.42 -58.98
C ALA B 444 41.63 12.35 -58.74
N LYS B 445 42.10 13.17 -57.81
CA LYS B 445 43.52 13.22 -57.49
C LYS B 445 43.69 13.81 -56.09
N LYS B 446 44.41 13.10 -55.23
CA LYS B 446 44.62 13.59 -53.88
C LYS B 446 45.43 14.89 -53.92
N PRO B 447 45.12 15.84 -53.03
CA PRO B 447 45.85 17.11 -53.01
C PRO B 447 47.22 16.98 -52.38
N VAL B 448 48.09 17.94 -52.70
CA VAL B 448 49.39 18.00 -52.07
C VAL B 448 49.21 18.28 -50.58
N ARG B 449 50.21 17.89 -49.79
CA ARG B 449 50.12 18.00 -48.33
C ARG B 449 51.53 18.25 -47.80
N TYR B 450 51.77 19.48 -47.35
CA TYR B 450 53.08 19.89 -46.86
C TYR B 450 53.11 19.89 -45.34
N MET B 451 54.32 19.77 -44.79
CA MET B 451 54.54 19.83 -43.35
C MET B 451 53.64 18.83 -42.62
N ASP B 452 53.55 17.62 -43.17
CA ASP B 452 52.69 16.61 -42.59
C ASP B 452 53.27 16.12 -41.26
N ALA B 453 52.41 15.51 -40.45
CA ALA B 453 52.76 15.06 -39.10
C ALA B 453 53.02 13.56 -39.15
N GLY B 454 54.27 13.19 -39.38
CA GLY B 454 54.67 11.79 -39.37
C GLY B 454 56.17 11.61 -39.44
N ILE B 455 56.71 10.77 -38.54
CA ILE B 455 58.14 10.49 -38.55
C ILE B 455 58.53 9.48 -39.61
N ALA B 456 57.58 9.02 -40.43
CA ALA B 456 57.89 8.03 -41.45
C ALA B 456 58.92 8.55 -42.44
N ASN B 457 58.80 9.80 -42.87
CA ASN B 457 59.73 10.38 -43.83
C ASN B 457 61.14 10.50 -43.27
N VAL B 458 61.31 10.40 -41.95
CA VAL B 458 62.64 10.51 -41.36
C VAL B 458 63.51 9.36 -41.84
N GLY B 459 62.97 8.16 -41.93
CA GLY B 459 63.73 7.01 -42.37
C GLY B 459 64.43 6.27 -41.25
N VAL B 460 64.01 6.47 -40.00
CA VAL B 460 64.64 5.76 -38.90
C VAL B 460 64.47 4.25 -39.07
N THR B 461 65.49 3.51 -38.61
CA THR B 461 65.45 2.06 -38.68
C THR B 461 65.98 1.40 -37.42
N ASP B 462 66.02 2.12 -36.30
CA ASP B 462 66.56 1.60 -35.06
C ASP B 462 65.64 1.80 -33.86
N ILE B 463 64.58 2.60 -33.99
CA ILE B 463 63.64 2.81 -32.88
C ILE B 463 62.34 2.09 -33.20
N ALA C 1 29.78 -2.72 84.96
CA ALA C 1 29.58 -2.55 86.40
C ALA C 1 28.29 -1.78 86.68
N ALA C 2 27.33 -1.90 85.76
CA ALA C 2 26.04 -1.22 85.87
C ALA C 2 26.19 0.29 85.94
N ALA C 3 27.27 0.83 85.38
CA ALA C 3 27.54 2.26 85.37
C ALA C 3 28.02 2.67 83.98
N ILE C 4 28.06 3.98 83.75
CA ILE C 4 28.48 4.50 82.45
C ILE C 4 29.96 4.20 82.25
N ALA C 5 30.33 3.98 81.00
CA ALA C 5 31.71 3.62 80.64
C ALA C 5 32.67 4.68 81.18
N PRO C 6 33.49 4.37 82.19
CA PRO C 6 34.38 5.38 82.77
C PRO C 6 35.68 5.58 82.00
N GLY C 7 35.60 6.41 80.95
CA GLY C 7 36.77 6.73 80.17
C GLY C 7 36.48 7.75 79.08
N PRO C 8 37.52 8.20 78.39
CA PRO C 8 37.30 9.12 77.27
C PRO C 8 36.45 8.49 76.20
N TYR C 9 35.59 9.30 75.58
CA TYR C 9 34.61 8.83 74.61
C TYR C 9 35.01 9.29 73.21
N ARG C 10 34.87 8.39 72.24
CA ARG C 10 35.18 8.66 70.86
C ARG C 10 33.94 8.45 70.01
N ARG C 11 33.67 9.38 69.10
CA ARG C 11 32.55 9.24 68.18
C ARG C 11 32.93 8.35 67.01
N VAL C 12 32.01 7.46 66.64
CA VAL C 12 32.22 6.51 65.56
C VAL C 12 31.05 6.63 64.59
N GLY C 13 31.37 6.75 63.30
CA GLY C 13 30.37 6.91 62.26
C GLY C 13 29.93 5.58 61.68
N ASN C 14 29.30 5.67 60.51
CA ASN C 14 28.79 4.49 59.82
C ASN C 14 29.10 4.60 58.33
N ILE C 15 29.03 3.46 57.66
CA ILE C 15 29.25 3.36 56.22
C ILE C 15 28.16 2.49 55.63
N PHE C 16 27.60 2.91 54.50
CA PHE C 16 26.51 2.21 53.85
C PHE C 16 27.00 1.48 52.63
N ILE C 17 26.74 0.17 52.58
CA ILE C 17 26.91 -0.63 51.38
C ILE C 17 25.56 -0.68 50.70
N VAL C 18 25.47 -0.07 49.53
CA VAL C 18 24.23 0.08 48.78
C VAL C 18 24.29 -0.82 47.56
N HIS C 19 23.30 -1.69 47.42
CA HIS C 19 23.25 -2.65 46.33
C HIS C 19 21.99 -2.40 45.51
N CYS C 20 22.15 -2.29 44.20
CA CYS C 20 21.02 -2.05 43.31
C CYS C 20 20.33 -3.37 43.01
N ASP C 21 19.03 -3.46 43.31
CA ASP C 21 18.28 -4.70 43.15
C ASP C 21 17.22 -4.64 42.06
N ASP C 22 16.91 -3.47 41.52
CA ASP C 22 15.92 -3.34 40.46
C ASP C 22 16.52 -2.50 39.34
N HIS C 23 16.09 -2.79 38.12
CA HIS C 23 16.63 -2.10 36.94
C HIS C 23 16.46 -0.59 37.10
N PRO C 24 17.55 0.15 37.32
CA PRO C 24 17.40 1.60 37.56
C PRO C 24 16.77 2.34 36.39
N PHE C 25 17.03 1.89 35.16
CA PHE C 25 16.54 2.61 33.98
C PHE C 25 15.03 2.51 33.81
N LYS C 26 14.35 1.66 34.58
CA LYS C 26 12.91 1.53 34.44
C LYS C 26 12.13 2.57 35.24
N HIS C 27 12.82 3.45 35.96
CA HIS C 27 12.18 4.47 36.79
C HIS C 27 12.35 5.84 36.14
N SER C 28 11.85 6.86 36.83
CA SER C 28 11.94 8.23 36.33
C SER C 28 13.39 8.71 36.41
N TRP C 29 13.69 9.75 35.63
CA TRP C 29 15.07 10.22 35.53
C TRP C 29 15.61 10.76 36.85
N GLU C 30 14.73 11.24 37.74
CA GLU C 30 15.21 11.68 39.05
C GLU C 30 15.77 10.50 39.85
N VAL C 31 15.07 9.37 39.82
CA VAL C 31 15.56 8.19 40.53
C VAL C 31 16.89 7.73 39.95
N ASN C 32 17.00 7.73 38.62
CA ASN C 32 18.24 7.33 37.98
C ASN C 32 19.37 8.29 38.33
N ARG C 33 19.08 9.58 38.41
CA ARG C 33 20.11 10.54 38.78
C ARG C 33 20.57 10.34 40.22
N MET C 34 19.63 10.07 41.13
CA MET C 34 20.02 9.79 42.51
C MET C 34 20.86 8.51 42.58
N LEU C 35 20.48 7.48 41.83
CA LEU C 35 21.26 6.26 41.81
C LEU C 35 22.65 6.50 41.27
N ARG C 36 22.77 7.30 40.21
CA ARG C 36 24.09 7.61 39.66
C ARG C 36 24.92 8.40 40.67
N GLU C 37 24.29 9.30 41.41
CA GLU C 37 25.00 9.97 42.50
C GLU C 37 25.51 8.96 43.51
N LEU C 38 24.71 7.94 43.80
CA LEU C 38 25.17 6.80 44.59
C LEU C 38 26.11 5.88 43.82
N ARG C 39 26.41 6.21 42.57
CA ARG C 39 27.28 5.41 41.71
C ARG C 39 26.66 4.05 41.41
N LEU C 40 25.43 4.07 40.93
CA LEU C 40 24.71 2.87 40.52
C LEU C 40 24.06 3.12 39.17
N GLU C 41 24.28 2.23 38.22
CA GLU C 41 23.67 2.34 36.89
C GLU C 41 23.04 1.04 36.40
N PHE C 42 23.40 -0.12 36.96
CA PHE C 42 22.87 -1.39 36.54
C PHE C 42 22.49 -2.22 37.76
N LYS C 43 21.53 -3.12 37.57
CA LYS C 43 21.17 -4.04 38.63
C LYS C 43 22.35 -4.93 38.97
N GLY C 44 22.49 -5.25 40.26
CA GLY C 44 23.59 -6.06 40.72
C GLY C 44 24.87 -5.33 41.00
N GLN C 45 24.85 -4.00 41.00
CA GLN C 45 26.03 -3.20 41.31
C GLN C 45 25.98 -2.77 42.77
N THR C 46 27.10 -2.89 43.46
CA THR C 46 27.23 -2.56 44.87
C THR C 46 28.28 -1.48 45.04
N THR C 47 27.99 -0.53 45.92
CA THR C 47 28.89 0.58 46.18
C THR C 47 28.98 0.82 47.67
N ILE C 48 30.06 1.45 48.10
CA ILE C 48 30.29 1.80 49.50
C ILE C 48 30.34 3.32 49.60
N VAL C 49 29.51 3.87 50.49
CA VAL C 49 29.35 5.32 50.59
C VAL C 49 29.36 5.71 52.07
N PRO C 50 29.72 6.96 52.35
CA PRO C 50 29.71 7.43 53.74
C PRO C 50 28.30 7.63 54.27
N ASP C 51 28.20 7.61 55.60
CA ASP C 51 26.95 7.91 56.28
C ASP C 51 26.92 9.41 56.57
N ILE C 52 26.42 10.18 55.60
CA ILE C 52 26.32 11.63 55.73
C ILE C 52 24.92 12.04 55.29
N PRO C 53 24.51 13.26 55.66
CA PRO C 53 23.14 13.69 55.31
C PRO C 53 22.82 13.59 53.83
N GLN C 54 23.76 13.93 52.95
CA GLN C 54 23.47 13.88 51.51
C GLN C 54 23.26 12.43 51.06
N VAL C 55 24.14 11.52 51.48
CA VAL C 55 23.99 10.12 51.11
C VAL C 55 22.69 9.56 51.67
N ARG C 56 22.33 9.95 52.90
CA ARG C 56 21.08 9.51 53.47
C ARG C 56 19.89 10.02 52.67
N LYS C 57 19.96 11.27 52.22
CA LYS C 57 18.90 11.81 51.37
C LYS C 57 18.77 11.00 50.09
N ARG C 58 19.90 10.70 49.45
CA ARG C 58 19.85 9.94 48.20
C ARG C 58 19.28 8.54 48.43
N ILE C 59 19.71 7.87 49.50
CA ILE C 59 19.24 6.52 49.76
C ILE C 59 17.76 6.54 50.11
N TRP C 60 17.30 7.57 50.84
CA TRP C 60 15.88 7.70 51.12
C TRP C 60 15.10 7.90 49.84
N ARG C 61 15.64 8.69 48.91
CA ARG C 61 14.97 8.91 47.63
C ARG C 61 14.85 7.61 46.84
N VAL C 62 15.88 6.77 46.86
CA VAL C 62 15.92 5.58 46.01
C VAL C 62 15.85 4.31 46.84
N ARG C 63 15.14 4.35 47.96
CA ARG C 63 15.09 3.20 48.86
C ARG C 63 14.33 2.01 48.29
N HIS C 64 13.58 2.17 47.20
CA HIS C 64 12.86 1.05 46.62
C HIS C 64 13.64 0.37 45.50
N ILE C 65 14.82 0.87 45.14
CA ILE C 65 15.71 0.18 44.21
C ILE C 65 16.99 -0.26 44.88
N VAL C 66 17.22 0.13 46.13
CA VAL C 66 18.49 -0.05 46.80
C VAL C 66 18.27 -0.83 48.09
N LYS C 67 19.13 -1.81 48.32
CA LYS C 67 19.20 -2.51 49.59
C LYS C 67 20.47 -2.05 50.31
N VAL C 68 20.32 -1.70 51.59
CA VAL C 68 21.37 -1.03 52.34
C VAL C 68 21.85 -1.94 53.46
N ASP C 69 23.17 -1.96 53.66
CA ASP C 69 23.78 -2.61 54.80
C ASP C 69 24.66 -1.58 55.52
N VAL C 70 24.69 -1.68 56.84
CA VAL C 70 25.40 -0.71 57.67
C VAL C 70 26.67 -1.35 58.21
N LEU C 71 27.72 -0.53 58.33
CA LEU C 71 28.99 -0.98 58.90
C LEU C 71 29.59 0.19 59.66
N ASP C 72 29.60 0.10 60.98
CA ASP C 72 30.30 1.10 61.77
C ASP C 72 31.75 1.18 61.32
N LEU C 73 32.43 2.25 61.71
CA LEU C 73 33.85 2.37 61.37
C LEU C 73 34.64 1.23 61.99
N ASP C 74 34.28 0.82 63.21
CA ASP C 74 34.96 -0.32 63.84
C ASP C 74 34.75 -1.58 63.02
N GLU C 75 33.50 -1.83 62.58
CA GLU C 75 33.23 -3.03 61.79
C GLU C 75 33.97 -3.00 60.46
N ALA C 76 34.01 -1.84 59.80
CA ALA C 76 34.72 -1.75 58.53
C ALA C 76 36.21 -1.96 58.73
N LYS C 77 36.78 -1.40 59.80
CA LYS C 77 38.19 -1.59 60.09
C LYS C 77 38.50 -3.05 60.33
N ALA C 78 37.64 -3.75 61.10
CA ALA C 78 37.84 -5.17 61.30
C ALA C 78 37.71 -5.94 59.99
N LEU C 79 36.73 -5.55 59.16
CA LEU C 79 36.50 -6.23 57.89
C LEU C 79 37.75 -6.16 57.00
N ILE C 80 38.32 -4.97 56.87
CA ILE C 80 39.52 -4.80 56.07
C ILE C 80 40.77 -5.36 56.75
N GLY C 81 40.73 -5.52 58.07
CA GLY C 81 41.86 -6.08 58.78
C GLY C 81 43.04 -5.14 58.86
N VAL C 82 42.88 -4.03 59.57
CA VAL C 82 43.98 -3.08 59.78
C VAL C 82 44.07 -2.76 61.27
N PRO C 83 45.24 -2.36 61.78
CA PRO C 83 45.34 -2.03 63.20
C PRO C 83 44.39 -0.91 63.60
N GLU C 84 43.87 -1.03 64.82
CA GLU C 84 42.90 -0.06 65.31
C GLU C 84 43.50 1.34 65.44
N HIS C 85 44.80 1.44 65.70
CA HIS C 85 45.43 2.75 65.87
C HIS C 85 45.56 3.51 64.56
N ILE C 86 45.64 2.82 63.43
CA ILE C 86 45.67 3.49 62.14
C ILE C 86 44.30 4.08 61.85
N SER C 87 44.28 5.20 61.13
CA SER C 87 43.07 5.94 60.85
C SER C 87 42.75 5.88 59.35
N PHE C 88 41.46 5.76 59.05
CA PHE C 88 41.03 5.81 57.65
C PHE C 88 41.45 7.12 57.00
N THR C 89 41.56 8.20 57.79
CA THR C 89 42.08 9.44 57.24
C THR C 89 43.53 9.26 56.78
N ASP C 90 44.34 8.57 57.58
CA ASP C 90 45.71 8.29 57.18
C ASP C 90 45.76 7.43 55.92
N LEU C 91 44.90 6.40 55.87
CA LEU C 91 44.86 5.55 54.68
C LEU C 91 44.48 6.35 53.44
N ALA C 92 43.49 7.24 53.58
CA ALA C 92 43.07 8.06 52.45
C ALA C 92 44.18 8.99 52.01
N SER C 93 44.87 9.61 52.97
CA SER C 93 45.98 10.50 52.63
C SER C 93 47.10 9.75 51.92
N GLN C 94 47.33 8.48 52.30
CA GLN C 94 48.38 7.69 51.67
C GLN C 94 48.00 7.23 50.27
N LEU C 95 46.76 6.80 50.05
CA LEU C 95 46.39 6.25 48.75
C LEU C 95 46.43 7.34 47.68
N PRO C 96 46.72 6.98 46.43
CA PRO C 96 46.92 7.99 45.39
C PRO C 96 45.62 8.68 45.02
N PRO C 97 45.70 9.91 44.51
CA PRO C 97 44.48 10.61 44.09
C PRO C 97 44.04 10.32 42.67
N SER C 98 44.93 9.80 41.82
CA SER C 98 44.62 9.49 40.43
C SER C 98 44.28 8.02 40.23
N PHE C 99 43.66 7.39 41.23
CA PHE C 99 43.43 5.96 41.21
C PHE C 99 42.63 5.54 39.98
N GLY C 100 41.36 5.94 39.92
CA GLY C 100 40.52 5.61 38.78
C GLY C 100 39.95 6.85 38.13
N ARG C 101 38.62 6.95 38.09
CA ARG C 101 37.98 8.18 37.67
C ARG C 101 38.22 9.24 38.73
N VAL C 102 39.27 10.06 38.53
CA VAL C 102 39.73 10.99 39.55
C VAL C 102 38.54 11.71 40.17
N LYS C 103 37.70 12.32 39.32
CA LYS C 103 36.51 13.01 39.80
C LYS C 103 35.48 13.00 38.69
N ALA C 104 34.22 13.20 39.07
CA ALA C 104 33.15 13.37 38.10
C ALA C 104 33.28 14.76 37.48
N VAL C 105 33.86 14.83 36.28
CA VAL C 105 34.10 16.11 35.62
C VAL C 105 32.80 16.57 34.95
N PRO C 106 32.69 17.85 34.59
CA PRO C 106 31.42 18.34 34.03
C PRO C 106 30.95 17.59 32.79
N SER C 107 31.84 17.15 31.91
CA SER C 107 31.42 16.51 30.68
C SER C 107 32.54 15.59 30.19
N PRO C 108 32.21 14.62 29.34
CA PRO C 108 33.27 13.73 28.81
C PRO C 108 34.32 14.47 28.01
N VAL C 109 34.00 15.63 27.42
CA VAL C 109 35.03 16.43 26.78
C VAL C 109 36.04 16.91 27.80
N ILE C 110 35.56 17.36 28.97
CA ILE C 110 36.49 17.75 30.03
C ILE C 110 37.25 16.54 30.54
N ARG C 111 36.62 15.36 30.57
CA ARG C 111 37.34 14.16 30.97
C ARG C 111 38.49 13.86 30.00
N SER C 112 38.22 13.99 28.70
CA SER C 112 39.26 13.81 27.71
C SER C 112 40.36 14.85 27.88
N LYS C 113 39.98 16.08 28.21
CA LYS C 113 40.97 17.12 28.50
C LYS C 113 41.84 16.71 29.69
N MET C 114 41.22 16.16 30.73
CA MET C 114 41.97 15.73 31.91
C MET C 114 42.95 14.63 31.57
N ASN C 115 42.51 13.65 30.78
CA ASN C 115 43.43 12.57 30.37
C ASN C 115 44.56 13.13 29.51
N PHE C 116 44.24 14.06 28.61
CA PHE C 116 45.26 14.68 27.78
C PHE C 116 46.29 15.41 28.63
N MET C 117 45.83 16.11 29.67
CA MET C 117 46.76 16.81 30.55
C MET C 117 47.58 15.83 31.38
N LYS C 118 46.98 14.71 31.79
CA LYS C 118 47.77 13.67 32.46
C LYS C 118 48.92 13.23 31.58
N LEU C 119 48.63 12.89 30.32
CA LEU C 119 49.69 12.44 29.41
C LEU C 119 50.69 13.55 29.14
N ARG C 120 50.21 14.79 28.99
CA ARG C 120 51.11 15.91 28.73
C ARG C 120 52.08 16.11 29.88
N ARG C 121 51.59 16.03 31.12
CA ARG C 121 52.48 16.17 32.27
C ARG C 121 53.40 14.96 32.39
N MET C 122 52.93 13.78 32.04
CA MET C 122 53.83 12.62 32.01
C MET C 122 55.01 12.88 31.08
N ARG C 123 54.74 13.35 29.86
CA ARG C 123 55.81 13.64 28.93
C ARG C 123 56.69 14.78 29.43
N LEU C 124 56.07 15.83 29.99
CA LEU C 124 56.84 16.95 30.51
C LEU C 124 57.77 16.52 31.63
N ARG C 125 57.41 15.47 32.38
CA ARG C 125 58.32 14.99 33.41
C ARG C 125 59.67 14.61 32.81
N ASP C 126 59.65 13.77 31.77
CA ASP C 126 60.90 13.37 31.12
C ASP C 126 61.55 14.55 30.41
N VAL C 127 60.76 15.42 29.79
CA VAL C 127 61.32 16.57 29.10
C VAL C 127 62.09 17.45 30.06
N LEU C 128 61.50 17.74 31.22
CA LEU C 128 62.17 18.56 32.22
C LEU C 128 63.34 17.83 32.84
N HIS C 129 63.26 16.51 32.99
CA HIS C 129 64.41 15.74 33.46
C HIS C 129 65.60 15.95 32.53
N ARG C 130 65.38 15.77 31.23
CA ARG C 130 66.46 15.95 30.25
C ARG C 130 66.94 17.40 30.24
N ASP C 131 66.02 18.36 30.34
CA ASP C 131 66.41 19.76 30.32
C ASP C 131 67.25 20.12 31.54
N ALA C 132 66.89 19.59 32.71
CA ALA C 132 67.68 19.84 33.92
C ALA C 132 69.06 19.21 33.80
N LEU C 133 69.15 18.01 33.22
CA LEU C 133 70.46 17.42 32.97
C LEU C 133 71.29 18.33 32.06
N GLU C 134 70.69 18.85 30.99
CA GLU C 134 71.40 19.75 30.10
C GLU C 134 71.87 21.00 30.83
N LEU C 135 71.00 21.58 31.66
CA LEU C 135 71.36 22.80 32.36
C LEU C 135 72.51 22.56 33.35
N ARG C 136 72.46 21.44 34.07
CA ARG C 136 73.54 21.12 35.00
C ARG C 136 74.85 20.89 34.25
N LEU C 137 74.78 20.21 33.10
CA LEU C 137 75.98 20.01 32.30
C LEU C 137 76.54 21.35 31.81
N LEU C 138 75.66 22.26 31.40
CA LEU C 138 76.10 23.57 30.95
C LEU C 138 76.77 24.34 32.08
N GLU C 139 76.19 24.28 33.28
CA GLU C 139 76.78 24.96 34.43
C GLU C 139 78.15 24.37 34.75
N LEU C 140 78.27 23.04 34.71
CA LEU C 140 79.57 22.41 34.98
C LEU C 140 80.60 22.84 33.94
N LYS C 141 80.21 22.89 32.66
CA LYS C 141 81.15 23.33 31.64
C LYS C 141 81.54 24.79 31.83
N ARG C 142 80.59 25.64 32.22
CA ARG C 142 80.92 27.03 32.48
C ARG C 142 81.91 27.14 33.63
N SER C 143 81.70 26.38 34.70
CA SER C 143 82.64 26.40 35.81
C SER C 143 84.02 25.92 35.38
N ALA C 144 84.06 24.87 34.54
CA ALA C 144 85.34 24.38 34.05
C ALA C 144 86.05 25.44 33.21
N MET C 145 85.30 26.14 32.35
CA MET C 145 85.91 27.20 31.57
C MET C 145 86.43 28.32 32.45
N LYS C 146 85.68 28.68 33.49
CA LYS C 146 86.13 29.71 34.42
C LYS C 146 87.43 29.28 35.10
N ASN C 147 87.49 28.02 35.55
CA ASN C 147 88.69 27.52 36.20
C ASN C 147 89.87 27.53 35.24
N ASP C 148 89.65 27.13 33.98
CA ASP C 148 90.71 27.16 33.00
C ASP C 148 91.21 28.58 32.76
N GLU C 149 90.28 29.54 32.68
CA GLU C 149 90.68 30.93 32.53
C GLU C 149 91.52 31.40 33.71
N GLN C 150 91.11 31.03 34.93
CA GLN C 150 91.86 31.40 36.13
C GLN C 150 93.15 30.59 36.23
N PRO D 1 -0.77 -22.54 -13.55
CA PRO D 1 -0.50 -21.18 -14.06
C PRO D 1 -0.47 -20.12 -12.97
N LYS D 2 -0.03 -20.48 -11.76
CA LYS D 2 0.02 -19.54 -10.66
C LYS D 2 1.36 -19.47 -9.94
N ARG D 3 2.17 -20.53 -9.97
CA ARG D 3 3.45 -20.51 -9.27
C ARG D 3 4.36 -21.56 -9.88
N LYS D 4 5.66 -21.29 -9.79
CA LYS D 4 6.64 -22.20 -10.35
C LYS D 4 6.72 -23.49 -9.53
N LYS D 5 7.13 -24.56 -10.20
CA LYS D 5 7.25 -25.87 -9.59
C LYS D 5 8.71 -26.24 -9.39
N ASN D 6 8.96 -27.05 -8.36
CA ASN D 6 10.29 -27.50 -7.99
C ASN D 6 10.50 -28.94 -8.45
N PRO D 7 11.75 -29.41 -8.47
CA PRO D 7 12.01 -30.77 -9.00
C PRO D 7 11.20 -31.86 -8.35
N MET D 8 10.99 -31.82 -7.03
CA MET D 8 10.19 -32.85 -6.37
C MET D 8 8.72 -32.74 -6.78
N GLN D 9 8.21 -31.51 -6.88
CA GLN D 9 6.85 -31.32 -7.34
C GLN D 9 6.66 -31.85 -8.75
N LEU D 10 7.71 -31.78 -9.57
CA LEU D 10 7.65 -32.36 -10.91
C LEU D 10 7.76 -33.88 -10.87
N ARG D 11 8.54 -34.41 -9.92
CA ARG D 11 8.77 -35.85 -9.82
C ARG D 11 7.60 -36.59 -9.17
N ARG D 12 6.65 -35.85 -8.58
CA ARG D 12 5.44 -36.51 -8.08
C ARG D 12 4.79 -37.36 -9.17
N LYS D 13 4.79 -36.88 -10.41
CA LYS D 13 4.14 -37.64 -11.48
C LYS D 13 4.83 -38.97 -11.72
N VAL D 14 6.17 -38.99 -11.72
CA VAL D 14 6.86 -40.27 -11.89
C VAL D 14 6.64 -41.16 -10.67
N TYR D 15 6.50 -40.57 -9.49
CA TYR D 15 6.10 -41.36 -8.32
C TYR D 15 4.79 -42.08 -8.59
N GLY D 16 3.84 -41.38 -9.20
CA GLY D 16 2.54 -41.98 -9.50
C GLY D 16 2.66 -43.23 -10.35
N LEU D 17 1.51 -43.85 -10.59
CA LEU D 17 1.43 -45.08 -11.36
C LEU D 17 1.11 -44.85 -12.84
N HIS D 18 0.31 -43.82 -13.15
CA HIS D 18 -0.07 -43.59 -14.54
C HIS D 18 1.16 -43.31 -15.39
N PHE D 19 2.12 -42.56 -14.86
CA PHE D 19 3.34 -42.27 -15.60
C PHE D 19 4.10 -43.55 -15.93
N LYS D 20 4.23 -44.45 -14.96
CA LYS D 20 4.95 -45.69 -15.19
C LYS D 20 4.24 -46.54 -16.25
N GLU D 21 2.92 -46.64 -16.16
CA GLU D 21 2.16 -47.41 -17.14
C GLU D 21 2.25 -46.81 -18.53
N LYS D 22 2.34 -45.48 -18.62
CA LYS D 22 2.37 -44.82 -19.92
C LYS D 22 3.75 -44.78 -20.55
N TYR D 23 4.81 -44.82 -19.74
CA TYR D 23 6.16 -44.60 -20.25
C TYR D 23 7.13 -45.71 -19.92
N LEU D 24 7.04 -46.32 -18.74
CA LEU D 24 8.06 -47.21 -18.21
C LEU D 24 7.63 -48.67 -18.28
N LYS D 25 6.93 -49.05 -19.34
CA LYS D 25 6.43 -50.40 -19.51
C LYS D 25 7.35 -51.20 -20.43
N MET D 26 7.51 -52.48 -20.13
CA MET D 26 8.28 -53.41 -20.95
C MET D 26 7.32 -54.38 -21.62
N GLU D 27 7.46 -54.53 -22.93
CA GLU D 27 6.61 -55.44 -23.69
C GLU D 27 7.16 -56.85 -23.65
N GLU D 28 6.27 -57.82 -23.44
CA GLU D 28 6.62 -59.23 -23.51
C GLU D 28 6.43 -59.71 -24.95
N TRP D 29 7.42 -60.43 -25.46
CA TRP D 29 7.43 -60.82 -26.87
C TRP D 29 8.09 -62.18 -27.01
N TYR D 30 8.14 -62.67 -28.24
CA TYR D 30 8.81 -63.92 -28.56
C TYR D 30 9.14 -63.92 -30.04
N TYR D 31 10.00 -64.85 -30.44
CA TYR D 31 10.36 -65.00 -31.84
C TYR D 31 9.27 -65.79 -32.56
N CYS D 32 8.70 -65.21 -33.61
CA CYS D 32 7.65 -65.88 -34.35
C CYS D 32 8.19 -67.18 -34.95
N PRO D 33 7.49 -68.30 -34.79
CA PRO D 33 8.01 -69.56 -35.35
C PRO D 33 8.13 -69.55 -36.86
N LEU D 34 7.41 -68.66 -37.56
CA LEU D 34 7.43 -68.64 -39.02
C LEU D 34 8.45 -67.65 -39.56
N CYS D 35 8.30 -66.37 -39.22
CA CYS D 35 9.20 -65.34 -39.73
C CYS D 35 10.40 -65.09 -38.82
N ALA D 36 10.43 -65.70 -37.64
CA ALA D 36 11.57 -65.56 -36.73
C ALA D 36 11.84 -64.11 -36.36
N GLU D 37 10.81 -63.28 -36.41
CA GLU D 37 10.91 -61.88 -36.02
C GLU D 37 10.33 -61.68 -34.63
N PRO D 38 10.72 -60.62 -33.92
CA PRO D 38 10.06 -60.31 -32.65
C PRO D 38 8.57 -60.10 -32.88
N LYS D 39 7.77 -60.60 -31.95
CA LYS D 39 6.33 -60.63 -32.13
C LYS D 39 5.66 -60.62 -30.77
N LYS D 40 4.57 -59.88 -30.66
CA LYS D 40 3.75 -59.84 -29.46
C LYS D 40 2.50 -60.68 -29.65
N PRO D 41 2.11 -61.51 -28.69
CA PRO D 41 0.93 -62.37 -28.91
C PRO D 41 -0.31 -61.54 -29.21
N GLY D 42 -1.11 -62.05 -30.14
CA GLY D 42 -2.33 -61.39 -30.58
C GLY D 42 -2.17 -60.57 -31.84
N GLU D 43 -0.95 -60.32 -32.28
CA GLU D 43 -0.67 -59.55 -33.49
C GLU D 43 0.17 -60.40 -34.42
N TRP D 44 -0.18 -60.39 -35.71
CA TRP D 44 0.44 -61.29 -36.69
C TRP D 44 0.79 -60.47 -37.93
N CYS D 45 1.24 -61.17 -38.96
CA CYS D 45 1.68 -60.56 -40.21
C CYS D 45 0.59 -60.68 -41.26
N ARG D 46 0.86 -60.17 -42.45
CA ARG D 46 -0.03 -60.32 -43.60
C ARG D 46 0.41 -61.45 -44.52
N ARG D 47 1.47 -62.18 -44.18
CA ARG D 47 1.90 -63.32 -44.98
C ARG D 47 0.80 -64.38 -44.98
N GLU D 48 0.75 -65.17 -46.06
CA GLU D 48 -0.33 -66.13 -46.21
C GLU D 48 -0.32 -67.16 -45.07
N ASP D 49 0.85 -67.68 -44.75
CA ASP D 49 0.94 -68.69 -43.68
C ASP D 49 0.54 -68.08 -42.33
N CYS D 50 0.98 -66.86 -42.06
CA CYS D 50 0.60 -66.21 -40.81
C CYS D 50 -0.90 -65.99 -40.73
N ARG D 51 -1.53 -65.56 -41.83
CA ARG D 51 -2.97 -65.37 -41.83
C ARG D 51 -3.70 -66.69 -41.60
N GLN D 52 -3.27 -67.75 -42.29
CA GLN D 52 -3.96 -69.03 -42.16
C GLN D 52 -3.80 -69.61 -40.75
N ILE D 53 -2.57 -69.67 -40.25
CA ILE D 53 -2.28 -70.07 -38.88
C ILE D 53 -1.59 -68.90 -38.21
N LYS D 54 -2.13 -68.49 -37.05
CA LYS D 54 -1.66 -67.28 -36.40
C LYS D 54 -0.81 -67.64 -35.19
N PRO D 55 0.52 -67.46 -35.25
CA PRO D 55 1.36 -67.75 -34.09
C PRO D 55 1.11 -66.77 -32.95
N PRO E 1 27.76 2.49 -24.08
CA PRO E 1 26.88 1.48 -24.69
C PRO E 1 27.67 0.35 -25.35
N LYS E 2 26.97 -0.50 -26.08
CA LYS E 2 27.60 -1.58 -26.84
C LYS E 2 28.01 -1.08 -28.22
N MET E 3 29.07 -1.68 -28.75
CA MET E 3 29.62 -1.27 -30.03
C MET E 3 28.65 -1.48 -31.19
N GLY E 4 27.94 -2.61 -31.21
CA GLY E 4 27.07 -2.93 -32.31
C GLY E 4 25.66 -2.38 -32.16
N CYS E 5 25.55 -1.13 -31.72
CA CYS E 5 24.25 -0.47 -31.54
C CYS E 5 24.10 0.64 -32.57
N GLU E 6 22.98 0.62 -33.28
CA GLU E 6 22.70 1.71 -34.23
C GLU E 6 22.66 3.05 -33.52
N GLU E 7 22.30 3.05 -32.23
CA GLU E 7 22.27 4.29 -31.47
C GLU E 7 23.58 5.05 -31.56
N ILE E 8 24.70 4.34 -31.42
CA ILE E 8 26.00 4.98 -31.53
C ILE E 8 26.54 4.92 -32.96
N THR E 9 26.04 3.99 -33.77
CA THR E 9 26.45 3.96 -35.17
C THR E 9 26.07 5.25 -35.88
N ARG E 10 24.86 5.74 -35.63
CA ARG E 10 24.42 7.01 -36.18
C ARG E 10 24.76 8.15 -35.22
N LYS E 11 24.93 9.35 -35.79
CA LYS E 11 25.32 10.54 -35.03
C LYS E 11 24.10 11.44 -34.86
N ALA E 12 23.55 11.47 -33.64
CA ALA E 12 22.41 12.35 -33.36
C ALA E 12 22.87 13.76 -33.03
N ARG E 13 23.61 13.91 -31.93
CA ARG E 13 23.96 15.21 -31.39
C ARG E 13 25.34 15.13 -30.76
N ARG E 14 25.90 16.30 -30.46
CA ARG E 14 27.14 16.39 -29.71
C ARG E 14 27.07 17.63 -28.83
N VAL E 15 27.49 17.49 -27.58
CA VAL E 15 27.37 18.55 -26.58
C VAL E 15 28.69 19.29 -26.49
N GLN E 16 28.61 20.59 -26.23
CA GLN E 16 29.77 21.44 -26.07
C GLN E 16 30.16 21.53 -24.60
N LEU E 17 31.05 22.47 -24.27
CA LEU E 17 31.36 22.80 -22.89
C LEU E 17 30.22 23.63 -22.34
N GLN E 18 29.56 23.12 -21.30
CA GLN E 18 28.40 23.80 -20.76
C GLN E 18 28.80 25.18 -20.23
N PRO E 19 28.05 26.23 -20.52
CA PRO E 19 28.37 27.56 -19.98
C PRO E 19 28.21 27.59 -18.47
N THR E 20 29.00 28.44 -17.85
CA THR E 20 29.01 28.60 -16.40
C THR E 20 28.07 29.73 -16.00
N GLU E 21 27.91 29.90 -14.68
CA GLU E 21 27.02 30.90 -14.11
C GLU E 21 27.82 32.14 -13.71
N TYR E 22 27.11 33.27 -13.66
CA TYR E 22 27.73 34.51 -13.21
C TYR E 22 28.29 34.32 -11.81
N LEU E 23 29.53 34.79 -11.61
CA LEU E 23 30.20 34.55 -10.34
C LEU E 23 29.44 35.17 -9.18
N ALA E 24 28.94 36.40 -9.35
CA ALA E 24 28.17 37.08 -8.32
C ALA E 24 26.67 36.89 -8.52
N GLN E 25 26.26 35.73 -9.04
CA GLN E 25 24.86 35.47 -9.29
C GLN E 25 24.04 35.47 -8.01
N HIS E 26 24.55 34.90 -6.92
CA HIS E 26 23.81 34.77 -5.68
C HIS E 26 23.94 35.96 -4.75
N ARG E 27 24.78 36.95 -5.10
CA ARG E 27 24.82 38.22 -4.39
C ARG E 27 23.64 39.07 -4.85
N MET E 28 22.62 39.18 -4.01
CA MET E 28 21.33 39.72 -4.41
C MET E 28 21.20 41.20 -4.09
N GLN E 29 20.62 41.95 -5.03
CA GLN E 29 20.44 43.37 -4.83
C GLN E 29 19.49 43.66 -3.68
N VAL E 30 18.54 42.76 -3.42
CA VAL E 30 17.64 42.98 -2.30
C VAL E 30 18.44 43.04 -1.00
N TRP E 31 19.38 42.11 -0.83
CA TRP E 31 20.28 42.19 0.32
C TRP E 31 21.13 43.44 0.27
N GLN E 32 21.74 43.71 -0.89
CA GLN E 32 22.64 44.86 -0.98
C GLN E 32 21.94 46.16 -0.62
N LEU E 33 20.62 46.22 -0.79
CA LEU E 33 19.85 47.41 -0.46
C LEU E 33 19.39 47.40 0.99
N ARG E 34 18.69 46.34 1.42
CA ARG E 34 18.12 46.32 2.76
C ARG E 34 19.21 46.28 3.82
N PHE E 35 20.17 45.37 3.70
CA PHE E 35 21.10 45.06 4.77
C PHE E 35 22.46 45.70 4.51
N LYS E 36 23.34 45.55 5.50
CA LYS E 36 24.76 45.81 5.31
C LYS E 36 25.54 45.03 6.36
N GLU E 37 26.63 44.40 5.93
CA GLU E 37 27.42 43.56 6.83
C GLU E 37 28.53 44.38 7.46
N MET E 38 28.76 44.14 8.76
CA MET E 38 29.76 44.89 9.49
C MET E 38 30.21 44.09 10.69
N GLY E 39 31.45 44.30 11.10
CA GLY E 39 32.03 43.60 12.23
C GLY E 39 33.31 42.88 11.87
N PRO E 40 33.91 42.21 12.85
CA PRO E 40 35.14 41.45 12.58
C PRO E 40 34.89 40.36 11.56
N PRO E 41 35.94 39.87 10.89
CA PRO E 41 35.73 38.88 9.83
C PRO E 41 35.00 37.63 10.30
N PHE E 42 35.30 37.15 11.51
CA PHE E 42 34.67 35.96 12.06
C PHE E 42 33.50 36.28 12.98
N SER E 43 33.15 37.55 13.15
CA SER E 43 32.03 37.94 13.99
C SER E 43 31.19 39.02 13.31
N ARG E 44 31.21 39.06 11.98
CA ARG E 44 30.45 40.06 11.25
C ARG E 44 28.97 39.69 11.20
N VAL E 45 28.13 40.71 11.30
CA VAL E 45 26.68 40.55 11.32
C VAL E 45 26.09 41.49 10.28
N TRP E 46 24.91 41.11 9.77
CA TRP E 46 24.18 41.93 8.82
C TRP E 46 23.14 42.74 9.59
N VAL E 47 23.11 44.04 9.35
CA VAL E 47 22.19 44.94 10.05
C VAL E 47 21.26 45.58 9.04
N ALA E 48 20.09 45.97 9.54
CA ALA E 48 19.07 46.66 8.76
C ALA E 48 18.37 47.66 9.66
N LEU E 49 17.72 48.64 9.05
CA LEU E 49 17.01 49.64 9.83
C LEU E 49 15.87 48.98 10.60
N GLY E 50 15.55 49.59 11.74
CA GLY E 50 14.47 49.10 12.58
C GLY E 50 13.36 50.11 12.71
N GLY E 51 12.12 49.68 12.48
CA GLY E 51 10.99 50.57 12.58
C GLY E 51 9.79 49.97 11.87
N LYS E 52 8.72 50.77 11.83
CA LYS E 52 7.48 50.37 11.17
C LYS E 52 7.57 50.73 9.70
N MET E 53 7.63 49.72 8.84
CA MET E 53 7.72 49.92 7.39
C MET E 53 6.32 49.83 6.81
N ARG E 54 5.53 50.88 7.03
CA ARG E 54 4.16 50.92 6.54
C ARG E 54 3.79 52.36 6.21
N ARG E 55 2.81 52.51 5.33
CA ARG E 55 2.31 53.81 4.92
C ARG E 55 0.91 54.01 5.49
N ARG E 56 0.76 55.06 6.29
CA ARG E 56 -0.50 55.37 6.96
C ARG E 56 -1.25 56.43 6.16
N ARG E 57 -2.36 56.92 6.72
CA ARG E 57 -3.05 58.05 6.13
C ARG E 57 -2.27 59.33 6.43
N VAL E 58 -2.78 60.45 5.93
CA VAL E 58 -2.01 61.69 5.97
C VAL E 58 -1.73 62.12 7.41
N GLY E 59 -2.76 62.08 8.26
CA GLY E 59 -2.66 62.64 9.59
C GLY E 59 -2.45 61.65 10.72
N ARG E 60 -2.01 60.43 10.45
CA ARG E 60 -1.91 59.44 11.50
C ARG E 60 -0.64 59.64 12.34
N GLN E 61 0.52 59.50 11.71
CA GLN E 61 1.80 59.66 12.40
C GLN E 61 2.21 61.13 12.37
N VAL E 62 2.41 61.72 13.55
CA VAL E 62 2.70 63.14 13.68
C VAL E 62 4.03 63.38 14.38
N ASP E 63 4.25 62.72 15.51
CA ASP E 63 5.46 62.94 16.29
C ASP E 63 6.62 62.18 15.65
N VAL E 64 7.52 62.92 15.00
CA VAL E 64 8.70 62.29 14.41
C VAL E 64 9.65 61.75 15.46
N LYS E 65 9.55 62.23 16.71
CA LYS E 65 10.41 61.72 17.77
C LYS E 65 10.22 60.22 18.00
N ASP E 66 9.04 59.70 17.71
CA ASP E 66 8.83 58.25 17.83
C ASP E 66 9.69 57.48 16.85
N MET E 67 9.77 57.95 15.60
CA MET E 67 10.59 57.30 14.59
C MET E 67 12.02 57.79 14.71
N ARG E 68 12.95 56.86 14.95
CA ARG E 68 14.35 57.18 15.08
C ARG E 68 15.18 56.29 14.17
N TYR E 69 16.30 56.82 13.71
CA TYR E 69 17.15 56.14 12.74
C TYR E 69 18.19 55.31 13.48
N TYR E 70 18.13 53.99 13.30
CA TYR E 70 19.07 53.09 13.95
C TYR E 70 19.11 51.78 13.18
N TRP E 71 20.16 51.02 13.42
CA TRP E 71 20.37 49.72 12.79
C TRP E 71 20.35 48.62 13.84
N ARG E 72 19.71 47.50 13.51
CA ARG E 72 19.70 46.33 14.36
C ARG E 72 20.01 45.10 13.53
N PRO E 73 20.76 44.13 14.07
CA PRO E 73 21.11 42.96 13.27
C PRO E 73 19.89 42.18 12.86
N ILE E 74 19.93 41.63 11.64
CA ILE E 74 18.86 40.78 11.15
C ILE E 74 18.89 39.48 11.92
N GLU E 75 17.85 38.67 11.78
CA GLU E 75 17.79 37.42 12.51
C GLU E 75 18.95 36.52 12.11
N PRO E 76 19.58 35.83 13.06
CA PRO E 76 20.70 34.96 12.68
C PRO E 76 20.31 33.89 11.68
N GLN E 77 19.05 33.43 11.69
CA GLN E 77 18.62 32.43 10.73
C GLN E 77 18.68 32.98 9.31
N TYR E 78 18.13 34.17 9.10
CA TYR E 78 18.17 34.78 7.77
C TYR E 78 19.60 35.12 7.37
N GLN E 79 20.41 35.58 8.33
CA GLN E 79 21.81 35.84 8.00
C GLN E 79 22.52 34.58 7.57
N ARG E 80 22.25 33.46 8.24
CA ARG E 80 22.83 32.19 7.84
C ARG E 80 22.36 31.78 6.45
N LEU E 81 21.07 31.98 6.15
CA LEU E 81 20.57 31.65 4.82
C LEU E 81 21.29 32.45 3.75
N TYR E 82 21.45 33.75 3.97
CA TYR E 82 22.10 34.60 2.97
C TYR E 82 23.57 34.25 2.84
N MET E 83 24.26 34.02 3.96
CA MET E 83 25.65 33.61 3.89
C MET E 83 25.80 32.26 3.19
N SER E 84 24.83 31.38 3.33
CA SER E 84 24.86 30.13 2.57
C SER E 84 24.74 30.40 1.08
N ARG E 85 23.79 31.26 0.70
CA ARG E 85 23.65 31.62 -0.71
C ARG E 85 24.92 32.24 -1.26
N LEU E 86 25.70 32.91 -0.40
CA LEU E 86 27.00 33.41 -0.82
C LEU E 86 28.05 32.30 -0.89
N ARG E 87 27.97 31.33 0.01
CA ARG E 87 28.96 30.26 0.07
C ARG E 87 28.86 29.34 -1.15
N ILE E 88 27.64 29.07 -1.61
CA ILE E 88 27.43 27.99 -2.57
C ILE E 88 28.25 28.11 -3.84
N ARG E 89 28.92 29.25 -4.07
CA ARG E 89 29.71 29.41 -5.28
C ARG E 89 30.77 28.31 -5.40
N ASP E 90 31.57 28.13 -4.36
CA ASP E 90 32.64 27.13 -4.36
C ASP E 90 32.52 26.32 -3.06
N HIS E 91 32.03 25.09 -3.18
CA HIS E 91 31.71 24.27 -2.02
C HIS E 91 32.83 23.33 -1.61
N SER E 92 33.61 22.82 -2.56
CA SER E 92 34.68 21.89 -2.21
C SER E 92 35.74 22.56 -1.35
N ASN E 93 36.08 23.80 -1.64
CA ASN E 93 37.17 24.50 -0.95
C ASN E 93 36.64 25.05 0.36
N LYS E 94 36.89 24.32 1.45
CA LYS E 94 36.51 24.79 2.77
C LYS E 94 37.33 25.99 3.22
N LEU E 95 38.53 26.16 2.66
CA LEU E 95 39.40 27.26 3.05
C LEU E 95 38.93 28.60 2.48
N ARG E 96 38.09 28.58 1.45
CA ARG E 96 37.66 29.81 0.80
C ARG E 96 36.61 30.49 1.67
N GLN E 97 36.89 31.71 2.09
CA GLN E 97 35.96 32.46 2.92
C GLN E 97 34.74 32.87 2.09
N PRO E 98 33.58 33.01 2.73
CA PRO E 98 32.37 33.36 1.96
C PRO E 98 32.52 34.70 1.25
N MET E 99 31.81 34.82 0.14
CA MET E 99 31.81 36.03 -0.65
C MET E 99 31.19 37.19 0.14
N ARG E 100 31.70 38.39 -0.10
CA ARG E 100 31.24 39.57 0.60
C ARG E 100 29.93 40.09 0.00
N LEU E 101 29.11 40.71 0.84
CA LEU E 101 27.85 41.26 0.37
C LEU E 101 28.08 42.36 -0.66
N ARG E 102 29.02 43.25 -0.40
CA ARG E 102 29.40 44.28 -1.36
C ARG E 102 30.85 44.09 -1.76
N ALA E 103 31.12 44.15 -3.06
CA ALA E 103 32.47 43.94 -3.54
C ALA E 103 33.41 44.99 -2.96
N THR E 104 34.62 44.56 -2.65
CA THR E 104 35.66 45.43 -2.09
C THR E 104 36.78 45.60 -3.10
N ASN E 105 37.77 46.42 -2.73
CA ASN E 105 38.86 46.71 -3.66
C ASN E 105 39.62 45.45 -4.05
N ALA E 106 39.93 44.60 -3.08
CA ALA E 106 40.70 43.39 -3.38
C ALA E 106 39.92 42.47 -4.31
N ASP E 107 38.62 42.27 -4.04
CA ASP E 107 37.80 41.44 -4.90
C ASP E 107 37.68 42.01 -6.30
N ILE E 108 37.54 43.33 -6.44
CA ILE E 108 37.43 43.94 -7.76
C ILE E 108 38.75 43.83 -8.52
N GLY E 109 39.87 43.95 -7.80
CA GLY E 109 41.16 43.98 -8.44
C GLY E 109 41.79 42.61 -8.69
N SER E 110 41.29 41.55 -8.04
CA SER E 110 41.88 40.23 -8.24
C SER E 110 41.76 39.79 -9.71
N GLY E 111 40.59 40.00 -10.31
CA GLY E 111 40.40 39.60 -11.69
C GLY E 111 41.41 40.26 -12.61
N SER E 112 41.59 41.58 -12.48
CA SER E 112 42.60 42.26 -13.26
C SER E 112 44.01 41.81 -12.90
N SER E 113 44.24 41.43 -11.64
CA SER E 113 45.55 40.97 -11.23
C SER E 113 45.95 39.67 -11.91
N SER E 114 44.98 38.80 -12.18
CA SER E 114 45.29 37.56 -12.89
C SER E 114 46.07 37.84 -14.17
N ILE E 115 46.86 36.86 -14.60
CA ILE E 115 47.81 37.07 -15.69
C ILE E 115 47.08 37.45 -16.98
N GLU E 116 46.07 36.67 -17.34
CA GLU E 116 45.36 36.91 -18.58
C GLU E 116 44.80 38.31 -18.63
N TRP E 117 44.25 38.78 -17.51
CA TRP E 117 43.86 40.17 -17.36
C TRP E 117 45.02 41.08 -17.05
N GLU E 118 46.13 40.53 -16.52
CA GLU E 118 47.30 41.35 -16.30
C GLU E 118 47.80 41.96 -17.60
N ARG E 119 47.67 41.24 -18.70
CA ARG E 119 48.00 41.84 -20.00
C ARG E 119 46.97 42.83 -20.49
N ALA E 120 45.71 42.69 -20.08
CA ALA E 120 44.63 43.57 -20.54
C ALA E 120 44.72 44.89 -19.78
N SER E 121 45.24 45.93 -20.45
CA SER E 121 45.43 47.21 -19.81
C SER E 121 44.16 48.02 -19.67
N ASN E 122 43.12 47.70 -20.43
CA ASN E 122 41.89 48.49 -20.40
C ASN E 122 40.99 48.16 -19.22
N ARG E 123 41.24 47.05 -18.52
CA ARG E 123 40.39 46.62 -17.42
C ARG E 123 41.12 46.61 -16.08
N LYS E 124 42.31 47.19 -16.00
CA LYS E 124 43.14 47.09 -14.81
C LYS E 124 43.01 48.35 -13.96
N TYR E 125 43.06 48.15 -12.64
CA TYR E 125 43.07 49.25 -11.67
C TYR E 125 41.76 50.02 -11.70
N GLY E 126 40.65 49.30 -11.59
CA GLY E 126 39.34 49.93 -11.47
C GLY E 126 38.97 50.83 -12.63
N ALA E 127 39.15 50.33 -13.87
CA ALA E 127 38.85 51.13 -15.04
C ALA E 127 37.40 51.56 -15.08
N MET E 128 36.47 50.64 -14.77
CA MET E 128 35.06 50.99 -14.72
C MET E 128 34.71 51.84 -13.51
N LEU E 129 35.34 51.58 -12.36
CA LEU E 129 35.07 52.37 -11.18
C LEU E 129 35.45 53.84 -11.39
N ALA E 130 36.54 54.09 -12.09
CA ALA E 130 36.99 55.46 -12.28
C ALA E 130 36.00 56.25 -13.14
N PRO E 131 35.94 57.57 -12.97
CA PRO E 131 35.01 58.38 -13.76
C PRO E 131 35.40 58.39 -15.22
N PRO E 132 34.49 58.77 -16.11
CA PRO E 132 34.77 58.69 -17.55
C PRO E 132 35.91 59.61 -17.96
N LYS E 133 36.61 59.19 -19.01
CA LYS E 133 37.62 60.03 -19.61
C LYS E 133 36.97 61.16 -20.39
N ARG E 134 37.72 62.26 -20.54
CA ARG E 134 37.24 63.40 -21.31
C ARG E 134 37.22 63.04 -22.79
N GLN E 135 36.12 63.36 -23.45
CA GLN E 135 35.98 63.07 -24.87
C GLN E 135 36.78 64.09 -25.69
N ASP E 136 36.97 63.78 -26.97
CA ASP E 136 37.84 64.58 -27.82
C ASP E 136 37.20 65.92 -28.14
N PHE E 137 38.05 66.88 -28.49
CA PHE E 137 37.65 68.21 -28.93
C PHE E 137 36.48 68.14 -29.89
N GLU E 138 36.61 67.31 -30.94
CA GLU E 138 35.56 67.09 -31.92
C GLU E 138 35.13 65.63 -31.85
N PHE E 139 33.84 65.42 -31.63
CA PHE E 139 33.31 64.06 -31.49
C PHE E 139 31.98 63.98 -32.23
N ARG E 140 31.86 63.01 -33.12
CA ARG E 140 30.66 62.83 -33.92
C ARG E 140 30.30 61.35 -33.96
N VAL E 141 29.01 61.06 -34.03
CA VAL E 141 28.50 59.70 -34.08
C VAL E 141 27.50 59.63 -35.24
N VAL E 142 27.98 59.25 -36.41
CA VAL E 142 27.13 59.10 -37.59
C VAL E 142 27.77 58.11 -38.56
N ARG G 1 -40.45 -41.57 7.80
CA ARG G 1 -39.29 -42.20 7.16
C ARG G 1 -38.64 -43.20 8.12
N THR G 2 -38.48 -42.79 9.37
CA THR G 2 -37.90 -43.64 10.40
C THR G 2 -38.77 -43.58 11.65
N ASP G 3 -38.82 -44.69 12.39
CA ASP G 3 -39.61 -44.82 13.59
C ASP G 3 -38.78 -45.45 14.71
N TRP G 4 -37.56 -44.95 14.91
CA TRP G 4 -36.73 -45.48 15.98
C TRP G 4 -37.42 -45.34 17.33
N TYR G 5 -38.27 -44.33 17.50
CA TYR G 5 -39.01 -44.21 18.75
C TYR G 5 -39.95 -45.39 18.95
N ARG G 6 -40.57 -45.87 17.87
CA ARG G 6 -41.29 -47.13 17.94
C ARG G 6 -40.35 -48.28 18.25
N CYS G 7 -39.15 -48.25 17.66
CA CYS G 7 -38.16 -49.32 17.85
C CYS G 7 -37.40 -49.10 19.16
N TYR G 8 -38.03 -49.51 20.26
CA TYR G 8 -37.40 -49.49 21.56
C TYR G 8 -38.03 -50.52 22.49
N PRO G 9 -37.30 -51.54 22.92
CA PRO G 9 -37.88 -52.52 23.85
C PRO G 9 -38.12 -51.89 25.21
N SER G 10 -38.98 -52.54 25.99
CA SER G 10 -39.29 -52.07 27.34
C SER G 10 -38.01 -51.86 28.12
N LEU G 11 -37.73 -50.61 28.49
CA LEU G 11 -36.47 -50.28 29.12
C LEU G 11 -36.35 -50.94 30.49
N MET G 12 -35.12 -51.31 30.84
CA MET G 12 -34.81 -51.77 32.18
C MET G 12 -33.36 -51.44 32.49
N ARG G 13 -33.06 -51.23 33.77
CA ARG G 13 -31.72 -50.91 34.22
C ARG G 13 -31.29 -51.94 35.25
N GLU G 14 -30.02 -52.36 35.18
CA GLU G 14 -29.56 -53.48 35.97
C GLU G 14 -29.69 -53.23 37.47
N LYS G 15 -29.74 -51.97 37.89
CA LYS G 15 -30.00 -51.71 39.31
C LYS G 15 -31.36 -52.23 39.73
N ASP G 16 -32.25 -52.48 38.77
CA ASP G 16 -33.58 -53.01 39.05
C ASP G 16 -33.62 -54.53 39.01
N ARG G 17 -32.51 -55.19 38.66
CA ARG G 17 -32.45 -56.65 38.68
C ARG G 17 -32.31 -57.11 40.13
N ASP G 18 -33.39 -56.89 40.88
CA ASP G 18 -33.43 -57.13 42.32
C ASP G 18 -34.37 -58.29 42.62
N MET G 19 -34.25 -58.80 43.85
CA MET G 19 -35.11 -59.90 44.27
C MET G 19 -36.59 -59.51 44.22
N TYR G 20 -36.89 -58.23 44.42
CA TYR G 20 -38.27 -57.76 44.44
C TYR G 20 -38.81 -57.45 43.05
N HIS G 21 -38.00 -57.58 42.01
CA HIS G 21 -38.46 -57.36 40.64
C HIS G 21 -38.60 -58.64 39.84
N CYS G 22 -37.91 -59.71 40.23
CA CYS G 22 -37.94 -60.95 39.44
C CYS G 22 -39.36 -61.48 39.33
N TYR G 23 -39.76 -61.81 38.11
CA TYR G 23 -41.10 -62.36 37.90
C TYR G 23 -41.23 -63.73 38.57
N TYR G 24 -40.21 -64.57 38.44
CA TYR G 24 -40.18 -65.88 39.08
C TYR G 24 -39.38 -65.77 40.36
N PRO G 25 -39.31 -66.83 41.19
CA PRO G 25 -38.48 -66.75 42.38
C PRO G 25 -37.04 -66.43 42.04
N TYR G 26 -36.43 -65.59 42.87
CA TYR G 26 -35.05 -65.15 42.67
C TYR G 26 -34.11 -66.15 43.32
N LEU G 27 -33.21 -66.74 42.53
CA LEU G 27 -32.31 -67.78 42.99
C LEU G 27 -30.89 -67.25 43.08
N PHE G 28 -30.24 -67.52 44.20
CA PHE G 28 -28.84 -67.15 44.42
C PHE G 28 -27.94 -68.33 44.09
N ASP G 29 -26.68 -68.01 43.79
CA ASP G 29 -25.68 -68.99 43.38
C ASP G 29 -24.75 -69.26 44.53
N HIS G 30 -24.64 -70.54 44.93
CA HIS G 30 -23.74 -70.96 45.99
C HIS G 30 -22.70 -71.96 45.50
N GLY G 31 -22.39 -71.94 44.21
CA GLY G 31 -21.47 -72.91 43.64
C GLY G 31 -22.18 -73.97 42.84
N ASP G 32 -22.30 -75.17 43.40
CA ASP G 32 -23.02 -76.26 42.75
C ASP G 32 -24.49 -76.31 43.16
N LYS G 33 -24.96 -75.35 43.96
CA LYS G 33 -26.32 -75.35 44.46
C LYS G 33 -26.93 -73.98 44.26
N MET G 34 -28.24 -73.95 44.01
CA MET G 34 -29.00 -72.71 43.91
C MET G 34 -29.83 -72.57 45.18
N SER G 35 -29.77 -71.38 45.78
CA SER G 35 -30.43 -71.13 47.06
C SER G 35 -31.28 -69.87 46.97
N LEU G 36 -32.29 -69.80 47.81
CA LEU G 36 -33.16 -68.63 47.88
C LEU G 36 -32.58 -67.51 48.72
N TYR G 37 -31.46 -67.74 49.40
CA TYR G 37 -30.86 -66.75 50.28
C TYR G 37 -29.45 -66.39 49.82
N PRO G 38 -28.97 -65.19 50.15
CA PRO G 38 -27.59 -64.84 49.82
C PRO G 38 -26.61 -65.74 50.55
N LYS G 39 -25.46 -65.98 49.92
CA LYS G 39 -24.45 -66.86 50.49
C LYS G 39 -23.85 -66.20 51.74
N ILE G 40 -23.99 -66.87 52.87
CA ILE G 40 -23.39 -66.39 54.12
C ILE G 40 -21.89 -66.63 54.04
N PRO G 41 -21.05 -65.60 54.15
CA PRO G 41 -19.60 -65.84 54.06
C PRO G 41 -19.14 -66.77 55.16
N GLU G 42 -18.18 -67.63 54.82
CA GLU G 42 -17.67 -68.59 55.79
C GLU G 42 -17.01 -67.90 56.98
N ASN G 43 -16.21 -66.86 56.72
CA ASN G 43 -15.56 -66.12 57.79
C ASN G 43 -16.58 -65.20 58.43
N PRO G 44 -17.02 -65.46 59.66
CA PRO G 44 -18.06 -64.60 60.26
C PRO G 44 -17.59 -63.17 60.50
N ARG G 45 -16.29 -62.93 60.56
CA ARG G 45 -15.81 -61.57 60.77
C ARG G 45 -16.17 -60.65 59.61
N GLU G 46 -16.51 -61.20 58.45
CA GLU G 46 -16.91 -60.38 57.31
C GLU G 46 -18.35 -59.89 57.42
N TRP G 47 -19.12 -60.39 58.39
CA TRP G 47 -20.48 -59.92 58.57
C TRP G 47 -20.49 -58.44 58.93
N GLN G 48 -21.43 -57.71 58.35
CA GLN G 48 -21.51 -56.28 58.58
C GLN G 48 -22.60 -55.96 59.60
N PRO G 49 -22.49 -54.86 60.33
CA PRO G 49 -23.55 -54.49 61.27
C PRO G 49 -24.86 -54.24 60.55
N GLU G 50 -25.96 -54.58 61.23
CA GLU G 50 -27.32 -54.47 60.69
C GLU G 50 -27.56 -55.40 59.52
N GLN G 51 -26.63 -56.32 59.24
CA GLN G 51 -26.81 -57.29 58.18
C GLN G 51 -27.33 -58.60 58.78
N LEU G 52 -28.42 -59.10 58.22
CA LEU G 52 -29.04 -60.34 58.68
C LEU G 52 -28.64 -61.47 57.75
N GLN G 53 -28.03 -62.51 58.32
CA GLN G 53 -27.68 -63.72 57.56
C GLN G 53 -28.85 -64.70 57.70
N THR G 54 -29.71 -64.73 56.69
CA THR G 54 -30.90 -65.55 56.72
C THR G 54 -30.56 -66.99 56.37
N THR G 55 -31.08 -67.92 57.18
CA THR G 55 -30.95 -69.35 56.92
C THR G 55 -32.26 -70.03 56.60
N TYR G 56 -33.38 -69.49 57.09
CA TYR G 56 -34.70 -70.05 56.77
C TYR G 56 -35.70 -68.89 56.85
N ASP G 57 -36.08 -68.37 55.69
CA ASP G 57 -37.11 -67.34 55.59
C ASP G 57 -38.42 -68.03 55.25
N ALA G 58 -39.37 -68.00 56.20
CA ALA G 58 -40.61 -68.74 56.03
C ALA G 58 -41.37 -68.26 54.80
N ILE G 59 -41.41 -66.96 54.58
CA ILE G 59 -42.18 -66.41 53.46
C ILE G 59 -41.63 -66.94 52.14
N ARG G 60 -40.32 -66.80 51.93
CA ARG G 60 -39.70 -67.28 50.70
C ARG G 60 -39.90 -68.78 50.55
N GLU G 61 -39.68 -69.53 51.62
CA GLU G 61 -39.78 -70.99 51.53
C GLU G 61 -41.20 -71.41 51.13
N ASP G 62 -42.20 -70.85 51.80
CA ASP G 62 -43.58 -71.22 51.50
C ASP G 62 -43.95 -70.83 50.08
N LYS G 63 -43.63 -69.61 49.67
CA LYS G 63 -44.01 -69.16 48.35
C LYS G 63 -43.33 -70.00 47.27
N TYR G 64 -42.04 -70.28 47.43
CA TYR G 64 -41.33 -71.09 46.46
C TYR G 64 -41.88 -72.51 46.42
N ASP G 65 -42.17 -73.09 47.58
CA ASP G 65 -42.71 -74.44 47.61
C ASP G 65 -44.05 -74.51 46.90
N ALA G 66 -44.92 -73.54 47.16
CA ALA G 66 -46.21 -73.51 46.46
C ALA G 66 -46.02 -73.34 44.96
N PHE G 67 -45.11 -72.46 44.56
CA PHE G 67 -44.85 -72.27 43.13
C PHE G 67 -44.41 -73.57 42.47
N ILE G 68 -43.46 -74.27 43.10
CA ILE G 68 -42.96 -75.51 42.53
C ILE G 68 -44.06 -76.57 42.49
N ARG G 69 -44.85 -76.67 43.56
CA ARG G 69 -45.92 -77.66 43.58
C ARG G 69 -46.93 -77.41 42.48
N LEU G 70 -47.33 -76.16 42.28
CA LEU G 70 -48.27 -75.85 41.21
C LEU G 70 -47.67 -76.13 39.85
N ARG G 71 -46.41 -75.74 39.64
CA ARG G 71 -45.78 -76.03 38.36
C ARG G 71 -45.72 -77.52 38.07
N GLU G 72 -45.47 -78.33 39.11
CA GLU G 72 -45.36 -79.77 38.92
C GLU G 72 -46.71 -80.46 38.73
N LYS G 73 -47.77 -79.99 39.40
CA LYS G 73 -49.04 -80.70 39.38
C LYS G 73 -50.06 -80.10 38.42
N PHE G 74 -49.82 -78.92 37.88
CA PHE G 74 -50.71 -78.31 36.88
C PHE G 74 -49.88 -77.82 35.70
N PRO G 75 -49.23 -78.74 34.98
CA PRO G 75 -48.37 -78.31 33.87
C PRO G 75 -49.11 -77.54 32.79
N GLU G 76 -50.36 -77.90 32.49
CA GLU G 76 -51.09 -77.21 31.44
C GLU G 76 -51.36 -75.76 31.82
N LEU G 77 -51.81 -75.52 33.05
CA LEU G 77 -52.12 -74.16 33.46
C LEU G 77 -50.87 -73.29 33.50
N TYR G 78 -49.74 -73.86 33.96
CA TYR G 78 -48.49 -73.14 34.12
C TYR G 78 -47.46 -73.57 33.08
N GLN G 79 -47.92 -73.80 31.85
CA GLN G 79 -47.01 -74.16 30.77
C GLN G 79 -46.03 -73.04 30.47
N ASP G 80 -46.50 -71.79 30.48
CA ASP G 80 -45.63 -70.67 30.14
C ASP G 80 -44.47 -70.54 31.12
N THR G 81 -44.60 -71.06 32.33
CA THR G 81 -43.51 -71.01 33.31
C THR G 81 -42.50 -72.14 33.12
N ARG G 82 -42.71 -73.02 32.15
CA ARG G 82 -41.78 -74.13 31.95
C ARG G 82 -40.40 -73.62 31.56
N ALA G 83 -40.33 -72.58 30.72
CA ALA G 83 -39.05 -72.10 30.23
C ALA G 83 -38.14 -71.63 31.34
N TRP G 84 -38.69 -71.33 32.52
CA TRP G 84 -37.86 -70.88 33.63
C TRP G 84 -36.83 -71.93 34.02
N ASP G 85 -37.27 -73.20 34.08
CA ASP G 85 -36.41 -74.29 34.52
C ASP G 85 -35.98 -75.23 33.39
N ASN G 86 -36.74 -75.28 32.30
CA ASN G 86 -36.42 -76.16 31.17
C ASN G 86 -36.07 -75.33 29.96
N PRO G 87 -34.87 -74.77 29.89
CA PRO G 87 -34.50 -73.93 28.74
C PRO G 87 -34.45 -74.75 27.47
N PRO G 88 -34.72 -74.13 26.32
CA PRO G 88 -34.67 -74.87 25.05
C PRO G 88 -33.28 -75.44 24.80
N PRO G 89 -33.18 -76.64 24.24
CA PRO G 89 -31.85 -77.20 23.95
C PRO G 89 -31.12 -76.41 22.87
N PHE G 90 -29.80 -76.49 22.85
CA PHE G 90 -28.99 -75.88 21.81
C PHE G 90 -28.87 -76.83 20.63
N GLY G 91 -28.71 -76.25 19.45
CA GLY G 91 -28.72 -77.00 18.21
C GLY G 91 -30.08 -77.13 17.56
N GLU G 92 -31.14 -76.73 18.25
CA GLU G 92 -32.47 -76.67 17.68
C GLU G 92 -32.78 -75.23 17.29
N PHE G 93 -33.59 -75.05 16.25
CA PHE G 93 -33.92 -73.71 15.79
C PHE G 93 -34.53 -72.91 16.92
N ASN G 94 -34.03 -71.70 17.12
CA ASN G 94 -34.53 -70.78 18.13
C ASN G 94 -35.01 -69.51 17.44
N MET G 95 -36.19 -69.03 17.84
CA MET G 95 -36.81 -67.93 17.14
C MET G 95 -35.96 -66.67 17.17
N PHE G 96 -35.38 -66.35 18.33
CA PHE G 96 -34.65 -65.10 18.50
C PHE G 96 -33.14 -65.23 18.35
N TYR G 97 -32.63 -66.44 18.14
CA TYR G 97 -31.18 -66.67 18.06
C TYR G 97 -30.74 -67.23 16.71
N SER G 98 -31.41 -68.26 16.22
CA SER G 98 -30.92 -68.99 15.05
C SER G 98 -30.87 -68.09 13.82
N VAL G 99 -29.69 -68.00 13.21
CA VAL G 99 -29.49 -67.31 11.94
C VAL G 99 -28.90 -68.33 10.98
N ARG G 100 -29.59 -68.59 9.88
CA ARG G 100 -29.14 -69.58 8.92
C ARG G 100 -28.55 -68.90 7.69
N PHE G 101 -27.61 -69.58 7.06
CA PHE G 101 -26.92 -69.03 5.89
C PHE G 101 -27.91 -68.87 4.74
N GLY G 102 -27.41 -68.30 3.65
CA GLY G 102 -28.23 -68.04 2.48
C GLY G 102 -27.80 -68.82 1.26
N MET G 103 -27.92 -68.22 0.08
CA MET G 103 -27.59 -68.89 -1.17
C MET G 103 -27.07 -67.86 -2.16
N VAL G 104 -26.52 -68.34 -3.26
CA VAL G 104 -26.04 -67.52 -4.36
C VAL G 104 -26.70 -68.00 -5.63
N GLY G 105 -27.31 -67.09 -6.38
CA GLY G 105 -28.02 -67.45 -7.59
C GLY G 105 -27.85 -66.37 -8.65
N VAL G 106 -27.94 -66.80 -9.89
CA VAL G 106 -27.78 -65.90 -11.03
C VAL G 106 -29.14 -65.31 -11.37
N LYS G 107 -29.13 -64.06 -11.83
CA LYS G 107 -30.35 -63.40 -12.30
C LYS G 107 -30.71 -63.99 -13.66
N ALA G 108 -31.74 -64.85 -13.68
CA ALA G 108 -32.05 -65.60 -14.90
C ALA G 108 -32.72 -64.71 -15.95
N PHE G 109 -33.87 -64.13 -15.60
CA PHE G 109 -34.64 -63.38 -16.58
C PHE G 109 -35.70 -62.56 -15.84
N THR G 110 -36.61 -61.96 -16.60
CA THR G 110 -37.69 -61.15 -16.06
C THR G 110 -39.00 -61.55 -16.73
N CYS G 111 -40.09 -61.52 -15.96
CA CYS G 111 -41.41 -61.87 -16.46
C CYS G 111 -42.44 -61.10 -15.66
N LYS G 112 -43.71 -61.38 -15.91
CA LYS G 112 -44.81 -60.74 -15.17
C LYS G 112 -45.78 -61.80 -14.72
N ASP G 113 -46.18 -61.75 -13.45
CA ASP G 113 -47.11 -62.70 -12.88
C ASP G 113 -48.25 -61.94 -12.23
N TYR G 114 -49.29 -62.67 -11.83
CA TYR G 114 -50.49 -62.07 -11.27
C TYR G 114 -50.90 -62.79 -10.00
N ASP G 115 -51.36 -62.00 -9.02
CA ASP G 115 -51.83 -62.53 -7.75
C ASP G 115 -53.20 -63.18 -7.94
N GLU G 116 -53.69 -63.83 -6.89
CA GLU G 116 -55.07 -64.33 -6.92
C GLU G 116 -56.04 -63.20 -7.21
N LEU G 117 -55.73 -61.99 -6.78
CA LEU G 117 -56.49 -60.80 -7.14
C LEU G 117 -55.92 -60.27 -8.46
N GLY G 118 -56.34 -59.07 -8.85
CA GLY G 118 -55.89 -58.51 -10.11
C GLY G 118 -54.62 -57.70 -9.99
N ASN G 119 -53.70 -58.12 -9.13
CA ASN G 119 -52.45 -57.41 -8.91
C ASN G 119 -51.37 -58.01 -9.79
N GLN G 120 -50.67 -57.15 -10.52
CA GLN G 120 -49.59 -57.59 -11.40
C GLN G 120 -48.24 -57.29 -10.76
N PHE G 121 -47.35 -58.29 -10.79
CA PHE G 121 -46.01 -58.16 -10.24
C PHE G 121 -45.00 -58.40 -11.36
N ASP G 122 -44.08 -57.45 -11.53
CA ASP G 122 -42.97 -57.60 -12.46
C ASP G 122 -41.90 -58.44 -11.77
N CYS G 123 -41.96 -59.75 -11.99
CA CYS G 123 -41.11 -60.68 -11.28
C CYS G 123 -39.76 -60.80 -11.96
N THR G 124 -38.71 -60.93 -11.16
CA THR G 124 -37.38 -61.25 -11.64
C THR G 124 -37.07 -62.67 -11.20
N ALA G 125 -36.73 -63.52 -12.17
CA ALA G 125 -36.43 -64.92 -11.90
C ALA G 125 -34.92 -65.08 -11.79
N PHE G 126 -34.47 -65.60 -10.66
CA PHE G 126 -33.06 -65.83 -10.38
C PHE G 126 -32.80 -67.34 -10.37
N TRP G 127 -31.78 -67.74 -11.13
CA TRP G 127 -31.38 -69.13 -11.23
C TRP G 127 -30.35 -69.44 -10.16
N PHE G 128 -30.52 -70.56 -9.47
CA PHE G 128 -29.58 -70.99 -8.44
C PHE G 128 -28.81 -72.21 -8.92
N PRO G 129 -27.59 -72.04 -9.43
CA PRO G 129 -26.83 -73.20 -9.91
C PRO G 129 -26.35 -74.07 -8.76
N ASP G 130 -25.54 -75.08 -9.06
CA ASP G 130 -25.03 -75.97 -8.02
C ASP G 130 -24.49 -75.15 -6.86
N ASN G 131 -25.16 -75.23 -5.71
CA ASN G 131 -24.77 -74.50 -4.52
C ASN G 131 -24.32 -75.48 -3.45
N GLN G 132 -23.21 -75.18 -2.79
CA GLN G 132 -22.69 -76.03 -1.73
C GLN G 132 -22.00 -75.17 -0.70
N VAL G 133 -22.05 -75.64 0.56
CA VAL G 133 -21.28 -75.01 1.62
C VAL G 133 -19.80 -75.28 1.34
N VAL G 134 -19.08 -74.22 0.96
CA VAL G 134 -17.70 -74.37 0.51
C VAL G 134 -16.75 -74.38 1.70
N LYS G 135 -17.05 -73.58 2.73
CA LYS G 135 -16.09 -73.45 3.82
C LYS G 135 -16.79 -73.01 5.10
N HIS G 136 -16.13 -73.26 6.21
CA HIS G 136 -16.52 -72.75 7.52
C HIS G 136 -15.40 -71.88 8.05
N SER G 137 -15.74 -70.72 8.60
CA SER G 137 -14.74 -69.78 9.10
C SER G 137 -15.14 -69.27 10.49
N THR G 138 -14.13 -68.97 11.29
CA THR G 138 -14.33 -68.40 12.61
C THR G 138 -13.03 -67.74 13.04
N ARG G 139 -13.13 -66.53 13.60
CA ARG G 139 -11.97 -65.74 13.99
C ARG G 139 -11.53 -66.19 15.38
N ASN G 140 -10.76 -67.29 15.41
CA ASN G 140 -10.22 -67.84 16.65
C ASN G 140 -11.30 -68.23 17.63
N GLY G 141 -12.47 -68.64 17.15
CA GLY G 141 -13.53 -69.12 18.01
C GLY G 141 -14.34 -68.05 18.70
N GLU G 142 -14.16 -66.78 18.33
CA GLU G 142 -14.95 -65.71 18.95
C GLU G 142 -16.44 -65.94 18.68
N VAL G 143 -17.25 -65.65 19.70
CA VAL G 143 -18.69 -65.86 19.61
C VAL G 143 -19.28 -64.85 18.64
N GLY G 144 -20.10 -65.34 17.70
CA GLY G 144 -20.74 -64.51 16.72
C GLY G 144 -19.97 -64.34 15.43
N THR G 145 -18.73 -64.83 15.37
CA THR G 145 -17.91 -64.72 14.17
C THR G 145 -18.06 -65.92 13.24
N ASP G 146 -18.89 -66.90 13.60
CA ASP G 146 -19.07 -68.07 12.75
C ASP G 146 -19.64 -67.67 11.39
N LYS G 147 -19.00 -68.13 10.33
CA LYS G 147 -19.39 -67.78 8.97
C LYS G 147 -19.35 -69.03 8.11
N VAL G 148 -20.30 -69.11 7.17
CA VAL G 148 -20.37 -70.21 6.21
C VAL G 148 -20.22 -69.63 4.83
N TYR G 149 -19.27 -70.17 4.06
CA TYR G 149 -19.04 -69.76 2.68
C TYR G 149 -19.69 -70.78 1.76
N VAL G 150 -20.56 -70.29 0.88
CA VAL G 150 -21.38 -71.12 0.00
C VAL G 150 -20.98 -70.85 -1.45
N GLY G 151 -20.83 -71.93 -2.23
CA GLY G 151 -20.52 -71.80 -3.63
C GLY G 151 -21.74 -71.50 -4.48
N ALA G 152 -21.49 -71.13 -5.73
CA ALA G 152 -22.54 -70.68 -6.64
C ALA G 152 -22.76 -71.64 -7.81
N MET G 153 -21.72 -71.93 -8.58
CA MET G 153 -21.88 -72.72 -9.80
C MET G 153 -20.59 -73.44 -10.12
N ASN G 154 -20.70 -74.70 -10.53
CA ASN G 154 -19.53 -75.47 -10.94
C ASN G 154 -18.81 -74.74 -12.08
N VAL G 155 -17.55 -75.13 -12.29
CA VAL G 155 -16.72 -74.45 -13.27
C VAL G 155 -15.51 -75.32 -13.59
N PRO G 156 -14.99 -75.30 -14.82
CA PRO G 156 -13.82 -76.13 -15.14
C PRO G 156 -12.59 -75.73 -14.34
N VAL G 157 -11.52 -76.54 -14.44
CA VAL G 157 -10.28 -76.22 -13.76
C VAL G 157 -9.59 -75.02 -14.40
N GLU G 158 -9.63 -74.94 -15.74
CA GLU G 158 -8.93 -73.90 -16.46
C GLU G 158 -9.59 -72.53 -16.34
N PHE G 159 -10.80 -72.46 -15.77
CA PHE G 159 -11.55 -71.21 -15.75
C PHE G 159 -10.99 -70.22 -14.74
N HIS G 160 -10.60 -70.68 -13.56
CA HIS G 160 -10.23 -69.80 -12.47
C HIS G 160 -8.75 -69.45 -12.51
N LYS G 161 -8.39 -68.45 -11.72
CA LYS G 161 -6.99 -68.09 -11.51
C LYS G 161 -6.32 -69.17 -10.67
N PRO G 162 -4.99 -69.26 -10.74
CA PRO G 162 -4.30 -70.32 -9.98
C PRO G 162 -4.60 -70.29 -8.49
N HIS G 163 -4.69 -69.10 -7.88
CA HIS G 163 -4.92 -69.05 -6.44
C HIS G 163 -6.35 -69.47 -6.09
N VAL G 164 -7.32 -69.10 -6.92
CA VAL G 164 -8.69 -69.55 -6.68
C VAL G 164 -8.79 -71.06 -6.83
N ALA G 165 -8.14 -71.62 -7.85
CA ALA G 165 -8.13 -73.06 -8.02
C ALA G 165 -7.47 -73.74 -6.83
N ALA G 166 -6.38 -73.15 -6.33
CA ALA G 166 -5.73 -73.70 -5.14
C ALA G 166 -6.64 -73.66 -3.93
N PHE G 167 -7.39 -72.57 -3.76
CA PHE G 167 -8.32 -72.48 -2.65
C PHE G 167 -9.36 -73.57 -2.72
N TYR G 168 -9.93 -73.79 -3.91
CA TYR G 168 -10.95 -74.82 -4.04
C TYR G 168 -10.36 -76.21 -3.85
N LYS G 169 -9.13 -76.43 -4.33
CA LYS G 169 -8.46 -77.71 -4.10
C LYS G 169 -8.27 -77.96 -2.61
N ALA G 170 -7.82 -76.94 -1.88
CA ALA G 170 -7.64 -77.08 -0.45
C ALA G 170 -8.97 -77.35 0.25
N ALA G 171 -10.04 -76.68 -0.19
CA ALA G 171 -11.36 -76.93 0.39
C ALA G 171 -11.82 -78.36 0.12
N GLY G 172 -11.54 -78.89 -1.07
CA GLY G 172 -12.03 -80.20 -1.45
C GLY G 172 -13.41 -80.19 -2.07
N VAL G 173 -14.12 -79.07 -1.99
CA VAL G 173 -15.43 -78.91 -2.59
C VAL G 173 -15.23 -78.78 -4.10
N PRO G 174 -16.18 -79.20 -4.93
CA PRO G 174 -16.01 -78.99 -6.38
C PRO G 174 -15.81 -77.51 -6.70
N VAL G 175 -14.95 -77.24 -7.68
CA VAL G 175 -14.62 -75.86 -8.00
C VAL G 175 -15.88 -75.10 -8.37
N LYS G 176 -16.04 -73.91 -7.77
CA LYS G 176 -17.21 -73.07 -7.97
C LYS G 176 -16.78 -71.74 -8.55
N HIS G 177 -17.59 -71.22 -9.48
CA HIS G 177 -17.26 -69.93 -10.09
C HIS G 177 -17.25 -68.82 -9.06
N VAL G 178 -18.24 -68.80 -8.17
CA VAL G 178 -18.42 -67.73 -7.20
C VAL G 178 -18.62 -68.36 -5.82
N CYS G 179 -18.15 -67.64 -4.79
CA CYS G 179 -18.29 -68.09 -3.41
C CYS G 179 -18.66 -66.89 -2.55
N ALA G 180 -19.82 -66.95 -1.91
CA ALA G 180 -20.28 -65.89 -1.01
C ALA G 180 -20.14 -66.35 0.43
N GLY G 181 -20.32 -65.41 1.36
CA GLY G 181 -20.20 -65.71 2.77
C GLY G 181 -21.39 -65.19 3.54
N PHE G 182 -21.75 -65.93 4.59
CA PHE G 182 -22.90 -65.60 5.41
C PHE G 182 -22.55 -65.77 6.89
N PRO G 183 -22.65 -64.72 7.70
CA PRO G 183 -22.50 -64.91 9.15
C PRO G 183 -23.70 -65.64 9.72
N ILE G 184 -23.44 -66.68 10.50
CA ILE G 184 -24.49 -67.51 11.07
C ILE G 184 -24.17 -67.78 12.54
N THR G 185 -25.03 -68.54 13.17
CA THR G 185 -24.84 -69.03 14.51
C THR G 185 -24.35 -70.48 14.48
N PRO G 186 -23.70 -70.96 15.54
CA PRO G 186 -23.15 -72.32 15.49
C PRO G 186 -24.19 -73.38 15.16
N ASP G 187 -25.42 -73.22 15.67
CA ASP G 187 -26.46 -74.22 15.42
C ASP G 187 -26.85 -74.31 13.96
N ALA G 188 -26.54 -73.29 13.16
CA ALA G 188 -26.92 -73.27 11.75
C ALA G 188 -25.87 -73.86 10.84
N TYR G 189 -24.77 -74.38 11.39
CA TYR G 189 -23.70 -74.92 10.56
C TYR G 189 -24.21 -76.11 9.75
N ALA G 190 -23.67 -76.24 8.54
CA ALA G 190 -23.88 -77.41 7.70
C ALA G 190 -22.53 -77.92 7.21
N PRO G 191 -22.35 -79.23 7.07
CA PRO G 191 -21.04 -79.76 6.70
C PRO G 191 -20.59 -79.27 5.33
N VAL G 192 -19.27 -79.09 5.19
CA VAL G 192 -18.71 -78.68 3.92
C VAL G 192 -19.04 -79.71 2.86
N GLY G 193 -19.36 -79.24 1.66
CA GLY G 193 -19.77 -80.10 0.58
C GLY G 193 -21.26 -80.40 0.54
N THR G 194 -22.04 -79.81 1.44
CA THR G 194 -23.48 -80.04 1.42
C THR G 194 -24.09 -79.49 0.14
N LYS G 195 -25.19 -80.12 -0.28
CA LYS G 195 -25.93 -79.69 -1.46
C LYS G 195 -27.13 -78.86 -1.00
N LEU G 196 -27.25 -77.66 -1.55
CA LEU G 196 -28.34 -76.74 -1.18
C LEU G 196 -29.36 -76.70 -2.30
N ASP G 197 -30.63 -76.90 -1.95
CA ASP G 197 -31.73 -76.85 -2.90
C ASP G 197 -32.46 -75.52 -2.77
N VAL G 198 -33.14 -75.14 -3.84
CA VAL G 198 -33.86 -73.86 -3.85
C VAL G 198 -34.93 -73.85 -2.77
N ARG G 199 -35.45 -75.02 -2.39
CA ARG G 199 -36.42 -75.10 -1.31
C ARG G 199 -35.86 -74.69 0.04
N HIS G 200 -34.58 -74.30 0.11
CA HIS G 200 -34.03 -73.74 1.34
C HIS G 200 -34.85 -72.55 1.81
N PHE G 201 -35.44 -71.79 0.90
CA PHE G 201 -36.32 -70.69 1.23
C PHE G 201 -37.77 -71.16 1.19
N LYS G 202 -38.68 -70.21 1.39
CA LYS G 202 -40.11 -70.46 1.34
C LYS G 202 -40.77 -69.49 0.40
N PRO G 203 -41.92 -69.85 -0.19
CA PRO G 203 -42.55 -68.98 -1.19
C PRO G 203 -42.86 -67.59 -0.69
N GLY G 204 -43.29 -67.43 0.56
CA GLY G 204 -43.77 -66.16 1.07
C GLY G 204 -42.87 -65.45 2.06
N GLN G 205 -41.64 -65.90 2.25
CA GLN G 205 -40.76 -65.29 3.23
C GLN G 205 -40.18 -63.99 2.69
N GLU G 206 -39.24 -63.41 3.44
CA GLU G 206 -38.59 -62.16 3.08
C GLU G 206 -37.10 -62.41 2.87
N VAL G 207 -36.59 -61.97 1.73
CA VAL G 207 -35.22 -62.21 1.34
C VAL G 207 -34.50 -60.88 1.16
N THR G 208 -33.24 -60.85 1.58
CA THR G 208 -32.35 -59.73 1.34
C THR G 208 -31.51 -60.06 0.11
N ILE G 209 -31.53 -59.16 -0.87
CA ILE G 209 -30.91 -59.38 -2.17
C ILE G 209 -29.72 -58.45 -2.30
N THR G 210 -28.52 -59.03 -2.42
CA THR G 210 -27.31 -58.24 -2.62
C THR G 210 -26.79 -58.50 -4.03
N PHE G 211 -26.60 -57.44 -4.79
CA PHE G 211 -26.22 -57.57 -6.20
C PHE G 211 -25.34 -56.39 -6.59
N GLN G 212 -24.95 -56.36 -7.87
CA GLN G 212 -24.15 -55.28 -8.42
C GLN G 212 -25.01 -54.50 -9.41
N ASN G 213 -25.08 -53.19 -9.22
CA ASN G 213 -25.87 -52.35 -10.11
C ASN G 213 -25.22 -52.28 -11.49
N THR G 214 -26.05 -52.04 -12.50
CA THR G 214 -25.57 -51.89 -13.86
C THR G 214 -24.68 -50.66 -13.96
N ASP G 215 -23.58 -50.78 -14.70
CA ASP G 215 -22.59 -49.71 -14.80
C ASP G 215 -23.09 -48.66 -15.79
N TYR G 216 -23.30 -47.44 -15.30
CA TYR G 216 -23.66 -46.32 -16.15
C TYR G 216 -22.46 -45.44 -16.51
N GLY G 217 -21.27 -45.79 -16.06
CA GLY G 217 -20.08 -45.03 -16.40
C GLY G 217 -20.00 -43.72 -15.63
N PHE G 218 -19.13 -42.85 -16.13
CA PHE G 218 -18.93 -41.53 -15.52
C PHE G 218 -20.04 -40.60 -15.99
N ARG G 219 -20.89 -40.16 -15.07
CA ARG G 219 -22.04 -39.33 -15.39
C ARG G 219 -22.03 -38.06 -14.56
N GLY G 220 -22.71 -37.03 -15.06
CA GLY G 220 -22.73 -35.73 -14.43
C GLY G 220 -23.72 -35.66 -13.28
N VAL G 221 -23.80 -34.47 -12.68
CA VAL G 221 -24.67 -34.26 -11.53
C VAL G 221 -26.13 -34.38 -11.94
N MET G 222 -26.48 -33.93 -13.15
CA MET G 222 -27.86 -34.06 -13.60
C MET G 222 -28.30 -35.51 -13.65
N PHE G 223 -27.41 -36.41 -14.03
CA PHE G 223 -27.74 -37.84 -14.07
C PHE G 223 -27.72 -38.42 -12.66
N ARG G 224 -26.58 -38.31 -11.98
CA ARG G 224 -26.46 -38.78 -10.60
C ARG G 224 -26.57 -37.58 -9.66
N HIS G 225 -27.50 -37.66 -8.72
CA HIS G 225 -27.76 -36.56 -7.79
C HIS G 225 -28.33 -35.35 -8.54
N GLY G 226 -29.29 -35.60 -9.41
CA GLY G 226 -29.83 -34.56 -10.27
C GLY G 226 -31.18 -34.05 -9.84
N PHE G 227 -31.29 -32.73 -9.63
CA PHE G 227 -32.54 -32.07 -9.29
C PHE G 227 -32.65 -30.81 -10.13
N ASP G 228 -33.25 -30.94 -11.32
CA ASP G 228 -33.46 -29.81 -12.21
C ASP G 228 -34.35 -30.20 -13.38
N GLY G 235 -27.36 -27.90 9.00
CA GLY G 235 -27.00 -27.20 7.79
C GLY G 235 -26.21 -25.93 8.05
N ASP G 236 -26.86 -24.98 8.72
CA ASP G 236 -26.20 -23.72 9.04
C ASP G 236 -25.06 -23.93 10.01
N SER G 237 -24.02 -23.10 9.86
CA SER G 237 -22.83 -23.18 10.71
C SER G 237 -22.84 -22.12 11.80
N ARG G 238 -22.85 -20.85 11.40
CA ARG G 238 -22.87 -19.74 12.36
C ARG G 238 -23.39 -18.51 11.65
N TRP G 239 -24.55 -18.00 12.08
CA TRP G 239 -25.10 -16.79 11.52
C TRP G 239 -25.97 -16.12 12.56
N GLN G 240 -26.22 -14.82 12.38
CA GLN G 240 -26.95 -14.02 13.35
C GLN G 240 -28.42 -13.99 13.00
N ARG G 241 -29.26 -14.47 13.92
CA ARG G 241 -30.70 -14.45 13.70
C ARG G 241 -31.25 -13.03 13.88
N ARG G 242 -30.76 -12.30 14.86
CA ARG G 242 -31.15 -10.94 15.13
C ARG G 242 -30.05 -9.97 14.72
N PRO G 243 -30.35 -8.69 14.59
CA PRO G 243 -29.32 -7.71 14.23
C PRO G 243 -28.47 -7.27 15.41
N GLY G 244 -28.50 -8.04 16.50
CA GLY G 244 -27.80 -7.61 17.71
C GLY G 244 -26.30 -7.49 17.53
N ALA G 245 -25.68 -8.46 16.87
CA ALA G 245 -24.22 -8.52 16.78
C ALA G 245 -23.83 -8.97 15.37
N MET G 246 -22.53 -9.19 15.17
CA MET G 246 -21.99 -9.62 13.88
C MET G 246 -20.99 -10.75 14.14
N GLY G 247 -21.47 -11.98 13.97
CA GLY G 247 -20.60 -13.15 14.07
C GLY G 247 -21.05 -14.23 13.11
N THR G 248 -20.15 -14.68 12.25
CA THR G 248 -20.49 -15.66 11.22
C THR G 248 -19.27 -16.52 10.93
N GLU G 249 -19.52 -17.67 10.30
CA GLU G 249 -18.46 -18.58 9.88
C GLU G 249 -18.78 -19.05 8.48
N GLY G 250 -18.09 -18.49 7.49
CA GLY G 250 -18.33 -18.86 6.10
C GLY G 250 -17.70 -20.20 5.76
N GLN G 251 -18.05 -20.71 4.57
CA GLN G 251 -17.53 -21.98 4.09
C GLN G 251 -16.19 -21.75 3.40
N LYS G 252 -15.13 -22.36 3.92
CA LYS G 252 -13.78 -22.14 3.42
C LYS G 252 -13.27 -23.28 2.55
N ARG G 253 -14.09 -24.28 2.25
CA ARG G 253 -13.66 -25.41 1.43
C ARG G 253 -14.91 -26.21 1.07
N ILE G 254 -14.70 -27.33 0.37
CA ILE G 254 -15.79 -28.25 0.03
C ILE G 254 -15.89 -29.28 1.13
N TYR G 255 -17.06 -29.43 1.66
CA TYR G 255 -17.26 -30.41 2.72
C TYR G 255 -17.26 -31.82 2.14
N PRO G 256 -16.86 -32.82 2.92
CA PRO G 256 -16.78 -34.19 2.37
C PRO G 256 -18.07 -34.66 1.74
N GLY G 257 -19.22 -34.34 2.32
CA GLY G 257 -20.49 -34.71 1.73
C GLY G 257 -20.96 -33.65 0.76
N HIS G 258 -20.72 -33.86 -0.53
CA HIS G 258 -21.08 -32.90 -1.56
C HIS G 258 -21.39 -33.67 -2.84
N ARG G 259 -22.67 -33.77 -3.17
CA ARG G 259 -23.09 -34.43 -4.40
C ARG G 259 -22.39 -33.79 -5.60
N MET G 260 -21.58 -34.58 -6.31
CA MET G 260 -20.73 -34.08 -7.38
C MET G 260 -20.65 -35.13 -8.47
N ALA G 261 -20.30 -34.67 -9.68
CA ALA G 261 -20.16 -35.59 -10.80
C ALA G 261 -19.12 -36.65 -10.51
N GLY G 262 -19.41 -37.88 -10.92
CA GLY G 262 -18.49 -38.98 -10.66
C GLY G 262 -18.97 -40.24 -11.34
N GLN G 263 -18.25 -41.33 -11.08
CA GLN G 263 -18.54 -42.61 -11.69
C GLN G 263 -19.75 -43.22 -11.00
N THR G 264 -20.90 -43.17 -11.67
CA THR G 264 -22.12 -43.80 -11.20
C THR G 264 -22.32 -45.11 -11.95
N GLY G 265 -22.66 -46.17 -11.23
CA GLY G 265 -22.82 -47.46 -11.86
C GLY G 265 -22.56 -48.63 -10.94
N ALA G 266 -21.67 -49.53 -11.36
CA ALA G 266 -21.33 -50.72 -10.61
C ALA G 266 -21.18 -50.40 -9.12
N ALA G 267 -21.93 -51.12 -8.30
CA ALA G 267 -21.92 -50.89 -6.86
C ALA G 267 -22.72 -52.00 -6.19
N ALA G 268 -22.28 -52.41 -5.00
CA ALA G 268 -22.96 -53.46 -4.27
C ALA G 268 -24.22 -52.91 -3.60
N GLU G 269 -25.35 -53.08 -4.28
CA GLU G 269 -26.63 -52.66 -3.73
C GLU G 269 -27.29 -53.82 -3.00
N THR G 270 -28.18 -53.47 -2.06
CA THR G 270 -28.78 -54.48 -1.18
C THR G 270 -30.23 -54.10 -0.92
N TYR G 271 -31.15 -54.75 -1.63
CA TYR G 271 -32.58 -54.64 -1.34
C TYR G 271 -32.89 -55.44 -0.08
N GLN G 272 -33.64 -54.83 0.82
CA GLN G 272 -33.92 -55.40 2.13
C GLN G 272 -35.37 -55.85 2.20
N GLY G 273 -35.59 -57.10 2.60
CA GLY G 273 -36.93 -57.60 2.84
C GLY G 273 -37.82 -57.67 1.63
N VAL G 274 -37.29 -58.06 0.47
CA VAL G 274 -38.12 -58.29 -0.71
C VAL G 274 -38.89 -59.59 -0.49
N PRO G 275 -40.21 -59.61 -0.60
CA PRO G 275 -40.92 -60.87 -0.44
C PRO G 275 -40.61 -61.83 -1.57
N VAL G 276 -40.63 -63.12 -1.25
CA VAL G 276 -40.52 -64.15 -2.26
C VAL G 276 -41.90 -64.36 -2.88
N TRP G 277 -41.93 -64.73 -4.16
CA TRP G 277 -43.18 -64.87 -4.88
C TRP G 277 -43.42 -66.26 -5.45
N ARG G 278 -42.38 -67.00 -5.80
CA ARG G 278 -42.57 -68.27 -6.48
C ARG G 278 -41.26 -69.03 -6.49
N ILE G 279 -41.34 -70.32 -6.17
CA ILE G 279 -40.18 -71.20 -6.14
C ILE G 279 -40.41 -72.33 -7.13
N ASP G 280 -39.41 -72.58 -7.96
CA ASP G 280 -39.45 -73.65 -8.96
C ASP G 280 -38.21 -74.51 -8.72
N TYR G 281 -38.33 -75.51 -7.85
CA TYR G 281 -37.19 -76.31 -7.44
C TYR G 281 -36.80 -77.37 -8.47
N LYS G 282 -37.60 -77.59 -9.51
CA LYS G 282 -37.19 -78.46 -10.59
C LYS G 282 -36.12 -77.81 -11.47
N ASN G 283 -36.31 -76.54 -11.82
CA ASN G 283 -35.32 -75.77 -12.57
C ASN G 283 -34.42 -74.94 -11.67
N SER G 284 -34.64 -74.96 -10.35
CA SER G 284 -33.85 -74.19 -9.41
C SER G 284 -33.94 -72.70 -9.71
N LEU G 285 -35.16 -72.17 -9.61
CA LEU G 285 -35.43 -70.77 -9.88
C LEU G 285 -36.25 -70.19 -8.73
N ILE G 286 -35.99 -68.93 -8.41
CA ILE G 286 -36.78 -68.20 -7.42
C ILE G 286 -37.23 -66.88 -8.06
N TYR G 287 -38.51 -66.58 -7.99
CA TYR G 287 -39.07 -65.38 -8.57
C TYR G 287 -39.37 -64.37 -7.46
N LEU G 288 -38.77 -63.19 -7.57
CA LEU G 288 -39.03 -62.11 -6.63
C LEU G 288 -39.83 -61.02 -7.31
N PRO G 289 -40.93 -60.55 -6.72
CA PRO G 289 -41.80 -59.58 -7.41
C PRO G 289 -41.23 -58.17 -7.41
N THR G 290 -40.05 -58.01 -8.01
CA THR G 290 -39.39 -56.72 -8.08
C THR G 290 -38.43 -56.75 -9.26
N LEU G 291 -38.00 -55.56 -9.68
CA LEU G 291 -37.06 -55.41 -10.78
C LEU G 291 -35.77 -54.80 -10.25
N LEU G 292 -34.65 -55.45 -10.56
CA LEU G 292 -33.34 -55.00 -10.13
C LEU G 292 -32.71 -54.14 -11.21
N ASP G 293 -31.85 -53.21 -10.77
CA ASP G 293 -31.07 -52.37 -11.68
C ASP G 293 -29.71 -53.04 -11.95
N ALA G 294 -29.78 -54.30 -12.37
CA ALA G 294 -28.59 -55.11 -12.57
C ALA G 294 -28.71 -55.86 -13.89
N ASP G 295 -27.55 -56.23 -14.44
CA ASP G 295 -27.50 -56.93 -15.71
C ASP G 295 -27.79 -58.41 -15.50
N VAL G 296 -28.22 -59.07 -16.57
CA VAL G 296 -28.48 -60.51 -16.55
C VAL G 296 -27.15 -61.23 -16.41
N GLY G 297 -27.12 -62.23 -15.52
CA GLY G 297 -25.91 -62.97 -15.24
C GLY G 297 -25.21 -62.58 -13.95
N THR G 298 -25.61 -61.47 -13.33
CA THR G 298 -25.01 -61.07 -12.06
C THR G 298 -25.28 -62.12 -10.99
N TYR G 299 -24.24 -62.46 -10.24
CA TYR G 299 -24.37 -63.42 -9.14
C TYR G 299 -24.97 -62.70 -7.93
N VAL G 300 -26.27 -62.78 -7.78
CA VAL G 300 -26.98 -62.20 -6.65
C VAL G 300 -26.83 -63.11 -5.44
N ARG G 301 -26.82 -62.51 -4.26
CA ARG G 301 -26.74 -63.22 -2.99
C ARG G 301 -28.07 -63.07 -2.26
N PHE G 302 -28.68 -64.19 -1.91
CA PHE G 302 -29.94 -64.23 -1.20
C PHE G 302 -29.66 -64.56 0.26
N SER G 303 -30.15 -63.71 1.16
CA SER G 303 -30.12 -63.98 2.59
C SER G 303 -31.55 -63.92 3.11
N ASP G 304 -31.76 -64.39 4.34
CA ASP G 304 -33.09 -64.45 4.94
C ASP G 304 -33.25 -63.27 5.89
N THR G 305 -34.23 -62.41 5.61
CA THR G 305 -34.49 -61.29 6.49
C THR G 305 -34.87 -61.79 7.87
N ILE G 306 -34.31 -61.17 8.90
CA ILE G 306 -34.44 -61.69 10.26
C ILE G 306 -35.59 -61.05 11.04
N ASN G 307 -36.09 -59.89 10.62
CA ASN G 307 -37.19 -59.25 11.30
C ASN G 307 -37.84 -58.24 10.36
N THR G 308 -39.06 -57.84 10.72
CA THR G 308 -39.80 -56.85 9.93
C THR G 308 -40.91 -56.28 10.79
N LYS G 309 -41.01 -54.95 10.82
CA LYS G 309 -42.07 -54.26 11.56
C LYS G 309 -42.11 -54.71 13.01
N GLY G 310 -40.93 -54.91 13.60
CA GLY G 310 -40.84 -55.29 14.99
C GLY G 310 -41.15 -56.74 15.28
N LEU G 311 -41.25 -57.58 14.25
CA LEU G 311 -41.53 -59.00 14.41
C LEU G 311 -40.35 -59.80 13.87
N THR G 312 -40.47 -61.13 13.96
CA THR G 312 -39.46 -62.05 13.46
C THR G 312 -40.02 -62.82 12.28
N LEU G 313 -39.20 -63.01 11.25
CA LEU G 313 -39.66 -63.69 10.05
C LEU G 313 -40.09 -65.12 10.34
N TRP G 314 -39.31 -65.83 11.15
CA TRP G 314 -39.61 -67.22 11.48
C TRP G 314 -40.27 -67.27 12.85
N ASN G 315 -41.46 -67.85 12.92
CA ASN G 315 -42.20 -67.95 14.17
C ASN G 315 -43.37 -68.90 13.95
N GLU G 316 -43.96 -69.34 15.07
CA GLU G 316 -45.07 -70.28 14.99
C GLU G 316 -46.27 -69.69 14.25
N HIS G 317 -46.50 -68.39 14.37
CA HIS G 317 -47.64 -67.77 13.70
C HIS G 317 -47.51 -67.89 12.19
N ARG G 318 -46.31 -67.61 11.66
CA ARG G 318 -46.07 -67.66 10.22
C ARG G 318 -45.53 -69.01 9.79
N GLY G 319 -44.43 -69.46 10.39
CA GLY G 319 -43.85 -70.74 10.05
C GLY G 319 -42.42 -70.81 10.51
N LEU G 320 -41.79 -71.95 10.22
CA LEU G 320 -40.41 -72.19 10.59
C LEU G 320 -39.62 -72.66 9.38
N PRO G 321 -38.32 -72.39 9.33
CA PRO G 321 -37.52 -72.76 8.16
C PRO G 321 -37.02 -74.19 8.21
N ALA G 322 -36.41 -74.65 7.12
CA ALA G 322 -35.77 -75.96 7.08
C ALA G 322 -34.39 -75.86 7.70
N PHE G 323 -34.37 -75.59 8.98
CA PHE G 323 -33.13 -75.39 9.71
C PHE G 323 -32.35 -76.70 9.75
N PRO G 324 -31.04 -76.71 9.41
CA PRO G 324 -30.24 -75.60 8.91
C PRO G 324 -30.50 -75.28 7.44
N THR G 325 -30.79 -76.31 6.66
CA THR G 325 -31.10 -76.16 5.24
C THR G 325 -32.11 -77.23 4.84
N PHE G 326 -32.56 -77.17 3.59
CA PHE G 326 -33.53 -78.13 3.10
C PHE G 326 -32.82 -79.39 2.62
N ILE G 327 -33.17 -80.52 3.22
CA ILE G 327 -32.65 -81.82 2.81
C ILE G 327 -33.78 -82.57 2.10
N PRO G 328 -33.69 -82.79 0.79
CA PRO G 328 -34.79 -83.45 0.08
C PRO G 328 -34.96 -84.88 0.54
N PRO G 329 -36.18 -85.42 0.49
CA PRO G 329 -36.38 -86.83 0.89
C PRO G 329 -35.64 -87.79 -0.02
N GLU G 330 -35.67 -89.08 0.33
CA GLU G 330 -34.96 -90.08 -0.45
C GLU G 330 -35.76 -90.58 -1.65
N ASP G 331 -37.04 -90.89 -1.45
CA ASP G 331 -37.83 -91.48 -2.52
C ASP G 331 -38.00 -90.54 -3.71
N GLU G 332 -38.23 -89.25 -3.46
CA GLU G 332 -38.50 -88.33 -4.55
C GLU G 332 -37.30 -88.21 -5.47
N ASP G 333 -37.57 -88.04 -6.77
CA ASP G 333 -36.53 -87.87 -7.77
C ASP G 333 -36.98 -86.75 -8.71
N LEU G 334 -36.25 -85.63 -8.69
CA LEU G 334 -36.67 -84.48 -9.49
C LEU G 334 -36.68 -84.82 -10.97
N SER G 335 -35.83 -85.75 -11.41
CA SER G 335 -35.85 -86.17 -12.80
C SER G 335 -37.11 -86.96 -13.15
N LYS G 336 -37.90 -87.36 -12.16
CA LYS G 336 -39.16 -88.04 -12.37
C LYS G 336 -40.37 -87.11 -12.22
N LEU G 337 -40.15 -85.80 -12.20
CA LEU G 337 -41.21 -84.81 -12.07
C LEU G 337 -41.11 -83.80 -13.20
N ALA G 338 -42.27 -83.31 -13.63
CA ALA G 338 -42.33 -82.29 -14.67
C ALA G 338 -42.08 -80.92 -14.04
N THR G 339 -41.94 -79.90 -14.88
CA THR G 339 -41.69 -78.55 -14.39
C THR G 339 -42.89 -77.93 -13.70
N ASP G 340 -44.11 -78.29 -14.10
CA ASP G 340 -45.31 -77.75 -13.49
C ASP G 340 -45.67 -78.44 -12.18
N GLU G 341 -45.10 -79.61 -11.91
CA GLU G 341 -45.37 -80.30 -10.65
C GLU G 341 -44.45 -79.86 -9.53
N CYS G 342 -43.50 -78.96 -9.81
CA CYS G 342 -42.47 -78.58 -8.85
C CYS G 342 -42.41 -77.06 -8.68
N GLN G 343 -43.56 -76.44 -8.48
CA GLN G 343 -43.64 -74.99 -8.28
C GLN G 343 -44.49 -74.67 -7.07
N LEU G 344 -43.99 -73.75 -6.25
CA LEU G 344 -44.64 -73.37 -5.00
C LEU G 344 -44.96 -71.87 -5.08
N LYS G 345 -46.24 -71.55 -5.19
CA LYS G 345 -46.68 -70.16 -5.31
C LYS G 345 -46.99 -69.59 -3.92
N SER G 346 -46.58 -68.36 -3.71
CA SER G 346 -46.76 -67.66 -2.44
C SER G 346 -48.20 -67.21 -2.27
N PRO G 347 -48.64 -67.04 -1.03
CA PRO G 347 -49.95 -66.43 -0.78
C PRO G 347 -49.94 -64.97 -1.18
N PRO G 348 -51.11 -64.36 -1.35
CA PRO G 348 -51.14 -62.97 -1.85
C PRO G 348 -50.36 -62.04 -0.94
N LEU G 349 -49.62 -61.12 -1.56
CA LEU G 349 -48.85 -60.14 -0.79
C LEU G 349 -49.74 -58.99 -0.34
N TYR G 350 -50.61 -58.52 -1.23
CA TYR G 350 -51.57 -57.49 -0.87
C TYR G 350 -52.88 -58.10 -0.40
N MET G 351 -53.71 -57.27 0.21
CA MET G 351 -54.97 -57.73 0.80
C MET G 351 -56.17 -57.49 -0.12
N TYR G 352 -56.09 -56.48 -0.98
CA TYR G 352 -57.22 -56.12 -1.84
C TYR G 352 -56.72 -55.85 -3.26
N PHE G 353 -57.67 -55.63 -4.17
CA PHE G 353 -57.37 -55.31 -5.56
C PHE G 353 -56.86 -53.87 -5.61
N ARG G 354 -55.56 -53.70 -5.89
CA ARG G 354 -54.95 -52.38 -5.80
C ARG G 354 -55.48 -51.40 -6.84
N ASP G 355 -56.10 -51.88 -7.92
CA ASP G 355 -56.79 -50.96 -8.82
C ASP G 355 -57.94 -50.26 -8.11
N GLU G 356 -58.68 -51.00 -7.29
CA GLU G 356 -59.75 -50.44 -6.49
C GLU G 356 -59.22 -50.06 -5.10
N PHE G 357 -60.13 -49.86 -4.16
CA PHE G 357 -59.82 -49.57 -2.78
C PHE G 357 -60.40 -50.65 -1.89
N PRO G 358 -59.92 -50.79 -0.65
CA PRO G 358 -60.49 -51.79 0.25
C PRO G 358 -61.97 -51.52 0.50
N ALA G 359 -62.69 -52.60 0.82
CA ALA G 359 -64.13 -52.49 0.97
C ALA G 359 -64.53 -51.41 1.97
N THR G 360 -63.69 -51.15 2.98
CA THR G 360 -63.99 -50.07 3.91
C THR G 360 -64.01 -48.71 3.20
N GLN G 361 -63.08 -48.48 2.27
CA GLN G 361 -62.99 -47.23 1.55
C GLN G 361 -63.76 -47.25 0.23
N LEU G 362 -64.43 -48.35 -0.09
CA LEU G 362 -65.10 -48.52 -1.37
C LEU G 362 -66.57 -48.19 -1.24
N VAL G 363 -67.07 -47.42 -2.22
CA VAL G 363 -68.47 -47.00 -2.18
C VAL G 363 -69.39 -48.22 -2.21
N SER G 364 -69.11 -49.17 -3.07
CA SER G 364 -69.94 -50.36 -3.19
C SER G 364 -69.06 -51.54 -3.56
N GLN G 365 -69.39 -52.72 -3.06
CA GLN G 365 -68.63 -53.93 -3.29
C GLN G 365 -69.55 -55.03 -3.80
N ALA G 366 -69.03 -55.88 -4.67
CA ALA G 366 -69.77 -57.03 -5.18
C ALA G 366 -69.27 -58.29 -4.49
N ASP G 367 -70.19 -59.02 -3.86
CA ASP G 367 -69.83 -60.23 -3.14
C ASP G 367 -71.05 -61.14 -2.99
N SER H 1 42.48 -8.87 -1.05
CA SER H 1 41.30 -8.80 -0.19
C SER H 1 41.59 -7.95 1.04
N SER H 2 40.71 -8.02 2.03
CA SER H 2 40.90 -7.33 3.30
C SER H 2 41.40 -8.31 4.35
N ILE H 3 42.36 -7.86 5.16
CA ILE H 3 42.96 -8.74 6.15
C ILE H 3 41.89 -9.26 7.11
N PHE H 4 40.93 -8.42 7.47
CA PHE H 4 39.93 -8.78 8.48
C PHE H 4 38.80 -9.63 7.92
N SER H 5 38.65 -9.71 6.60
CA SER H 5 37.54 -10.50 6.06
C SER H 5 37.86 -11.98 6.14
N PRO H 6 36.84 -12.84 6.31
CA PRO H 6 37.10 -14.29 6.28
C PRO H 6 37.63 -14.78 4.95
N ARG H 7 37.34 -14.07 3.86
CA ARG H 7 37.86 -14.46 2.56
C ARG H 7 39.37 -14.46 2.53
N TYR H 8 40.02 -13.69 3.40
CA TYR H 8 41.47 -13.64 3.40
C TYR H 8 42.11 -14.98 3.74
N ASP H 9 41.40 -15.84 4.46
CA ASP H 9 41.94 -17.15 4.82
C ASP H 9 40.97 -18.28 4.51
N TRP H 10 39.90 -18.03 3.75
CA TRP H 10 38.97 -19.10 3.46
C TRP H 10 39.65 -20.23 2.69
N ARG H 11 40.73 -19.96 1.98
CA ARG H 11 41.51 -21.01 1.34
C ARG H 11 42.55 -21.53 2.31
N THR H 12 42.55 -22.84 2.55
CA THR H 12 43.43 -23.46 3.54
C THR H 12 44.35 -24.53 2.97
N SER H 13 44.18 -24.91 1.71
CA SER H 13 45.03 -25.95 1.13
C SER H 13 45.08 -25.78 -0.38
N GLY H 14 46.10 -26.39 -0.99
CA GLY H 14 46.28 -26.37 -2.42
C GLY H 14 47.11 -25.22 -2.94
N VAL H 15 47.47 -24.25 -2.10
CA VAL H 15 48.27 -23.13 -2.58
C VAL H 15 49.64 -23.60 -3.02
N HIS H 16 50.27 -24.46 -2.22
CA HIS H 16 51.60 -24.98 -2.50
C HIS H 16 51.53 -26.47 -2.80
N ASP H 17 52.29 -26.91 -3.80
CA ASP H 17 52.51 -28.32 -4.03
C ASP H 17 53.59 -28.79 -3.07
N ILE H 18 53.23 -29.69 -2.15
CA ILE H 18 54.14 -30.06 -1.07
C ILE H 18 55.46 -30.59 -1.63
N ALA H 19 55.46 -31.16 -2.83
CA ALA H 19 56.70 -31.59 -3.44
C ALA H 19 57.48 -30.38 -3.93
N PRO H 20 58.70 -30.15 -3.46
CA PRO H 20 59.46 -28.98 -3.90
C PRO H 20 60.11 -29.23 -5.25
N ARG H 21 60.53 -28.14 -5.88
CA ARG H 21 61.29 -28.23 -7.11
C ARG H 21 62.71 -28.70 -6.82
N ASP H 22 63.28 -29.43 -7.77
CA ASP H 22 64.63 -29.94 -7.66
C ASP H 22 65.66 -29.00 -8.26
N GLU H 23 65.25 -27.79 -8.66
CA GLU H 23 66.14 -26.86 -9.34
C GLU H 23 66.75 -25.83 -8.39
N GLY H 24 65.91 -25.08 -7.67
CA GLY H 24 66.41 -24.01 -6.84
C GLY H 24 65.91 -24.01 -5.41
N ASP H 25 64.87 -24.80 -5.13
CA ASP H 25 64.33 -24.85 -3.78
C ASP H 25 65.37 -25.39 -2.82
N PHE H 26 65.49 -24.74 -1.67
CA PHE H 26 66.51 -25.08 -0.69
C PHE H 26 65.89 -25.03 0.71
N LEU H 27 66.71 -25.26 1.71
CA LEU H 27 66.30 -25.27 3.11
C LEU H 27 66.99 -24.13 3.86
N TYR H 28 66.52 -23.86 5.07
CA TYR H 28 67.05 -22.80 5.92
C TYR H 28 68.01 -23.45 6.91
N GLN H 29 69.31 -23.37 6.60
CA GLN H 29 70.31 -23.99 7.46
C GLN H 29 70.32 -23.37 8.85
N GLY H 30 70.25 -22.04 8.92
CA GLY H 30 70.28 -21.35 10.19
C GLY H 30 70.57 -19.87 10.02
N PRO H 31 70.75 -19.16 11.13
CA PRO H 31 71.03 -17.72 11.04
C PRO H 31 72.28 -17.41 10.24
N GLN H 32 73.29 -18.27 10.30
CA GLN H 32 74.49 -18.06 9.49
C GLN H 32 74.19 -18.07 7.99
N HIS H 33 73.07 -18.67 7.59
CA HIS H 33 72.70 -18.71 6.18
C HIS H 33 72.26 -17.31 5.74
N VAL H 34 72.80 -16.86 4.61
CA VAL H 34 72.42 -15.58 4.03
C VAL H 34 71.39 -15.84 2.94
N LEU H 35 70.16 -15.40 3.17
CA LEU H 35 69.08 -15.67 2.23
C LEU H 35 68.99 -14.56 1.19
N PRO H 36 68.83 -14.89 -0.10
CA PRO H 36 68.64 -13.83 -1.10
C PRO H 36 67.42 -12.98 -0.79
N GLY H 37 67.56 -11.68 -1.01
CA GLY H 37 66.46 -10.74 -0.83
C GLY H 37 66.09 -10.45 0.62
N ALA H 38 66.56 -11.23 1.58
CA ALA H 38 66.19 -11.01 2.97
C ALA H 38 66.76 -9.69 3.46
N HIS H 39 65.94 -8.91 4.15
CA HIS H 39 66.38 -7.62 4.69
C HIS H 39 65.38 -7.16 5.75
N PRO H 40 65.84 -6.68 6.90
CA PRO H 40 64.91 -6.30 7.97
C PRO H 40 63.96 -5.17 7.63
N LEU H 41 64.27 -4.34 6.63
CA LEU H 41 63.42 -3.22 6.28
C LEU H 41 62.48 -3.58 5.14
N PRO H 42 61.28 -2.99 5.11
CA PRO H 42 60.35 -3.29 4.01
C PRO H 42 60.76 -2.61 2.71
N LEU H 43 61.71 -3.21 2.00
CA LEU H 43 62.19 -2.68 0.73
C LEU H 43 61.32 -3.24 -0.39
N HIS H 44 60.48 -2.38 -0.98
CA HIS H 44 59.68 -2.81 -2.11
C HIS H 44 60.52 -2.97 -3.37
N HIS H 45 61.71 -2.35 -3.40
CA HIS H 45 62.68 -2.48 -4.49
C HIS H 45 64.01 -2.85 -3.87
N PRO H 46 64.19 -4.10 -3.47
CA PRO H 46 65.42 -4.51 -2.74
C PRO H 46 66.64 -4.59 -3.63
N HIS H 47 67.13 -3.42 -4.05
CA HIS H 47 68.33 -3.33 -4.88
C HIS H 47 69.55 -3.12 -4.01
N ASN H 48 70.71 -3.45 -4.58
CA ASN H 48 72.00 -3.23 -3.93
C ASN H 48 72.94 -2.57 -4.93
N THR H 49 74.17 -2.32 -4.50
CA THR H 49 75.13 -1.64 -5.35
C THR H 49 75.42 -2.42 -6.63
N ILE H 50 75.35 -3.75 -6.59
CA ILE H 50 75.58 -4.54 -7.79
C ILE H 50 74.43 -4.36 -8.77
N THR H 51 73.19 -4.37 -8.29
CA THR H 51 72.04 -4.24 -9.17
C THR H 51 72.01 -2.88 -9.84
N ARG H 52 71.96 -1.81 -9.03
CA ARG H 52 71.89 -0.44 -9.52
C ARG H 52 72.98 0.36 -8.83
N PRO H 53 74.22 0.26 -9.30
CA PRO H 53 75.33 0.94 -8.62
C PRO H 53 75.15 2.45 -8.64
N VAL H 54 75.70 3.08 -7.60
CA VAL H 54 75.61 4.53 -7.43
C VAL H 54 76.92 5.16 -7.87
N ILE H 55 76.81 6.27 -8.59
CA ILE H 55 77.99 7.03 -9.02
C ILE H 55 78.23 8.15 -8.01
N SER H 56 79.03 7.86 -6.99
CA SER H 56 79.39 8.84 -5.98
C SER H 56 80.63 8.36 -5.26
N PRO H 57 81.41 9.27 -4.67
CA PRO H 57 82.63 8.82 -3.96
C PRO H 57 82.34 7.84 -2.85
N TYR H 58 81.24 7.99 -2.14
CA TYR H 58 80.91 7.18 -0.97
C TYR H 58 79.51 6.62 -1.10
N ILE H 59 79.31 5.45 -0.50
CA ILE H 59 77.98 4.88 -0.35
C ILE H 59 77.23 5.77 0.64
N PRO H 60 75.97 6.12 0.38
CA PRO H 60 75.30 7.09 1.27
C PRO H 60 74.99 6.51 2.64
N SER H 61 75.99 6.50 3.52
CA SER H 61 75.83 6.05 4.88
C SER H 61 75.16 7.13 5.73
N PRO H 62 74.47 6.74 6.81
CA PRO H 62 73.95 7.76 7.72
C PRO H 62 75.04 8.59 8.38
N GLN H 63 76.25 8.05 8.50
CA GLN H 63 77.35 8.80 9.07
C GLN H 63 77.68 10.04 8.23
N ARG H 64 77.44 9.97 6.93
CA ARG H 64 77.71 11.06 6.02
C ARG H 64 76.42 11.78 5.65
N SER H 65 76.43 13.11 5.76
CA SER H 65 75.26 13.89 5.36
C SER H 65 74.98 13.79 3.87
N HIS H 66 75.97 13.41 3.07
CA HIS H 66 75.76 13.17 1.65
C HIS H 66 76.95 12.38 1.09
N PRO H 67 76.72 11.49 0.13
CA PRO H 67 77.81 10.62 -0.36
C PRO H 67 78.95 11.36 -1.02
N TYR H 68 78.74 12.60 -1.47
CA TYR H 68 79.74 13.31 -2.25
C TYR H 68 80.77 13.97 -1.34
N PHE H 69 81.81 14.52 -1.96
CA PHE H 69 82.90 15.13 -1.20
C PHE H 69 82.39 16.32 -0.39
N THR H 70 82.94 16.47 0.81
CA THR H 70 82.59 17.59 1.68
C THR H 70 83.66 18.69 1.68
N ALA H 71 84.82 18.43 1.10
CA ALA H 71 85.89 19.42 1.06
C ALA H 71 86.55 19.35 -0.31
N PRO H 72 87.16 20.45 -0.77
CA PRO H 72 87.82 20.43 -2.09
C PRO H 72 89.16 19.71 -2.05
N LEU H 73 89.14 18.39 -2.21
CA LEU H 73 90.36 17.58 -2.11
C LEU H 73 91.39 18.08 -3.12
N PRO H 74 92.67 18.11 -2.74
CA PRO H 74 93.68 18.75 -3.61
C PRO H 74 94.09 17.92 -4.81
N GLU H 75 93.63 16.67 -4.91
CA GLU H 75 94.04 15.80 -6.02
C GLU H 75 93.49 16.27 -7.36
N LEU H 76 92.52 17.16 -7.38
CA LEU H 76 91.83 17.55 -8.60
C LEU H 76 91.71 19.07 -8.65
N PRO H 77 91.60 19.65 -9.87
CA PRO H 77 91.39 21.10 -9.97
C PRO H 77 89.97 21.51 -9.61
N HIS H 78 89.72 21.71 -8.32
CA HIS H 78 88.37 22.04 -7.87
C HIS H 78 87.88 23.34 -8.50
N PHE H 79 86.61 23.33 -8.91
CA PHE H 79 85.94 24.49 -9.46
C PHE H 79 84.87 24.98 -8.50
N SER H 80 84.79 26.29 -8.33
CA SER H 80 83.77 26.89 -7.47
C SER H 80 82.44 26.94 -8.21
N THR H 81 81.46 27.61 -7.62
CA THR H 81 80.15 27.74 -8.23
C THR H 81 80.10 28.98 -9.11
N THR H 82 79.24 28.92 -10.14
CA THR H 82 79.09 30.07 -11.03
C THR H 82 78.59 31.29 -10.28
N LYS H 83 77.61 31.10 -9.40
CA LYS H 83 77.08 32.16 -8.57
C LYS H 83 77.37 31.88 -7.10
N PRO H 84 77.47 32.91 -6.27
CA PRO H 84 77.72 32.67 -4.85
C PRO H 84 76.59 31.89 -4.21
N ILE H 85 76.94 31.11 -3.20
CA ILE H 85 76.00 30.20 -2.54
C ILE H 85 75.60 30.81 -1.20
N VAL H 86 74.29 30.95 -1.00
CA VAL H 86 73.73 31.41 0.27
C VAL H 86 72.78 30.33 0.76
N TYR H 87 72.95 29.91 2.01
CA TYR H 87 72.18 28.80 2.56
C TYR H 87 70.81 29.30 3.00
N THR H 88 69.80 29.02 2.20
CA THR H 88 68.42 29.39 2.49
C THR H 88 67.77 28.31 3.36
N TYR H 89 66.59 28.62 3.88
CA TYR H 89 65.85 27.65 4.66
C TYR H 89 65.61 26.40 3.85
N GLY H 90 65.89 25.24 4.45
CA GLY H 90 65.74 23.96 3.78
C GLY H 90 67.02 23.41 3.18
N THR H 91 68.06 24.22 3.05
CA THR H 91 69.33 23.74 2.54
C THR H 91 70.05 22.91 3.59
N MET H 92 70.91 22.01 3.12
CA MET H 92 71.57 21.06 4.01
C MET H 92 72.62 21.71 4.92
N LYS H 93 72.98 22.96 4.67
CA LYS H 93 73.99 23.67 5.46
C LYS H 93 75.36 23.01 5.38
N GLU H 94 75.58 22.16 4.38
CA GLU H 94 76.83 21.43 4.22
C GLU H 94 77.38 21.67 2.82
N ARG H 95 78.71 21.60 2.71
CA ARG H 95 79.37 21.83 1.44
C ARG H 95 79.23 20.62 0.53
N ILE H 96 78.77 20.84 -0.69
CA ILE H 96 78.55 19.78 -1.67
C ILE H 96 79.59 19.93 -2.77
N ILE H 97 80.44 18.93 -2.92
CA ILE H 97 81.47 18.91 -3.96
C ILE H 97 81.42 17.55 -4.62
N ALA H 98 81.29 17.52 -5.95
CA ALA H 98 81.12 16.28 -6.68
C ALA H 98 82.13 16.20 -7.82
N PRO H 99 82.55 14.98 -8.18
CA PRO H 99 83.52 14.84 -9.28
C PRO H 99 82.84 14.85 -10.63
N VAL H 100 83.52 15.47 -11.60
CA VAL H 100 83.00 15.63 -12.95
C VAL H 100 83.71 14.61 -13.85
N PHE H 101 82.93 13.78 -14.52
CA PHE H 101 83.45 12.76 -15.43
C PHE H 101 83.51 13.30 -16.85
N ASN H 102 84.26 12.61 -17.69
CA ASN H 102 84.36 12.93 -19.11
C ASN H 102 83.78 11.77 -19.92
N LEU H 103 83.89 11.87 -21.25
CA LEU H 103 83.36 10.84 -22.12
C LEU H 103 84.10 9.51 -21.99
N LYS H 104 85.27 9.50 -21.35
CA LYS H 104 86.03 8.27 -21.16
C LYS H 104 85.73 7.58 -19.85
N ASN H 105 84.80 8.10 -19.05
CA ASN H 105 84.35 7.55 -17.78
C ASN H 105 85.35 7.82 -16.66
N GLU H 106 86.36 8.65 -16.88
CA GLU H 106 87.36 8.97 -15.87
C GLU H 106 87.20 10.40 -15.40
N VAL H 107 87.34 10.60 -14.09
CA VAL H 107 87.18 11.93 -13.52
C VAL H 107 88.26 12.85 -14.06
N ILE H 108 87.90 14.11 -14.30
CA ILE H 108 88.83 15.12 -14.78
C ILE H 108 89.07 16.21 -13.73
N TYR H 109 88.05 16.56 -12.97
CA TYR H 109 88.20 17.55 -11.89
C TYR H 109 86.97 17.44 -10.99
N THR H 110 86.84 18.38 -10.07
CA THR H 110 85.75 18.42 -9.11
C THR H 110 85.03 19.76 -9.21
N ARG H 111 83.76 19.77 -8.81
CA ARG H 111 82.90 20.93 -8.98
C ARG H 111 82.05 21.12 -7.74
N GLU H 112 81.90 22.38 -7.33
CA GLU H 112 81.00 22.73 -6.24
C GLU H 112 79.56 22.71 -6.74
N LEU H 113 78.65 22.23 -5.90
CA LEU H 113 77.23 22.19 -6.21
C LEU H 113 76.47 23.10 -5.26
N ASP H 114 75.51 23.84 -5.80
CA ASP H 114 74.78 24.81 -5.02
C ASP H 114 73.85 24.10 -4.04
N PRO H 115 73.94 24.37 -2.73
CA PRO H 115 73.02 23.73 -1.79
C PRO H 115 71.56 24.03 -2.08
N PHE H 116 71.25 25.23 -2.58
CA PHE H 116 69.87 25.58 -2.89
C PHE H 116 69.27 24.67 -3.93
N ILE H 117 70.09 24.07 -4.80
CA ILE H 117 69.62 23.19 -5.86
C ILE H 117 69.75 21.72 -5.45
N PHE H 118 70.97 21.28 -5.16
CA PHE H 118 71.24 19.90 -4.78
C PHE H 118 71.37 19.72 -3.28
N GLY H 119 71.06 20.76 -2.50
CA GLY H 119 71.20 20.69 -1.06
C GLY H 119 69.91 20.94 -0.31
N MET H 120 68.81 21.10 -1.03
CA MET H 120 67.51 21.30 -0.40
C MET H 120 66.96 19.92 0.00
N TYR H 121 66.89 19.67 1.30
CA TYR H 121 66.52 18.35 1.78
C TYR H 121 65.12 17.98 1.29
N PRO H 122 64.92 16.78 0.76
CA PRO H 122 63.62 16.44 0.18
C PRO H 122 62.52 16.35 1.23
N GLU H 123 61.30 16.61 0.78
CA GLU H 123 60.12 16.46 1.61
C GLU H 123 59.03 15.76 0.83
N VAL H 124 58.44 14.73 1.47
CA VAL H 124 57.54 13.84 0.75
C VAL H 124 56.29 14.57 0.29
N GLU H 125 55.80 15.53 1.06
CA GLU H 125 54.58 16.24 0.65
C GLU H 125 54.81 17.00 -0.66
N GLU H 126 55.92 17.73 -0.76
CA GLU H 126 56.21 18.47 -1.98
C GLU H 126 56.48 17.52 -3.14
N LEU H 127 57.25 16.45 -2.88
CA LEU H 127 57.51 15.49 -3.95
C LEU H 127 56.22 14.86 -4.45
N SER H 128 55.29 14.57 -3.55
CA SER H 128 54.01 13.99 -3.94
C SER H 128 53.15 14.99 -4.68
N LYS H 129 53.20 16.26 -4.30
CA LYS H 129 52.53 17.29 -5.09
C LYS H 129 53.02 17.25 -6.53
N ASN H 130 54.34 17.24 -6.71
CA ASN H 130 54.91 17.23 -8.05
C ASN H 130 54.50 15.96 -8.80
N LEU H 131 54.59 14.81 -8.14
CA LEU H 131 54.27 13.55 -8.80
C LEU H 131 52.81 13.48 -9.21
N THR H 132 51.90 13.89 -8.32
CA THR H 132 50.49 13.88 -8.65
C THR H 132 50.18 14.84 -9.78
N TYR H 133 50.78 16.03 -9.77
CA TYR H 133 50.58 16.93 -10.89
C TYR H 133 51.01 16.29 -12.20
N TRP H 134 52.19 15.67 -12.21
CA TRP H 134 52.68 15.06 -13.44
C TRP H 134 51.77 13.93 -13.90
N MET H 135 51.33 13.09 -12.96
CA MET H 135 50.47 11.96 -13.31
C MET H 135 49.14 12.45 -13.89
N VAL H 136 48.54 13.47 -13.29
CA VAL H 136 47.28 13.99 -13.82
C VAL H 136 47.50 14.68 -15.16
N ARG H 137 48.62 15.37 -15.33
CA ARG H 137 48.86 16.13 -16.55
C ARG H 137 49.20 15.23 -17.73
N CYS H 138 49.79 14.07 -17.49
CA CYS H 138 50.25 13.19 -18.56
C CYS H 138 49.20 12.18 -19.00
N GLN H 139 47.92 12.52 -18.88
CA GLN H 139 46.85 11.69 -19.41
C GLN H 139 46.41 12.19 -20.78
N ASN H 140 45.78 11.30 -21.53
CA ASN H 140 45.27 11.61 -22.87
C ASN H 140 43.81 12.05 -22.70
N PHE H 141 43.61 13.34 -22.40
CA PHE H 141 42.27 13.83 -22.12
C PHE H 141 41.35 13.68 -23.32
N ALA H 142 41.91 13.66 -24.53
CA ALA H 142 41.08 13.51 -25.72
C ALA H 142 40.37 12.16 -25.77
N SER H 143 40.87 11.17 -25.04
CA SER H 143 40.31 9.82 -25.05
C SER H 143 39.28 9.60 -23.95
N LYS H 144 38.91 10.65 -23.23
CA LYS H 144 37.95 10.54 -22.12
C LYS H 144 36.55 10.97 -22.53
N TRP H 145 36.17 10.66 -23.77
CA TRP H 145 34.89 11.05 -24.33
C TRP H 145 33.91 9.89 -24.19
N ASP H 146 32.70 10.19 -23.70
CA ASP H 146 31.65 9.19 -23.54
C ASP H 146 30.33 9.74 -24.09
N TYR H 147 29.45 8.83 -24.48
CA TYR H 147 28.18 9.21 -25.06
C TYR H 147 27.25 9.80 -24.00
N GLU H 148 26.15 10.39 -24.47
CA GLU H 148 25.20 11.05 -23.60
C GLU H 148 23.78 10.72 -24.05
N THR H 149 22.85 10.89 -23.11
CA THR H 149 21.44 10.64 -23.38
C THR H 149 20.99 11.37 -24.64
N ARG H 150 21.35 12.65 -24.75
CA ARG H 150 20.98 13.43 -25.93
C ARG H 150 21.77 13.04 -27.17
N GLU H 151 22.80 12.20 -27.04
CA GLU H 151 23.59 11.75 -28.17
C GLU H 151 23.31 10.31 -28.56
N ILE H 152 22.40 9.62 -27.86
CA ILE H 152 22.15 8.20 -28.13
C ILE H 152 21.44 7.93 -29.45
N TRP H 153 20.87 8.94 -30.10
CA TRP H 153 20.19 8.76 -31.39
C TRP H 153 19.02 7.77 -31.27
N ARG H 154 18.01 8.21 -30.54
CA ARG H 154 16.74 7.51 -30.45
C ARG H 154 15.62 8.51 -30.64
N LYS H 155 14.46 8.01 -31.06
CA LYS H 155 13.34 8.90 -31.34
C LYS H 155 12.94 9.66 -30.09
N ALA H 156 12.73 10.98 -30.25
CA ALA H 156 12.34 11.84 -29.14
C ALA H 156 10.82 11.78 -29.01
N LYS H 157 10.34 10.68 -28.44
CA LYS H 157 8.91 10.46 -28.27
C LYS H 157 8.67 9.32 -27.30
N LYS H 158 7.70 9.47 -26.40
CA LYS H 158 7.38 8.40 -25.46
C LYS H 158 7.13 7.10 -26.22
N ASN H 159 7.83 6.05 -25.83
CA ASN H 159 7.76 4.79 -26.57
C ASN H 159 6.44 4.06 -26.37
N TRP H 160 5.71 4.37 -25.30
CA TRP H 160 4.39 3.80 -25.09
C TRP H 160 3.78 4.48 -23.86
N PRO H 161 2.44 4.45 -23.73
CA PRO H 161 1.80 5.16 -22.62
C PRO H 161 2.27 4.65 -21.27
N ASN H 162 1.84 5.37 -20.22
CA ASN H 162 2.26 5.03 -18.88
C ASN H 162 1.69 3.68 -18.43
N THR H 163 0.39 3.48 -18.65
CA THR H 163 -0.33 2.35 -18.07
C THR H 163 -0.92 1.38 -19.08
N GLY H 164 -1.05 1.78 -20.35
CA GLY H 164 -1.75 0.95 -21.30
C GLY H 164 -1.11 -0.40 -21.55
N MET H 165 0.22 -0.44 -21.66
CA MET H 165 0.89 -1.66 -22.10
C MET H 165 0.93 -2.70 -20.99
N GLY H 166 1.56 -2.35 -19.86
CA GLY H 166 1.82 -3.30 -18.79
C GLY H 166 3.27 -3.38 -18.37
N MET H 167 4.13 -2.53 -18.90
CA MET H 167 5.55 -2.45 -18.57
C MET H 167 5.84 -1.17 -17.81
N PRO H 168 7.04 -1.03 -17.24
CA PRO H 168 7.36 0.21 -16.51
C PRO H 168 7.24 1.43 -17.40
N ARG H 169 6.80 2.53 -16.80
CA ARG H 169 6.63 3.79 -17.52
C ARG H 169 7.98 4.30 -17.98
N VAL H 170 8.25 4.19 -19.28
CA VAL H 170 9.50 4.65 -19.86
C VAL H 170 9.19 5.40 -21.14
N GLY H 171 9.74 6.60 -21.27
CA GLY H 171 9.56 7.40 -22.47
C GLY H 171 10.87 7.99 -22.94
N ASN H 172 11.16 7.85 -24.24
CA ASN H 172 12.43 8.30 -24.80
C ASN H 172 13.60 7.62 -24.07
N ARG H 173 13.62 6.28 -24.18
CA ARG H 173 14.53 5.46 -23.39
C ARG H 173 15.95 5.55 -23.97
N LYS H 174 16.55 6.72 -23.77
CA LYS H 174 17.97 6.94 -24.02
C LYS H 174 18.80 6.91 -22.74
N ASN H 175 18.18 6.56 -21.62
CA ASN H 175 18.81 6.73 -20.32
C ASN H 175 19.84 5.64 -20.06
N HIS H 176 20.63 5.86 -19.01
CA HIS H 176 21.66 4.89 -18.63
C HIS H 176 21.08 3.54 -18.27
N LEU H 177 19.80 3.47 -17.89
CA LEU H 177 19.20 2.20 -17.51
C LEU H 177 19.26 1.19 -18.65
N TYR H 178 19.36 1.66 -19.89
CA TYR H 178 19.37 0.80 -21.06
C TYR H 178 20.79 0.66 -21.60
N THR H 179 21.10 -0.52 -22.12
CA THR H 179 22.46 -0.78 -22.58
C THR H 179 22.86 0.16 -23.70
N TRP H 180 21.95 0.43 -24.64
CA TRP H 180 22.24 1.36 -25.71
C TRP H 180 22.25 2.81 -25.24
N GLY H 181 21.72 3.08 -24.05
CA GLY H 181 21.58 4.45 -23.59
C GLY H 181 22.88 5.03 -23.07
N GLY H 182 22.81 6.32 -22.74
CA GLY H 182 23.97 7.06 -22.26
C GLY H 182 23.82 7.54 -20.84
N ARG H 183 24.61 8.53 -20.47
CA ARG H 183 24.63 9.07 -19.11
C ARG H 183 24.22 10.55 -19.14
N THR H 184 23.57 10.96 -18.05
CA THR H 184 23.18 12.36 -17.91
C THR H 184 24.41 13.25 -17.81
N LYS H 185 25.43 12.82 -17.07
CA LYS H 185 26.66 13.58 -16.87
C LYS H 185 27.84 12.68 -17.18
N PRO H 186 28.13 12.44 -18.45
CA PRO H 186 29.25 11.58 -18.82
C PRO H 186 30.58 12.32 -18.68
N SER H 187 31.67 11.58 -18.90
CA SER H 187 33.01 12.15 -18.84
C SER H 187 33.37 12.72 -20.20
N LYS H 188 33.79 13.98 -20.21
CA LYS H 188 34.18 14.65 -21.45
C LYS H 188 35.55 15.29 -21.27
N PRO H 189 36.32 15.40 -22.36
CA PRO H 189 37.62 16.06 -22.24
C PRO H 189 37.51 17.48 -21.73
N TRP H 190 36.49 18.21 -22.16
CA TRP H 190 36.33 19.60 -21.72
C TRP H 190 35.79 19.68 -20.29
N ASN H 191 35.27 18.59 -19.74
CA ASN H 191 34.85 18.55 -18.35
C ASN H 191 35.94 18.05 -17.42
N MET H 192 36.93 17.33 -17.94
CA MET H 192 38.04 16.88 -17.09
C MET H 192 38.83 18.09 -16.61
N LEU H 193 39.82 17.82 -15.75
CA LEU H 193 40.62 18.86 -15.12
C LEU H 193 42.08 18.69 -15.46
N MET H 194 42.74 19.81 -15.74
CA MET H 194 44.20 19.84 -15.86
C MET H 194 44.75 20.74 -14.76
N PRO H 195 45.37 20.20 -13.72
CA PRO H 195 45.75 21.04 -12.57
C PRO H 195 46.69 22.16 -12.96
N THR H 196 46.58 23.27 -12.24
CA THR H 196 47.45 24.42 -12.42
C THR H 196 48.56 24.36 -11.39
N MET H 197 49.80 24.36 -11.86
CA MET H 197 50.97 24.31 -10.99
C MET H 197 51.53 25.71 -10.79
N ASP H 198 52.05 25.95 -9.58
CA ASP H 198 52.68 27.20 -9.24
C ASP H 198 54.18 27.08 -9.49
N VAL H 199 54.78 28.16 -10.00
CA VAL H 199 56.21 28.13 -10.30
C VAL H 199 57.01 27.86 -9.02
N LYS H 200 56.60 28.46 -7.91
CA LYS H 200 57.31 28.27 -6.66
C LYS H 200 57.30 26.81 -6.24
N THR H 201 56.10 26.20 -6.22
CA THR H 201 56.00 24.80 -5.81
C THR H 201 56.74 23.89 -6.77
N TRP H 202 56.63 24.16 -8.07
CA TRP H 202 57.31 23.32 -9.05
C TRP H 202 58.82 23.36 -8.85
N SER H 203 59.37 24.56 -8.69
CA SER H 203 60.81 24.69 -8.47
C SER H 203 61.24 24.00 -7.19
N LYS H 204 60.48 24.21 -6.10
CA LYS H 204 60.84 23.63 -4.83
C LYS H 204 60.84 22.10 -4.92
N SER H 205 59.80 21.53 -5.53
CA SER H 205 59.72 20.07 -5.64
C SER H 205 60.81 19.52 -6.54
N ASN H 206 61.10 20.20 -7.65
CA ASN H 206 62.16 19.71 -8.54
C ASN H 206 63.51 19.74 -7.85
N ARG H 207 63.80 20.81 -7.09
CA ARG H 207 65.07 20.87 -6.38
C ARG H 207 65.12 19.83 -5.26
N MET H 208 63.98 19.56 -4.61
CA MET H 208 63.94 18.48 -3.63
C MET H 208 64.24 17.14 -4.28
N MET H 209 63.69 16.90 -5.47
CA MET H 209 63.96 15.64 -6.16
C MET H 209 65.44 15.54 -6.56
N LEU H 210 66.02 16.64 -7.03
CA LEU H 210 67.45 16.64 -7.35
C LEU H 210 68.26 16.32 -6.10
N THR H 211 67.90 16.91 -4.97
CA THR H 211 68.61 16.62 -3.72
C THR H 211 68.43 15.17 -3.32
N LEU H 212 67.23 14.61 -3.54
CA LEU H 212 66.98 13.21 -3.23
C LEU H 212 67.89 12.30 -4.06
N LYS H 213 68.01 12.60 -5.35
CA LYS H 213 68.92 11.83 -6.19
C LYS H 213 70.36 11.97 -5.73
N MET H 214 70.76 13.19 -5.36
CA MET H 214 72.11 13.41 -4.88
C MET H 214 72.37 12.59 -3.61
N LEU H 215 71.42 12.59 -2.68
CA LEU H 215 71.56 11.82 -1.46
C LEU H 215 71.66 10.34 -1.75
N GLN H 216 70.80 9.83 -2.64
CA GLN H 216 70.87 8.42 -3.02
C GLN H 216 72.11 8.10 -3.82
N GLY H 217 72.85 9.11 -4.29
CA GLY H 217 74.07 8.86 -5.03
C GLY H 217 73.87 8.59 -6.49
N ARG H 218 72.67 8.81 -7.02
CA ARG H 218 72.38 8.56 -8.42
C ARG H 218 72.84 9.70 -9.33
N LEU H 219 73.33 10.80 -8.77
CA LEU H 219 73.72 11.96 -9.56
C LEU H 219 75.12 11.80 -10.12
N GLN H 220 75.31 12.27 -11.34
CA GLN H 220 76.62 12.22 -12.00
C GLN H 220 76.80 13.46 -12.85
N VAL H 221 77.89 14.15 -12.65
CA VAL H 221 78.22 15.35 -13.42
C VAL H 221 79.17 14.97 -14.54
N VAL H 222 78.82 15.35 -15.77
CA VAL H 222 79.59 15.01 -16.95
C VAL H 222 79.99 16.29 -17.66
N ASP H 223 81.24 16.34 -18.11
CA ASP H 223 81.75 17.53 -18.78
C ASP H 223 80.98 17.82 -20.07
N ARG H 224 80.74 16.79 -20.88
CA ARG H 224 80.06 16.95 -22.15
C ARG H 224 79.23 15.71 -22.45
N LEU H 225 78.18 15.91 -23.25
CA LEU H 225 77.32 14.83 -23.71
C LEU H 225 77.21 14.86 -25.22
N THR H 226 78.36 14.98 -25.88
CA THR H 226 78.42 15.03 -27.33
C THR H 226 78.84 13.66 -27.88
N LEU H 227 78.35 13.36 -29.08
CA LEU H 227 78.66 12.11 -29.77
C LEU H 227 79.50 12.40 -31.00
N GLU H 228 80.38 11.47 -31.36
CA GLU H 228 81.18 11.63 -32.57
C GLU H 228 80.30 11.73 -33.80
N GLU H 229 79.26 10.91 -33.89
CA GLU H 229 78.33 10.90 -35.01
C GLU H 229 76.91 10.89 -34.46
N PRO H 230 75.94 11.38 -35.22
CA PRO H 230 74.56 11.46 -34.73
C PRO H 230 73.78 10.15 -34.79
N THR H 231 74.44 9.03 -35.00
CA THR H 231 73.75 7.75 -35.11
C THR H 231 73.43 7.21 -33.71
N GLN H 232 72.81 6.03 -33.66
CA GLN H 232 72.49 5.37 -32.40
C GLN H 232 73.58 4.41 -31.93
N GLU H 233 74.36 3.85 -32.87
CA GLU H 233 75.46 2.99 -32.46
C GLU H 233 76.47 3.75 -31.62
N CYS H 234 76.76 5.01 -32.00
CA CYS H 234 77.69 5.82 -31.21
C CYS H 234 77.13 6.09 -29.82
N TYR H 235 75.82 6.37 -29.72
CA TYR H 235 75.21 6.59 -28.43
C TYR H 235 75.30 5.35 -27.56
N LEU H 236 75.03 4.17 -28.14
CA LEU H 236 75.14 2.93 -27.38
C LEU H 236 76.58 2.68 -26.94
N GLU H 237 77.54 2.99 -27.81
CA GLU H 237 78.95 2.83 -27.45
C GLU H 237 79.33 3.76 -26.30
N LEU H 238 78.85 5.00 -26.34
CA LEU H 238 79.11 5.92 -25.25
C LEU H 238 78.50 5.42 -23.95
N CYS H 239 77.27 4.90 -24.01
CA CYS H 239 76.65 4.34 -22.82
C CYS H 239 77.45 3.17 -22.27
N ARG H 240 77.93 2.30 -23.16
CA ARG H 240 78.74 1.17 -22.73
C ARG H 240 80.02 1.64 -22.06
N ASN H 241 80.69 2.64 -22.65
CA ASN H 241 81.94 3.14 -22.07
C ASN H 241 81.69 3.77 -20.72
N MET H 242 80.61 4.54 -20.58
CA MET H 242 80.31 5.24 -19.33
C MET H 242 79.61 4.35 -18.31
N SER H 243 79.30 3.10 -18.66
CA SER H 243 78.64 2.18 -17.75
C SER H 243 77.23 2.69 -17.41
N TRP H 244 76.51 3.09 -18.45
CA TRP H 244 75.13 3.52 -18.33
C TRP H 244 74.23 2.37 -18.79
N ASP H 245 73.31 1.95 -17.93
CA ASP H 245 72.41 0.83 -18.21
C ASP H 245 71.08 1.42 -18.67
N VAL H 246 70.96 1.63 -19.98
CA VAL H 246 69.75 2.21 -20.55
C VAL H 246 68.74 1.17 -21.01
N ARG H 247 68.94 -0.09 -20.63
CA ARG H 247 67.97 -1.12 -20.99
C ARG H 247 66.63 -0.85 -20.30
N HIS H 248 65.58 -1.46 -20.85
CA HIS H 248 64.26 -1.31 -20.27
C HIS H 248 64.17 -1.86 -18.85
N THR H 249 65.12 -2.70 -18.44
CA THR H 249 65.15 -3.29 -17.11
C THR H 249 66.53 -3.18 -16.52
N GLY H 250 67.19 -2.03 -16.72
CA GLY H 250 68.55 -1.83 -16.25
C GLY H 250 68.66 -0.76 -15.20
N GLY H 251 67.66 0.11 -15.12
CA GLY H 251 67.65 1.19 -14.15
C GLY H 251 67.35 2.53 -14.79
N GLY H 252 67.89 2.76 -15.97
CA GLY H 252 67.58 3.94 -16.74
C GLY H 252 68.48 5.12 -16.43
N VAL H 253 68.49 6.07 -17.36
CA VAL H 253 69.31 7.28 -17.24
C VAL H 253 68.50 8.48 -17.71
N LEU H 254 68.54 9.54 -16.91
CA LEU H 254 67.97 10.83 -17.27
C LEU H 254 69.11 11.77 -17.60
N PHE H 255 68.98 12.54 -18.67
CA PHE H 255 70.06 13.39 -19.17
C PHE H 255 69.59 14.84 -19.20
N MET H 256 70.27 15.72 -18.48
CA MET H 256 70.12 17.16 -18.61
C MET H 256 71.27 17.64 -19.48
N ASP H 257 71.05 17.66 -20.80
CA ASP H 257 72.14 17.95 -21.72
C ASP H 257 72.75 19.31 -21.45
N GLY H 258 71.98 20.38 -21.61
CA GLY H 258 72.50 21.71 -21.43
C GLY H 258 73.74 21.95 -22.28
N GLY H 259 74.89 22.07 -21.64
CA GLY H 259 76.11 22.28 -22.38
C GLY H 259 77.32 22.02 -21.50
N SER H 260 78.49 22.29 -22.05
CA SER H 260 79.73 22.12 -21.31
C SER H 260 79.94 23.31 -20.37
N ARG H 261 81.02 23.24 -19.58
CA ARG H 261 81.28 24.30 -18.62
C ARG H 261 81.55 25.63 -19.30
N ILE H 262 82.30 25.63 -20.40
CA ILE H 262 82.68 26.87 -21.05
C ILE H 262 81.61 27.38 -22.02
N THR H 263 80.79 26.49 -22.56
CA THR H 263 79.76 26.86 -23.54
C THR H 263 78.43 26.22 -23.16
N PRO H 264 77.81 26.66 -22.06
CA PRO H 264 76.45 26.20 -21.77
C PRO H 264 75.49 26.60 -22.88
N SER H 265 74.54 25.71 -23.16
CA SER H 265 73.55 25.94 -24.20
C SER H 265 72.18 25.46 -23.71
N SER H 266 71.15 26.21 -24.09
CA SER H 266 69.78 25.82 -23.78
C SER H 266 69.23 24.78 -24.74
N GLU H 267 69.88 24.57 -25.89
CA GLU H 267 69.45 23.60 -26.88
C GLU H 267 70.29 22.34 -26.78
N PHE H 268 69.63 21.21 -26.96
CA PHE H 268 70.32 19.92 -26.93
C PHE H 268 71.36 19.85 -28.02
N ASP H 269 72.49 19.23 -27.70
CA ASP H 269 73.53 18.99 -28.70
C ASP H 269 72.92 18.20 -29.85
N ARG H 270 73.23 18.61 -31.08
CA ARG H 270 72.56 18.02 -32.23
C ARG H 270 72.86 16.52 -32.33
N ALA H 271 74.14 16.15 -32.30
CA ALA H 271 74.52 14.75 -32.50
C ALA H 271 73.95 13.87 -31.39
N PHE H 272 74.09 14.30 -30.14
CA PHE H 272 73.61 13.49 -29.02
C PHE H 272 72.08 13.40 -29.04
N PHE H 273 71.40 14.49 -29.36
CA PHE H 273 69.95 14.45 -29.45
C PHE H 273 69.49 13.48 -30.52
N PHE H 274 70.15 13.49 -31.68
CA PHE H 274 69.80 12.54 -32.73
C PHE H 274 70.08 11.10 -32.32
N GLY H 275 71.22 10.86 -31.64
CA GLY H 275 71.61 9.51 -31.31
C GLY H 275 70.96 8.93 -30.07
N SER H 276 70.32 9.77 -29.26
CA SER H 276 69.72 9.31 -28.01
C SER H 276 68.36 8.68 -28.21
N PHE H 277 67.82 8.68 -29.43
CA PHE H 277 66.54 8.04 -29.70
C PHE H 277 66.77 6.54 -29.76
N PHE H 278 66.61 5.91 -28.60
CA PHE H 278 66.85 4.49 -28.41
C PHE H 278 65.66 3.86 -27.69
N ASN H 279 65.35 2.61 -28.02
CA ASN H 279 64.19 1.97 -27.44
C ASN H 279 64.27 1.92 -25.92
N GLY H 280 65.41 1.47 -25.39
CA GLY H 280 65.56 1.29 -23.96
C GLY H 280 65.17 2.52 -23.16
N ARG H 281 65.01 2.36 -21.84
CA ARG H 281 64.58 3.47 -21.00
C ARG H 281 65.74 4.45 -20.87
N ASN H 282 65.57 5.63 -21.43
CA ASN H 282 66.57 6.68 -21.35
C ASN H 282 65.89 7.97 -21.76
N LYS H 283 65.89 8.97 -20.88
CA LYS H 283 65.09 10.17 -21.06
C LYS H 283 66.01 11.38 -21.19
N ILE H 284 65.65 12.31 -22.06
CA ILE H 284 66.39 13.55 -22.25
C ILE H 284 65.49 14.70 -21.86
N VAL H 285 65.98 15.58 -20.99
CA VAL H 285 65.18 16.66 -20.43
C VAL H 285 65.94 17.97 -20.57
N ARG H 286 65.19 19.07 -20.49
CA ARG H 286 65.77 20.40 -20.56
C ARG H 286 66.56 20.72 -19.31
N PRO H 287 67.48 21.68 -19.38
CA PRO H 287 68.34 21.97 -18.23
C PRO H 287 67.69 22.89 -17.20
N THR H 288 66.37 23.05 -17.25
CA THR H 288 65.66 23.97 -16.38
C THR H 288 64.76 23.20 -15.42
N VAL H 289 64.58 23.77 -14.23
CA VAL H 289 63.64 23.26 -13.23
C VAL H 289 62.48 24.19 -12.99
N LEU H 290 62.53 25.42 -13.49
CA LEU H 290 61.43 26.35 -13.40
C LEU H 290 60.34 25.98 -14.41
N CYS H 291 59.27 26.77 -14.43
CA CYS H 291 58.19 26.55 -15.38
C CYS H 291 57.49 27.88 -15.63
N ASP H 292 57.10 28.11 -16.88
CA ASP H 292 56.37 29.32 -17.22
C ASP H 292 55.10 29.40 -16.41
N GLU H 293 54.80 30.59 -15.88
CA GLU H 293 53.62 30.78 -15.07
C GLU H 293 52.39 30.30 -15.82
N GLN H 294 51.76 29.25 -15.31
CA GLN H 294 50.60 28.68 -15.97
C GLN H 294 49.41 29.64 -15.90
N TYR H 295 48.60 29.60 -16.94
CA TYR H 295 47.46 30.51 -17.07
C TYR H 295 46.28 29.71 -17.60
N ASP H 296 45.09 30.32 -17.49
CA ASP H 296 43.87 29.70 -18.00
C ASP H 296 42.97 30.82 -18.51
N TYR H 297 43.09 31.11 -19.81
CA TYR H 297 42.23 32.13 -20.40
C TYR H 297 40.76 31.72 -20.32
N ASN H 298 40.46 30.45 -20.57
CA ASN H 298 39.09 29.95 -20.42
C ASN H 298 38.82 29.50 -18.99
N LYS H 299 39.12 30.39 -18.02
CA LYS H 299 38.88 30.06 -16.63
C LYS H 299 37.40 29.88 -16.32
N THR H 300 36.53 30.42 -17.16
CA THR H 300 35.11 30.15 -17.12
C THR H 300 34.69 29.66 -18.51
N ALA H 301 33.52 29.03 -18.58
CA ALA H 301 33.08 28.46 -19.84
C ALA H 301 32.66 29.56 -20.81
N ALA H 302 33.62 30.39 -21.23
CA ALA H 302 33.36 31.47 -22.17
C ALA H 302 33.47 30.99 -23.62
N LYS H 303 34.38 30.05 -23.88
CA LYS H 303 34.54 29.45 -25.20
C LYS H 303 33.92 28.07 -25.15
N GLN H 304 32.66 27.97 -25.59
CA GLN H 304 31.94 26.72 -25.48
C GLN H 304 32.53 25.60 -26.34
N ARG H 305 33.25 25.94 -27.41
CA ARG H 305 33.86 24.93 -28.28
C ARG H 305 35.31 24.66 -27.91
N MET H 306 35.65 24.77 -26.62
CA MET H 306 36.98 24.43 -26.13
C MET H 306 37.04 22.94 -25.86
N LYS H 307 37.76 22.20 -26.71
CA LYS H 307 37.92 20.75 -26.55
C LYS H 307 39.16 20.41 -25.73
N GLY H 308 39.28 21.03 -24.56
CA GLY H 308 40.42 20.81 -23.70
C GLY H 308 40.02 20.85 -22.24
N PRO H 309 40.78 20.16 -21.39
CA PRO H 309 40.41 20.06 -19.98
C PRO H 309 40.38 21.43 -19.30
N LYS H 310 39.49 21.55 -18.34
CA LYS H 310 39.40 22.75 -17.52
C LYS H 310 40.67 22.89 -16.69
N GLY H 311 41.17 24.11 -16.58
CA GLY H 311 42.38 24.36 -15.83
C GLY H 311 43.46 25.02 -16.68
N ALA H 312 44.71 24.87 -16.26
CA ALA H 312 45.81 25.52 -16.95
C ALA H 312 45.83 25.14 -18.43
N LYS H 313 45.99 26.15 -19.29
CA LYS H 313 46.13 25.93 -20.71
C LYS H 313 47.59 25.88 -21.15
N ASN H 314 48.52 25.92 -20.20
CA ASN H 314 49.95 25.86 -20.48
C ASN H 314 50.59 24.80 -19.59
N PRO H 315 50.26 23.53 -19.79
CA PRO H 315 50.84 22.48 -18.95
C PRO H 315 52.33 22.33 -19.19
N ILE H 316 53.00 21.78 -18.19
CA ILE H 316 54.46 21.61 -18.30
C ILE H 316 54.76 20.69 -19.48
N PRO H 317 55.70 21.05 -20.36
CA PRO H 317 56.06 20.13 -21.45
C PRO H 317 56.62 18.82 -20.93
N ILE H 318 56.48 17.78 -21.75
CA ILE H 318 56.82 16.43 -21.31
C ILE H 318 58.30 16.33 -20.98
N ASN H 319 59.15 16.94 -21.81
CA ASN H 319 60.59 16.77 -21.65
C ASN H 319 61.12 17.45 -20.39
N ARG H 320 60.32 18.27 -19.72
CA ARG H 320 60.78 18.94 -18.52
C ARG H 320 61.09 17.95 -17.41
N PHE H 321 62.12 18.26 -16.62
CA PHE H 321 62.47 17.43 -15.48
C PHE H 321 61.29 17.33 -14.51
N ASN H 322 61.06 16.13 -13.99
CA ASN H 322 59.92 15.92 -13.11
C ASN H 322 60.23 14.76 -12.16
N ALA H 323 59.47 14.70 -11.07
CA ALA H 323 59.68 13.68 -10.06
C ALA H 323 59.40 12.29 -10.62
N TYR H 324 58.38 12.15 -11.46
CA TYR H 324 58.07 10.84 -12.03
C TYR H 324 59.25 10.28 -12.81
N ASP H 325 59.79 11.07 -13.74
CA ASP H 325 60.93 10.62 -14.51
C ASP H 325 62.16 10.42 -13.63
N ALA H 326 62.37 11.32 -12.66
CA ALA H 326 63.52 11.18 -11.79
C ALA H 326 63.49 9.87 -11.01
N MET H 327 62.32 9.49 -10.51
CA MET H 327 62.18 8.22 -9.82
C MET H 327 62.26 7.01 -10.74
N LYS H 328 61.69 7.10 -11.94
CA LYS H 328 61.70 5.97 -12.86
C LYS H 328 63.11 5.67 -13.36
N HIS H 329 63.84 6.71 -13.74
CA HIS H 329 65.19 6.52 -14.25
C HIS H 329 66.18 6.47 -13.09
N ASP H 330 66.97 5.40 -13.04
CA ASP H 330 67.86 5.18 -11.91
C ASP H 330 68.88 6.30 -11.78
N ARG H 331 69.73 6.46 -12.80
CA ARG H 331 70.81 7.42 -12.73
C ARG H 331 70.41 8.75 -13.37
N LEU H 332 70.96 9.83 -12.82
CA LEU H 332 70.74 11.17 -13.33
C LEU H 332 72.08 11.74 -13.76
N VAL H 333 72.12 12.33 -14.94
CA VAL H 333 73.33 12.91 -15.51
C VAL H 333 73.07 14.39 -15.76
N ILE H 334 73.94 15.24 -15.23
CA ILE H 334 73.80 16.69 -15.39
C ILE H 334 75.13 17.24 -15.88
N THR H 335 75.07 18.06 -16.92
CA THR H 335 76.26 18.65 -17.50
C THR H 335 76.60 19.96 -16.80
N GLU H 336 77.85 20.39 -17.02
CA GLU H 336 78.29 21.67 -16.45
C GLU H 336 77.44 22.81 -16.96
N GLY H 337 77.07 22.78 -18.24
CA GLY H 337 76.17 23.80 -18.76
C GLY H 337 74.81 23.77 -18.07
N ALA H 338 74.30 22.57 -17.80
CA ALA H 338 73.03 22.45 -17.10
C ALA H 338 73.13 23.05 -15.70
N LEU H 339 74.22 22.76 -15.00
CA LEU H 339 74.41 23.36 -13.67
C LEU H 339 74.50 24.87 -13.75
N MET H 340 75.24 25.38 -14.75
CA MET H 340 75.35 26.83 -14.91
C MET H 340 73.99 27.46 -15.13
N GLN H 341 73.18 26.86 -16.01
CA GLN H 341 71.86 27.42 -16.30
C GLN H 341 70.95 27.35 -15.08
N LEU H 342 70.98 26.23 -14.35
CA LEU H 342 70.15 26.12 -13.16
C LEU H 342 70.52 27.20 -12.13
N GLU H 343 71.81 27.36 -11.86
CA GLU H 343 72.24 28.36 -10.90
C GLU H 343 71.87 29.76 -11.39
N ASP H 344 72.05 30.03 -12.68
CA ASP H 344 71.74 31.36 -13.21
C ASP H 344 70.26 31.67 -13.06
N GLU H 345 69.38 30.70 -13.35
CA GLU H 345 67.95 30.95 -13.28
C GLU H 345 67.39 30.92 -11.87
N LEU H 346 68.10 30.31 -10.91
CA LEU H 346 67.62 30.24 -9.54
C LEU H 346 68.29 31.23 -8.59
N TYR H 347 69.33 31.93 -9.04
CA TYR H 347 70.02 32.88 -8.16
C TYR H 347 69.09 33.98 -7.69
N GLU H 348 68.32 34.56 -8.60
CA GLU H 348 67.42 35.65 -8.23
C GLU H 348 66.36 35.16 -7.24
N HIS H 349 65.79 33.99 -7.47
CA HIS H 349 64.78 33.46 -6.56
C HIS H 349 65.38 33.21 -5.18
N LYS H 350 66.58 32.65 -5.12
CA LYS H 350 67.23 32.41 -3.83
C LYS H 350 67.46 33.73 -3.09
N LEU H 351 67.97 34.74 -3.78
CA LEU H 351 68.22 36.02 -3.14
C LEU H 351 66.92 36.64 -2.65
N GLN H 352 65.86 36.55 -3.45
CA GLN H 352 64.57 37.11 -3.04
C GLN H 352 64.03 36.38 -1.82
N ILE H 353 64.24 35.06 -1.76
CA ILE H 353 63.80 34.29 -0.59
C ILE H 353 64.55 34.72 0.65
N LEU H 354 65.82 35.07 0.50
CA LEU H 354 66.62 35.41 1.67
C LEU H 354 65.95 36.52 2.48
N PRO H 355 66.04 36.47 3.81
CA PRO H 355 65.38 37.50 4.64
C PRO H 355 66.07 38.85 4.49
N PRO H 356 65.51 39.91 5.06
CA PRO H 356 66.03 41.26 4.81
C PRO H 356 67.36 41.56 5.47
N HIS H 357 67.57 41.09 6.70
CA HIS H 357 68.83 41.37 7.38
C HIS H 357 69.99 40.63 6.73
N ILE H 358 69.74 39.69 5.83
CA ILE H 358 70.76 39.12 4.99
C ILE H 358 70.75 39.73 3.59
N ARG H 359 69.58 40.14 3.10
CA ARG H 359 69.49 40.82 1.81
C ARG H 359 70.34 42.08 1.82
N ASN H 360 70.25 42.87 2.90
CA ASN H 360 71.05 44.08 2.99
C ASN H 360 72.54 43.79 2.99
N GLN H 361 72.97 42.67 3.57
CA GLN H 361 74.38 42.30 3.58
C GLN H 361 74.86 41.76 2.25
N LEU H 362 73.97 41.18 1.45
CA LEU H 362 74.34 40.63 0.15
C LEU H 362 75.32 41.54 -0.60
N PRO H 363 74.95 42.79 -0.89
CA PRO H 363 75.89 43.65 -1.63
C PRO H 363 77.20 43.87 -0.90
N GLU H 364 77.16 43.92 0.44
CA GLU H 364 78.39 44.09 1.19
C GLU H 364 79.35 42.93 0.96
N TYR H 365 78.84 41.70 0.95
CA TYR H 365 79.67 40.54 0.68
C TYR H 365 79.93 40.33 -0.81
N GLY H 366 79.26 41.10 -1.67
CA GLY H 366 79.54 41.03 -3.10
C GLY H 366 78.69 40.05 -3.87
N TYR H 367 77.52 39.69 -3.35
CA TYR H 367 76.61 38.79 -4.04
C TYR H 367 75.64 39.53 -4.95
N LEU H 368 75.77 40.85 -5.08
CA LEU H 368 74.92 41.64 -5.96
C LEU H 368 75.77 42.60 -6.80
N ASP H 369 76.86 42.09 -7.36
CA ASP H 369 77.68 42.86 -8.28
C ASP H 369 77.03 42.82 -9.66
N SER H 370 76.35 43.89 -10.02
CA SER H 370 75.58 43.94 -11.26
C SER H 370 76.49 44.32 -12.42
N GLU H 371 76.54 43.46 -13.44
CA GLU H 371 77.33 43.76 -14.62
C GLU H 371 76.81 44.99 -15.35
N ALA H 372 75.50 45.23 -15.28
CA ALA H 372 74.91 46.36 -15.99
C ALA H 372 75.46 47.70 -15.48
N LEU H 373 75.81 47.78 -14.21
CA LEU H 373 76.29 49.02 -13.61
C LEU H 373 77.81 49.14 -13.67
N GLY H 374 78.49 48.20 -14.29
CA GLY H 374 79.93 48.22 -14.37
C GLY H 374 80.63 47.73 -13.11
N ASP H 375 79.89 47.24 -12.12
CA ASP H 375 80.52 46.77 -10.89
C ASP H 375 81.46 45.60 -11.16
N CYS H 376 81.16 44.79 -12.16
CA CYS H 376 82.00 43.64 -12.48
C CYS H 376 81.91 43.36 -13.97
N VAL H 377 82.90 42.64 -14.48
CA VAL H 377 82.89 42.24 -15.89
C VAL H 377 81.69 41.35 -16.13
N PRO H 378 81.03 41.41 -17.29
CA PRO H 378 79.80 40.63 -17.48
C PRO H 378 80.02 39.14 -17.24
N SER H 379 79.03 38.50 -16.63
CA SER H 379 79.10 37.11 -16.26
C SER H 379 78.95 36.21 -17.49
N LEU H 380 79.32 34.95 -17.32
CA LEU H 380 79.19 33.97 -18.39
C LEU H 380 77.72 33.58 -18.56
N LYS H 381 77.30 33.45 -19.82
CA LYS H 381 75.92 33.14 -20.17
C LYS H 381 75.91 32.09 -21.26
N THR H 382 74.74 31.47 -21.46
CA THR H 382 74.59 30.48 -22.52
C THR H 382 74.89 31.12 -23.87
N ILE H 383 75.03 30.28 -24.89
CA ILE H 383 75.32 30.78 -26.23
C ILE H 383 74.19 31.68 -26.70
N GLN H 384 72.95 31.24 -26.50
CA GLN H 384 71.80 32.03 -26.98
C GLN H 384 71.70 33.35 -26.25
N MET H 385 71.87 33.34 -24.92
CA MET H 385 71.79 34.58 -24.16
C MET H 385 72.91 35.53 -24.54
N GLU H 386 74.12 35.02 -24.74
CA GLU H 386 75.22 35.88 -25.15
C GLU H 386 74.97 36.47 -26.53
N ALA H 387 74.42 35.67 -27.45
CA ALA H 387 74.09 36.19 -28.77
C ALA H 387 73.03 37.29 -28.68
N ALA H 388 72.01 37.09 -27.85
CA ALA H 388 70.98 38.10 -27.68
C ALA H 388 71.57 39.38 -27.09
N ALA H 389 72.47 39.24 -26.11
CA ALA H 389 73.10 40.40 -25.51
C ALA H 389 73.95 41.16 -26.52
N ARG H 390 74.69 40.43 -27.36
CA ARG H 390 75.48 41.08 -28.40
C ARG H 390 74.58 41.81 -29.38
N THR H 391 73.45 41.21 -29.74
CA THR H 391 72.50 41.88 -30.62
C THR H 391 71.99 43.15 -29.99
N GLU H 392 71.66 43.11 -28.70
CA GLU H 392 71.21 44.32 -28.01
C GLU H 392 72.29 45.38 -28.02
N GLU H 393 73.53 44.99 -27.74
CA GLU H 393 74.62 45.96 -27.74
C GLU H 393 74.77 46.61 -29.11
N ALA H 394 74.72 45.82 -30.18
CA ALA H 394 74.86 46.37 -31.51
C ALA H 394 73.71 47.29 -31.86
N GLU H 395 72.48 46.92 -31.50
CA GLU H 395 71.32 47.74 -31.84
C GLU H 395 71.17 48.96 -30.95
N SER H 396 71.87 49.03 -29.82
CA SER H 396 71.72 50.17 -28.93
C SER H 396 72.06 51.49 -29.60
N ASP H 397 72.84 51.47 -30.69
CA ASP H 397 73.28 52.71 -31.31
C ASP H 397 72.11 53.52 -31.85
N MET H 398 71.15 52.86 -32.49
CA MET H 398 70.09 53.59 -33.18
C MET H 398 69.19 54.37 -32.22
N TYR H 399 69.19 54.02 -30.94
CA TYR H 399 68.40 54.76 -29.95
C TYR H 399 69.20 55.93 -29.40
N LYS H 400 69.62 56.83 -30.30
CA LYS H 400 70.43 57.97 -29.93
C LYS H 400 69.74 59.30 -30.21
N SER H 401 69.25 59.50 -31.43
CA SER H 401 68.66 60.78 -31.83
C SER H 401 67.15 60.83 -31.64
N PHE H 402 66.53 59.78 -31.10
CA PHE H 402 65.09 59.73 -30.94
C PHE H 402 64.69 59.94 -29.49
N ILE H 403 63.58 60.65 -29.30
CA ILE H 403 63.10 60.92 -27.95
C ILE H 403 62.76 59.62 -27.23
N ASP H 404 62.19 58.66 -27.95
CA ASP H 404 61.84 57.37 -27.36
C ASP H 404 63.08 56.48 -27.27
N ASN H 405 64.06 56.94 -26.50
CA ASN H 405 65.29 56.20 -26.29
C ASN H 405 65.09 55.29 -25.09
N PRO H 406 64.98 53.97 -25.28
CA PRO H 406 64.77 53.10 -24.11
C PRO H 406 65.89 53.17 -23.09
N TYR H 407 67.13 53.38 -23.53
CA TYR H 407 68.26 53.39 -22.61
C TYR H 407 68.31 54.69 -21.81
N ASN H 408 67.92 55.81 -22.42
CA ASN H 408 67.94 57.12 -21.77
C ASN H 408 66.59 57.78 -21.94
N PRO H 409 65.56 57.26 -21.26
CA PRO H 409 64.22 57.83 -21.38
C PRO H 409 64.02 59.06 -20.51
N TRP H 410 63.15 59.95 -20.99
CA TRP H 410 62.78 61.15 -20.24
C TRP H 410 64.01 61.95 -19.83
N LYS H 411 64.92 62.17 -20.78
CA LYS H 411 66.15 62.88 -20.47
C LYS H 411 65.87 64.29 -19.98
N ASP H 412 64.85 64.95 -20.53
CA ASP H 412 64.49 66.32 -20.16
C ASP H 412 63.40 66.36 -19.10
N ASN H 413 63.29 65.32 -18.26
CA ASN H 413 62.24 65.28 -17.26
C ASN H 413 62.40 66.35 -16.18
N MET H 414 63.61 66.87 -16.00
CA MET H 414 63.88 67.84 -14.94
C MET H 414 63.93 69.27 -15.46
N ASP H 415 64.69 69.52 -16.53
CA ASP H 415 64.82 70.88 -17.04
C ASP H 415 63.51 71.44 -17.58
N ALA H 416 62.55 70.57 -17.92
CA ALA H 416 61.27 71.04 -18.42
C ALA H 416 60.44 71.66 -17.30
N SER H 417 59.43 72.43 -17.69
CA SER H 417 58.53 73.08 -16.76
C SER H 417 57.12 72.61 -17.03
N TYR H 418 56.39 72.28 -15.97
CA TYR H 418 55.04 71.75 -16.08
C TYR H 418 54.03 72.85 -15.82
N ALA H 419 53.06 72.98 -16.72
CA ALA H 419 52.00 73.97 -16.61
C ALA H 419 50.66 73.26 -16.59
N VAL H 420 49.66 73.93 -16.01
CA VAL H 420 48.30 73.41 -15.92
C VAL H 420 47.39 74.32 -16.71
N ASP H 421 46.72 73.77 -17.72
CA ASP H 421 45.76 74.50 -18.54
C ASP H 421 44.38 74.16 -17.99
N GLY H 422 43.78 75.13 -17.29
CA GLY H 422 42.44 74.91 -16.77
C GLY H 422 41.39 74.78 -17.86
N ALA H 423 41.47 75.64 -18.87
CA ALA H 423 40.51 75.59 -19.96
C ALA H 423 40.55 74.24 -20.65
N ASP H 424 41.75 73.74 -20.95
CA ASP H 424 41.89 72.40 -21.49
C ASP H 424 41.71 71.33 -20.42
N GLY H 425 41.79 71.70 -19.15
CA GLY H 425 41.70 70.72 -18.09
C GLY H 425 42.82 69.71 -18.12
N THR H 426 44.02 70.13 -18.50
CA THR H 426 45.15 69.22 -18.69
C THR H 426 46.40 69.77 -18.02
N VAL H 427 47.44 68.95 -18.02
CA VAL H 427 48.77 69.33 -17.55
C VAL H 427 49.76 69.01 -18.65
N GLN H 428 50.62 69.97 -18.97
CA GLN H 428 51.49 69.89 -20.12
C GLN H 428 52.92 70.22 -19.73
N LYS H 429 53.85 69.74 -20.55
CA LYS H 429 55.27 70.03 -20.40
C LYS H 429 55.68 71.12 -21.39
N PHE H 430 56.70 71.89 -21.00
CA PHE H 430 57.25 72.92 -21.86
C PHE H 430 58.76 72.98 -21.67
N VAL H 431 59.49 73.01 -22.78
CA VAL H 431 60.93 73.19 -22.78
C VAL H 431 61.22 74.39 -23.66
N ASP H 432 61.76 75.45 -23.05
CA ASP H 432 62.05 76.70 -23.76
C ASP H 432 60.79 77.24 -24.45
N GLY H 433 59.64 77.08 -23.79
CA GLY H 433 58.39 77.58 -24.31
C GLY H 433 57.74 76.73 -25.37
N LYS H 434 58.26 75.55 -25.66
CA LYS H 434 57.69 74.65 -26.65
C LYS H 434 56.98 73.50 -25.96
N LYS H 435 55.74 73.25 -26.34
CA LYS H 435 54.96 72.18 -25.73
C LYS H 435 55.54 70.84 -26.14
N VAL H 436 56.03 70.08 -25.15
CA VAL H 436 56.64 68.78 -25.40
C VAL H 436 55.67 67.63 -25.18
N SER H 437 54.65 67.81 -24.35
CA SER H 437 53.68 66.74 -24.12
C SER H 437 52.96 66.40 -25.42
N TRP H 438 52.23 65.28 -25.40
CA TRP H 438 51.49 64.80 -26.55
C TRP H 438 50.02 64.66 -26.16
N SER H 439 49.14 65.30 -26.93
CA SER H 439 47.69 65.18 -26.73
C SER H 439 47.27 63.79 -27.19
N MET H 440 47.08 62.88 -26.24
CA MET H 440 46.79 61.50 -26.57
C MET H 440 45.54 61.39 -27.44
N LEU H 441 45.64 60.57 -28.49
CA LEU H 441 44.55 60.38 -29.44
C LEU H 441 43.47 59.48 -28.84
N SER H 442 42.25 59.68 -29.30
CA SER H 442 41.11 58.89 -28.84
C SER H 442 40.02 58.85 -29.90
N VAL I 1 25.26 27.31 -64.83
CA VAL I 1 26.64 27.46 -65.27
C VAL I 1 26.80 28.78 -66.00
N ALA I 2 27.95 29.42 -65.81
CA ALA I 2 28.26 30.69 -66.46
C ALA I 2 29.42 30.49 -67.42
N PRO I 3 29.18 30.41 -68.74
CA PRO I 3 30.31 30.27 -69.67
C PRO I 3 31.27 31.43 -69.59
N TRP I 4 30.77 32.64 -69.34
CA TRP I 4 31.59 33.84 -69.21
C TRP I 4 31.26 34.51 -67.89
N VAL I 5 32.27 34.69 -67.04
CA VAL I 5 32.10 35.32 -65.74
C VAL I 5 32.44 36.80 -65.89
N PRO I 6 31.50 37.71 -65.65
CA PRO I 6 31.82 39.13 -65.81
C PRO I 6 32.95 39.53 -64.89
N PRO I 7 33.83 40.43 -65.32
CA PRO I 7 34.93 40.86 -64.47
C PRO I 7 34.45 41.83 -63.41
N PRO I 8 35.34 42.30 -62.53
CA PRO I 8 34.94 43.31 -61.55
C PRO I 8 34.38 44.56 -62.23
N ARG I 9 33.39 45.18 -61.61
CA ARG I 9 32.64 46.25 -62.27
C ARG I 9 33.52 47.47 -62.57
N HIS I 10 34.40 47.85 -61.65
CA HIS I 10 35.22 49.06 -61.80
C HIS I 10 36.67 48.67 -61.52
N ASP I 11 37.37 48.24 -62.56
CA ASP I 11 38.75 47.77 -62.43
C ASP I 11 39.66 48.55 -63.36
N ILE I 12 39.53 49.88 -63.37
CA ILE I 12 40.39 50.71 -64.21
C ILE I 12 41.80 50.83 -63.66
N LYS I 13 41.99 50.61 -62.35
CA LYS I 13 43.30 50.75 -61.73
C LYS I 13 44.26 49.71 -62.30
N VAL I 14 45.54 50.09 -62.38
CA VAL I 14 46.56 49.19 -62.89
C VAL I 14 47.26 48.43 -61.77
N THR I 15 47.32 49.01 -60.57
CA THR I 15 47.96 48.38 -59.42
C THR I 15 46.99 48.12 -58.27
N MET I 16 46.20 49.12 -57.88
CA MET I 16 45.26 48.95 -56.79
C MET I 16 44.08 48.08 -57.24
N PRO I 17 43.47 47.35 -56.32
CA PRO I 17 42.33 46.51 -56.67
C PRO I 17 41.09 47.35 -56.88
N PRO I 18 40.04 46.78 -57.45
CA PRO I 18 38.80 47.53 -57.63
C PRO I 18 38.14 47.80 -56.29
N PRO I 19 37.30 48.83 -56.19
CA PRO I 19 36.60 49.10 -54.94
C PRO I 19 35.66 47.96 -54.60
N PRO I 20 35.11 47.94 -53.39
CA PRO I 20 34.15 46.88 -53.05
C PRO I 20 32.97 46.90 -54.01
N GLY I 21 32.49 45.70 -54.34
CA GLY I 21 31.46 45.59 -55.37
C GLY I 21 30.24 46.42 -55.08
N GLY I 22 29.88 46.57 -53.80
CA GLY I 22 28.69 47.34 -53.46
C GLY I 22 28.84 48.83 -53.71
N GLU I 23 30.06 49.36 -53.69
CA GLU I 23 30.25 50.79 -53.88
C GLU I 23 29.82 51.23 -55.27
N VAL I 24 30.16 50.44 -56.28
CA VAL I 24 29.92 50.81 -57.67
C VAL I 24 28.71 50.08 -58.24
N GLY I 25 28.57 48.78 -57.96
CA GLY I 25 27.46 48.01 -58.51
C GLY I 25 26.19 48.16 -57.69
N GLY I 26 25.55 47.04 -57.37
CA GLY I 26 24.31 47.07 -56.62
C GLY I 26 24.18 45.95 -55.63
N ARG I 27 25.30 45.30 -55.29
CA ARG I 27 25.32 44.20 -54.33
C ARG I 27 26.34 44.51 -53.24
N PHE I 28 25.87 44.59 -52.00
CA PHE I 28 26.72 44.87 -50.86
C PHE I 28 27.03 43.57 -50.12
N GLY I 29 27.69 43.70 -48.97
CA GLY I 29 28.01 42.56 -48.12
C GLY I 29 29.49 42.26 -48.02
N VAL I 30 30.35 42.97 -48.74
CA VAL I 30 31.79 42.76 -48.66
C VAL I 30 32.47 44.12 -48.61
N SER I 31 33.50 44.23 -47.76
CA SER I 31 34.21 45.47 -47.57
C SER I 31 35.48 45.58 -48.39
N GLN I 32 36.00 44.47 -48.92
CA GLN I 32 37.26 44.45 -49.66
C GLN I 32 37.01 43.98 -51.08
N GLY I 33 37.35 44.84 -52.05
CA GLY I 33 37.26 44.43 -53.43
C GLY I 33 38.40 43.53 -53.84
N TYR I 34 38.15 42.74 -54.89
CA TYR I 34 39.13 41.79 -55.39
C TYR I 34 39.06 41.73 -56.90
N SER I 35 40.21 41.46 -57.52
CA SER I 35 40.27 41.30 -58.98
C SER I 35 41.29 40.19 -59.26
N ASP I 36 40.81 39.11 -59.87
CA ASP I 36 41.69 37.98 -60.16
C ASP I 36 42.82 38.38 -61.10
N ARG I 37 42.54 39.24 -62.08
CA ARG I 37 43.59 39.70 -62.98
C ARG I 37 44.73 40.34 -62.21
N LEU I 38 44.40 41.31 -61.35
CA LEU I 38 45.42 41.99 -60.58
C LEU I 38 46.14 41.05 -59.64
N ALA I 39 45.39 40.16 -58.98
CA ALA I 39 46.01 39.23 -58.03
C ALA I 39 47.01 38.31 -58.74
N ARG I 40 46.63 37.81 -59.92
CA ARG I 40 47.50 36.89 -60.64
C ARG I 40 48.68 37.61 -61.28
N THR I 41 48.51 38.87 -61.65
CA THR I 41 49.59 39.60 -62.30
C THR I 41 50.78 39.71 -61.34
N PRO I 42 51.98 39.32 -61.76
CA PRO I 42 53.13 39.42 -60.85
C PRO I 42 53.37 40.84 -60.40
N TYR I 43 53.90 40.97 -59.18
CA TYR I 43 54.15 42.29 -58.62
C TYR I 43 55.11 43.09 -59.49
N TRP I 44 56.17 42.44 -59.99
CA TRP I 44 57.12 43.15 -60.83
C TRP I 44 56.45 43.68 -62.09
N LYS I 45 55.56 42.89 -62.69
CA LYS I 45 54.87 43.34 -63.90
C LYS I 45 53.98 44.54 -63.61
N ARG I 46 53.24 44.50 -62.50
CA ARG I 46 52.38 45.64 -62.15
C ARG I 46 53.20 46.89 -61.91
N MET I 47 54.32 46.76 -61.19
CA MET I 47 55.19 47.91 -60.96
C MET I 47 55.78 48.43 -62.26
N ALA I 48 56.17 47.52 -63.16
CA ALA I 48 56.69 47.94 -64.47
C ALA I 48 55.63 48.73 -65.24
N LEU I 49 54.40 48.23 -65.28
CA LEU I 49 53.35 48.92 -66.00
C LEU I 49 53.05 50.28 -65.37
N SER I 50 53.04 50.36 -64.05
CA SER I 50 52.74 51.60 -63.35
C SER I 50 54.00 52.47 -63.22
N THR I 51 53.78 53.70 -62.80
CA THR I 51 54.86 54.65 -62.54
C THR I 51 54.57 55.33 -61.21
N TYR I 52 55.64 55.82 -60.57
CA TYR I 52 55.52 56.35 -59.21
C TYR I 52 54.39 57.36 -59.12
N LYS I 53 54.33 58.30 -60.06
CA LYS I 53 53.25 59.28 -60.05
C LYS I 53 51.91 58.57 -60.20
N LEU I 54 51.80 57.64 -61.15
CA LEU I 54 50.56 56.89 -61.31
C LEU I 54 50.26 56.05 -60.10
N ARG I 55 51.28 55.43 -59.51
CA ARG I 55 51.07 54.62 -58.31
C ARG I 55 50.47 55.46 -57.19
N MET I 56 51.03 56.65 -56.96
CA MET I 56 50.49 57.52 -55.92
C MET I 56 49.07 57.97 -56.26
N MET I 57 48.82 58.30 -57.53
CA MET I 57 47.48 58.72 -57.93
C MET I 57 46.46 57.63 -57.65
N GLU I 58 46.77 56.39 -58.02
CA GLU I 58 45.82 55.29 -57.80
C GLU I 58 45.76 54.87 -56.35
N ASN I 59 46.81 55.14 -55.57
CA ASN I 59 46.77 54.86 -54.13
C ASN I 59 45.91 55.86 -53.38
N ALA I 60 45.92 57.12 -53.80
CA ALA I 60 45.15 58.14 -53.10
C ALA I 60 43.70 57.70 -52.94
N THR I 61 43.26 57.63 -51.69
CA THR I 61 41.91 57.19 -51.37
C THR I 61 41.20 58.28 -50.58
N ARG I 62 39.94 58.52 -50.94
CA ARG I 62 39.11 59.48 -50.23
C ARG I 62 38.56 58.82 -48.96
N TYR I 63 38.87 59.40 -47.81
CA TYR I 63 38.45 58.87 -46.52
C TYR I 63 37.90 59.99 -45.67
N PRO I 64 36.79 59.79 -44.94
CA PRO I 64 35.99 58.56 -44.87
C PRO I 64 34.91 58.48 -45.95
N MET I 65 34.86 59.49 -46.82
CA MET I 65 33.82 59.55 -47.84
C MET I 65 34.12 58.56 -48.96
N SER I 66 33.12 58.35 -49.82
CA SER I 66 33.23 57.45 -50.95
C SER I 66 33.51 58.22 -52.23
N GLU I 67 34.33 57.63 -53.09
CA GLU I 67 34.68 58.27 -54.35
C GLU I 67 33.55 58.17 -55.37
N HIS I 68 32.83 57.05 -55.39
CA HIS I 68 31.81 56.84 -56.41
C HIS I 68 30.47 57.42 -55.99
N ARG I 69 30.12 57.33 -54.72
CA ARG I 69 28.87 57.89 -54.21
C ARG I 69 29.15 59.15 -53.43
N PRO I 70 29.14 60.33 -54.07
CA PRO I 70 29.51 61.55 -53.35
C PRO I 70 28.56 61.82 -52.18
N GLY I 71 29.11 62.36 -51.10
CA GLY I 71 28.32 62.71 -49.95
C GLY I 71 27.87 61.53 -49.10
N GLU I 72 28.56 60.41 -49.19
CA GLU I 72 28.22 59.23 -48.39
C GLU I 72 29.50 58.53 -47.97
N TYR I 73 29.53 58.06 -46.73
CA TYR I 73 30.69 57.33 -46.23
C TYR I 73 30.86 56.03 -47.00
N ASP I 74 32.10 55.72 -47.36
CA ASP I 74 32.37 54.48 -48.08
C ASP I 74 32.09 53.28 -47.19
N ILE I 75 31.58 52.21 -47.82
CA ILE I 75 31.16 51.04 -47.07
C ILE I 75 32.33 50.25 -46.48
N ARG I 76 33.53 50.40 -47.02
CA ARG I 76 34.67 49.63 -46.54
C ARG I 76 35.15 50.07 -45.16
N TYR I 77 34.65 51.20 -44.65
CA TYR I 77 35.01 51.67 -43.32
C TYR I 77 33.88 51.56 -42.31
N LEU I 78 32.64 51.35 -42.77
CA LEU I 78 31.52 51.22 -41.87
C LEU I 78 31.63 49.91 -41.07
N PRO I 79 30.95 49.83 -39.92
CA PRO I 79 31.04 48.61 -39.11
C PRO I 79 30.59 47.38 -39.88
N THR I 80 29.70 47.57 -40.86
CA THR I 80 29.27 46.48 -41.71
C THR I 80 29.39 46.95 -43.15
N PRO I 81 29.70 46.05 -44.10
CA PRO I 81 29.93 46.50 -45.49
C PRO I 81 28.70 47.05 -46.19
N TYR I 82 27.56 47.13 -45.52
CA TYR I 82 26.38 47.70 -46.14
C TYR I 82 26.38 49.22 -45.96
N PRO I 83 25.70 49.96 -46.84
CA PRO I 83 25.78 51.42 -46.79
C PRO I 83 25.10 52.00 -45.56
N CYS I 84 25.60 53.17 -45.16
CA CYS I 84 25.03 53.87 -44.02
C CYS I 84 23.59 54.26 -44.31
N THR I 85 22.71 54.04 -43.34
CA THR I 85 21.29 54.28 -43.51
C THR I 85 20.83 55.61 -42.94
N ILE I 86 21.71 56.39 -42.32
CA ILE I 86 21.29 57.64 -41.69
C ILE I 86 20.76 58.60 -42.75
N ARG I 87 21.46 58.74 -43.87
CA ARG I 87 21.03 59.67 -44.90
C ARG I 87 19.84 59.13 -45.69
N ASN I 88 19.84 57.84 -46.01
CA ASN I 88 18.78 57.21 -46.81
C ASN I 88 17.74 56.51 -45.94
N ARG I 89 17.52 57.03 -44.73
CA ARG I 89 16.50 56.46 -43.86
C ARG I 89 15.11 56.60 -44.50
N PRO I 90 14.16 55.75 -44.10
CA PRO I 90 12.81 55.86 -44.66
C PRO I 90 12.18 57.20 -44.31
N LEU I 91 11.18 57.58 -45.12
CA LEU I 91 10.58 58.90 -44.98
C LEU I 91 9.96 59.09 -43.60
N LEU I 92 9.24 58.08 -43.11
CA LEU I 92 8.50 58.18 -41.86
C LEU I 92 9.09 57.18 -40.86
N GLU I 93 9.32 57.65 -39.63
CA GLU I 93 9.85 56.78 -38.60
C GLU I 93 8.79 55.76 -38.19
N VAL I 94 9.23 54.76 -37.41
CA VAL I 94 8.34 53.68 -37.01
C VAL I 94 7.19 54.22 -36.17
N GLY I 95 7.50 55.12 -35.24
CA GLY I 95 6.49 55.70 -34.37
C GLY I 95 6.02 57.08 -34.78
N GLU I 96 6.59 57.66 -35.83
CA GLU I 96 6.22 59.02 -36.23
C GLU I 96 4.87 59.00 -36.94
N PRO I 97 3.86 59.69 -36.43
CA PRO I 97 2.61 59.83 -37.20
C PRO I 97 2.82 60.69 -38.42
N ARG I 98 2.05 60.40 -39.47
CA ARG I 98 2.16 61.14 -40.72
C ARG I 98 1.49 62.50 -40.54
N GLN I 99 2.30 63.54 -40.33
CA GLN I 99 1.83 64.92 -40.28
C GLN I 99 2.75 65.74 -41.19
N ILE I 100 2.43 65.76 -42.48
CA ILE I 100 3.20 66.47 -43.49
C ILE I 100 2.25 67.44 -44.18
N PRO I 101 2.48 68.75 -44.12
CA PRO I 101 1.52 69.68 -44.72
C PRO I 101 1.51 69.62 -46.24
N SER I 102 0.60 70.38 -46.86
CA SER I 102 0.51 70.43 -48.31
C SER I 102 1.67 71.27 -48.83
N ILE I 103 2.82 70.60 -49.00
CA ILE I 103 4.02 71.30 -49.44
C ILE I 103 3.79 71.89 -50.83
N ARG I 104 4.47 73.00 -51.10
CA ARG I 104 4.42 73.66 -52.40
C ARG I 104 5.78 73.53 -53.08
N ILE I 105 5.75 73.39 -54.39
CA ILE I 105 6.98 73.18 -55.16
C ILE I 105 7.13 74.26 -56.22
N PRO I 106 8.36 74.59 -56.64
CA PRO I 106 8.54 75.61 -57.67
C PRO I 106 8.35 75.05 -59.07
N VAL I 107 7.58 75.79 -59.87
CA VAL I 107 7.26 75.39 -61.23
C VAL I 107 7.51 76.57 -62.15
N ILE I 108 8.20 76.31 -63.25
CA ILE I 108 8.44 77.30 -64.30
C ILE I 108 7.30 77.19 -65.30
N PHE I 109 6.60 78.29 -65.52
CA PHE I 109 5.48 78.32 -66.45
C PHE I 109 5.98 78.58 -67.87
N LEU I 110 5.61 77.69 -68.79
CA LEU I 110 6.00 77.81 -70.18
C LEU I 110 5.06 78.68 -71.00
N VAL I 111 3.92 79.09 -70.44
CA VAL I 111 2.97 79.91 -71.17
C VAL I 111 2.17 80.70 -70.14
N ASN I 112 1.77 81.92 -70.51
CA ASN I 112 0.99 82.77 -69.63
C ASN I 112 -0.36 82.14 -69.38
N LEU I 113 -0.56 81.61 -68.17
CA LEU I 113 -1.81 80.93 -67.80
C LEU I 113 -2.68 81.89 -67.02
N PHE I 114 -3.90 82.12 -67.51
CA PHE I 114 -4.82 83.09 -66.93
C PHE I 114 -5.94 82.32 -66.22
N ASP I 115 -5.97 82.44 -64.89
CA ASP I 115 -7.05 81.87 -64.11
C ASP I 115 -8.31 82.71 -64.33
N GLU I 116 -9.24 82.20 -65.13
CA GLU I 116 -10.47 82.92 -65.41
C GLU I 116 -11.43 82.90 -64.22
N ALA I 117 -11.45 81.80 -63.46
CA ALA I 117 -12.34 81.74 -62.30
C ALA I 117 -11.98 82.80 -61.27
N LYS I 118 -10.70 82.97 -61.00
CA LYS I 118 -10.23 83.98 -60.05
C LYS I 118 -9.94 85.33 -60.69
N GLY I 119 -9.98 85.40 -62.02
CA GLY I 119 -9.66 86.66 -62.69
C GLY I 119 -8.24 87.12 -62.46
N CYS I 120 -7.27 86.21 -62.53
CA CYS I 120 -5.88 86.54 -62.28
C CYS I 120 -4.95 85.75 -63.19
N TRP I 121 -3.65 85.76 -62.89
CA TRP I 121 -2.66 85.01 -63.66
C TRP I 121 -1.96 84.03 -62.74
N PHE I 122 -1.95 82.75 -63.12
CA PHE I 122 -1.18 81.77 -62.37
C PHE I 122 0.31 82.10 -62.44
N GLY I 123 0.79 82.46 -63.61
CA GLY I 123 2.19 82.81 -63.80
C GLY I 123 2.49 83.17 -65.24
N ARG I 124 3.50 84.02 -65.45
CA ARG I 124 3.87 84.44 -66.78
C ARG I 124 4.84 83.44 -67.41
N ARG I 125 5.06 83.60 -68.71
CA ARG I 125 5.94 82.69 -69.44
C ARG I 125 7.36 82.77 -68.89
N TYR I 126 7.98 81.61 -68.70
CA TYR I 126 9.34 81.53 -68.17
C TYR I 126 9.47 82.22 -66.81
N GLU I 127 8.50 82.03 -65.94
CA GLU I 127 8.52 82.56 -64.59
C GLU I 127 8.28 81.44 -63.59
N THR I 128 8.91 81.57 -62.42
CA THR I 128 8.84 80.56 -61.38
C THR I 128 7.78 80.92 -60.35
N VAL I 129 6.92 79.96 -60.03
CA VAL I 129 5.85 80.15 -59.05
C VAL I 129 5.77 78.91 -58.19
N TYR I 130 5.57 79.11 -56.88
CA TYR I 130 5.40 78.00 -55.95
C TYR I 130 3.93 77.59 -55.97
N VAL I 131 3.66 76.37 -56.42
CA VAL I 131 2.30 75.89 -56.61
C VAL I 131 2.12 74.60 -55.80
N GLU I 132 0.89 74.09 -55.79
CA GLU I 132 0.56 72.87 -55.08
C GLU I 132 1.12 71.66 -55.81
N ARG I 133 1.58 70.68 -55.05
CA ARG I 133 2.14 69.47 -55.65
C ARG I 133 1.09 68.75 -56.50
N GLN I 134 -0.08 68.51 -55.93
CA GLN I 134 -1.12 67.79 -56.66
C GLN I 134 -1.56 68.58 -57.89
N PHE I 135 -1.75 69.89 -57.75
CA PHE I 135 -2.13 70.71 -58.88
C PHE I 135 -1.10 70.61 -60.00
N MET I 136 0.17 70.74 -59.64
CA MET I 136 1.24 70.70 -60.64
C MET I 136 1.28 69.34 -61.35
N ARG I 137 1.19 68.25 -60.59
CA ARG I 137 1.32 66.93 -61.20
C ARG I 137 0.05 66.47 -61.89
N GLU I 138 -1.08 67.12 -61.65
CA GLU I 138 -2.36 66.67 -62.20
C GLU I 138 -2.86 67.53 -63.35
N GLU I 139 -2.59 68.84 -63.35
CA GLU I 139 -3.14 69.72 -64.37
C GLU I 139 -2.06 70.44 -65.17
N LEU I 140 -1.11 71.11 -64.50
CA LEU I 140 -0.12 71.88 -65.24
C LEU I 140 0.76 70.99 -66.11
N MET I 141 1.33 69.94 -65.52
CA MET I 141 2.27 69.09 -66.24
C MET I 141 1.63 68.42 -67.45
N PRO I 142 0.50 67.72 -67.29
CA PRO I 142 -0.11 67.07 -68.46
C PRO I 142 -0.50 68.05 -69.54
N GLN I 143 -0.95 69.25 -69.17
CA GLN I 143 -1.26 70.27 -70.17
C GLN I 143 -0.01 70.90 -70.77
N ARG I 144 1.17 70.58 -70.25
CA ARG I 144 2.43 71.15 -70.71
C ARG I 144 2.46 72.67 -70.53
N TYR I 145 1.69 73.19 -69.59
CA TYR I 145 1.72 74.62 -69.30
C TYR I 145 2.88 75.01 -68.40
N ALA I 146 3.52 74.06 -67.75
CA ALA I 146 4.63 74.36 -66.85
C ALA I 146 5.38 73.07 -66.55
N ILE I 147 6.59 73.23 -66.01
CA ILE I 147 7.46 72.12 -65.65
C ILE I 147 8.06 72.38 -64.28
N TYR I 148 8.59 71.33 -63.65
CA TYR I 148 9.24 71.49 -62.36
C TYR I 148 10.47 72.38 -62.51
N ALA I 149 10.81 73.08 -61.43
CA ALA I 149 11.96 73.98 -61.43
C ALA I 149 13.20 73.19 -60.99
N THR I 150 14.11 72.97 -61.93
CA THR I 150 15.36 72.26 -61.69
C THR I 150 16.49 73.05 -62.32
N PRO I 151 17.70 72.99 -61.75
CA PRO I 151 18.83 73.66 -62.40
C PRO I 151 19.02 73.22 -63.85
N GLU I 152 18.85 71.92 -64.13
CA GLU I 152 18.94 71.46 -65.51
C GLU I 152 17.84 72.06 -66.36
N ALA I 153 16.64 72.18 -65.81
CA ALA I 153 15.54 72.79 -66.56
C ALA I 153 15.84 74.25 -66.89
N TYR I 154 16.38 74.99 -65.91
CA TYR I 154 16.76 76.37 -66.17
C TYR I 154 17.84 76.46 -67.24
N LYS I 155 18.83 75.55 -67.17
CA LYS I 155 19.87 75.55 -68.19
C LYS I 155 19.29 75.29 -69.57
N LEU I 156 18.37 74.33 -69.67
CA LEU I 156 17.75 74.03 -70.95
C LEU I 156 16.96 75.21 -71.48
N LEU I 157 16.18 75.86 -70.61
CA LEU I 157 15.38 77.01 -71.04
C LEU I 157 16.21 78.24 -71.31
N GLY I 158 17.46 78.27 -70.86
CA GLY I 158 18.32 79.43 -71.04
C GLY I 158 18.21 80.48 -69.97
N LEU I 159 17.28 80.33 -69.03
CA LEU I 159 17.15 81.27 -67.93
C LEU I 159 18.30 81.11 -66.95
N PRO I 160 18.59 82.14 -66.16
CA PRO I 160 19.65 81.99 -65.14
C PRO I 160 19.37 80.82 -64.22
N VAL I 161 20.41 80.03 -63.93
CA VAL I 161 20.22 78.80 -63.17
C VAL I 161 20.14 79.11 -61.68
N VAL I 162 19.07 78.63 -61.04
CA VAL I 162 18.90 78.74 -59.61
C VAL I 162 18.61 77.34 -59.07
N ASN I 163 19.36 76.95 -58.03
CA ASN I 163 19.26 75.59 -57.48
C ASN I 163 18.25 75.60 -56.34
N HIS I 164 16.97 75.62 -56.72
CA HIS I 164 15.90 75.48 -55.73
C HIS I 164 16.01 74.11 -55.07
N HIS I 165 16.34 74.09 -53.78
CA HIS I 165 16.48 72.83 -53.07
C HIS I 165 15.12 72.22 -52.81
N THR I 166 14.47 71.73 -53.87
CA THR I 166 13.12 71.19 -53.76
C THR I 166 13.18 69.81 -53.11
N HIS I 167 12.49 69.67 -51.98
CA HIS I 167 12.43 68.40 -51.24
C HIS I 167 13.82 67.92 -50.85
N GLU I 168 14.75 68.86 -50.61
CA GLU I 168 16.07 68.48 -50.14
C GLU I 168 15.98 67.75 -48.82
N GLU I 169 15.18 68.27 -47.89
CA GLU I 169 14.89 67.62 -46.62
C GLU I 169 13.38 67.71 -46.41
N ILE I 170 12.69 66.60 -46.69
CA ILE I 170 11.23 66.62 -46.63
C ILE I 170 10.79 66.97 -45.21
N PRO I 171 9.95 68.00 -45.01
CA PRO I 171 9.47 68.29 -43.67
C PRO I 171 8.52 67.21 -43.16
N LYS I 172 8.53 67.03 -41.84
CA LYS I 172 7.70 66.03 -41.19
C LYS I 172 6.70 66.61 -40.23
N THR I 173 6.60 67.94 -40.14
CA THR I 173 5.64 68.61 -39.27
C THR I 173 5.33 69.97 -39.87
N PRO I 174 4.20 70.57 -39.51
CA PRO I 174 3.93 71.94 -39.98
C PRO I 174 5.00 72.92 -39.54
N ARG I 175 5.55 72.76 -38.33
CA ARG I 175 6.62 73.64 -37.89
C ARG I 175 7.87 73.46 -38.75
N GLU I 176 8.19 72.20 -39.09
CA GLU I 176 9.35 71.96 -39.94
C GLU I 176 9.13 72.54 -41.33
N TYR I 177 7.90 72.45 -41.85
CA TYR I 177 7.59 73.07 -43.12
C TYR I 177 7.74 74.59 -43.05
N GLU I 178 7.33 75.19 -41.93
CA GLU I 178 7.51 76.62 -41.75
C GLU I 178 8.99 76.98 -41.72
N LYS I 179 9.81 76.16 -41.06
CA LYS I 179 11.25 76.39 -41.07
C LYS I 179 11.80 76.31 -42.49
N LEU I 180 11.35 75.33 -43.27
CA LEU I 180 11.78 75.24 -44.66
C LEU I 180 11.38 76.47 -45.45
N LEU I 181 10.15 76.94 -45.25
CA LEU I 181 9.70 78.15 -45.95
C LEU I 181 10.55 79.35 -45.57
N GLU I 182 10.88 79.48 -44.28
CA GLU I 182 11.70 80.59 -43.84
C GLU I 182 13.09 80.51 -44.47
N ARG I 183 13.67 79.32 -44.54
CA ARG I 183 14.98 79.17 -45.17
C ARG I 183 14.91 79.51 -46.65
N GLN I 184 13.85 79.09 -47.34
CA GLN I 184 13.70 79.43 -48.75
C GLN I 184 13.58 80.93 -48.93
N ARG I 185 12.78 81.59 -48.07
CA ARG I 185 12.63 83.05 -48.16
C ARG I 185 13.96 83.74 -47.93
N TYR I 186 14.75 83.26 -46.96
CA TYR I 186 16.07 83.84 -46.72
C TYR I 186 16.96 83.68 -47.94
N ASP I 187 17.04 82.45 -48.48
CA ASP I 187 17.90 82.21 -49.64
C ASP I 187 17.46 83.04 -50.84
N GLU I 188 16.17 83.34 -50.94
CA GLU I 188 15.69 84.13 -52.07
C GLU I 188 15.97 85.62 -51.86
N GLU I 189 15.44 86.19 -50.80
CA GLU I 189 15.66 87.61 -50.47
C GLU I 189 16.70 87.75 -49.36
N ARG I 190 17.92 87.29 -49.66
CA ARG I 190 19.03 87.52 -48.74
C ARG I 190 19.22 88.99 -48.43
N TRP I 191 18.89 89.88 -49.39
CA TRP I 191 19.08 91.30 -49.16
C TRP I 191 18.17 91.84 -48.07
N LYS I 192 17.06 91.16 -47.78
CA LYS I 192 16.15 91.60 -46.73
C LYS I 192 16.70 91.36 -45.33
N TYR I 193 17.81 90.63 -45.20
CA TYR I 193 18.40 90.35 -43.90
C TYR I 193 19.61 91.23 -43.59
N THR I 194 19.82 92.28 -44.36
CA THR I 194 20.90 93.21 -44.07
C THR I 194 20.52 94.13 -42.92
N ILE I 195 21.52 94.70 -42.27
CA ILE I 195 21.28 95.60 -41.15
C ILE I 195 20.51 96.83 -41.62
N GLU I 196 20.88 97.37 -42.80
CA GLU I 196 20.20 98.55 -43.30
C GLU I 196 18.72 98.28 -43.54
N TYR I 197 18.39 97.15 -44.15
CA TYR I 197 16.99 96.81 -44.36
C TYR I 197 16.28 96.56 -43.03
N LEU I 198 16.96 95.92 -42.09
CA LEU I 198 16.35 95.65 -40.79
C LEU I 198 15.99 96.95 -40.08
N PHE I 199 16.88 97.95 -40.13
CA PHE I 199 16.64 99.24 -39.51
C PHE I 199 16.08 100.27 -40.49
N ARG I 200 15.52 99.82 -41.61
CA ARG I 200 14.99 100.75 -42.60
C ARG I 200 13.97 101.70 -41.99
N LYS I 201 13.07 101.18 -41.15
CA LYS I 201 12.05 102.03 -40.54
C LYS I 201 12.65 103.10 -39.63
N TYR I 202 13.90 102.94 -39.22
CA TYR I 202 14.63 103.97 -38.48
C TYR I 202 15.69 104.64 -39.33
N GLU I 203 15.38 104.87 -40.61
CA GLU I 203 16.36 105.38 -41.56
C GLU I 203 16.99 106.69 -41.09
N ASP I 204 16.16 107.63 -40.63
CA ASP I 204 16.62 108.95 -40.21
C ASP I 204 16.49 109.16 -38.72
N GLY I 205 15.31 108.90 -38.15
CA GLY I 205 15.09 109.09 -36.73
C GLY I 205 13.72 108.59 -36.31
N PRO I 206 13.44 108.64 -35.01
CA PRO I 206 12.14 108.17 -34.51
C PRO I 206 11.00 108.94 -35.16
N PRO I 207 9.90 108.25 -35.51
CA PRO I 207 8.78 108.98 -36.11
C PRO I 207 8.25 110.10 -35.24
N GLU I 208 8.19 109.88 -33.93
CA GLU I 208 7.68 110.92 -33.04
C GLU I 208 8.57 112.16 -33.06
N LEU I 209 9.89 111.96 -33.09
CA LEU I 209 10.80 113.09 -33.21
C LEU I 209 10.66 113.78 -34.56
N LEU I 210 10.48 113.01 -35.62
CA LEU I 210 10.30 113.59 -36.95
C LEU I 210 9.09 114.52 -36.96
N ASP I 211 9.28 115.70 -37.53
CA ASP I 211 8.21 116.68 -37.61
C ASP I 211 7.18 116.28 -38.66
N ARG I 212 6.01 116.89 -38.57
CA ARG I 212 4.93 116.62 -39.51
C ARG I 212 4.86 117.70 -40.58
N LEU J 1 -67.25 -12.79 104.07
CA LEU J 1 -67.67 -13.86 103.19
C LEU J 1 -69.19 -13.95 103.13
N PRO J 2 -69.74 -14.48 102.05
CA PRO J 2 -71.19 -14.59 101.94
C PRO J 2 -71.76 -15.57 102.96
N GLU J 3 -72.98 -15.29 103.39
CA GLU J 3 -73.59 -16.06 104.47
C GLU J 3 -74.11 -17.40 103.95
N ALA J 4 -74.29 -18.34 104.89
CA ALA J 4 -74.53 -19.73 104.53
C ALA J 4 -75.84 -19.91 103.78
N LEU J 5 -76.89 -19.19 104.18
CA LEU J 5 -78.20 -19.40 103.55
C LEU J 5 -78.13 -19.12 102.06
N VAL J 6 -77.55 -17.98 101.67
CA VAL J 6 -77.42 -17.68 100.24
C VAL J 6 -76.39 -18.59 99.59
N VAL J 7 -75.29 -18.88 100.30
CA VAL J 7 -74.21 -19.68 99.70
C VAL J 7 -74.71 -21.06 99.31
N GLU J 8 -75.59 -21.65 100.13
CA GLU J 8 -76.08 -22.99 99.84
C GLU J 8 -76.80 -23.03 98.51
N LYS J 9 -77.78 -22.15 98.32
CA LYS J 9 -78.53 -22.14 97.07
C LYS J 9 -77.63 -21.74 95.91
N ALA J 10 -76.70 -20.81 96.14
CA ALA J 10 -75.81 -20.38 95.07
C ALA J 10 -74.96 -21.55 94.57
N ARG J 11 -74.34 -22.29 95.48
CA ARG J 11 -73.54 -23.43 95.06
C ARG J 11 -74.41 -24.51 94.43
N ASP J 12 -75.60 -24.74 94.98
CA ASP J 12 -76.47 -25.76 94.42
C ASP J 12 -76.85 -25.44 92.98
N ILE J 13 -77.11 -24.16 92.69
CA ILE J 13 -77.58 -23.82 91.34
C ILE J 13 -76.41 -23.63 90.38
N PHE J 14 -75.25 -23.17 90.86
CA PHE J 14 -74.10 -22.94 90.00
C PHE J 14 -73.16 -24.13 89.93
N GLY J 15 -73.48 -25.24 90.59
CA GLY J 15 -72.62 -26.41 90.51
C GLY J 15 -72.39 -26.85 89.08
N ARG J 16 -71.13 -27.16 88.78
CA ARG J 16 -70.74 -27.60 87.44
C ARG J 16 -70.87 -29.11 87.32
N PRO J 17 -71.56 -29.63 86.31
CA PRO J 17 -71.76 -31.08 86.22
C PRO J 17 -70.47 -31.79 85.84
N GLU J 18 -70.51 -33.12 85.98
CA GLU J 18 -69.35 -33.93 85.64
C GLU J 18 -69.02 -33.79 84.16
N PHE J 19 -67.80 -33.34 83.89
CA PHE J 19 -67.37 -33.15 82.51
C PHE J 19 -66.96 -34.48 81.90
N PRO J 20 -67.54 -34.89 80.77
CA PRO J 20 -67.17 -36.18 80.17
C PRO J 20 -65.70 -36.25 79.78
N GLY J 21 -65.14 -35.12 79.38
CA GLY J 21 -63.77 -35.07 78.92
C GLY J 21 -63.59 -35.21 77.42
N LYS J 22 -64.67 -35.18 76.64
CA LYS J 22 -64.57 -35.29 75.20
C LYS J 22 -63.90 -34.05 74.62
N ARG J 23 -63.37 -34.20 73.41
CA ARG J 23 -62.78 -33.07 72.71
C ARG J 23 -63.85 -32.00 72.47
N VAL J 24 -63.58 -30.79 72.92
CA VAL J 24 -64.53 -29.70 72.81
C VAL J 24 -64.45 -29.09 71.41
N LEU J 25 -65.61 -28.71 70.88
CA LEU J 25 -65.70 -27.98 69.61
C LEU J 25 -66.03 -26.51 69.81
N HIS J 26 -67.05 -26.21 70.60
CA HIS J 26 -67.52 -24.83 70.76
C HIS J 26 -67.66 -24.49 72.23
N ASN J 27 -67.36 -23.23 72.56
CA ASN J 27 -67.52 -22.70 73.90
C ASN J 27 -68.09 -21.30 73.78
N TRP J 28 -69.34 -21.12 74.19
CA TRP J 28 -70.01 -19.83 74.12
C TRP J 28 -70.39 -19.35 75.52
N ARG J 29 -70.56 -18.04 75.64
CA ARG J 29 -71.06 -17.43 76.88
C ARG J 29 -72.19 -16.49 76.52
N PHE J 30 -73.33 -16.66 77.20
CA PHE J 30 -74.53 -15.87 76.93
C PHE J 30 -75.05 -15.31 78.24
N PHE J 31 -75.91 -14.29 78.12
CA PHE J 31 -76.59 -13.69 79.27
C PHE J 31 -78.07 -14.00 79.14
N ILE J 32 -78.59 -14.80 80.06
CA ILE J 32 -79.97 -15.30 79.99
C ILE J 32 -80.69 -14.92 81.27
N LYS J 33 -81.87 -14.32 81.13
CA LYS J 33 -82.66 -13.95 82.29
C LYS J 33 -83.02 -15.18 83.12
N ALA J 34 -82.96 -15.02 84.44
CA ALA J 34 -83.22 -16.13 85.36
C ALA J 34 -84.69 -16.55 85.33
N GLY J 35 -85.60 -15.58 85.35
CA GLY J 35 -87.02 -15.89 85.37
C GLY J 35 -87.50 -16.64 84.15
N LYS J 36 -87.07 -16.25 82.95
CA LYS J 36 -87.48 -16.90 81.73
C LYS J 36 -86.25 -17.16 80.87
N ALA J 37 -86.32 -18.23 80.08
CA ALA J 37 -85.24 -18.58 79.16
C ALA J 37 -85.88 -19.16 77.90
N ALA J 38 -85.97 -18.34 76.86
CA ALA J 38 -86.54 -18.74 75.58
C ALA J 38 -85.42 -18.91 74.55
N THR J 39 -85.80 -19.40 73.38
CA THR J 39 -84.86 -19.62 72.29
C THR J 39 -84.52 -18.26 71.67
N GLY J 40 -83.65 -17.53 72.36
CA GLY J 40 -83.21 -16.23 71.91
C GLY J 40 -82.65 -16.29 70.50
N PRO J 41 -82.56 -15.15 69.83
CA PRO J 41 -82.07 -15.13 68.45
C PRO J 41 -80.71 -15.79 68.33
N PRO J 42 -79.71 -15.33 69.08
CA PRO J 42 -78.35 -15.87 68.87
C PRO J 42 -78.22 -17.32 69.31
N VAL J 43 -78.81 -17.68 70.45
CA VAL J 43 -78.74 -19.07 70.91
C VAL J 43 -79.39 -19.99 69.89
N GLY J 44 -80.58 -19.61 69.41
CA GLY J 44 -81.26 -20.43 68.42
C GLY J 44 -80.47 -20.55 67.13
N GLN J 45 -79.89 -19.44 66.67
CA GLN J 45 -79.10 -19.49 65.44
C GLN J 45 -77.90 -20.40 65.59
N GLU J 46 -77.18 -20.31 66.71
CA GLU J 46 -76.01 -21.15 66.90
C GLU J 46 -76.40 -22.62 67.03
N PHE J 47 -77.48 -22.91 67.76
CA PHE J 47 -77.93 -24.29 67.87
C PHE J 47 -78.36 -24.85 66.53
N SER J 48 -79.04 -24.05 65.70
CA SER J 48 -79.40 -24.50 64.36
C SER J 48 -78.14 -24.74 63.52
N LYS J 49 -77.15 -23.86 63.63
CA LYS J 49 -75.91 -24.06 62.88
C LYS J 49 -75.24 -25.37 63.27
N LEU J 50 -75.16 -25.66 64.57
CA LEU J 50 -74.56 -26.91 65.02
C LEU J 50 -75.44 -28.13 64.77
N GLY J 51 -76.73 -27.93 64.54
CA GLY J 51 -77.63 -29.04 64.29
C GLY J 51 -78.24 -29.59 65.57
N LEU J 52 -78.66 -28.71 66.47
CA LEU J 52 -79.23 -29.08 67.74
C LEU J 52 -80.48 -28.27 68.02
N LYS J 53 -81.35 -28.81 68.87
CA LYS J 53 -82.60 -28.17 69.24
C LYS J 53 -82.37 -27.43 70.56
N ALA J 54 -82.61 -26.12 70.55
CA ALA J 54 -82.42 -25.32 71.76
C ALA J 54 -83.62 -25.33 72.68
N MET J 55 -84.75 -25.92 72.27
CA MET J 55 -85.93 -25.94 73.12
C MET J 55 -85.69 -26.77 74.38
N ASP J 56 -85.01 -27.90 74.25
CA ASP J 56 -84.71 -28.73 75.42
C ASP J 56 -83.82 -27.97 76.40
N PHE J 57 -82.79 -27.29 75.89
CA PHE J 57 -81.92 -26.50 76.75
C PHE J 57 -82.70 -25.40 77.43
N ALA J 58 -83.59 -24.72 76.70
CA ALA J 58 -84.38 -23.66 77.30
C ALA J 58 -85.28 -24.20 78.39
N LYS J 59 -85.92 -25.34 78.15
CA LYS J 59 -86.80 -25.92 79.16
C LYS J 59 -86.01 -26.30 80.41
N VAL J 60 -84.84 -26.92 80.24
CA VAL J 60 -84.05 -27.31 81.40
C VAL J 60 -83.59 -26.08 82.17
N PHE J 61 -83.14 -25.06 81.45
CA PHE J 61 -82.68 -23.84 82.11
C PHE J 61 -83.81 -23.18 82.89
N ASN J 62 -85.00 -23.09 82.29
CA ASN J 62 -86.13 -22.51 82.99
C ASN J 62 -86.47 -23.32 84.24
N ASP J 63 -86.52 -24.64 84.12
CA ASP J 63 -86.86 -25.48 85.26
C ASP J 63 -85.86 -25.30 86.39
N ARG J 64 -84.57 -25.25 86.06
CA ARG J 64 -83.55 -25.15 87.10
C ARG J 64 -83.39 -23.74 87.65
N THR J 65 -83.83 -22.71 86.93
CA THR J 65 -83.55 -21.33 87.32
C THR J 65 -84.74 -20.58 87.87
N LYS J 66 -85.91 -20.66 87.23
CA LYS J 66 -87.02 -19.79 87.60
C LYS J 66 -87.42 -19.94 89.07
N PRO J 67 -87.61 -21.14 89.62
CA PRO J 67 -88.06 -21.23 91.02
C PRO J 67 -87.08 -20.64 92.02
N HIS J 68 -85.78 -20.72 91.75
CA HIS J 68 -84.76 -20.41 92.76
C HIS J 68 -84.10 -19.06 92.56
N PHE J 69 -84.64 -18.20 91.70
CA PHE J 69 -84.01 -16.92 91.41
C PHE J 69 -85.04 -15.79 91.41
N LYS J 70 -84.55 -14.59 91.71
CA LYS J 70 -85.38 -13.40 91.68
C LYS J 70 -85.64 -12.97 90.24
N GLU J 71 -86.72 -12.22 90.05
CA GLU J 71 -87.08 -11.74 88.72
C GLU J 71 -86.06 -10.74 88.21
N ASP J 72 -85.94 -10.67 86.89
CA ASP J 72 -85.04 -9.73 86.22
C ASP J 72 -83.60 -9.92 86.70
N VAL J 73 -83.16 -11.17 86.73
CA VAL J 73 -81.80 -11.52 87.09
C VAL J 73 -81.20 -12.24 85.88
N GLU J 74 -80.18 -11.64 85.26
CA GLU J 74 -79.55 -12.21 84.08
C GLU J 74 -78.26 -12.91 84.49
N LEU J 75 -78.20 -14.22 84.22
CA LEU J 75 -77.08 -15.06 84.59
C LEU J 75 -76.22 -15.36 83.37
N ILE J 76 -74.93 -15.61 83.62
CA ILE J 76 -73.98 -15.93 82.56
C ILE J 76 -73.97 -17.45 82.38
N VAL J 77 -74.48 -17.91 81.25
CA VAL J 77 -74.53 -19.33 80.94
C VAL J 77 -73.42 -19.63 79.94
N ARG J 78 -72.52 -20.54 80.32
CA ARG J 78 -71.44 -20.99 79.46
C ARG J 78 -71.81 -22.35 78.89
N ILE J 79 -71.86 -22.43 77.56
CA ILE J 79 -72.27 -23.63 76.85
C ILE J 79 -71.04 -24.24 76.18
N GLN J 80 -70.79 -25.51 76.48
CA GLN J 80 -69.67 -26.26 75.92
C GLN J 80 -70.24 -27.40 75.09
N VAL J 81 -69.89 -27.43 73.80
CA VAL J 81 -70.40 -28.43 72.86
C VAL J 81 -69.21 -29.21 72.30
N TYR J 82 -69.29 -30.54 72.36
CA TYR J 82 -68.22 -31.41 71.97
C TYR J 82 -68.40 -31.86 70.51
N PHE J 83 -67.55 -32.80 70.09
CA PHE J 83 -67.59 -33.27 68.70
C PHE J 83 -68.72 -34.26 68.46
N ASP J 84 -69.29 -34.85 69.51
CA ASP J 84 -70.43 -35.73 69.38
C ASP J 84 -71.76 -34.98 69.37
N LYS J 85 -71.71 -33.65 69.23
CA LYS J 85 -72.88 -32.77 69.33
C LYS J 85 -73.52 -32.82 70.71
N SER J 86 -72.81 -33.33 71.71
CA SER J 86 -73.29 -33.28 73.08
C SER J 86 -72.90 -31.96 73.72
N TYR J 87 -73.85 -31.34 74.42
CA TYR J 87 -73.68 -30.01 74.95
C TYR J 87 -73.97 -30.00 76.45
N LEU J 88 -73.24 -29.15 77.16
CA LEU J 88 -73.46 -28.90 78.57
C LEU J 88 -73.50 -27.40 78.82
N PHE J 89 -74.19 -27.01 79.89
CA PHE J 89 -74.33 -25.61 80.24
C PHE J 89 -74.02 -25.42 81.72
N THR J 90 -73.23 -24.41 82.04
CA THR J 90 -72.91 -24.06 83.42
C THR J 90 -73.37 -22.63 83.68
N ILE J 91 -74.09 -22.44 84.77
CA ILE J 91 -74.64 -21.14 85.13
C ILE J 91 -73.70 -20.45 86.12
N GLU J 92 -73.56 -19.14 85.97
CA GLU J 92 -72.76 -18.32 86.87
C GLU J 92 -73.51 -17.04 87.15
N PRO J 93 -73.28 -16.41 88.29
CA PRO J 93 -74.03 -15.20 88.65
C PRO J 93 -73.81 -14.10 87.63
N PRO J 94 -74.61 -13.04 87.68
CA PRO J 94 -74.50 -11.97 86.68
C PRO J 94 -73.12 -11.34 86.72
N PRO J 95 -72.79 -10.51 85.73
CA PRO J 95 -71.46 -9.89 85.69
C PRO J 95 -71.31 -8.81 86.75
N THR J 96 -70.04 -8.51 87.05
CA THR J 96 -69.74 -7.45 88.01
C THR J 96 -70.33 -6.11 87.57
N ALA J 97 -70.39 -5.87 86.26
CA ALA J 97 -71.03 -4.64 85.78
C ALA J 97 -72.51 -4.62 86.15
N TRP J 98 -73.19 -5.76 86.00
CA TRP J 98 -74.60 -5.84 86.39
C TRP J 98 -74.74 -5.62 87.89
N PHE J 99 -73.85 -6.22 88.68
CA PHE J 99 -73.91 -6.02 90.13
C PHE J 99 -73.73 -4.56 90.50
N ILE J 100 -72.77 -3.89 89.86
CA ILE J 100 -72.53 -2.47 90.16
C ILE J 100 -73.73 -1.63 89.76
N LEU J 101 -74.31 -1.90 88.59
CA LEU J 101 -75.49 -1.14 88.16
C LEU J 101 -76.64 -1.34 89.13
N ARG J 102 -76.87 -2.58 89.57
CA ARG J 102 -77.94 -2.84 90.52
C ARG J 102 -77.68 -2.12 91.84
N ALA J 103 -76.44 -2.16 92.33
CA ALA J 103 -76.12 -1.52 93.60
C ALA J 103 -76.33 0.00 93.52
N LEU J 104 -75.89 0.61 92.41
CA LEU J 104 -75.96 2.05 92.26
C LEU J 104 -77.31 2.54 91.74
N ARG J 105 -78.22 1.63 91.38
CA ARG J 105 -79.53 2.02 90.86
C ARG J 105 -79.38 2.89 89.62
N LYS J 106 -78.42 2.53 88.77
CA LYS J 106 -78.11 3.28 87.57
C LYS J 106 -78.53 2.50 86.34
N LYS J 107 -78.67 3.23 85.23
CA LYS J 107 -79.03 2.63 83.95
C LYS J 107 -77.78 2.18 83.20
N ARG J 108 -77.99 1.35 82.18
CA ARG J 108 -76.86 0.82 81.42
C ARG J 108 -76.04 1.92 80.78
N ARG J 109 -76.70 2.92 80.19
CA ARG J 109 -76.03 4.02 79.52
C ARG J 109 -75.83 5.23 80.42
N GLU J 110 -76.22 5.15 81.68
CA GLU J 110 -76.06 6.28 82.59
C GLU J 110 -74.63 6.42 83.09
N THR J 111 -73.80 5.41 82.88
CA THR J 111 -72.41 5.41 83.34
C THR J 111 -71.46 5.20 82.17
N GLY J 112 -70.38 5.96 82.16
CA GLY J 112 -69.35 5.84 81.15
C GLY J 112 -68.02 6.39 81.64
N PRO J 113 -66.95 6.10 80.92
CA PRO J 113 -65.63 6.58 81.35
C PRO J 113 -65.58 8.08 81.48
N VAL J 114 -64.90 8.56 82.52
CA VAL J 114 -64.82 10.00 82.77
C VAL J 114 -64.17 10.74 81.60
N PRO J 115 -63.00 10.34 81.09
CA PRO J 115 -62.39 11.15 80.02
C PRO J 115 -63.26 11.28 78.79
N LEU J 116 -64.05 10.26 78.46
CA LEU J 116 -64.92 10.34 77.29
C LEU J 116 -66.28 10.94 77.65
N ARG J 117 -66.96 10.34 78.65
CA ARG J 117 -68.28 10.85 79.03
C ARG J 117 -68.18 12.27 79.57
N GLY J 118 -67.17 12.55 80.40
CA GLY J 118 -66.88 13.90 80.84
C GLY J 118 -67.66 14.40 82.03
N HIS J 119 -68.44 13.55 82.69
CA HIS J 119 -69.21 13.96 83.86
C HIS J 119 -69.00 12.95 84.99
N TYR J 120 -69.12 13.43 86.22
CA TYR J 120 -68.98 12.58 87.41
C TYR J 120 -70.27 11.81 87.60
N CYS J 121 -70.29 10.55 87.15
CA CYS J 121 -71.50 9.75 87.23
C CYS J 121 -71.94 9.55 88.68
N ALA J 122 -71.11 8.89 89.47
CA ALA J 122 -71.44 8.60 90.86
C ALA J 122 -70.18 8.11 91.56
N LEU J 123 -70.34 7.73 92.82
CA LEU J 123 -69.24 7.26 93.66
C LEU J 123 -69.46 5.81 94.06
N MET J 124 -68.35 5.09 94.22
CA MET J 124 -68.37 3.68 94.60
C MET J 124 -67.62 3.51 95.90
N THR J 125 -68.10 2.60 96.75
CA THR J 125 -67.57 2.44 98.10
C THR J 125 -66.85 1.11 98.25
N LEU J 126 -65.74 1.12 98.98
CA LEU J 126 -64.95 -0.10 99.17
C LEU J 126 -65.78 -1.20 99.83
N GLU J 127 -66.68 -0.84 100.75
CA GLU J 127 -67.56 -1.85 101.34
C GLU J 127 -68.46 -2.48 100.29
N MET J 128 -69.00 -1.66 99.39
CA MET J 128 -69.82 -2.20 98.30
C MET J 128 -69.00 -3.12 97.41
N ALA J 129 -67.76 -2.74 97.11
CA ALA J 129 -66.90 -3.60 96.30
C ALA J 129 -66.63 -4.92 97.01
N TYR J 130 -66.38 -4.88 98.31
CA TYR J 130 -66.16 -6.10 99.08
C TYR J 130 -67.40 -7.00 99.03
N GLU J 131 -68.58 -6.40 99.20
CA GLU J 131 -69.82 -7.18 99.15
C GLU J 131 -70.02 -7.81 97.78
N ILE J 132 -69.73 -7.06 96.71
CA ILE J 132 -69.87 -7.61 95.36
C ILE J 132 -68.90 -8.77 95.16
N ALA J 133 -67.66 -8.60 95.61
CA ALA J 133 -66.68 -9.67 95.47
C ALA J 133 -67.12 -10.92 96.23
N LYS J 134 -67.63 -10.74 97.45
CA LYS J 134 -68.12 -11.88 98.22
C LYS J 134 -69.30 -12.55 97.52
N MET J 135 -70.20 -11.76 96.95
CA MET J 135 -71.38 -12.32 96.29
C MET J 135 -71.04 -12.98 94.97
N LYS J 136 -69.89 -12.66 94.37
CA LYS J 136 -69.48 -13.22 93.09
C LYS J 136 -68.09 -13.83 93.23
N PRO J 137 -67.99 -15.02 93.83
CA PRO J 137 -66.69 -15.69 93.96
C PRO J 137 -66.27 -16.34 92.65
N LEU J 138 -64.98 -16.71 92.60
CA LEU J 138 -64.47 -17.43 91.44
C LEU J 138 -65.06 -18.83 91.36
N CYS J 139 -65.06 -19.55 92.48
CA CYS J 139 -65.62 -20.89 92.55
C CYS J 139 -66.54 -20.98 93.76
N TRP J 140 -67.75 -21.50 93.55
CA TRP J 140 -68.73 -21.59 94.63
C TRP J 140 -68.40 -22.72 95.59
N GLY J 141 -67.80 -23.79 95.10
CA GLY J 141 -67.36 -24.86 95.99
C GLY J 141 -66.18 -24.50 96.86
N ARG J 142 -65.35 -23.54 96.42
CA ARG J 142 -64.20 -23.08 97.19
C ARG J 142 -64.17 -21.56 97.14
N PRO J 143 -65.14 -20.90 97.79
CA PRO J 143 -65.25 -19.44 97.67
C PRO J 143 -64.19 -18.68 98.46
N GLU J 144 -63.83 -19.19 99.64
CA GLU J 144 -62.87 -18.49 100.48
C GLU J 144 -61.45 -18.58 99.93
N TYR J 145 -61.13 -19.64 99.20
CA TYR J 145 -59.76 -19.82 98.71
C TYR J 145 -59.30 -18.69 97.80
N PRO J 146 -60.06 -18.27 96.80
CA PRO J 146 -59.60 -17.15 95.95
C PRO J 146 -59.38 -15.90 96.78
N LEU J 147 -58.34 -15.15 96.43
CA LEU J 147 -57.93 -14.01 97.24
C LEU J 147 -58.98 -12.90 97.21
N LEU J 148 -59.46 -12.54 98.39
CA LEU J 148 -60.40 -11.42 98.49
C LEU J 148 -59.76 -10.14 97.99
N GLU J 149 -58.47 -9.93 98.28
CA GLU J 149 -57.79 -8.73 97.80
C GLU J 149 -57.77 -8.69 96.28
N THR J 150 -57.45 -9.82 95.64
CA THR J 150 -57.44 -9.85 94.18
C THR J 150 -58.83 -9.61 93.62
N ARG J 151 -59.85 -10.23 94.23
CA ARG J 151 -61.21 -10.05 93.74
C ARG J 151 -61.65 -8.58 93.84
N VAL J 152 -61.36 -7.94 94.97
CA VAL J 152 -61.75 -6.55 95.13
C VAL J 152 -60.95 -5.65 94.19
N ARG J 153 -59.67 -5.97 93.96
CA ARG J 153 -58.89 -5.18 93.00
C ARG J 153 -59.50 -5.30 91.60
N ARG J 154 -59.90 -6.51 91.20
CA ARG J 154 -60.56 -6.68 89.91
C ARG J 154 -61.85 -5.89 89.85
N VAL J 155 -62.64 -5.92 90.93
CA VAL J 155 -63.92 -5.22 90.93
C VAL J 155 -63.70 -3.72 90.78
N VAL J 156 -62.75 -3.17 91.53
CA VAL J 156 -62.51 -1.72 91.47
C VAL J 156 -61.93 -1.34 90.10
N GLY J 157 -61.08 -2.20 89.53
CA GLY J 157 -60.58 -1.92 88.19
C GLY J 157 -61.68 -1.90 87.16
N GLN J 158 -62.61 -2.86 87.23
CA GLN J 158 -63.73 -2.88 86.30
C GLN J 158 -64.62 -1.65 86.50
N ALA J 159 -64.84 -1.25 87.75
CA ALA J 159 -65.62 -0.05 88.01
C ALA J 159 -64.94 1.18 87.43
N ARG J 160 -63.61 1.27 87.58
CA ARG J 160 -62.88 2.39 87.02
C ARG J 160 -62.99 2.41 85.50
N ARG J 161 -62.87 1.24 84.86
CA ARG J 161 -63.05 1.17 83.42
C ARG J 161 -64.44 1.63 83.01
N MET J 162 -65.46 1.22 83.78
CA MET J 162 -66.82 1.67 83.50
C MET J 162 -66.94 3.17 83.67
N GLY J 163 -66.19 3.77 84.60
CA GLY J 163 -66.23 5.18 84.83
C GLY J 163 -66.93 5.63 86.10
N VAL J 164 -66.75 4.90 87.20
CA VAL J 164 -67.39 5.23 88.47
C VAL J 164 -66.33 5.76 89.43
N CYS J 165 -66.63 6.89 90.06
CA CYS J 165 -65.70 7.50 91.00
C CYS J 165 -65.59 6.66 92.27
N PHE J 166 -64.49 6.87 92.99
CA PHE J 166 -64.22 6.15 94.23
C PHE J 166 -63.83 7.13 95.32
N ILE J 167 -64.14 6.76 96.57
CA ILE J 167 -63.83 7.63 97.69
C ILE J 167 -62.46 7.33 98.30
N GLY J 168 -61.94 6.11 98.11
CA GLY J 168 -60.69 5.73 98.73
C GLY J 168 -59.46 6.24 98.02
N VAL J 169 -59.28 5.87 96.76
CA VAL J 169 -58.08 6.18 96.01
C VAL J 169 -58.33 7.24 94.94
N ASP J 170 -59.46 7.15 94.24
CA ASP J 170 -59.72 8.06 93.13
C ASP J 170 -59.70 9.51 93.59
N THR J 171 -60.63 9.89 94.46
CA THR J 171 -60.67 11.26 94.94
C THR J 171 -59.58 11.48 95.99
N PRO J 172 -58.92 12.63 95.98
CA PRO J 172 -57.90 12.89 97.02
C PRO J 172 -58.47 12.89 98.44
N TYR J 173 -59.73 13.31 98.61
CA TYR J 173 -60.33 13.34 99.94
C TYR J 173 -60.39 11.93 100.51
N SER J 174 -59.96 11.79 101.77
CA SER J 174 -59.96 10.49 102.42
C SER J 174 -61.38 10.07 102.80
N SER J 175 -61.57 8.76 102.91
CA SER J 175 -62.87 8.21 103.27
C SER J 175 -63.27 8.65 104.69
N GLU J 182 -60.17 11.44 110.96
CA GLU J 182 -59.35 12.19 111.90
C GLU J 182 -58.16 11.34 112.35
N GLN J 183 -57.44 11.83 113.38
CA GLN J 183 -56.28 11.09 113.88
C GLN J 183 -56.70 9.73 114.43
N GLN J 184 -57.81 9.68 115.17
CA GLN J 184 -58.31 8.41 115.67
C GLN J 184 -58.65 7.47 114.53
N TYR J 185 -59.31 7.98 113.49
CA TYR J 185 -59.66 7.15 112.35
C TYR J 185 -58.40 6.60 111.67
N THR J 186 -57.39 7.45 111.49
CA THR J 186 -56.16 6.99 110.84
C THR J 186 -55.44 5.93 111.66
N GLU J 187 -55.32 6.16 112.98
CA GLU J 187 -54.61 5.19 113.81
C GLU J 187 -55.38 3.89 113.93
N GLU J 188 -56.71 3.94 113.85
CA GLU J 188 -57.50 2.71 113.83
C GLU J 188 -57.35 1.98 112.50
N CYS J 189 -57.37 2.73 111.40
CA CYS J 189 -57.27 2.10 110.09
C CYS J 189 -55.90 1.48 109.87
N GLU J 190 -54.85 2.06 110.44
CA GLU J 190 -53.52 1.45 110.34
C GLU J 190 -53.53 0.05 110.95
N ARG J 191 -54.04 -0.07 112.18
CA ARG J 191 -54.10 -1.38 112.82
C ARG J 191 -55.03 -2.32 112.06
N TYR J 192 -56.15 -1.80 111.55
CA TYR J 192 -57.07 -2.64 110.79
C TYR J 192 -56.40 -3.21 109.56
N ARG J 193 -55.67 -2.37 108.82
CA ARG J 193 -55.02 -2.85 107.60
C ARG J 193 -53.87 -3.82 107.93
N ARG J 194 -53.15 -3.57 109.02
CA ARG J 194 -52.10 -4.52 109.42
C ARG J 194 -52.71 -5.88 109.77
N ILE J 195 -53.80 -5.88 110.52
CA ILE J 195 -54.45 -7.15 110.87
C ILE J 195 -55.00 -7.83 109.63
N HIS J 196 -55.57 -7.05 108.70
CA HIS J 196 -56.06 -7.63 107.46
C HIS J 196 -54.94 -8.27 106.65
N MET J 197 -53.78 -7.60 106.59
CA MET J 197 -52.64 -8.18 105.89
C MET J 197 -52.18 -9.47 106.55
N GLU J 198 -52.14 -9.49 107.90
CA GLU J 198 -51.76 -10.71 108.60
C GLU J 198 -52.73 -11.84 108.28
N GLN J 199 -54.03 -11.54 108.32
CA GLN J 199 -55.03 -12.56 108.02
C GLN J 199 -54.91 -13.04 106.57
N TYR J 200 -54.65 -12.12 105.65
CA TYR J 200 -54.48 -12.51 104.25
C TYR J 200 -53.28 -13.43 104.07
N THR J 201 -52.17 -13.11 104.74
CA THR J 201 -51.00 -13.97 104.66
C THR J 201 -51.30 -15.35 105.24
N THR J 202 -52.00 -15.40 106.38
CA THR J 202 -52.34 -16.68 106.97
C THR J 202 -53.23 -17.50 106.03
N LEU J 203 -54.22 -16.85 105.42
CA LEU J 203 -55.13 -17.55 104.52
C LEU J 203 -54.39 -18.06 103.28
N ARG J 204 -53.49 -17.24 102.72
CA ARG J 204 -52.75 -17.68 101.54
C ARG J 204 -51.83 -18.85 101.89
N GLN J 205 -51.20 -18.81 103.07
CA GLN J 205 -50.37 -19.93 103.49
C GLN J 205 -51.19 -21.20 103.66
N ARG J 206 -52.37 -21.08 104.27
CA ARG J 206 -53.23 -22.25 104.44
C ARG J 206 -53.68 -22.80 103.09
N GLU J 207 -54.03 -21.91 102.16
CA GLU J 207 -54.43 -22.36 100.83
C GLU J 207 -53.28 -23.08 100.12
N LEU J 208 -52.07 -22.54 100.22
CA LEU J 208 -50.91 -23.20 99.63
C LEU J 208 -50.70 -24.57 100.25
N GLU J 209 -50.84 -24.66 101.58
CA GLU J 209 -50.71 -25.95 102.25
C GLU J 209 -51.76 -26.95 101.76
N GLU J 210 -53.00 -26.49 101.56
CA GLU J 210 -54.06 -27.34 101.05
C GLU J 210 -53.64 -28.01 99.75
N ALA J 211 -53.71 -29.12 91.60
CA ALA J 211 -52.88 -29.09 90.40
C ALA J 211 -51.40 -29.05 90.78
N ALA J 212 -50.53 -28.97 89.78
CA ALA J 212 -49.10 -28.94 89.97
C ALA J 212 -48.53 -27.53 90.03
N ALA J 213 -49.38 -26.51 89.97
CA ALA J 213 -48.94 -25.11 89.98
C ALA J 213 -48.86 -24.53 91.38
N ALA J 214 -49.12 -25.34 92.42
CA ALA J 214 -49.10 -24.86 93.79
C ALA J 214 -48.17 -25.65 94.69
N ALA J 215 -47.57 -26.73 94.22
CA ALA J 215 -46.65 -27.55 95.02
C ALA J 215 -47.35 -28.06 96.28
N ALA J 216 -48.47 -28.74 96.07
CA ALA J 216 -49.26 -29.34 97.14
C ALA J 216 -49.35 -30.84 96.93
N ALA J 217 -49.02 -31.60 97.97
CA ALA J 217 -49.05 -33.05 97.90
C ALA J 217 -49.20 -33.62 99.30
N ALA J 218 -50.02 -34.67 99.42
CA ALA J 218 -50.26 -35.35 100.68
C ALA J 218 -51.15 -36.55 100.40
N ALA J 219 -51.22 -37.45 101.37
CA ALA J 219 -52.05 -38.65 101.21
C ALA J 219 -53.52 -38.27 101.07
N ALA J 220 -54.00 -37.34 101.91
CA ALA J 220 -55.39 -36.92 101.82
C ALA J 220 -55.67 -36.25 100.48
N ALA J 221 -54.77 -35.40 100.01
CA ALA J 221 -54.95 -34.76 98.72
C ALA J 221 -54.99 -35.78 97.60
N ALA J 222 -54.10 -36.79 97.65
CA ALA J 222 -54.09 -37.82 96.63
C ALA J 222 -55.40 -38.60 96.64
N ALA J 223 -55.89 -38.96 97.83
CA ALA J 223 -57.16 -39.68 97.91
C ALA J 223 -58.31 -38.85 97.36
N ALA J 224 -58.34 -37.56 97.70
CA ALA J 224 -59.40 -36.69 97.20
C ALA J 224 -59.33 -36.58 95.68
N ALA J 225 -58.12 -36.44 95.12
CA ALA J 225 -57.98 -36.37 93.68
C ALA J 225 -58.44 -37.66 93.02
N ALA J 226 -58.10 -38.81 93.61
CA ALA J 226 -58.53 -40.08 93.05
C ALA J 226 -60.05 -40.21 93.08
N ALA J 227 -60.68 -39.78 94.18
CA ALA J 227 -62.13 -39.88 94.30
C ALA J 227 -62.89 -38.82 93.51
N ALA J 228 -62.22 -37.75 93.09
CA ALA J 228 -62.90 -36.68 92.37
C ALA J 228 -63.51 -37.19 91.07
N ALA J 229 -62.96 -38.26 90.50
CA ALA J 229 -63.41 -38.86 89.24
C ALA J 229 -63.14 -37.97 88.04
N ALA J 230 -62.36 -36.90 88.21
CA ALA J 230 -61.94 -36.04 87.11
C ALA J 230 -60.43 -35.98 86.97
N ALA J 231 -59.68 -36.73 87.78
CA ALA J 231 -58.23 -36.69 87.69
C ALA J 231 -57.74 -37.17 86.33
N ALA J 232 -58.38 -38.20 85.78
CA ALA J 232 -57.99 -38.69 84.46
C ALA J 232 -58.14 -37.60 83.41
N ALA J 233 -59.28 -36.91 83.41
CA ALA J 233 -59.50 -35.84 82.44
C ALA J 233 -58.51 -34.70 82.63
N ALA J 234 -58.26 -34.31 83.88
CA ALA J 234 -57.31 -33.23 84.14
C ALA J 234 -55.92 -33.61 83.65
N ALA J 235 -55.49 -34.84 83.93
CA ALA J 235 -54.17 -35.29 83.50
C ALA J 235 -54.08 -35.33 81.98
N ALA J 236 -55.12 -35.84 81.32
CA ALA J 236 -55.13 -35.86 79.86
C ALA J 236 -55.06 -34.47 79.27
N ALA J 237 -55.79 -33.52 79.83
CA ALA J 237 -55.75 -32.14 79.35
C ALA J 237 -54.41 -31.46 79.58
N ALA J 238 -53.78 -31.70 80.73
CA ALA J 238 -52.55 -30.99 81.09
C ALA J 238 -51.27 -31.73 80.70
N ALA J 239 -51.37 -32.94 80.15
CA ALA J 239 -50.16 -33.68 79.80
C ALA J 239 -49.39 -32.99 78.66
N ALA J 240 -50.08 -32.66 77.58
CA ALA J 240 -49.42 -32.09 76.41
C ALA J 240 -48.74 -30.77 76.76
N ALA J 241 -49.54 -29.77 77.12
CA ALA J 241 -49.02 -28.47 77.54
C ALA J 241 -50.14 -27.66 78.17
N ALA J 242 -49.90 -27.14 79.37
CA ALA J 242 -50.93 -26.44 80.12
C ALA J 242 -50.25 -25.59 81.18
N ALA J 243 -51.04 -25.08 82.12
CA ALA J 243 -50.49 -24.26 83.19
C ALA J 243 -49.41 -25.01 83.95
N ALA J 244 -49.59 -26.30 84.18
CA ALA J 244 -48.62 -27.08 84.93
C ALA J 244 -47.27 -27.12 84.20
N ALA J 245 -47.30 -27.46 82.91
CA ALA J 245 -46.06 -27.54 82.15
C ALA J 245 -45.41 -26.16 82.03
N ALA J 246 -46.21 -25.12 81.80
CA ALA J 246 -45.67 -23.78 81.71
C ALA J 246 -44.99 -23.36 83.01
N ALA J 247 -45.62 -23.66 84.14
CA ALA J 247 -45.02 -23.33 85.43
C ALA J 247 -43.75 -24.11 85.65
N ALA J 248 -43.74 -25.40 85.29
CA ALA J 248 -42.52 -26.19 85.45
C ALA J 248 -41.38 -25.62 84.61
N ALA J 249 -41.67 -25.25 83.36
CA ALA J 249 -40.64 -24.68 82.50
C ALA J 249 -40.15 -23.35 83.05
N ALA J 250 -41.07 -22.51 83.53
CA ALA J 250 -40.67 -21.22 84.10
C ALA J 250 -39.79 -21.42 85.33
N ALA J 251 -40.14 -22.37 86.19
CA ALA J 251 -39.33 -22.64 87.36
C ALA J 251 -37.95 -23.15 86.98
N ALA J 252 -37.89 -24.03 85.97
CA ALA J 252 -36.59 -24.52 85.51
C ALA J 252 -35.74 -23.38 84.96
N ALA J 253 -36.35 -22.49 84.17
CA ALA J 253 -35.62 -21.36 83.62
C ALA J 253 -35.13 -20.44 84.74
N ALA J 254 -35.97 -20.19 85.74
CA ALA J 254 -35.57 -19.34 86.85
C ALA J 254 -34.41 -19.96 87.62
N ALA J 255 -34.47 -21.27 87.87
CA ALA J 255 -33.37 -21.93 88.56
C ALA J 255 -32.09 -21.86 87.75
N ALA J 256 -32.19 -22.07 86.44
CA ALA J 256 -31.00 -21.97 85.58
C ALA J 256 -30.42 -20.58 85.61
N ALA J 257 -31.27 -19.55 85.55
CA ALA J 257 -30.78 -18.18 85.59
C ALA J 257 -30.13 -17.87 86.94
N ALA J 258 -30.72 -18.34 88.03
CA ALA J 258 -30.14 -18.11 89.35
C ALA J 258 -28.78 -18.78 89.46
N ALA J 259 -28.67 -20.02 88.96
CA ALA J 259 -27.38 -20.70 88.98
C ALA J 259 -26.36 -19.96 88.12
N ALA J 260 -26.76 -19.47 86.95
CA ALA J 260 -25.84 -18.77 86.06
C ALA J 260 -25.36 -17.46 86.67
N ALA J 261 -26.24 -16.71 87.31
CA ALA J 261 -25.92 -15.39 87.86
C ALA J 261 -26.41 -15.33 89.30
N ALA J 262 -25.49 -15.55 90.24
CA ALA J 262 -25.79 -15.44 91.66
C ALA J 262 -24.49 -15.47 92.45
N ALA J 263 -24.38 -14.57 93.42
CA ALA J 263 -23.21 -14.54 94.29
C ALA J 263 -23.15 -15.73 95.23
N ALA J 264 -24.23 -16.47 95.40
CA ALA J 264 -24.27 -17.64 96.27
C ALA J 264 -25.50 -18.45 95.89
N ALA J 265 -25.77 -19.50 96.66
CA ALA J 265 -26.89 -20.41 96.40
C ALA J 265 -28.16 -19.92 97.09
N ALA J 266 -28.56 -18.69 96.74
CA ALA J 266 -29.79 -18.08 97.25
C ALA J 266 -30.48 -17.38 96.08
N ALA J 267 -31.35 -18.11 95.38
CA ALA J 267 -32.03 -17.54 94.22
C ALA J 267 -32.99 -16.44 94.64
N ALA J 268 -33.77 -16.66 95.70
CA ALA J 268 -34.69 -15.65 96.16
C ALA J 268 -33.96 -14.39 96.63
N ALA J 269 -32.86 -14.58 97.37
CA ALA J 269 -32.08 -13.43 97.82
C ALA J 269 -31.50 -12.67 96.65
N ALA J 270 -30.98 -13.38 95.65
CA ALA J 270 -30.43 -12.71 94.47
C ALA J 270 -31.52 -11.93 93.74
N ALA J 271 -32.70 -12.52 93.58
CA ALA J 271 -33.79 -11.83 92.91
C ALA J 271 -34.20 -10.58 93.67
N ALA J 272 -34.29 -10.68 95.00
CA ALA J 272 -34.66 -9.53 95.81
C ALA J 272 -33.62 -8.42 95.78
N ALA J 273 -32.33 -8.78 95.81
CA ALA J 273 -31.26 -7.78 95.88
C ALA J 273 -30.72 -7.36 94.52
N ALA J 274 -31.27 -7.88 93.43
CA ALA J 274 -30.89 -7.38 92.11
C ALA J 274 -31.27 -5.91 91.96
N ALA J 275 -32.47 -5.54 92.41
CA ALA J 275 -32.88 -4.15 92.32
C ALA J 275 -31.93 -3.24 93.09
N ALA J 276 -31.34 -3.75 94.17
CA ALA J 276 -30.38 -2.96 94.95
C ALA J 276 -29.03 -2.90 94.26
N ALA J 277 -28.39 -4.05 94.07
CA ALA J 277 -27.09 -4.12 93.41
C ALA J 277 -27.22 -4.38 91.91
N ALA J 278 -28.03 -3.58 91.24
CA ALA J 278 -28.19 -3.66 89.79
C ALA J 278 -26.86 -3.41 89.09
N ALA K 1 21.35 -33.36 1.56
CA ALA K 1 20.64 -33.15 2.83
C ALA K 1 19.62 -34.25 3.05
N PRO K 2 19.13 -34.40 4.28
CA PRO K 2 18.13 -35.43 4.56
C PRO K 2 16.89 -35.22 3.70
N PHE K 3 16.29 -36.33 3.28
CA PHE K 3 15.10 -36.26 2.44
C PHE K 3 14.14 -37.36 2.88
N LYS K 4 13.02 -36.96 3.49
CA LYS K 4 11.96 -37.89 3.86
C LYS K 4 11.04 -38.05 2.67
N SER K 5 10.85 -39.28 2.20
CA SER K 5 10.09 -39.53 1.00
C SER K 5 8.64 -39.09 1.17
N VAL K 6 8.08 -38.51 0.12
CA VAL K 6 6.66 -38.17 0.11
C VAL K 6 5.80 -39.42 0.15
N LEU K 7 6.30 -40.54 -0.36
CA LEU K 7 5.58 -41.81 -0.32
C LEU K 7 5.75 -42.41 1.06
N ARG K 8 4.85 -42.04 1.96
CA ARG K 8 4.89 -42.50 3.35
C ARG K 8 4.02 -43.74 3.52
N ARG K 9 4.11 -44.33 4.71
CA ARG K 9 3.23 -45.43 5.08
C ARG K 9 1.92 -44.85 5.61
N HIS K 10 0.81 -45.27 5.02
CA HIS K 10 -0.49 -44.73 5.34
C HIS K 10 -1.38 -45.81 5.92
N LYS K 11 -2.28 -45.40 6.81
CA LYS K 11 -3.18 -46.34 7.46
C LYS K 11 -4.03 -47.11 6.45
N HIS K 12 -4.25 -46.54 5.27
CA HIS K 12 -5.01 -47.20 4.21
C HIS K 12 -4.13 -48.10 3.33
N HIS K 13 -2.83 -48.08 3.52
CA HIS K 13 -1.96 -48.90 2.69
C HIS K 13 -1.92 -50.33 3.23
N PRO K 14 -1.90 -51.34 2.36
CA PRO K 14 -1.83 -52.73 2.87
C PRO K 14 -0.62 -52.99 3.74
N GLU K 15 0.52 -52.34 3.45
CA GLU K 15 1.70 -52.52 4.29
C GLU K 15 1.41 -52.16 5.74
N GLY K 16 0.50 -51.20 5.97
CA GLY K 16 0.06 -50.89 7.31
C GLY K 16 1.07 -50.04 8.07
N LEU K 17 0.72 -49.76 9.34
CA LEU K 17 1.56 -48.99 10.23
C LEU K 17 2.36 -49.92 11.14
N PRO K 18 3.54 -49.51 11.59
CA PRO K 18 4.39 -50.41 12.37
C PRO K 18 4.09 -50.38 13.86
N LEU K 19 4.72 -51.29 14.60
CA LEU K 19 4.74 -51.27 16.05
C LEU K 19 6.17 -51.04 16.50
N TYR K 20 6.43 -49.89 17.13
CA TYR K 20 7.79 -49.50 17.47
C TYR K 20 8.44 -50.45 18.47
N ASN K 21 7.66 -51.30 19.15
CA ASN K 21 8.26 -52.33 19.99
C ASN K 21 9.06 -53.33 19.17
N ASP K 22 8.56 -53.70 18.00
CA ASP K 22 9.22 -54.67 17.14
C ASP K 22 10.10 -54.03 16.07
N MET K 23 10.19 -52.70 16.05
CA MET K 23 11.02 -52.03 15.06
C MET K 23 12.48 -52.02 15.50
N SER K 24 13.36 -51.73 14.55
CA SER K 24 14.80 -51.65 14.78
C SER K 24 15.32 -50.37 14.13
N LYS K 25 15.61 -49.37 14.96
CA LYS K 25 16.05 -48.06 14.48
C LYS K 25 17.24 -47.60 15.31
N GLN K 26 17.98 -46.65 14.76
CA GLN K 26 19.14 -46.12 15.46
C GLN K 26 18.74 -45.50 16.80
N TRP K 27 17.51 -45.00 16.91
CA TRP K 27 17.05 -44.32 18.10
C TRP K 27 16.14 -45.18 18.97
N LEU K 28 16.10 -46.49 18.71
CA LEU K 28 15.35 -47.44 19.53
C LEU K 28 16.33 -48.41 20.18
N CYS K 29 16.20 -48.56 21.50
CA CYS K 29 17.07 -49.47 22.25
C CYS K 29 16.24 -50.13 23.34
N ARG K 30 15.96 -51.42 23.17
CA ARG K 30 15.21 -52.19 24.15
C ARG K 30 16.12 -53.07 25.02
N GLU K 31 17.43 -52.86 24.96
CA GLU K 31 18.34 -53.68 25.75
C GLU K 31 18.30 -53.30 27.23
N GLY K 32 18.25 -52.00 27.51
CA GLY K 32 18.23 -51.53 28.88
C GLY K 32 16.83 -51.40 29.44
N GLU K 33 15.83 -51.84 28.69
CA GLU K 33 14.45 -51.71 29.13
C GLU K 33 14.19 -52.58 30.35
N ARG K 34 13.36 -52.07 31.25
CA ARG K 34 12.87 -52.80 32.40
C ARG K 34 11.36 -52.90 32.30
N TRP K 35 10.75 -53.61 33.24
CA TRP K 35 9.30 -53.80 33.27
C TRP K 35 8.79 -53.49 34.66
N TRP K 36 7.83 -52.57 34.75
CA TRP K 36 7.23 -52.16 36.00
C TRP K 36 5.76 -52.51 36.01
N LEU K 37 5.23 -52.74 37.21
CA LEU K 37 3.81 -52.98 37.41
C LEU K 37 3.22 -51.83 38.20
N LEU K 38 2.20 -51.19 37.65
CA LEU K 38 1.55 -50.03 38.27
C LEU K 38 0.11 -50.41 38.56
N ASP K 39 -0.22 -50.56 39.84
CA ASP K 39 -1.57 -50.91 40.27
C ASP K 39 -2.33 -49.61 40.50
N ALA K 40 -3.21 -49.26 39.56
CA ALA K 40 -3.96 -48.01 39.63
C ALA K 40 -5.30 -48.18 40.32
N ARG K 41 -5.29 -48.73 41.53
CA ARG K 41 -6.48 -48.85 42.34
C ARG K 41 -6.49 -47.71 43.36
N GLY K 42 -7.52 -46.86 43.29
CA GLY K 42 -7.63 -45.75 44.20
C GLY K 42 -6.67 -44.62 43.93
N GLU K 43 -5.99 -44.62 42.79
CA GLU K 43 -5.07 -43.56 42.42
C GLU K 43 -5.71 -42.65 41.38
N GLN K 44 -5.57 -41.35 41.57
CA GLN K 44 -6.17 -40.40 40.65
C GLN K 44 -5.66 -40.62 39.24
N LEU K 45 -6.56 -40.55 38.26
CA LEU K 45 -6.19 -40.86 36.88
C LEU K 45 -5.10 -39.95 36.35
N PRO K 46 -5.17 -38.62 36.51
CA PRO K 46 -4.07 -37.78 36.01
C PRO K 46 -2.73 -38.11 36.66
N ARG K 47 -2.73 -38.35 37.97
CA ARG K 47 -1.48 -38.70 38.65
C ARG K 47 -0.92 -40.01 38.15
N VAL K 48 -1.79 -41.01 37.97
CA VAL K 48 -1.35 -42.30 37.44
C VAL K 48 -0.76 -42.11 36.04
N ALA K 49 -1.43 -41.32 35.20
CA ALA K 49 -0.94 -41.11 33.85
C ALA K 49 0.42 -40.43 33.85
N ALA K 50 0.60 -39.42 34.71
CA ALA K 50 1.89 -38.73 34.76
C ALA K 50 2.98 -39.66 35.26
N VAL K 51 2.71 -40.42 36.32
CA VAL K 51 3.71 -41.33 36.86
C VAL K 51 4.09 -42.37 35.83
N ALA K 52 3.11 -42.94 35.14
CA ALA K 52 3.39 -43.94 34.12
C ALA K 52 4.20 -43.33 32.98
N ALA K 53 3.83 -42.12 32.56
CA ALA K 53 4.51 -41.48 31.44
C ALA K 53 5.97 -41.20 31.77
N GLN K 54 6.25 -40.82 33.02
CA GLN K 54 7.64 -40.57 33.40
C GLN K 54 8.54 -41.77 33.12
N TYR K 55 8.11 -42.98 33.45
CA TYR K 55 8.86 -44.19 33.15
C TYR K 55 8.76 -44.61 31.69
N ILE K 56 7.60 -44.41 31.07
CA ILE K 56 7.39 -44.85 29.69
C ILE K 56 8.30 -44.08 28.74
N THR K 57 8.38 -42.76 28.90
CA THR K 57 9.19 -41.96 28.00
C THR K 57 10.69 -42.05 28.32
N GLY K 58 11.05 -42.65 29.44
CA GLY K 58 12.43 -42.79 29.83
C GLY K 58 13.03 -41.62 30.56
N GLN K 59 12.22 -40.64 30.96
CA GLN K 59 12.74 -39.48 31.66
C GLN K 59 13.24 -39.80 33.05
N HIS K 60 12.97 -41.00 33.57
CA HIS K 60 13.39 -41.39 34.89
C HIS K 60 14.81 -41.94 34.93
N ARG K 61 15.49 -41.99 33.79
CA ARG K 61 16.84 -42.53 33.71
C ARG K 61 17.86 -41.39 33.65
N PRO K 62 18.94 -41.45 34.43
CA PRO K 62 19.97 -40.40 34.32
C PRO K 62 20.62 -40.32 32.96
N ASP K 63 20.59 -41.40 32.16
CA ASP K 63 21.13 -41.38 30.81
C ASP K 63 20.11 -40.91 29.77
N PHE K 64 19.04 -40.25 30.20
CA PHE K 64 18.00 -39.82 29.28
C PHE K 64 18.56 -38.85 28.25
N THR K 65 18.18 -39.06 26.99
CA THR K 65 18.56 -38.17 25.90
C THR K 65 17.32 -37.94 25.03
N PRO K 66 16.93 -36.69 24.78
CA PRO K 66 15.69 -36.47 24.02
C PRO K 66 15.65 -37.17 22.68
N GLY K 67 16.78 -37.22 21.96
CA GLY K 67 16.80 -37.89 20.68
C GLY K 67 16.56 -39.38 20.80
N MET K 68 17.20 -40.03 21.75
CA MET K 68 17.07 -41.47 21.93
C MET K 68 15.75 -41.78 22.62
N ILE K 69 14.99 -42.72 22.04
CA ILE K 69 13.71 -43.14 22.59
C ILE K 69 13.96 -44.48 23.28
N THR K 70 14.27 -44.42 24.57
CA THR K 70 14.45 -45.60 25.40
C THR K 70 13.65 -45.40 26.68
N GLY K 71 12.84 -46.38 27.03
CA GLY K 71 12.02 -46.29 28.23
C GLY K 71 11.62 -47.65 28.71
N ASP K 72 11.21 -47.72 29.98
CA ASP K 72 10.82 -48.98 30.58
C ASP K 72 9.33 -49.23 30.37
N HIS K 73 8.99 -50.47 30.03
CA HIS K 73 7.59 -50.83 29.86
C HIS K 73 6.88 -50.80 31.21
N VAL K 74 5.63 -50.34 31.19
CA VAL K 74 4.82 -50.22 32.39
C VAL K 74 3.49 -50.91 32.13
N VAL K 75 3.16 -51.89 32.96
CA VAL K 75 1.89 -52.61 32.88
C VAL K 75 0.96 -51.99 33.90
N ILE K 76 -0.06 -51.29 33.43
CA ILE K 76 -1.02 -50.63 34.31
C ILE K 76 -2.20 -51.57 34.51
N VAL K 77 -2.47 -51.92 35.75
CA VAL K 77 -3.52 -52.87 36.08
C VAL K 77 -4.56 -52.17 36.95
N ASN K 78 -5.75 -52.78 37.01
CA ASN K 78 -6.87 -52.24 37.77
C ASN K 78 -7.22 -50.82 37.33
N ILE K 79 -7.16 -50.58 36.02
CA ILE K 79 -7.56 -49.28 35.51
C ILE K 79 -9.04 -49.05 35.77
N LYS K 80 -9.82 -50.12 35.91
CA LYS K 80 -11.23 -49.97 36.25
C LYS K 80 -11.40 -49.30 37.60
N ASP K 81 -10.48 -49.53 38.53
CA ASP K 81 -10.56 -48.98 39.88
C ASP K 81 -9.98 -47.57 39.96
N VAL K 82 -9.49 -47.01 38.86
CA VAL K 82 -8.94 -45.66 38.88
C VAL K 82 -10.00 -44.69 39.40
N VAL K 83 -9.56 -43.69 40.15
CA VAL K 83 -10.44 -42.77 40.85
C VAL K 83 -10.30 -41.39 40.23
N MET K 84 -11.39 -40.63 40.24
CA MET K 84 -11.37 -39.22 39.92
C MET K 84 -11.82 -38.44 41.14
N VAL K 85 -11.26 -37.23 41.31
CA VAL K 85 -11.32 -36.54 42.59
C VAL K 85 -12.77 -36.40 43.05
N GLY K 86 -13.61 -35.74 42.25
CA GLY K 86 -14.98 -35.48 42.65
C GLY K 86 -15.99 -35.82 41.58
N ASP K 87 -16.78 -34.83 41.18
CA ASP K 87 -17.74 -34.97 40.09
C ASP K 87 -17.06 -34.95 38.72
N GLN K 88 -15.73 -34.99 38.68
CA GLN K 88 -15.02 -34.91 37.41
C GLN K 88 -15.39 -36.06 36.49
N TRP K 89 -15.80 -37.20 37.05
CA TRP K 89 -16.13 -38.36 36.22
C TRP K 89 -17.17 -38.02 35.16
N ILE K 90 -18.07 -37.09 35.46
CA ILE K 90 -19.09 -36.66 34.51
C ILE K 90 -18.95 -35.19 34.14
N ARG K 91 -18.10 -34.42 34.81
CA ARG K 91 -17.92 -33.01 34.51
C ARG K 91 -16.60 -32.71 33.81
N VAL K 92 -15.86 -33.72 33.39
CA VAL K 92 -14.62 -33.53 32.63
C VAL K 92 -14.89 -33.95 31.18
N PRO K 93 -14.72 -33.08 30.20
CA PRO K 93 -15.01 -33.46 28.82
C PRO K 93 -13.80 -34.01 28.08
N ILE K 94 -14.10 -34.85 27.09
CA ILE K 94 -13.13 -35.30 26.09
C ILE K 94 -13.68 -34.88 24.73
N THR K 95 -12.86 -34.15 23.98
CA THR K 95 -13.27 -33.52 22.73
C THR K 95 -12.38 -34.01 21.61
N TRP K 96 -12.98 -34.52 20.55
CA TRP K 96 -12.25 -34.79 19.31
C TRP K 96 -13.11 -34.32 18.14
N GLN K 97 -12.62 -34.52 16.93
CA GLN K 97 -13.31 -33.97 15.78
C GLN K 97 -12.89 -34.68 14.51
N THR K 98 -13.83 -34.76 13.56
CA THR K 98 -13.57 -35.27 12.22
C THR K 98 -13.55 -34.11 11.23
N ALA K 99 -13.05 -34.39 10.03
CA ALA K 99 -12.96 -33.38 8.98
C ALA K 99 -14.33 -32.93 8.47
N TYR K 100 -15.40 -33.62 8.83
CA TYR K 100 -16.73 -33.24 8.39
C TYR K 100 -17.21 -31.98 9.11
N PRO K 101 -18.19 -31.28 8.53
CA PRO K 101 -18.67 -30.03 9.15
C PRO K 101 -19.19 -30.21 10.57
N GLY K 102 -20.12 -31.15 10.75
CA GLY K 102 -20.57 -31.48 12.09
C GLY K 102 -19.38 -31.88 12.92
N GLY K 103 -18.87 -33.08 12.70
CA GLY K 103 -17.48 -33.36 13.03
C GLY K 103 -17.15 -33.52 14.50
N LYS K 104 -17.65 -32.61 15.32
CA LYS K 104 -17.18 -32.48 16.70
C LYS K 104 -17.85 -33.51 17.60
N TYR K 105 -17.04 -34.22 18.38
CA TYR K 105 -17.50 -35.17 19.38
C TYR K 105 -17.10 -34.64 20.75
N ARG K 106 -18.11 -34.32 21.56
CA ARG K 106 -17.93 -34.01 22.97
C ARG K 106 -18.50 -35.16 23.79
N ILE K 107 -17.66 -35.79 24.61
CA ILE K 107 -18.07 -36.96 25.37
C ILE K 107 -17.58 -36.80 26.80
N ARG K 108 -18.13 -37.62 27.70
CA ARG K 108 -17.77 -37.59 29.10
C ARG K 108 -16.82 -38.73 29.46
N LEU K 109 -16.02 -38.51 30.49
CA LEU K 109 -15.18 -39.58 31.00
C LEU K 109 -16.00 -40.80 31.37
N THR K 110 -17.26 -40.59 31.78
CA THR K 110 -18.14 -41.73 32.05
C THR K 110 -18.35 -42.55 30.79
N ASP K 111 -18.61 -41.90 29.66
CA ASP K 111 -18.79 -42.63 28.41
C ASP K 111 -17.50 -43.31 27.98
N MET K 112 -16.37 -42.61 28.11
CA MET K 112 -15.10 -43.23 27.75
C MET K 112 -14.83 -44.46 28.59
N TYR K 113 -15.15 -44.40 29.89
CA TYR K 113 -14.97 -45.56 30.76
C TYR K 113 -15.93 -46.69 30.38
N GLU K 114 -17.19 -46.36 30.12
CA GLU K 114 -18.16 -47.39 29.77
C GLU K 114 -17.80 -48.08 28.45
N ARG K 115 -17.11 -47.39 27.55
CA ARG K 115 -16.64 -48.03 26.33
C ARG K 115 -15.37 -48.84 26.59
N ASP K 116 -14.32 -48.20 27.11
CA ASP K 116 -13.10 -48.90 27.47
C ASP K 116 -12.26 -48.04 28.41
N PRO K 117 -12.15 -48.40 29.69
CA PRO K 117 -11.32 -47.58 30.59
C PRO K 117 -9.88 -47.45 30.14
N CYS K 118 -9.32 -48.53 29.59
CA CYS K 118 -7.96 -48.46 29.05
C CYS K 118 -7.87 -47.36 28.01
N MET K 119 -8.96 -47.08 27.29
CA MET K 119 -8.97 -45.99 26.34
C MET K 119 -8.78 -44.65 27.04
N LEU K 120 -9.43 -44.46 28.20
CA LEU K 120 -9.26 -43.23 28.96
C LEU K 120 -7.84 -43.08 29.47
N MET K 121 -7.27 -44.17 30.00
CA MET K 121 -5.89 -44.12 30.44
C MET K 121 -4.95 -43.81 29.28
N TRP K 122 -5.23 -44.38 28.11
CA TRP K 122 -4.45 -44.09 26.92
C TRP K 122 -4.56 -42.63 26.54
N TRP K 123 -5.75 -42.06 26.66
CA TRP K 123 -5.94 -40.64 26.36
C TRP K 123 -5.06 -39.77 27.27
N PHE K 124 -5.06 -40.07 28.56
CA PHE K 124 -4.26 -39.24 29.48
C PHE K 124 -2.77 -39.44 29.26
N LEU K 125 -2.34 -40.68 29.00
CA LEU K 125 -0.93 -40.92 28.68
C LEU K 125 -0.54 -40.18 27.42
N LYS K 126 -1.42 -40.17 26.41
CA LYS K 126 -1.15 -39.42 25.19
C LYS K 126 -1.03 -37.94 25.48
N ASP K 127 -1.89 -37.42 26.35
CA ASP K 127 -1.79 -36.00 26.70
C ASP K 127 -0.43 -35.69 27.32
N GLU K 128 0.04 -36.54 28.23
CA GLU K 128 1.35 -36.29 28.84
C GLU K 128 2.48 -36.38 27.81
N VAL K 129 2.45 -37.43 26.99
CA VAL K 129 3.51 -37.64 26.01
C VAL K 129 3.53 -36.50 25.00
N ASN K 130 2.36 -35.98 24.63
CA ASN K 130 2.31 -34.81 23.75
C ASN K 130 2.80 -33.57 24.45
N ARG K 131 2.44 -33.40 25.73
CA ARG K 131 2.94 -32.27 26.49
C ARG K 131 4.45 -32.19 26.45
N HIS K 132 5.13 -33.33 26.53
CA HIS K 132 6.58 -33.32 26.55
C HIS K 132 7.25 -33.44 25.19
N PHE K 133 6.70 -34.23 24.26
CA PHE K 133 7.23 -34.34 22.91
C PHE K 133 6.03 -34.29 21.95
N VAL K 134 6.00 -33.28 21.08
CA VAL K 134 4.87 -33.12 20.19
C VAL K 134 5.33 -32.88 18.75
N ARG K 135 6.62 -32.56 18.59
CA ARG K 135 7.13 -32.12 17.29
C ARG K 135 7.49 -33.27 16.36
N LYS K 136 7.55 -34.50 16.85
CA LYS K 136 7.94 -35.65 16.04
C LYS K 136 6.94 -36.78 16.24
N LEU K 137 6.50 -37.37 15.14
CA LEU K 137 5.53 -38.46 15.21
C LEU K 137 6.13 -39.67 15.94
N LYS K 138 7.38 -39.99 15.64
CA LYS K 138 8.01 -41.15 16.29
C LYS K 138 8.06 -40.96 17.80
N THR K 139 8.45 -39.77 18.24
CA THR K 139 8.49 -39.51 19.68
C THR K 139 7.08 -39.52 20.28
N ARG K 140 6.10 -38.98 19.55
CA ARG K 140 4.73 -38.97 20.06
C ARG K 140 4.17 -40.37 20.20
N ILE K 141 4.61 -41.31 19.36
CA ILE K 141 3.97 -42.62 19.25
C ILE K 141 4.69 -43.68 20.08
N ALA K 142 6.02 -43.78 19.96
CA ALA K 142 6.73 -44.92 20.53
C ALA K 142 6.49 -45.12 22.01
N PRO K 143 6.57 -44.10 22.87
CA PRO K 143 6.32 -44.34 24.31
C PRO K 143 4.93 -44.90 24.57
N LEU K 144 3.93 -44.46 23.82
CA LEU K 144 2.59 -44.99 24.00
C LEU K 144 2.57 -46.49 23.77
N GLU K 145 3.25 -46.96 22.72
CA GLU K 145 3.34 -48.40 22.48
C GLU K 145 4.12 -49.09 23.59
N LYS K 146 5.15 -48.42 24.13
CA LYS K 146 5.83 -48.98 25.29
C LYS K 146 4.86 -49.23 26.44
N ALA K 147 3.89 -48.34 26.62
CA ALA K 147 2.92 -48.47 27.69
C ALA K 147 2.01 -49.68 27.46
N TRP K 148 1.62 -50.33 28.56
CA TRP K 148 0.69 -51.45 28.53
C TRP K 148 -0.45 -51.17 29.51
N LEU K 149 -1.67 -51.44 29.07
CA LEU K 149 -2.87 -51.13 29.84
C LEU K 149 -3.75 -52.36 30.00
N TYR K 150 -4.30 -52.53 31.21
CA TYR K 150 -5.21 -53.63 31.49
C TYR K 150 -6.18 -53.18 32.57
N GLU K 151 -7.48 -53.27 32.28
CA GLU K 151 -8.48 -52.83 33.24
C GLU K 151 -8.60 -53.75 34.44
N ASP K 152 -8.42 -55.06 34.24
CA ASP K 152 -8.51 -56.03 35.30
C ASP K 152 -7.14 -56.22 35.95
N SER K 153 -7.01 -57.21 36.81
CA SER K 153 -5.74 -57.54 37.45
C SER K 153 -5.01 -58.65 36.73
N ILE K 154 -5.53 -59.15 35.60
CA ILE K 154 -4.94 -60.25 34.87
C ILE K 154 -4.24 -59.69 33.64
N HIS K 155 -2.94 -59.97 33.52
CA HIS K 155 -2.16 -59.57 32.36
C HIS K 155 -1.28 -60.72 31.94
N PRO K 156 -0.94 -60.82 30.65
CA PRO K 156 -0.11 -61.94 30.18
C PRO K 156 1.40 -61.72 30.29
N HIS K 157 1.85 -60.66 30.96
CA HIS K 157 3.26 -60.34 31.06
C HIS K 157 3.92 -60.97 32.29
N ALA K 158 3.28 -61.99 32.87
CA ALA K 158 3.87 -62.64 34.04
C ALA K 158 5.23 -63.23 33.73
N ASP K 159 5.53 -63.48 32.46
CA ASP K 159 6.82 -64.01 32.05
C ASP K 159 7.90 -62.95 32.00
N LYS K 160 7.65 -61.75 32.53
CA LYS K 160 8.64 -60.69 32.55
C LYS K 160 8.89 -60.16 33.96
N ASN K 161 8.18 -60.66 34.96
CA ASN K 161 8.37 -60.25 36.35
C ASN K 161 8.34 -58.72 36.48
N PRO K 162 7.24 -58.09 36.09
CA PRO K 162 7.17 -56.63 36.23
C PRO K 162 7.18 -56.20 37.68
N ARG K 163 8.27 -55.55 38.10
CA ARG K 163 8.40 -55.14 39.48
C ARG K 163 7.37 -54.08 39.82
N PRO K 164 6.73 -54.14 40.98
CA PRO K 164 5.74 -53.12 41.33
C PRO K 164 6.36 -51.73 41.35
N LEU K 165 5.62 -50.75 40.84
CA LEU K 165 6.11 -49.38 40.73
C LEU K 165 5.68 -48.62 41.98
N CYS K 166 6.64 -48.24 42.80
CA CYS K 166 6.39 -47.52 44.05
C CYS K 166 6.77 -46.06 43.88
N TRP K 167 5.83 -45.16 44.22
CA TRP K 167 6.07 -43.73 44.15
C TRP K 167 5.32 -43.06 45.28
N THR K 168 5.52 -41.75 45.41
CA THR K 168 4.86 -40.96 46.43
C THR K 168 4.27 -39.70 45.81
N ASP K 169 3.15 -39.26 46.35
CA ASP K 169 2.46 -38.07 45.85
C ASP K 169 3.19 -36.82 46.30
N PRO K 170 2.92 -35.68 45.66
CA PRO K 170 3.54 -34.43 46.10
C PRO K 170 3.20 -34.05 47.53
N GLU K 171 2.05 -34.47 48.04
CA GLU K 171 1.63 -34.15 49.40
C GLU K 171 2.35 -35.03 50.40
N ARG L 1 13.08 -17.98 44.78
CA ARG L 1 12.84 -16.58 45.09
C ARG L 1 13.91 -15.69 44.50
N TYR L 2 13.50 -14.53 43.96
CA TYR L 2 14.43 -13.51 43.51
C TYR L 2 14.52 -12.35 44.51
N ARG L 3 13.85 -12.48 45.65
CA ARG L 3 13.91 -11.50 46.74
C ARG L 3 14.76 -12.12 47.84
N LEU L 4 16.07 -11.93 47.75
CA LEU L 4 17.01 -12.54 48.68
C LEU L 4 17.36 -11.53 49.77
N PHE L 5 17.28 -11.98 51.02
CA PHE L 5 17.58 -11.14 52.18
C PHE L 5 18.90 -11.63 52.78
N HIS L 6 19.99 -11.10 52.25
CA HIS L 6 21.33 -11.38 52.74
C HIS L 6 22.08 -10.08 52.89
N PRO L 7 22.98 -9.99 53.87
CA PRO L 7 23.72 -8.73 54.08
C PRO L 7 24.57 -8.38 52.86
N ARG L 8 24.65 -7.08 52.57
CA ARG L 8 25.45 -6.65 51.44
C ARG L 8 26.95 -6.69 51.73
N ARG L 9 27.34 -6.80 52.99
CA ARG L 9 28.72 -7.18 53.27
C ARG L 9 29.02 -8.56 52.70
N GLU L 10 28.06 -9.48 52.76
CA GLU L 10 28.19 -10.73 52.01
C GLU L 10 28.12 -10.49 50.51
N ALA L 11 27.24 -9.58 50.07
CA ALA L 11 27.14 -9.30 48.64
C ALA L 11 28.50 -8.90 48.07
N ILE L 12 29.27 -8.13 48.82
CA ILE L 12 30.63 -7.76 48.42
C ILE L 12 31.61 -8.33 49.44
N PRO L 13 32.16 -9.52 49.21
CA PRO L 13 33.08 -10.12 50.19
C PRO L 13 34.46 -9.49 50.11
N MET L 14 35.03 -9.18 51.28
CA MET L 14 36.37 -8.61 51.40
C MET L 14 37.34 -9.62 51.99
N HIS L 15 37.03 -10.91 51.89
CA HIS L 15 37.83 -11.95 52.51
C HIS L 15 39.16 -12.16 51.81
N MET L 16 39.16 -12.21 50.48
CA MET L 16 40.36 -12.46 49.71
C MET L 16 41.02 -11.18 49.19
N CYS L 17 40.50 -10.01 49.55
CA CYS L 17 41.11 -8.73 49.20
C CYS L 17 41.15 -7.84 50.44
N PRO L 18 41.93 -8.24 51.44
CA PRO L 18 42.05 -7.43 52.66
C PRO L 18 42.89 -6.19 52.39
N ALA L 19 43.04 -5.37 53.43
CA ALA L 19 43.79 -4.13 53.29
C ALA L 19 45.25 -4.39 52.93
N LYS L 20 45.79 -5.55 53.35
CA LYS L 20 47.19 -5.85 53.07
C LYS L 20 47.50 -5.87 51.58
N THR L 21 46.48 -6.05 50.73
CA THR L 21 46.73 -6.07 49.30
C THR L 21 47.31 -4.74 48.82
N ILE L 22 46.77 -3.63 49.31
CA ILE L 22 47.24 -2.31 48.92
C ILE L 22 48.22 -1.71 49.92
N PHE L 23 48.07 -2.01 51.21
CA PHE L 23 49.03 -1.58 52.23
C PHE L 23 49.75 -2.81 52.77
N PRO L 24 50.69 -3.38 52.01
CA PRO L 24 51.30 -4.64 52.45
C PRO L 24 51.98 -4.56 53.80
N LEU L 25 52.56 -3.42 54.15
CA LEU L 25 53.30 -3.25 55.39
C LEU L 25 52.45 -2.67 56.52
N ILE L 26 51.13 -2.70 56.39
CA ILE L 26 50.27 -2.03 57.34
C ILE L 26 50.37 -2.68 58.72
N ASN L 27 50.48 -4.01 58.77
CA ASN L 27 50.52 -4.71 60.04
C ASN L 27 51.77 -4.38 60.85
N SER L 28 52.79 -3.78 60.22
CA SER L 28 54.04 -3.46 60.89
C SER L 28 54.26 -1.95 61.04
N ASN L 29 53.17 -1.20 61.24
CA ASN L 29 53.27 0.24 61.45
C ASN L 29 54.05 0.92 60.34
N ASN L 30 53.79 0.50 59.10
CA ASN L 30 54.39 1.11 57.92
C ASN L 30 53.30 1.25 56.87
N LEU L 31 52.92 2.48 56.55
CA LEU L 31 51.80 2.76 55.67
C LEU L 31 52.32 3.05 54.27
N LEU L 32 52.71 1.98 53.58
CA LEU L 32 53.15 2.06 52.19
C LEU L 32 52.05 1.52 51.29
N VAL L 33 51.70 2.29 50.27
CA VAL L 33 50.59 1.96 49.38
C VAL L 33 51.15 1.48 48.05
N LYS L 34 50.72 0.30 47.64
CA LYS L 34 51.05 -0.28 46.33
C LYS L 34 49.74 -0.78 45.74
N THR L 35 49.00 0.13 45.10
CA THR L 35 47.67 -0.16 44.59
C THR L 35 47.67 -0.03 43.06
N ARG L 36 47.09 -1.01 42.39
CA ARG L 36 46.98 -1.00 40.93
C ARG L 36 45.96 0.06 40.54
N ASN L 37 46.46 1.21 40.08
CA ASN L 37 45.62 2.39 39.95
C ASN L 37 44.45 2.14 39.00
N SER L 38 44.74 1.66 37.79
CA SER L 38 43.69 1.49 36.80
C SER L 38 44.06 0.35 35.87
N TRP L 39 43.03 -0.26 35.29
CA TRP L 39 43.24 -1.29 34.26
C TRP L 39 44.04 -0.72 33.10
N GLU L 40 43.95 0.60 32.87
CA GLU L 40 44.75 1.23 31.83
C GLU L 40 46.24 0.98 32.04
N ASP L 41 46.67 0.90 33.30
CA ASP L 41 48.08 0.70 33.64
C ASP L 41 48.36 -0.80 33.69
N PHE L 42 48.51 -1.38 32.51
CA PHE L 42 48.85 -2.81 32.37
C PHE L 42 49.90 -2.94 31.29
N THR L 43 51.15 -3.14 31.70
CA THR L 43 52.26 -3.21 30.76
C THR L 43 52.24 -4.49 29.93
N GLY L 44 51.47 -5.50 30.34
CA GLY L 44 51.36 -6.75 29.62
C GLY L 44 51.94 -7.91 30.42
N ARG L 45 51.66 -9.10 29.91
CA ARG L 45 52.15 -10.32 30.54
C ARG L 45 53.66 -10.35 30.53
N LYS L 46 54.25 -10.96 31.57
CA LYS L 46 55.69 -11.12 31.65
C LYS L 46 55.99 -12.51 32.16
N GLU L 47 56.95 -13.19 31.52
CA GLU L 47 57.31 -14.54 31.93
C GLU L 47 57.90 -14.52 33.34
N PHE L 48 57.51 -15.53 34.14
CA PHE L 48 58.08 -15.65 35.47
C PHE L 48 59.49 -16.23 35.42
N ASP L 49 59.76 -17.15 34.50
CA ASP L 49 61.05 -17.81 34.37
C ASP L 49 61.46 -17.83 32.90
N GLU L 50 62.77 -17.95 32.68
CA GLU L 50 63.30 -18.07 31.33
C GLU L 50 63.02 -19.44 30.72
N ASP L 51 62.76 -20.45 31.56
CA ASP L 51 62.52 -21.79 31.06
C ASP L 51 61.09 -22.02 30.60
N HIS L 52 60.19 -21.09 30.90
CA HIS L 52 58.77 -21.22 30.56
C HIS L 52 58.31 -19.93 29.87
N PRO L 53 58.82 -19.67 28.67
CA PRO L 53 58.38 -18.48 27.94
C PRO L 53 56.91 -18.54 27.57
N LEU L 54 56.24 -17.40 27.50
CA LEU L 54 54.84 -17.43 27.10
C LEU L 54 54.72 -17.81 25.63
N PRO L 55 53.69 -18.56 25.26
CA PRO L 55 53.51 -18.91 23.85
C PRO L 55 53.16 -17.69 23.02
N VAL L 56 53.63 -17.70 21.78
CA VAL L 56 53.31 -16.64 20.82
C VAL L 56 52.04 -17.09 20.11
N VAL L 57 50.90 -16.82 20.75
CA VAL L 57 49.59 -17.18 20.24
C VAL L 57 49.02 -15.94 19.56
N GLY L 58 48.63 -16.09 18.29
CA GLY L 58 48.16 -14.96 17.53
C GLY L 58 46.84 -14.42 18.05
N SER L 59 46.79 -13.11 18.24
CA SER L 59 45.56 -12.38 18.51
C SER L 59 45.18 -11.56 17.29
N ARG L 60 43.91 -11.18 17.23
CA ARG L 60 43.42 -10.48 16.04
C ARG L 60 43.92 -9.05 15.95
N LEU L 61 44.38 -8.46 17.05
CA LEU L 61 44.90 -7.10 17.03
C LEU L 61 46.32 -7.01 16.48
N ASN L 62 47.13 -8.05 16.67
CA ASN L 62 48.51 -8.05 16.21
C ASN L 62 48.76 -8.99 15.03
N GLY L 63 47.79 -9.84 14.68
CA GLY L 63 47.93 -10.72 13.54
C GLY L 63 47.31 -10.14 12.30
N ARG L 64 46.12 -9.56 12.44
CA ARG L 64 45.44 -8.90 11.32
C ARG L 64 46.13 -7.54 11.09
N THR L 65 47.34 -7.62 10.56
CA THR L 65 48.20 -6.46 10.39
C THR L 65 48.84 -6.51 9.01
N THR L 66 48.91 -5.36 8.35
CA THR L 66 49.45 -5.26 7.00
C THR L 66 50.92 -4.83 7.02
N GLN L 67 51.58 -5.02 5.89
CA GLN L 67 52.97 -4.63 5.76
C GLN L 67 53.10 -3.11 5.87
N HIS L 68 54.25 -2.67 6.36
CA HIS L 68 54.49 -1.26 6.62
C HIS L 68 54.83 -0.53 5.33
N LYS L 69 54.10 0.54 5.03
CA LYS L 69 54.39 1.42 3.92
C LYS L 69 55.07 2.67 4.46
N TRP L 70 56.24 2.99 3.91
CA TRP L 70 57.04 4.09 4.43
C TRP L 70 56.19 5.35 4.58
N ASN L 71 56.28 5.97 5.75
CA ASN L 71 55.58 7.21 6.03
C ASN L 71 56.52 8.40 5.88
N HIS L 72 55.97 9.60 6.06
CA HIS L 72 56.74 10.80 5.84
C HIS L 72 57.91 10.91 6.80
N TRP L 73 57.72 10.53 8.06
CA TRP L 73 58.83 10.58 9.01
C TRP L 73 59.95 9.64 8.59
N ASP L 74 59.62 8.41 8.20
CA ASP L 74 60.65 7.47 7.78
C ASP L 74 61.39 7.97 6.55
N GLN L 75 60.65 8.49 5.56
CA GLN L 75 61.29 8.96 4.34
C GLN L 75 62.12 10.22 4.57
N TYR L 76 61.73 11.02 5.55
CA TYR L 76 62.52 12.21 5.91
C TYR L 76 63.79 11.80 6.65
N LEU L 77 63.69 10.80 7.53
CA LEU L 77 64.84 10.35 8.28
C LEU L 77 65.86 9.68 7.38
N ASN L 78 65.43 8.76 6.55
CA ASN L 78 66.32 8.02 5.65
C ASN L 78 65.81 8.14 4.23
N PRO L 79 66.29 9.11 3.45
CA PRO L 79 65.79 9.28 2.08
C PRO L 79 66.07 8.09 1.17
N GLN L 80 66.97 7.19 1.56
CA GLN L 80 67.29 6.04 0.72
C GLN L 80 66.06 5.18 0.45
N ILE L 81 65.04 5.27 1.30
CA ILE L 81 63.86 4.42 1.16
C ILE L 81 62.82 4.99 0.21
N THR L 82 62.92 6.27 -0.15
CA THR L 82 61.98 6.88 -1.08
C THR L 82 62.33 6.38 -2.48
N GLN L 83 62.00 5.10 -2.72
CA GLN L 83 62.42 4.41 -3.93
C GLN L 83 61.36 4.35 -5.01
N SER L 84 60.16 4.89 -4.78
CA SER L 84 59.08 4.73 -5.74
C SER L 84 58.07 5.86 -5.66
N ILE L 85 57.39 6.09 -6.78
CA ILE L 85 56.25 6.99 -6.81
C ILE L 85 55.22 6.56 -5.80
N LYS L 86 55.10 5.25 -5.55
CA LYS L 86 54.23 4.76 -4.50
C LYS L 86 54.65 5.31 -3.15
N ASP L 87 55.97 5.30 -2.87
CA ASP L 87 56.47 5.90 -1.64
C ASP L 87 56.21 7.40 -1.60
N LEU L 88 56.14 8.06 -2.76
CA LEU L 88 55.79 9.48 -2.81
C LEU L 88 54.29 9.62 -2.57
N THR L 89 53.90 9.66 -1.29
CA THR L 89 52.51 9.75 -0.89
C THR L 89 52.13 11.19 -0.54
N PRO L 90 50.85 11.54 -0.60
CA PRO L 90 50.44 12.92 -0.30
C PRO L 90 50.49 13.22 1.19
N THR L 91 50.05 14.43 1.57
CA THR L 91 50.05 14.80 2.97
C THR L 91 49.15 13.86 3.77
N PRO L 92 49.50 13.56 5.02
CA PRO L 92 48.65 12.66 5.83
C PRO L 92 47.28 13.22 6.11
N GLU L 93 47.08 14.54 5.98
CA GLU L 93 45.76 15.12 6.21
C GLU L 93 44.74 14.64 5.19
N TYR L 94 45.19 14.12 4.04
CA TYR L 94 44.29 13.65 2.99
C TYR L 94 43.89 12.22 3.31
N VAL L 95 42.69 12.04 3.87
CA VAL L 95 42.19 10.70 4.15
C VAL L 95 41.98 9.94 2.85
N GLY L 96 41.38 10.59 1.86
CA GLY L 96 41.10 9.95 0.59
C GLY L 96 39.85 10.54 -0.01
N MET L 97 39.48 9.99 -1.17
CA MET L 97 38.23 10.40 -1.80
C MET L 97 37.05 10.02 -0.90
N ARG L 98 36.06 10.91 -0.85
CA ARG L 98 34.97 10.73 0.11
C ARG L 98 34.18 9.48 -0.23
N CYS L 99 33.83 8.72 0.81
CA CYS L 99 32.95 7.57 0.71
C CYS L 99 31.71 7.82 1.57
N GLY L 100 30.60 7.21 1.17
CA GLY L 100 29.36 7.39 1.90
C GLY L 100 28.69 8.70 1.56
N HIS L 101 27.53 8.91 2.19
CA HIS L 101 26.68 10.06 1.92
C HIS L 101 26.41 10.82 3.21
N ASN L 102 26.60 12.14 3.17
CA ASN L 102 26.36 13.01 4.32
C ASN L 102 24.87 13.31 4.39
N MET L 103 24.11 12.32 4.84
CA MET L 103 22.67 12.50 4.98
C MET L 103 22.38 13.51 6.08
N ILE L 104 21.33 14.31 5.89
CA ILE L 104 21.14 15.50 6.70
C ILE L 104 20.90 15.13 8.17
N LYS L 105 19.98 14.20 8.41
CA LYS L 105 19.54 13.89 9.77
C LYS L 105 20.27 12.72 10.39
N MET L 106 21.19 12.08 9.68
CA MET L 106 21.87 10.90 10.18
C MET L 106 23.39 10.94 10.02
N GLY L 107 23.95 12.00 9.44
CA GLY L 107 25.38 12.08 9.28
C GLY L 107 25.87 11.32 8.07
N TRP L 108 27.03 10.70 8.18
CA TRP L 108 27.65 9.97 7.07
C TRP L 108 27.21 8.52 7.12
N MET L 109 26.54 8.07 6.07
CA MET L 109 26.04 6.72 5.96
C MET L 109 26.79 5.99 4.85
N LYS L 110 27.02 4.69 5.05
CA LYS L 110 27.75 3.91 4.07
C LYS L 110 26.98 3.81 2.76
N ILE L 111 27.72 3.66 1.67
CA ILE L 111 27.11 3.52 0.35
C ILE L 111 26.31 2.24 0.22
N GLY L 112 26.47 1.30 1.14
CA GLY L 112 25.74 0.05 1.10
C GLY L 112 24.25 0.24 0.91
N GLY L 113 23.58 0.81 1.91
CA GLY L 113 22.14 1.00 1.83
C GLY L 113 21.58 1.91 2.90
N SER L 114 20.38 1.60 3.38
CA SER L 114 19.68 2.40 4.38
C SER L 114 19.37 3.79 3.84
N TRP L 115 18.66 3.81 2.71
CA TRP L 115 18.20 5.05 2.09
C TRP L 115 16.79 5.44 2.48
N LYS L 116 16.05 4.55 3.16
CA LYS L 116 14.63 4.77 3.36
C LYS L 116 14.37 5.99 4.23
N TYR L 117 15.19 6.22 5.25
CA TYR L 117 14.99 7.31 6.19
C TYR L 117 15.71 8.59 5.79
N SER L 118 15.95 8.80 4.50
CA SER L 118 16.66 9.97 4.02
C SER L 118 15.94 10.52 2.80
N ARG L 119 15.24 11.64 2.98
CA ARG L 119 14.59 12.35 1.89
C ARG L 119 15.07 13.78 1.76
N GLY L 120 15.41 14.44 2.87
CA GLY L 120 16.02 15.75 2.78
C GLY L 120 17.34 15.72 2.05
N TYR L 121 18.09 14.62 2.18
CA TYR L 121 19.34 14.49 1.43
C TYR L 121 19.07 14.54 -0.07
N ASN L 122 18.06 13.82 -0.54
CA ASN L 122 17.73 13.84 -1.96
C ASN L 122 17.17 15.20 -2.37
N ASP L 123 16.39 15.83 -1.50
CA ASP L 123 15.86 17.16 -1.81
C ASP L 123 16.98 18.16 -2.02
N ARG L 124 17.98 18.14 -1.15
CA ARG L 124 19.13 19.04 -1.31
C ARG L 124 20.04 18.63 -2.45
N ARG L 125 20.09 17.32 -2.76
CA ARG L 125 20.84 16.85 -3.91
C ARG L 125 20.26 17.39 -5.21
N ARG L 126 18.93 17.40 -5.32
CA ARG L 126 18.25 17.91 -6.52
C ARG L 126 18.33 19.43 -6.50
N VAL L 127 19.51 19.94 -6.86
CA VAL L 127 19.74 21.38 -6.92
C VAL L 127 20.67 21.71 -8.08
N ARG L 141 13.29 39.73 8.31
CA ARG L 141 13.11 39.39 6.90
C ARG L 141 13.36 40.62 6.03
N PHE L 142 13.84 40.39 4.81
CA PHE L 142 14.19 41.51 3.93
C PHE L 142 12.97 42.33 3.55
N MET L 143 11.83 41.67 3.33
CA MET L 143 10.63 42.40 2.92
C MET L 143 10.19 43.40 3.97
N LEU L 144 10.49 43.14 5.25
CA LEU L 144 10.10 44.03 6.33
C LEU L 144 11.13 45.13 6.61
N ALA L 145 12.31 45.07 5.97
CA ALA L 145 13.31 46.09 6.20
C ALA L 145 13.25 47.15 5.10
N PRO L 146 13.46 48.42 5.44
CA PRO L 146 13.42 49.47 4.40
C PRO L 146 14.73 49.64 3.68
N ARG L 147 14.63 50.24 2.49
CA ARG L 147 15.80 50.59 1.70
C ARG L 147 16.23 52.01 2.06
N VAL L 148 17.43 52.13 2.65
CA VAL L 148 17.87 53.45 3.11
C VAL L 148 18.01 54.42 1.95
N SER L 149 18.57 53.95 0.84
CA SER L 149 18.75 54.78 -0.34
C SER L 149 18.47 53.95 -1.58
N ALA L 150 18.38 54.61 -2.72
CA ALA L 150 18.11 53.91 -3.97
C ALA L 150 19.21 52.89 -4.27
N GLY L 151 20.46 53.28 -4.08
CA GLY L 151 21.57 52.38 -4.30
C GLY L 151 21.93 51.51 -3.12
N GLY L 152 21.28 51.70 -1.97
CA GLY L 152 21.57 50.91 -0.79
C GLY L 152 22.70 51.51 0.01
N PRO L 153 22.87 51.07 1.25
CA PRO L 153 23.95 51.59 2.08
C PRO L 153 25.31 51.19 1.54
N ARG L 154 26.29 52.08 1.72
CA ARG L 154 27.66 51.83 1.29
C ARG L 154 27.72 51.42 -0.18
N ASN L 155 26.91 52.07 -1.01
CA ASN L 155 26.90 51.78 -2.43
C ASN L 155 28.12 52.38 -3.11
N ARG L 156 28.82 51.57 -3.90
CA ARG L 156 30.01 52.00 -4.62
C ARG L 156 29.58 52.54 -5.98
N TYR L 157 28.92 53.69 -5.95
CA TYR L 157 28.56 54.36 -7.19
C TYR L 157 29.81 54.84 -7.91
N GLU L 158 29.71 54.94 -9.24
CA GLU L 158 30.85 55.36 -10.03
C GLU L 158 31.32 56.73 -9.57
N GLY L 159 32.64 56.89 -9.47
CA GLY L 159 33.21 58.13 -9.00
C GLY L 159 33.37 58.24 -7.50
N LYS L 160 32.87 57.27 -6.74
CA LYS L 160 33.05 57.29 -5.30
C LYS L 160 34.51 57.03 -4.94
N LEU L 161 34.98 57.74 -3.91
CA LEU L 161 36.37 57.65 -3.47
C LEU L 161 36.46 56.58 -2.38
N VAL L 162 36.74 55.36 -2.81
CA VAL L 162 36.90 54.23 -1.91
C VAL L 162 38.36 53.83 -1.98
N PHE L 163 39.17 54.39 -1.07
CA PHE L 163 40.59 54.13 -1.06
C PHE L 163 40.91 52.84 -0.33
N SER L 164 41.87 52.09 -0.87
CA SER L 164 42.38 50.94 -0.15
C SER L 164 43.32 51.38 0.97
N PRO L 165 43.25 50.77 2.15
CA PRO L 165 44.12 51.22 3.24
C PRO L 165 45.58 50.93 2.95
N LEU L 166 46.45 51.81 3.46
CA LEU L 166 47.89 51.59 3.45
C LEU L 166 48.41 51.95 4.83
N ARG L 167 48.69 50.93 5.63
CA ARG L 167 49.12 51.16 7.00
C ARG L 167 50.41 51.96 7.02
N LEU L 168 50.41 53.08 7.72
CA LEU L 168 51.65 53.80 7.94
C LEU L 168 52.68 52.91 8.63
N SER L 169 52.21 52.03 9.52
CA SER L 169 53.12 51.05 10.13
C SER L 169 53.71 50.13 9.09
N LYS L 170 52.90 49.69 8.11
CA LYS L 170 53.40 48.84 7.05
C LYS L 170 54.46 49.56 6.23
N LEU L 171 54.20 50.82 5.88
CA LEU L 171 55.17 51.59 5.11
C LEU L 171 56.48 51.77 5.89
N LEU L 172 56.38 52.08 7.18
CA LEU L 172 57.57 52.24 8.00
C LEU L 172 58.33 50.93 8.12
N TRP L 173 57.62 49.81 8.25
CA TRP L 173 58.28 48.51 8.30
C TRP L 173 59.01 48.22 7.00
N ALA L 174 58.39 48.55 5.86
CA ALA L 174 59.06 48.36 4.58
C ALA L 174 60.32 49.21 4.50
N ILE L 175 60.24 50.46 4.94
CA ILE L 175 61.42 51.32 4.92
C ILE L 175 62.51 50.75 5.80
N ASP L 176 62.15 50.29 7.00
CA ASP L 176 63.15 49.76 7.93
C ASP L 176 63.80 48.51 7.37
N THR L 177 63.02 47.60 6.79
CA THR L 177 63.60 46.40 6.19
C THR L 177 64.52 46.77 5.05
N GLY L 178 64.12 47.71 4.20
CA GLY L 178 64.98 48.20 3.15
C GLY L 178 64.40 48.07 1.76
N ARG L 179 63.12 47.72 1.66
CA ARG L 179 62.48 47.63 0.36
C ARG L 179 62.14 49.00 -0.24
N ILE L 180 62.07 50.04 0.58
CA ILE L 180 61.77 51.38 0.11
C ILE L 180 62.91 52.30 0.54
N ASN L 181 63.41 53.09 -0.42
CA ASN L 181 64.53 53.98 -0.16
C ASN L 181 64.00 55.28 0.42
N PRO L 182 64.37 55.64 1.66
CA PRO L 182 63.93 56.94 2.20
C PRO L 182 64.42 58.14 1.38
N ASN L 183 65.56 58.01 0.70
CA ASN L 183 66.15 59.14 -0.01
C ASN L 183 65.33 59.59 -1.21
N GLU L 184 64.35 58.79 -1.64
CA GLU L 184 63.53 59.13 -2.79
C GLU L 184 62.10 59.42 -2.35
N VAL L 185 61.39 60.17 -3.18
CA VAL L 185 60.00 60.51 -2.91
C VAL L 185 59.14 59.30 -3.23
N ILE L 186 58.61 58.66 -2.18
CA ILE L 186 57.86 57.42 -2.36
C ILE L 186 56.60 57.68 -3.17
N THR L 187 56.28 56.74 -4.04
CA THR L 187 55.08 56.83 -4.87
C THR L 187 54.46 55.44 -4.96
N LEU L 188 53.22 55.40 -5.45
CA LEU L 188 52.55 54.12 -5.62
C LEU L 188 53.34 53.20 -6.54
N TYR L 189 53.98 53.76 -7.58
CA TYR L 189 54.81 52.94 -8.44
C TYR L 189 55.97 52.33 -7.67
N HIS L 190 56.63 53.13 -6.82
CA HIS L 190 57.73 52.61 -6.02
C HIS L 190 57.25 51.51 -5.08
N LEU L 191 56.08 51.70 -4.46
CA LEU L 191 55.55 50.67 -3.58
C LEU L 191 55.28 49.38 -4.35
N ARG L 192 54.66 49.50 -5.54
CA ARG L 192 54.37 48.32 -6.33
C ARG L 192 55.65 47.60 -6.73
N GLN L 193 56.65 48.34 -7.19
CA GLN L 193 57.90 47.72 -7.61
C GLN L 193 58.62 47.07 -6.44
N ALA L 194 58.63 47.73 -5.28
CA ALA L 194 59.18 47.12 -4.08
C ALA L 194 58.36 45.92 -3.62
N ASN L 195 57.13 45.78 -4.12
CA ASN L 195 56.27 44.64 -3.83
C ASN L 195 55.68 44.70 -2.44
N VAL L 196 55.58 45.90 -1.85
CA VAL L 196 54.89 46.04 -0.57
C VAL L 196 53.38 46.01 -0.75
N VAL L 197 52.89 46.18 -1.98
CA VAL L 197 51.47 46.08 -2.28
C VAL L 197 51.30 45.17 -3.48
N GLY L 198 50.14 44.52 -3.55
CA GLY L 198 49.83 43.62 -4.64
C GLY L 198 48.86 44.25 -5.63
N GLU L 199 48.79 43.70 -6.84
CA GLU L 199 47.90 44.25 -7.85
C GLU L 199 46.44 44.14 -7.45
N ARG L 200 46.11 43.25 -6.52
CA ARG L 200 44.72 43.07 -6.11
C ARG L 200 44.15 44.35 -5.51
N GLU L 201 44.98 45.11 -4.80
CA GLU L 201 44.54 46.28 -4.05
C GLU L 201 45.03 47.59 -4.67
N ILE L 202 45.03 47.67 -6.01
CA ILE L 202 45.47 48.87 -6.71
C ILE L 202 44.31 49.57 -7.42
N VAL L 203 43.07 49.25 -7.04
CA VAL L 203 41.94 49.81 -7.76
C VAL L 203 41.87 51.33 -7.57
N TRP L 204 41.31 52.01 -8.57
CA TRP L 204 41.08 53.43 -8.47
C TRP L 204 40.15 53.72 -7.29
N PRO L 205 40.35 54.85 -6.58
CA PRO L 205 41.30 55.95 -6.75
C PRO L 205 42.73 55.64 -6.31
N GLY L 206 42.92 54.55 -5.56
CA GLY L 206 44.24 54.17 -5.08
C GLY L 206 44.24 53.94 -3.59
N PHE L 207 45.35 54.30 -2.96
CA PHE L 207 45.57 54.04 -1.54
C PHE L 207 45.33 55.29 -0.70
N VAL L 208 44.99 55.05 0.57
CA VAL L 208 44.88 56.11 1.57
C VAL L 208 45.76 55.72 2.74
N LEU L 209 46.62 56.64 3.17
CA LEU L 209 47.53 56.38 4.28
C LEU L 209 46.78 56.46 5.60
N ILE L 210 46.96 55.43 6.43
CA ILE L 210 46.29 55.34 7.72
C ILE L 210 47.35 55.10 8.79
N SER L 211 47.27 55.86 9.87
CA SER L 211 48.20 55.73 10.98
C SER L 211 47.63 54.75 12.01
N ASN L 212 47.72 53.47 11.66
CA ASN L 212 47.22 52.39 12.51
C ASN L 212 48.31 52.01 13.50
N GLY L 213 48.17 52.45 14.75
CA GLY L 213 49.09 52.08 15.80
C GLY L 213 50.45 52.73 15.71
N VAL L 214 50.58 53.87 15.04
CA VAL L 214 51.85 54.57 14.92
C VAL L 214 51.72 55.91 15.62
N ARG L 215 52.65 56.18 16.54
CA ARG L 215 52.65 57.42 17.30
C ARG L 215 53.69 58.43 16.82
N ARG L 216 54.80 57.98 16.26
CA ARG L 216 55.85 58.88 15.80
C ARG L 216 56.51 58.29 14.55
N VAL L 217 57.07 59.15 13.72
CA VAL L 217 57.85 58.76 12.56
C VAL L 217 59.28 59.25 12.79
N PRO L 218 60.23 58.37 13.10
CA PRO L 218 61.55 58.86 13.55
C PRO L 218 62.27 59.73 12.55
N TYR L 219 62.09 59.50 11.25
CA TYR L 219 62.84 60.20 10.23
C TYR L 219 61.91 60.83 9.20
N PRO L 220 62.33 61.90 8.54
CA PRO L 220 61.48 62.50 7.50
C PRO L 220 61.23 61.52 6.37
N ILE L 221 59.99 61.52 5.89
CA ILE L 221 59.58 60.67 4.78
C ILE L 221 58.79 61.52 3.80
N HIS L 222 59.13 61.39 2.52
CA HIS L 222 58.45 62.12 1.45
C HIS L 222 57.62 61.12 0.65
N ILE L 223 56.31 61.30 0.67
CA ILE L 223 55.38 60.34 0.09
C ILE L 223 54.41 61.09 -0.83
N GLU L 224 53.87 60.35 -1.80
CA GLU L 224 52.87 60.90 -2.74
C GLU L 224 51.81 59.82 -2.91
N LEU L 225 50.78 59.88 -2.08
CA LEU L 225 49.64 58.99 -2.15
C LEU L 225 48.41 59.77 -2.60
N GLN L 226 47.33 59.04 -2.86
CA GLN L 226 46.11 59.65 -3.35
C GLN L 226 45.22 60.18 -2.23
N ASN L 227 45.56 59.88 -0.97
CA ASN L 227 44.85 60.41 0.18
C ASN L 227 45.59 59.95 1.43
N ALA L 228 45.33 60.65 2.54
CA ALA L 228 45.94 60.27 3.81
C ALA L 228 45.10 60.85 4.94
N SER L 229 45.18 60.19 6.09
CA SER L 229 44.46 60.63 7.26
C SER L 229 45.13 61.86 7.87
N ALA L 230 44.33 62.63 8.62
CA ALA L 230 44.87 63.81 9.28
C ALA L 230 45.98 63.43 10.24
N GLU L 231 45.79 62.35 11.00
CA GLU L 231 46.82 61.93 11.95
C GLU L 231 48.11 61.55 11.23
N SER L 232 48.01 60.83 10.11
CA SER L 232 49.21 60.44 9.38
C SER L 232 49.92 61.65 8.80
N ILE L 233 49.16 62.60 8.24
CA ILE L 233 49.77 63.81 7.69
C ILE L 233 50.48 64.58 8.81
N ARG L 234 49.82 64.69 9.97
CA ARG L 234 50.43 65.39 11.09
C ARG L 234 51.73 64.70 11.53
N LEU L 235 51.71 63.37 11.60
CA LEU L 235 52.91 62.65 12.00
C LEU L 235 54.05 62.89 11.01
N ILE L 236 53.75 62.82 9.71
CA ILE L 236 54.79 63.04 8.71
C ILE L 236 55.37 64.45 8.84
N GLU L 237 54.49 65.45 8.93
CA GLU L 237 54.95 66.83 9.02
C GLU L 237 55.78 67.06 10.28
N GLU L 238 55.33 66.52 11.41
CA GLU L 238 56.09 66.67 12.65
C GLU L 238 57.45 66.00 12.54
N ALA L 239 57.50 64.80 11.96
CA ALA L 239 58.79 64.14 11.75
C ALA L 239 59.69 64.97 10.85
N GLY L 240 59.11 65.74 9.94
CA GLY L 240 59.86 66.64 9.10
C GLY L 240 59.80 66.31 7.62
N GLY L 241 59.20 65.19 7.25
CA GLY L 241 59.04 64.84 5.85
C GLY L 241 58.02 65.71 5.18
N SER L 242 57.42 65.17 4.12
CA SER L 242 56.39 65.88 3.39
C SER L 242 55.39 64.87 2.84
N PHE L 243 54.17 65.33 2.62
CA PHE L 243 53.14 64.52 2.00
C PHE L 243 52.38 65.37 0.99
N THR L 244 52.11 64.76 -0.17
CA THR L 244 51.31 65.39 -1.20
C THR L 244 50.23 64.43 -1.64
N CYS L 245 48.98 64.87 -1.56
CA CYS L 245 47.82 64.05 -1.94
C CYS L 245 47.70 64.12 -3.45
N VAL L 246 48.38 63.20 -4.13
CA VAL L 246 48.42 63.20 -5.60
C VAL L 246 47.21 62.39 -6.04
N TYR L 247 46.06 63.07 -6.09
CA TYR L 247 44.84 62.46 -6.58
C TYR L 247 44.90 62.35 -8.09
N MET L 248 44.53 61.18 -8.62
CA MET L 248 44.72 60.87 -10.04
C MET L 248 43.46 60.26 -10.62
N THR L 249 43.35 60.36 -11.94
CA THR L 249 42.35 59.63 -12.69
C THR L 249 42.89 58.25 -13.04
N HIS L 250 42.07 57.45 -13.73
CA HIS L 250 42.50 56.11 -14.12
C HIS L 250 43.71 56.18 -15.04
N GLU L 251 43.69 57.09 -16.01
CA GLU L 251 44.82 57.23 -16.93
C GLU L 251 46.09 57.59 -16.16
N GLY L 252 45.99 58.55 -15.24
CA GLY L 252 47.17 58.93 -14.47
C GLY L 252 47.70 57.80 -13.62
N LEU L 253 46.80 57.07 -12.96
CA LEU L 253 47.23 55.94 -12.13
C LEU L 253 47.92 54.87 -12.98
N TYR L 254 47.32 54.54 -14.13
CA TYR L 254 47.93 53.53 -14.99
C TYR L 254 49.28 53.99 -15.51
N GLN L 255 49.40 55.27 -15.89
CA GLN L 255 50.68 55.77 -16.38
C GLN L 255 51.73 55.74 -15.28
N GLU L 256 51.36 56.10 -14.05
CA GLU L 256 52.32 56.05 -12.95
C GLU L 256 52.79 54.61 -12.70
N LEU L 257 51.86 53.65 -12.76
CA LEU L 257 52.25 52.27 -12.51
C LEU L 257 53.00 51.63 -13.68
N HIS L 258 52.79 52.13 -14.90
CA HIS L 258 53.46 51.58 -16.08
C HIS L 258 54.07 52.72 -16.90
N PRO L 259 55.08 53.40 -16.34
CA PRO L 259 55.75 54.45 -17.13
C PRO L 259 56.49 53.90 -18.33
N GLU L 260 56.81 52.61 -18.33
CA GLU L 260 57.51 52.00 -19.45
C GLU L 260 56.77 52.21 -20.77
N GLU L 261 55.45 52.27 -20.73
CA GLU L 261 54.65 52.31 -21.95
C GLU L 261 54.47 53.71 -22.53
N TYR L 262 54.97 54.73 -21.84
CA TYR L 262 54.75 56.12 -22.25
C TYR L 262 56.10 56.84 -22.33
N PRO L 263 56.74 56.80 -23.50
CA PRO L 263 58.03 57.50 -23.63
C PRO L 263 57.94 59.00 -23.51
N ILE L 264 56.76 59.59 -23.69
CA ILE L 264 56.57 61.04 -23.63
C ILE L 264 55.51 61.36 -22.59
N PHE L 265 55.62 62.55 -22.01
CA PHE L 265 54.67 62.99 -20.99
C PHE L 265 53.32 63.31 -21.63
N MET L 266 52.41 62.35 -21.61
CA MET L 266 51.10 62.57 -22.20
C MET L 266 50.31 63.57 -21.36
N ASP L 267 49.56 64.43 -22.05
CA ASP L 267 48.74 65.42 -21.37
C ASP L 267 47.86 64.75 -20.31
N GLN L 268 48.04 65.16 -19.06
CA GLN L 268 47.34 64.57 -17.94
C GLN L 268 46.08 65.38 -17.65
N GLU L 269 44.92 64.77 -17.83
CA GLU L 269 43.67 65.43 -17.53
C GLU L 269 43.54 65.67 -16.03
N LEU L 270 42.99 66.84 -15.68
CA LEU L 270 42.79 67.14 -14.28
C LEU L 270 41.64 66.31 -13.72
N PRO L 271 41.62 66.05 -12.41
CA PRO L 271 40.55 65.22 -11.84
C PRO L 271 39.18 65.86 -11.95
N GLU L 272 38.15 65.15 -11.50
CA GLU L 272 36.78 65.62 -11.62
C GLU L 272 36.49 66.68 -10.57
N ARG L 273 35.26 67.20 -10.58
CA ARG L 273 34.87 68.21 -9.61
C ARG L 273 34.93 67.66 -8.19
N ARG L 274 34.51 66.41 -7.99
CA ARG L 274 34.57 65.82 -6.67
C ARG L 274 36.01 65.77 -6.17
N GLY L 275 36.93 65.33 -7.02
CA GLY L 275 38.32 65.30 -6.63
C GLY L 275 38.88 66.67 -6.33
N LEU L 276 38.55 67.66 -7.17
CA LEU L 276 39.02 69.02 -6.92
C LEU L 276 38.52 69.54 -5.59
N GLU L 277 37.24 69.31 -5.29
CA GLU L 277 36.68 69.80 -4.03
C GLU L 277 37.31 69.08 -2.83
N SER L 278 37.45 67.76 -2.91
CA SER L 278 37.79 66.98 -1.73
C SER L 278 39.29 66.88 -1.49
N LEU L 279 40.06 66.50 -2.51
CA LEU L 279 41.46 66.12 -2.32
C LEU L 279 42.43 67.03 -3.07
N ALA L 280 42.23 67.22 -4.38
CA ALA L 280 43.25 67.90 -5.17
C ALA L 280 43.49 69.32 -4.71
N THR L 281 42.43 70.06 -4.37
CA THR L 281 42.52 71.45 -3.95
C THR L 281 42.20 71.63 -2.47
N ASN L 282 42.59 70.67 -1.63
CA ASN L 282 42.31 70.72 -0.21
C ASN L 282 43.59 71.03 0.56
N PRO L 283 43.70 72.20 1.20
CA PRO L 283 44.91 72.46 2.00
C PRO L 283 45.12 71.45 3.11
N SER L 284 44.05 70.94 3.72
CA SER L 284 44.20 69.98 4.81
C SER L 284 44.84 68.68 4.32
N LYS L 285 44.47 68.22 3.14
CA LYS L 285 45.03 66.99 2.57
C LYS L 285 46.33 67.23 1.83
N ARG L 286 46.83 68.45 1.78
CA ARG L 286 48.01 68.78 1.00
C ARG L 286 47.78 68.48 -0.48
N GLY L 287 46.58 68.84 -0.96
CA GLY L 287 46.26 68.61 -2.35
C GLY L 287 47.27 69.28 -3.27
N TRP L 288 47.67 68.56 -4.31
CA TRP L 288 48.71 69.06 -5.19
C TRP L 288 48.25 70.24 -6.04
N LEU L 289 46.95 70.51 -6.10
CA LEU L 289 46.43 71.65 -6.84
C LEU L 289 46.04 72.82 -5.93
N THR L 290 46.43 72.78 -4.66
CA THR L 290 46.08 73.88 -3.75
C THR L 290 46.69 75.19 -4.22
N ARG L 291 47.97 75.16 -4.62
CA ARG L 291 48.62 76.38 -5.10
C ARG L 291 47.92 76.92 -6.34
N TRP L 292 47.60 76.03 -7.28
CA TRP L 292 46.94 76.47 -8.51
C TRP L 292 45.57 77.07 -8.20
N TYR L 293 44.80 76.44 -7.31
CA TYR L 293 43.50 76.97 -6.95
C TYR L 293 43.63 78.33 -6.27
N GLU L 294 44.63 78.50 -5.41
CA GLU L 294 44.81 79.75 -4.70
C GLU L 294 45.33 80.87 -5.60
N ASP L 295 46.02 80.55 -6.69
CA ASP L 295 46.53 81.57 -7.60
C ASP L 295 45.40 82.48 -8.06
N SER L 296 45.76 83.70 -8.49
CA SER L 296 44.79 84.71 -8.89
C SER L 296 44.96 85.19 -10.32
N SER L 297 46.18 85.15 -10.87
CA SER L 297 46.38 85.63 -12.24
C SER L 297 45.56 84.81 -13.23
N LYS L 298 45.37 83.52 -12.96
CA LYS L 298 44.56 82.69 -13.84
C LYS L 298 43.12 83.17 -13.92
N TYR L 299 42.57 83.68 -12.83
CA TYR L 299 41.29 84.38 -12.88
C TYR L 299 41.42 85.77 -13.50
N ALA L 300 42.57 86.41 -13.36
CA ALA L 300 42.77 87.76 -13.87
C ALA L 300 42.71 87.83 -15.38
N HIS L 301 43.42 86.94 -16.08
CA HIS L 301 43.51 87.05 -17.53
C HIS L 301 43.71 85.66 -18.12
N PRO L 302 43.19 85.39 -19.32
CA PRO L 302 43.42 84.08 -19.95
C PRO L 302 44.89 83.78 -20.16
N ALA L 303 45.70 84.79 -20.46
CA ALA L 303 47.12 84.55 -20.72
C ALA L 303 47.79 83.91 -19.52
N ALA L 304 47.48 84.40 -18.32
CA ALA L 304 48.02 83.83 -17.09
C ALA L 304 47.22 82.63 -16.59
N GLY L 305 46.40 82.02 -17.45
CA GLY L 305 45.61 80.87 -17.03
C GLY L 305 46.48 79.72 -16.55
N ARG L 306 47.61 79.49 -17.22
CA ARG L 306 48.54 78.42 -16.84
C ARG L 306 49.84 79.04 -16.36
N ARG L 307 50.28 78.61 -15.18
CA ARG L 307 51.53 79.06 -14.59
C ARG L 307 52.53 77.92 -14.60
N TYR L 308 53.71 78.17 -15.16
CA TYR L 308 54.69 77.12 -15.36
C TYR L 308 55.41 76.80 -14.05
N SER L 309 55.51 75.51 -13.75
CA SER L 309 56.20 75.02 -12.57
C SER L 309 57.35 74.10 -13.00
N HIS L 310 58.42 74.12 -12.22
CA HIS L 310 59.61 73.35 -12.54
C HIS L 310 60.16 72.69 -11.27
N TYR L 311 60.93 71.63 -11.47
CA TYR L 311 61.52 70.91 -10.34
C TYR L 311 62.39 71.85 -9.51
N LEU L 312 62.33 71.68 -8.20
CA LEU L 312 63.15 72.46 -7.30
C LEU L 312 64.61 72.01 -7.42
N LYS L 313 65.50 72.99 -7.56
CA LYS L 313 66.92 72.70 -7.76
C LYS L 313 67.76 73.45 -6.73
N THR L 345 73.33 58.35 -20.01
CA THR L 345 73.95 57.17 -20.62
C THR L 345 73.09 55.93 -20.36
N LEU L 346 73.25 55.34 -19.17
CA LEU L 346 72.48 54.17 -18.76
C LEU L 346 72.70 53.00 -19.72
N LEU L 347 73.83 52.97 -20.41
CA LEU L 347 74.18 51.85 -21.26
C LEU L 347 74.89 50.81 -20.41
N PRO L 348 74.34 49.60 -20.26
CA PRO L 348 74.96 48.65 -19.32
C PRO L 348 76.38 48.25 -19.70
N TRP L 349 76.77 48.42 -20.95
CA TRP L 349 78.07 47.95 -21.42
C TRP L 349 79.13 49.01 -21.16
N HIS L 350 80.21 48.62 -20.49
CA HIS L 350 81.33 49.49 -20.18
C HIS L 350 82.59 48.97 -20.87
N SER L 351 83.67 49.72 -20.73
CA SER L 351 84.97 49.37 -21.30
C SER L 351 85.86 48.83 -20.19
N TYR L 352 86.35 47.61 -20.38
CA TYR L 352 87.20 46.98 -19.37
C TYR L 352 88.53 47.72 -19.29
N ASN L 353 88.93 48.05 -18.06
CA ASN L 353 90.19 48.75 -17.80
C ASN L 353 90.96 48.00 -16.74
N THR L 354 92.24 47.75 -17.00
CA THR L 354 93.10 47.03 -16.07
C THR L 354 93.80 48.00 -15.13
N ARG M 1 -46.22 -52.23 -11.30
CA ARG M 1 -45.06 -51.59 -10.72
C ARG M 1 -44.03 -51.27 -11.81
N ALA M 2 -43.21 -50.26 -11.57
CA ALA M 2 -42.24 -49.77 -12.53
C ALA M 2 -40.82 -50.09 -12.08
N PRO M 3 -39.88 -50.17 -13.00
CA PRO M 3 -38.49 -50.45 -12.63
C PRO M 3 -37.85 -49.24 -11.96
N PRO M 4 -36.70 -49.42 -11.31
CA PRO M 4 -36.05 -48.27 -10.67
C PRO M 4 -35.59 -47.21 -11.65
N VAL M 5 -34.86 -47.61 -12.68
CA VAL M 5 -34.43 -46.70 -13.74
C VAL M 5 -35.40 -46.84 -14.89
N ILE M 6 -36.07 -45.73 -15.24
CA ILE M 6 -37.18 -45.74 -16.18
C ILE M 6 -36.73 -45.10 -17.49
N GLY M 7 -37.10 -45.71 -18.60
CA GLY M 7 -36.80 -45.18 -19.91
C GLY M 7 -35.49 -45.70 -20.46
N CYS M 8 -35.31 -45.52 -21.77
CA CYS M 8 -34.09 -45.94 -22.44
C CYS M 8 -32.92 -45.08 -21.94
N THR M 9 -32.01 -45.70 -21.19
CA THR M 9 -30.87 -45.00 -20.61
C THR M 9 -29.58 -45.58 -21.17
N ARG M 10 -28.66 -44.69 -21.52
CA ARG M 10 -27.35 -45.09 -22.02
C ARG M 10 -26.51 -45.62 -20.87
N LYS M 11 -25.84 -46.74 -21.09
CA LYS M 11 -25.01 -47.39 -20.08
C LYS M 11 -23.54 -47.30 -20.48
N ALA M 12 -22.70 -47.95 -19.68
CA ALA M 12 -21.28 -47.98 -19.98
C ALA M 12 -21.02 -48.72 -21.28
N ARG M 13 -19.84 -48.49 -21.86
CA ARG M 13 -19.51 -49.11 -23.14
C ARG M 13 -19.60 -50.62 -23.06
N TRP M 14 -19.02 -51.21 -22.02
CA TRP M 14 -19.07 -52.65 -21.79
C TRP M 14 -19.97 -52.90 -20.58
N ALA M 15 -21.27 -53.06 -20.84
CA ALA M 15 -22.23 -53.31 -19.78
C ALA M 15 -23.14 -54.44 -20.23
N GLY M 16 -23.69 -55.18 -19.27
CA GLY M 16 -24.54 -56.30 -19.57
C GLY M 16 -25.91 -55.87 -20.05
N ILE M 17 -26.70 -56.88 -20.40
CA ILE M 17 -28.05 -56.68 -20.95
C ILE M 17 -29.05 -57.13 -19.89
N ASP M 18 -29.94 -56.22 -19.49
CA ASP M 18 -30.97 -56.50 -18.51
C ASP M 18 -32.33 -56.58 -19.19
N ASP M 19 -33.12 -57.58 -18.79
CA ASP M 19 -34.42 -57.83 -19.39
C ASP M 19 -35.54 -57.05 -18.74
N ASN M 20 -35.23 -55.94 -18.07
CA ASN M 20 -36.27 -55.13 -17.46
C ASN M 20 -37.23 -54.62 -18.54
N PRO M 21 -38.54 -54.65 -18.31
CA PRO M 21 -39.48 -54.25 -19.36
C PRO M 21 -39.46 -52.76 -19.64
N THR M 22 -38.90 -52.36 -20.78
CA THR M 22 -38.84 -50.97 -21.19
C THR M 22 -39.25 -50.87 -22.65
N ILE M 23 -39.80 -49.73 -23.02
CA ILE M 23 -40.21 -49.52 -24.42
C ILE M 23 -38.96 -49.41 -25.28
N THR M 24 -38.80 -50.34 -26.21
CA THR M 24 -37.64 -50.38 -27.09
C THR M 24 -37.96 -49.68 -28.40
N TYR M 25 -37.10 -48.75 -28.80
CA TYR M 25 -37.22 -48.04 -30.07
C TYR M 25 -36.01 -48.36 -30.93
N LYS M 26 -36.27 -48.88 -32.14
CA LYS M 26 -35.22 -49.13 -33.11
C LYS M 26 -35.39 -48.20 -34.29
N PRO M 27 -34.30 -47.58 -34.79
CA PRO M 27 -34.47 -46.63 -35.90
C PRO M 27 -35.10 -47.25 -37.14
N TRP M 28 -34.83 -48.52 -37.41
CA TRP M 28 -35.40 -49.22 -38.56
C TRP M 28 -35.22 -50.71 -38.33
N ASP M 29 -35.43 -51.50 -39.39
CA ASP M 29 -35.28 -52.95 -39.31
C ASP M 29 -33.79 -53.28 -39.31
N THR M 30 -33.21 -53.38 -38.12
CA THR M 30 -31.79 -53.72 -38.01
C THR M 30 -31.49 -55.11 -38.53
N THR M 31 -32.49 -56.00 -38.56
CA THR M 31 -32.28 -57.35 -39.07
C THR M 31 -31.97 -57.36 -40.55
N GLU M 32 -32.18 -56.27 -41.27
CA GLU M 32 -31.81 -56.21 -42.67
C GLU M 32 -30.31 -56.42 -42.82
N PRO M 33 -29.88 -57.09 -43.89
CA PRO M 33 -28.46 -57.47 -43.99
C PRO M 33 -27.51 -56.29 -43.97
N LEU M 34 -27.67 -55.35 -44.91
CA LEU M 34 -26.73 -54.25 -45.05
C LEU M 34 -27.16 -52.99 -44.32
N MET M 35 -28.36 -52.94 -43.76
CA MET M 35 -28.85 -51.79 -43.01
C MET M 35 -28.71 -52.12 -41.52
N ALA M 36 -27.53 -51.86 -40.96
CA ALA M 36 -27.24 -52.16 -39.56
C ALA M 36 -26.82 -50.87 -38.85
N ASP M 37 -27.41 -50.65 -37.69
CA ASP M 37 -27.09 -49.49 -36.87
C ASP M 37 -25.72 -49.66 -36.24
N TYR M 38 -25.01 -48.55 -36.10
CA TYR M 38 -23.66 -48.52 -35.52
C TYR M 38 -23.74 -47.94 -34.11
N GLY M 39 -23.15 -48.65 -33.16
CA GLY M 39 -23.15 -48.21 -31.78
C GLY M 39 -22.20 -49.04 -30.96
N TRP M 40 -21.99 -48.61 -29.73
CA TRP M 40 -21.11 -49.31 -28.80
C TRP M 40 -21.85 -50.32 -27.94
N THR M 41 -23.17 -50.42 -28.07
CA THR M 41 -23.92 -51.46 -27.40
C THR M 41 -23.64 -52.80 -28.09
N ARG M 42 -23.84 -53.89 -27.34
CA ARG M 42 -23.48 -55.21 -27.84
C ARG M 42 -24.31 -55.62 -29.05
N GLY M 43 -25.53 -55.12 -29.19
CA GLY M 43 -26.36 -55.47 -30.32
C GLY M 43 -26.09 -54.72 -31.59
N LYS M 44 -25.19 -53.74 -31.56
CA LYS M 44 -24.89 -52.89 -32.70
C LYS M 44 -23.44 -53.08 -33.11
N LEU M 45 -23.16 -52.80 -34.39
CA LEU M 45 -21.79 -52.82 -34.87
C LEU M 45 -21.01 -51.64 -34.29
N PRO M 46 -19.71 -51.78 -34.08
CA PRO M 46 -18.94 -50.65 -33.55
C PRO M 46 -18.99 -49.46 -34.51
N LYS M 47 -19.11 -48.26 -33.95
CA LYS M 47 -19.22 -47.04 -34.76
C LYS M 47 -17.85 -46.40 -34.83
N PHE M 48 -17.15 -46.67 -35.93
CA PHE M 48 -15.86 -46.02 -36.16
C PHE M 48 -16.06 -44.52 -36.38
N ARG M 49 -15.04 -43.75 -36.05
CA ARG M 49 -15.16 -42.29 -36.08
C ARG M 49 -15.53 -41.82 -37.48
N ALA M 50 -16.49 -40.91 -37.55
CA ALA M 50 -16.89 -40.29 -38.81
C ALA M 50 -17.49 -38.94 -38.51
N ARG M 51 -17.54 -38.09 -39.54
CA ARG M 51 -18.07 -36.74 -39.36
C ARG M 51 -19.58 -36.73 -39.20
N SER M 52 -20.24 -37.85 -39.49
CA SER M 52 -21.69 -37.93 -39.40
C SER M 52 -22.10 -39.37 -39.69
N PRO M 53 -23.31 -39.77 -39.30
CA PRO M 53 -23.79 -41.10 -39.70
C PRO M 53 -23.83 -41.30 -41.21
N PHE M 54 -24.15 -40.25 -41.97
CA PHE M 54 -24.09 -40.37 -43.42
C PHE M 54 -22.67 -40.64 -43.89
N HIS M 55 -21.69 -39.95 -43.30
CA HIS M 55 -20.31 -40.20 -43.67
C HIS M 55 -19.88 -41.61 -43.28
N ARG M 56 -20.37 -42.09 -42.14
CA ARG M 56 -20.07 -43.46 -41.73
C ARG M 56 -20.66 -44.46 -42.72
N GLN M 57 -21.88 -44.20 -43.20
CA GLN M 57 -22.49 -45.06 -44.21
C GLN M 57 -21.68 -45.03 -45.50
N GLN M 58 -21.22 -43.85 -45.90
CA GLN M 58 -20.39 -43.74 -47.10
C GLN M 58 -19.09 -44.53 -46.95
N ILE M 59 -18.47 -44.43 -45.77
CA ILE M 59 -17.24 -45.18 -45.52
C ILE M 59 -17.51 -46.68 -45.57
N ALA M 60 -18.62 -47.12 -44.99
CA ALA M 60 -18.96 -48.53 -45.05
C ALA M 60 -19.16 -48.99 -46.49
N ARG M 61 -19.86 -48.19 -47.29
CA ARG M 61 -20.05 -48.54 -48.70
C ARG M 61 -18.71 -48.65 -49.42
N ARG M 62 -17.82 -47.68 -49.20
CA ARG M 62 -16.52 -47.72 -49.85
C ARG M 62 -15.72 -48.95 -49.43
N MET M 63 -15.74 -49.27 -48.14
CA MET M 63 -15.00 -50.44 -47.66
C MET M 63 -15.55 -51.72 -48.27
N VAL M 64 -16.88 -51.86 -48.31
CA VAL M 64 -17.46 -53.07 -48.88
C VAL M 64 -17.15 -53.18 -50.36
N THR M 65 -17.24 -52.05 -51.08
CA THR M 65 -16.93 -52.07 -52.50
C THR M 65 -15.48 -52.50 -52.74
N GLU M 66 -14.55 -51.96 -51.94
CA GLU M 66 -13.15 -52.35 -52.09
C GLU M 66 -12.96 -53.82 -51.75
N MET M 67 -13.65 -54.32 -50.72
CA MET M 67 -13.56 -55.73 -50.38
C MET M 67 -14.00 -56.59 -51.56
N ILE M 68 -15.13 -56.25 -52.17
CA ILE M 68 -15.62 -57.01 -53.32
C ILE M 68 -14.63 -56.94 -54.47
N ARG M 69 -14.12 -55.74 -54.76
CA ARG M 69 -13.18 -55.58 -55.87
C ARG M 69 -11.94 -56.44 -55.67
N LYS M 70 -11.34 -56.35 -54.49
CA LYS M 70 -10.25 -57.25 -54.09
C LYS M 70 -10.59 -57.76 -52.69
N ASP M 71 -10.89 -59.06 -52.60
CA ASP M 71 -11.29 -59.69 -51.35
C ASP M 71 -10.55 -59.12 -50.14
N TYR M 72 -9.23 -58.97 -50.25
CA TYR M 72 -8.44 -58.51 -49.12
C TYR M 72 -8.50 -56.99 -49.04
N CYS M 73 -8.69 -56.48 -47.82
CA CYS M 73 -8.69 -55.04 -47.57
C CYS M 73 -8.08 -54.80 -46.20
N ILE M 74 -7.22 -53.78 -46.12
CA ILE M 74 -6.56 -53.42 -44.87
C ILE M 74 -7.24 -52.17 -44.34
N VAL M 75 -7.86 -52.28 -43.17
CA VAL M 75 -8.64 -51.20 -42.58
C VAL M 75 -8.19 -50.99 -41.14
N GLY M 76 -8.14 -49.73 -40.72
CA GLY M 76 -7.58 -49.35 -39.43
C GLY M 76 -8.67 -49.01 -38.43
N GLY M 77 -8.57 -49.62 -37.26
CA GLY M 77 -9.42 -49.25 -36.14
C GLY M 77 -10.72 -50.02 -36.05
N ALA M 78 -11.75 -49.39 -35.49
CA ALA M 78 -13.01 -50.06 -35.23
C ALA M 78 -13.74 -50.45 -36.51
N ARG M 79 -13.36 -49.87 -37.65
CA ARG M 79 -14.05 -50.18 -38.89
C ARG M 79 -13.77 -51.58 -39.40
N ALA M 80 -12.76 -52.26 -38.86
CA ALA M 80 -12.47 -53.62 -39.31
C ALA M 80 -13.59 -54.60 -38.98
N PRO M 81 -14.08 -54.71 -37.74
CA PRO M 81 -15.22 -55.59 -37.50
C PRO M 81 -16.46 -55.20 -38.28
N ALA M 82 -16.70 -53.90 -38.44
CA ALA M 82 -17.84 -53.47 -39.24
C ALA M 82 -17.70 -53.95 -40.68
N LEU M 83 -16.49 -53.83 -41.25
CA LEU M 83 -16.28 -54.31 -42.61
C LEU M 83 -16.46 -55.82 -42.70
N ARG M 84 -15.98 -56.55 -41.70
CA ARG M 84 -16.14 -58.01 -41.72
C ARG M 84 -17.61 -58.39 -41.68
N ILE M 85 -18.39 -57.75 -40.81
CA ILE M 85 -19.80 -58.07 -40.69
C ILE M 85 -20.53 -57.68 -41.98
N LEU M 86 -20.18 -56.54 -42.56
CA LEU M 86 -20.81 -56.13 -43.82
C LEU M 86 -20.47 -57.11 -44.95
N ALA M 87 -19.23 -57.62 -44.97
CA ALA M 87 -18.87 -58.62 -45.97
C ALA M 87 -19.67 -59.88 -45.78
N ASP M 88 -19.86 -60.31 -44.52
CA ASP M 88 -20.70 -61.47 -44.27
C ASP M 88 -22.13 -61.23 -44.74
N HIS M 89 -22.65 -60.02 -44.52
CA HIS M 89 -24.00 -59.70 -44.98
C HIS M 89 -24.08 -59.72 -46.51
N VAL M 90 -23.05 -59.23 -47.18
CA VAL M 90 -23.02 -59.28 -48.64
C VAL M 90 -23.01 -60.71 -49.12
N VAL M 91 -22.24 -61.57 -48.46
CA VAL M 91 -22.22 -62.98 -48.83
C VAL M 91 -23.58 -63.61 -48.61
N GLU M 92 -24.27 -63.23 -47.53
CA GLU M 92 -25.62 -63.74 -47.29
C GLU M 92 -26.57 -63.30 -48.39
N LEU M 93 -26.47 -62.04 -48.82
CA LEU M 93 -27.30 -61.56 -49.92
C LEU M 93 -27.01 -62.35 -51.19
N ALA M 94 -25.74 -62.58 -51.48
CA ALA M 94 -25.37 -63.31 -52.69
C ALA M 94 -25.91 -64.73 -52.65
N LYS M 95 -25.78 -65.40 -51.49
CA LYS M 95 -26.29 -66.76 -51.37
C LYS M 95 -27.80 -66.79 -51.50
N ALA M 96 -28.49 -65.79 -50.95
CA ALA M 96 -29.93 -65.72 -51.13
C ALA M 96 -30.28 -65.60 -52.61
N GLY M 97 -29.57 -64.74 -53.33
CA GLY M 97 -29.69 -64.70 -54.77
C GLY M 97 -31.01 -64.17 -55.29
N ASP M 98 -31.87 -63.68 -54.40
CA ASP M 98 -33.14 -63.13 -54.84
C ASP M 98 -32.93 -61.85 -55.63
N THR M 99 -33.88 -61.56 -56.51
CA THR M 99 -33.80 -60.32 -57.28
C THR M 99 -33.87 -59.11 -56.35
N ASP M 100 -34.72 -59.17 -55.32
CA ASP M 100 -34.77 -58.10 -54.34
C ASP M 100 -33.44 -57.95 -53.62
N SER M 101 -32.81 -59.07 -53.27
CA SER M 101 -31.50 -59.00 -52.63
C SER M 101 -30.46 -58.37 -53.56
N ARG M 102 -30.49 -58.73 -54.84
CA ARG M 102 -29.55 -58.13 -55.79
C ARG M 102 -29.79 -56.64 -55.92
N GLN M 103 -31.06 -56.23 -55.96
CA GLN M 103 -31.36 -54.80 -56.05
C GLN M 103 -30.90 -54.06 -54.80
N GLN M 104 -31.06 -54.68 -53.63
CA GLN M 104 -30.58 -54.06 -52.40
C GLN M 104 -29.07 -53.90 -52.42
N LEU M 105 -28.35 -54.93 -52.88
CA LEU M 105 -26.90 -54.82 -52.97
C LEU M 105 -26.50 -53.75 -53.98
N ALA M 106 -27.25 -53.64 -55.08
CA ALA M 106 -26.99 -52.58 -56.05
C ALA M 106 -27.18 -51.21 -55.43
N TYR M 107 -28.24 -51.05 -54.63
CA TYR M 107 -28.43 -49.80 -53.90
C TYR M 107 -27.25 -49.51 -52.99
N PHE M 108 -26.75 -50.53 -52.29
CA PHE M 108 -25.70 -50.30 -51.31
C PHE M 108 -24.36 -49.97 -51.97
N LEU M 109 -23.85 -50.90 -52.78
CA LEU M 109 -22.50 -50.76 -53.31
C LEU M 109 -22.42 -49.58 -54.28
N HIS M 110 -21.19 -49.22 -54.65
CA HIS M 110 -20.94 -48.18 -55.63
C HIS M 110 -20.76 -48.70 -57.04
N ASP M 111 -20.46 -50.00 -57.20
CA ASP M 111 -20.07 -50.55 -58.50
C ASP M 111 -21.03 -51.68 -58.89
N PRO M 112 -21.89 -51.47 -59.88
CA PRO M 112 -22.74 -52.57 -60.34
C PRO M 112 -21.94 -53.76 -60.86
N LEU M 113 -20.78 -53.53 -61.46
CA LEU M 113 -19.94 -54.62 -61.89
C LEU M 113 -19.52 -55.49 -60.71
N MET M 114 -19.14 -54.86 -59.60
CA MET M 114 -18.78 -55.62 -58.41
C MET M 114 -20.00 -56.32 -57.81
N VAL M 115 -21.17 -55.68 -57.88
CA VAL M 115 -22.40 -56.35 -57.45
C VAL M 115 -22.59 -57.65 -58.23
N ASP M 116 -22.46 -57.56 -59.55
CA ASP M 116 -22.60 -58.76 -60.38
C ASP M 116 -21.54 -59.80 -60.06
N LYS M 117 -20.30 -59.36 -59.87
CA LYS M 117 -19.22 -60.29 -59.54
C LYS M 117 -19.54 -61.05 -58.25
N ALA M 118 -19.97 -60.33 -57.23
CA ALA M 118 -20.31 -60.97 -55.97
C ALA M 118 -21.45 -61.97 -56.15
N PHE M 119 -22.56 -61.51 -56.74
CA PHE M 119 -23.70 -62.40 -56.90
C PHE M 119 -23.39 -63.59 -57.82
N ASP M 120 -22.35 -63.49 -58.63
CA ASP M 120 -21.97 -64.61 -59.50
C ASP M 120 -21.06 -65.61 -58.81
N GLU M 121 -20.07 -65.14 -58.04
CA GLU M 121 -19.05 -66.03 -57.50
C GLU M 121 -19.33 -66.46 -56.06
N TYR M 122 -19.80 -65.56 -55.19
CA TYR M 122 -19.96 -65.91 -53.79
C TYR M 122 -20.92 -67.08 -53.56
N PRO M 123 -22.03 -67.22 -54.28
CA PRO M 123 -22.91 -68.39 -54.05
C PRO M 123 -22.15 -69.71 -54.07
N ARG M 124 -21.46 -69.99 -55.18
CA ARG M 124 -20.71 -71.24 -55.27
C ARG M 124 -19.51 -71.26 -54.34
N ARG M 125 -18.91 -70.10 -54.06
CA ARG M 125 -17.75 -70.04 -53.18
C ARG M 125 -18.08 -70.39 -51.74
N PHE M 126 -19.26 -69.99 -51.26
CA PHE M 126 -19.66 -70.22 -49.88
C PHE M 126 -20.89 -71.11 -49.78
N LYS M 127 -21.15 -71.94 -50.80
CA LYS M 127 -22.26 -72.88 -50.72
C LYS M 127 -22.08 -73.85 -49.56
N ASP M 128 -20.85 -74.29 -49.31
CA ASP M 128 -20.56 -75.23 -48.24
C ASP M 128 -20.23 -74.56 -46.92
N MET M 129 -20.17 -73.23 -46.88
CA MET M 129 -19.80 -72.50 -45.68
C MET M 129 -21.06 -71.95 -45.01
N ASN M 130 -21.16 -72.16 -43.69
CA ASN M 130 -22.40 -71.84 -42.99
C ASN M 130 -22.50 -70.37 -42.61
N ALA M 131 -21.61 -69.89 -41.75
CA ALA M 131 -21.79 -68.59 -41.10
C ALA M 131 -20.69 -67.59 -41.41
N LYS M 132 -19.43 -67.92 -41.13
CA LYS M 132 -18.34 -66.94 -41.16
C LYS M 132 -17.65 -67.01 -42.53
N TYR M 133 -17.84 -65.97 -43.34
CA TYR M 133 -17.26 -65.90 -44.67
C TYR M 133 -16.06 -64.98 -44.77
N ALA M 134 -15.86 -64.10 -43.80
CA ALA M 134 -14.74 -63.17 -43.79
C ALA M 134 -13.93 -63.34 -42.51
N MET M 135 -12.61 -63.39 -42.69
CA MET M 135 -11.67 -63.47 -41.58
C MET M 135 -11.05 -62.10 -41.37
N MET M 136 -10.67 -61.82 -40.12
CA MET M 136 -10.11 -60.52 -39.74
C MET M 136 -8.84 -60.76 -38.95
N THR M 137 -7.70 -60.75 -39.64
CA THR M 137 -6.42 -60.83 -38.97
C THR M 137 -6.00 -59.46 -38.47
N ARG M 138 -5.22 -59.45 -37.40
CA ARG M 138 -4.69 -58.22 -36.84
C ARG M 138 -3.20 -58.12 -37.17
N LEU M 139 -2.78 -56.98 -37.71
CA LEU M 139 -1.41 -56.79 -38.14
C LEU M 139 -0.61 -56.11 -37.02
N LYS M 140 0.57 -56.66 -36.73
CA LYS M 140 1.42 -56.07 -35.70
C LYS M 140 2.03 -54.75 -36.13
N SER M 141 1.91 -54.39 -37.40
CA SER M 141 2.39 -53.10 -37.90
C SER M 141 1.27 -52.08 -37.81
N ARG M 142 1.45 -51.08 -36.96
CA ARG M 142 0.48 -50.01 -36.77
C ARG M 142 0.80 -48.86 -37.71
N ARG M 143 -0.24 -48.17 -38.15
CA ARG M 143 -0.07 -47.06 -39.08
C ARG M 143 0.74 -45.94 -38.43
N ARG M 144 1.85 -45.58 -39.07
CA ARG M 144 2.68 -44.50 -38.54
C ARG M 144 1.91 -43.20 -38.44
N THR M 145 0.91 -43.01 -39.31
CA THR M 145 0.20 -41.74 -39.34
C THR M 145 -0.39 -41.40 -37.98
N ASP M 146 -1.31 -42.22 -37.49
CA ASP M 146 -2.00 -41.97 -36.23
C ASP M 146 -1.88 -43.14 -35.24
N ALA M 147 -1.01 -44.11 -35.52
CA ALA M 147 -0.79 -45.24 -34.63
C ALA M 147 -2.11 -45.92 -34.28
N VAL M 148 -2.76 -46.46 -35.30
CA VAL M 148 -4.03 -47.17 -35.16
C VAL M 148 -3.82 -48.60 -35.62
N ALA M 149 -4.36 -49.54 -34.86
CA ALA M 149 -4.26 -50.95 -35.22
C ALA M 149 -4.83 -51.19 -36.60
N MET M 150 -4.14 -52.03 -37.38
CA MET M 150 -4.55 -52.35 -38.74
C MET M 150 -5.06 -53.79 -38.78
N TYR M 151 -6.11 -54.01 -39.57
CA TYR M 151 -6.73 -55.32 -39.69
C TYR M 151 -6.79 -55.71 -41.15
N PHE M 152 -6.36 -56.93 -41.45
CA PHE M 152 -6.42 -57.52 -42.77
C PHE M 152 -7.72 -58.32 -42.82
N VAL M 153 -8.72 -57.76 -43.51
CA VAL M 153 -10.02 -58.42 -43.67
C VAL M 153 -10.03 -59.11 -45.01
N GLU M 154 -10.31 -60.41 -45.00
CA GLU M 154 -10.15 -61.25 -46.17
C GLU M 154 -11.37 -62.15 -46.30
N TYR M 155 -11.65 -62.58 -47.51
CA TYR M 155 -12.69 -63.58 -47.72
C TYR M 155 -12.09 -64.99 -47.63
N LYS M 156 -12.91 -65.93 -47.21
CA LYS M 156 -12.47 -67.31 -47.01
C LYS M 156 -12.88 -68.16 -48.20
N ASN M 157 -12.22 -69.32 -48.33
CA ASN M 157 -12.46 -70.24 -49.44
C ASN M 157 -11.97 -69.64 -50.77
N ARG M 158 -10.77 -69.07 -50.72
CA ARG M 158 -10.19 -68.48 -51.94
C ARG M 158 -10.00 -69.55 -53.01
N ASP M 159 -9.69 -70.78 -52.61
CA ASP M 159 -9.54 -71.85 -53.59
C ASP M 159 -10.84 -72.09 -54.33
N MET M 160 -11.97 -72.10 -53.62
CA MET M 160 -13.25 -72.23 -54.29
C MET M 160 -13.60 -70.99 -55.10
N SER M 161 -13.08 -69.83 -54.71
CA SER M 161 -13.29 -68.62 -55.51
C SER M 161 -12.74 -68.81 -56.91
N ASP M 162 -13.44 -68.26 -57.90
CA ASP M 162 -13.07 -68.46 -59.29
C ASP M 162 -12.13 -67.38 -59.80
N ASN M 163 -12.46 -66.11 -59.61
CA ASN M 163 -11.60 -65.04 -60.11
C ASN M 163 -10.44 -64.75 -59.17
N HIS M 164 -10.56 -65.10 -57.89
CA HIS M 164 -9.49 -64.94 -56.92
C HIS M 164 -9.07 -66.33 -56.46
N LYS M 165 -8.20 -66.96 -57.23
CA LYS M 165 -7.69 -68.29 -56.91
C LYS M 165 -6.18 -68.27 -57.11
N GLY M 166 -5.44 -68.79 -56.13
CA GLY M 166 -3.99 -68.74 -56.19
C GLY M 166 -3.40 -67.38 -55.91
N GLU M 167 -4.21 -66.44 -55.42
CA GLU M 167 -3.71 -65.10 -55.11
C GLU M 167 -3.04 -65.11 -53.74
N ASP M 168 -1.79 -64.68 -53.68
CA ASP M 168 -1.07 -64.49 -52.44
C ASP M 168 -0.90 -63.00 -52.17
N TYR M 169 -1.25 -62.58 -50.95
CA TYR M 169 -1.22 -61.17 -50.57
C TYR M 169 -0.14 -60.88 -49.54
N SER M 170 0.86 -61.77 -49.41
CA SER M 170 1.98 -61.50 -48.52
C SER M 170 2.66 -60.19 -48.89
N ALA M 171 2.69 -59.85 -50.18
CA ALA M 171 3.25 -58.59 -50.63
C ALA M 171 2.52 -58.17 -51.90
N GLY M 172 2.19 -56.89 -52.00
CA GLY M 172 1.48 -56.38 -53.16
C GLY M 172 2.34 -56.47 -54.40
N PRO M 173 1.70 -56.37 -55.57
CA PRO M 173 2.46 -56.45 -56.83
C PRO M 173 3.42 -55.30 -56.99
N GLU M 174 4.18 -55.29 -58.09
CA GLU M 174 5.11 -54.20 -58.34
C GLU M 174 4.38 -52.87 -58.50
N ARG M 175 3.23 -52.88 -59.18
CA ARG M 175 2.41 -51.69 -59.36
C ARG M 175 0.98 -52.01 -58.96
N PHE M 176 0.30 -51.03 -58.37
CA PHE M 176 -1.07 -51.24 -57.93
C PHE M 176 -2.01 -51.54 -59.08
N PHE M 177 -1.67 -51.13 -60.31
CA PHE M 177 -2.50 -51.36 -61.48
C PHE M 177 -2.18 -52.67 -62.19
N LEU M 178 -1.22 -53.44 -61.68
CA LEU M 178 -0.89 -54.74 -62.24
C LEU M 178 -1.68 -55.83 -61.55
N PRO M 179 -1.91 -56.97 -62.22
CA PRO M 179 -2.63 -58.06 -61.58
C PRO M 179 -1.90 -58.56 -60.35
N PRO M 180 -2.62 -58.98 -59.31
CA PRO M 180 -1.95 -59.38 -58.07
C PRO M 180 -1.09 -60.61 -58.25
N ARG M 181 -0.11 -60.74 -57.37
CA ARG M 181 0.80 -61.87 -57.41
C ARG M 181 0.02 -63.19 -57.42
N ILE M 182 0.64 -64.22 -57.99
CA ILE M 182 0.02 -65.54 -58.12
C ILE M 182 0.96 -66.57 -57.54
N VAL M 183 0.39 -67.53 -56.79
CA VAL M 183 1.20 -68.59 -56.22
C VAL M 183 1.88 -69.37 -57.34
N GLU M 184 3.08 -69.88 -57.04
CA GLU M 184 3.85 -70.58 -58.06
C GLU M 184 3.11 -71.81 -58.57
N THR M 185 2.51 -72.58 -57.67
CA THR M 185 1.79 -73.78 -58.04
C THR M 185 0.42 -73.48 -58.65
N GLU M 186 -0.03 -72.22 -58.63
CA GLU M 186 -1.31 -71.84 -59.19
C GLU M 186 -1.13 -70.83 -60.31
N LYS M 187 -0.02 -70.92 -61.04
CA LYS M 187 0.33 -69.91 -62.03
C LYS M 187 -0.49 -70.05 -63.31
N GLY M 188 -1.09 -71.21 -63.55
CA GLY M 188 -1.84 -71.44 -64.78
C GLY M 188 -3.29 -71.03 -64.75
N ILE M 189 -3.77 -70.45 -63.65
CA ILE M 189 -5.18 -70.11 -63.54
C ILE M 189 -5.53 -68.98 -64.51
N GLN M 190 -6.78 -68.96 -64.93
CA GLN M 190 -7.30 -67.94 -65.85
C GLN M 190 -8.57 -67.34 -65.26
N ARG M 191 -8.63 -66.01 -65.25
CA ARG M 191 -9.72 -65.27 -64.62
C ARG M 191 -10.89 -65.12 -65.59
N PRO M 192 -12.07 -64.77 -65.08
CA PRO M 192 -13.23 -64.57 -65.96
C PRO M 192 -12.95 -63.49 -66.99
N PRO M 193 -13.43 -63.67 -68.23
CA PRO M 193 -13.12 -62.67 -69.27
C PRO M 193 -13.65 -61.29 -68.94
N HIS M 194 -14.83 -61.18 -68.34
CA HIS M 194 -15.40 -59.86 -68.08
C HIS M 194 -14.57 -59.11 -67.03
N MET M 195 -14.22 -59.79 -65.94
CA MET M 195 -13.38 -59.15 -64.93
C MET M 195 -12.02 -58.80 -65.50
N GLN M 196 -11.46 -59.66 -66.34
CA GLN M 196 -10.16 -59.37 -66.96
C GLN M 196 -10.25 -58.13 -67.84
N MET M 197 -11.31 -58.01 -68.64
CA MET M 197 -11.48 -56.83 -69.48
C MET M 197 -11.65 -55.57 -68.63
N ALA M 198 -12.45 -55.66 -67.57
CA ALA M 198 -12.64 -54.50 -66.71
C ALA M 198 -11.32 -54.04 -66.09
N PHE M 199 -10.53 -55.00 -65.59
CA PHE M 199 -9.25 -54.64 -65.00
C PHE M 199 -8.31 -54.05 -66.03
N ASP M 200 -8.30 -54.60 -67.24
CA ASP M 200 -7.43 -54.05 -68.28
C ASP M 200 -7.82 -52.62 -68.63
N ARG M 201 -9.12 -52.35 -68.75
CA ARG M 201 -9.56 -50.99 -69.02
C ARG M 201 -9.17 -50.05 -67.89
N TRP M 202 -9.33 -50.51 -66.64
CA TRP M 202 -8.93 -49.68 -65.51
C TRP M 202 -7.43 -49.38 -65.52
N ALA M 203 -6.61 -50.37 -65.88
CA ALA M 203 -5.17 -50.19 -65.87
C ALA M 203 -4.69 -49.30 -67.01
N SER M 204 -5.38 -49.33 -68.15
CA SER M 204 -4.96 -48.48 -69.28
C SER M 204 -4.92 -47.02 -68.88
N LYS M 205 -5.86 -46.58 -68.04
CA LYS M 205 -5.88 -45.19 -67.59
C LYS M 205 -4.55 -44.80 -66.97
N PHE M 206 -4.05 -45.62 -66.05
CA PHE M 206 -2.76 -45.34 -65.44
C PHE M 206 -1.63 -45.51 -66.43
N LYS M 207 -1.77 -46.44 -67.38
CA LYS M 207 -0.76 -46.59 -68.42
C LYS M 207 -0.62 -45.35 -69.28
N THR M 208 -1.66 -44.51 -69.34
CA THR M 208 -1.57 -43.28 -70.11
C THR M 208 -0.57 -42.31 -69.49
N GLU M 209 0.00 -41.45 -70.33
CA GLU M 209 1.01 -40.49 -69.90
C GLU M 209 0.43 -39.32 -69.12
N GLU M 210 -0.80 -38.89 -69.44
CA GLU M 210 -1.43 -37.83 -68.65
C GLU M 210 -1.50 -38.23 -67.19
N PHE M 211 -1.61 -39.53 -66.90
CA PHE M 211 -1.51 -39.97 -65.51
C PHE M 211 -0.13 -39.70 -64.94
N HIS M 212 0.92 -39.87 -65.75
CA HIS M 212 2.26 -39.54 -65.27
C HIS M 212 2.36 -38.06 -64.94
N HIS M 213 1.79 -37.21 -65.79
CA HIS M 213 1.78 -35.78 -65.49
C HIS M 213 1.00 -35.49 -64.21
N TRP M 214 -0.13 -36.18 -64.02
CA TRP M 214 -0.90 -36.00 -62.80
C TRP M 214 -0.09 -36.46 -61.57
N TRP M 215 0.67 -37.54 -61.72
CA TRP M 215 1.50 -38.02 -60.62
C TRP M 215 2.56 -37.00 -60.25
N ARG M 216 3.23 -36.42 -61.24
CA ARG M 216 4.21 -35.38 -60.97
C ARG M 216 3.55 -34.16 -60.33
N LEU M 217 2.37 -33.80 -60.80
CA LEU M 217 1.64 -32.68 -60.21
C LEU M 217 1.26 -32.97 -58.76
N ARG M 218 0.95 -34.23 -58.46
CA ARG M 218 0.66 -34.61 -57.07
C ARG M 218 1.90 -34.49 -56.22
N HIS M 219 3.05 -34.90 -56.75
CA HIS M 219 4.30 -34.66 -56.05
C HIS M 219 4.44 -33.18 -55.70
N ALA M 220 4.19 -32.31 -56.69
CA ALA M 220 4.29 -30.87 -56.45
C ALA M 220 3.30 -30.41 -55.40
N LYS M 221 2.06 -30.91 -55.47
CA LYS M 221 1.02 -30.47 -54.54
C LYS M 221 1.37 -30.86 -53.11
N LEU M 222 1.78 -32.11 -52.90
CA LEU M 222 2.14 -32.55 -51.56
C LEU M 222 3.36 -31.79 -51.06
N ARG M 223 4.36 -31.56 -51.94
CA ARG M 223 5.52 -30.78 -51.54
C ARG M 223 5.12 -29.39 -51.06
N TYR M 224 4.22 -28.74 -51.79
CA TYR M 224 3.72 -27.42 -51.37
C TYR M 224 2.94 -27.49 -50.07
N TRP M 225 2.10 -28.52 -49.90
CA TRP M 225 1.24 -28.60 -48.72
C TRP M 225 2.06 -28.85 -47.46
N GLY M 226 3.06 -29.71 -47.53
CA GLY M 226 3.95 -29.89 -46.39
C GLY M 226 4.43 -31.30 -46.15
N VAL M 227 3.89 -32.28 -46.89
CA VAL M 227 4.36 -33.65 -46.74
C VAL M 227 5.86 -33.69 -47.01
N ARG M 228 6.61 -34.23 -46.06
CA ARG M 228 8.06 -34.07 -46.09
C ARG M 228 8.69 -34.93 -47.17
N ASN M 229 8.54 -36.25 -47.07
CA ASN M 229 9.23 -37.17 -47.98
C ASN M 229 8.43 -37.28 -49.27
N VAL M 230 8.51 -36.22 -50.07
CA VAL M 230 7.91 -36.18 -51.40
C VAL M 230 8.99 -35.74 -52.37
N PRO M 231 9.64 -36.65 -53.09
CA PRO M 231 10.77 -36.23 -53.93
C PRO M 231 10.35 -35.23 -54.99
N HIS M 232 11.29 -34.38 -55.37
CA HIS M 232 10.99 -33.29 -56.27
C HIS M 232 10.47 -33.82 -57.60
N PRO M 233 9.49 -33.16 -58.23
CA PRO M 233 9.00 -33.64 -59.53
C PRO M 233 10.06 -33.71 -60.60
N SER M 234 11.21 -33.05 -60.41
CA SER M 234 12.32 -33.23 -61.34
C SER M 234 12.97 -34.59 -61.17
N ASP M 235 13.09 -35.07 -59.93
CA ASP M 235 13.71 -36.36 -59.66
C ASP M 235 12.75 -37.53 -59.80
N VAL M 236 11.45 -37.30 -59.65
CA VAL M 236 10.51 -38.42 -59.76
C VAL M 236 10.60 -39.04 -61.16
N ASP M 237 10.21 -40.30 -61.25
CA ASP M 237 10.25 -41.05 -62.49
C ASP M 237 8.89 -41.68 -62.76
N PRO M 238 8.53 -41.89 -64.03
CA PRO M 238 7.22 -42.44 -64.33
C PRO M 238 7.06 -43.86 -63.77
N LEU M 239 5.83 -44.17 -63.33
CA LEU M 239 5.55 -45.51 -62.85
C LEU M 239 5.56 -46.53 -63.98
N TRP M 240 5.22 -46.10 -65.19
CA TRP M 240 5.02 -46.99 -66.32
C TRP M 240 5.89 -46.57 -67.49
N THR M 241 6.61 -47.54 -68.07
CA THR M 241 7.48 -47.30 -69.21
C THR M 241 7.24 -48.40 -70.23
N GLU M 242 7.90 -48.29 -71.39
CA GLU M 242 7.69 -49.25 -72.47
C GLU M 242 8.31 -50.60 -72.14
N LYS M 243 9.55 -50.61 -71.66
CA LYS M 243 10.19 -51.88 -71.32
C LYS M 243 9.45 -52.59 -70.19
N GLU M 244 9.05 -51.84 -69.17
CA GLU M 244 8.25 -52.42 -68.11
C GLU M 244 6.91 -52.91 -68.64
N GLU M 245 6.31 -52.17 -69.58
CA GLU M 245 5.04 -52.60 -70.15
C GLU M 245 5.18 -53.95 -70.84
N GLU M 246 6.22 -54.10 -71.66
CA GLU M 246 6.39 -55.36 -72.37
C GLU M 246 6.73 -56.50 -71.42
N GLU M 247 7.55 -56.24 -70.40
CA GLU M 247 7.86 -57.28 -69.43
C GLU M 247 6.60 -57.73 -68.69
N TRP M 248 5.78 -56.77 -68.26
CA TRP M 248 4.54 -57.11 -67.56
C TRP M 248 3.54 -57.78 -68.50
N HIS M 249 3.55 -57.41 -69.79
CA HIS M 249 2.70 -58.09 -70.75
C HIS M 249 3.11 -59.55 -70.89
N ASN M 250 4.42 -59.81 -70.96
CA ASN M 250 4.89 -61.19 -71.00
C ASN M 250 4.49 -61.94 -69.74
N GLU M 251 4.62 -61.30 -68.58
CA GLU M 251 4.23 -61.95 -67.33
C GLU M 251 2.73 -62.27 -67.31
N MET M 252 1.91 -61.33 -67.78
CA MET M 252 0.47 -61.55 -67.82
C MET M 252 0.11 -62.68 -68.79
N LEU M 253 0.77 -62.72 -69.94
CA LEU M 253 0.54 -63.83 -70.86
C LEU M 253 0.93 -65.16 -70.24
N ALA M 254 2.05 -65.20 -69.52
CA ALA M 254 2.48 -66.43 -68.86
C ALA M 254 1.47 -66.88 -67.81
N ASN M 255 0.99 -65.94 -67.00
CA ASN M 255 0.08 -66.28 -65.91
C ASN M 255 -1.29 -66.69 -66.45
N THR M 256 -1.75 -66.01 -67.49
CA THR M 256 -3.06 -66.29 -68.08
C THR M 256 -4.17 -66.13 -67.03
N GLY N 1 -11.44 -38.22 -1.15
CA GLY N 1 -12.26 -39.39 -1.41
C GLY N 1 -12.54 -40.19 -0.16
N TYR N 2 -13.55 -39.77 0.60
CA TYR N 2 -13.93 -40.46 1.83
C TYR N 2 -14.86 -41.64 1.59
N THR N 3 -15.34 -41.84 0.37
CA THR N 3 -16.29 -42.90 0.05
C THR N 3 -15.92 -43.50 -1.29
N ARG N 4 -16.44 -44.69 -1.55
CA ARG N 4 -16.21 -45.40 -2.80
C ARG N 4 -17.56 -45.74 -3.42
N GLU N 5 -17.58 -45.86 -4.74
CA GLU N 5 -18.81 -46.10 -5.49
C GLU N 5 -18.76 -47.38 -6.31
N ARG N 6 -17.57 -47.90 -6.62
CA ARG N 6 -17.43 -49.09 -7.45
C ARG N 6 -16.82 -50.23 -6.65
N THR N 7 -17.31 -51.44 -6.93
CA THR N 7 -16.85 -52.65 -6.27
C THR N 7 -16.11 -53.51 -7.28
N ASN N 8 -14.92 -53.98 -6.89
CA ASN N 8 -14.11 -54.84 -7.74
C ASN N 8 -13.94 -56.24 -7.15
N ARG N 9 -14.87 -56.64 -6.29
CA ARG N 9 -14.82 -57.97 -5.69
C ARG N 9 -15.26 -59.01 -6.70
N HIS N 10 -14.59 -60.17 -6.67
CA HIS N 10 -14.86 -61.21 -7.65
C HIS N 10 -16.33 -61.59 -7.68
N PHE N 11 -16.96 -61.66 -6.51
CA PHE N 11 -18.37 -62.06 -6.45
C PHE N 11 -19.24 -61.18 -7.34
N PHE N 12 -19.01 -59.87 -7.31
CA PHE N 12 -19.82 -58.95 -8.08
C PHE N 12 -19.34 -58.81 -9.52
N VAL N 13 -18.02 -58.85 -9.74
CA VAL N 13 -17.50 -58.72 -11.10
C VAL N 13 -17.83 -59.95 -11.94
N ALA N 14 -18.10 -61.09 -11.32
CA ALA N 14 -18.37 -62.31 -12.06
C ALA N 14 -19.75 -62.25 -12.71
N ARG N 15 -19.86 -62.88 -13.88
CA ARG N 15 -21.12 -63.04 -14.59
C ARG N 15 -21.24 -64.47 -15.10
N ALA N 16 -22.47 -64.98 -15.12
CA ALA N 16 -22.73 -66.35 -15.55
C ALA N 16 -23.38 -66.43 -16.92
N ASN N 17 -23.30 -65.36 -17.72
CA ASN N 17 -23.87 -65.40 -19.06
C ASN N 17 -23.28 -66.54 -19.89
N ALA N 18 -22.02 -66.89 -19.65
CA ALA N 18 -21.43 -68.02 -20.36
C ALA N 18 -22.13 -69.32 -20.02
N PHE N 19 -22.46 -69.53 -18.74
CA PHE N 19 -23.09 -70.76 -18.30
C PHE N 19 -24.61 -70.71 -18.41
N PHE N 20 -25.18 -69.61 -18.90
CA PHE N 20 -26.63 -69.49 -18.99
C PHE N 20 -27.26 -70.60 -19.82
N SER N 21 -26.50 -71.20 -20.74
CA SER N 21 -27.08 -72.23 -21.59
C SER N 21 -27.53 -73.45 -20.80
N ARG N 22 -27.05 -73.62 -19.57
CA ARG N 22 -27.43 -74.78 -18.78
C ARG N 22 -28.92 -74.75 -18.41
N LEU N 23 -29.53 -73.58 -18.34
CA LEU N 23 -30.94 -73.45 -17.97
C LEU N 23 -31.73 -72.95 -19.18
N PRO N 24 -32.76 -73.67 -19.65
CA PRO N 24 -33.56 -73.19 -20.78
C PRO N 24 -34.57 -72.14 -20.34
N ILE N 25 -34.31 -70.89 -20.71
CA ILE N 25 -35.21 -69.80 -20.34
C ILE N 25 -36.52 -69.91 -21.11
N ALA N 26 -36.43 -70.18 -22.42
CA ALA N 26 -37.63 -70.20 -23.24
C ALA N 26 -38.58 -71.30 -22.82
N ARG N 27 -38.05 -72.48 -22.50
CA ARG N 27 -38.92 -73.57 -22.06
C ARG N 27 -39.61 -73.21 -20.75
N VAL N 28 -38.90 -72.57 -19.83
CA VAL N 28 -39.52 -72.16 -18.56
C VAL N 28 -40.63 -71.15 -18.82
N GLN N 29 -40.37 -70.18 -19.70
CA GLN N 29 -41.40 -69.18 -19.99
C GLN N 29 -42.62 -69.81 -20.64
N ARG N 30 -42.40 -70.75 -21.56
CA ARG N 30 -43.54 -71.42 -22.19
C ARG N 30 -44.29 -72.28 -21.19
N SER N 31 -43.58 -72.89 -20.24
CA SER N 31 -44.25 -73.63 -19.18
C SER N 31 -45.12 -72.71 -18.34
N LEU N 32 -44.61 -71.51 -18.04
CA LEU N 32 -45.42 -70.54 -17.30
C LEU N 32 -46.66 -70.16 -18.09
N ALA N 33 -46.51 -69.94 -19.40
CA ALA N 33 -47.67 -69.63 -20.23
C ALA N 33 -48.68 -70.77 -20.21
N MET N 34 -48.21 -72.01 -20.29
CA MET N 34 -49.12 -73.16 -20.25
C MET N 34 -49.81 -73.27 -18.90
N GLU N 35 -49.10 -72.95 -17.82
CA GLU N 35 -49.72 -72.94 -16.50
C GLU N 35 -50.84 -71.90 -16.44
N ALA N 36 -50.58 -70.72 -17.01
CA ALA N 36 -51.63 -69.71 -17.09
C ALA N 36 -52.82 -70.20 -17.90
N VAL N 37 -52.55 -70.88 -19.02
CA VAL N 37 -53.63 -71.42 -19.85
C VAL N 37 -54.46 -72.42 -19.06
N ARG N 38 -53.79 -73.33 -18.34
CA ARG N 38 -54.52 -74.32 -17.56
C ARG N 38 -55.35 -73.65 -16.47
N GLU N 39 -54.77 -72.68 -15.77
CA GLU N 39 -55.53 -71.97 -14.74
C GLU N 39 -56.70 -71.22 -15.34
N GLY N 40 -56.61 -70.87 -16.63
CA GLY N 40 -57.70 -70.23 -17.33
C GLY N 40 -57.62 -68.72 -17.41
N ARG N 41 -56.54 -68.13 -16.89
CA ARG N 41 -56.42 -66.67 -16.95
C ARG N 41 -56.33 -66.19 -18.39
N MET N 42 -55.89 -67.06 -19.30
CA MET N 42 -55.85 -66.72 -20.72
C MET N 42 -55.97 -68.00 -21.53
N ARG N 43 -56.34 -67.85 -22.80
CA ARG N 43 -56.39 -68.96 -23.73
C ARG N 43 -55.25 -68.85 -24.73
N PRO N 44 -54.77 -69.97 -25.27
CA PRO N 44 -53.70 -69.91 -26.27
C PRO N 44 -54.13 -69.13 -27.50
N TRP N 45 -53.16 -68.46 -28.11
CA TRP N 45 -53.42 -67.72 -29.34
C TRP N 45 -52.20 -67.73 -30.25
N LYS N 46 -52.42 -68.02 -31.53
CA LYS N 46 -51.36 -68.06 -32.55
C LYS N 46 -51.89 -67.29 -33.75
N TYR N 47 -51.64 -65.98 -33.76
CA TYR N 47 -52.13 -65.11 -34.81
C TYR N 47 -51.02 -64.18 -35.27
N THR N 48 -51.13 -63.73 -36.50
CA THR N 48 -50.24 -62.72 -37.06
C THR N 48 -50.92 -61.36 -37.03
N LYS N 49 -50.11 -60.31 -37.19
CA LYS N 49 -50.65 -58.96 -37.13
C LYS N 49 -51.68 -58.74 -38.22
N GLU N 50 -51.40 -59.21 -39.43
CA GLU N 50 -52.38 -59.08 -40.51
C GLU N 50 -53.69 -59.77 -40.14
N GLN N 51 -53.59 -60.96 -39.53
CA GLN N 51 -54.79 -61.72 -39.21
C GLN N 51 -55.61 -61.06 -38.11
N ILE N 52 -54.95 -60.46 -37.11
CA ILE N 52 -55.67 -60.01 -35.92
C ILE N 52 -56.11 -58.57 -36.02
N LEU N 53 -55.35 -57.74 -36.73
CA LEU N 53 -55.65 -56.31 -36.75
C LEU N 53 -57.09 -56.06 -37.18
N GLY N 54 -57.80 -55.27 -36.39
CA GLY N 54 -59.17 -54.92 -36.67
C GLY N 54 -60.21 -55.87 -36.09
N ALA N 55 -59.79 -56.97 -35.47
CA ALA N 55 -60.76 -57.92 -34.94
C ALA N 55 -61.48 -57.33 -33.74
N PRO N 56 -62.78 -57.60 -33.58
CA PRO N 56 -63.49 -57.12 -32.39
C PRO N 56 -63.16 -57.94 -31.15
N VAL N 57 -62.96 -57.24 -30.04
CA VAL N 57 -62.62 -57.85 -28.76
C VAL N 57 -63.60 -57.34 -27.71
N THR N 58 -64.11 -58.26 -26.90
CA THR N 58 -64.96 -57.93 -25.76
C THR N 58 -64.14 -58.04 -24.50
N CYS N 59 -64.14 -56.98 -23.70
CA CYS N 59 -63.38 -56.90 -22.46
C CYS N 59 -64.36 -56.87 -21.30
N ASN N 60 -64.18 -57.78 -20.35
CA ASN N 60 -64.95 -57.83 -19.12
C ASN N 60 -63.95 -57.68 -17.97
N PHE N 61 -63.93 -56.50 -17.36
CA PHE N 61 -63.06 -56.23 -16.23
C PHE N 61 -63.88 -56.44 -14.96
N GLU N 62 -63.48 -57.43 -14.17
CA GLU N 62 -64.24 -57.81 -12.98
C GLU N 62 -63.97 -56.86 -11.82
N TYR N 63 -64.17 -55.57 -12.04
CA TYR N 63 -64.16 -54.61 -10.95
C TYR N 63 -65.46 -54.72 -10.16
N ASN N 64 -65.64 -53.84 -9.19
CA ASN N 64 -66.85 -53.83 -8.38
C ASN N 64 -67.43 -52.44 -8.34
N PRO N 65 -68.76 -52.30 -8.15
CA PRO N 65 -69.70 -53.40 -7.98
C PRO N 65 -70.12 -54.04 -9.30
N ARG N 66 -70.19 -53.22 -10.35
CA ARG N 66 -70.65 -53.68 -11.66
C ARG N 66 -69.44 -53.93 -12.55
N PRO N 67 -69.21 -55.15 -13.04
CA PRO N 67 -68.08 -55.37 -13.94
C PRO N 67 -68.18 -54.48 -15.18
N VAL N 68 -67.02 -54.02 -15.64
CA VAL N 68 -66.95 -53.11 -16.78
C VAL N 68 -66.96 -53.93 -18.05
N ARG N 69 -67.92 -53.65 -18.93
CA ARG N 69 -68.08 -54.36 -20.20
C ARG N 69 -67.79 -53.39 -21.33
N LEU N 70 -66.86 -53.76 -22.21
CA LEU N 70 -66.47 -52.92 -23.33
C LEU N 70 -66.31 -53.76 -24.58
N ILE N 71 -66.50 -53.12 -25.73
CA ILE N 71 -66.27 -53.73 -27.04
C ILE N 71 -65.38 -52.79 -27.83
N GLY N 72 -64.27 -53.31 -28.36
CA GLY N 72 -63.32 -52.51 -29.09
C GLY N 72 -62.70 -53.30 -30.23
N THR N 73 -61.74 -52.67 -30.89
CA THR N 73 -60.97 -53.31 -31.95
C THR N 73 -59.60 -53.70 -31.41
N VAL N 74 -58.72 -54.17 -32.29
CA VAL N 74 -57.35 -54.55 -31.93
C VAL N 74 -56.42 -53.64 -32.71
N MET N 75 -55.88 -52.62 -32.04
CA MET N 75 -54.94 -51.72 -32.70
C MET N 75 -53.60 -52.39 -32.95
N ASP N 76 -53.13 -53.20 -32.00
CA ASP N 76 -51.85 -53.88 -32.16
C ASP N 76 -51.78 -55.05 -31.19
N ALA N 77 -50.89 -55.97 -31.48
CA ALA N 77 -50.61 -57.11 -30.59
C ALA N 77 -49.11 -57.23 -30.44
N HIS N 78 -48.65 -57.39 -29.20
CA HIS N 78 -47.22 -57.37 -28.94
C HIS N 78 -46.51 -58.56 -29.59
N THR N 79 -47.04 -59.77 -29.39
CA THR N 79 -46.43 -60.99 -29.88
C THR N 79 -47.43 -61.80 -30.68
N GLU N 80 -46.91 -62.64 -31.58
CA GLU N 80 -47.73 -63.43 -32.49
C GLU N 80 -48.07 -64.82 -31.96
N GLU N 81 -47.56 -65.20 -30.79
CA GLU N 81 -47.78 -66.53 -30.26
C GLU N 81 -47.95 -66.43 -28.75
N THR N 82 -48.61 -67.44 -28.18
CA THR N 82 -48.91 -67.42 -26.75
C THR N 82 -47.64 -67.26 -25.94
N SER N 83 -47.66 -66.32 -25.00
CA SER N 83 -46.50 -66.05 -24.16
C SER N 83 -46.92 -65.07 -23.07
N ILE N 84 -46.28 -65.20 -21.89
CA ILE N 84 -46.57 -64.28 -20.79
C ILE N 84 -46.20 -62.86 -21.17
N LYS N 85 -45.11 -62.69 -21.92
CA LYS N 85 -44.69 -61.37 -22.38
C LYS N 85 -45.47 -60.98 -23.64
N GLY N 86 -46.79 -60.84 -23.47
CA GLY N 86 -47.66 -60.50 -24.57
C GLY N 86 -48.26 -59.12 -24.45
N GLY N 87 -49.58 -59.03 -24.55
CA GLY N 87 -50.28 -57.76 -24.47
C GLY N 87 -50.99 -57.43 -25.78
N LEU N 88 -52.12 -56.75 -25.64
CA LEU N 88 -52.95 -56.42 -26.79
C LEU N 88 -53.57 -55.04 -26.60
N LYS N 89 -53.57 -54.25 -27.66
CA LYS N 89 -54.18 -52.93 -27.62
C LYS N 89 -55.63 -52.99 -28.08
N VAL N 90 -56.46 -52.11 -27.51
CA VAL N 90 -57.87 -52.04 -27.83
C VAL N 90 -58.27 -50.58 -27.86
N TYR N 91 -59.28 -50.27 -28.67
CA TYR N 91 -59.84 -48.93 -28.76
C TYR N 91 -61.33 -49.03 -28.44
N ALA N 92 -61.66 -48.91 -27.16
CA ALA N 92 -63.06 -48.93 -26.74
C ALA N 92 -63.67 -47.55 -26.95
N ARG N 93 -64.94 -47.55 -27.37
CA ARG N 93 -65.66 -46.32 -27.68
C ARG N 93 -67.06 -46.42 -27.11
N ASN N 94 -67.30 -45.75 -26.00
CA ASN N 94 -68.60 -45.72 -25.35
C ASN N 94 -69.41 -44.56 -25.94
N GLU N 95 -70.53 -44.23 -25.29
CA GLU N 95 -71.40 -43.16 -25.76
C GLU N 95 -70.60 -41.93 -26.17
N GLU N 96 -69.86 -41.34 -25.24
CA GLU N 96 -69.07 -40.15 -25.50
C GLU N 96 -67.62 -40.28 -25.05
N THR N 97 -67.11 -41.51 -24.88
CA THR N 97 -65.76 -41.74 -24.40
C THR N 97 -65.00 -42.61 -25.38
N ASN N 98 -63.79 -42.20 -25.72
CA ASN N 98 -62.92 -42.92 -26.65
C ASN N 98 -61.62 -43.23 -25.92
N MET N 99 -61.48 -44.45 -25.41
CA MET N 99 -60.34 -44.84 -24.60
C MET N 99 -59.56 -45.92 -25.32
N MET N 100 -58.28 -45.68 -25.53
CA MET N 100 -57.37 -46.67 -26.10
C MET N 100 -56.52 -47.24 -24.96
N LEU N 101 -56.60 -48.55 -24.77
CA LEU N 101 -56.02 -49.20 -23.60
C LEU N 101 -55.23 -50.43 -24.00
N TRP N 102 -54.11 -50.65 -23.31
CA TRP N 102 -53.31 -51.86 -23.45
C TRP N 102 -53.68 -52.82 -22.33
N ILE N 103 -54.02 -54.05 -22.69
CA ILE N 103 -54.44 -55.07 -21.74
C ILE N 103 -53.46 -56.23 -21.82
N PRO N 104 -52.86 -56.66 -20.72
CA PRO N 104 -51.94 -57.80 -20.77
C PRO N 104 -52.70 -59.10 -20.55
N PRO N 105 -52.23 -60.20 -21.13
CA PRO N 105 -52.91 -61.49 -20.92
C PRO N 105 -52.55 -62.12 -19.58
N GLY N 106 -53.31 -63.13 -19.18
CA GLY N 106 -53.03 -63.84 -17.96
C GLY N 106 -53.51 -63.18 -16.69
N ASN N 107 -54.19 -62.04 -16.78
CA ASN N 107 -54.72 -61.37 -15.61
C ASN N 107 -56.08 -61.94 -15.28
N PRO N 108 -56.30 -62.50 -14.07
CA PRO N 108 -57.58 -63.16 -13.80
C PRO N 108 -58.77 -62.22 -13.83
N LYS N 109 -58.57 -60.92 -13.66
CA LYS N 109 -59.68 -59.99 -13.56
C LYS N 109 -60.04 -59.33 -14.88
N LEU N 110 -59.09 -59.20 -15.80
CA LEU N 110 -59.33 -58.54 -17.08
C LEU N 110 -59.57 -59.59 -18.17
N ARG N 111 -60.78 -60.16 -18.16
CA ARG N 111 -61.12 -61.20 -19.11
C ARG N 111 -61.36 -60.58 -20.48
N HIS N 112 -60.35 -60.64 -21.35
CA HIS N 112 -60.44 -60.09 -22.69
C HIS N 112 -60.51 -61.23 -23.69
N GLU N 113 -61.48 -61.19 -24.59
CA GLU N 113 -61.69 -62.27 -25.55
C GLU N 113 -61.92 -61.67 -26.93
N VAL N 114 -61.13 -62.10 -27.91
CA VAL N 114 -61.34 -61.70 -29.29
C VAL N 114 -62.58 -62.44 -29.80
N THR N 115 -63.69 -61.73 -29.94
CA THR N 115 -64.97 -62.37 -30.17
C THR N 115 -65.12 -62.91 -31.59
N SER N 116 -64.32 -62.43 -32.53
CA SER N 116 -64.36 -62.88 -33.91
C SER N 116 -63.13 -63.72 -34.23
N THR N 117 -63.30 -64.63 -35.18
CA THR N 117 -62.21 -65.49 -35.63
C THR N 117 -61.30 -64.80 -36.63
N LYS N 118 -61.64 -63.59 -37.08
CA LYS N 118 -60.88 -62.89 -38.09
C LYS N 118 -61.14 -61.39 -37.95
N GLY N 119 -60.27 -60.59 -38.53
CA GLY N 119 -60.40 -59.15 -38.52
C GLY N 119 -60.25 -58.57 -39.91
N SER N 120 -60.70 -57.32 -40.05
CA SER N 120 -60.67 -56.62 -41.33
C SER N 120 -59.72 -55.44 -41.23
N PHE N 121 -58.74 -55.40 -42.14
CA PHE N 121 -57.77 -54.31 -42.11
C PHE N 121 -58.41 -52.98 -42.45
N GLN N 122 -59.44 -52.98 -43.31
CA GLN N 122 -60.17 -51.75 -43.58
C GLN N 122 -60.86 -51.24 -42.32
N HIS N 123 -61.47 -52.14 -41.54
CA HIS N 123 -62.05 -51.73 -40.27
C HIS N 123 -60.98 -51.17 -39.34
N TYR N 124 -59.83 -51.84 -39.28
CA TYR N 124 -58.74 -51.32 -38.45
C TYR N 124 -58.35 -49.92 -38.90
N LEU N 125 -58.25 -49.69 -40.21
CA LEU N 125 -57.84 -48.38 -40.71
C LEU N 125 -58.84 -47.31 -40.33
N ASP N 126 -60.14 -47.57 -40.54
CA ASP N 126 -61.13 -46.54 -40.24
C ASP N 126 -61.22 -46.29 -38.73
N GLU N 127 -61.11 -47.34 -37.93
CA GLU N 127 -61.12 -47.16 -36.48
C GLU N 127 -59.90 -46.36 -36.02
N ARG N 128 -58.75 -46.63 -36.61
CA ARG N 128 -57.55 -45.87 -36.30
C ARG N 128 -57.72 -44.41 -36.68
N ASP N 129 -58.35 -44.15 -37.83
CA ASP N 129 -58.63 -42.77 -38.22
C ASP N 129 -59.55 -42.09 -37.21
N LYS N 130 -60.56 -42.81 -36.74
CA LYS N 130 -61.47 -42.25 -35.74
C LYS N 130 -60.70 -41.90 -34.47
N TRP N 131 -59.84 -42.82 -34.01
CA TRP N 131 -59.05 -42.55 -32.81
C TRP N 131 -58.13 -41.37 -33.00
N ASP N 132 -57.49 -41.26 -34.17
CA ASP N 132 -56.61 -40.13 -34.42
C ASP N 132 -57.37 -38.82 -34.39
N GLU N 133 -58.56 -38.78 -35.01
CA GLU N 133 -59.35 -37.56 -35.00
C GLU N 133 -59.77 -37.20 -33.57
N ALA N 134 -60.19 -38.19 -32.80
CA ALA N 134 -60.60 -37.92 -31.42
C ALA N 134 -59.43 -37.39 -30.60
N TRP N 135 -58.25 -38.01 -30.75
CA TRP N 135 -57.08 -37.55 -30.01
C TRP N 135 -56.68 -36.14 -30.42
N ILE N 136 -56.72 -35.82 -31.71
CA ILE N 136 -56.37 -34.48 -32.15
C ILE N 136 -57.36 -33.46 -31.60
N THR N 137 -58.66 -33.77 -31.67
CA THR N 137 -59.66 -32.84 -31.16
C THR N 137 -59.50 -32.62 -29.67
N GLY N 138 -59.23 -33.69 -28.91
CA GLY N 138 -59.06 -33.58 -27.48
C GLY N 138 -57.98 -32.59 -27.09
N HIS O 1 24.62 -2.56 -0.15
CA HIS O 1 24.34 -3.41 0.99
C HIS O 1 25.13 -4.72 0.86
N TYR O 2 25.77 -5.12 1.95
CA TYR O 2 26.57 -6.34 1.97
C TYR O 2 25.72 -7.53 2.37
N ARG O 3 25.85 -8.62 1.62
CA ARG O 3 25.30 -9.91 1.99
C ARG O 3 26.40 -10.94 1.83
N ALA O 4 26.28 -12.04 2.58
CA ALA O 4 27.33 -13.05 2.57
C ALA O 4 27.26 -13.87 1.29
N LYS O 5 27.39 -13.20 0.14
CA LYS O 5 27.28 -13.87 -1.14
C LYS O 5 28.34 -14.94 -1.29
N LEU O 6 29.61 -14.53 -1.29
CA LEU O 6 30.71 -15.47 -1.49
C LEU O 6 30.81 -16.47 -0.36
N GLU O 7 30.58 -16.03 0.89
CA GLU O 7 30.68 -16.92 2.03
C GLU O 7 29.61 -18.00 2.02
N LEU O 8 28.40 -17.71 1.55
CA LEU O 8 27.30 -18.66 1.57
C LEU O 8 27.20 -19.50 0.30
N ASP O 9 27.62 -18.96 -0.85
CA ASP O 9 27.63 -19.79 -2.05
C ASP O 9 28.51 -21.02 -1.85
N ARG O 10 29.51 -20.92 -0.99
CA ARG O 10 30.39 -22.06 -0.71
C ARG O 10 29.60 -23.23 -0.15
N ILE O 11 28.78 -22.97 0.89
CA ILE O 11 27.99 -24.03 1.52
C ILE O 11 26.65 -24.24 0.83
N ARG O 12 26.35 -23.50 -0.23
CA ARG O 12 25.12 -23.73 -0.97
C ARG O 12 24.95 -25.19 -1.39
N SER O 13 26.00 -26.00 -1.33
CA SER O 13 25.91 -27.42 -1.66
C SER O 13 25.13 -28.23 -0.63
N MET O 14 24.80 -27.65 0.53
CA MET O 14 24.17 -28.39 1.61
C MET O 14 22.64 -28.34 1.54
N LEU O 15 22.07 -27.73 0.51
CA LEU O 15 20.63 -27.61 0.36
C LEU O 15 20.16 -28.61 -0.70
N ARG O 16 18.86 -28.55 -1.02
CA ARG O 16 18.24 -29.51 -1.92
C ARG O 16 17.55 -28.80 -3.08
N GLY O 17 17.62 -29.42 -4.25
CA GLY O 17 16.78 -28.99 -5.36
C GLY O 17 17.02 -27.56 -5.76
N ARG O 18 15.94 -26.77 -5.75
CA ARG O 18 15.98 -25.42 -6.31
C ARG O 18 17.00 -24.55 -5.59
N ALA O 19 17.06 -24.64 -4.25
CA ALA O 19 18.02 -23.85 -3.51
C ALA O 19 19.45 -24.20 -3.88
N ARG O 20 19.74 -25.50 -4.02
CA ARG O 20 21.09 -25.92 -4.37
C ARG O 20 21.44 -25.61 -5.83
N LEU O 21 20.44 -25.49 -6.70
CA LEU O 21 20.70 -25.27 -8.12
C LEU O 21 20.82 -23.79 -8.46
N GLU O 22 19.95 -22.95 -7.93
CA GLU O 22 19.88 -21.54 -8.30
C GLU O 22 20.54 -20.72 -7.20
N ARG O 23 21.46 -19.84 -7.61
CA ARG O 23 22.27 -19.10 -6.65
C ARG O 23 21.41 -18.26 -5.70
N LYS O 24 20.43 -17.54 -6.25
CA LYS O 24 19.66 -16.61 -5.43
C LYS O 24 18.88 -17.35 -4.35
N VAL O 25 18.20 -18.44 -4.72
CA VAL O 25 17.38 -19.16 -3.76
C VAL O 25 18.26 -19.76 -2.67
N GLY O 26 19.37 -20.38 -3.05
CA GLY O 26 20.26 -20.95 -2.06
C GLY O 26 20.84 -19.90 -1.12
N LEU O 27 21.23 -18.76 -1.67
CA LEU O 27 21.78 -17.70 -0.83
C LEU O 27 20.74 -17.16 0.15
N LYS O 28 19.51 -16.96 -0.32
CA LYS O 28 18.45 -16.49 0.58
C LYS O 28 18.19 -17.50 1.68
N ARG O 29 18.10 -18.79 1.32
CA ARG O 29 17.84 -19.81 2.33
C ARG O 29 18.98 -19.89 3.34
N LEU O 30 20.23 -19.82 2.88
CA LEU O 30 21.36 -19.89 3.78
C LEU O 30 21.41 -18.67 4.70
N PHE O 31 21.12 -17.48 4.17
CA PHE O 31 21.09 -16.29 5.00
C PHE O 31 20.03 -16.43 6.09
N PHE O 32 18.84 -16.90 5.71
CA PHE O 32 17.77 -17.09 6.69
C PHE O 32 18.17 -18.13 7.73
N LEU O 33 18.78 -19.23 7.29
CA LEU O 33 19.19 -20.28 8.21
C LEU O 33 20.23 -19.76 9.20
N MET O 34 21.22 -19.03 8.71
CA MET O 34 22.24 -18.49 9.59
C MET O 34 21.65 -17.55 10.62
N ARG O 35 20.75 -16.66 10.17
CA ARG O 35 20.15 -15.72 11.11
C ARG O 35 19.29 -16.44 12.16
N THR O 36 18.49 -17.42 11.73
CA THR O 36 17.66 -18.15 12.69
C THR O 36 18.51 -18.95 13.67
N GLN O 37 19.58 -19.57 13.18
CA GLN O 37 20.46 -20.32 14.07
C GLN O 37 21.13 -19.39 15.07
N THR O 38 21.54 -18.20 14.63
CA THR O 38 22.12 -17.23 15.55
C THR O 38 21.11 -16.85 16.63
N ARG O 39 19.88 -16.56 16.23
CA ARG O 39 18.86 -16.18 17.21
C ARG O 39 18.61 -17.31 18.20
N TYR O 40 18.50 -18.54 17.70
CA TYR O 40 18.26 -19.68 18.59
C TYR O 40 19.41 -19.87 19.55
N ARG O 41 20.65 -19.76 19.06
CA ARG O 41 21.80 -19.93 19.94
C ARG O 41 21.82 -18.87 21.02
N VAL O 42 21.49 -17.62 20.67
CA VAL O 42 21.62 -16.54 21.63
C VAL O 42 20.40 -16.39 22.54
N GLU O 43 19.29 -17.09 22.28
CA GLU O 43 18.11 -16.90 23.12
C GLU O 43 17.37 -18.17 23.55
N GLN O 44 17.65 -19.34 22.97
CA GLN O 44 16.97 -20.55 23.43
C GLN O 44 17.86 -21.77 23.63
N GLN O 45 19.02 -21.85 22.97
CA GLN O 45 19.81 -23.07 23.03
C GLN O 45 20.28 -23.35 24.45
N ALA O 46 20.76 -22.31 25.15
CA ALA O 46 21.22 -22.49 26.52
C ALA O 46 20.09 -22.97 27.42
N HIS O 47 18.90 -22.39 27.26
CA HIS O 47 17.77 -22.81 28.07
C HIS O 47 17.44 -24.27 27.85
N TRP O 48 17.39 -24.70 26.58
CA TRP O 48 17.07 -26.10 26.31
C TRP O 48 18.14 -27.03 26.89
N GLU O 49 19.41 -26.70 26.66
CA GLU O 49 20.48 -27.58 27.12
C GLU O 49 20.48 -27.69 28.65
N ARG O 50 20.33 -26.55 29.34
CA ARG O 50 20.37 -26.59 30.79
C ARG O 50 19.12 -27.25 31.35
N ALA O 51 17.99 -27.16 30.66
CA ALA O 51 16.82 -27.93 31.07
C ALA O 51 17.09 -29.43 30.97
N ILE O 52 17.74 -29.86 29.89
CA ILE O 52 18.06 -31.27 29.75
C ILE O 52 18.99 -31.72 30.88
N VAL O 53 20.01 -30.91 31.19
CA VAL O 53 20.93 -31.26 32.26
C VAL O 53 20.19 -31.32 33.59
N ARG O 54 19.31 -30.36 33.84
CA ARG O 54 18.49 -30.36 35.05
C ARG O 54 17.70 -31.66 35.15
N LYS O 55 17.08 -32.08 34.04
CA LYS O 55 16.26 -33.28 34.09
C LYS O 55 17.11 -34.52 34.37
N ASN O 56 18.30 -34.60 33.77
CA ASN O 56 19.17 -35.73 34.06
C ASN O 56 19.56 -35.78 35.53
N VAL O 57 19.96 -34.64 36.09
CA VAL O 57 20.33 -34.59 37.50
C VAL O 57 19.13 -34.94 38.37
N ASP O 58 17.94 -34.46 37.99
CA ASP O 58 16.74 -34.76 38.76
C ASP O 58 16.41 -36.24 38.73
N SER O 59 16.58 -36.88 37.58
CA SER O 59 16.32 -38.32 37.49
C SER O 59 17.30 -39.10 38.34
N ALA O 60 18.58 -38.71 38.33
CA ALA O 60 19.55 -39.37 39.22
C ALA O 60 19.16 -39.19 40.67
N ALA O 61 18.78 -37.97 41.06
CA ALA O 61 18.36 -37.71 42.43
C ALA O 61 17.13 -38.53 42.80
N ARG O 62 16.17 -38.65 41.89
CA ARG O 62 14.99 -39.46 42.15
C ARG O 62 15.36 -40.92 42.35
N GLU O 63 16.25 -41.45 41.51
CA GLU O 63 16.69 -42.82 41.69
C GLU O 63 17.37 -43.01 43.05
N HIS O 64 18.08 -42.00 43.52
CA HIS O 64 18.72 -42.06 44.83
C HIS O 64 17.79 -41.62 45.97
N GLY O 65 16.55 -41.26 45.67
CA GLY O 65 15.58 -40.88 46.67
C GLY O 65 15.36 -39.39 46.80
N THR O 66 16.29 -38.57 46.31
CA THR O 66 16.19 -37.12 46.40
C THR O 66 15.54 -36.56 45.14
N GLY O 67 15.64 -35.25 44.97
CA GLY O 67 15.22 -34.60 43.75
C GLY O 67 16.09 -33.40 43.48
N TRP O 68 15.87 -32.78 42.32
CA TRP O 68 16.71 -31.65 41.91
C TRP O 68 16.60 -30.50 42.92
N GLN O 69 15.41 -30.24 43.43
CA GLN O 69 15.21 -29.09 44.30
C GLN O 69 16.05 -29.21 45.57
N HIS O 70 15.81 -30.28 46.33
CA HIS O 70 16.55 -30.48 47.57
C HIS O 70 18.03 -30.68 47.30
N LEU O 71 18.37 -31.37 46.21
CA LEU O 71 19.78 -31.59 45.89
C LEU O 71 20.50 -30.27 45.65
N ARG O 72 19.88 -29.38 44.88
CA ARG O 72 20.49 -28.07 44.61
C ARG O 72 20.64 -27.26 45.89
N ASN O 73 19.57 -27.23 46.70
CA ASN O 73 19.65 -26.43 47.93
C ASN O 73 20.72 -26.98 48.86
N GLU O 74 20.82 -28.30 48.99
CA GLU O 74 21.80 -28.88 49.90
C GLU O 74 23.22 -28.76 49.36
N LEU O 75 23.39 -28.80 48.03
CA LEU O 75 24.70 -28.52 47.48
C LEU O 75 25.13 -27.09 47.80
N GLY O 76 24.20 -26.14 47.67
CA GLY O 76 24.51 -24.78 48.07
C GLY O 76 24.86 -24.68 49.54
N ARG O 77 24.09 -25.36 50.39
CA ARG O 77 24.33 -25.31 51.83
C ARG O 77 25.67 -25.90 52.20
N GLN O 78 26.03 -27.04 51.61
CA GLN O 78 27.30 -27.71 51.89
C GLN O 78 28.47 -27.08 51.18
N ASN O 79 28.24 -26.15 50.25
CA ASN O 79 29.31 -25.41 49.59
C ASN O 79 30.09 -26.31 48.63
N VAL O 80 29.40 -27.24 47.98
CA VAL O 80 29.99 -28.09 46.95
C VAL O 80 29.70 -27.42 45.62
N MET O 81 30.73 -26.84 45.00
CA MET O 81 30.57 -26.07 43.77
C MET O 81 30.72 -27.02 42.58
N LEU O 82 29.64 -27.75 42.30
CA LEU O 82 29.54 -28.58 41.11
C LEU O 82 28.46 -27.99 40.22
N LEU O 83 28.85 -27.52 39.04
CA LEU O 83 27.88 -26.98 38.10
C LEU O 83 26.94 -28.09 37.64
N PRO O 84 25.73 -27.75 37.20
CA PRO O 84 24.79 -28.80 36.79
C PRO O 84 25.33 -29.72 35.72
N ARG O 85 26.13 -29.21 34.79
CA ARG O 85 26.77 -30.07 33.81
C ARG O 85 27.69 -31.09 34.49
N SER O 86 28.47 -30.62 35.48
CA SER O 86 29.34 -31.53 36.20
C SER O 86 28.55 -32.56 36.98
N GLN O 87 27.43 -32.14 37.58
CA GLN O 87 26.58 -33.10 38.30
C GLN O 87 26.03 -34.16 37.36
N GLN O 88 25.57 -33.75 36.18
CA GLN O 88 25.09 -34.72 35.21
C GLN O 88 26.21 -35.69 34.79
N LEU O 89 27.40 -35.14 34.53
CA LEU O 89 28.51 -35.99 34.11
C LEU O 89 28.86 -36.99 35.19
N LEU O 90 28.91 -36.54 36.45
CA LEU O 90 29.23 -37.43 37.57
C LEU O 90 28.15 -38.50 37.73
N ALA O 91 26.88 -38.11 37.63
CA ALA O 91 25.80 -39.08 37.76
C ALA O 91 25.83 -40.13 36.66
N GLN O 92 26.13 -39.73 35.42
CA GLN O 92 26.15 -40.67 34.31
C GLN O 92 27.38 -41.58 34.33
N TYR O 93 28.55 -41.04 34.65
CA TYR O 93 29.79 -41.79 34.53
C TYR O 93 30.39 -42.22 35.86
N GLU O 94 30.04 -41.56 36.97
CA GLU O 94 30.52 -41.93 38.30
C GLU O 94 29.33 -42.02 39.24
N PRO O 95 28.50 -43.05 39.08
CA PRO O 95 27.32 -43.19 39.96
C PRO O 95 27.70 -43.27 41.42
N LEU O 96 28.81 -43.93 41.76
CA LEU O 96 29.22 -44.01 43.16
C LEU O 96 29.57 -42.63 43.70
N ALA O 97 30.27 -41.82 42.92
CA ALA O 97 30.59 -40.46 43.36
C ALA O 97 29.33 -39.63 43.54
N PHE O 98 28.39 -39.75 42.61
CA PHE O 98 27.14 -38.99 42.74
C PHE O 98 26.37 -39.44 43.98
N ARG O 99 26.35 -40.74 44.24
CA ARG O 99 25.68 -41.24 45.44
C ARG O 99 26.39 -40.75 46.70
N ALA O 100 27.72 -40.66 46.66
CA ALA O 100 28.45 -40.12 47.81
C ALA O 100 28.09 -38.66 48.04
N VAL O 101 27.96 -37.88 46.97
CA VAL O 101 27.55 -36.48 47.11
C VAL O 101 26.15 -36.40 47.70
N VAL O 102 25.24 -37.24 47.23
CA VAL O 102 23.87 -37.24 47.77
C VAL O 102 23.88 -37.62 49.24
N GLU O 103 24.72 -38.60 49.61
CA GLU O 103 24.82 -39.00 51.01
C GLU O 103 25.36 -37.87 51.86
N LEU O 104 26.36 -37.14 51.35
CA LEU O 104 26.87 -35.97 52.07
C LEU O 104 25.75 -34.96 52.30
N CYS O 105 24.98 -34.67 51.26
CA CYS O 105 23.89 -33.72 51.40
C CYS O 105 22.85 -34.19 52.41
N ALA O 106 22.49 -35.48 52.36
CA ALA O 106 21.51 -36.04 53.29
C ALA O 106 21.99 -36.01 54.73
N SER O 107 23.26 -36.32 54.95
CA SER O 107 23.78 -36.46 56.30
C SER O 107 23.75 -35.13 57.04
N ARG O 108 23.65 -35.21 58.36
CA ARG O 108 23.69 -34.02 59.20
C ARG O 108 25.14 -33.63 59.49
N ILE O 109 25.95 -33.54 58.44
CA ILE O 109 27.35 -33.14 58.56
C ILE O 109 27.40 -31.62 58.54
N PRO O 110 28.02 -30.96 59.51
CA PRO O 110 28.01 -29.50 59.54
C PRO O 110 28.66 -28.93 58.29
N PRO O 111 27.98 -28.03 57.58
CA PRO O 111 28.58 -27.45 56.38
C PRO O 111 29.78 -26.61 56.74
N PRO O 112 30.67 -26.34 55.78
CA PRO O 112 31.91 -25.66 56.12
C PRO O 112 31.62 -24.29 56.71
N PRO O 113 32.42 -23.84 57.67
CA PRO O 113 32.19 -22.53 58.27
C PRO O 113 32.47 -21.42 57.28
N PRO O 114 31.88 -20.24 57.48
CA PRO O 114 32.07 -19.16 56.51
C PRO O 114 33.50 -18.66 56.52
N PRO O 115 33.96 -18.03 55.44
CA PRO O 115 35.35 -17.57 55.38
C PRO O 115 35.65 -16.58 56.48
N VAL O 116 36.89 -16.63 56.97
CA VAL O 116 37.35 -15.82 58.09
C VAL O 116 37.76 -14.46 57.58
N VAL O 117 37.65 -13.46 58.46
CA VAL O 117 38.09 -12.10 58.17
C VAL O 117 39.52 -11.95 58.65
N ALA O 118 40.28 -11.12 57.93
CA ALA O 118 41.68 -10.90 58.28
C ALA O 118 41.80 -10.42 59.72
N SER O 119 42.71 -11.04 60.46
CA SER O 119 42.90 -10.76 61.88
C SER O 119 44.22 -10.04 62.08
N VAL O 120 44.19 -8.95 62.83
CA VAL O 120 45.38 -8.16 63.11
C VAL O 120 46.10 -8.79 64.30
N PRO O 121 47.34 -9.25 64.16
CA PRO O 121 48.03 -9.85 65.30
C PRO O 121 48.37 -8.82 66.36
N GLU O 122 48.50 -9.30 67.60
CA GLU O 122 48.91 -8.43 68.69
C GLU O 122 50.27 -7.79 68.44
N GLU O 123 51.09 -8.40 67.58
CA GLU O 123 52.39 -7.82 67.26
C GLU O 123 52.26 -6.47 66.57
N SER O 124 51.18 -6.25 65.81
CA SER O 124 50.98 -4.95 65.19
C SER O 124 50.81 -3.86 66.23
N TYR O 125 50.05 -4.14 67.29
CA TYR O 125 49.90 -3.19 68.38
C TYR O 125 51.14 -3.11 69.27
N THR O 126 51.94 -4.17 69.31
CA THR O 126 53.20 -4.11 70.04
C THR O 126 54.08 -2.98 69.49
N LEU O 127 54.62 -2.18 70.40
CA LEU O 127 55.43 -1.04 70.02
C LEU O 127 56.75 -1.51 69.42
N TRP O 128 57.24 -0.76 68.43
CA TRP O 128 58.52 -1.05 67.81
C TRP O 128 59.10 0.20 67.18
N PRO O 129 60.31 0.64 67.58
CA PRO O 129 61.18 0.03 68.59
C PRO O 129 60.65 0.19 70.01
N PRO O 130 61.09 -0.66 70.94
CA PRO O 130 60.57 -0.57 72.31
C PRO O 130 60.83 0.75 72.99
N ALA O 131 61.93 1.42 72.68
CA ALA O 131 62.25 2.70 73.30
C ALA O 131 63.35 3.42 72.52
N SER O 153 68.57 -3.70 63.33
CA SER O 153 69.26 -4.95 63.65
C SER O 153 68.27 -6.06 63.97
N LEU O 154 67.09 -5.68 64.44
CA LEU O 154 66.03 -6.62 64.76
C LEU O 154 64.88 -6.45 63.78
N SER O 155 63.90 -7.34 63.88
CA SER O 155 62.76 -7.37 62.97
C SER O 155 61.48 -7.11 63.75
N HIS O 156 60.51 -6.53 63.04
CA HIS O 156 59.22 -6.26 63.66
C HIS O 156 58.52 -7.59 63.98
N PRO O 157 57.98 -7.76 65.18
CA PRO O 157 57.34 -9.05 65.50
C PRO O 157 56.19 -9.40 64.57
N ALA O 158 55.41 -8.41 64.14
CA ALA O 158 54.34 -8.68 63.20
C ALA O 158 54.90 -9.18 61.87
N ALA O 159 55.98 -8.57 61.39
CA ALA O 159 56.60 -9.03 60.16
C ALA O 159 57.15 -10.44 60.32
N ARG O 160 57.73 -10.74 61.48
CA ARG O 160 58.24 -12.09 61.71
C ARG O 160 57.09 -13.11 61.70
N VAL O 161 55.97 -12.76 62.32
CA VAL O 161 54.81 -13.67 62.32
C VAL O 161 54.31 -13.88 60.90
N GLU O 162 54.23 -12.81 60.11
CA GLU O 162 53.78 -12.94 58.73
C GLU O 162 54.75 -13.81 57.93
N LEU O 163 56.05 -13.64 58.14
CA LEU O 163 57.03 -14.48 57.47
C LEU O 163 56.87 -15.94 57.86
N ARG O 164 56.62 -16.21 59.14
CA ARG O 164 56.42 -17.58 59.59
C ARG O 164 55.18 -18.18 58.93
N CYS O 165 54.10 -17.40 58.83
CA CYS O 165 52.90 -17.89 58.16
C CYS O 165 53.18 -18.18 56.68
N GLY O 166 53.93 -17.30 56.02
CA GLY O 166 54.26 -17.54 54.63
C GLY O 166 55.11 -18.77 54.44
N VAL O 167 56.08 -18.99 55.32
CA VAL O 167 56.92 -20.19 55.23
C VAL O 167 56.08 -21.44 55.48
N GLU O 168 55.15 -21.37 56.44
CA GLU O 168 54.27 -22.50 56.69
C GLU O 168 53.43 -22.82 55.46
N ARG O 169 52.89 -21.79 54.80
CA ARG O 169 52.14 -22.01 53.57
C ARG O 169 53.04 -22.63 52.49
N VAL O 170 54.26 -22.13 52.37
CA VAL O 170 55.21 -22.68 51.40
C VAL O 170 55.40 -24.17 51.64
N LEU O 171 55.67 -24.54 52.89
CA LEU O 171 55.91 -25.95 53.22
C LEU O 171 54.67 -26.81 53.03
N ARG O 172 53.48 -26.30 53.36
CA ARG O 172 52.28 -27.09 53.29
C ARG O 172 51.69 -27.18 51.89
N ARG O 173 52.11 -26.31 50.96
CA ARG O 173 51.57 -26.37 49.61
C ARG O 173 51.88 -27.71 48.93
N GLY O 174 53.01 -28.32 49.25
CA GLY O 174 53.37 -29.57 48.65
C GLY O 174 54.62 -30.18 49.26
N PRO O 175 54.95 -31.40 48.85
CA PRO O 175 56.14 -32.10 49.39
C PRO O 175 57.44 -31.61 48.77
N SER O 176 57.73 -30.34 48.98
CA SER O 176 58.96 -29.76 48.48
C SER O 176 60.16 -30.27 49.28
N GLY O 177 61.32 -30.25 48.64
CA GLY O 177 62.54 -30.71 49.25
C GLY O 177 63.24 -29.69 50.11
N LEU O 178 62.68 -28.49 50.27
CA LEU O 178 63.31 -27.48 51.09
C LEU O 178 63.41 -27.91 52.54
N GLY O 179 62.64 -28.92 52.95
CA GLY O 179 62.65 -29.38 54.32
C GLY O 179 61.45 -28.87 55.09
N ASN O 180 61.06 -29.58 56.14
CA ASN O 180 59.90 -29.21 56.95
C ASN O 180 60.27 -28.36 58.16
N ASN O 181 61.53 -27.98 58.30
CA ASN O 181 62.00 -27.20 59.46
C ASN O 181 61.68 -25.73 59.23
N VAL O 182 60.59 -25.26 59.83
CA VAL O 182 60.18 -23.87 59.66
C VAL O 182 61.26 -22.94 60.18
N ASN O 183 61.85 -23.26 61.34
CA ASN O 183 62.90 -22.41 61.89
C ASN O 183 64.12 -22.39 60.97
N GLU O 184 64.49 -23.54 60.42
CA GLU O 184 65.64 -23.57 59.51
C GLU O 184 65.37 -22.72 58.28
N LEU O 185 64.17 -22.81 57.72
CA LEU O 185 63.85 -21.97 56.57
C LEU O 185 63.86 -20.49 56.93
N ILE O 186 63.30 -20.15 58.09
CA ILE O 186 63.25 -18.75 58.50
C ILE O 186 64.66 -18.19 58.69
N ASP O 187 65.59 -19.04 59.16
CA ASP O 187 66.98 -18.63 59.34
C ASP O 187 67.80 -18.78 58.07
N ALA O 188 67.16 -18.77 56.90
CA ALA O 188 67.87 -19.02 55.65
C ALA O 188 68.90 -17.94 55.37
N TRP O 189 68.54 -16.67 55.60
CA TRP O 189 69.45 -15.57 55.25
C TRP O 189 70.79 -15.69 55.95
N LYS O 190 70.83 -16.31 57.13
CA LYS O 190 72.10 -16.52 57.80
C LYS O 190 73.01 -17.44 57.01
N GLU O 191 72.45 -18.32 56.16
CA GLU O 191 73.27 -19.16 55.30
C GLU O 191 74.07 -18.31 54.32
N PHE O 192 73.44 -17.31 53.71
CA PHE O 192 74.14 -16.46 52.76
C PHE O 192 74.97 -15.39 53.45
N ASP O 193 74.62 -15.04 54.68
CA ASP O 193 75.40 -14.05 55.42
C ASP O 193 76.83 -14.55 55.64
N VAL O 194 77.77 -13.62 55.60
CA VAL O 194 79.20 -13.92 55.80
C VAL O 194 79.66 -13.22 57.06
N SER O 195 80.24 -13.96 57.97
CA SER O 195 80.74 -13.39 59.22
C SER O 195 81.89 -12.43 58.92
N PRO O 196 81.91 -11.22 59.49
CA PRO O 196 83.00 -10.28 59.22
C PRO O 196 84.31 -10.71 59.86
N ASN P 1 51.83 -40.13 47.14
CA ASN P 1 52.36 -40.92 48.24
C ASN P 1 51.29 -41.83 48.83
N GLY P 2 50.39 -41.25 49.62
CA GLY P 2 49.31 -42.01 50.22
C GLY P 2 48.58 -41.25 51.31
N LEU P 3 47.46 -41.80 51.76
CA LEU P 3 46.65 -41.19 52.80
C LEU P 3 47.38 -41.25 54.15
N ARG P 4 47.13 -40.24 54.98
CA ARG P 4 47.71 -40.18 56.31
C ARG P 4 46.64 -39.74 57.31
N CYS P 5 46.86 -40.10 58.57
CA CYS P 5 45.94 -39.77 59.65
C CYS P 5 46.57 -40.17 60.97
N PRO P 6 46.27 -39.47 62.07
CA PRO P 6 46.83 -39.88 63.37
C PRO P 6 46.43 -41.28 63.80
N ASP P 7 45.32 -41.81 63.29
CA ASP P 7 44.84 -43.14 63.65
C ASP P 7 45.46 -44.17 62.73
N ALA P 8 46.33 -45.02 63.29
CA ALA P 8 46.99 -46.05 62.48
C ALA P 8 45.98 -47.02 61.88
N LEU P 9 44.96 -47.40 62.65
CA LEU P 9 43.96 -48.33 62.14
C LEU P 9 43.25 -47.76 60.93
N ILE P 10 42.76 -46.52 61.03
CA ILE P 10 42.05 -45.91 59.93
C ILE P 10 42.99 -45.71 58.74
N THR P 11 44.24 -45.33 59.02
CA THR P 11 45.19 -45.12 57.93
C THR P 11 45.42 -46.41 57.15
N ARG P 12 45.66 -47.52 57.86
CA ARG P 12 45.96 -48.77 57.18
C ARG P 12 44.70 -49.36 56.54
N THR P 13 43.53 -49.03 57.07
CA THR P 13 42.29 -49.51 56.45
C THR P 13 41.95 -48.74 55.19
N LEU P 14 42.28 -47.45 55.13
CA LEU P 14 41.91 -46.64 53.98
C LEU P 14 42.98 -46.58 52.90
N ASN P 15 44.25 -46.82 53.25
CA ASN P 15 45.30 -46.76 52.24
C ASN P 15 45.08 -47.73 51.10
N PRO P 16 44.74 -49.00 51.34
CA PRO P 16 44.51 -49.92 50.21
C PRO P 16 43.41 -49.46 49.27
N LEU P 17 42.41 -48.73 49.77
CA LEU P 17 41.31 -48.28 48.93
C LEU P 17 41.73 -47.25 47.89
N LEU P 18 42.80 -46.49 48.13
CA LEU P 18 43.24 -45.49 47.18
C LEU P 18 43.97 -46.09 45.99
N ASN P 19 44.61 -47.24 46.16
CA ASN P 19 45.33 -47.86 45.06
C ASN P 19 44.39 -48.18 43.92
N GLY P 20 44.77 -47.79 42.71
CA GLY P 20 43.98 -48.06 41.53
C GLY P 20 43.79 -46.82 40.68
N PRO P 21 43.03 -46.95 39.60
CA PRO P 21 42.74 -45.78 38.75
C PRO P 21 41.93 -44.74 39.49
N LYS P 22 42.15 -43.48 39.13
CA LYS P 22 41.49 -42.37 39.77
C LYS P 22 40.93 -41.42 38.71
N PHE P 23 39.84 -40.75 39.09
CA PHE P 23 39.25 -39.68 38.29
C PHE P 23 39.21 -38.43 39.13
N ALA P 24 39.24 -37.28 38.47
CA ALA P 24 39.22 -36.00 39.17
C ALA P 24 38.31 -35.02 38.44
N VAL P 25 37.47 -34.33 39.19
CA VAL P 25 36.66 -33.24 38.68
C VAL P 25 37.39 -31.95 39.05
N ILE P 26 37.84 -31.23 38.02
CA ILE P 26 38.68 -30.05 38.17
C ILE P 26 37.95 -28.85 37.61
N TYR P 27 38.29 -27.67 38.12
CA TYR P 27 37.74 -26.40 37.68
C TYR P 27 38.82 -25.65 36.92
N CYS P 28 38.52 -25.28 35.68
CA CYS P 28 39.50 -24.58 34.85
C CYS P 28 38.77 -23.78 33.77
N GLY P 29 39.21 -22.54 33.58
CA GLY P 29 38.62 -21.69 32.56
C GLY P 29 37.13 -21.47 32.76
N ASN P 30 36.70 -21.35 34.01
CA ASN P 30 35.29 -21.21 34.35
C ASN P 30 34.47 -22.41 33.86
N HIS P 31 35.11 -23.54 33.61
CA HIS P 31 34.46 -24.76 33.21
C HIS P 31 34.96 -25.91 34.07
N GLN P 32 34.11 -26.90 34.27
CA GLN P 32 34.44 -28.07 35.08
C GLN P 32 34.62 -29.29 34.18
N TYR P 33 35.72 -30.00 34.39
CA TYR P 33 36.07 -31.15 33.57
C TYR P 33 36.29 -32.36 34.46
N LYS P 34 35.71 -33.50 34.08
CA LYS P 34 36.04 -34.77 34.69
C LYS P 34 37.11 -35.45 33.84
N VAL P 35 38.25 -35.76 34.46
CA VAL P 35 39.41 -36.24 33.74
C VAL P 35 39.94 -37.49 34.42
N ALA P 36 40.63 -38.32 33.63
CA ALA P 36 41.29 -39.51 34.12
C ALA P 36 42.76 -39.50 33.70
N VAL P 37 43.47 -40.60 33.95
CA VAL P 37 44.91 -40.63 33.70
C VAL P 37 45.25 -40.54 32.22
N GLY P 38 44.30 -40.78 31.32
CA GLY P 38 44.57 -40.77 29.90
C GLY P 38 43.53 -40.03 29.08
N ASP P 39 42.93 -38.99 29.64
CA ASP P 39 41.83 -38.28 29.02
C ASP P 39 42.33 -36.97 28.42
N VAL P 40 41.83 -36.65 27.22
CA VAL P 40 42.15 -35.41 26.53
C VAL P 40 40.95 -34.46 26.65
N ILE P 41 41.23 -33.21 26.99
CA ILE P 41 40.19 -32.19 27.14
C ILE P 41 40.60 -30.96 26.36
N ALA P 42 39.62 -30.12 26.07
CA ALA P 42 39.83 -28.83 25.40
C ALA P 42 39.38 -27.73 26.33
N VAL P 43 40.34 -27.06 26.96
CA VAL P 43 40.04 -25.97 27.87
C VAL P 43 40.15 -24.67 27.09
N GLN P 44 39.58 -23.60 27.65
CA GLN P 44 39.77 -22.30 27.03
C GLN P 44 41.24 -21.91 27.07
N ARG P 45 41.62 -21.00 26.17
CA ARG P 45 43.03 -20.77 25.90
C ARG P 45 43.81 -20.50 27.18
N LEU P 46 44.93 -21.21 27.34
CA LEU P 46 45.88 -20.98 28.41
C LEU P 46 47.19 -20.54 27.77
N ARG P 47 47.76 -19.45 28.28
CA ARG P 47 49.01 -18.92 27.73
C ARG P 47 50.16 -19.83 28.16
N VAL P 48 50.17 -21.03 27.60
CA VAL P 48 51.13 -22.07 27.93
C VAL P 48 51.76 -22.58 26.64
N GLU P 49 53.09 -22.68 26.63
CA GLU P 49 53.79 -23.20 25.46
C GLU P 49 53.44 -24.67 25.24
N ILE P 50 53.29 -25.05 23.98
CA ILE P 50 52.91 -26.42 23.67
C ILE P 50 53.96 -27.40 24.21
N GLY P 51 53.50 -28.61 24.51
CA GLY P 51 54.38 -29.61 25.08
C GLY P 51 54.81 -29.34 26.49
N SER P 52 54.11 -28.45 27.19
CA SER P 52 54.47 -28.07 28.55
C SER P 52 53.81 -29.01 29.55
N HIS P 53 54.56 -29.39 30.58
CA HIS P 53 54.05 -30.22 31.65
C HIS P 53 53.38 -29.32 32.68
N ILE P 54 52.05 -29.35 32.72
CA ILE P 54 51.26 -28.38 33.47
C ILE P 54 50.54 -29.12 34.59
N ALA P 55 50.07 -28.36 35.58
CA ALA P 55 49.35 -28.91 36.71
C ALA P 55 48.09 -28.09 36.95
N LEU P 56 47.03 -28.77 37.40
CA LEU P 56 45.76 -28.12 37.69
C LEU P 56 45.64 -27.92 39.20
N LYS P 57 45.44 -26.68 39.62
CA LYS P 57 45.51 -26.35 41.04
C LYS P 57 44.19 -26.65 41.75
N LYS P 58 43.11 -25.99 41.36
CA LYS P 58 41.84 -26.10 42.07
C LYS P 58 41.08 -27.32 41.56
N VAL P 59 40.92 -28.31 42.42
CA VAL P 59 40.25 -29.57 42.10
C VAL P 59 39.04 -29.71 43.00
N LEU P 60 37.87 -29.86 42.39
CA LEU P 60 36.62 -29.99 43.14
C LEU P 60 36.38 -31.38 43.70
N MET P 61 36.86 -32.42 43.03
CA MET P 61 36.58 -33.76 43.52
C MET P 61 37.64 -34.72 43.04
N VAL P 62 37.90 -35.76 43.84
CA VAL P 62 38.73 -36.88 43.43
C VAL P 62 37.96 -38.15 43.76
N GLY P 63 38.29 -39.23 43.06
CA GLY P 63 37.63 -40.47 43.36
C GLY P 63 38.25 -41.63 42.61
N GLY P 64 37.75 -42.82 42.90
CA GLY P 64 38.22 -44.02 42.28
C GLY P 64 37.21 -45.14 42.42
N PRO P 65 37.59 -46.36 42.05
CA PRO P 65 36.64 -47.48 42.13
C PRO P 65 36.22 -47.83 43.53
N ARG P 66 36.84 -47.26 44.56
CA ARG P 66 36.58 -47.65 45.94
C ARG P 66 36.42 -46.49 46.91
N PHE P 67 36.63 -45.24 46.47
CA PHE P 67 36.56 -44.11 47.37
C PHE P 67 36.14 -42.87 46.58
N THR P 68 35.73 -41.84 47.31
CA THR P 68 35.35 -40.57 46.71
C THR P 68 35.58 -39.47 47.73
N ALA P 69 36.41 -38.49 47.38
CA ALA P 69 36.68 -37.33 48.23
C ALA P 69 36.13 -36.09 47.53
N ILE P 70 35.38 -35.29 48.28
CA ILE P 70 34.74 -34.09 47.77
C ILE P 70 35.44 -32.88 48.36
N GLY P 71 35.36 -31.75 47.65
CA GLY P 71 35.85 -30.49 48.14
C GLY P 71 34.70 -29.52 48.37
N ARG P 72 34.80 -28.77 49.44
CA ARG P 72 33.75 -27.82 49.81
C ARG P 72 34.36 -26.44 50.00
N PRO P 73 34.68 -25.72 48.92
CA PRO P 73 34.47 -26.12 47.53
C PRO P 73 35.62 -26.90 46.90
N LEU P 74 36.84 -26.76 47.44
CA LEU P 74 38.03 -27.31 46.82
C LEU P 74 38.66 -28.38 47.71
N LEU P 75 39.72 -28.99 47.20
CA LEU P 75 40.45 -30.05 47.88
C LEU P 75 41.92 -29.66 47.99
N GLU P 76 42.64 -30.43 48.80
CA GLU P 76 44.08 -30.24 48.99
C GLU P 76 44.76 -31.59 48.89
N GLY P 77 46.05 -31.55 48.56
CA GLY P 77 46.81 -32.78 48.40
C GLY P 77 46.48 -33.56 47.15
N VAL P 78 45.89 -32.91 46.16
CA VAL P 78 45.54 -33.53 44.89
C VAL P 78 46.52 -33.04 43.83
N ARG P 79 47.22 -33.98 43.20
CA ARG P 79 48.21 -33.69 42.17
C ARG P 79 47.63 -34.17 40.85
N VAL P 80 47.00 -33.26 40.11
CA VAL P 80 46.50 -33.54 38.77
C VAL P 80 47.45 -32.85 37.80
N THR P 81 48.16 -33.65 37.00
CA THR P 81 49.16 -33.15 36.09
C THR P 81 48.85 -33.63 34.68
N ALA P 82 49.04 -32.73 33.72
CA ALA P 82 48.71 -32.98 32.33
C ALA P 82 49.82 -32.41 31.45
N GLN P 83 49.67 -32.60 30.14
CA GLN P 83 50.60 -32.08 29.15
C GLN P 83 49.81 -31.30 28.11
N VAL P 84 50.28 -30.10 27.79
CA VAL P 84 49.60 -29.23 26.84
C VAL P 84 49.92 -29.70 25.44
N GLU P 85 49.02 -30.49 24.85
CA GLU P 85 49.28 -31.03 23.52
C GLU P 85 49.18 -29.95 22.45
N GLU P 86 48.13 -29.12 22.48
CA GLU P 86 47.92 -28.18 21.39
C GLU P 86 47.41 -26.84 21.91
N GLN P 87 47.65 -25.81 21.11
CA GLN P 87 47.09 -24.47 21.30
C GLN P 87 46.50 -24.05 19.96
N LYS P 88 45.18 -24.20 19.79
CA LYS P 88 44.57 -24.01 18.49
C LYS P 88 43.26 -23.25 18.65
N ARG P 89 42.47 -23.24 17.58
CA ARG P 89 41.14 -22.66 17.59
C ARG P 89 40.15 -23.71 17.11
N MET P 90 39.07 -23.88 17.86
CA MET P 90 38.09 -24.91 17.58
C MET P 90 37.27 -24.51 16.35
N ARG P 91 36.23 -25.28 16.06
CA ARG P 91 35.41 -24.99 14.89
C ARG P 91 34.79 -23.60 14.99
N ASN P 92 34.76 -22.90 13.86
CA ASN P 92 34.22 -21.55 13.83
C ASN P 92 32.71 -21.58 14.01
N VAL P 93 32.18 -20.58 14.71
CA VAL P 93 30.75 -20.35 14.84
C VAL P 93 30.44 -19.04 14.14
N VAL P 94 29.48 -19.08 13.22
CA VAL P 94 29.14 -17.92 12.40
C VAL P 94 27.89 -17.28 12.97
N SER P 95 28.00 -16.02 13.37
CA SER P 95 26.86 -15.23 13.83
C SER P 95 26.56 -14.19 12.75
N LEU P 96 25.40 -14.33 12.13
CA LEU P 96 24.96 -13.42 11.09
C LEU P 96 23.85 -12.55 11.66
N PHE P 97 24.14 -11.27 11.86
CA PHE P 97 23.20 -10.32 12.45
C PHE P 97 22.65 -9.41 11.36
N ALA P 98 21.33 -9.41 11.22
CA ALA P 98 20.67 -8.57 10.24
C ALA P 98 19.26 -8.29 10.73
N THR P 99 18.69 -7.19 10.24
CA THR P 99 17.34 -6.80 10.61
C THR P 99 16.61 -6.45 9.31
N PRO P 100 15.33 -6.82 9.17
CA PRO P 100 14.61 -6.51 7.93
C PRO P 100 14.55 -5.02 7.62
N GLY P 101 14.61 -4.15 8.62
CA GLY P 101 14.46 -2.73 8.38
C GLY P 101 15.66 -2.10 7.69
N ARG P 102 16.80 -2.09 8.37
CA ARG P 102 17.98 -1.40 7.89
C ARG P 102 18.83 -2.36 7.05
N ARG P 103 19.40 -1.84 5.97
CA ARG P 103 20.23 -2.64 5.06
C ARG P 103 21.66 -2.74 5.58
N HIS P 104 21.78 -3.35 6.76
CA HIS P 104 23.08 -3.56 7.40
C HIS P 104 23.18 -5.01 7.83
N VAL P 105 24.27 -5.67 7.46
CA VAL P 105 24.51 -7.07 7.78
C VAL P 105 25.88 -7.19 8.42
N ARG P 106 25.96 -7.96 9.50
CA ARG P 106 27.20 -8.17 10.23
C ARG P 106 27.50 -9.66 10.27
N TRP P 107 28.73 -10.03 9.93
CA TRP P 107 29.17 -11.41 9.84
C TRP P 107 30.31 -11.60 10.83
N VAL P 108 30.01 -12.20 11.98
CA VAL P 108 31.00 -12.41 13.04
C VAL P 108 31.44 -13.86 13.00
N ASP P 109 32.75 -14.08 12.96
CA ASP P 109 33.32 -15.42 13.02
C ASP P 109 33.95 -15.60 14.39
N ALA P 110 33.44 -16.55 15.16
CA ALA P 110 33.99 -16.86 16.47
C ALA P 110 34.64 -18.23 16.42
N PRO P 111 35.92 -18.32 16.09
CA PRO P 111 36.67 -19.55 16.34
C PRO P 111 37.17 -19.57 17.78
N HIS P 112 36.55 -20.39 18.61
CA HIS P 112 36.83 -20.36 20.04
C HIS P 112 38.24 -20.86 20.30
N ALA P 113 39.14 -19.95 20.63
CA ALA P 113 40.50 -20.34 20.96
C ALA P 113 40.49 -21.32 22.13
N ALA P 114 41.30 -22.36 22.03
CA ALA P 114 41.32 -23.41 23.03
C ALA P 114 42.72 -23.99 23.13
N THR P 115 42.99 -24.63 24.26
CA THR P 115 44.19 -25.41 24.50
C THR P 115 43.76 -26.84 24.75
N ILE P 116 44.31 -27.77 23.97
CA ILE P 116 44.03 -29.18 24.14
C ILE P 116 45.10 -29.76 25.06
N ILE P 117 44.65 -30.41 26.14
CA ILE P 117 45.50 -30.87 27.23
C ILE P 117 45.17 -32.32 27.50
N ARG P 118 46.20 -33.15 27.61
CA ARG P 118 46.04 -34.58 27.90
C ARG P 118 46.53 -34.84 29.31
N ILE P 119 45.65 -35.33 30.17
CA ILE P 119 46.02 -35.59 31.56
C ILE P 119 46.95 -36.78 31.63
N CYS P 120 48.09 -36.61 32.28
CA CYS P 120 49.10 -37.64 32.39
C CYS P 120 49.08 -38.38 33.72
N GLU P 121 48.77 -37.70 34.83
CA GLU P 121 48.77 -38.41 36.11
C GLU P 121 47.83 -37.72 37.09
N ILE P 122 47.26 -38.54 37.97
CA ILE P 122 46.43 -38.06 39.07
C ILE P 122 46.84 -38.80 40.33
N PHE P 123 47.19 -38.06 41.37
CA PHE P 123 47.58 -38.61 42.66
C PHE P 123 46.84 -37.89 43.77
N TYR P 124 46.65 -38.58 44.89
CA TYR P 124 45.95 -38.01 46.03
C TYR P 124 46.67 -38.41 47.30
N SER P 125 46.91 -37.44 48.19
CA SER P 125 47.57 -37.67 49.47
C SER P 125 46.74 -37.01 50.56
N PRO P 126 45.58 -37.55 50.86
CA PRO P 126 44.69 -36.92 51.85
C PRO P 126 45.22 -37.03 53.26
N ASN P 127 44.77 -36.09 54.09
CA ASN P 127 45.03 -36.10 55.52
C ASN P 127 43.70 -36.16 56.25
N VAL P 128 43.35 -37.34 56.75
CA VAL P 128 42.07 -37.58 57.39
C VAL P 128 42.18 -37.23 58.87
N VAL P 129 41.12 -36.66 59.43
CA VAL P 129 41.09 -36.31 60.84
C VAL P 129 40.56 -37.50 61.62
N GLY P 130 39.42 -38.04 61.20
CA GLY P 130 38.85 -39.20 61.86
C GLY P 130 37.52 -39.56 61.25
N GLU P 131 36.95 -40.65 61.76
CA GLU P 131 35.65 -41.09 61.28
C GLU P 131 34.60 -40.03 61.57
N LEU P 132 33.66 -39.87 60.63
CA LEU P 132 32.63 -38.85 60.71
C LEU P 132 31.26 -39.51 60.59
N ASP P 133 30.42 -39.29 61.60
CA ASP P 133 29.06 -39.82 61.56
C ASP P 133 28.22 -39.03 60.56
N LYS P 134 27.32 -39.74 59.89
CA LYS P 134 26.46 -39.11 58.88
C LYS P 134 25.15 -38.62 59.51
N TYR P 135 24.40 -39.52 60.14
CA TYR P 135 23.11 -39.13 60.72
C TYR P 135 23.26 -38.22 61.92
N LYS P 136 24.48 -38.05 62.44
CA LYS P 136 24.79 -37.04 63.42
C LYS P 136 26.06 -36.32 62.98
N GLY P 137 26.14 -35.03 63.25
CA GLY P 137 27.29 -34.26 62.79
C GLY P 137 28.57 -34.52 63.55
N GLU P 138 28.50 -35.22 64.68
CA GLU P 138 29.70 -35.47 65.47
C GLU P 138 30.61 -36.45 64.75
N LEU P 139 31.91 -36.33 65.03
CA LEU P 139 32.92 -37.24 64.53
C LEU P 139 33.41 -38.14 65.65
N LEU P 140 33.49 -39.43 65.36
CA LEU P 140 33.79 -40.46 66.34
C LEU P 140 35.26 -40.44 66.72
N GLU P 141 35.53 -40.73 68.00
CA GLU P 141 36.91 -40.92 68.45
C GLU P 141 37.48 -42.26 68.00
N THR P 142 36.66 -43.31 68.04
CA THR P 142 37.10 -44.67 67.71
C THR P 142 36.52 -45.08 66.37
N PHE P 143 37.35 -45.63 65.50
CA PHE P 143 36.94 -46.12 64.20
C PHE P 143 36.84 -47.64 64.26
N THR P 144 35.67 -48.16 63.92
CA THR P 144 35.40 -49.60 63.97
C THR P 144 35.04 -50.10 62.57
N PRO P 145 35.99 -50.62 61.80
CA PRO P 145 35.66 -51.08 60.45
C PRO P 145 34.68 -52.24 60.44
N GLY P 146 34.56 -53.00 61.54
CA GLY P 146 33.67 -54.14 61.59
C GLY P 146 32.23 -53.82 61.91
N GLN P 147 31.89 -52.56 62.13
CA GLN P 147 30.52 -52.15 62.44
C GLN P 147 30.16 -50.94 61.59
N HIS P 148 28.96 -50.95 61.04
CA HIS P 148 28.47 -49.79 60.29
C HIS P 148 28.39 -48.58 61.20
N THR P 149 28.97 -47.47 60.77
CA THR P 149 28.89 -46.25 61.57
C THR P 149 27.47 -45.71 61.66
N ASN P 150 26.60 -46.08 60.72
CA ASN P 150 25.22 -45.62 60.69
C ASN P 150 24.33 -46.76 60.20
N PRO P 151 23.83 -47.60 61.11
CA PRO P 151 22.99 -48.73 60.69
C PRO P 151 21.68 -48.23 60.10
N VAL P 152 21.10 -49.08 59.24
CA VAL P 152 19.88 -48.76 58.51
C VAL P 152 18.87 -49.88 58.73
N TYR P 153 17.60 -49.50 58.78
CA TYR P 153 16.50 -50.40 59.09
C TYR P 153 15.42 -50.28 58.02
N PRO P 154 14.60 -51.33 57.84
CA PRO P 154 13.57 -51.29 56.80
C PRO P 154 12.44 -50.32 57.12
N VAL P 155 11.64 -49.98 56.11
CA VAL P 155 10.60 -48.98 56.25
C VAL P 155 9.27 -49.58 56.72
N ASP P 156 8.90 -50.75 56.23
CA ASP P 156 7.56 -51.28 56.48
C ASP P 156 7.30 -51.41 57.98
N ASP P 157 6.13 -50.92 58.40
CA ASP P 157 5.71 -51.01 59.80
C ASP P 157 4.33 -51.63 59.96
N GLY P 158 3.50 -51.61 58.93
CA GLY P 158 2.13 -52.09 59.01
C GLY P 158 1.11 -51.02 59.27
N TYR P 159 1.55 -49.86 59.79
CA TYR P 159 0.61 -48.77 60.04
C TYR P 159 0.10 -48.17 58.75
N ASP P 160 0.98 -48.02 57.75
CA ASP P 160 0.60 -47.45 56.47
C ASP P 160 -0.07 -48.53 55.63
N VAL P 161 -1.40 -48.60 55.69
CA VAL P 161 -2.13 -49.65 54.99
C VAL P 161 -1.99 -49.49 53.49
N PHE P 162 -2.17 -48.27 52.98
CA PHE P 162 -2.11 -48.02 51.54
C PHE P 162 -0.70 -47.62 51.11
N ARG P 163 0.27 -48.46 51.45
CA ARG P 163 1.67 -48.23 51.10
C ARG P 163 2.04 -49.12 49.92
N LYS P 164 2.73 -48.54 48.94
CA LYS P 164 3.21 -49.30 47.80
C LYS P 164 4.28 -50.28 48.26
N LYS P 165 3.93 -51.57 48.34
CA LYS P 165 4.83 -52.60 48.85
C LYS P 165 5.59 -53.21 47.69
N ASP P 166 6.91 -53.16 47.77
CA ASP P 166 7.76 -53.78 46.77
C ASP P 166 7.96 -55.26 47.10
N LYS P 167 8.76 -55.95 46.29
CA LYS P 167 9.10 -57.33 46.59
C LYS P 167 9.85 -57.41 47.91
N GLU P 168 9.61 -58.49 48.66
CA GLU P 168 10.12 -58.58 50.02
C GLU P 168 11.64 -58.53 50.04
N ALA P 169 12.30 -59.18 49.08
CA ALA P 169 13.76 -59.20 49.06
C ALA P 169 14.32 -57.78 49.01
N MET P 170 13.87 -56.98 48.05
CA MET P 170 14.32 -55.60 47.96
C MET P 170 13.88 -54.81 49.19
N GLU P 171 12.66 -55.05 49.67
CA GLU P 171 12.13 -54.27 50.78
C GLU P 171 12.99 -54.44 52.02
N ASN P 172 13.38 -55.67 52.35
CA ASN P 172 14.31 -55.95 53.44
C ASN P 172 15.39 -56.91 52.94
N ALA P 173 16.41 -56.37 52.29
CA ALA P 173 17.66 -57.08 52.02
C ALA P 173 18.76 -56.36 52.81
N THR P 174 19.46 -57.11 53.65
CA THR P 174 20.53 -56.52 54.44
C THR P 174 21.77 -56.28 53.56
N THR P 175 22.59 -55.33 54.00
CA THR P 175 23.79 -54.95 53.28
C THR P 175 25.03 -55.46 54.01
N PHE P 176 26.08 -55.74 53.25
CA PHE P 176 27.32 -56.27 53.79
C PHE P 176 28.17 -55.13 54.37
N LEU P 177 29.39 -55.46 54.79
CA LEU P 177 30.34 -54.47 55.28
C LEU P 177 31.49 -54.37 54.28
N ASP P 178 31.77 -53.14 53.84
CA ASP P 178 32.73 -52.90 52.78
C ASP P 178 34.13 -52.59 53.31
N LEU P 179 34.47 -53.07 54.51
CA LEU P 179 35.80 -52.88 55.08
C LEU P 179 36.40 -54.16 55.62
N LEU P 180 35.79 -55.32 55.34
CA LEU P 180 36.32 -56.60 55.79
C LEU P 180 36.47 -57.55 54.60
N PRO Q 1 48.35 26.02 -7.22
CA PRO Q 1 47.97 26.35 -5.84
C PRO Q 1 47.24 25.19 -5.16
N ARG Q 2 46.08 24.82 -5.68
CA ARG Q 2 45.37 23.66 -5.17
C ARG Q 2 46.11 22.40 -5.60
N PRO Q 3 46.48 21.51 -4.67
CA PRO Q 3 47.19 20.30 -5.08
C PRO Q 3 46.38 19.48 -6.06
N ALA Q 4 47.05 18.92 -7.06
CA ALA Q 4 46.35 18.17 -8.09
C ALA Q 4 45.61 16.99 -7.46
N PRO Q 5 44.36 16.75 -7.84
CA PRO Q 5 43.61 15.67 -7.21
C PRO Q 5 44.30 14.33 -7.39
N ARG Q 6 44.35 13.55 -6.31
CA ARG Q 6 44.99 12.24 -6.38
C ARG Q 6 44.12 11.21 -7.07
N PHE Q 7 42.80 11.43 -7.13
CA PHE Q 7 41.93 10.51 -7.86
C PHE Q 7 42.06 10.70 -9.37
N ALA Q 8 42.41 11.90 -9.82
CA ALA Q 8 42.59 12.15 -11.25
C ALA Q 8 43.77 11.40 -11.82
N MET Q 9 44.66 10.88 -11.00
CA MET Q 9 45.73 10.02 -11.49
C MET Q 9 45.14 8.79 -12.16
N GLY Q 10 45.82 8.30 -13.18
CA GLY Q 10 45.29 7.21 -13.97
C GLY Q 10 45.49 5.85 -13.34
N HIS Q 11 45.60 5.80 -12.01
CA HIS Q 11 45.86 4.54 -11.32
C HIS Q 11 44.59 3.75 -11.02
N MET Q 12 43.42 4.32 -11.27
CA MET Q 12 42.17 3.61 -11.02
C MET Q 12 41.09 4.17 -11.93
N LEU Q 13 40.27 3.27 -12.48
CA LEU Q 13 39.16 3.62 -13.36
C LEU Q 13 37.92 2.94 -12.80
N PRO Q 14 37.39 3.43 -11.69
CA PRO Q 14 36.33 2.71 -10.98
C PRO Q 14 35.02 2.73 -11.75
N HIS Q 15 34.17 1.77 -11.42
CA HIS Q 15 32.81 1.75 -11.91
C HIS Q 15 32.03 2.92 -11.33
N ARG Q 16 31.15 3.51 -12.13
CA ARG Q 16 30.40 4.68 -11.70
C ARG Q 16 29.66 4.37 -10.41
N SER Q 17 29.73 5.32 -9.46
CA SER Q 17 29.13 5.14 -8.14
C SER Q 17 28.39 6.40 -7.74
N ASN Q 18 27.64 6.30 -6.65
CA ASN Q 18 26.89 7.44 -6.14
C ASN Q 18 27.78 8.60 -5.72
N VAL Q 19 28.98 8.33 -5.23
CA VAL Q 19 29.89 9.35 -4.73
C VAL Q 19 31.01 9.52 -5.75
N GLY Q 20 31.26 10.77 -6.14
CA GLY Q 20 32.30 11.04 -7.09
C GLY Q 20 32.58 12.52 -7.17
N SER Q 21 33.37 12.89 -8.18
CA SER Q 21 33.72 14.27 -8.43
C SER Q 21 33.49 14.58 -9.91
N GLN Q 22 33.17 15.84 -10.20
CA GLN Q 22 32.94 16.24 -11.59
C GLN Q 22 34.15 15.89 -12.46
N PHE Q 23 35.34 15.91 -11.88
CA PHE Q 23 36.55 15.58 -12.62
C PHE Q 23 36.98 14.13 -12.45
N LEU Q 24 36.24 13.35 -11.67
CA LEU Q 24 36.58 11.94 -11.48
C LEU Q 24 36.20 11.16 -12.74
N HIS Q 25 37.20 10.57 -13.39
CA HIS Q 25 36.98 9.81 -14.63
C HIS Q 25 36.62 8.38 -14.27
N THR Q 26 35.35 8.05 -14.41
CA THR Q 26 34.86 6.70 -14.17
C THR Q 26 34.82 5.91 -15.47
N GLN Q 27 34.58 4.62 -15.34
CA GLN Q 27 34.54 3.75 -16.52
C GLN Q 27 33.37 4.13 -17.42
N ARG Q 28 33.53 3.90 -18.71
CA ARG Q 28 32.51 4.24 -19.68
C ARG Q 28 31.21 3.48 -19.39
N HIS Q 29 30.14 3.93 -20.02
CA HIS Q 29 28.86 3.26 -19.88
C HIS Q 29 28.88 1.93 -20.64
N GLY Q 30 28.39 0.89 -19.98
CA GLY Q 30 28.40 -0.43 -20.59
C GLY Q 30 29.75 -1.10 -20.64
N SER Q 31 30.69 -0.65 -19.81
CA SER Q 31 32.04 -1.20 -19.77
C SER Q 31 32.41 -1.52 -18.34
N ARG Q 32 33.26 -2.53 -18.19
CA ARG Q 32 33.67 -3.03 -16.87
C ARG Q 32 35.06 -2.51 -16.52
N SER Q 33 35.25 -2.27 -15.21
CA SER Q 33 36.52 -1.72 -14.75
C SER Q 33 37.68 -2.67 -15.02
N THR Q 34 37.52 -3.94 -14.66
CA THR Q 34 38.57 -4.94 -14.83
C THR Q 34 38.26 -5.75 -16.09
N TRP Q 35 39.17 -5.70 -17.06
CA TRP Q 35 38.88 -6.26 -18.38
C TRP Q 35 38.55 -7.75 -18.30
N TYR Q 36 39.32 -8.51 -17.52
CA TYR Q 36 39.13 -9.95 -17.45
C TYR Q 36 37.87 -10.35 -16.70
N LYS Q 37 37.20 -9.42 -16.03
CA LYS Q 37 36.03 -9.75 -15.21
C LYS Q 37 34.76 -9.70 -16.06
N LYS Q 38 34.67 -10.67 -16.97
CA LYS Q 38 33.41 -10.89 -17.68
C LYS Q 38 32.30 -11.27 -16.70
N HIS Q 39 32.63 -12.15 -15.75
CA HIS Q 39 31.72 -12.57 -14.71
C HIS Q 39 32.38 -12.38 -13.36
N TYR Q 40 31.55 -12.22 -12.32
CA TYR Q 40 32.09 -12.00 -10.99
C TYR Q 40 32.93 -13.18 -10.50
N PHE Q 41 32.78 -14.35 -11.11
CA PHE Q 41 33.50 -15.55 -10.71
C PHE Q 41 34.65 -15.89 -11.64
N SER Q 42 34.93 -15.05 -12.64
CA SER Q 42 36.01 -15.35 -13.57
C SER Q 42 37.37 -15.14 -12.91
N LEU Q 43 38.34 -15.94 -13.33
CA LEU Q 43 39.67 -15.91 -12.76
C LEU Q 43 40.58 -14.97 -13.55
N ARG Q 44 41.63 -14.49 -12.89
CA ARG Q 44 42.63 -13.69 -13.58
C ARG Q 44 43.46 -14.60 -14.49
N PRO Q 45 43.57 -14.30 -15.78
CA PRO Q 45 44.35 -15.16 -16.66
C PRO Q 45 45.81 -15.20 -16.21
N PHE Q 46 46.42 -16.37 -16.33
CA PHE Q 46 47.79 -16.59 -15.90
C PHE Q 46 48.73 -16.44 -17.08
N ALA Q 47 49.77 -15.62 -16.91
CA ALA Q 47 50.80 -15.36 -17.90
C ALA Q 47 50.31 -14.51 -19.07
N ILE Q 48 49.05 -14.10 -19.09
CA ILE Q 48 48.51 -13.23 -20.12
C ILE Q 48 48.31 -11.86 -19.48
N GLN Q 49 48.97 -10.86 -20.03
CA GLN Q 49 48.91 -9.50 -19.52
C GLN Q 49 48.28 -8.58 -20.55
N ARG Q 50 47.39 -7.71 -20.09
CA ARG Q 50 46.74 -6.71 -20.93
C ARG Q 50 47.32 -5.35 -20.59
N HIS Q 51 48.31 -4.92 -21.36
CA HIS Q 51 48.93 -3.62 -21.12
C HIS Q 51 47.87 -2.52 -21.26
N HIS Q 52 47.86 -1.61 -20.29
CA HIS Q 52 46.79 -0.62 -20.18
C HIS Q 52 47.36 0.70 -19.70
N GLY Q 53 47.00 1.78 -20.40
CA GLY Q 53 47.34 3.12 -20.00
C GLY Q 53 48.57 3.70 -20.66
N THR Q 54 49.46 2.86 -21.17
CA THR Q 54 50.69 3.34 -21.80
C THR Q 54 51.17 2.31 -22.80
N THR Q 55 52.06 2.76 -23.69
CA THR Q 55 52.70 1.85 -24.62
C THR Q 55 53.72 1.00 -23.88
N PRO Q 56 53.64 -0.34 -23.94
CA PRO Q 56 54.55 -1.16 -23.14
C PRO Q 56 56.00 -0.96 -23.57
N ARG Q 57 56.90 -1.01 -22.60
CA ARG Q 57 58.32 -1.02 -22.90
C ARG Q 57 58.70 -2.28 -23.68
N ILE Q 58 58.31 -3.44 -23.16
CA ILE Q 58 58.54 -4.72 -23.81
C ILE Q 58 57.20 -5.41 -23.98
N LEU Q 59 56.91 -5.82 -25.21
CA LEU Q 59 55.65 -6.49 -25.53
C LEU Q 59 55.95 -7.91 -25.97
N LEU Q 60 55.28 -8.87 -25.34
CA LEU Q 60 55.39 -10.27 -25.70
C LEU Q 60 54.20 -10.69 -26.55
N ASP Q 61 54.40 -11.75 -27.34
CA ASP Q 61 53.30 -12.29 -28.13
C ASP Q 61 52.17 -12.78 -27.24
N ARG Q 62 52.51 -13.37 -26.10
CA ARG Q 62 51.50 -13.89 -25.18
C ARG Q 62 50.67 -12.80 -24.53
N SER Q 63 51.12 -11.55 -24.57
CA SER Q 63 50.44 -10.45 -23.91
C SER Q 63 49.49 -9.74 -24.88
N LEU Q 64 48.68 -8.84 -24.32
CA LEU Q 64 47.76 -8.01 -25.09
C LEU Q 64 48.06 -6.55 -24.79
N TRP Q 65 48.15 -5.74 -25.84
CA TRP Q 65 48.28 -4.30 -25.69
C TRP Q 65 47.05 -3.57 -26.20
N LYS Q 66 46.63 -3.82 -27.44
CA LYS Q 66 45.40 -3.22 -27.95
C LYS Q 66 44.63 -4.15 -28.87
N SER Q 67 44.92 -5.44 -28.87
CA SER Q 67 44.19 -6.43 -29.65
C SER Q 67 43.57 -7.46 -28.71
N LEU Q 68 42.95 -8.47 -29.32
CA LEU Q 68 42.32 -9.58 -28.61
C LEU Q 68 43.20 -10.81 -28.68
N TRP Q 69 42.77 -11.84 -27.95
CA TRP Q 69 43.53 -13.07 -27.86
C TRP Q 69 43.18 -14.00 -29.03
N ILE Q 70 44.16 -14.26 -29.89
CA ILE Q 70 44.03 -15.23 -30.96
C ILE Q 70 45.22 -16.18 -30.87
N THR Q 71 44.94 -17.49 -30.91
CA THR Q 71 45.98 -18.47 -30.66
C THR Q 71 47.10 -18.37 -31.70
N LYS Q 72 46.74 -18.21 -32.97
CA LYS Q 72 47.74 -18.23 -34.03
C LYS Q 72 48.72 -17.06 -33.95
N LEU Q 73 48.37 -15.98 -33.25
CA LEU Q 73 49.27 -14.84 -33.09
C LEU Q 73 49.82 -14.73 -31.67
N GLN Q 74 48.96 -14.87 -30.66
CA GLN Q 74 49.44 -14.85 -29.28
C GLN Q 74 50.29 -16.07 -28.96
N LEU Q 75 50.04 -17.18 -29.64
CA LEU Q 75 50.77 -18.44 -29.45
C LEU Q 75 51.27 -18.93 -30.80
N PRO Q 76 52.31 -18.30 -31.35
CA PRO Q 76 52.85 -18.80 -32.62
C PRO Q 76 53.24 -20.27 -32.56
N ASP Q 77 54.08 -20.64 -31.61
CA ASP Q 77 54.45 -22.03 -31.34
C ASP Q 77 54.03 -22.35 -29.91
N ILE Q 78 53.16 -23.36 -29.76
CA ILE Q 78 52.63 -23.69 -28.44
C ILE Q 78 53.75 -24.22 -27.54
N ASN Q 79 54.69 -24.98 -28.10
CA ASN Q 79 55.75 -25.59 -27.31
C ASN Q 79 56.78 -24.58 -26.82
N ARG Q 80 56.71 -23.32 -27.27
CA ARG Q 80 57.65 -22.29 -26.86
C ARG Q 80 56.99 -21.34 -25.87
N TRP Q 81 57.76 -20.95 -24.86
CA TRP Q 81 57.31 -20.04 -23.82
C TRP Q 81 58.17 -18.78 -23.88
N GLU Q 82 57.52 -17.64 -24.11
CA GLU Q 82 58.21 -16.37 -24.19
C GLU Q 82 58.32 -15.72 -22.81
N ARG Q 83 59.38 -14.95 -22.61
CA ARG Q 83 59.60 -14.24 -21.36
C ARG Q 83 60.58 -13.11 -21.62
N VAL Q 84 60.83 -12.31 -20.59
CA VAL Q 84 61.75 -11.19 -20.67
C VAL Q 84 62.99 -11.54 -19.87
N VAL Q 85 64.12 -11.66 -20.56
CA VAL Q 85 65.40 -11.95 -19.94
C VAL Q 85 66.41 -10.92 -20.41
N ASN Q 86 67.04 -10.21 -19.47
CA ASN Q 86 68.02 -9.18 -19.79
C ASN Q 86 67.44 -8.15 -20.76
N SER Q 87 66.18 -7.77 -20.53
CA SER Q 87 65.51 -6.75 -21.33
C SER Q 87 65.39 -7.16 -22.79
N ARG Q 88 65.25 -8.46 -23.05
CA ARG Q 88 65.01 -8.97 -24.39
C ARG Q 88 63.88 -9.98 -24.34
N ARG Q 89 63.14 -10.10 -25.44
CA ARG Q 89 62.11 -11.12 -25.55
C ARG Q 89 62.77 -12.45 -25.93
N VAL Q 90 62.90 -13.34 -24.96
CA VAL Q 90 63.61 -14.61 -25.13
C VAL Q 90 62.62 -15.74 -24.94
N THR Q 91 62.67 -16.73 -25.83
CA THR Q 91 61.73 -17.84 -25.83
C THR Q 91 62.47 -19.14 -25.54
N GLU Q 92 61.91 -19.94 -24.63
CA GLU Q 92 62.47 -21.22 -24.22
C GLU Q 92 61.48 -22.32 -24.56
N ASP Q 93 61.84 -23.55 -24.21
CA ASP Q 93 60.92 -24.68 -24.33
C ASP Q 93 60.01 -24.72 -23.12
N ARG Q 94 58.70 -24.67 -23.33
CA ARG Q 94 57.77 -24.67 -22.22
C ARG Q 94 57.87 -26.00 -21.48
N TYR Q 95 58.11 -25.95 -20.18
CA TYR Q 95 58.21 -27.15 -19.36
C TYR Q 95 56.98 -27.30 -18.49
N ALA Q 96 56.68 -28.55 -18.17
CA ALA Q 96 55.61 -28.92 -17.27
C ALA Q 96 56.22 -29.58 -16.03
N PHE Q 97 55.70 -29.23 -14.86
CA PHE Q 97 56.15 -29.79 -13.61
C PHE Q 97 55.40 -31.08 -13.32
N VAL Q 98 56.14 -32.14 -13.01
CA VAL Q 98 55.56 -33.42 -12.64
C VAL Q 98 56.23 -33.90 -11.37
N GLU Q 99 55.43 -34.40 -10.43
CA GLU Q 99 55.97 -34.87 -9.16
C GLU Q 99 56.66 -36.22 -9.38
N GLU Q 100 57.97 -36.25 -9.18
CA GLU Q 100 58.77 -37.46 -9.36
C GLU Q 100 59.75 -37.58 -8.21
N GLU Q 101 59.78 -38.74 -7.57
CA GLU Q 101 60.67 -39.02 -6.44
C GLU Q 101 60.51 -38.01 -5.31
N GLY Q 102 59.30 -37.46 -5.16
CA GLY Q 102 59.04 -36.51 -4.09
C GLY Q 102 59.41 -35.09 -4.40
N VAL Q 103 59.89 -34.79 -5.60
CA VAL Q 103 60.25 -33.43 -6.00
C VAL Q 103 59.66 -33.17 -7.39
N MET Q 104 59.43 -31.89 -7.67
CA MET Q 104 58.91 -31.50 -8.98
C MET Q 104 60.03 -31.51 -10.00
N HIS Q 105 59.76 -32.10 -11.16
CA HIS Q 105 60.73 -32.23 -12.24
C HIS Q 105 60.14 -31.63 -13.50
N LYS Q 106 60.98 -30.94 -14.27
CA LYS Q 106 60.55 -30.30 -15.50
C LYS Q 106 60.67 -31.28 -16.66
N VAL Q 107 59.59 -31.41 -17.44
CA VAL Q 107 59.57 -32.25 -18.63
C VAL Q 107 59.04 -31.41 -19.78
N ASN Q 108 59.38 -31.83 -21.00
CA ASN Q 108 58.92 -31.10 -22.18
C ASN Q 108 57.40 -31.07 -22.19
N TRP Q 109 56.83 -29.85 -22.19
CA TRP Q 109 55.39 -29.70 -22.08
C TRP Q 109 54.68 -30.29 -23.29
N GLY Q 110 55.22 -30.07 -24.49
CA GLY Q 110 54.58 -30.62 -25.68
C GLY Q 110 54.55 -32.13 -25.67
N LEU Q 111 55.67 -32.76 -25.32
CA LEU Q 111 55.71 -34.21 -25.23
C LEU Q 111 54.77 -34.70 -24.13
N TYR Q 112 54.73 -34.01 -23.00
CA TYR Q 112 53.83 -34.39 -21.92
C TYR Q 112 52.39 -34.40 -22.40
N CYS Q 113 51.96 -33.32 -23.05
CA CYS Q 113 50.58 -33.23 -23.51
C CYS Q 113 50.26 -34.26 -24.58
N GLU Q 114 51.16 -34.44 -25.55
CA GLU Q 114 50.90 -35.41 -26.61
C GLU Q 114 50.84 -36.82 -26.04
N ARG Q 115 51.71 -37.14 -25.08
CA ARG Q 115 51.67 -38.44 -24.44
C ARG Q 115 50.37 -38.65 -23.68
N LEU Q 116 49.93 -37.62 -22.95
CA LEU Q 116 48.68 -37.75 -22.20
C LEU Q 116 47.50 -38.02 -23.14
N GLU Q 117 47.39 -37.22 -24.20
CA GLU Q 117 46.25 -37.40 -25.11
C GLU Q 117 46.33 -38.75 -25.82
N THR Q 118 47.52 -39.16 -26.24
CA THR Q 118 47.67 -40.46 -26.89
C THR Q 118 47.27 -41.58 -25.95
N GLU Q 119 47.71 -41.52 -24.69
CA GLU Q 119 47.36 -42.57 -23.74
C GLU Q 119 45.86 -42.61 -23.49
N LEU Q 120 45.22 -41.44 -23.33
CA LEU Q 120 43.78 -41.45 -23.13
C LEU Q 120 43.06 -42.06 -24.32
N THR Q 121 43.43 -41.65 -25.54
CA THR Q 121 42.74 -42.15 -26.72
C THR Q 121 42.94 -43.66 -26.86
N VAL Q 122 44.18 -44.14 -26.68
CA VAL Q 122 44.44 -45.56 -26.86
C VAL Q 122 43.78 -46.38 -25.77
N THR Q 123 43.75 -45.88 -24.53
CA THR Q 123 43.04 -46.59 -23.47
C THR Q 123 41.56 -46.72 -23.79
N GLN Q 124 40.95 -45.61 -24.24
CA GLN Q 124 39.54 -45.67 -24.61
C GLN Q 124 39.29 -46.63 -25.76
N GLU Q 125 40.17 -46.65 -26.77
CA GLU Q 125 40.01 -47.58 -27.88
C GLU Q 125 40.16 -49.02 -27.40
N ARG Q 126 41.16 -49.29 -26.56
CA ARG Q 126 41.37 -50.64 -26.06
C ARG Q 126 40.25 -51.12 -25.16
N LEU Q 127 39.50 -50.20 -24.55
CA LEU Q 127 38.33 -50.63 -23.78
C LEU Q 127 37.40 -51.44 -24.68
N PRO Q 128 36.95 -52.63 -24.23
CA PRO Q 128 36.15 -53.53 -25.08
C PRO Q 128 34.70 -53.08 -25.24
N GLN Q 129 34.51 -51.88 -25.78
CA GLN Q 129 33.18 -51.32 -25.96
C GLN Q 129 33.22 -50.31 -27.09
N HIS Q 130 32.07 -50.14 -27.75
CA HIS Q 130 31.92 -49.18 -28.84
C HIS Q 130 30.96 -48.08 -28.41
N THR Q 131 31.41 -46.83 -28.50
CA THR Q 131 30.60 -45.69 -28.13
C THR Q 131 30.22 -44.89 -29.38
N LEU Q 132 28.94 -44.52 -29.46
CA LEU Q 132 28.41 -43.81 -30.61
C LEU Q 132 27.70 -42.55 -30.12
N LEU Q 133 27.80 -41.49 -30.91
CA LEU Q 133 27.18 -40.21 -30.59
C LEU Q 133 26.36 -39.75 -31.79
N MET Q 134 25.05 -39.63 -31.60
CA MET Q 134 24.17 -39.09 -32.61
C MET Q 134 23.76 -37.68 -32.23
N LYS Q 135 24.08 -36.72 -33.09
CA LYS Q 135 23.84 -35.31 -32.80
C LYS Q 135 22.63 -34.82 -33.57
N ALA Q 136 21.94 -33.85 -32.99
CA ALA Q 136 20.73 -33.27 -33.60
C ALA Q 136 19.64 -34.32 -33.78
N VAL Q 137 19.42 -35.12 -32.74
CA VAL Q 137 18.33 -36.09 -32.79
C VAL Q 137 17.00 -35.36 -32.91
N PRO Q 138 16.10 -35.75 -33.81
CA PRO Q 138 14.82 -35.03 -33.93
C PRO Q 138 13.83 -35.40 -32.84
N SER Q 139 14.17 -35.06 -31.60
CA SER Q 139 13.31 -35.36 -30.46
C SER Q 139 13.74 -34.51 -29.29
N SER Q 140 12.76 -33.92 -28.60
CA SER Q 140 13.06 -33.13 -27.41
C SER Q 140 13.76 -34.01 -26.38
N TRP Q 141 14.78 -33.43 -25.72
CA TRP Q 141 15.55 -34.22 -24.76
C TRP Q 141 14.69 -34.73 -23.62
N LYS Q 142 13.69 -33.95 -23.19
CA LYS Q 142 12.82 -34.41 -22.11
C LYS Q 142 12.12 -35.71 -22.50
N LYS Q 143 11.49 -35.73 -23.68
CA LYS Q 143 10.81 -36.93 -24.12
C LYS Q 143 11.78 -38.08 -24.37
N LEU Q 144 12.92 -37.79 -25.00
CA LEU Q 144 13.88 -38.84 -25.34
C LEU Q 144 14.46 -39.49 -24.10
N ASP Q 145 14.60 -38.72 -23.01
CA ASP Q 145 15.14 -39.27 -21.78
C ASP Q 145 14.27 -40.40 -21.25
N ILE Q 146 12.96 -40.34 -21.48
CA ILE Q 146 12.07 -41.38 -20.97
C ILE Q 146 12.34 -42.70 -21.68
N ASP Q 147 12.42 -42.66 -23.02
CA ASP Q 147 12.73 -43.88 -23.77
C ASP Q 147 14.13 -44.37 -23.45
N ILE Q 148 15.08 -43.45 -23.23
CA ILE Q 148 16.43 -43.86 -22.86
C ILE Q 148 16.40 -44.61 -21.53
N SER Q 149 15.66 -44.10 -20.55
CA SER Q 149 15.55 -44.79 -19.28
C SER Q 149 14.87 -46.15 -19.42
N VAL Q 150 13.89 -46.25 -20.34
CA VAL Q 150 13.25 -47.54 -20.59
C VAL Q 150 14.27 -48.53 -21.12
N ILE Q 151 15.06 -48.11 -22.12
CA ILE Q 151 15.99 -49.02 -22.78
C ILE Q 151 17.25 -49.26 -21.96
N ARG Q 152 17.49 -48.45 -20.93
CA ARG Q 152 18.73 -48.55 -20.19
C ARG Q 152 18.85 -49.91 -19.50
N GLY Q 153 20.09 -50.39 -19.40
CA GLY Q 153 20.37 -51.64 -18.69
C GLY Q 153 19.72 -52.86 -19.31
N LEU Q 154 19.84 -53.00 -20.64
CA LEU Q 154 19.30 -54.16 -21.33
C LEU Q 154 20.36 -54.70 -22.28
N SER Q 155 20.25 -55.99 -22.58
CA SER Q 155 21.07 -56.60 -23.62
C SER Q 155 20.69 -56.02 -24.98
N LEU Q 156 21.59 -56.14 -25.94
CA LEU Q 156 21.34 -55.58 -27.27
C LEU Q 156 20.11 -56.22 -27.91
N ARG Q 157 19.98 -57.53 -27.77
CA ARG Q 157 18.84 -58.22 -28.37
C ARG Q 157 17.52 -57.67 -27.85
N GLU Q 158 17.37 -57.62 -26.52
CA GLU Q 158 16.12 -57.15 -25.95
C GLU Q 158 15.91 -55.66 -26.20
N ALA Q 159 16.99 -54.87 -26.21
CA ALA Q 159 16.83 -53.45 -26.52
C ALA Q 159 16.28 -53.27 -27.93
N MET Q 160 16.83 -53.99 -28.90
CA MET Q 160 16.32 -53.91 -30.26
C MET Q 160 14.88 -54.38 -30.33
N ALA Q 161 14.56 -55.48 -29.65
CA ALA Q 161 13.20 -56.01 -29.68
C ALA Q 161 12.21 -55.00 -29.12
N GLN Q 162 12.54 -54.40 -27.97
CA GLN Q 162 11.65 -53.43 -27.36
C GLN Q 162 11.50 -52.19 -28.24
N CYS Q 163 12.59 -51.71 -28.82
CA CYS Q 163 12.50 -50.54 -29.69
C CYS Q 163 11.63 -50.83 -30.91
N LYS Q 164 11.76 -52.02 -31.48
CA LYS Q 164 10.94 -52.36 -32.64
C LYS Q 164 9.47 -52.56 -32.26
N LEU Q 165 9.21 -53.04 -31.05
CA LEU Q 165 7.84 -53.27 -30.60
C LEU Q 165 7.19 -52.03 -29.98
N SER Q 166 7.95 -50.95 -29.81
CA SER Q 166 7.42 -49.71 -29.26
C SER Q 166 6.90 -48.81 -30.38
N LEU Q 167 6.13 -47.80 -29.98
CA LEU Q 167 5.54 -46.83 -30.91
C LEU Q 167 5.94 -45.40 -30.53
N ARG Q 168 7.21 -45.18 -30.22
CA ARG Q 168 7.69 -43.89 -29.76
C ARG Q 168 8.82 -43.38 -30.63
N LYS Q 169 8.82 -42.07 -30.87
CA LYS Q 169 9.92 -41.45 -31.60
C LYS Q 169 11.25 -41.74 -30.92
N GLY Q 170 11.29 -41.65 -29.59
CA GLY Q 170 12.52 -41.95 -28.88
C GLY Q 170 12.97 -43.37 -29.09
N HIS Q 171 12.03 -44.32 -29.08
CA HIS Q 171 12.39 -45.72 -29.27
C HIS Q 171 12.89 -45.98 -30.69
N GLN Q 172 12.28 -45.33 -31.69
CA GLN Q 172 12.78 -45.48 -33.06
C GLN Q 172 14.19 -44.90 -33.19
N ILE Q 173 14.42 -43.73 -32.60
CA ILE Q 173 15.75 -43.14 -32.65
C ILE Q 173 16.76 -44.06 -31.96
N VAL Q 174 16.36 -44.65 -30.83
CA VAL Q 174 17.25 -45.56 -30.12
C VAL Q 174 17.52 -46.80 -30.95
N PHE Q 175 16.52 -47.27 -31.70
CA PHE Q 175 16.76 -48.41 -32.59
C PHE Q 175 17.78 -48.07 -33.65
N ARG Q 176 17.68 -46.88 -34.25
CA ARG Q 176 18.68 -46.47 -35.23
C ARG Q 176 20.06 -46.39 -34.60
N ALA Q 177 20.14 -45.82 -33.39
CA ALA Q 177 21.42 -45.72 -32.70
C ALA Q 177 21.98 -47.10 -32.40
N LEU Q 178 21.13 -48.03 -31.97
CA LEU Q 178 21.57 -49.38 -31.67
C LEU Q 178 22.07 -50.08 -32.92
N GLU Q 179 21.39 -49.88 -34.04
CA GLU Q 179 21.86 -50.46 -35.30
C GLU Q 179 23.24 -49.93 -35.67
N MET Q 180 23.43 -48.61 -35.57
CA MET Q 180 24.73 -48.05 -35.89
C MET Q 180 25.81 -48.55 -34.93
N ALA Q 181 25.49 -48.63 -33.64
CA ALA Q 181 26.48 -49.10 -32.66
C ALA Q 181 26.80 -50.57 -32.88
N GLN Q 182 25.81 -51.37 -33.26
CA GLN Q 182 26.06 -52.77 -33.55
C GLN Q 182 26.98 -52.91 -34.77
N GLN Q 183 26.74 -52.11 -35.81
CA GLN Q 183 27.65 -52.14 -36.96
C GLN Q 183 29.06 -51.75 -36.54
N GLY Q 184 29.18 -50.71 -35.71
CA GLY Q 184 30.49 -50.31 -35.23
C GLY Q 184 31.18 -51.40 -34.44
N ALA Q 185 30.44 -52.08 -33.57
CA ALA Q 185 31.02 -53.16 -32.78
C ALA Q 185 31.45 -54.32 -33.69
N GLU Q 186 30.64 -54.64 -34.69
CA GLU Q 186 31.01 -55.69 -35.64
C GLU Q 186 32.31 -55.34 -36.34
N ALA Q 187 32.43 -54.09 -36.79
CA ALA Q 187 33.67 -53.65 -37.41
C ALA Q 187 34.85 -53.67 -36.43
N LYS Q 188 34.60 -53.36 -35.16
CA LYS Q 188 35.66 -53.33 -34.16
C LYS Q 188 36.07 -54.72 -33.70
N GLY Q 189 35.24 -55.73 -33.96
CA GLY Q 189 35.56 -57.11 -33.63
C GLY Q 189 34.84 -57.67 -32.44
N LEU Q 190 34.04 -56.87 -31.73
CA LEU Q 190 33.32 -57.36 -30.57
C LEU Q 190 32.31 -58.42 -30.98
N ASP Q 191 32.01 -59.32 -30.04
CA ASP Q 191 31.11 -60.44 -30.30
C ASP Q 191 29.67 -59.93 -30.21
N LYS Q 192 28.90 -60.14 -31.28
CA LYS Q 192 27.54 -59.64 -31.33
C LYS Q 192 26.66 -60.30 -30.27
N GLU Q 193 26.79 -61.61 -30.09
CA GLU Q 193 25.88 -62.32 -29.20
C GLU Q 193 26.06 -61.94 -27.74
N HIS Q 194 27.16 -61.27 -27.39
CA HIS Q 194 27.43 -60.88 -26.00
C HIS Q 194 27.33 -59.38 -25.79
N LEU Q 195 26.75 -58.66 -26.73
CA LEU Q 195 26.66 -57.21 -26.61
C LEU Q 195 25.60 -56.81 -25.61
N ARG Q 196 25.85 -55.69 -24.93
CA ARG Q 196 24.96 -55.15 -23.92
C ARG Q 196 25.12 -53.64 -23.94
N VAL Q 197 24.10 -52.94 -23.46
CA VAL Q 197 24.14 -51.48 -23.38
C VAL Q 197 24.73 -51.11 -22.02
N ALA Q 198 25.85 -50.38 -22.04
CA ALA Q 198 26.52 -49.95 -20.84
C ALA Q 198 26.27 -48.49 -20.50
N HIS Q 199 25.70 -47.73 -21.42
CA HIS Q 199 25.40 -46.33 -21.16
C HIS Q 199 24.46 -45.78 -22.22
N ILE Q 200 23.37 -45.15 -21.79
CA ILE Q 200 22.42 -44.51 -22.71
C ILE Q 200 21.94 -43.23 -22.02
N SER Q 201 22.27 -42.09 -22.62
CA SER Q 201 21.89 -40.80 -22.05
C SER Q 201 21.78 -39.78 -23.17
N CYS Q 202 21.04 -38.71 -22.90
CA CYS Q 202 20.89 -37.62 -23.85
C CYS Q 202 20.99 -36.28 -23.13
N TYR Q 203 21.50 -35.28 -23.83
CA TYR Q 203 21.59 -33.91 -23.34
C TYR Q 203 21.09 -32.98 -24.43
N PRO Q 204 20.66 -31.77 -24.06
CA PRO Q 204 20.07 -30.87 -25.05
C PRO Q 204 21.07 -30.56 -26.17
N GLY Q 205 20.51 -30.40 -27.37
CA GLY Q 205 21.29 -30.06 -28.54
C GLY Q 205 20.76 -28.81 -29.21
N PRO Q 206 21.07 -28.64 -30.50
CA PRO Q 206 20.56 -27.47 -31.24
C PRO Q 206 19.06 -27.30 -31.06
N THR Q 207 18.56 -26.09 -31.34
CA THR Q 207 17.16 -25.79 -31.09
C THR Q 207 16.72 -24.74 -32.11
N ASP Q 208 15.85 -25.15 -33.04
CA ASP Q 208 15.27 -24.23 -34.00
C ASP Q 208 13.98 -23.63 -33.44
N LYS Q 209 13.59 -22.49 -33.99
CA LYS Q 209 12.42 -21.75 -33.51
C LYS Q 209 11.51 -21.43 -34.67
N GLN Q 210 10.20 -21.62 -34.47
CA GLN Q 210 9.19 -21.43 -35.50
C GLN Q 210 8.16 -20.44 -34.99
N ILE Q 211 7.71 -19.55 -35.89
CA ILE Q 211 6.75 -18.52 -35.50
C ILE Q 211 5.35 -19.08 -35.55
N ASP Q 212 4.58 -18.87 -34.49
CA ASP Q 212 3.18 -19.30 -34.40
C ASP Q 212 2.32 -18.07 -34.24
N ILE Q 213 1.53 -17.76 -35.26
CA ILE Q 213 0.65 -16.60 -35.20
C ILE Q 213 -0.46 -16.83 -34.18
N ARG Q 214 -0.92 -15.73 -33.58
CA ARG Q 214 -1.98 -15.79 -32.58
C ARG Q 214 -2.94 -14.63 -32.82
N SER Q 215 -4.17 -14.80 -32.35
CA SER Q 215 -5.19 -13.79 -32.54
C SER Q 215 -4.84 -12.52 -31.76
N LYS Q 216 -5.65 -11.48 -31.97
CA LYS Q 216 -5.48 -10.18 -31.33
C LYS Q 216 -4.12 -9.57 -31.61
N GLY Q 217 -3.43 -10.03 -32.66
CA GLY Q 217 -2.14 -9.49 -33.02
C GLY Q 217 -0.96 -10.04 -32.25
N TYR Q 218 -1.21 -10.94 -31.30
CA TYR Q 218 -0.11 -11.53 -30.53
C TYR Q 218 0.61 -12.59 -31.35
N TYR Q 219 1.81 -12.93 -30.91
CA TYR Q 219 2.58 -14.00 -31.52
C TYR Q 219 3.66 -14.46 -30.55
N ALA Q 220 4.23 -15.62 -30.86
CA ALA Q 220 5.31 -16.17 -30.06
C ALA Q 220 6.25 -16.93 -31.00
N TRP Q 221 7.17 -17.68 -30.41
CA TRP Q 221 8.14 -18.48 -31.17
C TRP Q 221 8.12 -19.90 -30.62
N LYS Q 222 7.46 -20.81 -31.34
CA LYS Q 222 7.52 -22.22 -30.98
C LYS Q 222 8.96 -22.70 -31.06
N THR Q 223 9.32 -23.61 -30.16
CA THR Q 223 10.68 -24.10 -30.04
C THR Q 223 10.75 -25.52 -30.58
N LYS Q 224 11.62 -25.72 -31.57
CA LYS Q 224 11.87 -27.03 -32.17
C LYS Q 224 13.14 -27.59 -31.54
N LYS Q 225 12.98 -28.53 -30.61
CA LYS Q 225 14.09 -29.03 -29.81
C LYS Q 225 14.75 -30.23 -30.47
N SER Q 226 16.02 -30.43 -30.12
CA SER Q 226 16.80 -31.56 -30.59
C SER Q 226 17.71 -32.03 -29.47
N SER Q 227 18.16 -33.28 -29.57
CA SER Q 227 18.92 -33.92 -28.51
C SER Q 227 20.17 -34.58 -29.06
N HIS Q 228 21.14 -34.78 -28.18
CA HIS Q 228 22.37 -35.49 -28.48
C HIS Q 228 22.35 -36.81 -27.71
N LEU Q 229 22.44 -37.92 -28.42
CA LEU Q 229 22.29 -39.25 -27.86
C LEU Q 229 23.64 -39.95 -27.81
N VAL Q 230 23.98 -40.49 -26.64
CA VAL Q 230 25.21 -41.25 -26.43
C VAL Q 230 24.83 -42.68 -26.14
N LEU Q 231 25.37 -43.62 -26.92
CA LEU Q 231 25.03 -45.02 -26.81
C LEU Q 231 26.31 -45.84 -26.76
N THR Q 232 26.51 -46.56 -25.66
CA THR Q 232 27.71 -47.38 -25.46
C THR Q 232 27.30 -48.85 -25.41
N LEU Q 233 27.92 -49.65 -26.26
CA LEU Q 233 27.70 -51.09 -26.29
C LEU Q 233 28.98 -51.78 -25.82
N ALA Q 234 28.91 -52.44 -24.68
CA ALA Q 234 30.00 -53.22 -24.13
C ALA Q 234 29.71 -54.70 -24.33
N GLU Q 235 30.63 -55.54 -23.85
CA GLU Q 235 30.49 -56.98 -23.95
C GLU Q 235 30.51 -57.60 -22.56
N ASP Q 236 29.58 -58.52 -22.33
CA ASP Q 236 29.44 -59.20 -21.05
C ASP Q 236 29.40 -60.71 -21.31
N PRO Q 237 30.55 -61.35 -21.40
CA PRO Q 237 30.56 -62.79 -21.72
C PRO Q 237 29.76 -63.62 -20.73
N GLU Q 238 29.75 -63.25 -19.45
CA GLU Q 238 28.97 -63.98 -18.46
C GLU Q 238 27.47 -63.77 -18.61
N MET Q 239 27.05 -62.83 -19.46
CA MET Q 239 25.63 -62.56 -19.64
C MET Q 239 24.91 -63.80 -20.16
N VAL Q 240 23.75 -64.06 -19.57
CA VAL Q 240 22.88 -65.17 -19.98
C VAL Q 240 21.52 -64.58 -20.35
N LEU Q 241 21.03 -64.93 -21.53
CA LEU Q 241 19.83 -64.32 -22.05
C LEU Q 241 18.62 -65.21 -21.81
N PRO Q 242 17.44 -64.63 -21.57
CA PRO Q 242 16.23 -65.46 -21.43
C PRO Q 242 15.89 -66.16 -22.74
N ASP Q 243 15.20 -67.29 -22.59
CA ASP Q 243 14.77 -68.11 -23.73
C ASP Q 243 13.43 -67.56 -24.22
N ARG Q 244 13.47 -66.78 -25.30
CA ARG Q 244 12.28 -66.21 -25.89
C ARG Q 244 11.70 -67.05 -27.02
N THR Q 245 12.34 -68.19 -27.35
CA THR Q 245 11.81 -69.05 -28.40
C THR Q 245 10.48 -69.66 -28.02
N CYS Q 246 10.16 -69.73 -26.72
CA CYS Q 246 8.89 -70.30 -26.30
C CYS Q 246 7.74 -69.49 -26.87
N LEU Q 247 6.67 -70.19 -27.23
CA LEU Q 247 5.51 -69.60 -27.88
C LEU Q 247 4.25 -70.08 -27.18
N PRO Q 248 3.15 -69.34 -27.33
CA PRO Q 248 1.91 -69.72 -26.63
C PRO Q 248 1.39 -71.08 -27.08
N TYR Q 249 0.69 -71.74 -26.16
CA TYR Q 249 0.08 -73.02 -26.46
C TYR Q 249 -0.89 -72.91 -27.64
N SER Q 250 -1.55 -71.76 -27.78
CA SER Q 250 -2.41 -71.55 -28.94
C SER Q 250 -1.61 -71.67 -30.23
N SER Q 251 -0.46 -71.01 -30.29
CA SER Q 251 0.40 -71.11 -31.47
C SER Q 251 0.88 -72.54 -31.66
N LEU Q 252 1.27 -73.21 -30.57
CA LEU Q 252 1.74 -74.58 -30.68
C LEU Q 252 0.69 -75.48 -31.33
N MET Q 253 -0.54 -75.43 -30.82
CA MET Q 253 -1.56 -76.33 -31.34
C MET Q 253 -2.04 -75.89 -32.73
N SER Q 254 -2.02 -74.59 -33.03
CA SER Q 254 -2.34 -74.17 -34.39
C SER Q 254 -1.32 -74.70 -35.38
N MET Q 255 -0.03 -74.65 -35.03
CA MET Q 255 0.99 -75.22 -35.89
C MET Q 255 0.83 -76.73 -36.01
N LYS Q 256 0.50 -77.40 -34.91
CA LYS Q 256 0.26 -78.84 -34.97
C LYS Q 256 -0.89 -79.17 -35.92
N ARG Q 257 -1.97 -78.39 -35.84
CA ARG Q 257 -3.08 -78.58 -36.77
C ARG Q 257 -2.63 -78.36 -38.21
N ALA Q 258 -1.83 -77.32 -38.44
CA ALA Q 258 -1.33 -77.06 -39.79
C ALA Q 258 -0.38 -78.15 -40.27
N GLY Q 259 0.18 -78.94 -39.36
CA GLY Q 259 1.11 -80.00 -39.71
C GLY Q 259 2.57 -79.67 -39.43
N LEU Q 260 2.88 -78.42 -39.09
CA LEU Q 260 4.25 -78.06 -38.78
C LEU Q 260 4.71 -78.76 -37.51
N SER Q 261 5.99 -78.60 -37.19
CA SER Q 261 6.60 -79.22 -36.03
C SER Q 261 6.84 -78.16 -34.97
N ALA Q 262 6.39 -78.43 -33.73
CA ALA Q 262 6.60 -77.48 -32.66
C ALA Q 262 8.08 -77.24 -32.40
N GLN Q 263 8.87 -78.31 -32.36
CA GLN Q 263 10.31 -78.20 -32.20
C GLN Q 263 10.95 -77.79 -33.52
N PRO Q 264 12.06 -77.06 -33.48
CA PRO Q 264 12.79 -76.77 -34.71
C PRO Q 264 13.42 -78.02 -35.29
N THR Q 265 13.54 -78.05 -36.61
CA THR Q 265 14.15 -79.18 -37.31
C THR Q 265 15.66 -78.98 -37.32
N VAL Q 266 16.28 -79.23 -36.18
CA VAL Q 266 17.72 -79.06 -36.02
C VAL Q 266 18.44 -80.21 -36.70
N ILE Q 267 19.40 -79.87 -37.55
CA ILE Q 267 20.22 -80.84 -38.27
C ILE Q 267 21.68 -80.60 -37.89
N ASP Q 268 22.37 -81.65 -37.47
CA ASP Q 268 23.77 -81.52 -37.12
C ASP Q 268 24.57 -81.00 -38.30
N VAL Q 269 25.41 -80.00 -38.06
CA VAL Q 269 26.21 -79.37 -39.12
C VAL Q 269 27.68 -79.64 -38.82
N PRO Q 270 28.32 -80.57 -39.52
CA PRO Q 270 29.76 -80.81 -39.30
C PRO Q 270 30.56 -79.53 -39.52
N ALA Q 271 31.55 -79.31 -38.66
CA ALA Q 271 32.37 -78.12 -38.75
C ALA Q 271 33.19 -78.14 -40.04
N ILE Q 272 33.45 -76.95 -40.57
CA ILE Q 272 34.27 -76.84 -41.78
C ILE Q 272 35.67 -77.36 -41.49
N THR Q 273 36.28 -77.97 -42.51
CA THR Q 273 37.61 -78.53 -42.38
C THR Q 273 38.37 -78.30 -43.67
N ALA Q 274 39.70 -78.30 -43.57
CA ALA Q 274 40.58 -78.10 -44.71
C ALA Q 274 41.45 -79.33 -44.95
N ASP Q 275 40.94 -80.51 -44.60
CA ASP Q 275 41.71 -81.73 -44.76
C ASP Q 275 42.00 -82.00 -46.24
N GLY Q 276 41.01 -81.77 -47.11
CA GLY Q 276 41.20 -82.03 -48.52
C GLY Q 276 42.26 -81.17 -49.16
N ILE Q 277 42.55 -80.01 -48.57
CA ILE Q 277 43.57 -79.11 -49.12
C ILE Q 277 44.95 -79.65 -48.77
N GLY R 1 11.70 28.20 -25.61
CA GLY R 1 12.39 27.32 -26.54
C GLY R 1 13.24 26.28 -25.84
N TRP R 2 14.15 25.66 -26.59
CA TRP R 2 15.03 24.63 -26.07
C TRP R 2 16.38 25.24 -25.70
N ARG R 3 17.27 24.41 -25.14
CA ARG R 3 18.60 24.83 -24.75
C ARG R 3 19.56 24.48 -25.88
N THR R 4 19.52 25.31 -26.93
CA THR R 4 20.33 25.05 -28.11
C THR R 4 21.80 25.37 -27.88
N TRP R 5 22.11 26.26 -26.93
CA TRP R 5 23.50 26.64 -26.68
C TRP R 5 24.32 25.46 -26.19
N GLU R 6 23.69 24.42 -25.65
CA GLU R 6 24.44 23.29 -25.11
C GLU R 6 24.96 22.36 -26.20
N TYR R 7 24.37 22.41 -27.39
CA TYR R 7 24.70 21.45 -28.44
C TYR R 7 25.82 21.98 -29.32
N GLN R 8 26.69 21.07 -29.75
CA GLN R 8 27.68 21.38 -30.77
C GLN R 8 27.00 21.55 -32.12
N HIS R 9 27.55 22.44 -32.94
CA HIS R 9 26.91 22.85 -34.19
C HIS R 9 27.19 21.80 -35.27
N THR R 10 26.49 20.67 -35.13
CA THR R 10 26.54 19.58 -36.09
C THR R 10 25.11 19.25 -36.55
N ARG R 11 25.03 18.42 -37.59
CA ARG R 11 23.75 18.10 -38.20
C ARG R 11 23.30 16.71 -37.75
N PRO R 12 22.21 16.58 -36.99
CA PRO R 12 21.69 15.25 -36.68
C PRO R 12 21.28 14.51 -37.93
N ASP R 13 21.49 13.20 -37.93
CA ASP R 13 21.04 12.36 -39.03
C ASP R 13 19.52 12.29 -39.03
N PRO R 14 18.86 12.47 -40.16
CA PRO R 14 17.39 12.52 -40.16
C PRO R 14 16.77 11.18 -39.80
N ARG R 15 15.57 11.25 -39.21
CA ARG R 15 14.79 10.06 -38.90
C ARG R 15 13.57 10.02 -39.80
N PRO R 16 13.36 8.98 -40.63
CA PRO R 16 14.24 7.82 -40.83
C PRO R 16 15.46 8.17 -41.68
N PHE R 17 16.52 7.35 -41.56
CA PHE R 17 17.72 7.57 -42.35
C PHE R 17 17.51 7.00 -43.75
N PRO R 18 17.66 7.78 -44.81
CA PRO R 18 17.38 7.26 -46.16
C PRO R 18 18.33 6.15 -46.55
N ASP R 19 17.82 5.22 -47.35
CA ASP R 19 18.60 4.10 -47.84
C ASP R 19 19.48 4.54 -49.00
N PRO R 20 20.61 3.85 -49.22
CA PRO R 20 21.47 4.22 -50.33
C PRO R 20 20.77 4.01 -51.66
N PRO R 21 21.05 4.84 -52.67
CA PRO R 21 20.39 4.67 -53.97
C PRO R 21 20.73 3.35 -54.65
N VAL R 22 21.85 2.72 -54.30
CA VAL R 22 22.26 1.51 -55.01
C VAL R 22 21.16 0.47 -54.93
N ASN R 23 20.82 -0.10 -56.09
CA ASN R 23 19.73 -1.07 -56.18
C ASN R 23 20.27 -2.43 -55.75
N ASP R 24 19.96 -2.82 -54.51
CA ASP R 24 20.41 -4.10 -53.97
C ASP R 24 19.59 -5.27 -54.48
N TYR R 25 18.49 -5.02 -55.18
CA TYR R 25 17.63 -6.09 -55.67
C TYR R 25 18.15 -6.62 -57.00
N PHE R 26 18.15 -7.95 -57.15
CA PHE R 26 18.66 -8.60 -58.35
C PHE R 26 17.70 -9.68 -58.83
N GLY R 27 16.41 -9.49 -58.64
CA GLY R 27 15.41 -10.46 -59.05
C GLY R 27 14.88 -10.20 -60.45
N ARG R 28 13.78 -10.89 -60.76
CA ARG R 28 13.17 -10.75 -62.09
C ARG R 28 12.64 -9.33 -62.31
N SER R 29 12.01 -8.75 -61.29
CA SER R 29 11.31 -7.48 -61.44
C SER R 29 12.22 -6.28 -61.20
N ARG R 30 13.54 -6.45 -61.35
CA ARG R 30 14.44 -5.31 -61.21
C ARG R 30 14.15 -4.28 -62.29
N ILE R 31 14.30 -2.99 -61.92
CA ILE R 31 13.99 -1.88 -62.81
C ILE R 31 15.22 -0.98 -62.93
N TRP R 32 15.21 -0.17 -63.97
CA TRP R 32 16.30 0.74 -64.28
C TRP R 32 15.95 2.13 -63.77
N ASN R 33 16.81 2.68 -62.91
CA ASN R 33 16.57 3.97 -62.29
C ASN R 33 16.60 5.08 -63.34
N PRO R 34 15.44 5.67 -63.68
CA PRO R 34 15.46 6.75 -64.69
C PRO R 34 16.21 7.98 -64.25
N ILE R 35 16.39 8.19 -62.95
CA ILE R 35 17.06 9.40 -62.47
C ILE R 35 18.50 9.40 -62.92
N ALA R 36 18.94 10.53 -63.46
CA ALA R 36 20.31 10.71 -63.94
C ALA R 36 21.07 11.62 -63.00
N CYS R 37 22.24 11.17 -62.56
CA CYS R 37 23.11 11.94 -61.69
C CYS R 37 24.26 12.51 -62.49
N LYS R 38 24.88 13.58 -61.96
CA LYS R 38 25.93 14.26 -62.70
C LYS R 38 27.17 13.39 -62.86
N LEU R 39 27.32 12.36 -62.04
CA LEU R 39 28.46 11.46 -62.20
C LEU R 39 28.42 10.76 -63.55
N GLY R 40 27.23 10.38 -64.01
CA GLY R 40 27.11 9.76 -65.31
C GLY R 40 27.56 10.70 -66.42
N TYR R 41 27.13 11.96 -66.36
CA TYR R 41 27.56 12.94 -67.36
C TYR R 41 29.07 13.12 -67.32
N VAL R 42 29.65 13.20 -66.12
CA VAL R 42 31.09 13.39 -66.01
C VAL R 42 31.83 12.20 -66.62
N ARG R 43 31.37 10.99 -66.30
CA ARG R 43 32.03 9.80 -66.86
C ARG R 43 31.90 9.76 -68.37
N LYS R 44 30.73 10.12 -68.90
CA LYS R 44 30.54 10.12 -70.35
C LYS R 44 31.48 11.13 -71.01
N LYS R 45 31.59 12.32 -70.44
CA LYS R 45 32.50 13.33 -71.00
C LYS R 45 33.94 12.83 -70.97
N ALA R 46 34.36 12.26 -69.84
CA ALA R 46 35.73 11.79 -69.72
C ALA R 46 36.01 10.68 -70.72
N ASP R 47 35.08 9.75 -70.89
CA ASP R 47 35.26 8.68 -71.87
C ASP R 47 35.30 9.21 -73.29
N GLU R 48 34.42 10.15 -73.63
CA GLU R 48 34.31 10.60 -75.01
C GLU R 48 35.51 11.45 -75.42
N TRP R 49 35.83 12.48 -74.64
CA TRP R 49 36.90 13.41 -75.03
C TRP R 49 37.78 13.75 -73.83
N GLY R 50 38.15 12.72 -73.06
CA GLY R 50 39.15 12.86 -72.01
C GLY R 50 39.03 14.10 -71.17
N TRP R 51 37.80 14.47 -70.82
CA TRP R 51 37.60 15.62 -69.94
C TRP R 51 38.26 15.37 -68.59
N PRO R 52 38.82 16.40 -67.95
CA PRO R 52 38.97 17.79 -68.38
C PRO R 52 40.32 18.08 -69.03
N ASN R 53 41.17 17.06 -69.14
CA ASN R 53 42.54 17.30 -69.62
C ASN R 53 42.55 17.81 -71.05
N LYS R 54 41.73 17.22 -71.92
CA LYS R 54 41.75 17.59 -73.33
C LYS R 54 40.68 18.63 -73.64
N PRO R 55 40.91 19.50 -74.61
CA PRO R 55 39.89 20.48 -74.99
C PRO R 55 38.69 19.80 -75.61
N PRO R 56 37.49 20.37 -75.47
CA PRO R 56 36.30 19.70 -75.98
C PRO R 56 36.25 19.76 -77.50
N PRO R 57 35.78 18.71 -78.16
CA PRO R 57 35.61 18.76 -79.61
C PRO R 57 34.51 19.74 -79.99
N PRO R 58 34.53 20.27 -81.21
CA PRO R 58 33.48 21.19 -81.63
C PRO R 58 32.13 20.50 -81.72
N THR R 59 31.08 21.33 -81.63
CA THR R 59 29.72 20.80 -81.62
C THR R 59 29.41 20.04 -82.90
N GLY R 60 29.89 20.53 -84.04
CA GLY R 60 29.65 19.83 -85.28
C GLY R 60 30.25 18.44 -85.28
N LEU R 61 31.51 18.33 -84.85
CA LEU R 61 32.13 17.02 -84.76
C LEU R 61 31.39 16.12 -83.79
N ARG R 62 30.97 16.67 -82.64
CA ARG R 62 30.25 15.87 -81.66
C ARG R 62 28.95 15.33 -82.23
N TYR R 63 28.20 16.17 -82.95
CA TYR R 63 26.90 15.78 -83.49
C TYR R 63 26.99 15.05 -84.81
N SER R 64 28.17 14.93 -85.41
CA SER R 64 28.33 14.24 -86.67
C SER R 64 28.65 12.77 -86.44
N GLN R 65 28.52 11.98 -87.51
CA GLN R 65 28.82 10.55 -87.46
C GLN R 65 30.31 10.28 -87.28
N GLU R 66 31.17 11.28 -87.43
CA GLU R 66 32.60 11.10 -87.31
C GLU R 66 33.09 11.17 -85.86
N PHE R 67 32.24 11.57 -84.93
CA PHE R 67 32.64 11.55 -83.52
C PHE R 67 33.02 10.13 -83.13
N PHE R 68 34.11 10.00 -82.38
CA PHE R 68 34.72 8.70 -82.14
C PHE R 68 33.74 7.62 -81.69
N PRO R 69 32.85 7.84 -80.73
CA PRO R 69 31.93 6.75 -80.34
C PRO R 69 31.09 6.24 -81.50
N PHE R 70 30.45 7.14 -82.25
CA PHE R 70 29.63 6.71 -83.38
C PHE R 70 30.49 6.08 -84.47
N PHE R 71 31.65 6.68 -84.75
CA PHE R 71 32.54 6.15 -85.78
C PHE R 71 32.96 4.72 -85.46
N PHE R 72 33.29 4.47 -84.19
CA PHE R 72 33.69 3.12 -83.80
C PHE R 72 32.51 2.17 -83.82
N GLU R 73 31.36 2.60 -83.27
CA GLU R 73 30.18 1.75 -83.28
C GLU R 73 29.75 1.39 -84.70
N ARG R 74 30.11 2.22 -85.69
CA ARG R 74 29.79 1.91 -87.07
C ARG R 74 30.84 1.00 -87.71
N TYR R 75 32.09 1.47 -87.77
CA TYR R 75 33.11 0.73 -88.50
C TYR R 75 33.53 -0.54 -87.76
N PHE R 76 33.77 -0.45 -86.47
CA PHE R 76 34.16 -1.60 -85.66
C PHE R 76 33.02 -1.97 -84.73
N PRO R 77 31.97 -2.61 -85.23
CA PRO R 77 30.82 -2.93 -84.37
C PRO R 77 31.22 -3.86 -83.23
N ASP R 78 30.59 -3.64 -82.08
CA ASP R 78 30.80 -4.44 -80.88
C ASP R 78 29.44 -5.00 -80.47
N ALA R 79 29.09 -6.14 -81.06
CA ALA R 79 27.81 -6.80 -80.77
C ALA R 79 28.07 -8.31 -80.74
N GLU R 80 27.68 -8.94 -79.64
CA GLU R 80 27.89 -10.38 -79.48
C GLU R 80 26.58 -11.11 -79.73
N VAL R 81 26.62 -12.08 -80.64
CA VAL R 81 25.44 -12.86 -81.02
C VAL R 81 25.77 -14.31 -80.69
N ARG R 82 25.44 -14.73 -79.46
CA ARG R 82 25.69 -16.10 -79.05
C ARG R 82 24.68 -17.05 -79.69
N LEU R 83 25.03 -18.32 -79.73
CA LEU R 83 24.18 -19.37 -80.27
C LEU R 83 23.98 -20.45 -79.22
N LEU R 84 22.73 -20.85 -79.02
CA LEU R 84 22.41 -21.94 -78.11
C LEU R 84 22.88 -23.22 -78.78
N LEU R 85 24.03 -23.73 -78.35
CA LEU R 85 24.60 -24.92 -78.98
C LEU R 85 23.60 -26.07 -78.97
N ASP R 86 23.05 -26.39 -77.80
CA ASP R 86 22.17 -27.54 -77.68
C ASP R 86 21.02 -27.50 -78.67
N SER R 87 20.71 -26.33 -79.22
CA SER R 87 19.61 -26.22 -80.18
C SER R 87 19.92 -26.97 -81.47
N VAL R 88 21.17 -26.88 -81.95
CA VAL R 88 21.55 -27.41 -83.26
C VAL R 88 22.72 -28.37 -83.16
N LEU R 89 23.15 -28.74 -81.95
CA LEU R 89 24.32 -29.58 -81.80
C LEU R 89 24.14 -30.91 -82.51
N ASN R 90 22.99 -31.55 -82.31
CA ASN R 90 22.65 -32.80 -83.01
C ASN R 90 21.20 -32.85 -83.43
N ASN R 91 20.45 -31.77 -83.27
CA ASN R 91 19.03 -31.72 -83.60
C ASN R 91 18.84 -30.86 -84.85
N GLU R 92 18.26 -31.45 -85.88
CA GLU R 92 17.95 -30.70 -87.10
C GLU R 92 16.71 -29.86 -86.86
N THR R 93 16.88 -28.54 -86.83
CA THR R 93 15.79 -27.62 -86.55
C THR R 93 15.74 -26.54 -87.63
N LYS R 94 14.52 -26.23 -88.08
CA LYS R 94 14.33 -25.15 -89.04
C LYS R 94 14.46 -23.78 -88.39
N ARG R 95 14.34 -23.70 -87.07
CA ARG R 95 14.34 -22.43 -86.36
C ARG R 95 15.38 -22.43 -85.25
N PRO R 96 16.63 -22.04 -85.57
CA PRO R 96 17.65 -21.95 -84.51
C PRO R 96 17.38 -20.80 -83.55
N VAL R 97 18.18 -20.68 -82.51
CA VAL R 97 18.00 -19.67 -81.47
C VAL R 97 19.33 -18.99 -81.19
N PHE R 98 19.30 -17.68 -81.02
CA PHE R 98 20.47 -16.88 -80.71
C PHE R 98 20.19 -16.01 -79.49
N GLN R 99 21.27 -15.58 -78.84
CA GLN R 99 21.20 -14.61 -77.75
C GLN R 99 21.91 -13.34 -78.19
N ILE R 100 21.23 -12.21 -78.09
CA ILE R 100 21.76 -10.94 -78.61
C ILE R 100 21.59 -9.86 -77.55
N PRO R 101 22.35 -8.79 -77.66
CA PRO R 101 22.14 -7.64 -76.77
C PRO R 101 20.75 -7.03 -76.98
N CYS R 102 20.21 -6.49 -75.90
CA CYS R 102 18.86 -5.92 -75.96
C CYS R 102 18.77 -4.75 -76.94
N SER R 103 19.89 -4.08 -77.23
CA SER R 103 19.85 -2.96 -78.14
C SER R 103 19.50 -3.39 -79.56
N MET R 104 20.03 -4.53 -80.00
CA MET R 104 19.80 -4.98 -81.36
C MET R 104 18.33 -5.27 -81.60
N SER R 105 17.85 -4.91 -82.79
CA SER R 105 16.49 -5.19 -83.21
C SER R 105 16.48 -6.40 -84.14
N LYS R 106 15.28 -6.80 -84.57
CA LYS R 106 15.19 -7.92 -85.50
C LYS R 106 15.86 -7.61 -86.82
N VAL R 107 15.63 -6.41 -87.36
CA VAL R 107 16.26 -6.02 -88.61
C VAL R 107 17.77 -5.95 -88.45
N GLU R 108 18.23 -5.41 -87.33
CA GLU R 108 19.67 -5.33 -87.08
C GLU R 108 20.29 -6.72 -87.00
N LEU R 109 19.61 -7.66 -86.33
CA LEU R 109 20.11 -9.02 -86.26
C LEU R 109 20.15 -9.66 -87.64
N VAL R 110 19.11 -9.45 -88.45
CA VAL R 110 19.08 -10.02 -89.78
C VAL R 110 20.25 -9.48 -90.60
N ASN R 111 20.48 -8.17 -90.53
CA ASN R 111 21.61 -7.58 -91.25
C ASN R 111 22.94 -8.12 -90.74
N TYR R 112 23.06 -8.28 -89.42
CA TYR R 112 24.28 -8.83 -88.83
C TYR R 112 24.58 -10.21 -89.41
N LEU R 113 23.59 -11.10 -89.36
CA LEU R 113 23.79 -12.45 -89.87
C LEU R 113 24.08 -12.44 -91.37
N LYS R 114 23.35 -11.63 -92.13
CA LYS R 114 23.53 -11.59 -93.58
C LYS R 114 24.93 -11.12 -93.95
N ASN R 115 25.41 -10.07 -93.31
CA ASN R 115 26.65 -9.43 -93.70
C ASN R 115 27.88 -9.97 -92.99
N ILE R 116 27.72 -10.84 -92.00
CA ILE R 116 28.85 -11.44 -91.29
C ILE R 116 28.92 -12.94 -91.54
N TYR R 117 27.88 -13.69 -91.15
CA TYR R 117 27.86 -15.13 -91.31
C TYR R 117 27.17 -15.58 -92.59
N GLY R 118 26.65 -14.66 -93.39
CA GLY R 118 26.04 -15.02 -94.64
C GLY R 118 24.81 -15.89 -94.51
N ILE R 119 23.97 -15.64 -93.50
CA ILE R 119 22.71 -16.35 -93.34
C ILE R 119 21.63 -15.48 -93.97
N ASP R 120 21.39 -15.66 -95.27
CA ASP R 120 20.46 -14.84 -96.02
C ASP R 120 19.10 -15.48 -96.21
N ASN R 121 18.87 -16.68 -95.66
CA ASN R 121 17.61 -17.39 -95.82
C ASN R 121 16.71 -17.26 -94.59
N VAL R 122 16.76 -16.11 -93.91
CA VAL R 122 15.95 -15.88 -92.73
C VAL R 122 14.52 -15.57 -93.15
N VAL R 123 13.55 -16.26 -92.53
CA VAL R 123 12.14 -16.05 -92.82
C VAL R 123 11.58 -15.03 -91.83
N ARG R 124 11.67 -15.34 -90.54
CA ARG R 124 11.16 -14.45 -89.51
C ARG R 124 11.99 -14.65 -88.24
N VAL R 125 11.83 -13.72 -87.31
CA VAL R 125 12.54 -13.76 -86.03
C VAL R 125 11.56 -13.41 -84.92
N GLU R 126 11.54 -14.22 -83.87
CA GLU R 126 10.76 -13.96 -82.68
C GLU R 126 11.70 -13.53 -81.55
N VAL R 127 11.44 -12.34 -81.01
CA VAL R 127 12.34 -11.71 -80.04
C VAL R 127 11.68 -11.71 -78.68
N ARG R 128 12.44 -12.04 -77.64
CA ARG R 128 11.94 -11.99 -76.27
C ARG R 128 13.10 -11.66 -75.34
N ASN R 129 12.99 -10.54 -74.62
CA ASN R 129 14.03 -10.14 -73.69
C ASN R 129 14.00 -11.00 -72.44
N ARG R 130 15.17 -11.26 -71.88
CA ARG R 130 15.30 -12.07 -70.68
C ARG R 130 16.33 -11.45 -69.74
N ARG R 131 16.02 -11.50 -68.45
CA ARG R 131 16.94 -11.02 -67.42
C ARG R 131 18.17 -11.91 -67.35
N GLY R 132 19.31 -11.30 -67.07
CA GLY R 132 20.54 -12.06 -66.95
C GLY R 132 20.41 -13.11 -65.85
N ARG R 133 20.93 -14.31 -66.14
CA ARG R 133 20.83 -15.40 -65.18
C ARG R 133 21.45 -15.01 -63.85
N ARG R 134 20.72 -15.29 -62.77
CA ARG R 134 21.19 -14.96 -61.43
C ARG R 134 21.72 -16.20 -60.74
N TYR R 135 22.81 -16.04 -60.00
CA TYR R 135 23.41 -17.15 -59.27
C TYR R 135 24.17 -16.60 -58.08
N LYS R 136 24.36 -17.45 -57.08
CA LYS R 136 25.11 -17.12 -55.88
C LYS R 136 26.39 -17.94 -55.83
N ASN R 137 27.52 -17.28 -55.63
CA ASN R 137 28.78 -17.99 -55.51
C ASN R 137 28.83 -18.75 -54.19
N GLU R 138 29.97 -19.40 -53.94
CA GLU R 138 30.12 -20.20 -52.73
C GLU R 138 29.98 -19.38 -51.46
N VAL R 139 30.26 -18.08 -51.52
CA VAL R 139 30.08 -17.22 -50.36
C VAL R 139 28.65 -16.71 -50.23
N GLY R 140 27.82 -16.91 -51.25
CA GLY R 140 26.46 -16.41 -51.24
C GLY R 140 26.27 -15.04 -51.86
N GLU R 141 27.32 -14.49 -52.47
CA GLU R 141 27.21 -13.18 -53.11
C GLU R 141 26.27 -13.29 -54.31
N ILE R 142 25.28 -12.40 -54.38
CA ILE R 142 24.27 -12.44 -55.44
C ILE R 142 24.87 -11.78 -56.66
N LYS R 143 25.43 -12.59 -57.57
CA LYS R 143 25.90 -12.11 -58.85
C LYS R 143 24.81 -12.32 -59.90
N MET R 144 25.00 -11.69 -61.06
CA MET R 144 23.96 -11.67 -62.08
C MET R 144 24.61 -11.36 -63.42
N MET R 145 24.47 -12.27 -64.38
CA MET R 145 24.95 -12.01 -65.73
C MET R 145 24.15 -10.87 -66.35
N ASP R 146 24.62 -10.41 -67.52
CA ASP R 146 23.96 -9.31 -68.19
C ASP R 146 22.69 -9.79 -68.89
N ASP R 147 21.69 -8.91 -68.93
CA ASP R 147 20.44 -9.23 -69.58
C ASP R 147 20.67 -9.46 -71.07
N TYR R 148 19.85 -10.34 -71.66
CA TYR R 148 20.02 -10.70 -73.06
C TYR R 148 18.66 -10.73 -73.73
N LYS R 149 18.66 -11.11 -75.01
CA LYS R 149 17.43 -11.20 -75.80
C LYS R 149 17.50 -12.47 -76.62
N VAL R 150 16.55 -13.37 -76.41
CA VAL R 150 16.47 -14.61 -77.17
C VAL R 150 15.76 -14.31 -78.48
N ALA R 151 16.44 -14.61 -79.59
CA ALA R 151 15.89 -14.44 -80.92
C ALA R 151 15.79 -15.80 -81.57
N VAL R 152 14.57 -16.28 -81.77
CA VAL R 152 14.32 -17.54 -82.47
C VAL R 152 14.16 -17.20 -83.94
N VAL R 153 15.14 -17.61 -84.75
CA VAL R 153 15.11 -17.33 -86.18
C VAL R 153 14.44 -18.50 -86.89
N GLU R 154 13.98 -18.25 -88.12
CA GLU R 154 13.47 -19.31 -88.98
C GLU R 154 14.23 -19.28 -90.30
N LEU R 155 14.50 -20.46 -90.85
CA LEU R 155 15.28 -20.60 -92.06
C LEU R 155 14.49 -21.38 -93.11
N ASP R 156 14.77 -21.10 -94.38
CA ASP R 156 14.09 -21.82 -95.46
C ASP R 156 14.39 -23.31 -95.41
N THR R 157 15.67 -23.66 -95.19
CA THR R 157 16.07 -25.06 -95.15
C THR R 157 16.52 -25.45 -93.75
N PRO R 158 16.30 -26.68 -93.32
CA PRO R 158 16.79 -27.12 -92.01
C PRO R 158 18.31 -27.07 -91.94
N VAL R 159 18.81 -26.79 -90.74
CA VAL R 159 20.25 -26.78 -90.46
C VAL R 159 20.49 -27.60 -89.21
N SER R 160 21.68 -28.17 -89.11
CA SER R 160 22.02 -29.05 -88.00
C SER R 160 23.54 -29.08 -87.86
N VAL R 161 23.99 -29.72 -86.77
CA VAL R 161 25.41 -29.92 -86.52
C VAL R 161 25.61 -31.38 -86.14
N GLU R 162 26.82 -31.87 -86.33
CA GLU R 162 27.17 -33.26 -86.02
C GLU R 162 28.28 -33.27 -84.98
N LEU R 163 28.11 -34.11 -83.95
CA LEU R 163 29.08 -34.27 -82.88
C LEU R 163 29.41 -35.74 -82.77
N LYS R 164 30.64 -36.10 -83.14
CA LYS R 164 31.06 -37.49 -83.10
C LYS R 164 31.26 -37.95 -81.66
N GLN R 165 30.73 -39.14 -81.36
CA GLN R 165 30.83 -39.69 -80.01
C GLN R 165 32.08 -40.54 -79.85
N MET S 1 9.69 -55.07 -14.22
CA MET S 1 8.31 -54.51 -14.13
C MET S 1 8.26 -53.09 -14.69
N TYR S 2 9.04 -52.20 -14.08
CA TYR S 2 9.13 -50.81 -14.51
C TYR S 2 10.60 -50.41 -14.53
N ALA S 3 10.90 -49.44 -15.39
CA ALA S 3 12.24 -48.90 -15.52
C ALA S 3 12.43 -47.72 -14.57
N ARG S 4 13.57 -47.70 -13.90
CA ARG S 4 13.88 -46.59 -13.02
C ARG S 4 14.05 -45.31 -13.83
N PHE S 5 13.47 -44.23 -13.33
CA PHE S 5 13.56 -42.94 -14.00
C PHE S 5 13.65 -41.85 -12.94
N THR S 6 14.41 -40.80 -13.26
CA THR S 6 14.58 -39.68 -12.34
C THR S 6 14.70 -38.40 -13.16
N THR S 7 13.84 -37.43 -12.86
CA THR S 7 13.92 -36.13 -13.53
C THR S 7 15.30 -35.52 -13.29
N ARG S 8 15.84 -34.89 -14.32
CA ARG S 8 17.23 -34.43 -14.32
C ARG S 8 17.29 -32.94 -14.00
N SER S 9 18.02 -32.60 -12.94
CA SER S 9 18.26 -31.20 -12.62
C SER S 9 18.98 -30.50 -13.76
N LYS S 10 19.73 -31.25 -14.56
CA LYS S 10 20.38 -30.66 -15.73
C LYS S 10 19.36 -30.10 -16.70
N PHE S 11 18.27 -30.82 -16.96
CA PHE S 11 17.18 -30.31 -17.76
C PHE S 11 16.36 -29.26 -17.05
N TYR S 12 16.20 -29.38 -15.72
CA TYR S 12 15.42 -28.39 -15.00
C TYR S 12 16.08 -27.02 -15.02
N PHE S 13 17.41 -26.97 -14.92
CA PHE S 13 18.14 -25.70 -14.81
C PHE S 13 19.48 -25.88 -15.50
N ARG S 14 19.63 -25.24 -16.66
CA ARG S 14 20.84 -25.34 -17.46
C ARG S 14 21.38 -23.95 -17.78
N PRO S 15 22.08 -23.30 -16.85
CA PRO S 15 22.65 -21.99 -17.14
C PRO S 15 23.76 -22.07 -18.16
N ALA S 16 23.92 -20.99 -18.92
CA ALA S 16 24.94 -20.93 -19.95
C ALA S 16 26.33 -20.97 -19.33
N ARG S 17 27.24 -21.64 -20.02
CA ARG S 17 28.61 -21.73 -19.54
C ARG S 17 29.27 -20.36 -19.56
N PRO S 18 30.24 -20.11 -18.67
CA PRO S 18 30.87 -18.79 -18.63
C PRO S 18 31.53 -18.41 -19.95
N ALA S 19 31.39 -17.14 -20.33
CA ALA S 19 32.02 -16.64 -21.54
C ALA S 19 33.48 -16.29 -21.26
N LEU S 20 34.19 -15.88 -22.30
CA LEU S 20 35.60 -15.53 -22.22
C LEU S 20 35.76 -14.03 -22.30
N ALA S 21 36.51 -13.46 -21.36
CA ALA S 21 36.82 -12.03 -21.40
C ALA S 21 37.92 -11.79 -22.40
N TYR S 22 37.62 -10.99 -23.43
CA TYR S 22 38.58 -10.70 -24.50
C TYR S 22 39.01 -11.97 -25.22
N ASN S 23 38.13 -12.98 -25.27
CA ASN S 23 38.43 -14.25 -25.90
C ASN S 23 39.68 -14.89 -25.28
N VAL S 24 39.78 -14.80 -23.96
CA VAL S 24 40.94 -15.29 -23.22
C VAL S 24 40.49 -16.42 -22.31
N ASP S 25 41.17 -17.56 -22.41
CA ASP S 25 40.99 -18.65 -21.46
C ASP S 25 41.92 -18.42 -20.28
N PRO S 26 41.41 -18.27 -19.05
CA PRO S 26 42.29 -17.83 -17.96
C PRO S 26 43.49 -18.73 -17.71
N ASN S 27 43.31 -20.04 -17.83
CA ASN S 27 44.37 -21.00 -17.49
C ASN S 27 44.86 -21.79 -18.71
N VAL S 28 44.82 -21.17 -19.89
CA VAL S 28 45.37 -21.83 -21.07
C VAL S 28 46.85 -22.11 -20.90
N MET S 29 47.59 -21.13 -20.36
CA MET S 29 49.02 -21.29 -20.17
C MET S 29 49.36 -22.22 -19.02
N ARG S 30 48.39 -22.58 -18.18
CA ARG S 30 48.67 -23.41 -17.02
C ARG S 30 48.24 -24.87 -17.20
N ARG S 31 47.27 -25.14 -18.06
CA ARG S 31 46.73 -26.48 -18.27
C ARG S 31 47.42 -27.14 -19.45
N PRO S 32 47.39 -28.47 -19.52
CA PRO S 32 47.88 -29.18 -20.71
C PRO S 32 46.93 -28.97 -21.89
N LYS S 33 47.43 -29.30 -23.08
CA LYS S 33 46.66 -29.17 -24.30
C LYS S 33 45.77 -30.37 -24.57
N VAL S 34 45.77 -31.35 -23.66
CA VAL S 34 44.95 -32.54 -23.85
C VAL S 34 43.49 -32.13 -24.06
N LYS S 35 42.77 -32.97 -24.79
CA LYS S 35 41.36 -32.72 -25.04
C LYS S 35 40.57 -32.83 -23.75
N ARG S 36 39.83 -31.76 -23.41
CA ARG S 36 39.04 -31.76 -22.20
C ARG S 36 38.03 -32.90 -22.21
N GLY S 37 37.51 -33.25 -23.39
CA GLY S 37 36.62 -34.41 -23.45
C GLY S 37 37.31 -35.67 -22.98
N LEU S 38 38.52 -35.91 -23.46
CA LEU S 38 39.27 -37.09 -23.04
C LEU S 38 39.55 -37.06 -21.54
N LEU S 39 39.95 -35.90 -21.02
CA LEU S 39 40.28 -35.81 -19.60
C LEU S 39 39.07 -35.79 -18.69
N LYS S 40 37.87 -35.54 -19.25
CA LYS S 40 36.64 -35.61 -18.47
C LYS S 40 35.97 -36.96 -18.56
N GLY S 41 36.24 -37.74 -19.61
CA GLY S 41 35.69 -39.07 -19.76
C GLY S 41 34.73 -39.24 -20.90
N THR S 42 34.53 -38.24 -21.75
CA THR S 42 33.64 -38.37 -22.90
C THR S 42 34.45 -38.74 -24.13
N TYR S 43 34.12 -39.89 -24.72
CA TYR S 43 34.81 -40.39 -25.90
C TYR S 43 33.80 -41.09 -26.79
N SER S 44 34.09 -41.08 -28.09
CA SER S 44 33.16 -41.65 -29.07
C SER S 44 33.99 -42.34 -30.15
N ASP S 45 33.74 -43.63 -30.36
CA ASP S 45 34.40 -44.34 -31.45
C ASP S 45 33.87 -43.94 -32.81
N GLU S 46 32.63 -43.46 -32.88
CA GLU S 46 32.02 -43.10 -34.16
C GLU S 46 31.02 -41.98 -33.89
N THR S 47 31.42 -40.75 -34.20
CA THR S 47 30.51 -39.61 -34.07
C THR S 47 29.64 -39.49 -35.30
N VAL S 48 28.34 -39.40 -35.07
CA VAL S 48 27.35 -39.27 -36.15
C VAL S 48 26.55 -38.01 -35.92
N ASP S 49 26.39 -37.21 -36.97
CA ASP S 49 25.61 -35.98 -36.91
C ASP S 49 24.49 -36.08 -37.94
N LEU S 50 23.25 -35.86 -37.49
CA LEU S 50 22.11 -35.93 -38.38
C LEU S 50 21.93 -34.67 -39.21
N ARG S 51 22.74 -33.65 -38.98
CA ARG S 51 22.64 -32.41 -39.73
C ARG S 51 23.38 -32.48 -41.07
N ASP S 52 23.99 -33.61 -41.40
CA ASP S 52 24.74 -33.74 -42.63
C ASP S 52 23.85 -34.26 -43.76
N ARG S 53 24.27 -33.95 -44.99
CA ARG S 53 23.53 -34.39 -46.16
C ARG S 53 23.45 -35.90 -46.23
N GLU S 54 24.49 -36.60 -45.76
CA GLU S 54 24.47 -38.06 -45.76
C GLU S 54 23.36 -38.59 -44.87
N ARG S 55 23.15 -37.97 -43.71
CA ARG S 55 22.15 -38.42 -42.74
C ARG S 55 20.83 -37.68 -42.89
N LEU S 56 20.67 -36.86 -43.93
CA LEU S 56 19.41 -36.16 -44.13
C LEU S 56 18.25 -37.13 -44.31
N GLU S 57 18.46 -38.19 -45.10
CA GLU S 57 17.40 -39.16 -45.32
C GLU S 57 17.04 -39.88 -44.03
N LEU S 58 18.04 -40.24 -43.23
CA LEU S 58 17.77 -40.87 -41.93
C LEU S 58 16.98 -39.94 -41.03
N LEU S 59 17.35 -38.66 -41.00
CA LEU S 59 16.61 -37.69 -40.18
C LEU S 59 15.16 -37.58 -40.64
N GLU S 60 14.95 -37.50 -41.95
CA GLU S 60 13.59 -37.39 -42.47
C GLU S 60 12.77 -38.63 -42.12
N SER S 61 13.38 -39.81 -42.25
CA SER S 61 12.65 -41.03 -41.90
C SER S 61 12.31 -41.05 -40.42
N MET S 62 13.23 -40.61 -39.57
CA MET S 62 12.97 -40.59 -38.13
C MET S 62 11.85 -39.63 -37.78
N ARG S 63 11.80 -38.47 -38.44
CA ARG S 63 10.76 -37.50 -38.16
C ARG S 63 9.38 -38.10 -38.50
N HIS S 64 8.39 -37.73 -37.69
CA HIS S 64 7.05 -38.27 -37.81
C HIS S 64 6.35 -37.71 -39.06
N PRO S 65 5.46 -38.50 -39.68
CA PRO S 65 4.77 -38.00 -40.88
C PRO S 65 3.87 -36.80 -40.63
N ARG S 66 3.25 -36.73 -39.46
CA ARG S 66 2.25 -35.70 -39.20
C ARG S 66 2.86 -34.30 -39.15
N GLU S 67 4.09 -34.16 -38.69
CA GLU S 67 4.74 -32.86 -38.64
C GLU S 67 5.15 -32.44 -40.04
N ARG S 68 4.65 -31.29 -40.48
CA ARG S 68 4.79 -30.84 -41.86
C ARG S 68 5.73 -29.64 -41.93
N ASP S 69 6.55 -29.61 -42.97
CA ASP S 69 7.45 -28.50 -43.26
C ASP S 69 6.98 -27.82 -44.54
N PHE S 70 6.69 -26.53 -44.45
CA PHE S 70 5.95 -25.86 -45.52
C PHE S 70 6.85 -25.41 -46.66
N TYR S 71 7.80 -24.51 -46.38
CA TYR S 71 8.54 -23.82 -47.43
C TYR S 71 9.67 -24.72 -47.94
N GLN S 72 9.26 -25.82 -48.57
CA GLN S 72 10.23 -26.77 -49.11
C GLN S 72 10.83 -26.33 -50.42
N ASP S 73 10.06 -25.62 -51.25
CA ASP S 73 10.51 -25.20 -52.58
C ASP S 73 10.57 -23.70 -52.77
N HIS S 74 9.72 -22.93 -52.09
CA HIS S 74 9.72 -21.48 -52.20
C HIS S 74 10.05 -20.88 -50.84
N THR S 75 9.95 -19.56 -50.76
CA THR S 75 10.27 -18.84 -49.53
C THR S 75 9.42 -17.57 -49.47
N TYR S 76 9.10 -17.17 -48.24
CA TYR S 76 8.27 -15.97 -48.05
C TYR S 76 9.06 -14.72 -48.41
N HIS S 77 10.20 -14.51 -47.75
CA HIS S 77 11.04 -13.36 -48.05
C HIS S 77 11.84 -13.62 -49.33
N ASN S 78 12.00 -12.56 -50.12
CA ASN S 78 12.75 -12.67 -51.36
C ASN S 78 14.22 -12.95 -51.05
N GLN S 79 14.80 -13.93 -51.74
CA GLN S 79 16.16 -14.36 -51.50
C GLN S 79 17.16 -13.80 -52.52
N TRP S 80 16.75 -12.81 -53.32
CA TRP S 80 17.63 -12.16 -54.27
C TRP S 80 17.87 -10.71 -53.88
N LEU S 81 18.01 -10.46 -52.59
CA LEU S 81 18.38 -9.15 -52.06
C LEU S 81 19.81 -9.21 -51.53
N ARG S 82 20.61 -8.23 -51.90
CA ARG S 82 22.02 -8.18 -51.47
C ARG S 82 22.07 -7.87 -49.98
N ARG S 83 22.26 -8.90 -49.17
CA ARG S 83 22.31 -8.77 -47.72
C ARG S 83 23.63 -9.33 -47.19
N ASP S 84 23.93 -9.01 -45.94
CA ASP S 84 25.19 -9.38 -45.32
C ASP S 84 25.11 -10.78 -44.73
N LEU S 85 26.27 -11.28 -44.33
CA LEU S 85 26.40 -12.59 -43.70
C LEU S 85 26.53 -12.44 -42.19
N GLU S 86 26.58 -13.57 -41.50
CA GLU S 86 26.76 -13.57 -40.06
C GLU S 86 28.19 -13.15 -39.71
N LYS S 87 28.36 -12.67 -38.48
CA LYS S 87 29.66 -12.16 -38.05
C LYS S 87 30.73 -13.24 -38.11
N HIS S 88 30.40 -14.45 -37.65
CA HIS S 88 31.39 -15.52 -37.67
C HIS S 88 31.74 -15.91 -39.10
N GLN S 89 30.75 -15.91 -40.00
CA GLN S 89 31.03 -16.19 -41.39
C GLN S 89 31.97 -15.14 -42.00
N LYS S 90 31.72 -13.86 -41.70
CA LYS S 90 32.60 -12.81 -42.19
C LYS S 90 34.01 -12.99 -41.65
N GLN S 91 34.13 -13.31 -40.36
CA GLN S 91 35.44 -13.51 -39.76
C GLN S 91 36.16 -14.68 -40.40
N GLN S 92 35.43 -15.78 -40.66
CA GLN S 92 36.03 -16.92 -41.33
C GLN S 92 36.50 -16.54 -42.73
N LEU S 93 35.71 -15.76 -43.46
CA LEU S 93 36.13 -15.32 -44.79
C LEU S 93 37.41 -14.49 -44.71
N ALA S 94 37.47 -13.55 -43.76
CA ALA S 94 38.66 -12.71 -43.63
C ALA S 94 39.88 -13.55 -43.30
N ALA S 95 39.74 -14.48 -42.36
CA ALA S 95 40.87 -15.35 -42.00
C ALA S 95 41.31 -16.19 -43.18
N ARG S 96 40.35 -16.79 -43.90
CA ARG S 96 40.70 -17.67 -45.00
C ARG S 96 41.41 -16.90 -46.11
N TYR S 97 40.93 -15.70 -46.45
CA TYR S 97 41.56 -14.85 -47.45
C TYR S 97 41.81 -13.48 -46.83
N LYS S 98 42.90 -13.37 -46.08
CA LYS S 98 43.39 -12.09 -45.61
C LYS S 98 44.32 -11.41 -46.60
N TYR S 99 44.69 -12.09 -47.69
CA TYR S 99 45.53 -11.46 -48.70
C TYR S 99 44.75 -10.62 -49.69
N PHE S 100 43.42 -10.57 -49.56
CA PHE S 100 42.63 -9.67 -50.39
C PHE S 100 42.83 -8.22 -50.01
N ALA S 101 43.35 -7.94 -48.81
CA ALA S 101 43.49 -6.57 -48.36
C ALA S 101 44.47 -5.82 -49.26
N PRO S 102 44.26 -4.52 -49.43
CA PRO S 102 45.14 -3.74 -50.31
C PRO S 102 46.57 -3.71 -49.80
N ASP S 103 47.50 -3.71 -50.76
CA ASP S 103 48.93 -3.66 -50.47
C ASP S 103 49.32 -4.75 -49.47
N PHE S 104 48.80 -5.96 -49.68
CA PHE S 104 49.17 -7.07 -48.83
C PHE S 104 50.54 -7.63 -49.17
N GLU S 105 50.94 -7.58 -50.43
CA GLU S 105 52.22 -8.12 -50.84
C GLU S 105 53.37 -7.33 -50.21
N ILE S 106 54.58 -7.80 -50.45
CA ILE S 106 55.80 -7.15 -49.99
C ILE S 106 56.33 -6.29 -51.12
N SER S 107 56.70 -5.04 -50.82
CA SER S 107 57.14 -4.13 -51.87
C SER S 107 58.45 -4.57 -52.50
N PRO S 108 59.58 -4.62 -51.77
CA PRO S 108 60.83 -5.05 -52.43
C PRO S 108 60.76 -6.45 -53.00
N TRP S 109 60.21 -7.41 -52.25
CA TRP S 109 60.03 -8.78 -52.71
C TRP S 109 61.37 -9.40 -53.13
N ILE S 110 62.24 -9.56 -52.14
CA ILE S 110 63.56 -10.11 -52.37
C ILE S 110 63.53 -11.59 -52.73
N TRP S 111 62.44 -12.29 -52.45
CA TRP S 111 62.38 -13.74 -52.57
C TRP S 111 62.00 -14.13 -53.99
N TYR S 112 62.85 -14.94 -54.61
CA TYR S 112 62.64 -15.45 -55.97
C TYR S 112 63.02 -16.91 -56.00
N PRO S 113 62.48 -17.67 -56.94
CA PRO S 113 62.84 -19.10 -57.02
C PRO S 113 64.31 -19.30 -57.35
N GLY S 114 64.86 -20.39 -56.84
CA GLY S 114 66.26 -20.72 -57.04
C GLY S 114 67.19 -20.18 -55.97
N ASP S 115 66.69 -19.35 -55.06
CA ASP S 115 67.53 -18.84 -53.97
C ASP S 115 67.70 -19.90 -52.89
N ILE S 116 68.59 -19.61 -51.96
CA ILE S 116 68.85 -20.50 -50.82
C ILE S 116 68.47 -19.74 -49.55
N VAL S 117 67.61 -20.36 -48.73
CA VAL S 117 67.09 -19.73 -47.53
C VAL S 117 67.12 -20.73 -46.39
N GLU S 118 67.08 -20.21 -45.17
CA GLU S 118 67.01 -21.01 -43.96
C GLU S 118 65.79 -20.60 -43.15
N VAL S 119 65.09 -21.58 -42.60
CA VAL S 119 63.89 -21.31 -41.81
C VAL S 119 64.31 -20.88 -40.41
N VAL S 120 63.79 -19.74 -39.98
CA VAL S 120 64.14 -19.20 -38.66
C VAL S 120 63.04 -19.42 -37.63
N SER S 121 61.81 -19.70 -38.04
CA SER S 121 60.72 -19.95 -37.11
C SER S 121 59.75 -20.94 -37.74
N GLY S 122 58.99 -21.62 -36.89
CA GLY S 122 58.02 -22.59 -37.32
C GLY S 122 58.40 -24.00 -36.95
N GLU S 123 57.85 -24.96 -37.70
CA GLU S 123 58.11 -26.37 -37.43
C GLU S 123 59.59 -26.68 -37.58
N GLY S 124 60.12 -26.51 -38.80
CA GLY S 124 61.52 -26.76 -39.04
C GLY S 124 62.37 -25.52 -38.87
N ILE S 125 63.29 -25.53 -37.92
CA ILE S 125 64.17 -24.40 -37.64
C ILE S 125 65.60 -24.83 -37.89
N GLY S 126 66.32 -24.01 -38.65
CA GLY S 126 67.69 -24.30 -39.00
C GLY S 126 67.88 -25.09 -40.28
N GLN S 127 66.81 -25.63 -40.84
CA GLN S 127 66.91 -26.37 -42.09
C GLN S 127 66.82 -25.41 -43.28
N ARG S 128 67.78 -25.54 -44.19
CA ARG S 128 67.87 -24.66 -45.35
C ARG S 128 67.71 -25.47 -46.63
N GLY S 129 67.28 -24.77 -47.68
CA GLY S 129 67.08 -25.42 -48.96
C GLY S 129 66.89 -24.41 -50.05
N THR S 130 66.50 -24.90 -51.23
CA THR S 130 66.28 -24.08 -52.40
C THR S 130 64.80 -23.79 -52.56
N ILE S 131 64.48 -22.56 -52.96
CA ILE S 131 63.09 -22.16 -53.15
C ILE S 131 62.54 -22.81 -54.41
N ILE S 132 61.74 -23.87 -54.23
CA ILE S 132 61.16 -24.56 -55.37
C ILE S 132 60.19 -23.65 -56.11
N ALA S 133 59.34 -22.94 -55.38
CA ALA S 133 58.34 -22.09 -56.00
C ALA S 133 58.02 -20.92 -55.08
N VAL S 134 57.34 -19.92 -55.63
CA VAL S 134 56.97 -18.74 -54.86
C VAL S 134 55.55 -18.31 -55.24
N ILE S 135 54.75 -17.99 -54.23
CA ILE S 135 53.41 -17.46 -54.42
C ILE S 135 53.42 -16.01 -53.95
N LYS S 136 53.46 -15.08 -54.90
CA LYS S 136 53.66 -13.68 -54.56
C LYS S 136 52.43 -13.05 -53.92
N TYR S 137 51.24 -13.32 -54.45
CA TYR S 137 50.04 -12.67 -53.94
C TYR S 137 49.67 -13.17 -52.54
N LYS S 138 50.13 -14.35 -52.14
CA LYS S 138 49.94 -14.84 -50.78
C LYS S 138 51.13 -14.55 -49.88
N ASN S 139 52.27 -14.13 -50.44
CA ASN S 139 53.51 -13.99 -49.70
C ASN S 139 53.92 -15.32 -49.08
N GLU S 140 54.08 -16.32 -49.95
CA GLU S 140 54.43 -17.67 -49.52
C GLU S 140 55.53 -18.23 -50.39
N ILE S 141 56.26 -19.20 -49.84
CA ILE S 141 57.38 -19.84 -50.52
C ILE S 141 57.24 -21.35 -50.37
N VAL S 142 57.78 -22.07 -51.35
CA VAL S 142 57.79 -23.52 -51.37
C VAL S 142 59.26 -23.94 -51.51
N VAL S 143 59.82 -24.48 -50.43
CA VAL S 143 61.23 -24.85 -50.36
C VAL S 143 61.33 -26.37 -50.24
N GLN S 144 62.23 -26.96 -51.03
CA GLN S 144 62.32 -28.41 -51.09
C GLN S 144 62.65 -29.00 -49.72
N ASN S 145 61.92 -30.03 -49.33
CA ASN S 145 62.20 -30.79 -48.12
C ASN S 145 62.23 -29.90 -46.89
N ILE S 146 61.24 -29.02 -46.76
CA ILE S 146 61.11 -28.17 -45.58
C ILE S 146 59.76 -28.42 -44.92
N ASN S 147 58.68 -28.16 -45.66
CA ASN S 147 57.32 -28.33 -45.15
C ASN S 147 56.63 -29.37 -46.05
N VAL S 148 56.80 -30.64 -45.72
CA VAL S 148 56.25 -31.74 -46.50
C VAL S 148 55.02 -32.27 -45.78
N GLN S 149 53.89 -32.30 -46.48
CA GLN S 149 52.64 -32.79 -45.93
C GLN S 149 51.92 -33.62 -46.98
N ASP S 150 51.16 -34.61 -46.53
CA ASP S 150 50.42 -35.46 -47.45
C ASP S 150 49.37 -34.66 -48.19
N VAL S 151 49.13 -35.04 -49.44
CA VAL S 151 48.13 -34.40 -50.29
C VAL S 151 47.21 -35.50 -50.81
N VAL S 152 46.10 -35.73 -50.11
CA VAL S 152 45.17 -36.77 -50.52
C VAL S 152 44.49 -36.36 -51.83
N ILE S 153 44.08 -37.38 -52.59
CA ILE S 153 43.38 -37.16 -53.85
C ILE S 153 42.15 -38.07 -53.87
N PRO S 154 40.93 -37.52 -53.85
CA PRO S 154 39.74 -38.38 -53.83
C PRO S 154 39.70 -39.31 -55.02
N ALA S 155 39.16 -40.51 -54.79
CA ALA S 155 39.09 -41.52 -55.83
C ALA S 155 38.10 -41.09 -56.92
N SER S 156 38.30 -41.65 -58.11
CA SER S 156 37.42 -41.38 -59.24
C SER S 156 37.00 -42.70 -59.89
N GLU S 157 36.18 -42.61 -60.94
CA GLU S 157 35.71 -43.81 -61.62
C GLU S 157 36.83 -44.56 -62.34
N SER S 158 37.97 -43.91 -62.58
CA SER S 158 39.07 -44.52 -63.29
C SER S 158 40.26 -44.86 -62.39
N ARG S 159 40.41 -44.20 -61.26
CA ARG S 159 41.54 -44.43 -60.36
C ARG S 159 41.04 -44.44 -58.92
N PRO S 160 41.75 -45.14 -58.02
CA PRO S 160 41.39 -45.07 -56.60
C PRO S 160 42.07 -43.91 -55.90
N GLU S 161 41.77 -43.74 -54.61
CA GLU S 161 42.40 -42.68 -53.84
C GLU S 161 43.91 -42.92 -53.76
N GLN S 162 44.67 -41.83 -53.87
CA GLN S 162 46.13 -41.91 -53.82
C GLN S 162 46.65 -40.79 -52.95
N ILE S 163 47.58 -41.13 -52.07
CA ILE S 163 48.20 -40.16 -51.16
C ILE S 163 49.55 -39.76 -51.72
N VAL S 164 49.76 -38.45 -51.86
CA VAL S 164 50.99 -37.91 -52.44
C VAL S 164 51.49 -36.80 -51.55
N GLN S 165 52.81 -36.68 -51.45
CA GLN S 165 53.46 -35.71 -50.58
C GLN S 165 54.14 -34.63 -51.43
N ARG S 166 53.85 -33.37 -51.10
CA ARG S 166 54.44 -32.25 -51.81
C ARG S 166 54.72 -31.14 -50.80
N GLU S 167 55.82 -30.42 -51.01
CA GLU S 167 56.15 -29.31 -50.13
C GLU S 167 55.05 -28.26 -50.19
N HIS S 168 54.59 -27.82 -49.02
CA HIS S 168 53.51 -26.86 -48.95
C HIS S 168 54.06 -25.45 -48.80
N PRO S 169 53.26 -24.43 -49.12
CA PRO S 169 53.75 -23.05 -49.01
C PRO S 169 54.15 -22.71 -47.59
N ILE S 170 55.17 -21.85 -47.49
CA ILE S 170 55.70 -21.40 -46.21
C ILE S 170 55.67 -19.87 -46.21
N SER S 171 55.29 -19.30 -45.07
CA SER S 171 55.22 -17.85 -44.97
C SER S 171 56.58 -17.24 -45.26
N VAL S 172 56.57 -16.13 -46.00
CA VAL S 172 57.82 -15.50 -46.43
C VAL S 172 58.65 -15.06 -45.24
N THR S 173 58.01 -14.49 -44.22
CA THR S 173 58.75 -13.94 -43.08
C THR S 173 59.53 -15.02 -42.33
N ARG S 174 59.13 -16.28 -42.43
CA ARG S 174 59.78 -17.33 -41.65
C ARG S 174 61.23 -17.53 -42.09
N VAL S 175 61.49 -17.50 -43.38
CA VAL S 175 62.80 -17.85 -43.91
C VAL S 175 63.66 -16.59 -44.05
N ARG S 176 64.98 -16.79 -44.10
CA ARG S 176 65.93 -15.72 -44.35
C ARG S 176 66.93 -16.18 -45.40
N HIS S 177 67.37 -15.25 -46.24
CA HIS S 177 68.31 -15.59 -47.31
C HIS S 177 69.66 -15.99 -46.73
N VAL S 178 70.37 -16.81 -47.50
CA VAL S 178 71.70 -17.28 -47.15
C VAL S 178 72.65 -16.86 -48.26
N ASP S 179 73.73 -16.17 -47.90
CA ASP S 179 74.70 -15.72 -48.88
C ASP S 179 75.58 -16.90 -49.30
N PRO S 180 75.67 -17.20 -50.61
CA PRO S 180 76.48 -18.36 -51.01
C PRO S 180 77.94 -18.25 -50.60
N SER S 181 78.52 -17.06 -50.66
CA SER S 181 79.93 -16.91 -50.29
C SER S 181 80.12 -17.11 -48.79
N THR S 182 79.31 -16.45 -47.98
CA THR S 182 79.41 -16.61 -46.53
C THR S 182 78.78 -17.92 -46.06
N ASN S 183 77.76 -18.40 -46.78
CA ASN S 183 77.03 -19.60 -46.37
C ASN S 183 76.42 -19.43 -44.99
N GLU S 184 75.94 -18.22 -44.70
CA GLU S 184 75.30 -17.90 -43.43
C GLU S 184 74.12 -16.97 -43.70
N ILE S 185 73.41 -16.63 -42.64
CA ILE S 185 72.25 -15.74 -42.76
C ILE S 185 72.74 -14.32 -42.98
N CYS S 186 72.25 -13.67 -44.03
CA CYS S 186 72.68 -12.33 -44.39
C CYS S 186 71.48 -11.51 -44.80
N ASN S 187 71.42 -10.27 -44.30
CA ASN S 187 70.36 -9.36 -44.70
C ASN S 187 70.51 -8.98 -46.17
N ILE S 188 69.38 -8.88 -46.86
CA ILE S 188 69.36 -8.59 -48.28
C ILE S 188 68.59 -7.29 -48.51
N GLU S 189 68.96 -6.58 -49.57
CA GLU S 189 68.28 -5.34 -49.92
C GLU S 189 68.28 -5.19 -51.44
N MET S 190 67.19 -4.62 -51.97
CA MET S 190 67.09 -4.40 -53.39
C MET S 190 67.99 -3.26 -53.83
N VAL S 191 68.70 -3.47 -54.94
CA VAL S 191 69.66 -2.50 -55.47
C VAL S 191 69.43 -2.37 -56.96
N LYS S 192 69.87 -1.24 -57.52
CA LYS S 192 69.74 -0.96 -58.94
C LYS S 192 71.12 -0.77 -59.56
N VAL S 193 71.35 -1.41 -60.70
CA VAL S 193 72.62 -1.36 -61.40
C VAL S 193 72.35 -1.24 -62.89
N ARG S 194 73.19 -0.50 -63.59
CA ARG S 194 73.11 -0.38 -65.04
C ARG S 194 73.97 -1.47 -65.67
N ASN S 195 73.33 -2.47 -66.27
CA ASN S 195 74.06 -3.60 -66.82
C ASN S 195 75.01 -3.13 -67.91
N LYS S 196 76.24 -3.65 -67.88
CA LYS S 196 77.25 -3.24 -68.86
C LYS S 196 76.84 -3.65 -70.27
N GLU S 197 76.31 -4.86 -70.42
CA GLU S 197 75.98 -5.37 -71.75
C GLU S 197 74.95 -4.49 -72.44
N THR S 198 73.74 -4.43 -71.88
CA THR S 198 72.66 -3.65 -72.49
C THR S 198 72.73 -2.17 -72.14
N GLY S 199 73.51 -1.79 -71.14
CA GLY S 199 73.57 -0.38 -70.75
C GLY S 199 72.24 0.16 -70.29
N GLU S 200 71.49 -0.63 -69.53
CA GLU S 200 70.17 -0.24 -69.04
C GLU S 200 70.05 -0.59 -67.57
N MET S 201 69.19 0.15 -66.88
CA MET S 201 68.96 -0.09 -65.47
C MET S 201 68.27 -1.43 -65.25
N GLU S 202 68.61 -2.07 -64.13
CA GLU S 202 67.99 -3.32 -63.73
C GLU S 202 68.11 -3.43 -62.21
N GLU S 203 67.26 -4.27 -61.64
CA GLU S 203 67.18 -4.43 -60.20
C GLU S 203 67.67 -5.81 -59.80
N LYS S 204 68.62 -5.84 -58.86
CA LYS S 204 69.13 -7.06 -58.26
C LYS S 204 68.94 -6.99 -56.75
N ARG S 205 69.42 -8.01 -56.05
CA ARG S 205 69.33 -8.10 -54.60
C ARG S 205 70.72 -8.32 -54.04
N MET S 206 71.16 -7.45 -53.14
CA MET S 206 72.51 -7.43 -52.61
C MET S 206 72.51 -7.85 -51.16
N SER S 207 73.53 -8.61 -50.77
CA SER S 207 73.72 -9.03 -49.39
C SER S 207 74.56 -7.99 -48.66
N LEU S 208 74.01 -7.41 -47.59
CA LEU S 208 74.70 -6.35 -46.88
C LEU S 208 75.99 -6.84 -46.24
N GLU S 209 75.97 -8.01 -45.61
CA GLU S 209 77.12 -8.45 -44.83
C GLU S 209 78.34 -8.68 -45.71
N SER S 210 78.16 -9.31 -46.87
CA SER S 210 79.28 -9.71 -47.71
C SER S 210 79.35 -8.97 -49.04
N GLY S 211 78.37 -8.13 -49.35
CA GLY S 211 78.38 -7.43 -50.62
C GLY S 211 78.25 -8.32 -51.82
N ILE S 212 77.41 -9.36 -51.77
CA ILE S 212 77.20 -10.23 -52.91
C ILE S 212 75.95 -9.79 -53.67
N LEU S 213 76.00 -9.90 -54.99
CA LEU S 213 74.90 -9.53 -55.86
C LEU S 213 74.28 -10.78 -56.47
N MET S 214 72.95 -10.83 -56.45
CA MET S 214 72.20 -11.94 -57.03
C MET S 214 71.19 -11.37 -58.00
N SER S 215 71.19 -11.88 -59.23
CA SER S 215 70.25 -11.39 -60.24
C SER S 215 68.86 -11.95 -59.95
N ILE S 216 67.89 -11.52 -60.76
CA ILE S 216 66.51 -11.98 -60.66
C ILE S 216 66.31 -13.07 -61.72
N PRO S 217 66.14 -14.33 -61.33
CA PRO S 217 65.97 -15.39 -62.32
C PRO S 217 64.76 -15.12 -63.20
N PRO S 218 64.95 -14.98 -64.51
CA PRO S 218 63.81 -14.73 -65.40
C PRO S 218 62.86 -15.91 -65.41
N VAL S 219 61.58 -15.61 -65.62
CA VAL S 219 60.52 -16.62 -65.65
C VAL S 219 60.21 -16.94 -67.10
N ASN S 220 60.24 -18.23 -67.44
CA ASN S 220 59.93 -18.72 -68.79
C ASN S 220 58.98 -19.90 -68.64
N ASP S 221 57.68 -19.61 -68.63
CA ASP S 221 56.66 -20.65 -68.50
C ASP S 221 56.70 -21.58 -69.70
N GLU S 222 55.85 -22.62 -69.69
CA GLU S 222 55.82 -23.58 -70.78
C GLU S 222 55.53 -22.87 -72.10
N LEU S 223 56.31 -23.22 -73.12
CA LEU S 223 56.17 -22.63 -74.46
C LEU S 223 55.79 -23.67 -75.51
N GLU S 224 55.56 -24.91 -75.11
CA GLU S 224 55.23 -25.97 -76.06
C GLU S 224 53.82 -25.86 -76.60
N VAL S 225 52.98 -25.01 -76.01
CA VAL S 225 51.60 -24.87 -76.45
C VAL S 225 51.53 -23.97 -77.67
N GLY S 226 50.38 -23.98 -78.35
CA GLY S 226 50.20 -23.17 -79.55
C GLY S 226 49.04 -23.65 -80.39
N ASP S 227 48.45 -22.75 -81.17
CA ASP S 227 47.33 -23.08 -82.03
C ASP S 227 47.62 -22.64 -83.46
N PRO S 228 48.38 -23.43 -84.23
CA PRO S 228 48.77 -22.97 -85.57
C PRO S 228 47.59 -22.65 -86.48
N LEU S 229 46.45 -23.32 -86.29
CA LEU S 229 45.29 -23.05 -87.14
C LEU S 229 44.79 -21.63 -86.97
N LYS S 230 44.75 -21.11 -85.75
CA LYS S 230 44.23 -19.78 -85.48
C LYS S 230 45.29 -18.81 -84.98
N ASP S 231 46.57 -19.13 -85.14
CA ASP S 231 47.65 -18.23 -84.75
C ASP S 231 48.20 -17.52 -85.97
N THR S 232 48.17 -16.19 -85.94
CA THR S 232 48.71 -15.41 -87.04
C THR S 232 50.23 -15.56 -87.07
N PRO S 233 50.83 -15.84 -88.23
CA PRO S 233 52.29 -15.96 -88.28
C PRO S 233 52.96 -14.64 -87.89
N ILE S 234 54.13 -14.77 -87.26
CA ILE S 234 54.82 -13.60 -86.72
C ILE S 234 55.17 -12.63 -87.84
N GLN S 235 55.61 -13.15 -88.98
CA GLN S 235 56.00 -12.28 -90.09
C GLN S 235 54.83 -11.43 -90.55
N ASP S 236 53.69 -12.06 -90.83
CA ASP S 236 52.52 -11.32 -91.29
C ASP S 236 52.01 -10.37 -90.20
N ALA S 237 52.11 -10.77 -88.93
CA ALA S 237 51.71 -9.87 -87.86
C ALA S 237 52.58 -8.63 -87.84
N ASP S 238 53.89 -8.79 -88.01
CA ASP S 238 54.80 -7.66 -88.01
C ASP S 238 54.76 -6.85 -89.30
N GLU S 239 54.20 -7.40 -90.38
CA GLU S 239 54.08 -6.64 -91.62
C GLU S 239 53.38 -5.31 -91.36
N ALA S 240 54.09 -4.23 -91.66
CA ALA S 240 53.57 -2.88 -91.47
C ALA S 240 52.97 -2.38 -92.78
N THR S 241 51.70 -1.96 -92.72
CA THR S 241 50.99 -1.47 -93.89
C THR S 241 50.29 -0.14 -93.61
N TYR S 242 50.61 0.50 -92.48
CA TYR S 242 49.93 1.72 -92.05
C TYR S 242 50.63 2.92 -92.70
N ASP S 243 49.94 3.58 -93.61
CA ASP S 243 50.40 4.82 -94.23
C ASP S 243 49.58 5.95 -93.63
N ARG S 244 50.16 6.63 -92.64
CA ARG S 244 49.40 7.63 -91.89
C ARG S 244 48.92 8.77 -92.79
N GLU S 245 49.73 9.17 -93.77
CA GLU S 245 49.42 10.36 -94.54
C GLU S 245 48.04 10.26 -95.19
N ALA S 246 47.78 9.17 -95.91
CA ALA S 246 46.51 9.05 -96.62
C ALA S 246 45.34 8.94 -95.67
N GLU S 247 45.42 8.03 -94.70
CA GLU S 247 44.32 7.83 -93.77
C GLU S 247 44.12 9.07 -92.90
N GLN S 248 45.22 9.69 -92.45
CA GLN S 248 45.10 10.90 -91.66
C GLN S 248 44.42 12.00 -92.45
N ALA S 249 44.81 12.15 -93.72
CA ALA S 249 44.20 13.17 -94.56
C ALA S 249 42.71 12.91 -94.75
N VAL S 250 42.33 11.65 -94.98
CA VAL S 250 40.92 11.33 -95.19
C VAL S 250 40.11 11.64 -93.93
N LEU S 251 40.62 11.21 -92.77
CA LEU S 251 39.90 11.46 -91.52
C LEU S 251 39.79 12.95 -91.25
N VAL S 252 40.87 13.70 -91.47
CA VAL S 252 40.84 15.14 -91.25
C VAL S 252 39.84 15.80 -92.18
N ASP S 253 39.81 15.37 -93.45
CA ASP S 253 38.88 15.95 -94.40
C ASP S 253 37.43 15.69 -93.97
N LYS S 254 37.12 14.47 -93.55
CA LYS S 254 35.75 14.18 -93.14
C LYS S 254 35.36 14.97 -91.89
N ARG S 255 36.26 15.05 -90.91
CA ARG S 255 35.94 15.78 -89.69
C ARG S 255 35.76 17.27 -89.98
N LEU S 256 36.63 17.83 -90.82
CA LEU S 256 36.49 19.23 -91.20
C LEU S 256 35.19 19.46 -91.96
N GLU S 257 34.81 18.52 -92.82
CA GLU S 257 33.53 18.61 -93.52
C GLU S 257 32.39 18.71 -92.52
N ALA S 258 32.38 17.81 -91.52
CA ALA S 258 31.30 17.82 -90.53
C ALA S 258 31.28 19.13 -89.76
N MET S 259 32.45 19.59 -89.32
CA MET S 259 32.51 20.81 -88.53
C MET S 259 32.04 22.01 -89.35
N GLU S 260 32.46 22.10 -90.60
CA GLU S 260 32.03 23.20 -91.45
C GLU S 260 30.53 23.15 -91.70
N GLU S 261 29.98 21.95 -91.90
CA GLU S 261 28.55 21.82 -92.12
C GLU S 261 27.78 22.33 -90.90
N HIS S 262 28.20 21.92 -89.71
CA HIS S 262 27.52 22.39 -88.50
C HIS S 262 27.65 23.90 -88.36
N PHE S 263 28.84 24.44 -88.63
CA PHE S 263 29.04 25.88 -88.48
C PHE S 263 28.17 26.66 -89.45
N VAL S 264 28.06 26.18 -90.70
CA VAL S 264 27.21 26.89 -91.66
C VAL S 264 25.75 26.78 -91.26
N GLN S 265 25.33 25.65 -90.68
CA GLN S 265 23.96 25.56 -90.19
C GLN S 265 23.72 26.56 -89.05
N SER S 266 24.69 26.71 -88.16
CA SER S 266 24.57 27.71 -87.10
C SER S 266 24.48 29.11 -87.67
N LEU S 267 25.30 29.40 -88.69
CA LEU S 267 25.20 30.67 -89.38
C LEU S 267 23.82 30.87 -89.99
N LYS S 268 23.26 29.80 -90.54
CA LYS S 268 21.92 29.88 -91.12
C LYS S 268 20.89 30.26 -90.06
N GLN S 269 20.97 29.63 -88.88
CA GLN S 269 20.03 29.96 -87.82
C GLN S 269 20.19 31.41 -87.38
N SER S 270 21.44 31.84 -87.16
CA SER S 270 21.67 33.21 -86.71
C SER S 270 21.20 34.21 -87.75
N TYR S 271 21.44 33.94 -89.03
CA TYR S 271 20.97 34.80 -90.09
C TYR S 271 19.46 34.85 -90.13
N GLU S 272 18.81 33.69 -90.01
CA GLU S 272 17.35 33.69 -89.99
C GLU S 272 16.81 34.54 -88.86
N PHE S 273 17.50 34.57 -87.72
CA PHE S 273 17.02 35.44 -86.64
C PHE S 273 17.32 36.91 -86.91
N HIS S 274 18.49 37.23 -87.46
CA HIS S 274 18.95 38.61 -87.51
C HIS S 274 18.49 39.37 -88.75
N GLU S 275 18.38 38.71 -89.90
CA GLU S 275 18.00 39.39 -91.13
C GLU S 275 16.73 40.21 -91.01
N PRO S 276 15.64 39.72 -90.39
CA PRO S 276 14.46 40.57 -90.25
C PRO S 276 14.73 41.86 -89.50
N LEU S 277 15.64 41.84 -88.53
CA LEU S 277 15.98 43.06 -87.81
C LEU S 277 16.63 44.08 -88.74
N ARG S 278 17.57 43.64 -89.57
CA ARG S 278 18.20 44.55 -90.52
C ARG S 278 17.18 45.05 -91.54
N ARG S 279 16.28 44.17 -91.97
CA ARG S 279 15.23 44.59 -92.90
C ARG S 279 14.36 45.67 -92.28
N LYS S 280 13.99 45.49 -91.01
CA LYS S 280 13.20 46.50 -90.32
C LYS S 280 13.97 47.81 -90.21
N ASN S 281 15.26 47.73 -89.91
CA ASN S 281 16.07 48.95 -89.81
C ASN S 281 16.11 49.68 -91.15
N ALA S 282 16.32 48.95 -92.25
CA ALA S 282 16.36 49.59 -93.56
C ALA S 282 15.00 50.19 -93.93
N GLU S 283 13.92 49.47 -93.64
CA GLU S 283 12.59 49.99 -93.94
C GLU S 283 12.32 51.25 -93.13
N ASP S 284 12.74 51.27 -91.87
CA ASP S 284 12.55 52.45 -91.03
C ASP S 284 13.38 53.61 -91.54
N MET S 285 14.59 53.33 -92.03
CA MET S 285 15.42 54.39 -92.62
C MET S 285 14.75 54.98 -93.85
N ARG S 286 14.19 54.13 -94.71
CA ARG S 286 13.52 54.64 -95.90
C ARG S 286 12.28 55.45 -95.52
N GLN S 287 11.53 54.97 -94.53
CA GLN S 287 10.36 55.74 -94.06
C GLN S 287 10.80 57.07 -93.46
N PHE S 288 11.95 57.10 -92.77
CA PHE S 288 12.49 58.34 -92.27
C PHE S 288 12.81 59.30 -93.41
N GLN S 289 13.42 58.79 -94.48
CA GLN S 289 13.69 59.64 -95.64
C GLN S 289 12.40 60.19 -96.23
N THR S 290 11.38 59.35 -96.36
CA THR S 290 10.11 59.80 -96.91
C THR S 290 9.48 60.87 -96.02
N ASP S 291 9.54 60.67 -94.69
CA ASP S 291 8.98 61.66 -93.78
C ASP S 291 9.76 62.97 -93.85
N VAL S 292 11.08 62.87 -94.01
CA VAL S 292 11.89 64.08 -94.18
C VAL S 292 11.44 64.83 -95.43
N ILE S 293 11.21 64.10 -96.52
CA ILE S 293 10.75 64.73 -97.75
C ILE S 293 9.41 65.41 -97.52
N ASP S 294 8.48 64.73 -96.83
CA ASP S 294 7.16 65.29 -96.61
C ASP S 294 7.22 66.55 -95.75
N MET S 295 8.03 66.52 -94.68
CA MET S 295 8.15 67.69 -93.83
C MET S 295 8.81 68.84 -94.59
N ALA S 296 9.79 68.54 -95.44
CA ALA S 296 10.37 69.57 -96.28
C ALA S 296 9.33 70.16 -97.21
N CYS S 297 8.45 69.32 -97.76
CA CYS S 297 7.38 69.83 -98.61
C CYS S 297 6.48 70.79 -97.84
N ALA S 298 6.10 70.41 -96.61
CA ALA S 298 5.22 71.27 -95.83
C ALA S 298 5.91 72.60 -95.50
N MET S 299 7.18 72.54 -95.10
CA MET S 299 7.91 73.77 -94.77
C MET S 299 8.06 74.66 -96.00
N LEU S 300 8.36 74.06 -97.15
CA LEU S 300 8.45 74.82 -98.38
C LEU S 300 7.13 75.47 -98.72
N GLY S 301 6.03 74.74 -98.54
CA GLY S 301 4.72 75.31 -98.82
C GLY S 301 4.42 76.51 -97.96
N GLU S 302 4.67 76.39 -96.65
CA GLU S 302 4.39 77.52 -95.76
C GLU S 302 5.31 78.70 -96.06
N ARG S 303 6.59 78.44 -96.36
CA ARG S 303 7.49 79.53 -96.71
C ARG S 303 7.06 80.23 -98.00
N LEU S 304 6.64 79.45 -98.99
CA LEU S 304 6.17 80.04 -100.24
C LEU S 304 4.92 80.88 -100.00
N LEU S 305 4.00 80.39 -99.15
CA LEU S 305 2.82 81.17 -98.82
C LEU S 305 3.21 82.47 -98.14
N ASP S 306 4.17 82.41 -97.21
CA ASP S 306 4.61 83.64 -96.53
C ASP S 306 5.20 84.63 -97.52
N THR S 307 6.06 84.15 -98.42
CA THR S 307 6.67 85.04 -99.40
C THR S 307 5.62 85.64 -100.32
N VAL S 308 4.65 84.84 -100.76
CA VAL S 308 3.63 85.33 -101.67
C VAL S 308 2.78 86.41 -101.00
N ASN S 309 2.36 86.15 -99.74
CA ASN S 309 1.53 87.14 -99.06
C ASN S 309 2.33 88.37 -98.67
N ALA S 310 3.65 88.26 -98.51
CA ALA S 310 4.47 89.43 -98.24
C ALA S 310 4.71 90.25 -99.51
N SER S 311 4.79 89.61 -100.66
CA SER S 311 5.01 90.31 -101.92
C SER S 311 3.86 91.27 -102.21
N ALA S 318 -1.31 81.04 -111.66
CA ALA S 318 -2.61 81.05 -112.30
C ALA S 318 -3.35 79.75 -112.04
N GLU S 319 -3.03 78.72 -112.83
CA GLU S 319 -3.67 77.42 -112.61
C GLU S 319 -3.31 76.86 -111.23
N TRP S 320 -2.07 77.06 -110.79
CA TRP S 320 -1.70 76.64 -109.45
C TRP S 320 -2.48 77.41 -108.39
N GLN S 321 -2.70 78.71 -108.61
CA GLN S 321 -3.51 79.48 -107.68
C GLN S 321 -4.94 78.96 -107.63
N GLU S 322 -5.50 78.60 -108.79
CA GLU S 322 -6.84 78.03 -108.81
C GLU S 322 -6.89 76.71 -108.07
N ALA S 323 -5.87 75.87 -108.26
CA ALA S 323 -5.82 74.60 -107.54
C ALA S 323 -5.72 74.82 -106.04
N ILE S 324 -4.92 75.80 -105.62
CA ILE S 324 -4.81 76.12 -104.20
C ILE S 324 -6.15 76.59 -103.66
N ALA S 325 -6.86 77.42 -104.42
CA ALA S 325 -8.17 77.88 -103.98
C ALA S 325 -9.15 76.71 -103.85
N MET S 326 -9.14 75.78 -104.80
CA MET S 326 -10.01 74.61 -104.72
C MET S 326 -9.67 73.77 -103.49
N HIS S 327 -8.38 73.57 -103.23
CA HIS S 327 -7.97 72.81 -102.05
C HIS S 327 -8.40 73.52 -100.77
N VAL S 328 -8.31 74.85 -100.74
CA VAL S 328 -8.76 75.61 -99.58
C VAL S 328 -10.25 75.42 -99.37
N GLU S 329 -11.03 75.48 -100.45
CA GLU S 329 -12.47 75.26 -100.34
C GLU S 329 -12.77 73.86 -99.81
N GLU S 330 -12.05 72.85 -100.32
CA GLU S 330 -12.28 71.49 -99.85
C GLU S 330 -11.94 71.36 -98.37
N ILE S 331 -10.83 71.96 -97.93
CA ILE S 331 -10.45 71.89 -96.53
C ILE S 331 -11.48 72.59 -95.66
N GLU S 332 -11.99 73.74 -96.12
CA GLU S 332 -13.02 74.45 -95.36
C GLU S 332 -14.29 73.60 -95.25
N ALA S 333 -14.67 72.95 -96.35
CA ALA S 333 -15.86 72.09 -96.30
C ALA S 333 -15.65 70.93 -95.33
N GLU S 334 -14.46 70.32 -95.35
CA GLU S 334 -14.18 69.23 -94.43
C GLU S 334 -14.23 69.70 -92.98
N MET S 335 -13.67 70.88 -92.70
CA MET S 335 -13.71 71.42 -91.35
C MET S 335 -15.14 71.70 -90.91
N GLU S 336 -15.95 72.25 -91.82
CA GLU S 336 -17.35 72.52 -91.49
C GLU S 336 -18.08 71.22 -91.19
N GLU S 337 -17.85 70.18 -91.99
CA GLU S 337 -18.48 68.89 -91.74
C GLU S 337 -18.04 68.31 -90.41
N VAL S 338 -16.76 68.40 -90.08
CA VAL S 338 -16.27 67.90 -88.80
C VAL S 338 -16.92 68.64 -87.65
N ALA S 339 -17.02 69.97 -87.77
CA ALA S 339 -17.66 70.76 -86.72
C ALA S 339 -19.12 70.40 -86.56
N ALA S 340 -19.83 70.18 -87.67
CA ALA S 340 -21.24 69.82 -87.61
C ALA S 340 -21.42 68.48 -86.92
N LYS T 1 3.68 21.87 -75.58
CA LYS T 1 3.04 20.83 -74.78
C LYS T 1 3.98 19.64 -74.58
N ASN T 2 4.15 18.84 -75.64
CA ASN T 2 5.06 17.70 -75.62
C ASN T 2 5.90 17.71 -76.89
N SER T 3 7.16 17.29 -76.74
CA SER T 3 8.10 17.26 -77.85
C SER T 3 7.96 16.00 -78.71
N TRP T 4 7.44 14.92 -78.16
CA TRP T 4 7.28 13.68 -78.89
C TRP T 4 5.89 13.58 -79.49
N PRO T 5 5.72 12.82 -80.57
CA PRO T 5 4.42 12.78 -81.26
C PRO T 5 3.34 12.17 -80.38
N GLU T 6 2.10 12.33 -80.85
CA GLU T 6 0.94 11.89 -80.08
C GLU T 6 0.82 10.38 -79.99
N TRP T 7 1.20 9.66 -81.05
CA TRP T 7 1.02 8.21 -81.07
C TRP T 7 1.84 7.50 -80.01
N MET T 8 2.85 8.14 -79.44
CA MET T 8 3.59 7.53 -78.35
C MET T 8 2.79 7.56 -77.04
N ASP T 9 1.84 8.47 -76.92
CA ASP T 9 0.97 8.55 -75.75
C ASP T 9 -0.37 7.85 -75.97
N ASN T 10 -1.03 8.10 -77.11
CA ASN T 10 -2.25 7.40 -77.49
C ASN T 10 -2.07 6.90 -78.91
N GLY T 11 -2.09 5.59 -79.08
CA GLY T 11 -1.71 4.96 -80.34
C GLY T 11 -2.37 5.55 -81.56
N ALA T 12 -1.74 5.35 -82.73
CA ALA T 12 -2.30 5.88 -83.97
C ALA T 12 -3.67 5.27 -84.26
N ASP T 13 -3.80 3.97 -84.06
CA ASP T 13 -5.07 3.28 -84.26
C ASP T 13 -5.85 3.27 -82.95
N GLY T 14 -6.97 2.56 -82.94
CA GLY T 14 -7.78 2.41 -81.75
C GLY T 14 -7.32 1.34 -80.79
N THR T 15 -6.25 0.62 -81.13
CA THR T 15 -5.73 -0.44 -80.28
C THR T 15 -4.52 0.00 -79.46
N GLY T 16 -4.20 1.29 -79.46
CA GLY T 16 -3.03 1.77 -78.74
C GLY T 16 -1.76 1.12 -79.24
N TYR T 17 -1.58 1.10 -80.56
CA TYR T 17 -0.46 0.36 -81.14
C TYR T 17 0.87 0.92 -80.69
N GLY T 18 1.07 2.22 -80.83
CA GLY T 18 2.37 2.82 -80.63
C GLY T 18 2.67 3.34 -79.24
N ILE T 19 1.79 3.13 -78.26
CA ILE T 19 2.03 3.71 -76.94
C ILE T 19 3.10 2.93 -76.21
N GLY T 20 4.08 3.64 -75.68
CA GLY T 20 5.19 3.03 -74.98
C GLY T 20 6.34 4.01 -74.87
N LEU T 21 7.44 3.54 -74.30
CA LEU T 21 8.66 4.31 -74.19
C LEU T 21 9.58 3.97 -75.35
N HIS T 22 10.05 5.01 -76.04
CA HIS T 22 10.88 4.84 -77.23
C HIS T 22 12.16 5.64 -77.06
N ARG T 23 13.31 4.97 -77.22
CA ARG T 23 14.61 5.60 -77.08
C ARG T 23 15.12 5.97 -78.47
N THR T 24 15.56 7.21 -78.63
CA THR T 24 15.96 7.73 -79.93
C THR T 24 17.47 7.94 -79.99
N HIS T 25 18.03 7.65 -81.15
CA HIS T 25 19.46 7.82 -81.35
C HIS T 25 19.83 9.29 -81.23
N PRO T 26 20.97 9.62 -80.62
CA PRO T 26 21.33 11.04 -80.47
C PRO T 26 21.44 11.78 -81.79
N LEU T 27 21.83 11.11 -82.87
CA LEU T 27 21.92 11.73 -84.19
C LEU T 27 20.64 11.56 -85.00
N SER T 28 19.60 10.95 -84.44
CA SER T 28 18.36 10.73 -85.16
C SER T 28 17.52 11.99 -85.15
N ARG T 29 16.93 12.31 -86.31
CA ARG T 29 16.05 13.47 -86.40
C ARG T 29 14.79 13.29 -85.58
N LEU T 30 14.36 12.05 -85.35
CA LEU T 30 13.11 11.80 -84.63
C LEU T 30 13.27 12.17 -83.16
N ARG T 31 12.13 12.25 -82.47
CA ARG T 31 12.10 12.56 -81.06
C ARG T 31 11.29 11.49 -80.32
N GLY T 32 11.81 11.06 -79.18
CA GLY T 32 11.16 10.05 -78.37
C GLY T 32 10.62 10.63 -77.07
N ASN T 33 10.01 9.76 -76.28
CA ASN T 33 9.42 10.13 -75.00
C ASN T 33 10.18 9.57 -73.81
N LEU T 34 11.44 9.19 -74.01
CA LEU T 34 12.30 8.69 -72.94
C LEU T 34 13.09 9.87 -72.39
N LYS T 35 12.52 10.55 -71.39
CA LYS T 35 13.16 11.68 -70.75
C LYS T 35 13.49 11.31 -69.31
N ARG T 36 14.63 11.80 -68.84
CA ARG T 36 15.11 11.54 -67.48
C ARG T 36 15.03 12.76 -66.58
N SER T 37 14.26 13.77 -66.98
CA SER T 37 14.09 14.96 -66.17
C SER T 37 13.29 14.64 -64.91
N PRO T 38 13.39 15.47 -63.88
CA PRO T 38 12.57 15.23 -62.69
C PRO T 38 11.08 15.26 -62.98
N SER T 39 10.64 16.05 -63.96
CA SER T 39 9.22 16.10 -64.30
C SER T 39 8.77 14.86 -65.07
N HIS T 40 9.67 14.24 -65.82
CA HIS T 40 9.32 13.10 -66.66
C HIS T 40 9.58 11.77 -66.00
N VAL T 41 10.42 11.71 -64.96
CA VAL T 41 10.70 10.43 -64.31
C VAL T 41 9.43 9.78 -63.78
N PRO T 42 8.44 10.50 -63.24
CA PRO T 42 7.26 9.78 -62.72
C PRO T 42 6.51 9.02 -63.79
N ARG T 43 6.28 9.62 -64.96
CA ARG T 43 5.48 8.95 -65.98
C ARG T 43 6.21 7.76 -66.58
N VAL T 44 7.51 7.93 -66.88
CA VAL T 44 8.27 6.82 -67.44
C VAL T 44 8.40 5.70 -66.42
N LEU T 45 8.60 6.05 -65.15
CA LEU T 45 8.66 5.04 -64.10
C LEU T 45 7.33 4.29 -63.98
N GLY T 46 6.22 5.02 -64.08
CA GLY T 46 4.92 4.36 -64.04
C GLY T 46 4.71 3.43 -65.21
N MET T 47 5.12 3.87 -66.42
CA MET T 47 5.03 3.00 -67.58
C MET T 47 5.88 1.74 -67.40
N MET T 48 7.09 1.88 -66.87
CA MET T 48 7.93 0.73 -66.63
C MET T 48 7.34 -0.22 -65.61
N ILE T 49 6.73 0.30 -64.55
CA ILE T 49 6.25 -0.53 -63.46
C ILE T 49 4.92 -1.20 -63.81
N GLN T 50 3.95 -0.43 -64.26
CA GLN T 50 2.61 -0.95 -64.51
C GLN T 50 2.12 -0.70 -65.93
N GLY T 51 2.94 -0.14 -66.81
CA GLY T 51 2.54 0.01 -68.18
C GLY T 51 1.42 1.03 -68.35
N VAL T 52 0.72 0.90 -69.48
CA VAL T 52 -0.39 1.77 -69.83
C VAL T 52 -1.63 0.90 -69.98
N TRP T 53 -2.68 1.25 -69.25
CA TRP T 53 -3.96 0.53 -69.33
C TRP T 53 -4.81 1.20 -70.39
N HIS T 54 -4.68 0.72 -71.62
CA HIS T 54 -5.48 1.26 -72.71
C HIS T 54 -6.95 0.91 -72.51
N LYS T 55 -7.83 1.76 -73.02
CA LYS T 55 -9.27 1.59 -72.83
C LYS T 55 -9.85 0.49 -73.69
N SER T 56 -9.03 -0.30 -74.37
CA SER T 56 -9.48 -1.43 -75.16
C SER T 56 -9.52 -2.73 -74.36
N GLY T 57 -9.25 -2.67 -73.06
CA GLY T 57 -9.19 -3.87 -72.25
C GLY T 57 -7.86 -4.59 -72.29
N VAL T 58 -6.85 -4.01 -72.94
CA VAL T 58 -5.53 -4.63 -73.06
C VAL T 58 -4.48 -3.61 -72.64
N LYS T 59 -3.48 -4.09 -71.90
CA LYS T 59 -2.37 -3.27 -71.44
C LYS T 59 -1.28 -3.24 -72.50
N LEU T 60 -0.60 -2.10 -72.60
CA LEU T 60 0.46 -1.89 -73.59
C LEU T 60 1.74 -1.52 -72.88
N TYR T 61 2.84 -2.09 -73.37
CA TYR T 61 4.22 -1.85 -72.95
C TYR T 61 4.53 -2.51 -71.62
N PHE T 62 3.54 -3.03 -70.90
CA PHE T 62 3.80 -3.90 -69.75
C PHE T 62 2.54 -4.67 -69.36
N ARG T 63 2.57 -5.99 -69.49
CA ARG T 63 1.47 -6.84 -69.07
C ARG T 63 2.00 -8.13 -68.47
N GLY T 64 3.11 -8.06 -67.79
CA GLY T 64 3.77 -9.24 -67.28
C GLY T 64 4.48 -8.98 -65.98
N GLY T 65 5.55 -9.73 -65.75
CA GLY T 65 6.29 -9.63 -64.51
C GLY T 65 7.61 -8.91 -64.65
N LYS T 66 8.30 -9.14 -65.76
CA LYS T 66 9.62 -8.53 -65.97
C LYS T 66 9.45 -7.16 -66.62
N PRO T 67 9.77 -6.08 -65.91
CA PRO T 67 9.57 -4.74 -66.49
C PRO T 67 10.55 -4.50 -67.63
N PRO T 68 10.16 -3.71 -68.63
CA PRO T 68 11.08 -3.36 -69.70
C PRO T 68 12.14 -2.38 -69.25
N ASN T 69 13.29 -2.44 -69.92
CA ASN T 69 14.38 -1.50 -69.65
C ASN T 69 14.47 -0.51 -70.80
N PRO T 70 13.86 0.67 -70.68
CA PRO T 70 13.85 1.60 -71.82
C PRO T 70 15.23 2.13 -72.20
N SER T 71 16.25 1.94 -71.36
CA SER T 71 17.58 2.43 -71.65
C SER T 71 18.37 1.50 -72.57
N VAL T 72 17.80 0.37 -72.97
CA VAL T 72 18.50 -0.56 -73.86
C VAL T 72 17.58 -0.93 -75.03
N HIS T 73 16.43 -0.27 -75.12
CA HIS T 73 15.52 -0.56 -76.22
C HIS T 73 16.19 -0.18 -77.54
N PRO T 74 15.90 -0.90 -78.62
CA PRO T 74 16.45 -0.51 -79.93
C PRO T 74 16.02 0.90 -80.30
N TYR T 75 16.92 1.62 -80.95
CA TYR T 75 16.66 3.01 -81.30
C TYR T 75 15.41 3.12 -82.15
N LEU T 76 14.62 4.16 -81.89
CA LEU T 76 13.45 4.43 -82.70
C LEU T 76 13.87 4.73 -84.13
N THR T 77 13.11 4.20 -85.09
CA THR T 77 13.48 4.30 -86.50
C THR T 77 12.37 4.82 -87.40
N GLY T 78 11.16 5.01 -86.89
CA GLY T 78 10.08 5.48 -87.73
C GLY T 78 8.81 5.82 -86.98
N GLU T 79 7.66 5.50 -87.56
CA GLU T 79 6.37 5.81 -86.97
C GLU T 79 5.34 4.84 -87.52
N PRO T 80 4.25 4.62 -86.81
CA PRO T 80 3.20 3.72 -87.31
C PRO T 80 2.37 4.33 -88.42
N CYS T 81 1.74 3.46 -89.19
CA CYS T 81 0.83 3.84 -90.26
C CYS T 81 -0.10 2.65 -90.52
N PRO T 82 -1.42 2.85 -90.46
CA PRO T 82 -2.34 1.70 -90.56
C PRO T 82 -2.26 0.96 -91.89
N LEU T 83 -1.73 1.59 -92.94
CA LEU T 83 -1.68 0.95 -94.24
C LEU T 83 -0.63 -0.16 -94.27
N TYR T 84 0.63 0.20 -94.05
CA TYR T 84 1.73 -0.75 -94.20
C TYR T 84 2.12 -1.42 -92.88
N GLY T 85 1.95 -0.73 -91.75
CA GLY T 85 2.50 -1.22 -90.50
C GLY T 85 3.36 -0.18 -89.82
N TRP T 86 4.66 -0.41 -89.78
CA TRP T 86 5.61 0.55 -89.22
C TRP T 86 6.44 1.14 -90.35
N LYS T 87 6.17 2.41 -90.69
CA LYS T 87 6.90 3.12 -91.73
C LYS T 87 8.24 3.58 -91.15
N VAL T 88 9.32 3.11 -91.75
CA VAL T 88 10.66 3.49 -91.32
C VAL T 88 11.01 4.85 -91.90
N THR T 89 11.41 5.77 -91.05
CA THR T 89 11.80 7.12 -91.45
C THR T 89 13.29 7.37 -91.32
N ASP T 90 13.85 7.12 -90.14
CA ASP T 90 15.28 7.33 -89.90
C ASP T 90 15.99 6.02 -90.18
N GLU T 91 16.35 5.80 -91.46
CA GLU T 91 17.02 4.57 -91.85
C GLU T 91 18.43 4.50 -91.29
N SER T 92 19.11 5.65 -91.16
CA SER T 92 20.47 5.64 -90.64
C SER T 92 20.54 5.02 -89.27
N VAL T 93 19.45 5.04 -88.51
CA VAL T 93 19.44 4.45 -87.18
C VAL T 93 19.75 2.96 -87.26
N ILE T 94 19.12 2.27 -88.22
CA ILE T 94 19.36 0.84 -88.38
C ILE T 94 20.83 0.62 -88.74
N ARG T 95 21.45 -0.33 -88.05
CA ARG T 95 22.87 -0.61 -88.22
C ARG T 95 23.05 -1.79 -89.16
N GLN T 96 23.91 -1.62 -90.17
CA GLN T 96 24.28 -2.68 -91.10
C GLN T 96 25.75 -2.99 -90.86
N PHE T 97 26.06 -4.27 -90.61
CA PHE T 97 27.41 -4.69 -90.25
C PHE T 97 28.14 -5.12 -91.52
N ASN T 98 28.58 -4.13 -92.29
CA ASN T 98 29.28 -4.37 -93.54
C ASN T 98 30.75 -4.66 -93.24
N MET T 99 31.20 -5.87 -93.54
CA MET T 99 32.58 -6.24 -93.33
C MET T 99 33.47 -5.63 -94.42
N PRO T 100 34.76 -5.46 -94.14
CA PRO T 100 35.68 -4.99 -95.19
C PRO T 100 35.87 -6.04 -96.28
N SER T 101 36.24 -5.57 -97.46
CA SER T 101 36.43 -6.45 -98.60
C SER T 101 37.61 -7.39 -98.36
N ILE T 102 37.55 -8.56 -99.00
CA ILE T 102 38.59 -9.56 -98.83
C ILE T 102 39.90 -9.06 -99.45
N ASP T 103 41.02 -9.53 -98.89
CA ASP T 103 42.33 -9.15 -99.39
C ASP T 103 43.34 -10.22 -98.96
N GLY T 104 44.53 -10.17 -99.56
CA GLY T 104 45.57 -11.13 -99.26
C GLY T 104 45.96 -11.14 -97.80
N THR T 105 46.50 -10.01 -97.31
CA THR T 105 46.86 -9.93 -95.90
C THR T 105 45.65 -10.15 -95.00
N ASN T 106 44.46 -9.74 -95.47
CA ASN T 106 43.25 -9.93 -94.68
C ASN T 106 43.01 -11.40 -94.41
N PHE T 107 43.03 -12.23 -95.46
CA PHE T 107 42.80 -13.66 -95.26
C PHE T 107 44.00 -14.35 -94.63
N ARG T 108 45.19 -13.76 -94.73
CA ARG T 108 46.35 -14.33 -94.05
C ARG T 108 46.32 -14.08 -92.55
N TYR T 109 45.68 -12.99 -92.12
CA TYR T 109 45.58 -12.69 -90.71
C TYR T 109 44.69 -13.73 -90.00
N LYS T 110 44.92 -13.87 -88.70
CA LYS T 110 44.16 -14.78 -87.87
C LYS T 110 43.85 -14.10 -86.55
N PRO T 111 42.79 -14.51 -85.85
CA PRO T 111 42.39 -13.76 -84.64
C PRO T 111 43.48 -13.68 -83.58
N TYR T 112 44.30 -14.72 -83.42
CA TYR T 112 45.36 -14.73 -82.43
C TYR T 112 46.70 -14.49 -83.08
N VAL T 113 47.69 -14.14 -82.27
CA VAL T 113 49.04 -13.86 -82.71
C VAL T 113 49.97 -14.93 -82.16
N ALA T 114 50.82 -15.47 -83.04
CA ALA T 114 51.74 -16.52 -82.62
C ALA T 114 52.77 -15.97 -81.64
N LEU T 115 53.42 -16.89 -80.93
CA LEU T 115 54.40 -16.56 -79.92
C LEU T 115 55.80 -16.88 -80.45
N GLN T 116 56.69 -15.92 -80.35
CA GLN T 116 58.07 -16.09 -80.83
C GLN T 116 58.75 -17.26 -80.12
N PHE U 1 -1.24 -13.38 35.48
CA PHE U 1 -2.51 -12.78 35.11
C PHE U 1 -2.29 -11.53 34.27
N GLY U 2 -3.36 -10.74 34.09
CA GLY U 2 -3.28 -9.52 33.32
C GLY U 2 -4.60 -8.77 33.30
N GLY U 3 -4.56 -7.46 33.48
CA GLY U 3 -5.76 -6.66 33.52
C GLY U 3 -6.38 -6.48 32.15
N PHE U 4 -7.45 -5.70 32.08
CA PHE U 4 -8.10 -5.47 30.79
C PHE U 4 -7.18 -4.73 29.83
N GLY U 5 -6.39 -3.78 30.33
CA GLY U 5 -5.55 -2.99 29.46
C GLY U 5 -4.55 -3.83 28.70
N MET U 6 -3.92 -4.79 29.37
CA MET U 6 -2.90 -5.62 28.73
C MET U 6 -3.48 -6.35 27.53
N SER U 7 -2.71 -6.42 26.46
CA SER U 7 -3.13 -7.10 25.24
C SER U 7 -2.74 -8.56 25.30
N VAL U 8 -3.68 -9.42 24.92
CA VAL U 8 -3.45 -10.86 24.98
C VAL U 8 -2.42 -11.27 23.94
N TYR U 9 -1.45 -12.08 24.36
CA TYR U 9 -0.43 -12.63 23.47
C TYR U 9 -0.19 -14.08 23.91
N THR U 10 -0.88 -15.01 23.26
CA THR U 10 -0.75 -16.42 23.59
C THR U 10 0.71 -16.85 23.47
N PRO U 11 1.39 -17.14 24.57
CA PRO U 11 2.79 -17.53 24.49
C PRO U 11 2.97 -18.98 24.09
N LYS U 12 4.12 -19.26 23.47
CA LYS U 12 4.48 -20.64 23.16
C LYS U 12 4.57 -21.46 24.43
N LYS U 13 3.95 -22.63 24.42
CA LYS U 13 3.98 -23.49 25.59
C LYS U 13 5.40 -23.97 25.84
N ASP U 14 5.79 -24.02 27.12
CA ASP U 14 7.13 -24.40 27.53
C ASP U 14 7.23 -25.92 27.48
N ARG U 15 7.69 -26.45 26.35
CA ARG U 15 7.84 -27.89 26.18
C ARG U 15 9.18 -28.36 26.73
N ARG U 16 9.49 -27.99 27.97
CA ARG U 16 10.73 -28.40 28.63
C ARG U 16 10.44 -29.49 29.65
N PHE U 17 11.50 -30.09 30.15
CA PHE U 17 11.41 -31.19 31.11
C PHE U 17 11.48 -30.60 32.52
N ARG U 18 10.36 -30.64 33.22
CA ARG U 18 10.26 -30.08 34.56
C ARG U 18 10.68 -31.11 35.59
N VAL U 19 11.46 -30.68 36.59
CA VAL U 19 11.81 -31.57 37.68
C VAL U 19 10.57 -31.89 38.49
N GLN U 20 10.41 -33.17 38.81
CA GLN U 20 9.22 -33.62 39.52
C GLN U 20 9.17 -32.99 40.92
N PRO U 21 7.98 -32.71 41.43
CA PRO U 21 7.88 -32.15 42.79
C PRO U 21 8.28 -33.17 43.84
N LEU U 22 8.78 -32.66 44.96
CA LEU U 22 9.27 -33.48 46.06
C LEU U 22 8.34 -33.38 47.27
N PRO U 23 8.35 -34.36 48.15
CA PRO U 23 7.60 -34.23 49.41
C PRO U 23 8.11 -33.04 50.21
N SER U 24 7.18 -32.37 50.88
CA SER U 24 7.48 -31.15 51.63
C SER U 24 7.25 -31.39 53.12
N LEU U 25 8.12 -30.82 53.94
CA LEU U 25 8.01 -30.89 55.39
C LEU U 25 8.02 -29.47 55.95
N HIS U 26 7.30 -29.28 57.07
CA HIS U 26 7.21 -27.98 57.70
C HIS U 26 8.18 -27.79 58.86
N ALA U 27 8.58 -28.89 59.52
CA ALA U 27 9.51 -28.83 60.63
C ALA U 27 10.95 -29.13 60.21
N ASN U 28 11.16 -30.24 59.49
CA ASN U 28 12.49 -30.56 59.01
C ASN U 28 13.02 -29.49 58.07
N SER U 29 12.15 -28.95 57.20
CA SER U 29 12.57 -27.92 56.28
C SER U 29 13.07 -26.69 57.01
N LEU U 30 12.37 -26.28 58.07
CA LEU U 30 12.72 -25.08 58.81
C LEU U 30 13.78 -25.31 59.87
N ALA U 31 14.12 -26.56 60.17
CA ALA U 31 15.22 -26.85 61.09
C ALA U 31 16.55 -26.53 60.42
N ASP U 32 17.48 -25.94 61.18
CA ASP U 32 18.76 -25.54 60.62
C ASP U 32 19.75 -26.68 60.57
N ASP U 33 19.72 -27.57 61.57
CA ASP U 33 20.65 -28.69 61.59
C ASP U 33 20.27 -29.76 60.58
N THR U 34 18.99 -30.05 60.45
CA THR U 34 18.55 -31.13 59.57
C THR U 34 18.41 -30.62 58.12
N PRO U 35 19.07 -31.25 57.16
CA PRO U 35 18.98 -30.79 55.77
C PRO U 35 17.64 -31.19 55.14
N LEU U 36 17.34 -30.56 54.01
CA LEU U 36 16.12 -30.89 53.28
C LEU U 36 16.13 -32.34 52.81
N VAL U 37 17.27 -32.80 52.29
CA VAL U 37 17.34 -34.15 51.74
C VAL U 37 17.12 -35.17 52.85
N THR U 38 16.37 -36.22 52.53
CA THR U 38 16.14 -37.35 53.43
C THR U 38 16.40 -38.62 52.63
N THR U 39 17.66 -39.05 52.58
CA THR U 39 18.08 -40.22 51.83
C THR U 39 18.53 -41.29 52.81
N THR U 40 17.93 -42.47 52.72
CA THR U 40 18.30 -43.60 53.56
C THR U 40 17.85 -44.86 52.85
N ARG U 41 18.78 -45.53 52.19
CA ARG U 41 18.48 -46.69 51.36
C ARG U 41 19.35 -47.88 51.78
N THR U 42 19.24 -48.97 51.01
CA THR U 42 19.88 -50.22 51.40
C THR U 42 21.40 -50.07 51.53
N LEU U 43 22.02 -49.41 50.55
CA LEU U 43 23.47 -49.28 50.51
C LEU U 43 23.95 -48.00 51.19
N SER U 44 23.05 -47.25 51.83
CA SER U 44 23.47 -46.05 52.56
C SER U 44 24.53 -46.34 53.62
N PRO U 45 24.40 -47.37 54.47
CA PRO U 45 25.40 -47.55 55.52
C PRO U 45 26.80 -47.86 55.01
N ASN U 46 26.94 -48.30 53.77
CA ASN U 46 28.24 -48.62 53.21
C ASN U 46 29.01 -47.39 52.73
N PHE U 47 28.39 -46.21 52.76
CA PHE U 47 29.06 -44.97 52.35
C PHE U 47 29.60 -44.28 53.61
N ARG U 48 30.70 -44.81 54.12
CA ARG U 48 31.34 -44.26 55.30
C ARG U 48 31.92 -42.89 54.99
N ALA U 49 31.80 -41.96 55.93
CA ALA U 49 32.27 -40.60 55.76
C ALA U 49 33.38 -40.31 56.77
N PHE U 50 34.46 -39.68 56.29
CA PHE U 50 35.58 -39.26 57.11
C PHE U 50 35.85 -37.79 56.88
N ALA U 51 36.41 -37.13 57.88
CA ALA U 51 36.74 -35.72 57.79
C ALA U 51 38.11 -35.54 57.14
N LEU U 52 38.32 -34.36 56.56
CA LEU U 52 39.61 -33.99 56.00
C LEU U 52 40.06 -32.68 56.62
N GLN U 53 41.39 -32.55 56.77
CA GLN U 53 41.93 -31.35 57.41
C GLN U 53 41.55 -30.09 56.63
N ASP U 54 41.64 -30.15 55.30
CA ASP U 54 41.26 -28.99 54.49
C ASP U 54 39.81 -28.60 54.75
N GLY U 55 38.94 -29.60 54.99
CA GLY U 55 37.55 -29.34 55.26
C GLY U 55 36.63 -30.31 54.54
N GLY U 56 37.16 -31.03 53.56
CA GLY U 56 36.35 -31.91 52.75
C GLY U 56 35.95 -33.18 53.47
N VAL U 57 35.14 -33.98 52.78
CA VAL U 57 34.67 -35.26 53.29
C VAL U 57 35.15 -36.35 52.35
N PHE U 58 35.76 -37.38 52.95
CA PHE U 58 36.30 -38.53 52.23
C PHE U 58 35.31 -39.68 52.38
N PHE U 59 34.75 -40.14 51.28
CA PHE U 59 33.73 -41.18 51.31
C PHE U 59 34.33 -42.51 50.88
N THR U 60 34.17 -43.53 51.72
CA THR U 60 34.54 -44.90 51.40
C THR U 60 33.27 -45.66 51.05
N HIS U 61 33.20 -46.14 49.81
CA HIS U 61 32.01 -46.79 49.29
C HIS U 61 32.40 -48.05 48.54
N PRO U 62 31.49 -49.01 48.41
CA PRO U 62 31.81 -50.21 47.64
C PRO U 62 31.98 -49.92 46.16
N SER U 63 32.63 -50.80 45.44
CA SER U 63 32.93 -50.59 44.03
C SER U 63 31.71 -50.92 43.18
N HIS U 64 31.79 -50.54 41.91
CA HIS U 64 30.72 -50.83 40.97
C HIS U 64 30.44 -52.33 40.93
N GLU U 65 31.51 -53.13 40.91
CA GLU U 65 31.35 -54.58 40.94
C GLU U 65 30.61 -55.03 42.18
N GLN U 66 30.96 -54.49 43.35
CA GLN U 66 30.31 -54.91 44.57
C GLN U 66 28.83 -54.53 44.58
N VAL U 67 28.50 -53.33 44.11
CA VAL U 67 27.10 -52.91 44.07
C VAL U 67 26.31 -53.81 43.12
N MET U 68 26.87 -54.10 41.94
CA MET U 68 26.19 -54.97 41.01
C MET U 68 26.02 -56.37 41.58
N ARG U 69 27.02 -56.86 42.32
CA ARG U 69 26.91 -58.16 42.96
C ARG U 69 25.81 -58.17 44.01
N VAL U 70 25.69 -57.09 44.78
CA VAL U 70 24.60 -57.01 45.76
C VAL U 70 23.26 -57.03 45.06
N GLY U 71 23.13 -56.29 43.96
CA GLY U 71 21.90 -56.32 43.20
C GLY U 71 21.59 -57.71 42.67
N GLN U 72 22.60 -58.41 42.18
CA GLN U 72 22.42 -59.78 41.69
C GLN U 72 21.97 -60.70 42.81
N ASN U 73 22.55 -60.56 43.99
CA ASN U 73 22.15 -61.38 45.13
C ASN U 73 20.70 -61.11 45.50
N ILE U 74 20.30 -59.84 45.51
CA ILE U 74 18.91 -59.51 45.82
C ILE U 74 17.98 -60.11 44.78
N LEU U 75 18.36 -60.02 43.50
CA LEU U 75 17.54 -60.61 42.44
C LEU U 75 17.39 -62.11 42.63
N ALA U 76 18.50 -62.79 42.95
CA ALA U 76 18.43 -64.24 43.17
C ALA U 76 17.55 -64.57 44.36
N GLU U 77 17.67 -63.80 45.45
CA GLU U 77 16.82 -64.04 46.61
C GLU U 77 15.36 -63.84 46.28
N GLU U 78 15.04 -62.82 45.48
CA GLU U 78 13.65 -62.60 45.08
C GLU U 78 13.13 -63.73 44.18
N THR U 79 13.96 -64.22 43.27
CA THR U 79 13.50 -65.15 42.25
C THR U 79 13.55 -66.62 42.69
N LYS U 80 14.29 -66.95 43.75
CA LYS U 80 14.40 -68.36 44.13
C LYS U 80 13.05 -68.94 44.53
N ALA U 81 12.25 -68.18 45.29
CA ALA U 81 10.99 -68.72 45.79
C ALA U 81 10.01 -69.02 44.65
N THR U 82 9.90 -68.10 43.69
CA THR U 82 8.91 -68.21 42.63
C THR U 82 9.48 -68.81 41.34
N GLY U 83 10.73 -69.21 41.33
CA GLY U 83 11.32 -69.73 40.11
C GLY U 83 11.76 -68.64 39.17
N MET U 84 12.90 -68.88 38.51
CA MET U 84 13.46 -67.89 37.60
C MET U 84 12.51 -67.65 36.43
N THR U 85 12.33 -66.38 36.09
CA THR U 85 11.56 -65.99 34.91
C THR U 85 12.51 -65.70 33.76
N SER U 86 11.96 -65.60 32.56
CA SER U 86 12.78 -65.27 31.39
C SER U 86 13.46 -63.91 31.55
N MET U 87 12.69 -62.91 31.94
CA MET U 87 13.26 -61.58 32.14
C MET U 87 14.23 -61.57 33.31
N ASP U 88 13.93 -62.31 34.38
CA ASP U 88 14.86 -62.38 35.51
C ASP U 88 16.18 -63.00 35.08
N THR U 89 16.14 -64.06 34.30
CA THR U 89 17.36 -64.69 33.82
C THR U 89 18.13 -63.75 32.89
N TYR U 90 17.42 -63.03 32.02
CA TYR U 90 18.09 -62.08 31.15
C TYR U 90 18.77 -60.98 31.97
N VAL U 91 18.09 -60.48 32.99
CA VAL U 91 18.67 -59.42 33.82
C VAL U 91 19.88 -59.95 34.58
N ASN U 92 19.79 -61.18 35.09
CA ASN U 92 20.93 -61.76 35.78
C ASN U 92 22.13 -61.91 34.85
N SER U 93 21.88 -62.35 33.61
CA SER U 93 22.97 -62.46 32.65
C SER U 93 23.58 -61.11 32.36
N ARG U 94 22.75 -60.09 32.17
CA ARG U 94 23.26 -58.74 31.92
C ARG U 94 24.09 -58.25 33.09
N ILE U 95 23.62 -58.48 34.32
CA ILE U 95 24.34 -58.02 35.50
C ILE U 95 25.69 -58.71 35.60
N GLN U 96 25.72 -60.03 35.37
CA GLN U 96 26.98 -60.76 35.45
C GLN U 96 27.95 -60.28 34.38
N SER U 97 27.46 -60.08 33.16
CA SER U 97 28.33 -59.60 32.09
C SER U 97 28.89 -58.22 32.41
N ILE U 98 28.04 -57.34 32.95
CA ILE U 98 28.52 -56.00 33.33
C ILE U 98 29.57 -56.11 34.42
N ILE U 99 29.35 -57.00 35.39
CA ILE U 99 30.31 -57.16 36.48
C ILE U 99 31.66 -57.60 35.94
N ALA U 100 31.65 -58.58 35.04
CA ALA U 100 32.91 -59.17 34.57
C ALA U 100 33.52 -58.43 33.38
N GLU U 101 32.82 -57.44 32.82
CA GLU U 101 33.31 -56.76 31.63
C GLU U 101 34.50 -55.87 31.96
N ASN U 102 35.49 -55.87 31.05
CA ASN U 102 36.61 -54.95 31.12
C ASN U 102 36.65 -53.97 29.95
N THR U 103 35.67 -54.03 29.04
CA THR U 103 35.62 -53.15 27.88
C THR U 103 34.18 -52.77 27.57
N VAL U 104 33.95 -52.20 26.39
CA VAL U 104 32.63 -51.74 25.99
C VAL U 104 32.10 -52.65 24.88
N GLU U 105 30.84 -53.04 25.02
CA GLU U 105 30.15 -53.90 24.05
C GLU U 105 29.30 -53.01 23.15
N ASN U 106 29.74 -52.86 21.90
CA ASN U 106 29.07 -51.99 20.94
C ASN U 106 28.19 -52.76 19.95
N VAL U 107 28.03 -54.07 20.15
CA VAL U 107 27.28 -54.91 19.23
C VAL U 107 26.00 -55.36 19.91
N ALA U 108 24.94 -55.50 19.11
CA ALA U 108 23.67 -55.95 19.64
C ALA U 108 23.81 -57.34 20.26
N LEU U 109 23.25 -57.50 21.46
CA LEU U 109 23.33 -58.79 22.14
C LEU U 109 22.60 -59.87 21.34
N SER U 110 21.43 -59.54 20.78
CA SER U 110 20.66 -60.50 20.01
C SER U 110 21.34 -60.90 18.71
N HIS U 111 22.40 -60.19 18.29
CA HIS U 111 23.08 -60.54 17.04
C HIS U 111 23.70 -61.92 17.14
N TRP U 112 24.32 -62.24 18.27
CA TRP U 112 24.93 -63.55 18.43
C TRP U 112 23.89 -64.65 18.36
N ARG U 113 22.74 -64.46 19.02
CA ARG U 113 21.67 -65.44 18.96
C ARG U 113 21.15 -65.59 17.54
N ARG U 114 20.99 -64.48 16.83
CA ARG U 114 20.53 -64.55 15.44
C ARG U 114 21.50 -65.36 14.59
N ARG U 115 22.80 -65.13 14.78
CA ARG U 115 23.79 -65.86 14.00
C ARG U 115 23.79 -67.35 14.34
N HIS U 116 23.66 -67.68 15.62
CA HIS U 116 23.78 -69.07 16.07
C HIS U 116 22.46 -69.82 16.10
N MET U 117 21.37 -69.19 15.67
CA MET U 117 20.08 -69.89 15.61
C MET U 117 20.12 -71.15 14.76
N TRP U 118 21.19 -71.38 13.99
CA TRP U 118 21.31 -72.64 13.28
C TRP U 118 21.68 -73.79 14.20
N ASN U 119 22.16 -73.51 15.41
CA ASN U 119 22.33 -74.55 16.41
C ASN U 119 21.02 -74.95 17.05
N LEU U 120 20.02 -74.07 17.04
CA LEU U 120 18.71 -74.38 17.62
C LEU U 120 17.78 -74.98 16.56
N VAL U 121 17.53 -74.24 15.47
CA VAL U 121 16.66 -74.76 14.42
C VAL U 121 17.40 -75.84 13.65
N ARG U 122 16.77 -77.01 13.54
CA ARG U 122 17.39 -78.18 12.94
C ARG U 122 16.93 -78.32 11.49
N THR U 123 17.89 -78.52 10.60
CA THR U 123 17.62 -78.69 9.17
C THR U 123 17.76 -80.17 8.82
N HIS U 124 16.85 -80.66 7.99
CA HIS U 124 16.86 -82.06 7.59
C HIS U 124 17.66 -82.25 6.31
N GLY U 125 17.94 -83.51 5.99
CA GLY U 125 18.62 -83.85 4.77
C GLY U 125 20.12 -83.62 4.86
N LYS U 126 20.78 -83.82 3.71
CA LYS U 126 22.22 -83.61 3.63
C LYS U 126 22.61 -82.15 3.67
N LEU U 127 21.65 -81.24 3.58
CA LEU U 127 21.94 -79.81 3.65
C LEU U 127 22.08 -79.31 5.09
N GLN U 128 21.85 -80.17 6.07
CA GLN U 128 21.97 -79.75 7.47
C GLN U 128 23.36 -79.22 7.75
N ARG U 129 23.43 -78.15 8.54
CA ARG U 129 24.68 -77.48 8.83
C ARG U 129 25.24 -77.99 10.16
N HIS U 130 26.53 -78.31 10.15
CA HIS U 130 27.24 -78.72 11.35
C HIS U 130 28.59 -78.02 11.37
N TRP U 131 29.20 -77.97 12.56
CA TRP U 131 30.46 -77.26 12.70
C TRP U 131 31.50 -77.81 11.74
N GLY U 132 32.19 -76.91 11.04
CA GLY U 132 33.24 -77.31 10.13
C GLY U 132 32.73 -78.02 8.89
N VAL U 133 32.04 -77.30 8.02
CA VAL U 133 31.53 -77.88 6.78
C VAL U 133 32.58 -77.76 5.68
N SER V 1 52.17 -30.63 19.58
CA SER V 1 53.10 -31.55 20.21
C SER V 1 52.35 -32.69 20.88
N ARG V 2 52.85 -33.92 20.69
CA ARG V 2 52.24 -35.10 21.28
C ARG V 2 53.35 -36.05 21.70
N ASN V 3 53.42 -36.36 22.99
CA ASN V 3 54.43 -37.26 23.54
C ASN V 3 55.83 -36.77 23.21
N GLY V 4 56.01 -35.45 23.27
CA GLY V 4 57.30 -34.84 23.08
C GLY V 4 57.74 -34.68 21.64
N GLU V 5 56.91 -35.08 20.67
CA GLU V 5 57.23 -34.97 19.26
C GLU V 5 56.26 -34.03 18.58
N LEU V 6 56.81 -33.03 17.88
CA LEU V 6 55.97 -32.05 17.20
C LEU V 6 55.24 -32.70 16.04
N CYS V 7 53.94 -32.42 15.95
CA CYS V 7 53.14 -32.94 14.85
C CYS V 7 53.53 -32.33 13.51
N LEU V 8 53.85 -31.03 13.48
CA LEU V 8 54.27 -30.39 12.25
C LEU V 8 55.63 -30.94 11.83
N LYS V 9 55.78 -31.20 10.53
CA LYS V 9 57.02 -31.70 9.97
C LYS V 9 57.79 -30.63 9.21
N LYS V 10 57.15 -30.01 8.22
CA LYS V 10 57.83 -29.00 7.41
C LYS V 10 56.92 -27.81 7.19
N VAL V 11 57.54 -26.68 6.90
CA VAL V 11 56.83 -25.44 6.56
C VAL V 11 57.40 -24.92 5.25
N ILE V 12 56.53 -24.78 4.26
CA ILE V 12 56.90 -24.24 2.96
C ILE V 12 56.62 -22.74 2.97
N ILE V 13 57.64 -21.96 2.59
CA ILE V 13 57.52 -20.51 2.50
C ILE V 13 58.01 -20.12 1.12
N SER V 14 57.09 -19.67 0.26
CA SER V 14 57.42 -19.23 -1.09
C SER V 14 57.52 -17.71 -1.10
N TYR V 15 58.58 -17.21 -1.73
CA TYR V 15 58.83 -15.77 -1.75
C TYR V 15 59.61 -15.43 -3.00
N CYS V 16 59.61 -14.14 -3.34
CA CYS V 16 60.40 -13.63 -4.46
C CYS V 16 61.61 -12.91 -3.91
N PRO V 17 62.84 -13.33 -4.21
CA PRO V 17 64.01 -12.65 -3.64
C PRO V 17 64.13 -11.18 -4.04
N SER V 18 63.24 -10.67 -4.89
CA SER V 18 63.27 -9.27 -5.28
C SER V 18 61.91 -8.89 -5.86
N ASN V 19 61.70 -7.59 -6.01
CA ASN V 19 60.55 -7.05 -6.73
C ASN V 19 59.25 -7.73 -6.33
N GLY V 20 58.91 -7.57 -5.05
CA GLY V 20 57.68 -8.15 -4.52
C GLY V 20 57.35 -7.52 -3.20
N ALA V 21 56.25 -7.99 -2.61
CA ALA V 21 55.82 -7.44 -1.34
C ALA V 21 56.90 -7.71 -0.29
N PRO V 22 57.40 -6.68 0.40
CA PRO V 22 58.51 -6.88 1.33
C PRO V 22 58.21 -7.85 2.46
N ASN V 23 56.94 -8.05 2.82
CA ASN V 23 56.61 -8.71 4.08
C ASN V 23 57.33 -10.04 4.26
N THR V 24 57.31 -10.89 3.23
CA THR V 24 57.91 -12.22 3.39
C THR V 24 59.42 -12.15 3.56
N ARG V 25 60.09 -11.32 2.75
CA ARG V 25 61.54 -11.19 2.89
C ARG V 25 61.91 -10.61 4.24
N GLN V 26 61.15 -9.61 4.71
CA GLN V 26 61.41 -9.03 6.02
C GLN V 26 61.22 -10.06 7.12
N PHE V 27 60.18 -10.90 6.99
CA PHE V 27 59.99 -11.98 7.96
C PHE V 27 61.17 -12.93 7.95
N LEU V 28 61.63 -13.32 6.75
CA LEU V 28 62.78 -14.21 6.65
C LEU V 28 63.99 -13.60 7.35
N ALA V 29 64.22 -12.30 7.15
CA ALA V 29 65.39 -11.66 7.72
C ALA V 29 65.29 -11.52 9.24
N THR V 30 64.11 -11.19 9.76
CA THR V 30 63.97 -10.80 11.16
C THR V 30 63.45 -11.93 12.04
N HIS V 31 62.27 -12.48 11.73
CA HIS V 31 61.60 -13.40 12.63
C HIS V 31 61.98 -14.85 12.42
N LEU V 32 62.27 -15.25 11.18
CA LEU V 32 62.51 -16.66 10.90
C LEU V 32 63.62 -17.26 11.75
N PRO V 33 64.76 -16.59 11.98
CA PRO V 33 65.80 -17.21 12.81
C PRO V 33 65.31 -17.59 14.20
N HIS V 34 64.48 -16.75 14.81
CA HIS V 34 63.96 -17.05 16.14
C HIS V 34 63.08 -18.28 16.12
N PHE V 35 62.21 -18.38 15.11
CA PHE V 35 61.36 -19.55 14.98
C PHE V 35 62.19 -20.81 14.77
N HIS V 36 63.22 -20.72 13.93
CA HIS V 36 64.10 -21.86 13.70
C HIS V 36 64.78 -22.29 14.99
N ALA V 37 65.25 -21.33 15.78
CA ALA V 37 65.88 -21.66 17.05
C ALA V 37 64.88 -22.33 17.99
N LYS V 38 63.65 -21.84 18.04
CA LYS V 38 62.67 -22.41 18.94
C LYS V 38 62.28 -23.83 18.53
N TYR V 39 62.12 -24.07 17.23
CA TYR V 39 61.65 -25.35 16.70
C TYR V 39 62.63 -25.83 15.63
N PRO V 40 63.82 -26.29 16.03
CA PRO V 40 64.77 -26.80 15.03
C PRO V 40 64.27 -28.04 14.30
N SER V 41 63.34 -28.80 14.89
CA SER V 41 62.84 -30.00 14.22
C SER V 41 62.10 -29.67 12.94
N VAL V 42 61.29 -28.61 12.95
CA VAL V 42 60.52 -28.25 11.77
C VAL V 42 61.46 -27.90 10.63
N SER V 43 61.20 -28.48 9.46
CA SER V 43 62.04 -28.27 8.28
C SER V 43 61.49 -27.09 7.48
N ILE V 44 62.28 -26.03 7.38
CA ILE V 44 61.88 -24.83 6.63
C ILE V 44 62.29 -25.03 5.18
N ASP V 45 61.33 -24.89 4.28
CA ASP V 45 61.55 -25.04 2.84
C ASP V 45 61.29 -23.68 2.19
N LEU V 46 62.38 -22.96 1.89
CA LEU V 46 62.28 -21.66 1.24
C LEU V 46 62.27 -21.85 -0.27
N ARG V 47 61.24 -21.31 -0.93
CA ARG V 47 61.06 -21.48 -2.36
C ARG V 47 61.12 -20.13 -3.06
N PRO V 48 62.23 -19.80 -3.72
CA PRO V 48 62.28 -18.59 -4.55
C PRO V 48 61.42 -18.77 -5.80
N ARG V 49 60.61 -17.76 -6.10
CA ARG V 49 59.74 -17.78 -7.26
C ARG V 49 59.72 -16.38 -7.89
N LEU V 50 59.41 -16.34 -9.18
CA LEU V 50 59.20 -15.07 -9.86
C LEU V 50 57.84 -14.48 -9.54
N TRP V 51 56.83 -15.32 -9.33
CA TRP V 51 55.48 -14.90 -8.92
C TRP V 51 55.12 -15.72 -7.69
N PRO V 52 55.56 -15.28 -6.51
CA PRO V 52 55.43 -16.11 -5.31
C PRO V 52 53.97 -16.38 -4.97
N GLU V 53 53.78 -17.41 -4.14
CA GLU V 53 52.45 -17.87 -3.76
C GLU V 53 51.79 -16.99 -2.73
N MET V 54 52.54 -16.15 -2.02
CA MET V 54 51.98 -15.27 -0.99
C MET V 54 51.21 -16.09 0.05
N ALA V 55 51.76 -17.24 0.42
CA ALA V 55 51.17 -18.07 1.44
C ALA V 55 52.25 -18.90 2.11
N ILE V 56 51.96 -19.36 3.32
CA ILE V 56 52.84 -20.25 4.06
C ILE V 56 52.08 -21.54 4.33
N THR V 57 52.68 -22.66 3.96
CA THR V 57 52.06 -23.97 4.12
C THR V 57 52.78 -24.74 5.21
N GLY V 58 52.05 -25.64 5.86
CA GLY V 58 52.63 -26.51 6.85
C GLY V 58 52.18 -27.94 6.66
N VAL V 59 53.13 -28.84 6.41
CA VAL V 59 52.86 -30.26 6.23
C VAL V 59 53.17 -30.96 7.54
N TYR V 60 52.19 -31.74 8.03
CA TYR V 60 52.22 -32.29 9.37
C TYR V 60 52.62 -33.77 9.34
N ARG V 61 52.58 -34.39 10.52
CA ARG V 61 53.05 -35.77 10.68
C ARG V 61 52.17 -36.77 9.93
N ASP V 62 50.89 -36.48 9.75
CA ASP V 62 49.96 -37.41 9.12
C ASP V 62 49.82 -37.16 7.62
N GLY V 63 50.63 -36.27 7.06
CA GLY V 63 50.57 -35.95 5.65
C GLY V 63 49.63 -34.82 5.29
N SER V 64 48.83 -34.34 6.24
CA SER V 64 47.93 -33.23 5.97
C SER V 64 48.71 -31.93 5.84
N GLU V 65 48.08 -30.92 5.25
CA GLU V 65 48.69 -29.62 5.06
C GLU V 65 47.70 -28.52 5.45
N ARG V 66 48.23 -27.47 6.07
CA ARG V 66 47.44 -26.30 6.43
C ARG V 66 48.13 -25.07 5.87
N SER V 67 47.41 -24.27 5.10
CA SER V 67 47.97 -23.10 4.42
C SER V 67 47.34 -21.83 4.97
N TYR V 68 48.17 -20.79 5.07
CA TYR V 68 47.73 -19.46 5.49
C TYR V 68 48.14 -18.45 4.44
N ASN V 69 47.26 -17.48 4.22
CA ASN V 69 47.50 -16.41 3.25
C ASN V 69 48.32 -15.30 3.89
N THR V 70 49.17 -14.66 3.08
CA THR V 70 49.99 -13.55 3.53
C THR V 70 50.09 -12.47 2.47
N LYS V 71 49.01 -12.27 1.70
CA LYS V 71 49.05 -11.35 0.57
C LYS V 71 49.71 -10.03 0.94
N ASN V 72 49.13 -9.32 1.90
CA ASN V 72 49.72 -8.08 2.43
C ASN V 72 49.99 -8.19 3.93
N LEU V 73 50.00 -9.39 4.46
CA LEU V 73 50.20 -9.59 5.88
C LEU V 73 51.60 -9.12 6.29
N SER V 74 51.67 -8.54 7.49
CA SER V 74 52.93 -8.05 8.02
C SER V 74 53.83 -9.20 8.42
N PRO V 75 55.14 -8.96 8.55
CA PRO V 75 56.03 -10.03 9.03
C PRO V 75 55.63 -10.57 10.39
N MET V 76 55.13 -9.72 11.29
CA MET V 76 54.64 -10.20 12.57
C MET V 76 53.44 -11.13 12.38
N GLY V 77 52.53 -10.77 11.48
CA GLY V 77 51.41 -11.65 11.21
C GLY V 77 51.85 -12.99 10.63
N ILE V 78 52.83 -12.96 9.72
CA ILE V 78 53.35 -14.20 9.16
C ILE V 78 53.97 -15.06 10.25
N PHE V 79 54.74 -14.44 11.15
CA PHE V 79 55.35 -15.17 12.25
C PHE V 79 54.28 -15.79 13.15
N LEU V 80 53.23 -15.02 13.46
CA LEU V 80 52.16 -15.54 14.32
C LEU V 80 51.45 -16.71 13.66
N ARG V 81 51.19 -16.62 12.35
CA ARG V 81 50.52 -17.73 11.68
C ARG V 81 51.42 -18.95 11.56
N LEU V 82 52.73 -18.74 11.40
CA LEU V 82 53.66 -19.87 11.43
C LEU V 82 53.63 -20.55 12.79
N ASN V 83 53.61 -19.78 13.87
CA ASN V 83 53.52 -20.37 15.19
C ASN V 83 52.19 -21.08 15.40
N ASN V 84 51.11 -20.55 14.80
CA ASN V 84 49.83 -21.24 14.84
C ASN V 84 49.92 -22.59 14.14
N LEU V 85 50.58 -22.62 12.98
CA LEU V 85 50.80 -23.89 12.29
C LEU V 85 51.54 -24.87 13.19
N VAL V 86 52.59 -24.40 13.86
CA VAL V 86 53.35 -25.29 14.75
C VAL V 86 52.45 -25.80 15.87
N SER V 87 51.67 -24.92 16.47
CA SER V 87 50.87 -25.29 17.63
C SER V 87 49.80 -26.33 17.26
N THR V 88 49.03 -26.05 16.21
CA THR V 88 47.94 -26.94 15.85
C THR V 88 48.49 -28.28 15.36
N ALA V 89 47.76 -29.34 15.68
CA ALA V 89 48.08 -30.68 15.21
C ALA V 89 47.39 -31.03 13.90
N ASN V 90 46.43 -30.22 13.45
CA ASN V 90 45.77 -30.41 12.17
C ASN V 90 45.21 -31.83 12.06
N ASP V 91 44.40 -32.21 13.05
CA ASP V 91 43.78 -33.52 13.10
C ASP V 91 42.25 -33.46 13.15
N TYR V 92 41.68 -32.48 13.84
CA TYR V 92 40.25 -32.40 14.02
C TYR V 92 39.81 -30.95 14.01
N ASP V 93 38.54 -30.73 13.66
CA ASP V 93 37.93 -29.41 13.62
C ASP V 93 36.63 -29.42 14.41
N GLN V 94 36.66 -29.98 15.61
CA GLN V 94 35.47 -30.07 16.43
C GLN V 94 35.11 -28.70 17.00
N PRO V 95 33.86 -28.49 17.36
CA PRO V 95 33.45 -27.23 17.99
C PRO V 95 33.77 -27.21 19.48
N PHE V 96 33.75 -26.02 20.05
CA PHE V 96 33.97 -25.82 21.48
C PHE V 96 32.61 -25.76 22.15
N CYS V 97 32.04 -26.93 22.40
CA CYS V 97 30.73 -27.08 23.03
C CYS V 97 30.86 -27.93 24.28
N ALA V 98 29.83 -27.89 25.11
CA ALA V 98 29.85 -28.66 26.35
C ALA V 98 29.98 -30.15 26.04
N SER V 99 29.28 -30.63 25.02
CA SER V 99 29.39 -32.04 24.66
C SER V 99 30.79 -32.39 24.22
N HIS V 100 31.44 -31.52 23.46
CA HIS V 100 32.74 -31.81 22.85
C HIS V 100 33.92 -31.39 23.70
N LEU V 101 33.70 -30.84 24.90
CA LEU V 101 34.82 -30.49 25.75
C LEU V 101 35.68 -31.71 26.06
N HIS V 102 35.02 -32.83 26.40
CA HIS V 102 35.72 -34.08 26.66
C HIS V 102 35.77 -34.89 25.37
N PHE V 103 36.98 -35.12 24.85
CA PHE V 103 37.13 -35.81 23.58
C PHE V 103 36.56 -37.23 23.65
N GLN V 104 37.10 -38.06 24.54
CA GLN V 104 36.66 -39.43 24.69
C GLN V 104 35.92 -39.57 26.01
N ARG V 105 34.74 -40.19 25.96
CA ARG V 105 33.96 -40.44 27.16
C ARG V 105 34.56 -41.61 27.93
N ARG V 106 34.77 -41.42 29.23
CA ARG V 106 35.39 -42.42 30.07
C ARG V 106 34.69 -42.48 31.41
N SER V 107 34.84 -43.63 32.08
CA SER V 107 34.31 -43.84 33.42
C SER V 107 35.29 -44.68 34.21
N VAL V 108 35.75 -44.15 35.34
CA VAL V 108 36.72 -44.86 36.19
C VAL V 108 35.95 -45.79 37.11
N GLN V 109 34.97 -45.25 37.83
CA GLN V 109 34.13 -46.09 38.68
C GLN V 109 33.30 -47.05 37.85
N GLY V 110 32.76 -46.59 36.73
CA GLY V 110 31.91 -47.40 35.89
C GLY V 110 30.63 -46.68 35.53
N THR V 111 30.25 -46.74 34.25
CA THR V 111 29.07 -46.03 33.79
C THR V 111 27.83 -46.51 34.54
N TRP V 112 26.75 -45.74 34.39
CA TRP V 112 25.47 -46.08 34.98
C TRP V 112 24.71 -47.04 34.06
N ASN V 113 24.13 -48.07 34.65
CA ASN V 113 23.29 -49.02 33.93
C ASN V 113 21.95 -49.16 34.62
N PRO V 114 20.92 -49.62 33.90
CA PRO V 114 19.58 -49.68 34.52
C PRO V 114 19.56 -50.49 35.81
N TRP V 115 20.36 -51.55 35.89
CA TRP V 115 20.35 -52.46 37.03
C TRP V 115 21.34 -52.05 38.11
N LEU V 116 21.87 -50.83 38.05
CA LEU V 116 22.66 -50.26 39.13
C LEU V 116 21.78 -49.34 39.94
N TRP V 117 21.67 -49.61 41.24
CA TRP V 117 20.74 -48.97 42.16
C TRP V 117 19.31 -49.45 41.95
N ASN V 118 19.07 -50.37 41.01
CA ASN V 118 17.70 -50.78 40.72
C ASN V 118 17.07 -51.49 41.91
N TYR V 119 17.81 -52.39 42.55
CA TYR V 119 17.29 -53.19 43.65
C TYR V 119 17.50 -52.54 45.01
N GLU V 120 18.05 -51.34 45.05
CA GLU V 120 18.16 -50.57 46.27
C GLU V 120 16.86 -49.80 46.53
N THR V 121 16.37 -49.90 47.75
CA THR V 121 15.07 -49.34 48.10
C THR V 121 15.22 -48.43 49.31
N GLU V 122 14.16 -47.65 49.56
CA GLU V 122 14.15 -46.70 50.65
C GLU V 122 14.21 -47.42 52.00
N ARG V 123 14.81 -46.76 52.98
CA ARG V 123 14.98 -47.31 54.32
C ARG V 123 14.68 -46.22 55.34
N ARG V 124 14.93 -46.51 56.60
CA ARG V 124 14.72 -45.58 57.70
C ARG V 124 16.00 -45.43 58.50
N ARG V 125 16.20 -44.24 59.06
CA ARG V 125 17.35 -43.98 59.91
C ARG V 125 17.21 -44.58 61.30
N THR V 126 15.99 -44.88 61.74
CA THR V 126 15.76 -45.38 63.08
C THR V 126 14.76 -46.54 63.03
N GLU V 127 14.91 -47.47 63.97
CA GLU V 127 14.00 -48.60 64.05
C GLU V 127 12.58 -48.10 64.29
N ALA V 128 11.63 -48.67 63.55
CA ALA V 128 10.25 -48.24 63.66
C ALA V 128 9.46 -49.18 64.58
N PRO V 129 8.47 -48.67 65.31
CA PRO V 129 7.62 -49.58 66.10
C PRO V 129 6.71 -50.40 65.21
N GLN V 130 7.01 -51.69 65.07
CA GLN V 130 6.23 -52.54 64.19
C GLN V 130 4.80 -52.65 64.70
N TRP V 131 3.84 -52.52 63.79
CA TRP V 131 2.43 -52.56 64.18
C TRP V 131 2.08 -53.91 64.79
N ARG V 132 2.55 -55.00 64.19
CA ARG V 132 2.28 -56.35 64.70
C ARG V 132 3.43 -56.82 65.60
N ARG V 133 3.60 -56.08 66.70
CA ARG V 133 4.65 -56.35 67.67
C ARG V 133 4.07 -56.75 69.01
N LYS V 134 4.83 -57.52 69.77
CA LYS V 134 4.47 -57.81 71.14
C LYS V 134 4.65 -56.56 72.00
N LEU V 135 3.90 -56.50 73.09
CA LEU V 135 3.92 -55.35 73.98
C LEU V 135 4.40 -55.79 75.35
N SER V 136 5.38 -55.07 75.90
CA SER V 136 5.82 -55.32 77.25
C SER V 136 4.72 -54.91 78.23
N GLU V 137 4.98 -55.13 79.52
CA GLU V 137 4.01 -54.74 80.54
C GLU V 137 3.79 -53.24 80.53
N LYS V 138 4.87 -52.46 80.42
CA LYS V 138 4.75 -51.01 80.41
C LYS V 138 4.00 -50.52 79.18
N GLU V 139 4.29 -51.09 78.01
CA GLU V 139 3.56 -50.69 76.80
C GLU V 139 2.09 -51.05 76.92
N TRP V 140 1.79 -52.26 77.43
CA TRP V 140 0.40 -52.63 77.66
C TRP V 140 -0.29 -51.62 78.55
N ASP V 141 0.34 -51.27 79.67
CA ASP V 141 -0.27 -50.32 80.60
C ASP V 141 -0.50 -48.97 79.93
N TYR V 142 0.48 -48.48 79.18
CA TYR V 142 0.34 -47.17 78.54
C TYR V 142 -0.80 -47.17 77.53
N TYR V 143 -0.83 -48.16 76.65
CA TYR V 143 -1.86 -48.18 75.62
C TYR V 143 -3.25 -48.39 76.22
N VAL V 144 -3.36 -49.27 77.21
CA VAL V 144 -4.65 -49.49 77.85
C VAL V 144 -5.08 -48.22 78.58
N GLY V 145 -4.13 -47.48 79.16
CA GLY V 145 -4.48 -46.22 79.79
C GLY V 145 -5.00 -45.20 78.81
N GLN V 146 -4.36 -45.11 77.64
CA GLN V 146 -4.85 -44.19 76.61
C GLN V 146 -6.26 -44.59 76.16
N TYR V 147 -6.48 -45.88 75.92
CA TYR V 147 -7.79 -46.34 75.51
C TYR V 147 -8.84 -46.06 76.59
N SER V 148 -8.46 -46.27 77.86
CA SER V 148 -9.39 -46.00 78.95
C SER V 148 -9.68 -44.51 79.08
N ALA V 149 -8.69 -43.66 78.79
CA ALA V 149 -8.92 -42.22 78.79
C ALA V 149 -9.94 -41.84 77.72
N GLN V 150 -9.80 -42.41 76.52
CA GLN V 150 -10.80 -42.16 75.48
C GLN V 150 -12.17 -42.64 75.92
N MET V 151 -12.23 -43.82 76.53
CA MET V 151 -13.50 -44.35 77.02
C MET V 151 -14.11 -43.42 78.06
N LYS V 152 -13.29 -42.91 78.98
CA LYS V 152 -13.79 -42.01 80.01
C LYS V 152 -14.35 -40.74 79.40
N GLN V 153 -13.64 -40.16 78.43
CA GLN V 153 -14.14 -38.96 77.77
C GLN V 153 -15.48 -39.23 77.10
N GLU V 154 -15.56 -40.31 76.33
CA GLU V 154 -16.80 -40.62 75.63
C GLU V 154 -17.95 -40.84 76.60
N GLU V 155 -17.73 -41.64 77.64
CA GLU V 155 -18.78 -41.93 78.59
C GLU V 155 -19.20 -40.67 79.35
N ASP V 156 -18.25 -39.83 79.74
CA ASP V 156 -18.60 -38.60 80.43
C ASP V 156 -19.48 -37.73 79.57
N GLU V 157 -19.10 -37.54 78.30
CA GLU V 157 -19.91 -36.68 77.44
C GLU V 157 -21.28 -37.28 77.20
N ILE V 158 -21.37 -38.60 77.01
CA ILE V 158 -22.67 -39.23 76.78
C ILE V 158 -23.55 -39.03 78.02
N GLN V 159 -22.98 -39.25 79.20
CA GLN V 159 -23.75 -39.09 80.43
C GLN V 159 -24.23 -37.65 80.59
N ARG V 160 -23.36 -36.68 80.30
CA ARG V 160 -23.77 -35.28 80.43
C ARG V 160 -24.87 -34.94 79.45
N ARG V 161 -24.76 -35.42 78.20
CA ARG V 161 -25.79 -35.11 77.22
C ARG V 161 -27.12 -35.74 77.58
N VAL V 162 -27.11 -37.00 78.05
CA VAL V 162 -28.37 -37.63 78.42
C VAL V 162 -28.96 -36.96 79.66
N ALA V 163 -28.11 -36.53 80.60
CA ALA V 163 -28.61 -35.80 81.76
C ALA V 163 -29.25 -34.49 81.33
N ASP V 164 -28.63 -33.78 80.38
CA ASP V 164 -29.23 -32.57 79.86
C ASP V 164 -30.58 -32.85 79.21
N ARG V 165 -30.67 -33.94 78.45
CA ARG V 165 -31.96 -34.38 77.93
C ARG V 165 -32.91 -34.75 79.05
N THR V 166 -32.40 -35.01 80.24
CA THR V 166 -33.18 -35.22 81.46
C THR V 166 -34.38 -36.13 81.21
N CYS V 167 -34.08 -37.37 80.79
CA CYS V 167 -35.11 -38.38 80.67
C CYS V 167 -35.80 -38.62 82.01
N VAL V 168 -35.00 -38.91 83.03
CA VAL V 168 -35.47 -39.09 84.40
C VAL V 168 -34.40 -38.55 85.34
N GLN V 169 -34.66 -38.63 86.65
CA GLN V 169 -33.70 -38.21 87.66
C GLN V 169 -32.78 -39.39 87.98
N GLU V 170 -31.55 -39.33 87.46
CA GLU V 170 -30.55 -40.37 87.70
C GLU V 170 -29.52 -39.93 88.73
N GLN V 171 -29.82 -38.88 89.51
CA GLN V 171 -28.89 -38.44 90.54
C GLN V 171 -28.60 -39.56 91.53
N SER V 172 -29.58 -40.41 91.83
CA SER V 172 -29.35 -41.52 92.73
C SER V 172 -28.28 -42.46 92.18
N THR V 173 -28.40 -42.82 90.91
CA THR V 173 -27.41 -43.71 90.31
C THR V 173 -26.03 -43.05 90.22
N ARG V 174 -26.00 -41.76 89.88
CA ARG V 174 -24.73 -41.04 89.85
C ARG V 174 -24.06 -41.08 91.22
N GLU V 175 -24.84 -40.82 92.28
CA GLU V 175 -24.30 -40.87 93.63
C GLU V 175 -23.85 -42.28 94.00
N VAL V 176 -24.58 -43.30 93.58
CA VAL V 176 -24.19 -44.67 93.88
C VAL V 176 -22.84 -44.99 93.25
N GLN V 177 -22.68 -44.63 91.98
CA GLN V 177 -21.42 -44.90 91.30
C GLN V 177 -20.28 -44.12 91.95
N GLU V 178 -20.52 -42.85 92.27
CA GLU V 178 -19.49 -42.06 92.94
C GLU V 178 -19.11 -42.67 94.29
N ARG V 179 -20.11 -43.14 95.05
CA ARG V 179 -19.84 -43.75 96.34
C ARG V 179 -18.99 -44.99 96.18
N TRP V 180 -19.32 -45.85 95.21
CA TRP V 180 -18.51 -47.05 95.01
C TRP V 180 -17.08 -46.69 94.64
N LYS V 181 -16.92 -45.72 93.72
CA LYS V 181 -15.57 -45.33 93.32
C LYS V 181 -14.78 -44.78 94.50
N ARG V 182 -15.41 -43.91 95.29
CA ARG V 182 -14.72 -43.33 96.45
C ARG V 182 -14.34 -44.40 97.45
N HIS V 183 -15.25 -45.33 97.74
CA HIS V 183 -14.95 -46.38 98.71
C HIS V 183 -13.81 -47.26 98.22
N VAL V 184 -13.81 -47.62 96.94
CA VAL V 184 -12.70 -48.43 96.42
C VAL V 184 -11.39 -47.66 96.51
N VAL V 185 -11.42 -46.38 96.13
CA VAL V 185 -10.23 -45.54 96.21
C VAL V 185 -10.61 -44.10 95.93
N SER W 1 44.33 41.03 33.98
CA SER W 1 44.50 41.24 35.42
C SER W 1 43.32 40.65 36.19
N PRO W 2 43.58 40.16 37.40
CA PRO W 2 42.50 39.53 38.19
C PRO W 2 41.36 40.46 38.55
N THR W 3 41.59 41.77 38.61
CA THR W 3 40.55 42.69 39.03
C THR W 3 39.42 42.74 38.02
N ASP W 4 38.20 42.84 38.54
CA ASP W 4 36.99 43.07 37.74
C ASP W 4 36.55 44.50 38.06
N VAL W 5 36.85 45.42 37.13
CA VAL W 5 36.58 46.83 37.39
C VAL W 5 35.09 47.06 37.56
N ALA W 6 34.27 46.41 36.73
CA ALA W 6 32.83 46.58 36.83
C ALA W 6 32.32 46.12 38.20
N ALA W 7 32.78 44.97 38.65
CA ALA W 7 32.35 44.46 39.95
C ALA W 7 32.82 45.36 41.07
N ASN W 8 34.05 45.86 40.99
CA ASN W 8 34.56 46.75 42.02
C ASN W 8 33.73 48.04 42.08
N ILE W 9 33.41 48.61 40.92
CA ILE W 9 32.59 49.83 40.90
C ILE W 9 31.21 49.53 41.49
N SER W 10 30.63 48.40 41.12
CA SER W 10 29.32 48.05 41.64
C SER W 10 29.35 47.91 43.16
N ALA W 11 30.37 47.25 43.69
CA ALA W 11 30.48 47.09 45.13
C ALA W 11 30.68 48.44 45.82
N GLY W 12 31.51 49.31 45.23
CA GLY W 12 31.76 50.62 45.79
C GLY W 12 33.23 50.85 46.08
N ALA W 13 34.08 49.91 45.66
CA ALA W 13 35.51 50.05 45.89
C ALA W 13 36.11 51.13 45.01
N MET W 14 36.04 50.95 43.69
CA MET W 14 36.57 51.93 42.76
C MET W 14 35.55 53.02 42.49
N PRO W 15 36.00 54.21 42.09
CA PRO W 15 35.06 55.28 41.79
C PRO W 15 34.32 55.01 40.50
N PRO W 16 33.18 55.68 40.28
CA PRO W 16 32.43 55.47 39.03
C PRO W 16 33.09 56.06 37.80
N GLU W 17 34.30 56.61 37.92
CA GLU W 17 35.01 57.18 36.79
C GLU W 17 35.71 56.13 35.93
N ALA W 18 35.73 54.87 36.37
CA ALA W 18 36.38 53.79 35.64
C ALA W 18 35.41 53.02 34.75
N ASN W 19 34.37 53.68 34.25
CA ASN W 19 33.44 53.01 33.35
C ASN W 19 34.14 52.58 32.07
N VAL W 20 35.01 53.41 31.53
CA VAL W 20 35.76 53.04 30.32
C VAL W 20 36.64 51.84 30.60
N ALA W 21 37.31 51.82 31.76
CA ALA W 21 38.13 50.68 32.11
C ALA W 21 37.31 49.41 32.24
N ALA W 22 36.12 49.49 32.84
CA ALA W 22 35.26 48.33 32.95
C ALA W 22 34.75 47.86 31.59
N ALA W 23 34.51 48.79 30.66
CA ALA W 23 33.93 48.43 29.38
C ALA W 23 34.98 47.87 28.42
N LEU W 24 36.00 48.66 28.10
CA LEU W 24 36.97 48.31 27.08
C LEU W 24 38.39 48.27 27.64
N PRO W 25 39.29 47.51 27.02
CA PRO W 25 40.64 47.35 27.57
C PRO W 25 41.48 48.61 27.40
N VAL W 26 42.59 48.64 28.14
CA VAL W 26 43.45 49.83 28.12
C VAL W 26 44.01 50.02 26.72
N PRO W 27 44.13 51.25 26.22
CA PRO W 27 44.72 51.45 24.89
C PRO W 27 46.15 50.94 24.83
N ARG W 28 46.51 50.41 23.67
CA ARG W 28 47.86 49.93 23.42
C ARG W 28 48.16 50.10 21.93
N ILE W 29 49.31 49.62 21.51
CA ILE W 29 49.65 49.49 20.09
C ILE W 29 49.62 47.99 19.79
N GLN W 30 48.55 47.55 19.15
CA GLN W 30 48.34 46.12 18.95
C GLN W 30 49.51 45.51 18.19
N TYR W 31 49.93 44.33 18.63
CA TYR W 31 51.00 43.61 17.96
C TYR W 31 50.51 43.11 16.61
N SER W 32 51.16 43.55 15.54
CA SER W 32 50.85 43.13 14.19
C SER W 32 52.14 42.77 13.47
N LYS W 33 52.01 42.04 12.37
CA LYS W 33 53.20 41.66 11.61
C LYS W 33 53.92 42.87 11.03
N TRP W 34 53.27 44.03 10.95
CA TRP W 34 53.90 45.26 10.51
C TRP W 34 54.27 46.17 11.67
N ASN W 35 54.09 45.72 12.91
CA ASN W 35 54.39 46.55 14.07
C ASN W 35 54.68 45.63 15.24
N ARG W 36 55.95 45.58 15.67
CA ARG W 36 56.36 44.72 16.77
C ARG W 36 56.30 45.49 18.09
N ALA W 37 55.08 45.60 18.60
CA ALA W 37 54.87 46.20 19.92
C ALA W 37 55.18 45.16 21.00
N LEU W 38 56.29 45.34 21.70
CA LEU W 38 56.75 44.38 22.69
C LEU W 38 56.10 44.69 24.03
N ARG W 39 55.25 43.79 24.50
CA ARG W 39 54.58 43.94 25.79
C ARG W 39 55.53 43.51 26.89
N SER W 40 55.89 44.46 27.76
CA SER W 40 56.83 44.17 28.84
C SER W 40 56.27 43.13 29.79
N ASP W 41 54.96 43.16 30.06
CA ASP W 41 54.37 42.16 30.93
C ASP W 41 54.47 40.78 30.31
N VAL W 42 54.22 40.66 29.00
CA VAL W 42 54.33 39.38 28.33
C VAL W 42 55.76 38.86 28.40
N TYR W 43 56.73 39.74 28.14
CA TYR W 43 58.12 39.29 28.19
C TYR W 43 58.53 38.92 29.60
N ASP W 44 58.02 39.64 30.60
CA ASP W 44 58.31 39.29 31.98
C ASP W 44 57.74 37.93 32.34
N GLU W 45 56.53 37.64 31.88
CA GLU W 45 55.96 36.31 32.10
C GLU W 45 56.81 35.23 31.43
N LEU W 46 57.29 35.51 30.22
CA LEU W 46 58.18 34.56 29.56
C LEU W 46 59.45 34.34 30.37
N LEU W 47 60.03 35.42 30.90
CA LEU W 47 61.23 35.28 31.72
C LEU W 47 60.95 34.44 32.96
N LYS W 48 59.83 34.69 33.62
CA LYS W 48 59.50 33.96 34.84
C LYS W 48 59.23 32.49 34.56
N LEU W 49 58.64 32.18 33.41
CA LEU W 49 58.30 30.79 33.11
C LEU W 49 59.58 29.94 33.09
N PRO W 50 59.55 28.72 33.63
CA PRO W 50 60.77 27.90 33.69
C PRO W 50 61.15 27.26 32.35
N LEU W 51 61.76 28.06 31.48
CA LEU W 51 62.23 27.60 30.20
C LEU W 51 63.70 27.18 30.29
N ARG W 52 64.08 26.26 29.40
CA ARG W 52 65.42 25.69 29.43
C ARG W 52 66.47 26.55 28.75
N TYR W 53 66.05 27.54 27.95
CA TYR W 53 66.97 28.37 27.19
C TYR W 53 66.91 29.81 27.68
N LYS W 54 68.08 30.42 27.87
CA LYS W 54 68.15 31.78 28.35
C LYS W 54 67.63 32.76 27.30
N LEU W 55 67.02 33.84 27.78
CA LEU W 55 66.46 34.87 26.91
C LEU W 55 67.28 36.14 27.00
N HIS W 56 67.11 37.00 26.01
CA HIS W 56 67.87 38.24 25.91
C HIS W 56 67.22 39.36 26.74
N ASP W 57 67.99 40.42 26.95
CA ASP W 57 67.51 41.56 27.71
C ASP W 57 66.42 42.29 26.93
N PHE W 58 65.37 42.70 27.65
CA PHE W 58 64.29 43.43 27.02
C PHE W 58 64.78 44.77 26.47
N ALA W 59 65.78 45.38 27.10
CA ALA W 59 66.37 46.59 26.56
C ALA W 59 66.99 46.31 25.19
N LYS W 60 67.69 45.19 25.05
CA LYS W 60 68.23 44.82 23.75
C LYS W 60 67.12 44.55 22.74
N LEU W 61 66.05 43.88 23.17
CA LEU W 61 64.94 43.62 22.26
C LEU W 61 64.32 44.90 21.74
N CYS W 62 64.13 45.89 22.62
CA CYS W 62 63.56 47.17 22.19
C CYS W 62 64.59 47.93 21.36
N PRO W 63 64.18 48.60 20.28
CA PRO W 63 65.15 49.30 19.44
C PRO W 63 65.66 50.57 20.11
N PRO W 64 66.67 51.22 19.53
CA PRO W 64 67.13 52.50 20.10
C PRO W 64 66.03 53.54 20.10
N GLN W 65 66.28 54.67 20.78
CA GLN W 65 65.28 55.72 20.89
C GLN W 65 65.80 57.02 20.28
N GLY W 78 71.49 48.45 12.31
CA GLY W 78 70.84 48.79 13.56
C GLY W 78 70.47 50.26 13.66
N ARG W 79 69.18 50.55 13.56
CA ARG W 79 68.69 51.92 13.61
C ARG W 79 67.28 51.92 14.20
N ASP W 80 66.90 53.06 14.74
CA ASP W 80 65.62 53.20 15.42
C ASP W 80 64.47 53.10 14.41
N SER W 81 63.38 52.48 14.85
CA SER W 81 62.19 52.31 14.02
C SER W 81 60.95 52.43 14.89
N ALA W 82 59.97 53.18 14.41
CA ALA W 82 58.72 53.31 15.15
C ALA W 82 58.01 51.97 15.28
N VAL W 83 57.97 51.20 14.19
CA VAL W 83 57.32 49.89 14.24
C VAL W 83 58.08 48.96 15.18
N GLY W 84 59.40 49.07 15.22
CA GLY W 84 60.19 48.27 16.13
C GLY W 84 60.81 47.04 15.49
N TYR W 85 61.41 47.21 14.32
CA TYR W 85 62.08 46.12 13.63
C TYR W 85 63.56 46.15 14.00
N LEU W 86 64.08 45.02 14.46
CA LEU W 86 65.49 44.86 14.74
C LEU W 86 65.98 43.57 14.10
N PRO W 87 67.23 43.52 13.63
CA PRO W 87 67.75 42.27 13.10
C PRO W 87 67.88 41.24 14.22
N PRO W 88 67.79 39.96 13.89
CA PRO W 88 67.87 38.94 14.94
C PRO W 88 69.18 39.03 15.71
N LEU W 89 69.08 38.83 17.02
CA LEU W 89 70.25 38.86 17.89
C LEU W 89 70.91 37.47 17.87
N GLY W 90 71.90 37.28 18.74
CA GLY W 90 72.49 35.98 18.92
C GLY W 90 71.93 35.31 20.15
N PRO W 91 72.35 34.07 20.41
CA PRO W 91 71.92 33.40 21.65
C PRO W 91 72.42 34.15 22.87
N ALA W 92 71.61 34.16 23.92
CA ALA W 92 72.01 34.83 25.15
C ALA W 92 73.24 34.18 25.77
N ASP W 93 73.33 32.84 25.71
CA ASP W 93 74.45 32.11 26.29
C ASP W 93 75.26 31.49 25.17
N PRO W 94 76.44 32.05 24.84
CA PRO W 94 77.24 31.46 23.75
C PRO W 94 77.62 30.01 24.00
N LEU W 95 77.84 29.62 25.25
CA LEU W 95 78.24 28.24 25.52
C LEU W 95 77.16 27.26 25.09
N ASP W 96 75.90 27.59 25.35
CA ASP W 96 74.80 26.70 25.01
C ASP W 96 74.49 26.78 23.52
N THR W 97 74.01 25.67 22.98
CA THR W 97 73.64 25.56 21.57
C THR W 97 72.13 25.33 21.47
N ILE W 98 71.46 26.16 20.70
CA ILE W 98 70.01 26.00 20.52
C ILE W 98 69.75 24.85 19.56
N PRO W 99 68.94 23.85 19.92
CA PRO W 99 68.73 22.72 19.01
C PRO W 99 67.92 23.05 17.77
N PHE W 100 67.20 24.18 17.76
CA PHE W 100 66.38 24.56 16.63
C PHE W 100 66.73 25.96 16.18
N PHE W 101 66.58 26.20 14.88
CA PHE W 101 66.83 27.51 14.28
C PHE W 101 65.57 27.94 13.53
N VAL W 102 65.21 29.21 13.70
CA VAL W 102 64.01 29.77 13.12
C VAL W 102 64.39 30.87 12.13
N HIS W 103 63.86 30.77 10.92
CA HIS W 103 64.14 31.72 9.85
C HIS W 103 63.03 32.76 9.76
N ARG W 104 63.41 33.97 9.37
CA ARG W 104 62.45 35.05 9.17
C ARG W 104 62.00 35.08 7.71
N SER W 105 60.85 35.71 7.48
CA SER W 105 60.32 35.84 6.15
C SER W 105 61.04 36.95 5.38
N SER W 106 60.71 37.08 4.10
CA SER W 106 61.33 38.12 3.28
C SER W 106 61.12 39.50 3.87
N ASN W 107 60.01 39.70 4.58
CA ASN W 107 59.73 40.98 5.24
C ASN W 107 60.26 41.03 6.66
N GLY W 108 60.93 39.99 7.13
CA GLY W 108 61.42 39.95 8.49
C GLY W 108 60.39 39.51 9.52
N VAL W 109 59.16 39.24 9.12
CA VAL W 109 58.13 38.79 10.04
C VAL W 109 58.43 37.36 10.47
N LEU W 110 58.00 36.99 11.66
CA LEU W 110 58.27 35.68 12.24
C LEU W 110 57.27 34.65 11.75
N PRO W 111 57.60 33.36 11.86
CA PRO W 111 56.78 32.34 11.20
C PRO W 111 55.33 32.28 11.66
N GLY W 112 55.06 32.55 12.94
CA GLY W 112 53.72 32.35 13.47
C GLY W 112 52.61 32.98 12.65
N LYS W 113 51.74 32.15 12.10
CA LYS W 113 50.57 32.61 11.34
C LYS W 113 49.34 31.88 11.84
N VAL W 114 48.30 32.63 12.17
CA VAL W 114 47.08 32.07 12.75
C VAL W 114 46.09 31.78 11.62
N PHE W 115 45.57 30.56 11.60
CA PHE W 115 44.59 30.12 10.61
C PHE W 115 43.30 29.76 11.34
N SER W 116 42.32 29.28 10.57
CA SER W 116 41.03 28.87 11.10
C SER W 116 40.77 27.43 10.67
N MET W 117 40.00 26.71 11.48
CA MET W 117 39.69 25.31 11.22
C MET W 117 38.69 25.13 10.09
N HIS W 118 37.67 25.99 10.01
CA HIS W 118 36.68 25.94 8.93
C HIS W 118 36.44 27.36 8.42
N PRO W 119 37.35 27.89 7.62
CA PRO W 119 37.16 29.26 7.09
C PRO W 119 35.88 29.42 6.30
N ARG W 120 35.43 28.36 5.61
CA ARG W 120 34.19 28.46 4.84
C ARG W 120 33.01 28.80 5.75
N ASN W 121 32.94 28.16 6.91
CA ASN W 121 31.86 28.42 7.87
C ASN W 121 32.20 29.54 8.83
N LEU W 122 33.34 30.19 8.67
CA LEU W 122 33.76 31.27 9.57
C LEU W 122 33.76 30.79 11.02
N MET W 123 34.24 29.57 11.22
CA MET W 123 34.26 29.00 12.57
C MET W 123 35.20 29.82 13.45
N PRO W 124 34.80 30.17 14.67
CA PRO W 124 35.67 30.96 15.55
C PRO W 124 36.78 30.16 16.21
N ALA W 125 37.06 28.95 15.76
CA ALA W 125 38.14 28.14 16.30
C ALA W 125 39.37 28.34 15.42
N PHE W 126 40.47 28.80 16.03
CA PHE W 126 41.68 29.13 15.31
C PHE W 126 42.84 28.29 15.83
N TYR W 127 43.82 28.07 14.96
CA TYR W 127 45.04 27.37 15.34
C TYR W 127 46.24 28.08 14.71
N LEU W 128 47.33 28.11 15.46
CA LEU W 128 48.58 28.72 15.02
C LEU W 128 49.41 27.67 14.29
N ARG W 129 50.08 28.09 13.22
CA ARG W 129 50.88 27.19 12.38
C ARG W 129 52.27 27.80 12.23
N ILE W 130 53.22 27.34 13.04
CA ILE W 130 54.60 27.80 12.95
C ILE W 130 55.27 27.06 11.80
N GLN W 131 56.12 27.78 11.06
CA GLN W 131 56.86 27.18 9.96
C GLN W 131 58.27 27.75 9.98
N GLN W 132 59.05 27.44 8.95
CA GLN W 132 60.41 27.94 8.81
C GLN W 132 61.24 27.63 10.07
N VAL W 133 61.04 26.42 10.60
CA VAL W 133 61.87 25.89 11.67
C VAL W 133 62.71 24.76 11.08
N GLU W 134 64.02 24.86 11.21
CA GLU W 134 64.94 24.02 10.46
C GLU W 134 65.70 23.00 11.31
N GLY W 135 65.84 23.25 12.62
CA GLY W 135 66.61 22.35 13.45
C GLY W 135 65.78 21.24 14.06
N ASP W 136 65.78 21.15 15.39
CA ASP W 136 65.03 20.10 16.09
C ASP W 136 63.59 20.56 16.26
N MET W 137 62.76 20.19 15.28
CA MET W 137 61.34 20.49 15.36
C MET W 137 60.74 20.00 16.67
N PHE W 138 61.22 18.86 17.16
CA PHE W 138 60.65 18.29 18.38
C PHE W 138 61.13 19.02 19.64
N ARG W 139 62.37 19.53 19.64
CA ARG W 139 62.78 20.39 20.74
C ARG W 139 61.97 21.68 20.75
N PHE W 140 61.70 22.24 19.57
CA PHE W 140 60.79 23.38 19.48
C PHE W 140 59.41 23.00 20.02
N GLU W 141 58.95 21.78 19.71
CA GLU W 141 57.68 21.31 20.22
C GLU W 141 57.69 21.24 21.73
N GLU W 142 58.78 20.75 22.32
CA GLU W 142 58.85 20.64 23.78
C GLU W 142 58.83 22.02 24.43
N GLU W 143 59.54 22.99 23.83
CA GLU W 143 59.46 24.35 24.35
C GLU W 143 58.04 24.89 24.25
N LEU W 144 57.35 24.59 23.14
CA LEU W 144 55.95 24.98 23.02
C LEU W 144 55.08 24.27 24.05
N LEU W 145 55.43 23.05 24.42
CA LEU W 145 54.72 22.38 25.50
C LEU W 145 54.89 23.14 26.81
N LYS W 146 56.11 23.57 27.10
CA LYS W 146 56.35 24.34 28.30
C LYS W 146 55.55 25.65 28.29
N ILE W 147 55.51 26.31 27.13
CA ILE W 147 54.85 27.62 27.06
C ILE W 147 53.32 27.47 27.11
N PHE W 148 52.77 26.64 26.24
CA PHE W 148 51.34 26.36 26.19
C PHE W 148 51.09 24.94 26.67
N PRO W 149 51.10 24.70 27.99
CA PRO W 149 50.95 23.31 28.46
C PRO W 149 49.65 22.66 28.06
N THR W 150 48.56 23.42 27.99
CA THR W 150 47.24 22.84 27.81
C THR W 150 46.81 22.69 26.36
N LYS W 151 47.59 23.18 25.40
CA LYS W 151 47.20 23.17 24.01
C LYS W 151 47.66 21.89 23.32
N LYS W 152 46.96 21.53 22.25
CA LYS W 152 47.29 20.35 21.45
C LYS W 152 48.32 20.76 20.39
N ILE W 153 49.46 20.10 20.40
CA ILE W 153 50.58 20.44 19.53
C ILE W 153 50.93 19.22 18.68
N PHE W 154 51.04 19.45 17.37
CA PHE W 154 51.43 18.42 16.42
C PHE W 154 52.63 18.91 15.64
N VAL W 155 53.50 17.97 15.24
CA VAL W 155 54.75 18.29 14.57
C VAL W 155 54.78 17.58 13.22
N ARG W 156 55.31 18.27 12.22
CA ARG W 156 55.52 17.69 10.90
C ARG W 156 56.83 18.24 10.35
N SER W 157 57.32 17.61 9.28
CA SER W 157 58.61 18.01 8.71
C SER W 157 58.62 19.46 8.27
N HIS W 158 57.44 20.05 8.03
CA HIS W 158 57.35 21.38 7.45
C HIS W 158 56.68 22.40 8.36
N SER W 159 55.95 21.98 9.38
CA SER W 159 55.21 22.92 10.20
C SER W 159 54.90 22.31 11.56
N ILE W 160 54.55 23.18 12.50
CA ILE W 160 54.15 22.79 13.84
C ILE W 160 52.81 23.45 14.12
N TYR W 161 51.80 22.64 14.42
CA TYR W 161 50.44 23.13 14.63
C TYR W 161 50.14 23.19 16.13
N VAL W 162 49.73 24.36 16.61
CA VAL W 162 49.29 24.55 17.98
C VAL W 162 47.83 24.94 17.92
N TYR W 163 46.95 24.07 18.40
CA TYR W 163 45.51 24.28 18.25
C TYR W 163 44.95 25.01 19.46
N ASN W 164 43.79 25.65 19.25
CA ASN W 164 43.17 26.51 20.25
C ASN W 164 44.06 27.70 20.61
N VAL W 165 44.74 28.25 19.62
CA VAL W 165 45.61 29.40 19.79
C VAL W 165 45.20 30.46 18.77
N ALA W 166 45.52 31.71 19.08
CA ALA W 166 45.04 32.83 18.29
C ALA W 166 46.13 33.90 18.26
N LEU W 167 45.74 35.13 17.90
CA LEU W 167 46.70 36.20 17.72
C LEU W 167 47.49 36.46 19.01
N ASP W 168 46.84 36.33 20.16
CA ASP W 168 47.57 36.50 21.42
C ASP W 168 48.66 35.44 21.57
N GLY W 169 48.36 34.19 21.20
CA GLY W 169 49.37 33.16 21.24
C GLY W 169 50.49 33.40 20.24
N ARG W 170 50.14 33.91 19.06
CA ARG W 170 51.18 34.30 18.11
C ARG W 170 52.08 35.37 18.68
N MET W 171 51.49 36.35 19.38
CA MET W 171 52.28 37.39 20.02
C MET W 171 53.21 36.81 21.07
N VAL W 172 52.71 35.88 21.89
CA VAL W 172 53.55 35.26 22.91
C VAL W 172 54.68 34.47 22.26
N LEU W 173 54.38 33.72 21.21
CA LEU W 173 55.41 32.96 20.52
C LEU W 173 56.47 33.88 19.93
N HIS W 174 56.05 34.99 19.33
CA HIS W 174 57.01 35.91 18.74
C HIS W 174 57.86 36.57 19.82
N HIS W 175 57.27 36.87 20.97
CA HIS W 175 58.05 37.40 22.08
C HIS W 175 59.10 36.39 22.53
N TRP W 176 58.71 35.12 22.63
CA TRP W 176 59.67 34.09 23.02
C TRP W 176 60.78 33.96 21.99
N LEU W 177 60.44 33.98 20.71
CA LEU W 177 61.45 33.88 19.66
C LEU W 177 62.41 35.07 19.70
N LEU W 178 61.88 36.28 19.87
CA LEU W 178 62.74 37.46 19.97
C LEU W 178 63.62 37.42 21.21
N GLY W 179 63.09 36.96 22.33
CA GLY W 179 63.93 36.76 23.50
C GLY W 179 65.06 35.80 23.23
N LEU W 180 64.76 34.70 22.54
CA LEU W 180 65.82 33.87 21.99
C LEU W 180 66.62 34.69 20.96
N GLY W 181 67.71 34.10 20.49
CA GLY W 181 68.53 34.79 19.51
C GLY W 181 67.79 35.15 18.25
N PHE W 182 66.73 34.40 17.93
CA PHE W 182 66.03 34.57 16.66
C PHE W 182 65.10 35.78 16.70
N TYR X 1 51.03 -28.44 44.94
CA TYR X 1 50.11 -29.14 44.05
C TYR X 1 48.78 -28.38 43.96
N SER X 2 47.71 -28.97 44.48
CA SER X 2 46.41 -28.32 44.48
C SER X 2 46.36 -27.26 45.58
N GLU X 3 45.39 -26.35 45.47
CA GLU X 3 45.23 -25.27 46.43
C GLU X 3 43.76 -25.15 46.80
N ALA X 4 43.51 -24.77 48.05
CA ALA X 4 42.14 -24.56 48.53
C ALA X 4 42.20 -23.52 49.63
N ARG X 5 41.87 -22.27 49.27
CA ARG X 5 41.89 -21.16 50.21
C ARG X 5 40.54 -20.46 50.20
N SER X 6 40.07 -20.09 51.38
CA SER X 6 38.86 -19.27 51.51
C SER X 6 39.17 -17.83 51.93
N ASN X 7 40.35 -17.59 52.49
CA ASN X 7 40.77 -16.28 52.95
C ASN X 7 42.10 -15.91 52.29
N TYR X 8 42.37 -14.61 52.22
CA TYR X 8 43.63 -14.15 51.62
C TYR X 8 44.82 -14.75 52.35
N ASP X 9 44.80 -14.71 53.69
CA ASP X 9 45.89 -15.27 54.48
C ASP X 9 45.91 -16.79 54.44
N GLY X 10 44.87 -17.44 53.92
CA GLY X 10 44.78 -18.88 53.91
C GLY X 10 44.24 -19.50 55.17
N THR X 11 44.01 -18.70 56.21
CA THR X 11 43.44 -19.23 57.44
C THR X 11 41.96 -19.53 57.25
N SER X 12 41.47 -20.48 58.03
CA SER X 12 40.07 -20.89 57.95
C SER X 12 39.54 -21.14 59.35
N LEU X 13 38.25 -20.93 59.52
CA LEU X 13 37.60 -21.17 60.79
C LEU X 13 37.58 -22.68 61.06
N PRO X 14 37.71 -23.09 62.34
CA PRO X 14 37.66 -24.52 62.64
C PRO X 14 36.40 -25.18 62.10
N ALA X 15 36.57 -26.09 61.14
CA ALA X 15 35.43 -26.74 60.50
C ALA X 15 34.97 -27.97 61.26
N TRP X 16 35.90 -28.77 61.79
CA TRP X 16 35.57 -29.99 62.48
C TRP X 16 35.72 -29.79 63.98
N PRO X 17 34.64 -29.84 64.76
CA PRO X 17 34.80 -29.64 66.22
C PRO X 17 35.49 -30.82 66.88
N ALA X 18 35.64 -30.74 68.20
CA ALA X 18 36.27 -31.83 68.93
C ALA X 18 35.39 -33.08 68.88
N PRO X 19 35.98 -34.26 68.98
CA PRO X 19 35.18 -35.49 68.93
C PRO X 19 34.12 -35.52 70.02
N GLY X 20 32.93 -36.01 69.65
CA GLY X 20 31.84 -36.13 70.58
C GLY X 20 31.13 -34.84 70.91
N LYS X 21 31.56 -33.71 70.36
CA LYS X 21 30.94 -32.42 70.61
C LYS X 21 29.89 -32.12 69.56
N LYS X 22 28.82 -31.47 69.98
CA LYS X 22 27.75 -31.10 69.06
C LYS X 22 28.27 -30.03 68.10
N PRO X 23 28.25 -30.27 66.79
CA PRO X 23 28.82 -29.29 65.86
C PRO X 23 27.89 -28.10 65.65
N THR X 24 28.51 -26.97 65.33
CA THR X 24 27.77 -25.77 64.99
C THR X 24 27.19 -25.89 63.58
N TYR X 25 26.04 -25.25 63.38
CA TYR X 25 25.36 -25.28 62.10
C TYR X 25 25.02 -23.85 61.70
N PRO X 26 24.89 -23.56 60.41
CA PRO X 26 24.52 -22.21 59.98
C PRO X 26 23.04 -21.93 60.22
N ALA X 27 22.61 -20.70 59.93
CA ALA X 27 21.21 -20.30 60.06
C ALA X 27 20.53 -20.61 58.74
N ALA X 28 19.77 -21.71 58.71
CA ALA X 28 19.08 -22.09 57.49
C ALA X 28 18.05 -21.05 57.06
N LEU X 29 17.35 -20.46 58.01
CA LEU X 29 16.35 -19.46 57.68
C LEU X 29 17.02 -18.22 57.10
N SER X 30 16.28 -17.53 56.23
CA SER X 30 16.79 -16.31 55.63
C SER X 30 17.03 -15.25 56.70
N GLU X 31 17.79 -14.22 56.33
CA GLU X 31 18.15 -13.15 57.25
C GLU X 31 17.08 -12.09 57.38
N LEU X 32 15.83 -12.39 57.02
CA LEU X 32 14.76 -11.41 57.13
C LEU X 32 14.50 -11.08 58.59
N ARG X 33 14.31 -9.79 58.86
CA ARG X 33 14.12 -9.33 60.23
C ARG X 33 12.84 -9.88 60.83
N LEU X 34 11.74 -9.84 60.09
CA LEU X 34 10.46 -10.28 60.64
C LEU X 34 10.49 -11.78 60.87
N PRO X 35 9.85 -12.27 61.94
CA PRO X 35 9.79 -13.73 62.13
C PRO X 35 9.09 -14.45 60.99
N GLN X 36 8.10 -13.81 60.36
CA GLN X 36 7.43 -14.36 59.19
C GLN X 36 7.64 -13.46 57.98
N PRO X 37 7.72 -14.01 56.77
CA PRO X 37 7.63 -15.44 56.46
C PRO X 37 8.89 -16.20 56.87
N ARG X 38 8.72 -17.47 57.23
CA ARG X 38 9.81 -18.31 57.72
C ARG X 38 10.33 -19.12 56.54
N MET X 39 11.20 -18.51 55.75
CA MET X 39 11.71 -19.08 54.52
C MET X 39 13.13 -19.57 54.69
N ARG X 40 13.41 -20.74 54.12
CA ARG X 40 14.77 -21.27 54.11
C ARG X 40 15.62 -20.55 53.08
N LYS X 41 16.93 -20.57 53.30
CA LYS X 41 17.85 -19.87 52.40
C LYS X 41 17.84 -20.51 51.02
N THR X 42 17.95 -19.66 50.01
CA THR X 42 18.07 -20.07 48.62
C THR X 42 19.50 -20.51 48.35
N ARG X 43 19.69 -21.20 47.21
CA ARG X 43 21.03 -21.60 46.83
C ARG X 43 21.93 -20.40 46.64
N THR X 44 21.40 -19.34 46.03
CA THR X 44 22.18 -18.11 45.88
C THR X 44 22.51 -17.50 47.24
N GLU X 45 21.56 -17.53 48.18
CA GLU X 45 21.84 -17.03 49.51
C GLU X 45 22.94 -17.84 50.19
N TRP X 46 22.93 -19.16 49.98
CA TRP X 46 24.00 -19.99 50.53
C TRP X 46 25.35 -19.63 49.90
N MET X 47 25.36 -19.36 48.60
CA MET X 47 26.59 -18.92 47.95
C MET X 47 27.10 -17.63 48.57
N TYR X 48 26.20 -16.66 48.78
CA TYR X 48 26.59 -15.42 49.45
C TYR X 48 27.15 -15.70 50.84
N TYR X 49 26.49 -16.58 51.59
CA TYR X 49 26.93 -16.90 52.94
C TYR X 49 28.32 -17.51 52.94
N HIS X 50 28.58 -18.43 52.00
CA HIS X 50 29.86 -19.11 51.95
C HIS X 50 30.95 -18.28 51.30
N GLY X 51 30.62 -17.16 50.67
CA GLY X 51 31.64 -16.22 50.25
C GLY X 51 31.56 -15.84 48.78
N HIS X 52 30.98 -16.71 47.96
CA HIS X 52 30.83 -16.42 46.55
C HIS X 52 29.75 -15.37 46.36
N GLY X 53 30.04 -14.36 45.55
CA GLY X 53 29.11 -13.25 45.39
C GLY X 53 27.87 -13.61 44.62
N GLY X 54 27.14 -14.63 45.09
CA GLY X 54 25.91 -15.04 44.45
C GLY X 54 26.11 -16.00 43.31
N CYS X 55 27.28 -15.96 42.67
CA CYS X 55 27.58 -16.80 41.53
C CYS X 55 28.89 -17.53 41.75
N PRO X 56 29.05 -18.72 41.18
CA PRO X 56 30.30 -19.46 41.36
C PRO X 56 31.52 -18.73 40.82
N GLY X 57 31.37 -17.97 39.74
CA GLY X 57 32.48 -17.35 39.06
C GLY X 57 32.69 -15.88 39.34
N LYS X 58 32.13 -15.34 40.42
CA LYS X 58 32.25 -13.92 40.71
C LYS X 58 33.34 -13.64 41.74
N TYR X 59 33.24 -14.25 42.92
CA TYR X 59 34.23 -14.09 43.97
C TYR X 59 34.53 -15.45 44.57
N GLY X 60 35.57 -15.48 45.42
CA GLY X 60 35.92 -16.68 46.13
C GLY X 60 37.06 -17.43 45.48
N PRO X 61 37.31 -18.66 45.93
CA PRO X 61 38.45 -19.42 45.37
C PRO X 61 38.34 -19.63 43.88
N SER X 62 37.14 -19.89 43.36
CA SER X 62 36.99 -20.15 41.93
C SER X 62 37.43 -18.96 41.09
N ARG X 63 37.49 -17.77 41.67
CA ARG X 63 37.92 -16.57 40.98
C ARG X 63 39.33 -16.12 41.35
N GLU X 64 39.79 -16.44 42.56
CA GLU X 64 41.08 -15.95 43.04
C GLU X 64 42.22 -16.95 42.88
N ILE X 65 41.92 -18.23 42.74
CA ILE X 65 42.95 -19.25 42.65
C ILE X 65 43.28 -19.52 41.19
N ALA X 66 44.57 -19.55 40.88
CA ALA X 66 45.00 -19.81 39.51
C ALA X 66 44.46 -21.15 39.03
N ASP X 67 44.00 -21.17 37.78
CA ASP X 67 43.41 -22.36 37.20
C ASP X 67 44.44 -23.40 36.78
N PHE X 68 45.72 -23.05 36.73
CA PHE X 68 46.75 -23.99 36.33
C PHE X 68 48.08 -23.56 36.93
N GLU X 69 49.09 -24.41 36.75
CA GLU X 69 50.42 -24.18 37.26
C GLU X 69 51.35 -25.19 36.64
N TYR X 70 52.58 -24.77 36.33
CA TYR X 70 53.54 -25.68 35.73
C TYR X 70 53.90 -26.80 36.70
N ALA X 71 54.18 -27.98 36.13
CA ALA X 71 54.44 -29.15 36.96
C ALA X 71 55.57 -28.92 37.94
N ASP X 72 56.54 -28.08 37.58
CA ASP X 72 57.68 -27.77 38.44
C ASP X 72 57.38 -26.62 39.39
N GLY X 73 56.12 -26.23 39.53
CA GLY X 73 55.73 -25.21 40.48
C GLY X 73 55.73 -23.79 39.96
N THR X 74 56.24 -23.54 38.77
CA THR X 74 56.26 -22.18 38.24
C THR X 74 54.82 -21.69 38.07
N PRO X 75 54.49 -20.49 38.55
CA PRO X 75 53.10 -20.03 38.50
C PRO X 75 52.72 -19.52 37.11
N ALA X 76 51.47 -19.08 37.00
CA ALA X 76 50.93 -18.61 35.73
C ALA X 76 51.15 -17.10 35.57
N SER X 77 50.95 -16.61 34.35
CA SER X 77 51.15 -15.21 34.03
C SER X 77 49.95 -14.38 34.47
N ILE X 78 50.15 -13.06 34.49
CA ILE X 78 49.12 -12.11 34.91
C ILE X 78 48.34 -11.71 33.67
N SER X 79 47.14 -12.26 33.51
CA SER X 79 46.30 -11.90 32.40
C SER X 79 45.79 -10.47 32.55
N GLY X 80 45.39 -9.89 31.42
CA GLY X 80 44.81 -8.55 31.47
C GLY X 80 43.56 -8.52 32.33
N ARG X 81 42.70 -9.52 32.20
CA ARG X 81 41.49 -9.56 33.02
C ARG X 81 41.82 -9.84 34.48
N ARG X 82 42.88 -10.60 34.74
CA ARG X 82 43.32 -10.80 36.12
C ARG X 82 43.76 -9.48 36.74
N PHE X 83 44.54 -8.70 36.02
CA PHE X 83 44.95 -7.39 36.50
C PHE X 83 43.74 -6.48 36.69
N ALA X 84 42.77 -6.55 35.77
CA ALA X 84 41.58 -5.75 35.91
C ALA X 84 40.77 -6.13 37.14
N PHE X 85 40.67 -7.42 37.44
CA PHE X 85 39.97 -7.86 38.63
C PHE X 85 40.69 -7.41 39.90
N LYS X 86 42.02 -7.49 39.90
CA LYS X 86 42.77 -6.99 41.04
C LYS X 86 42.55 -5.49 41.21
N HIS X 87 42.52 -4.75 40.11
CA HIS X 87 42.23 -3.32 40.18
C HIS X 87 40.83 -3.08 40.71
N HIS X 88 39.87 -3.93 40.34
CA HIS X 88 38.50 -3.78 40.84
C HIS X 88 38.45 -3.99 42.35
N GLN X 89 39.15 -5.01 42.85
CA GLN X 89 39.19 -5.23 44.29
C GLN X 89 39.85 -4.05 45.00
N ASP X 90 40.96 -3.54 44.45
CA ASP X 90 41.58 -2.35 45.01
C ASP X 90 40.62 -1.17 44.97
N HIS X 91 39.78 -1.09 43.94
CA HIS X 91 38.83 0.00 43.84
C HIS X 91 37.76 -0.10 44.92
N LEU X 92 37.29 -1.32 45.20
CA LEU X 92 36.35 -1.50 46.31
C LEU X 92 36.99 -1.08 47.63
N LEU X 93 38.24 -1.48 47.84
CA LEU X 93 38.95 -1.08 49.06
C LEU X 93 39.08 0.43 49.13
N VAL X 94 39.41 1.07 48.01
CA VAL X 94 39.57 2.53 47.97
C VAL X 94 38.25 3.21 48.27
N GLN X 95 37.15 2.70 47.71
CA GLN X 95 35.84 3.25 48.00
C GLN X 95 35.54 3.18 49.49
N LEU X 96 35.78 2.02 50.10
CA LEU X 96 35.53 1.87 51.53
C LEU X 96 36.37 2.84 52.34
N ILE X 97 37.66 2.92 52.02
CA ILE X 97 38.57 3.77 52.78
C ILE X 97 38.18 5.24 52.63
N ARG X 98 37.84 5.66 51.41
CA ARG X 98 37.46 7.04 51.18
C ARG X 98 36.15 7.39 51.88
N ALA X 99 35.18 6.47 51.87
CA ALA X 99 33.94 6.72 52.60
C ALA X 99 34.20 6.85 54.09
N ALA X 100 35.04 5.98 54.65
CA ALA X 100 35.37 6.07 56.07
C ALA X 100 36.08 7.39 56.37
N ALA X 101 37.02 7.79 55.51
CA ALA X 101 37.72 9.05 55.72
C ALA X 101 36.78 10.24 55.65
N THR X 102 35.83 10.20 54.71
CA THR X 102 34.84 11.27 54.62
C THR X 102 34.00 11.35 55.89
N VAL X 103 33.58 10.20 56.40
CA VAL X 103 32.79 10.21 57.64
C VAL X 103 33.61 10.78 58.79
N GLU X 104 34.88 10.36 58.89
CA GLU X 104 35.72 10.85 59.97
C GLU X 104 35.95 12.35 59.85
N ARG X 105 36.18 12.85 58.64
CA ARG X 105 36.39 14.28 58.45
C ARG X 105 35.14 15.08 58.77
N TYR X 106 33.97 14.57 58.36
CA TYR X 106 32.73 15.23 58.73
C TYR X 106 32.54 15.27 60.24
N ASP X 107 32.85 14.16 60.92
CA ASP X 107 32.75 14.12 62.37
C ASP X 107 33.67 15.15 63.00
N ALA X 108 34.91 15.22 62.53
CA ALA X 108 35.88 16.16 63.08
C ALA X 108 35.42 17.60 62.87
N SER X 109 34.93 17.91 61.67
CA SER X 109 34.48 19.27 61.40
C SER X 109 33.20 19.60 62.16
N GLY X 110 32.42 18.60 62.53
CA GLY X 110 31.19 18.80 63.24
C GLY X 110 29.95 18.86 62.37
N LEU X 111 29.96 18.23 61.20
CA LEU X 111 28.83 18.29 60.29
C LEU X 111 27.84 17.15 60.48
N LEU X 112 28.23 16.06 61.13
CA LEU X 112 27.32 14.96 61.37
C LEU X 112 26.21 15.41 62.31
N PRO X 113 24.97 15.61 61.84
CA PRO X 113 23.92 16.10 62.73
C PRO X 113 23.62 15.11 63.84
N ARG X 114 23.23 15.65 65.00
CA ARG X 114 22.81 14.80 66.11
C ARG X 114 21.43 14.19 65.87
N ILE X 115 20.66 14.72 64.93
CA ILE X 115 19.33 14.20 64.62
C ILE X 115 19.50 12.94 63.79
N PRO X 116 18.62 11.94 63.90
CA PRO X 116 18.81 10.69 63.15
C PRO X 116 18.81 10.86 61.64
N GLY X 117 17.75 11.45 61.10
CA GLY X 117 17.59 11.53 59.66
C GLY X 117 17.44 12.94 59.12
N THR X 118 17.28 13.05 57.80
CA THR X 118 17.11 14.34 57.14
C THR X 118 15.70 14.87 57.37
N ALA X 119 15.46 16.09 56.90
CA ALA X 119 14.14 16.70 57.08
C ALA X 119 13.05 15.90 56.37
N GLU X 120 13.33 15.47 55.14
CA GLU X 120 12.33 14.71 54.38
C GLU X 120 11.97 13.42 55.11
N GLN X 121 12.97 12.65 55.51
CA GLN X 121 12.70 11.40 56.21
C GLN X 121 12.00 11.66 57.54
N ARG X 122 12.41 12.71 58.25
CA ARG X 122 11.83 12.99 59.55
C ARG X 122 10.35 13.35 59.43
N ASN X 123 9.99 14.15 58.42
CA ASN X 123 8.59 14.52 58.25
C ASN X 123 7.79 13.45 57.52
N TRP X 124 8.44 12.44 56.95
CA TRP X 124 7.72 11.32 56.33
C TRP X 124 7.48 10.15 57.28
N ASP X 125 8.43 9.87 58.18
CA ASP X 125 8.38 8.67 59.01
C ASP X 125 8.03 9.02 60.44
N PRO X 126 6.89 8.57 60.98
CA PRO X 126 6.59 8.83 62.39
C PRO X 126 7.55 8.16 63.36
N ALA X 127 8.22 7.08 62.96
CA ALA X 127 9.05 6.33 63.89
C ALA X 127 10.15 7.19 64.51
N ILE X 128 10.61 8.22 63.81
CA ILE X 128 11.62 9.13 64.35
C ILE X 128 10.94 10.06 65.35
N PRO X 129 11.33 10.06 66.63
CA PRO X 129 10.70 10.99 67.58
C PRO X 129 10.94 12.44 67.20
N LEU X 130 10.30 13.35 67.92
CA LEU X 130 10.47 14.78 67.69
C LEU X 130 11.63 15.29 68.52
N PHE X 131 12.56 15.99 67.86
CA PHE X 131 13.76 16.51 68.50
C PHE X 131 13.72 18.01 68.71
N LEU X 132 12.52 18.61 68.71
CA LEU X 132 12.40 20.04 68.91
C LEU X 132 12.96 20.43 70.28
N ASP X 133 13.63 21.57 70.32
CA ASP X 133 14.16 22.10 71.57
C ASP X 133 14.73 23.50 71.35
N THR Y 1 -58.52 -62.28 11.17
CA THR Y 1 -59.60 -62.67 10.27
C THR Y 1 -59.28 -62.27 8.84
N VAL Y 2 -60.28 -62.35 7.96
CA VAL Y 2 -60.11 -61.96 6.57
C VAL Y 2 -60.88 -60.70 6.20
N GLY Y 3 -62.01 -60.42 6.87
CA GLY Y 3 -62.76 -59.22 6.55
C GLY Y 3 -62.09 -57.94 6.99
N LEU Y 4 -61.27 -58.01 8.04
CA LEU Y 4 -60.54 -56.85 8.53
C LEU Y 4 -59.28 -56.63 7.70
N LEU Y 5 -58.72 -55.43 7.82
CA LEU Y 5 -57.56 -55.05 7.03
C LEU Y 5 -56.31 -55.10 7.90
N PRO Y 6 -55.45 -56.11 7.75
CA PRO Y 6 -54.25 -56.20 8.57
C PRO Y 6 -53.16 -55.26 8.05
N ALA Y 7 -52.15 -55.06 8.89
CA ALA Y 7 -51.02 -54.20 8.56
C ALA Y 7 -50.14 -54.85 7.51
N GLN Y 8 -49.75 -54.07 6.50
CA GLN Y 8 -48.85 -54.56 5.46
C GLN Y 8 -47.52 -54.94 6.08
N LEU Y 9 -47.00 -56.10 5.69
CA LEU Y 9 -45.74 -56.61 6.23
C LEU Y 9 -44.68 -56.81 5.16
N ALA Y 10 -45.06 -57.32 3.99
CA ALA Y 10 -44.10 -57.55 2.93
C ALA Y 10 -43.83 -56.27 2.13
N LEU Y 11 -44.87 -55.73 1.50
CA LEU Y 11 -44.76 -54.56 0.65
C LEU Y 11 -45.54 -53.41 1.26
N SER Y 12 -44.89 -52.25 1.39
CA SER Y 12 -45.55 -51.06 1.91
C SER Y 12 -44.61 -49.87 1.77
N ARG Y 13 -45.21 -48.69 1.61
CA ARG Y 13 -44.47 -47.44 1.63
C ARG Y 13 -44.12 -46.98 3.03
N LYS Y 14 -44.79 -47.50 4.05
CA LYS Y 14 -44.57 -47.06 5.41
C LYS Y 14 -43.19 -47.49 5.87
N PRO Y 15 -42.64 -46.84 6.90
CA PRO Y 15 -41.30 -47.21 7.38
C PRO Y 15 -41.29 -48.64 7.90
N ARG Y 16 -40.46 -49.48 7.30
CA ARG Y 16 -40.25 -50.83 7.81
C ARG Y 16 -39.24 -50.76 8.95
N LEU Y 17 -39.68 -51.16 10.14
CA LEU Y 17 -38.91 -50.91 11.35
C LEU Y 17 -37.71 -51.85 11.45
N ARG Y 18 -36.63 -51.52 10.74
CA ARG Y 18 -35.38 -52.28 10.80
C ARG Y 18 -34.22 -51.29 10.98
N PRO Y 19 -34.06 -50.73 12.18
CA PRO Y 19 -32.96 -49.79 12.40
C PRO Y 19 -31.59 -50.41 12.22
N HIS Y 20 -31.49 -51.73 12.27
CA HIS Y 20 -30.21 -52.44 12.22
C HIS Y 20 -29.68 -52.62 10.80
N VAL Y 21 -30.41 -52.15 9.79
CA VAL Y 21 -30.01 -52.41 8.41
C VAL Y 21 -28.64 -51.81 8.12
N GLY Y 22 -28.43 -50.56 8.53
CA GLY Y 22 -27.18 -49.89 8.25
C GLY Y 22 -26.50 -49.34 9.48
N ASN Y 23 -26.67 -50.02 10.62
CA ASN Y 23 -26.07 -49.59 11.87
C ASN Y 23 -25.37 -50.70 12.63
N LEU Y 24 -25.63 -51.96 12.33
CA LEU Y 24 -24.99 -53.09 12.99
C LEU Y 24 -23.98 -53.73 12.06
N LYS Y 25 -22.96 -54.35 12.66
CA LYS Y 25 -21.87 -54.99 11.94
C LYS Y 25 -21.90 -56.49 12.18
N GLY Y 26 -21.64 -57.26 11.13
CA GLY Y 26 -21.54 -58.70 11.29
C GLY Y 26 -22.87 -59.34 11.58
N LEU Y 27 -22.84 -60.46 12.30
CA LEU Y 27 -24.04 -61.22 12.59
C LEU Y 27 -25.02 -60.37 13.39
N VAL Y 28 -26.28 -60.39 12.98
CA VAL Y 28 -27.37 -59.72 13.69
C VAL Y 28 -28.41 -60.77 14.03
N TYR Y 29 -28.73 -60.90 15.30
CA TYR Y 29 -29.69 -61.90 15.72
C TYR Y 29 -31.12 -61.41 15.44
N PRO Y 30 -32.05 -62.32 15.14
CA PRO Y 30 -33.40 -61.87 14.81
C PRO Y 30 -34.13 -61.18 15.95
N LEU Y 31 -33.67 -61.33 17.18
CA LEU Y 31 -34.29 -60.64 18.30
C LEU Y 31 -34.38 -59.15 18.00
N PRO Y 32 -35.57 -58.60 17.76
CA PRO Y 32 -35.67 -57.19 17.38
C PRO Y 32 -35.12 -56.27 18.46
N TYR Y 33 -34.35 -55.26 18.04
CA TYR Y 33 -33.96 -54.15 18.91
C TYR Y 33 -33.20 -54.64 20.15
N TYR Y 34 -32.37 -55.65 19.97
CA TYR Y 34 -31.58 -56.15 21.09
C TYR Y 34 -30.42 -55.23 21.45
N ALA Y 35 -29.89 -54.50 20.47
CA ALA Y 35 -28.80 -53.56 20.69
C ALA Y 35 -29.23 -52.12 20.40
N MET Y 36 -30.44 -51.76 20.80
CA MET Y 36 -31.00 -50.45 20.46
C MET Y 36 -30.59 -49.39 21.49
N TRP Y 37 -30.82 -49.66 22.77
CA TRP Y 37 -30.51 -48.68 23.80
C TRP Y 37 -29.02 -48.36 23.86
N ARG Y 38 -28.16 -49.25 23.36
CA ARG Y 38 -26.73 -48.95 23.30
C ARG Y 38 -26.45 -47.76 22.39
N GLY Y 39 -27.39 -47.41 21.52
CA GLY Y 39 -27.17 -46.40 20.50
C GLY Y 39 -27.32 -46.99 19.12
N ASN Y 40 -27.91 -48.18 19.04
CA ASN Y 40 -28.13 -48.87 17.77
C ASN Y 40 -26.79 -49.23 17.12
N HIS Y 41 -25.95 -49.93 17.88
CA HIS Y 41 -24.67 -50.43 17.38
C HIS Y 41 -24.26 -51.63 18.21
N ASN Y 42 -23.47 -52.51 17.60
CA ASN Y 42 -22.99 -53.73 18.26
C ASN Y 42 -21.47 -53.77 18.31
N LYS Y 43 -20.85 -52.66 18.67
CA LYS Y 43 -19.41 -52.57 18.84
C LYS Y 43 -19.07 -52.29 20.29
N TYR Y 44 -17.79 -52.44 20.63
CA TYR Y 44 -17.29 -52.26 21.99
C TYR Y 44 -18.01 -53.21 22.95
N THR Y 45 -18.03 -54.49 22.56
CA THR Y 45 -18.61 -55.55 23.39
C THR Y 45 -17.54 -56.30 24.17
N TYR Y 46 -16.29 -55.85 24.12
CA TYR Y 46 -15.18 -56.51 24.81
C TYR Y 46 -14.92 -55.91 26.19
N ASN Y 47 -15.73 -54.94 26.60
CA ASN Y 47 -15.51 -54.22 27.84
C ASN Y 47 -16.14 -54.98 29.00
N LYS Y 48 -15.36 -55.24 30.04
CA LYS Y 48 -15.85 -55.92 31.22
C LYS Y 48 -16.31 -54.97 32.31
N SER Y 49 -15.69 -53.80 32.43
CA SER Y 49 -16.04 -52.80 33.42
C SER Y 49 -16.72 -51.63 32.73
N THR Y 50 -17.87 -51.22 33.27
CA THR Y 50 -18.66 -50.15 32.69
C THR Y 50 -19.08 -49.19 33.80
N VAL Y 51 -19.69 -48.08 33.41
CA VAL Y 51 -20.24 -47.15 34.40
C VAL Y 51 -21.38 -47.85 35.13
N CYS Y 52 -21.29 -47.89 36.46
CA CYS Y 52 -22.21 -48.66 37.27
C CYS Y 52 -22.73 -47.81 38.42
N LEU Y 53 -24.03 -47.87 38.67
CA LEU Y 53 -24.62 -47.32 39.87
C LEU Y 53 -24.62 -48.41 40.94
N TRP Y 54 -25.23 -48.13 42.09
CA TRP Y 54 -25.34 -49.15 43.12
C TRP Y 54 -26.20 -50.30 42.61
N GLY Y 55 -25.73 -51.52 42.85
CA GLY Y 55 -26.42 -52.70 42.36
C GLY Y 55 -26.11 -53.09 40.94
N GLU Y 56 -24.98 -52.66 40.39
CA GLU Y 56 -24.62 -52.99 39.02
C GLU Y 56 -23.23 -53.59 38.95
N GLY Y 57 -22.69 -53.74 37.74
CA GLY Y 57 -21.56 -54.61 37.48
C GLY Y 57 -20.46 -54.67 38.52
N ASP Y 58 -19.77 -53.55 38.74
CA ASP Y 58 -18.59 -53.54 39.58
C ASP Y 58 -18.88 -53.26 41.04
N THR Y 59 -20.14 -53.01 41.40
CA THR Y 59 -20.48 -52.76 42.80
C THR Y 59 -20.71 -54.05 43.58
N ARG Y 60 -20.56 -55.21 42.95
CA ARG Y 60 -20.76 -56.47 43.66
C ARG Y 60 -19.80 -56.61 44.82
N SER Y 61 -18.54 -56.22 44.63
CA SER Y 61 -17.58 -56.29 45.72
C SER Y 61 -17.98 -55.37 46.86
N MET Y 62 -18.45 -54.17 46.56
CA MET Y 62 -18.87 -53.23 47.59
C MET Y 62 -20.16 -53.73 48.25
N TYR Y 63 -20.40 -53.23 49.46
CA TYR Y 63 -21.53 -53.66 50.28
C TYR Y 63 -22.59 -52.58 50.30
N HIS Y 64 -23.84 -52.98 50.07
CA HIS Y 64 -24.98 -52.06 50.11
C HIS Y 64 -26.13 -52.84 50.72
N GLN Y 65 -26.62 -52.39 51.89
CA GLN Y 65 -27.52 -53.21 52.70
C GLN Y 65 -28.66 -53.80 51.87
N HIS Y 66 -29.08 -53.12 50.81
CA HIS Y 66 -30.18 -53.64 49.99
C HIS Y 66 -29.71 -54.78 49.09
N TYR Y 67 -28.76 -54.50 48.20
CA TYR Y 67 -28.37 -55.50 47.22
C TYR Y 67 -27.61 -56.66 47.85
N ALA Y 68 -26.94 -56.43 48.96
CA ALA Y 68 -26.23 -57.52 49.63
C ALA Y 68 -27.17 -58.65 49.99
N HIS Y 69 -28.45 -58.35 50.23
CA HIS Y 69 -29.44 -59.37 50.56
C HIS Y 69 -30.43 -59.63 49.43
N ALA Y 70 -30.57 -58.70 48.48
CA ALA Y 70 -31.56 -58.82 47.43
C ALA Y 70 -30.94 -58.97 46.04
N LYS Y 71 -29.67 -59.38 45.96
CA LYS Y 71 -29.06 -59.61 44.67
C LYS Y 71 -27.79 -60.44 44.85
N CYS Y 72 -27.65 -61.46 44.02
CA CYS Y 72 -26.49 -62.35 44.10
C CYS Y 72 -25.26 -61.64 43.56
N PRO Y 73 -24.08 -61.82 44.19
CA PRO Y 73 -22.87 -61.18 43.65
C PRO Y 73 -22.54 -61.61 42.23
N THR Y 74 -22.84 -62.85 41.85
CA THR Y 74 -22.55 -63.31 40.50
C THR Y 74 -23.59 -62.87 39.48
N ASP Y 75 -24.73 -62.36 39.94
CA ASP Y 75 -25.80 -61.96 39.04
C ASP Y 75 -25.61 -60.54 38.49
N TYR Y 76 -24.61 -59.82 38.97
CA TYR Y 76 -24.37 -58.47 38.48
C TYR Y 76 -23.91 -58.51 37.03
N GLY Y 77 -24.24 -57.46 36.29
CA GLY Y 77 -23.97 -57.40 34.86
C GLY Y 77 -23.34 -56.10 34.41
N ARG Y 78 -23.95 -55.44 33.43
CA ARG Y 78 -23.40 -54.23 32.85
C ARG Y 78 -24.15 -52.99 33.34
N GLY Y 79 -23.68 -51.83 32.90
CA GLY Y 79 -24.22 -50.57 33.35
C GLY Y 79 -25.67 -50.35 32.98
N GLY Y 80 -26.18 -49.15 33.21
CA GLY Y 80 -27.58 -48.86 32.93
C GLY Y 80 -27.91 -48.88 31.46
N ARG Y 81 -27.35 -47.96 30.69
CA ARG Y 81 -27.59 -47.93 29.25
C ARG Y 81 -26.92 -49.10 28.53
N GLU Y 82 -26.00 -49.80 29.18
CA GLU Y 82 -25.33 -50.96 28.62
C GLU Y 82 -25.96 -52.27 29.08
N PHE Y 83 -27.27 -52.27 29.33
CA PHE Y 83 -27.96 -53.44 29.86
C PHE Y 83 -27.85 -54.61 28.90
N GLU Y 84 -27.93 -55.83 29.43
CA GLU Y 84 -27.76 -57.05 28.64
C GLU Y 84 -29.13 -57.61 28.26
N TYR Y 85 -29.71 -57.03 27.22
CA TYR Y 85 -30.96 -57.56 26.68
C TYR Y 85 -30.76 -58.91 26.00
N LEU Y 86 -29.57 -59.16 25.47
CA LEU Y 86 -29.29 -60.44 24.83
C LEU Y 86 -27.81 -60.76 25.04
N THR Y 87 -27.53 -61.97 25.52
CA THR Y 87 -26.16 -62.41 25.77
C THR Y 87 -25.93 -63.74 25.08
N VAL Y 88 -24.78 -63.88 24.43
CA VAL Y 88 -24.37 -65.12 23.79
C VAL Y 88 -22.99 -65.48 24.32
N LYS Y 89 -22.85 -66.67 24.89
CA LYS Y 89 -21.60 -67.11 25.49
C LYS Y 89 -21.37 -68.58 25.16
N ARG Y 90 -20.20 -68.89 24.60
CA ARG Y 90 -19.86 -70.28 24.34
C ARG Y 90 -19.54 -71.02 25.63
N GLY Y 91 -19.85 -72.30 25.65
CA GLY Y 91 -19.57 -73.13 26.80
C GLY Y 91 -20.64 -74.18 26.98
N LYS Y 92 -20.40 -75.04 27.97
CA LYS Y 92 -21.33 -76.10 28.33
C LYS Y 92 -22.29 -75.57 29.40
N MET Y 93 -23.56 -75.40 29.03
CA MET Y 93 -24.53 -74.90 30.00
C MET Y 93 -24.64 -75.86 31.18
N LEU Y 94 -24.77 -75.31 32.37
CA LEU Y 94 -24.83 -76.08 33.61
C LEU Y 94 -26.15 -75.76 34.30
N GLN Y 95 -27.01 -76.76 34.43
CA GLN Y 95 -28.31 -76.61 35.10
C GLN Y 95 -28.12 -76.99 36.57
N LYS Y 96 -27.77 -76.01 37.38
CA LYS Y 96 -27.59 -76.27 38.81
C LYS Y 96 -28.93 -76.63 39.43
N PRO Y 97 -28.97 -77.60 40.33
CA PRO Y 97 -30.26 -78.03 40.89
C PRO Y 97 -30.94 -76.91 41.66
N LEU Y 98 -32.28 -76.89 41.58
CA LEU Y 98 -33.05 -75.88 42.27
C LEU Y 98 -32.99 -76.11 43.78
N PRO Y 99 -33.22 -75.06 44.57
CA PRO Y 99 -33.19 -75.24 46.03
C PRO Y 99 -34.26 -76.20 46.50
N ARG Y 100 -33.91 -76.94 47.56
CA ARG Y 100 -34.81 -77.91 48.17
C ARG Y 100 -35.35 -77.33 49.48
N VAL Y 101 -36.68 -77.36 49.63
CA VAL Y 101 -37.27 -76.86 50.87
C VAL Y 101 -36.70 -77.63 52.05
N GLN Y 102 -36.49 -76.91 53.15
CA GLN Y 102 -35.82 -77.45 54.32
C GLN Y 102 -36.80 -77.55 55.49
N TYR Y 103 -36.40 -78.33 56.49
CA TYR Y 103 -37.21 -78.53 57.69
C TYR Y 103 -38.57 -79.12 57.35
N VAL Y 104 -38.58 -80.03 56.39
CA VAL Y 104 -39.79 -80.77 56.00
C VAL Y 104 -39.46 -82.26 56.05
N ALA Y 105 -40.33 -83.02 56.71
CA ALA Y 105 -40.12 -84.45 56.82
C ALA Y 105 -40.17 -85.10 55.43
N GLU Y 106 -39.79 -86.38 55.39
CA GLU Y 106 -39.78 -87.14 54.15
C GLU Y 106 -41.02 -88.01 54.10
N GLY Y 107 -41.76 -87.91 53.00
CA GLY Y 107 -42.99 -88.66 52.85
C GLY Y 107 -44.18 -88.06 53.54
N SER Y 108 -44.04 -86.90 54.18
CA SER Y 108 -45.15 -86.25 54.84
C SER Y 108 -46.15 -85.73 53.82
N LYS Y 109 -47.44 -85.82 54.15
CA LYS Y 109 -48.50 -85.37 53.27
C LYS Y 109 -48.95 -83.98 53.72
N PRO Y 110 -48.68 -82.92 52.95
CA PRO Y 110 -49.09 -81.59 53.39
C PRO Y 110 -50.56 -81.31 53.20
N VAL Y 111 -51.04 -80.20 53.75
CA VAL Y 111 -52.41 -79.74 53.58
C VAL Y 111 -52.38 -78.51 52.69
N TRP Y 112 -53.26 -78.48 51.70
CA TRP Y 112 -53.30 -77.43 50.71
C TRP Y 112 -54.44 -76.47 50.99
N LEU Y 113 -54.15 -75.17 50.91
CA LEU Y 113 -55.14 -74.12 51.12
C LEU Y 113 -55.30 -73.37 49.81
N PHE Y 114 -56.51 -73.39 49.26
CA PHE Y 114 -56.78 -72.77 47.97
C PHE Y 114 -57.06 -71.30 48.17
N LYS Y 115 -56.05 -70.47 47.92
CA LYS Y 115 -56.25 -69.02 47.98
C LYS Y 115 -56.99 -68.54 46.75
N SER Y 116 -57.90 -67.60 46.96
CA SER Y 116 -58.69 -67.04 45.86
C SER Y 116 -59.14 -65.64 46.26
N TRP Y 117 -59.33 -64.78 45.26
CA TRP Y 117 -59.74 -63.41 45.55
C TRP Y 117 -61.14 -63.36 46.14
N HIS Y 118 -61.93 -64.43 46.01
CA HIS Y 118 -63.25 -64.45 46.63
C HIS Y 118 -63.16 -64.25 48.13
N THR Y 119 -62.12 -64.75 48.75
CA THR Y 119 -61.88 -64.50 50.17
C THR Y 119 -61.35 -63.08 50.36
N PRO Y 120 -61.93 -62.28 51.25
CA PRO Y 120 -61.44 -60.90 51.40
C PRO Y 120 -59.97 -60.88 51.80
N LEU Y 121 -59.25 -59.88 51.28
CA LEU Y 121 -57.82 -59.81 51.50
C LEU Y 121 -57.49 -59.70 52.99
N SER Y 122 -58.33 -59.00 53.75
CA SER Y 122 -58.06 -58.80 55.16
C SER Y 122 -58.09 -60.10 55.96
N SER Y 123 -58.71 -61.15 55.42
CA SER Y 123 -58.82 -62.39 56.16
C SER Y 123 -57.44 -62.99 56.40
N PRO Y 124 -57.19 -63.57 57.58
CA PRO Y 124 -55.88 -64.19 57.82
C PRO Y 124 -55.61 -65.41 56.95
N SER Y 125 -56.64 -66.00 56.35
CA SER Y 125 -56.43 -67.12 55.46
C SER Y 125 -55.59 -66.75 54.24
N MET Y 126 -55.73 -65.51 53.75
CA MET Y 126 -54.90 -65.08 52.63
C MET Y 126 -53.43 -65.00 53.04
N TRP Y 127 -53.15 -64.53 54.25
CA TRP Y 127 -51.78 -64.44 54.73
C TRP Y 127 -51.24 -65.78 55.23
N GLU Y 128 -52.11 -66.78 55.39
CA GLU Y 128 -51.66 -68.12 55.74
C GLU Y 128 -50.75 -68.67 54.65
N ARG Y 129 -50.18 -69.86 54.87
CA ARG Y 129 -49.26 -70.47 53.92
C ARG Y 129 -49.99 -71.57 53.16
N GLU Y 130 -49.84 -71.56 51.83
CA GLU Y 130 -50.60 -72.47 50.98
C GLU Y 130 -50.31 -73.92 51.34
N VAL Y 131 -49.07 -74.36 51.17
CA VAL Y 131 -48.67 -75.72 51.49
C VAL Y 131 -48.39 -75.79 52.98
N GLN Y 132 -49.14 -76.63 53.69
CA GLN Y 132 -49.04 -76.75 55.14
C GLN Y 132 -48.58 -78.16 55.48
N TYR Y 133 -47.47 -78.26 56.20
CA TYR Y 133 -46.92 -79.55 56.62
C TYR Y 133 -47.25 -79.79 58.09
N ALA Y 134 -47.56 -81.05 58.41
CA ALA Y 134 -47.90 -81.38 59.79
C ALA Y 134 -46.79 -80.98 60.75
N GLU Y 135 -45.54 -81.07 60.32
CA GLU Y 135 -44.42 -80.70 61.18
C GLU Y 135 -44.30 -79.20 61.37
N HIS Y 136 -45.04 -78.40 60.61
CA HIS Y 136 -45.06 -76.95 60.78
C HIS Y 136 -46.16 -76.48 61.72
N THR Y 137 -46.94 -77.40 62.28
CA THR Y 137 -48.05 -77.04 63.15
C THR Y 137 -47.59 -77.06 64.60
N PRO Y 138 -47.62 -75.94 65.33
CA PRO Y 138 -47.30 -75.99 66.76
C PRO Y 138 -48.43 -76.64 67.55
N GLU Y 139 -48.22 -77.88 67.98
CA GLU Y 139 -49.26 -78.66 68.64
C GLU Y 139 -49.36 -78.38 70.14
N HIS Y 140 -48.38 -77.68 70.71
CA HIS Y 140 -48.41 -77.37 72.14
C HIS Y 140 -49.10 -76.05 72.46
N ILE Y 141 -49.31 -75.19 71.45
CA ILE Y 141 -50.16 -74.02 71.62
C ILE Y 141 -51.60 -74.31 71.27
N GLY Y 142 -51.93 -75.54 70.88
CA GLY Y 142 -53.26 -75.90 70.48
C GLY Y 142 -53.57 -75.70 69.01
N ALA Y 143 -52.63 -75.17 68.24
CA ALA Y 143 -52.86 -74.90 66.83
C ALA Y 143 -53.03 -76.20 66.05
N LYS Y 144 -53.98 -76.19 65.12
CA LYS Y 144 -54.19 -77.31 64.22
C LYS Y 144 -53.47 -77.11 62.89
N ARG Y 145 -53.45 -75.87 62.40
CA ARG Y 145 -52.78 -75.48 61.17
C ARG Y 145 -51.52 -74.68 61.49
N PRO Y 146 -50.55 -74.64 60.59
CA PRO Y 146 -49.36 -73.82 60.83
C PRO Y 146 -49.69 -72.34 60.83
N LEU Y 147 -48.87 -71.53 61.50
CA LEU Y 147 -49.11 -70.11 61.66
C LEU Y 147 -48.79 -69.36 60.37
N ALA Y 148 -49.54 -68.29 60.14
CA ALA Y 148 -49.36 -67.49 58.92
C ALA Y 148 -47.96 -66.87 58.90
N VAL Y 149 -47.37 -66.82 57.71
CA VAL Y 149 -46.02 -66.28 57.58
C VAL Y 149 -46.06 -64.77 57.38
N VAL Y 150 -46.92 -64.30 56.47
CA VAL Y 150 -47.03 -62.87 56.21
C VAL Y 150 -48.06 -62.24 57.15
N ALA Y 151 -47.91 -60.94 57.37
CA ALA Y 151 -48.84 -60.18 58.19
C ALA Y 151 -49.17 -58.87 57.47
N PRO Y 152 -50.37 -58.33 57.70
CA PRO Y 152 -50.72 -57.07 57.05
C PRO Y 152 -49.78 -55.95 57.46
N ARG Y 153 -49.51 -55.06 56.51
CA ARG Y 153 -48.56 -53.97 56.69
C ARG Y 153 -49.26 -52.64 56.96
N THR Y 154 -50.50 -52.68 57.43
CA THR Y 154 -51.24 -51.48 57.73
C THR Y 154 -50.65 -50.78 58.95
N MET Y 155 -50.70 -49.45 58.94
CA MET Y 155 -50.30 -48.62 60.08
C MET Y 155 -51.58 -48.32 60.86
N HIS Y 156 -51.76 -49.01 61.98
CA HIS Y 156 -52.95 -48.85 62.79
C HIS Y 156 -52.85 -47.54 63.58
N ARG Y 157 -53.67 -46.56 63.20
CA ARG Y 157 -53.74 -45.31 63.95
C ARG Y 157 -54.87 -45.32 64.97
N TYR Y 158 -55.85 -46.20 64.82
CA TYR Y 158 -56.89 -46.41 65.81
C TYR Y 158 -56.75 -47.82 66.39
N LEU Y 159 -57.54 -48.10 67.41
CA LEU Y 159 -57.46 -49.36 68.13
C LEU Y 159 -58.72 -50.18 67.89
N PHE Y 160 -58.52 -51.48 67.63
CA PHE Y 160 -59.62 -52.41 67.40
C PHE Y 160 -59.47 -53.54 68.41
N LEU Y 161 -60.32 -53.54 69.44
CA LEU Y 161 -60.18 -54.41 70.60
C LEU Y 161 -61.25 -55.50 70.63
N MET Y 162 -61.80 -55.86 69.48
CA MET Y 162 -62.84 -56.89 69.45
C MET Y 162 -62.30 -58.24 69.92
N HIS Y 163 -61.10 -58.61 69.48
CA HIS Y 163 -60.54 -59.91 69.78
C HIS Y 163 -59.91 -60.01 71.16
N MET Y 164 -59.77 -58.89 71.87
CA MET Y 164 -59.18 -58.88 73.20
C MET Y 164 -60.27 -58.71 74.25
N GLU Y 165 -60.25 -59.58 75.26
CA GLU Y 165 -61.29 -59.59 76.27
C GLU Y 165 -61.16 -58.46 77.30
N LYS Y 166 -59.94 -58.06 77.65
CA LYS Y 166 -59.78 -57.04 78.67
C LYS Y 166 -58.51 -56.24 78.42
N VAL Y 167 -58.53 -54.98 78.86
CA VAL Y 167 -57.37 -54.10 78.78
C VAL Y 167 -57.28 -53.34 80.10
N THR Y 168 -56.10 -53.35 80.72
CA THR Y 168 -55.86 -52.66 81.98
C THR Y 168 -54.67 -51.73 81.82
N ILE Y 169 -54.86 -50.47 82.24
CA ILE Y 169 -53.82 -49.45 82.15
C ILE Y 169 -53.56 -48.96 83.57
N THR Y 170 -52.31 -49.08 84.02
CA THR Y 170 -51.90 -48.57 85.32
C THR Y 170 -51.09 -47.30 85.11
N VAL Y 171 -51.49 -46.23 85.81
CA VAL Y 171 -50.90 -44.90 85.63
C VAL Y 171 -50.66 -44.29 87.01
N SER Y 172 -49.75 -43.32 87.05
CA SER Y 172 -49.33 -42.70 88.30
C SER Y 172 -49.54 -41.19 88.26
N PRO Y 173 -50.48 -40.63 89.03
CA PRO Y 173 -50.63 -39.17 89.06
C PRO Y 173 -49.40 -38.44 89.55
N LEU Y 174 -48.64 -39.02 90.48
CA LEU Y 174 -47.41 -38.38 90.93
C LEU Y 174 -46.38 -38.32 89.81
N LEU Y 175 -46.27 -39.38 89.01
CA LEU Y 175 -45.39 -39.33 87.86
C LEU Y 175 -45.89 -38.32 86.83
N PHE Y 176 -47.20 -38.16 86.69
CA PHE Y 176 -47.73 -37.09 85.85
C PHE Y 176 -47.27 -35.73 86.36
N GLY Y 177 -47.39 -35.51 87.67
CA GLY Y 177 -46.91 -34.27 88.24
C GLY Y 177 -45.43 -34.05 87.97
N TYR Y 178 -44.65 -35.13 88.02
CA TYR Y 178 -43.26 -35.05 87.62
C TYR Y 178 -43.14 -34.60 86.17
N GLY Y 179 -44.01 -35.11 85.29
CA GLY Y 179 -44.07 -34.64 83.92
C GLY Y 179 -43.24 -35.42 82.93
N HIS Y 180 -43.44 -36.73 82.88
CA HIS Y 180 -42.72 -37.60 81.95
C HIS Y 180 -43.57 -37.85 80.70
N THR Y 181 -42.88 -38.03 79.57
CA THR Y 181 -43.57 -38.27 78.30
C THR Y 181 -44.28 -39.61 78.28
N ILE Y 182 -43.79 -40.59 79.05
CA ILE Y 182 -44.47 -41.87 79.14
C ILE Y 182 -45.88 -41.69 79.69
N GLN Y 183 -46.03 -40.76 80.64
CA GLN Y 183 -47.35 -40.47 81.17
C GLN Y 183 -48.31 -40.05 80.07
N LYS Y 184 -47.88 -39.09 79.24
CA LYS Y 184 -48.75 -38.63 78.15
C LYS Y 184 -49.02 -39.75 77.16
N ALA Y 185 -48.00 -40.56 76.86
CA ALA Y 185 -48.19 -41.66 75.92
C ALA Y 185 -49.26 -42.62 76.43
N VAL Y 186 -49.18 -43.00 77.70
CA VAL Y 186 -50.13 -43.94 78.27
C VAL Y 186 -51.52 -43.32 78.33
N LEU Y 187 -51.61 -42.04 78.69
CA LEU Y 187 -52.92 -41.38 78.77
C LEU Y 187 -53.58 -41.31 77.40
N ASP Y 188 -52.80 -40.96 76.37
CA ASP Y 188 -53.35 -40.91 75.02
C ASP Y 188 -53.74 -42.31 74.55
N PHE Y 189 -52.95 -43.33 74.90
CA PHE Y 189 -53.33 -44.70 74.57
C PHE Y 189 -54.66 -45.06 75.21
N TYR Y 190 -54.85 -44.69 76.49
CA TYR Y 190 -56.12 -44.98 77.15
C TYR Y 190 -57.28 -44.25 76.48
N ARG Y 191 -57.06 -42.99 76.11
CA ARG Y 191 -58.13 -42.23 75.45
C ARG Y 191 -58.51 -42.89 74.12
N ARG Y 192 -57.50 -43.27 73.33
CA ARG Y 192 -57.79 -43.92 72.06
C ARG Y 192 -58.43 -45.29 72.26
N ALA Y 193 -58.07 -45.98 73.33
CA ALA Y 193 -58.71 -47.27 73.62
C ALA Y 193 -60.20 -47.08 73.94
N ILE Y 194 -60.51 -46.10 74.79
CA ILE Y 194 -61.91 -45.88 75.15
C ILE Y 194 -62.67 -45.29 73.97
N SER Y 195 -61.97 -44.71 73.00
CA SER Y 195 -62.58 -44.30 71.74
C SER Y 195 -62.30 -45.29 70.62
N ALA Y 196 -61.99 -46.53 70.96
CA ALA Y 196 -61.66 -47.56 69.99
C ALA Y 196 -62.91 -47.94 69.17
N ARG Y 197 -62.76 -48.93 68.31
CA ARG Y 197 -63.81 -49.29 67.35
C ARG Y 197 -64.84 -50.25 67.92
N SER Y 198 -64.44 -51.12 68.84
CA SER Y 198 -65.37 -52.11 69.36
C SER Y 198 -66.57 -51.42 70.02
N PRO Y 199 -67.77 -51.98 69.88
CA PRO Y 199 -68.93 -51.37 70.54
C PRO Y 199 -68.73 -51.31 72.05
N PHE Y 200 -69.12 -50.19 72.64
CA PHE Y 200 -68.97 -49.98 74.08
C PHE Y 200 -67.54 -50.31 74.49
N PRO Y 201 -66.54 -49.59 73.99
CA PRO Y 201 -65.15 -49.91 74.35
C PRO Y 201 -64.89 -49.82 75.84
N LYS Y 202 -65.59 -48.93 76.55
CA LYS Y 202 -65.41 -48.82 77.99
C LYS Y 202 -65.74 -50.13 78.71
N ASP Y 203 -66.51 -51.01 78.07
CA ASP Y 203 -66.81 -52.30 78.67
C ASP Y 203 -65.53 -53.11 78.89
N LYS Y 204 -64.63 -53.08 77.91
CA LYS Y 204 -63.39 -53.85 77.99
C LYS Y 204 -62.21 -53.02 78.48
N VAL Y 205 -62.29 -51.69 78.40
CA VAL Y 205 -61.19 -50.85 78.83
C VAL Y 205 -61.37 -50.47 80.30
N PHE Y 206 -60.32 -50.65 81.08
CA PHE Y 206 -60.34 -50.31 82.50
C PHE Y 206 -59.07 -49.56 82.85
N LEU Y 207 -59.21 -48.56 83.72
CA LEU Y 207 -58.08 -47.75 84.17
C LEU Y 207 -57.93 -47.87 85.68
N PHE Y 208 -56.73 -48.18 86.14
CA PHE Y 208 -56.42 -48.27 87.57
C PHE Y 208 -55.29 -47.30 87.86
N TYR Y 209 -55.51 -46.41 88.82
CA TYR Y 209 -54.45 -45.50 89.24
C TYR Y 209 -53.38 -46.28 90.01
N ALA Y 210 -52.18 -45.71 90.07
CA ALA Y 210 -51.05 -46.35 90.72
C ALA Y 210 -51.30 -46.37 92.22
N ILE Y 211 -51.74 -47.52 92.74
CA ILE Y 211 -51.96 -47.65 94.17
C ILE Y 211 -50.65 -47.49 94.94
N ASP Y 212 -49.53 -47.84 94.31
CA ASP Y 212 -48.23 -47.71 94.96
C ASP Y 212 -47.26 -46.85 94.16
N HIS Y 213 -47.76 -46.03 93.24
CA HIS Y 213 -46.93 -45.10 92.47
C HIS Y 213 -45.86 -45.86 91.68
N ILE Y 214 -46.25 -46.95 91.06
CA ILE Y 214 -45.34 -47.79 90.27
C ILE Y 214 -45.32 -47.29 88.84
N THR Y 215 -44.30 -47.70 88.10
CA THR Y 215 -44.15 -47.26 86.72
C THR Y 215 -45.40 -47.62 85.92
N PRO Y 216 -45.87 -46.73 85.04
CA PRO Y 216 -47.09 -47.03 84.28
C PRO Y 216 -46.90 -48.23 83.37
N ARG Y 217 -48.01 -48.93 83.12
CA ARG Y 217 -47.94 -50.14 82.31
C ARG Y 217 -49.30 -50.41 81.67
N ILE Y 218 -49.28 -51.28 80.66
CA ILE Y 218 -50.47 -51.69 79.92
C ILE Y 218 -50.48 -53.20 79.82
N GLU Y 219 -51.66 -53.79 79.97
CA GLU Y 219 -51.81 -55.23 79.89
C GLU Y 219 -53.08 -55.55 79.11
N VAL Y 220 -52.94 -56.27 78.00
CA VAL Y 220 -54.08 -56.67 77.19
C VAL Y 220 -54.21 -58.19 77.27
N THR Y 221 -55.37 -58.65 77.74
CA THR Y 221 -55.67 -60.07 77.84
C THR Y 221 -56.71 -60.43 76.78
N TRP Y 222 -56.42 -61.48 76.02
CA TRP Y 222 -57.25 -61.86 74.88
C TRP Y 222 -58.28 -62.92 75.30
N LEU Y 223 -59.17 -63.24 74.36
CA LEU Y 223 -60.18 -64.25 74.62
C LEU Y 223 -59.56 -65.59 74.97
N ASP Y 224 -58.39 -65.89 74.43
CA ASP Y 224 -57.70 -67.15 74.72
C ASP Y 224 -57.16 -67.23 76.13
N GLY Y 225 -57.18 -66.13 76.88
CA GLY Y 225 -56.64 -66.09 78.22
C GLY Y 225 -55.20 -65.62 78.29
N THR Y 226 -54.50 -65.59 77.16
CA THR Y 226 -53.15 -65.09 77.14
C THR Y 226 -53.13 -63.58 77.34
N SER Y 227 -51.96 -63.07 77.70
CA SER Y 227 -51.80 -61.65 78.01
C SER Y 227 -50.54 -61.12 77.34
N TYR Y 228 -50.54 -59.82 77.09
CA TYR Y 228 -49.43 -59.15 76.44
C TYR Y 228 -49.25 -57.77 77.03
N VAL Y 229 -47.99 -57.38 77.22
CA VAL Y 229 -47.64 -56.08 77.78
C VAL Y 229 -46.76 -55.35 76.78
N PRO Y 230 -47.19 -54.24 76.21
CA PRO Y 230 -46.33 -53.50 75.28
C PRO Y 230 -45.24 -52.77 76.03
N PRO Y 231 -43.97 -53.11 75.80
CA PRO Y 231 -42.89 -52.41 76.52
C PRO Y 231 -42.96 -50.92 76.29
N VAL Y 232 -43.22 -50.18 77.37
CA VAL Y 232 -43.31 -48.72 77.31
C VAL Y 232 -41.95 -48.14 77.65
N LEU Y 233 -41.36 -47.41 76.69
CA LEU Y 233 -40.05 -46.82 76.86
C LEU Y 233 -40.11 -45.36 76.41
N GLU Y 234 -39.08 -44.60 76.77
CA GLU Y 234 -39.05 -43.20 76.39
C GLU Y 234 -38.99 -43.06 74.88
N GLY Y 235 -39.52 -41.95 74.38
CA GLY Y 235 -39.63 -41.76 72.94
C GLY Y 235 -40.60 -42.72 72.29
N ALA Y 236 -41.68 -43.06 72.99
CA ALA Y 236 -42.73 -43.94 72.48
C ALA Y 236 -44.04 -43.17 72.50
N SER Y 237 -44.66 -43.03 71.34
CA SER Y 237 -45.91 -42.28 71.22
C SER Y 237 -47.10 -43.22 71.30
N SER Y 238 -48.28 -42.63 71.50
CA SER Y 238 -49.51 -43.41 71.48
C SER Y 238 -49.69 -44.11 70.15
N GLN Y 239 -49.24 -43.48 69.06
CA GLN Y 239 -49.31 -44.13 67.75
C GLN Y 239 -48.49 -45.41 67.74
N ASP Y 240 -47.25 -45.35 68.25
CA ASP Y 240 -46.43 -46.55 68.30
C ASP Y 240 -47.03 -47.61 69.20
N LEU Y 241 -47.56 -47.19 70.35
CA LEU Y 241 -48.18 -48.15 71.26
C LEU Y 241 -49.37 -48.85 70.61
N ILE Y 242 -50.20 -48.09 69.91
CA ILE Y 242 -51.36 -48.68 69.24
C ILE Y 242 -50.92 -49.60 68.11
N GLN Y 243 -49.87 -49.21 67.37
CA GLN Y 243 -49.36 -50.08 66.33
C GLN Y 243 -48.91 -51.41 66.90
N MET Y 244 -48.14 -51.37 67.99
CA MET Y 244 -47.68 -52.60 68.61
C MET Y 244 -48.85 -53.44 69.11
N VAL Y 245 -49.81 -52.80 69.78
CA VAL Y 245 -50.92 -53.54 70.35
C VAL Y 245 -51.74 -54.20 69.24
N MET Y 246 -51.99 -53.47 68.15
CA MET Y 246 -52.79 -54.03 67.07
C MET Y 246 -52.05 -55.14 66.34
N GLU Y 247 -50.74 -54.99 66.14
CA GLU Y 247 -49.99 -56.08 65.52
C GLU Y 247 -50.02 -57.33 66.37
N GLU Y 248 -49.81 -57.18 67.68
CA GLU Y 248 -49.86 -58.35 68.56
C GLU Y 248 -51.26 -58.92 68.63
N ALA Y 249 -52.29 -58.08 68.54
CA ALA Y 249 -53.66 -58.57 68.52
C ALA Y 249 -53.93 -59.38 67.26
N TRP Y 250 -53.41 -58.94 66.11
CA TRP Y 250 -53.55 -59.73 64.90
C TRP Y 250 -52.83 -61.07 65.04
N LEU Y 251 -51.64 -61.06 65.62
CA LEU Y 251 -50.93 -62.32 65.86
C LEU Y 251 -51.74 -63.24 66.76
N ALA Y 252 -52.31 -62.70 67.83
CA ALA Y 252 -53.12 -63.51 68.74
C ALA Y 252 -54.36 -64.04 68.05
N ALA Y 253 -54.98 -63.23 67.20
CA ALA Y 253 -56.13 -63.71 66.43
C ALA Y 253 -55.74 -64.85 65.52
N ASP Y 254 -54.59 -64.74 64.86
CA ASP Y 254 -54.12 -65.85 64.02
C ASP Y 254 -53.88 -67.10 64.85
N ARG Y 255 -53.28 -66.94 66.03
CA ARG Y 255 -53.03 -68.10 66.89
C ARG Y 255 -54.34 -68.75 67.31
N MET Y 256 -55.33 -67.94 67.69
CA MET Y 256 -56.62 -68.49 68.11
C MET Y 256 -57.32 -69.20 66.95
N ALA Y 257 -57.26 -68.60 65.76
CA ALA Y 257 -57.85 -69.23 64.59
C ALA Y 257 -57.18 -70.58 64.30
N ALA Y 258 -55.86 -70.63 64.41
CA ALA Y 258 -55.15 -71.90 64.24
C ALA Y 258 -55.56 -72.90 65.32
N GLU Y 259 -55.79 -72.42 66.54
CA GLU Y 259 -56.27 -73.29 67.59
C GLU Y 259 -57.62 -73.90 67.22
N GLY Y 260 -58.50 -73.09 66.65
CA GLY Y 260 -59.76 -73.60 66.12
C GLY Y 260 -60.99 -73.06 66.82
N ARG Y 261 -60.92 -71.82 67.30
CA ARG Y 261 -62.06 -71.16 67.91
C ARG Y 261 -62.57 -70.06 67.00
N VAL Y 262 -63.89 -70.05 66.77
CA VAL Y 262 -64.48 -69.04 65.90
C VAL Y 262 -64.17 -67.65 66.45
N LEU Y 263 -63.82 -66.74 65.54
CA LEU Y 263 -63.45 -65.38 65.91
C LEU Y 263 -64.29 -64.43 65.07
N ASN Y 264 -65.07 -63.60 65.75
CA ASN Y 264 -66.00 -62.69 65.08
C ASN Y 264 -65.24 -61.72 64.16
N PRO Y 265 -65.38 -61.85 62.84
CA PRO Y 265 -64.71 -60.89 61.95
C PRO Y 265 -65.36 -59.52 62.03
N LEU Y 266 -64.55 -58.50 61.77
CA LEU Y 266 -65.01 -57.13 61.81
C LEU Y 266 -65.83 -56.79 60.57
N ALA Y 267 -66.71 -55.80 60.72
CA ALA Y 267 -67.55 -55.34 59.62
C ALA Y 267 -67.85 -53.87 59.85
N ILE Y 268 -68.23 -53.19 58.77
CA ILE Y 268 -68.49 -51.76 58.87
C ILE Y 268 -69.65 -51.53 59.84
N ASP Y 269 -69.48 -50.55 60.73
CA ASP Y 269 -70.47 -50.27 61.76
C ASP Y 269 -70.44 -48.77 62.08
N ASP Y 270 -71.02 -48.41 63.22
CA ASP Y 270 -71.15 -47.00 63.58
C ASP Y 270 -69.79 -46.32 63.64
N TYR Y 271 -68.79 -47.01 64.20
CA TYR Y 271 -67.45 -46.44 64.23
C TYR Y 271 -66.90 -46.27 62.81
N LYS Y 272 -67.24 -47.20 61.91
CA LYS Y 272 -66.80 -47.05 60.52
C LYS Y 272 -67.41 -45.80 59.90
N TRP Y 273 -68.69 -45.54 60.17
CA TRP Y 273 -69.31 -44.32 59.64
C TRP Y 273 -68.71 -43.07 60.28
N ASP Y 274 -68.38 -43.14 61.57
CA ASP Y 274 -67.75 -42.01 62.24
C ASP Y 274 -66.37 -41.74 61.67
N GLN Y 275 -65.68 -42.77 61.20
CA GLN Y 275 -64.43 -42.57 60.47
C GLN Y 275 -64.70 -42.06 59.06
N LEU Y 276 -65.81 -42.47 58.45
CA LEU Y 276 -66.15 -42.02 57.11
C LEU Y 276 -66.36 -40.53 57.07
N VAL Y 277 -67.03 -39.98 58.08
CA VAL Y 277 -67.30 -38.54 58.08
C VAL Y 277 -65.99 -37.76 58.11
N VAL Y 278 -65.05 -38.17 58.95
CA VAL Y 278 -63.77 -37.47 59.03
C VAL Y 278 -62.96 -37.69 57.75
N PHE Y 279 -63.05 -38.87 57.16
CA PHE Y 279 -62.37 -39.11 55.89
C PHE Y 279 -62.90 -38.20 54.80
N LYS Y 280 -64.22 -38.03 54.74
CA LYS Y 280 -64.81 -37.13 53.76
C LYS Y 280 -64.40 -35.69 54.03
N LYS Y 281 -64.33 -35.30 55.30
CA LYS Y 281 -63.85 -33.96 55.62
C LYS Y 281 -62.42 -33.75 55.14
N VAL Y 282 -61.56 -34.76 55.36
CA VAL Y 282 -60.18 -34.67 54.91
C VAL Y 282 -60.12 -34.55 53.39
N ARG Y 283 -60.94 -35.35 52.69
CA ARG Y 283 -60.96 -35.29 51.23
C ARG Y 283 -61.39 -33.91 50.74
N ASP Y 284 -62.42 -33.35 51.36
CA ASP Y 284 -62.88 -32.02 50.97
C ASP Y 284 -61.82 -30.97 51.23
N LYS Y 285 -61.16 -31.04 52.39
CA LYS Y 285 -60.11 -30.08 52.70
C LYS Y 285 -58.97 -30.18 51.69
N GLU Y 286 -58.57 -31.40 51.34
CA GLU Y 286 -57.52 -31.56 50.33
C GLU Y 286 -57.95 -31.02 48.98
N ALA Y 287 -59.21 -31.26 48.60
CA ALA Y 287 -59.69 -30.75 47.32
C ALA Y 287 -59.69 -29.23 47.30
N SER Y 288 -60.09 -28.60 48.40
CA SER Y 288 -60.14 -27.14 48.47
C SER Y 288 -58.78 -26.53 48.16
N ARG Z 1 -19.30 -10.08 53.61
CA ARG Z 1 -19.14 -11.42 53.07
C ARG Z 1 -19.21 -11.40 51.54
N TYR Z 2 -20.28 -10.80 51.02
CA TYR Z 2 -20.42 -10.68 49.57
C TYR Z 2 -19.31 -9.83 48.99
N ARG Z 3 -19.07 -8.66 49.57
CA ARG Z 3 -17.97 -7.81 49.12
C ARG Z 3 -16.63 -8.47 49.36
N THR Z 4 -16.51 -9.28 50.43
CA THR Z 4 -15.27 -10.00 50.66
C THR Z 4 -15.00 -11.01 49.56
N ALA Z 5 -16.02 -11.75 49.14
CA ALA Z 5 -15.86 -12.67 48.03
C ALA Z 5 -15.52 -11.93 46.74
N TRP Z 6 -16.15 -10.78 46.52
CA TRP Z 6 -15.84 -9.99 45.33
C TRP Z 6 -14.38 -9.54 45.34
N ARG Z 7 -13.89 -9.08 46.49
CA ARG Z 7 -12.49 -8.68 46.59
C ARG Z 7 -11.57 -9.88 46.38
N GLU Z 8 -11.96 -11.04 46.89
CA GLU Z 8 -11.16 -12.24 46.68
C GLU Z 8 -11.05 -12.57 45.19
N LEU Z 9 -12.15 -12.45 44.46
CA LEU Z 9 -12.10 -12.67 43.02
C LEU Z 9 -11.25 -11.63 42.32
N LEU Z 10 -11.33 -10.36 42.74
CA LEU Z 10 -10.62 -9.29 42.07
C LEU Z 10 -9.15 -9.19 42.50
N HIS Z 11 -8.40 -10.28 42.31
CA HIS Z 11 -6.98 -10.29 42.66
C HIS Z 11 -6.16 -10.03 41.41
N PRO Z 12 -5.32 -8.98 41.37
CA PRO Z 12 -4.56 -8.72 40.14
C PRO Z 12 -3.44 -9.70 39.88
N LEU Z 13 -2.77 -10.19 40.92
CA LEU Z 13 -1.56 -10.99 40.79
C LEU Z 13 -1.73 -12.35 41.44
N PRO Z 14 -0.96 -13.35 41.02
CA PRO Z 14 -0.99 -14.65 41.68
C PRO Z 14 -0.41 -14.57 43.10
N VAL Z 15 -0.56 -15.67 43.83
CA VAL Z 15 -0.10 -15.71 45.22
C VAL Z 15 1.41 -15.55 45.30
N ARG Z 16 2.15 -16.17 44.39
CA ARG Z 16 3.60 -16.05 44.44
C ARG Z 16 4.04 -14.61 44.17
N ALA Z 17 3.41 -13.96 43.20
CA ALA Z 17 3.72 -12.56 42.94
C ALA Z 17 3.39 -11.69 44.13
N ARG Z 18 2.26 -11.97 44.79
CA ARG Z 18 1.90 -11.22 45.99
C ARG Z 18 2.95 -11.42 47.09
N LYS Z 19 3.45 -12.65 47.25
CA LYS Z 19 4.50 -12.90 48.22
C LYS Z 19 5.76 -12.13 47.88
N MET Z 20 6.12 -12.07 46.60
CA MET Z 20 7.28 -11.29 46.19
C MET Z 20 7.09 -9.81 46.50
N GLU Z 21 5.88 -9.29 46.27
CA GLU Z 21 5.60 -7.89 46.60
C GLU Z 21 5.73 -7.66 48.09
N TRP Z 22 5.25 -8.61 48.91
CA TRP Z 22 5.41 -8.48 50.36
C TRP Z 22 6.88 -8.47 50.74
N LEU Z 23 7.70 -9.31 50.10
CA LEU Z 23 9.12 -9.30 50.38
C LEU Z 23 9.75 -7.97 50.00
N LYS Z 24 9.32 -7.39 48.88
CA LYS Z 24 9.81 -6.06 48.51
C LYS Z 24 9.44 -5.03 49.57
N ARG Z 25 8.21 -5.10 50.08
CA ARG Z 25 7.81 -4.19 51.15
C ARG Z 25 8.68 -4.38 52.38
N ASP Z 26 8.98 -5.63 52.72
CA ASP Z 26 9.84 -5.89 53.88
C ASP Z 26 11.23 -5.31 53.67
N ALA Z 27 11.79 -5.44 52.47
CA ALA Z 27 13.09 -4.85 52.18
C ALA Z 27 13.04 -3.34 52.31
N VAL Z 28 11.96 -2.72 51.82
CA VAL Z 28 11.81 -1.27 51.96
C VAL Z 28 11.79 -0.88 53.44
N GLU Z 29 11.05 -1.64 54.25
CA GLU Z 29 11.00 -1.34 55.68
C GLU Z 29 12.37 -1.48 56.33
N GLU Z 30 13.12 -2.50 55.93
CA GLU Z 30 14.46 -2.69 56.47
C GLU Z 30 15.36 -1.50 56.11
N ASN Z 31 15.28 -1.04 54.86
CA ASN Z 31 16.05 0.14 54.47
C ASN Z 31 15.63 1.35 55.29
N GLU Z 32 14.33 1.50 55.53
CA GLU Z 32 13.85 2.61 56.34
C GLU Z 32 14.44 2.56 57.74
N GLU Z 33 14.47 1.37 58.35
CA GLU Z 33 15.08 1.24 59.68
C GLU Z 33 16.56 1.60 59.65
N ILE Z 34 17.27 1.12 58.63
CA ILE Z 34 18.71 1.40 58.54
C ILE Z 34 18.95 2.90 58.44
N LEU Z 35 18.17 3.59 57.60
CA LEU Z 35 18.34 5.04 57.49
C LEU Z 35 17.87 5.74 58.76
N ARG Z 36 16.93 5.14 59.48
CA ARG Z 36 16.46 5.72 60.74
C ARG Z 36 17.53 5.69 61.81
N ARG Z 37 18.40 4.67 61.76
CA ARG Z 37 19.50 4.59 62.72
C ARG Z 37 20.26 5.90 62.81
N PRO Z 38 20.98 6.16 63.90
CA PRO Z 38 21.65 7.46 64.07
C PRO Z 38 22.87 7.58 63.16
N TYR Z 39 23.36 8.82 63.05
CA TYR Z 39 24.53 9.10 62.21
C TYR Z 39 25.80 8.49 62.79
N TYR Z 40 26.03 8.69 64.08
CA TYR Z 40 27.23 8.25 64.75
C TYR Z 40 26.87 7.58 66.08
N THR Z 41 27.90 7.28 66.86
CA THR Z 41 27.70 6.69 68.18
C THR Z 41 28.88 7.06 69.06
N ILE Z 42 28.60 7.29 70.34
CA ILE Z 42 29.62 7.63 71.32
C ILE Z 42 30.15 6.34 71.93
N LYS Z 43 31.44 6.08 71.73
CA LYS Z 43 32.03 4.80 72.09
C LYS Z 43 33.14 5.01 73.11
N SER Z 44 33.30 4.03 74.00
CA SER Z 44 34.38 4.07 74.98
C SER Z 44 35.60 3.32 74.48
N TYR Z 45 36.78 3.80 74.87
CA TYR Z 45 38.02 3.18 74.41
C TYR Z 45 38.13 1.73 74.90
N ALA Z 46 37.81 1.48 76.16
CA ALA Z 46 38.01 0.17 76.76
C ALA Z 46 36.95 -0.85 76.38
N LEU Z 47 35.69 -0.45 76.30
CA LEU Z 47 34.62 -1.41 76.08
C LEU Z 47 34.72 -2.03 74.69
N PRO Z 48 34.29 -3.28 74.52
CA PRO Z 48 34.30 -3.89 73.20
C PRO Z 48 33.41 -3.11 72.24
N PRO Z 49 33.77 -3.04 70.96
CA PRO Z 49 32.91 -2.32 70.01
C PRO Z 49 31.50 -2.90 69.92
N ALA Z 50 31.33 -4.18 70.23
CA ALA Z 50 30.04 -4.83 70.07
C ALA Z 50 29.00 -4.36 71.08
N VAL Z 51 29.40 -3.59 72.09
CA VAL Z 51 28.45 -3.15 73.11
C VAL Z 51 27.45 -2.19 72.50
N GLY Z 52 26.17 -2.38 72.83
CA GLY Z 52 25.13 -1.45 72.42
C GLY Z 52 24.84 -1.47 70.94
N ARG Z 53 24.29 -2.59 70.45
CA ARG Z 53 23.97 -2.72 69.05
C ARG Z 53 22.48 -2.55 68.81
N GLN Z 54 22.13 -1.98 67.66
CA GLN Z 54 20.74 -1.88 67.25
C GLN Z 54 20.19 -3.18 66.68
N GLU Z 55 21.05 -4.14 66.37
CA GLU Z 55 20.66 -5.42 65.80
C GLU Z 55 20.67 -6.55 66.83
N SER Z 56 20.57 -6.21 68.12
CA SER Z 56 20.66 -7.22 69.17
C SER Z 56 19.53 -8.24 69.06
N ILE Z 57 18.32 -7.79 68.73
CA ILE Z 57 17.18 -8.69 68.66
C ILE Z 57 17.39 -9.72 67.56
N HIS Z 58 17.75 -9.26 66.36
CA HIS Z 58 17.99 -10.19 65.25
C HIS Z 58 19.16 -11.10 65.53
N ASN Z 59 20.23 -10.56 66.15
CA ASN Z 59 21.37 -11.40 66.51
C ASN Z 59 20.93 -12.52 67.44
N SER Z 60 20.21 -12.18 68.52
CA SER Z 60 19.74 -13.21 69.44
C SER Z 60 18.85 -14.22 68.71
N ASN Z 61 18.00 -13.74 67.80
CA ASN Z 61 17.09 -14.64 67.10
C ASN Z 61 17.84 -15.64 66.23
N ASN Z 62 18.88 -15.20 65.52
CA ASN Z 62 19.50 -16.00 64.47
C ASN Z 62 20.89 -16.51 64.83
N ILE Z 63 21.82 -15.62 65.18
CA ILE Z 63 23.21 -16.01 65.32
C ILE Z 63 23.37 -17.05 66.43
N ARG Z 64 22.74 -16.81 67.58
CA ARG Z 64 22.89 -17.74 68.70
C ARG Z 64 22.40 -19.13 68.34
N GLY Z 65 21.46 -19.23 67.39
CA GLY Z 65 21.00 -20.52 66.93
C GLY Z 65 21.94 -21.14 65.91
N GLY Z 66 22.40 -20.32 64.96
CA GLY Z 66 23.28 -20.80 63.92
C GLY Z 66 24.29 -19.75 63.52
N MET Z 67 25.42 -20.23 63.00
CA MET Z 67 26.50 -19.35 62.58
C MET Z 67 26.07 -18.51 61.37
N HIS Z 68 26.62 -17.30 61.30
CA HIS Z 68 26.40 -16.39 60.20
C HIS Z 68 27.72 -16.15 59.47
N SER Z 69 27.61 -15.59 58.25
CA SER Z 69 28.81 -15.33 57.47
C SER Z 69 29.76 -14.39 58.19
N SER Z 70 29.23 -13.49 59.02
CA SER Z 70 30.02 -12.52 59.75
C SER Z 70 30.42 -13.03 61.13
N HIS Z 71 30.60 -14.33 61.30
CA HIS Z 71 30.95 -14.87 62.60
C HIS Z 71 32.28 -14.33 63.09
N SER Z 72 33.28 -14.27 62.19
CA SER Z 72 34.59 -13.75 62.58
C SER Z 72 34.50 -12.28 62.96
N LEU Z 73 33.74 -11.49 62.19
CA LEU Z 73 33.56 -10.09 62.52
C LEU Z 73 32.88 -9.93 63.87
N ASP Z 74 31.87 -10.75 64.14
CA ASP Z 74 31.19 -10.69 65.43
C ASP Z 74 32.14 -11.05 66.57
N LEU Z 75 32.99 -12.05 66.38
CA LEU Z 75 33.97 -12.40 67.41
C LEU Z 75 34.94 -11.25 67.65
N ILE Z 76 35.40 -10.61 66.58
CA ILE Z 76 36.33 -9.49 66.73
C ILE Z 76 35.66 -8.35 67.49
N MET Z 77 34.40 -8.05 67.14
CA MET Z 77 33.69 -6.99 67.85
C MET Z 77 33.47 -7.35 69.31
N ARG Z 78 33.17 -8.62 69.59
CA ARG Z 78 32.98 -9.05 70.97
C ARG Z 78 34.26 -8.87 71.78
N GLN Z 79 35.40 -9.22 71.19
CA GLN Z 79 36.66 -9.09 71.90
C GLN Z 79 36.93 -7.62 72.21
N PRO Z 80 37.54 -7.31 73.36
CA PRO Z 80 37.81 -5.92 73.71
C PRO Z 80 38.86 -5.30 72.81
N ARG Z 81 38.80 -3.98 72.71
CA ARG Z 81 39.72 -3.25 71.85
C ARG Z 81 41.15 -3.40 72.38
N ARG Z 82 42.11 -3.45 71.45
CA ARG Z 82 43.50 -3.63 71.82
C ARG Z 82 44.22 -2.31 72.11
N VAL Z 83 43.59 -1.18 71.84
CA VAL Z 83 44.13 0.13 72.17
C VAL Z 83 43.38 0.61 73.40
N LYS Z 84 43.97 0.42 74.58
CA LYS Z 84 43.26 0.66 75.82
C LYS Z 84 43.10 2.16 76.11
N THR Z 85 44.15 2.94 75.90
CA THR Z 85 44.17 4.32 76.36
C THR Z 85 44.60 5.27 75.26
N PRO Z 86 44.19 6.54 75.34
CA PRO Z 86 44.69 7.52 74.37
C PRO Z 86 46.19 7.67 74.38
N GLU Z 87 46.84 7.47 75.53
CA GLU Z 87 48.30 7.53 75.56
C GLU Z 87 48.90 6.41 74.71
N GLN Z 88 48.35 5.20 74.83
CA GLN Z 88 48.82 4.10 73.99
C GLN Z 88 48.54 4.39 72.53
N LEU Z 89 47.37 4.94 72.22
CA LEU Z 89 47.05 5.28 70.84
C LEU Z 89 48.06 6.28 70.27
N ARG Z 90 48.38 7.31 71.05
CA ARG Z 90 49.35 8.30 70.59
C ARG Z 90 50.73 7.69 70.42
N ALA Z 91 51.13 6.81 71.32
CA ALA Z 91 52.43 6.15 71.19
C ALA Z 91 52.50 5.34 69.90
N LEU Z 92 51.47 4.56 69.63
CA LEU Z 92 51.45 3.77 68.40
C LEU Z 92 51.42 4.67 67.17
N ARG Z 93 50.65 5.76 67.23
CA ARG Z 93 50.59 6.67 66.10
C ARG Z 93 51.95 7.30 65.83
N ASP Z 94 52.66 7.71 66.89
CA ASP Z 94 54.01 8.24 66.71
C ASP Z 94 54.94 7.19 66.10
N ARG Z 95 54.85 5.95 66.58
CA ARG Z 95 55.66 4.89 66.00
C ARG Z 95 55.34 4.66 64.53
N LEU Z 96 54.09 4.91 64.12
CA LEU Z 96 53.70 4.71 62.74
C LEU Z 96 54.57 5.56 61.81
N ARG Z 97 54.85 5.00 60.62
CA ARG Z 97 55.73 5.65 59.65
C ARG Z 97 55.08 5.64 58.28
N PHE Z 98 55.14 6.78 57.60
CA PHE Z 98 54.59 6.95 56.26
C PHE Z 98 55.75 6.99 55.26
N ILE Z 99 55.62 6.25 54.18
CA ILE Z 99 56.68 6.13 53.18
C ILE Z 99 56.36 6.93 51.92
N GLY Z 100 55.13 6.86 51.45
CA GLY Z 100 54.76 7.55 50.23
C GLY Z 100 54.49 9.03 50.38
N VAL Z 101 54.60 9.56 51.61
CA VAL Z 101 54.27 10.96 51.83
C VAL Z 101 55.16 11.85 50.96
N THR Z 102 54.62 13.02 50.59
CA THR Z 102 55.32 13.92 49.68
C THR Z 102 56.47 14.64 50.36
N GLY Z 103 56.29 15.00 51.63
CA GLY Z 103 57.27 15.79 52.34
C GLY Z 103 58.49 15.00 52.76
N PRO Z 104 59.41 15.66 53.46
CA PRO Z 104 60.62 14.97 53.93
C PRO Z 104 60.35 14.02 55.08
N MET Z 105 61.34 13.19 55.43
CA MET Z 105 61.23 12.22 56.49
C MET Z 105 62.39 12.40 57.47
N PRO Z 106 62.17 12.18 58.76
CA PRO Z 106 63.28 12.27 59.72
C PRO Z 106 64.32 11.19 59.47
N GLN Z 107 65.57 11.53 59.78
CA GLN Z 107 66.67 10.57 59.65
C GLN Z 107 67.64 10.62 60.83
N ALA Z 108 67.25 11.25 61.95
CA ALA Z 108 68.15 11.33 63.09
C ALA Z 108 68.43 9.97 63.70
N THR Z 109 67.61 8.97 63.41
CA THR Z 109 67.78 7.65 64.02
C THR Z 109 69.13 7.05 63.63
N SER Z 110 69.50 7.13 62.35
CA SER Z 110 70.75 6.57 61.88
C SER Z 110 71.13 7.24 60.56
N VAL Z 111 72.33 7.82 60.53
CA VAL Z 111 72.79 8.49 59.31
C VAL Z 111 73.00 7.49 58.19
N SER Z 112 73.55 6.32 58.49
CA SER Z 112 73.84 5.33 57.46
C SER Z 112 72.58 4.77 56.83
N THR Z 113 71.43 4.88 57.50
CA THR Z 113 70.19 4.36 56.94
C THR Z 113 69.68 5.28 55.85
N LYS Z 114 69.51 4.74 54.65
CA LYS Z 114 69.06 5.49 53.48
C LYS Z 114 67.72 4.94 53.01
N SER Z 115 66.92 5.82 52.44
CA SER Z 115 65.62 5.46 51.90
C SER Z 115 65.78 4.79 50.55
N TYR Z 116 64.82 3.94 50.19
CA TYR Z 116 64.88 3.26 48.90
C TYR Z 116 64.81 4.26 47.76
N THR Z 117 63.97 5.28 47.89
CA THR Z 117 63.87 6.30 46.84
C THR Z 117 65.20 7.02 46.67
N ASP Z 118 65.85 7.38 47.78
CA ASP Z 118 67.15 8.03 47.70
C ASP Z 118 68.18 7.11 47.06
N THR Z 119 68.18 5.84 47.44
CA THR Z 119 69.19 4.91 46.93
C THR Z 119 69.03 4.67 45.44
N TYR Z 120 67.79 4.48 44.97
CA TYR Z 120 67.54 4.09 43.59
C TYR Z 120 66.79 5.13 42.78
N GLY Z 121 66.21 6.16 43.40
CA GLY Z 121 65.48 7.18 42.69
C GLY Z 121 64.01 6.84 42.57
N SER Z 122 63.24 7.85 42.16
CA SER Z 122 61.79 7.73 42.03
C SER Z 122 61.36 6.97 40.79
N ARG Z 123 62.09 7.09 39.68
CA ARG Z 123 61.68 6.48 38.43
C ARG Z 123 61.95 4.99 38.36
N LEU Z 124 62.67 4.44 39.35
CA LEU Z 124 63.09 3.04 39.32
C LEU Z 124 62.39 2.28 40.44
N ARG Z 125 61.86 1.11 40.11
CA ARG Z 125 61.19 0.23 41.05
C ARG Z 125 61.80 -1.16 40.95
N PRO Z 126 61.68 -1.96 42.01
CA PRO Z 126 62.19 -3.34 41.94
C PRO Z 126 61.45 -4.15 40.89
N ARG Z 127 62.15 -5.12 40.32
CA ARG Z 127 61.54 -6.03 39.35
C ARG Z 127 60.68 -7.03 40.13
N TYR Z 128 59.45 -6.63 40.37
CA TYR Z 128 58.54 -7.47 41.13
C TYR Z 128 58.32 -8.79 40.38
N PRO Z 129 58.10 -9.90 41.09
CA PRO Z 129 57.74 -11.14 40.40
C PRO Z 129 56.33 -11.08 39.85
N GLU Z 130 56.19 -10.92 38.54
CA GLU Z 130 54.87 -10.80 37.93
C GLU Z 130 54.30 -12.19 37.72
N SER Z 131 53.34 -12.56 38.57
CA SER Z 131 52.71 -13.86 38.51
C SER Z 131 51.25 -13.71 38.94
N TRP Z 132 50.44 -14.70 38.55
CA TRP Z 132 49.02 -14.67 38.90
C TRP Z 132 48.83 -14.45 40.39
N ASP Z 133 49.56 -15.21 41.22
CA ASP Z 133 49.42 -15.10 42.66
C ASP Z 133 49.84 -13.72 43.15
N THR Z 134 50.92 -13.18 42.60
CA THR Z 134 51.51 -11.92 43.05
C THR Z 134 51.58 -10.98 41.85
N VAL Z 135 50.69 -10.00 41.81
CA VAL Z 135 50.61 -9.03 40.72
C VAL Z 135 51.06 -7.68 41.28
N PRO Z 136 52.09 -7.06 40.73
CA PRO Z 136 52.56 -5.78 41.27
C PRO Z 136 51.91 -4.61 40.56
N PRO Z 137 52.06 -3.40 41.09
CA PRO Z 137 51.59 -2.22 40.35
C PRO Z 137 52.40 -2.00 39.07
N HIS Z 138 51.74 -1.41 38.09
CA HIS Z 138 52.33 -1.19 36.77
C HIS Z 138 52.36 0.30 36.46
N GLN Z 139 53.35 0.69 35.65
CA GLN Z 139 53.46 2.06 35.15
C GLN Z 139 53.40 3.08 36.28
N PRO Z 140 54.46 3.19 37.08
CA PRO Z 140 54.48 4.24 38.10
C PRO Z 140 54.35 5.64 37.53
N SER Z 141 54.75 5.85 36.27
CA SER Z 141 54.50 7.14 35.63
C SER Z 141 53.00 7.42 35.55
N ARG Z 142 52.22 6.41 35.15
CA ARG Z 142 50.77 6.55 35.20
C ARG Z 142 50.29 6.74 36.63
N GLU Z 143 50.90 6.03 37.58
CA GLU Z 143 50.48 6.12 38.97
C GLU Z 143 50.61 7.53 39.51
N LEU Z 144 51.69 8.22 39.14
CA LEU Z 144 51.95 9.55 39.68
C LEU Z 144 50.71 10.43 39.61
N LEU Z 145 50.27 10.77 38.41
CA LEU Z 145 49.04 11.54 38.23
C LEU Z 145 48.34 11.13 36.94
N THR AA 1 5.94 35.93 -38.53
CA THR AA 1 7.37 36.08 -38.83
C THR AA 1 8.18 35.26 -37.83
N PRO AA 2 9.12 34.43 -38.33
CA PRO AA 2 9.89 33.58 -37.41
C PRO AA 2 10.73 34.36 -36.42
N MET AA 3 11.40 35.42 -36.87
CA MET AA 3 12.21 36.22 -35.95
C MET AA 3 11.34 36.87 -34.89
N MET AA 4 10.17 37.39 -35.28
CA MET AA 4 9.25 37.96 -34.30
C MET AA 4 8.80 36.90 -33.30
N LEU AA 5 8.49 35.70 -33.78
CA LEU AA 5 8.05 34.61 -32.91
C LEU AA 5 9.18 34.02 -32.09
N ASN AA 6 10.43 34.38 -32.37
CA ASN AA 6 11.59 33.87 -31.62
C ASN AA 6 11.78 32.38 -31.87
N ILE AA 7 11.60 31.96 -33.12
CA ILE AA 7 11.80 30.57 -33.51
C ILE AA 7 13.28 30.36 -33.80
N GLN AA 8 13.86 29.33 -33.19
CA GLN AA 8 15.29 29.01 -33.37
C GLN AA 8 15.42 28.20 -34.65
N ASN AA 9 15.50 28.91 -35.77
CA ASN AA 9 15.73 28.29 -37.08
C ASN AA 9 17.21 28.37 -37.40
N MET AA 10 17.91 27.25 -37.24
CA MET AA 10 19.34 27.18 -37.53
C MET AA 10 19.60 25.90 -38.32
N MET AA 11 20.51 26.00 -39.28
CA MET AA 11 20.74 24.89 -40.20
C MET AA 11 21.24 23.66 -39.45
N TRP AA 12 22.09 23.84 -38.44
CA TRP AA 12 22.61 22.72 -37.67
C TRP AA 12 21.66 22.25 -36.59
N TRP AA 13 20.54 22.94 -36.38
CA TRP AA 13 19.57 22.59 -35.36
C TRP AA 13 18.35 21.87 -35.92
N ASN AA 14 17.68 22.47 -36.91
CA ASN AA 14 16.52 21.85 -37.54
C ASN AA 14 16.59 21.87 -39.06
N GLY AA 15 17.73 22.25 -39.63
CA GLY AA 15 17.89 22.26 -41.07
C GLY AA 15 17.19 23.40 -41.77
N LYS AA 16 16.68 24.38 -41.04
CA LYS AA 16 15.99 25.52 -41.61
C LYS AA 16 16.80 26.79 -41.38
N ARG AA 17 16.40 27.86 -42.07
CA ARG AA 17 17.04 29.15 -41.89
C ARG AA 17 16.07 30.22 -42.36
N ASN AA 18 16.04 31.33 -41.62
CA ASN AA 18 15.14 32.43 -41.97
C ASN AA 18 15.49 32.97 -43.34
N LEU AA 19 14.48 33.40 -44.09
CA LEU AA 19 14.68 33.87 -45.45
C LEU AA 19 15.00 35.35 -45.53
N TYR AA 20 14.92 36.09 -44.43
CA TYR AA 20 15.20 37.53 -44.44
C TYR AA 20 16.64 37.85 -44.05
N ARG AA 21 17.43 36.85 -43.67
CA ARG AA 21 18.83 37.10 -43.32
C ARG AA 21 19.69 37.12 -44.58
N ALA AA 22 20.97 37.42 -44.39
CA ALA AA 22 21.96 37.39 -45.45
C ALA AA 22 22.74 36.09 -45.42
N THR AA 23 22.95 35.52 -46.61
CA THR AA 23 23.66 34.26 -46.73
C THR AA 23 25.10 34.35 -46.25
N TYR AA 24 25.78 35.45 -46.52
CA TYR AA 24 27.15 35.68 -46.08
C TYR AA 24 27.22 36.89 -45.17
N ARG AA 25 27.87 36.72 -44.02
CA ARG AA 25 28.09 37.80 -43.07
C ARG AA 25 29.59 37.97 -42.90
N GLU AA 26 30.13 39.11 -43.35
CA GLU AA 26 31.57 39.30 -43.36
C GLU AA 26 32.14 39.17 -41.95
N LYS AA 27 31.51 39.81 -40.97
CA LYS AA 27 31.91 39.71 -39.58
C LYS AA 27 30.67 39.48 -38.73
N THR AA 28 30.76 38.52 -37.81
CA THR AA 28 29.61 38.15 -37.01
C THR AA 28 29.22 39.30 -36.08
N TRP AA 29 28.10 39.11 -35.36
CA TRP AA 29 27.61 40.17 -34.49
C TRP AA 29 28.59 40.46 -33.37
N TYR AA 30 29.31 39.46 -32.86
CA TYR AA 30 30.32 39.71 -31.84
C TYR AA 30 31.45 40.57 -32.39
N GLU AA 31 31.89 40.28 -33.62
CA GLU AA 31 32.94 41.08 -34.24
C GLU AA 31 32.48 42.51 -34.45
N ILE AA 32 31.23 42.70 -34.87
CA ILE AA 32 30.70 44.05 -35.00
C ILE AA 32 30.64 44.73 -33.64
N SER AA 33 30.21 43.99 -32.61
CA SER AA 33 30.01 44.57 -31.29
C SER AA 33 31.33 45.03 -30.67
N ARG AA 34 32.39 44.26 -30.86
CA ARG AA 34 33.67 44.64 -30.26
C ARG AA 34 34.16 45.92 -30.90
N THR AA 35 34.05 47.04 -30.19
CA THR AA 35 34.36 48.35 -30.73
C THR AA 35 35.82 48.75 -30.52
N GLY AA 36 36.44 48.29 -29.43
CA GLY AA 36 37.82 48.63 -29.19
C GLY AA 36 38.73 48.19 -30.32
N ALA AA 37 38.36 47.12 -31.03
CA ALA AA 37 39.07 46.69 -32.21
C ALA AA 37 38.61 47.41 -33.47
N PHE AA 38 37.64 48.30 -33.36
CA PHE AA 38 37.12 49.05 -34.50
C PHE AA 38 37.34 50.55 -34.40
N THR AA 39 37.36 51.11 -33.20
CA THR AA 39 37.56 52.54 -32.99
C THR AA 39 38.94 52.78 -32.39
N LYS AA 40 39.26 54.06 -32.22
CA LYS AA 40 40.56 54.48 -31.70
C LYS AA 40 40.45 54.75 -30.20
N GLY AA 41 40.22 53.68 -29.44
CA GLY AA 41 40.19 53.79 -28.00
C GLY AA 41 41.58 53.84 -27.41
N ARG AA 42 42.33 52.77 -27.61
CA ARG AA 42 43.74 52.71 -27.22
C ARG AA 42 44.63 52.12 -28.30
N ARG AA 43 44.07 51.38 -29.25
CA ARG AA 43 44.86 50.67 -30.23
C ARG AA 43 45.59 51.65 -31.15
N PRO AA 44 46.85 51.40 -31.47
CA PRO AA 44 47.50 52.16 -32.53
C PRO AA 44 46.92 51.81 -33.90
N VAL AA 45 46.96 52.78 -34.80
CA VAL AA 45 46.29 52.65 -36.09
C VAL AA 45 47.25 52.58 -37.26
N MET AA 46 48.43 53.19 -37.20
CA MET AA 46 49.41 53.14 -38.28
C MET AA 46 50.63 52.38 -37.77
N ARG AA 47 50.81 51.16 -38.24
CA ARG AA 47 51.92 50.33 -37.77
C ARG AA 47 53.25 50.76 -38.36
N GLN AA 48 53.24 51.41 -39.53
CA GLN AA 48 54.48 51.88 -40.13
C GLN AA 48 55.13 52.92 -39.22
N LYS AA 49 56.43 52.77 -39.01
CA LYS AA 49 57.23 53.71 -38.21
C LYS AA 49 58.37 54.21 -39.09
N TYR AA 50 58.15 55.33 -39.77
CA TYR AA 50 59.11 55.83 -40.73
C TYR AA 50 60.26 56.53 -40.03
N SER AA 51 61.38 56.64 -40.75
CA SER AA 51 62.56 57.31 -40.24
C SER AA 51 62.47 58.81 -40.52
N ARG AA 52 63.49 59.55 -40.11
CA ARG AA 52 63.46 61.00 -40.27
C ARG AA 52 63.38 61.40 -41.74
N GLU AA 53 64.19 60.77 -42.59
CA GLU AA 53 64.17 61.12 -44.01
C GLU AA 53 62.83 60.80 -44.64
N ALA AA 54 62.24 59.65 -44.28
CA ALA AA 54 60.93 59.30 -44.82
C ALA AA 54 59.86 60.27 -44.36
N LEU AA 55 59.90 60.67 -43.09
CA LEU AA 55 58.94 61.67 -42.61
C LEU AA 55 59.11 63.00 -43.35
N GLN AA 56 60.36 63.40 -43.58
CA GLN AA 56 60.61 64.63 -44.32
C GLN AA 56 60.06 64.53 -45.74
N ALA AA 57 60.24 63.37 -46.39
CA ALA AA 57 59.68 63.18 -47.72
C ALA AA 57 58.16 63.26 -47.71
N ALA AA 58 57.53 62.66 -46.69
CA ALA AA 58 56.08 62.73 -46.59
C ALA AA 58 55.61 64.18 -46.45
N LEU AA 59 56.29 64.95 -45.58
CA LEU AA 59 55.93 66.35 -45.41
C LEU AA 59 56.18 67.14 -46.69
N ALA AA 60 57.22 66.77 -47.44
CA ALA AA 60 57.50 67.45 -48.71
C ALA AA 60 56.37 67.21 -49.70
N MET AA 61 55.92 65.95 -49.82
CA MET AA 61 54.82 65.67 -50.74
C MET AA 61 53.51 66.28 -50.25
N VAL AA 62 53.38 66.55 -48.96
CA VAL AA 62 52.19 67.28 -48.50
C VAL AA 62 52.14 68.62 -49.21
N PRO AA 63 51.01 69.03 -49.78
CA PRO AA 63 50.96 70.29 -50.53
C PRO AA 63 50.98 71.48 -49.59
N PRO AA 64 51.24 72.67 -50.12
CA PRO AA 64 51.25 73.88 -49.28
C PRO AA 64 49.84 74.35 -48.99
N GLY AA 65 49.75 75.32 -48.08
CA GLY AA 65 48.46 75.88 -47.71
C GLY AA 65 47.52 74.89 -47.06
N PHE AA 66 48.04 73.96 -46.26
CA PHE AA 66 47.24 72.95 -45.59
C PHE AA 66 47.46 73.06 -44.09
N GLU AA 67 46.38 72.96 -43.32
CA GLU AA 67 46.42 73.04 -41.87
C GLU AA 67 45.75 71.81 -41.26
N VAL AA 68 46.24 71.40 -40.09
CA VAL AA 68 45.68 70.23 -39.43
C VAL AA 68 44.22 70.46 -39.06
N ALA AA 69 43.83 71.72 -38.86
CA ALA AA 69 42.45 72.02 -38.49
C ALA AA 69 41.47 71.76 -39.62
N ASP AA 70 41.96 71.54 -40.84
CA ASP AA 70 41.07 71.33 -41.97
C ASP AA 70 40.61 69.89 -42.13
N VAL AA 71 41.08 68.97 -41.29
CA VAL AA 71 40.71 67.57 -41.38
C VAL AA 71 39.94 67.17 -40.14
N PRO AA 72 38.61 67.13 -40.19
CA PRO AA 72 37.84 66.79 -38.99
C PRO AA 72 38.00 65.32 -38.61
N ARG AA 73 37.84 65.06 -37.32
CA ARG AA 73 37.89 63.69 -36.81
C ARG AA 73 36.71 62.90 -37.34
N PRO AA 74 36.91 61.73 -37.94
CA PRO AA 74 35.79 60.97 -38.48
C PRO AA 74 34.86 60.50 -37.37
N PRO AA 75 33.57 60.30 -37.67
CA PRO AA 75 32.63 59.88 -36.63
C PRO AA 75 32.96 58.51 -36.06
N GLN AA 76 32.20 58.07 -35.06
CA GLN AA 76 32.46 56.79 -34.42
C GLN AA 76 32.06 55.60 -35.26
N ARG AA 77 31.08 55.76 -36.15
CA ARG AA 77 30.62 54.66 -36.99
C ARG AA 77 31.51 54.45 -38.21
N ILE AA 78 32.72 54.98 -38.20
CA ILE AA 78 33.67 54.82 -39.31
C ILE AA 78 34.92 54.15 -38.76
N LEU AA 79 35.39 53.13 -39.47
CA LEU AA 79 36.59 52.41 -39.05
C LEU AA 79 37.75 53.37 -38.87
N ALA AA 80 38.45 53.23 -37.75
CA ALA AA 80 39.61 54.06 -37.42
C ALA AA 80 40.85 53.33 -37.93
N GLN AA 81 41.12 53.47 -39.23
CA GLN AA 81 42.28 52.86 -39.85
C GLN AA 81 43.19 53.94 -40.43
N SER AA 82 44.49 53.73 -40.32
CA SER AA 82 45.50 54.66 -40.80
C SER AA 82 46.29 53.98 -41.91
N GLU AA 83 45.98 54.34 -43.15
CA GLU AA 83 46.76 53.84 -44.27
C GLU AA 83 48.17 54.41 -44.20
N GLY AA 84 49.06 53.88 -45.03
CA GLY AA 84 50.43 54.35 -45.04
C GLY AA 84 50.53 55.73 -45.65
N ILE AA 85 51.56 55.94 -46.47
CA ILE AA 85 51.74 57.18 -47.20
C ILE AA 85 51.26 56.95 -48.63
N VAL AA 86 50.36 55.99 -48.80
CA VAL AA 86 49.97 55.49 -50.10
C VAL AA 86 49.60 56.64 -51.03
N GLY AA 87 48.83 57.60 -50.51
CA GLY AA 87 48.44 58.75 -51.32
C GLY AA 87 48.39 60.04 -50.52
N ARG AA 88 47.35 60.83 -50.72
CA ARG AA 88 47.21 62.07 -49.96
C ARG AA 88 46.90 61.74 -48.50
N TRP AA 89 47.90 61.20 -47.81
CA TRP AA 89 47.70 60.75 -46.43
C TRP AA 89 47.18 61.87 -45.54
N TYR AA 90 47.54 63.12 -45.83
CA TYR AA 90 47.09 64.23 -45.01
C TYR AA 90 45.57 64.33 -44.95
N SER AA 91 44.86 63.79 -45.95
CA SER AA 91 43.40 63.73 -45.87
C SER AA 91 42.93 62.81 -44.74
N ASN AA 92 43.60 61.69 -44.55
CA ASN AA 92 43.23 60.73 -43.51
C ASN AA 92 43.54 61.34 -42.14
N TYR AA 93 42.52 61.51 -41.31
CA TYR AA 93 42.72 62.13 -40.01
C TYR AA 93 43.69 61.34 -39.15
N TRP AA 94 43.53 60.01 -39.08
CA TRP AA 94 44.35 59.21 -38.19
C TRP AA 94 45.79 59.12 -38.67
N THR AA 95 46.01 58.96 -39.97
CA THR AA 95 47.37 58.93 -40.50
C THR AA 95 48.08 60.26 -40.27
N LEU AA 96 47.37 61.38 -40.44
CA LEU AA 96 47.98 62.69 -40.25
C LEU AA 96 48.53 62.83 -38.84
N HIS AA 97 47.72 62.54 -37.83
CA HIS AA 97 48.16 62.70 -36.45
C HIS AA 97 49.12 61.61 -36.00
N SER AA 98 49.05 60.41 -36.58
CA SER AA 98 50.06 59.40 -36.32
C SER AA 98 51.43 59.84 -36.85
N MET AA 99 51.47 60.40 -38.06
CA MET AA 99 52.70 60.98 -38.57
C MET AA 99 53.16 62.15 -37.72
N ARG AA 100 52.21 62.94 -37.20
CA ARG AA 100 52.57 64.02 -36.30
C ARG AA 100 53.27 63.51 -35.05
N TYR AA 101 52.74 62.44 -34.46
CA TYR AA 101 53.38 61.86 -33.28
C TYR AA 101 54.74 61.26 -33.62
N GLN AA 102 54.85 60.62 -34.77
CA GLN AA 102 56.15 60.08 -35.18
C GLN AA 102 57.18 61.19 -35.36
N CYS AA 103 56.77 62.31 -35.97
CA CYS AA 103 57.66 63.44 -36.13
C CYS AA 103 58.06 64.01 -34.76
N LEU AA 104 57.10 64.08 -33.83
CA LEU AA 104 57.43 64.55 -32.49
C LEU AA 104 58.45 63.65 -31.83
N LEU AA 105 58.29 62.33 -31.97
CA LEU AA 105 59.25 61.40 -31.40
C LEU AA 105 60.63 61.58 -32.04
N ALA AA 106 60.67 61.73 -33.36
CA ALA AA 106 61.93 61.80 -34.09
C ALA AA 106 62.57 63.18 -34.05
N GLY AA 107 61.89 64.18 -33.49
CA GLY AA 107 62.44 65.51 -33.46
C GLY AA 107 62.29 66.28 -34.75
N VAL AA 108 61.54 65.74 -35.71
CA VAL AA 108 61.33 66.42 -36.99
C VAL AA 108 60.38 67.58 -36.79
N GLU AA 109 60.74 68.74 -37.34
CA GLU AA 109 59.90 69.92 -37.24
C GLU AA 109 58.57 69.67 -37.93
N TRP AA 110 57.48 70.06 -37.28
CA TRP AA 110 56.15 69.83 -37.81
C TRP AA 110 55.57 71.15 -38.30
N PRO AA 111 55.50 71.40 -39.61
CA PRO AA 111 55.04 72.70 -40.10
C PRO AA 111 53.54 72.81 -40.36
N LEU AA 112 52.80 71.70 -40.40
CA LEU AA 112 51.40 71.76 -40.78
C LEU AA 112 50.60 72.61 -39.80
N GLY AA 113 50.83 72.42 -38.50
CA GLY AA 113 50.15 73.21 -37.49
C GLY AA 113 49.44 72.37 -36.44
N GLU AA 114 48.72 73.02 -35.55
CA GLU AA 114 48.00 72.34 -34.49
C GLU AA 114 46.53 72.12 -34.88
N ARG AA 115 45.91 71.13 -34.26
CA ARG AA 115 44.51 70.83 -34.55
C ARG AA 115 43.61 71.99 -34.18
N GLN AA 116 43.85 72.60 -33.01
CA GLN AA 116 43.06 73.73 -32.54
C GLN AA 116 44.00 74.87 -32.17
N ARG AA 117 43.61 76.09 -32.51
CA ARG AA 117 44.42 77.27 -32.25
C ARG AA 117 43.93 77.93 -30.97
N PRO AA 118 44.70 77.92 -29.88
CA PRO AA 118 44.25 78.60 -28.66
C PRO AA 118 44.43 80.11 -28.78
N ARG AA 119 43.32 80.83 -28.62
CA ARG AA 119 43.30 82.29 -28.74
C ARG AA 119 43.39 82.88 -27.34
N THR AA 120 44.61 83.19 -26.90
CA THR AA 120 44.81 83.62 -25.53
C THR AA 120 44.25 85.02 -25.26
N ASN AA 121 44.37 85.94 -26.22
CA ASN AA 121 43.98 87.32 -26.01
C ASN AA 121 43.01 87.75 -27.10
N TYR AA 122 42.36 88.89 -26.87
CA TYR AA 122 41.37 89.43 -27.80
C TYR AA 122 42.09 90.21 -28.90
N ASP AA 123 42.22 89.60 -30.07
CA ASP AA 123 42.87 90.21 -31.22
C ASP AA 123 41.98 90.07 -32.45
N GLU AA 124 42.38 90.72 -33.54
CA GLU AA 124 41.62 90.63 -34.77
C GLU AA 124 41.67 89.20 -35.32
N PRO AA 125 40.57 88.73 -35.94
CA PRO AA 125 39.29 89.42 -36.10
C PRO AA 125 38.47 89.41 -34.81
N PHE AA 126 37.66 90.45 -34.60
CA PHE AA 126 36.87 90.55 -33.39
C PHE AA 126 35.48 89.95 -33.54
N PHE AA 127 34.93 89.94 -34.76
CA PHE AA 127 33.64 89.31 -35.04
C PHE AA 127 33.83 88.20 -36.06
N PHE AA 128 33.34 87.02 -35.74
CA PHE AA 128 33.46 85.86 -36.63
C PHE AA 128 32.10 85.18 -36.73
N ALA AA 129 31.87 84.55 -37.88
CA ALA AA 129 30.62 83.87 -38.17
C ALA AA 129 30.83 82.36 -38.06
N ASP AA 130 30.01 81.70 -37.26
CA ASP AA 130 30.06 80.24 -37.09
C ASP AA 130 28.62 79.73 -37.18
N PHE AA 131 28.19 79.41 -38.40
CA PHE AA 131 26.84 78.89 -38.59
C PHE AA 131 26.69 77.48 -38.02
N GLU AA 132 27.81 76.78 -37.78
CA GLU AA 132 27.75 75.47 -37.15
C GLU AA 132 27.55 75.56 -35.64
N GLU AA 133 27.71 76.75 -35.05
CA GLU AA 133 27.52 76.99 -33.63
C GLU AA 133 28.47 76.17 -32.76
N SER AA 134 29.66 75.86 -33.24
CA SER AA 134 30.62 75.09 -32.46
C SER AA 134 31.82 75.92 -32.02
N LYS AA 135 32.21 76.91 -32.82
CA LYS AA 135 33.41 77.69 -32.52
C LYS AA 135 33.24 78.48 -31.22
N ALA AA 136 32.07 79.08 -31.02
CA ALA AA 136 31.85 79.86 -29.81
C ALA AA 136 31.99 79.00 -28.56
N ARG AA 137 31.41 77.80 -28.59
CA ARG AA 137 31.52 76.92 -27.43
C ARG AA 137 32.93 76.39 -27.24
N ARG AA 138 33.62 76.10 -28.35
CA ARG AA 138 34.96 75.54 -28.28
C ARG AA 138 36.03 76.59 -28.00
N ASP AA 139 35.67 77.87 -28.00
CA ASP AA 139 36.65 78.92 -27.76
C ASP AA 139 37.36 78.73 -26.42
N TYR AA 140 38.67 78.95 -26.45
CA TYR AA 140 39.49 78.82 -25.24
C TYR AA 140 39.03 79.80 -24.17
N ARG AA 141 38.66 81.01 -24.57
CA ARG AA 141 38.20 82.00 -23.60
C ARG AA 141 36.96 81.50 -22.87
N SER AA 142 36.00 80.95 -23.61
CA SER AA 142 34.78 80.45 -22.99
C SER AA 142 35.09 79.29 -22.05
N ARG AA 143 35.96 78.37 -22.49
CA ARG AA 143 36.30 77.24 -21.62
C ARG AA 143 36.95 77.73 -20.33
N TRP AA 144 37.89 78.67 -20.46
CA TRP AA 144 38.59 79.22 -19.30
C TRP AA 144 37.61 79.90 -18.34
N ILE AA 145 36.67 80.67 -18.88
CA ILE AA 145 35.70 81.35 -18.04
C ILE AA 145 34.84 80.34 -17.28
N ASN AA 146 34.37 79.30 -17.98
CA ASN AA 146 33.54 78.31 -17.32
C ASN AA 146 34.31 77.61 -16.19
N VAL AA 147 35.56 77.24 -16.47
CA VAL AA 147 36.38 76.57 -15.46
C VAL AA 147 36.55 77.46 -14.24
N ASN AA 148 36.88 78.74 -14.46
CA ASN AA 148 37.06 79.66 -13.35
C ASN AA 148 35.77 79.83 -12.56
N ARG AA 149 34.63 79.91 -13.26
CA ARG AA 149 33.36 80.09 -12.57
C ARG AA 149 33.07 78.91 -11.66
N SER AA 150 33.29 77.68 -12.15
CA SER AA 150 33.09 76.52 -11.28
C SER AA 150 34.04 76.53 -10.09
N LEU AA 151 35.31 76.85 -10.35
CA LEU AA 151 36.30 76.83 -9.27
C LEU AA 151 35.93 77.82 -8.17
N VAL AA 152 35.50 79.02 -8.54
CA VAL AA 152 35.08 79.99 -7.52
C VAL AA 152 33.74 79.62 -6.91
N GLY AA 153 32.89 78.89 -7.64
CA GLY AA 153 31.62 78.46 -7.07
C GLY AA 153 31.79 77.48 -5.93
N MET AA 154 32.78 76.59 -6.02
CA MET AA 154 33.00 75.61 -4.94
C MET AA 154 33.08 76.32 -3.59
N THR AA 155 32.29 75.84 -2.60
CA THR AA 155 32.17 76.53 -1.31
C THR AA 155 32.11 75.59 -0.11
N LYS AA 156 32.49 74.32 -0.27
CA LYS AA 156 32.40 73.37 0.85
C LYS AA 156 33.29 73.79 2.00
N ARG AA 157 34.51 74.23 1.70
CA ARG AA 157 35.42 74.66 2.75
C ARG AA 157 34.91 75.91 3.45
N MET AA 158 34.24 76.80 2.73
CA MET AA 158 33.61 77.96 3.36
C MET AA 158 32.55 77.51 4.37
N LYS AA 159 31.72 76.54 3.97
CA LYS AA 159 30.72 76.04 4.92
C LYS AA 159 31.38 75.42 6.15
N GLU AA 160 32.44 74.63 5.93
CA GLU AA 160 33.14 74.01 7.05
C GLU AA 160 33.72 75.06 8.00
N ALA AA 161 34.31 76.12 7.44
CA ALA AA 161 34.86 77.18 8.27
C ALA AA 161 33.76 77.89 9.04
N GLU AA 162 32.59 78.08 8.42
CA GLU AA 162 31.46 78.67 9.13
C GLU AA 162 31.11 77.85 10.36
N GLU AA 163 30.98 76.54 10.20
CA GLU AA 163 30.67 75.69 11.35
C GLU AA 163 31.78 75.75 12.40
N GLU AA 164 33.03 75.74 11.95
CA GLU AA 164 34.15 75.77 12.88
C GLU AA 164 34.11 77.04 13.73
N ALA AA 165 33.81 78.19 13.11
CA ALA AA 165 33.68 79.42 13.89
C ALA AA 165 32.49 79.36 14.83
N ARG AA 166 31.38 78.77 14.38
CA ARG AA 166 30.22 78.63 15.25
C ARG AA 166 30.60 77.93 16.55
N TYR AA 167 31.40 76.86 16.46
CA TYR AA 167 31.84 76.18 17.67
C TYR AA 167 32.97 76.94 18.39
N MET AA 168 33.80 77.66 17.63
CA MET AA 168 34.83 78.49 18.25
C MET AA 168 34.22 79.52 19.18
N GLN AA 169 32.97 79.90 18.97
CA GLN AA 169 32.31 80.79 19.92
C GLN AA 169 32.32 80.19 21.33
N PHE AA 170 31.85 78.95 21.47
CA PHE AA 170 31.86 78.31 22.78
C PHE AA 170 33.28 78.03 23.26
N ARG AA 171 34.20 77.75 22.33
CA ARG AA 171 35.60 77.64 22.73
C ARG AA 171 36.06 78.92 23.43
N LYS AA 172 35.77 80.07 22.81
CA LYS AA 172 36.16 81.35 23.40
C LYS AA 172 35.50 81.55 24.76
N LEU AA 173 34.23 81.16 24.88
CA LEU AA 173 33.55 81.32 26.16
C LEU AA 173 34.25 80.51 27.25
N GLN AA 174 34.61 79.26 26.95
CA GLN AA 174 35.32 78.45 27.95
C GLN AA 174 36.66 79.06 28.31
N ASP AA 175 37.40 79.54 27.32
CA ASP AA 175 38.69 80.18 27.61
C ASP AA 175 38.50 81.40 28.49
N THR AA 176 37.46 82.18 28.23
CA THR AA 176 37.18 83.36 29.04
C THR AA 176 36.89 82.97 30.48
N PHE AA 177 36.10 81.92 30.69
CA PHE AA 177 35.82 81.48 32.05
C PHE AA 177 37.09 81.05 32.76
N TRP AA 178 37.96 80.32 32.06
CA TRP AA 178 39.23 79.92 32.67
C TRP AA 178 40.06 81.14 33.05
N SER AA 179 40.14 82.12 32.16
CA SER AA 179 40.93 83.32 32.43
C SER AA 179 40.36 84.08 33.62
N ASN AA 180 39.04 84.18 33.71
CA ASN AA 180 38.43 84.87 34.86
C ASN AA 180 38.77 84.15 36.15
N ARG AA 181 38.70 82.81 36.15
CA ARG AA 181 39.04 82.07 37.35
C ARG AA 181 40.50 82.29 37.74
N LYS AA 182 41.40 82.29 36.74
CA LYS AA 182 42.81 82.52 37.04
C LYS AA 182 43.02 83.91 37.63
N VAL AA 183 42.36 84.93 37.07
CA VAL AA 183 42.53 86.29 37.58
C VAL AA 183 42.01 86.39 39.01
N LEU AA 184 40.87 85.76 39.29
CA LEU AA 184 40.34 85.78 40.65
C LEU AA 184 41.28 85.07 41.63
N VAL AA 185 41.86 83.95 41.20
CA VAL AA 185 42.81 83.25 42.05
C VAL AA 185 44.01 84.14 42.35
N ASN AA 186 44.53 84.82 41.32
CA ASN AA 186 45.66 85.71 41.54
C ASN AA 186 45.30 86.84 42.49
N ARG AA 187 44.10 87.41 42.34
CA ARG AA 187 43.68 88.48 43.23
C ARG AA 187 43.58 87.99 44.67
N VAL AA 188 43.02 86.81 44.88
CA VAL AA 188 42.89 86.27 46.23
C VAL AA 188 44.27 86.01 46.82
N LYS AA 189 45.19 85.47 46.03
CA LYS AA 189 46.54 85.23 46.52
C LYS AA 189 47.22 86.54 46.91
N SER AA 190 47.07 87.58 46.08
CA SER AA 190 47.66 88.86 46.40
C SER AA 190 47.05 89.44 47.68
N MET AA 191 45.73 89.33 47.84
CA MET AA 191 45.09 89.83 49.04
C MET AA 191 45.58 89.09 50.27
N TYR AA 192 45.72 87.77 50.18
CA TYR AA 192 46.23 86.99 51.30
C TYR AA 192 47.66 87.40 51.65
N ASN AA 193 48.50 87.58 50.64
CA ASN AA 193 49.88 88.01 50.90
C ASN AA 193 49.91 89.38 51.56
N GLN AA 194 49.07 90.30 51.09
CA GLN AA 194 49.01 91.63 51.70
C GLN AA 194 48.57 91.53 53.16
N GLY AA 195 47.56 90.71 53.43
CA GLY AA 195 47.08 90.55 54.80
C GLY AA 195 48.07 89.84 55.70
N ALA AA 196 48.95 89.03 55.14
CA ALA AA 196 49.93 88.31 55.92
C ALA AA 196 50.96 89.28 56.52
N ARG BA 1 -63.15 -109.38 10.52
CA ARG BA 1 -64.52 -108.96 10.25
C ARG BA 1 -64.68 -107.46 10.44
N TYR BA 2 -64.12 -106.93 11.53
CA TYR BA 2 -64.17 -105.50 11.78
C TYR BA 2 -63.37 -104.76 10.71
N ARG BA 3 -63.93 -103.69 10.20
CA ARG BA 3 -63.25 -102.90 9.18
C ARG BA 3 -62.00 -102.26 9.79
N PRO BA 4 -60.91 -102.12 9.03
CA PRO BA 4 -59.71 -101.49 9.59
C PRO BA 4 -59.97 -100.04 9.95
N ILE BA 5 -59.26 -99.58 10.98
CA ILE BA 5 -59.41 -98.21 11.48
C ILE BA 5 -58.04 -97.58 11.61
N PRO BA 6 -57.97 -96.25 11.48
CA PRO BA 6 -56.69 -95.56 11.63
C PRO BA 6 -56.25 -95.45 13.09
N GLU BA 7 -54.93 -95.33 13.27
CA GLU BA 7 -54.38 -95.18 14.60
C GLU BA 7 -54.96 -93.96 15.31
N SER BA 8 -55.29 -92.91 14.55
CA SER BA 8 -55.87 -91.72 15.16
C SER BA 8 -57.20 -92.04 15.84
N MET BA 9 -58.05 -92.81 15.18
CA MET BA 9 -59.34 -93.19 15.74
C MET BA 9 -59.24 -94.35 16.73
N GLN BA 10 -58.14 -95.09 16.71
CA GLN BA 10 -57.96 -96.16 17.67
C GLN BA 10 -57.82 -95.57 19.09
N PRO BA 11 -58.26 -96.30 20.11
CA PRO BA 11 -58.13 -95.77 21.47
C PRO BA 11 -56.67 -95.65 21.89
N LYS BA 12 -56.43 -94.71 22.79
CA LYS BA 12 -55.10 -94.40 23.29
C LYS BA 12 -54.89 -95.02 24.66
N HIS BA 13 -53.76 -95.70 24.83
CA HIS BA 13 -53.43 -96.32 26.10
C HIS BA 13 -53.18 -95.25 27.16
N LEU BA 14 -53.60 -95.54 28.39
CA LEU BA 14 -53.43 -94.64 29.51
C LEU BA 14 -52.60 -95.28 30.60
N GLU BA 15 -51.82 -94.45 31.29
CA GLU BA 15 -50.97 -94.92 32.38
C GLU BA 15 -51.79 -95.15 33.64
N ASP BA 16 -51.18 -95.84 34.61
CA ASP BA 16 -51.87 -96.16 35.85
C ASP BA 16 -52.20 -94.93 36.68
N ASN BA 17 -51.49 -93.81 36.46
CA ASN BA 17 -51.71 -92.59 37.23
C ASN BA 17 -52.24 -91.45 36.37
N PHE BA 18 -52.90 -91.77 35.26
CA PHE BA 18 -53.44 -90.73 34.38
C PHE BA 18 -54.73 -90.17 34.94
N THR BA 19 -54.87 -88.85 34.85
CA THR BA 19 -56.09 -88.16 35.22
C THR BA 19 -56.36 -87.07 34.19
N PRO BA 20 -57.64 -86.74 33.96
CA PRO BA 20 -57.96 -85.71 32.96
C PRO BA 20 -57.40 -84.35 33.33
N PHE BA 21 -57.61 -83.36 32.46
CA PHE BA 21 -56.99 -82.05 32.67
C PHE BA 21 -57.37 -81.40 33.98
N PRO BA 22 -58.66 -81.24 34.31
CA PRO BA 22 -59.01 -80.48 35.52
C PRO BA 22 -58.37 -81.04 36.77
N LEU BA 23 -58.15 -82.35 36.85
CA LEU BA 23 -57.49 -82.91 38.00
C LEU BA 23 -55.97 -82.78 37.86
N PRO BA 24 -55.24 -82.74 38.96
CA PRO BA 24 -53.78 -82.66 38.90
C PRO BA 24 -53.15 -84.04 38.70
N LYS BA 25 -51.84 -84.02 38.43
CA LYS BA 25 -51.08 -85.24 38.25
C LYS BA 25 -50.84 -85.92 39.60
N PHE BA 26 -50.14 -87.06 39.57
CA PHE BA 26 -49.88 -87.84 40.76
C PHE BA 26 -48.50 -87.53 41.31
N ASP BA 27 -48.44 -87.34 42.63
CA ASP BA 27 -47.17 -87.14 43.33
C ASP BA 27 -47.23 -87.88 44.66
N GLU BA 28 -46.04 -88.18 45.19
CA GLU BA 28 -45.97 -88.93 46.44
C GLU BA 28 -46.67 -88.18 47.57
N SER BA 29 -46.42 -86.87 47.67
CA SER BA 29 -47.01 -86.08 48.74
C SER BA 29 -48.50 -85.84 48.49
N LEU BA 30 -48.82 -85.15 47.40
CA LEU BA 30 -50.22 -84.94 46.99
C LEU BA 30 -50.57 -86.06 46.02
N GLU BA 31 -51.16 -87.13 46.57
CA GLU BA 31 -51.45 -88.31 45.74
C GLU BA 31 -52.34 -87.95 44.57
N TYR BA 32 -53.47 -87.30 44.83
CA TYR BA 32 -54.38 -86.87 43.77
C TYR BA 32 -54.87 -85.45 43.95
N GLY BA 33 -54.50 -84.77 45.03
CA GLY BA 33 -54.80 -83.37 45.19
C GLY BA 33 -53.74 -82.51 44.54
N PRO BA 34 -53.77 -81.20 44.81
CA PRO BA 34 -54.78 -80.52 45.62
C PRO BA 34 -56.07 -80.27 44.85
N VAL BA 35 -57.19 -80.74 45.39
CA VAL BA 35 -58.48 -80.50 44.76
C VAL BA 35 -59.55 -80.34 45.84
N ARG BA 36 -60.15 -79.16 45.91
CA ARG BA 36 -61.22 -78.93 46.88
C ARG BA 36 -62.42 -79.81 46.57
N LEU BA 37 -62.71 -80.01 45.29
CA LEU BA 37 -63.82 -80.87 44.89
C LEU BA 37 -63.60 -82.29 45.41
N ARG BA 38 -64.69 -82.94 45.82
CA ARG BA 38 -64.63 -84.25 46.45
C ARG BA 38 -65.56 -85.22 45.72
N ASN BA 39 -65.36 -86.51 45.97
CA ASN BA 39 -66.15 -87.57 45.36
C ASN BA 39 -65.97 -87.58 43.84
N ILE BA 40 -64.72 -87.48 43.42
CA ILE BA 40 -64.39 -87.43 41.99
C ILE BA 40 -64.34 -88.86 41.45
N PRO BA 41 -65.23 -89.24 40.53
CA PRO BA 41 -65.18 -90.61 40.01
C PRO BA 41 -63.88 -90.95 39.30
N ASP BA 42 -63.24 -89.96 38.66
CA ASP BA 42 -62.05 -90.26 37.87
C ASP BA 42 -60.88 -90.63 38.77
N ILE BA 43 -60.80 -90.03 39.96
CA ILE BA 43 -59.74 -90.40 40.90
C ILE BA 43 -59.91 -91.85 41.32
N GLU BA 44 -61.15 -92.26 41.61
CA GLU BA 44 -61.39 -93.66 41.95
C GLU BA 44 -61.06 -94.57 40.79
N ALA BA 45 -61.38 -94.14 39.56
CA ALA BA 45 -61.02 -94.93 38.39
C ALA BA 45 -59.51 -95.10 38.29
N ALA BA 46 -58.76 -94.03 38.54
CA ALA BA 46 -57.30 -94.12 38.51
C ALA BA 46 -56.78 -95.06 39.60
N LYS BA 47 -57.38 -95.00 40.79
CA LYS BA 47 -56.98 -95.91 41.86
C LYS BA 47 -57.25 -97.35 41.48
N GLU BA 48 -58.41 -97.62 40.86
CA GLU BA 48 -58.72 -98.98 40.41
C GLU BA 48 -57.73 -99.43 39.35
N ARG BA 49 -57.36 -98.53 38.43
CA ARG BA 49 -56.38 -98.89 37.42
C ARG BA 49 -55.03 -99.21 38.05
N ARG BA 50 -54.63 -98.43 39.06
CA ARG BA 50 -53.39 -98.72 39.77
C ARG BA 50 -53.46 -100.09 40.44
N ARG BA 51 -54.59 -100.40 41.08
CA ARG BA 51 -54.74 -101.71 41.72
C ARG BA 51 -54.63 -102.82 40.70
N GLY BA 52 -55.28 -102.66 39.54
CA GLY BA 52 -55.20 -103.67 38.51
C GLY BA 52 -53.78 -103.86 38.00
N SER BA 53 -53.06 -102.75 37.78
CA SER BA 53 -51.67 -102.86 37.34
C SER BA 53 -50.81 -103.55 38.38
N ARG BA 54 -51.01 -103.22 39.67
CA ARG BA 54 -50.24 -103.87 40.72
C ARG BA 54 -50.53 -105.36 40.78
N LEU BA 55 -51.81 -105.74 40.64
CA LEU BA 55 -52.16 -107.16 40.63
C LEU BA 55 -51.52 -107.87 39.44
N ALA BA 56 -51.53 -107.23 38.26
CA ALA BA 56 -50.90 -107.83 37.09
C ALA BA 56 -49.40 -108.01 37.30
N ALA BA 57 -48.75 -107.02 37.91
CA ALA BA 57 -47.32 -107.11 38.17
C ALA BA 57 -47.00 -108.29 39.07
N PRO BA 104 -26.68 -99.26 -15.16
CA PRO BA 104 -25.89 -98.48 -16.11
C PRO BA 104 -26.72 -97.50 -16.93
N SER BA 105 -26.10 -96.44 -17.42
CA SER BA 105 -26.79 -95.46 -18.23
C SER BA 105 -26.04 -95.05 -19.49
N GLN BA 106 -24.77 -95.37 -19.62
CA GLN BA 106 -23.99 -95.06 -20.82
C GLN BA 106 -22.77 -95.96 -20.83
N THR BA 107 -21.81 -95.65 -21.70
CA THR BA 107 -20.59 -96.43 -21.80
C THR BA 107 -19.43 -95.69 -21.16
N MET BA 108 -18.62 -96.44 -20.42
CA MET BA 108 -17.40 -95.93 -19.81
C MET BA 108 -16.29 -96.10 -20.83
N SER BA 109 -15.90 -95.01 -21.48
CA SER BA 109 -14.87 -95.08 -22.49
C SER BA 109 -13.56 -95.58 -21.87
N PRO BA 110 -12.93 -96.57 -22.46
CA PRO BA 110 -11.74 -97.18 -21.83
C PRO BA 110 -10.59 -96.20 -21.77
N CYS BA 111 -9.74 -96.40 -20.77
CA CYS BA 111 -8.56 -95.57 -20.56
C CYS BA 111 -7.50 -96.40 -19.86
N SER BA 112 -6.25 -96.01 -20.05
CA SER BA 112 -5.14 -96.71 -19.44
C SER BA 112 -5.08 -96.42 -17.93
N HIS BA 113 -4.44 -97.34 -17.20
CA HIS BA 113 -4.32 -97.16 -15.76
C HIS BA 113 -3.57 -95.88 -15.40
N GLU BA 114 -2.58 -95.51 -16.21
CA GLU BA 114 -1.81 -94.29 -15.93
C GLU BA 114 -2.71 -93.06 -15.95
N GLU BA 115 -3.80 -93.10 -16.71
CA GLU BA 115 -4.70 -91.96 -16.85
C GLU BA 115 -5.99 -92.12 -16.06
N GLU BA 116 -6.06 -93.09 -15.15
CA GLU BA 116 -7.25 -93.27 -14.32
C GLU BA 116 -7.20 -92.33 -13.13
N MET BA 117 -8.35 -91.75 -12.79
CA MET BA 117 -8.46 -90.86 -11.64
C MET BA 117 -8.55 -91.71 -10.37
N ARG BA 118 -7.52 -91.64 -9.53
CA ARG BA 118 -7.47 -92.44 -8.32
C ARG BA 118 -6.94 -91.58 -7.19
N GLY BA 119 -6.82 -92.17 -6.00
CA GLY BA 119 -6.30 -91.50 -4.83
C GLY BA 119 -7.34 -90.74 -4.03
N TYR BA 120 -8.57 -90.64 -4.50
CA TYR BA 120 -9.60 -89.87 -3.84
C TYR BA 120 -10.89 -90.67 -3.76
N VAL BA 121 -11.69 -90.35 -2.74
CA VAL BA 121 -12.97 -91.02 -2.51
C VAL BA 121 -13.99 -89.96 -2.12
N VAL BA 122 -15.21 -90.10 -2.65
CA VAL BA 122 -16.26 -89.15 -2.31
C VAL BA 122 -16.74 -89.40 -0.88
N SER BA 123 -17.45 -88.41 -0.34
CA SER BA 123 -18.05 -88.57 0.97
C SER BA 123 -19.15 -89.62 0.92
N ARG BA 124 -19.38 -90.28 2.05
CA ARG BA 124 -20.36 -91.37 2.09
C ARG BA 124 -21.73 -90.89 1.65
N ASP BA 125 -22.15 -89.73 2.13
CA ASP BA 125 -23.45 -89.17 1.80
C ASP BA 125 -23.34 -88.33 0.53
N TYR BA 126 -23.06 -89.04 -0.58
CA TYR BA 126 -22.85 -88.34 -1.85
C TYR BA 126 -24.03 -87.49 -2.26
N PRO BA 127 -25.28 -87.97 -2.23
CA PRO BA 127 -26.39 -87.15 -2.74
C PRO BA 127 -26.50 -85.80 -2.06
N LEU BA 128 -26.13 -85.72 -0.79
CA LEU BA 128 -26.17 -84.48 -0.03
C LEU BA 128 -24.78 -83.89 0.19
N ILE BA 129 -23.82 -84.69 0.64
CA ILE BA 129 -22.46 -84.23 0.88
C ILE BA 129 -21.61 -84.79 -0.26
N ASP BA 130 -21.19 -83.91 -1.18
CA ASP BA 130 -20.40 -84.31 -2.33
C ASP BA 130 -18.92 -83.92 -2.19
N ARG BA 131 -18.42 -83.83 -0.96
CA ARG BA 131 -17.01 -83.50 -0.75
C ARG BA 131 -16.13 -84.68 -1.17
N LEU BA 132 -14.86 -84.37 -1.43
CA LEU BA 132 -13.87 -85.35 -1.86
C LEU BA 132 -12.76 -85.41 -0.83
N HIS BA 133 -12.47 -86.62 -0.36
CA HIS BA 133 -11.36 -86.86 0.56
C HIS BA 133 -10.24 -87.59 -0.17
N CYS BA 134 -9.02 -87.44 0.36
CA CYS BA 134 -7.83 -88.03 -0.22
C CYS BA 134 -7.40 -89.23 0.60
N THR BA 135 -7.29 -90.39 -0.04
CA THR BA 135 -6.78 -91.60 0.59
C THR BA 135 -5.38 -91.94 0.11
N ARG BA 136 -4.72 -91.01 -0.57
CA ARG BA 136 -3.40 -91.27 -1.13
C ARG BA 136 -2.39 -91.46 -0.01
N SER BA 137 -1.39 -92.31 -0.28
CA SER BA 137 -0.36 -92.62 0.69
C SER BA 137 0.54 -91.42 0.93
N ILE BA 138 1.00 -91.28 2.18
CA ILE BA 138 1.89 -90.18 2.52
C ILE BA 138 3.18 -90.27 1.71
N GLU BA 139 3.67 -91.49 1.48
CA GLU BA 139 4.87 -91.66 0.67
C GLU BA 139 4.65 -91.13 -0.74
N GLU BA 140 3.48 -91.42 -1.33
CA GLU BA 140 3.19 -90.90 -2.66
C GLU BA 140 3.07 -89.39 -2.66
N LEU BA 141 2.44 -88.82 -1.61
CA LEU BA 141 2.33 -87.37 -1.53
C LEU BA 141 3.71 -86.72 -1.44
N VAL BA 142 4.60 -87.29 -0.63
CA VAL BA 142 5.95 -86.75 -0.51
C VAL BA 142 6.70 -86.90 -1.82
N ALA BA 143 6.54 -88.03 -2.50
CA ALA BA 143 7.19 -88.22 -3.78
C ALA BA 143 6.73 -87.17 -4.79
N GLN BA 144 5.43 -86.89 -4.82
CA GLN BA 144 4.92 -85.84 -5.70
C GLN BA 144 5.52 -84.49 -5.32
N PHE BA 145 5.51 -84.18 -4.02
CA PHE BA 145 6.03 -82.89 -3.56
C PHE BA 145 7.49 -82.71 -3.96
N GLU BA 146 8.27 -83.78 -3.93
CA GLU BA 146 9.70 -83.69 -4.22
C GLU BA 146 10.02 -83.77 -5.70
N ASP BA 147 9.20 -84.47 -6.49
CA ASP BA 147 9.50 -84.68 -7.90
C ASP BA 147 8.83 -83.65 -8.81
N ARG BA 148 7.79 -82.96 -8.33
CA ARG BA 148 7.14 -81.92 -9.12
C ARG BA 148 7.20 -80.63 -8.32
N PRO BA 149 8.29 -79.84 -8.44
CA PRO BA 149 8.44 -78.66 -7.57
C PRO BA 149 7.54 -77.50 -7.96
N GLN BA 150 6.60 -77.72 -8.88
CA GLN BA 150 5.71 -76.65 -9.31
C GLN BA 150 4.87 -76.16 -8.13
N ILE BA 151 4.54 -74.87 -8.17
CA ILE BA 151 3.79 -74.28 -7.06
C ILE BA 151 2.45 -74.97 -6.89
N GLU BA 152 1.75 -75.21 -7.99
CA GLU BA 152 0.43 -75.84 -7.91
C GLU BA 152 0.54 -77.28 -7.41
N SER BA 153 1.56 -78.01 -7.86
CA SER BA 153 1.73 -79.38 -7.40
C SER BA 153 2.01 -79.41 -5.90
N ARG BA 154 2.87 -78.52 -5.42
CA ARG BA 154 3.16 -78.47 -3.99
C ARG BA 154 1.91 -78.07 -3.20
N VAL BA 155 1.12 -77.14 -3.74
CA VAL BA 155 -0.10 -76.72 -3.06
C VAL BA 155 -1.08 -77.89 -2.95
N ALA BA 156 -1.22 -78.66 -4.03
CA ALA BA 156 -2.12 -79.80 -4.00
C ALA BA 156 -1.62 -80.85 -3.01
N ALA BA 157 -0.31 -81.12 -3.00
CA ALA BA 157 0.23 -82.08 -2.05
C ALA BA 157 -0.01 -81.62 -0.62
N LEU BA 158 0.21 -80.34 -0.34
CA LEU BA 158 -0.02 -79.83 1.00
C LEU BA 158 -1.49 -79.91 1.38
N ALA BA 159 -2.39 -79.63 0.44
CA ALA BA 159 -3.82 -79.76 0.72
C ALA BA 159 -4.18 -81.19 1.07
N ASP BA 160 -3.67 -82.15 0.30
CA ASP BA 160 -3.94 -83.55 0.60
C ASP BA 160 -3.39 -83.94 1.96
N MET BA 161 -2.17 -83.49 2.28
CA MET BA 161 -1.57 -83.78 3.57
C MET BA 161 -2.42 -83.20 4.71
N ALA BA 162 -2.88 -81.95 4.55
CA ALA BA 162 -3.71 -81.33 5.56
C ALA BA 162 -5.00 -82.10 5.75
N SER BA 163 -5.60 -82.56 4.64
CA SER BA 163 -6.81 -83.36 4.75
C SER BA 163 -6.56 -84.66 5.49
N THR BA 164 -5.41 -85.29 5.24
CA THR BA 164 -5.14 -86.64 5.74
C THR BA 164 -4.36 -86.67 7.06
N VAL BA 165 -4.10 -85.51 7.67
CA VAL BA 165 -3.29 -85.49 8.90
C VAL BA 165 -3.90 -86.43 9.94
N SER BA 166 -5.21 -86.32 10.17
CA SER BA 166 -5.84 -87.09 11.24
C SER BA 166 -5.74 -88.59 11.01
N PHE BA 167 -5.56 -89.03 9.76
CA PHE BA 167 -5.52 -90.44 9.42
C PHE BA 167 -4.11 -91.01 9.42
N ARG BA 168 -3.09 -90.19 9.67
CA ARG BA 168 -1.70 -90.60 9.59
C ARG BA 168 -1.19 -91.05 10.95
N SER BA 169 -0.05 -91.73 10.92
CA SER BA 169 0.62 -92.22 12.12
C SER BA 169 1.80 -91.32 12.45
N ASP BA 170 2.49 -91.66 13.55
CA ASP BA 170 3.60 -90.84 14.00
C ASP BA 170 4.73 -90.82 12.98
N GLU BA 171 5.12 -91.99 12.48
CA GLU BA 171 6.20 -92.05 11.49
C GLU BA 171 5.79 -91.35 10.21
N GLU BA 172 4.54 -91.52 9.79
CA GLU BA 172 4.07 -90.84 8.59
C GLU BA 172 4.13 -89.33 8.75
N LEU BA 173 3.73 -88.82 9.91
CA LEU BA 173 3.80 -87.38 10.15
C LEU BA 173 5.25 -86.91 10.19
N LEU BA 174 6.15 -87.71 10.78
CA LEU BA 174 7.56 -87.34 10.79
C LEU BA 174 8.09 -87.22 9.37
N ARG BA 175 7.78 -88.20 8.52
CA ARG BA 175 8.20 -88.13 7.12
C ARG BA 175 7.59 -86.92 6.43
N MET BA 176 6.32 -86.65 6.70
CA MET BA 176 5.64 -85.51 6.08
C MET BA 176 6.38 -84.21 6.42
N PHE BA 177 6.63 -83.98 7.70
CA PHE BA 177 7.29 -82.74 8.11
C PHE BA 177 8.71 -82.68 7.57
N THR BA 178 9.44 -83.79 7.58
CA THR BA 178 10.80 -83.79 7.06
C THR BA 178 10.81 -83.42 5.59
N ALA BA 179 9.90 -83.99 4.80
CA ALA BA 179 9.81 -83.65 3.38
C ALA BA 179 9.38 -82.21 3.16
N ILE BA 180 8.43 -81.71 3.95
CA ILE BA 180 7.93 -80.36 3.76
C ILE BA 180 8.93 -79.28 4.19
N SER BA 181 9.82 -79.59 5.14
CA SER BA 181 10.74 -78.60 5.67
C SER BA 181 11.95 -78.36 4.78
N ALA BA 182 11.89 -78.75 3.51
CA ALA BA 182 13.05 -78.63 2.61
C ALA BA 182 13.29 -77.19 2.18
N PRO BA 183 12.31 -76.52 1.55
CA PRO BA 183 12.62 -75.22 0.92
C PRO BA 183 13.07 -74.15 1.90
N PHE BA 184 12.75 -74.28 3.18
CA PHE BA 184 13.03 -73.23 4.16
C PHE BA 184 14.45 -73.34 4.68
N SER BA 185 14.96 -72.20 5.17
CA SER BA 185 16.29 -72.11 5.76
C SER BA 185 16.17 -71.47 7.14
N VAL BA 186 17.25 -71.54 7.91
CA VAL BA 186 17.23 -71.05 9.29
C VAL BA 186 17.13 -69.52 9.31
N ASP BA 187 18.12 -68.85 8.73
CA ASP BA 187 18.15 -67.39 8.76
C ASP BA 187 17.10 -66.77 7.84
N GLY BA 188 16.64 -67.49 6.82
CA GLY BA 188 15.65 -66.95 5.91
C GLY BA 188 14.35 -66.62 6.60
N ARG BA 189 13.36 -66.18 5.83
CA ARG BA 189 12.04 -65.82 6.33
C ARG BA 189 11.05 -66.88 5.84
N GLY BA 190 10.73 -67.83 6.71
CA GLY BA 190 9.87 -68.92 6.34
C GLY BA 190 8.50 -68.48 5.87
N LEU BA 191 7.91 -69.23 4.94
CA LEU BA 191 6.58 -68.94 4.39
C LEU BA 191 6.54 -67.60 3.66
N ASN BA 192 7.68 -67.12 3.17
CA ASN BA 192 7.72 -65.87 2.42
C ASN BA 192 7.76 -66.17 0.92
N PHE BA 193 6.59 -66.55 0.40
CA PHE BA 193 6.45 -66.85 -1.02
C PHE BA 193 5.84 -65.66 -1.75
N LEU BA 194 6.66 -64.62 -1.93
CA LEU BA 194 6.23 -63.39 -2.58
C LEU BA 194 6.52 -63.47 -4.07
N THR BA 195 5.49 -63.31 -4.88
CA THR BA 195 5.61 -63.42 -6.33
C THR BA 195 5.25 -62.14 -7.05
N VAL BA 196 4.08 -61.58 -6.79
CA VAL BA 196 3.59 -60.40 -7.53
C VAL BA 196 3.77 -59.16 -6.67
N LYS BA 197 4.13 -58.07 -7.33
CA LYS BA 197 4.42 -56.79 -6.69
C LYS BA 197 3.42 -55.76 -7.21
N VAL BA 198 2.69 -55.12 -6.29
CA VAL BA 198 1.69 -54.12 -6.65
C VAL BA 198 2.13 -52.79 -6.06
N SER BA 199 2.32 -51.79 -6.92
CA SER BA 199 2.85 -50.49 -6.53
C SER BA 199 1.98 -49.38 -7.09
N LYS BA 200 0.66 -49.55 -6.97
CA LYS BA 200 -0.25 -48.52 -7.45
C LYS BA 200 -0.27 -47.32 -6.50
N PHE BA 201 -0.11 -47.54 -5.20
CA PHE BA 201 -0.10 -46.43 -4.25
C PHE BA 201 1.19 -45.63 -4.33
N GLY BA 202 2.33 -46.32 -4.51
CA GLY BA 202 3.62 -45.66 -4.56
C GLY BA 202 4.66 -46.41 -3.76
N ARG BA 203 4.23 -47.02 -2.65
CA ARG BA 203 5.10 -47.92 -1.90
C ARG BA 203 4.68 -49.34 -2.22
N PRO BA 204 5.48 -50.12 -2.96
CA PRO BA 204 5.01 -51.44 -3.39
C PRO BA 204 4.72 -52.34 -2.19
N TYR BA 205 3.71 -53.20 -2.38
CA TYR BA 205 3.47 -54.31 -1.47
C TYR BA 205 3.45 -55.60 -2.29
N TYR BA 206 3.99 -56.66 -1.71
CA TYR BA 206 4.15 -57.93 -2.40
C TYR BA 206 3.13 -58.92 -1.89
N VAL BA 207 2.39 -59.53 -2.81
CA VAL BA 207 1.28 -60.42 -2.49
C VAL BA 207 1.80 -61.85 -2.56
N PRO BA 208 1.74 -62.63 -1.48
CA PRO BA 208 2.23 -64.01 -1.55
C PRO BA 208 1.37 -64.89 -2.42
N ASN BA 209 2.00 -65.92 -2.98
CA ASN BA 209 1.32 -66.85 -3.87
C ASN BA 209 0.49 -67.84 -3.04
N SER BA 210 0.00 -68.89 -3.68
CA SER BA 210 -0.90 -69.84 -3.05
C SER BA 210 -0.19 -70.78 -2.07
N LEU BA 211 1.13 -70.81 -2.06
CA LEU BA 211 1.84 -71.70 -1.14
C LEU BA 211 1.61 -71.33 0.32
N LEU BA 212 1.62 -70.04 0.65
CA LEU BA 212 1.43 -69.64 2.04
C LEU BA 212 0.12 -70.12 2.61
N PRO BA 213 -1.03 -69.94 1.94
CA PRO BA 213 -2.27 -70.54 2.45
C PRO BA 213 -2.18 -72.04 2.62
N ALA BA 214 -1.43 -72.74 1.76
CA ALA BA 214 -1.30 -74.19 1.91
C ALA BA 214 -0.64 -74.54 3.24
N TYR BA 215 0.46 -73.88 3.57
CA TYR BA 215 1.14 -74.15 4.82
C TYR BA 215 0.29 -73.73 6.02
N VAL BA 216 -0.43 -72.61 5.89
CA VAL BA 216 -1.29 -72.17 6.98
C VAL BA 216 -2.37 -73.21 7.24
N ASN BA 217 -3.00 -73.72 6.18
CA ASN BA 217 -4.02 -74.74 6.34
C ASN BA 217 -3.43 -76.03 6.90
N LEU BA 218 -2.22 -76.38 6.50
CA LEU BA 218 -1.58 -77.57 7.05
C LEU BA 218 -1.35 -77.40 8.55
N VAL BA 219 -0.88 -76.22 8.97
CA VAL BA 219 -0.66 -75.99 10.40
C VAL BA 219 -1.98 -76.03 11.15
N ASP BA 220 -3.04 -75.45 10.58
CA ASP BA 220 -4.34 -75.49 11.23
C ASP BA 220 -4.85 -76.92 11.37
N ALA BA 221 -4.69 -77.73 10.33
CA ALA BA 221 -5.11 -79.13 10.39
C ALA BA 221 -4.31 -79.89 11.43
N THR BA 222 -2.99 -79.65 11.49
CA THR BA 222 -2.17 -80.28 12.51
C THR BA 222 -2.63 -79.90 13.90
N THR BA 223 -2.93 -78.62 14.11
CA THR BA 223 -3.43 -78.17 15.41
C THR BA 223 -4.73 -78.89 15.76
N ILE BA 224 -5.66 -78.95 14.82
CA ILE BA 224 -6.95 -79.59 15.09
C ILE BA 224 -6.76 -81.06 15.40
N ALA BA 225 -5.82 -81.72 14.71
CA ALA BA 225 -5.63 -83.15 14.90
C ALA BA 225 -4.93 -83.46 16.22
N LEU BA 226 -3.91 -82.69 16.57
CA LEU BA 226 -3.07 -83.00 17.72
C LEU BA 226 -3.50 -82.26 18.99
N VAL BA 227 -4.54 -81.43 18.93
CA VAL BA 227 -5.01 -80.68 20.09
C VAL BA 227 -6.49 -80.95 20.37
N ARG BA 228 -7.35 -80.74 19.37
CA ARG BA 228 -8.79 -80.82 19.54
C ARG BA 228 -9.35 -82.23 19.33
N GLU BA 229 -8.58 -83.13 18.72
CA GLU BA 229 -9.06 -84.47 18.43
C GLU BA 229 -8.25 -85.55 19.12
N GLN BA 230 -6.92 -85.48 19.07
CA GLN BA 230 -6.04 -86.50 19.64
C GLN BA 230 -4.98 -85.84 20.51
N PRO BA 231 -5.39 -85.21 21.61
CA PRO BA 231 -4.40 -84.54 22.48
C PRO BA 231 -3.39 -85.49 23.09
N TRP BA 232 -3.68 -86.78 23.16
CA TRP BA 232 -2.77 -87.73 23.79
C TRP BA 232 -1.59 -88.09 22.91
N ARG BA 233 -1.66 -87.82 21.61
CA ARG BA 233 -0.59 -88.26 20.71
C ARG BA 233 0.71 -87.51 20.99
N LEU BA 234 0.63 -86.19 21.23
CA LEU BA 234 1.85 -85.44 21.54
C LEU BA 234 2.50 -85.95 22.81
N SER BA 235 1.70 -86.22 23.85
CA SER BA 235 2.25 -86.76 25.08
C SER BA 235 2.86 -88.13 24.86
N ALA BA 236 2.20 -88.99 24.08
CA ALA BA 236 2.68 -90.35 23.89
C ALA BA 236 3.98 -90.37 23.08
N SER BA 237 4.04 -89.62 21.98
CA SER BA 237 5.18 -89.65 21.09
C SER BA 237 6.03 -88.40 21.29
N PRO BA 238 7.22 -88.48 21.87
CA PRO BA 238 8.06 -87.29 22.01
C PRO BA 238 8.74 -86.91 20.70
N ALA BA 239 8.98 -87.89 19.84
CA ALA BA 239 9.60 -87.61 18.55
C ALA BA 239 8.71 -86.70 17.70
N LEU BA 240 7.41 -86.99 17.65
CA LEU BA 240 6.49 -86.11 16.94
C LEU BA 240 6.44 -84.73 17.59
N PHE BA 241 6.51 -84.69 18.92
CA PHE BA 241 6.52 -83.42 19.63
C PHE BA 241 7.70 -82.56 19.19
N ILE BA 242 8.88 -83.17 19.07
CA ILE BA 242 10.06 -82.42 18.63
C ILE BA 242 9.95 -82.04 17.16
N GLN BA 243 9.44 -82.95 16.32
CA GLN BA 243 9.36 -82.66 14.90
C GLN BA 243 8.42 -81.48 14.63
N VAL BA 244 7.27 -81.46 15.29
CA VAL BA 244 6.32 -80.37 15.09
C VAL BA 244 6.92 -79.05 15.54
N LEU BA 245 7.60 -79.06 16.69
CA LEU BA 245 8.21 -77.84 17.20
C LEU BA 245 9.31 -77.35 16.26
N GLN BA 246 10.13 -78.26 15.73
CA GLN BA 246 11.18 -77.86 14.80
C GLN BA 246 10.58 -77.29 13.52
N PHE BA 247 9.48 -77.88 13.04
CA PHE BA 247 8.82 -77.35 11.86
C PHE BA 247 8.30 -75.94 12.11
N MET BA 248 7.64 -75.74 13.25
CA MET BA 248 7.12 -74.43 13.61
C MET BA 248 8.22 -73.41 13.87
N ALA BA 249 9.42 -73.86 14.26
CA ALA BA 249 10.56 -72.97 14.35
C ALA BA 249 11.11 -72.61 12.98
N LEU BA 250 11.18 -73.59 12.08
CA LEU BA 250 11.70 -73.35 10.74
C LEU BA 250 10.82 -72.38 9.98
N ILE BA 251 9.49 -72.54 10.09
CA ILE BA 251 8.55 -71.57 9.53
C ILE BA 251 8.16 -70.60 10.65
N LYS BA 252 8.38 -69.32 10.41
CA LYS BA 252 8.21 -68.31 11.47
C LYS BA 252 6.73 -68.10 11.73
N VAL BA 253 6.15 -69.03 12.49
CA VAL BA 253 4.73 -68.97 12.80
C VAL BA 253 4.42 -67.78 13.69
N PHE BA 254 5.31 -67.45 14.62
CA PHE BA 254 5.10 -66.34 15.54
C PHE BA 254 5.63 -65.02 15.01
N GLU BA 255 6.17 -65.00 13.80
CA GLU BA 255 6.58 -63.76 13.13
C GLU BA 255 5.98 -63.75 11.72
N PRO BA 256 4.65 -63.73 11.63
CA PRO BA 256 4.01 -63.74 10.30
C PRO BA 256 4.31 -62.50 9.47
N ASN BA 257 4.80 -61.42 10.07
CA ASN BA 257 5.18 -60.27 9.27
C ASN BA 257 6.28 -60.62 8.29
N LYS BA 258 7.18 -61.54 8.66
CA LYS BA 258 8.20 -61.99 7.71
C LYS BA 258 7.58 -62.68 6.51
N TRP BA 259 6.41 -63.30 6.69
CA TRP BA 259 5.76 -63.95 5.57
C TRP BA 259 5.47 -62.98 4.43
N PHE BA 260 5.25 -61.70 4.76
CA PHE BA 260 4.92 -60.69 3.77
C PHE BA 260 6.04 -59.68 3.54
N THR BA 261 7.06 -59.67 4.39
CA THR BA 261 8.19 -58.77 4.19
C THR BA 261 8.98 -59.20 2.96
N PHE BA 262 9.38 -58.22 2.16
CA PHE BA 262 10.19 -58.47 0.98
C PHE BA 262 11.65 -58.08 1.17
N SER BA 263 11.93 -57.09 2.01
CA SER BA 263 13.29 -56.70 2.37
C SER BA 263 13.35 -56.44 3.87
N ASP BA 264 14.45 -56.86 4.48
CA ASP BA 264 14.63 -56.61 5.91
C ASP BA 264 14.68 -55.13 6.24
N HIS BA 265 15.00 -54.27 5.27
CA HIS BA 265 15.08 -52.84 5.52
C HIS BA 265 13.70 -52.20 5.66
N ALA BA 266 12.68 -52.81 5.07
CA ALA BA 266 11.31 -52.30 5.13
C ALA BA 266 10.37 -53.41 5.56
N PRO BA 267 10.46 -53.86 6.82
CA PRO BA 267 9.59 -54.94 7.26
C PRO BA 267 8.12 -54.57 7.13
N SER BA 268 7.32 -55.54 6.72
CA SER BA 268 5.91 -55.32 6.48
C SER BA 268 5.12 -55.53 7.77
N ASN BA 269 3.83 -55.16 7.73
CA ASN BA 269 2.94 -55.35 8.88
C ASN BA 269 1.58 -55.89 8.44
N ARG BA 270 1.56 -56.65 7.35
CA ARG BA 270 0.29 -57.21 6.88
C ARG BA 270 -0.28 -58.26 7.81
N ALA BA 271 0.51 -58.75 8.76
CA ALA BA 271 0.05 -59.77 9.70
C ALA BA 271 -0.35 -59.22 11.06
N ASP BA 272 -0.03 -57.95 11.34
CA ASP BA 272 -0.34 -57.35 12.63
C ASP BA 272 -1.04 -56.00 12.51
N TYR BA 273 -1.44 -55.62 11.30
CA TYR BA 273 -2.17 -54.38 11.08
C TYR BA 273 -3.53 -54.68 10.45
N ARG BA 274 -4.53 -53.93 10.87
CA ARG BA 274 -5.90 -54.16 10.39
C ARG BA 274 -6.70 -52.89 10.63
N HIS BA 275 -7.18 -52.28 9.56
CA HIS BA 275 -7.99 -51.08 9.64
C HIS BA 275 -9.45 -51.41 9.36
N ALA BA 276 -10.35 -50.58 9.89
CA ALA BA 276 -11.77 -50.84 9.76
C ALA BA 276 -12.24 -50.76 8.31
N ILE BA 277 -11.60 -49.93 7.49
CA ILE BA 277 -12.06 -49.76 6.11
C ILE BA 277 -11.95 -51.04 5.30
N GLY BA 278 -10.95 -51.88 5.59
CA GLY BA 278 -10.80 -53.12 4.84
C GLY BA 278 -9.38 -53.55 4.56
N VAL BA 279 -8.40 -52.78 5.00
CA VAL BA 279 -7.00 -53.11 4.71
C VAL BA 279 -6.58 -54.30 5.55
N ASN BA 280 -5.94 -55.28 4.91
CA ASN BA 280 -5.37 -56.44 5.58
C ASN BA 280 -6.41 -57.22 6.37
N HIS BA 281 -7.68 -57.19 5.93
CA HIS BA 281 -8.69 -57.99 6.60
C HIS BA 281 -8.46 -59.48 6.44
N SER BA 282 -7.89 -59.90 5.31
CA SER BA 282 -7.71 -61.31 5.02
C SER BA 282 -6.30 -61.81 5.28
N THR BA 283 -5.41 -60.99 5.84
CA THR BA 283 -4.04 -61.39 6.13
C THR BA 283 -3.59 -60.98 7.52
N ALA BA 284 -4.48 -60.45 8.36
CA ALA BA 284 -4.12 -59.92 9.66
C ALA BA 284 -4.72 -60.76 10.77
N PHE BA 285 -3.94 -60.99 11.82
CA PHE BA 285 -4.44 -61.64 13.04
C PHE BA 285 -4.88 -63.08 12.77
N TRP BA 286 -3.99 -63.85 12.15
CA TRP BA 286 -4.17 -65.28 12.01
C TRP BA 286 -3.62 -65.96 13.26
N GLY BA 287 -4.41 -66.82 13.87
CA GLY BA 287 -3.94 -67.58 15.02
C GLY BA 287 -3.16 -68.81 14.59
N THR BA 288 -2.14 -68.61 13.75
CA THR BA 288 -1.39 -69.72 13.19
C THR BA 288 -0.42 -70.25 14.22
N GLY BA 289 -0.70 -71.44 14.74
CA GLY BA 289 0.18 -72.10 15.68
C GLY BA 289 0.07 -71.62 17.11
N GLU BA 290 -0.77 -70.61 17.39
CA GLU BA 290 -0.91 -70.14 18.76
C GLU BA 290 -1.51 -71.21 19.65
N GLU BA 291 -2.61 -71.83 19.20
CA GLU BA 291 -3.26 -72.86 20.01
C GLU BA 291 -2.34 -74.05 20.21
N LEU BA 292 -1.66 -74.49 19.15
CA LEU BA 292 -0.77 -75.64 19.27
C LEU BA 292 0.39 -75.34 20.21
N TYR BA 293 0.97 -74.15 20.09
CA TYR BA 293 2.07 -73.79 20.98
C TYR BA 293 1.61 -73.72 22.42
N ASP BA 294 0.43 -73.14 22.66
CA ASP BA 294 -0.11 -73.09 24.02
C ASP BA 294 -0.32 -74.49 24.57
N PHE BA 295 -0.88 -75.38 23.76
CA PHE BA 295 -1.12 -76.76 24.21
C PHE BA 295 0.20 -77.45 24.54
N MET BA 296 1.22 -77.25 23.71
CA MET BA 296 2.52 -77.86 23.97
C MET BA 296 3.13 -77.30 25.25
N VAL BA 297 3.00 -75.99 25.48
CA VAL BA 297 3.50 -75.39 26.71
C VAL BA 297 2.79 -75.98 27.92
N GLU BA 298 1.47 -76.15 27.83
CA GLU BA 298 0.73 -76.74 28.94
C GLU BA 298 1.18 -78.19 29.18
N LEU BA 299 1.41 -78.94 28.11
CA LEU BA 299 1.87 -80.32 28.26
C LEU BA 299 3.20 -80.36 28.99
N LEU BA 300 4.12 -79.46 28.62
CA LEU BA 300 5.40 -79.41 29.33
C LEU BA 300 5.24 -78.95 30.78
N ARG BA 301 4.33 -78.01 31.04
CA ARG BA 301 4.23 -77.42 32.36
C ARG BA 301 3.53 -78.34 33.36
N VAL BA 302 2.56 -79.12 32.92
CA VAL BA 302 1.87 -80.03 33.82
C VAL BA 302 2.84 -81.06 34.39
N PRO BA 309 7.13 -84.24 34.66
CA PRO BA 309 6.04 -84.58 33.74
C PRO BA 309 6.27 -85.91 33.01
N THR BA 310 5.19 -86.58 32.64
CA THR BA 310 5.30 -87.85 31.95
C THR BA 310 6.01 -87.69 30.61
N MET BA 311 5.80 -86.57 29.92
CA MET BA 311 6.47 -86.36 28.65
C MET BA 311 7.98 -86.33 28.83
N LEU BA 312 8.47 -85.57 29.82
CA LEU BA 312 9.90 -85.51 30.05
C LEU BA 312 10.42 -86.86 30.56
N ASP BA 313 9.61 -87.57 31.34
CA ASP BA 313 10.02 -88.90 31.79
C ASP BA 313 10.24 -89.84 30.62
N LEU BA 314 9.36 -89.79 29.62
CA LEU BA 314 9.50 -90.63 28.45
C LEU BA 314 10.60 -90.14 27.51
N CYS BA 315 10.87 -88.83 27.49
CA CYS BA 315 11.85 -88.29 26.57
C CYS BA 315 13.25 -88.79 26.90
N THR BA 316 14.13 -88.70 25.91
CA THR BA 316 15.55 -88.97 26.06
C THR BA 316 16.32 -87.65 26.12
N ARG BA 317 17.52 -87.70 26.68
CA ARG BA 317 18.32 -86.49 26.84
C ARG BA 317 18.48 -85.77 25.50
N GLU BA 318 18.76 -86.51 24.44
CA GLU BA 318 18.82 -85.90 23.12
C GLU BA 318 17.48 -85.28 22.75
N GLN BA 319 16.39 -85.98 23.04
CA GLN BA 319 15.07 -85.44 22.76
C GLN BA 319 14.80 -84.19 23.58
N MET BA 320 15.23 -84.17 24.84
CA MET BA 320 15.04 -82.98 25.67
C MET BA 320 15.82 -81.80 25.12
N VAL BA 321 17.06 -82.02 24.70
CA VAL BA 321 17.86 -80.93 24.14
C VAL BA 321 17.20 -80.41 22.86
N ASP BA 322 16.74 -81.32 22.00
CA ASP BA 322 16.06 -80.90 20.79
C ASP BA 322 14.79 -80.12 21.12
N LEU BA 323 14.06 -80.54 22.15
CA LEU BA 323 12.84 -79.85 22.53
C LEU BA 323 13.14 -78.43 23.01
N LEU BA 324 14.15 -78.28 23.86
CA LEU BA 324 14.50 -76.94 24.34
C LEU BA 324 14.96 -76.05 23.19
N SER BA 325 15.77 -76.59 22.27
CA SER BA 325 16.19 -75.82 21.12
C SER BA 325 15.00 -75.42 20.27
N GLY BA 326 14.05 -76.34 20.07
CA GLY BA 326 12.86 -76.01 19.30
C GLY BA 326 12.05 -74.90 19.94
N PHE BA 327 11.92 -74.93 21.26
CA PHE BA 327 11.18 -73.87 21.94
C PHE BA 327 11.88 -72.52 21.78
N CYS BA 328 13.19 -72.49 22.04
CA CYS BA 328 13.92 -71.24 21.91
C CYS BA 328 13.98 -70.73 20.48
N GLY BA 329 13.81 -71.62 19.50
CA GLY BA 329 13.76 -71.19 18.12
C GLY BA 329 12.40 -70.71 17.71
N VAL BA 330 11.34 -71.37 18.20
CA VAL BA 330 9.98 -70.96 17.89
C VAL BA 330 9.71 -69.58 18.46
N MET BA 331 10.14 -69.34 19.69
CA MET BA 331 9.88 -68.05 20.31
C MET BA 331 10.51 -66.94 19.45
N PRO BA 332 9.75 -65.91 19.06
CA PRO BA 332 10.31 -64.90 18.15
C PRO BA 332 11.54 -64.20 18.69
N CYS BA 333 11.61 -63.97 20.00
CA CYS BA 333 12.79 -63.36 20.60
C CYS BA 333 13.99 -64.29 20.63
N GLY BA 334 13.80 -65.58 20.32
CA GLY BA 334 14.87 -66.54 20.36
C GLY BA 334 15.07 -67.22 21.70
N LYS BA 335 14.30 -66.84 22.72
CA LYS BA 335 14.43 -67.39 24.05
C LYS BA 335 13.13 -68.06 24.47
N ALA BA 336 13.25 -69.23 25.08
CA ALA BA 336 12.08 -70.00 25.49
C ALA BA 336 11.41 -69.35 26.69
N VAL BA 337 10.16 -69.75 26.92
CA VAL BA 337 9.42 -69.24 28.08
C VAL BA 337 10.17 -69.63 29.35
N GLY BA 338 10.05 -68.78 30.37
CA GLY BA 338 10.80 -69.01 31.60
C GLY BA 338 10.44 -70.34 32.25
N ASP BA 339 9.15 -70.62 32.38
CA ASP BA 339 8.73 -71.85 33.05
C ASP BA 339 9.16 -73.09 32.26
N VAL BA 340 8.98 -73.08 30.94
CA VAL BA 340 9.37 -74.22 30.12
C VAL BA 340 10.87 -74.43 30.21
N PHE BA 341 11.64 -73.35 30.11
CA PHE BA 341 13.09 -73.47 30.20
C PHE BA 341 13.51 -74.04 31.54
N LYS BA 342 12.91 -73.53 32.63
CA LYS BA 342 13.25 -74.02 33.96
C LYS BA 342 12.93 -75.50 34.10
N THR BA 343 11.76 -75.92 33.63
CA THR BA 343 11.37 -77.32 33.75
C THR BA 343 12.32 -78.23 32.96
N ILE BA 344 12.61 -77.86 31.71
CA ILE BA 344 13.48 -78.70 30.90
C ILE BA 344 14.87 -78.75 31.50
N THR BA 345 15.39 -77.60 31.95
CA THR BA 345 16.72 -77.59 32.54
C THR BA 345 16.79 -78.43 33.80
N ASP BA 346 15.76 -78.35 34.65
CA ASP BA 346 15.75 -79.15 35.87
C ASP BA 346 15.73 -80.64 35.53
N ALA BA 347 14.88 -81.04 34.59
CA ALA BA 347 14.83 -82.45 34.21
C ALA BA 347 16.16 -82.91 33.65
N PHE BA 348 16.77 -82.10 32.79
CA PHE BA 348 18.05 -82.48 32.19
C PHE BA 348 19.14 -82.60 33.24
N LEU BA 349 19.17 -81.67 34.20
CA LEU BA 349 20.17 -81.74 35.26
C LEU BA 349 19.96 -82.99 36.11
N ARG BA 350 18.70 -83.31 36.45
CA ARG BA 350 18.44 -84.52 37.22
C ARG BA 350 18.93 -85.76 36.47
N ARG BA 351 18.61 -85.84 35.18
CA ARG BA 351 19.01 -87.01 34.41
C ARG BA 351 20.53 -87.10 34.29
N VAL BA 352 21.20 -85.96 34.08
CA VAL BA 352 22.66 -85.98 33.98
C VAL BA 352 23.27 -86.44 35.29
N ARG BA 353 22.77 -85.93 36.43
CA ARG BA 353 23.30 -86.34 37.72
C ARG BA 353 23.03 -87.82 37.98
N ASN BA 354 21.88 -88.35 37.56
CA ASN BA 354 21.55 -89.75 37.80
C ASN BA 354 22.33 -90.70 36.89
N ASP BA 355 22.62 -90.30 35.65
CA ASP BA 355 23.22 -91.20 34.68
C ASP BA 355 24.73 -91.03 34.56
N ILE BA 356 25.30 -89.92 35.05
CA ILE BA 356 26.74 -89.73 34.94
C ILE BA 356 27.49 -90.78 35.76
N SER BA 357 26.93 -91.17 36.91
CA SER BA 357 27.57 -92.19 37.74
C SER BA 357 27.74 -93.48 36.97
N GLY BA 358 26.80 -93.80 36.10
CA GLY BA 358 26.88 -94.99 35.28
C GLY BA 358 27.76 -94.77 34.07
N PRO BA 359 27.71 -95.69 33.11
CA PRO BA 359 28.54 -95.53 31.91
C PRO BA 359 28.23 -94.24 31.18
N TRP BA 360 29.26 -93.60 30.65
CA TRP BA 360 29.15 -92.34 29.95
C TRP BA 360 29.94 -92.41 28.65
N SER BA 361 29.53 -91.60 27.67
CA SER BA 361 30.09 -91.67 26.33
C SER BA 361 30.36 -90.27 25.80
N ALA BA 362 31.25 -90.21 24.80
CA ALA BA 362 31.52 -88.95 24.13
C ALA BA 362 30.25 -88.37 23.53
N HIS BA 363 29.33 -89.21 23.08
CA HIS BA 363 28.05 -88.72 22.59
C HIS BA 363 27.27 -88.05 23.71
N ASP BA 364 27.30 -88.63 24.92
CA ASP BA 364 26.63 -88.00 26.05
C ASP BA 364 27.28 -86.66 26.38
N TRP BA 365 28.61 -86.59 26.32
CA TRP BA 365 29.28 -85.31 26.55
C TRP BA 365 28.87 -84.29 25.50
N ALA BA 366 28.76 -84.72 24.24
CA ALA BA 366 28.31 -83.82 23.19
C ALA BA 366 26.90 -83.33 23.44
N ILE BA 367 26.03 -84.21 23.94
CA ILE BA 367 24.67 -83.82 24.27
C ILE BA 367 24.67 -82.78 25.38
N VAL BA 368 25.49 -82.98 26.41
CA VAL BA 368 25.58 -82.01 27.49
C VAL BA 368 26.08 -80.67 26.98
N GLU BA 369 27.08 -80.70 26.11
CA GLU BA 369 27.61 -79.45 25.54
C GLU BA 369 26.53 -78.75 24.71
N ARG BA 370 25.75 -79.52 23.95
CA ARG BA 370 24.66 -78.93 23.18
C ARG BA 370 23.64 -78.29 24.09
N MET BA 371 23.32 -78.94 25.22
CA MET BA 371 22.39 -78.35 26.18
C MET BA 371 22.95 -77.04 26.74
N TYR BA 372 24.25 -77.02 27.07
CA TYR BA 372 24.84 -75.78 27.58
C TYR BA 372 24.78 -74.67 26.55
N LEU BA 373 25.10 -74.99 25.30
CA LEU BA 373 25.04 -74.00 24.23
C LEU BA 373 23.61 -73.52 24.04
N VAL BA 374 22.63 -74.42 24.14
CA VAL BA 374 21.23 -74.03 24.01
C VAL BA 374 20.85 -73.07 25.12
N THR BA 375 21.28 -73.35 26.35
CA THR BA 375 20.99 -72.45 27.45
C THR BA 375 21.59 -71.07 27.20
N VAL BA 376 22.85 -71.04 26.75
CA VAL BA 376 23.49 -69.75 26.48
C VAL BA 376 22.73 -69.00 25.39
N LEU BA 377 22.31 -69.71 24.33
CA LEU BA 377 21.55 -69.07 23.27
C LEU BA 377 20.22 -68.53 23.79
N CYS BA 378 19.52 -69.32 24.60
CA CYS BA 378 18.30 -68.87 25.25
C CYS BA 378 18.56 -67.82 26.32
N ASP BA 379 19.83 -67.45 26.48
CA ASP BA 379 20.31 -66.31 27.27
C ASP BA 379 20.44 -66.64 28.75
N ALA BA 380 20.17 -67.88 29.16
CA ALA BA 380 20.45 -68.29 30.51
C ALA BA 380 21.88 -68.81 30.61
N GLY BA 381 22.27 -69.23 31.80
CA GLY BA 381 23.56 -69.86 31.98
C GLY BA 381 23.49 -70.94 33.03
N ASN BA 382 23.84 -72.17 32.67
CA ASN BA 382 23.78 -73.29 33.60
C ASN BA 382 25.15 -73.42 34.25
N ASN BA 383 25.28 -72.81 35.43
CA ASN BA 383 26.56 -72.83 36.13
C ASN BA 383 26.99 -74.25 36.46
N GLU BA 384 26.05 -75.10 36.87
CA GLU BA 384 26.40 -76.48 37.21
C GLU BA 384 26.94 -77.21 35.99
N ILE BA 385 26.28 -77.06 34.84
CA ILE BA 385 26.75 -77.72 33.63
C ILE BA 385 28.11 -77.19 33.22
N LEU BA 386 28.30 -75.87 33.29
CA LEU BA 386 29.59 -75.28 32.93
C LEU BA 386 30.69 -75.81 33.82
N GLN BA 387 30.45 -75.85 35.13
CA GLN BA 387 31.47 -76.34 36.05
C GLN BA 387 31.75 -77.82 35.82
N LEU BA 388 30.71 -78.60 35.54
CA LEU BA 388 30.91 -80.02 35.25
C LEU BA 388 31.79 -80.19 34.02
N LEU BA 389 31.50 -79.45 32.95
CA LEU BA 389 32.30 -79.58 31.73
C LEU BA 389 33.74 -79.13 31.97
N LEU BA 390 33.94 -78.03 32.72
CA LEU BA 390 35.28 -77.56 32.99
C LEU BA 390 36.06 -78.56 33.83
N SER BA 391 35.41 -79.16 34.83
CA SER BA 391 36.11 -80.08 35.72
C SER BA 391 36.44 -81.40 35.02
N ASP BA 392 35.51 -81.91 34.22
CA ASP BA 392 35.74 -83.20 33.58
C ASP BA 392 36.89 -83.12 32.60
N THR BA 393 37.71 -84.18 32.58
CA THR BA 393 38.85 -84.25 31.68
C THR BA 393 38.98 -85.61 31.00
N ALA BA 394 38.01 -86.51 31.18
CA ALA BA 394 38.12 -87.83 30.56
C ALA BA 394 38.14 -87.74 29.04
N SER BA 395 37.30 -86.87 28.47
CA SER BA 395 37.21 -86.73 27.03
C SER BA 395 37.33 -85.25 26.63
N PRO BA 396 37.90 -84.97 25.47
CA PRO BA 396 37.99 -83.57 25.02
C PRO BA 396 36.63 -83.00 24.68
N ARG BA 397 36.54 -81.68 24.79
CA ARG BA 397 35.29 -80.98 24.52
C ARG BA 397 35.08 -80.83 23.02
N GLY BA 398 33.84 -80.55 22.65
CA GLY BA 398 33.46 -80.36 21.26
C GLY BA 398 33.28 -78.90 20.91
N PRO BA 399 32.97 -78.62 19.65
CA PRO BA 399 32.81 -77.22 19.24
C PRO BA 399 31.70 -76.48 19.98
N ASP BA 400 30.67 -77.21 20.41
CA ASP BA 400 29.55 -76.56 21.09
C ASP BA 400 30.00 -75.89 22.38
N PHE BA 401 30.84 -76.55 23.16
CA PHE BA 401 31.29 -75.98 24.43
C PHE BA 401 32.06 -74.69 24.20
N PHE BA 402 32.98 -74.69 23.22
CA PHE BA 402 33.75 -73.49 22.93
C PHE BA 402 32.85 -72.37 22.42
N ALA BA 403 31.89 -72.70 21.55
CA ALA BA 403 30.97 -71.68 21.07
C ALA BA 403 30.17 -71.09 22.21
N ALA BA 404 29.76 -71.92 23.18
CA ALA BA 404 28.99 -71.43 24.31
C ALA BA 404 29.85 -70.53 25.20
N VAL BA 405 31.06 -70.97 25.55
CA VAL BA 405 31.90 -70.20 26.44
C VAL BA 405 32.54 -68.99 25.77
N SER BA 406 32.42 -68.87 24.45
CA SER BA 406 32.91 -67.67 23.79
C SER BA 406 32.15 -66.44 24.25
N ARG BA 407 30.82 -66.55 24.37
CA ARG BA 407 30.01 -65.37 24.68
C ARG BA 407 30.32 -64.82 26.08
N THR BA 408 30.49 -65.70 27.06
CA THR BA 408 30.68 -65.25 28.43
C THR BA 408 31.88 -64.32 28.54
N LYS BA 409 31.91 -63.55 29.62
CA LYS BA 409 33.02 -62.65 29.94
C LYS BA 409 33.57 -63.04 31.30
N ASP BA 410 34.68 -63.78 31.30
CA ASP BA 410 35.35 -64.14 32.56
C ASP BA 410 36.77 -64.57 32.22
N THR BA 411 37.76 -63.91 32.81
CA THR BA 411 39.15 -64.22 32.47
C THR BA 411 39.54 -65.65 32.83
N PRO BA 412 39.30 -66.14 34.05
CA PRO BA 412 39.66 -67.53 34.34
C PRO BA 412 38.91 -68.54 33.50
N THR BA 413 37.61 -68.30 33.26
CA THR BA 413 36.85 -69.22 32.42
C THR BA 413 37.42 -69.26 31.01
N LYS BA 414 37.77 -68.09 30.47
CA LYS BA 414 38.36 -68.05 29.14
C LYS BA 414 39.70 -68.77 29.11
N LYS BA 415 40.51 -68.60 30.15
CA LYS BA 415 41.81 -69.29 30.18
C LYS BA 415 41.63 -70.80 30.22
N ARG BA 416 40.71 -71.28 31.07
CA ARG BA 416 40.45 -72.72 31.13
C ARG BA 416 39.91 -73.24 29.81
N ALA BA 417 39.02 -72.47 29.18
CA ALA BA 417 38.48 -72.87 27.89
C ALA BA 417 39.57 -72.91 26.83
N LEU BA 418 40.53 -71.98 26.90
CA LEU BA 418 41.64 -72.00 25.95
C LEU BA 418 42.50 -73.23 26.15
N CYS BA 419 42.77 -73.60 27.41
CA CYS BA 419 43.53 -74.82 27.67
C CYS BA 419 42.79 -76.04 27.13
N LEU BA 420 41.47 -76.10 27.36
CA LEU BA 420 40.67 -77.21 26.86
C LEU BA 420 40.69 -77.23 25.33
N LEU BA 421 40.65 -76.07 24.70
CA LEU BA 421 40.69 -76.00 23.24
C LEU BA 421 42.04 -76.51 22.72
N GLN BA 422 43.13 -76.15 23.39
CA GLN BA 422 44.43 -76.66 22.98
C GLN BA 422 44.47 -78.18 23.10
N GLU BA 423 43.98 -78.72 24.21
CA GLU BA 423 43.98 -80.17 24.39
C GLU BA 423 43.12 -80.85 23.33
N ALA BA 424 41.94 -80.28 23.05
CA ALA BA 424 41.05 -80.87 22.06
C ALA BA 424 41.65 -80.84 20.67
N ILE BA 425 42.30 -79.73 20.31
CA ILE BA 425 42.94 -79.65 19.00
C ILE BA 425 44.06 -80.67 18.90
N ASP BA 426 44.86 -80.81 19.96
CA ASP BA 426 45.91 -81.82 19.95
C ASP BA 426 45.34 -83.22 19.76
N ASN BA 427 44.26 -83.53 20.49
CA ASN BA 427 43.65 -84.85 20.37
C ASN BA 427 43.09 -85.08 18.97
N ALA BA 428 42.44 -84.06 18.39
CA ALA BA 428 41.89 -84.18 17.06
C ALA BA 428 43.00 -84.40 16.02
N SER BA 429 44.10 -83.67 16.15
CA SER BA 429 45.22 -83.86 15.24
C SER BA 429 45.80 -85.26 15.39
N ALA BA 430 45.92 -85.75 16.62
CA ALA BA 430 46.45 -87.09 16.84
C ALA BA 430 45.55 -88.14 16.22
N LYS BA 431 44.24 -88.00 16.38
CA LYS BA 431 43.30 -88.98 15.85
C LYS BA 431 43.03 -88.81 14.36
N ALA BA 432 43.46 -87.70 13.76
CA ALA BA 432 43.26 -87.45 12.34
C ALA BA 432 41.79 -87.47 11.93
N ASP BA 433 40.90 -86.96 12.79
CA ASP BA 433 39.48 -86.88 12.48
C ASP BA 433 39.22 -85.51 11.86
N LYS BA 434 39.00 -85.49 10.54
CA LYS BA 434 38.86 -84.22 9.83
C LYS BA 434 37.64 -83.45 10.29
N VAL BA 435 36.50 -84.13 10.47
CA VAL BA 435 35.27 -83.45 10.83
C VAL BA 435 35.42 -82.79 12.20
N THR BA 436 35.94 -83.55 13.18
CA THR BA 436 36.13 -82.99 14.51
C THR BA 436 37.15 -81.85 14.48
N LEU BA 437 38.23 -82.01 13.71
CA LEU BA 437 39.24 -80.96 13.64
C LEU BA 437 38.63 -79.67 13.08
N LEU BA 438 37.84 -79.77 12.01
CA LEU BA 438 37.25 -78.59 11.42
C LEU BA 438 36.24 -77.95 12.35
N GLY BA 439 35.41 -78.75 13.02
CA GLY BA 439 34.47 -78.18 13.97
C GLY BA 439 35.18 -77.45 15.10
N LEU BA 440 36.23 -78.07 15.64
CA LEU BA 440 37.01 -77.43 16.68
C LEU BA 440 37.66 -76.16 16.18
N LEU BA 441 38.13 -76.15 14.92
CA LEU BA 441 38.75 -74.96 14.36
C LEU BA 441 37.74 -73.81 14.27
N GLU BA 442 36.51 -74.11 13.82
CA GLU BA 442 35.50 -73.06 13.73
C GLU BA 442 35.12 -72.53 15.10
N SER BA 443 34.84 -73.44 16.04
CA SER BA 443 34.48 -73.01 17.38
C SER BA 443 35.62 -72.23 18.03
N GLY BA 444 36.86 -72.67 17.81
CA GLY BA 444 38.02 -71.94 18.23
C GLY BA 444 37.98 -70.54 17.67
N SER BA 445 38.03 -70.41 16.34
CA SER BA 445 37.97 -69.10 15.70
C SER BA 445 37.00 -68.18 16.43
N GLU BA 446 35.78 -68.66 16.68
CA GLU BA 446 34.81 -67.84 17.40
C GLU BA 446 35.31 -67.49 18.80
N PHE BA 447 35.80 -68.49 19.53
CA PHE BA 447 36.22 -68.26 20.92
C PHE BA 447 37.40 -67.30 21.00
N LEU BA 448 38.37 -67.47 20.09
CA LEU BA 448 39.54 -66.60 20.05
C LEU BA 448 39.15 -65.17 19.67
N LEU BA 449 38.21 -65.00 18.75
CA LEU BA 449 37.69 -63.66 18.49
C LEU BA 449 37.05 -63.08 19.74
N SER BA 450 36.33 -63.90 20.50
CA SER BA 450 35.74 -63.42 21.75
C SER BA 450 36.81 -63.02 22.75
N LEU BA 451 37.92 -63.75 22.81
CA LEU BA 451 38.98 -63.50 23.79
C LEU BA 451 39.37 -62.04 23.83
N VAL BA 452 39.84 -61.58 24.99
CA VAL BA 452 40.27 -60.19 25.18
C VAL BA 452 41.76 -60.02 24.92
N ASP BA 453 42.56 -61.02 25.29
CA ASP BA 453 44.01 -60.96 25.11
C ASP BA 453 44.33 -61.25 23.65
N LYS BA 454 44.35 -60.19 22.83
CA LYS BA 454 44.56 -60.37 21.40
C LYS BA 454 45.94 -60.97 21.11
N GLY BA 455 46.95 -60.61 21.90
CA GLY BA 455 48.28 -61.15 21.65
C GLY BA 455 48.32 -62.66 21.83
N VAL BA 456 47.78 -63.16 22.93
CA VAL BA 456 47.79 -64.60 23.18
C VAL BA 456 46.89 -65.31 22.18
N ALA BA 457 45.76 -64.69 21.83
CA ALA BA 457 44.89 -65.30 20.81
C ALA BA 457 45.62 -65.43 19.48
N HIS BA 458 46.34 -64.39 19.07
CA HIS BA 458 47.09 -64.44 17.82
C HIS BA 458 48.18 -65.49 17.87
N THR BA 459 48.90 -65.57 19.00
CA THR BA 459 49.93 -66.58 19.13
C THR BA 459 49.34 -67.98 19.03
N PHE BA 460 48.20 -68.20 19.70
CA PHE BA 460 47.54 -69.51 19.64
C PHE BA 460 47.14 -69.86 18.22
N ALA BA 461 46.54 -68.90 17.50
CA ALA BA 461 46.12 -69.15 16.13
C ALA BA 461 47.32 -69.46 15.25
N THR BA 462 48.40 -68.69 15.39
CA THR BA 462 49.58 -68.91 14.56
C THR BA 462 50.19 -70.29 14.82
N GLN BA 463 50.27 -70.69 16.09
CA GLN BA 463 50.88 -71.98 16.39
C GLN BA 463 49.97 -73.16 16.03
N ASN BA 464 48.65 -72.97 16.05
CA ASN BA 464 47.73 -74.04 15.68
C ASN BA 464 47.38 -74.07 14.20
N LEU BA 465 47.82 -73.07 13.43
CA LEU BA 465 47.65 -73.07 11.98
C LEU BA 465 46.18 -73.07 11.59
N PHE BA 466 45.44 -72.12 12.15
CA PHE BA 466 44.02 -71.99 11.82
C PHE BA 466 43.83 -71.65 10.35
N ASP BA 467 44.62 -70.71 9.83
CA ASP BA 467 44.42 -70.23 8.47
C ASP BA 467 44.60 -71.37 7.46
N TYR BA 468 45.69 -72.12 7.58
CA TYR BA 468 45.97 -73.16 6.60
C TYR BA 468 44.86 -74.21 6.59
N ARG BA 469 44.49 -74.71 7.77
CA ARG BA 469 43.49 -75.76 7.85
C ARG BA 469 42.13 -75.26 7.37
N ILE BA 470 41.75 -74.04 7.74
CA ILE BA 470 40.46 -73.50 7.32
C ILE BA 470 40.41 -73.34 5.80
N LEU BA 471 41.48 -72.79 5.22
CA LEU BA 471 41.50 -72.63 3.78
C LEU BA 471 41.50 -73.97 3.06
N ASN BA 472 42.19 -74.97 3.62
CA ASN BA 472 42.11 -76.31 3.03
C ASN BA 472 40.71 -76.85 3.10
N SER BA 473 40.01 -76.65 4.22
CA SER BA 473 38.63 -77.10 4.33
C SER BA 473 37.75 -76.42 3.28
N PHE BA 474 38.03 -75.16 2.99
CA PHE BA 474 37.29 -74.49 1.92
C PHE BA 474 37.46 -75.25 0.60
N LEU BA 475 36.62 -74.91 -0.37
CA LEU BA 475 36.48 -75.73 -1.56
C LEU BA 475 37.65 -75.57 -2.53
N HIS BA 476 37.85 -74.36 -3.05
CA HIS BA 476 38.85 -74.10 -4.07
C HIS BA 476 40.04 -73.32 -3.52
N CYS BA 477 40.29 -73.41 -2.22
CA CYS BA 477 41.31 -72.60 -1.56
C CYS BA 477 42.51 -73.43 -1.11
N SER BA 478 42.71 -74.62 -1.67
CA SER BA 478 43.86 -75.43 -1.29
C SER BA 478 45.17 -74.77 -1.71
N LEU BA 479 45.23 -74.27 -2.95
CA LEU BA 479 46.46 -73.64 -3.44
C LEU BA 479 46.78 -72.38 -2.64
N VAL BA 480 45.77 -71.55 -2.38
CA VAL BA 480 46.02 -70.34 -1.60
C VAL BA 480 46.39 -70.70 -0.17
N ALA BA 481 45.81 -71.77 0.37
CA ALA BA 481 46.19 -72.21 1.72
C ALA BA 481 47.65 -72.59 1.76
N ASP BA 482 48.11 -73.38 0.78
CA ASP BA 482 49.52 -73.77 0.75
C ASP BA 482 50.41 -72.56 0.58
N ARG BA 483 50.02 -71.62 -0.30
CA ARG BA 483 50.82 -70.42 -0.50
C ARG BA 483 50.91 -69.59 0.77
N LEU BA 484 49.79 -69.44 1.48
CA LEU BA 484 49.79 -68.70 2.73
C LEU BA 484 50.68 -69.36 3.77
N ARG BA 485 50.60 -70.70 3.87
CA ARG BA 485 51.46 -71.40 4.81
C ARG BA 485 52.93 -71.20 4.46
N VAL BA 486 53.28 -71.25 3.18
CA VAL BA 486 54.66 -71.06 2.78
C VAL BA 486 55.13 -69.65 3.09
N GLU BA 487 54.29 -68.65 2.82
CA GLU BA 487 54.67 -67.24 2.92
C GLU BA 487 54.23 -66.60 4.23
N GLN BA 488 53.88 -67.39 5.24
CA GLN BA 488 53.40 -66.83 6.50
C GLN BA 488 54.46 -65.97 7.17
N SER BA 489 55.72 -66.43 7.15
CA SER BA 489 56.77 -65.71 7.86
C SER BA 489 56.93 -64.29 7.32
N VAL BA 490 56.95 -64.14 6.00
CA VAL BA 490 57.09 -62.80 5.42
C VAL BA 490 55.91 -61.92 5.80
N ILE BA 491 54.69 -62.48 5.74
CA ILE BA 491 53.50 -61.71 6.08
C ILE BA 491 53.57 -61.26 7.54
N THR BA 492 53.94 -62.17 8.43
CA THR BA 492 54.03 -61.81 9.85
C THR BA 492 55.10 -60.75 10.08
N SER BA 493 56.25 -60.87 9.42
CA SER BA 493 57.29 -59.86 9.58
C SER BA 493 56.83 -58.50 9.09
N LEU BA 494 56.12 -58.46 7.96
CA LEU BA 494 55.67 -57.20 7.39
C LEU BA 494 54.51 -56.57 8.16
N ILE BA 495 53.70 -57.38 8.83
CA ILE BA 495 52.58 -56.81 9.59
C ILE BA 495 53.14 -55.91 10.69
N PRO BA 496 52.64 -54.68 10.85
CA PRO BA 496 53.18 -53.80 11.89
C PRO BA 496 52.71 -54.18 13.29
N SER BA 497 53.22 -53.49 14.30
CA SER BA 497 52.84 -53.75 15.68
C SER BA 497 51.56 -53.03 16.08
N SER BA 498 51.49 -51.73 15.81
CA SER BA 498 50.33 -50.92 16.16
C SER BA 498 49.49 -50.63 14.91
N LEU BA 499 48.17 -50.67 15.10
CA LEU BA 499 47.22 -50.43 14.03
C LEU BA 499 46.69 -49.00 14.02
N ARG BA 500 47.22 -48.12 14.86
CA ARG BA 500 46.82 -46.73 14.91
C ARG BA 500 47.98 -45.85 14.45
N ASP BA 501 47.65 -44.65 13.99
CA ASP BA 501 48.63 -43.72 13.43
C ASP BA 501 49.32 -44.36 12.23
N VAL BA 502 48.54 -45.09 11.42
CA VAL BA 502 49.10 -45.73 10.23
C VAL BA 502 49.65 -44.69 9.28
N GLN BA 503 49.00 -43.53 9.18
CA GLN BA 503 49.51 -42.47 8.32
C GLN BA 503 50.87 -42.00 8.81
N VAL BA 504 51.03 -41.86 10.13
CA VAL BA 504 52.33 -41.47 10.69
C VAL BA 504 53.38 -42.52 10.36
N GLN BA 505 53.02 -43.80 10.52
CA GLN BA 505 53.98 -44.85 10.23
C GLN BA 505 54.39 -44.85 8.76
N MET BA 506 53.43 -44.62 7.86
CA MET BA 506 53.73 -44.57 6.44
C MET BA 506 54.64 -43.38 6.13
N LEU BA 507 54.38 -42.23 6.75
CA LEU BA 507 55.24 -41.07 6.54
C LEU BA 507 56.66 -41.35 7.01
N MET BA 508 56.80 -41.99 8.17
CA MET BA 508 58.13 -42.32 8.67
C MET BA 508 58.84 -43.31 7.75
N SER BA 509 58.11 -44.31 7.24
CA SER BA 509 58.71 -45.24 6.30
C SER BA 509 59.16 -44.54 5.03
N ASN BA 510 58.35 -43.61 4.54
CA ASN BA 510 58.74 -42.84 3.36
C ASN BA 510 59.98 -42.01 3.62
N GLU BA 511 60.08 -41.41 4.80
CA GLU BA 511 61.28 -40.66 5.15
C GLU BA 511 62.51 -41.56 5.19
N ARG BA 512 62.37 -42.75 5.78
CA ARG BA 512 63.48 -43.69 5.80
C ARG BA 512 63.91 -44.07 4.39
N ASN BA 513 62.94 -44.34 3.51
CA ASN BA 513 63.27 -44.67 2.12
C ASN BA 513 63.96 -43.52 1.43
N ALA BA 514 63.49 -42.28 1.66
CA ALA BA 514 64.13 -41.13 1.04
C ALA BA 514 65.56 -40.97 1.49
N LEU BA 515 65.81 -41.15 2.80
CA LEU BA 515 67.18 -41.07 3.31
C LEU BA 515 68.04 -42.16 2.68
N ASN BA 516 69.22 -41.78 2.22
CA ASN BA 516 70.12 -42.73 1.57
C ASN BA 516 70.69 -43.72 2.58
N LYS BA 536 61.03 -61.35 -4.88
CA LYS BA 536 59.79 -61.95 -5.34
C LYS BA 536 58.59 -61.21 -4.74
N ARG BA 537 57.41 -61.82 -4.84
CA ARG BA 537 56.18 -61.22 -4.35
C ARG BA 537 55.43 -62.23 -3.50
N PRO BA 538 55.09 -61.91 -2.24
CA PRO BA 538 54.30 -62.84 -1.43
C PRO BA 538 52.81 -62.67 -1.65
N LEU BA 539 52.01 -63.45 -0.92
CA LEU BA 539 50.57 -63.31 -1.01
C LEU BA 539 50.13 -61.98 -0.44
N MET BA 540 49.17 -61.34 -1.11
CA MET BA 540 48.70 -60.01 -0.72
C MET BA 540 47.67 -60.16 0.40
N THR BA 541 47.93 -59.50 1.53
CA THR BA 541 46.99 -59.45 2.63
C THR BA 541 46.93 -58.02 3.16
N MET BA 542 45.83 -57.70 3.84
CA MET BA 542 45.54 -56.32 4.19
C MET BA 542 46.61 -55.72 5.08
N LEU BA 543 46.92 -56.39 6.20
CA LEU BA 543 47.82 -55.79 7.18
C LEU BA 543 49.25 -55.68 6.66
N SER BA 544 49.69 -56.67 5.87
CA SER BA 544 51.04 -56.60 5.32
C SER BA 544 51.13 -55.60 4.18
N GLN BA 545 50.02 -55.37 3.47
CA GLN BA 545 49.99 -54.51 2.30
C GLN BA 545 49.20 -53.22 2.55
N LEU BA 546 49.15 -52.74 3.79
CA LEU BA 546 48.48 -51.49 4.09
C LEU BA 546 48.98 -50.37 3.17
N GLU BA 547 50.28 -50.32 2.93
CA GLU BA 547 50.82 -49.28 2.06
C GLU BA 547 50.25 -49.40 0.65
N TYR BA 548 50.14 -50.63 0.14
CA TYR BA 548 49.50 -50.84 -1.15
C TYR BA 548 48.06 -50.36 -1.14
N LEU BA 549 47.33 -50.68 -0.05
CA LEU BA 549 45.95 -50.21 0.05
C LEU BA 549 45.89 -48.69 0.10
N ASN BA 550 46.83 -48.07 0.82
CA ASN BA 550 46.85 -46.61 0.87
C ASN BA 550 47.08 -46.02 -0.52
N SER BA 551 47.99 -46.62 -1.29
CA SER BA 551 48.20 -46.16 -2.66
C SER BA 551 46.95 -46.34 -3.51
N ILE BA 552 46.26 -47.47 -3.34
CA ILE BA 552 45.05 -47.73 -4.10
C ILE BA 552 44.01 -46.65 -3.82
N ASP BA 553 43.19 -46.34 -4.83
CA ASP BA 553 42.19 -45.29 -4.72
C ASP BA 553 40.84 -45.81 -4.26
N SER BA 554 40.42 -46.97 -4.75
CA SER BA 554 39.14 -47.57 -4.40
C SER BA 554 39.35 -48.98 -3.88
N VAL BA 555 38.60 -49.33 -2.84
CA VAL BA 555 38.69 -50.65 -2.20
C VAL BA 555 37.27 -51.18 -2.03
N PHE BA 556 37.00 -52.34 -2.61
CA PHE BA 556 35.70 -52.99 -2.52
C PHE BA 556 35.78 -54.11 -1.50
N ILE BA 557 34.96 -54.01 -0.44
CA ILE BA 557 34.88 -55.06 0.56
C ILE BA 557 33.82 -56.06 0.14
N LEU BA 558 34.20 -57.33 0.01
CA LEU BA 558 33.30 -58.37 -0.44
C LEU BA 558 32.45 -58.87 0.71
N HIS BA 559 31.22 -59.29 0.38
CA HIS BA 559 30.30 -59.85 1.35
C HIS BA 559 29.65 -61.09 0.76
N SER BA 560 29.34 -62.05 1.63
CA SER BA 560 28.81 -63.34 1.16
C SER BA 560 27.46 -63.17 0.48
N SER BA 561 26.59 -62.31 1.04
CA SER BA 561 25.24 -62.18 0.50
C SER BA 561 25.23 -61.72 -0.94
N LEU BA 562 26.32 -61.11 -1.41
CA LEU BA 562 26.36 -60.57 -2.76
C LEU BA 562 25.99 -61.63 -3.80
N MET BA 563 26.40 -62.87 -3.59
CA MET BA 563 26.18 -63.95 -4.55
C MET BA 563 25.00 -64.83 -4.16
N ALA BA 564 23.94 -64.23 -3.61
CA ALA BA 564 22.76 -65.01 -3.25
C ALA BA 564 22.11 -65.67 -4.46
N THR BA 565 22.22 -65.05 -5.63
CA THR BA 565 21.59 -65.57 -6.85
C THR BA 565 22.55 -65.75 -8.00
N SER BA 566 23.53 -64.86 -8.15
CA SER BA 566 24.44 -64.91 -9.29
C SER BA 566 25.76 -64.28 -8.89
N THR BA 567 26.79 -64.52 -9.71
CA THR BA 567 28.13 -64.02 -9.48
C THR BA 567 28.47 -62.84 -10.39
N ASP BA 568 27.45 -62.18 -10.95
CA ASP BA 568 27.71 -61.11 -11.91
C ASP BA 568 28.44 -59.95 -11.26
N GLN BA 569 28.03 -59.56 -10.05
CA GLN BA 569 28.66 -58.41 -9.40
C GLN BA 569 30.09 -58.71 -8.97
N LEU BA 570 30.34 -59.94 -8.49
CA LEU BA 570 31.71 -60.32 -8.16
C LEU BA 570 32.57 -60.37 -9.42
N VAL BA 571 32.01 -60.85 -10.53
CA VAL BA 571 32.73 -60.83 -11.79
C VAL BA 571 33.08 -59.39 -12.17
N SER BA 572 32.14 -58.48 -11.98
CA SER BA 572 32.41 -57.08 -12.27
C SER BA 572 33.52 -56.53 -11.38
N ALA BA 573 33.52 -56.90 -10.09
CA ALA BA 573 34.56 -56.43 -9.20
C ALA BA 573 35.93 -56.94 -9.63
N VAL BA 574 36.02 -58.22 -9.98
CA VAL BA 574 37.30 -58.77 -10.42
C VAL BA 574 37.72 -58.19 -11.76
N ARG BA 575 36.76 -57.83 -12.62
CA ARG BA 575 37.10 -57.12 -13.85
C ARG BA 575 37.66 -55.73 -13.54
N ARG BA 576 37.13 -55.09 -12.51
CA ARG BA 576 37.66 -53.79 -12.10
C ARG BA 576 39.05 -53.92 -11.47
N LEU BA 577 39.34 -55.08 -10.88
CA LEU BA 577 40.62 -55.24 -10.18
C LEU BA 577 41.83 -54.93 -11.04
N PRO BA 578 41.97 -55.48 -12.25
CA PRO BA 578 43.21 -55.26 -13.02
C PRO BA 578 43.47 -53.81 -13.41
N SER BA 579 42.56 -52.88 -13.09
CA SER BA 579 42.83 -51.48 -13.39
C SER BA 579 44.06 -50.96 -12.67
N GLY BA 580 44.46 -51.59 -11.57
CA GLY BA 580 45.58 -51.12 -10.77
C GLY BA 580 45.23 -50.04 -9.77
N LYS BA 581 44.16 -49.28 -10.01
CA LYS BA 581 43.72 -48.24 -9.10
C LYS BA 581 42.64 -48.71 -8.14
N ASP BA 582 42.21 -49.97 -8.26
CA ASP BA 582 41.17 -50.54 -7.40
C ASP BA 582 41.66 -51.85 -6.81
N SER BA 583 41.12 -52.18 -5.63
CA SER BA 583 41.49 -53.40 -4.92
C SER BA 583 40.24 -54.05 -4.35
N LEU BA 584 40.34 -55.35 -4.11
CA LEU BA 584 39.25 -56.14 -3.54
C LEU BA 584 39.71 -56.78 -2.25
N ILE BA 585 38.90 -56.65 -1.20
CA ILE BA 585 39.24 -57.18 0.12
C ILE BA 585 38.23 -58.28 0.47
N VAL BA 586 38.75 -59.49 0.67
CA VAL BA 586 37.98 -60.64 1.11
C VAL BA 586 38.49 -61.05 2.48
N THR BA 587 37.56 -61.47 3.33
CA THR BA 587 37.85 -61.83 4.71
C THR BA 587 37.69 -63.33 4.90
N MET BA 588 38.40 -63.85 5.90
CA MET BA 588 38.26 -65.26 6.24
C MET BA 588 36.82 -65.58 6.67
N SER BA 589 36.20 -64.65 7.39
CA SER BA 589 34.79 -64.82 7.75
C SER BA 589 33.91 -64.86 6.51
N CYS BA 590 34.21 -64.00 5.52
CA CYS BA 590 33.44 -64.01 4.28
C CYS BA 590 33.59 -65.34 3.55
N LEU BA 591 34.81 -65.86 3.50
CA LEU BA 591 35.03 -67.16 2.85
C LEU BA 591 34.29 -68.27 3.59
N ARG BA 592 34.33 -68.25 4.92
CA ARG BA 592 33.61 -69.24 5.70
C ARG BA 592 32.12 -69.16 5.43
N ALA BA 593 31.57 -67.94 5.38
CA ALA BA 593 30.15 -67.78 5.11
C ALA BA 593 29.80 -68.31 3.72
N LEU BA 594 30.63 -67.99 2.73
CA LEU BA 594 30.40 -68.48 1.38
C LEU BA 594 30.39 -70.01 1.34
N SER BA 595 31.37 -70.63 1.99
CA SER BA 595 31.45 -72.08 1.98
C SER BA 595 30.24 -72.70 2.66
N VAL BA 596 29.89 -72.21 3.85
CA VAL BA 596 28.79 -72.82 4.59
C VAL BA 596 27.48 -72.66 3.83
N LYS BA 597 27.24 -71.48 3.26
CA LYS BA 597 25.99 -71.27 2.54
C LYS BA 597 25.96 -72.01 1.21
N SER BA 598 27.11 -72.21 0.56
CA SER BA 598 27.13 -73.07 -0.61
C SER BA 598 26.83 -74.52 -0.26
N LEU BA 599 27.30 -74.99 0.89
CA LEU BA 599 27.09 -76.38 1.27
C LEU BA 599 25.76 -76.64 1.95
N THR BA 600 25.06 -75.60 2.42
CA THR BA 600 23.84 -75.79 3.19
C THR BA 600 22.61 -75.08 2.66
N SER BA 601 22.77 -74.01 1.86
CA SER BA 601 21.62 -73.22 1.45
C SER BA 601 20.66 -74.05 0.62
N PRO BA 602 19.35 -73.98 0.86
CA PRO BA 602 18.40 -74.77 0.08
C PRO BA 602 18.28 -74.32 -1.37
N SER BA 603 18.75 -73.13 -1.72
CA SER BA 603 18.62 -72.61 -3.07
C SER BA 603 19.78 -73.14 -3.92
N MET BA 604 19.46 -73.92 -4.95
CA MET BA 604 20.49 -74.47 -5.83
C MET BA 604 21.22 -73.34 -6.55
N LYS BA 605 20.49 -72.31 -6.98
CA LYS BA 605 21.13 -71.17 -7.61
C LYS BA 605 22.14 -70.52 -6.65
N GLU BA 606 21.76 -70.34 -5.39
CA GLU BA 606 22.68 -69.76 -4.42
C GLU BA 606 23.90 -70.66 -4.22
N ARG BA 607 23.67 -71.98 -4.15
CA ARG BA 607 24.80 -72.89 -3.94
C ARG BA 607 25.80 -72.80 -5.09
N ILE BA 608 25.30 -72.87 -6.33
CA ILE BA 608 26.20 -72.81 -7.48
C ILE BA 608 26.89 -71.46 -7.56
N ALA BA 609 26.15 -70.38 -7.28
CA ALA BA 609 26.74 -69.05 -7.32
C ALA BA 609 27.85 -68.91 -6.28
N CYS BA 610 27.63 -69.43 -5.08
CA CYS BA 610 28.63 -69.33 -4.04
C CYS BA 610 29.86 -70.19 -4.35
N ALA BA 611 29.66 -71.37 -4.93
CA ALA BA 611 30.80 -72.17 -5.35
C ALA BA 611 31.61 -71.44 -6.43
N ARG BA 612 30.91 -70.84 -7.40
CA ARG BA 612 31.60 -70.08 -8.43
C ARG BA 612 32.35 -68.90 -7.83
N ALA BA 613 31.74 -68.24 -6.84
CA ALA BA 613 32.41 -67.12 -6.18
C ALA BA 613 33.66 -67.57 -5.45
N LEU BA 614 33.59 -68.73 -4.79
CA LEU BA 614 34.78 -69.27 -4.14
C LEU BA 614 35.88 -69.54 -5.16
N GLU BA 615 35.51 -70.11 -6.30
CA GLU BA 615 36.50 -70.36 -7.35
C GLU BA 615 37.13 -69.06 -7.84
N ILE BA 616 36.30 -68.04 -8.07
CA ILE BA 616 36.80 -66.76 -8.57
C ILE BA 616 37.75 -66.13 -7.56
N VAL BA 617 37.35 -66.12 -6.29
CA VAL BA 617 38.18 -65.52 -5.25
C VAL BA 617 39.49 -66.28 -5.12
N SER BA 618 39.43 -67.62 -5.22
CA SER BA 618 40.65 -68.41 -5.15
C SER BA 618 41.60 -68.04 -6.28
N TYR BA 619 41.06 -67.92 -7.50
CA TYR BA 619 41.91 -67.56 -8.63
C TYR BA 619 42.50 -66.17 -8.45
N GLU BA 620 41.70 -65.21 -7.98
CA GLU BA 620 42.20 -63.85 -7.81
C GLU BA 620 43.29 -63.79 -6.75
N LEU BA 621 43.09 -64.50 -5.64
CA LEU BA 621 44.12 -64.55 -4.61
C LEU BA 621 45.39 -65.24 -5.13
N GLU BA 622 45.22 -66.29 -5.94
CA GLU BA 622 46.37 -66.96 -6.52
C GLU BA 622 47.17 -66.00 -7.38
N LYS BA 623 46.49 -65.22 -8.23
CA LYS BA 623 47.19 -64.26 -9.07
C LYS BA 623 47.70 -63.05 -8.28
N GLY BA 624 47.17 -62.83 -7.08
CA GLY BA 624 47.61 -61.73 -6.24
C GLY BA 624 46.88 -60.42 -6.48
N ARG BA 625 45.98 -60.35 -7.45
CA ARG BA 625 45.26 -59.11 -7.73
C ARG BA 625 44.24 -58.77 -6.65
N ALA BA 626 43.94 -59.69 -5.74
CA ALA BA 626 42.97 -59.47 -4.67
C ALA BA 626 43.70 -59.39 -3.33
N VAL BA 627 42.93 -59.15 -2.27
CA VAL BA 627 43.47 -59.00 -0.93
C VAL BA 627 42.71 -59.95 0.00
N LEU BA 628 43.46 -60.59 0.90
CA LEU BA 628 42.90 -61.54 1.85
C LEU BA 628 43.18 -61.04 3.26
N LEU BA 629 42.27 -61.37 4.18
CA LEU BA 629 42.39 -61.00 5.59
C LEU BA 629 42.26 -62.28 6.40
N PRO BA 630 43.36 -63.00 6.63
CA PRO BA 630 43.27 -64.30 7.32
C PRO BA 630 42.74 -64.18 8.73
N PHE BA 631 42.55 -65.31 9.40
CA PHE BA 631 42.01 -65.30 10.76
C PHE BA 631 42.96 -64.65 11.74
N SER BA 632 44.27 -64.87 11.58
CA SER BA 632 45.23 -64.21 12.46
C SER BA 632 45.15 -62.70 12.34
N GLU BA 633 45.04 -62.19 11.10
CA GLU BA 633 44.89 -60.76 10.92
C GLU BA 633 43.54 -60.27 11.44
N GLU BA 634 42.50 -61.10 11.35
CA GLU BA 634 41.23 -60.74 11.96
C GLU BA 634 41.39 -60.57 13.47
N ILE BA 635 42.12 -61.48 14.11
CA ILE BA 635 42.41 -61.33 15.53
C ILE BA 635 43.13 -60.02 15.78
N LEU BA 636 44.17 -59.74 15.00
CA LEU BA 636 44.98 -58.55 15.23
C LEU BA 636 44.16 -57.28 15.05
N LEU BA 637 43.24 -57.25 14.08
CA LEU BA 637 42.52 -56.04 13.72
C LEU BA 637 41.29 -55.81 14.59
N HIS BA 638 40.44 -56.82 14.73
CA HIS BA 638 39.16 -56.66 15.42
C HIS BA 638 39.36 -56.13 16.84
N ASP BA 639 38.28 -55.66 17.47
CA ASP BA 639 38.37 -55.12 18.82
C ASP BA 639 38.91 -56.18 19.78
N ALA BA 640 39.22 -55.73 20.99
CA ALA BA 640 39.83 -56.59 21.99
C ALA BA 640 38.99 -57.84 22.26
N GLY BA 641 37.79 -57.65 22.80
CA GLY BA 641 36.96 -58.78 23.20
C GLY BA 641 35.61 -58.80 22.52
N ALA BA 642 35.57 -58.45 21.23
CA ALA BA 642 34.32 -58.38 20.48
C ALA BA 642 34.20 -59.56 19.54
N TYR BA 643 33.06 -60.25 19.62
CA TYR BA 643 32.75 -61.31 18.66
C TYR BA 643 32.35 -60.70 17.34
N CYS BA 644 32.95 -61.18 16.25
CA CYS BA 644 32.72 -60.65 14.91
C CYS BA 644 32.30 -61.78 13.98
N ASP BA 645 31.13 -61.62 13.37
CA ASP BA 645 30.71 -62.47 12.27
C ASP BA 645 31.15 -61.83 10.96
N GLU BA 646 30.61 -62.29 9.83
CA GLU BA 646 30.98 -61.70 8.56
C GLU BA 646 30.66 -60.21 8.52
N ASP BA 647 29.44 -59.84 8.93
CA ASP BA 647 29.03 -58.45 8.88
C ASP BA 647 29.89 -57.58 9.77
N LEU BA 648 30.12 -58.02 11.02
CA LEU BA 648 30.91 -57.24 11.95
C LEU BA 648 32.35 -57.12 11.49
N MET BA 649 32.92 -58.20 10.95
CA MET BA 649 34.28 -58.14 10.43
C MET BA 649 34.37 -57.17 9.26
N LEU BA 650 33.38 -57.21 8.36
CA LEU BA 650 33.38 -56.29 7.24
C LEU BA 650 33.32 -54.84 7.72
N TRP BA 651 32.47 -54.57 8.71
CA TRP BA 651 32.35 -53.19 9.18
C TRP BA 651 33.56 -52.76 9.99
N THR BA 652 34.21 -53.67 10.70
CA THR BA 652 35.46 -53.32 11.36
C THR BA 652 36.54 -52.99 10.33
N VAL BA 653 36.61 -53.74 9.24
CA VAL BA 653 37.55 -53.43 8.17
C VAL BA 653 37.25 -52.05 7.59
N ALA BA 654 35.96 -51.78 7.33
CA ALA BA 654 35.59 -50.48 6.78
C ALA BA 654 35.95 -49.35 7.72
N ALA BA 655 35.67 -49.52 9.02
CA ALA BA 655 36.00 -48.49 10.00
C ALA BA 655 37.50 -48.28 10.09
N PHE BA 656 38.29 -49.36 10.06
CA PHE BA 656 39.73 -49.21 10.10
C PHE BA 656 40.23 -48.46 8.88
N LEU BA 657 39.71 -48.78 7.69
CA LEU BA 657 40.13 -48.08 6.49
C LEU BA 657 39.74 -46.60 6.57
N ALA BA 658 38.55 -46.30 7.08
CA ALA BA 658 38.10 -44.92 7.16
C ALA BA 658 38.85 -44.13 8.21
N ARG BA 659 39.37 -44.79 9.25
CA ARG BA 659 40.05 -44.09 10.33
C ARG BA 659 41.55 -43.97 10.09
N GLU BA 660 42.18 -44.96 9.47
CA GLU BA 660 43.62 -44.95 9.24
C GLU BA 660 44.02 -44.64 7.81
N LEU BA 661 43.14 -44.87 6.84
CA LEU BA 661 43.41 -44.61 5.42
C LEU BA 661 42.22 -43.84 4.83
N PRO BA 662 41.99 -42.60 5.29
CA PRO BA 662 40.81 -41.87 4.83
C PRO BA 662 40.76 -41.69 3.32
N LEU BA 663 41.90 -41.43 2.68
CA LEU BA 663 41.90 -41.09 1.26
C LEU BA 663 41.49 -42.27 0.38
N VAL BA 664 41.44 -43.48 0.94
CA VAL BA 664 40.97 -44.63 0.17
C VAL BA 664 39.45 -44.68 0.22
N LYS BA 665 38.82 -44.70 -0.96
CA LYS BA 665 37.37 -44.73 -1.06
C LYS BA 665 36.91 -46.17 -0.90
N VAL BA 666 36.14 -46.43 0.15
CA VAL BA 666 35.72 -47.77 0.52
C VAL BA 666 34.30 -47.99 0.05
N HIS BA 667 34.12 -48.92 -0.88
CA HIS BA 667 32.80 -49.40 -1.29
C HIS BA 667 32.57 -50.78 -0.71
N THR BA 668 31.29 -51.14 -0.57
CA THR BA 668 30.90 -52.43 -0.01
C THR BA 668 30.01 -53.15 -1.00
N LEU BA 669 30.36 -54.39 -1.34
CA LEU BA 669 29.56 -55.21 -2.25
C LEU BA 669 28.74 -56.19 -1.42
N MET BA 670 27.43 -56.01 -1.43
CA MET BA 670 26.55 -56.83 -0.62
C MET BA 670 25.14 -56.78 -1.20
N HIS BA 671 24.35 -57.80 -0.86
CA HIS BA 671 22.98 -57.89 -1.34
C HIS BA 671 22.15 -56.76 -0.74
N SER BA 672 21.29 -56.15 -1.58
CA SER BA 672 20.47 -55.05 -1.13
C SER BA 672 19.57 -55.44 0.03
N ASN BA 673 19.20 -56.71 0.14
CA ASN BA 673 18.35 -57.19 1.23
C ASN BA 673 19.12 -57.42 2.52
N CYS BA 674 20.45 -57.37 2.48
CA CYS BA 674 21.24 -57.60 3.69
C CYS BA 674 20.98 -56.51 4.71
N THR BA 675 20.88 -56.91 5.98
CA THR BA 675 20.70 -55.96 7.07
C THR BA 675 21.99 -55.25 7.44
N ALA BA 676 23.15 -55.77 7.02
CA ALA BA 676 24.42 -55.14 7.35
C ALA BA 676 24.63 -53.84 6.58
N ARG BA 677 23.79 -53.55 5.58
CA ARG BA 677 23.92 -52.30 4.85
C ARG BA 677 23.67 -51.09 5.73
N THR BA 678 23.00 -51.26 6.88
CA THR BA 678 22.69 -50.17 7.79
C THR BA 678 23.18 -50.56 9.19
N PRO BA 679 24.48 -50.43 9.44
CA PRO BA 679 25.00 -50.84 10.76
C PRO BA 679 24.37 -50.10 11.92
N TYR BA 680 24.10 -48.80 11.75
CA TYR BA 680 23.53 -48.01 12.83
C TYR BA 680 22.07 -48.34 13.09
N ARG BA 681 21.43 -49.12 12.23
CA ARG BA 681 20.03 -49.49 12.41
C ARG BA 681 19.84 -50.92 12.90
N PHE BA 682 20.71 -51.84 12.52
CA PHE BA 682 20.59 -53.25 12.90
C PHE BA 682 21.73 -53.75 13.75
N LEU BA 683 22.97 -53.33 13.45
CA LEU BA 683 24.14 -53.74 14.21
C LEU BA 683 24.48 -52.61 15.18
N LYS BA 684 23.77 -52.56 16.30
CA LYS BA 684 23.99 -51.52 17.29
C LYS BA 684 23.83 -52.14 18.67
N GLY BA 685 24.74 -51.80 19.58
CA GLY BA 685 24.77 -52.44 20.90
C GLY BA 685 23.92 -51.74 21.93
N GLY BA 686 22.99 -50.89 21.49
CA GLY BA 686 22.13 -50.17 22.39
C GLY BA 686 22.73 -48.84 22.82
N HIS BA 687 21.97 -48.14 23.66
CA HIS BA 687 22.36 -46.82 24.13
C HIS BA 687 23.51 -46.98 25.11
N ASN BA 688 24.73 -46.73 24.63
CA ASN BA 688 25.94 -46.84 25.44
C ASN BA 688 26.50 -45.44 25.67
N LEU BA 689 26.81 -45.12 26.93
CA LEU BA 689 27.30 -43.80 27.28
C LEU BA 689 28.74 -43.57 26.83
N LEU BA 690 29.50 -44.62 26.57
CA LEU BA 690 30.91 -44.48 26.26
C LEU BA 690 31.19 -44.28 24.77
N VAL BA 691 30.16 -44.13 23.95
CA VAL BA 691 30.34 -43.95 22.52
C VAL BA 691 29.64 -42.67 22.08
N SER BA 692 30.14 -42.10 20.99
CA SER BA 692 29.56 -40.89 20.41
C SER BA 692 29.87 -40.88 18.92
N SER BA 693 29.33 -39.90 18.21
CA SER BA 693 29.52 -39.81 16.77
C SER BA 693 30.98 -39.62 16.38
N ARG BA 694 31.84 -39.17 17.29
CA ARG BA 694 33.25 -38.97 17.03
C ARG BA 694 34.10 -40.18 17.42
N SER BA 695 33.49 -41.24 17.94
CA SER BA 695 34.26 -42.42 18.30
C SER BA 695 34.87 -43.10 17.09
N LEU BA 696 34.33 -42.86 15.89
CA LEU BA 696 34.96 -43.39 14.69
C LEU BA 696 36.34 -42.80 14.49
N TYR BA 697 36.49 -41.49 14.73
CA TYR BA 697 37.77 -40.82 14.59
C TYR BA 697 38.62 -40.90 15.85
N ASP BA 698 38.03 -41.24 16.99
CA ASP BA 698 38.82 -41.46 18.19
C ASP BA 698 39.73 -42.65 17.98
N LYS BA 699 41.05 -42.41 17.95
CA LYS BA 699 42.00 -43.48 17.66
C LYS BA 699 41.94 -44.56 18.73
N GLY BA 700 41.85 -44.17 20.00
CA GLY BA 700 41.85 -45.13 21.08
C GLY BA 700 40.55 -45.91 21.24
N ALA BA 701 39.44 -45.39 20.75
CA ALA BA 701 38.17 -46.07 20.90
C ALA BA 701 38.12 -47.32 20.02
N PRO BA 702 37.34 -48.33 20.40
CA PRO BA 702 37.22 -49.52 19.57
C PRO BA 702 36.53 -49.21 18.26
N LEU BA 703 36.88 -49.99 17.23
CA LEU BA 703 36.35 -49.73 15.89
C LEU BA 703 34.84 -49.83 15.86
N LEU BA 704 34.27 -50.81 16.54
CA LEU BA 704 32.83 -51.04 16.48
C LEU BA 704 32.03 -49.91 17.10
N SER BA 705 32.66 -49.00 17.84
CA SER BA 705 31.94 -47.83 18.35
C SER BA 705 31.36 -46.99 17.22
N SER BA 706 31.93 -47.09 16.02
CA SER BA 706 31.41 -46.36 14.87
C SER BA 706 30.05 -46.87 14.41
N LEU BA 707 29.60 -48.02 14.90
CA LEU BA 707 28.30 -48.53 14.51
C LEU BA 707 27.17 -47.59 14.94
N HIS BA 708 27.29 -46.98 16.11
CA HIS BA 708 26.22 -46.17 16.66
C HIS BA 708 25.94 -44.91 15.85
N SER BA 709 26.83 -44.53 14.93
CA SER BA 709 26.73 -43.27 14.22
C SER BA 709 26.64 -43.52 12.72
N LYS BA 710 26.06 -42.53 12.02
CA LYS BA 710 25.95 -42.57 10.56
C LYS BA 710 27.23 -42.15 9.86
N GLU BA 711 28.23 -41.66 10.60
CA GLU BA 711 29.47 -41.23 9.97
C GLU BA 711 30.16 -42.40 9.28
N LEU BA 712 30.13 -43.58 9.88
CA LEU BA 712 30.66 -44.76 9.21
C LEU BA 712 29.94 -45.00 7.89
N ARG BA 713 28.61 -44.94 7.91
CA ARG BA 713 27.85 -45.06 6.68
C ARG BA 713 28.08 -43.87 5.76
N LEU BA 714 28.37 -42.69 6.33
CA LEU BA 714 28.69 -41.53 5.52
C LEU BA 714 29.94 -41.79 4.68
N VAL BA 715 30.97 -42.39 5.29
CA VAL BA 715 32.24 -42.59 4.61
C VAL BA 715 32.29 -43.89 3.82
N THR BA 716 31.40 -44.84 4.09
CA THR BA 716 31.36 -46.11 3.36
C THR BA 716 30.15 -46.11 2.44
N HIS BA 717 30.36 -46.49 1.19
CA HIS BA 717 29.32 -46.49 0.16
C HIS BA 717 28.92 -47.91 -0.19
N ASN BA 718 27.62 -48.17 -0.20
CA ASN BA 718 27.09 -49.45 -0.63
C ASN BA 718 26.73 -49.36 -2.11
N VAL BA 719 27.48 -50.05 -2.95
CA VAL BA 719 27.35 -49.93 -4.41
C VAL BA 719 27.15 -51.31 -4.99
N ARG BA 720 26.28 -51.40 -6.00
CA ARG BA 720 26.16 -52.57 -6.85
C ARG BA 720 26.84 -52.25 -8.17
N LEU BA 721 27.95 -52.94 -8.45
CA LEU BA 721 28.79 -52.55 -9.58
C LEU BA 721 28.01 -52.59 -10.89
N ARG BA 722 27.58 -53.78 -11.32
CA ARG BA 722 26.81 -53.90 -12.55
C ARG BA 722 25.92 -55.13 -12.41
N THR BA 723 24.65 -54.90 -12.11
CA THR BA 723 23.69 -55.99 -12.02
C THR BA 723 23.46 -56.58 -13.41
N PRO BA 724 23.04 -57.84 -13.49
CA PRO BA 724 22.79 -58.46 -14.79
C PRO BA 724 21.74 -57.68 -15.58
N VAL BA 725 21.64 -58.01 -16.87
CA VAL BA 725 20.72 -57.34 -17.78
C VAL BA 725 19.31 -57.41 -17.20
N ARG BA 726 18.49 -56.41 -17.52
CA ARG BA 726 17.12 -56.34 -17.04
C ARG BA 726 16.18 -57.25 -17.81
N ASP BA 727 16.68 -58.03 -18.77
CA ASP BA 727 15.81 -58.85 -19.60
C ASP BA 727 14.83 -59.63 -18.74
N ARG BA 728 13.55 -59.33 -18.90
CA ARG BA 728 12.51 -60.00 -18.12
C ARG BA 728 12.43 -61.47 -18.48
N LYS BA 729 12.31 -62.33 -17.47
CA LYS BA 729 12.17 -63.76 -17.72
C LYS BA 729 10.95 -64.01 -18.59
N CYS BA 730 10.91 -65.15 -19.27
CA CYS BA 730 9.76 -65.48 -20.09
C CYS BA 730 8.49 -65.47 -19.23
N THR BA 731 7.46 -64.78 -19.72
CA THR BA 731 6.23 -64.57 -18.97
C THR BA 731 4.99 -65.02 -19.75
N LEU BA 732 5.18 -65.60 -20.93
CA LEU BA 732 4.04 -66.05 -21.72
C LEU BA 732 3.26 -67.14 -20.98
N GLN BA 733 3.98 -68.07 -20.34
CA GLN BA 733 3.33 -69.20 -19.70
C GLN BA 733 2.78 -68.88 -18.32
N TYR BA 734 3.03 -67.68 -17.79
CA TYR BA 734 2.42 -67.26 -16.53
C TYR BA 734 1.00 -66.77 -16.82
N TYR BA 735 0.29 -66.37 -15.76
CA TYR BA 735 -1.08 -65.90 -15.91
C TYR BA 735 -1.08 -64.41 -16.22
N ASN BA 736 -1.75 -64.05 -17.32
CA ASN BA 736 -1.87 -62.66 -17.72
C ASN BA 736 -3.33 -62.37 -18.05
N PRO BA 737 -3.99 -61.45 -17.34
CA PRO BA 737 -5.43 -61.26 -17.56
C PRO BA 737 -5.80 -60.91 -18.99
N ILE BA 738 -4.98 -60.12 -19.68
CA ILE BA 738 -5.33 -59.73 -21.05
C ILE BA 738 -5.44 -60.96 -21.94
N ARG BA 739 -4.52 -61.91 -21.80
CA ARG BA 739 -4.57 -63.15 -22.57
C ARG BA 739 -5.64 -64.10 -22.05
N ALA BA 740 -5.84 -64.14 -20.73
CA ALA BA 740 -6.89 -64.98 -20.17
C ALA BA 740 -8.26 -64.56 -20.67
N ARG BA 741 -8.43 -63.28 -21.02
CA ARG BA 741 -9.71 -62.81 -21.55
C ARG BA 741 -10.04 -63.42 -22.89
N PHE BA 742 -9.09 -64.07 -23.56
CA PHE BA 742 -9.31 -64.65 -24.88
C PHE BA 742 -9.41 -66.18 -24.86
N VAL BA 743 -9.33 -66.79 -23.68
CA VAL BA 743 -9.29 -68.26 -23.62
C VAL BA 743 -10.59 -68.85 -24.16
N TYR BA 744 -11.73 -68.31 -23.73
CA TYR BA 744 -13.03 -68.83 -24.09
C TYR BA 744 -13.78 -67.91 -25.06
N ARG BA 745 -13.05 -67.09 -25.82
CA ARG BA 745 -13.65 -66.13 -26.73
C ARG BA 745 -13.80 -66.75 -28.11
N ARG BA 746 -15.01 -66.66 -28.67
CA ARG BA 746 -15.27 -67.23 -29.99
C ARG BA 746 -14.33 -66.61 -31.01
N ASP BA 747 -13.72 -67.46 -31.85
CA ASP BA 747 -12.71 -66.98 -32.79
C ASP BA 747 -12.81 -67.66 -34.15
N LYS BA 748 -13.97 -68.22 -34.49
CA LYS BA 748 -14.12 -68.87 -35.79
C LYS BA 748 -13.79 -67.96 -36.96
N PRO BA 749 -14.26 -66.71 -37.02
CA PRO BA 749 -13.89 -65.86 -38.18
C PRO BA 749 -12.40 -65.66 -38.32
N LEU BA 750 -11.65 -65.62 -37.21
CA LEU BA 750 -10.22 -65.38 -37.30
C LEU BA 750 -9.53 -66.38 -38.22
N PHE BA 751 -9.98 -67.63 -38.24
CA PHE BA 751 -9.29 -68.70 -38.93
C PHE BA 751 -10.04 -69.13 -40.18
N ASP BA 752 -9.28 -69.37 -41.25
CA ASP BA 752 -9.84 -69.75 -42.55
C ASP BA 752 -9.73 -71.25 -42.80
N LYS BA 753 -8.52 -71.79 -42.78
CA LYS BA 753 -8.29 -73.16 -43.21
C LYS BA 753 -7.80 -74.08 -42.10
N TYR BA 754 -7.44 -73.54 -40.93
CA TYR BA 754 -6.91 -74.34 -39.82
C TYR BA 754 -7.68 -73.98 -38.56
N HIS BA 755 -8.80 -74.68 -38.33
CA HIS BA 755 -9.59 -74.49 -37.13
C HIS BA 755 -9.24 -75.54 -36.09
N VAL BA 756 -9.19 -75.10 -34.83
CA VAL BA 756 -8.91 -75.99 -33.70
C VAL BA 756 -9.94 -75.73 -32.61
N THR BA 757 -10.19 -76.74 -31.80
CA THR BA 757 -11.18 -76.63 -30.73
C THR BA 757 -10.57 -75.90 -29.53
N ALA BA 758 -11.17 -74.78 -29.16
CA ALA BA 758 -10.71 -73.98 -28.03
C ALA BA 758 -9.20 -73.74 -28.13
N ARG BA 759 -8.81 -73.01 -29.17
CA ARG BA 759 -7.39 -72.85 -29.48
C ARG BA 759 -6.62 -72.32 -28.28
N ASN BA 760 -7.10 -71.22 -27.67
CA ASN BA 760 -6.39 -70.59 -26.57
C ASN BA 760 -6.47 -71.39 -25.28
N LEU BA 761 -7.30 -72.43 -25.21
CA LEU BA 761 -7.53 -73.18 -23.99
C LEU BA 761 -6.58 -74.36 -23.93
N ALA BA 762 -5.77 -74.42 -22.87
CA ALA BA 762 -4.89 -75.55 -22.61
C ALA BA 762 -5.51 -76.41 -21.52
N PRO BA 763 -5.94 -77.63 -21.81
CA PRO BA 763 -6.63 -78.42 -20.77
C PRO BA 763 -5.73 -78.65 -19.57
N GLY BA 764 -6.32 -78.51 -18.37
CA GLY BA 764 -5.60 -78.74 -17.13
C GLY BA 764 -4.81 -77.55 -16.64
N PHE BA 765 -4.75 -76.47 -17.39
CA PHE BA 765 -4.00 -75.28 -17.00
C PHE BA 765 -4.94 -74.10 -16.79
N SER BA 766 -4.58 -73.24 -15.84
CA SER BA 766 -5.41 -72.09 -15.48
C SER BA 766 -5.32 -71.06 -16.58
N ARG BA 767 -6.38 -70.94 -17.38
CA ARG BA 767 -6.49 -69.93 -18.42
C ARG BA 767 -5.31 -70.00 -19.39
N GLY BA 768 -5.02 -71.22 -19.82
CA GLY BA 768 -4.00 -71.43 -20.84
C GLY BA 768 -2.63 -70.93 -20.43
N ALA BA 769 -2.27 -71.13 -19.17
CA ALA BA 769 -0.97 -70.74 -18.63
C ALA BA 769 -0.24 -72.03 -18.28
N LEU BA 770 0.73 -72.42 -19.13
CA LEU BA 770 1.42 -73.68 -18.92
C LEU BA 770 2.22 -73.71 -17.63
N LYS BA 771 2.49 -72.55 -17.03
CA LYS BA 771 3.20 -72.52 -15.76
C LYS BA 771 2.32 -72.92 -14.59
N HIS BA 772 1.01 -72.97 -14.77
CA HIS BA 772 0.06 -73.40 -13.74
C HIS BA 772 -0.63 -74.67 -14.22
N ASP BA 773 -0.22 -75.81 -13.70
CA ASP BA 773 -0.68 -77.11 -14.15
C ASP BA 773 -1.53 -77.75 -13.04
N TRP BA 774 -2.73 -78.17 -13.40
CA TRP BA 774 -3.65 -78.85 -12.49
C TRP BA 774 -4.13 -80.17 -13.09
N ARG BA 775 -3.29 -80.78 -13.94
CA ARG BA 775 -3.75 -81.92 -14.73
C ARG BA 775 -4.03 -83.14 -13.86
N ALA BA 776 -3.09 -83.50 -12.98
CA ALA BA 776 -3.21 -84.70 -12.16
C ALA BA 776 -3.02 -84.38 -10.68
N LEU BA 777 -3.52 -83.21 -10.25
CA LEU BA 777 -3.38 -82.79 -8.87
C LEU BA 777 -4.60 -83.13 -8.02
N GLY BA 778 -5.73 -83.45 -8.63
CA GLY BA 778 -6.88 -83.92 -7.89
C GLY BA 778 -7.96 -82.88 -7.68
N VAL BA 779 -7.91 -81.78 -8.44
CA VAL BA 779 -8.96 -80.78 -8.33
C VAL BA 779 -10.28 -81.41 -8.69
N TYR BA 780 -11.29 -81.23 -7.83
CA TYR BA 780 -12.56 -81.93 -7.98
C TYR BA 780 -13.47 -81.16 -8.92
N THR BA 781 -13.71 -81.73 -10.10
CA THR BA 781 -14.66 -81.18 -11.07
C THR BA 781 -15.55 -82.33 -11.53
N PRO BA 782 -16.56 -82.68 -10.72
CA PRO BA 782 -17.33 -83.91 -11.00
C PRO BA 782 -18.06 -83.90 -12.33
N ASP BA 783 -18.45 -82.73 -12.85
CA ASP BA 783 -19.22 -82.65 -14.07
C ASP BA 783 -18.42 -82.15 -15.27
N HIS BA 784 -17.11 -82.01 -15.15
CA HIS BA 784 -16.27 -81.55 -16.24
C HIS BA 784 -15.11 -82.50 -16.44
N PRO BA 785 -14.57 -82.59 -17.66
CA PRO BA 785 -13.47 -83.51 -17.93
C PRO BA 785 -12.11 -82.89 -17.64
N GLN BA 786 -11.12 -83.76 -17.52
CA GLN BA 786 -9.73 -83.37 -17.33
C GLN BA 786 -8.85 -84.28 -18.18
N VAL BA 787 -7.55 -84.01 -18.17
CA VAL BA 787 -6.60 -84.76 -18.99
C VAL BA 787 -5.49 -85.28 -18.09
N PRO BA 788 -4.83 -86.37 -18.50
CA PRO BA 788 -3.74 -86.92 -17.69
C PRO BA 788 -2.53 -85.99 -17.70
N TYR BA 789 -1.66 -86.19 -16.71
CA TYR BA 789 -0.46 -85.38 -16.57
C TYR BA 789 0.68 -85.99 -17.37
N HIS BA 790 1.07 -85.32 -18.43
CA HIS BA 790 2.28 -85.66 -19.18
C HIS BA 790 3.31 -84.59 -18.90
N PRO BA 791 4.44 -84.90 -18.29
CA PRO BA 791 5.36 -83.84 -17.86
C PRO BA 791 5.76 -82.94 -19.01
N LEU BA 792 5.72 -81.62 -18.77
CA LEU BA 792 6.06 -80.66 -19.81
C LEU BA 792 7.55 -80.71 -20.10
N GLN BA 793 7.98 -79.87 -21.03
CA GLN BA 793 9.35 -79.86 -21.50
C GLN BA 793 9.92 -78.45 -21.45
N THR BA 794 11.24 -78.37 -21.45
CA THR BA 794 11.90 -77.07 -21.33
C THR BA 794 11.53 -76.15 -22.49
N TRP BA 795 11.50 -76.69 -23.71
CA TRP BA 795 11.15 -75.87 -24.87
C TRP BA 795 9.71 -75.41 -24.85
N MET BA 796 8.86 -76.01 -24.00
CA MET BA 796 7.49 -75.55 -23.82
C MET BA 796 7.33 -74.58 -22.66
N LEU BA 797 8.14 -74.73 -21.62
CA LEU BA 797 8.05 -73.85 -20.45
C LEU BA 797 8.91 -72.60 -20.62
N GLY BA 798 10.22 -72.77 -20.74
CA GLY BA 798 11.14 -71.66 -20.88
C GLY BA 798 12.01 -71.46 -19.65
N LYS CA 1 -19.15 38.23 -84.89
CA LYS CA 1 -17.79 38.65 -85.20
C LYS CA 1 -17.17 37.72 -86.24
N ALA CA 2 -16.39 38.29 -87.15
CA ALA CA 2 -15.74 37.51 -88.19
C ALA CA 2 -14.54 38.29 -88.72
N TRP CA 3 -13.63 37.57 -89.38
CA TRP CA 3 -12.45 38.16 -89.98
C TRP CA 3 -12.39 37.74 -91.45
N PHE CA 4 -12.03 38.68 -92.31
CA PHE CA 4 -11.97 38.47 -93.75
C PHE CA 4 -10.58 38.81 -94.26
N GLU CA 5 -10.07 37.99 -95.18
CA GLU CA 5 -8.75 38.19 -95.74
C GLU CA 5 -8.85 38.65 -97.19
N PRO CA 6 -7.88 39.43 -97.67
CA PRO CA 6 -7.95 39.91 -99.06
C PRO CA 6 -7.80 38.78 -100.06
N TYR CA 7 -8.40 38.99 -101.23
CA TYR CA 7 -8.32 38.04 -102.34
C TYR CA 7 -7.27 38.58 -103.30
N THR CA 8 -6.02 38.18 -103.08
CA THR CA 8 -4.91 38.63 -103.92
C THR CA 8 -4.21 37.43 -104.55
N PRO CA 9 -3.83 37.52 -105.81
CA PRO CA 9 -3.14 36.39 -106.45
C PRO CA 9 -1.75 36.20 -105.87
N LYS CA 10 -1.43 34.95 -105.51
CA LYS CA 10 -0.12 34.66 -104.94
C LYS CA 10 0.96 34.81 -106.01
N LYS CA 11 2.12 35.29 -105.56
CA LYS CA 11 3.25 35.55 -106.44
C LYS CA 11 4.31 34.48 -106.24
N PHE CA 12 4.87 33.99 -107.35
CA PHE CA 12 5.91 32.96 -107.32
C PHE CA 12 7.07 33.45 -108.16
N ASP CA 13 8.28 33.39 -107.59
CA ASP CA 13 9.47 33.81 -108.31
C ASP CA 13 10.07 32.71 -109.18
N MET CA 14 9.52 31.49 -109.12
CA MET CA 14 10.01 30.38 -109.92
C MET CA 14 8.84 29.60 -110.49
N GLU CA 15 9.01 29.16 -111.75
CA GLU CA 15 7.94 28.39 -112.40
C GLU CA 15 7.67 27.08 -111.67
N HIS CA 16 8.74 26.40 -111.23
CA HIS CA 16 8.54 25.15 -110.51
C HIS CA 16 7.82 25.39 -109.19
N GLN CA 17 8.16 26.46 -108.49
CA GLN CA 17 7.43 26.81 -107.26
C GLN CA 17 5.96 27.06 -107.57
N ARG CA 18 5.68 27.81 -108.64
CA ARG CA 18 4.30 28.13 -108.98
C ARG CA 18 3.51 26.86 -109.26
N ILE CA 19 4.08 25.97 -110.08
CA ILE CA 19 3.34 24.76 -110.46
C ILE CA 19 3.21 23.81 -109.27
N SER CA 20 4.23 23.75 -108.41
CA SER CA 20 4.13 22.94 -107.21
C SER CA 20 3.01 23.42 -106.31
N HIS CA 21 2.91 24.74 -106.10
CA HIS CA 21 1.81 25.28 -105.33
C HIS CA 21 0.47 24.97 -105.99
N ASN CA 22 0.40 25.16 -107.31
CA ASN CA 22 -0.82 24.86 -108.05
C ASN CA 22 -1.27 23.43 -107.77
N PHE CA 23 -0.36 22.46 -107.94
CA PHE CA 23 -0.70 21.09 -107.63
C PHE CA 23 -1.17 20.97 -106.19
N TYR CA 24 -0.27 21.24 -105.23
CA TYR CA 24 -0.52 20.90 -103.84
C TYR CA 24 -1.79 21.54 -103.31
N ASN CA 25 -2.20 22.70 -103.85
CA ASN CA 25 -3.41 23.35 -103.38
C ASN CA 25 -4.62 22.96 -104.23
N LEU CA 26 -4.60 23.28 -105.52
CA LEU CA 26 -5.78 23.10 -106.35
C LEU CA 26 -6.12 21.63 -106.51
N GLU CA 27 -5.14 20.78 -106.83
CA GLU CA 27 -5.44 19.38 -107.07
C GLU CA 27 -5.97 18.73 -105.79
N THR CA 28 -5.32 19.00 -104.65
CA THR CA 28 -5.76 18.41 -103.40
C THR CA 28 -7.17 18.86 -103.05
N LYS CA 29 -7.45 20.16 -103.18
CA LYS CA 29 -8.78 20.66 -102.85
C LYS CA 29 -9.83 20.08 -103.80
N LEU CA 30 -9.50 19.95 -105.09
CA LEU CA 30 -10.43 19.38 -106.04
C LEU CA 30 -10.74 17.93 -105.69
N ILE CA 31 -9.70 17.16 -105.35
CA ILE CA 31 -9.93 15.75 -105.00
C ILE CA 31 -10.80 15.66 -103.75
N TRP CA 32 -10.49 16.46 -102.74
CA TRP CA 32 -11.27 16.40 -101.50
C TRP CA 32 -12.71 16.81 -101.73
N THR CA 33 -12.94 17.82 -102.57
CA THR CA 33 -14.31 18.23 -102.88
C THR CA 33 -15.04 17.13 -103.64
N ALA CA 34 -14.40 16.57 -104.67
CA ALA CA 34 -15.03 15.51 -105.45
C ALA CA 34 -15.37 14.31 -104.58
N PHE CA 35 -14.56 14.06 -103.54
CA PHE CA 35 -14.84 12.93 -102.65
C PHE CA 35 -15.98 13.28 -101.69
N ASP CA 36 -15.79 14.32 -100.89
CA ASP CA 36 -16.75 14.64 -99.84
C ASP CA 36 -18.11 14.98 -100.43
N THR CA 37 -18.15 15.91 -101.38
CA THR CA 37 -19.39 16.31 -102.03
C THR CA 37 -19.09 16.71 -103.47
N PRO CA 38 -19.42 15.88 -104.47
CA PRO CA 38 -19.12 16.23 -105.86
C PRO CA 38 -19.99 17.34 -106.43
N GLU CA 39 -20.99 17.81 -105.69
CA GLU CA 39 -21.89 18.85 -106.19
C GLU CA 39 -21.32 20.26 -105.98
N LEU CA 40 -20.23 20.39 -105.23
CA LEU CA 40 -19.64 21.69 -104.92
C LEU CA 40 -18.44 22.02 -105.79
N ILE CA 41 -18.22 21.25 -106.86
CA ILE CA 41 -17.08 21.51 -107.74
C ILE CA 41 -17.19 22.90 -108.36
N GLY CA 42 -18.41 23.30 -108.72
CA GLY CA 42 -18.60 24.63 -109.27
C GLY CA 42 -18.25 25.73 -108.29
N ILE CA 43 -18.68 25.56 -107.03
CA ILE CA 43 -18.35 26.55 -106.01
C ILE CA 43 -16.83 26.61 -105.81
N LEU CA 44 -16.18 25.45 -105.79
CA LEU CA 44 -14.73 25.42 -105.65
C LEU CA 44 -14.04 26.15 -106.80
N LEU CA 45 -14.50 25.89 -108.04
CA LEU CA 45 -13.90 26.55 -109.18
C LEU CA 45 -14.09 28.05 -109.12
N HIS CA 46 -15.29 28.50 -108.74
CA HIS CA 46 -15.53 29.94 -108.63
C HIS CA 46 -14.66 30.57 -107.55
N ASP CA 47 -14.54 29.91 -106.40
CA ASP CA 47 -13.71 30.46 -105.33
C ASP CA 47 -12.26 30.54 -105.75
N GLU CA 48 -11.74 29.51 -106.42
CA GLU CA 48 -10.35 29.55 -106.86
C GLU CA 48 -10.14 30.60 -107.93
N THR CA 49 -11.11 30.79 -108.83
CA THR CA 49 -11.01 31.85 -109.82
C THR CA 49 -10.97 33.22 -109.12
N ILE CA 50 -11.80 33.39 -108.08
CA ILE CA 50 -11.73 34.61 -107.28
C ILE CA 50 -10.33 34.79 -106.71
N LYS CA 51 -9.77 33.71 -106.17
CA LYS CA 51 -8.41 33.76 -105.64
C LYS CA 51 -7.40 34.12 -106.73
N GLY CA 52 -7.75 33.86 -107.99
CA GLY CA 52 -6.92 34.29 -109.11
C GLY CA 52 -6.12 33.20 -109.77
N ALA CA 53 -6.74 32.04 -110.01
CA ALA CA 53 -6.10 30.98 -110.76
C ALA CA 53 -6.56 31.01 -112.21
N PRO CA 54 -5.68 31.30 -113.18
CA PRO CA 54 -6.15 31.46 -114.56
C PRO CA 54 -6.32 30.16 -115.31
N HIS CA 55 -5.60 29.11 -114.90
CA HIS CA 55 -5.59 27.84 -115.61
C HIS CA 55 -6.68 26.89 -115.14
N LEU CA 56 -7.78 27.41 -114.59
CA LEU CA 56 -8.85 26.55 -114.10
C LEU CA 56 -9.65 25.95 -115.25
N TYR CA 57 -10.18 26.81 -116.12
CA TYR CA 57 -11.11 26.38 -117.16
C TYR CA 57 -10.40 25.83 -118.40
N ASP CA 58 -9.14 25.43 -118.28
CA ASP CA 58 -8.47 24.80 -119.40
C ASP CA 58 -9.09 23.44 -119.70
N ALA CA 59 -9.00 23.03 -120.97
CA ALA CA 59 -9.57 21.75 -121.37
C ALA CA 59 -8.88 20.60 -120.63
N GLU CA 60 -7.55 20.67 -120.50
CA GLU CA 60 -6.84 19.64 -119.77
C GLU CA 60 -7.26 19.60 -118.31
N PHE CA 61 -7.43 20.76 -117.68
CA PHE CA 61 -7.85 20.79 -116.29
C PHE CA 61 -9.24 20.20 -116.13
N LEU CA 62 -10.16 20.51 -117.04
CA LEU CA 62 -11.50 19.95 -116.97
C LEU CA 62 -11.48 18.44 -117.17
N GLU CA 63 -10.66 17.96 -118.11
CA GLU CA 63 -10.53 16.53 -118.31
C GLU CA 63 -10.00 15.86 -117.04
N SER CA 64 -9.00 16.46 -116.41
CA SER CA 64 -8.49 15.92 -115.15
C SER CA 64 -9.57 15.92 -114.08
N ALA CA 65 -10.37 16.98 -114.01
CA ALA CA 65 -11.42 17.05 -113.00
C ALA CA 65 -12.45 15.94 -113.19
N VAL CA 66 -12.89 15.73 -114.44
CA VAL CA 66 -13.89 14.69 -114.68
C VAL CA 66 -13.30 13.31 -114.43
N HIS CA 67 -12.05 13.09 -114.82
CA HIS CA 67 -11.42 11.79 -114.56
C HIS CA 67 -11.27 11.54 -113.07
N TRP CA 68 -10.91 12.58 -112.31
CA TRP CA 68 -10.82 12.43 -110.86
C TRP CA 68 -12.18 12.21 -110.23
N THR CA 69 -13.24 12.80 -110.80
CA THR CA 69 -14.59 12.49 -110.31
C THR CA 69 -14.94 11.03 -110.56
N ARG CA 70 -14.57 10.52 -111.74
CA ARG CA 70 -14.78 9.10 -112.03
C ARG CA 70 -14.05 8.24 -111.01
N GLU CA 71 -12.78 8.55 -110.75
CA GLU CA 71 -12.02 7.79 -109.75
C GLU CA 71 -12.62 7.95 -108.36
N SER CA 72 -13.18 9.12 -108.06
CA SER CA 72 -13.82 9.33 -106.78
C SER CA 72 -15.01 8.40 -106.62
N ARG CA 73 -15.85 8.30 -107.64
CA ARG CA 73 -16.96 7.36 -107.59
C ARG CA 73 -16.44 5.93 -107.46
N TYR CA 74 -15.40 5.60 -108.22
CA TYR CA 74 -14.82 4.26 -108.17
C TYR CA 74 -14.44 3.87 -106.75
N TRP CA 75 -13.54 4.63 -106.13
CA TRP CA 75 -13.07 4.23 -104.81
C TRP CA 75 -14.06 4.58 -103.70
N ARG CA 76 -15.06 5.41 -103.95
CA ARG CA 76 -16.12 5.60 -102.96
C ARG CA 76 -17.04 4.39 -102.92
N CYS CA 77 -17.39 3.83 -104.09
CA CYS CA 77 -18.14 2.59 -104.10
C CYS CA 77 -17.32 1.42 -103.59
N ILE CA 78 -16.01 1.42 -103.83
CA ILE CA 78 -15.16 0.38 -103.24
C ILE CA 78 -15.15 0.51 -101.73
N GLY CA 79 -15.01 1.74 -101.22
CA GLY CA 79 -15.06 1.97 -99.79
C GLY CA 79 -13.83 2.65 -99.21
N ILE CA 80 -13.10 3.38 -100.05
CA ILE CA 80 -11.93 4.13 -99.58
C ILE CA 80 -12.41 5.44 -98.97
N THR CA 81 -12.01 5.70 -97.73
CA THR CA 81 -12.45 6.89 -97.01
C THR CA 81 -11.50 8.06 -97.20
N LYS CA 82 -10.20 7.83 -97.01
CA LYS CA 82 -9.20 8.88 -97.20
C LYS CA 82 -8.54 8.69 -98.55
N PRO CA 83 -8.84 9.52 -99.56
CA PRO CA 83 -8.16 9.33 -100.86
C PRO CA 83 -6.66 9.50 -100.79
N PHE CA 84 -6.17 10.37 -99.91
CA PHE CA 84 -4.74 10.67 -99.79
C PHE CA 84 -4.19 9.96 -98.55
N TYR CA 85 -3.59 8.79 -98.75
CA TYR CA 85 -2.81 8.18 -97.68
C TYR CA 85 -1.65 9.08 -97.28
N ASN CA 86 -0.97 9.63 -98.27
CA ASN CA 86 0.07 10.63 -98.08
C ASN CA 86 -0.23 11.85 -98.94
N LYS CA 87 0.25 13.01 -98.50
CA LYS CA 87 -0.07 14.25 -99.20
C LYS CA 87 0.40 14.21 -100.65
N THR CA 88 1.37 13.36 -100.98
CA THR CA 88 1.90 13.29 -102.34
C THR CA 88 1.32 12.16 -103.16
N THR CA 89 0.76 11.13 -102.53
CA THR CA 89 0.24 9.96 -103.23
C THR CA 89 -1.14 9.59 -102.70
N LEU CA 90 -2.03 9.23 -103.62
CA LEU CA 90 -3.34 8.73 -103.24
C LEU CA 90 -3.23 7.24 -102.88
N ARG CA 91 -4.23 6.75 -102.14
CA ARG CA 91 -4.24 5.35 -101.75
C ARG CA 91 -4.61 4.42 -102.90
N ALA CA 92 -5.27 4.94 -103.94
CA ALA CA 92 -5.63 4.10 -105.07
C ALA CA 92 -4.42 3.39 -105.66
N GLN CA 93 -3.29 4.09 -105.72
CA GLN CA 93 -2.04 3.50 -106.21
C GLN CA 93 -1.21 2.92 -105.08
N CYS CA 94 -1.69 2.93 -103.85
CA CYS CA 94 -0.97 2.40 -102.70
C CYS CA 94 -1.20 0.89 -102.62
N TRP CA 95 -0.14 0.12 -102.80
CA TRP CA 95 -0.21 -1.33 -102.77
C TRP CA 95 0.95 -1.89 -101.94
N HIS CA 96 0.68 -3.00 -101.26
CA HIS CA 96 1.70 -3.65 -100.45
C HIS CA 96 2.71 -4.34 -101.35
N ASP CA 97 4.00 -4.13 -101.08
CA ASP CA 97 5.08 -4.70 -101.87
C ASP CA 97 5.83 -5.79 -101.10
N ARG CA 98 6.15 -5.52 -99.84
CA ARG CA 98 6.91 -6.46 -99.01
C ARG CA 98 5.94 -7.48 -98.39
N GLY CA 99 5.43 -8.35 -99.26
CA GLY CA 99 4.49 -9.35 -98.83
C GLY CA 99 4.34 -10.45 -99.84
N LEU CA 100 3.19 -11.13 -99.79
CA LEU CA 100 2.95 -12.25 -100.70
C LEU CA 100 2.93 -11.78 -102.16
N GLN CA 101 2.32 -10.63 -102.42
CA GLN CA 101 2.22 -10.09 -103.77
C GLN CA 101 2.82 -8.68 -103.81
N VAL CA 102 3.23 -8.28 -105.00
CA VAL CA 102 3.76 -6.95 -105.25
C VAL CA 102 2.83 -6.25 -106.23
N GLY CA 103 2.41 -5.04 -105.89
CA GLY CA 103 1.50 -4.27 -106.71
C GLY CA 103 0.03 -4.47 -106.39
N THR CA 104 -0.29 -5.41 -105.51
CA THR CA 104 -1.69 -5.66 -105.14
C THR CA 104 -2.15 -4.57 -104.17
N LEU CA 105 -3.28 -3.93 -104.49
CA LEU CA 105 -3.78 -2.86 -103.64
C LEU CA 105 -4.13 -3.39 -102.26
N VAL CA 106 -3.88 -2.56 -101.25
CA VAL CA 106 -4.18 -2.93 -99.87
C VAL CA 106 -5.66 -2.74 -99.59
N PHE CA 107 -6.25 -3.71 -98.90
CA PHE CA 107 -7.67 -3.68 -98.57
C PHE CA 107 -7.83 -3.83 -97.07
N SER CA 108 -8.64 -2.95 -96.47
CA SER CA 108 -8.97 -3.06 -95.06
C SER CA 108 -10.21 -3.94 -94.88
N GLN CA 109 -10.65 -4.06 -93.63
CA GLN CA 109 -11.83 -4.88 -93.37
C GLN CA 109 -13.07 -4.28 -94.02
N ALA CA 110 -13.21 -2.95 -93.97
CA ALA CA 110 -14.34 -2.30 -94.62
C ALA CA 110 -14.32 -2.52 -96.12
N MET CA 111 -13.14 -2.41 -96.74
CA MET CA 111 -13.03 -2.65 -98.18
C MET CA 111 -13.35 -4.09 -98.52
N ARG CA 112 -12.91 -5.03 -97.69
CA ARG CA 112 -13.25 -6.43 -97.92
C ARG CA 112 -14.74 -6.66 -97.82
N ASP CA 113 -15.40 -6.03 -96.84
CA ASP CA 113 -16.85 -6.15 -96.72
C ASP CA 113 -17.55 -5.57 -97.94
N ALA CA 114 -17.08 -4.42 -98.43
CA ALA CA 114 -17.68 -3.83 -99.63
C ALA CA 114 -17.50 -4.75 -100.83
N LEU CA 115 -16.32 -5.34 -100.99
CA LEU CA 115 -16.10 -6.27 -102.09
C LEU CA 115 -16.98 -7.50 -101.95
N MET CA 116 -17.19 -7.97 -100.72
CA MET CA 116 -18.10 -9.08 -100.48
C MET CA 116 -19.51 -8.72 -100.93
N ASP CA 117 -19.96 -7.51 -100.59
CA ASP CA 117 -21.29 -7.07 -101.00
C ASP CA 117 -21.39 -7.00 -102.52
N LEU CA 118 -20.36 -6.46 -103.17
CA LEU CA 118 -20.38 -6.37 -104.63
C LEU CA 118 -20.42 -7.75 -105.27
N GLU CA 119 -19.63 -8.69 -104.74
CA GLU CA 119 -19.63 -10.04 -105.29
C GLU CA 119 -20.98 -10.72 -105.06
N ARG CA 120 -21.60 -10.48 -103.91
CA ARG CA 120 -22.92 -11.04 -103.63
C ARG CA 120 -23.95 -10.48 -104.61
N ALA CA 121 -23.89 -9.18 -104.88
CA ALA CA 121 -24.80 -8.58 -105.86
C ALA CA 121 -24.57 -9.18 -107.25
N VAL CA 122 -23.30 -9.40 -107.62
CA VAL CA 122 -23.01 -10.00 -108.91
C VAL CA 122 -23.56 -11.42 -108.98
N ARG CA 123 -23.41 -12.19 -107.90
CA ARG CA 123 -23.96 -13.54 -107.87
C ARG CA 123 -25.47 -13.51 -108.01
N ARG CA 124 -26.14 -12.57 -107.33
CA ARG CA 124 -27.59 -12.44 -107.46
C ARG CA 124 -27.96 -12.13 -108.90
N LYS CA 125 -27.24 -11.20 -109.53
CA LYS CA 125 -27.53 -10.86 -110.92
C LYS CA 125 -27.37 -12.07 -111.83
N GLU CA 126 -26.30 -12.84 -111.64
CA GLU CA 126 -26.07 -14.02 -112.46
C GLU CA 126 -27.18 -15.04 -112.26
N LEU CA 127 -27.62 -15.23 -111.02
CA LEU CA 127 -28.75 -16.11 -110.74
C LEU CA 127 -30.04 -15.46 -111.22
N GLY CA 128 -31.15 -16.16 -110.99
CA GLY CA 128 -32.46 -15.67 -111.39
C GLY CA 128 -33.03 -14.55 -110.54
N LEU CA 129 -32.19 -13.84 -109.81
CA LEU CA 129 -32.62 -12.75 -108.93
C LEU CA 129 -32.06 -11.43 -109.43
N GLU CA 130 -32.85 -10.37 -109.24
CA GLU CA 130 -32.38 -9.05 -109.63
C GLU CA 130 -31.24 -8.60 -108.73
N PRO CA 131 -30.29 -7.82 -109.23
CA PRO CA 131 -29.20 -7.33 -108.38
C PRO CA 131 -29.71 -6.41 -107.29
N ASN CA 132 -29.01 -6.45 -106.16
CA ASN CA 132 -29.34 -5.59 -105.02
C ASN CA 132 -28.05 -5.09 -104.41
N TYR CA 133 -27.98 -3.79 -104.14
CA TYR CA 133 -26.78 -3.16 -103.58
C TYR CA 133 -27.22 -2.20 -102.48
N VAL CA 134 -26.99 -2.62 -101.22
CA VAL CA 134 -27.36 -1.78 -100.08
C VAL CA 134 -26.62 -0.45 -100.14
N TRP CA 135 -25.38 -0.45 -100.62
CA TRP CA 135 -24.66 0.80 -100.77
C TRP CA 135 -25.16 1.63 -101.95
N ASP CA 136 -25.88 1.01 -102.89
CA ASP CA 136 -26.59 1.81 -103.88
C ASP CA 136 -27.81 2.48 -103.25
N ARG CA 137 -28.53 1.75 -102.39
CA ARG CA 137 -29.62 2.38 -101.65
C ARG CA 137 -29.10 3.48 -100.73
N TRP CA 138 -27.87 3.32 -100.22
CA TRP CA 138 -27.27 4.26 -99.30
C TRP CA 138 -27.27 5.69 -99.86
N GLY CA 139 -27.98 6.59 -99.18
CA GLY CA 139 -27.98 7.99 -99.55
C GLY CA 139 -26.99 8.78 -98.70
N PRO CA 140 -26.78 10.04 -99.06
CA PRO CA 140 -25.84 10.87 -98.27
C PRO CA 140 -26.22 11.00 -96.81
N VAL CA 141 -27.51 11.00 -96.49
CA VAL CA 141 -27.96 11.13 -95.11
C VAL CA 141 -28.26 9.76 -94.54
N GLY CA 142 -27.70 8.72 -95.15
CA GLY CA 142 -27.92 7.36 -94.70
C GLY CA 142 -28.61 6.50 -95.74
N PHE CA 143 -29.78 5.99 -95.40
CA PHE CA 143 -30.59 5.18 -96.31
C PHE CA 143 -31.82 5.95 -96.74
N ILE CA 144 -32.17 5.85 -98.02
CA ILE CA 144 -33.33 6.57 -98.54
C ILE CA 144 -34.59 6.11 -97.85
N ASP CA 145 -34.69 4.81 -97.54
CA ASP CA 145 -35.88 4.28 -96.88
C ASP CA 145 -36.08 4.83 -95.47
N GLY CA 146 -35.05 5.48 -94.90
CA GLY CA 146 -35.17 6.02 -93.57
C GLY CA 146 -34.88 5.03 -92.46
N ALA CA 147 -34.39 3.84 -92.78
CA ALA CA 147 -34.07 2.83 -91.78
C ALA CA 147 -32.73 3.18 -91.14
N ARG CA 148 -32.32 2.39 -90.15
CA ARG CA 148 -31.06 2.64 -89.46
C ARG CA 148 -29.88 2.33 -90.38
N THR CA 149 -28.74 2.92 -90.05
CA THR CA 149 -27.55 2.83 -90.89
C THR CA 149 -26.81 1.54 -90.54
N ASP CA 150 -26.53 0.72 -91.56
CA ASP CA 150 -25.75 -0.49 -91.40
C ASP CA 150 -24.29 -0.17 -91.72
N HIS CA 151 -23.47 -0.09 -90.68
CA HIS CA 151 -22.07 0.30 -90.86
C HIS CA 151 -21.32 -0.77 -91.65
N LEU CA 152 -20.45 -0.32 -92.54
CA LEU CA 152 -19.73 -1.24 -93.43
C LEU CA 152 -18.95 -2.29 -92.68
N PRO CA 153 -18.12 -1.95 -91.67
CA PRO CA 153 -17.49 -3.01 -90.88
C PRO CA 153 -18.50 -3.72 -90.00
N ARG CA 154 -18.83 -4.96 -90.35
CA ARG CA 154 -19.89 -5.70 -89.70
C ARG CA 154 -19.33 -6.60 -88.60
N PHE CA 155 -20.04 -6.64 -87.47
CA PHE CA 155 -19.62 -7.47 -86.36
C PHE CA 155 -19.86 -8.94 -86.65
N ALA CA 156 -19.19 -9.81 -85.87
CA ALA CA 156 -19.36 -11.24 -86.04
C ALA CA 156 -20.81 -11.67 -85.77
N HIS CA 157 -21.43 -11.11 -84.72
CA HIS CA 157 -22.79 -11.47 -84.37
C HIS CA 157 -23.84 -10.83 -85.27
N ASN CA 158 -23.47 -9.82 -86.06
CA ASN CA 158 -24.42 -9.11 -86.92
C ASN CA 158 -23.86 -9.02 -88.33
N PRO CA 159 -23.71 -10.14 -89.01
CA PRO CA 159 -23.33 -10.12 -90.43
C PRO CA 159 -24.55 -9.82 -91.29
N TYR CA 160 -24.29 -9.47 -92.55
CA TYR CA 160 -25.37 -9.24 -93.49
C TYR CA 160 -26.15 -10.53 -93.72
N VAL CA 161 -27.47 -10.40 -93.81
CA VAL CA 161 -28.36 -11.53 -93.99
C VAL CA 161 -29.15 -11.32 -95.29
N ASP CA 162 -29.13 -12.32 -96.16
CA ASP CA 162 -29.89 -12.30 -97.40
C ASP CA 162 -30.85 -13.48 -97.41
N PRO CA 163 -32.16 -13.27 -97.53
CA PRO CA 163 -33.09 -14.40 -97.49
C PRO CA 163 -32.87 -15.41 -98.60
N ASP CA 164 -32.28 -15.00 -99.72
CA ASP CA 164 -32.08 -15.92 -100.83
C ASP CA 164 -30.97 -16.92 -100.57
N GLY CA 165 -30.20 -16.76 -99.51
CA GLY CA 165 -29.18 -17.73 -99.14
C GLY CA 165 -27.84 -17.56 -99.83
N VAL CA 166 -27.65 -16.48 -100.60
CA VAL CA 166 -26.36 -16.27 -101.24
C VAL CA 166 -25.28 -16.04 -100.18
N GLU CA 167 -24.08 -16.51 -100.49
CA GLU CA 167 -22.96 -16.45 -99.55
C GLU CA 167 -21.75 -15.85 -100.24
N VAL CA 168 -20.96 -15.09 -99.48
CA VAL CA 168 -19.73 -14.50 -99.96
C VAL CA 168 -18.76 -14.43 -98.78
N THR CA 169 -17.47 -14.68 -99.06
CA THR CA 169 -16.48 -14.78 -98.00
C THR CA 169 -15.17 -14.15 -98.46
N GLU CA 170 -14.20 -14.12 -97.54
CA GLU CA 170 -12.90 -13.52 -97.83
C GLU CA 170 -12.20 -14.24 -98.97
N VAL CA 171 -12.25 -15.57 -98.97
CA VAL CA 171 -11.65 -16.32 -100.08
C VAL CA 171 -12.39 -16.02 -101.38
N ASP CA 172 -13.70 -15.82 -101.30
CA ASP CA 172 -14.47 -15.49 -102.50
C ASP CA 172 -14.01 -14.16 -103.09
N ILE CA 173 -13.77 -13.16 -102.24
CA ILE CA 173 -13.33 -11.86 -102.75
C ILE CA 173 -11.83 -11.82 -103.05
N ALA CA 174 -11.06 -12.80 -102.56
CA ALA CA 174 -9.61 -12.80 -102.77
C ALA CA 174 -9.21 -12.67 -104.23
N PRO CA 175 -9.78 -13.41 -105.18
CA PRO CA 175 -9.33 -13.26 -106.57
C PRO CA 175 -9.49 -11.85 -107.11
N PHE CA 176 -10.52 -11.12 -106.67
CA PHE CA 176 -10.73 -9.75 -107.13
C PHE CA 176 -9.94 -8.77 -106.25
N ASN CA 177 -8.62 -8.85 -106.40
CA ASN CA 177 -7.70 -8.03 -105.62
C ASN CA 177 -7.09 -6.88 -106.40
N THR CA 178 -7.01 -6.99 -107.72
CA THR CA 178 -6.39 -5.96 -108.54
C THR CA 178 -7.42 -4.96 -109.03
N HIS CA 179 -6.96 -3.74 -109.28
CA HIS CA 179 -7.84 -2.67 -109.77
C HIS CA 179 -8.51 -3.09 -111.07
N GLU CA 180 -7.74 -3.63 -112.01
CA GLU CA 180 -8.31 -4.00 -113.30
C GLU CA 180 -9.36 -5.09 -113.14
N GLN CA 181 -9.06 -6.12 -112.36
CA GLN CA 181 -10.02 -7.20 -112.17
C GLN CA 181 -11.30 -6.69 -111.51
N ILE CA 182 -11.16 -5.86 -110.47
CA ILE CA 182 -12.34 -5.34 -109.77
C ILE CA 182 -13.19 -4.51 -110.72
N LYS CA 183 -12.55 -3.62 -111.49
CA LYS CA 183 -13.30 -2.76 -112.39
C LYS CA 183 -14.00 -3.58 -113.48
N GLU CA 184 -13.30 -4.55 -114.04
CA GLU CA 184 -13.91 -5.38 -115.07
C GLU CA 184 -15.09 -6.18 -114.52
N ARG CA 185 -14.96 -6.73 -113.30
CA ARG CA 185 -16.03 -7.53 -112.75
C ARG CA 185 -17.24 -6.69 -112.37
N TYR CA 186 -17.01 -5.50 -111.79
CA TYR CA 186 -18.09 -4.70 -111.23
C TYR CA 186 -18.26 -3.38 -111.98
N GLY CA 187 -18.01 -3.37 -113.28
CA GLY CA 187 -18.26 -2.16 -114.06
C GLY CA 187 -19.68 -1.67 -113.96
N ALA CA 188 -20.65 -2.59 -113.96
CA ALA CA 188 -22.05 -2.19 -113.85
C ALA CA 188 -22.31 -1.49 -112.52
N PHE CA 189 -21.74 -2.02 -111.43
CA PHE CA 189 -21.95 -1.44 -110.10
C PHE CA 189 -21.01 -0.29 -109.80
N ILE CA 190 -20.07 0.03 -110.70
CA ILE CA 190 -19.11 1.10 -110.47
C ILE CA 190 -19.52 2.33 -111.27
N ASP CA 191 -19.58 2.18 -112.59
CA ASP CA 191 -19.88 3.32 -113.46
C ASP CA 191 -21.36 3.68 -113.35
N PRO CA 192 -21.71 4.90 -112.95
CA PRO CA 192 -23.13 5.28 -112.92
C PRO CA 192 -23.70 5.48 -114.31
N ASP CA 193 -25.02 5.36 -114.41
CA ASP CA 193 -25.72 5.50 -115.68
C ASP CA 193 -25.98 6.98 -115.95
N LEU CA 194 -25.13 7.59 -116.77
CA LEU CA 194 -25.30 8.99 -117.14
C LEU CA 194 -26.17 9.19 -118.36
N ARG CA 195 -26.61 8.10 -119.01
CA ARG CA 195 -27.41 8.21 -120.22
C ARG CA 195 -28.67 9.04 -120.03
N PRO CA 196 -29.51 8.82 -119.01
CA PRO CA 196 -30.76 9.59 -118.92
C PRO CA 196 -30.54 11.09 -118.80
N PHE CA 197 -29.46 11.52 -118.16
CA PHE CA 197 -29.19 12.95 -118.02
C PHE CA 197 -28.06 13.38 -118.96
N ALA CA 198 -32.15 23.98 -122.69
CA ALA CA 198 -33.35 23.64 -121.93
C ALA CA 198 -33.52 24.59 -120.74
N ALA CA 199 -34.31 25.65 -120.94
CA ALA CA 199 -34.54 26.61 -119.89
C ALA CA 199 -35.26 25.97 -118.72
N ALA CA 200 -34.88 26.38 -117.51
CA ALA CA 200 -35.47 25.88 -116.27
C ALA CA 200 -36.06 27.06 -115.52
N ALA CA 201 -37.34 26.94 -115.14
CA ALA CA 201 -38.06 27.99 -114.40
C ALA CA 201 -38.86 27.30 -113.30
N ALA CA 202 -38.33 27.34 -112.08
CA ALA CA 202 -39.03 26.71 -110.97
C ALA CA 202 -40.37 27.38 -110.70
N ALA CA 203 -40.41 28.71 -110.78
CA ALA CA 203 -41.66 29.42 -110.55
C ALA CA 203 -42.65 29.13 -111.68
N ALA CA 204 -43.93 29.28 -111.35
CA ALA CA 204 -44.98 29.04 -112.34
C ALA CA 204 -44.86 30.02 -113.49
N ALA CA 205 -45.23 29.55 -114.70
CA ALA CA 205 -45.14 30.39 -115.88
C ALA CA 205 -46.00 31.64 -115.77
N ALA CA 206 -47.04 31.61 -114.93
CA ALA CA 206 -47.88 32.80 -114.76
C ALA CA 206 -47.08 33.97 -114.21
N ALA CA 207 -46.22 33.72 -113.23
CA ALA CA 207 -45.40 34.77 -112.63
C ALA CA 207 -44.28 35.15 -113.59
N ALA CA 208 -44.09 36.45 -113.79
CA ALA CA 208 -43.05 36.97 -114.67
C ALA CA 208 -42.97 38.48 -114.46
N ALA CA 209 -42.08 39.13 -115.21
CA ALA CA 209 -41.94 40.58 -115.11
C ALA CA 209 -43.24 41.26 -115.49
N ALA CA 210 -43.68 41.08 -116.74
CA ALA CA 210 -44.96 41.60 -117.20
C ALA CA 210 -45.99 40.48 -117.10
N ALA CA 211 -46.48 40.26 -115.89
CA ALA CA 211 -47.40 39.16 -115.64
C ALA CA 211 -48.68 39.32 -116.44
N ALA CA 212 -49.24 40.53 -116.45
CA ALA CA 212 -50.48 40.77 -117.18
C ALA CA 212 -50.29 40.54 -118.68
N ALA CA 213 -49.19 41.06 -119.23
CA ALA CA 213 -48.93 40.87 -120.66
C ALA CA 213 -48.74 39.41 -120.99
N ALA CA 214 -48.00 38.68 -120.16
CA ALA CA 214 -47.79 37.26 -120.41
C ALA CA 214 -49.10 36.49 -120.35
N ALA CA 215 -49.95 36.80 -119.35
CA ALA CA 215 -51.24 36.13 -119.25
C ALA CA 215 -52.11 36.42 -120.46
N ALA CA 216 -52.14 37.68 -120.91
CA ALA CA 216 -52.93 38.03 -122.08
C ALA CA 216 -52.42 37.31 -123.32
N ALA CA 217 -51.10 37.26 -123.50
CA ALA CA 217 -50.54 36.56 -124.65
C ALA CA 217 -50.88 35.07 -124.61
N ALA CA 218 -50.77 34.45 -123.43
CA ALA CA 218 -51.10 33.03 -123.31
C ALA CA 218 -52.57 32.78 -123.62
N ALA CA 219 -53.46 33.64 -123.10
CA ALA CA 219 -54.88 33.48 -123.37
C ALA CA 219 -55.18 33.64 -124.85
N ALA CA 220 -54.56 34.63 -125.50
CA ALA CA 220 -54.77 34.82 -126.93
C ALA CA 220 -54.27 33.63 -127.73
N ALA CA 221 -53.10 33.10 -127.36
CA ALA CA 221 -52.58 31.93 -128.06
C ALA CA 221 -53.50 30.72 -127.88
N ALA CA 222 -54.00 30.52 -126.66
CA ALA CA 222 -54.91 29.40 -126.41
C ALA CA 222 -56.19 29.54 -127.21
N ALA CA 223 -56.74 30.76 -127.26
CA ALA CA 223 -57.96 30.99 -128.03
C ALA CA 223 -57.71 30.76 -129.53
N ALA CA 224 -56.57 31.21 -130.05
CA ALA CA 224 -56.28 31.07 -131.46
C ALA CA 224 -56.05 29.60 -131.83
N ALA CA 225 -55.04 28.97 -131.22
CA ALA CA 225 -54.73 27.59 -131.53
C ALA CA 225 -55.72 26.67 -130.84
N ALA CA 226 -56.30 25.73 -131.60
CA ALA CA 226 -57.25 24.79 -131.04
C ALA CA 226 -56.58 23.87 -130.03
N ALA CA 227 -55.30 23.54 -130.24
CA ALA CA 227 -54.60 22.65 -129.31
C ALA CA 227 -54.55 23.23 -127.91
N ALA CA 228 -54.52 24.55 -127.79
CA ALA CA 228 -54.47 25.21 -126.49
C ALA CA 228 -55.68 26.10 -126.28
N ALA CA 229 -47.35 24.51 -118.42
CA ALA CA 229 -46.95 25.09 -119.69
C ALA CA 229 -45.60 24.54 -120.13
N ALA CA 230 -45.37 24.51 -121.45
CA ALA CA 230 -44.11 24.01 -121.99
C ALA CA 230 -42.96 24.89 -121.53
N ALA CA 231 -41.82 24.24 -121.25
CA ALA CA 231 -40.64 24.97 -120.79
C ALA CA 231 -40.17 25.97 -121.85
N ALA CA 232 -40.11 25.53 -123.11
CA ALA CA 232 -39.68 26.42 -124.17
C ALA CA 232 -40.65 27.59 -124.36
N ALA CA 233 -41.95 27.31 -124.31
CA ALA CA 233 -42.94 28.38 -124.44
C ALA CA 233 -42.80 29.39 -123.30
N ALA CA 234 -42.63 28.90 -122.07
CA ALA CA 234 -42.45 29.80 -120.94
C ALA CA 234 -41.19 30.63 -121.08
N ALA CA 235 -40.10 30.02 -121.52
CA ALA CA 235 -38.86 30.76 -121.71
C ALA CA 235 -39.02 31.83 -122.77
N ALA CA 236 -39.69 31.49 -123.88
CA ALA CA 236 -39.92 32.48 -124.92
C ALA CA 236 -40.81 33.62 -124.43
N ALA CA 237 -41.84 33.30 -123.65
CA ALA CA 237 -42.72 34.34 -123.11
C ALA CA 237 -41.95 35.26 -122.18
N ALA CA 238 -41.10 34.69 -121.32
CA ALA CA 238 -40.29 35.51 -120.42
C ALA CA 238 -39.33 36.40 -121.21
N ALA CA 239 -38.71 35.84 -122.24
CA ALA CA 239 -37.80 36.63 -123.07
C ALA CA 239 -38.53 37.79 -123.72
N ALA CA 240 -39.72 37.53 -124.27
CA ALA CA 240 -40.49 38.60 -124.90
C ALA CA 240 -40.89 39.66 -123.88
N ALA CA 241 -41.32 39.24 -122.69
CA ALA CA 241 -41.71 40.20 -121.66
C ALA CA 241 -40.54 41.07 -121.26
N ALA CA 242 -39.36 40.47 -121.10
CA ALA CA 242 -38.17 41.24 -120.75
C ALA CA 242 -37.80 42.21 -121.87
N ALA CA 243 -37.87 41.75 -123.12
CA ALA CA 243 -37.52 42.62 -124.25
C ALA CA 243 -38.47 43.81 -124.34
N ALA CA 244 -39.77 43.58 -124.12
CA ALA CA 244 -40.78 44.63 -124.16
C ALA CA 244 -41.11 45.03 -125.59
N ALA CA 245 -40.39 44.46 -126.56
CA ALA CA 245 -40.67 44.66 -127.98
C ALA CA 245 -41.27 43.42 -128.62
N ALA CA 246 -40.65 42.26 -128.42
CA ALA CA 246 -41.25 41.01 -128.85
C ALA CA 246 -42.59 40.78 -128.16
N ALA CA 247 -42.74 41.25 -126.92
CA ALA CA 247 -44.04 41.17 -126.25
C ALA CA 247 -45.08 42.00 -127.00
N ALA CA 248 -44.72 43.20 -127.43
CA ALA CA 248 -45.65 44.02 -128.22
C ALA CA 248 -45.98 43.35 -129.54
N ALA CA 249 -44.98 42.74 -130.20
CA ALA CA 249 -45.24 42.04 -131.44
C ALA CA 249 -46.19 40.87 -131.23
N ALA CA 250 -45.99 40.11 -130.15
CA ALA CA 250 -46.90 39.00 -129.85
C ALA CA 250 -48.31 39.49 -129.55
N ALA CA 251 -48.43 40.59 -128.80
CA ALA CA 251 -49.74 41.16 -128.54
C ALA CA 251 -50.43 41.58 -129.83
N ALA CA 252 -49.69 42.19 -130.75
CA ALA CA 252 -50.26 42.55 -132.04
C ALA CA 252 -50.71 41.31 -132.81
N ALA CA 253 -49.87 40.27 -132.80
CA ALA CA 253 -50.19 39.03 -133.51
C ALA CA 253 -50.78 38.03 -132.51
N ALA CA 254 -52.11 37.99 -132.44
CA ALA CA 254 -52.78 37.12 -131.48
C ALA CA 254 -52.56 35.64 -131.78
N ALA CA 255 -52.17 35.31 -133.02
CA ALA CA 255 -51.97 33.91 -133.37
C ALA CA 255 -50.90 33.28 -132.50
N ALA CA 256 -51.19 32.07 -132.01
CA ALA CA 256 -50.22 31.37 -131.18
C ALA CA 256 -48.95 31.05 -131.94
N ALA CA 257 -49.08 30.59 -133.18
CA ALA CA 257 -47.90 30.27 -133.99
C ALA CA 257 -47.07 31.52 -134.24
N ALA CA 258 -47.72 32.64 -134.56
CA ALA CA 258 -47.00 33.89 -134.77
C ALA CA 258 -46.29 34.33 -133.50
N ALA CA 259 -46.96 34.24 -132.36
CA ALA CA 259 -46.34 34.61 -131.09
C ALA CA 259 -45.12 33.74 -130.80
N ALA CA 260 -45.22 32.44 -131.04
CA ALA CA 260 -44.10 31.53 -130.83
C ALA CA 260 -42.94 31.81 -131.78
N ALA CA 261 -43.23 32.11 -133.05
CA ALA CA 261 -42.19 32.28 -134.06
C ALA CA 261 -41.61 33.69 -134.10
N LEU CA 262 -42.23 34.66 -133.42
CA LEU CA 262 -41.70 36.01 -133.43
C LEU CA 262 -40.26 36.05 -132.92
N ALA CA 263 -40.06 35.66 -131.66
CA ALA CA 263 -38.72 35.71 -131.04
C ALA CA 263 -37.97 34.43 -131.41
N ALA CA 264 -37.65 34.33 -132.70
CA ALA CA 264 -36.90 33.17 -133.18
C ALA CA 264 -35.50 33.13 -132.58
N ALA CA 265 -34.83 34.27 -132.51
CA ALA CA 265 -33.47 34.30 -131.96
C ALA CA 265 -33.46 33.91 -130.49
N ALA CA 266 -34.42 34.40 -129.71
CA ALA CA 266 -34.47 34.08 -128.28
C ALA CA 266 -34.91 32.64 -128.07
N GLU CA 267 -29.18 28.25 -125.54
CA GLU CA 267 -28.25 27.45 -124.76
C GLU CA 267 -27.32 28.36 -123.95
N LYS CA 268 -27.04 29.54 -124.48
CA LYS CA 268 -26.19 30.48 -123.76
C LYS CA 268 -26.84 30.91 -122.45
N VAL CA 269 -28.13 31.20 -122.48
CA VAL CA 269 -28.84 31.60 -121.26
C VAL CA 269 -28.87 30.45 -120.27
N GLU CA 270 -29.07 29.22 -120.76
CA GLU CA 270 -29.07 28.06 -119.88
C GLU CA 270 -27.71 27.91 -119.20
N ALA CA 271 -26.63 28.07 -119.97
CA ALA CA 271 -25.30 27.96 -119.40
C ALA CA 271 -25.06 29.04 -118.35
N LEU CA 272 -25.49 30.27 -118.65
CA LEU CA 272 -25.31 31.36 -117.69
C LEU CA 272 -26.08 31.07 -116.40
N ARG CA 273 -27.32 30.60 -116.52
CA ARG CA 273 -28.11 30.29 -115.34
C ARG CA 273 -27.46 29.17 -114.54
N LEU CA 274 -26.97 28.14 -115.23
CA LEU CA 274 -26.31 27.03 -114.54
C LEU CA 274 -25.09 27.52 -113.77
N MET CA 275 -24.24 28.33 -114.42
CA MET CA 275 -23.06 28.84 -113.74
C MET CA 275 -23.44 29.72 -112.55
N GLU CA 276 -24.45 30.58 -112.73
CA GLU CA 276 -24.85 31.48 -111.65
C GLU CA 276 -25.40 30.72 -110.46
N ASN CA 277 -26.17 29.66 -110.70
CA ASN CA 277 -26.71 28.85 -109.61
C ASN CA 277 -25.73 27.85 -109.04
N THR CA 278 -24.62 27.58 -109.75
CA THR CA 278 -23.66 26.58 -109.31
C THR CA 278 -22.39 27.18 -108.71
N ARG CA 279 -22.14 28.47 -108.89
CA ARG CA 279 -20.93 29.10 -108.39
C ARG CA 279 -21.10 29.76 -107.02
N HIS CA 280 -22.23 29.54 -106.34
CA HIS CA 280 -22.55 30.33 -105.16
C HIS CA 280 -22.59 29.51 -103.87
N ASP CA 281 -23.42 28.48 -103.78
CA ASP CA 281 -23.63 27.81 -102.51
C ASP CA 281 -24.09 26.38 -102.73
N ALA CA 282 -23.92 25.57 -101.69
CA ALA CA 282 -24.35 24.17 -101.74
C ALA CA 282 -25.86 24.06 -101.88
N ALA CA 283 -26.61 24.88 -101.15
CA ALA CA 283 -28.07 24.82 -101.25
C ALA CA 283 -28.53 25.15 -102.66
N ARG CA 284 -27.88 26.13 -103.31
CA ARG CA 284 -28.27 26.51 -104.66
C ARG CA 284 -28.02 25.38 -105.64
N VAL CA 285 -26.87 24.70 -105.54
CA VAL CA 285 -26.61 23.59 -106.45
C VAL CA 285 -27.60 22.45 -106.19
N ARG CA 286 -27.90 22.18 -104.91
CA ARG CA 286 -28.86 21.13 -104.61
C ARG CA 286 -30.22 21.44 -105.22
N THR CA 287 -30.68 22.68 -105.06
CA THR CA 287 -31.97 23.06 -105.63
C THR CA 287 -31.95 23.01 -107.16
N PHE CA 288 -30.85 23.45 -107.77
CA PHE CA 288 -30.74 23.41 -109.22
C PHE CA 288 -30.82 21.98 -109.73
N TYR CA 289 -30.08 21.07 -109.08
CA TYR CA 289 -30.12 19.67 -109.49
C TYR CA 289 -31.51 19.06 -109.28
N GLU CA 290 -32.15 19.39 -108.16
CA GLU CA 290 -33.49 18.88 -107.92
C GLU CA 290 -34.46 19.34 -109.00
N GLU CA 291 -34.40 20.63 -109.37
CA GLU CA 291 -35.27 21.15 -110.42
C GLU CA 291 -34.94 20.54 -111.78
N LYS CA 292 -33.66 20.31 -112.07
CA LYS CA 292 -33.29 19.78 -113.38
C LYS CA 292 -33.64 18.31 -113.55
N CYS CA 293 -33.49 17.50 -112.49
CA CYS CA 293 -33.67 16.06 -112.59
C CYS CA 293 -34.94 15.58 -111.90
N GLY CA 294 -35.84 16.48 -111.48
CA GLY CA 294 -37.10 16.07 -110.90
C GLY CA 294 -36.94 15.24 -109.63
N PHE CA 295 -36.07 15.69 -108.73
CA PHE CA 295 -35.84 15.00 -107.47
C PHE CA 295 -36.54 15.73 -106.34
N SER CA 296 -37.31 14.98 -105.55
CA SER CA 296 -38.00 15.56 -104.40
C SER CA 296 -37.03 16.08 -103.34
N ASP CA 297 -35.81 15.53 -103.28
CA ASP CA 297 -34.82 16.00 -102.32
C ASP CA 297 -33.46 15.49 -102.75
N PHE CA 298 -32.48 16.38 -102.82
CA PHE CA 298 -31.12 15.99 -103.16
C PHE CA 298 -30.53 15.05 -102.12
N MET CA 299 -30.82 15.26 -100.84
CA MET CA 299 -30.35 14.36 -99.80
C MET CA 299 -30.93 12.97 -99.98
N ARG CA 300 -32.24 12.88 -100.29
CA ARG CA 300 -32.85 11.58 -100.55
C ARG CA 300 -32.36 10.95 -101.84
N THR CA 301 -31.86 11.76 -102.78
CA THR CA 301 -31.34 11.20 -104.01
C THR CA 301 -30.18 10.25 -103.72
N PRO CA 302 -30.16 9.06 -104.31
CA PRO CA 302 -29.05 8.14 -104.05
C PRO CA 302 -27.72 8.68 -104.56
N ASP CA 303 -26.66 8.24 -103.90
CA ASP CA 303 -25.33 8.75 -104.23
C ASP CA 303 -24.97 8.46 -105.68
N LYS CA 304 -25.36 7.30 -106.20
CA LYS CA 304 -25.04 6.97 -107.58
C LYS CA 304 -25.70 7.95 -108.55
N VAL CA 305 -26.97 8.30 -108.31
CA VAL CA 305 -27.64 9.25 -109.17
C VAL CA 305 -27.00 10.63 -109.07
N ILE CA 306 -26.58 11.01 -107.86
CA ILE CA 306 -25.90 12.29 -107.69
C ILE CA 306 -24.60 12.31 -108.48
N THR CA 307 -23.84 11.22 -108.43
CA THR CA 307 -22.59 11.14 -109.18
C THR CA 307 -22.87 11.23 -110.68
N ALA CA 308 -23.91 10.55 -111.14
CA ALA CA 308 -24.27 10.63 -112.55
C ALA CA 308 -24.62 12.07 -112.94
N ALA CA 309 -25.37 12.76 -112.09
CA ALA CA 309 -25.73 14.15 -112.37
C ALA CA 309 -24.50 15.03 -112.42
N VAL CA 310 -23.55 14.81 -111.51
CA VAL CA 310 -22.32 15.61 -111.51
C VAL CA 310 -21.51 15.33 -112.77
N LEU CA 311 -21.45 14.07 -113.19
CA LEU CA 311 -20.75 13.74 -114.43
C LEU CA 311 -21.38 14.45 -115.62
N CYS CA 312 -22.72 14.45 -115.68
CA CYS CA 312 -23.41 15.15 -116.75
C CYS CA 312 -23.15 16.65 -116.69
N TYR CA 313 -23.11 17.22 -115.48
CA TYR CA 313 -22.81 18.63 -115.32
C TYR CA 313 -21.42 18.95 -115.85
N LEU CA 314 -20.44 18.12 -115.51
CA LEU CA 314 -19.08 18.34 -116.01
C LEU CA 314 -19.02 18.21 -117.52
N GLN CA 315 -19.74 17.23 -118.07
CA GLN CA 315 -19.78 17.07 -119.52
C GLN CA 315 -20.35 18.31 -120.19
N GLU CA 316 -21.45 18.85 -119.64
CA GLU CA 316 -22.04 20.06 -120.19
C GLU CA 316 -21.08 21.23 -120.08
N LEU CA 317 -20.40 21.36 -118.94
CA LEU CA 317 -19.47 22.47 -118.75
C LEU CA 317 -18.32 22.40 -119.75
N GLN CA 318 -17.75 21.21 -119.95
CA GLN CA 318 -16.65 21.08 -120.92
C GLN CA 318 -17.14 21.32 -122.34
N ARG CA 319 -18.37 20.88 -122.65
CA ARG CA 319 -18.93 21.19 -123.97
C ARG CA 319 -19.04 22.69 -124.16
N ILE CA 320 -19.54 23.40 -123.15
CA ILE CA 320 -19.70 24.85 -123.26
C ILE CA 320 -18.34 25.51 -123.45
N CYS CA 321 -17.36 25.11 -122.64
CA CYS CA 321 -16.04 25.72 -122.75
C CYS CA 321 -15.41 25.46 -124.11
N THR CA 322 -15.55 24.25 -124.64
CA THR CA 322 -14.96 23.92 -125.93
C THR CA 322 -15.65 24.64 -127.07
N GLU CA 323 -16.98 24.74 -127.04
CA GLU CA 323 -17.72 25.32 -128.15
C GLU CA 323 -17.74 26.85 -128.07
N THR CA 324 -18.34 27.40 -127.02
CA THR CA 324 -18.50 28.83 -126.92
C THR CA 324 -17.15 29.51 -126.72
N ASP CA 325 -16.91 30.59 -127.45
CA ASP CA 325 -15.72 31.40 -127.27
C ASP CA 325 -15.94 32.55 -126.30
N TRP CA 326 -17.12 32.66 -125.70
CA TRP CA 326 -17.45 33.71 -124.76
C TRP CA 326 -17.73 33.19 -123.35
N GLY CA 327 -18.22 31.96 -123.22
CA GLY CA 327 -18.48 31.42 -121.89
C GLY CA 327 -17.22 31.31 -121.05
N LYS CA 328 -16.15 30.77 -121.64
CA LYS CA 328 -14.90 30.66 -120.90
C LYS CA 328 -14.36 32.02 -120.48
N PRO CA 329 -14.24 33.01 -121.37
CA PRO CA 329 -13.92 34.36 -120.88
C PRO CA 329 -14.93 34.87 -119.87
N LEU CA 330 -16.21 34.61 -120.10
CA LEU CA 330 -17.22 35.02 -119.13
C LEU CA 330 -17.06 34.27 -117.82
N ALA CA 331 -16.75 32.98 -117.89
CA ALA CA 331 -16.55 32.19 -116.68
C ALA CA 331 -15.38 32.74 -115.87
N ARG CA 332 -14.29 33.09 -116.54
CA ARG CA 332 -13.16 33.70 -115.85
C ARG CA 332 -13.54 35.06 -115.27
N CYS CA 333 -14.32 35.84 -116.00
CA CYS CA 333 -14.85 37.08 -115.47
C CYS CA 333 -15.85 36.80 -114.35
N LEU CA 334 -15.86 37.67 -113.34
CA LEU CA 334 -16.65 37.46 -112.14
C LEU CA 334 -17.53 38.67 -111.81
N THR CA 335 -17.88 39.48 -112.80
CA THR CA 335 -18.65 40.69 -112.56
C THR CA 335 -19.83 40.75 -113.52
N ASP CA 336 -20.97 41.21 -113.00
CA ASP CA 336 -22.18 41.34 -113.81
C ASP CA 336 -21.93 42.24 -115.01
N LEU CA 337 -21.22 43.35 -114.81
CA LEU CA 337 -20.98 44.29 -115.91
C LEU CA 337 -20.17 43.62 -117.01
N GLU CA 338 -19.10 42.91 -116.65
CA GLU CA 338 -18.26 42.27 -117.66
C GLU CA 338 -19.03 41.18 -118.39
N ARG CA 339 -19.79 40.35 -117.67
CA ARG CA 339 -20.53 39.30 -118.34
C ARG CA 339 -21.62 39.87 -119.24
N VAL CA 340 -22.23 41.00 -118.85
CA VAL CA 340 -23.20 41.66 -119.72
C VAL CA 340 -22.50 42.18 -120.98
N ASN CA 341 -21.32 42.79 -120.82
CA ASN CA 341 -20.59 43.28 -121.98
C ASN CA 341 -20.21 42.13 -122.91
N VAL CA 342 -19.94 40.95 -122.37
CA VAL CA 342 -19.49 39.81 -123.18
C VAL CA 342 -20.64 38.98 -123.73
N MET CA 343 -21.85 39.09 -123.17
CA MET CA 343 -22.95 38.24 -123.58
C MET CA 343 -24.26 39.02 -123.49
N GLY CA 344 -25.27 38.51 -124.19
CA GLY CA 344 -26.53 39.21 -124.40
C GLY CA 344 -27.12 39.90 -123.18
N LYS CA 345 -27.17 41.24 -123.24
CA LYS CA 345 -27.81 42.00 -122.18
C LYS CA 345 -29.27 41.61 -122.02
N ASP CA 346 -29.95 41.29 -123.13
CA ASP CA 346 -31.32 40.83 -123.04
C ASP CA 346 -31.42 39.52 -122.26
N ALA CA 347 -30.50 38.60 -122.52
CA ALA CA 347 -30.48 37.34 -121.79
C ALA CA 347 -30.24 37.58 -120.30
N PHE CA 348 -29.31 38.47 -119.97
CA PHE CA 348 -29.06 38.78 -118.57
C PHE CA 348 -30.28 39.42 -117.92
N LEU CA 349 -30.98 40.29 -118.65
CA LEU CA 349 -32.19 40.90 -118.11
C LEU CA 349 -33.26 39.84 -117.87
N VAL CA 350 -33.38 38.87 -118.78
CA VAL CA 350 -34.34 37.79 -118.58
C VAL CA 350 -33.99 36.98 -117.34
N TYR CA 351 -32.71 36.66 -117.17
CA TYR CA 351 -32.29 35.92 -115.99
C TYR CA 351 -32.58 36.71 -114.72
N ARG CA 352 -32.33 38.02 -114.75
CA ARG CA 352 -32.60 38.86 -113.59
C ARG CA 352 -34.09 38.92 -113.29
N HIS CA 353 -34.93 38.97 -114.31
CA HIS CA 353 -36.38 38.93 -114.10
C HIS CA 353 -36.80 37.60 -113.47
N ILE CA 354 -36.22 36.50 -113.94
CA ILE CA 354 -36.53 35.19 -113.36
C ILE CA 354 -36.13 35.17 -111.88
N GLU CA 355 -34.95 35.69 -111.58
CA GLU CA 355 -34.49 35.74 -110.19
C GLU CA 355 -35.40 36.63 -109.35
N ASP CA 356 -35.87 37.74 -109.91
CA ASP CA 356 -36.80 38.60 -109.20
C ASP CA 356 -38.10 37.89 -108.90
N ALA CA 357 -38.60 37.11 -109.87
CA ALA CA 357 -39.82 36.33 -109.62
C ALA CA 357 -39.59 35.30 -108.52
N ILE CA 358 -38.44 34.64 -108.54
CA ILE CA 358 -38.13 33.67 -107.49
C ILE CA 358 -38.09 34.37 -106.13
N LEU CA 359 -37.46 35.54 -106.08
CA LEU CA 359 -37.40 36.29 -104.83
C LEU CA 359 -38.78 36.73 -104.37
N ASP CA 360 -39.66 37.11 -105.30
CA ASP CA 360 -41.02 37.46 -104.93
C ASP CA 360 -41.75 36.26 -104.33
N LYS CA 361 -41.58 35.09 -104.93
CA LYS CA 361 -42.18 33.88 -104.37
C LYS CA 361 -41.63 33.60 -102.98
N LYS CA 362 -40.32 33.78 -102.79
CA LYS CA 362 -39.71 33.58 -101.48
C LYS CA 362 -40.30 34.55 -100.46
N ARG CA 363 -40.45 35.82 -100.84
CA ARG CA 363 -41.05 36.80 -99.94
C ARG CA 363 -42.47 36.41 -99.58
N ARG CA 364 -43.25 35.95 -100.56
CA ARG CA 364 -44.63 35.57 -100.28
C ARG CA 364 -44.69 34.39 -99.32
N VAL CA 365 -43.84 33.38 -99.53
CA VAL CA 365 -43.88 32.22 -98.64
C VAL CA 365 -43.41 32.59 -97.25
N TRP CA 366 -42.41 33.47 -97.15
CA TRP CA 366 -41.97 33.93 -95.83
C TRP CA 366 -43.06 34.72 -95.12
N ALA CA 367 -43.77 35.57 -95.85
CA ALA CA 367 -44.88 36.32 -95.25
C ALA CA 367 -45.98 35.36 -94.77
N THR CA 368 -46.28 34.33 -95.56
CA THR CA 368 -47.26 33.35 -95.12
C THR CA 368 -46.79 32.62 -93.86
N ARG CA 369 -45.51 32.27 -93.81
CA ARG CA 369 -44.98 31.62 -92.62
C ARG CA 369 -45.11 32.53 -91.40
N PHE CA 370 -44.76 33.80 -91.55
CA PHE CA 370 -44.86 34.77 -90.47
C PHE CA 370 -46.27 35.36 -90.43
N ALA CA 371 -46.49 36.29 -89.50
CA ALA CA 371 -47.77 36.96 -89.36
C ALA CA 371 -47.94 38.03 -90.43
N PRO DA 1 12.52 134.18 -19.71
CA PRO DA 1 12.87 134.80 -20.99
C PRO DA 1 13.04 136.31 -20.90
N ILE DA 2 12.25 136.94 -20.04
CA ILE DA 2 12.25 138.39 -19.96
C ILE DA 2 13.17 138.91 -18.85
N CYS DA 3 13.29 138.19 -17.74
CA CYS DA 3 14.09 138.62 -16.60
C CYS DA 3 14.98 137.46 -16.16
N PRO DA 4 16.04 137.18 -16.91
CA PRO DA 4 16.93 136.08 -16.54
C PRO DA 4 17.56 136.30 -15.18
N GLY DA 5 17.67 135.21 -14.40
CA GLY DA 5 18.35 135.25 -13.13
C GLY DA 5 17.69 136.12 -12.09
N LEU DA 6 16.45 136.53 -12.34
CA LEU DA 6 15.70 137.37 -11.41
C LEU DA 6 14.76 136.46 -10.62
N CYS DA 7 15.27 135.91 -9.53
CA CYS DA 7 14.54 134.95 -8.72
C CYS DA 7 14.68 135.29 -7.24
N GLY DA 8 13.71 134.83 -6.46
CA GLY DA 8 13.72 135.04 -5.03
C GLY DA 8 13.22 133.80 -4.30
N GLU DA 9 13.28 133.85 -2.98
CA GLU DA 9 12.83 132.73 -2.16
C GLU DA 9 11.35 132.46 -2.41
N LEU DA 10 11.00 131.19 -2.46
CA LEU DA 10 9.62 130.78 -2.73
C LEU DA 10 9.45 129.34 -2.23
N ALA DA 11 8.30 128.75 -2.55
CA ALA DA 11 7.98 127.39 -2.14
C ALA DA 11 7.51 126.60 -3.35
N ALA DA 12 7.79 125.31 -3.36
CA ALA DA 12 7.39 124.45 -4.48
C ALA DA 12 5.89 124.39 -4.59
N VAL DA 13 5.39 124.52 -5.82
CA VAL DA 13 3.97 124.44 -6.13
C VAL DA 13 3.78 123.43 -7.26
N PRO DA 14 3.55 122.15 -6.93
CA PRO DA 14 3.32 121.16 -7.99
C PRO DA 14 2.04 121.43 -8.75
N PHE DA 15 2.03 121.01 -10.02
CA PHE DA 15 0.86 121.17 -10.86
C PHE DA 15 0.90 120.13 -11.96
N ARG DA 16 -0.27 119.59 -12.31
CA ARG DA 16 -0.37 118.63 -13.40
C ARG DA 16 -0.59 119.37 -14.71
N VAL DA 17 0.12 118.94 -15.75
CA VAL DA 17 0.23 119.69 -17.00
C VAL DA 17 -0.77 119.22 -18.05
N PHE DA 18 -0.71 117.94 -18.42
CA PHE DA 18 -1.46 117.44 -19.57
C PHE DA 18 -2.30 116.24 -19.18
N LEU DA 19 -3.52 116.19 -19.70
CA LEU DA 19 -4.42 115.06 -19.49
C LEU DA 19 -4.46 114.25 -20.78
N GLY DA 20 -3.50 113.33 -20.92
CA GLY DA 20 -3.40 112.50 -22.09
C GLY DA 20 -4.21 111.22 -21.98
N THR DA 21 -4.17 110.43 -23.05
CA THR DA 21 -4.85 109.15 -23.12
C THR DA 21 -3.83 108.04 -23.18
N LEU DA 22 -4.06 106.99 -22.40
CA LEU DA 22 -3.10 105.88 -22.31
C LEU DA 22 -2.77 105.26 -23.67
N PRO DA 23 -3.73 104.91 -24.52
CA PRO DA 23 -3.35 104.26 -25.79
C PRO DA 23 -2.49 105.14 -26.68
N THR DA 24 -2.91 106.39 -26.92
CA THR DA 24 -2.15 107.33 -27.72
C THR DA 24 -2.07 108.65 -26.96
N LEU DA 25 -0.88 109.25 -26.95
CA LEU DA 25 -0.65 110.52 -26.28
C LEU DA 25 -0.31 111.56 -27.34
N ALA DA 26 -1.35 112.16 -27.92
CA ALA DA 26 -1.14 113.20 -28.91
C ALA DA 26 -0.46 114.41 -28.28
N VAL DA 27 -0.87 114.77 -27.06
CA VAL DA 27 -0.24 115.90 -26.38
C VAL DA 27 1.23 115.60 -26.12
N GLU DA 28 1.54 114.37 -25.71
CA GLU DA 28 2.93 114.01 -25.46
C GLU DA 28 3.75 114.06 -26.76
N GLU DA 29 3.18 113.58 -27.87
CA GLU DA 29 3.88 113.63 -29.14
C GLU DA 29 4.15 115.08 -29.56
N ARG DA 30 3.15 115.94 -29.41
CA ARG DA 30 3.35 117.35 -29.73
C ARG DA 30 4.40 117.97 -28.83
N PHE DA 31 4.39 117.63 -27.54
CA PHE DA 31 5.39 118.15 -26.62
C PHE DA 31 6.79 117.73 -27.06
N LEU DA 32 6.97 116.46 -27.42
CA LEU DA 32 8.27 116.02 -27.90
C LEU DA 32 8.68 116.82 -29.14
N ARG DA 33 7.80 116.87 -30.14
CA ARG DA 33 8.15 117.53 -31.39
C ARG DA 33 8.46 119.02 -31.19
N GLN DA 34 7.84 119.64 -30.19
CA GLN DA 34 7.99 121.08 -29.98
C GLN DA 34 9.18 121.41 -29.09
N LEU DA 35 9.19 120.89 -27.86
CA LEU DA 35 10.25 121.16 -26.90
C LEU DA 35 11.28 120.03 -26.86
N GLN DA 36 11.60 119.42 -27.99
CA GLN DA 36 12.72 118.50 -28.06
C GLN DA 36 14.01 119.17 -27.55
N PRO DA 37 14.27 120.45 -27.82
CA PRO DA 37 15.54 121.03 -27.35
C PRO DA 37 15.68 121.01 -25.83
N VAL DA 38 14.58 120.96 -25.09
CA VAL DA 38 14.61 120.98 -23.63
C VAL DA 38 14.23 119.60 -23.13
N PHE DA 39 14.40 118.60 -24.00
CA PHE DA 39 14.02 117.24 -23.68
C PHE DA 39 14.74 116.73 -22.44
N ALA DA 40 15.91 117.26 -22.13
CA ALA DA 40 16.65 116.78 -20.97
C ALA DA 40 15.80 116.90 -19.71
N TRP DA 41 15.42 118.12 -19.34
CA TRP DA 41 14.57 118.30 -18.17
C TRP DA 41 13.16 117.79 -18.40
N TYR DA 42 12.65 117.86 -19.65
CA TYR DA 42 11.32 117.31 -19.89
C TYR DA 42 11.25 115.85 -19.46
N SER DA 43 12.26 115.06 -19.82
CA SER DA 43 12.29 113.65 -19.44
C SER DA 43 12.67 113.46 -17.97
N SER DA 44 13.59 114.28 -17.46
CA SER DA 44 13.99 114.15 -16.06
C SER DA 44 12.84 114.48 -15.12
N ARG DA 45 11.84 115.21 -15.58
CA ARG DA 45 10.75 115.61 -14.70
C ARG DA 45 9.91 114.40 -14.32
N LYS DA 46 9.29 114.48 -13.14
CA LYS DA 46 8.57 113.35 -12.57
C LYS DA 46 7.18 113.24 -13.18
N ARG DA 47 6.78 112.01 -13.49
CA ARG DA 47 5.50 111.69 -14.09
C ARG DA 47 4.66 110.86 -13.14
N VAL DA 48 3.35 111.10 -13.17
CA VAL DA 48 2.39 110.36 -12.34
C VAL DA 48 1.39 109.70 -13.28
N LYS DA 49 1.17 108.41 -13.07
CA LYS DA 49 0.26 107.61 -13.90
C LYS DA 49 -1.08 107.50 -13.17
N GLU DA 50 -2.08 108.21 -13.68
CA GLU DA 50 -3.43 108.12 -13.15
C GLU DA 50 -4.23 107.10 -13.97
N GLN DA 51 -5.41 106.75 -13.46
CA GLN DA 51 -6.26 105.79 -14.15
C GLN DA 51 -6.51 106.24 -15.58
N ALA DA 52 -6.01 105.47 -16.55
CA ALA DA 52 -6.18 105.77 -17.97
C ALA DA 52 -5.72 107.17 -18.34
N ASN DA 53 -4.83 107.76 -17.53
CA ASN DA 53 -4.35 109.11 -17.77
C ASN DA 53 -2.93 109.22 -17.24
N GLU DA 54 -2.18 110.18 -17.77
CA GLU DA 54 -0.82 110.47 -17.33
C GLU DA 54 -0.65 111.98 -17.16
N PHE DA 55 0.21 112.35 -16.21
CA PHE DA 55 0.52 113.76 -16.00
C PHE DA 55 2.00 113.87 -15.67
N ILE DA 56 2.54 115.07 -15.88
CA ILE DA 56 3.90 115.40 -15.48
C ILE DA 56 3.80 116.47 -14.41
N GLU DA 57 4.25 116.14 -13.19
CA GLU DA 57 4.12 117.08 -12.07
C GLU DA 57 5.21 118.12 -12.19
N ILE DA 58 4.83 119.32 -12.59
CA ILE DA 58 5.76 120.42 -12.83
C ILE DA 58 5.64 121.42 -11.69
N ASP DA 59 6.79 121.87 -11.18
CA ASP DA 59 6.83 122.85 -10.11
C ASP DA 59 6.72 124.24 -10.73
N LEU DA 60 5.57 124.89 -10.54
CA LEU DA 60 5.35 126.21 -11.13
C LEU DA 60 6.26 127.27 -10.54
N ALA DA 61 6.88 127.01 -9.38
CA ALA DA 61 7.77 127.98 -8.76
C ALA DA 61 9.12 128.08 -9.44
N SER DA 62 9.52 127.06 -10.20
CA SER DA 62 10.82 127.04 -10.86
C SER DA 62 10.70 127.65 -12.25
N CYS DA 63 11.75 127.50 -13.06
CA CYS DA 63 11.74 127.95 -14.43
C CYS DA 63 11.09 126.96 -15.38
N ASP DA 64 10.59 125.83 -14.86
CA ASP DA 64 9.95 124.85 -15.73
C ASP DA 64 8.74 125.43 -16.42
N ALA DA 65 7.95 126.25 -15.71
CA ALA DA 65 6.79 126.86 -16.33
C ALA DA 65 7.20 127.77 -17.49
N GLU DA 66 8.26 128.57 -17.29
CA GLU DA 66 8.73 129.44 -18.36
C GLU DA 66 9.23 128.63 -19.54
N LEU DA 67 9.98 127.55 -19.27
CA LEU DA 67 10.48 126.72 -20.35
C LEU DA 67 9.34 126.12 -21.16
N LEU DA 68 8.30 125.65 -20.47
CA LEU DA 68 7.14 125.10 -21.18
C LEU DA 68 6.46 126.18 -22.01
N LEU DA 69 6.21 127.34 -21.40
CA LEU DA 69 5.55 128.43 -22.12
C LEU DA 69 6.33 128.80 -23.38
N ARG DA 70 7.66 128.78 -23.31
CA ARG DA 70 8.47 129.12 -24.46
C ARG DA 70 8.42 128.01 -25.51
N TYR DA 71 8.88 126.81 -25.14
CA TYR DA 71 9.09 125.73 -26.11
C TYR DA 71 7.83 124.93 -26.40
N SER DA 72 6.65 125.40 -26.01
CA SER DA 72 5.40 124.72 -26.31
C SER DA 72 4.64 125.53 -27.35
N HIS DA 73 4.37 124.92 -28.51
CA HIS DA 73 3.57 125.54 -29.56
C HIS DA 73 2.08 125.30 -29.38
N ILE DA 74 1.68 124.42 -28.44
CA ILE DA 74 0.27 124.20 -28.19
C ILE DA 74 -0.35 125.48 -27.63
N TYR DA 75 -1.64 125.68 -27.89
CA TYR DA 75 -2.36 126.86 -27.46
C TYR DA 75 -3.22 126.62 -26.23
N TYR DA 76 -3.98 125.52 -26.21
CA TYR DA 76 -4.88 125.28 -25.09
C TYR DA 76 -4.12 125.02 -23.81
N VAL DA 77 -3.04 124.22 -23.88
CA VAL DA 77 -2.26 123.95 -22.68
C VAL DA 77 -1.57 125.21 -22.19
N ARG DA 78 -1.07 126.04 -23.12
CA ARG DA 78 -0.46 127.30 -22.72
C ARG DA 78 -1.47 128.21 -22.04
N ARG DA 79 -2.69 128.28 -22.59
CA ARG DA 79 -3.73 129.08 -21.97
C ARG DA 79 -4.05 128.57 -20.56
N GLN DA 80 -4.18 127.25 -20.41
CA GLN DA 80 -4.47 126.67 -19.11
C GLN DA 80 -3.38 127.01 -18.11
N LEU DA 81 -2.11 126.84 -18.51
CA LEU DA 81 -1.01 127.13 -17.62
C LEU DA 81 -0.97 128.61 -17.24
N PHE DA 82 -1.21 129.49 -18.22
CA PHE DA 82 -1.21 130.92 -17.94
C PHE DA 82 -2.30 131.28 -16.96
N ASP DA 83 -3.52 130.78 -17.17
CA ASP DA 83 -4.61 131.11 -16.28
C ASP DA 83 -4.37 130.55 -14.88
N GLU DA 84 -3.83 129.34 -14.79
CA GLU DA 84 -3.53 128.76 -13.48
C GLU DA 84 -2.48 129.58 -12.75
N LEU DA 85 -1.44 130.01 -13.45
CA LEU DA 85 -0.41 130.83 -12.83
C LEU DA 85 -0.98 132.16 -12.36
N ILE DA 86 -1.82 132.79 -13.18
CA ILE DA 86 -2.41 134.08 -12.79
C ILE DA 86 -3.28 133.90 -11.54
N GLU DA 87 -4.12 132.87 -11.53
CA GLU DA 87 -4.99 132.64 -10.38
C GLU DA 87 -4.17 132.35 -9.12
N ARG DA 88 -3.14 131.53 -9.25
CA ARG DA 88 -2.30 131.20 -8.09
C ARG DA 88 -1.61 132.45 -7.56
N GLN DA 89 -1.07 133.28 -8.46
CA GLN DA 89 -0.41 134.50 -8.02
C GLN DA 89 -1.38 135.43 -7.32
N MET DA 90 -2.58 135.60 -7.87
CA MET DA 90 -3.56 136.48 -7.25
C MET DA 90 -3.95 135.96 -5.86
N THR DA 91 -4.19 134.65 -5.75
CA THR DA 91 -4.58 134.09 -4.46
C THR DA 91 -3.46 134.26 -3.43
N LEU DA 92 -2.22 133.96 -3.83
CA LEU DA 92 -1.10 134.10 -2.90
C LEU DA 92 -0.92 135.55 -2.48
N LEU DA 93 -1.04 136.49 -3.42
CA LEU DA 93 -0.88 137.90 -3.09
C LEU DA 93 -1.97 138.34 -2.12
N ASP DA 94 -3.21 137.92 -2.34
CA ASP DA 94 -4.30 138.33 -1.47
C ASP DA 94 -4.14 137.73 -0.07
N SER DA 95 -3.69 136.47 -0.01
CA SER DA 95 -3.59 135.79 1.28
C SER DA 95 -2.40 136.30 2.09
N GLY DA 96 -1.25 136.48 1.45
CA GLY DA 96 -0.03 136.86 2.14
C GLY DA 96 0.10 138.36 2.33
N LYS DA 97 1.24 138.76 2.88
CA LYS DA 97 1.53 140.17 3.12
C LYS DA 97 1.68 140.91 1.80
N ALA DA 98 1.31 142.18 1.80
CA ALA DA 98 1.41 143.00 0.61
C ALA DA 98 2.86 143.36 0.31
N PRO DA 99 3.17 143.74 -0.93
CA PRO DA 99 4.54 144.14 -1.25
C PRO DA 99 4.95 145.40 -0.49
N LYS DA 100 6.21 145.78 -0.70
CA LYS DA 100 6.78 146.98 -0.09
C LYS DA 100 6.90 148.05 -1.16
N MET DA 101 6.06 149.08 -1.05
CA MET DA 101 6.09 150.22 -1.96
C MET DA 101 6.51 151.46 -1.17
N ALA DA 102 7.64 152.05 -1.55
CA ALA DA 102 8.18 153.20 -0.85
C ALA DA 102 8.74 154.27 -1.79
N GLU DA 103 8.53 154.15 -3.09
CA GLU DA 103 9.06 155.09 -4.07
C GLU DA 103 7.95 155.52 -5.03
N PRO DA 104 7.02 156.36 -4.56
CA PRO DA 104 5.99 156.88 -5.47
C PRO DA 104 6.56 157.61 -6.66
N SER DA 105 7.65 158.36 -6.45
CA SER DA 105 8.30 159.05 -7.57
C SER DA 105 8.81 158.06 -8.60
N LEU DA 106 9.46 156.98 -8.14
CA LEU DA 106 9.91 155.95 -9.08
C LEU DA 106 8.74 155.32 -9.81
N LEU DA 107 7.65 155.02 -9.08
CA LEU DA 107 6.50 154.41 -9.72
C LEU DA 107 5.92 155.31 -10.81
N GLN DA 108 5.77 156.60 -10.50
CA GLN DA 108 5.18 157.50 -11.49
C GLN DA 108 6.10 157.71 -12.68
N CYS DA 109 7.42 157.79 -12.44
CA CYS DA 109 8.35 157.93 -13.56
C CYS DA 109 8.31 156.70 -14.45
N LEU DA 110 8.26 155.50 -13.85
CA LEU DA 110 8.16 154.28 -14.64
C LEU DA 110 6.86 154.25 -15.42
N ALA DA 111 5.75 154.68 -14.81
CA ALA DA 111 4.48 154.72 -15.51
C ALA DA 111 4.54 155.68 -16.70
N GLY DA 112 5.14 156.84 -16.51
CA GLY DA 112 5.28 157.79 -17.61
C GLY DA 112 6.13 157.24 -18.73
N CYS DA 113 7.24 156.59 -18.39
CA CYS DA 113 8.08 155.97 -19.41
C CYS DA 113 7.31 154.90 -20.17
N ASN DA 114 6.54 154.08 -19.46
CA ASN DA 114 5.75 153.05 -20.10
C ASN DA 114 4.74 153.65 -21.06
N MET DA 115 4.06 154.72 -20.61
CA MET DA 115 3.08 155.38 -21.48
C MET DA 115 3.75 155.94 -22.72
N THR DA 116 4.92 156.57 -22.56
CA THR DA 116 5.62 157.14 -23.70
C THR DA 116 6.04 156.07 -24.69
N ILE DA 117 6.54 154.93 -24.19
CA ILE DA 117 7.07 153.89 -25.06
C ILE DA 117 5.99 152.86 -25.37
N ALA DA 118 4.73 153.20 -25.09
CA ALA DA 118 3.64 152.29 -25.41
C ALA DA 118 3.61 151.96 -26.89
N ASP DA 119 3.97 152.92 -27.76
CA ASP DA 119 3.94 152.68 -29.19
C ASP DA 119 4.88 151.56 -29.59
N ARG DA 120 6.08 151.53 -29.00
CA ARG DA 120 7.02 150.45 -29.28
C ARG DA 120 6.41 149.10 -28.94
N LEU DA 121 5.64 149.05 -27.85
CA LEU DA 121 4.96 147.81 -27.49
C LEU DA 121 3.97 147.40 -28.58
N GLN DA 122 3.23 148.36 -29.12
CA GLN DA 122 2.31 148.06 -30.20
C GLN DA 122 3.03 147.53 -31.43
N LEU DA 123 4.17 148.15 -31.77
CA LEU DA 123 4.96 147.68 -32.91
C LEU DA 123 5.45 146.25 -32.68
N GLU DA 124 5.93 145.96 -31.47
CA GLU DA 124 6.39 144.61 -31.18
C GLU DA 124 5.24 143.61 -31.23
N ILE DA 125 4.06 144.01 -30.76
CA ILE DA 125 2.90 143.12 -30.82
C ILE DA 125 2.53 142.84 -32.27
N ARG DA 126 2.58 143.87 -33.13
CA ARG DA 126 2.29 143.66 -34.54
C ARG DA 126 3.32 142.73 -35.17
N GLN DA 127 4.60 142.89 -34.80
CA GLN DA 127 5.62 141.99 -35.32
C GLN DA 127 5.36 140.55 -34.87
N LEU DA 128 4.98 140.36 -33.61
CA LEU DA 128 4.67 139.02 -33.13
C LEU DA 128 3.45 138.44 -33.85
N GLY DA 129 2.46 139.28 -34.14
CA GLY DA 129 1.30 138.81 -34.89
C GLY DA 129 1.68 138.38 -36.29
N ALA DA 130 2.54 139.14 -36.96
CA ALA DA 130 3.01 138.73 -38.28
C ALA DA 130 3.79 137.42 -38.19
N ALA DA 131 4.61 137.27 -37.14
CA ALA DA 131 5.33 136.02 -36.96
C ALA DA 131 4.37 134.85 -36.78
N LYS DA 132 3.31 135.04 -36.00
CA LYS DA 132 2.31 133.99 -35.83
C LYS DA 132 1.63 133.66 -37.16
N ARG DA 133 1.29 134.69 -37.93
CA ARG DA 133 0.68 134.45 -39.24
C ARG DA 133 1.60 133.64 -40.14
N ALA DA 134 2.89 133.92 -40.11
CA ALA DA 134 3.88 133.18 -40.89
C ALA DA 134 4.34 131.91 -40.20
N ALA DA 135 3.78 131.59 -39.03
CA ALA DA 135 4.26 130.45 -38.25
C ALA DA 135 4.10 129.14 -39.01
N SER DA 136 3.11 129.08 -39.91
CA SER DA 136 2.89 127.85 -40.66
C SER DA 136 4.15 127.46 -41.43
N VAL DA 137 4.80 126.39 -41.00
CA VAL DA 137 6.08 125.97 -41.56
C VAL DA 137 6.26 124.48 -41.23
N PRO DA 138 6.73 123.65 -42.17
CA PRO DA 138 6.94 122.23 -41.83
C PRO DA 138 7.88 122.03 -40.65
N GLY DA 139 8.93 122.85 -40.55
CA GLY DA 139 9.84 122.73 -39.43
C GLY DA 139 9.22 123.16 -38.11
N ARG DA 140 8.24 124.05 -38.17
CA ARG DA 140 7.55 124.56 -36.97
C ARG DA 140 6.07 124.71 -37.33
N ARG DA 141 5.29 123.69 -37.02
CA ARG DA 141 3.86 123.68 -37.34
C ARG DA 141 3.09 124.23 -36.15
N GLU DA 142 2.57 125.44 -36.30
CA GLU DA 142 1.73 126.06 -35.29
C GLU DA 142 0.27 125.72 -35.54
N LEU DA 143 -0.51 125.67 -34.47
CA LEU DA 143 -1.93 125.36 -34.54
C LEU DA 143 -2.72 126.66 -34.65
N ASP DA 144 -3.60 126.74 -35.65
CA ASP DA 144 -4.42 127.92 -35.89
C ASP DA 144 -3.55 129.16 -36.01
N PRO DA 145 -2.59 129.19 -36.95
CA PRO DA 145 -1.76 130.39 -37.09
C PRO DA 145 -2.57 131.63 -37.44
N VAL DA 146 -3.65 131.47 -38.20
CA VAL DA 146 -4.46 132.62 -38.57
C VAL DA 146 -5.16 133.21 -37.35
N ALA DA 147 -5.26 132.44 -36.26
CA ALA DA 147 -5.94 132.92 -35.07
C ALA DA 147 -5.23 134.14 -34.49
N ARG DA 148 -6.00 134.99 -33.84
CA ARG DA 148 -5.46 136.22 -33.27
C ARG DA 148 -4.41 135.90 -32.21
N LEU DA 149 -3.37 136.72 -32.17
CA LEU DA 149 -2.30 136.56 -31.20
C LEU DA 149 -2.81 136.87 -29.79
N GLU DA 150 -2.14 136.30 -28.80
CA GLU DA 150 -2.59 136.41 -27.41
C GLU DA 150 -1.41 136.19 -26.49
N VAL DA 151 -1.61 136.53 -25.22
CA VAL DA 151 -0.59 136.33 -24.20
C VAL DA 151 -0.28 134.86 -24.03
N TYR DA 152 -1.22 133.97 -24.36
CA TYR DA 152 -0.98 132.55 -24.27
C TYR DA 152 0.06 132.08 -25.29
N ASP DA 153 0.40 132.91 -26.28
CA ASP DA 153 1.41 132.58 -27.27
C ASP DA 153 2.44 133.68 -27.47
N TYR DA 154 2.41 134.73 -26.66
CA TYR DA 154 3.38 135.81 -26.83
C TYR DA 154 4.80 135.31 -26.63
N ALA DA 155 5.03 134.45 -25.64
CA ALA DA 155 6.39 133.94 -25.40
C ALA DA 155 6.87 133.12 -26.59
N CYS DA 156 6.02 132.25 -27.12
CA CYS DA 156 6.42 131.44 -28.27
C CYS DA 156 6.72 132.32 -29.48
N MET DA 157 5.87 133.33 -29.73
CA MET DA 157 6.14 134.23 -30.85
C MET DA 157 7.43 135.00 -30.63
N MET DA 158 7.71 135.40 -29.39
CA MET DA 158 8.94 136.12 -29.09
C MET DA 158 10.15 135.26 -29.42
N ARG DA 159 10.15 134.01 -28.96
CA ARG DA 159 11.30 133.14 -29.23
C ARG DA 159 11.43 132.86 -30.73
N LEU DA 160 10.30 132.68 -31.42
CA LEU DA 160 10.36 132.45 -32.86
C LEU DA 160 10.94 133.66 -33.58
N VAL DA 161 10.52 134.86 -33.20
CA VAL DA 161 11.06 136.06 -33.84
C VAL DA 161 12.54 136.21 -33.55
N GLU DA 162 12.96 135.89 -32.32
CA GLU DA 162 14.38 135.96 -32.00
C GLU DA 162 15.17 134.98 -32.85
N GLU DA 163 14.67 133.75 -33.01
CA GLU DA 163 15.36 132.78 -33.85
C GLU DA 163 15.42 133.24 -35.30
N ASP DA 164 14.32 133.81 -35.80
CA ASP DA 164 14.32 134.31 -37.17
C ASP DA 164 15.35 135.42 -37.35
N ALA DA 165 15.42 136.33 -36.38
CA ALA DA 165 16.43 137.38 -36.44
C ALA DA 165 17.83 136.80 -36.42
N GLY DA 166 18.06 135.80 -35.58
CA GLY DA 166 19.34 135.11 -35.57
C GLY DA 166 19.61 134.47 -36.91
N ALA DA 167 20.77 134.75 -37.50
CA ALA DA 167 21.09 134.21 -38.82
C ALA DA 167 21.26 132.70 -38.80
N VAL DA 168 21.46 132.10 -37.63
CA VAL DA 168 21.69 130.67 -37.51
C VAL DA 168 20.64 130.07 -36.58
N GLY DA 169 20.05 128.98 -37.02
CA GLY DA 169 19.05 128.27 -36.24
C GLY DA 169 19.68 127.40 -35.17
N ASP DA 170 18.89 127.08 -34.14
CA ASP DA 170 19.36 126.24 -33.03
C ASP DA 170 20.57 126.86 -32.34
N ALA DA 171 20.62 128.19 -32.31
CA ALA DA 171 21.74 128.88 -31.66
C ALA DA 171 21.80 128.53 -30.18
N GLU DA 172 20.65 128.42 -29.51
CA GLU DA 172 20.63 128.05 -28.10
C GLU DA 172 21.25 126.68 -27.89
N MET DA 173 20.85 125.70 -28.71
CA MET DA 173 21.39 124.35 -28.56
C MET DA 173 22.89 124.32 -28.85
N LYS DA 174 23.33 125.02 -29.89
CA LYS DA 174 24.75 125.04 -30.22
C LYS DA 174 25.56 125.67 -29.09
N ALA DA 175 25.06 126.78 -28.53
CA ALA DA 175 25.76 127.42 -27.42
C ALA DA 175 25.80 126.51 -26.20
N ARG DA 176 24.69 125.82 -25.92
CA ARG DA 176 24.68 124.89 -24.79
C ARG DA 176 25.71 123.79 -24.99
N ALA DA 177 25.79 123.26 -26.21
CA ALA DA 177 26.79 122.24 -26.50
C ALA DA 177 28.20 122.76 -26.32
N TYR DA 178 28.46 123.99 -26.76
CA TYR DA 178 29.80 124.55 -26.69
C TYR DA 178 30.20 125.01 -25.29
N LEU DA 179 29.24 125.27 -24.41
CA LEU DA 179 29.56 125.77 -23.07
C LEU DA 179 29.19 124.75 -22.00
N PRO DA 180 30.13 124.35 -21.14
CA PRO DA 180 29.76 123.57 -19.95
C PRO DA 180 29.42 124.48 -18.77
N ARG DA 181 29.14 123.89 -17.61
CA ARG DA 181 28.73 124.66 -16.44
C ARG DA 181 29.91 125.01 -15.54
N GLU DA 182 30.68 124.00 -15.12
CA GLU DA 182 31.73 124.23 -14.14
C GLU DA 182 32.81 125.17 -14.69
N VAL DA 183 33.10 125.10 -15.99
CA VAL DA 183 34.05 126.05 -16.58
C VAL DA 183 33.52 127.47 -16.45
N ILE DA 184 32.23 127.66 -16.73
CA ILE DA 184 31.63 128.98 -16.57
C ILE DA 184 31.72 129.43 -15.13
N GLU DA 185 31.49 128.52 -14.19
CA GLU DA 185 31.58 128.87 -12.77
C GLU DA 185 32.99 129.34 -12.41
N SER DA 186 34.00 128.60 -12.88
CA SER DA 186 35.37 128.96 -12.58
C SER DA 186 35.73 130.31 -13.20
N LYS DA 187 35.34 130.53 -14.46
CA LYS DA 187 35.63 131.81 -15.10
C LYS DA 187 34.88 132.95 -14.42
N LEU DA 188 33.66 132.70 -13.95
CA LEU DA 188 32.93 133.73 -13.22
C LEU DA 188 33.59 134.06 -11.91
N GLY DA 189 34.10 133.05 -11.19
CA GLY DA 189 34.85 133.32 -9.98
C GLY DA 189 36.09 134.13 -10.25
N HIS DA 190 36.82 133.79 -11.31
CA HIS DA 190 38.00 134.57 -11.68
C HIS DA 190 37.63 136.01 -12.02
N LEU DA 191 36.53 136.19 -12.76
CA LEU DA 191 36.08 137.53 -13.12
C LEU DA 191 35.74 138.33 -11.87
N THR DA 192 35.02 137.72 -10.93
CA THR DA 192 34.66 138.41 -9.70
C THR DA 192 35.90 138.78 -8.91
N GLN DA 193 36.86 137.86 -8.80
CA GLN DA 193 38.10 138.17 -8.09
C GLN DA 193 38.80 139.36 -8.73
N LEU DA 194 38.95 139.34 -10.05
CA LEU DA 194 39.63 140.42 -10.74
C LEU DA 194 38.89 141.75 -10.55
N LEU DA 195 37.57 141.72 -10.63
CA LEU DA 195 36.80 142.96 -10.58
C LEU DA 195 36.79 143.57 -9.19
N LEU DA 196 36.57 142.74 -8.16
CA LEU DA 196 36.41 143.23 -6.80
C LEU DA 196 37.69 143.17 -5.98
N GLY DA 197 38.81 142.78 -6.58
CA GLY DA 197 40.06 142.74 -5.85
C GLY DA 197 40.01 141.81 -4.66
N SER DA 198 39.48 140.60 -4.86
CA SER DA 198 39.34 139.61 -3.80
C SER DA 198 38.43 140.12 -2.69
N ASP DA 199 37.40 140.88 -3.03
CA ASP DA 199 36.42 141.41 -2.08
C ASP DA 199 35.05 140.81 -2.32
N ALA DA 200 35.00 139.50 -2.61
CA ALA DA 200 33.76 138.80 -2.90
C ALA DA 200 33.72 137.48 -2.16
N ARG DA 201 32.52 136.99 -1.92
CA ARG DA 201 32.35 135.72 -1.21
C ARG DA 201 32.98 134.59 -2.02
N ALA DA 202 33.54 133.61 -1.29
CA ALA DA 202 34.25 132.53 -1.96
C ALA DA 202 33.32 131.75 -2.88
N ALA DA 203 32.11 131.45 -2.43
CA ALA DA 203 31.15 130.69 -3.22
C ALA DA 203 29.77 130.87 -2.59
N LEU DA 204 28.75 130.51 -3.36
CA LEU DA 204 27.38 130.59 -2.87
C LEU DA 204 27.12 129.53 -1.81
N ASP DA 205 26.15 129.82 -0.94
CA ASP DA 205 25.82 128.93 0.15
C ASP DA 205 24.84 127.85 -0.33
N LYS DA 206 24.43 126.99 0.60
CA LYS DA 206 23.55 125.88 0.25
C LYS DA 206 22.22 126.37 -0.28
N LYS DA 207 21.63 127.38 0.36
CA LYS DA 207 20.35 127.90 -0.11
C LYS DA 207 20.47 128.50 -1.50
N ASP DA 208 21.53 129.27 -1.74
CA ASP DA 208 21.71 129.90 -3.04
C ASP DA 208 21.91 128.85 -4.14
N VAL DA 209 22.72 127.83 -3.86
CA VAL DA 209 22.93 126.79 -4.87
C VAL DA 209 21.65 126.01 -5.11
N LYS DA 210 20.85 125.77 -4.07
CA LYS DA 210 19.58 125.09 -4.27
C LYS DA 210 18.65 125.93 -5.14
N LEU DA 211 18.58 127.24 -4.88
CA LEU DA 211 17.77 128.11 -5.74
C LEU DA 211 18.27 128.08 -7.18
N LEU DA 212 19.59 128.13 -7.35
CA LEU DA 212 20.16 128.07 -8.69
C LEU DA 212 19.79 126.77 -9.39
N ASN DA 213 19.88 125.65 -8.69
CA ASN DA 213 19.50 124.37 -9.29
C ASN DA 213 18.03 124.35 -9.66
N ARG DA 214 17.17 124.90 -8.79
CA ARG DA 214 15.75 124.94 -9.09
C ARG DA 214 15.46 125.78 -10.32
N MET DA 215 16.14 126.92 -10.47
CA MET DA 215 15.88 127.83 -11.59
C MET DA 215 16.64 127.44 -12.86
N ILE DA 216 17.59 126.52 -12.78
CA ILE DA 216 18.36 126.11 -13.94
C ILE DA 216 17.74 124.83 -14.50
N PRO DA 217 17.60 124.70 -15.82
CA PRO DA 217 17.07 123.45 -16.37
C PRO DA 217 18.07 122.32 -16.24
N PRO DA 218 17.74 121.26 -15.49
CA PRO DA 218 18.68 120.15 -15.35
C PRO DA 218 19.03 119.53 -16.69
N ASP DA 219 20.28 119.10 -16.82
CA ASP DA 219 20.78 118.46 -18.02
C ASP DA 219 21.10 117.01 -17.72
N TYR DA 220 21.33 116.24 -18.79
CA TYR DA 220 21.64 114.82 -18.68
C TYR DA 220 22.72 114.58 -17.64
N THR DA 221 22.39 113.76 -16.64
CA THR DA 221 23.29 113.47 -15.53
C THR DA 221 23.95 112.10 -15.64
N ARG DA 222 23.91 111.47 -16.81
CA ARG DA 222 24.46 110.14 -16.97
C ARG DA 222 25.98 110.19 -17.05
N VAL DA 223 26.60 109.01 -17.09
CA VAL DA 223 28.06 108.94 -17.08
C VAL DA 223 28.62 109.60 -18.33
N GLY DA 224 29.65 110.43 -18.14
CA GLY DA 224 30.31 111.09 -19.26
C GLY DA 224 29.66 112.40 -19.63
N CYS DA 225 28.34 112.48 -19.48
CA CYS DA 225 27.61 113.69 -19.83
C CYS DA 225 28.02 114.85 -18.94
N VAL DA 226 28.43 115.97 -19.55
CA VAL DA 226 28.80 117.16 -18.80
C VAL DA 226 27.61 118.11 -18.80
N GLU DA 227 27.23 118.58 -17.61
CA GLU DA 227 26.10 119.51 -17.50
C GLU DA 227 26.38 120.76 -18.33
N LYS DA 228 25.35 121.22 -19.05
CA LYS DA 228 25.45 122.36 -19.94
C LYS DA 228 24.25 123.28 -19.75
N LEU DA 229 24.43 124.54 -20.12
CA LEU DA 229 23.41 125.56 -19.96
C LEU DA 229 23.15 126.25 -21.29
N ARG DA 230 21.89 126.58 -21.54
CA ARG DA 230 21.51 127.40 -22.68
C ARG DA 230 21.97 128.83 -22.46
N PRO DA 231 22.01 129.66 -23.49
CA PRO DA 231 22.42 131.06 -23.28
C PRO DA 231 21.59 131.78 -22.24
N PHE DA 232 20.27 131.58 -22.24
CA PHE DA 232 19.43 132.23 -21.24
C PHE DA 232 19.76 131.71 -19.84
N ASP DA 233 19.99 130.40 -19.71
CA ASP DA 233 20.35 129.84 -18.42
C ASP DA 233 21.67 130.39 -17.93
N VAL DA 234 22.64 130.53 -18.84
CA VAL DA 234 23.94 131.09 -18.48
C VAL DA 234 23.78 132.53 -18.01
N THR DA 235 22.97 133.31 -18.73
CA THR DA 235 22.73 134.69 -18.32
C THR DA 235 22.10 134.75 -16.93
N ALA DA 236 21.10 133.88 -16.69
CA ALA DA 236 20.45 133.86 -15.38
C ALA DA 236 21.43 133.50 -14.28
N TYR DA 237 22.26 132.48 -14.52
CA TYR DA 237 23.25 132.10 -13.53
C TYR DA 237 24.26 133.21 -13.28
N PHE DA 238 24.68 133.89 -14.35
CA PHE DA 238 25.60 135.01 -14.20
C PHE DA 238 25.00 136.10 -13.32
N ARG DA 239 23.75 136.47 -13.59
CA ARG DA 239 23.11 137.52 -12.79
C ARG DA 239 22.94 137.07 -11.34
N PHE DA 240 22.53 135.83 -11.12
CA PHE DA 240 22.35 135.32 -9.77
C PHE DA 240 23.66 135.37 -9.00
N TYR DA 241 24.74 134.90 -9.63
CA TYR DA 241 26.05 134.94 -9.01
C TYR DA 241 26.45 136.37 -8.67
N GLY DA 242 26.35 137.27 -9.65
CA GLY DA 242 26.70 138.65 -9.40
C GLY DA 242 25.91 139.27 -8.27
N GLU DA 243 24.62 138.95 -8.18
CA GLU DA 243 23.79 139.50 -7.11
C GLU DA 243 24.19 138.94 -5.75
N ARG DA 244 24.54 137.65 -5.67
CA ARG DA 244 24.73 136.98 -4.39
C ARG DA 244 26.16 136.50 -4.18
N ILE DA 245 27.15 137.24 -4.67
CA ILE DA 245 28.54 137.00 -4.32
C ILE DA 245 29.17 138.16 -3.56
N ASN DA 246 28.51 139.32 -3.49
CA ASN DA 246 29.08 140.47 -2.80
C ASN DA 246 29.35 140.13 -1.34
N ASN DA 247 30.64 140.10 -0.98
CA ASN DA 247 31.04 139.72 0.37
C ASN DA 247 30.49 140.71 1.39
N VAL DA 248 30.74 142.00 1.17
CA VAL DA 248 30.25 143.05 2.06
C VAL DA 248 29.12 143.79 1.35
N LYS DA 249 27.89 143.37 1.61
CA LYS DA 249 26.71 143.94 0.97
C LYS DA 249 25.69 144.33 2.03
N VAL DA 250 24.99 145.42 1.76
CA VAL DA 250 23.96 145.92 2.64
C VAL DA 250 22.61 145.42 2.15
N GLU DA 251 21.61 145.47 3.03
CA GLU DA 251 20.29 144.94 2.70
C GLU DA 251 19.66 145.67 1.51
N ASN DA 252 20.13 146.87 1.17
CA ASN DA 252 19.59 147.59 0.02
C ASN DA 252 19.73 146.74 -1.24
N TYR DA 253 18.60 146.34 -1.81
CA TYR DA 253 18.62 145.47 -2.99
C TYR DA 253 19.07 146.21 -4.24
N PHE DA 254 19.14 147.55 -4.20
CA PHE DA 254 19.46 148.31 -5.40
C PHE DA 254 20.87 147.98 -5.90
N LYS DA 255 21.85 147.97 -4.98
CA LYS DA 255 23.22 147.68 -5.39
C LYS DA 255 23.36 146.24 -5.88
N ARG DA 256 22.70 145.30 -5.21
CA ARG DA 256 22.76 143.91 -5.65
C ARG DA 256 22.16 143.77 -7.05
N ALA DA 257 21.03 144.42 -7.30
CA ALA DA 257 20.41 144.33 -8.62
C ALA DA 257 21.29 145.00 -9.68
N LEU DA 258 21.94 146.10 -9.33
CA LEU DA 258 22.85 146.74 -10.28
C LEU DA 258 24.01 145.82 -10.63
N TRP DA 259 24.57 145.16 -9.62
CA TRP DA 259 25.63 144.18 -9.89
C TRP DA 259 25.11 143.04 -10.76
N GLY DA 260 23.89 142.58 -10.48
CA GLY DA 260 23.31 141.51 -11.28
C GLY DA 260 23.16 141.91 -12.73
N HIS DA 261 22.69 143.13 -12.98
CA HIS DA 261 22.54 143.58 -14.36
C HIS DA 261 23.89 143.79 -15.03
N VAL DA 262 24.89 144.26 -14.28
CA VAL DA 262 26.24 144.38 -14.83
C VAL DA 262 26.75 143.02 -15.26
N TYR DA 263 26.57 142.00 -14.41
CA TYR DA 263 26.99 140.65 -14.78
C TYR DA 263 26.18 140.12 -15.95
N ARG DA 264 24.89 140.46 -16.01
CA ARG DA 264 24.06 140.05 -17.14
C ARG DA 264 24.62 140.58 -18.45
N ARG DA 265 24.93 141.88 -18.50
CA ARG DA 265 25.51 142.45 -19.71
C ARG DA 265 26.89 141.87 -19.98
N PHE DA 266 27.69 141.63 -18.93
CA PHE DA 266 28.98 141.01 -19.11
C PHE DA 266 28.85 139.68 -19.83
N ALA DA 267 27.91 138.84 -19.39
CA ALA DA 267 27.68 137.57 -20.06
C ALA DA 267 27.16 137.77 -21.48
N THR DA 268 26.25 138.74 -21.66
CA THR DA 268 25.67 138.98 -22.97
C THR DA 268 26.70 139.49 -23.97
N THR DA 269 27.84 139.99 -23.50
CA THR DA 269 28.87 140.45 -24.42
C THR DA 269 29.31 139.31 -25.32
N PRO DA 270 29.35 139.50 -26.65
CA PRO DA 270 29.70 138.39 -27.54
C PRO DA 270 31.14 137.93 -27.37
N SER DA 271 32.08 138.88 -27.34
CA SER DA 271 33.49 138.51 -27.25
C SER DA 271 33.79 137.78 -25.96
N PHE DA 272 33.25 138.26 -24.83
CA PHE DA 272 33.47 137.59 -23.56
C PHE DA 272 32.86 136.19 -23.55
N LEU DA 273 31.65 136.05 -24.10
CA LEU DA 273 31.01 134.74 -24.16
C LEU DA 273 31.85 133.78 -24.98
N SER DA 274 32.35 134.23 -26.13
CA SER DA 274 33.21 133.37 -26.96
C SER DA 274 34.48 133.00 -26.22
N GLY DA 275 35.09 133.96 -25.53
CA GLY DA 275 36.33 133.67 -24.81
C GLY DA 275 36.13 132.65 -23.71
N VAL DA 276 35.07 132.81 -22.91
CA VAL DA 276 34.82 131.86 -21.83
C VAL DA 276 34.38 130.50 -22.35
N SER DA 277 33.63 130.45 -23.45
CA SER DA 277 33.13 129.18 -23.95
C SER DA 277 34.26 128.27 -24.38
N THR DA 278 34.08 126.98 -24.11
CA THR DA 278 35.05 125.96 -24.52
C THR DA 278 34.33 124.63 -24.65
N TYR DA 279 34.66 123.87 -25.68
CA TYR DA 279 33.98 122.61 -25.94
C TYR DA 279 34.10 121.70 -24.72
N TRP DA 280 33.00 121.01 -24.41
CA TRP DA 280 32.94 120.20 -23.19
C TRP DA 280 33.97 119.07 -23.24
N ALA DA 281 34.14 118.44 -24.40
CA ALA DA 281 35.14 117.38 -24.52
C ALA DA 281 36.53 117.89 -24.22
N ARG DA 282 36.89 119.05 -24.79
CA ARG DA 282 38.19 119.64 -24.49
C ARG DA 282 38.33 119.98 -23.02
N HIS DA 283 37.28 120.54 -22.43
CA HIS DA 283 37.34 120.89 -21.01
C HIS DA 283 37.58 119.66 -20.14
N SER DA 284 36.86 118.57 -20.43
CA SER DA 284 37.00 117.35 -19.64
C SER DA 284 38.22 116.53 -20.02
N GLY DA 285 38.92 116.89 -21.10
CA GLY DA 285 40.05 116.12 -21.55
C GLY DA 285 39.71 114.88 -22.34
N LEU DA 286 38.43 114.64 -22.61
CA LEU DA 286 38.03 113.46 -23.37
C LEU DA 286 38.60 113.49 -24.77
N ASP DA 287 38.56 114.65 -25.42
CA ASP DA 287 39.10 114.82 -26.76
C ASP DA 287 39.84 116.14 -26.86
N ALA DA 288 40.79 116.21 -27.79
CA ALA DA 288 41.61 117.40 -27.98
C ALA DA 288 41.75 117.82 -29.43
N SER DA 289 41.18 117.08 -30.38
CA SER DA 289 41.28 117.41 -31.80
C SER DA 289 39.95 118.00 -32.25
N PHE DA 290 39.94 119.30 -32.52
CA PHE DA 290 38.76 119.99 -32.99
C PHE DA 290 39.17 121.17 -33.86
N THR DA 291 38.24 121.61 -34.71
CA THR DA 291 38.48 122.78 -35.55
C THR DA 291 38.53 124.07 -34.73
N THR DA 292 37.71 124.18 -33.69
CA THR DA 292 37.70 125.37 -32.86
C THR DA 292 37.24 124.97 -31.46
N THR DA 293 37.71 125.70 -30.45
CA THR DA 293 37.32 125.43 -29.07
C THR DA 293 36.20 126.35 -28.61
N THR DA 294 36.23 127.61 -29.05
CA THR DA 294 35.23 128.59 -28.66
C THR DA 294 34.04 128.55 -29.63
N MET DA 295 32.98 129.26 -29.29
CA MET DA 295 31.79 129.32 -30.13
C MET DA 295 32.09 130.07 -31.41
N PRO DA 296 31.38 129.77 -32.49
CA PRO DA 296 31.49 130.60 -33.69
C PRO DA 296 31.05 132.03 -33.42
N GLN DA 297 31.73 132.98 -34.07
CA GLN DA 297 31.40 134.38 -33.87
C GLN DA 297 29.98 134.68 -34.33
N GLU DA 298 29.57 134.11 -35.47
CA GLU DA 298 28.20 134.31 -35.92
C GLU DA 298 27.20 133.73 -34.93
N VAL DA 299 27.53 132.58 -34.33
CA VAL DA 299 26.64 132.01 -33.31
C VAL DA 299 26.52 132.93 -32.12
N ALA DA 300 27.65 133.50 -31.67
CA ALA DA 300 27.61 134.43 -30.55
C ALA DA 300 26.77 135.66 -30.88
N VAL DA 301 26.94 136.20 -32.09
CA VAL DA 301 26.18 137.37 -32.50
C VAL DA 301 24.69 137.05 -32.53
N ALA DA 302 24.32 135.87 -33.07
CA ALA DA 302 22.93 135.47 -33.10
C ALA DA 302 22.36 135.33 -31.70
N VAL DA 303 23.14 134.76 -30.78
CA VAL DA 303 22.67 134.61 -29.40
C VAL DA 303 22.44 135.98 -28.77
N CYS DA 304 23.37 136.91 -28.98
CA CYS DA 304 23.21 138.25 -28.41
C CYS DA 304 21.98 138.94 -28.99
N ASP DA 305 21.77 138.81 -30.30
CA ASP DA 305 20.58 139.40 -30.92
C ASP DA 305 19.31 138.80 -30.33
N GLN DA 306 19.31 137.47 -30.17
CA GLN DA 306 18.17 136.82 -29.52
C GLN DA 306 17.92 137.42 -28.15
N GLN DA 307 18.98 137.65 -27.39
CA GLN DA 307 18.83 138.19 -26.04
C GLN DA 307 18.25 139.60 -26.08
N ILE DA 308 18.70 140.43 -27.02
CA ILE DA 308 18.40 141.86 -26.98
C ILE DA 308 17.25 142.25 -27.92
N GLN DA 309 16.58 141.26 -28.53
CA GLN DA 309 15.50 141.59 -29.46
C GLN DA 309 14.45 142.50 -28.82
N PHE DA 310 13.90 142.11 -27.67
CA PHE DA 310 12.71 142.74 -27.10
C PHE DA 310 13.00 143.34 -25.74
N PRO DA 311 13.29 144.65 -25.67
CA PRO DA 311 13.39 145.31 -24.36
C PRO DA 311 12.05 145.82 -23.84
N ALA DA 312 11.13 146.13 -24.76
CA ALA DA 312 9.89 146.79 -24.36
C ALA DA 312 9.00 145.86 -23.53
N ILE DA 313 8.83 144.62 -23.98
CA ILE DA 313 8.01 143.68 -23.24
C ILE DA 313 8.61 143.39 -21.87
N LYS DA 314 9.94 143.28 -21.82
CA LYS DA 314 10.60 143.07 -20.53
C LYS DA 314 10.35 144.25 -19.59
N PHE DA 315 10.44 145.47 -20.13
CA PHE DA 315 10.18 146.65 -19.31
C PHE DA 315 8.74 146.66 -18.81
N ARG DA 316 7.79 146.31 -19.67
CA ARG DA 316 6.39 146.27 -19.25
C ARG DA 316 6.18 145.23 -18.16
N ALA DA 317 6.78 144.05 -18.31
CA ALA DA 317 6.65 143.01 -17.29
C ALA DA 317 7.23 143.47 -15.97
N GLN DA 318 8.40 144.10 -16.01
CA GLN DA 318 9.00 144.60 -14.77
C GLN DA 318 8.14 145.66 -14.13
N TYR DA 319 7.56 146.56 -14.94
CA TYR DA 319 6.69 147.59 -14.38
C TYR DA 319 5.46 147.00 -13.72
N VAL DA 320 4.83 146.03 -14.37
CA VAL DA 320 3.62 145.44 -13.79
C VAL DA 320 3.95 144.69 -12.51
N TYR DA 321 5.05 143.92 -12.50
CA TYR DA 321 5.43 143.23 -11.28
C TYR DA 321 5.92 144.17 -10.19
N THR DA 322 6.33 145.39 -10.56
CA THR DA 322 6.62 146.41 -9.56
C THR DA 322 5.37 147.03 -8.97
N SER DA 323 4.34 147.24 -9.79
CA SER DA 323 3.11 147.86 -9.30
C SER DA 323 2.08 146.77 -9.02
N PRO DA 324 1.71 146.53 -7.76
CA PRO DA 324 0.75 145.44 -7.49
C PRO DA 324 -0.64 145.70 -8.03
N GLU DA 325 -1.22 146.86 -7.71
CA GLU DA 325 -2.57 147.16 -8.21
C GLU DA 325 -2.58 147.20 -9.73
N THR DA 326 -1.59 147.84 -10.34
CA THR DA 326 -1.49 147.83 -11.80
C THR DA 326 -1.31 146.41 -12.32
N ALA DA 327 -0.61 145.55 -11.56
CA ALA DA 327 -0.51 144.15 -11.95
C ALA DA 327 -1.88 143.50 -11.99
N ARG DA 328 -2.71 143.76 -10.97
CA ARG DA 328 -4.06 143.22 -10.96
C ARG DA 328 -4.87 143.72 -12.13
N GLN DA 329 -4.75 145.01 -12.45
CA GLN DA 329 -5.53 145.60 -13.54
C GLN DA 329 -5.03 145.21 -14.92
N LEU DA 330 -3.78 144.79 -15.04
CA LEU DA 330 -3.19 144.53 -16.35
C LEU DA 330 -3.00 143.05 -16.67
N TRP DA 331 -2.97 142.17 -15.68
CA TRP DA 331 -2.74 140.76 -15.96
C TRP DA 331 -3.79 140.16 -16.88
N ARG DA 332 -4.97 140.77 -16.97
CA ARG DA 332 -6.03 140.23 -17.81
C ARG DA 332 -6.03 140.83 -19.21
N THR DA 333 -5.69 142.12 -19.35
CA THR DA 333 -5.75 142.79 -20.64
C THR DA 333 -4.37 142.89 -21.29
N ASP DA 334 -3.41 143.50 -20.57
CA ASP DA 334 -2.09 143.75 -21.13
C ASP DA 334 -1.27 142.47 -21.20
N ALA DA 335 -0.19 142.53 -21.97
CA ALA DA 335 0.69 141.38 -22.15
C ALA DA 335 1.62 141.25 -20.95
N ALA DA 336 1.56 140.10 -20.27
CA ALA DA 336 2.46 139.82 -19.16
C ALA DA 336 2.37 138.34 -18.79
N VAL DA 337 3.52 137.68 -18.71
CA VAL DA 337 3.60 136.26 -18.39
C VAL DA 337 3.83 136.12 -16.89
N PRO DA 338 2.96 135.44 -16.14
CA PRO DA 338 3.18 135.32 -14.70
C PRO DA 338 4.49 134.63 -14.39
N LEU DA 339 5.14 135.08 -13.31
CA LEU DA 339 6.43 134.55 -12.90
C LEU DA 339 6.44 134.38 -11.39
N MET DA 340 6.33 133.13 -10.94
CA MET DA 340 6.44 132.84 -9.52
C MET DA 340 7.81 133.22 -8.97
N ARG DA 341 8.83 133.30 -9.84
CA ARG DA 341 10.12 133.78 -9.41
C ARG DA 341 10.06 135.24 -8.96
N LEU DA 342 9.33 136.07 -9.70
CA LEU DA 342 9.24 137.49 -9.42
C LEU DA 342 8.15 137.84 -8.42
N PHE DA 343 7.13 136.99 -8.27
CA PHE DA 343 6.05 137.28 -7.33
C PHE DA 343 6.55 137.60 -5.92
N PRO DA 344 7.47 136.84 -5.32
CA PRO DA 344 8.00 137.25 -4.01
C PRO DA 344 8.69 138.60 -4.04
N LEU DA 345 9.34 138.95 -5.14
CA LEU DA 345 10.08 140.20 -5.25
C LEU DA 345 9.21 141.37 -5.71
N MET DA 346 7.89 141.20 -5.69
CA MET DA 346 6.99 142.26 -6.11
C MET DA 346 7.21 143.52 -5.29
N GLY DA 347 7.20 144.67 -5.96
CA GLY DA 347 7.27 145.96 -5.28
C GLY DA 347 8.60 146.68 -5.43
N SER DA 348 9.13 147.15 -4.30
CA SER DA 348 10.32 148.00 -4.34
C SER DA 348 11.51 147.26 -4.91
N ARG DA 349 11.67 145.98 -4.59
CA ARG DA 349 12.80 145.22 -5.14
C ARG DA 349 12.75 145.18 -6.65
N THR DA 350 11.57 144.88 -7.20
CA THR DA 350 11.43 144.85 -8.66
C THR DA 350 11.65 146.24 -9.26
N ALA DA 351 11.16 147.28 -8.59
CA ALA DA 351 11.38 148.64 -9.09
C ALA DA 351 12.86 148.96 -9.16
N GLU DA 352 13.60 148.64 -8.10
CA GLU DA 352 15.03 148.89 -8.09
C GLU DA 352 15.73 148.07 -9.17
N ASP DA 353 15.32 146.82 -9.34
CA ASP DA 353 15.92 145.98 -10.37
C ASP DA 353 15.72 146.59 -11.75
N LEU DA 354 14.50 147.06 -12.03
CA LEU DA 354 14.23 147.66 -13.33
C LEU DA 354 15.03 148.93 -13.53
N ALA DA 355 15.12 149.78 -12.50
CA ALA DA 355 15.89 151.00 -12.62
C ALA DA 355 17.36 150.71 -12.88
N ALA DA 356 17.92 149.74 -12.14
CA ALA DA 356 19.32 149.38 -12.32
C ALA DA 356 19.56 148.79 -13.70
N GLY DA 357 18.63 147.97 -14.19
CA GLY DA 357 18.76 147.43 -15.53
C GLY DA 357 18.77 148.52 -16.59
N VAL DA 358 17.87 149.50 -16.45
CA VAL DA 358 17.85 150.61 -17.41
C VAL DA 358 19.16 151.37 -17.36
N LEU DA 359 19.65 151.66 -16.15
CA LEU DA 359 20.90 152.42 -16.01
C LEU DA 359 22.06 151.65 -16.65
N THR DA 360 22.16 150.36 -16.39
CA THR DA 360 23.24 149.56 -16.96
C THR DA 360 23.13 149.49 -18.47
N ASP DA 361 21.92 149.32 -19.00
CA ASP DA 361 21.75 149.26 -20.45
C ASP DA 361 22.19 150.56 -21.10
N ALA DA 362 21.80 151.70 -20.51
CA ALA DA 362 22.21 152.98 -21.08
C ALA DA 362 23.72 153.19 -20.96
N PHE DA 363 24.31 152.78 -19.84
CA PHE DA 363 25.75 152.91 -19.67
C PHE DA 363 26.49 152.11 -20.73
N TRP DA 364 26.06 150.87 -20.96
CA TRP DA 364 26.69 150.04 -21.97
C TRP DA 364 26.49 150.61 -23.37
N MET DA 365 25.29 151.14 -23.66
CA MET DA 365 25.05 151.75 -24.96
C MET DA 365 25.99 152.96 -25.17
N HIS DA 366 26.15 153.79 -24.14
CA HIS DA 366 27.02 154.95 -24.27
C HIS DA 366 28.48 154.55 -24.40
N LEU DA 367 28.91 153.52 -23.67
CA LEU DA 367 30.31 153.12 -23.70
C LEU DA 367 30.67 152.42 -25.01
N GLY DA 368 29.98 151.33 -25.31
CA GLY DA 368 30.25 150.57 -26.53
C GLY DA 368 30.96 149.26 -26.24
N LEU DA 369 30.72 148.70 -25.06
CA LEU DA 369 31.36 147.44 -24.70
C LEU DA 369 30.91 146.30 -25.62
N SER DA 370 29.68 146.38 -26.13
CA SER DA 370 29.20 145.34 -27.02
C SER DA 370 30.07 145.22 -28.26
N GLU DA 371 30.46 146.36 -28.84
CA GLU DA 371 31.34 146.37 -30.01
C GLU DA 371 32.80 146.52 -29.58
N GLU DA 372 33.23 145.57 -28.75
CA GLU DA 372 34.58 145.56 -28.21
C GLU DA 372 35.20 144.18 -28.40
N GLU DA 373 36.48 144.16 -28.75
CA GLU DA 373 37.18 142.89 -28.94
C GLU DA 373 37.44 142.20 -27.60
N ASN DA 374 37.90 142.96 -26.62
CA ASN DA 374 38.17 142.44 -25.28
C ASN DA 374 37.49 143.32 -24.25
N LEU DA 375 36.70 142.71 -23.37
CA LEU DA 375 36.00 143.44 -22.32
C LEU DA 375 36.70 143.35 -20.97
N LEU DA 376 37.64 142.43 -20.80
CA LEU DA 376 38.36 142.30 -19.54
C LEU DA 376 39.41 143.37 -19.32
N GLN DA 377 39.43 144.42 -20.15
CA GLN DA 377 40.40 145.48 -20.00
C GLN DA 377 40.31 146.08 -18.60
N ASP DA 378 41.46 146.30 -17.97
CA ASP DA 378 41.48 146.80 -16.61
C ASP DA 378 40.83 148.18 -16.51
N SER DA 379 41.10 149.05 -17.48
CA SER DA 379 40.50 150.37 -17.48
C SER DA 379 38.98 150.29 -17.55
N LEU DA 380 38.46 149.43 -18.44
CA LEU DA 380 37.02 149.28 -18.56
C LEU DA 380 36.41 148.71 -17.29
N LEU DA 381 37.06 147.72 -16.68
CA LEU DA 381 36.55 147.15 -15.44
C LEU DA 381 36.51 148.20 -14.34
N LEU DA 382 37.57 149.01 -14.23
CA LEU DA 382 37.59 150.07 -13.22
C LEU DA 382 36.50 151.10 -13.49
N LYS DA 383 36.29 151.44 -14.77
CA LYS DA 383 35.23 152.38 -15.13
C LYS DA 383 33.87 151.85 -14.70
N VAL DA 384 33.61 150.56 -14.96
CA VAL DA 384 32.33 149.97 -14.59
C VAL DA 384 32.19 149.96 -13.06
N ARG DA 385 33.26 149.62 -12.36
CA ARG DA 385 33.19 149.58 -10.89
C ARG DA 385 32.88 150.95 -10.32
N ARG DA 386 33.56 151.98 -10.80
CA ARG DA 386 33.27 153.33 -10.31
C ARG DA 386 31.88 153.77 -10.72
N PHE DA 387 31.40 153.36 -11.90
CA PHE DA 387 30.05 153.69 -12.30
C PHE DA 387 29.03 153.10 -11.33
N VAL DA 388 29.17 151.83 -11.00
CA VAL DA 388 28.22 151.20 -10.07
C VAL DA 388 28.33 151.84 -8.69
N ASP DA 389 29.56 152.14 -8.25
CA ASP DA 389 29.73 152.77 -6.95
C ASP DA 389 29.04 154.12 -6.89
N GLU DA 390 29.24 154.96 -7.92
CA GLU DA 390 28.63 156.28 -7.91
C GLU DA 390 27.11 156.19 -8.04
N VAL DA 391 26.61 155.24 -8.83
CA VAL DA 391 25.17 155.07 -8.94
C VAL DA 391 24.57 154.69 -7.59
N GLY DA 392 25.21 153.75 -6.89
CA GLY DA 392 24.73 153.38 -5.57
C GLY DA 392 24.78 154.53 -4.59
N ASP DA 393 25.86 155.31 -4.62
CA ASP DA 393 25.98 156.45 -3.72
C ASP DA 393 24.89 157.48 -4.00
N MET DA 394 24.63 157.76 -5.28
CA MET DA 394 23.57 158.69 -5.63
C MET DA 394 22.21 158.18 -5.18
N TYR DA 395 21.95 156.89 -5.37
CA TYR DA 395 20.68 156.33 -4.91
C TYR DA 395 20.53 156.47 -3.41
N GLU DA 396 21.61 156.20 -2.66
CA GLU DA 396 21.55 156.33 -1.21
C GLU DA 396 21.33 157.78 -0.79
N THR DA 397 21.96 158.73 -1.48
CA THR DA 397 21.90 160.12 -1.05
C THR DA 397 20.59 160.79 -1.49
N ASN DA 398 20.37 160.91 -2.80
CA ASN DA 398 19.20 161.59 -3.34
C ASN DA 398 18.57 160.72 -4.41
N ILE DA 399 17.25 160.58 -4.36
CA ILE DA 399 16.57 159.67 -5.28
C ILE DA 399 16.10 160.39 -6.53
N ASP DA 400 15.79 161.69 -6.43
CA ASP DA 400 15.28 162.42 -7.59
C ASP DA 400 16.30 162.46 -8.72
N SER DA 401 17.57 162.66 -8.38
CA SER DA 401 18.61 162.66 -9.41
C SER DA 401 18.68 161.31 -10.11
N VAL DA 402 18.62 160.22 -9.33
CA VAL DA 402 18.66 158.89 -9.92
C VAL DA 402 17.45 158.66 -10.81
N LEU DA 403 16.28 159.15 -10.40
CA LEU DA 403 15.08 158.95 -11.20
C LEU DA 403 15.16 159.71 -12.52
N LYS DA 404 15.63 160.96 -12.48
CA LYS DA 404 15.77 161.70 -13.74
C LYS DA 404 16.83 161.04 -14.63
N ARG DA 405 17.91 160.55 -14.03
CA ARG DA 405 18.91 159.83 -14.81
C ARG DA 405 18.31 158.59 -15.46
N VAL DA 406 17.48 157.85 -14.72
CA VAL DA 406 16.84 156.67 -15.27
C VAL DA 406 15.92 157.04 -16.41
N ASP DA 407 15.15 158.12 -16.26
CA ASP DA 407 14.26 158.55 -17.33
C ASP DA 407 15.04 158.90 -18.59
N ASP DA 408 16.11 159.68 -18.43
CA ASP DA 408 16.92 160.06 -19.59
C ASP DA 408 17.55 158.83 -20.22
N ASN DA 409 18.04 157.90 -19.40
CA ASN DA 409 18.65 156.68 -19.92
C ASN DA 409 17.65 155.84 -20.70
N PHE DA 410 16.43 155.72 -20.19
CA PHE DA 410 15.40 154.97 -20.88
C PHE DA 410 15.05 155.63 -22.21
N LYS DA 411 14.91 156.95 -22.21
CA LYS DA 411 14.61 157.66 -23.45
C LYS DA 411 15.72 157.45 -24.47
N GLN DA 412 16.98 157.51 -24.04
CA GLN DA 412 18.09 157.33 -24.97
C GLN DA 412 18.16 155.90 -25.50
N VAL DA 413 18.02 154.91 -24.62
CA VAL DA 413 18.21 153.52 -25.03
C VAL DA 413 17.07 153.07 -25.93
N VAL DA 414 15.83 153.38 -25.56
CA VAL DA 414 14.65 152.98 -26.32
C VAL DA 414 13.92 154.23 -26.80
N PRO DA 415 14.08 154.66 -28.05
CA PRO DA 415 13.32 155.81 -28.54
C PRO DA 415 11.89 155.43 -28.90
N GLN DA 416 11.10 156.44 -29.29
CA GLN DA 416 9.71 156.16 -29.66
C GLN DA 416 9.63 155.28 -30.91
N LEU DA 417 10.47 155.54 -31.89
CA LEU DA 417 10.50 154.74 -33.12
C LEU DA 417 11.92 154.63 -33.66
N TYR EA 1 1.37 -7.48 -23.16
CA TYR EA 1 1.91 -7.55 -24.52
C TYR EA 1 3.30 -8.17 -24.51
N GLN EA 2 4.32 -7.33 -24.32
CA GLN EA 2 5.69 -7.83 -24.27
C GLN EA 2 5.94 -8.50 -22.93
N ARG EA 3 6.47 -9.73 -22.97
CA ARG EA 3 6.76 -10.50 -21.77
C ARG EA 3 8.20 -10.98 -21.69
N GLY EA 4 8.81 -11.35 -22.81
CA GLY EA 4 10.20 -11.78 -22.82
C GLY EA 4 11.11 -10.80 -23.53
N GLY EA 5 12.25 -11.27 -24.02
CA GLY EA 5 13.16 -10.40 -24.73
C GLY EA 5 12.62 -10.02 -26.11
N TRP EA 6 13.18 -8.93 -26.64
CA TRP EA 6 12.74 -8.43 -27.93
C TRP EA 6 13.25 -9.26 -29.11
N SER EA 7 14.35 -9.97 -28.94
CA SER EA 7 14.90 -10.74 -30.03
C SER EA 7 13.97 -11.89 -30.42
N PRO EA 8 14.00 -12.34 -31.67
CA PRO EA 8 13.15 -13.47 -32.07
C PRO EA 8 13.43 -14.74 -31.26
N GLY EA 9 14.65 -14.91 -30.76
CA GLY EA 9 14.97 -16.10 -29.99
C GLY EA 9 14.35 -16.13 -28.62
N SER EA 10 13.83 -15.01 -28.13
CA SER EA 10 13.20 -14.98 -26.82
C SER EA 10 11.97 -15.87 -26.82
N LYS EA 11 11.65 -16.44 -25.65
CA LYS EA 11 10.61 -17.45 -25.58
C LYS EA 11 9.22 -16.84 -25.52
N HIS EA 12 8.94 -16.04 -24.49
CA HIS EA 12 7.58 -15.66 -24.16
C HIS EA 12 6.98 -14.76 -25.25
N GLN EA 13 5.70 -14.44 -25.09
CA GLN EA 13 4.91 -13.84 -26.15
C GLN EA 13 5.32 -12.39 -26.39
N LYS EA 14 5.02 -11.91 -27.60
CA LYS EA 14 5.21 -10.52 -27.96
C LYS EA 14 3.97 -10.06 -28.70
N HIS EA 15 3.92 -8.76 -29.00
CA HIS EA 15 2.80 -8.17 -29.71
C HIS EA 15 3.32 -7.35 -30.88
N MET EA 16 2.46 -7.18 -31.89
CA MET EA 16 2.87 -6.51 -33.12
C MET EA 16 3.21 -5.05 -32.87
N THR EA 17 2.43 -4.36 -32.04
CA THR EA 17 2.66 -2.94 -31.81
C THR EA 17 4.00 -2.69 -31.15
N LEU EA 18 4.22 -3.29 -29.98
CA LEU EA 18 5.47 -3.08 -29.26
C LEU EA 18 6.67 -3.56 -30.07
N ASN EA 19 6.70 -4.86 -30.36
CA ASN EA 19 7.84 -5.47 -31.02
C ASN EA 19 7.43 -6.00 -32.39
N PRO EA 20 7.19 -5.13 -33.37
CA PRO EA 20 6.86 -5.62 -34.72
C PRO EA 20 8.03 -6.43 -35.29
N THR EA 21 7.70 -7.49 -36.00
CA THR EA 21 8.69 -8.40 -36.56
C THR EA 21 8.29 -8.81 -37.97
N LEU EA 22 9.26 -9.33 -38.71
CA LEU EA 22 9.01 -9.93 -40.01
C LEU EA 22 8.56 -11.38 -39.82
N TYR EA 23 7.96 -11.94 -40.86
CA TYR EA 23 7.46 -13.30 -40.80
C TYR EA 23 8.62 -14.26 -41.04
N LEU EA 24 9.25 -14.71 -39.95
CA LEU EA 24 10.33 -15.69 -39.99
C LEU EA 24 9.72 -17.05 -39.69
N TYR EA 25 9.52 -17.86 -40.72
CA TYR EA 25 8.86 -19.14 -40.55
C TYR EA 25 9.65 -20.04 -39.61
N ARG EA 26 10.95 -20.17 -39.85
CA ARG EA 26 11.78 -21.07 -39.04
C ARG EA 26 13.24 -20.68 -39.25
N PHE EA 27 13.92 -20.37 -38.16
CA PHE EA 27 15.31 -19.91 -38.20
C PHE EA 27 16.08 -20.60 -37.09
N PRO EA 28 17.40 -20.69 -37.22
CA PRO EA 28 18.20 -21.32 -36.17
C PRO EA 28 18.02 -20.63 -34.83
N GLY EA 29 18.54 -21.27 -33.79
CA GLY EA 29 18.46 -20.75 -32.45
C GLY EA 29 19.80 -20.32 -31.92
N PRO EA 30 19.85 -19.95 -30.64
CA PRO EA 30 21.13 -19.47 -30.07
C PRO EA 30 22.23 -20.52 -30.09
N HIS EA 31 21.87 -21.80 -30.17
CA HIS EA 31 22.84 -22.88 -30.06
C HIS EA 31 23.24 -23.48 -31.40
N GLY EA 32 22.92 -22.82 -32.51
CA GLY EA 32 23.31 -23.27 -33.81
C GLY EA 32 22.17 -23.89 -34.59
N PRO EA 33 22.35 -24.09 -35.88
CA PRO EA 33 21.27 -24.68 -36.69
C PRO EA 33 20.88 -26.06 -36.18
N GLY EA 34 19.58 -26.33 -36.24
CA GLY EA 34 19.06 -27.61 -35.82
C GLY EA 34 18.87 -28.56 -36.99
N PRO EA 35 18.43 -29.79 -36.69
CA PRO EA 35 18.20 -30.74 -37.78
C PRO EA 35 17.16 -30.28 -38.78
N TYR EA 36 16.14 -29.55 -38.33
CA TYR EA 36 15.08 -29.11 -39.24
C TYR EA 36 15.59 -28.03 -40.18
N THR EA 37 16.28 -27.03 -39.62
CA THR EA 37 16.87 -25.99 -40.46
C THR EA 37 17.94 -26.56 -41.38
N MET EA 38 18.66 -27.59 -40.94
CA MET EA 38 19.67 -28.20 -41.81
C MET EA 38 19.03 -29.01 -42.92
N LYS EA 39 17.90 -29.66 -42.63
CA LYS EA 39 17.14 -30.32 -43.69
C LYS EA 39 16.69 -29.31 -44.72
N TYR EA 40 16.18 -28.17 -44.28
CA TYR EA 40 15.85 -27.09 -45.21
C TYR EA 40 17.08 -26.65 -46.00
N TRP EA 41 18.22 -26.55 -45.32
CA TRP EA 41 19.45 -26.12 -45.97
C TRP EA 41 19.83 -27.07 -47.10
N TRP EA 42 19.74 -28.38 -46.85
CA TRP EA 42 20.17 -29.34 -47.85
C TRP EA 42 19.14 -29.49 -48.97
N THR EA 43 17.84 -29.36 -48.66
CA THR EA 43 16.83 -29.54 -49.69
C THR EA 43 16.62 -28.27 -50.51
N LEU EA 44 16.19 -27.18 -49.86
CA LEU EA 44 15.90 -25.95 -50.58
C LEU EA 44 17.16 -25.16 -50.93
N GLY EA 45 18.30 -25.47 -50.29
CA GLY EA 45 19.53 -24.75 -50.52
C GLY EA 45 19.74 -23.57 -49.61
N CYS EA 46 18.74 -23.17 -48.84
CA CYS EA 46 18.86 -22.08 -47.89
C CYS EA 46 17.81 -22.25 -46.81
N PHE EA 47 17.97 -21.51 -45.72
CA PHE EA 47 17.02 -21.62 -44.62
C PHE EA 47 15.65 -21.13 -45.08
N PRO EA 48 14.57 -21.68 -44.51
CA PRO EA 48 13.23 -21.39 -45.04
C PRO EA 48 12.86 -19.92 -44.99
N THR EA 49 13.43 -19.15 -44.05
CA THR EA 49 13.09 -17.74 -43.97
C THR EA 49 13.48 -17.00 -45.23
N GLY EA 50 14.65 -17.31 -45.79
CA GLY EA 50 15.17 -16.66 -46.96
C GLY EA 50 16.02 -15.44 -46.67
N MET EA 51 15.93 -14.90 -45.45
CA MET EA 51 16.74 -13.74 -45.10
C MET EA 51 18.19 -14.12 -44.88
N GLU EA 52 18.46 -15.39 -44.60
CA GLU EA 52 19.84 -15.84 -44.44
C GLU EA 52 20.53 -15.90 -45.80
N VAL EA 53 21.85 -15.73 -45.76
CA VAL EA 53 22.68 -15.73 -46.96
C VAL EA 53 23.37 -17.09 -47.04
N PRO EA 54 23.12 -17.89 -48.08
CA PRO EA 54 23.77 -19.20 -48.14
C PRO EA 54 25.29 -19.05 -48.16
N PHE EA 55 25.96 -19.94 -47.43
CA PHE EA 55 27.41 -19.87 -47.25
C PHE EA 55 27.91 -21.31 -47.07
N ARG EA 56 28.31 -21.93 -48.18
CA ARG EA 56 28.82 -23.28 -48.19
C ARG EA 56 30.26 -23.31 -48.70
N LEU EA 57 31.04 -22.30 -48.30
CA LEU EA 57 32.44 -22.26 -48.70
C LEU EA 57 33.20 -23.46 -48.15
N HIS EA 58 32.92 -23.84 -46.91
CA HIS EA 58 33.59 -24.99 -46.31
C HIS EA 58 33.24 -26.27 -47.05
N GLU EA 59 31.97 -26.44 -47.43
CA GLU EA 59 31.57 -27.61 -48.19
C GLU EA 59 32.27 -27.64 -49.55
N PHE EA 60 32.35 -26.48 -50.22
CA PHE EA 60 33.06 -26.41 -51.50
C PHE EA 60 34.52 -26.81 -51.32
N LEU EA 61 35.18 -26.26 -50.30
CA LEU EA 61 36.57 -26.63 -50.05
C LEU EA 61 36.70 -28.13 -49.79
N SER EA 62 35.77 -28.70 -49.03
CA SER EA 62 35.86 -30.11 -48.70
C SER EA 62 35.72 -30.99 -49.94
N THR EA 63 34.80 -30.66 -50.85
CA THR EA 63 34.49 -31.55 -51.96
C THR EA 63 35.18 -31.16 -53.27
N TYR EA 64 34.90 -29.97 -53.79
CA TYR EA 64 35.32 -29.66 -55.16
C TYR EA 64 36.82 -29.37 -55.23
N GLN EA 65 37.34 -28.56 -54.31
CA GLN EA 65 38.77 -28.30 -54.30
C GLN EA 65 39.56 -29.58 -54.08
N GLN EA 66 39.08 -30.44 -53.18
CA GLN EA 66 39.76 -31.70 -52.92
C GLN EA 66 39.75 -32.63 -54.12
N GLU EA 67 38.62 -32.73 -54.83
CA GLU EA 67 38.54 -33.65 -55.96
C GLU EA 67 39.10 -33.06 -57.25
N HIS EA 68 39.41 -31.77 -57.27
CA HIS EA 68 39.99 -31.18 -58.47
C HIS EA 68 41.43 -31.62 -58.65
N VAL EA 69 41.76 -32.03 -59.87
CA VAL EA 69 43.13 -32.43 -60.22
C VAL EA 69 43.36 -32.10 -61.69
N PRO EA 70 44.46 -31.44 -62.05
CA PRO EA 70 44.69 -31.14 -63.47
C PRO EA 70 44.92 -32.41 -64.28
N VAL EA 71 44.79 -32.26 -65.60
CA VAL EA 71 44.84 -33.40 -66.50
C VAL EA 71 46.17 -34.12 -66.40
N GLU EA 72 47.28 -33.37 -66.40
CA GLU EA 72 48.59 -33.99 -66.39
C GLU EA 72 48.84 -34.77 -65.11
N VAL EA 73 48.47 -34.18 -63.97
CA VAL EA 73 48.63 -34.88 -62.70
C VAL EA 73 47.76 -36.13 -62.67
N GLU EA 74 46.51 -36.02 -63.13
CA GLU EA 74 45.64 -37.19 -63.17
C GLU EA 74 46.22 -38.28 -64.06
N GLU EA 75 46.91 -37.89 -65.14
CA GLU EA 75 47.47 -38.87 -66.07
C GLU EA 75 48.71 -39.54 -65.50
N TRP EA 76 49.53 -38.80 -64.75
CA TRP EA 76 50.78 -39.34 -64.24
C TRP EA 76 50.63 -40.04 -62.90
N LEU EA 77 49.56 -39.78 -62.14
CA LEU EA 77 49.38 -40.46 -60.87
C LEU EA 77 49.25 -41.96 -61.06
N ARG EA 78 48.49 -42.39 -62.07
CA ARG EA 78 48.33 -43.82 -62.32
C ARG EA 78 49.68 -44.47 -62.62
N CYS EA 79 50.53 -43.80 -63.38
CA CYS EA 79 51.84 -44.35 -63.69
C CYS EA 79 52.75 -44.35 -62.46
N TYR EA 80 52.55 -43.41 -61.54
CA TYR EA 80 53.38 -43.34 -60.34
C TYR EA 80 52.75 -44.07 -59.15
N ILE EA 81 51.67 -44.82 -59.37
CA ILE EA 81 51.15 -45.67 -58.30
C ILE EA 81 52.26 -46.57 -57.76
N LYS EA 82 52.14 -46.95 -56.49
CA LYS EA 82 53.16 -47.75 -55.82
C LYS EA 82 53.27 -49.12 -56.49
N ASP EA 83 54.25 -49.90 -56.02
CA ASP EA 83 54.51 -51.23 -56.57
C ASP EA 83 53.63 -52.25 -55.86
N PRO EA 84 52.70 -52.92 -56.56
CA PRO EA 84 51.79 -53.84 -55.86
C PRO EA 84 52.50 -54.96 -55.13
N LEU EA 85 53.53 -55.56 -55.74
CA LEU EA 85 54.18 -56.71 -55.12
C LEU EA 85 54.88 -56.30 -53.82
N SER EA 86 55.67 -55.23 -53.87
CA SER EA 86 56.36 -54.77 -52.67
C SER EA 86 55.36 -54.34 -51.60
N GLU EA 87 54.30 -53.64 -52.00
CA GLU EA 87 53.30 -53.21 -51.03
C GLU EA 87 52.64 -54.40 -50.36
N LEU EA 88 52.30 -55.43 -51.14
CA LEU EA 88 51.72 -56.64 -50.58
C LEU EA 88 52.68 -57.33 -49.62
N VAL EA 89 53.96 -57.39 -49.99
CA VAL EA 89 54.95 -58.02 -49.12
C VAL EA 89 55.04 -57.27 -47.79
N ASN EA 90 55.10 -55.94 -47.85
CA ASN EA 90 55.16 -55.15 -46.62
C ASN EA 90 53.90 -55.33 -45.79
N ALA EA 91 52.73 -55.36 -46.43
CA ALA EA 91 51.48 -55.57 -45.71
C ALA EA 91 51.49 -56.91 -44.99
N SER EA 92 51.93 -57.97 -45.69
CA SER EA 92 51.98 -59.28 -45.07
C SER EA 92 52.97 -59.29 -43.92
N ASN EA 93 54.12 -58.66 -44.08
CA ASN EA 93 55.11 -58.62 -43.02
C ASN EA 93 54.55 -57.96 -41.77
N ASP EA 94 53.97 -56.77 -41.92
CA ASP EA 94 53.46 -56.06 -40.74
C ASP EA 94 52.27 -56.78 -40.13
N PHE EA 95 51.41 -57.38 -40.96
CA PHE EA 95 50.28 -58.14 -40.43
C PHE EA 95 50.76 -59.32 -39.61
N PHE EA 96 51.75 -60.05 -40.12
CA PHE EA 96 52.28 -61.19 -39.37
C PHE EA 96 52.92 -60.73 -38.07
N LYS EA 97 53.67 -59.62 -38.11
CA LYS EA 97 54.29 -59.12 -36.89
C LYS EA 97 53.23 -58.76 -35.86
N ALA EA 98 52.17 -58.07 -36.29
CA ALA EA 98 51.12 -57.67 -35.36
C ALA EA 98 50.43 -58.89 -34.78
N VAL EA 99 50.12 -59.88 -35.60
CA VAL EA 99 49.46 -61.09 -35.10
C VAL EA 99 50.36 -61.82 -34.12
N GLU EA 100 51.65 -61.92 -34.43
CA GLU EA 100 52.57 -62.61 -33.53
C GLU EA 100 52.67 -61.90 -32.19
N VAL EA 101 52.75 -60.57 -32.21
CA VAL EA 101 52.87 -59.81 -30.96
C VAL EA 101 51.54 -59.66 -30.25
N TYR EA 102 50.43 -60.06 -30.87
CA TYR EA 102 49.15 -60.03 -30.19
C TYR EA 102 49.21 -60.88 -28.92
N PRO EA 103 48.84 -60.34 -27.76
CA PRO EA 103 48.99 -61.10 -26.52
C PRO EA 103 48.05 -62.29 -26.46
N GLU EA 104 48.46 -63.31 -25.72
CA GLU EA 104 47.64 -64.49 -25.52
C GLU EA 104 46.68 -64.27 -24.36
N VAL EA 105 45.48 -64.87 -24.49
CA VAL EA 105 44.45 -64.70 -23.47
C VAL EA 105 44.82 -65.50 -22.23
N GLU EA 106 44.62 -64.88 -21.06
CA GLU EA 106 44.86 -65.56 -19.79
C GLU EA 106 43.67 -66.45 -19.46
N SER EA 107 43.92 -67.74 -19.26
CA SER EA 107 42.85 -68.68 -18.96
C SER EA 107 42.45 -68.61 -17.49
N ALA EA 108 41.59 -67.65 -17.15
CA ALA EA 108 41.16 -67.48 -15.77
C ALA EA 108 40.21 -68.61 -15.36
N ARG EA 109 40.16 -68.86 -14.05
CA ARG EA 109 39.33 -69.90 -13.47
C ARG EA 109 38.19 -69.23 -12.72
N GLY EA 110 36.96 -69.67 -12.99
CA GLY EA 110 35.77 -69.13 -12.36
C GLY EA 110 34.98 -68.17 -13.22
N TYR EA 111 35.58 -67.63 -14.27
CA TYR EA 111 34.88 -66.73 -15.19
C TYR EA 111 35.69 -66.66 -16.48
N LYS EA 112 35.15 -65.98 -17.48
CA LYS EA 112 35.77 -65.87 -18.80
C LYS EA 112 36.49 -64.54 -18.90
N THR EA 113 37.80 -64.59 -19.10
CA THR EA 113 38.58 -63.36 -19.24
C THR EA 113 38.23 -62.67 -20.55
N LEU EA 114 38.10 -61.35 -20.51
CA LEU EA 114 37.81 -60.60 -21.72
C LEU EA 114 38.99 -60.67 -22.68
N GLN EA 115 38.70 -61.00 -23.93
CA GLN EA 115 39.74 -61.08 -24.94
C GLN EA 115 40.25 -59.66 -25.23
N PRO EA 116 41.57 -59.44 -25.24
CA PRO EA 116 42.06 -58.08 -25.47
C PRO EA 116 41.62 -57.56 -26.84
N SER EA 117 41.24 -56.29 -26.88
CA SER EA 117 40.79 -55.67 -28.11
C SER EA 117 41.93 -55.64 -29.13
N ILE EA 118 41.56 -55.77 -30.40
CA ILE EA 118 42.52 -55.79 -31.49
C ILE EA 118 42.51 -54.39 -32.10
N ALA EA 119 43.36 -53.51 -31.58
CA ALA EA 119 43.52 -52.17 -32.12
C ALA EA 119 44.54 -52.18 -33.25
N PRO EA 120 45.74 -52.74 -33.03
CA PRO EA 120 46.80 -52.61 -34.05
C PRO EA 120 46.64 -53.56 -35.21
N LEU EA 121 45.74 -54.54 -35.14
CA LEU EA 121 45.59 -55.50 -36.23
C LEU EA 121 44.71 -54.98 -37.35
N LEU EA 122 43.92 -53.95 -37.11
CA LEU EA 122 42.97 -53.49 -38.13
C LEU EA 122 43.69 -52.91 -39.34
N VAL EA 123 44.62 -51.99 -39.12
CA VAL EA 123 45.33 -51.36 -40.24
C VAL EA 123 46.11 -52.38 -41.05
N PRO EA 124 46.92 -53.26 -40.46
CA PRO EA 124 47.52 -54.35 -41.25
C PRO EA 124 46.46 -55.18 -41.96
N MET EA 125 45.36 -55.48 -41.27
CA MET EA 125 44.28 -56.22 -41.92
C MET EA 125 43.70 -55.44 -43.08
N LYS EA 126 43.51 -54.13 -42.91
CA LYS EA 126 42.94 -53.32 -43.99
C LYS EA 126 43.84 -53.34 -45.22
N LYS EA 127 45.14 -53.14 -45.01
CA LYS EA 127 46.05 -53.12 -46.15
C LYS EA 127 46.15 -54.50 -46.80
N PHE EA 128 46.17 -55.56 -46.00
CA PHE EA 128 46.22 -56.91 -46.56
C PHE EA 128 44.98 -57.19 -47.40
N GLU EA 129 43.81 -56.80 -46.89
CA GLU EA 129 42.57 -56.97 -47.64
C GLU EA 129 42.61 -56.19 -48.94
N GLU EA 130 43.09 -54.94 -48.88
CA GLU EA 130 43.18 -54.13 -50.09
C GLU EA 130 44.08 -54.79 -51.12
N GLN EA 131 45.24 -55.29 -50.67
CA GLN EA 131 46.19 -55.88 -51.61
C GLN EA 131 45.66 -57.16 -52.23
N LEU EA 132 45.05 -58.02 -51.42
CA LEU EA 132 44.63 -59.34 -51.90
C LEU EA 132 43.20 -59.34 -52.47
N GLY EA 133 42.50 -58.22 -52.44
CA GLY EA 133 41.13 -58.21 -52.92
C GLY EA 133 40.20 -59.08 -52.10
N VAL EA 134 40.58 -59.39 -50.86
CA VAL EA 134 39.76 -60.24 -49.99
C VAL EA 134 39.30 -59.39 -48.81
N LYS EA 135 38.30 -59.87 -48.09
CA LYS EA 135 37.78 -59.16 -46.92
C LYS EA 135 37.79 -60.09 -45.73
N ILE EA 136 38.61 -59.78 -44.73
CA ILE EA 136 38.75 -60.57 -43.52
C ILE EA 136 37.83 -59.99 -42.45
N SER EA 137 37.20 -60.89 -41.69
CA SER EA 137 36.26 -60.50 -40.66
C SER EA 137 37.01 -60.19 -39.37
N PRO EA 138 36.88 -58.99 -38.80
CA PRO EA 138 37.55 -58.74 -37.51
C PRO EA 138 37.09 -59.67 -36.41
N VAL EA 139 35.81 -60.04 -36.39
CA VAL EA 139 35.33 -61.00 -35.40
C VAL EA 139 36.01 -62.34 -35.60
N GLY EA 140 36.13 -62.78 -36.85
CA GLY EA 140 36.84 -64.02 -37.12
C GLY EA 140 38.28 -63.99 -36.66
N LEU EA 141 38.98 -62.88 -36.94
CA LEU EA 141 40.36 -62.78 -36.49
C LEU EA 141 40.44 -62.80 -34.97
N ARG EA 142 39.51 -62.11 -34.31
CA ARG EA 142 39.52 -62.08 -32.85
C ARG EA 142 39.34 -63.49 -32.29
N SER EA 143 38.39 -64.25 -32.84
CA SER EA 143 38.17 -65.61 -32.35
C SER EA 143 39.37 -66.50 -32.64
N VAL EA 144 39.97 -66.37 -33.83
CA VAL EA 144 41.12 -67.20 -34.18
C VAL EA 144 42.27 -66.92 -33.23
N LEU EA 145 42.54 -65.64 -32.95
CA LEU EA 145 43.62 -65.30 -32.04
C LEU EA 145 43.33 -65.75 -30.62
N SER EA 146 42.06 -65.65 -30.18
CA SER EA 146 41.72 -66.12 -28.85
C SER EA 146 41.91 -67.62 -28.70
N ASN EA 147 41.51 -68.40 -29.70
CA ASN EA 147 41.72 -69.84 -29.62
C ASN EA 147 43.20 -70.16 -29.84
N PRO EA 148 43.79 -71.06 -29.01
CA PRO EA 148 45.22 -71.32 -29.15
C PRO EA 148 45.58 -72.16 -30.37
N VAL EA 149 44.82 -73.20 -30.64
CA VAL EA 149 45.11 -74.07 -31.78
C VAL EA 149 44.88 -73.33 -33.08
N LEU EA 150 43.74 -72.64 -33.20
CA LEU EA 150 43.48 -71.84 -34.39
C LEU EA 150 44.52 -70.75 -34.58
N LYS EA 151 45.02 -70.19 -33.48
CA LYS EA 151 46.07 -69.18 -33.60
C LYS EA 151 47.31 -69.74 -34.28
N ASP EA 152 47.72 -70.95 -33.89
CA ASP EA 152 48.88 -71.56 -34.52
C ASP EA 152 48.59 -71.94 -35.96
N ARG EA 153 47.42 -72.51 -36.23
CA ARG EA 153 47.08 -72.90 -37.60
C ARG EA 153 46.89 -71.70 -38.51
N PHE EA 154 46.71 -70.50 -37.93
CA PHE EA 154 46.69 -69.27 -38.71
C PHE EA 154 48.08 -68.68 -38.89
N LEU EA 155 48.89 -68.67 -37.83
CA LEU EA 155 50.23 -68.13 -37.92
C LEU EA 155 51.09 -68.92 -38.89
N ASP EA 156 51.02 -70.25 -38.84
CA ASP EA 156 51.83 -71.05 -39.75
C ASP EA 156 51.44 -70.81 -41.20
N ASP EA 157 50.13 -70.72 -41.47
CA ASP EA 157 49.68 -70.45 -42.82
C ASP EA 157 50.13 -69.08 -43.29
N LEU EA 158 50.04 -68.07 -42.42
CA LEU EA 158 50.48 -66.73 -42.80
C LEU EA 158 51.97 -66.69 -43.08
N PHE EA 159 52.76 -67.39 -42.26
CA PHE EA 159 54.21 -67.44 -42.48
C PHE EA 159 54.53 -68.14 -43.80
N ASP EA 160 53.83 -69.23 -44.10
CA ASP EA 160 54.05 -69.90 -45.38
C ASP EA 160 53.68 -68.98 -46.54
N TYR EA 161 52.57 -68.26 -46.41
CA TYR EA 161 52.17 -67.32 -47.46
C TYR EA 161 53.26 -66.26 -47.66
N LYS EA 162 53.78 -65.72 -46.56
CA LYS EA 162 54.84 -64.71 -46.67
C LYS EA 162 56.06 -65.29 -47.36
N SER EA 163 56.48 -66.49 -46.97
CA SER EA 163 57.67 -67.09 -47.57
C SER EA 163 57.48 -67.31 -49.06
N TYR EA 164 56.34 -67.87 -49.45
CA TYR EA 164 56.10 -68.15 -50.87
C TYR EA 164 55.95 -66.87 -51.69
N VAL EA 165 55.40 -65.81 -51.11
CA VAL EA 165 55.32 -64.54 -51.84
C VAL EA 165 56.70 -63.93 -51.99
N GLU EA 166 57.50 -63.95 -50.91
CA GLU EA 166 58.85 -63.40 -50.99
C GLU EA 166 59.72 -64.18 -51.97
N LYS EA 167 59.43 -65.47 -52.14
CA LYS EA 167 60.17 -66.27 -53.11
C LYS EA 167 59.85 -65.90 -54.55
N GLY EA 168 59.04 -64.88 -54.79
CA GLY EA 168 58.75 -64.41 -56.13
C GLY EA 168 57.44 -64.90 -56.71
N GLY EA 169 56.59 -65.55 -55.91
CA GLY EA 169 55.34 -66.08 -56.43
C GLY EA 169 54.14 -65.26 -56.04
N SER EA 170 53.44 -64.70 -57.04
CA SER EA 170 52.17 -64.00 -56.86
C SER EA 170 51.18 -64.64 -57.83
N THR EA 171 50.56 -65.73 -57.39
CA THR EA 171 49.69 -66.50 -58.28
C THR EA 171 48.52 -65.69 -58.80
N PRO EA 172 47.77 -64.95 -57.97
CA PRO EA 172 46.64 -64.18 -58.52
C PRO EA 172 47.06 -63.16 -59.55
N HIS EA 173 48.13 -62.40 -59.27
CA HIS EA 173 48.59 -61.39 -60.22
C HIS EA 173 49.06 -62.04 -61.51
N ARG EA 174 49.80 -63.15 -61.41
CA ARG EA 174 50.28 -63.82 -62.63
C ARG EA 174 49.11 -64.36 -63.45
N ARG EA 175 48.10 -64.94 -62.78
CA ARG EA 175 46.94 -65.44 -63.49
C ARG EA 175 46.20 -64.30 -64.18
N LEU EA 176 46.03 -63.18 -63.50
CA LEU EA 176 45.34 -62.04 -64.11
C LEU EA 176 46.11 -61.52 -65.31
N ALA EA 177 47.44 -61.40 -65.19
CA ALA EA 177 48.24 -60.92 -66.30
C ALA EA 177 48.16 -61.87 -67.49
N ARG EA 178 48.23 -63.18 -67.23
CA ARG EA 178 48.15 -64.14 -68.32
C ARG EA 178 46.77 -64.08 -68.99
N SER EA 179 45.71 -63.95 -68.20
CA SER EA 179 44.37 -63.83 -68.77
C SER EA 179 44.26 -62.59 -69.65
N ARG EA 180 44.82 -61.48 -69.20
CA ARG EA 180 44.83 -60.26 -69.99
C ARG EA 180 45.55 -60.47 -71.31
N ALA EA 218 44.38 -71.80 -66.04
CA ALA EA 218 44.97 -72.82 -66.90
C ALA EA 218 45.72 -73.86 -66.08
N GLU EA 219 46.71 -73.40 -65.31
CA GLU EA 219 47.50 -74.29 -64.48
C GLU EA 219 46.72 -74.62 -63.21
N THR EA 220 47.37 -75.31 -62.27
CA THR EA 220 46.76 -75.72 -61.02
C THR EA 220 47.12 -74.73 -59.91
N THR EA 221 46.58 -74.98 -58.72
CA THR EA 221 46.86 -74.15 -57.56
C THR EA 221 48.32 -74.29 -57.15
N ALA EA 222 48.91 -73.15 -56.76
CA ALA EA 222 50.30 -73.11 -56.31
C ALA EA 222 50.35 -73.12 -54.78
N ASP EA 223 51.58 -73.19 -54.26
CA ASP EA 223 51.75 -73.23 -52.81
C ASP EA 223 51.24 -71.95 -52.16
N ASP EA 224 51.55 -70.80 -52.76
CA ASP EA 224 51.10 -69.53 -52.20
C ASP EA 224 49.58 -69.45 -52.16
N GLU EA 225 48.93 -69.82 -53.26
CA GLU EA 225 47.47 -69.78 -53.32
C GLU EA 225 46.86 -70.76 -52.33
N ARG EA 226 47.46 -71.96 -52.20
CA ARG EA 226 46.97 -72.93 -51.23
C ARG EA 226 47.08 -72.40 -49.81
N SER EA 227 48.21 -71.76 -49.49
CA SER EA 227 48.37 -71.18 -48.16
C SER EA 227 47.34 -70.09 -47.91
N LEU EA 228 47.08 -69.25 -48.91
CA LEU EA 228 46.06 -68.21 -48.77
C LEU EA 228 44.69 -68.83 -48.51
N ILE EA 229 44.37 -69.89 -49.26
CA ILE EA 229 43.08 -70.56 -49.07
C ILE EA 229 42.98 -71.14 -47.67
N LEU EA 230 44.05 -71.75 -47.19
CA LEU EA 230 44.04 -72.32 -45.85
C LEU EA 230 43.86 -71.24 -44.80
N LEU EA 231 44.52 -70.09 -44.98
CA LEU EA 231 44.37 -68.98 -44.05
C LEU EA 231 42.91 -68.50 -44.03
N LEU EA 232 42.31 -68.35 -45.20
CA LEU EA 232 40.92 -67.91 -45.26
C LEU EA 232 39.99 -68.93 -44.64
N THR EA 233 40.28 -70.22 -44.83
CA THR EA 233 39.46 -71.25 -44.20
C THR EA 233 39.57 -71.20 -42.68
N THR EA 234 40.78 -70.94 -42.17
CA THR EA 234 40.94 -70.78 -40.72
C THR EA 234 40.15 -69.58 -40.22
N ILE EA 235 40.19 -68.46 -40.94
CA ILE EA 235 39.42 -67.30 -40.54
C ILE EA 235 37.93 -67.62 -40.55
N SER EA 236 37.47 -68.37 -41.55
CA SER EA 236 36.06 -68.75 -41.61
C SER EA 236 35.69 -69.66 -40.44
N GLU EA 237 36.59 -70.57 -40.06
CA GLU EA 237 36.32 -71.42 -38.90
C GLU EA 237 36.21 -70.59 -37.64
N GLY EA 238 37.08 -69.59 -37.48
CA GLY EA 238 36.95 -68.68 -36.36
C GLY EA 238 35.64 -67.93 -36.38
N CYS EA 239 35.20 -67.49 -37.57
CA CYS EA 239 33.92 -66.81 -37.68
C CYS EA 239 32.77 -67.72 -37.27
N ILE EA 240 32.82 -68.98 -37.69
CA ILE EA 240 31.77 -69.93 -37.31
C ILE EA 240 31.76 -70.14 -35.80
N ASN EA 241 32.94 -70.28 -35.20
CA ASN EA 241 33.01 -70.42 -33.75
C ASN EA 241 32.42 -69.20 -33.05
N ALA EA 242 32.72 -68.00 -33.54
CA ALA EA 242 32.16 -66.78 -32.97
C ALA EA 242 30.65 -66.76 -33.10
N GLY EA 243 30.13 -67.13 -34.27
CA GLY EA 243 28.71 -67.08 -34.55
C GLY EA 243 28.37 -66.21 -35.74
N ASN EA 244 29.40 -65.67 -36.41
CA ASN EA 244 29.20 -64.78 -37.54
C ASN EA 244 29.23 -65.59 -38.85
N TYR EA 245 28.11 -66.27 -39.09
CA TYR EA 245 28.02 -67.18 -40.21
C TYR EA 245 28.07 -66.44 -41.55
N SER EA 246 27.51 -65.23 -41.62
CA SER EA 246 27.59 -64.46 -42.85
C SER EA 246 29.03 -64.12 -43.19
N ASP EA 247 29.80 -63.68 -42.19
CA ASP EA 247 31.21 -63.40 -42.42
C ASP EA 247 31.97 -64.67 -42.82
N ALA EA 248 31.66 -65.79 -42.17
CA ALA EA 248 32.30 -67.05 -42.54
C ALA EA 248 32.02 -67.38 -43.99
N ALA EA 249 30.76 -67.23 -44.42
CA ALA EA 249 30.39 -67.54 -45.79
C ALA EA 249 31.11 -66.62 -46.77
N SER EA 250 31.21 -65.33 -46.44
CA SER EA 250 31.90 -64.40 -47.35
C SER EA 250 33.38 -64.74 -47.47
N VAL EA 251 34.02 -65.05 -46.34
CA VAL EA 251 35.44 -65.41 -46.37
C VAL EA 251 35.65 -66.67 -47.19
N LEU EA 252 34.79 -67.67 -47.00
CA LEU EA 252 34.91 -68.90 -47.78
C LEU EA 252 34.64 -68.66 -49.25
N ALA EA 253 33.73 -67.76 -49.59
CA ALA EA 253 33.49 -67.43 -50.99
C ALA EA 253 34.73 -66.79 -51.61
N ASP EA 254 35.39 -65.89 -50.88
CA ASP EA 254 36.63 -65.32 -51.38
C ASP EA 254 37.70 -66.40 -51.56
N ALA EA 255 37.79 -67.32 -50.62
CA ALA EA 255 38.75 -68.42 -50.75
C ALA EA 255 38.44 -69.26 -51.99
N LEU EA 256 37.16 -69.52 -52.24
CA LEU EA 256 36.77 -70.27 -53.44
C LEU EA 256 37.18 -69.50 -54.70
N MET EA 257 36.95 -68.20 -54.70
CA MET EA 257 37.37 -67.38 -55.83
C MET EA 257 38.86 -67.54 -56.08
N PHE EA 258 39.66 -67.51 -55.00
CA PHE EA 258 41.11 -67.65 -55.17
C PHE EA 258 41.47 -69.04 -55.70
N CYS EA 259 40.85 -70.09 -55.17
CA CYS EA 259 41.28 -71.44 -55.47
C CYS EA 259 40.96 -71.83 -56.91
N HIS EA 260 41.76 -72.76 -57.45
CA HIS EA 260 41.51 -73.30 -58.78
C HIS EA 260 41.65 -74.82 -58.84
N ASP EA 261 42.23 -75.47 -57.83
CA ASP EA 261 42.38 -76.92 -57.82
C ASP EA 261 41.02 -77.59 -57.63
N PRO EA 262 40.79 -78.75 -58.25
CA PRO EA 262 39.50 -79.43 -58.01
C PRO EA 262 39.28 -79.82 -56.56
N ASP EA 263 40.31 -80.33 -55.88
CA ASP EA 263 40.14 -80.72 -54.48
C ASP EA 263 39.86 -79.50 -53.61
N SER EA 264 40.61 -78.41 -53.83
CA SER EA 264 40.36 -77.18 -53.08
C SER EA 264 38.96 -76.66 -53.36
N GLN EA 265 38.52 -76.72 -54.61
CA GLN EA 265 37.17 -76.27 -54.94
C GLN EA 265 36.13 -77.10 -54.21
N ALA EA 266 36.30 -78.42 -54.17
CA ALA EA 266 35.35 -79.28 -53.48
C ALA EA 266 35.30 -78.95 -51.99
N THR EA 267 36.48 -78.85 -51.36
CA THR EA 267 36.52 -78.56 -49.94
C THR EA 267 35.89 -77.20 -49.63
N THR EA 268 36.22 -76.19 -50.44
CA THR EA 268 35.68 -74.85 -50.20
C THR EA 268 34.18 -74.82 -50.44
N HIS EA 269 33.69 -75.56 -51.43
CA HIS EA 269 32.25 -75.63 -51.66
C HIS EA 269 31.54 -76.29 -50.48
N ALA EA 270 32.13 -77.36 -49.93
CA ALA EA 270 31.55 -77.97 -48.74
C ALA EA 270 31.51 -77.00 -47.58
N ASN EA 271 32.62 -76.28 -47.36
CA ASN EA 271 32.66 -75.31 -46.27
C ASN EA 271 31.63 -74.21 -46.47
N ILE EA 272 31.49 -73.71 -47.70
CA ILE EA 272 30.53 -72.66 -47.98
C ILE EA 272 29.11 -73.18 -47.78
N SER EA 273 28.86 -74.43 -48.15
CA SER EA 273 27.54 -75.00 -47.94
C SER EA 273 27.20 -75.08 -46.46
N PHE EA 274 28.15 -75.54 -45.64
CA PHE EA 274 27.90 -75.58 -44.20
C PHE EA 274 27.69 -74.18 -43.64
N ALA EA 275 28.51 -73.22 -44.08
CA ALA EA 275 28.36 -71.85 -43.58
C ALA EA 275 27.00 -71.27 -43.96
N SER EA 276 26.56 -71.51 -45.20
CA SER EA 276 25.26 -71.01 -45.62
C SER EA 276 24.13 -71.69 -44.88
N LEU EA 277 24.27 -72.99 -44.59
CA LEU EA 277 23.27 -73.68 -43.79
C LEU EA 277 23.16 -73.04 -42.41
N LEU EA 278 24.29 -72.75 -41.79
CA LEU EA 278 24.26 -72.12 -40.48
C LEU EA 278 23.74 -70.69 -40.57
N ASN EA 279 23.98 -70.02 -41.69
CA ASN EA 279 23.56 -68.64 -41.90
C ASN EA 279 22.13 -68.53 -42.43
N ALA EA 280 21.46 -69.66 -42.67
CA ALA EA 280 20.09 -69.67 -43.19
C ALA EA 280 20.04 -69.11 -44.61
N ASP EA 281 20.91 -69.67 -45.46
CA ASP EA 281 20.91 -69.38 -46.90
C ASP EA 281 20.79 -70.74 -47.60
N PHE EA 282 19.56 -71.21 -47.72
CA PHE EA 282 19.33 -72.58 -48.19
C PHE EA 282 19.66 -72.71 -49.66
N LYS EA 283 19.31 -71.72 -50.47
CA LYS EA 283 19.62 -71.79 -51.90
C LYS EA 283 21.12 -71.86 -52.13
N GLY EA 284 21.88 -71.00 -51.44
CA GLY EA 284 23.33 -71.06 -51.56
C GLY EA 284 23.91 -72.36 -51.07
N ALA EA 285 23.41 -72.86 -49.93
CA ALA EA 285 23.90 -74.13 -49.41
C ALA EA 285 23.66 -75.25 -50.42
N GLU EA 286 22.45 -75.30 -50.98
CA GLU EA 286 22.12 -76.34 -51.96
C GLU EA 286 23.01 -76.22 -53.19
N TYR EA 287 23.22 -75.00 -53.69
CA TYR EA 287 24.05 -74.81 -54.87
C TYR EA 287 25.48 -75.28 -54.62
N ASN EA 288 26.04 -74.90 -53.47
CA ASN EA 288 27.42 -75.29 -53.16
C ASN EA 288 27.53 -76.80 -52.98
N GLY EA 289 26.55 -77.41 -52.30
CA GLY EA 289 26.58 -78.86 -52.16
C GLY EA 289 26.49 -79.57 -53.49
N ARG EA 290 25.62 -79.09 -54.38
CA ARG EA 290 25.54 -79.69 -55.70
C ARG EA 290 26.84 -79.53 -56.47
N GLU EA 291 27.48 -78.37 -56.37
CA GLU EA 291 28.75 -78.17 -57.06
C GLU EA 291 29.81 -79.13 -56.53
N ALA EA 292 29.86 -79.32 -55.21
CA ALA EA 292 30.82 -80.26 -54.64
C ALA EA 292 30.53 -81.68 -55.13
N ALA EA 293 29.27 -82.08 -55.13
CA ALA EA 293 28.92 -83.42 -55.58
C ALA EA 293 29.21 -83.60 -57.07
N LEU EA 294 29.16 -82.52 -57.84
CA LEU EA 294 29.50 -82.61 -59.25
C LEU EA 294 31.01 -82.68 -59.46
N LEU EA 295 31.77 -81.99 -58.61
CA LEU EA 295 33.23 -82.06 -58.67
C LEU EA 295 33.77 -83.36 -58.10
N GLN EA 296 32.95 -84.13 -57.39
CA GLN EA 296 33.33 -85.43 -56.84
C GLN EA 296 34.29 -86.20 -57.74
N PRO EA 297 33.94 -86.43 -59.01
CA PRO EA 297 34.81 -87.30 -59.84
C PRO EA 297 36.23 -86.78 -59.96
N GLN EA 298 36.42 -85.46 -60.01
CA GLN EA 298 37.76 -84.91 -60.14
C GLN EA 298 38.60 -85.06 -58.88
N VAL EA 299 37.99 -85.44 -57.76
CA VAL EA 299 38.69 -85.56 -56.49
C VAL EA 299 39.06 -87.01 -56.25
N LYS EA 300 40.18 -87.22 -55.55
CA LYS EA 300 40.63 -88.56 -55.25
C LYS EA 300 39.74 -89.20 -54.19
N PRO EA 301 39.73 -90.54 -54.11
CA PRO EA 301 38.87 -91.22 -53.13
C PRO EA 301 39.13 -90.83 -51.68
N THR EA 302 40.38 -90.51 -51.32
CA THR EA 302 40.71 -90.25 -49.94
C THR EA 302 39.97 -89.06 -49.35
N SER EA 303 39.64 -88.07 -50.17
CA SER EA 303 38.99 -86.86 -49.67
C SER EA 303 37.54 -87.15 -49.28
N THR EA 304 37.03 -86.34 -48.35
CA THR EA 304 35.66 -86.42 -47.90
C THR EA 304 34.83 -85.21 -48.31
N ALA EA 305 35.38 -84.33 -49.15
CA ALA EA 305 34.64 -83.14 -49.57
C ALA EA 305 33.35 -83.51 -50.29
N CYS EA 306 33.36 -84.60 -51.06
CA CYS EA 306 32.15 -85.03 -51.75
C CYS EA 306 31.06 -85.42 -50.75
N ALA EA 307 31.43 -86.18 -49.72
CA ALA EA 307 30.45 -86.55 -48.70
C ALA EA 307 29.96 -85.32 -47.96
N ARG EA 308 30.85 -84.38 -47.67
CA ARG EA 308 30.42 -83.16 -47.00
C ARG EA 308 29.44 -82.37 -47.86
N GLY EA 309 29.69 -82.30 -49.17
CA GLY EA 309 28.78 -81.61 -50.05
C GLY EA 309 27.42 -82.29 -50.13
N TYR EA 310 27.42 -83.63 -50.18
CA TYR EA 310 26.15 -84.36 -50.16
C TYR EA 310 25.39 -84.09 -48.87
N VAL EA 311 26.10 -84.09 -47.73
CA VAL EA 311 25.44 -83.82 -46.46
C VAL EA 311 24.86 -82.42 -46.45
N GLY EA 312 25.61 -81.45 -46.96
CA GLY EA 312 25.11 -80.08 -47.01
C GLY EA 312 23.87 -79.96 -47.89
N TRP EA 313 23.89 -80.61 -49.05
CA TRP EA 313 22.73 -80.58 -49.94
C TRP EA 313 21.51 -81.20 -49.26
N ALA EA 314 21.71 -82.34 -48.59
CA ALA EA 314 20.60 -82.99 -47.91
C ALA EA 314 20.06 -82.12 -46.79
N ALA EA 315 20.94 -81.47 -46.04
CA ALA EA 315 20.50 -80.58 -44.96
C ALA EA 315 19.74 -79.39 -45.52
N ALA EA 316 20.20 -78.83 -46.64
CA ALA EA 316 19.47 -77.74 -47.27
C ALA EA 316 18.08 -78.18 -47.69
N ALA EA 317 17.97 -79.38 -48.28
CA ALA EA 317 16.66 -79.89 -48.64
C ALA EA 317 15.77 -80.06 -47.41
N ALA EA 318 16.34 -80.59 -46.33
CA ALA EA 318 15.55 -80.78 -45.11
C ALA EA 318 15.06 -79.46 -44.56
N TYR EA 319 15.90 -78.44 -44.55
CA TYR EA 319 15.48 -77.12 -44.09
C TYR EA 319 14.44 -76.51 -45.02
N GLN EA 320 14.54 -76.77 -46.32
CA GLN EA 320 13.49 -76.38 -47.25
C GLN EA 320 12.26 -77.27 -47.14
N ASP EA 321 12.31 -78.29 -46.29
CA ASP EA 321 11.16 -79.16 -46.01
C ASP EA 321 10.76 -79.95 -47.25
N ASP EA 322 11.74 -80.69 -47.81
CA ASP EA 322 11.50 -81.70 -48.84
C ASP EA 322 12.15 -82.97 -48.34
N PHE EA 323 11.42 -83.72 -47.51
CA PHE EA 323 11.99 -84.88 -46.84
C PHE EA 323 12.28 -86.00 -47.84
N GLU EA 324 11.42 -86.15 -48.86
CA GLU EA 324 11.68 -87.16 -49.88
C GLU EA 324 12.97 -86.84 -50.63
N LYS EA 325 13.15 -85.58 -51.00
CA LYS EA 325 14.39 -85.18 -51.68
C LYS EA 325 15.60 -85.40 -50.78
N ALA EA 326 15.48 -85.03 -49.51
CA ALA EA 326 16.59 -85.23 -48.58
C ALA EA 326 16.94 -86.71 -48.45
N GLU EA 327 15.93 -87.57 -48.34
CA GLU EA 327 16.17 -89.00 -48.24
C GLU EA 327 16.83 -89.54 -49.50
N ALA EA 328 16.37 -89.10 -50.67
CA ALA EA 328 16.98 -89.56 -51.91
C ALA EA 328 18.44 -89.12 -51.99
N ILE EA 329 18.73 -87.88 -51.62
CA ILE EA 329 20.11 -87.39 -51.65
C ILE EA 329 20.98 -88.17 -50.68
N VAL EA 330 20.45 -88.46 -49.48
CA VAL EA 330 21.21 -89.24 -48.50
C VAL EA 330 21.46 -90.65 -49.02
N LYS EA 331 20.47 -91.23 -49.69
CA LYS EA 331 20.65 -92.56 -50.27
C LYS EA 331 21.75 -92.55 -51.32
N ASP EA 332 21.75 -91.54 -52.18
CA ASP EA 332 22.80 -91.43 -53.20
C ASP EA 332 24.17 -91.26 -52.54
N GLY EA 333 24.24 -90.41 -51.51
CA GLY EA 333 25.51 -90.22 -50.82
C GLY EA 333 26.01 -91.50 -50.17
N LEU EA 334 25.11 -92.28 -49.58
CA LEU EA 334 25.50 -93.56 -49.01
C LEU EA 334 25.98 -94.52 -50.09
N THR EA 335 25.24 -94.60 -51.19
CA THR EA 335 25.67 -95.47 -52.28
C THR EA 335 27.04 -95.08 -52.80
N LEU EA 336 27.37 -93.78 -52.76
CA LEU EA 336 28.68 -93.33 -53.19
C LEU EA 336 29.75 -93.68 -52.17
N TYR EA 337 29.61 -93.19 -50.94
CA TYR EA 337 30.55 -93.46 -49.85
C TYR EA 337 29.79 -94.15 -48.71
N VAL EA 338 29.68 -95.47 -48.81
CA VAL EA 338 29.11 -96.26 -47.72
C VAL EA 338 30.00 -96.14 -46.50
N GLY EA 339 29.37 -95.94 -45.34
CA GLY EA 339 30.08 -95.92 -44.08
C GLY EA 339 30.48 -94.56 -43.57
N ASN EA 340 30.23 -93.49 -44.33
CA ASN EA 340 30.59 -92.17 -43.88
C ASN EA 340 29.83 -91.82 -42.61
N GLU EA 341 30.55 -91.29 -41.61
CA GLU EA 341 29.91 -90.99 -40.33
C GLU EA 341 28.85 -89.91 -40.48
N HIS EA 342 29.14 -88.85 -41.25
CA HIS EA 342 28.16 -87.78 -41.43
C HIS EA 342 26.91 -88.30 -42.14
N LEU EA 343 27.10 -89.11 -43.19
CA LEU EA 343 25.96 -89.66 -43.90
C LEU EA 343 25.14 -90.56 -42.98
N GLU EA 344 25.81 -91.38 -42.16
CA GLU EA 344 25.08 -92.24 -41.24
C GLU EA 344 24.28 -91.42 -40.23
N LYS EA 345 24.89 -90.37 -39.69
CA LYS EA 345 24.18 -89.53 -38.72
C LYS EA 345 22.97 -88.87 -39.36
N LEU EA 346 23.14 -88.34 -40.57
CA LEU EA 346 22.02 -87.68 -41.24
C LEU EA 346 20.94 -88.68 -41.59
N ALA EA 347 21.32 -89.88 -42.00
CA ALA EA 347 20.33 -90.92 -42.28
C ALA EA 347 19.54 -91.28 -41.03
N ASN EA 348 20.23 -91.39 -39.89
CA ASN EA 348 19.53 -91.67 -38.64
C ASN EA 348 18.56 -90.56 -38.28
N LYS EA 349 19.00 -89.30 -38.45
CA LYS EA 349 18.11 -88.18 -38.15
C LYS EA 349 16.89 -88.19 -39.06
N LEU EA 350 17.10 -88.44 -40.35
CA LEU EA 350 15.98 -88.52 -41.27
C LEU EA 350 15.07 -89.69 -40.95
N GLN EA 351 15.63 -90.80 -40.48
CA GLN EA 351 14.80 -91.94 -40.06
C GLN EA 351 13.94 -91.57 -38.86
N ALA EA 352 14.52 -90.83 -37.91
CA ALA EA 352 13.73 -90.37 -36.76
C ALA EA 352 12.61 -89.44 -37.21
N LEU EA 353 12.91 -88.52 -38.13
CA LEU EA 353 11.89 -87.63 -38.66
C LEU EA 353 10.80 -88.42 -39.38
N ARG EA 354 11.19 -89.43 -40.15
CA ARG EA 354 10.23 -90.29 -40.83
C ARG EA 354 9.35 -91.05 -39.84
N GLU EA 355 9.93 -91.55 -38.75
CA GLU EA 355 9.13 -92.20 -37.72
C GLU EA 355 8.16 -91.24 -37.06
N GLU EA 356 8.54 -89.97 -36.92
CA GLU EA 356 7.62 -88.98 -36.38
C GLU EA 356 6.53 -88.60 -37.38
N GLN EA 357 6.82 -88.70 -38.68
CA GLN EA 357 5.88 -88.23 -39.69
C GLN EA 357 4.51 -88.88 -39.60
N PRO EA 358 4.37 -90.20 -39.41
CA PRO EA 358 3.02 -90.81 -39.33
C PRO EA 358 2.05 -90.03 -38.46
N SER EA 359 2.56 -89.32 -37.46
CA SER EA 359 1.68 -88.44 -36.68
C SER EA 359 0.99 -87.43 -37.59
N VAL EA 360 1.68 -86.97 -38.63
CA VAL EA 360 1.08 -86.06 -39.61
C VAL EA 360 0.46 -86.82 -40.79
N TYR EA 361 0.79 -88.10 -40.96
CA TYR EA 361 0.28 -88.98 -42.02
C TYR EA 361 0.82 -88.62 -43.40
N LYS EA 362 1.65 -87.59 -43.52
CA LYS EA 362 2.27 -87.20 -44.79
C LYS EA 362 3.36 -86.18 -44.49
N GLN EA 363 3.96 -85.65 -45.55
CA GLN EA 363 4.99 -84.63 -45.40
C GLN EA 363 4.33 -83.26 -45.22
N VAL EA 364 5.16 -82.24 -45.05
CA VAL EA 364 4.63 -80.88 -44.92
C VAL EA 364 3.93 -80.51 -46.22
N PRO EA 365 2.72 -79.94 -46.18
CA PRO EA 365 2.01 -79.65 -47.43
C PRO EA 365 2.77 -78.67 -48.31
N ARG EA 366 2.62 -78.83 -49.62
CA ARG EA 366 3.30 -77.97 -50.57
C ARG EA 366 2.87 -76.52 -50.43
N SER EA 367 1.74 -76.26 -49.78
CA SER EA 367 1.24 -74.88 -49.70
C SER EA 367 2.27 -73.96 -49.04
N LEU EA 368 2.73 -74.31 -47.84
CA LEU EA 368 3.74 -73.51 -47.15
C LEU EA 368 5.14 -73.95 -47.60
N ARG EA 369 5.53 -75.16 -47.23
CA ARG EA 369 6.74 -75.82 -47.72
C ARG EA 369 8.03 -75.15 -47.24
N GLU EA 370 7.93 -73.95 -46.69
CA GLU EA 370 9.11 -73.30 -46.11
C GLU EA 370 8.78 -72.42 -44.92
N SER EA 371 7.54 -72.38 -44.45
CA SER EA 371 7.11 -71.31 -43.55
C SER EA 371 7.94 -71.29 -42.27
N ARG EA 372 8.05 -72.42 -41.60
CA ARG EA 372 8.66 -72.45 -40.27
C ARG EA 372 10.11 -71.99 -40.33
N SER EA 373 10.49 -71.15 -39.38
CA SER EA 373 11.86 -70.68 -39.21
C SER EA 373 12.39 -71.19 -37.88
N HIS EA 374 13.60 -71.73 -37.89
CA HIS EA 374 14.14 -72.43 -36.74
C HIS EA 374 15.61 -72.13 -36.43
N LEU EA 375 16.27 -71.24 -37.20
CA LEU EA 375 17.69 -71.03 -36.97
C LEU EA 375 17.95 -69.75 -36.18
N PRO EA 376 18.96 -69.75 -35.30
CA PRO EA 376 19.32 -68.50 -34.63
C PRO EA 376 19.74 -67.41 -35.60
N SER EA 377 20.34 -67.77 -36.73
CA SER EA 377 20.64 -66.77 -37.74
C SER EA 377 19.35 -66.13 -38.28
N GLN EA 378 18.33 -66.95 -38.52
CA GLN EA 378 17.04 -66.40 -38.95
C GLN EA 378 16.45 -65.50 -37.88
N GLN EA 379 16.57 -65.89 -36.61
CA GLN EA 379 16.05 -65.04 -35.54
C GLN EA 379 16.78 -63.70 -35.50
N SER EA 380 18.11 -63.72 -35.66
CA SER EA 380 18.87 -62.47 -35.66
C SER EA 380 18.49 -61.60 -36.85
N ARG EA 381 18.34 -62.21 -38.03
CA ARG EA 381 17.92 -61.45 -39.20
C ARG EA 381 16.55 -60.82 -38.99
N GLY EA 382 15.62 -61.57 -38.41
CA GLY EA 382 14.31 -61.02 -38.14
C GLY EA 382 14.36 -59.88 -37.14
N LEU EA 383 15.20 -60.02 -36.11
CA LEU EA 383 15.35 -58.94 -35.14
C LEU EA 383 15.92 -57.68 -35.78
N LEU EA 384 16.88 -57.84 -36.70
CA LEU EA 384 17.52 -56.69 -37.30
C LEU EA 384 16.65 -56.03 -38.36
N SER EA 385 16.31 -56.78 -39.41
CA SER EA 385 15.61 -56.25 -40.58
C SER EA 385 14.11 -56.44 -40.50
N GLY EA 386 13.60 -56.96 -39.38
CA GLY EA 386 12.17 -57.17 -39.25
C GLY EA 386 11.40 -55.87 -39.24
N SER EA 387 10.20 -55.92 -39.80
CA SER EA 387 9.34 -54.73 -39.83
C SER EA 387 8.81 -54.43 -38.43
N GLY EA 388 9.35 -53.39 -37.81
CA GLY EA 388 8.93 -53.04 -36.47
C GLY EA 388 7.52 -52.50 -36.42
N LYS EA 389 6.94 -52.53 -35.23
CA LYS EA 389 5.60 -52.01 -34.99
C LYS EA 389 5.69 -50.51 -34.82
N GLY EA 390 5.04 -49.76 -35.71
CA GLY EA 390 5.05 -48.31 -35.68
C GLY EA 390 6.10 -47.67 -36.56
N PHE EA 391 7.06 -48.42 -37.06
CA PHE EA 391 8.05 -47.88 -37.99
C PHE EA 391 8.70 -49.03 -38.74
N SER EA 392 9.31 -48.71 -39.87
CA SER EA 392 9.97 -49.69 -40.74
C SER EA 392 8.99 -50.75 -41.25
N ASN EA 393 7.73 -50.38 -41.44
CA ASN EA 393 6.70 -51.27 -41.94
C ASN EA 393 6.13 -50.73 -43.24
N GLU EA 394 5.13 -51.43 -43.77
CA GLU EA 394 4.49 -51.00 -45.01
C GLU EA 394 3.60 -49.78 -44.82
N PHE EA 395 3.35 -49.36 -43.58
CA PHE EA 395 2.54 -48.19 -43.29
C PHE EA 395 3.35 -46.98 -42.87
N ASP EA 396 4.62 -47.15 -42.54
CA ASP EA 396 5.46 -46.04 -42.09
C ASP EA 396 6.10 -45.31 -43.26
N TRP EA 397 6.99 -46.00 -43.98
CA TRP EA 397 7.54 -45.50 -45.22
C TRP EA 397 7.64 -46.66 -46.20
N VAL EA 398 7.49 -46.34 -47.49
CA VAL EA 398 7.57 -47.32 -48.55
C VAL EA 398 8.73 -46.94 -49.45
N GLU EA 399 9.64 -47.87 -49.67
CA GLU EA 399 10.84 -47.59 -50.45
C GLU EA 399 10.51 -47.79 -51.92
N PHE EA 400 10.54 -46.70 -52.69
CA PHE EA 400 10.42 -46.78 -54.14
C PHE EA 400 11.78 -47.17 -54.70
N LYS EA 401 11.98 -47.04 -56.01
CA LYS EA 401 13.20 -47.53 -56.65
C LYS EA 401 14.43 -47.28 -55.79
N ASN EA 402 14.67 -46.02 -55.43
CA ASN EA 402 15.73 -45.68 -54.50
C ASN EA 402 15.34 -44.63 -53.48
N LYS EA 403 14.05 -44.32 -53.33
CA LYS EA 403 13.58 -43.18 -52.56
C LYS EA 403 12.57 -43.63 -51.52
N LEU EA 404 12.47 -42.86 -50.44
CA LEU EA 404 11.49 -43.13 -49.39
C LEU EA 404 10.22 -42.34 -49.66
N TYR EA 405 9.08 -43.00 -49.52
CA TYR EA 405 7.78 -42.39 -49.75
C TYR EA 405 6.87 -42.66 -48.55
N PRO EA 406 5.90 -41.79 -48.31
CA PRO EA 406 4.85 -42.10 -47.33
C PRO EA 406 3.93 -43.20 -47.84
N SER EA 407 3.30 -43.88 -46.89
CA SER EA 407 2.46 -45.03 -47.23
C SER EA 407 1.36 -44.63 -48.22
N LYS EA 408 0.86 -43.40 -48.12
CA LYS EA 408 -0.22 -42.97 -49.00
C LYS EA 408 0.24 -42.89 -50.45
N MET EA 409 1.50 -42.58 -50.69
CA MET EA 409 2.04 -42.47 -52.04
C MET EA 409 2.63 -43.78 -52.55
N ASP EA 410 2.46 -44.87 -51.82
CA ASP EA 410 3.03 -46.14 -52.22
C ASP EA 410 2.45 -46.55 -53.58
N PRO EA 411 3.28 -46.76 -54.60
CA PRO EA 411 2.76 -47.23 -55.89
C PRO EA 411 2.47 -48.72 -55.95
N ARG EA 412 2.64 -49.45 -54.85
CA ARG EA 412 2.40 -50.89 -54.83
C ARG EA 412 0.99 -51.25 -54.41
N ASN EA 413 0.17 -50.28 -54.01
CA ASN EA 413 -1.20 -50.56 -53.59
C ASN EA 413 -2.00 -49.27 -53.55
N ASN EA 414 -3.16 -49.28 -54.19
CA ASN EA 414 -4.10 -48.16 -54.13
C ASN EA 414 -5.14 -48.36 -53.04
N GLU EA 415 -4.66 -48.61 -51.82
CA GLU EA 415 -5.55 -48.85 -50.69
C GLU EA 415 -6.34 -47.59 -50.35
N MET EA 416 -7.22 -47.70 -49.35
CA MET EA 416 -8.07 -46.59 -48.98
C MET EA 416 -7.27 -45.38 -48.53
N GLY EA 417 -6.01 -45.57 -48.13
CA GLY EA 417 -5.18 -44.46 -47.72
C GLY EA 417 -4.24 -43.98 -48.80
N SER EA 418 -4.50 -44.39 -50.04
CA SER EA 418 -3.63 -44.08 -51.17
C SER EA 418 -4.18 -42.93 -51.99
N VAL EA 419 -3.28 -42.03 -52.40
CA VAL EA 419 -3.68 -40.91 -53.25
C VAL EA 419 -4.17 -41.40 -54.60
N PHE EA 420 -3.65 -42.54 -55.08
CA PHE EA 420 -4.07 -43.05 -56.38
C PHE EA 420 -5.57 -43.31 -56.42
N ARG EA 421 -6.17 -43.62 -55.28
CA ARG EA 421 -7.60 -43.88 -55.25
C ARG EA 421 -8.40 -42.64 -55.64
N ARG EA 422 -7.95 -41.47 -55.20
CA ARG EA 422 -8.73 -40.25 -55.40
C ARG EA 422 -8.66 -39.73 -56.83
N VAL EA 423 -7.85 -40.34 -57.69
CA VAL EA 423 -7.78 -39.96 -59.09
C VAL EA 423 -8.75 -40.82 -59.88
N GLY EA 424 -9.15 -40.33 -61.04
CA GLY EA 424 -10.04 -41.07 -61.91
C GLY EA 424 -10.62 -40.22 -63.02
N ASP EA 425 -10.76 -40.81 -64.20
CA ASP EA 425 -11.33 -40.11 -65.35
C ASP EA 425 -10.52 -38.84 -65.67
N LEU EA 426 -9.25 -39.06 -66.00
CA LEU EA 426 -8.36 -37.94 -66.29
C LEU EA 426 -8.84 -37.12 -67.47
N GLY EA 427 -9.66 -37.70 -68.33
CA GLY EA 427 -10.15 -37.00 -69.50
C GLY EA 427 -10.23 -37.91 -70.72
N SER EA 428 -9.52 -39.03 -70.68
CA SER EA 428 -9.55 -39.97 -71.80
C SER EA 428 -10.87 -40.73 -71.85
N PHE EA 429 -11.17 -41.51 -70.81
CA PHE EA 429 -12.38 -42.30 -70.76
C PHE EA 429 -12.75 -42.54 -69.31
N ILE EA 430 -13.98 -43.00 -69.08
CA ILE EA 430 -14.48 -43.18 -67.72
C ILE EA 430 -13.64 -44.20 -66.97
N SER EA 431 -13.33 -45.33 -67.62
CA SER EA 431 -12.36 -46.33 -67.19
C SER EA 431 -12.88 -47.20 -66.05
N THR EA 432 -14.06 -46.94 -65.48
CA THR EA 432 -14.54 -47.75 -64.38
C THR EA 432 -16.06 -47.66 -64.32
N SER EA 433 -16.70 -48.80 -64.01
CA SER EA 433 -18.16 -48.84 -64.00
C SER EA 433 -18.72 -48.11 -62.78
N ARG EA 434 -18.03 -48.17 -61.65
CA ARG EA 434 -18.55 -47.54 -60.44
C ARG EA 434 -18.79 -46.05 -60.68
N SER EA 435 -19.91 -45.55 -60.17
CA SER EA 435 -20.26 -44.13 -60.29
C SER EA 435 -20.60 -43.60 -58.90
N MET EA 436 -19.56 -43.34 -58.13
CA MET EA 436 -19.65 -42.58 -56.88
C MET EA 436 -18.41 -41.74 -56.64
N GLU EA 437 -17.24 -42.29 -56.95
CA GLU EA 437 -15.96 -41.59 -56.81
C GLU EA 437 -15.11 -41.91 -58.03
N ARG EA 438 -13.84 -41.53 -57.96
CA ARG EA 438 -12.93 -41.72 -59.09
C ARG EA 438 -13.50 -41.06 -60.35
N VAL FA 26 27.18 8.26 26.88
CA VAL FA 26 27.02 8.02 28.32
C VAL FA 26 28.35 8.26 29.02
N THR FA 27 28.35 8.08 30.34
CA THR FA 27 29.56 8.13 31.15
C THR FA 27 29.66 6.85 31.97
N ARG FA 28 30.88 6.36 32.11
CA ARG FA 28 31.14 5.12 32.82
C ARG FA 28 31.67 5.44 34.21
N LEU FA 29 31.11 4.76 35.21
CA LEU FA 29 31.55 4.89 36.59
C LEU FA 29 32.50 3.79 37.03
N TYR FA 30 32.52 2.66 36.32
CA TYR FA 30 33.36 1.52 36.68
C TYR FA 30 33.06 1.05 38.10
N THR FA 31 31.80 1.16 38.52
CA THR FA 31 31.39 0.63 39.81
C THR FA 31 31.40 -0.89 39.83
N SER FA 32 31.32 -1.53 38.66
CA SER FA 32 31.36 -2.97 38.52
C SER FA 32 32.66 -3.39 37.83
N TYR FA 33 32.95 -4.68 37.89
CA TYR FA 33 34.16 -5.21 37.28
C TYR FA 33 34.20 -4.87 35.80
N TYR FA 34 35.34 -4.37 35.35
CA TYR FA 34 35.56 -3.99 33.96
C TYR FA 34 36.80 -4.68 33.44
N THR FA 35 36.67 -5.37 32.30
CA THR FA 35 37.79 -6.06 31.69
C THR FA 35 38.67 -5.04 30.99
N GLY FA 36 39.96 -5.03 31.32
CA GLY FA 36 40.89 -4.13 30.66
C GLY FA 36 40.90 -4.30 29.17
N VAL FA 37 40.89 -3.19 28.43
CA VAL FA 37 40.89 -3.28 26.98
C VAL FA 37 42.29 -3.65 26.48
N LEU FA 38 42.33 -4.56 25.52
CA LEU FA 38 43.59 -4.93 24.88
C LEU FA 38 44.18 -3.74 24.16
N TYR FA 39 45.49 -3.53 24.32
CA TYR FA 39 46.16 -2.39 23.72
C TYR FA 39 47.54 -2.82 23.27
N PRO FA 40 48.10 -2.18 22.23
CA PRO FA 40 49.43 -2.60 21.75
C PRO FA 40 50.54 -2.42 22.77
N ASN FA 41 50.36 -1.58 23.80
CA ASN FA 41 51.41 -1.40 24.79
C ASN FA 41 51.58 -2.63 25.68
N GLN FA 42 50.69 -3.62 25.57
CA GLN FA 42 50.74 -4.82 26.39
C GLN FA 42 51.55 -5.94 25.75
N LEU FA 43 52.20 -5.67 24.62
CA LEU FA 43 53.01 -6.69 23.97
C LEU FA 43 54.08 -7.21 24.93
N VAL FA 44 54.26 -8.53 24.95
CA VAL FA 44 55.29 -9.15 25.77
C VAL FA 44 56.64 -8.83 25.15
N GLN FA 45 57.38 -7.90 25.73
CA GLN FA 45 58.66 -7.48 25.18
C GLN FA 45 59.75 -8.45 25.60
N PRO FA 46 60.46 -9.07 24.66
CA PRO FA 46 61.57 -9.95 25.05
C PRO FA 46 62.76 -9.15 25.54
N LYS FA 47 63.25 -9.50 26.72
CA LYS FA 47 64.35 -8.75 27.33
C LYS FA 47 65.61 -8.87 26.50
N GLN FA 48 66.36 -7.77 26.42
CA GLN FA 48 67.63 -7.78 25.72
C GLN FA 48 68.59 -8.76 26.39
N ARG FA 49 69.28 -9.56 25.58
CA ARG FA 49 70.23 -10.55 26.07
C ARG FA 49 71.60 -10.28 25.47
N LEU FA 50 72.63 -10.35 26.30
CA LEU FA 50 74.00 -10.14 25.87
C LEU FA 50 74.39 -11.24 24.88
N PRO FA 51 75.18 -10.93 23.84
CA PRO FA 51 75.50 -11.95 22.83
C PRO FA 51 76.19 -13.18 23.43
N ALA FA 52 76.15 -14.29 22.71
CA ALA FA 52 76.76 -15.53 23.18
C ALA FA 52 78.26 -15.58 22.93
N ASP FA 53 78.80 -14.64 22.14
CA ASP FA 53 80.21 -14.61 21.81
C ASP FA 53 80.97 -13.54 22.58
N VAL FA 54 80.43 -13.07 23.71
CA VAL FA 54 81.08 -12.06 24.53
C VAL FA 54 81.16 -12.59 25.95
N SER FA 55 82.15 -12.10 26.69
CA SER FA 55 82.42 -12.56 28.05
C SER FA 55 82.33 -11.39 29.01
N VAL FA 56 81.44 -11.52 30.01
CA VAL FA 56 81.34 -10.49 31.03
C VAL FA 56 82.63 -10.41 31.83
N SER FA 57 83.29 -11.55 32.05
CA SER FA 57 84.59 -11.55 32.71
C SER FA 57 85.61 -10.78 31.88
N ALA FA 58 85.58 -10.96 30.56
CA ALA FA 58 86.48 -10.21 29.69
C ALA FA 58 86.18 -8.72 29.77
N ILE FA 59 84.91 -8.34 29.81
CA ILE FA 59 84.55 -6.92 29.96
C ILE FA 59 85.10 -6.39 31.27
N LEU FA 60 84.95 -7.15 32.35
CA LEU FA 60 85.45 -6.72 33.65
C LEU FA 60 86.97 -6.52 33.62
N GLN FA 61 87.68 -7.47 33.01
CA GLN FA 61 89.14 -7.42 32.99
C GLN FA 61 89.70 -6.46 31.94
N LYS FA 62 88.86 -5.93 31.04
CA LYS FA 62 89.32 -4.98 30.04
C LYS FA 62 90.04 -3.82 30.70
N ARG FA 118 63.21 -30.56 36.73
CA ARG FA 118 63.33 -29.67 37.88
C ARG FA 118 62.47 -30.17 39.05
N PRO FA 119 63.01 -30.13 40.27
CA PRO FA 119 62.21 -30.52 41.43
C PRO FA 119 61.07 -29.53 41.67
N TYR FA 120 59.98 -30.05 42.23
CA TYR FA 120 58.83 -29.23 42.53
C TYR FA 120 59.10 -28.31 43.70
N VAL FA 121 58.74 -27.04 43.53
CA VAL FA 121 58.87 -26.05 44.60
C VAL FA 121 57.69 -25.08 44.46
N PRO FA 122 57.02 -24.69 45.54
CA PRO FA 122 55.89 -23.76 45.39
C PRO FA 122 56.36 -22.38 44.98
N LEU FA 123 56.75 -22.26 43.71
CA LEU FA 123 57.29 -21.00 43.23
C LEU FA 123 56.27 -19.88 43.33
N GLY FA 124 54.98 -20.20 43.31
CA GLY FA 124 53.98 -19.18 43.57
C GLY FA 124 54.10 -18.58 44.96
N GLU FA 125 54.25 -19.44 45.97
CA GLU FA 125 54.40 -18.95 47.34
C GLU FA 125 55.72 -18.21 47.52
N VAL FA 126 56.80 -18.73 46.92
CA VAL FA 126 58.07 -18.04 47.08
C VAL FA 126 58.05 -16.70 46.33
N ALA FA 127 57.27 -16.61 45.25
CA ALA FA 127 57.10 -15.33 44.57
C ALA FA 127 56.29 -14.37 45.42
N LYS FA 128 55.29 -14.87 46.14
CA LYS FA 128 54.60 -14.03 47.11
C LYS FA 128 55.60 -13.49 48.13
N LEU FA 129 56.47 -14.35 48.64
CA LEU FA 129 57.47 -13.91 49.60
C LEU FA 129 58.42 -12.87 49.00
N GLU FA 130 58.83 -13.08 47.75
CA GLU FA 130 59.72 -12.13 47.10
C GLU FA 130 59.04 -10.78 46.89
N LEU FA 131 57.77 -10.78 46.50
CA LEU FA 131 57.03 -9.53 46.35
C LEU FA 131 56.92 -8.82 47.70
N GLN FA 132 56.65 -9.58 48.76
CA GLN FA 132 56.59 -8.99 50.09
C GLN FA 132 57.94 -8.40 50.48
N GLY FA 133 59.03 -9.07 50.12
CA GLY FA 133 60.36 -8.53 50.39
C GLY FA 133 60.63 -7.26 49.63
N ASP FA 134 60.19 -7.20 48.36
CA ASP FA 134 60.33 -5.97 47.60
C ASP FA 134 59.53 -4.83 48.23
N TYR FA 135 58.32 -5.13 48.70
CA TYR FA 135 57.54 -4.12 49.39
C TYR FA 135 58.25 -3.64 50.65
N TYR FA 136 58.85 -4.57 51.40
CA TYR FA 136 59.61 -4.17 52.58
C TYR FA 136 60.80 -3.29 52.21
N MET FA 137 61.50 -3.63 51.12
CA MET FA 137 62.59 -2.79 50.65
C MET FA 137 62.09 -1.38 50.37
N GLU FA 138 61.00 -1.26 49.63
CA GLU FA 138 60.47 0.06 49.32
C GLU FA 138 60.03 0.80 50.58
N GLY FA 139 59.48 0.09 51.55
CA GLY FA 139 59.06 0.69 52.79
C GLY FA 139 60.16 0.96 53.79
N GLY FA 140 61.38 0.53 53.49
CA GLY FA 140 62.50 0.77 54.37
C GLY FA 140 62.72 -0.26 55.46
N MET FA 141 61.92 -1.33 55.47
CA MET FA 141 62.07 -2.41 56.44
C MET FA 141 63.09 -3.40 55.87
N PHE FA 142 64.36 -2.99 55.93
CA PHE FA 142 65.41 -3.75 55.25
C PHE FA 142 65.67 -5.09 55.91
N GLN FA 143 65.56 -5.18 57.24
CA GLN FA 143 65.74 -6.46 57.89
C GLN FA 143 64.67 -7.46 57.46
N GLU FA 144 63.42 -7.02 57.39
CA GLU FA 144 62.35 -7.90 56.94
C GLU FA 144 62.53 -8.29 55.48
N ALA FA 145 62.96 -7.33 54.64
CA ALA FA 145 63.25 -7.66 53.26
C ALA FA 145 64.34 -8.71 53.16
N LEU FA 146 65.39 -8.57 53.98
CA LEU FA 146 66.47 -9.56 53.98
C LEU FA 146 65.97 -10.92 54.43
N GLU FA 147 65.12 -10.96 55.45
CA GLU FA 147 64.59 -12.24 55.93
C GLU FA 147 63.78 -12.92 54.85
N HIS FA 148 62.93 -12.18 54.15
CA HIS FA 148 62.13 -12.78 53.07
C HIS FA 148 63.02 -13.23 51.92
N TYR FA 149 63.99 -12.40 51.54
CA TYR FA 149 64.89 -12.76 50.46
C TYR FA 149 65.71 -13.99 50.81
N GLY FA 150 65.99 -14.22 52.09
CA GLY FA 150 66.69 -15.44 52.47
C GLY FA 150 65.91 -16.68 52.08
N VAL FA 151 64.62 -16.72 52.42
CA VAL FA 151 63.79 -17.86 52.05
C VAL FA 151 63.66 -17.96 50.55
N VAL FA 152 63.48 -16.82 49.87
CA VAL FA 152 63.31 -16.86 48.41
C VAL FA 152 64.58 -17.40 47.76
N ALA FA 153 65.76 -16.96 48.23
CA ALA FA 153 67.01 -17.45 47.68
C ALA FA 153 67.20 -18.93 47.95
N LYS FA 154 66.84 -19.38 49.15
CA LYS FA 154 66.91 -20.81 49.45
C LYS FA 154 66.07 -21.60 48.46
N ALA FA 155 64.83 -21.17 48.25
CA ALA FA 155 63.93 -21.88 47.34
C ALA FA 155 64.46 -21.88 45.91
N TYR FA 156 64.93 -20.72 45.44
CA TYR FA 156 65.43 -20.65 44.07
C TYR FA 156 66.68 -21.50 43.90
N ASN FA 157 67.57 -21.47 44.89
CA ASN FA 157 68.76 -22.30 44.82
C ASN FA 157 68.40 -23.78 44.77
N TYR FA 158 67.42 -24.21 45.55
CA TYR FA 158 67.01 -25.61 45.49
C TYR FA 158 66.36 -25.94 44.15
N ALA FA 159 65.55 -25.02 43.61
CA ALA FA 159 64.75 -25.34 42.44
C ALA FA 159 65.55 -25.25 41.14
N TYR FA 160 66.04 -24.06 40.81
CA TYR FA 160 66.66 -23.84 39.52
C TYR FA 160 68.07 -24.44 39.49
N PRO FA 161 68.58 -24.74 38.28
CA PRO FA 161 69.95 -25.26 38.19
C PRO FA 161 71.00 -24.19 38.44
N GLU FA 162 72.26 -24.59 38.47
CA GLU FA 162 73.33 -23.64 38.76
C GLU FA 162 73.45 -22.60 37.65
N ASN FA 163 73.89 -21.41 38.03
CA ASN FA 163 74.11 -20.31 37.10
C ASN FA 163 72.83 -19.99 36.33
N HIS FA 164 71.74 -19.84 37.06
CA HIS FA 164 70.44 -19.55 36.48
C HIS FA 164 70.07 -18.09 36.71
N ALA FA 165 69.28 -17.56 35.77
CA ALA FA 165 68.92 -16.14 35.83
C ALA FA 165 68.16 -15.82 37.12
N GLN FA 166 67.21 -16.68 37.50
CA GLN FA 166 66.45 -16.43 38.72
C GLN FA 166 67.36 -16.47 39.94
N ARG FA 167 68.29 -17.41 39.99
CA ARG FA 167 69.20 -17.51 41.12
C ARG FA 167 70.07 -16.26 41.24
N ILE FA 168 70.66 -15.82 40.13
CA ILE FA 168 71.51 -14.64 40.20
C ILE FA 168 70.68 -13.41 40.56
N GLY FA 169 69.44 -13.33 40.07
CA GLY FA 169 68.62 -12.19 40.40
C GLY FA 169 68.26 -12.13 41.88
N ILE FA 170 67.88 -13.29 42.44
CA ILE FA 170 67.55 -13.29 43.86
C ILE FA 170 68.80 -13.02 44.68
N ARG FA 171 69.97 -13.46 44.23
CA ARG FA 171 71.20 -13.12 44.93
C ARG FA 171 71.48 -11.62 44.85
N ILE FA 172 71.16 -10.98 43.73
CA ILE FA 172 71.28 -9.52 43.65
C ILE FA 172 70.39 -8.86 44.68
N LYS FA 173 69.14 -9.32 44.77
CA LYS FA 173 68.21 -8.73 45.74
C LYS FA 173 68.70 -8.96 47.16
N LEU FA 174 69.23 -10.15 47.44
CA LEU FA 174 69.74 -10.45 48.77
C LEU FA 174 70.95 -9.57 49.11
N SER FA 175 71.82 -9.35 48.14
CA SER FA 175 72.96 -8.47 48.36
C SER FA 175 72.50 -7.05 48.65
N ALA FA 176 71.49 -6.57 47.92
CA ALA FA 176 70.95 -5.24 48.19
C ALA FA 176 70.38 -5.17 49.60
N ALA FA 177 69.65 -6.21 50.02
CA ALA FA 177 69.09 -6.22 51.36
C ALA FA 177 70.19 -6.19 52.41
N PHE FA 178 71.25 -6.99 52.21
CA PHE FA 178 72.36 -6.98 53.15
C PHE FA 178 73.00 -5.60 53.24
N ARG FA 179 73.23 -4.98 52.08
CA ARG FA 179 73.85 -3.66 52.07
C ARG FA 179 72.98 -2.65 52.81
N GLN FA 180 71.67 -2.66 52.56
CA GLN FA 180 70.79 -1.72 53.24
C GLN FA 180 70.76 -1.97 54.74
N THR FA 181 70.72 -3.23 55.16
CA THR FA 181 70.73 -3.53 56.60
C THR FA 181 72.02 -3.06 57.26
N GLY FA 182 73.15 -3.26 56.60
CA GLY FA 182 74.42 -2.79 57.13
C GLY FA 182 75.55 -3.79 56.98
N ARG FA 183 75.22 -5.01 56.56
CA ARG FA 183 76.22 -6.07 56.37
C ARG FA 183 76.91 -5.87 55.03
N LEU FA 184 77.79 -4.87 55.01
CA LEU FA 184 78.46 -4.48 53.77
C LEU FA 184 79.33 -5.61 53.23
N GLU FA 185 80.06 -6.31 54.12
CA GLU FA 185 80.91 -7.40 53.66
C GLU FA 185 80.07 -8.51 53.04
N SER FA 186 78.95 -8.86 53.67
CA SER FA 186 78.08 -9.89 53.12
C SER FA 186 77.52 -9.46 51.77
N SER FA 187 77.10 -8.20 51.65
CA SER FA 187 76.58 -7.71 50.38
C SER FA 187 77.65 -7.77 49.29
N LEU FA 188 78.88 -7.39 49.63
CA LEU FA 188 79.96 -7.43 48.65
C LEU FA 188 80.23 -8.87 48.21
N ALA FA 189 80.26 -9.81 49.16
CA ALA FA 189 80.48 -11.20 48.79
C ALA FA 189 79.36 -11.71 47.89
N ASN FA 190 78.11 -11.40 48.22
CA ASN FA 190 77.00 -11.87 47.42
C ASN FA 190 77.03 -11.29 46.01
N ILE FA 191 77.32 -10.01 45.88
CA ILE FA 191 77.37 -9.41 44.55
C ILE FA 191 78.55 -9.95 43.76
N GLU FA 192 79.68 -10.23 44.42
CA GLU FA 192 80.81 -10.85 43.73
C GLU FA 192 80.43 -12.23 43.21
N GLU FA 193 79.73 -13.02 44.03
CA GLU FA 193 79.27 -14.32 43.55
C GLU FA 193 78.28 -14.16 42.41
N VAL FA 194 77.44 -13.11 42.45
CA VAL FA 194 76.51 -12.86 41.35
C VAL FA 194 77.29 -12.59 40.06
N LEU FA 195 78.34 -11.78 40.15
CA LEU FA 195 79.14 -11.50 38.96
C LEU FA 195 79.82 -12.77 38.46
N ARG FA 196 80.29 -13.61 39.36
CA ARG FA 196 80.88 -14.89 38.95
C ARG FA 196 79.86 -15.74 38.21
N MET FA 197 78.64 -15.80 38.74
CA MET FA 197 77.59 -16.59 38.08
C MET FA 197 77.25 -16.01 36.71
N LEU FA 198 77.21 -14.68 36.60
CA LEU FA 198 76.96 -14.05 35.32
C LEU FA 198 78.05 -14.40 34.31
N ASP FA 199 79.31 -14.36 34.76
CA ASP FA 199 80.41 -14.74 33.88
C ASP FA 199 80.27 -16.19 33.43
N ALA FA 200 79.92 -17.08 34.35
CA ALA FA 200 79.77 -18.49 34.02
C ALA FA 200 78.60 -18.75 33.09
N SER FA 201 77.51 -18.00 33.20
CA SER FA 201 76.32 -18.24 32.41
C SER FA 201 76.58 -17.93 30.93
N THR FA 202 75.56 -18.13 30.12
CA THR FA 202 75.61 -17.85 28.69
C THR FA 202 74.43 -16.97 28.31
N ARG FA 203 74.68 -15.96 27.49
CA ARG FA 203 73.67 -15.00 27.07
C ARG FA 203 72.93 -14.42 28.28
N PRO FA 204 73.66 -13.81 29.21
CA PRO FA 204 72.99 -13.18 30.37
C PRO FA 204 72.17 -11.98 29.93
N SER FA 205 71.13 -11.70 30.72
CA SER FA 205 70.22 -10.60 30.43
C SER FA 205 70.94 -9.27 30.61
N LEU FA 206 70.81 -8.40 29.61
CA LEU FA 206 71.45 -7.10 29.67
C LEU FA 206 70.94 -6.29 30.86
N GLU FA 207 69.62 -6.30 31.07
CA GLU FA 207 69.05 -5.60 32.22
C GLU FA 207 69.59 -6.18 33.52
N LEU FA 208 69.69 -7.50 33.61
CA LEU FA 208 70.15 -8.13 34.84
C LEU FA 208 71.59 -7.76 35.13
N ILE FA 209 72.45 -7.78 34.13
CA ILE FA 209 73.85 -7.43 34.36
C ILE FA 209 73.99 -5.95 34.69
N CYS FA 210 73.19 -5.10 34.06
CA CYS FA 210 73.22 -3.68 34.40
C CYS FA 210 72.82 -3.47 35.85
N GLU FA 211 71.77 -4.15 36.31
CA GLU FA 211 71.35 -4.02 37.70
C GLU FA 211 72.42 -4.56 38.65
N ALA FA 212 73.07 -5.66 38.27
CA ALA FA 212 74.13 -6.20 39.11
C ALA FA 212 75.28 -5.22 39.23
N LEU FA 213 75.66 -4.57 38.12
CA LEU FA 213 76.73 -3.57 38.17
C LEU FA 213 76.32 -2.38 39.02
N LEU FA 214 75.06 -1.94 38.90
CA LEU FA 214 74.58 -0.84 39.73
C LEU FA 214 74.67 -1.21 41.21
N GLU FA 215 74.24 -2.43 41.56
CA GLU FA 215 74.28 -2.84 42.96
C GLU FA 215 75.72 -2.93 43.46
N LEU FA 216 76.63 -3.45 42.62
CA LEU FA 216 78.04 -3.49 43.01
C LEU FA 216 78.57 -2.08 43.24
N GLY FA 217 78.23 -1.14 42.37
CA GLY FA 217 78.68 0.23 42.56
C GLY FA 217 78.15 0.84 43.85
N ILE FA 218 76.87 0.61 44.15
CA ILE FA 218 76.31 1.14 45.39
C ILE FA 218 76.98 0.51 46.59
N THR FA 219 77.24 -0.79 46.54
CA THR FA 219 77.92 -1.45 47.65
C THR FA 219 79.32 -0.90 47.85
N ARG FA 220 80.06 -0.70 46.76
CA ARG FA 220 81.40 -0.14 46.88
C ARG FA 220 81.36 1.28 47.42
N GLU FA 221 80.37 2.08 46.99
CA GLU FA 221 80.22 3.42 47.53
C GLU FA 221 79.96 3.38 49.03
N ALA FA 222 79.10 2.46 49.47
CA ALA FA 222 78.84 2.31 50.90
C ALA FA 222 80.11 1.92 51.64
N LEU FA 223 80.88 0.98 51.09
CA LEU FA 223 82.16 0.62 51.70
C LEU FA 223 83.11 1.81 51.77
N GLY FA 224 82.97 2.74 50.83
CA GLY FA 224 83.88 3.88 50.74
C GLY FA 224 84.78 3.85 49.52
N MET FA 225 84.67 2.84 48.66
CA MET FA 225 85.51 2.76 47.46
C MET FA 225 84.83 3.54 46.33
N LYS FA 226 84.93 4.87 46.45
CA LYS FA 226 84.27 5.75 45.49
C LYS FA 226 84.80 5.53 44.08
N ARG FA 227 86.12 5.40 43.93
CA ARG FA 227 86.69 5.21 42.62
C ARG FA 227 86.20 3.91 41.98
N GLU FA 228 86.15 2.83 42.76
CA GLU FA 228 85.70 1.55 42.22
C GLU FA 228 84.21 1.58 41.89
N ALA FA 229 83.42 2.26 42.72
CA ALA FA 229 82.00 2.41 42.41
C ALA FA 229 81.79 3.16 41.12
N THR FA 230 82.54 4.25 40.92
CA THR FA 230 82.44 5.00 39.67
C THR FA 230 82.89 4.15 38.50
N GLU FA 231 83.94 3.35 38.68
CA GLU FA 231 84.39 2.46 37.61
C GLU FA 231 83.30 1.45 37.26
N ALA FA 232 82.61 0.91 38.26
CA ALA FA 232 81.51 -0.01 37.98
C ALA FA 232 80.39 0.68 37.22
N TYR FA 233 80.05 1.91 37.61
CA TYR FA 233 79.01 2.64 36.90
C TYR FA 233 79.40 2.87 35.45
N GLU FA 234 80.65 3.27 35.21
CA GLU FA 234 81.11 3.48 33.84
C GLU FA 234 81.11 2.18 33.05
N GLU FA 235 81.48 1.08 33.69
CA GLU FA 235 81.45 -0.21 33.01
C GLU FA 235 80.04 -0.58 32.60
N ALA FA 236 79.07 -0.35 33.49
CA ALA FA 236 77.68 -0.61 33.14
C ALA FA 236 77.25 0.28 31.97
N LEU FA 237 77.66 1.54 31.99
CA LEU FA 237 77.31 2.45 30.91
C LEU FA 237 77.83 1.95 29.57
N GLU FA 238 79.12 1.58 29.53
CA GLU FA 238 79.68 1.11 28.27
C GLU FA 238 79.03 -0.20 27.84
N VAL FA 239 78.72 -1.09 28.77
CA VAL FA 239 78.06 -2.35 28.42
C VAL FA 239 76.72 -2.08 27.77
N VAL FA 240 75.91 -1.21 28.37
CA VAL FA 240 74.60 -0.92 27.80
C VAL FA 240 74.75 -0.24 26.45
N ASN FA 241 75.67 0.72 26.34
CA ASN FA 241 75.86 1.40 25.06
C ASN FA 241 76.28 0.45 23.96
N SER FA 242 77.10 -0.55 24.27
CA SER FA 242 77.62 -1.45 23.25
C SER FA 242 76.75 -2.67 22.99
N PHE FA 243 75.78 -2.97 23.87
CA PHE FA 243 74.96 -4.17 23.68
C PHE FA 243 73.49 -3.90 23.98
N HIS FA 244 73.02 -2.67 23.77
CA HIS FA 244 71.62 -2.34 23.99
C HIS FA 244 71.03 -1.69 22.74
N ASN FA 245 69.77 -2.02 22.47
CA ASN FA 245 69.00 -1.42 21.37
C ASN FA 245 68.10 -0.37 21.99
N TRP FA 246 68.30 0.90 21.60
CA TRP FA 246 67.63 2.01 22.23
C TRP FA 246 66.25 2.31 21.64
N GLY FA 247 65.83 1.57 20.62
CA GLY FA 247 64.54 1.80 20.01
C GLY FA 247 63.59 0.63 20.16
N GLU FA 248 64.12 -0.53 20.54
CA GLU FA 248 63.29 -1.73 20.59
C GLU FA 248 62.14 -1.59 21.57
N SER FA 249 62.32 -0.80 22.63
CA SER FA 249 61.27 -0.65 23.63
C SER FA 249 60.01 -0.06 23.03
N HIS FA 250 60.16 0.96 22.18
CA HIS FA 250 59.02 1.68 21.60
C HIS FA 250 58.82 1.33 20.12
N ARG FA 251 59.24 0.14 19.70
CA ARG FA 251 59.01 -0.26 18.32
C ARG FA 251 57.51 -0.30 18.03
N MET FA 252 56.74 -0.92 18.92
CA MET FA 252 55.30 -1.03 18.75
C MET FA 252 54.54 0.12 19.40
N LEU FA 253 55.23 1.00 20.12
CA LEU FA 253 54.59 2.12 20.82
C LEU FA 253 54.82 3.46 20.12
N ARG FA 254 55.46 3.46 18.95
CA ARG FA 254 55.81 4.71 18.29
C ARG FA 254 54.72 5.21 17.35
N LEU FA 255 53.90 4.32 16.78
CA LEU FA 255 52.84 4.70 15.86
C LEU FA 255 51.47 4.69 16.53
N LEU FA 256 51.40 4.48 17.84
CA LEU FA 256 50.13 4.53 18.55
C LEU FA 256 49.37 5.82 18.33
N PRO FA 257 50.00 6.99 18.32
CA PRO FA 257 49.24 8.24 18.12
C PRO FA 257 48.42 8.24 16.84
N ARG FA 258 48.81 7.48 15.83
CA ARG FA 258 48.08 7.42 14.59
C ARG FA 258 46.75 6.68 14.69
N LEU FA 259 46.56 5.88 15.75
CA LEU FA 259 45.29 5.18 15.91
C LEU FA 259 44.14 6.16 16.11
N GLY FA 260 44.38 7.24 16.85
CA GLY FA 260 43.33 8.19 17.16
C GLY FA 260 42.62 8.72 15.93
N ARG FA 261 41.29 8.66 15.94
CA ARG FA 261 40.48 9.16 14.83
C ARG FA 261 39.58 10.32 15.23
N ARG FA 262 39.56 10.70 16.51
CA ARG FA 262 38.74 11.80 16.98
C ARG FA 262 39.62 12.91 17.50
N PHE FA 263 39.23 14.15 17.22
CA PHE FA 263 40.00 15.34 17.58
C PHE FA 263 39.34 16.18 18.65
N ASN FA 264 38.02 16.34 18.60
CA ASN FA 264 37.33 17.15 19.59
C ASN FA 264 37.32 16.48 20.95
N TYR FA 265 37.06 15.17 20.99
CA TYR FA 265 36.99 14.42 22.23
C TYR FA 265 37.77 13.12 22.06
N ASN FA 266 38.17 12.54 23.19
CA ASN FA 266 38.98 11.33 23.19
C ASN FA 266 40.25 11.53 22.37
N PHE FA 267 40.85 12.72 22.50
CA PHE FA 267 42.08 13.04 21.81
C PHE FA 267 43.32 12.70 22.63
N GLU FA 268 43.16 12.19 23.85
CA GLU FA 268 44.31 11.72 24.61
C GLU FA 268 44.99 10.56 23.91
N GLU FA 269 44.28 9.82 23.07
CA GLU FA 269 44.87 8.75 22.28
C GLU FA 269 45.80 9.27 21.20
N LYS FA 270 45.56 10.47 20.68
CA LYS FA 270 46.48 11.09 19.72
C LYS FA 270 47.77 11.55 20.36
N PHE FA 271 47.82 11.64 21.69
CA PHE FA 271 49.02 12.04 22.41
C PHE FA 271 49.45 11.00 23.42
N VAL FA 272 48.92 9.78 23.32
CA VAL FA 272 49.33 8.71 24.21
C VAL FA 272 50.85 8.67 24.29
N TYR FA 273 51.37 8.67 25.52
CA TYR FA 273 52.80 8.71 25.77
C TYR FA 273 53.17 7.56 26.70
N PHE FA 274 54.22 6.83 26.35
CA PHE FA 274 54.72 5.72 27.16
C PHE FA 274 56.14 6.07 27.60
N SER FA 275 56.36 6.08 28.90
CA SER FA 275 57.63 6.55 29.44
C SER FA 275 58.73 5.51 29.21
N PRO FA 276 59.87 5.90 28.65
CA PRO FA 276 60.98 4.94 28.54
C PRO FA 276 61.47 4.46 29.89
N PHE FA 277 61.35 5.27 30.94
CA PHE FA 277 61.73 4.83 32.26
C PHE FA 277 60.92 3.61 32.70
N ASP FA 278 59.70 3.47 32.19
CA ASP FA 278 58.85 2.34 32.53
C ASP FA 278 58.92 1.21 31.53
N TYR FA 279 59.08 1.51 30.24
CA TYR FA 279 59.10 0.49 29.21
C TYR FA 279 60.52 0.06 28.83
N ASP FA 280 61.53 0.51 29.57
CA ASP FA 280 62.90 0.02 29.39
C ASP FA 280 63.59 0.16 30.74
N ARG FA 281 63.63 -0.93 31.50
CA ARG FA 281 64.19 -0.87 32.84
C ARG FA 281 65.71 -0.74 32.81
N THR FA 282 66.35 -1.24 31.75
CA THR FA 282 67.79 -1.07 31.63
C THR FA 282 68.15 0.41 31.54
N PHE FA 283 67.36 1.19 30.79
CA PHE FA 283 67.60 2.62 30.70
C PHE FA 283 67.50 3.29 32.06
N ALA FA 284 66.48 2.94 32.84
CA ALA FA 284 66.34 3.51 34.17
C ALA FA 284 67.50 3.12 35.08
N LEU FA 285 67.91 1.85 35.01
CA LEU FA 285 69.04 1.40 35.83
C LEU FA 285 70.30 2.17 35.50
N VAL FA 286 70.59 2.33 34.21
CA VAL FA 286 71.80 3.04 33.82
C VAL FA 286 71.71 4.52 34.17
N ASP FA 287 70.51 5.10 34.03
CA ASP FA 287 70.33 6.50 34.41
C ASP FA 287 70.62 6.70 35.90
N GLN FA 288 70.11 5.80 36.73
CA GLN FA 288 70.39 5.89 38.16
C GLN FA 288 71.88 5.69 38.45
N CYS FA 289 72.50 4.74 37.76
CA CYS FA 289 73.93 4.51 37.98
C CYS FA 289 74.75 5.73 37.61
N LEU FA 290 74.40 6.38 36.50
CA LEU FA 290 75.12 7.60 36.11
C LEU FA 290 74.84 8.75 37.06
N GLU FA 291 73.62 8.85 37.59
CA GLU FA 291 73.36 9.87 38.59
C GLU FA 291 74.21 9.65 39.82
N ARG FA 292 74.33 8.40 40.27
CA ARG FA 292 75.18 8.11 41.43
C ARG FA 292 76.64 8.40 41.12
N ALA FA 293 77.09 8.07 39.91
CA ALA FA 293 78.46 8.37 39.53
C ALA FA 293 78.72 9.88 39.54
N GLU FA 294 77.77 10.66 39.03
CA GLU FA 294 77.91 12.11 39.07
C GLU FA 294 77.96 12.62 40.49
N THR FA 295 77.12 12.07 41.37
CA THR FA 295 77.15 12.48 42.78
C THR FA 295 78.50 12.16 43.40
N ILE FA 296 79.04 10.98 43.11
CA ILE FA 296 80.33 10.58 43.66
C ILE FA 296 81.43 11.51 43.15
N PHE FA 297 81.40 11.84 41.85
CA PHE FA 297 82.39 12.76 41.30
C PHE FA 297 82.29 14.13 41.97
N ASN FA 298 81.07 14.63 42.17
CA ASN FA 298 80.91 15.92 42.84
C ASN FA 298 81.45 15.86 44.26
N GLU FA 299 81.19 14.77 44.98
CA GLU FA 299 81.70 14.63 46.33
C GLU FA 299 83.22 14.62 46.34
N ILE FA 300 83.83 13.89 45.41
CA ILE FA 300 85.29 13.81 45.35
C ILE FA 300 85.88 15.15 44.95
N GLY FA 301 85.14 15.95 44.17
CA GLY FA 301 85.65 17.18 43.63
C GLY FA 301 86.09 17.11 42.19
N ASP FA 302 86.01 15.93 41.56
CA ASP FA 302 86.38 15.80 40.17
C ASP FA 302 85.37 16.54 39.28
N VAL FA 303 85.88 17.09 38.18
CA VAL FA 303 85.08 17.87 37.24
C VAL FA 303 84.96 17.17 35.90
N GLU FA 304 86.07 16.68 35.36
CA GLU FA 304 86.04 16.02 34.05
C GLU FA 304 85.18 14.77 34.09
N GLY FA 305 85.32 13.98 35.16
CA GLY FA 305 84.51 12.77 35.27
C GLY FA 305 83.03 13.08 35.33
N ALA FA 306 82.65 14.07 36.15
CA ALA FA 306 81.24 14.46 36.24
C ALA FA 306 80.74 14.96 34.90
N ILE FA 307 81.54 15.77 34.21
CA ILE FA 307 81.11 16.30 32.92
C ILE FA 307 80.87 15.16 31.93
N ARG FA 308 81.82 14.23 31.84
CA ARG FA 308 81.68 13.15 30.86
C ARG FA 308 80.50 12.25 31.20
N VAL FA 309 80.31 11.94 32.49
CA VAL FA 309 79.23 11.02 32.86
C VAL FA 309 77.88 11.69 32.63
N LEU FA 310 77.76 12.97 32.98
CA LEU FA 310 76.51 13.69 32.73
C LEU FA 310 76.23 13.80 31.24
N GLN FA 311 77.26 14.05 30.44
CA GLN FA 311 77.06 14.15 28.99
C GLN FA 311 76.62 12.81 28.42
N GLN FA 312 77.21 11.71 28.90
CA GLN FA 312 76.80 10.39 28.42
C GLN FA 312 75.34 10.10 28.82
N ARG FA 313 74.95 10.49 30.03
CA ARG FA 313 73.56 10.33 30.44
C ARG FA 313 72.63 11.11 29.53
N LYS FA 314 73.00 12.35 29.22
CA LYS FA 314 72.19 13.17 28.32
C LYS FA 314 72.10 12.53 26.94
N GLU FA 315 73.22 11.99 26.43
CA GLU FA 315 73.20 11.34 25.13
C GLU FA 315 72.31 10.10 25.15
N MET FA 316 72.30 9.36 26.26
CA MET FA 316 71.43 8.20 26.37
C MET FA 316 69.96 8.62 26.30
N ILE FA 317 69.59 9.64 27.06
CA ILE FA 317 68.21 10.11 27.01
C ILE FA 317 67.86 10.63 25.62
N ASP FA 318 68.83 11.28 24.96
CA ASP FA 318 68.61 11.77 23.60
C ASP FA 318 68.36 10.61 22.64
N LYS FA 319 69.13 9.53 22.77
CA LYS FA 319 68.88 8.36 21.94
C LYS FA 319 67.48 7.82 22.15
N LYS FA 320 67.07 7.71 23.42
CA LYS FA 320 65.74 7.18 23.70
C LYS FA 320 64.66 8.05 23.08
N PHE FA 321 64.74 9.36 23.31
CA PHE FA 321 63.74 10.27 22.74
C PHE FA 321 63.73 10.17 21.22
N PHE FA 322 64.90 10.24 20.60
CA PHE FA 322 64.99 10.18 19.14
C PHE FA 322 64.30 8.93 18.62
N ASN FA 323 64.57 7.78 19.23
CA ASN FA 323 63.86 6.56 18.84
C ASN FA 323 62.36 6.69 19.07
N MET FA 324 61.93 7.48 20.04
CA MET FA 324 60.51 7.67 20.31
C MET FA 324 59.85 8.67 19.37
N ARG FA 325 60.62 9.47 18.64
CA ARG FA 325 60.05 10.58 17.86
C ARG FA 325 59.30 10.09 16.62
N ASP FA 326 58.34 10.89 16.18
CA ASP FA 326 57.59 10.64 14.96
C ASP FA 326 56.77 11.87 14.63
N PHE FA 327 56.34 11.96 13.38
CA PHE FA 327 55.49 13.05 12.92
C PHE FA 327 54.02 12.71 13.15
N ALA FA 328 53.16 13.68 12.86
CA ALA FA 328 51.72 13.55 13.10
C ALA FA 328 51.02 13.28 11.77
N GLY FA 329 50.15 12.27 11.77
CA GLY FA 329 49.37 11.95 10.59
C GLY FA 329 48.11 12.79 10.51
N ARG FA 330 46.97 12.14 10.30
CA ARG FA 330 45.70 12.85 10.32
C ARG FA 330 45.52 13.52 11.67
N ILE FA 331 45.13 14.79 11.66
CA ILE FA 331 44.99 15.54 12.91
C ILE FA 331 43.52 15.61 13.32
N HIS FA 332 42.67 16.14 12.45
CA HIS FA 332 41.27 16.34 12.78
C HIS FA 332 40.55 15.00 12.81
N THR FA 333 39.25 15.04 13.08
CA THR FA 333 38.47 13.82 13.20
C THR FA 333 38.39 13.10 11.87
N MET FA 334 38.47 11.76 11.93
CA MET FA 334 38.32 10.90 10.76
C MET FA 334 37.16 9.96 11.03
N ARG FA 335 36.21 9.90 10.10
CA ARG FA 335 35.07 9.00 10.20
C ARG FA 335 35.34 7.74 9.39
N GLY FA 336 35.07 6.58 9.99
CA GLY FA 336 35.26 5.34 9.28
C GLY FA 336 36.73 5.01 9.07
N HIS FA 337 36.98 4.22 8.03
CA HIS FA 337 38.33 3.78 7.69
C HIS FA 337 38.99 3.10 8.88
N TRP FA 338 38.23 2.26 9.57
CA TRP FA 338 38.77 1.54 10.72
C TRP FA 338 39.77 0.46 10.32
N LYS FA 339 39.74 0.00 9.07
CA LYS FA 339 40.69 -0.98 8.60
C LYS FA 339 42.10 -0.42 8.47
N ARG FA 340 42.26 0.91 8.58
CA ARG FA 340 43.58 1.52 8.60
C ARG FA 340 44.37 1.13 9.84
N ARG FA 341 43.72 0.54 10.85
CA ARG FA 341 44.43 0.11 12.05
C ARG FA 341 45.54 -0.87 11.73
N ALA FA 342 45.32 -1.74 10.74
CA ALA FA 342 46.35 -2.70 10.35
C ALA FA 342 47.61 -1.99 9.88
N GLN FA 343 47.44 -0.94 9.06
CA GLN FA 343 48.59 -0.14 8.66
C GLN FA 343 49.19 0.58 9.85
N HIS FA 344 48.35 1.13 10.73
CA HIS FA 344 48.84 1.96 11.82
C HIS FA 344 49.73 1.18 12.77
N LEU FA 345 49.31 -0.02 13.14
CA LEU FA 345 50.10 -0.86 14.04
C LEU FA 345 50.75 -1.98 13.22
N THR FA 346 52.06 -1.89 13.04
CA THR FA 346 52.83 -2.86 12.27
C THR FA 346 54.20 -3.01 12.91
N ASN FA 347 55.10 -3.72 12.23
CA ASN FA 347 56.50 -3.76 12.63
C ASN FA 347 57.23 -2.56 12.08
N ALA FA 348 56.73 -1.36 12.35
CA ALA FA 348 57.32 -0.16 11.79
C ALA FA 348 58.77 -0.04 12.27
N PRO FA 349 59.75 0.02 11.38
CA PRO FA 349 61.14 0.15 11.83
C PRO FA 349 61.34 1.41 12.66
N THR FA 350 62.12 1.27 13.72
CA THR FA 350 62.49 2.40 14.55
C THR FA 350 63.60 3.19 13.86
N PRO FA 351 63.79 4.45 14.25
CA PRO FA 351 64.85 5.25 13.61
C PRO FA 351 66.22 4.60 13.69
N ASP FA 352 66.55 4.01 14.83
CA ASP FA 352 67.86 3.39 14.99
C ASP FA 352 68.03 2.21 14.04
N GLU FA 353 67.00 1.36 13.95
CA GLU FA 353 67.06 0.23 13.03
C GLU FA 353 67.16 0.71 11.58
N LEU FA 354 66.40 1.74 11.23
CA LEU FA 354 66.43 2.26 9.88
C LEU FA 354 67.84 2.75 9.53
N LEU FA 355 68.44 3.54 10.42
CA LEU FA 355 69.78 4.04 10.16
C LEU FA 355 70.81 2.92 10.11
N ARG FA 356 70.70 1.93 11.01
CA ARG FA 356 71.65 0.83 11.01
C ARG FA 356 71.59 0.05 9.71
N TYR FA 357 70.38 -0.37 9.31
CA TYR FA 357 70.20 -1.27 8.19
C TYR FA 357 69.62 -0.56 6.98
N SER FA 358 70.00 0.69 6.75
CA SER FA 358 69.61 1.39 5.53
C SER FA 358 69.91 0.50 4.32
N PRO FA 359 69.21 0.68 3.21
CA PRO FA 359 69.38 -0.26 2.07
C PRO FA 359 70.79 -0.28 1.53
N THR FA 360 71.59 0.76 1.76
CA THR FA 360 72.93 0.87 1.18
C THR FA 360 74.03 0.36 2.08
N ILE FA 361 73.99 0.70 3.38
CA ILE FA 361 75.00 0.18 4.29
C ILE FA 361 74.81 -1.31 4.49
N HIS FA 362 73.58 -1.74 4.78
CA HIS FA 362 73.25 -3.16 4.94
C HIS FA 362 72.64 -3.61 3.61
N GLN FA 363 73.52 -3.93 2.66
CA GLN FA 363 73.09 -4.26 1.32
C GLN FA 363 72.28 -5.57 1.32
N VAL FA 364 71.41 -5.69 0.33
CA VAL FA 364 70.57 -6.87 0.14
C VAL FA 364 71.30 -7.84 -0.77
N HIS FA 365 71.47 -9.08 -0.31
CA HIS FA 365 72.09 -10.10 -1.13
C HIS FA 365 71.12 -10.53 -2.22
N ARG FA 366 71.53 -10.36 -3.48
CA ARG FA 366 70.71 -10.67 -4.64
C ARG FA 366 71.41 -11.74 -5.45
N ASP FA 367 70.89 -12.96 -5.40
CA ASP FA 367 71.46 -14.08 -6.14
C ASP FA 367 70.77 -14.15 -7.50
N PHE FA 368 71.54 -13.92 -8.57
CA PHE FA 368 70.97 -13.89 -9.92
C PHE FA 368 70.50 -15.26 -10.38
N LYS FA 369 70.85 -16.34 -9.67
CA LYS FA 369 70.37 -17.66 -10.03
C LYS FA 369 68.84 -17.68 -10.08
N TYR FA 370 68.20 -16.94 -9.17
CA TYR FA 370 66.76 -16.89 -9.07
C TYR FA 370 66.16 -15.63 -9.70
N GLU FA 371 66.91 -14.96 -10.57
CA GLU FA 371 66.48 -13.71 -11.18
C GLU FA 371 66.70 -13.76 -12.68
N LEU FA 372 65.90 -12.99 -13.42
CA LEU FA 372 66.00 -12.93 -14.87
C LEU FA 372 66.96 -11.83 -15.32
N THR FA 373 66.68 -10.59 -14.95
CA THR FA 373 67.50 -9.47 -15.38
C THR FA 373 68.75 -9.38 -14.49
N ALA FA 374 69.90 -9.26 -15.12
CA ALA FA 374 71.19 -9.16 -14.45
C ALA FA 374 72.02 -8.06 -15.10
N PRO FA 375 73.03 -7.54 -14.41
CA PRO FA 375 73.86 -6.48 -14.99
C PRO FA 375 74.46 -6.89 -16.32
N ILE FA 376 74.99 -5.90 -17.02
CA ILE FA 376 75.50 -6.12 -18.38
C ILE FA 376 76.65 -7.14 -18.34
N GLY FA 377 77.58 -6.95 -17.41
CA GLY FA 377 78.74 -7.82 -17.36
C GLY FA 377 78.45 -9.23 -16.88
N ARG FA 378 77.36 -9.41 -16.14
CA ARG FA 378 76.99 -10.71 -15.57
C ARG FA 378 75.74 -11.28 -16.23
N GLU FA 379 75.58 -11.04 -17.53
CA GLU FA 379 74.40 -11.53 -18.25
C GLU FA 379 74.31 -13.05 -18.27
N LYS FA 380 75.41 -13.76 -18.02
CA LYS FA 380 75.42 -15.21 -18.07
C LYS FA 380 75.01 -15.86 -16.76
N GLU FA 381 74.86 -15.09 -15.69
CA GLU FA 381 74.48 -15.61 -14.38
C GLU FA 381 72.97 -15.61 -14.16
N VAL FA 382 72.19 -15.56 -15.23
CA VAL FA 382 70.75 -15.50 -15.14
C VAL FA 382 70.20 -16.92 -14.98
N MET FA 383 68.97 -17.00 -14.46
CA MET FA 383 68.25 -18.26 -14.31
C MET FA 383 68.41 -19.11 -15.57
N PRO FA 384 68.94 -20.32 -15.46
CA PRO FA 384 69.21 -21.11 -16.67
C PRO FA 384 67.92 -21.50 -17.39
N GLY FA 385 68.05 -21.64 -18.70
CA GLY FA 385 66.94 -22.07 -19.54
C GLY FA 385 67.31 -23.33 -20.31
N VAL FA 386 66.29 -24.06 -20.74
CA VAL FA 386 66.52 -25.32 -21.43
C VAL FA 386 67.29 -25.07 -22.73
N ASN FA 387 66.68 -24.34 -23.65
CA ASN FA 387 67.36 -23.92 -24.88
C ASN FA 387 66.66 -22.66 -25.36
N ARG FA 388 67.26 -21.51 -25.08
CA ARG FA 388 66.64 -20.22 -25.31
C ARG FA 388 67.39 -19.47 -26.40
N LEU FA 389 66.64 -18.71 -27.20
CA LEU FA 389 67.19 -17.87 -28.25
C LEU FA 389 66.60 -16.48 -28.14
N VAL FA 390 67.43 -15.48 -28.39
CA VAL FA 390 66.99 -14.08 -28.34
C VAL FA 390 66.24 -13.76 -29.63
N LEU FA 391 65.04 -13.22 -29.49
CA LEU FA 391 64.24 -12.88 -30.67
C LEU FA 391 64.42 -11.42 -31.06
N ASP FA 392 64.10 -10.51 -30.16
CA ASP FA 392 64.22 -9.07 -30.42
C ASP FA 392 64.07 -8.35 -29.08
N MET FA 393 64.03 -7.03 -29.14
CA MET FA 393 63.84 -6.20 -27.94
C MET FA 393 62.39 -6.11 -27.51
N GLY FA 394 61.50 -6.88 -28.12
CA GLY FA 394 60.09 -6.83 -27.77
C GLY FA 394 59.45 -5.50 -28.10
N ASN FA 395 59.70 -4.99 -29.31
CA ASN FA 395 59.18 -3.68 -29.69
C ASN FA 395 57.70 -3.77 -30.01
N PRO FA 396 56.84 -3.11 -29.23
CA PRO FA 396 55.39 -3.32 -29.40
C PRO FA 396 54.87 -2.95 -30.78
N TYR FA 397 55.55 -2.04 -31.48
CA TYR FA 397 55.07 -1.60 -32.78
C TYR FA 397 55.25 -2.68 -33.85
N ARG FA 398 55.99 -3.74 -33.55
CA ARG FA 398 56.19 -4.79 -34.55
C ARG FA 398 54.87 -5.31 -35.11
N ARG FA 399 53.84 -5.36 -34.27
CA ARG FA 399 52.57 -5.92 -34.67
C ARG FA 399 51.85 -5.08 -35.73
N ARG FA 400 52.27 -3.84 -35.94
CA ARG FA 400 51.41 -2.89 -36.64
C ARG FA 400 51.38 -3.14 -38.16
N GLY FA 401 52.52 -3.01 -38.82
CA GLY FA 401 52.50 -3.17 -40.27
C GLY FA 401 53.90 -3.25 -40.84
N ARG FA 402 53.96 -3.35 -42.16
CA ARG FA 402 55.24 -3.52 -42.84
C ARG FA 402 56.16 -2.34 -42.59
N LEU FA 403 55.65 -1.12 -42.74
CA LEU FA 403 56.49 0.05 -42.53
C LEU FA 403 56.90 0.19 -41.07
N SER FA 404 55.98 -0.09 -40.15
CA SER FA 404 56.31 -0.03 -38.73
C SER FA 404 57.43 -1.00 -38.39
N ASN FA 405 57.35 -2.23 -38.90
CA ASN FA 405 58.43 -3.19 -38.67
C ASN FA 405 59.72 -2.76 -39.36
N LYS FA 406 59.61 -2.21 -40.58
CA LYS FA 406 60.80 -1.76 -41.29
C LYS FA 406 61.51 -0.64 -40.55
N MET FA 407 60.77 0.14 -39.77
CA MET FA 407 61.38 1.20 -38.97
C MET FA 407 62.10 0.69 -37.72
N LEU FA 408 62.25 -0.63 -37.57
CA LEU FA 408 62.96 -1.16 -36.41
C LEU FA 408 63.83 -2.37 -36.75
N LYS FA 409 64.28 -2.52 -38.00
CA LYS FA 409 65.00 -3.72 -38.39
C LYS FA 409 66.33 -3.84 -37.66
N ASP FA 410 67.05 -2.73 -37.51
CA ASP FA 410 68.40 -2.76 -36.96
C ASP FA 410 68.45 -2.59 -35.45
N ALA FA 411 67.30 -2.44 -34.79
CA ALA FA 411 67.30 -2.22 -33.35
C ALA FA 411 67.92 -3.41 -32.62
N ASP FA 412 67.54 -4.63 -33.00
CA ASP FA 412 68.07 -5.80 -32.32
C ASP FA 412 69.58 -5.93 -32.54
N HIS FA 413 70.05 -5.66 -33.76
CA HIS FA 413 71.49 -5.72 -34.01
C HIS FA 413 72.24 -4.70 -33.18
N LYS FA 414 71.73 -3.46 -33.10
CA LYS FA 414 72.39 -2.45 -32.30
C LYS FA 414 72.38 -2.80 -30.82
N PHE FA 415 71.28 -3.35 -30.32
CA PHE FA 415 71.24 -3.78 -28.92
C PHE FA 415 72.24 -4.90 -28.66
N ALA FA 416 72.34 -5.85 -29.59
CA ALA FA 416 73.32 -6.93 -29.43
C ALA FA 416 74.73 -6.38 -29.39
N ASN FA 417 75.04 -5.42 -30.26
CA ASN FA 417 76.37 -4.81 -30.23
C ASN FA 417 76.60 -4.08 -28.92
N TYR FA 418 75.56 -3.40 -28.40
CA TYR FA 418 75.68 -2.73 -27.12
C TYR FA 418 76.01 -3.70 -26.01
N VAL FA 419 75.34 -4.86 -26.00
CA VAL FA 419 75.53 -5.85 -24.93
C VAL FA 419 76.61 -6.86 -25.27
N ARG FA 420 77.39 -6.63 -26.33
CA ARG FA 420 78.44 -7.57 -26.70
C ARG FA 420 79.32 -7.89 -25.50
N GLN FA 421 79.93 -9.08 -25.53
CA GLN FA 421 80.85 -9.49 -24.49
C GLN FA 421 80.16 -9.54 -23.14
N PRO GA 1 4.05 86.04 -30.92
CA PRO GA 1 5.14 85.12 -31.23
C PRO GA 1 5.99 84.77 -30.00
N PHE GA 2 6.41 85.80 -29.28
CA PHE GA 2 7.20 85.65 -28.06
C PHE GA 2 6.56 86.45 -26.95
N LYS GA 3 6.29 85.79 -25.83
CA LYS GA 3 5.65 86.43 -24.68
C LYS GA 3 6.39 86.03 -23.41
N GLY GA 4 6.30 86.88 -22.39
CA GLY GA 4 6.95 86.64 -21.13
C GLY GA 4 8.34 87.22 -21.01
N LEU GA 5 8.97 87.60 -22.12
CA LEU GA 5 10.29 88.20 -22.05
C LEU GA 5 10.17 89.64 -21.56
N PRO GA 6 11.19 90.13 -20.83
CA PRO GA 6 11.12 91.51 -20.35
C PRO GA 6 11.10 92.52 -21.49
N LYS GA 7 10.44 93.65 -21.26
CA LYS GA 7 10.32 94.68 -22.29
C LYS GA 7 11.60 95.50 -22.35
N PRO GA 8 12.21 95.65 -23.52
CA PRO GA 8 13.47 96.41 -23.61
C PRO GA 8 13.25 97.88 -23.32
N LYS GA 9 14.33 98.53 -22.89
CA LYS GA 9 14.28 99.95 -22.58
C LYS GA 9 13.83 100.74 -23.79
N ARG GA 10 12.87 101.65 -23.58
CA ARG GA 10 12.30 102.46 -24.65
C ARG GA 10 12.98 103.82 -24.74
N GLN GA 11 14.30 103.79 -24.95
CA GLN GA 11 15.04 105.02 -25.22
C GLN GA 11 14.97 105.32 -26.72
N PHE GA 12 15.40 106.52 -27.11
CA PHE GA 12 15.40 106.89 -28.52
C PHE GA 12 16.51 106.21 -29.32
N GLY GA 13 17.56 105.75 -28.65
CA GLY GA 13 18.64 105.08 -29.34
C GLY GA 13 18.54 103.56 -29.27
N ASN GA 14 17.62 103.06 -28.45
CA ASN GA 14 17.46 101.62 -28.29
C ASN GA 14 16.43 101.07 -29.28
N GLU GA 15 16.60 101.36 -30.56
CA GLU GA 15 15.76 100.74 -31.57
C GLU GA 15 16.18 99.31 -31.86
N ALA GA 16 17.45 98.98 -31.69
CA ALA GA 16 17.91 97.61 -31.94
C ALA GA 16 17.25 96.63 -30.99
N ALA GA 17 17.10 97.00 -29.72
CA ALA GA 17 16.46 96.10 -28.76
C ALA GA 17 15.02 95.82 -29.14
N GLU GA 18 14.29 96.84 -29.59
CA GLU GA 18 12.90 96.65 -29.98
C GLU GA 18 12.79 95.85 -31.28
N VAL GA 19 13.69 96.08 -32.23
CA VAL GA 19 13.61 95.40 -33.51
C VAL GA 19 13.90 93.92 -33.34
N ILE GA 20 13.16 93.09 -34.07
CA ILE GA 20 13.35 91.66 -34.05
C ILE GA 20 14.64 91.31 -34.78
N TRP GA 21 15.46 90.46 -34.16
CA TRP GA 21 16.77 90.11 -34.70
C TRP GA 21 16.73 88.70 -35.29
N PRO GA 22 16.86 88.54 -36.60
CA PRO GA 22 17.01 87.19 -37.16
C PRO GA 22 18.26 86.52 -36.63
N TYR GA 23 18.17 85.20 -36.38
CA TYR GA 23 19.29 84.48 -35.80
C TYR GA 23 20.50 84.46 -36.72
N ALA GA 24 20.28 84.61 -38.02
CA ALA GA 24 21.40 84.60 -38.96
C ALA GA 24 22.35 85.77 -38.70
N LEU GA 25 21.80 86.96 -38.45
CA LEU GA 25 22.65 88.12 -38.19
C LEU GA 25 23.44 87.92 -36.89
N LEU GA 26 22.80 87.39 -35.86
CA LEU GA 26 23.51 87.13 -34.62
C LEU GA 26 24.62 86.11 -34.81
N LEU GA 27 24.37 85.06 -35.59
CA LEU GA 27 25.43 84.09 -35.88
C LEU GA 27 26.56 84.74 -36.67
N GLU GA 28 26.25 85.63 -37.61
CA GLU GA 28 27.30 86.28 -38.38
C GLU GA 28 28.14 87.19 -37.49
N ARG GA 29 27.50 87.94 -36.59
CA ARG GA 29 28.20 88.84 -35.68
C ARG GA 29 28.32 88.16 -34.32
N VAL GA 30 29.47 87.55 -34.08
CA VAL GA 30 29.78 86.93 -32.80
C VAL GA 30 30.94 87.68 -32.18
N VAL GA 31 30.69 88.38 -31.09
CA VAL GA 31 31.70 89.20 -30.41
C VAL GA 31 31.85 88.70 -28.99
N LYS GA 32 33.10 88.44 -28.60
CA LYS GA 32 33.42 87.99 -27.26
C LYS GA 32 34.23 89.07 -26.57
N VAL GA 33 33.77 89.52 -25.41
CA VAL GA 33 34.46 90.53 -24.61
C VAL GA 33 34.68 89.97 -23.22
N HIS GA 34 35.60 90.60 -22.49
CA HIS GA 34 35.97 90.11 -21.18
C HIS GA 34 34.74 90.09 -20.28
N PRO GA 35 34.37 88.94 -19.69
CA PRO GA 35 33.14 88.91 -18.90
C PRO GA 35 33.17 89.81 -17.68
N PHE GA 36 34.35 90.18 -17.19
CA PHE GA 36 34.40 91.17 -16.12
C PHE GA 36 33.80 92.49 -16.55
N THR GA 37 33.68 92.72 -17.86
CA THR GA 37 32.88 93.84 -18.35
C THR GA 37 31.43 93.65 -17.90
N LYS GA 38 30.82 94.74 -17.44
CA LYS GA 38 29.47 94.71 -16.89
C LYS GA 38 28.46 95.36 -17.81
N SER GA 39 28.69 96.60 -18.23
CA SER GA 39 27.75 97.32 -19.07
C SER GA 39 28.50 98.16 -20.10
N ILE GA 40 27.94 98.23 -21.29
CA ILE GA 40 28.42 99.09 -22.35
C ILE GA 40 27.29 100.05 -22.71
N TYR GA 41 27.59 101.35 -22.70
CA TYR GA 41 26.61 102.38 -23.01
C TYR GA 41 27.17 103.28 -24.11
N VAL GA 42 26.61 103.19 -25.29
CA VAL GA 42 26.96 104.08 -26.39
C VAL GA 42 26.06 105.32 -26.29
N TYR GA 43 26.66 106.50 -26.31
CA TYR GA 43 25.92 107.75 -26.26
C TYR GA 43 26.33 108.60 -27.44
N TYR GA 44 25.35 108.98 -28.26
CA TYR GA 44 25.59 109.87 -29.39
C TYR GA 44 24.53 110.96 -29.41
N ALA GA 45 24.70 111.91 -30.32
CA ALA GA 45 23.84 113.08 -30.41
C ALA GA 45 22.94 113.01 -31.63
N GLN GA 46 21.75 113.60 -31.49
CA GLN GA 46 20.80 113.58 -32.59
C GLN GA 46 21.33 114.33 -33.81
N ARG GA 47 21.92 115.51 -33.58
CA ARG GA 47 22.38 116.37 -34.66
C ARG GA 47 23.79 116.88 -34.34
N GLN GA 48 24.58 117.07 -35.40
CA GLN GA 48 25.97 117.47 -35.27
C GLN GA 48 26.23 118.67 -36.16
N SER GA 49 26.88 119.70 -35.60
CA SER GA 49 27.12 120.91 -36.35
C SER GA 49 28.17 120.70 -37.44
N THR GA 50 29.28 120.05 -37.08
CA THR GA 50 30.40 119.87 -38.00
C THR GA 50 30.22 118.60 -38.84
N ALA GA 51 30.81 118.61 -40.03
CA ALA GA 51 30.74 117.44 -40.90
C ALA GA 51 31.45 116.25 -40.27
N ARG GA 52 32.60 116.47 -39.66
CA ARG GA 52 33.30 115.39 -38.98
C ARG GA 52 32.48 114.87 -37.80
N GLY GA 53 31.81 115.77 -37.08
CA GLY GA 53 30.92 115.33 -36.02
C GLY GA 53 29.77 114.49 -36.54
N LYS GA 54 29.19 114.89 -37.67
CA LYS GA 54 28.12 114.11 -38.26
C LYS GA 54 28.61 112.73 -38.67
N LEU GA 55 29.81 112.66 -39.25
CA LEU GA 55 30.38 111.36 -39.62
C LEU GA 55 30.61 110.50 -38.38
N ALA GA 56 31.12 111.10 -37.31
CA ALA GA 56 31.34 110.35 -36.07
C ALA GA 56 30.04 109.82 -35.51
N ALA GA 57 29.00 110.65 -35.50
CA ALA GA 57 27.70 110.20 -35.02
C ALA GA 57 27.15 109.08 -35.90
N GLU GA 58 27.31 109.20 -37.21
CA GLU GA 58 26.83 108.15 -38.12
C GLU GA 58 27.53 106.83 -37.84
N ILE GA 59 28.86 106.86 -37.70
CA ILE GA 59 29.57 105.61 -37.45
C ILE GA 59 29.23 105.06 -36.08
N ALA GA 60 29.01 105.93 -35.09
CA ALA GA 60 28.60 105.44 -33.77
C ALA GA 60 27.23 104.76 -33.83
N ARG GA 61 26.28 105.36 -34.55
CA ARG GA 61 24.97 104.75 -34.70
C ARG GA 61 25.07 103.41 -35.42
N SER GA 62 25.88 103.35 -36.47
CA SER GA 62 26.06 102.10 -37.20
C SER GA 62 26.69 101.04 -36.30
N PHE GA 63 27.72 101.42 -35.54
CA PHE GA 63 28.35 100.46 -34.64
C PHE GA 63 27.36 99.93 -33.61
N ALA GA 64 26.56 100.83 -33.02
CA ALA GA 64 25.53 100.37 -32.10
C ALA GA 64 24.61 99.36 -32.78
N ARG GA 65 23.92 99.80 -33.83
CA ARG GA 65 22.92 98.97 -34.47
C ARG GA 65 23.50 97.63 -34.92
N GLU GA 66 24.79 97.59 -35.26
CA GLU GA 66 25.38 96.36 -35.78
C GLU GA 66 25.88 95.45 -34.66
N PHE GA 67 26.80 95.95 -33.83
CA PHE GA 67 27.50 95.13 -32.85
C PHE GA 67 27.15 95.47 -31.41
N LEU GA 68 25.92 95.91 -31.13
CA LEU GA 68 25.53 96.11 -29.75
C LEU GA 68 24.69 94.95 -29.23
N ILE GA 69 23.59 94.64 -29.91
CA ILE GA 69 22.79 93.47 -29.52
C ILE GA 69 23.60 92.19 -29.61
N PRO GA 70 24.40 91.95 -30.65
CA PRO GA 70 25.19 90.71 -30.69
C PRO GA 70 26.11 90.54 -29.49
N ILE GA 71 26.72 91.62 -28.99
CA ILE GA 71 27.59 91.50 -27.83
C ILE GA 71 26.79 90.96 -26.64
N THR GA 72 25.64 91.56 -26.37
CA THR GA 72 24.80 91.10 -25.26
C THR GA 72 24.37 89.66 -25.48
N PHE GA 73 23.95 89.33 -26.70
CA PHE GA 73 23.45 87.98 -26.97
C PHE GA 73 24.53 86.93 -26.76
N HIS GA 74 25.75 87.22 -27.19
CA HIS GA 74 26.84 86.24 -27.14
C HIS GA 74 27.65 86.30 -25.84
N ASN GA 75 27.38 87.27 -24.97
CA ASN GA 75 28.02 87.30 -23.66
C ASN GA 75 27.09 86.91 -22.52
N SER GA 76 25.86 87.39 -22.52
CA SER GA 76 24.85 86.98 -21.55
C SER GA 76 25.10 87.56 -20.16
N GLN GA 77 26.22 88.27 -19.99
CA GLN GA 77 26.54 88.93 -18.73
C GLN GA 77 26.91 90.39 -18.93
N VAL GA 78 26.73 90.92 -20.14
CA VAL GA 78 27.03 92.31 -20.45
C VAL GA 78 25.74 92.99 -20.86
N TYR GA 79 25.42 94.12 -20.21
CA TYR GA 79 24.24 94.91 -20.52
C TYR GA 79 24.65 96.01 -21.49
N THR GA 80 24.17 95.91 -22.72
CA THR GA 80 24.52 96.85 -23.78
C THR GA 80 23.33 97.75 -24.09
N GLU GA 81 23.58 99.05 -24.15
CA GLU GA 81 22.53 100.03 -24.40
C GLU GA 81 23.08 101.16 -25.25
N ALA GA 82 22.19 101.76 -26.04
CA ALA GA 82 22.54 102.90 -26.89
C ALA GA 82 21.53 104.00 -26.68
N GLU GA 83 22.00 105.24 -26.67
CA GLU GA 83 21.14 106.38 -26.39
C GLU GA 83 21.52 107.56 -27.29
N MET GA 84 20.49 108.19 -27.85
CA MET GA 84 20.62 109.41 -28.64
C MET GA 84 20.13 110.58 -27.81
N LEU GA 85 20.95 111.62 -27.72
CA LEU GA 85 20.65 112.78 -26.89
C LEU GA 85 20.23 113.93 -27.79
N LEU GA 86 19.12 114.58 -27.43
CA LEU GA 86 18.61 115.72 -28.19
C LEU GA 86 19.46 116.93 -27.83
N GLU GA 87 20.64 116.99 -28.44
CA GLU GA 87 21.61 118.03 -28.13
C GLU GA 87 22.69 118.02 -29.19
N TYR GA 88 23.12 119.21 -29.60
CA TYR GA 88 24.22 119.32 -30.56
C TYR GA 88 25.52 118.80 -29.93
N SER GA 89 26.32 118.12 -30.74
CA SER GA 89 27.60 117.60 -30.30
C SER GA 89 28.29 116.98 -31.51
N GLU GA 90 29.58 116.68 -31.34
CA GLU GA 90 30.36 116.05 -32.40
C GLU GA 90 31.29 114.97 -31.85
N THR GA 91 31.11 114.55 -30.60
CA THR GA 91 31.99 113.58 -29.96
C THR GA 91 31.16 112.52 -29.25
N PRO GA 92 30.57 111.59 -30.01
CA PRO GA 92 29.92 110.44 -29.37
C PRO GA 92 30.94 109.61 -28.60
N TRP GA 93 30.47 108.95 -27.55
CA TRP GA 93 31.37 108.20 -26.69
C TRP GA 93 30.73 106.90 -26.24
N VAL GA 94 31.53 106.07 -25.57
CA VAL GA 94 31.11 104.78 -25.05
C VAL GA 94 31.61 104.64 -23.63
N VAL GA 95 30.74 104.18 -22.74
CA VAL GA 95 31.05 103.99 -21.33
C VAL GA 95 31.09 102.50 -21.05
N LEU GA 96 32.20 102.03 -20.50
CA LEU GA 96 32.41 100.63 -20.16
C LEU GA 96 32.52 100.50 -18.64
N HIS GA 97 31.70 99.63 -18.07
CA HIS GA 97 31.74 99.34 -16.65
C HIS GA 97 32.39 97.97 -16.43
N SER GA 98 32.41 97.52 -15.18
CA SER GA 98 32.97 96.22 -14.85
C SER GA 98 32.30 95.70 -13.59
N LEU GA 99 32.44 94.39 -13.35
CA LEU GA 99 31.84 93.77 -12.19
C LEU GA 99 32.42 94.28 -10.87
N ASP GA 100 33.57 94.95 -10.92
CA ASP GA 100 34.19 95.52 -9.72
C ASP GA 100 33.59 96.91 -9.51
N ASN GA 101 32.74 97.03 -8.49
CA ASN GA 101 32.11 98.32 -8.21
C ASN GA 101 33.13 99.40 -7.88
N GLY GA 102 34.31 99.02 -7.41
CA GLY GA 102 35.36 99.96 -7.12
C GLY GA 102 36.17 100.40 -8.32
N GLN GA 103 35.86 99.89 -9.50
CA GLN GA 103 36.59 100.21 -10.72
C GLN GA 103 35.90 101.38 -11.41
N LYS GA 104 36.66 102.44 -11.67
CA LYS GA 104 36.10 103.60 -12.35
C LYS GA 104 35.71 103.22 -13.77
N PRO GA 105 34.51 103.58 -14.24
CA PRO GA 105 34.14 103.27 -15.62
C PRO GA 105 35.04 103.99 -16.61
N ARG GA 106 35.28 103.35 -17.75
CA ARG GA 106 36.15 103.90 -18.78
C ARG GA 106 35.34 104.52 -19.90
N ILE GA 107 35.86 105.62 -20.45
CA ILE GA 107 35.20 106.37 -21.52
C ILE GA 107 36.07 106.30 -22.76
N LEU GA 108 35.48 105.81 -23.85
CA LEU GA 108 36.16 105.72 -25.14
C LEU GA 108 35.44 106.63 -26.13
N PRO GA 109 36.07 107.68 -26.64
CA PRO GA 109 35.41 108.53 -27.62
C PRO GA 109 35.41 107.90 -29.01
N VAL GA 110 34.64 108.50 -29.91
CA VAL GA 110 34.64 108.13 -31.32
C VAL GA 110 35.53 109.12 -32.05
N ALA GA 111 36.61 108.62 -32.67
CA ALA GA 111 37.62 109.45 -33.32
C ALA GA 111 37.83 108.94 -34.75
N PRO GA 112 36.93 109.28 -35.68
CA PRO GA 112 37.11 108.83 -37.06
C PRO GA 112 38.35 109.44 -37.69
N VAL GA 113 39.06 108.64 -38.48
CA VAL GA 113 40.21 109.12 -39.23
C VAL GA 113 39.73 109.98 -40.37
N GLU GA 114 40.65 110.67 -41.05
CA GLU GA 114 40.31 111.58 -42.14
C GLU GA 114 39.28 110.96 -43.08
N GLY GA 115 39.62 109.84 -43.70
CA GLY GA 115 38.70 109.18 -44.61
C GLY GA 115 38.81 107.67 -44.59
N THR GA 116 37.69 107.00 -44.31
CA THR GA 116 37.62 105.55 -44.30
C THR GA 116 36.17 105.14 -44.52
N PRO GA 117 35.92 103.93 -45.00
CA PRO GA 117 34.54 103.48 -45.19
C PRO GA 117 33.85 103.23 -43.85
N ALA GA 118 32.52 103.20 -43.91
CA ALA GA 118 31.73 102.97 -42.71
C ALA GA 118 32.06 101.62 -42.08
N HIS GA 119 32.27 100.60 -42.91
CA HIS GA 119 32.61 99.28 -42.38
C HIS GA 119 33.92 99.34 -41.61
N THR GA 120 34.94 99.97 -42.19
CA THR GA 120 36.23 100.08 -41.52
C THR GA 120 36.11 100.88 -40.23
N ALA GA 121 35.34 101.96 -40.25
CA ALA GA 121 35.18 102.77 -39.03
C ALA GA 121 34.51 101.95 -37.94
N VAL GA 122 33.46 101.20 -38.28
CA VAL GA 122 32.77 100.39 -37.29
C VAL GA 122 33.68 99.31 -36.76
N GLU GA 123 34.47 98.68 -37.63
CA GLU GA 123 35.39 97.64 -37.18
C GLU GA 123 36.44 98.21 -36.25
N GLN GA 124 36.98 99.40 -36.57
CA GLN GA 124 37.96 100.02 -35.69
C GLN GA 124 37.35 100.37 -34.34
N LEU GA 125 36.12 100.90 -34.34
CA LEU GA 125 35.46 101.21 -33.07
C LEU GA 125 35.24 99.95 -32.24
N LEU GA 126 34.82 98.86 -32.89
CA LEU GA 126 34.62 97.60 -32.18
C LEU GA 126 35.93 97.11 -31.60
N ALA GA 127 37.02 97.19 -32.37
CA ALA GA 127 38.32 96.77 -31.86
C ALA GA 127 38.73 97.60 -30.66
N GLU GA 128 38.53 98.92 -30.72
CA GLU GA 128 38.87 99.77 -29.59
C GLU GA 128 38.04 99.42 -28.37
N VAL GA 129 36.75 99.17 -28.56
CA VAL GA 129 35.89 98.82 -27.43
C VAL GA 129 36.34 97.50 -26.80
N VAL GA 130 36.66 96.52 -27.64
CA VAL GA 130 37.08 95.21 -27.12
C VAL GA 130 38.40 95.35 -26.37
N GLN GA 131 39.34 96.12 -26.91
CA GLN GA 131 40.61 96.32 -26.22
C GLN GA 131 40.40 97.02 -24.87
N GLY GA 132 39.53 98.03 -24.85
CA GLY GA 132 39.23 98.70 -23.60
C GLY GA 132 38.60 97.76 -22.58
N CYS GA 133 37.67 96.92 -23.03
CA CYS GA 133 37.06 95.94 -22.12
C CYS GA 133 38.11 94.98 -21.58
N GLU GA 134 39.00 94.50 -22.45
CA GLU GA 134 40.05 93.58 -21.99
C GLU GA 134 40.95 94.25 -20.97
N ALA GA 135 41.35 95.49 -21.23
CA ALA GA 135 42.20 96.20 -20.28
C ALA GA 135 41.50 96.41 -18.95
N LEU GA 136 40.22 96.79 -19.00
CA LEU GA 136 39.46 96.98 -17.75
C LEU GA 136 39.37 95.68 -16.97
N GLY GA 137 39.04 94.58 -17.65
CA GLY GA 137 38.94 93.31 -16.95
C GLY GA 137 40.26 92.88 -16.35
N ALA GA 138 41.36 93.07 -17.08
CA ALA GA 138 42.67 92.73 -16.54
C ALA GA 138 43.00 93.59 -15.33
N SER GA 139 42.66 94.87 -15.37
CA SER GA 139 42.96 95.78 -14.26
C SER GA 139 42.02 95.60 -13.08
N VAL GA 140 40.91 94.86 -13.25
CA VAL GA 140 40.00 94.63 -12.13
C VAL GA 140 40.77 94.03 -10.96
N ALA GA 141 40.46 94.51 -9.76
CA ALA GA 141 41.06 94.00 -8.54
C ALA GA 141 40.17 92.94 -7.91
N ASP GA 142 40.79 91.96 -7.27
CA ASP GA 142 40.07 90.85 -6.66
C ASP GA 142 39.36 90.05 -7.74
N PRO GA 143 40.11 89.42 -8.66
CA PRO GA 143 39.46 88.65 -9.73
C PRO GA 143 38.59 87.52 -9.21
N VAL GA 144 38.93 86.93 -8.05
CA VAL GA 144 38.09 85.87 -7.50
C VAL GA 144 36.72 86.43 -7.14
N THR GA 145 36.68 87.59 -6.48
CA THR GA 145 35.41 88.21 -6.18
C THR GA 145 34.68 88.62 -7.45
N ALA GA 146 35.41 89.08 -8.46
CA ALA GA 146 34.78 89.42 -9.73
C ALA GA 146 34.11 88.19 -10.34
N THR GA 147 34.77 87.04 -10.29
CA THR GA 147 34.20 85.82 -10.84
C THR GA 147 33.00 85.35 -10.03
N ARG GA 148 33.06 85.52 -8.71
CA ARG GA 148 31.89 85.18 -7.89
C ARG GA 148 30.69 86.07 -8.25
N VAL GA 149 30.95 87.37 -8.44
CA VAL GA 149 29.87 88.27 -8.85
C VAL GA 149 29.35 87.86 -10.22
N LEU GA 150 30.24 87.41 -11.11
CA LEU GA 150 29.81 86.94 -12.42
C LEU GA 150 28.89 85.73 -12.29
N ASN GA 151 29.25 84.80 -11.41
CA ASN GA 151 28.40 83.63 -11.18
C ASN GA 151 27.04 84.05 -10.65
N GLU GA 152 27.02 84.99 -9.70
CA GLU GA 152 25.77 85.40 -9.06
C GLU GA 152 24.94 86.33 -9.93
N ARG GA 153 25.51 86.91 -10.98
CA ARG GA 153 24.76 87.87 -11.78
C ARG GA 153 23.79 87.14 -12.71
N PRO GA 154 22.58 87.68 -12.92
CA PRO GA 154 21.65 87.05 -13.86
C PRO GA 154 22.04 87.31 -15.31
N LEU GA 155 21.21 86.84 -16.24
CA LEU GA 155 21.46 87.02 -17.67
C LEU GA 155 20.81 88.31 -18.14
N GLN GA 156 21.60 89.18 -18.76
CA GLN GA 156 21.13 90.48 -19.21
C GLN GA 156 20.55 90.45 -20.63
N ASN GA 157 20.70 89.34 -21.35
CA ASN GA 157 20.24 89.24 -22.73
C ASN GA 157 18.84 88.67 -22.84
N GLN GA 158 18.02 88.80 -21.80
CA GLN GA 158 16.69 88.21 -21.81
C GLN GA 158 15.67 89.04 -22.58
N TYR GA 159 15.97 90.31 -22.88
CA TYR GA 159 15.06 91.17 -23.62
C TYR GA 159 15.25 91.10 -25.12
N VAL GA 160 16.24 90.36 -25.60
CA VAL GA 160 16.51 90.31 -27.03
C VAL GA 160 15.40 89.53 -27.73
N ARG GA 161 14.82 90.13 -28.76
CA ARG GA 161 13.73 89.50 -29.51
C ARG GA 161 14.34 88.80 -30.73
N VAL GA 162 14.99 87.67 -30.47
CA VAL GA 162 15.61 86.88 -31.52
C VAL GA 162 14.53 86.23 -32.36
N ASP GA 163 14.91 85.74 -33.54
CA ASP GA 163 13.97 85.10 -34.47
C ASP GA 163 14.70 83.93 -35.12
N TYR GA 164 14.52 82.74 -34.56
CA TYR GA 164 15.12 81.54 -35.12
C TYR GA 164 14.39 81.18 -36.41
N GLN GA 165 15.13 81.02 -37.50
CA GLN GA 165 14.55 80.82 -38.82
C GLN GA 165 14.46 79.34 -39.20
N TRP GA 166 15.59 78.64 -39.20
CA TRP GA 166 15.62 77.22 -39.51
C TRP GA 166 16.49 76.42 -38.55
N PHE GA 167 17.20 77.08 -37.63
CA PHE GA 167 18.09 76.37 -36.73
C PHE GA 167 17.36 75.60 -35.63
N GLY GA 168 16.19 76.07 -35.24
CA GLY GA 168 15.41 75.41 -34.20
C GLY GA 168 15.15 76.35 -33.05
N ASP GA 169 13.94 76.27 -32.49
CA ASP GA 169 13.58 77.14 -31.37
C ASP GA 169 14.30 76.75 -30.09
N THR GA 170 14.37 75.44 -29.80
CA THR GA 170 14.99 75.01 -28.55
C THR GA 170 16.49 74.83 -28.72
N PRO GA 171 17.25 74.92 -27.63
CA PRO GA 171 18.70 74.65 -27.72
C PRO GA 171 19.00 73.26 -28.25
N ASP GA 172 18.20 72.26 -27.90
CA ASP GA 172 18.42 70.93 -28.45
C ASP GA 172 18.26 70.92 -29.95
N GLU GA 173 17.21 71.58 -30.46
CA GLU GA 173 17.04 71.67 -31.91
C GLU GA 173 18.19 72.41 -32.57
N ARG GA 174 18.66 73.49 -31.94
CA ARG GA 174 19.76 74.26 -32.52
C ARG GA 174 21.08 73.51 -32.52
N ALA GA 175 21.31 72.65 -31.52
CA ALA GA 175 22.54 71.88 -31.42
C ALA GA 175 22.34 70.42 -31.81
N SER GA 176 21.28 70.11 -32.54
CA SER GA 176 21.01 68.72 -32.92
C SER GA 176 22.19 68.10 -33.66
N HIS GA 177 22.97 68.90 -34.38
CA HIS GA 177 24.10 68.40 -35.15
C HIS GA 177 25.37 68.24 -34.32
N LEU GA 178 25.25 68.20 -32.99
CA LEU GA 178 26.41 68.07 -32.11
C LEU GA 178 26.08 67.12 -30.98
N VAL GA 179 27.13 66.57 -30.36
CA VAL GA 179 27.01 65.71 -29.20
C VAL GA 179 27.22 66.57 -27.95
N ARG GA 180 26.27 66.51 -27.02
CA ARG GA 180 26.30 67.31 -25.80
C ARG GA 180 26.64 66.39 -24.64
N TRP GA 181 27.89 66.43 -24.20
CA TRP GA 181 28.31 65.66 -23.03
C TRP GA 181 28.02 66.38 -21.72
N GLU GA 182 27.64 67.66 -21.77
CA GLU GA 182 27.38 68.43 -20.56
C GLU GA 182 25.92 68.29 -20.12
N PHE GA 183 25.55 67.06 -19.81
CA PHE GA 183 24.22 66.73 -19.32
C PHE GA 183 24.25 66.51 -17.82
N GLU GA 184 23.08 66.64 -17.20
CA GLU GA 184 22.92 66.45 -15.76
C GLU GA 184 22.14 65.17 -15.52
N PRO GA 185 22.68 64.20 -14.76
CA PRO GA 185 21.91 62.97 -14.52
C PRO GA 185 20.53 63.21 -13.94
N GLU GA 186 20.41 64.17 -13.01
CA GLU GA 186 19.12 64.44 -12.40
C GLU GA 186 18.11 64.97 -13.42
N GLN GA 187 18.55 65.85 -14.32
CA GLN GA 187 17.65 66.38 -15.34
C GLN GA 187 17.29 65.35 -16.40
N ILE GA 188 18.26 64.54 -16.84
CA ILE GA 188 17.96 63.54 -17.88
C ILE GA 188 17.10 62.41 -17.33
N GLU GA 189 17.27 62.04 -16.07
CA GLU GA 189 16.52 60.93 -15.48
C GLU GA 189 15.02 61.16 -15.66
N PRO GA 190 14.33 60.36 -16.46
CA PRO GA 190 12.88 60.53 -16.61
C PRO GA 190 12.17 60.33 -15.27
N LYS GA 191 11.13 61.12 -15.05
CA LYS GA 191 10.32 61.06 -13.83
C LYS GA 191 8.87 60.87 -14.24
N ILE GA 192 8.47 59.61 -14.41
CA ILE GA 192 7.10 59.24 -14.74
C ILE GA 192 6.81 57.89 -14.10
N ARG GA 193 5.53 57.49 -14.13
CA ARG GA 193 5.12 56.30 -13.39
C ARG GA 193 5.85 55.06 -13.89
N HIS GA 194 5.96 54.90 -15.21
CA HIS GA 194 6.68 53.78 -15.82
C HIS GA 194 7.67 54.35 -16.82
N ARG GA 195 8.82 54.77 -16.31
CA ARG GA 195 9.82 55.41 -17.17
C ARG GA 195 10.48 54.39 -18.09
N THR GA 196 10.76 53.18 -17.59
CA THR GA 196 11.32 52.16 -18.47
C THR GA 196 10.32 51.79 -19.57
N ARG GA 197 9.07 51.61 -19.20
CA ARG GA 197 8.04 51.30 -20.19
C ARG GA 197 8.00 52.37 -21.27
N HIS GA 198 7.95 53.65 -20.86
CA HIS GA 198 7.83 54.71 -21.85
C HIS GA 198 9.11 54.86 -22.68
N VAL GA 199 10.28 54.63 -22.08
CA VAL GA 199 11.52 54.71 -22.84
C VAL GA 199 11.57 53.61 -23.89
N LEU GA 200 11.18 52.38 -23.52
CA LEU GA 200 11.15 51.30 -24.50
C LEU GA 200 10.14 51.57 -25.60
N ASP GA 201 8.99 52.15 -25.25
CA ASP GA 201 8.03 52.53 -26.29
C ASP GA 201 8.59 53.60 -27.21
N TRP GA 202 9.29 54.59 -26.65
CA TRP GA 202 9.85 55.67 -27.45
C TRP GA 202 10.90 55.14 -28.42
N LEU GA 203 11.92 54.45 -27.91
CA LEU GA 203 12.92 53.80 -28.75
C LEU GA 203 12.61 52.31 -28.80
N ASN GA 204 12.31 51.81 -29.99
CA ASN GA 204 11.72 50.48 -30.12
C ASN GA 204 12.73 49.39 -29.82
N TYR GA 205 13.05 49.23 -28.55
CA TYR GA 205 13.92 48.17 -28.06
C TYR GA 205 13.20 47.43 -26.93
N ASP GA 206 13.17 46.11 -27.00
CA ASP GA 206 12.59 45.30 -25.96
C ASP GA 206 13.67 44.97 -24.94
N GLY GA 207 13.40 45.25 -23.67
CA GLY GA 207 14.38 44.98 -22.63
C GLY GA 207 14.53 43.49 -22.36
N ASN GA 208 14.84 42.72 -23.39
CA ASN GA 208 14.91 41.27 -23.29
C ASN GA 208 13.61 40.71 -22.70
N LEU GA 209 12.50 41.31 -23.10
CA LEU GA 209 11.20 40.88 -22.61
C LEU GA 209 10.58 39.85 -23.56
N PRO GA 210 9.90 38.84 -23.03
CA PRO GA 210 9.26 37.86 -23.90
C PRO GA 210 8.14 38.50 -24.72
N THR GA 211 7.92 37.94 -25.90
CA THR GA 211 6.84 38.41 -26.75
C THR GA 211 5.49 38.11 -26.10
N HIS GA 212 4.43 38.66 -26.68
CA HIS GA 212 3.10 38.55 -26.11
C HIS GA 212 2.40 37.30 -26.66
N ARG GA 213 1.62 36.66 -25.80
CA ARG GA 213 0.86 35.49 -26.25
C ARG GA 213 -0.17 35.88 -27.31
N ALA GA 214 -0.73 37.09 -27.21
CA ALA GA 214 -1.62 37.57 -28.27
C ALA GA 214 -0.87 37.69 -29.58
N VAL GA 215 0.38 38.19 -29.54
CA VAL GA 215 1.18 38.27 -30.75
C VAL GA 215 1.45 36.88 -31.31
N HIS GA 216 1.74 35.92 -30.43
CA HIS GA 216 1.97 34.55 -30.89
C HIS GA 216 0.72 33.99 -31.56
N VAL GA 217 -0.45 34.23 -30.97
CA VAL GA 217 -1.70 33.73 -31.55
C VAL GA 217 -1.94 34.36 -32.91
N ASN GA 218 -1.74 35.69 -33.01
CA ASN GA 218 -1.96 36.38 -34.28
C ASN GA 218 -0.99 35.89 -35.34
N ALA GA 219 0.27 35.67 -34.97
CA ALA GA 219 1.26 35.17 -35.91
C ALA GA 219 0.90 33.77 -36.41
N MET GA 220 0.44 32.91 -35.50
CA MET GA 220 0.03 31.58 -35.91
C MET GA 220 -1.19 31.64 -36.83
N ARG GA 221 -2.14 32.53 -36.53
CA ARG GA 221 -3.29 32.68 -37.41
C ARG GA 221 -2.87 33.14 -38.79
N GLU GA 222 -1.96 34.11 -38.86
CA GLU GA 222 -1.48 34.59 -40.15
C GLU GA 222 -0.75 33.47 -40.90
N LYS GA 223 0.07 32.69 -40.19
CA LYS GA 223 0.75 31.57 -40.82
C LYS GA 223 -0.26 30.58 -41.39
N ALA GA 224 -1.34 30.31 -40.65
CA ALA GA 224 -2.39 29.47 -41.19
C ALA GA 224 -3.02 30.07 -42.44
N ARG GA 225 -3.24 31.38 -42.44
CA ARG GA 225 -3.77 32.06 -43.62
C ARG GA 225 -2.67 32.31 -44.63
N THR HA 1 -29.85 -33.10 10.17
CA THR HA 1 -29.31 -32.32 9.07
C THR HA 1 -27.79 -32.19 9.17
N ARG HA 2 -27.24 -32.55 10.32
CA ARG HA 2 -25.80 -32.45 10.52
C ARG HA 2 -25.08 -33.34 9.52
N ARG HA 3 -23.94 -32.85 9.04
CA ARG HA 3 -23.14 -33.56 8.05
C ARG HA 3 -22.03 -34.39 8.66
N GLY HA 4 -21.94 -34.47 9.98
CA GLY HA 4 -20.95 -35.30 10.64
C GLY HA 4 -21.46 -35.84 11.96
N GLY HA 5 -20.56 -36.40 12.76
CA GLY HA 5 -20.93 -36.92 14.05
C GLY HA 5 -21.89 -38.10 14.00
N LYS HA 6 -21.64 -39.05 13.10
CA LYS HA 6 -22.54 -40.18 12.89
C LYS HA 6 -22.07 -41.46 13.55
N ASN HA 7 -21.05 -41.39 14.41
CA ASN HA 7 -20.58 -42.57 15.14
C ASN HA 7 -21.49 -42.77 16.34
N LEU HA 8 -22.45 -43.70 16.21
CA LEU HA 8 -23.45 -43.90 17.23
C LEU HA 8 -22.86 -44.38 18.55
N ALA HA 9 -21.64 -44.91 18.55
CA ALA HA 9 -21.02 -45.32 19.80
C ALA HA 9 -20.68 -44.15 20.69
N TRP HA 10 -20.53 -42.95 20.12
CA TRP HA 10 -20.17 -41.76 20.88
C TRP HA 10 -21.23 -40.67 20.80
N ARG HA 11 -21.86 -40.50 19.63
CA ARG HA 11 -22.97 -39.56 19.46
C ARG HA 11 -24.23 -40.36 19.13
N PRO HA 12 -24.86 -40.99 20.11
CA PRO HA 12 -26.09 -41.73 19.82
C PRO HA 12 -27.20 -40.81 19.34
N LYS HA 13 -28.04 -41.35 18.45
CA LYS HA 13 -29.16 -40.61 17.90
C LYS HA 13 -30.37 -40.68 18.84
N MET HA 14 -30.19 -40.13 20.03
CA MET HA 14 -31.24 -40.07 21.04
C MET HA 14 -31.24 -38.67 21.66
N SER HA 15 -32.38 -38.31 22.22
CA SER HA 15 -32.58 -36.95 22.74
C SER HA 15 -31.96 -36.80 24.12
N GLU HA 16 -31.75 -35.54 24.50
CA GLU HA 16 -31.27 -35.25 25.85
C GLU HA 16 -32.28 -35.74 26.88
N ARG HA 17 -33.57 -35.65 26.57
CA ARG HA 17 -34.58 -36.19 27.47
C ARG HA 17 -34.37 -37.68 27.71
N THR HA 18 -34.07 -38.44 26.66
CA THR HA 18 -33.85 -39.88 26.77
C THR HA 18 -32.51 -40.22 27.42
N LEU HA 19 -31.50 -39.35 27.28
CA LEU HA 19 -30.21 -39.60 27.91
C LEU HA 19 -30.12 -39.11 29.35
N GLU HA 20 -31.05 -38.26 29.79
CA GLU HA 20 -31.00 -37.74 31.15
C GLU HA 20 -31.09 -38.86 32.17
N GLN HA 21 -32.00 -39.82 31.94
CA GLN HA 21 -32.16 -40.92 32.88
C GLN HA 21 -30.87 -41.72 33.00
N PHE HA 22 -30.13 -41.85 31.90
CA PHE HA 22 -28.89 -42.61 31.92
C PHE HA 22 -27.69 -41.78 32.38
N VAL HA 23 -27.83 -40.46 32.48
CA VAL HA 23 -26.76 -39.65 33.05
C VAL HA 23 -26.64 -40.01 34.52
N PRO HA 24 -25.47 -40.47 34.99
CA PRO HA 24 -25.35 -40.84 36.40
C PRO HA 24 -25.06 -39.64 37.28
N LEU HA 25 -25.68 -39.66 38.47
CA LEU HA 25 -25.44 -38.64 39.48
C LEU HA 25 -24.86 -39.22 40.76
N HIS HA 26 -25.45 -40.30 41.28
CA HIS HA 26 -24.87 -41.04 42.41
C HIS HA 26 -24.07 -42.21 41.85
N LEU HA 27 -22.97 -41.85 41.18
CA LEU HA 27 -22.14 -42.83 40.47
C LEU HA 27 -21.42 -43.69 41.51
N ALA HA 28 -21.94 -44.89 41.75
CA ALA HA 28 -21.32 -45.78 42.72
C ALA HA 28 -19.96 -46.25 42.25
N PHE HA 29 -19.82 -46.58 40.97
CA PHE HA 29 -18.57 -47.08 40.42
C PHE HA 29 -18.42 -46.51 39.02
N PRO HA 30 -17.23 -46.02 38.64
CA PRO HA 30 -15.97 -45.98 39.39
C PRO HA 30 -15.99 -45.04 40.59
N ARG HA 31 -15.23 -45.40 41.62
CA ARG HA 31 -15.23 -44.66 42.87
C ARG HA 31 -14.50 -43.32 42.71
N ARG HA 32 -14.84 -42.39 43.60
CA ARG HA 32 -14.27 -41.04 43.57
C ARG HA 32 -13.43 -40.71 44.78
N HIS HA 33 -12.98 -41.71 45.54
CA HIS HA 33 -12.20 -41.48 46.75
C HIS HA 33 -10.80 -42.05 46.59
N PRO HA 34 -9.78 -41.22 46.36
CA PRO HA 34 -8.42 -41.75 46.21
C PRO HA 34 -7.90 -42.41 47.48
N ASN HA 35 -6.95 -43.34 47.32
CA ASN HA 35 -6.35 -44.00 48.47
C ASN HA 35 -5.67 -43.04 49.43
N SER HA 36 -5.12 -41.93 48.92
CA SER HA 36 -4.45 -40.96 49.78
C SER HA 36 -5.41 -40.34 50.79
N TRP HA 37 -6.70 -40.29 50.50
CA TRP HA 37 -7.68 -39.69 51.40
C TRP HA 37 -8.14 -40.64 52.51
N GLN HA 38 -7.76 -41.92 52.45
CA GLN HA 38 -8.24 -42.87 53.44
C GLN HA 38 -7.72 -42.52 54.83
N GLU HA 39 -6.42 -42.31 54.96
CA GLU HA 39 -5.84 -41.97 56.26
C GLU HA 39 -6.36 -40.61 56.73
N ARG HA 40 -6.51 -39.65 55.81
CA ARG HA 40 -7.02 -38.35 56.19
C ARG HA 40 -8.44 -38.44 56.72
N GLN HA 41 -9.30 -39.23 56.08
CA GLN HA 41 -10.65 -39.42 56.59
C GLN HA 41 -10.64 -40.15 57.93
N PHE HA 42 -9.75 -41.13 58.08
CA PHE HA 42 -9.60 -41.82 59.36
C PHE HA 42 -9.30 -40.84 60.47
N HIS HA 43 -8.30 -39.99 60.26
CA HIS HA 43 -7.93 -39.01 61.27
C HIS HA 43 -9.04 -37.98 61.50
N LEU HA 44 -9.72 -37.55 60.44
CA LEU HA 44 -10.81 -36.61 60.59
C LEU HA 44 -11.91 -37.18 61.47
N LEU HA 45 -12.28 -38.44 61.21
CA LEU HA 45 -13.24 -39.11 62.08
C LEU HA 45 -12.70 -39.25 63.50
N GLY HA 46 -11.37 -39.29 63.64
CA GLY HA 46 -10.75 -39.27 64.95
C GLY HA 46 -10.30 -40.61 65.49
N TYR HA 47 -10.43 -41.66 64.71
CA TYR HA 47 -9.99 -42.98 65.16
C TYR HA 47 -8.46 -43.02 65.23
N VAL HA 48 -7.94 -44.06 65.87
CA VAL HA 48 -6.51 -44.19 66.12
C VAL HA 48 -6.04 -45.54 65.60
N LYS HA 49 -4.75 -45.60 65.26
CA LYS HA 49 -4.12 -46.84 64.78
C LYS HA 49 -3.50 -47.56 65.97
N TRP HA 50 -4.35 -48.27 66.72
CA TRP HA 50 -3.87 -49.00 67.87
C TRP HA 50 -3.01 -50.18 67.42
N PRO HA 51 -2.02 -50.58 68.22
CA PRO HA 51 -1.24 -51.76 67.86
C PRO HA 51 -2.11 -53.01 67.82
N LYS HA 52 -1.68 -53.97 66.99
CA LYS HA 52 -2.51 -55.14 66.72
C LYS HA 52 -2.95 -55.82 67.99
N GLU HA 53 -2.09 -55.85 69.01
CA GLU HA 53 -2.44 -56.52 70.26
C GLU HA 53 -3.60 -55.84 70.98
N ILE HA 54 -3.79 -54.54 70.79
CA ILE HA 54 -4.89 -53.83 71.43
C ILE HA 54 -6.17 -54.09 70.65
N GLY HA 55 -6.18 -53.69 69.39
CA GLY HA 55 -7.35 -53.89 68.54
C GLY HA 55 -6.99 -53.68 67.09
N PHE HA 56 -7.84 -54.23 66.23
CA PHE HA 56 -7.57 -54.18 64.79
C PHE HA 56 -8.88 -54.34 64.04
N TYR HA 57 -8.85 -53.99 62.76
CA TYR HA 57 -9.99 -54.17 61.88
C TYR HA 57 -9.92 -55.53 61.22
N ASN HA 58 -10.95 -56.34 61.42
CA ASN HA 58 -10.96 -57.72 60.94
C ASN HA 58 -11.28 -57.72 59.43
N ALA HA 59 -11.55 -58.91 58.89
CA ALA HA 59 -11.79 -59.02 57.45
C ALA HA 59 -12.93 -58.13 56.99
N GLY HA 60 -13.94 -57.93 57.82
CA GLY HA 60 -15.08 -57.12 57.49
C GLY HA 60 -14.92 -55.65 57.77
N ASP HA 61 -13.71 -55.18 58.02
CA ASP HA 61 -13.43 -53.78 58.37
C ASP HA 61 -14.12 -53.38 59.67
N ASN HA 62 -14.51 -54.36 60.49
CA ASN HA 62 -15.05 -54.09 61.81
C ASN HA 62 -13.94 -54.11 62.84
N PHE HA 63 -13.92 -53.10 63.70
CA PHE HA 63 -12.89 -53.01 64.72
C PHE HA 63 -13.22 -53.95 65.86
N GLU HA 64 -12.27 -54.80 66.23
CA GLU HA 64 -12.42 -55.70 67.36
C GLU HA 64 -11.16 -55.64 68.22
N LEU HA 65 -11.37 -55.76 69.53
CA LEU HA 65 -10.29 -55.78 70.50
C LEU HA 65 -9.79 -57.21 70.72
N THR HA 66 -8.50 -57.31 70.98
CA THR HA 66 -7.96 -58.60 71.37
C THR HA 66 -8.56 -59.03 72.70
N PRO HA 67 -8.78 -60.33 72.94
CA PRO HA 67 -9.28 -60.74 74.27
C PRO HA 67 -8.37 -60.28 75.41
N GLN HA 68 -7.05 -60.33 75.22
CA GLN HA 68 -6.15 -59.84 76.25
C GLN HA 68 -6.34 -58.35 76.47
N ALA HA 69 -6.51 -57.59 75.40
CA ALA HA 69 -6.74 -56.16 75.54
C ALA HA 69 -8.04 -55.87 76.28
N ALA HA 70 -9.09 -56.62 75.96
CA ALA HA 70 -10.36 -56.44 76.66
C ALA HA 70 -10.22 -56.76 78.15
N TYR HA 71 -9.52 -57.84 78.46
CA TYR HA 71 -9.33 -58.20 79.87
C TYR HA 71 -8.54 -57.13 80.61
N ARG HA 72 -7.50 -56.59 79.97
CA ARG HA 72 -6.71 -55.55 80.61
C ARG HA 72 -7.51 -54.27 80.80
N ILE HA 73 -8.36 -53.93 79.82
CA ILE HA 73 -9.24 -52.78 79.97
C ILE HA 73 -10.17 -52.98 81.16
N TYR HA 74 -10.74 -54.19 81.28
CA TYR HA 74 -11.58 -54.49 82.42
C TYR HA 74 -10.80 -54.34 83.72
N LYS HA 75 -9.58 -54.88 83.76
CA LYS HA 75 -8.78 -54.80 84.98
C LYS HA 75 -8.52 -53.37 85.38
N GLN HA 76 -8.21 -52.51 84.42
CA GLN HA 76 -7.90 -51.12 84.72
C GLN HA 76 -9.13 -50.26 84.97
N ASN HA 77 -10.31 -50.70 84.52
CA ASN HA 77 -11.54 -49.93 84.69
C ASN HA 77 -12.58 -50.66 85.52
N CYS HA 78 -12.16 -51.59 86.39
CA CYS HA 78 -13.12 -52.32 87.22
C CYS HA 78 -14.00 -51.35 88.00
N ASP HA 79 -13.39 -50.37 88.64
CA ASP HA 79 -14.07 -49.53 89.63
C ASP HA 79 -14.49 -48.17 89.08
N GLU HA 80 -14.33 -47.93 87.79
CA GLU HA 80 -14.71 -46.64 87.23
C GLU HA 80 -16.22 -46.47 87.27
N THR HA 81 -16.65 -45.21 87.33
CA THR HA 81 -18.07 -44.90 87.45
C THR HA 81 -18.88 -45.38 86.25
N PHE HA 82 -18.30 -45.36 85.06
CA PHE HA 82 -19.02 -45.72 83.84
C PHE HA 82 -19.11 -47.22 83.63
N TRP HA 83 -18.40 -48.02 84.42
CA TRP HA 83 -18.44 -49.47 84.24
C TRP HA 83 -19.82 -50.00 84.59
N THR HA 84 -20.17 -51.13 83.97
CA THR HA 84 -21.52 -51.67 84.12
C THR HA 84 -21.48 -53.18 83.92
N ARG HA 85 -22.55 -53.82 84.39
CA ARG HA 85 -22.71 -55.26 84.17
C ARG HA 85 -22.64 -55.60 82.69
N LEU HA 86 -23.11 -54.70 81.83
CA LEU HA 86 -22.95 -54.90 80.39
C LEU HA 86 -21.48 -54.92 80.01
N HIS HA 87 -20.67 -54.05 80.60
CA HIS HA 87 -19.24 -54.09 80.35
C HIS HA 87 -18.64 -55.42 80.81
N ASN HA 88 -19.06 -55.89 81.98
CA ASN HA 88 -18.54 -57.16 82.48
C ASN HA 88 -18.88 -58.31 81.53
N GLU HA 89 -20.15 -58.37 81.09
CA GLU HA 89 -20.54 -59.45 80.20
C GLU HA 89 -19.85 -59.34 78.85
N LYS HA 90 -19.63 -58.12 78.36
CA LYS HA 90 -18.90 -57.95 77.12
C LYS HA 90 -17.45 -58.41 77.26
N THR HA 91 -16.83 -58.14 78.40
CA THR HA 91 -15.47 -58.62 78.64
C THR HA 91 -15.43 -60.15 78.66
N ILE HA 92 -16.39 -60.77 79.33
CA ILE HA 92 -16.45 -62.23 79.33
C ILE HA 92 -16.62 -62.75 77.90
N ILE HA 93 -17.47 -62.07 77.12
CA ILE HA 93 -17.67 -62.44 75.72
C ILE HA 93 -16.33 -62.40 74.98
N HIS HA 94 -15.59 -61.31 75.15
CA HIS HA 94 -14.31 -61.18 74.48
C HIS HA 94 -13.35 -62.28 74.90
N LEU HA 95 -13.41 -62.68 76.17
CA LEU HA 95 -12.51 -63.72 76.67
C LEU HA 95 -12.92 -65.13 76.25
N LEU HA 96 -14.17 -65.32 75.81
CA LEU HA 96 -14.64 -66.66 75.46
C LEU HA 96 -13.71 -67.45 74.55
N PRO HA 97 -13.18 -66.88 73.45
CA PRO HA 97 -12.27 -67.68 72.60
C PRO HA 97 -11.07 -68.21 73.36
N LEU HA 98 -10.49 -67.41 74.25
CA LEU HA 98 -9.37 -67.89 75.05
C LEU HA 98 -9.82 -68.98 76.01
N VAL HA 99 -11.03 -68.86 76.55
CA VAL HA 99 -11.55 -69.90 77.42
C VAL HA 99 -11.63 -71.22 76.67
N GLU HA 100 -12.14 -71.17 75.43
CA GLU HA 100 -12.18 -72.38 74.61
C GLU HA 100 -10.78 -72.89 74.29
N GLN HA 101 -9.85 -72.01 73.94
CA GLN HA 101 -8.51 -72.43 73.57
C GLN HA 101 -7.78 -73.10 74.73
N ASP HA 102 -7.89 -72.54 75.93
CA ASP HA 102 -7.19 -73.07 77.09
C ASP HA 102 -7.99 -72.74 78.35
N PRO HA 103 -8.99 -73.56 78.70
CA PRO HA 103 -9.81 -73.24 79.88
C PRO HA 103 -9.01 -73.15 81.17
N GLY HA 104 -7.98 -73.98 81.33
CA GLY HA 104 -7.25 -74.03 82.59
C GLY HA 104 -6.57 -72.74 82.99
N THR HA 105 -6.35 -71.83 82.04
CA THR HA 105 -5.67 -70.57 82.33
C THR HA 105 -6.57 -69.35 82.25
N ASN HA 106 -7.73 -69.45 81.59
CA ASN HA 106 -8.63 -68.32 81.42
C ASN HA 106 -9.91 -68.44 82.23
N MET HA 107 -10.28 -69.65 82.68
CA MET HA 107 -11.43 -69.76 83.56
C MET HA 107 -11.19 -69.03 84.86
N VAL HA 108 -9.93 -68.90 85.28
CA VAL HA 108 -9.62 -68.10 86.47
C VAL HA 108 -9.96 -66.64 86.22
N LEU HA 109 -9.61 -66.12 85.04
CA LEU HA 109 -9.97 -64.74 84.71
C LEU HA 109 -11.48 -64.57 84.66
N VAL HA 110 -12.18 -65.54 84.07
CA VAL HA 110 -13.64 -65.46 84.01
C VAL HA 110 -14.22 -65.46 85.41
N ASP HA 111 -13.69 -66.30 86.30
CA ASP HA 111 -14.16 -66.33 87.68
C ASP HA 111 -13.87 -65.02 88.39
N ASP HA 112 -12.73 -64.41 88.11
CA ASP HA 112 -12.43 -63.10 88.71
C ASP HA 112 -13.44 -62.06 88.25
N ILE HA 113 -13.77 -62.06 86.96
CA ILE HA 113 -14.77 -61.14 86.45
C ILE HA 113 -16.11 -61.39 87.14
N PHE HA 114 -16.47 -62.68 87.31
CA PHE HA 114 -17.73 -63.01 87.97
C PHE HA 114 -17.75 -62.51 89.40
N ARG HA 115 -16.64 -62.69 90.12
CA ARG HA 115 -16.58 -62.24 91.51
C ARG HA 115 -16.70 -60.73 91.59
N HIS HA 116 -16.02 -60.01 90.69
CA HIS HA 116 -16.15 -58.56 90.68
C HIS HA 116 -17.58 -58.14 90.38
N HIS HA 117 -18.24 -58.83 89.45
CA HIS HA 117 -19.62 -58.51 89.12
C HIS HA 117 -20.52 -58.74 90.32
N LEU HA 118 -20.31 -59.84 91.05
CA LEU HA 118 -21.10 -60.07 92.24
C LEU HA 118 -20.85 -59.00 93.29
N LYS HA 119 -19.60 -58.57 93.45
CA LYS HA 119 -19.29 -57.55 94.43
C LYS HA 119 -19.97 -56.23 94.09
N ARG HA 120 -19.92 -55.82 92.82
CA ARG HA 120 -20.47 -54.52 92.44
C ARG HA 120 -21.98 -54.55 92.24
N PHE HA 121 -22.45 -55.36 91.29
CA PHE HA 121 -23.84 -55.36 90.88
C PHE HA 121 -24.62 -56.57 91.38
N GLY HA 122 -23.96 -57.49 92.08
CA GLY HA 122 -24.66 -58.69 92.53
C GLY HA 122 -24.98 -59.61 91.37
N ALA HA 123 -25.91 -60.53 91.60
CA ALA HA 123 -26.30 -61.51 90.60
C ALA HA 123 -27.17 -60.86 89.52
N ASP HA 124 -26.96 -61.29 88.28
CA ASP HA 124 -27.73 -60.78 87.16
C ASP HA 124 -27.83 -61.84 86.08
N HIS HA 125 -28.93 -61.77 85.32
CA HIS HA 125 -29.10 -62.67 84.19
C HIS HA 125 -27.95 -62.56 83.21
N TYR HA 126 -27.49 -61.34 82.94
CA TYR HA 126 -26.42 -61.15 81.97
C TYR HA 126 -25.16 -61.87 82.41
N ILE HA 127 -24.73 -61.63 83.65
CA ILE HA 127 -23.48 -62.23 84.11
C ILE HA 127 -23.62 -63.75 84.19
N TYR HA 128 -24.76 -64.25 84.68
CA TYR HA 128 -24.92 -65.70 84.77
C TYR HA 128 -24.92 -66.34 83.39
N ASN HA 129 -25.60 -65.73 82.43
CA ASN HA 129 -25.58 -66.26 81.06
C ASN HA 129 -24.18 -66.25 80.48
N ALA HA 130 -23.44 -65.17 80.69
CA ALA HA 130 -22.08 -65.08 80.15
C ALA HA 130 -21.19 -66.16 80.76
N VAL HA 131 -21.26 -66.35 82.08
CA VAL HA 131 -20.38 -67.33 82.71
C VAL HA 131 -20.77 -68.75 82.31
N MET HA 132 -22.08 -69.03 82.19
CA MET HA 132 -22.45 -70.38 81.76
C MET HA 132 -22.08 -70.63 80.31
N GLN HA 133 -22.14 -69.60 79.45
CA GLN HA 133 -21.65 -69.77 78.08
C GLN HA 133 -20.16 -70.04 78.07
N ALA HA 134 -19.40 -69.32 78.91
CA ALA HA 134 -17.97 -69.59 79.01
C ALA HA 134 -17.71 -71.01 79.46
N ALA HA 135 -18.47 -71.49 80.45
CA ALA HA 135 -18.31 -72.87 80.90
C ALA HA 135 -18.64 -73.85 79.79
N ALA HA 136 -19.70 -73.58 79.03
CA ALA HA 136 -20.07 -74.45 77.91
C ALA HA 136 -18.95 -74.52 76.89
N PHE HA 137 -18.36 -73.38 76.56
CA PHE HA 137 -17.23 -73.38 75.63
C PHE HA 137 -16.04 -74.13 76.22
N ALA HA 138 -15.81 -74.00 77.53
CA ALA HA 138 -14.76 -74.75 78.22
C ALA HA 138 -15.09 -76.22 78.38
N LYS HA 139 -16.30 -76.65 78.00
CA LYS HA 139 -16.72 -78.05 78.08
C LYS HA 139 -16.96 -78.46 79.52
N ASP HA 140 -17.59 -77.59 80.32
CA ASP HA 140 -17.93 -77.90 81.71
C ASP HA 140 -19.45 -77.92 81.83
N PHE HA 141 -20.03 -79.06 81.48
CA PHE HA 141 -21.48 -79.27 81.58
C PHE HA 141 -21.94 -79.24 83.03
N PRO HA 142 -21.23 -79.92 83.95
CA PRO HA 142 -21.63 -79.79 85.36
C PRO HA 142 -21.60 -78.35 85.85
N ARG HA 143 -20.65 -77.54 85.41
CA ARG HA 143 -20.63 -76.15 85.82
C ARG HA 143 -21.79 -75.38 85.20
N CYS HA 144 -22.14 -75.68 83.95
CA CYS HA 144 -23.32 -75.03 83.35
C CYS HA 144 -24.57 -75.37 84.16
N GLU HA 145 -24.73 -76.64 84.53
CA GLU HA 145 -25.89 -77.03 85.33
C GLU HA 145 -25.86 -76.35 86.69
N GLN HA 146 -24.68 -76.24 87.30
CA GLN HA 146 -24.56 -75.56 88.58
C GLN HA 146 -24.96 -74.10 88.47
N LEU HA 147 -24.55 -73.43 87.39
CA LEU HA 147 -24.93 -72.04 87.20
C LEU HA 147 -26.44 -71.90 87.02
N LEU HA 148 -27.05 -72.81 86.26
CA LEU HA 148 -28.50 -72.77 86.09
C LEU HA 148 -29.20 -72.97 87.44
N ALA HA 149 -28.71 -73.92 88.23
CA ALA HA 149 -29.30 -74.16 89.55
C ALA HA 149 -29.15 -72.96 90.45
N GLU HA 150 -27.99 -72.29 90.40
CA GLU HA 150 -27.79 -71.09 91.19
C GLU HA 150 -28.74 -69.99 90.77
N MET HA 151 -28.94 -69.82 89.46
CA MET HA 151 -29.93 -68.85 89.00
C MET HA 151 -31.30 -69.15 89.57
N ARG HA 152 -31.72 -70.41 89.47
CA ARG HA 152 -33.05 -70.79 89.97
C ARG HA 152 -33.15 -70.53 91.46
N GLY HA 153 -32.12 -70.88 92.23
CA GLY HA 153 -32.15 -70.66 93.66
C GLY HA 153 -32.21 -69.19 94.03
N LEU HA 154 -31.37 -68.38 93.39
CA LEU HA 154 -31.37 -66.94 93.65
C LEU HA 154 -32.64 -66.27 93.17
N GLY HA 155 -33.42 -66.92 92.31
CA GLY HA 155 -34.69 -66.40 91.85
C GLY HA 155 -34.65 -65.80 90.46
N LEU HA 156 -33.46 -65.56 89.91
CA LEU HA 156 -33.36 -65.11 88.53
C LEU HA 156 -34.02 -66.13 87.63
N GLU HA 157 -35.14 -65.78 87.03
CA GLU HA 157 -35.88 -66.72 86.21
C GLU HA 157 -35.00 -67.17 85.05
N PRO HA 158 -34.88 -68.48 84.81
CA PRO HA 158 -34.04 -68.93 83.69
C PRO HA 158 -34.51 -68.32 82.37
N ASN HA 159 -33.55 -67.89 81.56
CA ASN HA 159 -33.83 -67.13 80.36
C ASN HA 159 -33.63 -67.99 79.11
N ALA HA 160 -34.16 -67.50 77.99
CA ALA HA 160 -33.94 -68.18 76.72
C ALA HA 160 -32.45 -68.27 76.41
N GLN HA 161 -31.71 -67.21 76.72
CA GLN HA 161 -30.26 -67.26 76.55
C GLN HA 161 -29.64 -68.34 77.40
N SER HA 162 -30.11 -68.50 78.65
CA SER HA 162 -29.57 -69.54 79.51
C SER HA 162 -29.87 -70.93 78.95
N TYR HA 163 -31.08 -71.15 78.46
CA TYR HA 163 -31.41 -72.45 77.89
C TYR HA 163 -30.59 -72.73 76.64
N VAL HA 164 -30.36 -71.71 75.82
CA VAL HA 164 -29.54 -71.89 74.63
C VAL HA 164 -28.09 -72.19 75.03
N ASN HA 165 -27.63 -71.56 76.12
CA ASN HA 165 -26.30 -71.89 76.63
C ASN HA 165 -26.22 -73.34 77.07
N MET HA 166 -27.26 -73.83 77.74
CA MET HA 166 -27.29 -75.23 78.15
C MET HA 166 -27.26 -76.14 76.93
N MET HA 167 -28.03 -75.81 75.90
CA MET HA 167 -28.03 -76.61 74.68
C MET HA 167 -26.65 -76.62 74.03
N LEU HA 168 -26.01 -75.45 73.96
CA LEU HA 168 -24.68 -75.36 73.39
C LEU HA 168 -23.68 -76.19 74.19
N GLY HA 169 -23.75 -76.12 75.52
CA GLY HA 169 -22.86 -76.90 76.34
C GLY HA 169 -23.05 -78.39 76.13
N ALA HA 170 -24.31 -78.83 76.05
CA ALA HA 170 -24.58 -80.24 75.80
C ALA HA 170 -24.01 -80.67 74.45
N ARG HA 171 -24.25 -79.86 73.41
CA ARG HA 171 -23.75 -80.21 72.08
C ARG HA 171 -22.23 -80.26 72.06
N LEU HA 172 -21.56 -79.29 72.68
CA LEU HA 172 -20.10 -79.27 72.67
C LEU HA 172 -19.54 -80.45 73.45
N THR HA 173 -20.10 -80.73 74.63
CA THR HA 173 -19.61 -81.84 75.44
C THR HA 173 -19.96 -83.19 74.82
N GLY HA 174 -20.90 -83.23 73.89
CA GLY HA 174 -21.28 -84.47 73.26
C GLY HA 174 -22.38 -85.23 73.96
N LYS HA 175 -23.13 -84.57 74.84
CA LYS HA 175 -24.21 -85.24 75.54
C LYS HA 175 -25.28 -85.68 74.53
N PRO HA 176 -26.06 -86.72 74.85
CA PRO HA 176 -27.10 -87.16 73.92
C PRO HA 176 -28.09 -86.05 73.62
N ARG HA 177 -28.64 -86.08 72.41
CA ARG HA 177 -29.61 -85.07 72.01
C ARG HA 177 -30.85 -85.07 72.91
N ASP HA 178 -31.07 -86.14 73.67
CA ASP HA 178 -32.20 -86.16 74.59
C ASP HA 178 -32.09 -85.06 75.63
N GLN HA 179 -30.88 -84.82 76.14
CA GLN HA 179 -30.69 -83.76 77.14
C GLN HA 179 -30.99 -82.39 76.54
N ALA HA 180 -30.51 -82.14 75.32
CA ALA HA 180 -30.79 -80.86 74.67
C ALA HA 180 -32.29 -80.70 74.43
N GLU HA 181 -32.95 -81.78 74.00
CA GLU HA 181 -34.40 -81.72 73.83
C GLU HA 181 -35.11 -81.42 75.13
N ALA HA 182 -34.64 -82.02 76.23
CA ALA HA 182 -35.23 -81.76 77.54
C ALA HA 182 -35.05 -80.30 77.93
N PHE HA 183 -33.87 -79.75 77.70
CA PHE HA 183 -33.65 -78.33 78.01
C PHE HA 183 -34.56 -77.44 77.17
N PHE HA 184 -34.69 -77.74 75.89
CA PHE HA 184 -35.55 -76.94 75.03
C PHE HA 184 -37.01 -77.01 75.48
N ARG HA 185 -37.47 -78.22 75.84
CA ARG HA 185 -38.84 -78.36 76.31
C ARG HA 185 -39.06 -77.64 77.62
N GLU HA 186 -38.09 -77.69 78.53
CA GLU HA 186 -38.21 -76.94 79.77
C GLU HA 186 -38.31 -75.45 79.49
N GLY HA 187 -37.49 -74.95 78.57
CA GLY HA 187 -37.57 -73.53 78.22
C GLY HA 187 -38.91 -73.16 77.62
N ILE HA 188 -39.41 -73.99 76.71
CA ILE HA 188 -40.68 -73.67 76.05
C ILE HA 188 -41.82 -73.71 77.05
N LYS HA 189 -41.79 -74.66 77.99
CA LYS HA 189 -42.82 -74.71 79.03
C LYS HA 189 -42.73 -73.50 79.95
N THR HA 190 -41.53 -73.12 80.35
CA THR HA 190 -41.36 -71.95 81.20
C THR HA 190 -41.83 -70.68 80.49
N GLY HA 191 -41.73 -70.65 79.16
CA GLY HA 191 -42.12 -69.49 78.39
C GLY HA 191 -40.97 -68.62 77.93
N ALA HA 192 -39.74 -68.94 78.34
CA ALA HA 192 -38.59 -68.16 77.89
C ALA HA 192 -38.44 -68.24 76.37
N ILE HA 193 -38.64 -69.43 75.81
CA ILE HA 193 -38.57 -69.64 74.36
C ILE HA 193 -39.99 -69.80 73.84
N SER HA 194 -40.24 -69.23 72.66
CA SER HA 194 -41.52 -69.35 71.97
C SER HA 194 -41.27 -70.00 70.62
N ALA HA 195 -42.01 -71.07 70.33
CA ALA HA 195 -41.85 -71.82 69.09
C ALA HA 195 -43.07 -71.63 68.21
N VAL HA 196 -42.85 -71.21 66.97
CA VAL HA 196 -43.96 -71.06 66.02
C VAL HA 196 -44.26 -72.37 65.31
N MET HA 197 -43.25 -73.20 65.10
CA MET HA 197 -43.44 -74.52 64.50
C MET HA 197 -43.63 -75.55 65.61
N ARG HA 198 -43.74 -76.82 65.23
CA ARG HA 198 -43.80 -77.89 66.22
C ARG HA 198 -42.48 -77.94 66.99
N LEU HA 199 -42.54 -78.52 68.20
CA LEU HA 199 -41.36 -78.53 69.06
C LEU HA 199 -40.20 -79.28 68.41
N ASP HA 200 -40.49 -80.41 67.76
CA ASP HA 200 -39.43 -81.16 67.12
C ASP HA 200 -38.73 -80.33 66.03
N THR HA 201 -39.52 -79.65 65.19
CA THR HA 201 -38.94 -78.83 64.14
C THR HA 201 -38.16 -77.66 64.72
N GLU HA 202 -38.69 -77.02 65.77
CA GLU HA 202 -37.99 -75.90 66.38
C GLU HA 202 -36.66 -76.34 66.97
N PHE HA 203 -36.64 -77.50 67.65
CA PHE HA 203 -35.39 -78.02 68.18
C PHE HA 203 -34.42 -78.38 67.07
N GLN HA 204 -34.93 -78.94 65.97
CA GLN HA 204 -34.06 -79.23 64.83
C GLN HA 204 -33.44 -77.96 64.28
N MET HA 205 -34.23 -76.90 64.17
CA MET HA 205 -33.71 -75.63 63.68
C MET HA 205 -32.64 -75.08 64.60
N TRP HA 206 -32.89 -75.12 65.91
CA TRP HA 206 -31.88 -74.64 66.86
C TRP HA 206 -30.60 -75.46 66.77
N MET HA 207 -30.74 -76.79 66.67
CA MET HA 207 -29.57 -77.64 66.58
C MET HA 207 -28.79 -77.37 65.30
N ASN HA 208 -29.50 -77.16 64.19
CA ASN HA 208 -28.82 -76.85 62.92
C ASN HA 208 -28.08 -75.52 63.02
N GLN HA 209 -28.69 -74.51 63.64
CA GLN HA 209 -28.03 -73.22 63.79
C GLN HA 209 -26.77 -73.37 64.64
N LEU HA 210 -26.87 -74.11 65.74
CA LEU HA 210 -25.69 -74.33 66.59
C LEU HA 210 -24.61 -75.12 65.85
N GLU HA 211 -25.01 -76.09 65.04
CA GLU HA 211 -24.03 -76.85 64.25
C GLU HA 211 -23.34 -75.95 63.24
N ARG HA 212 -24.10 -75.07 62.59
CA ARG HA 212 -23.48 -74.12 61.67
C ARG HA 212 -22.47 -73.25 62.41
N LEU HA 213 -22.83 -72.77 63.59
CA LEU HA 213 -21.89 -71.96 64.36
C LEU HA 213 -20.65 -72.75 64.73
N GLY HA 214 -20.82 -74.01 65.12
CA GLY HA 214 -19.71 -74.84 65.53
C GLY HA 214 -19.06 -74.31 66.79
N SER HA 215 -17.73 -74.45 66.89
CA SER HA 215 -16.99 -73.94 68.03
C SER HA 215 -15.68 -73.36 67.51
N PHE HA 216 -14.75 -73.07 68.43
CA PHE HA 216 -13.48 -72.49 68.06
C PHE HA 216 -12.44 -73.54 67.69
N LYS HA 217 -12.44 -74.70 68.36
CA LYS HA 217 -11.55 -75.79 68.00
C LYS HA 217 -12.16 -76.73 66.97
N ALA HA 218 -13.44 -76.59 66.65
CA ALA HA 218 -14.07 -77.49 65.69
C ALA HA 218 -13.45 -77.32 64.31
N LYS HA 219 -13.82 -78.23 63.41
CA LYS HA 219 -13.29 -78.22 62.05
C LYS HA 219 -14.18 -77.37 61.13
N VAL HA 220 -15.48 -77.61 61.14
CA VAL HA 220 -16.44 -76.88 60.32
C VAL HA 220 -17.33 -76.06 61.23
N GLY HA 221 -17.44 -74.76 60.92
CA GLY HA 221 -18.25 -73.86 61.71
C GLY HA 221 -17.80 -72.43 61.59
N TYR HA 222 -18.73 -71.49 61.72
CA TYR HA 222 -18.37 -70.08 61.61
C TYR HA 222 -17.35 -69.67 62.67
N LEU HA 223 -17.56 -70.12 63.90
CA LEU HA 223 -16.59 -69.84 64.97
C LEU HA 223 -15.27 -70.55 64.76
N SER HA 224 -15.20 -71.50 63.83
CA SER HA 224 -13.99 -72.27 63.57
C SER HA 224 -13.13 -71.66 62.47
N VAL HA 225 -13.26 -70.37 62.21
CA VAL HA 225 -12.50 -69.68 61.17
C VAL HA 225 -11.71 -68.58 61.86
N ASN HA 226 -10.40 -68.79 62.01
CA ASN HA 226 -9.53 -67.86 62.72
C ASN HA 226 -8.84 -66.87 61.81
N GLU HA 227 -8.99 -66.98 60.48
CA GLU HA 227 -8.36 -66.05 59.57
C GLU HA 227 -9.11 -64.73 59.59
N GLU HA 228 -8.37 -63.63 59.77
CA GLU HA 228 -8.94 -62.30 59.83
C GLU HA 228 -8.03 -61.32 59.12
N GLY HA 229 -8.64 -60.43 58.33
CA GLY HA 229 -7.86 -59.43 57.61
C GLY HA 229 -7.41 -58.31 58.51
N ALA HA 230 -6.53 -58.62 59.46
CA ALA HA 230 -6.06 -57.64 60.42
C ALA HA 230 -5.42 -56.46 59.70
N SER HA 231 -5.79 -55.25 60.13
CA SER HA 231 -5.23 -54.03 59.55
C SER HA 231 -5.53 -52.85 60.48
N PRO HA 232 -4.56 -51.96 60.70
CA PRO HA 232 -4.83 -50.82 61.59
C PRO HA 232 -5.95 -49.92 61.10
N MET HA 233 -6.16 -49.85 59.78
CA MET HA 233 -7.15 -48.98 59.19
C MET HA 233 -8.04 -49.80 58.25
N PRO HA 234 -9.31 -49.48 58.14
CA PRO HA 234 -10.16 -50.19 57.19
C PRO HA 234 -9.74 -49.92 55.75
N ARG HA 235 -9.93 -50.92 54.90
CA ARG HA 235 -9.54 -50.80 53.49
C ARG HA 235 -10.40 -49.80 52.73
N ASP HA 236 -11.60 -49.49 53.22
CA ASP HA 236 -12.48 -48.54 52.54
C ASP HA 236 -13.18 -47.73 53.62
N MET HA 237 -12.76 -46.48 53.80
CA MET HA 237 -13.30 -45.65 54.87
C MET HA 237 -14.69 -45.14 54.58
N TRP HA 238 -15.13 -45.16 53.31
CA TRP HA 238 -16.46 -44.74 52.94
C TRP HA 238 -17.41 -45.93 52.74
N ALA HA 239 -17.13 -47.06 53.38
CA ALA HA 239 -18.02 -48.21 53.27
C ALA HA 239 -19.36 -47.89 53.92
N LEU HA 240 -20.42 -48.43 53.34
CA LEU HA 240 -21.78 -48.19 53.78
C LEU HA 240 -22.29 -49.38 54.57
N TRP HA 241 -23.12 -49.09 55.58
CA TRP HA 241 -23.90 -50.11 56.26
C TRP HA 241 -25.36 -50.09 55.85
N GLY HA 242 -25.79 -49.07 55.11
CA GLY HA 242 -27.19 -48.92 54.74
C GLY HA 242 -27.39 -48.67 53.27
N TRP HA 243 -28.18 -47.64 52.93
CA TRP HA 243 -28.61 -47.40 51.57
C TRP HA 243 -27.99 -46.15 50.95
N HIS HA 244 -27.30 -45.33 51.73
CA HIS HA 244 -26.80 -44.06 51.22
C HIS HA 244 -25.53 -43.70 51.99
N ARG HA 245 -24.74 -42.79 51.40
CA ARG HA 245 -23.53 -42.35 52.07
C ARG HA 245 -23.84 -41.66 53.40
N THR HA 246 -25.07 -41.17 53.58
CA THR HA 246 -25.49 -40.68 54.89
C THR HA 246 -25.41 -41.78 55.94
N GLU HA 247 -25.76 -43.01 55.55
CA GLU HA 247 -25.69 -44.15 56.44
C GLU HA 247 -24.37 -44.88 56.26
N ALA HA 248 -23.27 -44.14 56.44
CA ALA HA 248 -21.94 -44.71 56.29
C ALA HA 248 -21.57 -45.52 57.53
N LYS HA 249 -20.76 -46.55 57.31
CA LYS HA 249 -20.36 -47.42 58.42
C LYS HA 249 -19.56 -46.66 59.47
N PHE HA 250 -18.64 -45.79 59.03
CA PHE HA 250 -17.79 -45.05 59.94
C PHE HA 250 -18.26 -43.61 60.00
N ILE HA 251 -18.46 -43.10 61.22
CA ILE HA 251 -18.93 -41.74 61.45
C ILE HA 251 -18.07 -41.10 62.52
N SER HA 252 -18.09 -39.77 62.54
CA SER HA 252 -17.27 -39.02 63.47
C SER HA 252 -17.62 -39.37 64.92
N ARG HA 253 -16.71 -39.01 65.83
CA ARG HA 253 -16.94 -39.31 67.24
C ARG HA 253 -18.16 -38.57 67.76
N LYS HA 254 -18.33 -37.30 67.40
CA LYS HA 254 -19.48 -36.55 67.86
C LYS HA 254 -20.78 -37.12 67.31
N GLN HA 255 -20.77 -37.54 66.04
CA GLN HA 255 -21.96 -38.16 65.46
C GLN HA 255 -22.27 -39.48 66.16
N MET HA 256 -21.23 -40.26 66.50
CA MET HA 256 -21.45 -41.49 67.23
C MET HA 256 -22.01 -41.23 68.63
N ILE HA 257 -21.53 -40.18 69.29
CA ILE HA 257 -22.08 -39.81 70.59
C ILE HA 257 -23.55 -39.42 70.46
N SER HA 258 -23.88 -38.66 69.43
CA SER HA 258 -25.28 -38.32 69.19
C SER HA 258 -26.11 -39.58 68.96
N GLU HA 259 -25.56 -40.54 68.22
CA GLU HA 259 -26.26 -41.80 68.00
C GLU HA 259 -26.47 -42.56 69.30
N GLN HA 260 -25.47 -42.58 70.18
CA GLN HA 260 -25.63 -43.25 71.46
C GLN HA 260 -26.69 -42.57 72.32
N VAL HA 261 -26.70 -41.24 72.34
CA VAL HA 261 -27.74 -40.52 73.07
C VAL HA 261 -29.10 -40.84 72.49
N GLN HA 262 -29.21 -40.92 71.15
CA GLN HA 262 -30.46 -41.30 70.52
C GLN HA 262 -30.88 -42.70 70.96
N ASN HA 263 -29.94 -43.63 71.01
CA ASN HA 263 -30.28 -44.99 71.43
C ASN HA 263 -30.80 -45.02 72.86
N ARG HA 264 -30.16 -44.27 73.76
CA ARG HA 264 -30.56 -44.33 75.16
C ARG HA 264 -31.83 -43.54 75.44
N VAL HA 265 -32.12 -42.51 74.64
CA VAL HA 265 -33.28 -41.65 74.89
C VAL HA 265 -34.47 -42.17 74.10
N ARG HA 266 -34.37 -42.14 72.77
CA ARG HA 266 -35.47 -42.54 71.91
C ARG HA 266 -35.50 -44.07 71.77
N SER HA 267 -35.54 -44.77 72.90
CA SER HA 267 -35.52 -46.23 72.87
C SER HA 267 -36.82 -46.82 72.38
N GLY HA 268 -37.93 -46.10 72.53
CA GLY HA 268 -39.22 -46.63 72.11
C GLY HA 268 -39.32 -46.90 70.63
N LYS HA 269 -38.69 -46.05 69.81
CA LYS HA 269 -38.82 -46.19 68.37
C LYS HA 269 -38.29 -47.54 67.89
N GLU HA 270 -37.35 -48.13 68.60
CA GLU HA 270 -36.80 -49.43 68.19
C GLU HA 270 -37.83 -50.54 68.26
N LEU HA 271 -38.93 -50.36 69.00
CA LEU HA 271 -39.92 -51.40 69.16
C LEU HA 271 -40.91 -51.49 68.02
N VAL HA 272 -40.94 -50.51 67.12
CA VAL HA 272 -41.92 -50.45 66.04
C VAL HA 272 -41.21 -50.26 64.71
N GLY HA 273 -41.88 -50.72 63.66
CA GLY HA 273 -41.39 -50.55 62.30
C GLY HA 273 -42.53 -50.65 61.31
N THR HA 274 -42.63 -49.68 60.41
CA THR HA 274 -43.76 -49.61 59.48
C THR HA 274 -43.28 -49.30 58.08
N VAL HA 275 -44.07 -49.74 57.10
CA VAL HA 275 -43.71 -49.53 55.70
C VAL HA 275 -43.54 -48.05 55.40
N TYR HA 276 -44.25 -47.19 56.15
CA TYR HA 276 -44.06 -45.75 55.97
C TYR HA 276 -42.61 -45.36 56.22
N GLN HA 277 -42.05 -45.78 57.35
CA GLN HA 277 -40.65 -45.49 57.64
C GLN HA 277 -39.72 -46.20 56.66
N LYS HA 278 -40.05 -47.44 56.30
CA LYS HA 278 -39.19 -48.17 55.37
C LYS HA 278 -39.09 -47.47 54.03
N ALA HA 279 -40.21 -46.94 53.51
CA ALA HA 279 -40.23 -46.19 52.26
C ALA HA 279 -39.57 -44.82 52.42
N ARG HA 280 -39.83 -44.15 53.55
CA ARG HA 280 -39.18 -42.88 53.82
C ARG HA 280 -37.68 -43.01 53.78
N ARG HA 281 -37.15 -44.16 54.23
CA ARG HA 281 -35.71 -44.36 54.24
C ARG HA 281 -35.10 -44.44 52.85
N GLN HA 282 -35.90 -44.63 51.81
CA GLN HA 282 -35.35 -44.77 50.47
C GLN HA 282 -34.64 -43.49 50.06
N PRO HA 283 -33.33 -43.53 49.76
CA PRO HA 283 -32.56 -42.32 49.50
C PRO HA 283 -32.55 -41.87 48.04
N TRP HA 284 -33.74 -41.72 47.45
CA TRP HA 284 -33.84 -41.22 46.09
C TRP HA 284 -34.08 -39.72 46.03
N ALA HA 285 -34.16 -39.05 47.17
CA ALA HA 285 -34.27 -37.59 47.22
C ALA HA 285 -33.40 -37.03 48.34
N LYS HA 286 -32.19 -37.57 48.49
CA LYS HA 286 -31.34 -37.26 49.63
C LYS HA 286 -30.10 -36.46 49.22
N TYR HA 287 -30.20 -35.69 48.14
CA TYR HA 287 -29.11 -34.81 47.70
C TYR HA 287 -27.80 -35.59 47.55
N ASN HA 288 -27.80 -36.49 46.58
CA ASN HA 288 -26.61 -37.25 46.22
C ASN HA 288 -25.69 -36.39 45.36
N GLY HA 289 -25.28 -35.26 45.92
CA GLY HA 289 -24.41 -34.30 45.27
C GLY HA 289 -22.99 -34.40 45.75
N MET HA 290 -22.29 -33.26 45.73
CA MET HA 290 -20.89 -33.19 46.13
C MET HA 290 -20.69 -32.03 47.08
N PHE HA 291 -19.56 -32.07 47.79
CA PHE HA 291 -19.21 -31.09 48.80
C PHE HA 291 -17.78 -30.64 48.59
N PRO HA 292 -17.40 -29.48 49.13
CA PRO HA 292 -16.02 -29.04 49.00
C PRO HA 292 -15.03 -30.02 49.59
N TYR HA 293 -15.39 -30.73 50.65
CA TYR HA 293 -14.50 -31.76 51.17
C TYR HA 293 -14.42 -32.95 50.22
N ASP HA 294 -15.51 -33.27 49.53
CA ASP HA 294 -15.44 -34.29 48.49
C ASP HA 294 -14.51 -33.87 47.36
N TYR HA 295 -14.49 -32.59 46.99
CA TYR HA 295 -13.65 -32.12 45.91
C TYR HA 295 -12.18 -31.98 46.32
N ASN HA 296 -11.90 -31.56 47.55
CA ASN HA 296 -10.54 -31.28 47.97
C ASN HA 296 -9.92 -32.46 48.72
N GLY HA 297 -10.59 -32.93 49.77
CA GLY HA 297 -10.09 -34.02 50.58
C GLY HA 297 -10.53 -33.85 52.02
N PRO HA 298 -10.41 -34.89 52.83
CA PRO HA 298 -10.77 -34.77 54.24
C PRO HA 298 -9.94 -33.71 54.93
N ALA HA 299 -10.57 -33.01 55.88
CA ALA HA 299 -9.90 -31.94 56.59
C ALA HA 299 -8.65 -32.47 57.29
N ARG HA 300 -7.58 -31.68 57.25
CA ARG HA 300 -6.28 -32.09 57.80
C ARG HA 300 -6.32 -32.03 59.33
N ARG HA 301 -7.06 -32.96 59.90
CA ARG HA 301 -7.08 -33.10 61.36
C ARG HA 301 -5.83 -33.84 61.82
N PRO HA 302 -5.04 -33.27 62.73
CA PRO HA 302 -3.84 -33.97 63.19
C PRO HA 302 -4.19 -35.28 63.89
N ALA HA 303 -3.33 -36.27 63.70
CA ALA HA 303 -3.53 -37.58 64.29
C ALA HA 303 -3.16 -37.56 65.76
N ALA HA 304 -3.45 -38.67 66.45
CA ALA HA 304 -3.10 -38.83 67.86
C ALA HA 304 -1.69 -39.38 67.94
N SER HA 305 -0.74 -38.52 68.33
CA SER HA 305 0.67 -38.90 68.40
C SER HA 305 1.01 -39.32 69.82
N PHE HA 306 1.49 -40.54 69.98
CA PHE HA 306 1.90 -41.06 71.28
C PHE HA 306 3.37 -40.75 71.48
N VAL HA 307 3.69 -39.47 71.71
CA VAL HA 307 5.06 -39.04 71.94
C VAL HA 307 5.60 -39.56 73.27
N ASP HA 308 4.73 -39.70 74.26
CA ASP HA 308 5.15 -40.16 75.58
C ASP HA 308 5.17 -41.68 75.70
N ALA HA 309 4.89 -42.39 74.63
CA ALA HA 309 4.84 -43.86 74.70
C ALA HA 309 6.21 -44.41 75.07
N PRO HA 310 6.29 -45.46 75.87
CA PRO HA 310 7.60 -46.04 76.21
C PRO HA 310 8.26 -46.65 74.98
N THR HA 311 9.58 -46.73 75.03
CA THR HA 311 10.34 -47.25 73.91
C THR HA 311 9.86 -48.65 73.55
N PRO HA 312 9.66 -48.96 72.27
CA PRO HA 312 9.13 -50.29 71.90
C PRO HA 312 10.16 -51.39 72.17
N THR HA 313 9.76 -52.37 72.97
CA THR HA 313 10.56 -53.54 73.24
C THR HA 313 9.87 -54.77 72.65
N HIS HA 314 10.67 -55.82 72.42
CA HIS HA 314 10.20 -57.02 71.74
C HIS HA 314 9.71 -56.72 70.33
N ASN HA 315 10.25 -55.67 69.71
CA ASN HA 315 9.82 -55.30 68.37
C ASN HA 315 10.08 -56.42 67.37
N ALA HA 316 11.22 -57.09 67.48
CA ALA HA 316 11.50 -58.22 66.61
C ALA HA 316 10.47 -59.33 66.78
N GLU HA 317 9.90 -59.45 67.97
CA GLU HA 317 8.91 -60.48 68.23
C GLU HA 317 7.54 -60.05 67.72
N VAL HA 318 6.90 -60.95 66.97
CA VAL HA 318 5.59 -60.68 66.41
C VAL HA 318 4.52 -61.10 67.42
N CYS HA 319 3.38 -60.44 67.37
CA CYS HA 319 2.26 -60.74 68.26
C CYS HA 319 1.36 -61.77 67.58
N GLY HA 320 1.31 -62.97 68.16
CA GLY HA 320 0.48 -64.01 67.58
C GLY HA 320 -0.99 -63.71 67.73
N THR HA 321 -1.81 -64.28 66.85
CA THR HA 321 -3.24 -64.10 66.92
C THR HA 321 -3.78 -64.67 68.23
N ALA HA 322 -4.67 -63.92 68.88
CA ALA HA 322 -5.23 -64.35 70.15
C ALA HA 322 -6.43 -65.27 69.96
N TYR HA 323 -7.32 -64.91 69.04
CA TYR HA 323 -8.51 -65.71 68.76
C TYR HA 323 -8.15 -67.18 68.53
N LEU IA 1 -29.04 40.18 -88.47
CA LEU IA 1 -28.92 38.93 -89.24
C LEU IA 1 -29.80 38.98 -90.47
N GLU IA 2 -29.27 39.53 -91.56
CA GLU IA 2 -30.03 39.66 -92.79
C GLU IA 2 -30.40 38.29 -93.32
N GLU IA 3 -31.66 38.15 -93.74
CA GLU IA 3 -32.13 36.89 -94.30
C GLU IA 3 -31.44 36.63 -95.63
N GLU IA 4 -31.28 35.34 -95.96
CA GLU IA 4 -30.54 34.98 -97.17
C GLU IA 4 -31.22 35.50 -98.43
N THR IA 5 -32.55 35.42 -98.49
CA THR IA 5 -33.26 35.81 -99.70
C THR IA 5 -33.01 37.27 -100.04
N ILE IA 6 -33.22 38.17 -99.08
CA ILE IA 6 -32.99 39.59 -99.31
C ILE IA 6 -31.50 39.86 -99.46
N ARG IA 7 -30.66 39.15 -98.69
CA ARG IA 7 -29.23 39.33 -98.78
C ARG IA 7 -28.74 39.14 -100.20
N GLU IA 8 -28.90 37.93 -100.74
CA GLU IA 8 -28.44 37.64 -102.09
C GLU IA 8 -28.68 38.80 -103.04
N ARG IA 9 -29.93 39.29 -103.11
CA ARG IA 9 -30.24 40.36 -104.05
C ARG IA 9 -29.53 41.66 -103.67
N VAL IA 10 -29.48 41.99 -102.38
CA VAL IA 10 -28.85 43.25 -101.97
C VAL IA 10 -27.37 43.24 -102.34
N ILE IA 11 -26.69 42.13 -102.04
CA ILE IA 11 -25.28 41.99 -102.38
C ILE IA 11 -25.09 42.07 -103.89
N TYR IA 12 -25.93 41.37 -104.65
CA TYR IA 12 -25.78 41.39 -106.11
C TYR IA 12 -25.99 42.79 -106.67
N GLN IA 13 -26.92 43.56 -106.11
CA GLN IA 13 -27.23 44.88 -106.64
C GLN IA 13 -26.26 45.95 -106.17
N VAL IA 14 -25.62 45.77 -105.01
CA VAL IA 14 -24.76 46.80 -104.46
C VAL IA 14 -23.29 46.47 -104.73
N VAL IA 15 -22.83 45.33 -104.21
CA VAL IA 15 -21.40 45.03 -104.25
C VAL IA 15 -20.91 44.94 -105.71
N GLU IA 16 -21.64 44.19 -106.54
CA GLU IA 16 -21.25 44.06 -107.94
C GLU IA 16 -21.34 45.39 -108.68
N GLY IA 17 -22.41 46.15 -108.45
CA GLY IA 17 -22.62 47.38 -109.19
C GLY IA 17 -21.83 48.56 -108.66
N VAL IA 18 -21.44 48.50 -107.39
CA VAL IA 18 -20.73 49.61 -106.76
C VAL IA 18 -19.25 49.28 -106.64
N PHE IA 19 -18.94 48.19 -105.92
CA PHE IA 19 -17.55 47.84 -105.64
C PHE IA 19 -17.00 46.77 -106.56
N ARG IA 20 -17.86 45.97 -107.20
CA ARG IA 20 -17.42 44.96 -108.17
C ARG IA 20 -16.49 43.95 -107.51
N LEU IA 21 -16.96 43.34 -106.42
CA LEU IA 21 -16.21 42.35 -105.69
C LEU IA 21 -16.74 40.96 -106.02
N SER IA 22 -16.24 39.94 -105.31
CA SER IA 22 -16.66 38.56 -105.55
C SER IA 22 -16.38 37.71 -104.31
N PRO IA 23 -17.26 37.73 -103.31
CA PRO IA 23 -17.04 36.89 -102.13
C PRO IA 23 -17.19 35.41 -102.45
N THR IA 24 -16.53 34.59 -101.63
CA THR IA 24 -16.55 33.15 -101.78
C THR IA 24 -17.75 32.57 -101.02
N SER IA 25 -17.84 31.25 -100.96
CA SER IA 25 -18.96 30.61 -100.28
C SER IA 25 -18.93 30.92 -98.79
N ALA IA 26 -17.80 30.67 -98.13
CA ALA IA 26 -17.70 30.98 -96.71
C ALA IA 26 -17.81 32.47 -96.45
N ASP IA 27 -17.27 33.29 -97.36
CA ASP IA 27 -17.38 34.73 -97.22
C ASP IA 27 -18.84 35.16 -97.20
N ARG IA 28 -19.63 34.65 -98.15
CA ARG IA 28 -21.06 34.96 -98.17
C ARG IA 28 -21.77 34.41 -96.95
N ARG IA 29 -21.36 33.22 -96.49
CA ARG IA 29 -21.98 32.65 -95.29
C ARG IA 29 -21.76 33.54 -94.09
N GLU IA 30 -20.56 34.11 -93.96
CA GLU IA 30 -20.26 35.01 -92.85
C GLU IA 30 -20.77 36.43 -93.07
N LEU IA 31 -21.14 36.78 -94.29
CA LEU IA 31 -21.62 38.12 -94.64
C LEU IA 31 -23.07 38.37 -94.24
N ARG IA 32 -23.67 37.55 -93.37
CA ARG IA 32 -25.09 37.72 -93.05
C ARG IA 32 -25.39 39.14 -92.55
N SER IA 33 -24.45 39.74 -91.84
CA SER IA 33 -24.69 41.02 -91.20
C SER IA 33 -24.26 42.18 -92.09
N VAL IA 34 -25.00 43.28 -92.00
CA VAL IA 34 -24.61 44.51 -92.68
C VAL IA 34 -23.22 44.93 -92.24
N ALA IA 35 -22.94 44.82 -90.94
CA ALA IA 35 -21.61 45.14 -90.43
C ALA IA 35 -20.56 44.24 -91.08
N ASN IA 36 -20.85 42.95 -91.20
CA ASN IA 36 -19.89 42.04 -91.79
C ASN IA 36 -19.61 42.40 -93.25
N ILE IA 37 -20.66 42.68 -94.03
CA ILE IA 37 -20.44 43.01 -95.44
C ILE IA 37 -19.66 44.30 -95.57
N ILE IA 38 -20.01 45.32 -94.78
CA ILE IA 38 -19.31 46.59 -94.91
C ILE IA 38 -17.85 46.44 -94.47
N ASP IA 39 -17.60 45.64 -93.44
CA ASP IA 39 -16.22 45.39 -93.01
C ASP IA 39 -15.44 44.65 -94.09
N TYR IA 40 -16.07 43.68 -94.75
CA TYR IA 40 -15.41 42.97 -95.84
C TYR IA 40 -15.05 43.92 -96.97
N VAL IA 41 -15.99 44.79 -97.34
CA VAL IA 41 -15.71 45.76 -98.41
C VAL IA 41 -14.59 46.69 -98.00
N LEU IA 42 -14.60 47.17 -96.76
CA LEU IA 42 -13.54 48.05 -96.28
C LEU IA 42 -12.19 47.36 -96.32
N THR IA 43 -12.13 46.10 -95.88
CA THR IA 43 -10.87 45.37 -95.88
C THR IA 43 -10.36 45.18 -97.31
N HIS IA 44 -11.25 44.83 -98.23
CA HIS IA 44 -10.82 44.59 -99.60
C HIS IA 44 -10.34 45.88 -100.26
N VAL IA 45 -11.03 47.00 -100.04
CA VAL IA 45 -10.57 48.26 -100.63
C VAL IA 45 -9.26 48.68 -99.99
N ARG IA 46 -9.11 48.45 -98.69
CA ARG IA 46 -7.84 48.77 -98.03
C ARG IA 46 -6.70 47.97 -98.63
N ALA IA 47 -6.92 46.68 -98.87
CA ALA IA 47 -5.89 45.86 -99.52
C ALA IA 47 -5.60 46.36 -100.93
N ALA IA 48 -6.65 46.72 -101.68
CA ALA IA 48 -6.46 47.21 -103.04
C ALA IA 48 -5.69 48.53 -103.08
N ARG IA 49 -5.80 49.35 -102.04
CA ARG IA 49 -5.09 50.62 -101.98
C ARG IA 49 -3.62 50.41 -102.32
N PRO IA 50 -2.94 51.41 -102.88
CA PRO IA 50 -1.53 51.23 -103.22
C PRO IA 50 -0.67 50.97 -102.00
N THR IA 51 0.36 50.16 -102.18
CA THR IA 51 1.25 49.78 -101.10
C THR IA 51 2.37 50.81 -100.95
N ASP IA 52 2.99 50.81 -99.77
CA ASP IA 52 4.11 51.71 -99.54
C ASP IA 52 5.27 51.41 -100.47
N ARG IA 53 5.54 50.13 -100.71
CA ARG IA 53 6.59 49.75 -101.65
C ARG IA 53 6.29 50.28 -103.05
N GLU IA 54 5.05 50.13 -103.50
CA GLU IA 54 4.68 50.63 -104.82
C GLU IA 54 4.82 52.15 -104.89
N ARG IA 55 4.39 52.85 -103.84
CA ARG IA 55 4.49 54.30 -103.82
C ARG IA 55 5.95 54.74 -103.87
N ARG IA 56 6.81 54.08 -103.10
CA ARG IA 56 8.23 54.41 -103.14
C ARG IA 56 8.85 54.12 -104.50
N GLN IA 57 8.45 53.00 -105.12
CA GLN IA 57 8.96 52.67 -106.45
C GLN IA 57 8.58 53.74 -107.46
N GLU IA 58 7.32 54.18 -107.44
CA GLU IA 58 6.88 55.19 -108.40
C GLU IA 58 7.40 56.58 -108.08
N ARG IA 59 7.76 56.85 -106.82
CA ARG IA 59 8.28 58.15 -106.40
C ARG IA 59 9.55 57.92 -105.59
N PRO IA 60 10.65 57.59 -106.25
CA PRO IA 60 11.91 57.34 -105.54
C PRO IA 60 12.56 58.66 -105.12
N ILE IA 61 13.63 58.52 -104.33
CA ILE IA 61 14.40 59.66 -103.85
C ILE IA 61 15.31 60.13 -104.98
N THR IA 62 15.65 61.41 -104.97
CA THR IA 62 16.47 62.01 -106.01
C THR IA 62 17.89 62.20 -105.51
N SER IA 63 18.84 62.21 -106.46
CA SER IA 63 20.25 62.27 -106.10
C SER IA 63 20.59 63.56 -105.36
N ALA IA 64 20.04 64.69 -105.80
CA ALA IA 64 20.35 65.96 -105.15
C ALA IA 64 19.86 65.96 -103.69
N ALA IA 65 18.63 65.49 -103.48
CA ALA IA 65 18.11 65.43 -102.12
C ALA IA 65 18.92 64.48 -101.26
N LEU IA 66 19.30 63.33 -101.82
CA LEU IA 66 20.13 62.38 -101.07
C LEU IA 66 21.46 63.01 -100.70
N ALA IA 67 22.07 63.74 -101.64
CA ALA IA 67 23.35 64.38 -101.36
C ALA IA 67 23.22 65.43 -100.27
N VAL IA 68 22.15 66.22 -100.31
CA VAL IA 68 21.96 67.24 -99.28
C VAL IA 68 21.76 66.58 -97.92
N MET IA 69 20.94 65.53 -97.87
CA MET IA 69 20.70 64.86 -96.60
C MET IA 69 21.98 64.24 -96.05
N GLN IA 70 22.79 63.63 -96.92
CA GLN IA 70 24.07 63.07 -96.47
C GLN IA 70 25.01 64.17 -95.98
N LYS IA 71 25.06 65.31 -96.68
CA LYS IA 71 25.92 66.40 -96.27
C LYS IA 71 25.45 67.04 -94.96
N CYS IA 72 24.18 66.89 -94.62
CA CYS IA 72 23.71 67.42 -93.35
C CYS IA 72 24.54 66.85 -92.21
N PRO IA 73 25.02 67.69 -91.28
CA PRO IA 73 25.93 67.19 -90.24
C PRO IA 73 25.31 66.15 -89.32
N ILE IA 74 23.99 66.10 -89.21
CA ILE IA 74 23.31 65.22 -88.26
C ILE IA 74 22.65 64.08 -89.02
N GLN IA 75 22.84 62.87 -88.53
CA GLN IA 75 22.19 61.68 -89.07
C GLN IA 75 21.53 60.94 -87.91
N PRO IA 76 20.43 60.22 -88.17
CA PRO IA 76 19.71 59.56 -87.09
C PRO IA 76 20.35 58.25 -86.67
N GLN IA 77 19.99 57.81 -85.47
CA GLN IA 77 20.39 56.51 -84.94
C GLN IA 77 19.13 55.66 -84.80
N LEU IA 78 18.93 54.73 -85.72
CA LEU IA 78 17.74 53.89 -85.72
C LEU IA 78 18.00 52.66 -84.84
N GLY IA 79 17.06 51.72 -84.84
CA GLY IA 79 17.16 50.54 -84.00
C GLY IA 79 16.59 50.70 -82.61
N PHE IA 80 16.10 51.90 -82.26
CA PHE IA 80 15.50 52.08 -80.95
C PHE IA 80 14.24 51.24 -80.79
N VAL IA 81 13.56 50.93 -81.89
CA VAL IA 81 12.36 50.10 -81.80
C VAL IA 81 12.68 48.71 -81.29
N HIS IA 82 13.92 48.25 -81.47
CA HIS IA 82 14.33 46.92 -81.03
C HIS IA 82 14.47 46.81 -79.52
N ALA IA 83 14.39 47.92 -78.78
CA ALA IA 83 14.64 47.92 -77.35
C ALA IA 83 13.39 47.82 -76.50
N LEU IA 84 12.24 48.27 -77.01
CA LEU IA 84 11.02 48.25 -76.21
C LEU IA 84 10.64 46.80 -75.90
N PRO IA 85 10.01 46.56 -74.76
CA PRO IA 85 9.70 45.17 -74.36
C PRO IA 85 8.72 44.52 -75.31
N HIS IA 86 8.87 43.20 -75.45
CA HIS IA 86 8.01 42.38 -76.31
C HIS IA 86 7.29 41.39 -75.40
N ASP IA 87 6.03 41.67 -75.09
CA ASP IA 87 5.25 40.83 -74.19
C ASP IA 87 4.63 39.68 -74.97
N THR IA 88 4.82 38.45 -74.48
CA THR IA 88 4.25 37.25 -75.07
C THR IA 88 3.12 36.78 -74.15
N ARG IA 89 1.89 37.13 -74.50
CA ARG IA 89 0.72 36.81 -73.69
C ARG IA 89 -0.41 36.38 -74.61
N ASP IA 90 -1.62 36.28 -74.05
CA ASP IA 90 -2.79 35.88 -74.81
C ASP IA 90 -3.31 37.05 -75.63
N ALA IA 91 -3.71 36.77 -76.88
CA ALA IA 91 -4.20 37.83 -77.76
C ALA IA 91 -5.47 38.45 -77.20
N LEU IA 92 -6.41 37.63 -76.71
CA LEU IA 92 -7.64 38.17 -76.15
C LEU IA 92 -7.36 39.00 -74.91
N LEU IA 93 -6.44 38.55 -74.06
CA LEU IA 93 -6.08 39.32 -72.88
C LEU IA 93 -5.48 40.67 -73.27
N GLN IA 94 -4.60 40.67 -74.28
CA GLN IA 94 -4.02 41.92 -74.75
C GLN IA 94 -5.09 42.84 -75.32
N GLU IA 95 -6.05 42.29 -76.06
CA GLU IA 95 -7.14 43.10 -76.59
C GLU IA 95 -7.95 43.73 -75.45
N TRP IA 96 -8.26 42.94 -74.44
CA TRP IA 96 -8.98 43.46 -73.28
C TRP IA 96 -8.19 44.58 -72.62
N GLU IA 97 -6.88 44.38 -72.43
CA GLU IA 97 -6.06 45.38 -71.77
C GLU IA 97 -6.02 46.68 -72.57
N ARG IA 98 -5.82 46.59 -73.88
CA ARG IA 98 -5.76 47.79 -74.71
C ARG IA 98 -7.11 48.51 -74.73
N MET IA 99 -8.21 47.76 -74.82
CA MET IA 99 -9.52 48.41 -74.81
C MET IA 99 -9.78 49.10 -73.48
N HIS IA 100 -9.38 48.50 -72.37
CA HIS IA 100 -9.55 49.10 -71.07
C HIS IA 100 -8.33 49.99 -70.75
N HIS IA 101 -8.29 50.50 -69.52
CA HIS IA 101 -7.20 51.36 -69.09
C HIS IA 101 -5.98 50.58 -68.63
N LEU IA 102 -6.04 49.24 -68.64
CA LEU IA 102 -4.91 48.44 -68.19
C LEU IA 102 -3.68 48.62 -69.06
N ASP IA 103 -3.83 49.20 -70.26
CA ASP IA 103 -2.69 49.35 -71.16
C ASP IA 103 -1.60 50.26 -70.58
N TRP IA 104 -1.92 51.05 -69.54
CA TRP IA 104 -0.93 51.91 -68.91
C TRP IA 104 -0.83 51.66 -67.41
N GLN IA 105 -1.63 50.76 -66.84
CA GLN IA 105 -1.74 50.68 -65.40
C GLN IA 105 -0.44 50.22 -64.73
N PHE IA 106 0.20 49.18 -65.26
CA PHE IA 106 1.35 48.56 -64.61
C PHE IA 106 2.51 48.46 -65.61
N GLY IA 107 3.32 49.50 -65.67
CA GLY IA 107 4.54 49.47 -66.45
C GLY IA 107 4.32 49.17 -67.92
N LYS IA 108 3.14 49.49 -68.43
CA LYS IA 108 2.80 49.25 -69.83
C LYS IA 108 2.56 50.57 -70.55
N ALA IA 109 2.75 50.56 -71.87
CA ALA IA 109 2.55 51.74 -72.69
C ALA IA 109 2.59 51.32 -74.15
N VAL IA 110 1.72 51.91 -74.95
CA VAL IA 110 1.65 51.61 -76.37
C VAL IA 110 2.64 52.50 -77.11
N TYR IA 111 3.15 51.98 -78.23
CA TYR IA 111 4.11 52.69 -79.06
C TYR IA 111 3.49 53.00 -80.41
N THR IA 112 3.54 54.27 -80.80
CA THR IA 112 3.02 54.72 -82.09
C THR IA 112 4.03 55.67 -82.72
N PRO IA 113 4.70 55.29 -83.80
CA PRO IA 113 5.71 56.19 -84.39
C PRO IA 113 5.10 57.52 -84.80
N ARG IA 114 5.85 58.60 -84.59
CA ARG IA 114 5.40 59.95 -84.89
C ARG IA 114 6.44 60.66 -85.73
N SER IA 115 5.98 61.44 -86.72
CA SER IA 115 6.88 62.22 -87.54
C SER IA 115 7.14 63.59 -86.92
N LYS IA 116 6.09 64.28 -86.50
CA LYS IA 116 6.20 65.57 -85.83
C LYS IA 116 5.72 65.45 -84.39
N GLU IA 117 6.35 66.21 -83.51
CA GLU IA 117 6.10 66.10 -82.08
C GLU IA 117 6.03 67.49 -81.46
N ASN IA 118 5.36 67.58 -80.32
CA ASN IA 118 5.23 68.82 -79.58
C ASN IA 118 6.53 69.11 -78.83
N VAL IA 119 7.04 70.32 -78.97
CA VAL IA 119 8.30 70.69 -78.34
C VAL IA 119 8.11 71.43 -77.02
N ARG IA 120 7.00 72.13 -76.84
CA ARG IA 120 6.78 72.92 -75.63
C ARG IA 120 6.83 72.03 -74.39
N GLY IA 121 7.82 72.26 -73.54
CA GLY IA 121 7.97 71.49 -72.32
C GLY IA 121 8.65 70.15 -72.49
N ASN IA 122 9.17 69.85 -73.68
CA ASN IA 122 9.85 68.57 -73.93
C ASN IA 122 11.31 68.74 -73.55
N LEU IA 123 11.68 68.19 -72.38
CA LEU IA 123 13.05 68.35 -71.91
C LEU IA 123 14.04 67.67 -72.84
N THR IA 124 13.69 66.50 -73.37
CA THR IA 124 14.56 65.83 -74.33
C THR IA 124 14.80 66.72 -75.55
N TRP IA 125 13.73 67.30 -76.08
CA TRP IA 125 13.87 68.17 -77.24
C TRP IA 125 14.73 69.37 -76.92
N LEU IA 126 14.54 69.98 -75.74
CA LEU IA 126 15.33 71.15 -75.38
C LEU IA 126 16.81 70.81 -75.24
N ARG IA 127 17.12 69.67 -74.61
CA ARG IA 127 18.52 69.31 -74.42
C ARG IA 127 19.18 68.98 -75.76
N GLU IA 128 18.49 68.26 -76.64
CA GLU IA 128 19.07 67.99 -77.95
C GLU IA 128 19.22 69.28 -78.76
N ASP IA 129 18.29 70.23 -78.60
CA ASP IA 129 18.41 71.49 -79.30
C ASP IA 129 19.62 72.29 -78.83
N ARG IA 130 19.85 72.32 -77.52
CA ARG IA 130 21.04 72.99 -77.01
C ARG IA 130 22.30 72.28 -77.48
N HIS IA 131 22.27 70.94 -77.50
CA HIS IA 131 23.40 70.18 -78.03
C HIS IA 131 23.68 70.56 -79.48
N TYR IA 132 22.63 70.67 -80.30
CA TYR IA 132 22.81 71.06 -81.69
C TYR IA 132 23.34 72.49 -81.80
N ASP IA 133 22.87 73.39 -80.93
CA ASP IA 133 23.35 74.77 -80.97
C ASP IA 133 24.84 74.83 -80.67
N GLN IA 134 25.29 74.11 -79.64
CA GLN IA 134 26.71 74.10 -79.32
C GLN IA 134 27.52 73.39 -80.41
N ARG IA 135 26.94 72.38 -81.05
CA ARG IA 135 27.61 71.76 -82.19
C ARG IA 135 27.78 72.75 -83.32
N MET IA 136 26.76 73.56 -83.59
CA MET IA 136 26.87 74.58 -84.63
C MET IA 136 27.94 75.61 -84.27
N LYS IA 137 27.99 76.00 -83.00
CA LYS IA 137 29.06 76.91 -82.57
C LYS IA 137 30.43 76.29 -82.79
N PHE IA 138 30.57 75.01 -82.47
CA PHE IA 138 31.84 74.32 -82.69
C PHE IA 138 32.19 74.28 -84.17
N MET IA 139 31.20 74.02 -85.03
CA MET IA 139 31.44 74.01 -86.46
C MET IA 139 31.88 75.37 -86.96
N GLN IA 140 31.25 76.45 -86.45
CA GLN IA 140 31.68 77.79 -86.82
C GLN IA 140 33.10 78.05 -86.39
N GLU IA 141 33.46 77.62 -85.17
CA GLU IA 141 34.83 77.78 -84.71
C GLU IA 141 35.81 77.04 -85.60
N VAL IA 142 35.47 75.81 -85.99
CA VAL IA 142 36.34 75.03 -86.87
C VAL IA 142 36.52 75.73 -88.19
N GLU IA 143 35.42 76.24 -88.76
CA GLU IA 143 35.49 76.94 -90.04
C GLU IA 143 36.38 78.18 -89.91
N SER IA 144 36.23 78.93 -88.83
CA SER IA 144 37.06 80.12 -88.62
C SER IA 144 38.50 79.75 -88.32
N GLY IA 145 38.78 78.50 -87.95
CA GLY IA 145 40.12 78.06 -87.64
C GLY IA 145 40.56 78.31 -86.21
N GLU IA 146 39.67 78.82 -85.35
CA GLU IA 146 40.03 79.04 -83.96
C GLU IA 146 40.37 77.73 -83.27
N ALA IA 147 39.67 76.65 -83.62
CA ALA IA 147 39.95 75.36 -83.01
C ALA IA 147 41.36 74.90 -83.32
N ARG IA 148 41.82 75.08 -84.55
CA ARG IA 148 43.18 74.71 -84.91
C ARG IA 148 44.19 75.48 -84.08
N ALA IA 149 43.99 76.79 -83.94
CA ALA IA 149 44.91 77.60 -83.14
C ALA IA 149 44.91 77.15 -81.69
N LYS IA 150 43.72 76.88 -81.13
CA LYS IA 150 43.65 76.44 -79.74
C LYS IA 150 44.36 75.12 -79.54
N HIS IA 151 44.18 74.17 -80.47
CA HIS IA 151 44.84 72.88 -80.34
C HIS IA 151 46.36 73.03 -80.47
N MET IA 152 46.80 73.88 -81.39
CA MET IA 152 48.24 74.13 -81.52
C MET IA 152 48.80 74.74 -80.24
N LYS IA 153 48.08 75.69 -79.65
CA LYS IA 153 48.53 76.30 -78.41
C LYS IA 153 48.60 75.26 -77.29
N LEU IA 154 47.59 74.39 -77.19
CA LEU IA 154 47.59 73.35 -76.17
C LEU IA 154 48.79 72.42 -76.35
N ILE IA 155 49.05 72.00 -77.58
CA ILE IA 155 50.18 71.11 -77.83
C ILE IA 155 51.49 71.82 -77.50
N ALA IA 156 51.61 73.09 -77.88
CA ALA IA 156 52.85 73.81 -77.62
C ALA IA 156 53.10 73.96 -76.12
N GLU IA 157 52.07 74.31 -75.36
CA GLU IA 157 52.26 74.48 -73.92
C GLU IA 157 52.52 73.14 -73.24
N ALA IA 158 51.89 72.06 -73.73
CA ALA IA 158 52.18 70.73 -73.19
C ALA IA 158 53.63 70.35 -73.44
N ALA IA 159 54.13 70.62 -74.64
CA ALA IA 159 55.53 70.33 -74.95
C ALA IA 159 56.46 71.17 -74.08
N GLY IA 160 56.14 72.46 -73.91
CA GLY IA 160 56.97 73.33 -73.09
C GLY IA 160 57.02 72.92 -71.64
N ASN IA 161 55.88 72.52 -71.06
CA ASN IA 161 55.84 72.08 -69.68
C ASN IA 161 56.71 70.86 -69.46
N VAL JA 1 -9.90 -78.03 -83.45
CA VAL JA 1 -9.67 -78.71 -82.17
C VAL JA 1 -8.17 -78.82 -81.92
N ARG JA 2 -7.80 -78.85 -80.64
CA ARG JA 2 -6.40 -78.95 -80.22
C ARG JA 2 -6.06 -80.43 -80.07
N ASN JA 3 -5.14 -80.92 -80.91
CA ASN JA 3 -4.77 -82.33 -80.90
C ASN JA 3 -3.64 -82.55 -79.90
N LEU JA 4 -3.89 -83.40 -78.91
CA LEU JA 4 -2.89 -83.66 -77.88
C LEU JA 4 -1.64 -84.32 -78.48
N TYR JA 5 -1.84 -85.26 -79.42
CA TYR JA 5 -0.69 -85.90 -80.05
C TYR JA 5 0.13 -84.90 -80.86
N LYS JA 6 -0.53 -83.98 -81.57
CA LYS JA 6 0.21 -82.94 -82.29
C LYS JA 6 0.96 -82.04 -81.32
N ARG JA 7 0.34 -81.71 -80.18
CA ARG JA 7 1.04 -80.91 -79.18
C ARG JA 7 2.29 -81.62 -78.68
N LEU JA 8 2.19 -82.92 -78.42
CA LEU JA 8 3.34 -83.69 -77.97
C LEU JA 8 4.34 -83.99 -79.08
N GLY JA 9 3.95 -83.77 -80.34
CA GLY JA 9 4.82 -84.11 -81.45
C GLY JA 9 4.90 -85.59 -81.75
N LEU JA 10 3.91 -86.37 -81.30
CA LEU JA 10 3.91 -87.81 -81.52
C LEU JA 10 2.70 -88.23 -82.35
N ASP JA 11 2.50 -89.53 -82.50
CA ASP JA 11 1.36 -90.09 -83.21
C ASP JA 11 0.58 -91.01 -82.27
N HIS JA 12 -0.49 -91.59 -82.79
CA HIS JA 12 -1.32 -92.49 -81.99
C HIS JA 12 -0.74 -93.90 -81.89
N LYS JA 13 0.32 -94.20 -82.63
CA LYS JA 13 0.93 -95.52 -82.59
C LYS JA 13 2.01 -95.65 -81.52
N ALA JA 14 2.39 -94.55 -80.87
CA ALA JA 14 3.41 -94.60 -79.84
C ALA JA 14 2.92 -95.35 -78.62
N THR JA 15 3.85 -96.02 -77.94
CA THR JA 15 3.53 -96.77 -76.75
C THR JA 15 3.71 -95.91 -75.50
N SER JA 16 3.38 -96.47 -74.34
CA SER JA 16 3.48 -95.71 -73.10
C SER JA 16 4.91 -95.30 -72.80
N GLU JA 17 5.87 -96.21 -73.01
CA GLU JA 17 7.26 -95.89 -72.75
C GLU JA 17 7.76 -94.79 -73.69
N GLU JA 18 7.40 -94.87 -74.97
CA GLU JA 18 7.80 -93.84 -75.91
C GLU JA 18 7.20 -92.49 -75.53
N VAL JA 19 5.92 -92.48 -75.15
CA VAL JA 19 5.28 -91.23 -74.73
C VAL JA 19 5.99 -90.66 -73.51
N LYS JA 20 6.32 -91.53 -72.54
CA LYS JA 20 7.00 -91.06 -71.33
C LYS JA 20 8.36 -90.46 -71.66
N ALA JA 21 9.13 -91.13 -72.53
CA ALA JA 21 10.43 -90.60 -72.90
C ALA JA 21 10.31 -89.28 -73.63
N ALA JA 22 9.34 -89.16 -74.54
CA ALA JA 22 9.15 -87.92 -75.26
C ALA JA 22 8.76 -86.80 -74.30
N TYR JA 23 7.88 -87.09 -73.34
CA TYR JA 23 7.51 -86.09 -72.34
C TYR JA 23 8.72 -85.67 -71.52
N ARG JA 24 9.54 -86.64 -71.10
CA ARG JA 24 10.73 -86.31 -70.33
C ARG JA 24 11.62 -85.35 -71.11
N GLN JA 25 11.90 -85.68 -72.37
CA GLN JA 25 12.77 -84.83 -73.18
C GLN JA 25 12.17 -83.45 -73.37
N ARG JA 26 10.88 -83.39 -73.70
CA ARG JA 26 10.25 -82.10 -73.97
C ARG JA 26 10.23 -81.23 -72.71
N ALA JA 27 9.91 -81.82 -71.56
CA ALA JA 27 9.92 -81.05 -70.32
C ALA JA 27 11.32 -80.59 -69.97
N LEU JA 28 12.31 -81.45 -70.12
CA LEU JA 28 13.68 -81.03 -69.83
C LEU JA 28 14.11 -79.89 -70.74
N GLU JA 29 13.61 -79.87 -71.98
CA GLU JA 29 13.94 -78.79 -72.89
C GLU JA 29 13.20 -77.50 -72.56
N CYS JA 30 11.93 -77.58 -72.19
CA CYS JA 30 11.07 -76.41 -72.08
C CYS JA 30 10.81 -75.96 -70.65
N HIS JA 31 11.46 -76.55 -69.65
CA HIS JA 31 11.24 -76.11 -68.28
C HIS JA 31 11.66 -74.65 -68.13
N PRO JA 32 10.87 -73.81 -67.46
CA PRO JA 32 11.24 -72.38 -67.36
C PRO JA 32 12.59 -72.15 -66.69
N ASP JA 33 12.92 -72.94 -65.67
CA ASP JA 33 14.20 -72.75 -64.99
C ASP JA 33 15.36 -72.94 -65.94
N VAL JA 34 15.31 -73.99 -66.77
CA VAL JA 34 16.34 -74.21 -67.78
C VAL JA 34 16.30 -73.09 -68.81
N VAL JA 35 15.10 -72.70 -69.26
CA VAL JA 35 14.98 -71.65 -70.26
C VAL JA 35 15.39 -70.31 -69.66
N ASP JA 36 15.91 -69.43 -70.51
CA ASP JA 36 16.34 -68.12 -70.06
C ASP JA 36 15.14 -67.26 -69.66
N ASP JA 37 15.42 -66.20 -68.92
CA ASP JA 37 14.36 -65.32 -68.43
C ASP JA 37 13.61 -64.65 -69.56
N ASN JA 38 14.24 -64.45 -70.71
CA ASN JA 38 13.57 -63.76 -71.82
C ASN JA 38 12.36 -64.55 -72.30
N GLN JA 39 12.50 -65.86 -72.42
CA GLN JA 39 11.45 -66.72 -72.96
C GLN JA 39 10.73 -67.52 -71.88
N LYS JA 40 10.72 -67.00 -70.64
CA LYS JA 40 10.10 -67.74 -69.55
C LYS JA 40 8.60 -67.91 -69.74
N ALA JA 41 7.92 -66.93 -70.33
CA ALA JA 41 6.48 -67.05 -70.55
C ALA JA 41 6.18 -68.21 -71.49
N GLN JA 42 6.86 -68.24 -72.64
CA GLN JA 42 6.65 -69.35 -73.58
C GLN JA 42 7.08 -70.67 -72.98
N ALA JA 43 8.17 -70.67 -72.21
CA ALA JA 43 8.60 -71.90 -71.54
C ALA JA 43 7.51 -72.42 -70.60
N GLU JA 44 6.92 -71.52 -69.82
CA GLU JA 44 5.84 -71.93 -68.92
C GLU JA 44 4.65 -72.48 -69.68
N VAL JA 45 4.25 -71.80 -70.76
CA VAL JA 45 3.10 -72.26 -71.54
C VAL JA 45 3.38 -73.65 -72.12
N ASP JA 46 4.56 -73.82 -72.71
CA ASP JA 46 4.91 -75.11 -73.31
C ASP JA 46 4.97 -76.20 -72.25
N PHE JA 47 5.54 -75.90 -71.09
CA PHE JA 47 5.65 -76.90 -70.03
C PHE JA 47 4.26 -77.31 -69.56
N ARG JA 48 3.36 -76.34 -69.36
CA ARG JA 48 2.00 -76.68 -68.94
C ARG JA 48 1.30 -77.55 -69.96
N ALA JA 49 1.39 -77.17 -71.24
CA ALA JA 49 0.72 -77.95 -72.28
C ALA JA 49 1.29 -79.36 -72.36
N VAL JA 50 2.62 -79.48 -72.31
CA VAL JA 50 3.25 -80.79 -72.42
C VAL JA 50 2.88 -81.67 -71.23
N SER JA 51 2.88 -81.10 -70.02
CA SER JA 51 2.52 -81.88 -68.84
C SER JA 51 1.06 -82.33 -68.90
N GLU JA 52 0.16 -81.44 -69.34
CA GLU JA 52 -1.24 -81.83 -69.49
C GLU JA 52 -1.38 -82.97 -70.48
N ALA JA 53 -0.70 -82.86 -71.62
CA ALA JA 53 -0.78 -83.91 -72.63
C ALA JA 53 -0.25 -85.23 -72.10
N TYR JA 54 0.89 -85.18 -71.39
CA TYR JA 54 1.47 -86.40 -70.84
C TYR JA 54 0.53 -87.05 -69.82
N ASP JA 55 -0.07 -86.23 -68.94
CA ASP JA 55 -0.99 -86.77 -67.96
C ASP JA 55 -2.18 -87.44 -68.63
N VAL JA 56 -2.76 -86.77 -69.64
CA VAL JA 56 -3.91 -87.32 -70.33
C VAL JA 56 -3.55 -88.63 -71.02
N LEU JA 57 -2.41 -88.66 -71.70
CA LEU JA 57 -1.99 -89.88 -72.40
C LEU JA 57 -1.76 -91.02 -71.42
N ILE JA 58 -1.10 -90.72 -70.29
CA ILE JA 58 -0.81 -91.77 -69.31
C ILE JA 58 -2.10 -92.33 -68.72
N ASP JA 59 -3.05 -91.45 -68.38
CA ASP JA 59 -4.32 -91.92 -67.84
C ASP JA 59 -5.07 -92.70 -68.91
N PRO JA 60 -5.15 -94.02 -68.81
CA PRO JA 60 -5.81 -94.78 -69.90
C PRO JA 60 -7.24 -94.37 -70.14
N GLN JA 61 -8.00 -94.09 -69.08
CA GLN JA 61 -9.38 -93.64 -69.25
C GLN JA 61 -9.42 -92.32 -70.01
N LYS JA 62 -8.55 -91.37 -69.65
CA LYS JA 62 -8.47 -90.11 -70.39
C LYS JA 62 -7.96 -90.34 -71.80
N ARG JA 63 -7.02 -91.26 -71.98
CA ARG JA 63 -6.56 -91.59 -73.34
C ARG JA 63 -7.71 -92.18 -74.15
N LYS JA 64 -8.52 -93.05 -73.53
CA LYS JA 64 -9.68 -93.60 -74.23
C LYS JA 64 -10.67 -92.50 -74.60
N GLU JA 65 -10.90 -91.56 -73.69
CA GLU JA 65 -11.80 -90.45 -73.99
C GLU JA 65 -11.27 -89.61 -75.15
N HIS JA 66 -9.96 -89.35 -75.16
CA HIS JA 66 -9.37 -88.59 -76.26
C HIS JA 66 -9.48 -89.35 -77.57
N ASP JA 67 -9.30 -90.67 -77.54
CA ASP JA 67 -9.47 -91.47 -78.74
C ASP JA 67 -10.91 -91.41 -79.25
N LYS JA 68 -11.87 -91.48 -78.33
CA LYS JA 68 -13.27 -91.35 -78.73
C LYS JA 68 -13.55 -89.99 -79.34
N ALA JA 69 -12.99 -88.93 -78.75
CA ALA JA 69 -13.15 -87.60 -79.31
C ALA JA 69 -12.56 -87.52 -80.71
N LEU JA 70 -11.39 -88.12 -80.90
CA LEU JA 70 -10.78 -88.15 -82.23
C LEU JA 70 -11.68 -88.88 -83.23
N GLY JA 71 -12.22 -90.03 -82.82
CA GLY JA 71 -13.12 -90.77 -83.68
C GLY JA 71 -14.36 -89.97 -84.06
N LEU JA 72 -14.94 -89.26 -83.10
CA LEU JA 72 -16.08 -88.40 -83.38
C LEU JA 72 -15.72 -87.24 -84.29
N GLU JA 73 -14.51 -86.69 -84.16
CA GLU JA 73 -14.05 -85.60 -85.02
C GLU JA 73 -14.04 -86.03 -86.49
N ASN JA 105 -11.35 -77.30 -70.25
CA ASN JA 105 -12.42 -76.33 -70.05
C ASN JA 105 -13.01 -76.46 -68.64
N ARG JA 106 -13.49 -77.67 -68.31
CA ARG JA 106 -14.10 -77.88 -67.01
C ARG JA 106 -13.09 -77.66 -65.89
N LYS JA 107 -11.87 -78.17 -66.06
CA LYS JA 107 -10.82 -78.02 -65.08
C LYS JA 107 -9.53 -77.59 -65.76
N PRO JA 108 -9.20 -76.29 -65.79
CA PRO JA 108 -7.99 -75.86 -66.48
C PRO JA 108 -6.73 -76.43 -65.84
N PHE JA 109 -5.75 -76.73 -66.68
CA PHE JA 109 -4.49 -77.26 -66.21
C PHE JA 109 -3.68 -76.17 -65.53
N VAL JA 110 -2.95 -76.56 -64.48
CA VAL JA 110 -2.24 -75.63 -63.62
C VAL JA 110 -0.80 -76.11 -63.45
N ARG JA 111 0.07 -75.17 -63.10
CA ARG JA 111 1.49 -75.52 -62.90
C ARG JA 111 1.65 -76.52 -61.77
N GLY JA 112 0.74 -76.54 -60.80
CA GLY JA 112 0.80 -77.56 -59.78
C GLY JA 112 0.67 -78.95 -60.36
N ASP JA 113 -0.34 -79.15 -61.22
CA ASP JA 113 -0.48 -80.43 -61.90
C ASP JA 113 0.69 -80.69 -62.84
N ALA JA 114 1.23 -79.63 -63.45
CA ALA JA 114 2.39 -79.80 -64.33
C ALA JA 114 3.57 -80.39 -63.58
N ASP JA 115 3.91 -79.80 -62.43
CA ASP JA 115 5.04 -80.32 -61.65
C ASP JA 115 4.71 -81.68 -61.05
N ARG JA 116 3.45 -81.93 -60.70
CA ARG JA 116 3.07 -83.26 -60.24
C ARG JA 116 3.34 -84.31 -61.32
N ASN JA 117 2.95 -84.02 -62.55
CA ASN JA 117 3.19 -84.94 -63.65
C ASN JA 117 4.68 -85.10 -63.91
N PHE JA 118 5.44 -84.01 -63.82
CA PHE JA 118 6.89 -84.10 -64.00
C PHE JA 118 7.50 -85.04 -62.97
N ARG JA 119 7.13 -84.86 -61.70
CA ARG JA 119 7.68 -85.71 -60.64
C ARG JA 119 7.26 -87.16 -60.84
N GLU JA 120 6.00 -87.39 -61.22
CA GLU JA 120 5.55 -88.77 -61.45
C GLU JA 120 6.32 -89.41 -62.59
N ALA JA 121 6.55 -88.66 -63.68
CA ALA JA 121 7.29 -89.20 -64.81
C ALA JA 121 8.73 -89.52 -64.42
N PHE JA 122 9.36 -88.66 -63.64
CA PHE JA 122 10.74 -88.87 -63.22
C PHE JA 122 10.85 -89.68 -61.94
N HIS JA 123 9.76 -90.28 -61.47
CA HIS JA 123 9.79 -91.19 -60.32
C HIS JA 123 10.28 -90.49 -59.07
N GLY JA 124 9.54 -89.44 -58.68
CA GLY JA 124 9.82 -88.72 -57.45
C GLY JA 124 11.00 -87.80 -57.49
N MET JA 125 11.96 -88.00 -58.39
CA MET JA 125 13.13 -87.14 -58.48
C MET JA 125 12.75 -85.78 -59.03
N SER JA 126 13.18 -84.73 -58.35
CA SER JA 126 12.89 -83.37 -58.78
C SER JA 126 13.75 -83.02 -59.98
N LEU JA 127 13.44 -81.87 -60.59
CA LEU JA 127 14.22 -81.40 -61.71
C LEU JA 127 15.68 -81.16 -61.32
N ASP JA 128 15.90 -80.61 -60.13
CA ASP JA 128 17.27 -80.38 -59.68
C ASP JA 128 18.03 -81.70 -59.56
N GLN JA 129 17.40 -82.72 -58.99
CA GLN JA 129 18.07 -84.01 -58.86
C GLN JA 129 18.33 -84.64 -60.23
N VAL JA 130 17.37 -84.52 -61.16
CA VAL JA 130 17.56 -85.08 -62.49
C VAL JA 130 18.73 -84.39 -63.19
N LEU JA 131 18.78 -83.07 -63.11
CA LEU JA 131 19.88 -82.33 -63.73
C LEU JA 131 21.21 -82.70 -63.08
N PHE JA 132 21.23 -82.84 -61.75
CA PHE JA 132 22.46 -83.22 -61.08
C PHE JA 132 22.94 -84.60 -61.51
N ARG JA 133 22.02 -85.56 -61.61
CA ARG JA 133 22.41 -86.90 -62.05
C ARG JA 133 22.92 -86.89 -63.48
N GLU JA 134 22.26 -86.14 -64.37
CA GLU JA 134 22.73 -86.04 -65.75
C GLU JA 134 24.11 -85.41 -65.81
N ARG JA 135 24.33 -84.35 -65.03
CA ARG JA 135 25.63 -83.70 -65.01
C ARG JA 135 26.71 -84.63 -64.49
N LEU JA 136 26.39 -85.40 -63.44
CA LEU JA 136 27.36 -86.35 -62.90
C LEU JA 136 27.69 -87.43 -63.92
N ARG JA 137 26.68 -87.92 -64.65
CA ARG JA 137 26.94 -88.89 -65.71
C ARG JA 137 27.82 -88.29 -66.79
N GLN JA 138 27.58 -87.02 -67.15
CA GLN JA 138 28.42 -86.37 -68.15
C GLN JA 138 29.86 -86.27 -67.66
N ARG JA 139 30.05 -85.89 -66.39
CA ARG JA 139 31.41 -85.77 -65.85
C ARG JA 139 32.11 -87.11 -65.82
N ARG JA 140 31.39 -88.18 -65.43
CA ARG JA 140 31.99 -89.50 -65.43
C ARG JA 140 32.35 -89.94 -66.83
N MET JA 141 31.50 -89.64 -67.81
CA MET JA 141 31.81 -89.97 -69.20
C MET JA 141 33.05 -89.21 -69.66
N GLN JA 142 33.16 -87.95 -69.30
CA GLN JA 142 34.35 -87.17 -69.66
C GLN JA 142 35.60 -87.77 -69.03
N LYS JA 143 35.51 -88.16 -67.75
CA LYS JA 143 36.67 -88.78 -67.10
C LYS JA 143 37.05 -90.09 -67.78
N GLN JA 144 36.06 -90.90 -68.14
CA GLN JA 144 36.36 -92.15 -68.84
C GLN JA 144 37.01 -91.89 -70.19
N MET JA 145 36.51 -90.89 -70.92
CA MET JA 145 37.13 -90.55 -72.20
C MET JA 145 38.57 -90.08 -72.02
N GLU JA 146 38.82 -89.26 -70.99
CA GLU JA 146 40.19 -88.82 -70.74
C GLU JA 146 41.10 -89.99 -70.39
N GLU JA 147 40.61 -90.91 -69.56
CA GLU JA 147 41.41 -92.08 -69.21
C GLU JA 147 41.70 -92.94 -70.44
N LYS JA 148 40.70 -93.14 -71.30
CA LYS JA 148 40.91 -93.91 -72.52
C LYS JA 148 41.93 -93.24 -73.42
N ALA JA 149 41.84 -91.91 -73.58
CA ALA JA 149 42.81 -91.20 -74.40
C ALA JA 149 44.22 -91.30 -73.82
N LYS JA 150 44.35 -91.18 -72.51
CA LYS JA 150 45.66 -91.27 -71.87
C LYS JA 150 46.04 -92.73 -71.61
N ALA JA 151 19.93 -81.72 -73.21
CA ALA JA 151 20.84 -82.39 -72.28
C ALA JA 151 21.98 -81.46 -71.89
N ALA JA 152 22.99 -81.36 -72.76
CA ALA JA 152 24.13 -80.49 -72.48
C ALA JA 152 23.69 -79.04 -72.39
N ALA JA 153 22.83 -78.59 -73.30
CA ALA JA 153 22.35 -77.22 -73.26
C ALA JA 153 21.58 -76.94 -71.97
N ALA JA 154 20.73 -77.88 -71.56
CA ALA JA 154 19.98 -77.70 -70.32
C ALA JA 154 20.91 -77.64 -69.12
N ALA JA 155 21.91 -78.51 -69.08
CA ALA JA 155 22.86 -78.50 -67.98
C ALA JA 155 23.61 -77.17 -67.93
N ALA JA 156 24.06 -76.68 -69.09
CA ALA JA 156 24.78 -75.42 -69.13
C ALA JA 156 23.89 -74.27 -68.66
N ALA JA 157 22.63 -74.25 -69.12
CA ALA JA 157 21.72 -73.20 -68.71
C ALA JA 157 21.48 -73.23 -67.20
N ALA JA 158 21.27 -74.42 -66.65
CA ALA JA 158 21.07 -74.54 -65.22
C ALA JA 158 22.30 -74.07 -64.45
N ALA JA 159 23.50 -74.46 -64.91
CA ALA JA 159 24.72 -74.03 -64.25
C ALA JA 159 24.86 -72.51 -64.28
N ALA JA 160 24.57 -71.91 -65.44
CA ALA JA 160 24.67 -70.45 -65.54
C ALA JA 160 23.68 -69.76 -64.63
N ALA JA 161 22.43 -70.26 -64.59
CA ALA JA 161 21.43 -69.66 -63.71
C ALA JA 161 21.84 -69.79 -62.25
N ALA JA 162 22.35 -70.95 -61.86
CA ALA JA 162 22.79 -71.14 -60.47
C ALA JA 162 23.96 -70.23 -60.14
N ALA JA 163 24.91 -70.08 -61.06
CA ALA JA 163 26.04 -69.19 -60.82
C ALA JA 163 25.57 -67.74 -60.67
N ALA JA 164 24.62 -67.32 -61.51
CA ALA JA 164 24.07 -65.97 -61.38
C ALA JA 164 23.37 -65.79 -60.04
N ALA JA 165 22.59 -66.80 -59.62
CA ALA JA 165 21.89 -66.70 -58.34
C ALA JA 165 22.85 -66.63 -57.17
N ALA JA 166 23.93 -67.42 -57.19
CA ALA JA 166 24.90 -67.43 -56.12
C ALA JA 166 26.29 -67.75 -56.64
N LEU JA 167 42.34 -56.89 -56.90
CA LEU JA 167 43.79 -57.01 -56.79
C LEU JA 167 44.48 -55.71 -57.16
N SER JA 168 45.58 -55.40 -56.48
CA SER JA 168 46.33 -54.20 -56.77
C SER JA 168 46.81 -54.20 -58.22
N ARG JA 169 46.70 -53.05 -58.87
CA ARG JA 169 47.05 -52.93 -60.29
C ARG JA 169 48.46 -52.36 -60.45
N ASP JA 170 49.22 -52.99 -61.34
CA ASP JA 170 50.56 -52.51 -61.62
C ASP JA 170 50.51 -51.12 -62.25
N PRO JA 171 51.41 -50.22 -61.87
CA PRO JA 171 51.41 -48.89 -62.47
C PRO JA 171 51.64 -48.96 -63.98
N GLN JA 172 50.94 -48.09 -64.70
CA GLN JA 172 51.05 -48.07 -66.15
C GLN JA 172 52.34 -47.40 -66.58
N PRO JA 173 52.82 -47.69 -67.79
CA PRO JA 173 54.05 -47.05 -68.29
C PRO JA 173 53.83 -45.57 -68.51
N PRO JA 174 54.89 -44.76 -68.49
CA PRO JA 174 54.73 -43.31 -68.61
C PRO JA 174 54.04 -42.95 -69.91
N PRO JA 175 53.17 -41.94 -69.90
CA PRO JA 175 52.45 -41.60 -71.14
C PRO JA 175 53.32 -40.88 -72.15
N SER JA 176 54.15 -39.95 -71.71
CA SER JA 176 54.97 -39.13 -72.59
C SER JA 176 56.37 -38.98 -71.99
N ASP JA 177 57.30 -38.54 -72.82
CA ASP JA 177 58.68 -38.37 -72.39
C ASP JA 177 58.88 -37.16 -71.49
N TYR JA 178 57.95 -36.20 -71.50
CA TYR JA 178 58.10 -34.96 -70.75
C TYR JA 178 56.89 -34.79 -69.84
N MET JA 179 57.15 -34.65 -68.54
CA MET JA 179 56.10 -34.35 -67.59
C MET JA 179 56.18 -32.89 -67.18
N PRO JA 180 55.18 -32.06 -67.47
CA PRO JA 180 55.33 -30.62 -67.20
C PRO JA 180 55.44 -30.28 -65.72
N PHE JA 181 54.52 -30.80 -64.91
CA PHE JA 181 54.53 -30.49 -63.49
C PHE JA 181 55.77 -31.07 -62.82
N ARG JA 182 56.24 -30.38 -61.79
CA ARG JA 182 57.41 -30.84 -61.06
C ARG JA 182 57.10 -32.16 -60.34
N PRO JA 183 58.01 -33.13 -60.36
CA PRO JA 183 57.76 -34.39 -59.67
C PRO JA 183 57.61 -34.17 -58.17
N PHE JA 184 56.81 -35.03 -57.54
CA PHE JA 184 56.51 -34.92 -56.13
C PHE JA 184 57.73 -35.30 -55.30
N HIS JA 185 57.59 -35.24 -53.97
CA HIS JA 185 58.73 -35.45 -53.09
C HIS JA 185 59.23 -36.89 -53.16
N GLY JA 186 58.31 -37.85 -53.11
CA GLY JA 186 58.68 -39.25 -53.05
C GLY JA 186 58.74 -39.94 -54.40
N TRP JA 187 58.79 -39.15 -55.47
CA TRP JA 187 58.79 -39.68 -56.83
C TRP JA 187 60.20 -39.66 -57.40
N THR JA 188 60.62 -40.79 -57.97
CA THR JA 188 61.89 -40.91 -58.67
C THR JA 188 61.57 -41.20 -60.13
N VAL JA 189 61.73 -40.19 -60.99
CA VAL JA 189 61.33 -40.35 -62.38
C VAL JA 189 62.16 -41.45 -63.04
N PRO JA 190 61.58 -42.30 -63.88
CA PRO JA 190 62.39 -43.32 -64.56
C PRO JA 190 63.29 -42.70 -65.61
N ASN JA 191 64.32 -43.45 -65.99
CA ASN JA 191 65.26 -42.97 -66.98
C ASN JA 191 64.55 -42.64 -68.29
N GLY JA 192 64.91 -41.50 -68.87
CA GLY JA 192 64.32 -41.02 -70.10
C GLY JA 192 63.30 -39.91 -69.93
N VAL JA 193 62.52 -39.95 -68.85
CA VAL JA 193 61.53 -38.91 -68.62
C VAL JA 193 62.23 -37.58 -68.39
N ARG JA 194 61.72 -36.53 -69.05
CA ARG JA 194 62.31 -35.20 -69.00
C ARG JA 194 61.46 -34.31 -68.13
N THR JA 195 61.95 -33.98 -66.94
CA THR JA 195 61.29 -33.08 -66.00
C THR JA 195 61.64 -31.64 -66.32
N PRO JA 196 60.84 -30.68 -65.85
CA PRO JA 196 61.17 -29.28 -66.07
C PRO JA 196 62.47 -28.94 -65.37
N PRO JA 197 63.23 -27.99 -65.90
CA PRO JA 197 64.53 -27.64 -65.28
C PRO JA 197 64.31 -27.09 -63.88
N GLU JA 198 64.91 -27.75 -62.89
CA GLU JA 198 64.79 -27.30 -61.52
C GLU JA 198 65.41 -25.91 -61.38
N PRO JA 199 64.85 -25.04 -60.54
CA PRO JA 199 65.41 -23.69 -60.42
C PRO JA 199 66.85 -23.71 -59.97
N THR JA 200 67.64 -22.80 -60.53
CA THR JA 200 69.05 -22.68 -60.21
C THR JA 200 69.41 -21.22 -60.03
N LEU JA 201 70.30 -20.95 -59.07
CA LEU JA 201 70.74 -19.60 -58.79
C LEU JA 201 71.52 -19.06 -59.98
N GLY JA 202 71.29 -17.80 -60.31
CA GLY JA 202 71.97 -17.17 -61.43
C GLY JA 202 73.41 -16.83 -61.10
N PRO JA 203 74.16 -16.36 -62.10
CA PRO JA 203 75.56 -16.01 -61.85
C PRO JA 203 75.67 -14.91 -60.80
N THR JA 204 76.71 -15.01 -59.98
CA THR JA 204 76.92 -14.07 -58.90
C THR JA 204 77.94 -13.00 -59.32
N ALA JA 205 77.67 -11.77 -58.92
CA ALA JA 205 78.52 -10.62 -59.19
C ALA JA 205 79.03 -10.05 -57.89
N LYS JA 206 80.09 -9.22 -57.99
CA LYS JA 206 80.73 -8.62 -56.83
C LYS JA 206 80.39 -7.14 -56.78
N VAL JA 207 80.00 -6.67 -55.60
CA VAL JA 207 79.64 -5.26 -55.43
C VAL JA 207 80.85 -4.38 -55.73
N GLU JA 208 82.02 -4.78 -55.25
CA GLU JA 208 83.23 -3.98 -55.48
C GLU JA 208 83.52 -3.87 -56.97
N ASP JA 209 83.45 -4.99 -57.69
CA ASP JA 209 83.69 -4.98 -59.13
C ASP JA 209 82.66 -4.16 -59.89
N VAL JA 210 81.39 -4.28 -59.52
CA VAL JA 210 80.32 -3.54 -60.18
C VAL JA 210 80.44 -2.07 -59.82
N LYS JA 211 80.03 -1.21 -60.76
CA LYS JA 211 80.09 0.23 -60.59
C LYS JA 211 78.76 0.84 -61.01
N ASP JA 212 78.52 2.06 -60.54
CA ASP JA 212 77.28 2.79 -60.82
C ASP JA 212 76.10 2.15 -60.08
N VAL JA 213 76.34 1.69 -58.86
CA VAL JA 213 75.34 1.03 -58.04
C VAL JA 213 74.48 2.06 -57.35
N GLN JA 214 73.17 1.85 -57.38
CA GLN JA 214 72.22 2.74 -56.73
C GLN JA 214 71.21 1.91 -55.97
N LEU JA 215 70.67 2.49 -54.90
CA LEU JA 215 69.75 1.79 -54.02
C LEU JA 215 68.31 2.08 -54.42
N ALA JA 216 67.52 1.03 -54.62
CA ALA JA 216 66.11 1.21 -54.95
C ALA JA 216 65.37 1.83 -53.76
N GLU JA 217 64.48 2.76 -54.06
CA GLU JA 217 63.76 3.51 -53.04
C GLU JA 217 64.76 4.12 -52.04
N PRO JA 218 65.66 4.99 -52.50
CA PRO JA 218 66.71 5.49 -51.62
C PRO JA 218 66.21 6.30 -50.44
N ALA JA 219 65.37 7.29 -50.71
CA ALA JA 219 64.88 8.21 -49.69
C ALA JA 219 63.34 8.22 -49.69
N VAL JA 220 62.78 8.86 -48.68
CA VAL JA 220 61.34 8.99 -48.54
C VAL JA 220 60.86 10.44 -48.56
N GLY JA 221 61.74 11.41 -48.33
CA GLY JA 221 61.32 12.81 -48.34
C GLY JA 221 60.95 13.33 -49.70
N ASP JA 222 61.46 12.72 -50.77
CA ASP JA 222 61.12 13.14 -52.11
C ASP JA 222 59.61 13.04 -52.34
N ALA JA 223 59.01 14.10 -52.88
CA ALA JA 223 57.57 14.14 -53.07
C ALA JA 223 57.07 13.21 -54.16
N SER JA 224 57.97 12.60 -54.94
CA SER JA 224 57.54 11.72 -56.02
C SER JA 224 56.74 10.53 -55.48
N HIS JA 225 57.19 9.96 -54.37
CA HIS JA 225 56.53 8.78 -53.81
C HIS JA 225 55.13 9.06 -53.30
N GLN JA 226 54.76 10.32 -53.10
CA GLN JA 226 53.46 10.63 -52.55
C GLN JA 226 52.35 10.05 -53.42
N ARG JA 227 51.34 9.46 -52.77
CA ARG JA 227 50.27 8.78 -53.49
C ARG JA 227 49.44 9.78 -54.29
N LYS JA 228 49.20 9.46 -55.56
CA LYS JA 228 48.26 10.23 -56.36
C LYS JA 228 46.82 9.85 -56.05
N LEU JA 229 46.57 8.60 -55.72
CA LEU JA 229 45.26 8.10 -55.34
C LEU JA 229 45.41 7.20 -54.14
N PRO JA 230 44.34 6.99 -53.37
CA PRO JA 230 44.45 6.15 -52.17
C PRO JA 230 44.98 4.75 -52.47
N LYS JA 231 45.34 4.02 -51.42
CA LYS JA 231 45.90 2.68 -51.59
C LYS JA 231 44.83 1.67 -51.96
N HIS JA 232 43.61 1.86 -51.46
CA HIS JA 232 42.52 0.93 -51.71
C HIS JA 232 41.82 1.19 -53.04
N PHE JA 233 42.43 1.98 -53.95
CA PHE JA 233 41.85 2.22 -55.25
C PHE JA 233 42.46 1.29 -56.30
N PRO JA 234 41.68 0.80 -57.24
CA PRO JA 234 42.22 -0.06 -58.30
C PRO JA 234 43.06 0.74 -59.28
N THR JA 235 43.97 0.03 -59.94
CA THR JA 235 44.85 0.64 -60.93
C THR JA 235 44.25 0.44 -62.32
N VAL JA 236 43.14 1.14 -62.56
CA VAL JA 236 42.43 1.05 -63.85
C VAL JA 236 43.06 2.10 -64.76
N GLN JA 237 44.19 1.74 -65.36
CA GLN JA 237 44.89 2.60 -66.29
C GLN JA 237 45.78 1.75 -67.17
N ALA JA 238 46.22 2.33 -68.28
CA ALA JA 238 47.14 1.63 -69.16
C ALA JA 238 48.50 1.48 -68.50
N SER JA 239 49.28 0.52 -68.99
CA SER JA 239 50.61 0.28 -68.41
C SER JA 239 51.49 1.52 -68.53
N ASP JA 240 51.42 2.21 -69.67
CA ASP JA 240 52.22 3.41 -69.88
C ASP JA 240 51.61 4.64 -69.21
N GLY JA 241 50.43 4.53 -68.62
CA GLY JA 241 49.78 5.63 -67.96
C GLY JA 241 48.68 6.31 -68.76
N SER JA 242 48.36 5.80 -69.96
CA SER JA 242 47.31 6.38 -70.77
C SER JA 242 45.94 6.03 -70.18
N SER JA 243 45.09 7.04 -70.05
CA SER JA 243 43.75 6.88 -69.48
C SER JA 243 42.67 6.84 -70.57
N LEU JA 244 43.06 6.58 -71.82
CA LEU JA 244 42.10 6.56 -72.92
C LEU JA 244 41.06 5.45 -72.70
N LEU JA 245 41.51 4.27 -72.29
CA LEU JA 245 40.64 3.10 -72.16
C LEU JA 245 40.25 2.83 -70.71
N ARG JA 246 40.14 3.89 -69.89
CA ARG JA 246 39.78 3.69 -68.49
C ARG JA 246 38.40 3.05 -68.38
N GLU JA 247 37.41 3.60 -69.09
CA GLU JA 247 36.05 3.07 -68.97
C GLU JA 247 35.94 1.68 -69.59
N GLU JA 248 36.65 1.44 -70.69
CA GLU JA 248 36.64 0.10 -71.28
C GLU JA 248 37.24 -0.92 -70.33
N THR JA 249 38.36 -0.57 -69.67
CA THR JA 249 38.95 -1.47 -68.71
C THR JA 249 38.02 -1.71 -67.53
N ILE JA 250 37.35 -0.66 -67.06
CA ILE JA 250 36.41 -0.81 -65.95
C ILE JA 250 35.27 -1.73 -66.35
N ALA JA 251 34.75 -1.57 -67.56
CA ALA JA 251 33.68 -2.44 -68.02
C ALA JA 251 34.14 -3.89 -68.13
N CYS JA 252 35.36 -4.10 -68.62
CA CYS JA 252 35.89 -5.45 -68.69
C CYS JA 252 36.02 -6.06 -67.30
N MET JA 253 36.51 -5.28 -66.34
CA MET JA 253 36.60 -5.77 -64.97
C MET JA 253 35.23 -6.09 -64.39
N GLU JA 254 34.24 -5.24 -64.67
CA GLU JA 254 32.89 -5.50 -64.20
C GLU JA 254 32.34 -6.79 -64.80
N ARG JA 255 32.56 -7.01 -66.09
CA ARG JA 255 32.09 -8.23 -66.73
C ARG JA 255 32.79 -9.46 -66.16
N GLU JA 256 34.09 -9.35 -65.91
CA GLU JA 256 34.81 -10.46 -65.29
C GLU JA 256 34.28 -10.76 -63.89
N ARG JA 257 33.96 -9.72 -63.11
CA ARG JA 257 33.38 -9.93 -61.79
C ARG JA 257 32.01 -10.61 -61.91
N ARG JA 258 31.19 -10.17 -62.87
CA ARG JA 258 29.89 -10.79 -63.05
C ARG JA 258 30.03 -12.28 -63.40
N LEU JA 259 30.98 -12.60 -64.27
CA LEU JA 259 31.16 -13.98 -64.68
C LEU JA 259 32.60 -14.22 -65.15
N PRO JA 260 33.51 -14.57 -64.25
CA PRO JA 260 34.91 -14.80 -64.66
C PRO JA 260 35.00 -15.93 -65.67
N HIS JA 261 35.95 -15.79 -66.59
CA HIS JA 261 36.19 -16.81 -67.60
C HIS JA 261 36.84 -18.05 -67.03
N ASN JA 262 37.65 -17.90 -65.97
CA ASN JA 262 38.31 -19.04 -65.34
C ASN JA 262 37.41 -19.80 -64.37
N MET JA 263 36.21 -19.28 -64.09
CA MET JA 263 35.36 -19.89 -63.07
C MET JA 263 35.10 -21.36 -63.40
N GLY JA 264 35.26 -22.21 -62.38
CA GLY JA 264 34.99 -23.63 -62.49
C GLY JA 264 33.57 -23.97 -62.08
N LYS JA 265 33.36 -25.26 -61.82
CA LYS JA 265 32.04 -25.72 -61.38
C LYS JA 265 31.67 -25.05 -60.06
N LEU JA 266 30.45 -24.51 -60.00
CA LEU JA 266 29.96 -23.86 -58.79
C LEU JA 266 29.31 -24.91 -57.89
N TYR JA 267 29.72 -24.94 -56.62
CA TYR JA 267 29.09 -25.82 -55.65
C TYR JA 267 27.80 -25.23 -55.08
N SER JA 268 27.51 -23.97 -55.36
CA SER JA 268 26.30 -23.35 -54.83
C SER JA 268 25.05 -24.01 -55.39
N TYR JA 269 24.01 -24.08 -54.57
CA TYR JA 269 22.72 -24.60 -54.99
C TYR JA 269 21.94 -23.61 -55.85
N HIS JA 270 22.42 -22.37 -55.96
CA HIS JA 270 21.83 -21.37 -56.85
C HIS JA 270 22.83 -21.13 -57.98
N ARG JA 271 22.51 -21.66 -59.15
CA ARG JA 271 23.39 -21.59 -60.31
C ARG JA 271 22.61 -21.05 -61.52
N PRO JA 272 23.30 -20.44 -62.49
CA PRO JA 272 22.58 -19.83 -63.61
C PRO JA 272 21.72 -20.80 -64.39
N TYR JA 273 22.14 -22.06 -64.48
CA TYR JA 273 21.35 -23.07 -65.19
C TYR JA 273 21.29 -24.37 -64.38
N VAL KA 1 42.68 -38.68 -3.84
CA VAL KA 1 43.39 -39.38 -4.91
C VAL KA 1 42.39 -40.10 -5.81
N TYR KA 2 41.15 -40.21 -5.35
CA TYR KA 2 40.12 -40.90 -6.13
C TYR KA 2 39.90 -40.22 -7.47
N GLY KA 3 39.42 -38.97 -7.45
CA GLY KA 3 39.04 -38.29 -8.67
C GLY KA 3 40.18 -37.78 -9.51
N GLY KA 4 41.38 -37.72 -8.96
CA GLY KA 4 42.55 -37.23 -9.68
C GLY KA 4 43.46 -38.35 -10.15
N SER KA 5 44.69 -37.99 -10.46
CA SER KA 5 45.68 -38.98 -10.86
C SER KA 5 45.90 -39.99 -9.74
N GLY KA 6 45.98 -41.26 -10.11
CA GLY KA 6 46.09 -42.33 -9.14
C GLY KA 6 47.42 -43.04 -9.15
N ARG KA 7 47.38 -44.36 -9.33
CA ARG KA 7 48.58 -45.18 -9.17
C ARG KA 7 49.50 -45.06 -10.38
N GLY KA 8 49.03 -45.50 -11.54
CA GLY KA 8 49.85 -45.49 -12.73
C GLY KA 8 49.53 -44.35 -13.67
N ASP KA 9 48.74 -43.40 -13.22
CA ASP KA 9 48.37 -42.27 -14.06
C ASP KA 9 49.58 -41.38 -14.34
N LEU KA 10 49.66 -40.90 -15.58
CA LEU KA 10 50.74 -40.01 -16.00
C LEU KA 10 50.46 -38.55 -15.69
N LEU KA 11 49.22 -38.10 -15.85
CA LEU KA 11 48.90 -36.70 -15.60
C LEU KA 11 49.15 -36.37 -14.15
N TYR KA 12 49.83 -35.25 -13.92
CA TYR KA 12 50.07 -34.75 -12.57
C TYR KA 12 48.98 -33.75 -12.21
N GLU KA 13 48.27 -34.02 -11.12
CA GLU KA 13 47.12 -33.21 -10.73
C GLU KA 13 47.16 -33.02 -9.22
N ASN KA 14 47.23 -31.77 -8.79
CA ASN KA 14 47.11 -31.43 -7.37
C ASN KA 14 45.64 -31.18 -7.07
N PRO KA 15 44.93 -32.14 -6.47
CA PRO KA 15 43.47 -31.96 -6.32
C PRO KA 15 43.09 -30.73 -5.52
N ASP KA 16 43.86 -30.39 -4.49
CA ASP KA 16 43.54 -29.21 -3.69
C ASP KA 16 43.63 -27.94 -4.53
N ALA KA 17 44.65 -27.82 -5.36
CA ALA KA 17 44.80 -26.66 -6.23
C ALA KA 17 43.79 -26.74 -7.38
N ARG KA 18 43.07 -25.65 -7.59
CA ARG KA 18 42.04 -25.63 -8.62
C ARG KA 18 42.64 -25.25 -9.97
N ARG KA 19 43.65 -26.00 -10.40
CA ARG KA 19 44.20 -25.80 -11.73
C ARG KA 19 43.28 -26.42 -12.79
N HIS KA 20 43.46 -26.00 -14.03
CA HIS KA 20 42.67 -26.50 -15.15
C HIS KA 20 41.20 -26.10 -15.00
N SER KA 21 41.00 -24.88 -14.51
CA SER KA 21 39.64 -24.38 -14.26
C SER KA 21 39.51 -23.00 -14.88
N GLY KA 22 38.32 -22.75 -15.43
CA GLY KA 22 38.02 -21.44 -16.01
C GLY KA 22 37.15 -20.59 -15.11
N ARG KA 23 36.78 -21.13 -13.94
CA ARG KA 23 35.88 -20.47 -13.02
C ARG KA 23 36.46 -20.51 -11.61
N ALA KA 24 36.17 -19.48 -10.84
CA ALA KA 24 36.49 -19.48 -9.42
C ALA KA 24 35.42 -20.25 -8.68
N LEU KA 25 35.84 -21.28 -7.92
CA LEU KA 25 34.87 -22.17 -7.29
C LEU KA 25 33.92 -21.38 -6.42
N GLY KA 26 32.62 -21.60 -6.61
CA GLY KA 26 31.60 -20.94 -5.83
C GLY KA 26 30.89 -21.91 -4.91
N VAL KA 27 30.78 -23.16 -5.33
CA VAL KA 27 30.12 -24.21 -4.57
C VAL KA 27 31.10 -25.36 -4.39
N LEU KA 28 31.24 -25.83 -3.15
CA LEU KA 28 32.10 -26.96 -2.81
C LEU KA 28 31.18 -28.15 -2.58
N ASN KA 29 31.24 -29.14 -3.49
CA ASN KA 29 30.31 -30.25 -3.42
C ASN KA 29 30.46 -31.04 -2.12
N GLY KA 30 31.69 -31.32 -1.71
CA GLY KA 30 31.90 -32.04 -0.48
C GLY KA 30 32.01 -31.11 0.71
N VAL KA 31 30.90 -30.90 1.41
CA VAL KA 31 30.86 -30.03 2.57
C VAL KA 31 30.14 -30.76 3.70
N ARG KA 32 30.77 -30.76 4.87
CA ARG KA 32 30.25 -31.46 6.04
C ARG KA 32 29.62 -30.53 7.05
N HIS KA 33 30.16 -29.32 7.22
CA HIS KA 33 29.65 -28.36 8.19
C HIS KA 33 29.51 -27.00 7.53
N SER KA 34 28.52 -26.23 8.02
CA SER KA 34 28.32 -24.88 7.50
C SER KA 34 29.54 -24.00 7.78
N SER KA 35 30.32 -24.33 8.81
CA SER KA 35 31.52 -23.55 9.11
C SER KA 35 32.52 -23.61 7.97
N GLN KA 36 32.46 -24.67 7.15
CA GLN KA 36 33.38 -24.77 6.03
C GLN KA 36 33.14 -23.70 4.98
N ALA KA 37 32.15 -22.83 5.16
CA ALA KA 37 32.00 -21.67 4.29
C ALA KA 37 33.24 -20.80 4.34
N THR KA 38 33.76 -20.55 5.55
CA THR KA 38 34.96 -19.75 5.74
C THR KA 38 36.13 -20.54 6.31
N MET KA 39 35.90 -21.77 6.78
CA MET KA 39 36.96 -22.63 7.30
C MET KA 39 36.83 -24.00 6.65
N PRO KA 40 37.13 -24.11 5.35
CA PRO KA 40 36.95 -25.40 4.68
C PRO KA 40 37.73 -26.54 5.31
N GLU KA 41 38.86 -26.23 5.94
CA GLU KA 41 39.70 -27.25 6.58
C GLU KA 41 40.18 -28.28 5.56
N SER KA 42 40.38 -27.83 4.32
CA SER KA 42 40.99 -28.69 3.32
C SER KA 42 42.42 -29.00 3.73
N GLY KA 43 42.90 -30.17 3.31
CA GLY KA 43 44.19 -30.67 3.73
C GLY KA 43 44.09 -31.64 4.88
N GLN KA 44 43.19 -31.37 5.83
CA GLN KA 44 42.91 -32.36 6.87
C GLN KA 44 42.39 -33.63 6.23
N LEU KA 45 42.81 -34.77 6.77
CA LEU KA 45 42.58 -36.03 6.07
C LEU KA 45 41.11 -36.30 5.83
N TYR KA 46 40.27 -36.12 6.84
CA TYR KA 46 38.87 -36.53 6.73
C TYR KA 46 38.09 -35.61 5.80
N TYR KA 47 38.23 -34.30 5.97
CA TYR KA 47 37.52 -33.37 5.09
C TYR KA 47 38.02 -33.47 3.66
N ARG KA 48 39.33 -33.63 3.47
CA ARG KA 48 39.86 -33.85 2.13
C ARG KA 48 39.30 -35.13 1.54
N LYS KA 49 39.17 -36.17 2.35
CA LYS KA 49 38.54 -37.40 1.90
C LYS KA 49 37.13 -37.13 1.38
N LEU KA 50 36.35 -36.39 2.16
CA LEU KA 50 34.98 -36.08 1.75
C LEU KA 50 34.97 -35.35 0.41
N ILE KA 51 35.81 -34.33 0.28
CA ILE KA 51 35.80 -33.52 -0.95
C ILE KA 51 36.24 -34.35 -2.14
N LEU KA 52 37.36 -35.07 -2.02
CA LEU KA 52 37.88 -35.84 -3.14
C LEU KA 52 36.93 -36.95 -3.55
N HIS KA 53 36.29 -37.61 -2.59
CA HIS KA 53 35.34 -38.66 -2.93
C HIS KA 53 34.04 -38.11 -3.48
N SER KA 54 33.69 -36.87 -3.14
CA SER KA 54 32.55 -36.23 -3.77
C SER KA 54 32.86 -35.78 -5.19
N ARG KA 55 34.13 -35.53 -5.51
CA ARG KA 55 34.48 -35.18 -6.88
C ARG KA 55 34.03 -36.27 -7.85
N PRO KA 56 33.62 -35.89 -9.05
CA PRO KA 56 33.12 -36.88 -10.02
C PRO KA 56 34.27 -37.66 -10.64
N PRO KA 57 33.97 -38.77 -11.32
CA PRO KA 57 35.02 -39.57 -11.95
C PRO KA 57 35.50 -38.94 -13.25
N ASN KA 58 36.75 -38.52 -13.27
CA ASN KA 58 37.33 -37.89 -14.45
C ASN KA 58 37.73 -38.96 -15.46
N GLY KA 59 38.48 -38.57 -16.50
CA GLY KA 59 38.93 -39.52 -17.49
C GLY KA 59 39.88 -40.57 -16.94
N SER KA 60 40.74 -40.20 -16.00
CA SER KA 60 41.67 -41.16 -15.41
C SER KA 60 40.90 -42.24 -14.66
N CYS KA 61 40.14 -41.84 -13.64
CA CYS KA 61 39.32 -42.78 -12.90
C CYS KA 61 38.13 -43.20 -13.75
N ALA KA 62 37.43 -44.25 -13.30
CA ALA KA 62 36.27 -44.76 -14.02
C ALA KA 62 35.14 -44.98 -13.04
N GLY KA 63 33.92 -44.77 -13.51
CA GLY KA 63 32.75 -44.98 -12.69
C GLY KA 63 32.55 -46.45 -12.38
N LEU KA 64 31.73 -46.69 -11.35
CA LEU KA 64 31.49 -48.07 -10.90
C LEU KA 64 30.79 -48.90 -11.95
N GLN KA 65 30.06 -48.29 -12.89
CA GLN KA 65 29.38 -49.01 -13.95
C GLN KA 65 30.15 -49.06 -15.26
N ARG KA 66 30.92 -48.02 -15.58
CA ARG KA 66 31.73 -48.03 -16.79
C ARG KA 66 32.81 -49.09 -16.67
N HIS KA 67 33.09 -49.74 -17.80
CA HIS KA 67 34.12 -50.77 -17.84
C HIS KA 67 35.49 -50.12 -17.81
N CYS KA 68 36.31 -50.53 -16.84
CA CYS KA 68 37.63 -49.96 -16.66
C CYS KA 68 38.58 -50.55 -17.69
N HIS KA 69 39.84 -50.12 -17.63
CA HIS KA 69 40.89 -50.60 -18.53
C HIS KA 69 41.97 -51.29 -17.72
N ASP KA 70 42.47 -52.42 -18.24
CA ASP KA 70 43.50 -53.17 -17.54
C ASP KA 70 44.84 -52.46 -17.66
N THR KA 71 44.96 -51.28 -17.06
CA THR KA 71 46.21 -50.53 -17.09
C THR KA 71 47.34 -51.27 -16.41
N CYS KA 72 47.03 -52.16 -15.48
CA CYS KA 72 48.03 -52.93 -14.75
C CYS KA 72 48.50 -54.15 -15.51
N ASN KA 73 48.28 -54.19 -16.83
CA ASN KA 73 48.68 -55.31 -17.67
C ASN KA 73 50.03 -54.99 -18.29
N TRP KA 74 50.97 -55.92 -18.18
CA TRP KA 74 52.31 -55.71 -18.72
C TRP KA 74 52.26 -55.52 -20.23
N SER KA 75 51.40 -56.30 -20.91
CA SER KA 75 51.29 -56.20 -22.36
C SER KA 75 50.78 -54.84 -22.81
N TYR KA 76 50.16 -54.07 -21.93
CA TYR KA 76 49.80 -52.69 -22.23
C TYR KA 76 50.85 -51.71 -21.75
N LEU KA 77 51.47 -51.96 -20.60
CA LEU KA 77 52.45 -51.04 -20.06
C LEU KA 77 53.66 -50.92 -20.97
N ILE KA 78 54.14 -52.04 -21.50
CA ILE KA 78 55.35 -52.02 -22.34
C ILE KA 78 55.11 -51.21 -23.61
N PRO KA 79 54.05 -51.50 -24.40
CA PRO KA 79 53.82 -50.68 -25.59
C PRO KA 79 53.60 -49.21 -25.27
N SER KA 80 53.13 -48.89 -24.06
CA SER KA 80 53.05 -47.49 -23.66
C SER KA 80 54.43 -46.85 -23.64
N LEU KA 81 55.41 -47.55 -23.05
CA LEU KA 81 56.78 -47.04 -23.05
C LEU KA 81 57.34 -46.96 -24.47
N HIS KA 82 57.04 -47.96 -25.29
CA HIS KA 82 57.53 -47.92 -26.67
C HIS KA 82 56.96 -46.71 -27.41
N ARG KA 83 55.67 -46.44 -27.24
CA ARG KA 83 55.06 -45.27 -27.87
C ARG KA 83 55.65 -43.99 -27.32
N CYS KA 84 55.92 -43.93 -26.02
CA CYS KA 84 56.56 -42.75 -25.45
C CYS KA 84 57.90 -42.49 -26.11
N ALA KA 85 58.72 -43.53 -26.24
CA ALA KA 85 60.02 -43.37 -26.88
C ALA KA 85 59.88 -42.97 -28.34
N GLU KA 86 58.92 -43.58 -29.05
CA GLU KA 86 58.71 -43.25 -30.45
C GLU KA 86 58.33 -41.79 -30.63
N SER KA 87 57.42 -41.30 -29.79
CA SER KA 87 57.02 -39.90 -29.87
C SER KA 87 58.18 -38.98 -29.50
N ALA KA 88 58.94 -39.35 -28.48
CA ALA KA 88 60.04 -38.50 -28.04
C ALA KA 88 61.10 -38.36 -29.12
N ILE KA 89 61.46 -39.47 -29.77
CA ILE KA 89 62.51 -39.47 -30.80
C ILE KA 89 61.87 -39.90 -32.11
N SER KA 90 61.98 -39.06 -33.13
CA SER KA 90 61.39 -39.35 -34.42
C SER KA 90 62.10 -40.52 -35.10
N ALA KA 91 61.42 -41.13 -36.07
CA ALA KA 91 62.01 -42.24 -36.80
C ALA KA 91 63.29 -41.82 -37.52
N LYS KA 92 63.27 -40.65 -38.13
CA LYS KA 92 64.46 -40.15 -38.84
C LYS KA 92 65.64 -40.02 -37.88
N LEU KA 93 65.42 -39.41 -36.71
CA LEU KA 93 66.49 -39.24 -35.74
C LEU KA 93 66.96 -40.60 -35.20
N TRP KA 94 66.04 -41.53 -34.97
CA TRP KA 94 66.43 -42.85 -34.51
C TRP KA 94 67.30 -43.55 -35.53
N GLU KA 95 66.92 -43.48 -36.81
CA GLU KA 95 67.74 -44.08 -37.86
C GLU KA 95 69.12 -43.43 -37.93
N LYS KA 96 69.16 -42.09 -37.82
CA LYS KA 96 70.44 -41.40 -37.88
C LYS KA 96 71.34 -41.83 -36.72
N MET KA 97 70.77 -41.92 -35.51
CA MET KA 97 71.56 -42.33 -34.35
C MET KA 97 72.05 -43.76 -34.50
N CYS KA 98 71.19 -44.65 -35.01
CA CYS KA 98 71.61 -46.04 -35.20
C CYS KA 98 72.74 -46.12 -36.22
N GLN KA 99 72.64 -45.37 -37.31
CA GLN KA 99 73.71 -45.37 -38.31
C GLN KA 99 75.00 -44.83 -37.71
N LEU KA 100 74.91 -43.76 -36.93
CA LEU KA 100 76.09 -43.18 -36.28
C LEU KA 100 76.49 -43.99 -35.06
N VAL KA 110 80.46 -37.77 -32.21
CA VAL KA 110 79.08 -37.36 -31.94
C VAL KA 110 78.81 -36.01 -32.59
N ASN KA 111 78.23 -36.05 -33.78
CA ASN KA 111 77.91 -34.84 -34.55
C ASN KA 111 76.40 -34.75 -34.70
N LEU KA 112 75.76 -34.00 -33.81
CA LEU KA 112 74.32 -33.80 -33.84
C LEU KA 112 74.01 -32.34 -33.60
N THR KA 113 72.87 -31.90 -34.14
CA THR KA 113 72.43 -30.53 -33.95
C THR KA 113 72.03 -30.31 -32.49
N GLN KA 114 72.10 -29.04 -32.07
CA GLN KA 114 71.71 -28.71 -30.70
C GLN KA 114 70.25 -29.04 -30.44
N TYR KA 115 69.38 -28.74 -31.42
CA TYR KA 115 67.97 -29.08 -31.28
C TYR KA 115 67.78 -30.58 -31.13
N GLU KA 116 68.48 -31.37 -31.92
CA GLU KA 116 68.35 -32.82 -31.83
C GLU KA 116 68.87 -33.34 -30.50
N ARG KA 117 69.99 -32.80 -30.02
CA ARG KA 117 70.51 -33.22 -28.73
C ARG KA 117 69.53 -32.91 -27.61
N GLN KA 118 68.95 -31.71 -27.64
CA GLN KA 118 67.97 -31.35 -26.60
C GLN KA 118 66.73 -32.21 -26.72
N ARG KA 119 66.32 -32.56 -27.95
CA ARG KA 119 65.19 -33.45 -28.14
C ARG KA 119 65.47 -34.80 -27.52
N VAL KA 120 66.68 -35.33 -27.73
CA VAL KA 120 67.04 -36.62 -27.15
C VAL KA 120 67.04 -36.54 -25.63
N ARG KA 121 67.59 -35.46 -25.07
CA ARG KA 121 67.60 -35.32 -23.62
C ARG KA 121 66.19 -35.24 -23.05
N ASP KA 122 65.31 -34.48 -23.71
CA ASP KA 122 63.93 -34.39 -23.27
C ASP KA 122 63.24 -35.75 -23.36
N GLY KA 123 63.52 -36.51 -24.42
CA GLY KA 123 62.96 -37.84 -24.53
C GLY KA 123 63.42 -38.75 -23.40
N GLN KA 124 64.71 -38.69 -23.07
CA GLN KA 124 65.22 -39.51 -21.96
C GLN KA 124 64.54 -39.11 -20.65
N ASN KA 125 64.39 -37.80 -20.42
CA ASN KA 125 63.74 -37.35 -19.19
C ASN KA 125 62.30 -37.82 -19.13
N LEU KA 126 61.57 -37.71 -20.24
CA LEU KA 126 60.17 -38.14 -20.27
C LEU KA 126 60.08 -39.65 -20.05
N TYR KA 127 60.99 -40.42 -20.66
CA TYR KA 127 60.97 -41.86 -20.47
C TYR KA 127 61.25 -42.21 -19.02
N ARG KA 128 62.19 -41.52 -18.38
CA ARG KA 128 62.45 -41.78 -16.96
C ARG KA 128 61.23 -41.48 -16.12
N TYR KA 129 60.57 -40.35 -16.38
CA TYR KA 129 59.35 -40.03 -15.62
C TYR KA 129 58.27 -41.07 -15.85
N GLU KA 130 58.09 -41.52 -17.08
CA GLU KA 130 57.07 -42.53 -17.36
C GLU KA 130 57.39 -43.84 -16.66
N VAL KA 131 58.66 -44.24 -16.65
CA VAL KA 131 59.04 -45.44 -15.94
C VAL KA 131 58.76 -45.29 -14.45
N HIS KA 132 59.08 -44.12 -13.89
CA HIS KA 132 58.78 -43.89 -12.48
C HIS KA 132 57.29 -44.04 -12.21
N GLN KA 133 56.45 -43.47 -13.08
CA GLN KA 133 55.01 -43.55 -12.87
C GLN KA 133 54.48 -44.98 -13.03
N ARG KA 134 54.99 -45.73 -14.00
CA ARG KA 134 54.50 -47.07 -14.28
C ARG KA 134 55.16 -48.15 -13.43
N LEU KA 135 56.16 -47.80 -12.63
CA LEU KA 135 56.91 -48.83 -11.89
C LEU KA 135 56.02 -49.71 -11.03
N PRO KA 136 55.11 -49.19 -10.20
CA PRO KA 136 54.30 -50.10 -9.38
C PRO KA 136 53.47 -51.07 -10.20
N LEU KA 137 52.88 -50.61 -11.30
CA LEU KA 137 52.09 -51.51 -12.14
C LEU KA 137 52.95 -52.59 -12.77
N LEU KA 138 54.14 -52.22 -13.26
CA LEU KA 138 55.05 -53.23 -13.82
C LEU KA 138 55.44 -54.24 -12.76
N GLU KA 139 55.79 -53.77 -11.56
CA GLU KA 139 56.17 -54.67 -10.49
C GLU KA 139 55.04 -55.65 -10.16
N GLU KA 140 53.80 -55.15 -10.14
CA GLU KA 140 52.66 -56.02 -9.87
C GLU KA 140 52.41 -57.00 -11.02
N SER KA 141 52.70 -56.60 -12.25
CA SER KA 141 52.41 -57.41 -13.42
C SER KA 141 53.57 -58.27 -13.88
N ILE KA 142 54.69 -58.28 -13.13
CA ILE KA 142 55.81 -59.14 -13.50
C ILE KA 142 55.36 -60.58 -13.64
N GLY KA 143 54.57 -61.06 -12.68
CA GLY KA 143 54.25 -62.47 -12.59
C GLY KA 143 53.61 -63.06 -13.83
N TRP KA 144 52.62 -62.40 -14.39
CA TRP KA 144 51.87 -62.90 -15.55
C TRP KA 144 52.19 -62.12 -16.81
N ALA KA 145 53.44 -61.71 -16.99
CA ALA KA 145 53.86 -61.02 -18.20
C ALA KA 145 54.11 -62.05 -19.31
N GLN KA 146 54.68 -61.60 -20.42
CA GLN KA 146 54.95 -62.49 -21.55
C GLN KA 146 56.31 -62.16 -22.13
N LEU KA 147 56.95 -63.18 -22.72
CA LEU KA 147 58.31 -63.02 -23.23
C LEU KA 147 58.37 -61.93 -24.28
N ASP KA 148 57.39 -61.89 -25.17
CA ASP KA 148 57.37 -60.84 -26.20
C ASP KA 148 57.30 -59.46 -25.56
N ASP KA 149 56.50 -59.32 -24.50
CA ASP KA 149 56.38 -58.01 -23.86
C ASP KA 149 57.65 -57.63 -23.11
N LEU KA 150 58.35 -58.60 -22.53
CA LEU KA 150 59.62 -58.28 -21.87
C LEU KA 150 60.68 -57.87 -22.89
N LEU KA 151 60.75 -58.60 -24.00
CA LEU KA 151 61.63 -58.17 -25.09
C LEU KA 151 61.26 -56.78 -25.57
N GLY KA 152 59.96 -56.49 -25.62
CA GLY KA 152 59.52 -55.14 -25.95
C GLY KA 152 59.93 -54.11 -24.93
N TRP KA 153 59.96 -54.49 -23.65
CA TRP KA 153 60.49 -53.58 -22.63
C TRP KA 153 61.92 -53.20 -22.92
N PHE KA 154 62.75 -54.21 -23.22
CA PHE KA 154 64.14 -53.92 -23.54
C PHE KA 154 64.25 -53.09 -24.82
N ARG KA 155 63.44 -53.40 -25.83
CA ARG KA 155 63.47 -52.62 -27.06
C ARG KA 155 63.06 -51.18 -26.82
N SER KA 156 62.05 -50.96 -25.99
CA SER KA 156 61.60 -49.60 -25.68
C SER KA 156 62.68 -48.83 -24.95
N ALA KA 157 63.36 -49.47 -24.00
CA ALA KA 157 64.46 -48.80 -23.33
C ALA KA 157 65.55 -48.42 -24.34
N ARG KA 158 65.89 -49.33 -25.24
CA ARG KA 158 66.90 -49.04 -26.25
C ARG KA 158 66.47 -47.87 -27.13
N ARG KA 159 65.21 -47.88 -27.57
CA ARG KA 159 64.72 -46.82 -28.44
C ARG KA 159 64.74 -45.47 -27.73
N ALA KA 160 64.31 -45.44 -26.47
CA ALA KA 160 64.42 -44.22 -25.69
C ALA KA 160 65.86 -43.83 -25.42
N TRP KA 161 66.81 -44.74 -25.64
CA TRP KA 161 68.24 -44.47 -25.52
C TRP KA 161 68.69 -44.41 -24.07
N VAL KA 162 67.90 -44.95 -23.15
CA VAL KA 162 68.24 -45.01 -21.74
C VAL KA 162 68.79 -46.40 -21.44
N ARG KA 163 70.01 -46.44 -20.91
CA ARG KA 163 70.64 -47.71 -20.55
C ARG KA 163 70.22 -48.09 -19.14
N LEU KA 164 69.55 -49.23 -19.01
CA LEU KA 164 69.05 -49.65 -17.71
C LEU KA 164 70.22 -49.95 -16.78
N PRO KA 165 70.07 -49.67 -15.48
CA PRO KA 165 71.18 -49.91 -14.53
C PRO KA 165 71.35 -51.38 -14.17
N THR KA 166 72.06 -52.10 -15.04
CA THR KA 166 72.33 -53.52 -14.82
C THR KA 166 73.43 -53.77 -13.81
N SER KA 167 74.19 -52.75 -13.44
CA SER KA 167 75.30 -52.91 -12.49
C SER KA 167 76.34 -53.89 -13.03
N SER KA 186 73.16 -42.49 -23.56
CA SER KA 186 73.77 -42.24 -22.27
C SER KA 186 72.95 -42.86 -21.14
N SER KA 187 73.38 -42.63 -19.91
CA SER KA 187 72.71 -43.18 -18.74
C SER KA 187 71.97 -42.08 -17.99
N ALA KA 188 70.69 -42.35 -17.68
CA ALA KA 188 69.85 -41.42 -16.93
C ALA KA 188 69.24 -42.01 -15.68
N MET KA 189 69.02 -43.32 -15.62
CA MET KA 189 68.44 -43.95 -14.45
C MET KA 189 69.42 -44.07 -13.30
N SER KA 190 70.72 -44.18 -13.60
CA SER KA 190 71.71 -44.45 -12.57
C SER KA 190 71.81 -43.34 -11.52
N CYS KA 191 71.48 -42.10 -11.88
CA CYS KA 191 71.60 -40.97 -10.98
C CYS KA 191 70.22 -40.63 -10.42
N ARG KA 192 70.10 -40.66 -9.10
CA ARG KA 192 68.84 -40.29 -8.45
C ARG KA 192 68.63 -38.79 -8.56
N LEU KA 193 67.36 -38.40 -8.61
CA LEU KA 193 67.01 -36.99 -8.74
C LEU KA 193 67.47 -36.21 -7.51
N GLU KA 194 67.89 -34.97 -7.73
CA GLU KA 194 68.39 -34.11 -6.68
C GLU KA 194 67.26 -33.67 -5.76
N GLY KA 195 67.64 -33.22 -4.57
CA GLY KA 195 66.69 -32.77 -3.58
C GLY KA 195 67.02 -33.26 -2.18
N HIS KA 196 67.07 -32.35 -1.22
CA HIS KA 196 67.40 -32.72 0.14
C HIS KA 196 66.29 -33.59 0.72
N ALA KA 197 66.68 -34.60 1.50
CA ALA KA 197 65.71 -35.56 2.02
C ALA KA 197 64.71 -34.91 2.97
N ASP KA 198 65.02 -33.75 3.52
CA ASP KA 198 64.14 -33.09 4.48
C ASP KA 198 63.03 -32.29 3.81
N SER KA 199 63.04 -32.17 2.48
CA SER KA 199 62.01 -31.42 1.77
C SER KA 199 61.21 -32.26 0.79
N ARG KA 200 61.60 -33.51 0.54
CA ARG KA 200 60.90 -34.33 -0.42
C ARG KA 200 59.48 -34.62 0.06
N ASP KA 201 58.60 -34.93 -0.89
CA ASP KA 201 57.20 -35.23 -0.59
C ASP KA 201 57.13 -36.68 -0.13
N THR KA 202 57.09 -36.86 1.19
CA THR KA 202 56.96 -38.18 1.80
C THR KA 202 55.51 -38.52 2.14
N THR KA 203 54.56 -37.68 1.75
CA THR KA 203 53.17 -37.90 2.15
C THR KA 203 52.70 -39.26 1.67
N PRO KA 204 52.02 -40.04 2.51
CA PRO KA 204 51.52 -41.35 2.06
C PRO KA 204 50.38 -41.22 1.08
N GLY KA 205 50.10 -42.30 0.34
CA GLY KA 205 49.04 -42.30 -0.64
C GLY KA 205 49.44 -41.81 -2.01
N ARG KA 206 50.66 -41.31 -2.17
CA ARG KA 206 51.18 -40.89 -3.46
C ARG KA 206 52.29 -41.84 -3.86
N ASN KA 207 52.19 -42.40 -5.07
CA ASN KA 207 53.10 -43.44 -5.52
C ASN KA 207 54.44 -42.83 -5.91
N GLN KA 208 55.22 -42.50 -4.89
CA GLN KA 208 56.56 -41.96 -5.07
C GLN KA 208 57.60 -43.07 -4.84
N VAL KA 209 58.56 -43.13 -5.75
CA VAL KA 209 59.63 -44.14 -5.68
C VAL KA 209 60.95 -43.43 -5.49
N PHE KA 210 61.35 -43.24 -4.23
CA PHE KA 210 62.59 -42.53 -3.94
C PHE KA 210 63.82 -43.29 -4.42
N ASP KA 211 63.82 -44.61 -4.26
CA ASP KA 211 64.94 -45.45 -4.71
C ASP KA 211 64.70 -45.92 -6.15
N THR KA 212 64.57 -44.95 -7.04
CA THR KA 212 64.27 -45.26 -8.43
C THR KA 212 65.35 -46.11 -9.09
N PRO KA 213 66.64 -45.78 -9.01
CA PRO KA 213 67.64 -46.65 -9.66
C PRO KA 213 67.64 -48.07 -9.12
N GLU KA 214 67.54 -48.24 -7.80
CA GLU KA 214 67.53 -49.58 -7.24
C GLU KA 214 66.30 -50.36 -7.68
N ARG KA 215 65.13 -49.71 -7.66
CA ARG KA 215 63.91 -50.39 -8.09
C ARG KA 215 63.99 -50.78 -9.56
N VAL KA 216 64.54 -49.90 -10.41
CA VAL KA 216 64.63 -50.21 -11.82
C VAL KA 216 65.63 -51.34 -12.05
N GLU KA 217 66.73 -51.36 -11.30
CA GLU KA 217 67.68 -52.46 -11.41
C GLU KA 217 67.04 -53.78 -11.00
N GLN KA 218 66.27 -53.77 -9.90
CA GLN KA 218 65.57 -54.98 -9.49
C GLN KA 218 64.58 -55.43 -10.55
N LEU KA 219 63.86 -54.48 -11.15
CA LEU KA 219 62.92 -54.84 -12.21
C LEU KA 219 63.64 -55.43 -13.41
N THR KA 220 64.79 -54.87 -13.77
CA THR KA 220 65.56 -55.41 -14.89
C THR KA 220 66.02 -56.83 -14.61
N GLU KA 221 66.52 -57.08 -13.39
CA GLU KA 221 66.93 -58.43 -13.04
C GLU KA 221 65.74 -59.39 -13.08
N ALA KA 222 64.61 -58.95 -12.55
CA ALA KA 222 63.42 -59.79 -12.53
C ALA KA 222 62.95 -60.13 -13.94
N THR KA 223 62.95 -59.15 -14.84
CA THR KA 223 62.53 -59.42 -16.21
C THR KA 223 63.53 -60.30 -16.95
N VAL KA 224 64.83 -60.16 -16.65
CA VAL KA 224 65.81 -61.08 -17.26
C VAL KA 224 65.54 -62.51 -16.81
N HIS KA 225 65.30 -62.69 -15.50
CA HIS KA 225 65.01 -64.03 -14.99
C HIS KA 225 63.71 -64.56 -15.58
N ARG KA 226 62.71 -63.69 -15.74
CA ARG KA 226 61.44 -64.11 -16.33
C ARG KA 226 61.63 -64.53 -17.79
N ILE KA 227 62.46 -63.80 -18.54
CA ILE KA 227 62.76 -64.20 -19.91
C ILE KA 227 63.41 -65.57 -19.93
N ARG KA 228 64.38 -65.79 -19.03
CA ARG KA 228 65.04 -67.08 -18.98
C ARG KA 228 64.04 -68.20 -18.69
N GLU KA 229 63.14 -67.96 -17.72
CA GLU KA 229 62.14 -68.97 -17.39
C GLU KA 229 61.20 -69.23 -18.55
N GLU KA 230 60.78 -68.17 -19.25
CA GLU KA 230 59.88 -68.34 -20.39
C GLU KA 230 60.56 -69.15 -21.49
N LEU KA 231 61.84 -68.86 -21.76
CA LEU KA 231 62.56 -69.64 -22.77
C LEU KA 231 62.68 -71.10 -22.35
N GLN KA 232 62.96 -71.35 -21.07
CA GLN KA 232 63.03 -72.73 -20.60
C GLN KA 232 61.70 -73.44 -20.76
N ARG KA 233 60.60 -72.75 -20.43
CA ARG KA 233 59.28 -73.35 -20.59
C ARG KA 233 59.00 -73.65 -22.07
N LEU KA 234 59.35 -72.73 -22.95
CA LEU KA 234 59.13 -72.95 -24.38
C LEU KA 234 59.94 -74.14 -24.88
N ASN KA 235 61.17 -74.28 -24.42
CA ASN KA 235 62.03 -75.39 -24.82
C ASN KA 235 61.34 -76.73 -24.59
N SER KA 251 57.84 -76.90 -36.88
CA SER KA 251 57.35 -76.20 -38.07
C SER KA 251 58.29 -75.07 -38.45
N ALA KA 252 58.27 -74.70 -39.74
CA ALA KA 252 59.13 -73.63 -40.21
C ALA KA 252 58.82 -72.32 -39.52
N ARG KA 253 57.53 -72.01 -39.33
CA ARG KA 253 57.16 -70.76 -38.68
C ARG KA 253 57.73 -70.68 -37.27
N ARG KA 254 57.56 -71.76 -36.49
CA ARG KA 254 58.04 -71.72 -35.11
C ARG KA 254 59.57 -71.75 -35.06
N LEU KA 255 60.22 -72.45 -35.98
CA LEU KA 255 61.68 -72.42 -36.03
C LEU KA 255 62.19 -71.01 -36.30
N ALA KA 256 61.59 -70.33 -37.28
CA ALA KA 256 61.98 -68.95 -37.57
C ALA KA 256 61.69 -68.04 -36.39
N ARG KA 257 60.55 -68.23 -35.73
CA ARG KA 257 60.22 -67.43 -34.56
C ARG KA 257 61.27 -67.60 -33.47
N ASP KA 258 61.67 -68.85 -33.20
CA ASP KA 258 62.68 -69.10 -32.19
C ASP KA 258 64.00 -68.47 -32.57
N GLU KA 259 64.40 -68.60 -33.84
CA GLU KA 259 65.66 -68.02 -34.28
C GLU KA 259 65.67 -66.50 -34.09
N GLU KA 260 64.62 -65.84 -34.58
CA GLU KA 260 64.58 -64.38 -34.47
C GLU KA 260 64.50 -63.95 -33.02
N LEU KA 261 63.75 -64.67 -32.19
CA LEU KA 261 63.66 -64.33 -30.78
C LEU KA 261 65.01 -64.44 -30.11
N SER KA 262 65.76 -65.51 -30.39
CA SER KA 262 67.09 -65.66 -29.81
C SER KA 262 68.02 -64.54 -30.26
N ARG KA 263 68.02 -64.23 -31.55
CA ARG KA 263 68.89 -63.17 -32.05
C ARG KA 263 68.55 -61.83 -31.42
N CYS KA 264 67.25 -61.51 -31.34
CA CYS KA 264 66.83 -60.29 -30.65
C CYS KA 264 67.34 -60.28 -29.22
N VAL KA 265 66.89 -61.23 -28.40
CA VAL KA 265 67.30 -61.30 -27.01
C VAL KA 265 68.80 -61.04 -26.90
N GLU KA 266 69.58 -61.74 -27.72
CA GLU KA 266 71.03 -61.60 -27.63
C GLU KA 266 71.46 -60.16 -27.89
N GLU KA 267 71.02 -59.57 -29.00
CA GLU KA 267 71.51 -58.24 -29.36
C GLU KA 267 71.03 -57.19 -28.37
N GLU KA 268 69.77 -57.28 -27.94
CA GLU KA 268 69.23 -56.30 -27.00
C GLU KA 268 69.93 -56.38 -25.66
N LEU KA 269 70.13 -57.59 -25.13
CA LEU KA 269 70.83 -57.72 -23.87
C LEU KA 269 72.28 -57.27 -23.98
N GLY KA 270 72.94 -57.54 -25.10
CA GLY KA 270 74.28 -57.04 -25.30
C GLY KA 270 74.33 -55.52 -25.32
N TRP KA 271 73.37 -54.90 -26.00
CA TRP KA 271 73.32 -53.44 -26.04
C TRP KA 271 73.10 -52.86 -24.64
N HIS KA 272 72.20 -53.45 -23.87
CA HIS KA 272 71.92 -52.97 -22.53
C HIS KA 272 72.98 -53.39 -21.51
N GLY KA 273 73.91 -54.26 -21.88
CA GLY KA 273 74.97 -54.67 -20.97
C GLY KA 273 74.55 -55.82 -20.08
N VAL KA 274 73.81 -56.77 -20.65
CA VAL KA 274 73.32 -57.93 -19.91
C VAL KA 274 73.61 -59.18 -20.74
N ALA KA 275 73.69 -60.31 -20.04
CA ALA KA 275 73.95 -61.60 -20.67
C ALA KA 275 72.90 -62.61 -20.23
N LEU KA 276 72.66 -63.60 -21.09
CA LEU KA 276 71.68 -64.63 -20.80
C LEU KA 276 70.29 -64.04 -20.61
N TRP LA 1 -43.24 -70.37 -62.90
CA TRP LA 1 -44.48 -70.67 -62.17
C TRP LA 1 -44.74 -72.17 -62.17
N GLN LA 2 -45.69 -72.60 -61.34
CA GLN LA 2 -46.07 -74.00 -61.24
C GLN LA 2 -47.58 -74.11 -61.43
N SER LA 3 -47.99 -75.13 -62.19
CA SER LA 3 -49.40 -75.26 -62.56
C SER LA 3 -50.28 -75.48 -61.34
N GLY LA 4 -49.81 -76.30 -60.39
CA GLY LA 4 -50.65 -76.72 -59.29
C GLY LA 4 -50.94 -75.66 -58.24
N VAL LA 5 -50.11 -74.63 -58.14
CA VAL LA 5 -50.21 -73.64 -57.07
C VAL LA 5 -50.66 -72.28 -57.60
N HIS LA 6 -50.00 -71.78 -58.64
CA HIS LA 6 -50.37 -70.48 -59.20
C HIS LA 6 -51.66 -70.53 -60.01
N THR LA 7 -52.10 -71.71 -60.41
CA THR LA 7 -53.33 -71.90 -61.16
C THR LA 7 -54.01 -73.16 -60.65
N PRO LA 8 -55.31 -73.29 -60.88
CA PRO LA 8 -55.98 -74.54 -60.51
C PRO LA 8 -55.40 -75.71 -61.29
N HIS LA 9 -55.39 -76.89 -60.64
CA HIS LA 9 -54.81 -78.06 -61.26
C HIS LA 9 -55.48 -78.35 -62.59
N GLY LA 10 -54.66 -78.73 -63.58
CA GLY LA 10 -55.14 -78.97 -64.93
C GLY LA 10 -54.94 -77.82 -65.89
N VAL LA 11 -54.48 -76.67 -65.41
CA VAL LA 11 -54.23 -75.51 -66.26
C VAL LA 11 -52.77 -75.50 -66.67
N VAL LA 12 -52.52 -75.53 -67.98
CA VAL LA 12 -51.16 -75.52 -68.51
C VAL LA 12 -51.12 -74.55 -69.68
N TYR LA 13 -50.07 -73.75 -69.74
CA TYR LA 13 -49.86 -72.79 -70.83
C TYR LA 13 -48.89 -73.41 -71.84
N ARG LA 14 -49.32 -73.48 -73.08
CA ARG LA 14 -48.50 -74.05 -74.16
C ARG LA 14 -47.64 -72.97 -74.82
N GLY LA 15 -46.89 -72.23 -74.00
CA GLY LA 15 -46.02 -71.18 -74.50
C GLY LA 15 -44.59 -71.64 -74.65
N ALA LA 16 -43.65 -70.81 -74.20
CA ALA LA 16 -42.22 -71.11 -74.27
C ALA LA 16 -41.75 -71.44 -72.85
N LYS LA 17 -41.25 -72.66 -72.66
CA LYS LA 17 -40.79 -73.07 -71.35
C LYS LA 17 -39.48 -72.38 -70.99
N MET LA 18 -39.28 -72.16 -69.70
CA MET LA 18 -38.04 -71.61 -69.19
C MET LA 18 -36.97 -72.69 -69.14
N LYS LA 19 -35.75 -72.32 -69.47
CA LYS LA 19 -34.64 -73.26 -69.49
C LYS LA 19 -34.26 -73.65 -68.06
N ASN LA 20 -34.13 -74.95 -67.83
CA ASN LA 20 -33.71 -75.54 -66.57
C ASN LA 20 -34.78 -75.51 -65.49
N TRP LA 21 -35.93 -74.88 -65.74
CA TRP LA 21 -37.00 -74.86 -64.75
C TRP LA 21 -37.66 -76.22 -64.69
N PRO LA 22 -37.70 -76.90 -63.53
CA PRO LA 22 -38.28 -78.24 -63.48
C PRO LA 22 -39.79 -78.22 -63.30
N GLU LA 23 -40.50 -78.90 -64.19
CA GLU LA 23 -41.95 -79.06 -64.05
C GLU LA 23 -42.20 -80.14 -63.01
N GLN LA 24 -42.46 -79.73 -61.78
CA GLN LA 24 -42.60 -80.64 -60.66
C GLN LA 24 -44.06 -80.75 -60.24
N ARG LA 25 -44.52 -81.97 -60.02
CA ARG LA 25 -45.90 -82.20 -59.62
C ARG LA 25 -46.16 -81.61 -58.25
N ILE LA 26 -47.40 -81.18 -58.03
CA ILE LA 26 -47.82 -80.62 -56.74
C ILE LA 26 -49.08 -81.35 -56.29
N PRO LA 27 -49.21 -81.71 -55.01
CA PRO LA 27 -50.41 -82.41 -54.56
C PRO LA 27 -51.66 -81.56 -54.74
N GLU LA 28 -52.77 -82.25 -54.99
CA GLU LA 28 -54.05 -81.57 -55.20
C GLU LA 28 -54.53 -80.86 -53.95
N ASN LA 29 -54.18 -81.37 -52.77
CA ASN LA 29 -54.61 -80.76 -51.51
C ASN LA 29 -53.87 -79.46 -51.21
N PHE LA 30 -52.85 -79.11 -51.99
CA PHE LA 30 -52.07 -77.91 -51.71
C PHE LA 30 -52.97 -76.67 -51.72
N LYS LA 31 -52.72 -75.78 -50.77
CA LYS LA 31 -53.40 -74.49 -50.74
C LYS LA 31 -52.60 -73.54 -49.86
N PHE LA 32 -52.45 -72.30 -50.32
CA PHE LA 32 -51.72 -71.29 -49.59
C PHE LA 32 -52.52 -70.80 -48.39
N THR LA 33 -51.80 -70.26 -47.41
CA THR LA 33 -52.40 -69.44 -46.37
C THR LA 33 -52.48 -68.01 -46.88
N GLU LA 34 -53.57 -67.31 -46.54
CA GLU LA 34 -53.88 -66.06 -47.20
C GLU LA 34 -52.77 -65.03 -47.04
N GLU LA 35 -52.19 -64.93 -45.84
CA GLU LA 35 -51.10 -63.97 -45.65
C GLU LA 35 -49.91 -64.31 -46.52
N GLN LA 36 -49.55 -65.60 -46.60
CA GLN LA 36 -48.44 -66.00 -47.46
C GLN LA 36 -48.73 -65.70 -48.92
N ARG LA 37 -49.96 -65.97 -49.36
CA ARG LA 37 -50.34 -65.68 -50.74
C ARG LA 37 -50.24 -64.20 -51.05
N PHE LA 38 -50.65 -63.34 -50.11
CA PHE LA 38 -50.51 -61.91 -50.30
C PHE LA 38 -49.03 -61.52 -50.36
N ARG LA 39 -48.20 -62.10 -49.49
CA ARG LA 39 -46.79 -61.76 -49.47
C ARG LA 39 -46.03 -62.34 -50.66
N THR LA 40 -46.64 -63.26 -51.40
CA THR LA 40 -45.95 -63.90 -52.52
C THR LA 40 -45.58 -62.86 -53.58
N LYS LA 41 -44.47 -63.12 -54.26
CA LYS LA 41 -43.94 -62.26 -55.31
C LYS LA 41 -43.98 -63.03 -56.64
N ALA LA 42 -43.40 -62.42 -57.67
CA ALA LA 42 -43.35 -63.02 -58.99
C ALA LA 42 -42.03 -62.67 -59.67
N ILE LA 43 -41.46 -63.63 -60.37
CA ILE LA 43 -40.22 -63.41 -61.11
C ILE LA 43 -40.49 -62.39 -62.22
N PRO LA 44 -39.66 -61.37 -62.40
CA PRO LA 44 -39.88 -60.44 -63.50
C PRO LA 44 -39.79 -61.14 -64.85
N ARG LA 45 -40.61 -60.68 -65.78
CA ARG LA 45 -40.70 -61.26 -67.12
C ARG LA 45 -40.04 -60.32 -68.12
N ASP LA 46 -39.77 -60.87 -69.31
CA ASP LA 46 -39.10 -60.11 -70.35
C ASP LA 46 -40.09 -59.15 -71.02
N VAL LA 47 -39.77 -57.87 -71.00
CA VAL LA 47 -40.48 -56.86 -71.78
C VAL LA 47 -39.41 -56.09 -72.56
N GLY LA 48 -39.14 -56.55 -73.78
CA GLY LA 48 -38.08 -55.95 -74.57
C GLY LA 48 -38.43 -55.86 -76.04
N THR LA 49 -37.56 -56.41 -76.90
CA THR LA 49 -37.76 -56.33 -78.33
C THR LA 49 -38.56 -57.53 -78.87
N ILE LA 50 -38.08 -58.74 -78.60
CA ILE LA 50 -38.74 -59.92 -79.17
C ILE LA 50 -40.17 -60.08 -78.66
N PRO LA 51 -40.44 -60.00 -77.35
CA PRO LA 51 -41.83 -60.15 -76.91
C PRO LA 51 -42.76 -59.09 -77.46
N ARG LA 52 -42.33 -57.83 -77.47
CA ARG LA 52 -43.18 -56.77 -78.01
C ARG LA 52 -43.41 -56.96 -79.49
N ASN LA 53 -42.38 -57.40 -80.23
CA ASN LA 53 -42.56 -57.67 -81.65
C ASN LA 53 -43.57 -58.80 -81.87
N PHE LA 54 -43.49 -59.86 -81.06
CA PHE LA 54 -44.44 -60.96 -81.19
C PHE LA 54 -45.86 -60.48 -80.91
N VAL LA 55 -46.05 -59.70 -79.85
CA VAL LA 55 -47.40 -59.23 -79.52
C VAL LA 55 -47.91 -58.29 -80.59
N LEU LA 56 -47.05 -57.42 -81.11
CA LEU LA 56 -47.45 -56.51 -82.18
C LEU LA 56 -47.83 -57.28 -83.43
N GLY LA 57 -47.10 -58.36 -83.74
CA GLY LA 57 -47.47 -59.19 -84.87
C GLY LA 57 -48.81 -59.87 -84.67
N VAL LA 58 -49.07 -60.36 -83.46
CA VAL LA 58 -50.36 -60.99 -83.18
C VAL LA 58 -51.49 -59.98 -83.37
N LEU LA 59 -51.31 -58.77 -82.86
CA LEU LA 59 -52.33 -57.72 -83.03
C LEU LA 59 -52.47 -57.33 -84.49
N TYR LA 60 -51.35 -57.28 -85.22
CA TYR LA 60 -51.39 -56.96 -86.64
C TYR LA 60 -52.21 -57.99 -87.39
N ARG LA 61 -52.02 -59.27 -87.08
CA ARG LA 61 -52.87 -60.30 -87.63
C ARG LA 61 -54.32 -60.05 -87.26
N HIS LA 62 -54.63 -60.06 -85.97
CA HIS LA 62 -56.01 -59.89 -85.49
C HIS LA 62 -56.14 -58.48 -84.89
N GLN LA 63 -56.33 -57.51 -85.77
CA GLN LA 63 -56.55 -56.13 -85.35
C GLN LA 63 -57.57 -56.03 -84.22
N PRO LA 64 -58.79 -56.54 -84.34
CA PRO LA 64 -59.69 -56.61 -83.17
C PRO LA 64 -59.32 -57.81 -82.30
N CYS LA 65 -58.76 -57.54 -81.13
CA CYS LA 65 -58.29 -58.58 -80.22
C CYS LA 65 -58.98 -58.43 -78.88
N GLU LA 66 -59.88 -59.36 -78.56
CA GLU LA 66 -60.40 -59.47 -77.21
C GLU LA 66 -59.34 -60.08 -76.31
N VAL LA 67 -59.69 -60.26 -75.04
CA VAL LA 67 -58.74 -60.81 -74.07
C VAL LA 67 -58.51 -62.29 -74.32
N GLY LA 68 -59.58 -63.09 -74.19
CA GLY LA 68 -59.47 -64.51 -74.46
C GLY LA 68 -59.08 -64.79 -75.89
N GLY LA 69 -59.62 -64.01 -76.83
CA GLY LA 69 -59.24 -64.16 -78.22
C GLY LA 69 -57.76 -63.91 -78.45
N LEU LA 70 -57.23 -62.86 -77.83
CA LEU LA 70 -55.81 -62.57 -77.97
C LEU LA 70 -54.96 -63.68 -77.38
N TRP LA 71 -55.34 -64.18 -76.19
CA TRP LA 71 -54.57 -65.27 -75.61
C TRP LA 71 -54.60 -66.52 -76.48
N GLU LA 72 -55.79 -66.86 -77.01
CA GLU LA 72 -55.89 -68.03 -77.86
C GLU LA 72 -55.07 -67.85 -79.14
N HIS LA 73 -55.11 -66.66 -79.73
CA HIS LA 73 -54.32 -66.41 -80.93
C HIS LA 73 -52.83 -66.53 -80.64
N CYS LA 74 -52.38 -65.99 -79.51
CA CYS LA 74 -50.98 -66.11 -79.14
C CYS LA 74 -50.59 -67.57 -78.97
N THR LA 75 -51.43 -68.34 -78.28
CA THR LA 75 -51.13 -69.76 -78.11
C THR LA 75 -51.07 -70.48 -79.45
N ASN LA 76 -52.01 -70.16 -80.35
CA ASN LA 76 -52.05 -70.80 -81.65
C ASN LA 76 -50.81 -70.46 -82.47
N ASP LA 77 -50.34 -69.23 -82.38
CA ASP LA 77 -49.23 -68.79 -83.21
C ASP LA 77 -47.99 -69.65 -82.93
N PRO LA 78 -47.25 -70.04 -83.96
CA PRO LA 78 -46.04 -70.85 -83.73
C PRO LA 78 -44.84 -70.07 -83.26
N GLU LA 79 -44.82 -68.75 -83.44
CA GLU LA 79 -43.72 -67.92 -83.00
C GLU LA 79 -43.81 -67.55 -81.51
N ILE LA 80 -44.57 -68.30 -80.72
CA ILE LA 80 -44.70 -68.01 -79.30
C ILE LA 80 -43.33 -67.84 -78.67
N VAL LA 81 -43.18 -66.75 -77.92
CA VAL LA 81 -41.97 -66.50 -77.15
C VAL LA 81 -42.35 -66.23 -75.69
N LEU LA 82 -43.62 -65.93 -75.46
CA LEU LA 82 -44.09 -65.64 -74.11
C LEU LA 82 -44.12 -66.92 -73.27
N ASP LA 83 -44.31 -66.74 -71.97
CA ASP LA 83 -44.33 -67.85 -71.03
C ASP LA 83 -45.67 -68.05 -70.33
N SER LA 84 -46.38 -66.98 -69.99
CA SER LA 84 -47.64 -67.10 -69.27
C SER LA 84 -48.47 -65.85 -69.50
N LYS LA 85 -49.73 -65.90 -69.03
CA LYS LA 85 -50.60 -64.75 -69.14
C LYS LA 85 -50.04 -63.54 -68.41
N ARG LA 86 -49.30 -63.77 -67.31
CA ARG LA 86 -48.66 -62.65 -66.62
C ARG LA 86 -47.62 -61.99 -67.51
N HIS LA 87 -46.82 -62.80 -68.21
CA HIS LA 87 -45.86 -62.26 -69.16
C HIS LA 87 -46.57 -61.50 -70.28
N LEU LA 88 -47.69 -62.05 -70.76
CA LEU LA 88 -48.46 -61.35 -71.79
C LEU LA 88 -48.95 -60.00 -71.29
N ARG LA 89 -49.47 -59.95 -70.06
CA ARG LA 89 -49.96 -58.68 -69.53
C ARG LA 89 -48.82 -57.69 -69.36
N GLU LA 90 -47.66 -58.15 -68.89
CA GLU LA 90 -46.53 -57.24 -68.75
C GLU LA 90 -46.09 -56.69 -70.09
N VAL LA 91 -46.04 -57.54 -71.12
CA VAL LA 91 -45.66 -57.07 -72.46
C VAL LA 91 -46.69 -56.07 -72.98
N LEU LA 92 -47.98 -56.35 -72.75
CA LEU LA 92 -49.02 -55.41 -73.18
C LEU LA 92 -48.88 -54.07 -72.47
N LYS LA 93 -48.58 -54.10 -71.17
CA LYS LA 93 -48.38 -52.86 -70.43
C LYS LA 93 -47.19 -52.08 -70.97
N GLN LA 94 -46.09 -52.77 -71.27
CA GLN LA 94 -44.92 -52.10 -71.84
C GLN LA 94 -45.25 -51.49 -73.19
N ALA LA 95 -45.98 -52.22 -74.03
CA ALA LA 95 -46.36 -51.67 -75.33
C ALA LA 95 -47.27 -50.46 -75.18
N ARG LA 96 -48.21 -50.51 -74.23
CA ARG LA 96 -49.09 -49.38 -73.97
C ARG LA 96 -48.27 -48.16 -73.53
N GLU LA 97 -47.31 -48.37 -72.63
CA GLU LA 97 -46.49 -47.25 -72.17
C GLU LA 97 -45.66 -46.68 -73.33
N GLU LA 98 -45.12 -47.55 -74.18
CA GLU LA 98 -44.39 -47.06 -75.35
C GLU LA 98 -45.31 -46.31 -76.30
N GLY LA 99 -46.60 -46.66 -76.33
CA GLY LA 99 -47.56 -45.97 -77.17
C GLY LA 99 -47.93 -46.75 -78.41
N PHE LA 100 -48.01 -48.07 -78.29
CA PHE LA 100 -48.37 -48.94 -79.40
C PHE LA 100 -49.80 -49.44 -79.34
N VAL LA 101 -50.25 -49.95 -78.19
CA VAL LA 101 -51.57 -50.55 -78.05
C VAL LA 101 -52.50 -49.56 -77.37
N THR LA 102 -53.77 -49.61 -77.75
CA THR LA 102 -54.81 -48.78 -77.15
C THR LA 102 -56.00 -49.67 -76.81
N PHE LA 103 -56.54 -49.50 -75.62
CA PHE LA 103 -57.65 -50.32 -75.14
C PHE LA 103 -58.93 -49.50 -75.10
N GLU LA 104 -59.99 -50.03 -75.70
CA GLU LA 104 -61.26 -49.33 -75.79
C GLU LA 104 -62.40 -50.25 -75.38
N ARG LA 105 -63.33 -49.71 -74.61
CA ARG LA 105 -64.52 -50.46 -74.21
C ARG LA 105 -65.47 -50.54 -75.40
N ASP LA 106 -65.51 -51.70 -76.05
CA ASP LA 106 -66.33 -51.86 -77.24
C ASP LA 106 -67.80 -51.58 -76.93
N ALA LA 107 -68.45 -50.84 -77.83
CA ALA LA 107 -69.87 -50.54 -77.65
C ALA LA 107 -70.72 -51.81 -77.77
N ILE LA 108 -70.39 -52.67 -78.74
CA ILE LA 108 -71.19 -53.88 -78.96
C ILE LA 108 -71.11 -54.81 -77.76
N SER LA 109 -69.90 -55.02 -77.23
CA SER LA 109 -69.69 -55.93 -76.12
C SER LA 109 -68.85 -55.25 -75.04
N ASN LA 110 -69.13 -55.61 -73.79
CA ASN LA 110 -68.41 -55.01 -72.66
C ASN LA 110 -66.93 -55.36 -72.65
N GLU LA 111 -66.51 -56.37 -73.42
CA GLU LA 111 -65.11 -56.77 -73.42
C GLU LA 111 -64.24 -55.64 -73.97
N TRP LA 112 -63.05 -55.50 -73.40
CA TRP LA 112 -62.12 -54.45 -73.79
C TRP LA 112 -61.39 -54.87 -75.06
N LEU LA 113 -61.66 -54.18 -76.16
CA LEU LA 113 -60.99 -54.46 -77.42
C LEU LA 113 -59.69 -53.68 -77.51
N CYS LA 114 -58.79 -54.15 -78.37
CA CYS LA 114 -57.46 -53.59 -78.52
C CYS LA 114 -57.23 -53.13 -79.96
N PHE LA 115 -56.58 -51.99 -80.10
CA PHE LA 115 -56.23 -51.44 -81.40
C PHE LA 115 -54.78 -51.00 -81.37
N LEU LA 116 -54.22 -50.74 -82.55
CA LEU LA 116 -52.84 -50.27 -82.69
C LEU LA 116 -52.84 -48.82 -83.12
N THR LA 117 -51.99 -48.03 -82.47
CA THR LA 117 -51.88 -46.60 -82.79
C THR LA 117 -51.49 -46.44 -84.24
N ARG LA 118 -52.20 -45.54 -84.95
CA ARG LA 118 -51.92 -45.33 -86.36
C ARG LA 118 -50.51 -44.81 -86.58
N GLU LA 119 -50.02 -43.97 -85.67
CA GLU LA 119 -48.65 -43.47 -85.79
C GLU LA 119 -47.65 -44.63 -85.75
N ARG LA 120 -47.90 -45.62 -84.89
CA ARG LA 120 -47.05 -46.78 -84.77
C ARG LA 120 -47.43 -47.90 -85.73
N TYR LA 121 -48.50 -47.73 -86.52
CA TYR LA 121 -48.90 -48.79 -87.44
C TYR LA 121 -47.85 -49.00 -88.52
N GLU LA 122 -47.23 -47.92 -89.00
CA GLU LA 122 -46.17 -48.07 -89.98
C GLU LA 122 -44.99 -48.84 -89.39
N GLU LA 123 -44.64 -48.53 -88.14
CA GLU LA 123 -43.57 -49.27 -87.48
C GLU LA 123 -43.92 -50.75 -87.35
N VAL LA 124 -45.18 -51.04 -86.99
CA VAL LA 124 -45.61 -52.43 -86.87
C VAL LA 124 -45.50 -53.14 -88.21
N GLN LA 125 -45.94 -52.47 -89.29
CA GLN LA 125 -45.84 -53.06 -90.62
C GLN LA 125 -44.39 -53.34 -90.99
N ARG LA 126 -43.50 -52.39 -90.72
CA ARG LA 126 -42.09 -52.58 -91.03
C ARG LA 126 -41.52 -53.76 -90.24
N ILE LA 127 -41.88 -53.86 -88.95
CA ILE LA 127 -41.38 -54.95 -88.12
C ILE LA 127 -41.87 -56.29 -88.69
N VAL LA 128 -43.15 -56.37 -89.05
CA VAL LA 128 -43.71 -57.61 -89.56
C VAL LA 128 -43.01 -58.01 -90.85
N THR LA 129 -42.84 -57.05 -91.76
CA THR LA 129 -42.21 -57.35 -93.05
C THR LA 129 -40.76 -57.79 -92.84
N ALA LA 130 -40.03 -57.10 -91.96
CA ALA LA 130 -38.64 -57.46 -91.71
C ALA LA 130 -38.54 -58.86 -91.12
N LYS LA 131 -39.42 -59.19 -90.16
CA LYS LA 131 -39.40 -60.52 -89.57
C LYS LA 131 -39.71 -61.58 -90.61
N SER LA 132 -40.70 -61.34 -91.46
CA SER LA 132 -41.06 -62.31 -92.48
C SER LA 132 -39.90 -62.53 -93.46
N GLU LA 133 -39.27 -61.45 -93.90
CA GLU LA 133 -38.15 -61.57 -94.81
C GLU LA 133 -36.98 -62.29 -94.15
N ALA LA 134 -36.71 -61.99 -92.89
CA ALA LA 134 -35.61 -62.66 -92.19
C ALA LA 134 -35.88 -64.15 -92.07
N VAL LA 135 -37.11 -64.53 -91.72
CA VAL LA 135 -37.44 -65.95 -91.62
C VAL LA 135 -37.31 -66.63 -92.98
N ASP LA 136 -37.80 -65.98 -94.03
CA ASP LA 136 -37.73 -66.57 -95.36
C ASP LA 136 -36.28 -66.78 -95.78
N THR LA 137 -35.42 -65.80 -95.53
CA THR LA 137 -34.01 -65.93 -95.89
C THR LA 137 -33.28 -66.94 -95.02
N HIS LA 138 -33.64 -67.07 -93.75
CA HIS LA 138 -32.95 -67.98 -92.85
C HIS LA 138 -33.34 -69.44 -93.13
N SER LA 139 -34.61 -69.68 -93.45
CA SER LA 139 -35.07 -71.04 -93.67
C SER LA 139 -34.30 -71.68 -94.82
N GLY LA 140 -33.40 -72.62 -94.49
CA GLY LA 140 -32.62 -73.26 -95.54
C GLY LA 140 -33.46 -74.18 -96.41
N LEU LA 141 -34.38 -74.93 -95.80
CA LEU LA 141 -35.21 -75.85 -96.57
C LEU LA 141 -36.15 -75.11 -97.50
N ARG LA 142 -36.61 -73.93 -97.09
CA ARG LA 142 -37.54 -73.16 -97.92
C ARG LA 142 -36.91 -72.86 -99.26
N GLY LA 143 -37.69 -72.99 -100.33
CA GLY LA 143 -37.23 -72.77 -101.68
C GLY LA 143 -36.74 -74.02 -102.38
N ALA LA 144 -36.53 -75.12 -101.65
CA ALA LA 144 -36.11 -76.36 -102.29
C ALA LA 144 -37.20 -76.93 -103.18
N ALA LA 145 -38.46 -76.58 -102.93
CA ALA LA 145 -39.60 -77.06 -103.69
C ALA LA 145 -40.17 -75.89 -104.47
N ALA LA 146 -39.65 -75.67 -105.67
CA ALA LA 146 -40.14 -74.59 -106.52
C ALA LA 146 -41.62 -74.79 -106.86
N THR LA 147 -42.03 -76.03 -107.13
CA THR LA 147 -43.42 -76.30 -107.42
C THR LA 147 -44.30 -75.97 -106.22
N GLU LA 148 -43.85 -76.33 -105.02
CA GLU LA 148 -44.63 -76.01 -103.83
C GLU LA 148 -44.74 -74.50 -103.63
N THR LA 149 -43.63 -73.77 -103.84
CA THR LA 149 -43.69 -72.32 -103.69
C THR LA 149 -44.63 -71.70 -104.72
N SER LA 150 -44.59 -72.18 -105.96
CA SER LA 150 -45.49 -71.66 -106.98
C SER LA 150 -46.95 -71.94 -106.63
N THR LA 151 -47.24 -73.15 -106.16
CA THR LA 151 -48.61 -73.48 -105.76
C THR LA 151 -49.07 -72.60 -104.60
N TYR LA 152 -48.18 -72.36 -103.64
CA TYR LA 152 -48.54 -71.48 -102.53
C TYR LA 152 -48.78 -70.04 -103.00
N ALA LA 153 -47.98 -69.55 -103.95
CA ALA LA 153 -48.23 -68.23 -104.51
C ALA LA 153 -49.57 -68.18 -105.21
N GLU LA 154 -49.90 -69.24 -105.97
CA GLU LA 154 -51.20 -69.31 -106.62
C GLU LA 154 -52.33 -69.28 -105.59
N LYS LA 155 -52.15 -70.01 -104.49
CA LYS LA 155 -53.16 -70.00 -103.42
C LYS LA 155 -53.30 -68.61 -102.83
N PHE LA 156 -52.17 -67.91 -102.61
CA PHE LA 156 -52.24 -66.55 -102.10
C PHE LA 156 -53.04 -65.65 -103.03
N ARG LA 157 -52.75 -65.74 -104.34
CA ARG LA 157 -53.46 -64.92 -105.31
C ARG LA 157 -54.94 -65.26 -105.35
N GLU LA 158 -55.28 -66.55 -105.29
CA GLU LA 158 -56.67 -66.96 -105.30
C GLU LA 158 -57.41 -66.40 -104.07
N MET LA 159 -56.77 -66.49 -102.90
CA MET LA 159 -57.38 -65.94 -101.69
C MET LA 159 -57.55 -64.43 -101.82
N ASN LA 160 -56.55 -63.74 -102.37
CA ASN LA 160 -56.66 -62.29 -102.53
C ASN LA 160 -57.82 -61.92 -103.43
N VAL LA 161 -57.97 -62.62 -104.56
CA VAL LA 161 -59.02 -62.27 -105.51
C VAL LA 161 -60.40 -62.63 -104.94
N GLU LA 162 -60.52 -63.76 -104.26
CA GLU LA 162 -61.79 -64.18 -103.70
C GLU LA 162 -61.89 -63.74 -102.23
N ALA LA 163 -62.98 -64.14 -101.58
CA ALA LA 163 -63.16 -63.89 -100.15
C ALA LA 163 -62.31 -64.89 -99.39
N LYS LA 164 -61.36 -64.38 -98.59
CA LYS LA 164 -60.36 -65.21 -97.94
C LYS LA 164 -60.61 -65.41 -96.45
N GLU LA 165 -61.83 -65.13 -95.97
CA GLU LA 165 -62.12 -65.35 -94.56
C GLU LA 165 -62.11 -66.84 -94.22
N ALA LA 166 -62.79 -67.65 -95.04
CA ALA LA 166 -62.79 -69.09 -94.81
C ALA LA 166 -61.39 -69.67 -94.97
N HIS LA 167 -60.65 -69.19 -95.96
CA HIS LA 167 -59.28 -69.66 -96.14
C HIS LA 167 -58.42 -69.31 -94.93
N ALA LA 168 -58.59 -68.10 -94.41
CA ALA LA 168 -57.83 -67.70 -93.23
C ALA LA 168 -58.18 -68.56 -92.02
N ARG LA 169 -59.46 -68.85 -91.84
CA ARG LA 169 -59.87 -69.71 -90.73
C ARG LA 169 -59.29 -71.11 -90.86
N ARG LA 170 -59.34 -71.68 -92.07
CA ARG LA 170 -58.75 -73.00 -92.28
C ARG LA 170 -57.25 -72.98 -92.05
N LEU LA 171 -56.57 -71.92 -92.50
CA LEU LA 171 -55.14 -71.80 -92.26
C LEU LA 171 -54.84 -71.67 -90.77
N GLU LA 172 -55.68 -70.95 -90.02
CA GLU LA 172 -55.49 -70.87 -88.58
C GLU LA 172 -55.63 -72.24 -87.92
N GLU LA 173 -56.63 -73.00 -88.34
CA GLU LA 173 -56.79 -74.36 -87.81
C GLU LA 173 -55.57 -75.22 -88.13
N GLU LA 174 -55.09 -75.15 -89.38
CA GLU LA 174 -53.91 -75.92 -89.75
C GLU LA 174 -52.69 -75.47 -88.96
N VAL LA 175 -52.56 -74.16 -88.73
CA VAL LA 175 -51.45 -73.65 -87.94
C VAL LA 175 -51.51 -74.16 -86.51
N ALA LA 176 -52.72 -74.20 -85.93
CA ALA LA 176 -52.86 -74.75 -84.58
C ALA LA 176 -52.44 -76.22 -84.55
N ASN LA 177 -52.89 -76.99 -85.53
CA ASN LA 177 -52.52 -78.41 -85.57
C ASN LA 177 -51.01 -78.57 -85.71
N THR LA 178 -50.38 -77.77 -86.59
CA THR LA 178 -48.94 -77.86 -86.78
C THR LA 178 -48.18 -77.43 -85.54
N THR LA 179 -48.69 -76.41 -84.83
CA THR LA 179 -48.03 -75.98 -83.61
C THR LA 179 -48.10 -77.06 -82.55
N ARG LA 180 -49.24 -77.74 -82.42
CA ARG LA 180 -49.33 -78.86 -81.49
C ARG LA 180 -48.35 -79.96 -81.89
N TYR LA 181 -48.31 -80.29 -83.18
CA TYR LA 181 -47.40 -81.34 -83.65
C TYR LA 181 -45.96 -80.98 -83.37
N LEU LA 182 -45.58 -79.71 -83.57
CA LEU LA 182 -44.23 -79.26 -83.25
C LEU LA 182 -43.96 -79.36 -81.76
N ARG LA 183 -44.87 -78.84 -80.93
CA ARG LA 183 -44.69 -78.90 -79.49
C ARG LA 183 -44.50 -80.33 -79.02
N ARG LA 184 -45.06 -81.30 -79.73
CA ARG LA 184 -44.86 -82.70 -79.35
C ARG LA 184 -43.38 -83.05 -79.28
N PHE LA 185 -42.53 -82.43 -80.11
CA PHE LA 185 -41.12 -82.79 -80.18
C PHE LA 185 -40.21 -81.65 -79.71
N GLN LA 186 -40.36 -80.46 -80.27
CA GLN LA 186 -39.49 -79.34 -79.96
C GLN LA 186 -40.14 -78.41 -78.95
N GLN LA 187 -39.35 -77.47 -78.46
CA GLN LA 187 -39.83 -76.47 -77.51
C GLN LA 187 -38.85 -75.30 -77.51
N ARG LA 188 -39.40 -74.08 -77.36
CA ARG LA 188 -38.57 -72.88 -77.32
C ARG LA 188 -38.19 -72.61 -75.87
N GLU LA 189 -36.91 -72.80 -75.57
CA GLU LA 189 -36.37 -72.58 -74.24
C GLU LA 189 -35.92 -71.12 -74.09
N ILE LA 190 -36.08 -70.61 -72.88
CA ILE LA 190 -35.69 -69.25 -72.52
C ILE LA 190 -34.62 -69.33 -71.44
N ASP LA 191 -33.50 -68.64 -71.64
CA ASP LA 191 -32.44 -68.62 -70.66
C ASP LA 191 -32.11 -67.16 -70.33
N TYR LA 192 -32.14 -66.84 -69.04
CA TYR LA 192 -31.99 -65.47 -68.58
C TYR LA 192 -30.87 -65.38 -67.55
N LEU LA 193 -30.29 -64.18 -67.44
CA LEU LA 193 -29.27 -63.92 -66.45
C LEU LA 193 -29.47 -62.51 -65.93
N PRO LA 194 -29.49 -62.30 -64.62
CA PRO LA 194 -29.61 -60.94 -64.09
C PRO LA 194 -28.32 -60.17 -64.24
N TYR LA 195 -28.44 -58.83 -64.26
CA TYR LA 195 -27.29 -57.95 -64.29
C TYR LA 195 -27.72 -56.59 -63.76
N THR LA 196 -26.74 -55.76 -63.46
CA THR LA 196 -26.98 -54.42 -62.93
C THR LA 196 -26.38 -53.41 -63.91
N ASP LA 197 -27.22 -52.50 -64.38
CA ASP LA 197 -26.76 -51.47 -65.30
C ASP LA 197 -26.04 -50.35 -64.53
N LEU LA 198 -25.49 -49.39 -65.30
CA LEU LA 198 -24.79 -48.28 -64.67
C LEU LA 198 -25.72 -47.46 -63.79
N ASN LA 199 -26.99 -47.35 -64.17
CA ASN LA 199 -27.95 -46.59 -63.38
C ASN LA 199 -28.20 -47.22 -62.02
N GLY LA 200 -27.85 -48.49 -61.84
CA GLY LA 200 -28.11 -49.19 -60.60
C GLY LA 200 -29.42 -49.95 -60.57
N LYS LA 201 -30.08 -50.13 -61.71
CA LYS LA 201 -31.34 -50.84 -61.80
C LYS LA 201 -31.07 -52.26 -62.26
N VAL LA 202 -31.55 -53.24 -61.48
CA VAL LA 202 -31.35 -54.64 -61.83
C VAL LA 202 -32.27 -54.99 -62.98
N ASN LA 203 -31.69 -55.55 -64.04
CA ASN LA 203 -32.43 -55.98 -65.22
C ASN LA 203 -31.99 -57.41 -65.56
N PHE LA 204 -32.63 -57.99 -66.57
CA PHE LA 204 -32.37 -59.37 -66.99
C PHE LA 204 -32.05 -59.39 -68.47
N MET LA 205 -30.98 -60.09 -68.83
CA MET LA 205 -30.65 -60.36 -70.23
C MET LA 205 -31.18 -61.74 -70.59
N TRP LA 206 -31.93 -61.82 -71.67
CA TRP LA 206 -32.61 -63.04 -72.08
C TRP LA 206 -32.11 -63.49 -73.44
N TRP LA 207 -32.14 -64.80 -73.67
CA TRP LA 207 -31.94 -65.33 -75.01
C TRP LA 207 -32.77 -66.59 -75.17
N TYR LA 208 -33.33 -66.77 -76.36
CA TYR LA 208 -34.26 -67.85 -76.65
C TYR LA 208 -33.62 -68.81 -77.66
N GLU LA 209 -33.74 -70.11 -77.38
CA GLU LA 209 -33.24 -71.15 -78.27
C GLU LA 209 -34.36 -72.15 -78.52
N THR LA 210 -34.10 -73.08 -79.44
CA THR LA 210 -35.03 -74.16 -79.75
C THR LA 210 -34.36 -75.49 -79.42
N ARG LA 211 -34.99 -76.26 -78.54
CA ARG LA 211 -34.48 -77.55 -78.10
C ARG LA 211 -35.42 -78.65 -78.55
N ASP LA 212 -34.85 -79.76 -79.00
CA ASP LA 212 -35.61 -80.91 -79.47
C ASP LA 212 -35.74 -81.91 -78.33
N VAL LA 213 -36.93 -82.04 -77.77
CA VAL LA 213 -37.15 -83.01 -76.69
C VAL LA 213 -36.95 -84.43 -77.21
N GLN LA 214 -37.49 -84.72 -78.39
CA GLN LA 214 -37.34 -86.04 -79.00
C GLN LA 214 -37.86 -87.13 -78.07
N TYR MA 1 -47.34 -41.96 -37.49
CA TYR MA 1 -46.36 -42.77 -36.78
C TYR MA 1 -46.91 -44.16 -36.46
N TRP MA 2 -47.98 -44.55 -37.13
CA TRP MA 2 -48.57 -45.86 -36.89
C TRP MA 2 -47.67 -46.95 -37.47
N PRO MA 3 -47.56 -48.11 -36.82
CA PRO MA 3 -46.65 -49.14 -37.31
C PRO MA 3 -46.97 -49.62 -38.72
N TYR MA 4 -48.24 -49.66 -39.10
CA TYR MA 4 -48.68 -50.25 -40.36
C TYR MA 4 -49.21 -49.17 -41.29
N ASN MA 5 -48.74 -49.18 -42.53
CA ASN MA 5 -49.28 -48.30 -43.55
C ASN MA 5 -50.60 -48.86 -44.07
N GLU MA 6 -51.31 -48.03 -44.84
CA GLU MA 6 -52.62 -48.44 -45.35
C GLU MA 6 -52.52 -49.61 -46.32
N ASP MA 7 -51.35 -49.87 -46.90
CA ASP MA 7 -51.16 -50.98 -47.83
C ASP MA 7 -50.49 -52.18 -47.17
N PHE MA 8 -50.37 -52.20 -45.85
CA PHE MA 8 -49.77 -53.35 -45.18
C PHE MA 8 -50.51 -54.64 -45.54
N VAL MA 9 -51.82 -54.55 -45.74
CA VAL MA 9 -52.62 -55.66 -46.23
C VAL MA 9 -53.23 -55.22 -47.56
N PRO MA 10 -53.16 -56.05 -48.61
CA PRO MA 10 -53.70 -55.62 -49.90
C PRO MA 10 -55.16 -55.21 -49.80
N GLU MA 11 -55.53 -54.17 -50.53
CA GLU MA 11 -56.87 -53.62 -50.44
C GLU MA 11 -57.90 -54.64 -50.88
N GLY MA 12 -59.01 -54.71 -50.14
CA GLY MA 12 -60.06 -55.65 -50.46
C GLY MA 12 -59.60 -57.09 -50.42
N ALA MA 13 -58.84 -57.47 -49.40
CA ALA MA 13 -58.25 -58.80 -49.28
C ALA MA 13 -58.76 -59.48 -48.02
N GLU MA 14 -59.13 -60.76 -48.16
CA GLU MA 14 -59.63 -61.54 -47.05
C GLU MA 14 -58.47 -61.97 -46.15
N THR MA 15 -58.80 -62.25 -44.89
CA THR MA 15 -57.83 -62.70 -43.90
C THR MA 15 -58.26 -64.03 -43.31
N SER MA 16 -57.28 -64.92 -43.12
CA SER MA 16 -57.57 -66.24 -42.60
C SER MA 16 -57.90 -66.19 -41.11
N ARG MA 17 -58.72 -67.14 -40.68
CA ARG MA 17 -59.11 -67.21 -39.28
C ARG MA 17 -57.92 -67.56 -38.40
N PHE MA 18 -57.95 -67.07 -37.16
CA PHE MA 18 -56.88 -67.32 -36.20
C PHE MA 18 -57.39 -68.00 -34.93
N GLN MA 19 -58.65 -68.39 -34.88
CA GLN MA 19 -59.16 -69.16 -33.75
C GLN MA 19 -60.38 -69.95 -34.21
N SER MA 20 -60.68 -71.03 -33.47
CA SER MA 20 -61.74 -71.93 -33.88
C SER MA 20 -63.08 -71.20 -34.02
N SER MA 21 -63.58 -70.64 -32.92
CA SER MA 21 -64.87 -69.98 -32.95
C SER MA 21 -64.88 -68.88 -31.90
N GLY MA 22 -65.81 -67.93 -32.07
CA GLY MA 22 -65.92 -66.83 -31.14
C GLY MA 22 -66.48 -67.23 -29.80
N SER MA 23 -67.18 -68.36 -29.74
CA SER MA 23 -67.78 -68.81 -28.49
C SER MA 23 -66.70 -69.28 -27.53
N PRO MA 24 -66.53 -68.63 -26.39
CA PRO MA 24 -65.49 -69.08 -25.45
C PRO MA 24 -65.69 -70.51 -24.97
N GLY MA 25 -66.95 -70.94 -24.78
CA GLY MA 25 -67.17 -72.30 -24.31
C GLY MA 25 -66.67 -73.34 -25.29
N THR MA 26 -67.04 -73.20 -26.56
CA THR MA 26 -66.58 -74.17 -27.56
C THR MA 26 -65.08 -74.03 -27.81
N ARG MA 27 -64.54 -72.81 -27.72
CA ARG MA 27 -63.10 -72.64 -27.84
C ARG MA 27 -62.38 -73.40 -26.73
N ARG MA 28 -62.88 -73.28 -25.50
CA ARG MA 28 -62.28 -74.00 -24.39
C ARG MA 28 -62.42 -75.51 -24.56
N ARG MA 29 -63.57 -75.96 -25.06
CA ARG MA 29 -63.75 -77.40 -25.26
C ARG MA 29 -62.77 -77.94 -26.28
N VAL MA 30 -62.58 -77.22 -27.39
CA VAL MA 30 -61.62 -77.64 -28.40
C VAL MA 30 -60.21 -77.62 -27.83
N LEU MA 31 -59.89 -76.59 -27.05
CA LEU MA 31 -58.59 -76.53 -26.39
C LEU MA 31 -58.37 -77.74 -25.50
N GLN MA 32 -59.40 -78.12 -24.73
CA GLN MA 32 -59.29 -79.28 -23.87
C GLN MA 32 -59.06 -80.56 -24.69
N GLU MA 33 -59.81 -80.71 -25.79
CA GLU MA 33 -59.64 -81.89 -26.62
C GLU MA 33 -58.21 -81.98 -27.14
N TYR MA 34 -57.69 -80.88 -27.68
CA TYR MA 34 -56.33 -80.89 -28.20
C TYR MA 34 -55.29 -81.11 -27.12
N ALA MA 35 -55.45 -80.50 -25.94
CA ALA MA 35 -54.50 -80.69 -24.85
C ALA MA 35 -54.49 -82.13 -24.36
N LEU MA 36 -55.67 -82.75 -24.24
CA LEU MA 36 -55.74 -84.13 -23.79
C LEU MA 36 -55.41 -85.13 -24.88
N SER MA 37 -55.32 -84.69 -26.14
CA SER MA 37 -54.98 -85.59 -27.22
C SER MA 37 -53.59 -86.19 -26.97
N PRO MA 38 -53.40 -87.46 -27.32
CA PRO MA 38 -52.08 -88.08 -27.16
C PRO MA 38 -51.08 -87.52 -28.16
N LEU MA 39 -49.81 -87.58 -27.76
CA LEU MA 39 -48.74 -87.10 -28.63
C LEU MA 39 -48.65 -88.00 -29.87
N PHE MA 40 -48.52 -87.38 -31.04
CA PHE MA 40 -48.45 -88.12 -32.28
C PHE MA 40 -47.02 -88.22 -32.84
N GLY MA 41 -46.15 -87.27 -32.50
CA GLY MA 41 -44.79 -87.31 -32.96
C GLY MA 41 -43.83 -87.84 -31.91
N ALA MA 42 -44.38 -88.41 -30.84
CA ALA MA 42 -43.56 -88.93 -29.75
C ALA MA 42 -43.02 -90.31 -30.09
N ARG MA 43 -41.72 -90.51 -29.87
CA ARG MA 43 -41.08 -91.79 -30.12
C ARG MA 43 -40.01 -92.00 -29.06
N VAL MA 44 -40.24 -92.94 -28.16
CA VAL MA 44 -39.23 -93.27 -27.16
C VAL MA 44 -38.02 -93.89 -27.86
N PRO MA 45 -36.79 -93.46 -27.55
CA PRO MA 45 -35.64 -94.00 -28.28
C PRO MA 45 -35.10 -95.29 -27.68
N CYS MA 46 -34.89 -96.31 -28.51
CA CYS MA 46 -34.33 -97.55 -28.00
C CYS MA 46 -32.94 -97.32 -27.42
N CYS MA 47 -32.12 -96.53 -28.10
CA CYS MA 47 -30.81 -96.20 -27.55
C CYS MA 47 -30.19 -95.08 -28.37
N VAL MA 48 -29.57 -94.13 -27.69
CA VAL MA 48 -28.93 -92.99 -28.34
C VAL MA 48 -27.47 -93.36 -28.56
N VAL MA 49 -27.10 -93.55 -29.84
CA VAL MA 49 -25.73 -93.85 -30.22
C VAL MA 49 -25.01 -92.55 -30.45
N GLY MA 50 -23.68 -92.56 -30.28
CA GLY MA 50 -22.89 -91.35 -30.38
C GLY MA 50 -21.48 -91.60 -30.87
N THR MA 51 -21.02 -90.69 -31.72
CA THR MA 51 -19.72 -90.80 -32.37
C THR MA 51 -18.90 -89.54 -32.12
N LEU MA 52 -17.58 -89.71 -32.16
CA LEU MA 52 -16.65 -88.60 -31.99
C LEU MA 52 -16.38 -87.87 -33.30
N ARG MA 53 -16.98 -88.31 -34.40
CA ARG MA 53 -16.79 -87.72 -35.71
C ARG MA 53 -17.84 -86.65 -35.94
N THR MA 54 -17.90 -86.12 -37.17
CA THR MA 54 -18.81 -85.05 -37.52
C THR MA 54 -19.93 -85.59 -38.41
N ALA MA 55 -21.00 -84.81 -38.50
CA ALA MA 55 -22.18 -85.24 -39.26
C ALA MA 55 -21.85 -85.39 -40.74
N LYS MA 56 -21.05 -84.48 -41.29
CA LYS MA 56 -20.72 -84.56 -42.70
C LYS MA 56 -19.93 -85.82 -43.03
N GLU MA 57 -19.35 -86.48 -42.03
CA GLU MA 57 -18.67 -87.75 -42.22
C GLU MA 57 -19.55 -88.94 -41.85
N ILE MA 58 -20.48 -88.77 -40.91
CA ILE MA 58 -21.32 -89.89 -40.49
C ILE MA 58 -22.54 -90.08 -41.38
N ILE MA 59 -22.94 -89.08 -42.15
CA ILE MA 59 -24.09 -89.23 -43.03
C ILE MA 59 -23.85 -90.34 -44.04
N VAL MA 60 -22.63 -90.46 -44.54
CA VAL MA 60 -22.32 -91.49 -45.52
C VAL MA 60 -22.54 -92.88 -44.93
N LEU MA 61 -22.11 -93.08 -43.69
CA LEU MA 61 -22.19 -94.37 -43.04
C LEU MA 61 -23.49 -94.57 -42.27
N LYS MA 62 -24.42 -93.62 -42.32
CA LYS MA 62 -25.63 -93.72 -41.52
C LYS MA 62 -26.37 -95.02 -41.79
N ARG MA 63 -26.58 -95.34 -43.07
CA ARG MA 63 -27.30 -96.58 -43.40
C ARG MA 63 -26.55 -97.80 -42.89
N ASP MA 64 -25.24 -97.83 -43.07
CA ASP MA 64 -24.45 -98.95 -42.56
C ASP MA 64 -24.57 -99.05 -41.05
N ILE MA 65 -24.58 -97.91 -40.36
CA ILE MA 65 -24.76 -97.93 -38.91
C ILE MA 65 -26.11 -98.54 -38.55
N GLN MA 66 -27.16 -98.18 -39.30
CA GLN MA 66 -28.48 -98.74 -39.01
C GLN MA 66 -28.50 -100.25 -39.20
N SER MA 67 -27.91 -100.73 -40.30
CA SER MA 67 -27.88 -102.17 -40.55
C SER MA 67 -27.09 -102.88 -39.47
N LEU MA 68 -25.94 -102.33 -39.07
CA LEU MA 68 -25.13 -102.96 -38.04
C LEU MA 68 -25.84 -102.98 -36.69
N LEU MA 69 -26.55 -101.90 -36.36
CA LEU MA 69 -27.32 -101.88 -35.12
C LEU MA 69 -28.45 -102.91 -35.15
N CYS MA 70 -29.12 -103.04 -36.30
CA CYS MA 70 -30.17 -104.05 -36.42
C CYS MA 70 -29.61 -105.45 -36.24
N GLU MA 71 -28.44 -105.72 -36.83
CA GLU MA 71 -27.81 -107.02 -36.63
C GLU MA 71 -27.41 -107.21 -35.17
N LEU MA 72 -26.88 -106.17 -34.53
CA LEU MA 72 -26.43 -106.27 -33.15
C LEU MA 72 -27.60 -106.61 -32.22
N MET MA 73 -28.73 -105.94 -32.40
CA MET MA 73 -29.89 -106.17 -31.56
C MET MA 73 -30.70 -107.40 -31.96
N GLU MA 74 -30.15 -108.24 -32.83
CA GLU MA 74 -30.77 -109.49 -33.25
C GLU MA 74 -32.25 -109.29 -33.56
N LEU MA 75 -32.49 -108.47 -34.57
CA LEU MA 75 -33.83 -108.15 -35.06
C LEU MA 75 -33.87 -108.33 -36.57
N PRO MA 76 -35.06 -108.57 -37.13
CA PRO MA 76 -35.16 -108.68 -38.59
C PRO MA 76 -34.68 -107.43 -39.28
N GLN MA 77 -34.06 -107.60 -40.44
CA GLN MA 77 -33.46 -106.48 -41.15
C GLN MA 77 -34.50 -105.40 -41.43
N GLY MA 78 -34.11 -104.15 -41.19
CA GLY MA 78 -35.01 -103.03 -41.41
C GLY MA 78 -35.99 -102.77 -40.29
N SER MA 79 -35.89 -103.51 -39.18
CA SER MA 79 -36.81 -103.34 -38.07
C SER MA 79 -36.54 -102.09 -37.25
N VAL MA 80 -35.31 -101.57 -37.28
CA VAL MA 80 -34.94 -100.42 -36.48
C VAL MA 80 -35.00 -99.17 -37.35
N THR MA 81 -35.13 -98.01 -36.69
CA THR MA 81 -35.16 -96.74 -37.37
C THR MA 81 -34.20 -95.79 -36.67
N LEU MA 82 -33.58 -94.89 -37.45
CA LEU MA 82 -32.62 -93.93 -36.95
C LEU MA 82 -33.22 -92.53 -37.03
N GLY MA 83 -33.14 -91.79 -35.93
CA GLY MA 83 -33.59 -90.43 -35.90
C GLY MA 83 -32.58 -89.50 -36.57
N PRO MA 84 -32.93 -88.22 -36.66
CA PRO MA 84 -32.02 -87.26 -37.29
C PRO MA 84 -30.68 -87.22 -36.58
N LEU MA 85 -29.62 -87.08 -37.38
CA LEU MA 85 -28.29 -86.93 -36.82
C LEU MA 85 -28.14 -85.54 -36.23
N GLN MA 86 -27.76 -85.47 -34.95
CA GLN MA 86 -27.70 -84.22 -34.20
C GLN MA 86 -26.27 -83.99 -33.75
N GLN MA 87 -25.65 -82.93 -34.26
CA GLN MA 87 -24.28 -82.61 -33.92
C GLN MA 87 -24.24 -81.64 -32.73
N LEU MA 88 -23.59 -82.07 -31.66
CA LEU MA 88 -23.52 -81.30 -30.43
C LEU MA 88 -22.58 -80.11 -30.59
N ARG MA 89 -22.95 -79.00 -29.96
CA ARG MA 89 -22.20 -77.76 -30.12
C ARG MA 89 -20.76 -77.94 -29.64
N GLU MA 90 -19.83 -77.36 -30.41
CA GLU MA 90 -18.41 -77.39 -30.05
C GLU MA 90 -18.12 -76.32 -28.99
N MET MA 91 -18.65 -76.57 -27.80
CA MET MA 91 -18.56 -75.61 -26.71
C MET MA 91 -17.11 -75.39 -26.27
N MET MA 92 -16.63 -74.15 -26.36
CA MET MA 92 -15.32 -73.84 -25.83
C MET MA 92 -15.26 -74.04 -24.32
N LEU MA 93 -16.30 -73.61 -23.62
CA LEU MA 93 -16.44 -73.78 -22.17
C LEU MA 93 -17.49 -74.84 -21.93
N TYR MA 94 -17.04 -76.02 -21.48
CA TYR MA 94 -17.97 -77.14 -21.34
C TYR MA 94 -19.03 -76.83 -20.28
N ARG MA 95 -20.25 -77.31 -20.53
CA ARG MA 95 -21.39 -77.09 -19.64
C ARG MA 95 -22.19 -78.38 -19.60
N HIS MA 96 -21.92 -79.21 -18.58
CA HIS MA 96 -22.59 -80.50 -18.48
C HIS MA 96 -24.08 -80.32 -18.26
N GLY MA 97 -24.87 -81.23 -18.84
CA GLY MA 97 -26.30 -81.26 -18.67
C GLY MA 97 -27.09 -80.67 -19.82
N THR MA 98 -26.46 -79.85 -20.65
CA THR MA 98 -27.17 -79.28 -21.78
C THR MA 98 -27.40 -80.36 -22.84
N PRO MA 99 -28.56 -80.34 -23.51
CA PRO MA 99 -28.77 -81.34 -24.57
C PRO MA 99 -27.71 -81.32 -25.64
N LEU MA 100 -27.24 -80.13 -26.03
CA LEU MA 100 -26.18 -79.99 -27.02
C LEU MA 100 -24.81 -79.87 -26.36
N SER MA 101 -24.48 -80.83 -25.49
CA SER MA 101 -23.20 -80.84 -24.80
C SER MA 101 -22.48 -82.14 -25.14
N PRO MA 102 -21.24 -82.10 -25.65
CA PRO MA 102 -20.55 -83.35 -25.99
C PRO MA 102 -20.51 -84.32 -24.81
N ARG MA 103 -21.05 -85.52 -25.00
CA ARG MA 103 -21.09 -86.49 -23.91
C ARG MA 103 -19.68 -86.88 -23.49
N LEU MA 104 -19.46 -86.94 -22.18
CA LEU MA 104 -18.17 -87.26 -21.63
C LEU MA 104 -17.92 -88.77 -21.66
N GLY MA 105 -16.67 -89.16 -21.43
CA GLY MA 105 -16.33 -90.57 -21.49
C GLY MA 105 -17.05 -91.41 -20.46
N ASP MA 106 -17.17 -90.89 -19.24
CA ASP MA 106 -17.77 -91.65 -18.16
C ASP MA 106 -18.83 -90.84 -17.42
N GLU MA 107 -19.34 -91.38 -16.32
CA GLU MA 107 -20.34 -90.71 -15.51
C GLU MA 107 -20.07 -91.05 -14.05
N ARG MA 108 -20.62 -90.23 -13.15
CA ARG MA 108 -20.38 -90.43 -11.73
C ARG MA 108 -20.86 -91.79 -11.27
N GLN MA 109 -22.03 -92.22 -11.75
CA GLN MA 109 -22.53 -93.55 -11.41
C GLN MA 109 -21.58 -94.64 -11.84
N LEU MA 110 -20.72 -94.38 -12.83
CA LEU MA 110 -19.74 -95.35 -13.29
C LEU MA 110 -18.46 -95.27 -12.48
N ASN MA 111 -17.95 -94.05 -12.24
CA ASN MA 111 -16.75 -93.83 -11.42
C ASN MA 111 -17.08 -92.77 -10.37
N MET MA 112 -17.67 -93.23 -9.26
CA MET MA 112 -17.98 -92.32 -8.17
C MET MA 112 -16.72 -91.72 -7.56
N ASP MA 113 -15.68 -92.54 -7.36
CA ASP MA 113 -14.46 -92.10 -6.70
C ASP MA 113 -13.45 -91.55 -7.70
N ALA MA 114 -13.88 -90.58 -8.50
CA ALA MA 114 -13.02 -89.91 -9.48
C ALA MA 114 -13.19 -88.41 -9.33
N TYR MA 115 -12.08 -87.69 -9.38
CA TYR MA 115 -12.08 -86.24 -9.19
C TYR MA 115 -12.39 -85.47 -10.47
N ALA MA 116 -12.69 -86.18 -11.56
CA ALA MA 116 -13.05 -85.53 -12.82
C ALA MA 116 -13.59 -86.61 -13.75
N ARG MA 117 -14.31 -86.17 -14.78
CA ARG MA 117 -14.86 -87.05 -15.80
C ARG MA 117 -13.81 -87.31 -16.87
N ARG MA 118 -13.98 -88.41 -17.60
CA ARG MA 118 -13.10 -88.73 -18.70
C ARG MA 118 -13.40 -87.80 -19.88
N PRO MA 119 -12.40 -87.56 -20.74
CA PRO MA 119 -12.59 -86.56 -21.80
C PRO MA 119 -13.76 -86.88 -22.73
N ILE MA 120 -14.09 -85.94 -23.61
CA ILE MA 120 -15.24 -86.10 -24.48
C ILE MA 120 -15.09 -87.36 -25.32
N ALA MA 121 -16.22 -88.03 -25.58
CA ALA MA 121 -16.22 -89.25 -26.36
C ALA MA 121 -17.32 -89.30 -27.40
N ALA MA 122 -18.03 -88.20 -27.64
CA ALA MA 122 -19.10 -88.18 -28.64
C ALA MA 122 -19.43 -86.74 -29.00
N ARG MA 123 -19.33 -86.41 -30.28
CA ARG MA 123 -19.70 -85.09 -30.77
C ARG MA 123 -20.93 -85.11 -31.67
N THR MA 124 -21.40 -86.28 -32.09
CA THR MA 124 -22.63 -86.39 -32.85
C THR MA 124 -23.45 -87.53 -32.25
N MET MA 125 -24.77 -87.39 -32.32
CA MET MA 125 -25.69 -88.33 -31.71
C MET MA 125 -26.78 -88.72 -32.70
N MET MA 126 -27.34 -89.90 -32.48
CA MET MA 126 -28.43 -90.40 -33.31
C MET MA 126 -29.24 -91.39 -32.50
N ASP MA 127 -30.54 -91.16 -32.42
CA ASP MA 127 -31.42 -92.03 -31.66
C ASP MA 127 -31.78 -93.27 -32.49
N VAL MA 128 -31.94 -94.39 -31.81
CA VAL MA 128 -32.33 -95.66 -32.41
C VAL MA 128 -33.65 -96.05 -31.81
N PHE MA 129 -34.67 -96.21 -32.65
CA PHE MA 129 -36.02 -96.60 -32.25
C PHE MA 129 -36.35 -97.97 -32.83
N LEU MA 130 -37.23 -98.68 -32.13
CA LEU MA 130 -37.79 -99.94 -32.61
C LEU MA 130 -39.22 -99.69 -33.06
N ALA MA 131 -39.89 -100.76 -33.47
CA ALA MA 131 -41.30 -100.65 -33.85
C ALA MA 131 -42.10 -100.14 -32.66
N GLU MA 132 -43.05 -99.24 -32.95
CA GLU MA 132 -43.86 -98.65 -31.88
C GLU MA 132 -44.61 -99.72 -31.09
N ASP MA 133 -44.92 -100.85 -31.70
CA ASP MA 133 -45.64 -101.92 -31.01
C ASP MA 133 -44.80 -102.54 -29.89
N MET MA 134 -43.48 -102.34 -29.92
CA MET MA 134 -42.63 -102.92 -28.88
C MET MA 134 -42.97 -102.31 -27.52
N SER MA 135 -42.99 -103.17 -26.50
CA SER MA 135 -43.32 -102.74 -25.15
C SER MA 135 -42.15 -101.97 -24.54
N LEU MA 136 -42.45 -101.27 -23.44
CA LEU MA 136 -41.41 -100.54 -22.74
C LEU MA 136 -40.35 -101.49 -22.19
N ASP MA 137 -40.78 -102.63 -21.65
CA ASP MA 137 -39.81 -103.62 -21.17
C ASP MA 137 -38.92 -104.13 -22.30
N GLU MA 138 -39.52 -104.41 -23.46
CA GLU MA 138 -38.73 -104.87 -24.59
C GLU MA 138 -37.73 -103.80 -25.03
N ILE MA 139 -38.17 -102.54 -25.08
CA ILE MA 139 -37.28 -101.46 -25.49
C ILE MA 139 -36.12 -101.32 -24.51
N VAL MA 140 -36.42 -101.39 -23.21
CA VAL MA 140 -35.37 -101.28 -22.21
C VAL MA 140 -34.39 -102.44 -22.34
N ASN MA 141 -34.91 -103.66 -22.54
CA ASN MA 141 -34.03 -104.81 -22.68
C ASN MA 141 -33.12 -104.68 -23.90
N PHE MA 142 -33.68 -104.25 -25.03
CA PHE MA 142 -32.86 -104.09 -26.22
C PHE MA 142 -31.80 -103.01 -26.02
N GLY MA 143 -32.18 -101.88 -25.41
CA GLY MA 143 -31.21 -100.84 -25.15
C GLY MA 143 -30.09 -101.31 -24.25
N ARG MA 144 -30.43 -102.03 -23.17
CA ARG MA 144 -29.42 -102.52 -22.25
C ARG MA 144 -28.50 -103.53 -22.93
N LEU MA 145 -29.06 -104.43 -23.75
CA LEU MA 145 -28.24 -105.40 -24.45
C LEU MA 145 -27.27 -104.69 -25.41
N SER MA 146 -27.76 -103.72 -26.16
CA SER MA 146 -26.89 -102.99 -27.08
C SER MA 146 -25.80 -102.25 -26.32
N LEU MA 147 -26.15 -101.60 -25.21
CA LEU MA 147 -25.16 -100.86 -24.43
C LEU MA 147 -24.09 -101.80 -23.88
N GLY MA 148 -24.51 -102.95 -23.35
CA GLY MA 148 -23.53 -103.90 -22.84
C GLY MA 148 -22.62 -104.44 -23.93
N LYS MA 149 -23.19 -104.76 -25.08
CA LYS MA 149 -22.36 -105.27 -26.18
C LYS MA 149 -21.36 -104.22 -26.65
N LEU MA 150 -21.80 -102.96 -26.76
CA LEU MA 150 -20.88 -101.91 -27.18
C LEU MA 150 -19.80 -101.65 -26.14
N GLN MA 151 -20.16 -101.69 -24.85
CA GLN MA 151 -19.15 -101.53 -23.81
C GLN MA 151 -18.12 -102.65 -23.87
N ILE MA 152 -18.57 -103.89 -24.05
CA ILE MA 152 -17.64 -105.01 -24.17
C ILE MA 152 -16.75 -104.83 -25.39
N ALA MA 153 -17.33 -104.37 -26.50
CA ALA MA 153 -16.54 -104.15 -27.70
C ALA MA 153 -15.46 -103.12 -27.47
N LEU MA 154 -15.81 -101.99 -26.82
CA LEU MA 154 -14.80 -100.98 -26.53
C LEU MA 154 -13.72 -101.54 -25.61
N ASN MA 155 -14.12 -102.26 -24.57
CA ASN MA 155 -13.14 -102.80 -23.62
C ASN MA 155 -12.17 -103.74 -24.32
N ASN MA 156 -12.68 -104.64 -25.16
CA ASN MA 156 -11.80 -105.57 -25.83
C ASN MA 156 -10.96 -104.88 -26.90
N LEU MA 157 -11.47 -103.80 -27.49
CA LEU MA 157 -10.65 -103.01 -28.41
C LEU MA 157 -9.47 -102.40 -27.68
N ARG MA 158 -9.69 -101.88 -26.47
CA ARG MA 158 -8.59 -101.35 -25.68
C ARG MA 158 -7.56 -102.45 -25.44
N VAL MA 175 -15.60 -108.32 -36.88
CA VAL MA 175 -16.37 -109.50 -37.23
C VAL MA 175 -17.83 -109.31 -36.79
N GLU MA 176 -18.05 -109.33 -35.48
CA GLU MA 176 -19.40 -109.20 -34.95
C GLU MA 176 -19.88 -107.76 -35.10
N PRO MA 177 -21.21 -107.56 -35.05
CA PRO MA 177 -21.74 -106.19 -35.26
C PRO MA 177 -21.17 -105.17 -34.31
N ALA MA 178 -20.96 -105.52 -33.04
CA ALA MA 178 -20.42 -104.56 -32.09
C ALA MA 178 -19.03 -104.11 -32.48
N GLN MA 179 -18.16 -105.07 -32.82
CA GLN MA 179 -16.81 -104.71 -33.25
C GLN MA 179 -16.84 -103.90 -34.53
N LEU MA 180 -17.70 -104.27 -35.48
CA LEU MA 180 -17.81 -103.49 -36.71
C LEU MA 180 -18.22 -102.06 -36.43
N LEU MA 181 -19.22 -101.88 -35.56
CA LEU MA 181 -19.66 -100.52 -35.21
C LEU MA 181 -18.52 -99.74 -34.55
N VAL MA 182 -17.80 -100.37 -33.63
CA VAL MA 182 -16.76 -99.67 -32.89
C VAL MA 182 -15.62 -99.27 -33.81
N ASP MA 183 -15.22 -100.16 -34.72
CA ASP MA 183 -14.02 -99.92 -35.52
C ASP MA 183 -14.32 -99.19 -36.82
N ARG MA 184 -15.18 -99.77 -37.67
CA ARG MA 184 -15.43 -99.20 -38.98
C ARG MA 184 -16.29 -97.94 -38.89
N MET MA 185 -17.51 -98.08 -38.36
CA MET MA 185 -18.42 -96.94 -38.26
C MET MA 185 -17.82 -95.85 -37.39
N GLY MA 186 -17.21 -96.24 -36.27
CA GLY MA 186 -16.51 -95.28 -35.43
C GLY MA 186 -17.28 -94.86 -34.20
N ILE MA 187 -18.50 -95.34 -34.02
CA ILE MA 187 -19.28 -94.95 -32.85
C ILE MA 187 -18.55 -95.38 -31.60
N SER MA 188 -18.47 -94.47 -30.63
CA SER MA 188 -17.76 -94.73 -29.38
C SER MA 188 -18.58 -94.30 -28.17
N TYR MA 189 -19.90 -94.30 -28.29
CA TYR MA 189 -20.75 -93.94 -27.17
C TYR MA 189 -22.14 -94.47 -27.41
N CYS MA 190 -22.83 -94.85 -26.34
CA CYS MA 190 -24.25 -95.17 -26.42
C CYS MA 190 -24.85 -95.06 -25.04
N GLU MA 191 -26.10 -94.62 -25.00
CA GLU MA 191 -26.79 -94.35 -23.75
C GLU MA 191 -28.26 -94.69 -23.89
N ILE MA 192 -28.94 -94.75 -22.76
CA ILE MA 192 -30.38 -95.00 -22.71
C ILE MA 192 -31.03 -93.88 -21.92
N PRO MA 193 -31.29 -92.73 -22.53
CA PRO MA 193 -31.76 -91.57 -21.77
C PRO MA 193 -33.13 -91.81 -21.15
N SER MA 194 -33.37 -91.10 -20.06
CA SER MA 194 -34.64 -91.21 -19.34
C SER MA 194 -35.78 -90.77 -20.27
N LEU MA 195 -37.01 -91.05 -19.83
CA LEU MA 195 -38.19 -90.74 -20.61
C LEU MA 195 -38.48 -89.25 -20.54
N ASP MA 196 -38.96 -88.70 -21.66
CA ASP MA 196 -39.32 -87.29 -21.72
C ASP MA 196 -40.64 -87.05 -21.00
N GLU MA 197 -40.56 -86.73 -19.71
CA GLU MA 197 -41.74 -86.50 -18.89
C GLU MA 197 -42.21 -85.05 -18.92
N SER MA 198 -41.68 -84.23 -19.82
CA SER MA 198 -42.08 -82.83 -19.90
C SER MA 198 -43.54 -82.66 -20.27
N ASP MA 199 -44.20 -83.72 -20.76
CA ASP MA 199 -45.61 -83.63 -21.12
C ASP MA 199 -46.42 -83.10 -19.94
N TYR MA 200 -47.56 -82.50 -20.26
CA TYR MA 200 -48.43 -81.87 -19.28
C TYR MA 200 -49.54 -82.82 -18.85
N VAL MA 201 -49.76 -82.89 -17.54
CA VAL MA 201 -50.88 -83.64 -16.98
C VAL MA 201 -52.01 -82.63 -16.83
N PHE MA 202 -52.83 -82.53 -17.89
CA PHE MA 202 -53.91 -81.53 -17.95
C PHE MA 202 -55.06 -81.99 -17.07
N ALA MA 203 -54.99 -81.59 -15.79
CA ALA MA 203 -56.06 -81.82 -14.85
C ALA MA 203 -57.09 -80.69 -14.83
N GLU MA 204 -56.86 -79.64 -15.61
CA GLU MA 204 -57.79 -78.51 -15.68
C GLU MA 204 -57.47 -77.70 -16.92
N VAL MA 205 -58.49 -77.42 -17.72
CA VAL MA 205 -58.36 -76.66 -18.96
C VAL MA 205 -59.25 -75.42 -18.85
N GLY MA 206 -58.66 -74.25 -19.08
CA GLY MA 206 -59.43 -73.02 -18.99
C GLY MA 206 -60.05 -72.78 -17.65
N GLY MA 207 -59.46 -73.31 -16.58
CA GLY MA 207 -60.00 -73.18 -15.25
C GLY MA 207 -61.09 -74.15 -14.90
N VAL MA 208 -61.40 -75.11 -15.77
CA VAL MA 208 -62.43 -76.11 -15.54
C VAL MA 208 -61.76 -77.45 -15.31
N ALA MA 209 -62.09 -78.09 -14.20
CA ALA MA 209 -61.49 -79.39 -13.88
C ALA MA 209 -61.85 -80.40 -14.95
N VAL MA 210 -60.88 -81.26 -15.28
CA VAL MA 210 -61.06 -82.31 -16.28
C VAL MA 210 -61.53 -83.56 -15.53
N THR MA 211 -62.83 -83.84 -15.64
CA THR MA 211 -63.38 -85.01 -14.99
C THR MA 211 -62.81 -86.27 -15.62
N ASP MA 212 -62.75 -87.35 -14.82
CA ASP MA 212 -62.20 -88.60 -15.32
C ASP MA 212 -63.05 -89.15 -16.46
N GLU MA 213 -64.37 -89.06 -16.35
CA GLU MA 213 -65.24 -89.52 -17.42
C GLU MA 213 -65.01 -88.72 -18.69
N GLU MA 214 -64.87 -87.39 -18.56
CA GLU MA 214 -64.62 -86.57 -19.75
C GLU MA 214 -63.28 -86.91 -20.38
N ALA MA 215 -62.25 -87.12 -19.56
CA ALA MA 215 -60.94 -87.47 -20.11
C ALA MA 215 -61.00 -88.81 -20.83
N GLU MA 216 -61.69 -89.80 -20.25
CA GLU MA 216 -61.82 -91.10 -20.91
C GLU MA 216 -62.59 -90.97 -22.22
N ARG MA 217 -63.64 -90.15 -22.23
CA ARG MA 217 -64.41 -89.95 -23.45
C ARG MA 217 -63.54 -89.30 -24.53
N VAL MA 218 -62.74 -88.30 -24.16
CA VAL MA 218 -61.86 -87.66 -25.13
C VAL MA 218 -60.84 -88.65 -25.67
N ALA MA 219 -60.26 -89.47 -24.78
CA ALA MA 219 -59.31 -90.48 -25.22
C ALA MA 219 -59.96 -91.47 -26.19
N GLN MA 220 -61.17 -91.91 -25.87
CA GLN MA 220 -61.88 -92.83 -26.76
C GLN MA 220 -62.16 -92.18 -28.11
N ARG MA 221 -62.56 -90.91 -28.11
CA ARG MA 221 -62.82 -90.22 -29.37
C ARG MA 221 -61.55 -90.12 -30.21
N TRP MA 222 -60.43 -89.77 -29.58
CA TRP MA 222 -59.18 -89.69 -30.32
C TRP MA 222 -58.76 -91.05 -30.86
N ALA MA 223 -58.93 -92.10 -30.05
CA ALA MA 223 -58.58 -93.44 -30.53
C ALA MA 223 -59.45 -93.85 -31.71
N GLU MA 224 -60.75 -93.56 -31.64
CA GLU MA 224 -61.64 -93.89 -32.74
C GLU MA 224 -61.26 -93.11 -34.00
N ARG MA 225 -60.95 -91.83 -33.86
CA ARG MA 225 -60.54 -91.04 -35.03
C ARG MA 225 -59.25 -91.56 -35.62
N CYS MA 226 -58.28 -91.93 -34.78
CA CYS MA 226 -57.04 -92.50 -35.27
C CYS MA 226 -57.23 -93.84 -35.97
N GLU MA 227 -58.09 -94.70 -35.44
CA GLU MA 227 -58.35 -95.99 -36.07
C GLU MA 227 -59.24 -95.85 -37.29
N LEU NA 1 64.87 29.51 74.33
CA LEU NA 1 65.29 29.48 72.93
C LEU NA 1 65.30 30.88 72.34
N GLN NA 2 66.15 31.09 71.33
CA GLN NA 2 66.24 32.35 70.64
C GLN NA 2 66.34 32.07 69.15
N TYR NA 3 65.80 32.99 68.35
CA TYR NA 3 65.76 32.84 66.90
C TYR NA 3 66.66 33.89 66.26
N PHE NA 4 67.58 33.43 65.41
CA PHE NA 4 68.45 34.30 64.62
C PHE NA 4 68.20 34.04 63.15
N VAL NA 5 68.01 35.10 62.39
CA VAL NA 5 67.77 34.99 60.95
C VAL NA 5 68.99 34.30 60.34
N PRO NA 6 68.82 33.24 59.54
CA PRO NA 6 70.00 32.51 59.06
C PRO NA 6 70.91 33.35 58.18
N TYR NA 7 70.37 34.01 57.17
CA TYR NA 7 71.15 34.82 56.25
C TYR NA 7 70.84 36.30 56.47
N GLU NA 8 71.44 37.14 55.62
CA GLU NA 8 71.27 38.58 55.69
C GLU NA 8 70.16 39.02 54.76
N ARG NA 9 69.25 39.87 55.26
CA ARG NA 9 68.15 40.35 54.45
C ARG NA 9 68.66 41.15 53.27
N ASP NA 10 67.96 41.00 52.14
CA ASP NA 10 68.28 41.73 50.92
C ASP NA 10 67.03 42.49 50.49
N GLU NA 11 67.17 43.81 50.30
CA GLU NA 11 66.03 44.62 49.89
C GLU NA 11 65.45 44.14 48.57
N VAL NA 12 66.29 43.64 47.67
CA VAL NA 12 65.81 43.21 46.37
C VAL NA 12 64.90 42.00 46.49
N ASN NA 13 65.22 41.10 47.41
CA ASN NA 13 64.46 39.87 47.54
C ASN NA 13 63.01 40.17 47.93
N PRO NA 14 62.03 39.48 47.32
CA PRO NA 14 60.63 39.73 47.68
C PRO NA 14 60.30 39.27 49.10
N VAL NA 15 59.23 39.82 49.68
CA VAL NA 15 58.76 39.44 50.99
C VAL NA 15 57.30 39.01 50.88
N VAL NA 16 56.96 37.91 51.53
CA VAL NA 16 55.63 37.33 51.45
C VAL NA 16 55.12 37.07 52.86
N PHE NA 17 53.92 37.57 53.17
CA PHE NA 17 53.35 37.46 54.50
C PHE NA 17 52.18 36.47 54.47
N MET NA 18 51.98 35.79 55.60
CA MET NA 18 50.86 34.87 55.73
C MET NA 18 50.43 34.79 57.19
N ASP NA 19 49.12 34.84 57.43
CA ASP NA 19 48.57 34.72 58.76
C ASP NA 19 48.12 33.28 59.02
N VAL NA 20 48.47 32.77 60.19
CA VAL NA 20 48.17 31.39 60.55
C VAL NA 20 47.12 31.37 61.65
N THR NA 21 46.07 30.59 61.43
CA THR NA 21 44.98 30.46 62.39
C THR NA 21 44.84 29.00 62.78
N VAL NA 22 44.72 28.76 64.08
CA VAL NA 22 44.60 27.41 64.64
C VAL NA 22 43.26 27.29 65.34
N GLU NA 23 42.40 26.40 64.87
CA GLU NA 23 41.10 26.14 65.49
C GLU NA 23 40.33 27.44 65.68
N GLY NA 24 40.42 28.33 64.70
CA GLY NA 24 39.75 29.61 64.76
C GLY NA 24 40.44 30.65 65.62
N ASP NA 25 41.59 30.32 66.21
CA ASP NA 25 42.33 31.23 67.07
C ASP NA 25 43.50 31.80 66.29
N ALA NA 26 43.52 33.12 66.08
CA ALA NA 26 44.62 33.75 65.40
C ALA NA 26 45.87 33.70 66.25
N LEU NA 27 47.02 33.58 65.58
CA LEU NA 27 48.30 33.52 66.26
C LEU NA 27 49.24 34.66 65.88
N GLY NA 28 49.22 35.10 64.63
CA GLY NA 28 50.06 36.20 64.22
C GLY NA 28 50.28 36.26 62.73
N ARG NA 29 51.51 36.53 62.31
CA ARG NA 29 51.81 36.71 60.90
C ARG NA 29 53.28 36.36 60.66
N VAL NA 30 53.53 35.55 59.64
CA VAL NA 30 54.86 35.08 59.29
C VAL NA 30 55.28 35.76 57.99
N SER NA 31 56.47 36.34 58.00
CA SER NA 31 57.06 36.99 56.82
C SER NA 31 58.24 36.18 56.33
N VAL NA 32 58.26 35.91 55.03
CA VAL NA 32 59.26 35.06 54.39
C VAL NA 32 59.93 35.87 53.30
N GLU NA 33 61.26 35.91 53.34
CA GLU NA 33 62.06 36.52 52.28
C GLU NA 33 62.52 35.41 51.34
N LEU NA 34 62.12 35.51 50.07
CA LEU NA 34 62.42 34.51 49.06
C LEU NA 34 63.72 34.86 48.36
N PHE NA 35 64.58 33.86 48.19
CA PHE NA 35 65.89 34.06 47.56
C PHE NA 35 65.68 34.16 46.05
N HIS NA 36 65.39 35.37 45.59
CA HIS NA 36 65.13 35.62 44.18
C HIS NA 36 66.40 35.67 43.34
N ASP NA 37 67.57 35.81 43.96
CA ASP NA 37 68.82 35.88 43.22
C ASP NA 37 69.34 34.52 42.82
N ILE NA 38 68.94 33.46 43.54
CA ILE NA 38 69.45 32.13 43.28
C ILE NA 38 68.40 31.18 42.72
N VAL NA 39 67.14 31.32 43.12
CA VAL NA 39 66.07 30.44 42.64
C VAL NA 39 64.91 31.29 42.16
N PRO NA 40 65.06 32.04 41.06
CA PRO NA 40 63.96 32.91 40.61
C PRO NA 40 62.68 32.15 40.29
N LYS NA 41 62.78 30.95 39.69
CA LYS NA 41 61.57 30.24 39.28
C LYS NA 41 60.76 29.81 40.49
N THR NA 42 61.39 29.17 41.47
CA THR NA 42 60.67 28.77 42.67
C THR NA 42 60.20 29.99 43.45
N THR NA 43 61.00 31.06 43.49
CA THR NA 43 60.57 32.27 44.16
C THR NA 43 59.28 32.81 43.54
N GLU NA 44 59.24 32.87 42.21
CA GLU NA 44 58.05 33.36 41.54
C GLU NA 44 56.86 32.44 41.77
N ASN NA 45 57.08 31.12 41.73
CA ASN NA 45 55.99 30.18 41.99
C ASN NA 45 55.40 30.41 43.37
N PHE NA 46 56.26 30.46 44.39
CA PHE NA 46 55.80 30.66 45.76
C PHE NA 46 55.09 31.99 45.91
N ARG NA 47 55.65 33.05 45.35
CA ARG NA 47 55.05 34.38 45.47
C ARG NA 47 53.68 34.42 44.80
N SER NA 48 53.57 33.84 43.61
CA SER NA 48 52.29 33.83 42.90
C SER NA 48 51.25 33.03 43.67
N LEU NA 49 51.65 31.89 44.24
CA LEU NA 49 50.71 31.11 45.04
C LEU NA 49 50.26 31.88 46.26
N CYS NA 50 51.17 32.59 46.94
CA CYS NA 50 50.80 33.37 48.11
C CYS NA 50 49.92 34.57 47.76
N THR NA 51 50.13 35.18 46.60
CA THR NA 51 49.41 36.41 46.26
C THR NA 51 48.08 36.14 45.56
N GLY NA 52 47.95 35.01 44.89
CA GLY NA 52 46.73 34.73 44.14
C GLY NA 52 46.61 35.46 42.82
N GLU NA 53 47.73 35.95 42.27
CA GLU NA 53 47.67 36.72 41.03
C GLU NA 53 47.07 35.89 39.91
N ARG NA 54 47.62 34.70 39.68
CA ARG NA 54 47.08 33.84 38.65
C ARG NA 54 45.69 33.35 39.04
N GLY NA 55 44.90 33.01 38.03
CA GLY NA 55 43.55 32.56 38.27
C GLY NA 55 43.51 31.11 38.70
N TYR NA 56 42.69 30.31 38.03
CA TYR NA 56 42.57 28.89 38.32
C TYR NA 56 43.00 28.07 37.11
N SER NA 57 43.79 27.04 37.35
CA SER NA 57 44.14 26.05 36.33
C SER NA 57 43.52 24.70 36.65
N GLN NA 58 43.84 24.15 37.83
CA GLN NA 58 43.14 23.00 38.38
C GLN NA 58 42.44 23.32 39.69
N CYS NA 59 42.90 24.36 40.38
CA CYS NA 59 42.31 24.80 41.64
C CYS NA 59 42.72 26.25 41.86
N PRO NA 60 42.03 26.96 42.74
CA PRO NA 60 42.45 28.34 43.03
C PRO NA 60 43.91 28.39 43.44
N LEU NA 61 44.73 29.02 42.60
CA LEU NA 61 46.16 29.14 42.85
C LEU NA 61 46.37 30.21 43.92
N PHE NA 62 46.06 29.84 45.15
CA PHE NA 62 46.04 30.80 46.25
C PHE NA 62 46.19 30.03 47.55
N TYR NA 63 47.21 30.36 48.34
CA TYR NA 63 47.42 29.68 49.62
C TYR NA 63 46.38 30.04 50.67
N LYS NA 64 45.54 31.04 50.42
CA LYS NA 64 44.56 31.44 51.41
C LYS NA 64 43.61 30.29 51.71
N GLY NA 65 43.29 30.13 53.00
CA GLY NA 65 42.35 29.12 53.42
C GLY NA 65 42.80 27.70 53.13
N ILE NA 66 44.08 27.40 53.34
CA ILE NA 66 44.60 26.06 53.10
C ILE NA 66 45.27 25.58 54.39
N PRO NA 67 45.08 24.31 54.77
CA PRO NA 67 45.63 23.83 56.03
C PRO NA 67 47.08 23.33 55.90
N PHE NA 68 47.72 23.19 57.05
CA PHE NA 68 49.04 22.57 57.15
C PHE NA 68 48.81 21.08 57.39
N HIS NA 69 48.81 20.30 56.31
CA HIS NA 69 48.41 18.91 56.37
C HIS NA 69 49.44 18.01 57.05
N ARG NA 70 50.65 18.50 57.29
CA ARG NA 70 51.71 17.65 57.85
C ARG NA 70 52.58 18.52 58.75
N VAL NA 71 52.54 18.25 60.05
CA VAL NA 71 53.29 19.00 61.05
C VAL NA 71 53.99 18.03 61.97
N ILE NA 72 55.23 18.38 62.34
CA ILE NA 72 56.01 17.58 63.27
C ILE NA 72 56.52 18.51 64.36
N PRO NA 73 56.57 18.07 65.63
CA PRO NA 73 56.89 19.03 66.70
C PRO NA 73 58.26 19.68 66.56
N GLY NA 74 59.26 18.96 66.04
CA GLY NA 74 60.60 19.51 66.00
C GLY NA 74 61.36 19.19 64.74
N PHE NA 75 60.66 18.84 63.66
CA PHE NA 75 61.29 18.56 62.38
C PHE NA 75 60.93 19.58 61.32
N ILE NA 76 59.64 19.76 61.03
CA ILE NA 76 59.18 20.68 60.00
C ILE NA 76 57.77 21.13 60.31
N VAL NA 77 57.31 22.13 59.57
CA VAL NA 77 55.90 22.52 59.52
C VAL NA 77 55.56 22.66 58.05
N GLN NA 78 54.78 21.71 57.53
CA GLN NA 78 54.53 21.60 56.09
C GLN NA 78 53.07 21.90 55.80
N GLY NA 79 52.82 22.40 54.59
CA GLY NA 79 51.46 22.69 54.16
C GLY NA 79 51.46 23.45 52.86
N GLY NA 80 50.26 23.68 52.36
CA GLY NA 80 50.08 24.46 51.15
C GLY NA 80 49.72 23.63 49.94
N ASP NA 81 48.95 22.56 50.14
CA ASP NA 81 48.51 21.70 49.05
C ASP NA 81 47.24 22.32 48.47
N ILE NA 82 47.42 23.12 47.41
CA ILE NA 82 46.30 23.89 46.87
C ILE NA 82 45.23 22.99 46.28
N LEU NA 83 45.63 21.95 45.55
CA LEU NA 83 44.66 21.12 44.84
C LEU NA 83 43.87 20.22 45.79
N LEU NA 84 44.56 19.30 46.46
CA LEU NA 84 43.96 18.38 47.41
C LEU NA 84 44.46 18.78 48.80
N LYS NA 85 43.65 19.56 49.52
CA LYS NA 85 44.08 20.08 50.80
C LYS NA 85 44.46 18.97 51.78
N ASP NA 86 44.09 17.73 51.50
CA ASP NA 86 44.53 16.62 52.34
C ASP NA 86 46.05 16.45 52.33
N GLY NA 87 46.70 16.79 51.23
CA GLY NA 87 48.14 16.69 51.12
C GLY NA 87 48.65 15.65 50.15
N ARG NA 88 47.90 15.33 49.11
CA ARG NA 88 48.30 14.30 48.16
C ARG NA 88 48.76 14.88 46.83
N GLY NA 89 47.94 15.72 46.20
CA GLY NA 89 48.26 16.27 44.90
C GLY NA 89 49.15 17.50 45.01
N ASN NA 90 50.06 17.62 44.06
CA ASN NA 90 51.01 18.73 44.01
C ASN NA 90 50.84 19.46 42.68
N VAL NA 91 50.65 20.77 42.75
CA VAL NA 91 50.36 21.59 41.57
C VAL NA 91 51.29 22.80 41.58
N SER NA 92 51.49 23.36 40.39
CA SER NA 92 52.33 24.53 40.20
C SER NA 92 51.58 25.59 39.43
N VAL NA 93 51.98 26.85 39.64
CA VAL NA 93 51.37 27.94 38.89
C VAL NA 93 51.69 27.81 37.41
N PHE NA 94 52.88 27.33 37.07
CA PHE NA 94 53.27 27.16 35.68
C PHE NA 94 52.40 26.16 34.95
N GLY NA 95 51.66 25.32 35.69
CA GLY NA 95 50.82 24.29 35.10
C GLY NA 95 51.41 22.90 35.15
N PHE NA 96 52.70 22.76 35.38
CA PHE NA 96 53.35 21.48 35.49
C PHE NA 96 54.39 21.53 36.60
N PRO NA 97 54.70 20.39 37.22
CA PRO NA 97 55.76 20.39 38.25
C PRO NA 97 57.10 20.72 37.64
N PHE NA 98 57.64 21.88 38.02
CA PHE NA 98 58.92 22.34 37.51
C PHE NA 98 60.07 21.71 38.27
N PRO NA 99 61.26 21.66 37.66
CA PRO NA 99 62.38 20.96 38.31
C PRO NA 99 63.14 21.83 39.30
N ASP NA 100 64.04 21.21 40.06
CA ASP NA 100 64.89 21.94 40.99
C ASP NA 100 65.87 22.81 40.22
N GLU NA 101 66.03 24.07 40.67
CA GLU NA 101 66.88 25.01 39.95
C GLU NA 101 68.34 24.85 40.32
N SER NA 102 68.67 25.04 41.60
CA SER NA 102 70.05 24.99 42.05
C SER NA 102 70.09 24.73 43.54
N PHE NA 103 71.06 23.91 43.96
CA PHE NA 103 71.31 23.63 45.36
C PHE NA 103 72.64 24.23 45.83
N GLU NA 104 73.12 25.25 45.14
CA GLU NA 104 74.45 25.81 45.40
C GLU NA 104 74.33 26.87 46.49
N GLY NA 105 74.93 26.59 47.64
CA GLY NA 105 75.04 27.57 48.71
C GLY NA 105 73.73 27.89 49.40
N LYS NA 106 73.24 29.12 49.21
CA LYS NA 106 72.08 29.59 49.96
C LYS NA 106 70.86 28.72 49.75
N ALA NA 107 70.68 28.14 48.57
CA ALA NA 107 69.50 27.35 48.25
C ALA NA 107 69.68 25.87 48.53
N GLY NA 108 70.84 25.46 49.06
CA GLY NA 108 71.10 24.06 49.29
C GLY NA 108 71.23 23.69 50.76
N LYS NA 109 71.39 24.69 51.62
CA LYS NA 109 71.56 24.48 53.05
C LYS NA 109 70.24 24.73 53.77
N HIS NA 110 69.81 23.76 54.56
CA HIS NA 110 68.61 23.91 55.37
C HIS NA 110 68.99 24.34 56.78
N LEU NA 111 68.32 25.39 57.27
CA LEU NA 111 68.59 25.94 58.59
C LEU NA 111 67.27 26.05 59.35
N ARG NA 112 67.33 26.62 60.55
CA ARG NA 112 66.15 26.66 61.40
C ARG NA 112 65.00 27.40 60.73
N GLY NA 113 65.21 28.67 60.42
CA GLY NA 113 64.16 29.48 59.82
C GLY NA 113 63.98 29.31 58.34
N THR NA 114 64.73 28.42 57.71
CA THR NA 114 64.67 28.24 56.27
C THR NA 114 63.31 27.68 55.85
N VAL NA 115 62.93 27.98 54.62
CA VAL NA 115 61.72 27.46 54.01
C VAL NA 115 62.10 26.73 52.73
N ALA NA 116 61.33 25.69 52.41
CA ALA NA 116 61.63 24.89 51.23
C ALA NA 116 60.34 24.44 50.58
N MET NA 117 60.44 23.98 49.33
CA MET NA 117 59.30 23.51 48.57
C MET NA 117 59.33 21.99 48.54
N ALA NA 118 58.29 21.36 49.07
CA ALA NA 118 58.25 19.90 49.10
C ALA NA 118 57.89 19.34 47.73
N HIS NA 119 58.48 18.20 47.39
CA HIS NA 119 58.24 17.57 46.10
C HIS NA 119 58.05 16.08 46.31
N SER NA 120 57.15 15.49 45.52
CA SER NA 120 56.93 14.04 45.55
C SER NA 120 57.97 13.28 44.76
N ALA NA 121 58.74 13.95 43.91
CA ALA NA 121 59.79 13.34 43.14
C ALA NA 121 61.03 14.23 43.24
N PRO NA 122 62.22 13.68 43.02
CA PRO NA 122 63.43 14.48 43.20
C PRO NA 122 63.57 15.63 42.21
N ASN NA 123 62.63 15.75 41.25
CA ASN NA 123 62.72 16.82 40.26
C ASN NA 123 61.34 17.36 39.88
N GLN NA 124 60.36 17.26 40.78
CA GLN NA 124 59.01 17.77 40.53
C GLN NA 124 58.56 18.61 41.72
N ASN NA 125 58.88 19.91 41.69
CA ASN NA 125 58.41 20.83 42.71
C ASN NA 125 56.92 21.07 42.50
N GLY NA 126 56.33 21.93 43.33
CA GLY NA 126 54.90 22.18 43.26
C GLY NA 126 54.45 23.34 44.12
N SER NA 127 53.33 23.17 44.81
CA SER NA 127 52.77 24.23 45.63
C SER NA 127 53.13 24.09 47.10
N GLN NA 128 53.05 22.88 47.65
CA GLN NA 128 53.22 22.71 49.08
C GLN NA 128 54.67 22.96 49.49
N PHE NA 129 54.82 23.66 50.62
CA PHE NA 129 56.11 24.06 51.15
C PHE NA 129 56.20 23.58 52.58
N PHE NA 130 57.33 23.87 53.22
CA PHE NA 130 57.50 23.57 54.63
C PHE NA 130 58.61 24.44 55.22
N PHE NA 131 58.37 24.93 56.42
CA PHE NA 131 59.37 25.61 57.22
C PHE NA 131 60.17 24.57 57.99
N ASN NA 132 61.49 24.69 57.97
CA ASN NA 132 62.32 23.85 58.82
C ASN NA 132 62.21 24.31 60.27
N LEU NA 133 62.61 23.42 61.19
CA LEU NA 133 62.60 23.73 62.60
C LEU NA 133 63.95 23.48 63.26
N ALA NA 134 64.94 23.01 62.52
CA ALA NA 134 66.29 22.78 63.04
C ALA NA 134 67.16 22.36 61.88
N ARG NA 135 68.48 22.46 62.09
CA ARG NA 135 69.43 22.08 61.05
C ARG NA 135 69.17 20.66 60.59
N ASN NA 136 68.73 20.52 59.34
CA ASN NA 136 68.36 19.23 58.76
C ASN NA 136 69.42 18.88 57.71
N ASP NA 137 70.47 18.19 58.14
CA ASP NA 137 71.54 17.83 57.22
C ASP NA 137 71.05 16.91 56.11
N HIS NA 138 70.21 15.94 56.44
CA HIS NA 138 69.75 14.97 55.45
C HIS NA 138 68.90 15.60 54.35
N LEU NA 139 68.34 16.80 54.58
CA LEU NA 139 67.55 17.47 53.56
C LEU NA 139 68.37 18.34 52.62
N ASP NA 140 69.63 18.62 52.95
CA ASP NA 140 70.47 19.44 52.09
C ASP NA 140 70.69 18.73 50.75
N GLY NA 141 70.43 19.46 49.66
CA GLY NA 141 70.63 18.95 48.33
C GLY NA 141 69.46 18.15 47.78
N LYS NA 142 68.50 17.78 48.63
CA LYS NA 142 67.34 17.02 48.21
C LYS NA 142 66.12 17.90 47.97
N PHE NA 143 65.86 18.85 48.87
CA PHE NA 143 64.73 19.77 48.75
C PHE NA 143 65.25 21.18 48.53
N VAL NA 144 64.64 21.88 47.57
CA VAL NA 144 65.05 23.23 47.23
C VAL NA 144 64.62 24.19 48.33
N VAL NA 145 65.53 25.07 48.72
CA VAL NA 145 65.26 26.10 49.72
C VAL NA 145 64.75 27.34 48.99
N CYS NA 146 63.57 27.80 49.36
CA CYS NA 146 62.96 28.96 48.71
C CYS NA 146 63.28 30.27 49.39
N GLY NA 147 63.48 30.26 50.70
CA GLY NA 147 63.76 31.50 51.41
C GLY NA 147 63.90 31.27 52.90
N GLN NA 148 63.96 32.38 53.62
CA GLN NA 148 64.12 32.38 55.06
C GLN NA 148 62.95 33.11 55.70
N VAL NA 149 62.83 33.00 57.02
CA VAL NA 149 61.77 33.65 57.78
C VAL NA 149 62.37 34.84 58.52
N ILE NA 150 61.72 36.00 58.42
CA ILE NA 150 62.14 37.21 59.07
C ILE NA 150 61.34 37.48 60.34
N ASP NA 151 60.01 37.37 60.26
CA ASP NA 151 59.14 37.61 61.39
C ASP NA 151 58.10 36.52 61.47
N GLY NA 152 57.54 36.35 62.66
CA GLY NA 152 56.53 35.33 62.89
C GLY NA 152 57.07 33.95 63.20
N TRP NA 153 58.38 33.80 63.35
CA TRP NA 153 58.92 32.50 63.72
C TRP NA 153 58.32 31.99 65.01
N GLU NA 154 57.99 32.89 65.93
CA GLU NA 154 57.28 32.48 67.13
C GLU NA 154 55.92 31.90 66.79
N VAL NA 155 55.24 32.49 65.81
CA VAL NA 155 53.96 31.94 65.37
C VAL NA 155 54.15 30.55 64.79
N VAL NA 156 55.19 30.36 63.97
CA VAL NA 156 55.44 29.06 63.38
C VAL NA 156 55.70 28.02 64.46
N ASP NA 157 56.54 28.38 65.44
CA ASP NA 157 56.86 27.44 66.51
C ASP NA 157 55.62 27.11 67.33
N ARG NA 158 54.77 28.10 67.60
CA ARG NA 158 53.56 27.85 68.36
C ARG NA 158 52.61 26.94 67.58
N VAL NA 159 52.51 27.15 66.26
CA VAL NA 159 51.69 26.27 65.44
C VAL NA 159 52.20 24.84 65.52
N ALA NA 160 53.52 24.67 65.41
CA ALA NA 160 54.11 23.34 65.50
C ALA NA 160 53.79 22.70 66.84
N VAL NA 161 53.95 23.45 67.93
CA VAL NA 161 53.69 22.90 69.25
C VAL NA 161 52.22 22.50 69.39
N LEU NA 162 51.32 23.36 68.91
CA LEU NA 162 49.89 23.10 69.10
C LEU NA 162 49.42 21.90 68.28
N SER NA 163 49.79 21.86 67.00
CA SER NA 163 49.27 20.84 66.09
C SER NA 163 50.39 19.95 65.52
N GLY NA 164 51.33 19.57 66.37
CA GLY NA 164 52.40 18.69 65.94
C GLY NA 164 52.24 17.26 66.44
N SER NA 165 52.93 16.33 65.80
CA SER NA 165 52.94 14.94 66.21
C SER NA 165 54.02 14.20 65.44
N SER NA 166 54.74 13.33 66.13
CA SER NA 166 55.79 12.55 65.47
C SER NA 166 55.24 11.76 64.30
N CYS NA 167 53.95 11.42 64.34
CA CYS NA 167 53.30 10.79 63.19
C CYS NA 167 53.30 11.70 61.97
N GLY NA 168 53.32 13.02 62.18
CA GLY NA 168 53.24 13.99 61.12
C GLY NA 168 51.86 14.57 60.92
N THR NA 169 50.82 13.78 61.17
CA THR NA 169 49.46 14.28 61.04
C THR NA 169 49.19 15.32 62.12
N PRO NA 170 48.61 16.47 61.78
CA PRO NA 170 48.30 17.46 62.81
C PRO NA 170 47.23 16.99 63.77
N VAL NA 171 47.32 17.47 65.01
CA VAL NA 171 46.35 17.15 66.05
C VAL NA 171 45.15 18.06 65.90
N SER NA 172 45.39 19.37 65.88
CA SER NA 172 44.34 20.36 65.73
C SER NA 172 44.51 21.11 64.43
N ARG NA 173 43.38 21.47 63.82
CA ARG NA 173 43.42 22.14 62.52
C ARG NA 173 44.17 23.46 62.61
N ALA NA 174 45.07 23.67 61.66
CA ALA NA 174 45.79 24.93 61.53
C ALA NA 174 45.91 25.23 60.04
N TRP NA 175 45.62 26.47 59.66
CA TRP NA 175 45.56 26.82 58.25
C TRP NA 175 46.00 28.27 58.07
N ILE NA 176 46.05 28.68 56.81
CA ILE NA 176 46.42 30.04 56.42
C ILE NA 176 45.15 30.82 56.15
N THR NA 177 45.02 31.95 56.83
CA THR NA 177 43.82 32.79 56.74
C THR NA 177 43.95 33.91 55.72
N GLU NA 178 45.09 34.57 55.67
CA GLU NA 178 45.28 35.70 54.75
C GLU NA 178 46.76 35.75 54.38
N CYS NA 179 47.06 35.57 53.10
CA CYS NA 179 48.44 35.59 52.62
C CYS NA 179 48.56 36.48 51.40
N GLY NA 180 49.73 37.09 51.27
CA GLY NA 180 49.97 38.00 50.16
C GLY NA 180 51.41 38.44 50.14
N GLN NA 181 51.67 39.48 49.35
CA GLN NA 181 53.01 40.04 49.20
C GLN NA 181 53.16 41.28 50.07
N SER NA 182 54.41 41.63 50.35
CA SER NA 182 54.74 42.76 51.21
C SER NA 182 55.93 43.48 50.59
N SER NA 183 56.54 44.37 51.36
CA SER NA 183 57.71 45.12 50.96
C SER NA 183 58.87 44.82 51.92
N GLY NA 184 60.05 45.27 51.54
CA GLY NA 184 61.25 45.00 52.33
C GLY NA 184 61.13 45.49 53.76
N ASP NA 185 61.54 44.65 54.70
CA ASP NA 185 61.49 44.99 56.12
C ASP NA 185 62.57 44.25 56.89
N MET OA 1 9.16 35.69 65.78
CA MET OA 1 9.51 36.52 66.92
C MET OA 1 10.34 37.72 66.48
N ALA OA 2 10.86 37.68 65.26
CA ALA OA 2 11.65 38.78 64.73
C ALA OA 2 10.78 40.01 64.54
N PRO OA 3 11.38 41.20 64.49
CA PRO OA 3 10.58 42.42 64.34
C PRO OA 3 9.72 42.41 63.08
N GLU OA 4 10.25 41.92 61.96
CA GLU OA 4 9.45 41.89 60.74
C GLU OA 4 8.28 40.92 60.87
N LEU OA 5 8.52 39.76 61.47
CA LEU OA 5 7.44 38.81 61.68
C LEU OA 5 6.36 39.41 62.58
N GLN OA 6 6.76 40.09 63.65
CA GLN OA 6 5.78 40.73 64.51
C GLN OA 6 5.05 41.84 63.78
N LEU OA 7 5.74 42.58 62.91
CA LEU OA 7 5.10 43.63 62.14
C LEU OA 7 4.03 43.07 61.21
N GLU OA 8 4.31 41.95 60.55
CA GLU OA 8 3.33 41.34 59.66
C GLU OA 8 2.28 40.51 60.41
N TYR OA 9 2.51 40.21 61.68
CA TYR OA 9 1.53 39.58 62.55
C TYR OA 9 0.97 40.63 63.52
N MET OA 10 0.04 40.20 64.37
CA MET OA 10 -0.51 41.08 65.39
C MET OA 10 -1.12 40.25 66.49
N PRO OA 11 -0.85 40.55 67.76
CA PRO OA 11 -1.44 39.76 68.84
C PRO OA 11 -2.95 39.93 68.89
N VAL OA 12 -3.63 38.87 69.31
CA VAL OA 12 -5.09 38.87 69.37
C VAL OA 12 -5.53 37.84 70.39
N LEU OA 13 -6.62 38.13 71.09
CA LEU OA 13 -7.23 37.23 72.05
C LEU OA 13 -8.46 36.58 71.41
N PHE OA 14 -8.51 35.25 71.45
CA PHE OA 14 -9.60 34.51 70.82
C PHE OA 14 -10.77 34.43 71.80
N THR OA 15 -11.88 35.07 71.44
CA THR OA 15 -13.08 35.01 72.28
C THR OA 15 -13.66 33.60 72.30
N ARG OA 16 -13.65 32.91 71.16
CA ARG OA 16 -14.12 31.53 71.09
C ARG OA 16 -13.06 30.65 70.44
N THR OA 17 -13.39 29.39 70.16
CA THR OA 17 -12.44 28.44 69.62
C THR OA 17 -12.57 28.38 68.11
N ILE OA 18 -11.43 28.51 67.43
CA ILE OA 18 -11.35 28.34 65.97
C ILE OA 18 -10.25 27.34 65.69
N LEU OA 19 -10.57 26.30 64.91
CA LEU OA 19 -9.68 25.17 64.75
C LEU OA 19 -8.71 25.32 63.58
N GLY OA 20 -8.79 26.41 62.83
CA GLY OA 20 -7.90 26.62 61.72
C GLY OA 20 -6.47 26.82 62.18
N PRO OA 21 -5.51 26.60 61.28
CA PRO OA 21 -4.10 26.71 61.70
C PRO OA 21 -3.78 28.06 62.29
N GLN OA 22 -4.51 29.10 61.90
CA GLN OA 22 -4.34 30.45 62.42
C GLN OA 22 -5.29 30.76 63.58
N GLY OA 23 -6.04 29.77 64.05
CA GLY OA 23 -7.00 29.97 65.11
C GLY OA 23 -6.42 29.76 66.49
N GLY OA 24 -7.27 29.32 67.41
CA GLY OA 24 -6.85 29.13 68.77
C GLY OA 24 -8.01 28.73 69.64
N PHE OA 25 -7.78 28.73 70.95
CA PHE OA 25 -8.79 28.38 71.93
C PHE OA 25 -9.29 29.64 72.64
N ALA OA 26 -10.45 29.52 73.26
CA ALA OA 26 -11.04 30.65 73.97
C ALA OA 26 -10.07 31.17 75.01
N GLY OA 27 -9.83 32.48 74.99
CA GLY OA 27 -8.90 33.11 75.90
C GLY OA 27 -7.45 33.04 75.48
N GLU OA 28 -7.14 32.39 74.36
CA GLU OA 28 -5.76 32.30 73.91
C GLU OA 28 -5.31 33.63 73.34
N GLU OA 29 -4.14 34.08 73.77
CA GLU OA 29 -3.46 35.22 73.16
C GLU OA 29 -2.42 34.69 72.18
N ARG OA 30 -2.55 35.05 70.92
CA ARG OA 30 -1.70 34.49 69.88
C ARG OA 30 -1.41 35.55 68.83
N LEU OA 31 -0.24 35.41 68.20
CA LEU OA 31 0.14 36.28 67.09
C LEU OA 31 -0.41 35.68 65.80
N VAL OA 32 -1.29 36.42 65.14
CA VAL OA 32 -1.98 35.94 63.95
C VAL OA 32 -1.78 36.94 62.83
N LYS OA 33 -1.75 36.44 61.59
CA LYS OA 33 -1.55 37.30 60.44
C LYS OA 33 -2.61 38.40 60.41
N LEU OA 34 -2.25 39.54 59.83
CA LEU OA 34 -3.13 40.71 59.87
C LEU OA 34 -4.47 40.41 59.20
N GLU OA 35 -4.44 39.72 58.07
CA GLU OA 35 -5.68 39.50 57.32
C GLU OA 35 -6.70 38.73 58.14
N VAL OA 36 -6.37 37.49 58.51
CA VAL OA 36 -7.33 36.67 59.25
C VAL OA 36 -7.56 37.24 60.65
N ALA OA 37 -6.58 37.95 61.21
CA ALA OA 37 -6.80 38.59 62.50
C ALA OA 37 -7.89 39.64 62.42
N ARG OA 38 -7.83 40.49 61.39
CA ARG OA 38 -8.88 41.47 61.18
C ARG OA 38 -10.21 40.79 60.89
N LYS OA 39 -10.18 39.71 60.12
CA LYS OA 39 -11.39 38.95 59.83
C LYS OA 39 -12.07 38.50 61.14
N TYR OA 40 -11.30 37.85 62.01
CA TYR OA 40 -11.85 37.40 63.29
C TYR OA 40 -12.32 38.58 64.13
N MET OA 41 -11.53 39.65 64.18
CA MET OA 41 -11.88 40.79 65.02
C MET OA 41 -13.19 41.42 64.58
N GLU OA 42 -13.40 41.54 63.27
CA GLU OA 42 -14.65 42.11 62.77
C GLU OA 42 -15.81 41.14 62.93
N ALA OA 43 -15.56 39.84 62.79
CA ALA OA 43 -16.63 38.86 63.00
C ALA OA 43 -16.98 38.69 64.46
N GLY OA 44 -16.13 39.17 65.39
CA GLY OA 44 -16.40 39.05 66.80
C GLY OA 44 -15.77 37.84 67.46
N HIS OA 45 -14.93 37.10 66.75
CA HIS OA 45 -14.32 35.89 67.28
C HIS OA 45 -13.01 36.15 68.01
N ALA OA 46 -12.53 37.40 68.01
CA ALA OA 46 -11.28 37.73 68.69
C ALA OA 46 -11.28 39.22 68.97
N VAL OA 47 -10.40 39.62 69.91
CA VAL OA 47 -10.29 41.01 70.32
C VAL OA 47 -8.84 41.31 70.67
N THR OA 48 -8.48 42.58 70.55
CA THR OA 48 -7.13 43.00 70.88
C THR OA 48 -6.85 42.79 72.36
N PRO OA 49 -5.69 42.28 72.73
CA PRO OA 49 -5.42 42.01 74.16
C PRO OA 49 -5.34 43.29 74.97
N THR OA 50 -5.66 43.14 76.26
CA THR OA 50 -5.59 44.23 77.22
C THR OA 50 -5.40 43.61 78.59
N GLU OA 51 -5.01 44.44 79.56
CA GLU OA 51 -4.75 43.93 80.90
C GLU OA 51 -6.02 43.32 81.50
N GLU OA 52 -7.15 44.03 81.37
CA GLU OA 52 -8.40 43.50 81.92
C GLU OA 52 -8.80 42.20 81.25
N LEU OA 53 -8.66 42.12 79.92
CA LEU OA 53 -9.00 40.89 79.22
C LEU OA 53 -8.11 39.75 79.65
N ARG OA 54 -6.81 40.02 79.81
CA ARG OA 54 -5.88 38.99 80.26
C ARG OA 54 -6.23 38.49 81.65
N ARG OA 55 -6.57 39.40 82.57
CA ARG OA 55 -7.00 38.97 83.90
C ARG OA 55 -8.28 38.15 83.83
N GLY OA 56 -9.23 38.57 83.00
CA GLY OA 56 -10.47 37.85 82.81
C GLY OA 56 -11.15 38.26 81.52
N LEU OA 57 -11.80 37.32 80.84
CA LEU OA 57 -12.33 37.57 79.51
C LEU OA 57 -13.74 36.99 79.38
N TRP OA 58 -14.55 37.65 78.57
CA TRP OA 58 -15.86 37.15 78.19
C TRP OA 58 -15.75 36.31 76.93
N CYS OA 59 -16.56 35.24 76.87
CA CYS OA 59 -16.52 34.31 75.76
C CYS OA 59 -17.94 33.89 75.40
N TYR OA 60 -18.03 33.05 74.38
CA TYR OA 60 -19.30 32.65 73.78
C TYR OA 60 -19.73 31.29 74.34
N ASN OA 61 -20.94 31.24 74.88
CA ASN OA 61 -21.51 30.00 75.40
C ASN OA 61 -22.64 29.55 74.46
N PRO OA 62 -22.51 28.41 73.78
CA PRO OA 62 -23.56 28.02 72.83
C PRO OA 62 -24.91 27.78 73.46
N ASP OA 63 -24.97 27.55 74.78
CA ASP OA 63 -26.25 27.31 75.42
C ASP OA 63 -27.19 28.50 75.24
N THR OA 64 -26.67 29.71 75.43
CA THR OA 64 -27.44 30.92 75.18
C THR OA 64 -27.08 31.61 73.88
N ASP OA 65 -26.03 31.17 73.20
CA ASP OA 65 -25.61 31.74 71.92
C ASP OA 65 -25.34 33.24 72.06
N LYS OA 66 -24.47 33.56 73.01
CA LYS OA 66 -24.10 34.95 73.27
C LYS OA 66 -22.72 34.99 73.91
N TYR OA 67 -22.02 36.10 73.69
CA TYR OA 67 -20.69 36.31 74.27
C TYR OA 67 -20.84 36.79 75.71
N ASP OA 68 -21.41 35.91 76.54
CA ASP OA 68 -21.75 36.25 77.91
C ASP OA 68 -21.32 35.14 78.86
N CYS OA 69 -20.08 34.65 78.72
CA CYS OA 69 -19.52 33.68 79.66
C CYS OA 69 -18.18 34.23 80.14
N PHE OA 70 -18.17 34.81 81.34
CA PHE OA 70 -16.95 35.36 81.89
C PHE OA 70 -16.12 34.26 82.52
N ILE OA 71 -14.81 34.29 82.26
CA ILE OA 71 -13.90 33.27 82.76
C ILE OA 71 -12.53 33.90 83.00
N GLU OA 72 -11.87 33.47 84.07
CA GLU OA 72 -10.54 33.94 84.38
C GLU OA 72 -9.50 33.15 83.58
N ARG OA 73 -8.51 33.87 83.07
CA ARG OA 73 -7.50 33.27 82.19
C ARG OA 73 -6.28 32.87 83.01
N ASN OA 74 -6.48 31.86 83.86
CA ASN OA 74 -5.41 31.35 84.72
C ASN OA 74 -4.66 30.22 84.01
N GLU OA 75 -3.56 29.79 84.65
CA GLU OA 75 -2.69 28.80 84.02
C GLU OA 75 -3.39 27.47 83.80
N GLU OA 76 -4.15 27.01 84.81
CA GLU OA 76 -4.83 25.73 84.67
C GLU OA 76 -5.89 25.79 83.56
N PHE OA 77 -6.65 26.88 83.49
CA PHE OA 77 -7.62 27.02 82.41
C PHE OA 77 -6.93 27.06 81.07
N LEU OA 78 -5.80 27.77 80.97
CA LEU OA 78 -5.07 27.80 79.71
C LEU OA 78 -4.61 26.41 79.29
N ASP OA 79 -4.09 25.63 80.24
CA ASP OA 79 -3.66 24.27 79.92
C ASP OA 79 -4.82 23.41 79.44
N PHE OA 80 -5.95 23.48 80.17
CA PHE OA 80 -7.10 22.68 79.77
C PHE OA 80 -7.61 23.09 78.39
N ALA OA 81 -7.68 24.40 78.14
CA ALA OA 81 -8.16 24.87 76.84
C ALA OA 81 -7.21 24.44 75.73
N ALA OA 82 -5.90 24.47 75.98
CA ALA OA 82 -4.95 24.00 75.00
C ALA OA 82 -5.17 22.53 74.68
N ARG OA 83 -5.36 21.70 75.71
CA ARG OA 83 -5.59 20.28 75.48
C ARG OA 83 -6.87 20.06 74.69
N LYS OA 84 -7.95 20.74 75.07
CA LYS OA 84 -9.23 20.56 74.38
C LYS OA 84 -9.12 21.00 72.92
N ARG OA 85 -8.46 22.12 72.68
CA ARG OA 85 -8.29 22.60 71.31
C ARG OA 85 -7.40 21.66 70.51
N GLN OA 86 -6.41 21.04 71.14
CA GLN OA 86 -5.58 20.08 70.43
C GLN OA 86 -6.41 18.87 70.01
N TRP OA 87 -7.25 18.37 70.91
CA TRP OA 87 -8.13 17.25 70.58
C TRP OA 87 -9.05 17.63 69.41
N LEU OA 88 -9.71 18.78 69.51
CA LEU OA 88 -10.61 19.22 68.46
C LEU OA 88 -9.86 19.45 67.14
N ASP OA 89 -8.64 19.95 67.21
CA ASP OA 89 -7.85 20.18 66.01
C ASP OA 89 -7.52 18.86 65.32
N VAL OA 90 -7.15 17.84 66.09
CA VAL OA 90 -6.91 16.53 65.50
C VAL OA 90 -8.18 16.02 64.83
N TYR OA 91 -9.31 16.13 65.54
CA TYR OA 91 -10.57 15.66 64.98
C TYR OA 91 -10.90 16.38 63.68
N TRP OA 92 -10.76 17.70 63.66
CA TRP OA 92 -11.10 18.48 62.48
C TRP OA 92 -10.15 18.19 61.32
N ARG OA 93 -8.86 18.05 61.60
CA ARG OA 93 -7.91 17.73 60.54
C ARG OA 93 -8.24 16.39 59.92
N VAL OA 94 -8.57 15.40 60.74
CA VAL OA 94 -8.94 14.10 60.20
C VAL OA 94 -10.23 14.18 59.38
N ASN OA 95 -11.23 14.89 59.90
CA ASN OA 95 -12.55 14.88 59.26
C ASN OA 95 -12.60 15.72 57.98
N THR OA 96 -11.82 16.79 57.89
CA THR OA 96 -11.89 17.72 56.77
C THR OA 96 -10.73 17.50 55.80
N GLY OA 97 -10.35 16.24 55.59
CA GLY OA 97 -9.27 15.92 54.68
C GLY OA 97 -9.54 14.67 53.89
N TYR OA 98 -8.61 14.31 53.00
CA TYR OA 98 -8.77 13.17 52.11
C TYR OA 98 -7.40 12.52 51.96
N LEU OA 99 -7.15 11.49 52.77
CA LEU OA 99 -5.83 10.91 52.89
C LEU OA 99 -5.44 10.22 51.59
N LEU OA 100 -4.51 10.84 50.85
CA LEU OA 100 -4.06 10.28 49.58
C LEU OA 100 -3.04 9.18 49.81
N PHE OA 101 -3.14 8.12 49.00
CA PHE OA 101 -2.19 7.02 49.01
C PHE OA 101 -1.77 6.70 47.59
N GLY OA 102 -0.47 6.53 47.37
CA GLY OA 102 0.04 6.11 46.09
C GLY OA 102 0.61 4.70 46.16
N ARG OA 103 -0.06 3.75 45.52
CA ARG OA 103 0.33 2.36 45.57
C ARG OA 103 0.41 1.79 44.16
N GLN OA 104 0.98 0.60 44.05
CA GLN OA 104 1.17 -0.07 42.77
C GLN OA 104 0.03 -1.05 42.52
N SER OA 105 -0.51 -1.02 41.32
CA SER OA 105 -1.53 -1.98 40.88
C SER OA 105 -1.15 -2.45 39.49
N TRP OA 106 -0.58 -3.65 39.39
CA TRP OA 106 -0.08 -4.15 38.12
C TRP OA 106 -1.21 -4.21 37.11
N GLY OA 107 -0.96 -3.70 35.91
CA GLY OA 107 -2.02 -3.65 34.90
C GLY OA 107 -3.11 -2.68 35.34
N GLN OA 108 -4.33 -2.94 34.90
CA GLN OA 108 -5.47 -2.12 35.32
C GLN OA 108 -5.97 -2.55 36.69
N GLY OA 109 -6.37 -3.82 36.82
CA GLY OA 109 -6.76 -4.36 38.10
C GLY OA 109 -7.88 -3.60 38.77
N PHE OA 110 -8.24 -4.02 39.99
CA PHE OA 110 -9.24 -3.32 40.80
C PHE OA 110 -8.76 -2.98 42.19
N LEU OA 111 -7.66 -3.57 42.66
CA LEU OA 111 -7.15 -3.30 44.00
C LEU OA 111 -5.63 -3.30 43.94
N ILE OA 112 -4.99 -3.03 45.07
CA ILE OA 112 -3.56 -2.83 45.14
C ILE OA 112 -2.88 -4.13 45.57
N ASN OA 113 -1.66 -4.33 45.07
CA ASN OA 113 -0.92 -5.56 45.36
C ASN OA 113 -0.63 -5.68 46.85
N CYS OA 114 -0.12 -4.60 47.46
CA CYS OA 114 0.22 -4.61 48.88
C CYS OA 114 -0.87 -3.90 49.66
N PRO OA 115 -1.65 -4.59 50.49
CA PRO OA 115 -2.71 -3.91 51.23
C PRO OA 115 -2.15 -2.92 52.23
N LEU OA 116 -2.93 -1.87 52.48
CA LEU OA 116 -2.58 -0.88 53.48
C LEU OA 116 -2.75 -1.46 54.88
N ARG OA 117 -1.93 -0.96 55.81
CA ARG OA 117 -1.95 -1.43 57.18
C ARG OA 117 -2.10 -0.23 58.10
N LYS OA 118 -2.31 -0.52 59.38
CA LYS OA 118 -2.43 0.56 60.36
C LYS OA 118 -1.18 1.40 60.42
N ARG OA 119 0.00 0.76 60.29
CA ARG OA 119 1.24 1.53 60.25
C ARG OA 119 1.26 2.48 59.06
N ASP OA 120 0.84 2.00 57.88
CA ASP OA 120 0.82 2.85 56.70
C ASP OA 120 -0.14 4.01 56.88
N VAL OA 121 -1.33 3.74 57.44
CA VAL OA 121 -2.30 4.81 57.64
C VAL OA 121 -1.73 5.85 58.62
N ALA OA 122 -1.09 5.39 59.69
CA ALA OA 122 -0.50 6.32 60.64
C ALA OA 122 0.60 7.16 59.99
N GLN OA 123 1.45 6.53 59.18
CA GLN OA 123 2.53 7.28 58.54
C GLN OA 123 1.97 8.31 57.57
N LYS OA 124 0.93 7.96 56.82
CA LYS OA 124 0.35 8.94 55.91
C LYS OA 124 -0.33 10.07 56.67
N LEU OA 125 -0.98 9.74 57.79
CA LEU OA 125 -1.58 10.79 58.61
C LEU OA 125 -0.52 11.76 59.11
N TRP OA 126 0.61 11.24 59.58
CA TRP OA 126 1.69 12.13 60.00
C TRP OA 126 2.22 12.96 58.84
N GLU OA 127 2.40 12.33 57.68
CA GLU OA 127 2.97 13.05 56.55
C GLU OA 127 2.08 14.20 56.10
N GLN OA 128 0.77 13.94 55.96
CA GLN OA 128 -0.13 14.97 55.45
C GLN OA 128 -0.58 15.92 56.56
N TYR OA 129 -1.25 15.40 57.59
CA TYR OA 129 -1.87 16.23 58.60
C TYR OA 129 -0.94 16.56 59.77
N LYS OA 130 0.28 16.02 59.78
CA LYS OA 130 1.24 16.26 60.85
C LYS OA 130 0.64 15.89 62.21
N VAL OA 131 0.02 14.70 62.25
CA VAL OA 131 -0.56 14.17 63.47
C VAL OA 131 0.09 12.83 63.78
N ARG OA 132 0.55 12.70 65.01
CA ARG OA 132 1.15 11.46 65.50
C ARG OA 132 0.10 10.70 66.29
N ILE OA 133 -0.04 9.41 65.99
CA ILE OA 133 -1.04 8.58 66.64
C ILE OA 133 -0.49 7.16 66.77
N ASP OA 134 -0.93 6.47 67.82
CA ASP OA 134 -0.63 5.05 67.97
C ASP OA 134 -1.38 4.28 66.89
N PRO OA 135 -0.73 3.43 66.11
CA PRO OA 135 -1.47 2.68 65.07
C PRO OA 135 -2.63 1.87 65.62
N ARG OA 136 -2.55 1.42 66.87
CA ARG OA 136 -3.65 0.63 67.43
C ARG OA 136 -4.95 1.43 67.44
N LEU OA 137 -4.88 2.76 67.46
CA LEU OA 137 -6.08 3.57 67.41
C LEU OA 137 -6.83 3.35 66.10
N ILE OA 138 -6.10 3.27 64.99
CA ILE OA 138 -6.75 3.06 63.69
C ILE OA 138 -7.37 1.69 63.66
N GLU OA 139 -8.64 1.63 63.26
CA GLU OA 139 -9.36 0.37 63.15
C GLU OA 139 -10.06 0.32 61.81
N PHE OA 140 -9.88 -0.77 61.08
CA PHE OA 140 -10.49 -0.92 59.77
C PHE OA 140 -11.93 -1.43 59.91
N ARG OA 141 -12.67 -1.33 58.81
CA ARG OA 141 -14.04 -1.78 58.78
C ARG OA 141 -14.12 -3.30 58.84
N GLU OA 142 -15.34 -3.83 58.83
CA GLU OA 142 -15.51 -5.28 58.78
C GLU OA 142 -14.97 -5.85 57.47
N LYS OA 143 -15.20 -5.16 56.35
CA LYS OA 143 -14.69 -5.62 55.08
C LYS OA 143 -13.16 -5.61 55.04
N ASP OA 144 -12.50 -4.81 55.88
CA ASP OA 144 -11.06 -4.63 55.81
C ASP OA 144 -10.38 -5.04 57.12
N ARG OA 145 -11.03 -5.85 57.95
CA ARG OA 145 -10.44 -6.24 59.21
C ARG OA 145 -9.34 -7.28 59.05
N ARG OA 146 -9.43 -8.14 58.04
CA ARG OA 146 -8.54 -9.27 57.89
C ARG OA 146 -7.37 -9.00 56.94
N THR OA 147 -7.62 -8.30 55.84
CA THR OA 147 -6.61 -8.10 54.80
C THR OA 147 -6.35 -6.62 54.52
N GLY OA 148 -6.64 -5.73 55.47
CA GLY OA 148 -6.38 -4.33 55.25
C GLY OA 148 -7.33 -3.75 54.21
N ILE OA 149 -6.93 -2.59 53.68
CA ILE OA 149 -7.76 -1.89 52.70
C ILE OA 149 -7.90 -2.72 51.43
N GLN OA 150 -6.79 -2.92 50.73
CA GLN OA 150 -6.75 -3.80 49.56
C GLN OA 150 -7.83 -3.45 48.55
N GLU OA 151 -7.88 -2.17 48.18
CA GLU OA 151 -8.86 -1.74 47.19
C GLU OA 151 -8.55 -0.31 46.78
N LEU OA 152 -8.73 -0.03 45.49
CA LEU OA 152 -8.51 1.30 44.94
C LEU OA 152 -9.75 2.17 45.16
N GLY OA 153 -9.64 3.45 44.81
CA GLY OA 153 -10.77 4.34 44.94
C GLY OA 153 -10.96 4.83 46.37
N HIS OA 154 -12.21 5.20 46.67
CA HIS OA 154 -12.54 5.78 47.96
C HIS OA 154 -12.63 4.69 49.02
N ASN OA 155 -11.83 4.84 50.08
CA ASN OA 155 -11.87 3.94 51.23
C ASN OA 155 -11.80 4.79 52.49
N TRP OA 156 -12.29 4.23 53.59
CA TRP OA 156 -12.23 4.92 54.88
C TRP OA 156 -12.16 3.90 56.00
N CYS OA 157 -11.71 4.36 57.16
CA CYS OA 157 -11.61 3.54 58.35
C CYS OA 157 -12.01 4.39 59.54
N TRP OA 158 -11.81 3.85 60.75
CA TRP OA 158 -12.15 4.53 61.99
C TRP OA 158 -10.88 4.85 62.76
N LEU OA 159 -10.83 6.05 63.32
CA LEU OA 159 -9.73 6.47 64.18
C LEU OA 159 -10.31 6.84 65.53
N TYR OA 160 -9.96 6.09 66.56
CA TYR OA 160 -10.50 6.31 67.90
C TYR OA 160 -9.69 7.39 68.62
N LEU OA 161 -10.41 8.30 69.27
CA LEU OA 161 -9.80 9.42 70.00
C LEU OA 161 -10.23 9.34 71.46
N PRO OA 162 -9.43 8.71 72.32
CA PRO OA 162 -9.76 8.65 73.74
C PRO OA 162 -9.55 10.01 74.42
N GLY OA 163 -10.14 10.16 75.59
CA GLY OA 163 -10.07 11.39 76.35
C GLY OA 163 -11.17 12.39 76.04
N ALA OA 164 -12.01 12.12 75.04
CA ALA OA 164 -13.11 13.02 74.73
C ALA OA 164 -14.07 13.14 75.90
N GLU OA 165 -14.33 12.02 76.59
CA GLU OA 165 -15.20 12.07 77.76
C GLU OA 165 -14.63 12.97 78.83
N GLU OA 166 -13.32 12.86 79.10
CA GLU OA 166 -12.71 13.71 80.12
C GLU OA 166 -12.76 15.18 79.71
N LEU OA 167 -12.42 15.48 78.46
CA LEU OA 167 -12.31 16.86 78.02
C LEU OA 167 -13.66 17.53 77.78
N GLY OA 168 -14.72 16.77 77.55
CA GLY OA 168 -16.03 17.35 77.34
C GLY OA 168 -16.31 17.76 75.91
N ILE OA 169 -16.20 16.81 74.98
CA ILE OA 169 -16.48 17.05 73.57
C ILE OA 169 -17.70 16.24 73.19
N ASN OA 170 -18.65 16.11 74.12
CA ASN OA 170 -19.82 15.28 73.87
C ASN OA 170 -20.65 15.82 72.71
N ARG OA 171 -21.01 17.11 72.76
CA ARG OA 171 -21.92 17.70 71.80
C ARG OA 171 -21.23 18.63 70.79
N GLU OA 172 -19.91 18.71 70.84
CA GLU OA 172 -19.17 19.57 69.91
C GLU OA 172 -18.81 18.87 68.60
N VAL OA 173 -19.06 17.56 68.51
CA VAL OA 173 -18.74 16.77 67.34
C VAL OA 173 -19.87 15.77 67.10
N TYR OA 174 -19.80 15.08 65.96
CA TYR OA 174 -20.81 14.08 65.66
C TYR OA 174 -20.73 12.90 66.63
N ASP OA 175 -19.57 12.25 66.68
CA ASP OA 175 -19.31 11.16 67.63
C ASP OA 175 -17.97 11.44 68.30
N ASN OA 176 -17.98 11.59 69.61
CA ASN OA 176 -16.79 11.97 70.35
C ASN OA 176 -15.81 10.81 70.54
N LYS OA 177 -16.21 9.57 70.27
CA LYS OA 177 -15.37 8.41 70.49
C LYS OA 177 -14.81 7.83 69.19
N ARG OA 178 -15.23 8.36 68.04
CA ARG OA 178 -14.77 7.85 66.76
C ARG OA 178 -14.50 9.01 65.81
N VAL OA 179 -13.60 8.76 64.86
CA VAL OA 179 -13.33 9.69 63.77
C VAL OA 179 -13.20 8.89 62.49
N LYS OA 180 -13.87 9.35 61.44
CA LYS OA 180 -13.89 8.65 60.16
C LYS OA 180 -12.75 9.18 59.30
N VAL OA 181 -11.67 8.39 59.21
CA VAL OA 181 -10.57 8.72 58.31
C VAL OA 181 -10.96 8.28 56.91
N ARG OA 182 -11.00 9.24 55.98
CA ARG OA 182 -11.43 8.98 54.61
C ARG OA 182 -10.19 8.95 53.72
N ILE OA 183 -9.97 7.80 53.08
CA ILE OA 183 -8.75 7.50 52.34
C ILE OA 183 -9.08 7.41 50.86
N HIS OA 184 -8.06 7.63 50.04
CA HIS OA 184 -8.18 7.53 48.59
C HIS OA 184 -6.90 6.93 48.06
N VAL OA 185 -6.96 5.68 47.60
CA VAL OA 185 -5.82 4.98 47.04
C VAL OA 185 -5.78 5.24 45.54
N ARG OA 186 -4.58 5.32 44.99
CA ARG OA 186 -4.44 5.62 43.56
C ARG OA 186 -3.08 5.13 43.08
N LYS OA 187 -2.99 4.89 41.77
CA LYS OA 187 -1.73 4.59 41.14
C LYS OA 187 -1.00 5.89 40.83
N MET OA 188 0.25 6.00 41.29
CA MET OA 188 1.03 7.21 41.13
C MET OA 188 2.35 6.87 40.44
N ASN OA 189 3.16 7.91 40.22
CA ASN OA 189 4.43 7.73 39.54
C ASN OA 189 5.31 6.75 40.31
N SER OA 190 6.39 6.33 39.66
CA SER OA 190 7.30 5.35 40.29
C SER OA 190 7.90 5.92 41.56
N MET OA 191 8.34 7.18 41.52
CA MET OA 191 8.98 7.77 42.69
C MET OA 191 8.01 7.88 43.86
N PHE OA 192 6.78 8.30 43.60
CA PHE OA 192 5.81 8.47 44.68
C PHE OA 192 5.26 7.13 45.19
N ALA OA 193 5.20 6.11 44.33
CA ALA OA 193 4.62 4.82 44.69
C ALA OA 193 5.73 3.88 45.12
N LEU OA 194 5.77 3.56 46.40
CA LEU OA 194 6.73 2.62 46.98
C LEU OA 194 6.04 1.27 47.17
N TYR OA 195 6.78 0.33 47.72
CA TYR OA 195 6.24 -1.00 48.03
C TYR OA 195 5.71 -1.66 46.76
N GLY PA 1 -41.59 -73.85 -29.50
CA GLY PA 1 -41.40 -74.22 -30.88
C GLY PA 1 -40.13 -73.67 -31.48
N ILE PA 2 -40.18 -72.42 -31.93
CA ILE PA 2 -39.00 -71.80 -32.51
C ILE PA 2 -37.88 -71.71 -31.49
N ALA PA 3 -38.22 -71.62 -30.21
CA ALA PA 3 -37.22 -71.49 -29.16
C ALA PA 3 -36.74 -72.83 -28.63
N THR PA 4 -37.16 -73.94 -29.22
CA THR PA 4 -36.73 -75.25 -28.76
C THR PA 4 -35.21 -75.34 -28.74
N GLY PA 5 -34.67 -75.84 -27.65
CA GLY PA 5 -33.23 -75.98 -27.49
C GLY PA 5 -32.79 -77.42 -27.66
N GLY PA 6 -31.76 -77.61 -28.48
CA GLY PA 6 -31.24 -78.93 -28.74
C GLY PA 6 -32.28 -79.87 -29.32
N ARG PA 7 -32.68 -80.87 -28.54
CA ARG PA 7 -33.67 -81.83 -28.99
C ARG PA 7 -35.08 -81.27 -28.77
N VAL PA 8 -36.05 -81.87 -29.46
CA VAL PA 8 -37.45 -81.57 -29.25
C VAL PA 8 -37.96 -82.43 -28.11
N THR PA 9 -39.01 -81.98 -27.43
CA THR PA 9 -39.50 -82.66 -26.24
C THR PA 9 -41.02 -82.70 -26.26
N ASN PA 10 -41.55 -83.58 -25.41
CA ASN PA 10 -43.01 -83.73 -25.32
C ASN PA 10 -43.68 -82.41 -24.95
N GLU PA 11 -42.98 -81.54 -24.21
CA GLU PA 11 -43.54 -80.22 -23.92
C GLU PA 11 -43.75 -79.44 -25.20
N ASP PA 12 -42.76 -79.43 -26.10
CA ASP PA 12 -42.91 -78.73 -27.36
C ASP PA 12 -43.99 -79.38 -28.22
N ARG PA 13 -44.06 -80.70 -28.21
CA ARG PA 13 -45.10 -81.37 -28.99
C ARG PA 13 -46.49 -81.00 -28.48
N ARG PA 14 -46.68 -80.96 -27.16
CA ARG PA 14 -47.96 -80.56 -26.61
C ARG PA 14 -48.26 -79.09 -26.91
N TRP PA 15 -47.23 -78.24 -26.91
CA TRP PA 15 -47.42 -76.85 -27.30
C TRP PA 15 -47.94 -76.76 -28.74
N TRP PA 16 -47.34 -77.52 -29.65
CA TRP PA 16 -47.78 -77.53 -31.03
C TRP PA 16 -49.22 -78.03 -31.14
N LEU PA 17 -49.54 -79.09 -30.41
CA LEU PA 17 -50.90 -79.62 -30.45
C LEU PA 17 -51.90 -78.60 -29.92
N VAL PA 18 -51.53 -77.87 -28.87
CA VAL PA 18 -52.42 -76.86 -28.32
C VAL PA 18 -52.65 -75.75 -29.33
N HIS PA 19 -51.59 -75.28 -29.98
CA HIS PA 19 -51.75 -74.19 -30.95
C HIS PA 19 -52.38 -74.65 -32.26
N LEU PA 20 -52.47 -75.96 -32.49
CA LEU PA 20 -53.27 -76.43 -33.62
C LEU PA 20 -54.68 -75.86 -33.56
N GLU PA 21 -55.24 -75.77 -32.35
CA GLU PA 21 -56.56 -75.17 -32.20
C GLU PA 21 -56.55 -73.72 -32.66
N CYS PA 22 -55.54 -72.95 -32.24
CA CYS PA 22 -55.43 -71.56 -32.64
C CYS PA 22 -55.19 -71.40 -34.14
N ALA PA 23 -54.78 -72.48 -34.80
CA ALA PA 23 -54.64 -72.46 -36.26
C ALA PA 23 -55.71 -73.33 -36.92
N PRO PA 24 -56.96 -72.85 -37.03
CA PRO PA 24 -58.03 -73.73 -37.54
C PRO PA 24 -57.92 -74.03 -39.02
N ASP PA 25 -57.74 -73.01 -39.85
CA ASP PA 25 -57.81 -73.16 -41.29
C ASP PA 25 -56.71 -74.03 -41.86
N VAL PA 26 -55.67 -74.34 -41.07
CA VAL PA 26 -54.57 -75.16 -41.59
C VAL PA 26 -55.10 -76.50 -42.06
N THR PA 27 -54.66 -76.91 -43.23
CA THR PA 27 -54.98 -78.19 -43.85
C THR PA 27 -53.69 -78.97 -44.06
N PRO PA 28 -53.76 -80.30 -44.12
CA PRO PA 28 -52.52 -81.06 -44.35
C PRO PA 28 -51.74 -80.63 -45.58
N GLY PA 29 -52.42 -80.07 -46.59
CA GLY PA 29 -51.75 -79.57 -47.77
C GLY PA 29 -51.26 -78.15 -47.68
N THR PA 30 -51.37 -77.53 -46.51
CA THR PA 30 -50.96 -76.13 -46.37
C THR PA 30 -49.51 -75.94 -46.79
N PHE PA 31 -49.19 -74.72 -47.20
CA PHE PA 31 -47.82 -74.40 -47.58
C PHE PA 31 -46.89 -74.56 -46.38
N ILE PA 32 -45.66 -74.94 -46.67
CA ILE PA 32 -44.72 -75.32 -45.62
C ILE PA 32 -44.34 -74.14 -44.73
N ALA PA 33 -44.41 -72.92 -45.24
CA ALA PA 33 -43.95 -71.77 -44.49
C ALA PA 33 -44.69 -71.62 -43.16
N TRP PA 34 -45.89 -72.20 -43.04
CA TRP PA 34 -46.61 -72.13 -41.79
C TRP PA 34 -45.91 -72.89 -40.67
N LEU PA 35 -45.04 -73.85 -41.00
CA LEU PA 35 -44.32 -74.59 -39.98
C LEU PA 35 -43.47 -73.66 -39.14
N ASP PA 36 -43.48 -73.90 -37.83
CA ASP PA 36 -42.70 -73.09 -36.90
C ASP PA 36 -41.22 -73.27 -37.19
N CYS PA 37 -40.48 -72.17 -37.18
CA CYS PA 37 -39.02 -72.16 -37.35
C CYS PA 37 -38.60 -72.52 -38.77
N CYS PA 38 -39.51 -72.44 -39.74
CA CYS PA 38 -39.17 -72.70 -41.14
C CYS PA 38 -38.79 -71.38 -41.78
N GLY PA 39 -37.49 -71.16 -41.90
CA GLY PA 39 -36.99 -69.93 -42.47
C GLY PA 39 -37.10 -69.91 -43.98
N THR PA 40 -36.74 -68.76 -44.55
CA THR PA 40 -36.77 -68.60 -45.99
C THR PA 40 -35.84 -69.60 -46.67
N HIS PA 41 -34.62 -69.74 -46.13
CA HIS PA 41 -33.67 -70.70 -46.67
C HIS PA 41 -34.22 -72.12 -46.59
N THR PA 42 -34.80 -72.47 -45.45
CA THR PA 42 -35.31 -73.84 -45.28
C THR PA 42 -36.43 -74.13 -46.25
N CYS PA 43 -37.38 -73.21 -46.40
CA CYS PA 43 -38.49 -73.44 -47.31
C CYS PA 43 -38.02 -73.45 -48.77
N LYS PA 44 -37.03 -72.62 -49.11
CA LYS PA 44 -36.48 -72.67 -50.46
C LYS PA 44 -35.84 -74.02 -50.74
N LYS PA 45 -35.08 -74.55 -49.78
CA LYS PA 45 -34.46 -75.85 -49.99
C LYS PA 45 -35.51 -76.96 -50.06
N LEU PA 46 -36.57 -76.87 -49.27
CA LEU PA 46 -37.64 -77.86 -49.37
C LEU PA 46 -38.31 -77.79 -50.74
N ILE PA 47 -38.57 -76.59 -51.24
CA ILE PA 47 -39.16 -76.46 -52.57
C ILE PA 47 -38.21 -77.05 -53.62
N GLU PA 48 -36.91 -76.82 -53.47
CA GLU PA 48 -35.95 -77.41 -54.38
C GLU PA 48 -36.01 -78.92 -54.34
N ARG PA 49 -36.16 -79.49 -53.13
CA ARG PA 49 -36.39 -80.92 -52.97
C ARG PA 49 -37.78 -81.35 -53.44
N ASN PA 50 -38.63 -80.39 -53.82
CA ASN PA 50 -39.99 -80.61 -54.32
C ASN PA 50 -40.98 -80.84 -53.19
N ILE PA 51 -40.57 -80.63 -51.95
CA ILE PA 51 -41.48 -80.72 -50.81
C ILE PA 51 -42.27 -79.43 -50.74
N TRP PA 52 -43.59 -79.53 -50.84
CA TRP PA 52 -44.45 -78.36 -50.90
C TRP PA 52 -45.51 -78.30 -49.80
N THR PA 53 -45.67 -79.35 -49.01
CA THR PA 53 -46.76 -79.41 -48.05
C THR PA 53 -46.29 -80.01 -46.73
N ILE PA 54 -47.03 -79.69 -45.66
CA ILE PA 54 -46.75 -80.25 -44.35
C ILE PA 54 -46.82 -81.76 -44.40
N GLU PA 55 -47.76 -82.30 -45.18
CA GLU PA 55 -47.88 -83.75 -45.30
C GLU PA 55 -46.58 -84.36 -45.83
N GLN PA 56 -46.03 -83.77 -46.90
CA GLN PA 56 -44.78 -84.27 -47.45
C GLN PA 56 -43.64 -84.10 -46.46
N VAL PA 57 -43.57 -82.96 -45.78
CA VAL PA 57 -42.49 -82.72 -44.82
C VAL PA 57 -42.53 -83.79 -43.74
N ALA PA 58 -43.72 -84.10 -43.23
CA ALA PA 58 -43.83 -85.18 -42.25
C ALA PA 58 -43.49 -86.52 -42.86
N ALA PA 59 -43.84 -86.74 -44.13
CA ALA PA 59 -43.52 -87.99 -44.81
C ALA PA 59 -42.05 -88.14 -45.10
N LEU PA 60 -41.24 -87.09 -44.90
CA LEU PA 60 -39.81 -87.20 -45.13
C LEU PA 60 -39.19 -88.25 -44.21
N ASP PA 61 -37.89 -88.51 -44.38
CA ASP PA 61 -37.19 -89.53 -43.63
C ASP PA 61 -35.95 -88.93 -42.97
N SER PA 62 -35.34 -89.72 -42.09
CA SER PA 62 -34.20 -89.24 -41.32
C SER PA 62 -33.03 -88.88 -42.23
N ASP PA 63 -32.78 -89.70 -43.26
CA ASP PA 63 -31.67 -89.40 -44.16
C ASP PA 63 -31.90 -88.09 -44.91
N GLN PA 64 -33.13 -87.86 -45.37
CA GLN PA 64 -33.43 -86.59 -46.03
C GLN PA 64 -33.27 -85.42 -45.06
N VAL PA 65 -33.71 -85.60 -43.82
CA VAL PA 65 -33.53 -84.54 -42.83
C VAL PA 65 -32.06 -84.24 -42.63
N ASP PA 66 -31.24 -85.28 -42.51
CA ASP PA 66 -29.80 -85.09 -42.30
C ASP PA 66 -29.16 -84.37 -43.48
N GLU PA 67 -29.49 -84.79 -44.70
CA GLU PA 67 -28.88 -84.17 -45.87
C GLU PA 67 -29.40 -82.76 -46.11
N LEU PA 68 -30.60 -82.43 -45.61
CA LEU PA 68 -31.09 -81.06 -45.64
C LEU PA 68 -30.38 -80.19 -44.60
N LYS PA 69 -30.16 -80.73 -43.40
CA LYS PA 69 -29.64 -79.94 -42.30
C LYS PA 69 -28.12 -79.81 -42.31
N TYR PA 70 -27.41 -80.73 -42.96
CA TYR PA 70 -25.96 -80.75 -42.91
C TYR PA 70 -25.29 -80.69 -44.27
N ARG PA 71 -26.03 -80.69 -45.37
CA ARG PA 71 -25.46 -80.49 -46.69
C ARG PA 71 -26.14 -79.37 -47.47
N GLU PA 72 -27.44 -79.19 -47.30
CA GLU PA 72 -28.15 -78.09 -47.93
C GLU PA 72 -28.08 -76.80 -47.11
N GLY PA 73 -27.50 -76.84 -45.92
CA GLY PA 73 -27.37 -75.66 -45.09
C GLY PA 73 -28.59 -75.32 -44.27
N CYS PA 74 -29.67 -76.09 -44.38
CA CYS PA 74 -30.87 -75.80 -43.60
C CYS PA 74 -30.56 -75.92 -42.11
N LEU PA 75 -31.18 -75.02 -41.34
CA LEU PA 75 -31.00 -74.99 -39.90
C LEU PA 75 -32.36 -75.16 -39.24
N LYS PA 76 -32.39 -75.96 -38.18
CA LYS PA 76 -33.62 -76.30 -37.47
C LYS PA 76 -34.56 -77.13 -38.34
N MET PA 77 -34.02 -77.75 -39.39
CA MET PA 77 -34.81 -78.69 -40.18
C MET PA 77 -35.35 -79.80 -39.31
N ASP PA 78 -34.59 -80.23 -38.30
CA ASP PA 78 -35.13 -81.19 -37.35
C ASP PA 78 -36.36 -80.64 -36.64
N VAL PA 79 -36.31 -79.36 -36.25
CA VAL PA 79 -37.44 -78.76 -35.56
C VAL PA 79 -38.68 -78.73 -36.46
N VAL PA 80 -38.51 -78.30 -37.71
CA VAL PA 80 -39.67 -78.24 -38.60
C VAL PA 80 -40.20 -79.63 -38.91
N TRP PA 81 -39.28 -80.60 -39.05
CA TRP PA 81 -39.69 -81.98 -39.30
C TRP PA 81 -40.51 -82.52 -38.13
N GLU PA 82 -40.05 -82.25 -36.90
CA GLU PA 82 -40.81 -82.69 -35.73
C GLU PA 82 -42.16 -82.00 -35.66
N HIS PA 83 -42.20 -80.70 -35.98
CA HIS PA 83 -43.48 -79.99 -36.01
C HIS PA 83 -44.45 -80.67 -36.97
N ALA PA 84 -43.99 -80.94 -38.19
CA ALA PA 84 -44.86 -81.56 -39.18
C ALA PA 84 -45.30 -82.95 -38.73
N ARG PA 85 -44.38 -83.75 -38.18
CA ARG PA 85 -44.73 -85.09 -37.74
C ARG PA 85 -45.75 -85.05 -36.61
N THR PA 86 -45.59 -84.14 -35.66
CA THR PA 86 -46.52 -84.06 -34.54
C THR PA 86 -47.87 -83.50 -34.95
N ILE PA 87 -47.93 -82.70 -36.02
CA ILE PA 87 -49.17 -82.03 -36.39
C ILE PA 87 -49.92 -82.72 -37.53
N ILE PA 88 -49.28 -83.60 -38.29
CA ILE PA 88 -49.92 -84.13 -39.49
C ILE PA 88 -51.20 -84.88 -39.14
N THR PA 89 -51.13 -85.77 -38.15
CA THR PA 89 -52.28 -86.62 -37.86
C THR PA 89 -53.50 -85.81 -37.46
N PRO PA 90 -53.42 -84.86 -36.53
CA PRO PA 90 -54.58 -83.99 -36.28
C PRO PA 90 -55.06 -83.28 -37.53
N LEU PA 91 -54.13 -82.84 -38.39
CA LEU PA 91 -54.54 -82.17 -39.63
C LEU PA 91 -55.29 -83.13 -40.54
N ARG PA 92 -54.83 -84.37 -40.65
CA ARG PA 92 -55.55 -85.35 -41.47
C ARG PA 92 -56.94 -85.60 -40.91
N GLN PA 93 -57.05 -85.74 -39.59
CA GLN PA 93 -58.37 -85.95 -38.99
C GLN PA 93 -59.28 -84.75 -39.25
N ARG PA 94 -58.74 -83.54 -39.14
CA ARG PA 94 -59.53 -82.34 -39.41
C ARG PA 94 -59.99 -82.32 -40.86
N GLU PA 95 -59.10 -82.67 -41.79
CA GLU PA 95 -59.46 -82.70 -43.20
C GLU PA 95 -60.59 -83.71 -43.45
N VAL PA 96 -60.48 -84.89 -42.84
CA VAL PA 96 -61.51 -85.91 -43.01
C VAL PA 96 -62.84 -85.43 -42.44
N THR PA 97 -62.79 -84.84 -41.25
CA THR PA 97 -63.98 -84.27 -40.59
C THR PA 97 -63.56 -82.95 -39.94
N GLY PA 98 -64.01 -81.85 -40.53
CA GLY PA 98 -63.65 -80.53 -40.03
C GLY PA 98 -64.09 -80.29 -38.60
N GLY PA 99 -65.39 -80.23 -38.37
CA GLY PA 99 -65.92 -79.95 -37.04
C GLY PA 99 -66.52 -81.17 -36.37
N VAL PA 100 -65.82 -81.71 -35.37
CA VAL PA 100 -66.31 -82.84 -34.59
C VAL PA 100 -66.87 -82.31 -33.29
N GLU PA 101 -68.12 -82.64 -33.00
CA GLU PA 101 -68.86 -82.11 -31.87
C GLU PA 101 -69.13 -80.61 -32.01
N SER PA 102 -68.86 -80.05 -33.19
CA SER PA 102 -69.04 -78.61 -33.41
C SER PA 102 -70.51 -78.22 -33.45
N GLU PA 103 -71.44 -79.17 -33.46
CA GLU PA 103 -72.87 -78.89 -33.50
C GLU PA 103 -73.23 -78.11 -34.77
N LEU PA 104 -73.04 -78.78 -35.91
CA LEU PA 104 -73.40 -78.17 -37.18
C LEU PA 104 -74.85 -77.71 -37.19
N GLN PA 105 -75.74 -78.49 -36.55
CA GLN PA 105 -77.12 -78.06 -36.41
C GLN PA 105 -77.21 -76.76 -35.63
N GLY PA 106 -76.44 -76.65 -34.55
CA GLY PA 106 -76.42 -75.41 -33.79
C GLY PA 106 -75.93 -74.22 -34.61
N ARG PA 107 -74.90 -74.44 -35.43
CA ARG PA 107 -74.39 -73.37 -36.28
C ARG PA 107 -75.42 -72.95 -37.32
N ILE PA 108 -76.13 -73.93 -37.90
CA ILE PA 108 -77.18 -73.60 -38.86
C ILE PA 108 -78.28 -72.80 -38.17
N MET PA 109 -78.66 -73.21 -36.96
CA MET PA 109 -79.67 -72.46 -36.22
C MET PA 109 -79.20 -71.05 -35.92
N GLU PA 110 -77.91 -70.89 -35.57
CA GLU PA 110 -77.37 -69.56 -35.30
C GLU PA 110 -77.43 -68.69 -36.54
N LEU PA 111 -77.08 -69.26 -37.71
CA LEU PA 111 -77.16 -68.48 -38.95
C LEU PA 111 -78.60 -68.09 -39.25
N ARG PA 112 -79.54 -69.02 -39.06
CA ARG PA 112 -80.94 -68.71 -39.30
C ARG PA 112 -81.41 -67.59 -38.38
N LYS PA 113 -81.03 -67.65 -37.10
CA LYS PA 113 -81.43 -66.61 -36.16
C LYS PA 113 -80.77 -65.28 -36.49
N LYS PA 114 -79.53 -65.30 -36.97
CA LYS PA 114 -78.89 -64.06 -37.40
C LYS PA 114 -79.66 -63.42 -38.55
N ARG PA 115 -80.03 -64.23 -39.55
CA ARG PA 115 -80.81 -63.70 -40.67
C ARG PA 115 -82.15 -63.16 -40.18
N GLU PA 116 -82.83 -63.90 -39.31
CA GLU PA 116 -84.12 -63.46 -38.81
C GLU PA 116 -84.00 -62.16 -38.04
N LEU PA 117 -82.95 -62.02 -37.22
CA LEU PA 117 -82.78 -60.82 -36.42
C LEU PA 117 -82.43 -59.62 -37.28
N GLU PA 118 -81.62 -59.82 -38.32
CA GLU PA 118 -81.35 -58.71 -39.24
C GLU PA 118 -82.62 -58.27 -39.94
N ARG PA 119 -83.43 -59.23 -40.39
CA ARG PA 119 -84.70 -58.88 -41.02
C ARG PA 119 -85.62 -58.18 -40.03
N ARG PA 120 -85.60 -58.61 -38.76
CA ARG PA 120 -86.41 -57.96 -37.74
C ARG PA 120 -85.97 -56.51 -37.52
N ARG PA 121 -84.67 -56.27 -37.52
CA ARG PA 121 -84.18 -54.90 -37.39
C ARG PA 121 -84.65 -54.04 -38.56
N GLU PA 122 -84.53 -54.57 -39.78
CA GLU PA 122 -85.00 -53.81 -40.94
C GLU PA 122 -86.50 -53.55 -40.84
N GLU PA 123 -87.28 -54.56 -40.42
CA GLU PA 123 -88.71 -54.38 -40.28
C GLU PA 123 -89.04 -53.36 -39.20
N ILE PA 124 -88.26 -53.32 -38.13
CA ILE PA 124 -88.49 -52.33 -37.08
C ILE PA 124 -88.25 -50.93 -37.63
N LEU PA 125 -87.18 -50.75 -38.42
CA LEU PA 125 -86.95 -49.45 -39.03
C LEU PA 125 -88.10 -49.06 -39.96
N LYS PA 126 -88.56 -50.02 -40.77
CA LYS PA 126 -89.68 -49.73 -41.67
C LYS PA 126 -90.94 -49.39 -40.89
N GLU PA 127 -91.17 -50.09 -39.77
CA GLU PA 127 -92.34 -49.80 -38.95
C GLU PA 127 -92.24 -48.42 -38.32
N ARG PA 128 -91.04 -48.01 -37.91
CA ARG PA 128 -90.86 -46.64 -37.41
C ARG PA 128 -91.19 -45.63 -38.49
N ALA PA 129 -90.72 -45.88 -39.72
CA ALA PA 129 -91.05 -44.98 -40.83
C ALA PA 129 -92.56 -44.93 -41.06
N ASN PA 130 -93.22 -46.09 -41.02
CA ASN PA 130 -94.66 -46.15 -41.22
C ASN PA 130 -95.39 -45.39 -40.11
N VAL PA 131 -94.92 -45.50 -38.86
CA VAL PA 131 -95.54 -44.79 -37.76
C VAL PA 131 -95.38 -43.29 -37.95
N SER PA 132 -94.20 -42.84 -38.40
CA SER PA 132 -94.01 -41.42 -38.67
C SER PA 132 -94.96 -40.95 -39.77
N GLU PA 133 -95.11 -41.75 -40.83
CA GLU PA 133 -96.04 -41.39 -41.90
C GLU PA 133 -97.47 -41.32 -41.39
N GLN PA 134 -97.84 -42.26 -40.51
CA GLN PA 134 -99.19 -42.24 -39.94
C GLN PA 134 -99.40 -41.00 -39.08
N ARG PA 135 -98.38 -40.60 -38.32
CA ARG PA 135 -98.49 -39.37 -37.53
C ARG PA 135 -98.65 -38.16 -38.44
N GLU PA 136 -97.90 -38.12 -39.55
CA GLU PA 136 -98.07 -37.04 -40.52
C GLU PA 136 -99.49 -37.01 -41.08
N GLU PA 137 -100.03 -38.19 -41.41
CA GLU PA 137 -101.38 -38.26 -41.93
C GLU PA 137 -102.39 -37.79 -40.90
N THR PA 138 -102.19 -38.15 -39.63
CA THR PA 138 -103.09 -37.69 -38.58
C THR PA 138 -103.03 -36.18 -38.43
N LEU PA 139 -101.83 -35.61 -38.52
CA LEU PA 139 -101.70 -34.16 -38.48
C LEU PA 139 -102.43 -33.50 -39.66
N ARG PA 140 -102.32 -34.11 -40.84
CA ARG PA 140 -103.06 -33.60 -41.99
C ARG PA 140 -104.57 -33.65 -41.74
N LYS PA 141 -105.05 -34.76 -41.18
CA LYS PA 141 -106.47 -34.86 -40.86
C LYS PA 141 -106.89 -33.79 -39.87
N LEU PA 142 -106.08 -33.56 -38.84
CA LEU PA 142 -106.41 -32.53 -37.86
C LEU PA 142 -106.47 -31.16 -38.52
N ARG PA 143 -105.52 -30.88 -39.42
CA ARG PA 143 -105.56 -29.61 -40.14
C ARG PA 143 -106.84 -29.50 -40.97
N GLU PA 144 -107.23 -30.57 -41.64
CA GLU PA 144 -108.45 -30.58 -42.43
C GLU PA 144 -109.67 -30.36 -41.53
N GLY QA 1 38.47 33.07 -30.12
CA GLY QA 1 38.40 34.32 -29.38
C GLY QA 1 39.74 34.73 -28.79
N PHE QA 2 39.74 35.14 -27.53
CA PHE QA 2 40.97 35.54 -26.86
C PHE QA 2 41.68 34.32 -26.32
N THR QA 3 42.85 34.00 -26.88
CA THR QA 3 43.63 32.85 -26.41
C THR QA 3 45.07 33.23 -26.10
N MET QA 4 45.35 34.51 -25.85
CA MET QA 4 46.68 34.95 -25.48
C MET QA 4 47.69 34.64 -26.59
N LYS QA 5 47.39 35.10 -27.79
CA LYS QA 5 48.33 34.93 -28.90
C LYS QA 5 49.68 35.54 -28.58
N TYR QA 6 49.69 36.67 -27.87
CA TYR QA 6 50.94 37.36 -27.56
C TYR QA 6 51.92 36.51 -26.78
N LYS QA 7 51.44 35.46 -26.11
CA LYS QA 7 52.30 34.58 -25.32
C LYS QA 7 52.43 33.22 -25.97
N LYS QA 8 52.36 33.17 -27.30
CA LYS QA 8 52.39 31.90 -28.02
C LYS QA 8 53.83 31.45 -28.30
N GLY QA 9 54.59 32.25 -29.04
CA GLY QA 9 55.98 31.97 -29.31
C GLY QA 9 56.94 32.55 -28.30
N THR QA 10 56.43 33.19 -27.24
CA THR QA 10 57.28 33.86 -26.27
C THR QA 10 58.17 32.90 -25.50
N GLY QA 11 57.89 31.60 -25.54
CA GLY QA 11 58.66 30.64 -24.78
C GLY QA 11 60.08 30.48 -25.29
N LEU QA 12 60.89 29.82 -24.47
CA LEU QA 12 62.29 29.59 -24.79
C LEU QA 12 62.50 28.42 -25.75
N TRP QA 13 61.49 27.58 -25.95
CA TRP QA 13 61.56 26.45 -26.87
C TRP QA 13 60.24 26.36 -27.63
N ASP QA 14 60.09 25.30 -28.42
CA ASP QA 14 58.90 25.13 -29.22
C ASP QA 14 57.77 24.42 -28.49
N GLU QA 15 58.05 23.77 -27.36
CA GLU QA 15 57.06 22.95 -26.67
C GLU QA 15 56.36 23.67 -25.54
N ASP QA 16 56.65 24.95 -25.31
CA ASP QA 16 56.08 25.70 -24.21
C ASP QA 16 55.07 26.71 -24.74
N HIS QA 17 54.12 27.07 -23.87
CA HIS QA 17 52.99 27.93 -24.25
C HIS QA 17 52.18 27.28 -25.36
N VAL QA 18 52.10 25.95 -25.32
CA VAL QA 18 51.29 25.18 -26.26
C VAL QA 18 50.41 24.24 -25.45
N ASN QA 19 49.12 24.22 -25.79
CA ASN QA 19 48.13 23.46 -25.03
C ASN QA 19 48.17 22.02 -25.49
N ASP QA 20 49.15 21.27 -25.00
CA ASP QA 20 49.31 19.85 -25.31
C ASP QA 20 48.70 19.04 -24.17
N TYR QA 21 47.48 18.57 -24.37
CA TYR QA 21 46.73 17.84 -23.35
C TYR QA 21 46.45 16.40 -23.78
N LYS QA 22 47.33 15.82 -24.60
CA LYS QA 22 47.16 14.44 -25.07
C LYS QA 22 48.54 13.79 -25.10
N THR QA 23 48.88 13.11 -24.00
CA THR QA 23 50.20 12.51 -23.84
C THR QA 23 50.11 11.43 -22.78
N ASN QA 24 51.24 10.77 -22.53
CA ASN QA 24 51.34 9.68 -21.58
C ASN QA 24 52.56 9.87 -20.69
N ARG QA 25 52.55 9.15 -19.56
CA ARG QA 25 53.70 9.21 -18.64
C ARG QA 25 54.96 8.72 -19.34
N TYR QA 26 54.85 7.62 -20.07
CA TYR QA 26 55.98 7.03 -20.78
C TYR QA 26 55.80 7.21 -22.28
N LEU QA 27 56.85 7.68 -22.93
CA LEU QA 27 56.89 7.82 -24.39
C LEU QA 27 58.05 6.97 -24.91
N SER QA 28 57.76 6.08 -25.84
CA SER QA 28 58.81 5.30 -26.48
C SER QA 28 59.74 6.24 -27.24
N ALA QA 29 60.79 5.66 -27.83
CA ALA QA 29 61.66 6.46 -28.67
C ALA QA 29 60.90 7.07 -29.84
N ARG QA 30 60.08 6.25 -30.51
CA ARG QA 30 59.28 6.75 -31.62
C ARG QA 30 58.25 7.76 -31.14
N ALA QA 31 57.64 7.52 -29.97
CA ALA QA 31 56.67 8.48 -29.44
C ALA QA 31 57.34 9.81 -29.13
N THR QA 32 58.55 9.78 -28.57
CA THR QA 32 59.26 11.02 -28.27
C THR QA 32 59.64 11.77 -29.54
N MET QA 33 60.13 11.05 -30.54
CA MET QA 33 60.43 11.70 -31.82
C MET QA 33 59.18 12.30 -32.43
N ARG QA 34 58.05 11.58 -32.31
CA ARG QA 34 56.79 12.10 -32.80
C ARG QA 34 56.38 13.37 -32.06
N TRP QA 35 56.59 13.40 -30.75
CA TRP QA 35 56.24 14.58 -29.97
C TRP QA 35 57.08 15.78 -30.39
N TYR QA 36 58.39 15.57 -30.55
CA TYR QA 36 59.24 16.66 -30.99
C TYR QA 36 58.84 17.15 -32.38
N GLN QA 37 58.57 16.22 -33.30
CA GLN QA 37 58.12 16.62 -34.62
C GLN QA 37 56.78 17.35 -34.55
N GLU QA 38 55.90 16.92 -33.66
CA GLU QA 38 54.60 17.58 -33.54
C GLU QA 38 54.76 19.02 -33.08
N MET QA 39 55.60 19.26 -32.08
CA MET QA 39 55.82 20.63 -31.62
C MET QA 39 56.46 21.48 -32.73
N GLU QA 40 57.49 20.93 -33.36
CA GLU QA 40 58.17 21.67 -34.43
C GLU QA 40 57.21 21.99 -35.57
N ARG QA 41 56.40 21.01 -35.98
CA ARG QA 41 55.44 21.21 -37.06
C ARG QA 41 54.37 22.19 -36.65
N HIS QA 42 53.91 22.15 -35.40
CA HIS QA 42 52.94 23.14 -34.94
C HIS QA 42 53.47 24.54 -35.13
N GLN QA 43 54.68 24.80 -34.62
CA GLN QA 43 55.25 26.14 -34.75
C GLN QA 43 55.45 26.50 -36.22
N THR QA 44 55.99 25.58 -37.01
CA THR QA 44 56.32 25.88 -38.39
C THR QA 44 55.07 26.15 -39.23
N ARG QA 45 54.04 25.32 -39.05
CA ARG QA 45 52.79 25.53 -39.77
C ARG QA 45 52.13 26.83 -39.37
N ASN QA 46 52.12 27.15 -38.07
CA ASN QA 46 51.59 28.44 -37.65
C ASN QA 46 52.30 29.57 -38.39
N SER QA 47 53.63 29.58 -38.34
CA SER QA 47 54.39 30.67 -38.94
C SER QA 47 54.16 30.74 -40.44
N LEU QA 48 54.20 29.59 -41.12
CA LEU QA 48 54.08 29.59 -42.57
C LEU QA 48 52.68 29.97 -43.03
N ASN QA 49 51.65 29.47 -42.35
CA ASN QA 49 50.29 29.86 -42.71
C ASN QA 49 50.08 31.35 -42.49
N ALA QA 50 50.58 31.89 -41.38
CA ALA QA 50 50.44 33.33 -41.15
C ALA QA 50 51.16 34.11 -42.24
N ARG QA 51 52.39 33.70 -42.58
CA ARG QA 51 53.16 34.41 -43.59
C ARG QA 51 52.47 34.37 -44.95
N ARG QA 52 52.01 33.19 -45.37
CA ARG QA 52 51.37 33.09 -46.68
C ARG QA 52 50.05 33.84 -46.71
N ALA QA 53 49.27 33.79 -45.63
CA ALA QA 53 48.04 34.56 -45.59
C ALA QA 53 48.32 36.05 -45.72
N THR QA 54 49.30 36.55 -44.96
CA THR QA 54 49.61 37.98 -45.02
C THR QA 54 50.12 38.37 -46.40
N GLN QA 55 51.01 37.58 -46.98
CA GLN QA 55 51.55 37.90 -48.30
C GLN QA 55 50.47 37.88 -49.36
N SER QA 56 49.59 36.87 -49.32
CA SER QA 56 48.50 36.80 -50.29
C SER QA 56 47.55 37.98 -50.12
N HIS QA 57 47.25 38.36 -48.87
CA HIS QA 57 46.36 39.50 -48.64
C HIS QA 57 46.98 40.77 -49.19
N ASN QA 58 48.28 40.97 -48.95
CA ASN QA 58 48.95 42.16 -49.48
C ASN QA 58 48.96 42.16 -51.00
N ASN QA 59 49.25 41.02 -51.62
CA ASN QA 59 49.27 40.95 -53.08
C ASN QA 59 47.89 41.25 -53.65
N ASN QA 60 46.85 40.69 -53.04
CA ASN QA 60 45.49 40.97 -53.50
C ASN QA 60 45.13 42.43 -53.33
N ARG QA 61 45.54 43.05 -52.23
CA ARG QA 61 45.36 44.48 -52.04
C ARG QA 61 46.24 45.32 -52.94
N GLY QA 62 47.20 44.71 -53.63
CA GLY QA 62 48.03 45.43 -54.57
C GLY QA 62 49.32 45.96 -53.99
N LEU QA 63 49.69 45.53 -52.79
CA LEU QA 63 50.92 45.95 -52.13
C LEU QA 63 51.99 44.89 -52.32
N HIS QA 64 53.20 45.23 -51.88
CA HIS QA 64 54.29 44.26 -51.88
C HIS QA 64 54.01 43.18 -50.83
N HIS QA 65 54.64 42.02 -51.01
CA HIS QA 65 54.42 40.93 -50.08
C HIS QA 65 54.79 41.31 -48.65
N THR QA 66 55.66 42.31 -48.49
CA THR QA 66 56.05 42.80 -47.17
C THR QA 66 55.13 43.90 -46.67
N GLY QA 67 54.15 44.32 -47.46
CA GLY QA 67 53.29 45.42 -47.10
C GLY QA 67 53.79 46.77 -47.53
N ARG QA 68 55.02 46.86 -48.03
CA ARG QA 68 55.55 48.12 -48.52
C ARG QA 68 54.78 48.58 -49.75
N GLY QA 69 54.60 49.90 -49.86
CA GLY QA 69 53.86 50.46 -50.97
C GLY QA 69 54.72 51.23 -51.94
N ALA QA 70 54.09 52.03 -52.80
CA ALA QA 70 54.84 52.80 -53.78
C ALA QA 70 55.78 53.78 -53.11
N PHE QA 71 55.33 54.42 -52.03
CA PHE QA 71 56.19 55.36 -51.32
C PHE QA 71 57.42 54.67 -50.76
N GLU QA 72 57.23 53.50 -50.14
CA GLU QA 72 58.37 52.76 -49.60
C GLU QA 72 59.33 52.32 -50.70
N ARG QA 73 58.78 51.85 -51.83
CA ARG QA 73 59.65 51.46 -52.93
C ARG QA 73 60.43 52.64 -53.48
N GLU QA 74 59.79 53.80 -53.57
CA GLU QA 74 60.48 55.00 -54.03
C GLU QA 74 61.60 55.38 -53.06
N LEU QA 75 61.33 55.30 -51.75
CA LEU QA 75 62.39 55.59 -50.78
C LEU QA 75 63.55 54.61 -50.93
N GLU QA 76 63.25 53.33 -51.10
CA GLU QA 76 64.32 52.35 -51.27
C GLU QA 76 65.13 52.64 -52.53
N ARG QA 77 64.45 53.01 -53.62
CA ARG QA 77 65.15 53.37 -54.84
C ARG QA 77 66.06 54.56 -54.61
N ARG QA 78 65.56 55.58 -53.92
CA ARG QA 78 66.38 56.73 -53.58
C ARG QA 78 67.53 56.35 -52.67
N GLY QA 79 67.43 55.25 -51.95
CA GLY QA 79 68.43 54.84 -51.00
C GLY QA 79 68.17 55.26 -49.57
N VAL QA 80 66.96 55.73 -49.26
CA VAL QA 80 66.63 56.20 -47.93
C VAL QA 80 66.27 55.00 -47.05
N GLN QA 81 66.45 55.17 -45.75
CA GLN QA 81 66.07 54.17 -44.76
C GLN QA 81 64.62 54.42 -44.37
N VAL QA 82 63.75 53.44 -44.67
CA VAL QA 82 62.31 53.65 -44.48
C VAL QA 82 61.94 53.47 -43.00
N GLU QA 83 62.16 52.26 -42.47
CA GLU QA 83 61.72 51.95 -41.12
C GLU QA 83 62.60 52.64 -40.08
N LYS QA 84 61.95 53.14 -39.03
CA LYS QA 84 62.69 53.85 -37.98
C LYS QA 84 63.68 52.94 -37.28
N TYR QA 85 63.26 51.71 -36.96
CA TYR QA 85 64.07 50.75 -36.21
C TYR QA 85 64.31 49.52 -37.09
N PRO QA 86 65.41 49.47 -37.83
CA PRO QA 86 65.73 48.25 -38.60
C PRO QA 86 66.29 47.18 -37.69
N LEU QA 87 65.49 46.16 -37.44
CA LEU QA 87 65.87 45.08 -36.53
C LEU QA 87 66.90 44.17 -37.20
N THR QA 88 67.62 43.43 -36.36
CA THR QA 88 68.64 42.52 -36.87
C THR QA 88 68.01 41.48 -37.78
N THR QA 89 68.73 41.12 -38.84
CA THR QA 89 68.25 40.20 -39.85
C THR QA 89 68.72 38.78 -39.54
N THR QA 90 68.25 37.84 -40.37
CA THR QA 90 68.64 36.45 -40.20
C THR QA 90 70.14 36.27 -40.33
N THR QA 91 70.75 36.94 -41.32
CA THR QA 91 72.19 36.84 -41.49
C THR QA 91 72.92 37.38 -40.27
N GLY QA 92 72.46 38.50 -39.73
CA GLY QA 92 73.10 39.05 -38.54
C GLY QA 92 73.01 38.12 -37.36
N THR QA 93 71.82 37.55 -37.13
CA THR QA 93 71.66 36.63 -36.00
C THR QA 93 72.54 35.40 -36.16
N MET QA 94 72.58 34.83 -37.37
CA MET QA 94 73.41 33.66 -37.60
C MET QA 94 74.88 34.00 -37.40
N ARG QA 95 75.30 35.19 -37.85
CA ARG QA 95 76.69 35.59 -37.66
C ARG QA 95 77.03 35.74 -36.18
N VAL QA 96 76.10 36.32 -35.40
CA VAL QA 96 76.34 36.48 -33.97
C VAL QA 96 76.50 35.11 -33.31
N ALA QA 97 75.59 34.20 -33.62
CA ALA QA 97 75.68 32.87 -33.04
C ALA QA 97 76.98 32.19 -33.44
N GLU QA 98 77.37 32.31 -34.71
CA GLU QA 98 78.58 31.67 -35.20
C GLU QA 98 79.81 32.21 -34.50
N LEU QA 99 79.93 33.53 -34.39
CA LEU QA 99 81.11 34.11 -33.76
C LEU QA 99 81.15 33.77 -32.28
N VAL QA 100 80.00 33.77 -31.60
CA VAL QA 100 79.98 33.38 -30.20
C VAL QA 100 80.46 31.95 -30.04
N ILE QA 101 79.96 31.04 -30.90
CA ILE QA 101 80.36 29.64 -30.80
C ILE QA 101 81.85 29.48 -31.06
N LEU QA 102 82.38 30.21 -32.05
CA LEU QA 102 83.80 30.10 -32.34
C LEU QA 102 84.66 30.59 -31.17
N ARG QA 103 84.28 31.73 -30.58
CA ARG QA 103 85.02 32.22 -29.43
C ARG QA 103 84.97 31.23 -28.28
N ARG QA 104 83.79 30.65 -28.04
CA ARG QA 104 83.68 29.68 -26.96
C ARG QA 104 84.48 28.42 -27.24
N MET QA 105 84.58 28.00 -28.50
CA MET QA 105 85.41 26.86 -28.84
C MET QA 105 86.89 27.15 -28.56
N GLU QA 106 87.34 28.34 -28.93
CA GLU QA 106 88.73 28.71 -28.64
C GLU QA 106 88.97 28.73 -27.13
N LEU QA 107 88.01 29.28 -26.38
CA LEU QA 107 88.13 29.29 -24.92
C LEU QA 107 88.17 27.87 -24.38
N GLU QA 108 87.37 26.97 -24.94
CA GLU QA 108 87.39 25.58 -24.53
C GLU QA 108 88.76 24.96 -24.74
N LYS QA 109 89.37 25.23 -25.90
CA LYS QA 109 90.70 24.70 -26.18
C LYS QA 109 91.71 25.22 -25.16
N ARG QA 110 91.69 26.53 -24.89
CA ARG QA 110 92.64 27.08 -23.94
C ARG QA 110 92.42 26.53 -22.53
N ALA QA 111 91.14 26.39 -22.13
CA ALA QA 111 90.84 25.85 -20.82
C ALA QA 111 91.29 24.39 -20.71
N GLU QA 112 91.11 23.63 -21.78
CA GLU QA 112 91.57 22.24 -21.76
C GLU QA 112 93.08 22.17 -21.60
N GLU QA 113 93.81 23.03 -22.31
CA GLU QA 113 95.26 23.05 -22.16
C GLU QA 113 95.66 23.39 -20.72
N ALA QA 114 95.05 24.43 -20.16
CA ALA QA 114 95.39 24.84 -18.81
C ALA QA 114 95.06 23.73 -17.80
N LEU QA 115 93.89 23.11 -17.96
CA LEU QA 115 93.50 22.03 -17.06
C LEU QA 115 94.45 20.84 -17.18
N ALA QA 116 94.88 20.52 -18.40
CA ALA QA 116 95.83 19.43 -18.57
C ALA QA 116 97.13 19.73 -17.83
N GLU QA 117 97.65 20.94 -17.98
CA GLU QA 117 98.89 21.29 -17.28
C GLU QA 117 98.70 21.21 -15.77
N GLN QA 118 97.61 21.79 -15.26
CA GLN QA 118 97.39 21.81 -13.82
C GLN QA 118 97.20 20.40 -13.27
N ARG QA 119 96.46 19.56 -13.99
CA ARG QA 119 96.24 18.20 -13.54
C ARG QA 119 97.54 17.40 -13.56
N GLY QA 120 98.38 17.62 -14.55
CA GLY QA 120 99.70 16.99 -14.54
C GLY QA 120 100.51 17.40 -13.32
N GLU QA 121 100.51 18.70 -13.02
CA GLU QA 121 101.23 19.17 -11.84
C GLU QA 121 100.69 18.53 -10.57
N LEU QA 122 99.36 18.47 -10.44
CA LEU QA 122 98.75 17.91 -9.24
C LEU QA 122 99.08 16.41 -9.11
N GLN QA 123 99.01 15.67 -10.22
CA GLN QA 123 99.34 14.25 -10.18
C GLN QA 123 100.80 14.05 -9.78
N LYS QA 124 101.70 14.88 -10.31
CA LYS QA 124 103.10 14.78 -9.93
C LYS QA 124 103.28 15.06 -8.44
N LYS QA 125 102.58 16.06 -7.91
CA LYS QA 125 102.75 16.41 -6.50
C LYS QA 125 102.19 15.34 -5.58
N ASN QA 126 101.00 14.81 -5.88
CA ASN QA 126 100.29 13.88 -5.02
C ASN QA 126 100.26 12.50 -5.65
N PRO QA 127 101.08 11.55 -5.19
CA PRO QA 127 101.05 10.20 -5.77
C PRO QA 127 100.08 9.26 -5.09
N THR QA 128 99.51 9.61 -3.94
CA THR QA 128 98.66 8.74 -3.17
C THR QA 128 97.35 9.45 -2.81
N PRO QA 129 96.30 8.69 -2.47
CA PRO QA 129 95.03 9.32 -2.13
C PRO QA 129 95.16 10.23 -0.92
N SER QA 130 94.36 11.31 -0.92
CA SER QA 130 94.35 12.26 0.16
C SER QA 130 93.29 11.86 1.19
N GLU QA 131 92.94 12.78 2.09
CA GLU QA 131 92.08 12.43 3.22
C GLU QA 131 90.75 11.84 2.77
N TRP QA 132 90.30 12.17 1.56
CA TRP QA 132 89.00 11.67 1.11
C TRP QA 132 88.95 10.15 1.06
N TYR QA 133 90.10 9.48 1.03
CA TYR QA 133 90.14 8.03 0.89
C TYR QA 133 89.83 7.30 2.19
N ASP QA 134 89.55 8.02 3.27
CA ASP QA 134 89.21 7.40 4.55
C ASP QA 134 87.74 6.99 4.54
N GLU QA 135 87.49 5.72 4.85
CA GLU QA 135 86.13 5.17 4.88
C GLU QA 135 85.69 4.83 6.30
N SER QA 136 86.20 5.57 7.29
CA SER QA 136 85.76 5.35 8.66
C SER QA 136 84.27 5.65 8.80
N LYS QA 137 83.80 6.72 8.17
CA LYS QA 137 82.40 7.09 8.27
C LYS QA 137 81.49 6.11 7.52
N GLY QA 138 81.92 5.62 6.37
CA GLY QA 138 81.13 4.68 5.60
C GLY QA 138 81.90 4.11 4.42
N PRO QA 139 81.38 3.03 3.84
CA PRO QA 139 82.10 2.36 2.74
C PRO QA 139 82.25 3.23 1.51
N LEU QA 140 83.32 3.01 0.76
CA LEU QA 140 83.56 3.71 -0.50
C LEU QA 140 82.72 3.09 -1.60
N ASN QA 141 82.83 3.65 -2.79
CA ASN QA 141 82.09 3.18 -3.97
C ASN QA 141 83.08 2.64 -4.99
N PRO QA 142 83.20 1.31 -5.14
CA PRO QA 142 84.14 0.79 -6.14
C PRO QA 142 83.85 1.26 -7.55
N ASN QA 143 82.58 1.48 -7.88
CA ASN QA 143 82.23 2.00 -9.20
C ASN QA 143 82.86 3.35 -9.49
N PHE QA 144 83.22 4.11 -8.45
CA PHE QA 144 83.91 5.38 -8.60
C PHE QA 144 85.42 5.25 -8.37
N LEU QA 145 85.83 4.33 -7.50
CA LEU QA 145 87.26 4.07 -7.33
C LEU QA 145 87.88 3.56 -8.62
N ARG QA 146 87.13 2.80 -9.42
CA ARG QA 146 87.64 2.37 -10.71
C ARG QA 146 87.96 3.55 -11.60
N SER QA 147 87.08 4.56 -11.62
CA SER QA 147 87.35 5.76 -12.40
C SER QA 147 88.54 6.54 -11.84
N MET QA 148 88.64 6.65 -10.52
CA MET QA 148 89.74 7.40 -9.91
C MET QA 148 91.08 6.68 -10.01
N ARG QA 149 91.08 5.37 -10.27
CA ARG QA 149 92.33 4.61 -10.28
C ARG QA 149 93.35 5.20 -11.25
N SER QA 150 92.90 5.82 -12.33
CA SER QA 150 93.84 6.33 -13.33
C SER QA 150 94.74 7.41 -12.75
N HIS QA 151 94.18 8.31 -11.94
CA HIS QA 151 94.95 9.45 -11.45
C HIS QA 151 96.15 9.02 -10.63
N TYR QA 152 95.98 8.07 -9.72
CA TYR QA 152 97.01 7.69 -8.78
C TYR QA 152 97.90 6.61 -9.37
N GLU QA 153 98.94 6.23 -8.64
CA GLU QA 153 99.91 5.23 -9.09
C GLU QA 153 99.65 3.85 -8.49
N VAL QA 154 99.28 3.77 -7.22
CA VAL QA 154 99.02 2.50 -6.56
C VAL QA 154 97.57 2.10 -6.81
N ASP QA 155 97.34 0.80 -6.85
CA ASP QA 155 95.99 0.30 -7.07
C ASP QA 155 95.07 0.75 -5.94
N ILE QA 156 93.85 1.14 -6.31
CA ILE QA 156 92.88 1.65 -5.35
C ILE QA 156 91.60 0.81 -5.41
N ALA QA 157 91.37 0.15 -6.54
CA ALA QA 157 90.15 -0.63 -6.69
C ALA QA 157 90.07 -1.74 -5.65
N ASN QA 158 91.18 -2.43 -5.41
CA ASN QA 158 91.19 -3.49 -4.41
C ASN QA 158 91.02 -2.90 -3.02
N LEU QA 159 90.13 -3.50 -2.23
CA LEU QA 159 89.87 -3.06 -0.87
C LEU QA 159 89.81 -4.27 0.05
N PRO QA 160 90.13 -4.08 1.33
CA PRO QA 160 90.04 -5.18 2.29
C PRO QA 160 88.61 -5.43 2.74
N ASP QA 161 88.39 -6.60 3.34
CA ASP QA 161 87.07 -6.93 3.85
C ASP QA 161 86.63 -5.99 4.97
N THR QA 162 87.54 -5.65 5.88
CA THR QA 162 87.26 -4.76 6.98
C THR QA 162 87.28 -3.31 6.53
N PRO QA 163 86.62 -2.40 7.26
CA PRO QA 163 86.63 -0.98 6.87
C PRO QA 163 87.98 -0.35 7.15
N LEU QA 164 88.71 -0.05 6.08
CA LEU QA 164 90.03 0.56 6.24
C LEU QA 164 89.89 1.99 6.74
N ILE QA 165 90.84 2.41 7.58
CA ILE QA 165 90.89 3.78 8.09
C ILE QA 165 92.30 4.29 7.88
N ARG QA 166 92.42 5.48 7.28
CA ARG QA 166 93.72 6.08 6.97
C ARG QA 166 94.57 5.15 6.12
N GLY QA 167 93.95 4.46 5.17
CA GLY QA 167 94.66 3.53 4.31
C GLY QA 167 95.75 4.18 3.50
N GLU RA 1 -22.32 16.06 -95.51
CA GLU RA 1 -20.88 16.23 -95.36
C GLU RA 1 -20.12 15.26 -96.26
N SER RA 2 -20.20 13.97 -95.95
CA SER RA 2 -19.50 12.94 -96.69
C SER RA 2 -20.50 11.95 -97.28
N ARG RA 3 -20.11 11.34 -98.40
CA ARG RA 3 -20.95 10.40 -99.12
C ARG RA 3 -20.36 9.01 -99.22
N HIS RA 4 -19.20 8.76 -98.62
CA HIS RA 4 -18.59 7.44 -98.68
C HIS RA 4 -19.43 6.44 -97.88
N LEU RA 5 -19.04 5.18 -97.94
CA LEU RA 5 -19.78 4.14 -97.25
C LEU RA 5 -19.67 4.34 -95.73
N PRO RA 6 -20.69 3.95 -94.97
CA PRO RA 6 -20.62 4.12 -93.52
C PRO RA 6 -19.54 3.24 -92.90
N VAL RA 7 -18.50 3.87 -92.37
CA VAL RA 7 -17.37 3.16 -91.79
C VAL RA 7 -17.18 3.65 -90.36
N LEU RA 8 -17.22 2.73 -89.41
CA LEU RA 8 -17.01 3.10 -88.01
C LEU RA 8 -15.51 3.23 -87.73
N PRO RA 9 -15.05 4.40 -87.27
CA PRO RA 9 -13.63 4.52 -86.92
C PRO RA 9 -13.26 3.57 -85.80
N MET RA 10 -12.04 3.05 -85.88
CA MET RA 10 -11.53 2.13 -84.86
C MET RA 10 -11.33 2.90 -83.57
N THR RA 11 -12.06 2.53 -82.53
CA THR RA 11 -11.99 3.18 -81.24
C THR RA 11 -11.84 2.13 -80.14
N PRO RA 12 -11.38 2.53 -78.96
CA PRO RA 12 -11.28 1.56 -77.86
C PRO RA 12 -12.60 0.86 -77.57
N ARG RA 13 -13.72 1.59 -77.63
CA ARG RA 13 -15.02 0.97 -77.36
C ARG RA 13 -15.32 -0.11 -78.41
N ILE RA 14 -15.09 0.20 -79.68
CA ILE RA 14 -15.41 -0.75 -80.74
C ILE RA 14 -14.51 -1.98 -80.64
N VAL RA 15 -13.23 -1.78 -80.39
CA VAL RA 15 -12.33 -2.92 -80.31
C VAL RA 15 -12.66 -3.77 -79.08
N PHE RA 16 -13.04 -3.13 -77.97
CA PHE RA 16 -13.47 -3.88 -76.80
C PHE RA 16 -14.73 -4.69 -77.09
N GLU RA 17 -15.66 -4.10 -77.82
CA GLU RA 17 -16.87 -4.83 -78.18
C GLU RA 17 -16.55 -6.04 -79.04
N HIS RA 18 -15.66 -5.86 -80.01
CA HIS RA 18 -15.26 -7.00 -80.84
C HIS RA 18 -14.57 -8.07 -80.01
N ALA RA 19 -13.71 -7.68 -79.08
CA ALA RA 19 -13.04 -8.64 -78.21
C ALA RA 19 -14.06 -9.40 -77.37
N ASN RA 20 -15.05 -8.69 -76.83
CA ASN RA 20 -16.10 -9.35 -76.04
C ASN RA 20 -16.88 -10.33 -76.89
N GLU RA 21 -17.23 -9.94 -78.13
CA GLU RA 21 -17.94 -10.86 -79.00
C GLU RA 21 -17.12 -12.12 -79.27
N LYS RA 22 -15.84 -11.95 -79.56
CA LYS RA 22 -15.00 -13.11 -79.83
C LYS RA 22 -14.87 -13.98 -78.59
N ARG RA 23 -14.74 -13.37 -77.41
CA ARG RA 23 -14.66 -14.15 -76.18
C ARG RA 23 -15.93 -14.96 -75.94
N ILE RA 24 -17.09 -14.34 -76.18
CA ILE RA 24 -18.36 -15.03 -75.99
C ILE RA 24 -18.47 -16.20 -76.96
N ASP RA 25 -18.13 -15.96 -78.23
CA ASP RA 25 -18.16 -17.04 -79.21
C ASP RA 25 -17.20 -18.16 -78.84
N THR RA 26 -16.01 -17.80 -78.35
CA THR RA 26 -15.04 -18.82 -77.93
C THR RA 26 -15.58 -19.65 -76.79
N ALA RA 27 -16.18 -19.01 -75.79
CA ALA RA 27 -16.72 -19.76 -74.66
C ALA RA 27 -17.83 -20.70 -75.11
N LYS RA 28 -18.73 -20.19 -75.98
CA LYS RA 28 -19.81 -21.03 -76.48
C LYS RA 28 -19.26 -22.23 -77.24
N ARG RA 29 -18.29 -22.00 -78.14
CA ARG RA 29 -17.72 -23.11 -78.91
C ARG RA 29 -17.02 -24.11 -78.00
N MET RA 30 -16.26 -23.62 -77.03
CA MET RA 30 -15.55 -24.51 -76.12
C MET RA 30 -16.53 -25.40 -75.37
N ARG RA 31 -17.59 -24.81 -74.82
CA ARG RA 31 -18.55 -25.62 -74.07
C ARG RA 31 -19.30 -26.58 -74.97
N ARG RA 32 -19.65 -26.15 -76.18
CA ARG RA 32 -20.36 -27.04 -77.10
C ARG RA 32 -19.51 -28.25 -77.47
N ASP RA 33 -18.24 -28.02 -77.82
CA ASP RA 33 -17.38 -29.14 -78.20
C ASP RA 33 -17.08 -30.02 -76.98
N ARG RA 34 -16.95 -29.42 -75.80
CA ARG RA 34 -16.78 -30.21 -74.59
C ARG RA 34 -17.98 -31.12 -74.36
N ARG RA 35 -19.19 -30.60 -74.56
CA ARG RA 35 -20.38 -31.42 -74.41
C ARG RA 35 -20.40 -32.54 -75.44
N ARG RA 36 -20.01 -32.24 -76.68
CA ARG RA 36 -19.96 -33.29 -77.71
C ARG RA 36 -18.99 -34.39 -77.31
N ILE RA 37 -17.80 -34.00 -76.84
CA ILE RA 37 -16.81 -35.00 -76.44
C ILE RA 37 -17.31 -35.83 -75.28
N GLU RA 38 -17.96 -35.19 -74.30
CA GLU RA 38 -18.51 -35.94 -73.17
C GLU RA 38 -19.58 -36.91 -73.63
N GLU RA 39 -20.43 -36.49 -74.58
CA GLU RA 39 -21.45 -37.39 -75.10
C GLU RA 39 -20.82 -38.59 -75.79
N LEU RA 40 -19.78 -38.35 -76.58
CA LEU RA 40 -19.11 -39.48 -77.23
C LEU RA 40 -18.50 -40.42 -76.20
N LYS RA 41 -17.86 -39.86 -75.16
CA LYS RA 41 -17.27 -40.70 -74.13
C LYS RA 41 -18.33 -41.55 -73.43
N THR RA 42 -19.47 -40.93 -73.10
CA THR RA 42 -20.53 -41.67 -72.44
C THR RA 42 -21.10 -42.76 -73.34
N LEU RA 43 -21.28 -42.45 -74.62
CA LEU RA 43 -21.81 -43.44 -75.54
C LEU RA 43 -20.87 -44.64 -75.66
N GLU RA 44 -19.57 -44.38 -75.84
CA GLU RA 44 -18.63 -45.47 -75.97
C GLU RA 44 -18.50 -46.26 -74.67
N PHE RA 45 -18.59 -45.58 -73.53
CA PHE RA 45 -18.53 -46.30 -72.25
C PHE RA 45 -19.75 -47.20 -72.07
N TRP RA 46 -20.93 -46.72 -72.45
CA TRP RA 46 -22.12 -47.57 -72.37
C TRP RA 46 -22.00 -48.75 -73.32
N GLY RA 47 -21.47 -48.53 -74.53
CA GLY RA 47 -21.25 -49.64 -75.43
C GLY RA 47 -20.28 -50.67 -74.87
N TRP RA 48 -19.19 -50.19 -74.25
CA TRP RA 48 -18.23 -51.11 -73.65
C TRP RA 48 -18.87 -51.88 -72.50
N TYR RA 49 -19.69 -51.21 -71.68
CA TYR RA 49 -20.34 -51.90 -70.58
C TYR RA 49 -21.31 -52.95 -71.08
N MET RA 50 -22.04 -52.65 -72.16
CA MET RA 50 -22.93 -53.65 -72.75
C MET RA 50 -22.13 -54.84 -73.27
N LYS RA 51 -20.99 -54.58 -73.91
CA LYS RA 51 -20.13 -55.68 -74.37
C LYS RA 51 -19.65 -56.51 -73.19
N LEU RA 52 -19.28 -55.84 -72.10
CA LEU RA 52 -18.85 -56.54 -70.90
C LEU RA 52 -19.96 -57.43 -70.35
N GLN RA 53 -21.19 -56.90 -70.33
CA GLN RA 53 -22.32 -57.70 -69.85
C GLN RA 53 -22.57 -58.90 -70.75
N ARG RA 54 -22.44 -58.72 -72.07
CA ARG RA 54 -22.61 -59.85 -72.99
C ARG RA 54 -21.54 -60.91 -72.74
N VAL RA 55 -20.30 -60.48 -72.55
CA VAL RA 55 -19.22 -61.44 -72.28
C VAL RA 55 -19.48 -62.17 -70.97
N ARG RA 56 -19.92 -61.44 -69.94
CA ARG RA 56 -20.22 -62.07 -68.66
C ARG RA 56 -21.35 -63.08 -68.81
N GLY RA 57 -22.39 -62.73 -69.57
CA GLY RA 57 -23.47 -63.67 -69.78
C GLY RA 57 -23.04 -64.92 -70.51
N ARG RA 58 -22.21 -64.76 -71.54
CA ARG RA 58 -21.70 -65.92 -72.27
C ARG RA 58 -20.86 -66.80 -71.35
N TRP RA 59 -19.98 -66.20 -70.54
CA TRP RA 59 -19.15 -66.98 -69.64
C TRP RA 59 -19.99 -67.70 -68.59
N CYS RA 60 -20.99 -67.02 -68.03
CA CYS RA 60 -21.85 -67.66 -67.05
C CYS RA 60 -22.63 -68.81 -67.67
N ARG RA 61 -23.12 -68.63 -68.90
CA ARG RA 61 -23.81 -69.72 -69.58
C ARG RA 61 -22.88 -70.91 -69.78
N GLU RA 62 -21.63 -70.66 -70.19
CA GLU RA 62 -20.68 -71.75 -70.38
C GLU RA 62 -20.39 -72.47 -69.07
N GLN RA 63 -20.20 -71.72 -67.99
CA GLN RA 63 -19.81 -72.29 -66.71
C GLN RA 63 -20.98 -72.79 -65.87
N GLY RA 64 -22.22 -72.60 -66.33
CA GLY RA 64 -23.35 -73.04 -65.55
C GLY RA 64 -23.64 -72.19 -64.34
N VAL RA 65 -23.19 -70.94 -64.33
CA VAL RA 65 -23.42 -70.04 -63.21
C VAL RA 65 -24.71 -69.28 -63.45
N SER RA 66 -25.67 -69.44 -62.54
CA SER RA 66 -26.96 -68.77 -62.67
C SER RA 66 -27.01 -67.41 -62.00
N SER RA 67 -26.10 -67.12 -61.09
CA SER RA 67 -26.05 -65.84 -60.38
C SER RA 67 -27.34 -65.55 -59.62
N ARG RA 68 -28.05 -66.59 -59.20
CA ARG RA 68 -29.28 -66.46 -58.43
C ARG RA 68 -29.22 -67.30 -57.15
N GLY RA 69 -28.11 -67.20 -56.43
CA GLY RA 69 -27.97 -67.86 -55.16
C GLY RA 69 -27.60 -69.32 -55.30
N VAL RA 70 -27.37 -69.95 -54.15
CA VAL RA 70 -27.01 -71.36 -54.11
C VAL RA 70 -28.16 -72.27 -54.52
N TYR RA 71 -29.37 -71.75 -54.56
CA TYR RA 71 -30.53 -72.58 -54.87
C TYR RA 71 -30.56 -72.93 -56.36
N GLY RA 72 -31.25 -74.02 -56.67
CA GLY RA 72 -31.41 -74.45 -58.03
C GLY RA 72 -32.52 -73.72 -58.75
N PRO RA 73 -32.79 -74.15 -59.98
CA PRO RA 73 -33.87 -73.50 -60.76
C PRO RA 73 -35.25 -73.70 -60.16
N ALA RA 74 -35.40 -74.60 -59.19
CA ALA RA 74 -36.72 -74.85 -58.62
C ALA RA 74 -37.27 -73.62 -57.91
N VAL RA 75 -36.42 -72.86 -57.21
CA VAL RA 75 -36.90 -71.66 -56.53
C VAL RA 75 -37.41 -70.65 -57.54
N ASP RA 76 -36.66 -70.43 -58.63
CA ASP RA 76 -37.13 -69.53 -59.66
C ASP RA 76 -38.42 -70.03 -60.30
N ALA RA 77 -38.55 -71.34 -60.48
CA ALA RA 77 -39.80 -71.89 -60.99
C ALA RA 77 -40.95 -71.60 -60.06
N ALA RA 78 -40.71 -71.71 -58.75
CA ALA RA 78 -41.75 -71.39 -57.77
C ALA RA 78 -42.14 -69.93 -57.85
N GLU RA 79 -41.16 -69.04 -58.04
CA GLU RA 79 -41.42 -67.61 -58.22
C GLU RA 79 -42.03 -66.99 -56.98
N LEU RA 80 -41.84 -67.60 -55.82
CA LEU RA 80 -42.40 -67.09 -54.57
C LEU RA 80 -41.51 -66.04 -53.92
N TRP RA 81 -40.33 -65.77 -54.47
CA TRP RA 81 -39.44 -64.75 -53.91
C TRP RA 81 -38.81 -63.85 -54.96
N GLY RA 82 -38.89 -64.17 -56.24
CA GLY RA 82 -38.29 -63.33 -57.27
C GLY RA 82 -38.76 -61.90 -57.21
N SER SA 1 57.00 60.38 -15.18
CA SER SA 1 57.93 61.34 -14.59
C SER SA 1 58.27 60.95 -13.17
N GLY SA 2 57.31 60.34 -12.48
CA GLY SA 2 57.51 59.91 -11.11
C GLY SA 2 58.22 58.59 -10.94
N ALA SA 3 58.58 57.92 -12.04
CA ALA SA 3 59.27 56.64 -11.95
C ALA SA 3 60.57 56.78 -11.19
N PHE SA 4 61.36 57.80 -11.52
CA PHE SA 4 62.60 58.05 -10.79
C PHE SA 4 62.28 58.58 -9.39
N GLY SA 5 63.28 58.53 -8.52
CA GLY SA 5 63.11 59.02 -7.16
C GLY SA 5 63.09 60.52 -7.01
N CYS SA 6 63.36 61.27 -8.08
CA CYS SA 6 63.43 62.72 -7.96
C CYS SA 6 62.11 63.32 -7.53
N GLY SA 7 61.01 62.84 -8.07
CA GLY SA 7 59.69 63.36 -7.75
C GLY SA 7 58.77 63.27 -8.96
N SER SA 8 57.50 63.59 -8.73
CA SER SA 8 56.47 63.53 -9.76
C SER SA 8 56.09 64.94 -10.22
N TYR SA 9 55.55 65.01 -11.44
CA TYR SA 9 55.10 66.29 -11.96
C TYR SA 9 54.01 66.89 -11.06
N ARG SA 10 53.23 66.04 -10.41
CA ARG SA 10 52.22 66.55 -9.49
C ARG SA 10 52.85 67.26 -8.31
N SER SA 11 53.92 66.68 -7.75
CA SER SA 11 54.64 67.36 -6.67
C SER SA 11 55.28 68.64 -7.18
N VAL SA 12 55.82 68.62 -8.40
CA VAL SA 12 56.41 69.82 -8.97
C VAL SA 12 55.38 70.94 -9.06
N VAL SA 13 54.19 70.61 -9.56
CA VAL SA 13 53.12 71.59 -9.66
C VAL SA 13 52.72 72.09 -8.27
N ALA SA 14 52.58 71.16 -7.32
CA ALA SA 14 52.22 71.53 -5.96
C ALA SA 14 53.26 72.43 -5.31
N GLY SA 15 54.51 72.35 -5.76
CA GLY SA 15 55.56 73.15 -5.16
C GLY SA 15 56.04 72.64 -3.82
N THR SA 16 55.66 71.44 -3.43
CA THR SA 16 56.08 70.89 -2.15
C THR SA 16 57.60 70.86 -2.07
N GLN SA 17 58.13 71.24 -0.91
CA GLN SA 17 59.57 71.27 -0.68
C GLN SA 17 60.01 69.88 -0.21
N ASN SA 18 60.60 69.11 -1.13
CA ASN SA 18 61.07 67.77 -0.83
C ASN SA 18 62.49 67.52 -1.35
N VAL SA 19 63.18 68.56 -1.80
CA VAL SA 19 64.56 68.43 -2.29
C VAL SA 19 65.51 68.27 -1.12
N PRO SA 20 65.51 69.17 -0.13
CA PRO SA 20 66.43 69.02 1.01
C PRO SA 20 66.02 67.85 1.90
N ARG SA 21 66.23 66.63 1.41
CA ARG SA 21 65.89 65.43 2.16
C ARG SA 21 66.99 65.14 3.17
N ARG SA 22 66.88 64.00 3.85
CA ARG SA 22 67.92 63.53 4.77
C ARG SA 22 68.75 62.49 4.03
N MET SA 23 70.05 62.73 3.94
CA MET SA 23 70.96 61.87 3.18
C MET SA 23 71.38 60.72 4.09
N THR SA 24 70.83 59.53 3.84
CA THR SA 24 71.10 58.36 4.66
C THR SA 24 71.61 57.21 3.79
N PHE SA 25 72.54 56.44 4.34
CA PHE SA 25 73.10 55.31 3.63
C PHE SA 25 72.03 54.25 3.39
N TYR SA 26 72.12 53.59 2.24
CA TYR SA 26 71.16 52.56 1.86
C TYR SA 26 71.77 51.67 0.79
N PRO SA 27 71.82 50.35 0.99
CA PRO SA 27 72.52 49.49 0.02
C PRO SA 27 71.73 49.25 -1.26
N SER SA 28 70.40 49.16 -1.14
CA SER SA 28 69.52 48.91 -2.29
C SER SA 28 69.71 47.50 -2.82
N ALA SA 29 69.78 46.53 -1.92
CA ALA SA 29 69.92 45.13 -2.34
C ALA SA 29 68.72 44.65 -3.11
N TYR SA 30 67.51 45.01 -2.66
CA TYR SA 30 66.31 44.64 -3.40
C TYR SA 30 66.32 45.25 -4.80
N GLU SA 31 66.73 46.51 -4.90
CA GLU SA 31 66.80 47.16 -6.21
C GLU SA 31 67.83 46.47 -7.10
N LEU SA 32 68.96 46.04 -6.52
CA LEU SA 32 69.96 45.32 -7.32
C LEU SA 32 69.41 43.98 -7.81
N ILE SA 33 68.68 43.27 -6.96
CA ILE SA 33 68.07 42.01 -7.37
C ILE SA 33 67.12 42.25 -8.52
N GLN SA 34 66.27 43.28 -8.40
CA GLN SA 34 65.32 43.57 -9.46
C GLN SA 34 66.03 43.98 -10.74
N LEU SA 35 67.14 44.71 -10.63
CA LEU SA 35 67.92 45.07 -11.81
C LEU SA 35 68.49 43.84 -12.50
N HIS SA 36 68.98 42.89 -11.71
CA HIS SA 36 69.49 41.64 -12.29
C HIS SA 36 68.39 40.91 -13.03
N LYS SA 37 67.22 40.81 -12.41
CA LYS SA 37 66.09 40.14 -13.07
C LYS SA 37 65.71 40.87 -14.36
N ALA SA 38 65.70 42.21 -14.33
CA ALA SA 38 65.33 42.98 -15.51
C ALA SA 38 66.34 42.77 -16.64
N HIS SA 39 67.63 42.74 -16.30
CA HIS SA 39 68.66 42.50 -17.32
C HIS SA 39 68.48 41.14 -17.96
N ARG SA 40 68.24 40.11 -17.14
CA ARG SA 40 68.00 38.79 -17.69
C ARG SA 40 66.76 38.78 -18.57
N GLU SA 41 65.71 39.49 -18.14
CA GLU SA 41 64.48 39.56 -18.93
C GLU SA 41 64.73 40.23 -20.28
N VAL SA 42 65.52 41.30 -20.29
CA VAL SA 42 65.82 41.98 -21.56
C VAL SA 42 66.58 41.05 -22.49
N ILE SA 43 67.57 40.33 -21.96
CA ILE SA 43 68.33 39.41 -22.81
C ILE SA 43 67.41 38.32 -23.35
N ARG SA 44 66.54 37.78 -22.51
CA ARG SA 44 65.61 36.75 -22.97
C ARG SA 44 64.67 37.29 -24.03
N HIS SA 45 64.22 38.53 -23.88
CA HIS SA 45 63.34 39.14 -24.88
C HIS SA 45 64.07 39.25 -26.21
N PHE SA 46 65.33 39.69 -26.19
CA PHE SA 46 66.08 39.75 -27.44
C PHE SA 46 66.23 38.36 -28.06
N TYR SA 47 66.51 37.36 -27.24
CA TYR SA 47 66.66 36.00 -27.77
C TYR SA 47 65.39 35.52 -28.43
N VAL SA 48 64.25 35.64 -27.75
CA VAL SA 48 63.00 35.15 -28.30
C VAL SA 48 62.55 36.01 -29.48
N ARG SA 49 62.99 37.26 -29.55
CA ARG SA 49 62.63 38.10 -30.69
C ARG SA 49 63.41 37.70 -31.94
N ASP SA 50 64.71 37.40 -31.78
CA ASP SA 50 65.54 37.01 -32.91
C ASP SA 50 65.65 35.49 -33.05
N LYS SA 51 64.76 34.74 -32.40
CA LYS SA 51 64.71 33.29 -32.60
C LYS SA 51 64.46 32.95 -34.07
N ILE SA 52 65.14 31.91 -34.54
CA ILE SA 52 65.09 31.51 -35.95
C ILE SA 52 64.82 30.01 -36.05
N PHE SA 53 64.22 29.61 -37.17
CA PHE SA 53 63.92 28.20 -37.41
C PHE SA 53 65.19 27.38 -37.56
N ASP SA 54 65.25 26.23 -36.89
CA ASP SA 54 66.31 25.26 -37.07
C ASP SA 54 65.71 23.85 -37.09
N ASN SA 55 64.69 23.66 -37.92
CA ASN SA 55 63.94 22.41 -37.93
C ASN SA 55 64.86 21.21 -38.12
N LYS SA 56 64.66 20.19 -37.29
CA LYS SA 56 65.46 18.97 -37.35
C LYS SA 56 64.90 17.92 -38.29
N PHE SA 57 63.69 18.11 -38.83
CA PHE SA 57 63.02 17.07 -39.59
C PHE SA 57 62.88 17.47 -41.06
N PRO SA 58 62.89 16.49 -41.97
CA PRO SA 58 62.77 16.84 -43.40
C PRO SA 58 61.46 17.53 -43.74
N GLY SA 59 60.37 17.17 -43.07
CA GLY SA 59 59.08 17.76 -43.38
C GLY SA 59 59.02 19.25 -43.15
N ASN SA 60 59.61 19.73 -42.05
CA ASN SA 60 59.58 21.14 -41.69
C ASN SA 60 60.84 21.87 -42.14
N ALA SA 61 61.74 21.21 -42.86
CA ALA SA 61 63.00 21.84 -43.25
C ALA SA 61 62.80 23.03 -44.16
N LEU SA 62 61.65 23.14 -44.84
CA LEU SA 62 61.45 24.23 -45.79
C LEU SA 62 61.38 25.57 -45.06
N ALA SA 63 61.16 25.57 -43.76
CA ALA SA 63 61.05 26.79 -42.98
C ALA SA 63 62.36 27.23 -42.35
N ASN SA 64 63.46 26.54 -42.63
CA ASN SA 64 64.73 26.91 -42.02
C ASN SA 64 65.18 28.28 -42.51
N GLY SA 65 65.98 28.94 -41.68
CA GLY SA 65 66.49 30.25 -42.03
C GLY SA 65 65.44 31.33 -42.11
N LEU SA 66 64.41 31.24 -41.26
CA LEU SA 66 63.38 32.27 -41.18
C LEU SA 66 63.04 32.51 -39.73
N PHE SA 67 62.73 33.77 -39.41
CA PHE SA 67 62.30 34.11 -38.06
C PHE SA 67 61.00 33.39 -37.74
N LYS SA 68 60.93 32.80 -36.55
CA LYS SA 68 59.68 32.16 -36.13
C LYS SA 68 58.57 33.16 -35.91
N PHE SA 69 58.90 34.45 -35.86
CA PHE SA 69 57.90 35.51 -35.71
C PHE SA 69 57.63 36.13 -37.08
N VAL SA 70 56.36 36.20 -37.45
CA VAL SA 70 55.94 36.86 -38.67
C VAL SA 70 56.41 38.31 -38.57
N PRO SA 71 56.86 38.96 -39.65
CA PRO SA 71 57.50 40.27 -39.49
C PRO SA 71 56.68 41.27 -38.71
N ASN SA 72 55.36 41.32 -38.92
CA ASN SA 72 54.54 42.26 -38.17
C ASN SA 72 54.54 41.94 -36.69
N ARG SA 73 54.42 40.66 -36.33
CA ARG SA 73 54.44 40.30 -34.92
C ARG SA 73 55.80 40.56 -34.30
N ARG SA 74 56.88 40.32 -35.05
CA ARG SA 74 58.21 40.60 -34.54
C ARG SA 74 58.38 42.10 -34.27
N GLU SA 75 57.90 42.93 -35.19
CA GLU SA 75 57.96 44.37 -34.98
C GLU SA 75 57.16 44.78 -33.75
N ASN SA 76 55.94 44.24 -33.62
CA ASN SA 76 55.11 44.58 -32.46
C ASN SA 76 55.78 44.14 -31.17
N TYR SA 77 56.36 42.93 -31.17
CA TYR SA 77 57.05 42.43 -29.98
C TYR SA 77 58.20 43.33 -29.60
N HIS SA 78 59.03 43.71 -30.57
CA HIS SA 78 60.14 44.60 -30.28
C HIS SA 78 59.64 45.94 -29.74
N MET SA 79 58.58 46.49 -30.34
CA MET SA 79 58.07 47.78 -29.91
C MET SA 79 57.55 47.72 -28.48
N ARG SA 80 56.79 46.68 -28.13
CA ARG SA 80 56.12 46.65 -26.82
C ARG SA 80 56.97 45.95 -25.77
N GLU SA 81 57.19 44.64 -25.94
CA GLU SA 81 57.76 43.86 -24.84
C GLU SA 81 59.22 44.22 -24.63
N LEU SA 82 60.03 44.13 -25.68
CA LEU SA 82 61.46 44.37 -25.56
C LEU SA 82 61.74 45.81 -25.14
N MET SA 83 61.03 46.77 -25.74
CA MET SA 83 61.27 48.16 -25.43
C MET SA 83 60.87 48.50 -24.00
N GLU SA 84 59.71 47.99 -23.55
CA GLU SA 84 59.32 48.23 -22.17
C GLU SA 84 60.28 47.58 -21.19
N SER SA 85 60.79 46.40 -21.54
CA SER SA 85 61.77 45.74 -20.68
C SER SA 85 63.04 46.58 -20.56
N ILE SA 86 63.51 47.12 -21.69
CA ILE SA 86 64.70 47.95 -21.64
C ILE SA 86 64.44 49.20 -20.81
N ARG SA 87 63.25 49.78 -20.93
CA ARG SA 87 62.93 50.97 -20.14
C ARG SA 87 62.92 50.65 -18.65
N ARG SA 88 62.34 49.51 -18.28
CA ARG SA 88 62.35 49.11 -16.87
C ARG SA 88 63.78 48.93 -16.37
N ARG SA 89 64.62 48.26 -17.17
CA ARG SA 89 66.01 48.05 -16.77
C ARG SA 89 66.73 49.38 -16.61
N SER SA 90 66.48 50.32 -17.52
CA SER SA 90 67.11 51.64 -17.42
C SER SA 90 66.64 52.38 -16.18
N ILE SA 91 65.36 52.27 -15.84
CA ILE SA 91 64.86 52.91 -14.63
C ILE SA 91 65.57 52.34 -13.40
N TRP SA 92 65.69 51.02 -13.35
CA TRP SA 92 66.39 50.40 -12.22
C TRP SA 92 67.83 50.89 -12.16
N MET SA 93 68.51 50.94 -13.31
CA MET SA 93 69.90 51.40 -13.31
C MET SA 93 70.01 52.83 -12.81
N HIS SA 94 69.10 53.71 -13.25
CA HIS SA 94 69.13 55.09 -12.81
C HIS SA 94 68.95 55.20 -11.31
N ARG SA 95 67.97 54.45 -10.78
CA ARG SA 95 67.72 54.49 -9.33
C ARG SA 95 68.95 54.02 -8.56
N ILE SA 96 69.56 52.91 -8.99
CA ILE SA 96 70.70 52.39 -8.26
C ILE SA 96 71.89 53.33 -8.35
N LYS SA 97 72.08 53.96 -9.51
CA LYS SA 97 73.20 54.90 -9.64
C LYS SA 97 73.01 56.11 -8.74
N GLN SA 98 71.80 56.66 -8.71
CA GLN SA 98 71.54 57.80 -7.83
C GLN SA 98 71.77 57.41 -6.37
N GLN SA 99 71.29 56.22 -5.97
CA GLN SA 99 71.49 55.78 -4.60
C GLN SA 99 72.97 55.54 -4.31
N ARG SA 100 73.73 55.06 -5.29
CA ARG SA 100 75.16 54.88 -5.08
C ARG SA 100 75.86 56.21 -4.86
N GLU SA 101 75.48 57.25 -5.62
CA GLU SA 101 76.05 58.56 -5.39
C GLU SA 101 75.71 59.07 -4.00
N ILE SA 102 74.46 58.89 -3.58
CA ILE SA 102 74.06 59.33 -2.24
C ILE SA 102 74.85 58.56 -1.18
N ASN SA 103 75.03 57.26 -1.37
CA ASN SA 103 75.79 56.47 -0.42
C ASN SA 103 77.24 56.94 -0.35
N ALA SA 104 77.81 57.28 -1.50
CA ALA SA 104 79.18 57.79 -1.51
C ALA SA 104 79.29 59.09 -0.73
N LYS SA 105 78.32 59.99 -0.91
CA LYS SA 105 78.34 61.23 -0.14
C LYS SA 105 78.20 60.96 1.35
N VAL SA 106 77.32 60.03 1.73
CA VAL SA 106 77.13 59.70 3.14
C VAL SA 106 78.42 59.11 3.72
N VAL SA 107 79.08 58.23 2.96
CA VAL SA 107 80.32 57.63 3.43
C VAL SA 107 81.39 58.69 3.61
N GLU SA 108 81.48 59.63 2.67
CA GLU SA 108 82.45 60.72 2.80
C GLU SA 108 82.19 61.54 4.06
N ASN SA 109 80.93 61.89 4.29
CA ASN SA 109 80.60 62.68 5.48
C ASN SA 109 80.93 61.93 6.75
N MET SA 110 80.58 60.64 6.82
CA MET SA 110 80.84 59.86 8.02
C MET SA 110 82.34 59.71 8.25
N GLU SA 111 83.10 59.46 7.19
CA GLU SA 111 84.55 59.35 7.34
C GLU SA 111 85.15 60.67 7.82
N VAL SA 112 84.66 61.79 7.29
CA VAL SA 112 85.17 63.09 7.73
C VAL SA 112 84.86 63.31 9.20
N LYS SA 113 83.63 62.99 9.64
CA LYS SA 113 83.23 63.30 11.00
C LYS SA 113 83.87 62.35 12.00
N TYR SA 114 83.59 61.05 11.88
CA TYR SA 114 84.16 60.06 12.79
C TYR SA 114 85.55 59.64 12.34
N GLY SA 115 85.63 58.98 11.18
CA GLY SA 115 86.88 58.41 10.71
C GLY SA 115 86.63 57.18 9.87
N LYS SA 116 87.67 56.65 9.23
CA LYS SA 116 87.47 55.51 8.33
C LYS SA 116 87.03 54.27 9.09
N LYS SA 117 87.70 53.94 10.20
CA LYS SA 117 87.36 52.75 10.95
C LYS SA 117 85.96 52.85 11.54
N ALA SA 118 85.64 54.01 12.12
CA ALA SA 118 84.31 54.20 12.70
C ALA SA 118 83.23 54.12 11.62
N ALA SA 119 83.49 54.73 10.46
CA ALA SA 119 82.51 54.67 9.38
C ALA SA 119 82.29 53.23 8.92
N ALA SA 120 83.37 52.47 8.76
CA ALA SA 120 83.23 51.08 8.35
C ALA SA 120 82.43 50.28 9.37
N SER SA 121 82.75 50.47 10.66
CA SER SA 121 82.02 49.77 11.71
C SER SA 121 80.53 50.15 11.74
N MET SA 122 80.22 51.43 11.57
CA MET SA 122 78.84 51.88 11.62
C MET SA 122 78.05 51.56 10.36
N LEU SA 123 78.73 51.29 9.25
CA LEU SA 123 78.04 50.95 8.01
C LEU SA 123 77.95 49.46 7.75
N CYS SA 124 78.81 48.65 8.36
CA CYS SA 124 78.74 47.21 8.16
C CYS SA 124 77.40 46.68 8.65
N PHE SA 125 76.81 45.79 7.86
CA PHE SA 125 75.51 45.20 8.16
C PHE SA 125 75.63 43.80 8.77
N THR SA 126 76.82 43.44 9.25
CA THR SA 126 77.03 42.10 9.79
C THR SA 126 76.11 41.85 10.98
N THR SA 127 75.54 40.66 11.03
CA THR SA 127 74.65 40.23 12.10
C THR SA 127 75.04 38.82 12.51
N PRO SA 128 74.68 38.39 13.71
CA PRO SA 128 75.02 37.03 14.15
C PRO SA 128 74.48 35.95 13.21
N ASP SA 129 73.29 36.15 12.63
CA ASP SA 129 72.76 35.17 11.70
C ASP SA 129 73.45 35.23 10.33
N SER SA 130 74.25 36.27 10.08
CA SER SA 130 74.98 36.35 8.83
C SER SA 130 75.92 35.17 8.67
N ASN SA 131 76.60 34.79 9.76
CA ASN SA 131 77.46 33.63 9.71
C ASN SA 131 76.69 32.37 9.36
N ALA SA 132 75.49 32.21 9.95
CA ALA SA 132 74.67 31.04 9.63
C ALA SA 132 74.30 31.02 8.16
N TYR SA 133 73.92 32.18 7.62
CA TYR SA 133 73.42 32.22 6.25
C TYR SA 133 74.54 32.13 5.21
N PHE SA 134 75.74 32.58 5.52
CA PHE SA 134 76.82 32.63 4.55
C PHE SA 134 77.87 31.55 4.74
N ALA SA 135 78.39 31.37 5.95
CA ALA SA 135 79.43 30.39 6.25
C ALA SA 135 78.96 29.52 7.40
N PRO SA 136 78.03 28.59 7.13
CA PRO SA 136 77.45 27.81 8.23
C PRO SA 136 78.45 26.97 9.01
N HIS SA 137 79.56 26.56 8.39
CA HIS SA 137 80.52 25.73 9.10
C HIS SA 137 81.08 26.42 10.34
N ARG SA 138 81.05 27.75 10.38
CA ARG SA 138 81.42 28.49 11.58
C ARG SA 138 80.24 28.76 12.49
N TYR SA 139 79.02 28.41 12.08
CA TYR SA 139 77.83 28.61 12.88
C TYR SA 139 77.33 27.33 13.53
N GLN SA 140 78.06 26.23 13.41
CA GLN SA 140 77.58 24.95 13.93
C GLN SA 140 77.32 25.03 15.43
N ASP SA 141 78.25 25.63 16.17
CA ASP SA 141 78.10 25.72 17.62
C ASP SA 141 76.97 26.64 18.05
N VAL SA 142 76.70 27.71 17.31
CA VAL SA 142 75.70 28.68 17.75
C VAL SA 142 74.32 28.05 17.82
N ALA SA 143 73.91 27.32 16.79
CA ALA SA 143 72.60 26.69 16.76
C ALA SA 143 72.62 25.58 15.71
N ASN SA 144 71.61 24.72 15.79
CA ASN SA 144 71.48 23.58 14.87
C ASN SA 144 70.45 23.95 13.81
N SER SA 145 70.93 24.44 12.67
CA SER SA 145 70.08 24.85 11.57
C SER SA 145 69.96 23.80 10.48
N TRP SA 146 70.54 22.63 10.67
CA TRP SA 146 70.48 21.60 9.64
C TRP SA 146 69.06 21.05 9.50
N PRO SA 147 68.54 20.93 8.28
CA PRO SA 147 67.26 20.24 8.13
C PRO SA 147 67.30 18.82 8.66
N ASN SA 148 68.40 18.11 8.44
CA ASN SA 148 68.61 16.79 9.01
C ASN SA 148 69.33 16.94 10.35
N TYR SA 149 68.57 17.39 11.34
CA TYR SA 149 69.15 17.73 12.63
C TYR SA 149 69.87 16.56 13.28
N TRP SA 150 69.47 15.33 12.97
CA TRP SA 150 70.13 14.17 13.55
C TRP SA 150 71.57 14.01 13.10
N GLN SA 151 71.99 14.69 12.03
CA GLN SA 151 73.37 14.64 11.57
C GLN SA 151 74.25 15.71 12.18
N HIS SA 152 73.69 16.66 12.92
CA HIS SA 152 74.49 17.72 13.51
C HIS SA 152 75.51 17.12 14.49
N PRO SA 153 76.74 17.63 14.54
CA PRO SA 153 77.73 17.07 15.48
C PRO SA 153 77.26 17.07 16.92
N SER SA 154 76.48 18.07 17.33
CA SER SA 154 75.93 18.09 18.67
C SER SA 154 74.88 17.01 18.88
N VAL SA 155 74.34 16.46 17.80
CA VAL SA 155 73.29 15.44 17.88
C VAL SA 155 73.73 14.19 17.12
N ASN SA 156 74.89 14.27 16.46
CA ASN SA 156 75.35 13.15 15.66
C ASN SA 156 75.45 11.87 16.48
N HIS SA 157 75.77 11.99 17.77
CA HIS SA 157 75.93 10.82 18.62
C HIS SA 157 74.68 9.96 18.62
N VAL SA 158 73.51 10.54 18.33
CA VAL SA 158 72.28 9.77 18.34
C VAL SA 158 72.28 8.72 17.24
N VAL SA 159 72.86 9.02 16.09
CA VAL SA 159 72.82 8.07 14.97
C VAL SA 159 73.69 6.86 15.29
N PRO SA 160 73.26 5.64 14.96
CA PRO SA 160 74.07 4.47 15.29
C PRO SA 160 75.34 4.40 14.44
N LYS SA 161 76.36 3.76 15.01
CA LYS SA 161 77.61 3.51 14.31
C LYS SA 161 77.79 2.02 14.08
N PRO SA 162 77.03 1.43 13.17
CA PRO SA 162 77.15 -0.02 12.95
C PRO SA 162 78.54 -0.39 12.45
N ARG SA 163 79.00 -1.56 12.89
CA ARG SA 163 80.27 -2.12 12.44
C ARG SA 163 79.95 -3.03 11.25
N TRP SA 164 80.40 -2.62 10.08
CA TRP SA 164 80.08 -3.29 8.83
C TRP SA 164 81.35 -3.87 8.21
N ARG SA 165 81.14 -4.77 7.25
CA ARG SA 165 82.24 -5.39 6.52
C ARG SA 165 81.76 -5.72 5.11
N ARG SA 166 82.68 -6.19 4.28
CA ARG SA 166 82.39 -6.64 2.93
C ARG SA 166 82.41 -8.16 2.88
N HIS SA 167 81.72 -8.71 1.89
CA HIS SA 167 81.65 -10.16 1.68
C HIS SA 167 82.06 -10.45 0.25
N ARG SA 168 83.25 -11.05 0.08
CA ARG SA 168 83.71 -11.41 -1.26
C ARG SA 168 82.79 -12.46 -1.89
N GLU SA 169 82.35 -13.45 -1.11
CA GLU SA 169 81.49 -14.49 -1.65
C GLU SA 169 80.17 -13.94 -2.16
N LEU SA 170 79.72 -12.80 -1.68
CA LEU SA 170 78.50 -12.16 -2.16
C LEU SA 170 78.76 -11.16 -3.27
N GLY SA 171 80.02 -10.89 -3.60
CA GLY SA 171 80.35 -9.98 -4.68
C GLY SA 171 80.53 -8.55 -4.24
N GLY SA 172 81.32 -8.33 -3.18
CA GLY SA 172 81.54 -6.99 -2.67
C GLY SA 172 80.39 -6.41 -1.90
N ILE SA 173 79.37 -7.22 -1.58
CA ILE SA 173 78.22 -6.73 -0.84
C ILE SA 173 78.63 -6.40 0.58
N THR SA 174 78.24 -5.22 1.05
CA THR SA 174 78.49 -4.81 2.42
C THR SA 174 77.35 -5.25 3.33
N ARG SA 175 77.69 -5.55 4.58
CA ARG SA 175 76.70 -5.98 5.55
C ARG SA 175 77.11 -5.53 6.94
N VAL SA 176 76.16 -5.57 7.86
CA VAL SA 176 76.32 -5.07 9.22
C VAL SA 176 76.33 -6.26 10.17
N GLU SA 177 77.35 -6.31 11.03
CA GLU SA 177 77.48 -7.44 11.96
C GLU SA 177 76.45 -7.37 13.08
N ASP SA 178 76.01 -6.17 13.44
CA ASP SA 178 75.09 -5.97 14.56
C ASP SA 178 73.89 -6.92 14.43
N PRO SA 179 73.76 -7.90 15.33
CA PRO SA 179 72.64 -8.85 15.21
C PRO SA 179 71.31 -8.16 15.45
N PHE SA 180 70.28 -8.71 14.79
CA PHE SA 180 68.93 -8.18 14.92
C PHE SA 180 68.42 -8.40 16.34
N ALA SA 181 67.74 -7.40 16.89
CA ALA SA 181 67.15 -7.54 18.22
C ALA SA 181 65.76 -8.16 18.10
N VAL SA 182 65.53 -9.24 18.85
CA VAL SA 182 64.24 -9.92 18.78
C VAL SA 182 63.13 -8.93 19.12
N GLN SA 183 62.01 -9.06 18.40
CA GLN SA 183 60.89 -8.14 18.51
C GLN SA 183 59.80 -8.71 19.41
N ALA SA 184 58.81 -7.88 19.68
CA ALA SA 184 57.64 -8.29 20.46
C ALA SA 184 56.49 -8.57 19.51
N SER SA 185 55.92 -9.76 19.60
CA SER SA 185 54.89 -10.21 18.68
C SER SA 185 53.56 -10.50 19.35
N ASP SA 186 53.58 -11.26 20.45
CA ASP SA 186 52.36 -11.71 21.11
C ASP SA 186 52.05 -10.84 22.32
N TYR SA 187 50.79 -10.90 22.77
CA TYR SA 187 50.38 -10.22 23.98
C TYR SA 187 50.54 -11.13 25.18
N PRO TA 1 -40.56 -22.82 -56.63
CA PRO TA 1 -40.36 -24.25 -56.83
C PRO TA 1 -39.26 -24.57 -57.85
N ALA TA 2 -38.87 -25.83 -57.94
CA ALA TA 2 -37.85 -26.26 -58.87
C ALA TA 2 -38.31 -27.53 -59.58
N TYR TA 3 -37.79 -27.73 -60.79
CA TYR TA 3 -38.11 -28.91 -61.59
C TYR TA 3 -39.63 -29.00 -61.83
N ASN TA 4 -40.14 -28.01 -62.54
CA ASN TA 4 -41.57 -27.98 -62.87
C ASN TA 4 -42.00 -29.31 -63.43
N GLU TA 5 -42.90 -29.99 -62.71
CA GLU TA 5 -43.35 -31.31 -63.13
C GLU TA 5 -44.03 -31.22 -64.48
N ASP TA 6 -43.69 -32.16 -65.37
CA ASP TA 6 -44.18 -32.15 -66.74
C ASP TA 6 -44.91 -33.45 -67.06
N VAL TA 7 -45.63 -34.00 -66.08
CA VAL TA 7 -46.34 -35.26 -66.30
C VAL TA 7 -47.49 -35.06 -67.27
N ASP TA 8 -48.29 -34.01 -67.05
CA ASP TA 8 -49.45 -33.77 -67.92
C ASP TA 8 -49.01 -33.49 -69.35
N ARG TA 9 -47.99 -32.66 -69.52
CA ARG TA 9 -47.45 -32.33 -70.83
C ARG TA 9 -45.98 -32.72 -70.85
N PRO TA 10 -45.54 -33.60 -71.76
CA PRO TA 10 -44.16 -34.11 -71.67
C PRO TA 10 -43.10 -33.03 -71.81
N MET TA 11 -43.41 -31.89 -72.45
CA MET TA 11 -42.44 -30.82 -72.65
C MET TA 11 -41.23 -31.33 -73.43
N VAL TA 12 -41.48 -31.79 -74.65
CA VAL TA 12 -40.43 -32.29 -75.53
C VAL TA 12 -40.25 -31.30 -76.67
N VAL TA 13 -39.04 -31.28 -77.22
CA VAL TA 13 -38.66 -30.38 -78.31
C VAL TA 13 -38.71 -31.17 -79.61
N PRO TA 14 -39.60 -30.84 -80.55
CA PRO TA 14 -39.66 -31.58 -81.81
C PRO TA 14 -38.39 -31.37 -82.62
N PRO TA 15 -37.99 -32.35 -83.43
CA PRO TA 15 -36.78 -32.16 -84.25
C PRO TA 15 -36.87 -30.97 -85.20
N ASP TA 16 -38.07 -30.70 -85.71
CA ASP TA 16 -38.28 -29.66 -86.71
C ASP TA 16 -38.72 -28.33 -86.10
N ALA TA 17 -38.28 -28.03 -84.88
CA ALA TA 17 -38.58 -26.73 -84.28
C ALA TA 17 -37.89 -25.63 -85.07
N ILE TA 18 -38.66 -24.66 -85.53
CA ILE TA 18 -38.14 -23.60 -86.38
C ILE TA 18 -37.86 -22.36 -85.53
N CYS TA 19 -36.74 -21.70 -85.83
CA CYS TA 19 -36.41 -20.46 -85.13
C CYS TA 19 -37.49 -19.43 -85.36
N PHE TA 20 -37.93 -18.78 -84.29
CA PHE TA 20 -39.06 -17.86 -84.38
C PHE TA 20 -38.75 -16.64 -85.26
N ASN TA 21 -37.47 -16.33 -85.47
CA ASN TA 21 -37.06 -15.14 -86.21
C ASN TA 21 -36.56 -15.46 -87.61
N CYS TA 22 -35.54 -16.31 -87.73
CA CYS TA 22 -34.96 -16.64 -89.03
C CYS TA 22 -35.66 -17.80 -89.73
N ASP TA 23 -36.59 -18.47 -89.05
CA ASP TA 23 -37.36 -19.57 -89.64
C ASP TA 23 -36.42 -20.64 -90.20
N LYS TA 24 -35.64 -21.24 -89.30
CA LYS TA 24 -34.77 -22.35 -89.64
C LYS TA 24 -34.87 -23.42 -88.56
N PRO TA 25 -34.65 -24.68 -88.91
CA PRO TA 25 -34.85 -25.76 -87.94
C PRO TA 25 -33.80 -25.73 -86.84
N ILE TA 26 -34.17 -26.31 -85.70
CA ILE TA 26 -33.29 -26.43 -84.55
C ILE TA 26 -33.00 -27.91 -84.32
N ASP TA 27 -31.72 -28.23 -84.19
CA ASP TA 27 -31.26 -29.59 -83.95
C ASP TA 27 -30.80 -29.66 -82.49
N ALA TA 28 -31.72 -30.06 -81.60
CA ALA TA 28 -31.40 -30.15 -80.18
C ALA TA 28 -30.39 -31.24 -79.89
N GLY TA 29 -30.26 -32.25 -80.76
CA GLY TA 29 -29.34 -33.34 -80.50
C GLY TA 29 -27.89 -32.87 -80.45
N ASP TA 30 -27.51 -31.97 -81.36
CA ASP TA 30 -26.13 -31.49 -81.38
C ASP TA 30 -25.78 -30.76 -80.09
N VAL TA 31 -26.47 -29.65 -79.82
CA VAL TA 31 -26.21 -28.83 -78.65
C VAL TA 31 -27.53 -28.28 -78.13
N ASN TA 32 -27.51 -27.83 -76.87
CA ASN TA 32 -28.65 -27.19 -76.24
C ASN TA 32 -28.48 -25.68 -76.15
N SER TA 33 -27.56 -25.10 -76.93
CA SER TA 33 -27.30 -23.68 -76.87
C SER TA 33 -28.49 -22.84 -77.30
N TYR TA 34 -29.44 -23.42 -78.02
CA TYR TA 34 -30.61 -22.67 -78.48
C TYR TA 34 -31.45 -22.23 -77.29
N VAL TA 35 -32.48 -21.42 -77.54
CA VAL TA 35 -33.34 -20.87 -76.51
C VAL TA 35 -34.75 -21.41 -76.71
N TRP TA 36 -35.32 -21.98 -75.66
CA TRP TA 36 -36.64 -22.58 -75.69
C TRP TA 36 -37.49 -21.99 -74.59
N ILE TA 37 -38.74 -21.67 -74.91
CA ILE TA 37 -39.69 -21.11 -73.95
C ILE TA 37 -40.98 -21.92 -74.05
N PRO TA 38 -41.31 -22.77 -73.07
CA PRO TA 38 -42.55 -23.55 -73.17
C PRO TA 38 -43.78 -22.66 -73.17
N ALA TA 39 -43.92 -21.83 -72.13
CA ALA TA 39 -45.04 -20.92 -71.99
C ALA TA 39 -46.38 -21.67 -72.11
N GLY TA 40 -46.42 -22.85 -71.50
CA GLY TA 40 -47.60 -23.69 -71.53
C GLY TA 40 -48.51 -23.47 -70.35
N GLN TA 48 -47.34 -23.20 -74.83
CA GLN TA 48 -47.44 -23.44 -76.27
C GLN TA 48 -46.09 -23.86 -76.84
N GLY TA 49 -45.14 -22.93 -76.88
CA GLY TA 49 -43.81 -23.22 -77.36
C GLY TA 49 -43.23 -22.14 -78.26
N TYR TA 50 -42.03 -21.69 -77.92
CA TYR TA 50 -41.29 -20.72 -78.73
C TYR TA 50 -39.82 -21.11 -78.76
N PHE TA 51 -39.20 -20.94 -79.93
CA PHE TA 51 -37.80 -21.28 -80.12
C PHE TA 51 -37.07 -20.11 -80.77
N PHE TA 52 -35.85 -19.87 -80.29
CA PHE TA 52 -35.01 -18.80 -80.80
C PHE TA 52 -33.57 -19.29 -80.87
N HIS TA 53 -32.88 -18.92 -81.94
CA HIS TA 53 -31.43 -19.05 -81.94
C HIS TA 53 -30.82 -18.02 -80.99
N PHE TA 54 -29.68 -18.37 -80.40
CA PHE TA 54 -29.02 -17.44 -79.49
C PHE TA 54 -28.72 -16.12 -80.19
N GLY TA 55 -28.19 -16.19 -81.41
CA GLY TA 55 -27.96 -14.97 -82.18
C GLY TA 55 -29.26 -14.30 -82.58
N CYS TA 56 -30.23 -15.09 -83.06
CA CYS TA 56 -31.47 -14.52 -83.59
C CYS TA 56 -32.35 -13.89 -82.52
N PHE TA 57 -32.08 -14.15 -81.24
CA PHE TA 57 -32.93 -13.60 -80.19
C PHE TA 57 -32.99 -12.08 -80.23
N LYS TA 58 -32.00 -11.44 -80.83
CA LYS TA 58 -32.01 -9.97 -80.94
C LYS TA 58 -33.27 -9.49 -81.64
N CYS TA 59 -33.63 -8.24 -81.38
CA CYS TA 59 -34.78 -7.65 -82.04
C CYS TA 59 -34.60 -7.68 -83.55
N ASN TA 60 -35.65 -8.09 -84.27
CA ASN TA 60 -35.57 -8.23 -85.71
C ASN TA 60 -35.40 -6.89 -86.42
N ARG TA 61 -35.69 -5.77 -85.76
CA ARG TA 61 -35.58 -4.46 -86.39
C ARG TA 61 -34.24 -3.80 -86.10
N CYS TA 62 -33.93 -3.55 -84.83
CA CYS TA 62 -32.70 -2.88 -84.46
C CYS TA 62 -31.53 -3.84 -84.22
N LYS TA 63 -31.79 -5.15 -84.19
CA LYS TA 63 -30.73 -6.15 -84.02
C LYS TA 63 -29.90 -5.87 -82.77
N TYR TA 64 -30.56 -5.50 -81.68
CA TYR TA 64 -29.93 -5.28 -80.40
C TYR TA 64 -30.58 -6.17 -79.35
N ARG TA 65 -29.97 -6.21 -78.17
CA ARG TA 65 -30.47 -7.03 -77.09
C ARG TA 65 -31.75 -6.43 -76.51
N LEU TA 66 -32.29 -7.10 -75.50
CA LEU TA 66 -33.51 -6.68 -74.82
C LEU TA 66 -33.15 -6.27 -73.40
N GLY TA 67 -33.36 -5.00 -73.09
CA GLY TA 67 -33.00 -4.47 -71.79
C GLY TA 67 -33.72 -5.19 -70.66
N HIS TA 68 -35.03 -5.38 -70.80
CA HIS TA 68 -35.83 -6.09 -69.82
C HIS TA 68 -35.92 -7.58 -70.11
N ASN TA 69 -35.25 -8.06 -71.16
CA ASN TA 69 -35.31 -9.44 -71.60
C ASN TA 69 -36.70 -9.82 -72.10
N LYS TA 70 -37.50 -8.84 -72.50
CA LYS TA 70 -38.84 -9.06 -73.03
C LYS TA 70 -38.92 -8.53 -74.45
N PHE TA 71 -39.68 -9.23 -75.29
CA PHE TA 71 -39.84 -8.86 -76.69
C PHE TA 71 -41.33 -8.75 -77.02
N TYR TA 72 -41.61 -8.31 -78.24
CA TYR TA 72 -42.97 -8.06 -78.69
C TYR TA 72 -43.11 -8.65 -80.09
N SER TA 73 -43.67 -9.84 -80.19
CA SER TA 73 -43.82 -10.50 -81.48
C SER TA 73 -44.65 -9.64 -82.42
N LYS TA 74 -44.17 -9.51 -83.65
CA LYS TA 74 -44.86 -8.73 -84.68
C LYS TA 74 -44.61 -9.37 -86.03
N ASP TA 75 -45.69 -9.69 -86.74
CA ASP TA 75 -45.60 -10.31 -88.06
C ASP TA 75 -44.78 -11.60 -88.01
N GLY TA 76 -44.91 -12.35 -86.92
CA GLY TA 76 -44.15 -13.58 -86.76
C GLY TA 76 -42.71 -13.38 -86.35
N LYS TA 77 -42.30 -12.15 -86.06
CA LYS TA 77 -40.93 -11.84 -85.67
C LYS TA 77 -40.94 -11.09 -84.34
N ALA TA 78 -39.88 -11.29 -83.56
CA ALA TA 78 -39.79 -10.73 -82.22
C ALA TA 78 -39.17 -9.34 -82.30
N TRP TA 79 -39.93 -8.34 -81.87
CA TRP TA 79 -39.47 -6.96 -81.80
C TRP TA 79 -39.41 -6.52 -80.34
N CYS TA 80 -38.33 -5.82 -79.99
CA CYS TA 80 -38.17 -5.38 -78.61
C CYS TA 80 -39.25 -4.36 -78.25
N ILE TA 81 -39.42 -4.15 -76.94
CA ILE TA 81 -40.50 -3.27 -76.47
C ILE TA 81 -40.36 -1.86 -77.03
N PRO TA 82 -39.17 -1.24 -77.04
CA PRO TA 82 -39.08 0.11 -77.64
C PRO TA 82 -39.53 0.15 -79.09
N CYS TA 83 -39.03 -0.77 -79.92
CA CYS TA 83 -39.42 -0.78 -81.33
C CYS TA 83 -40.92 -1.00 -81.48
N ALA TA 84 -41.49 -1.93 -80.72
CA ALA TA 84 -42.92 -2.21 -80.82
C ALA TA 84 -43.74 -1.01 -80.40
N LEU TA 85 -43.36 -0.35 -79.30
CA LEU TA 85 -44.13 0.78 -78.80
C LEU TA 85 -43.94 2.03 -79.64
N GLY TA 86 -42.87 2.10 -80.44
CA GLY TA 86 -42.62 3.21 -81.34
C GLY TA 86 -41.57 4.17 -80.86
N ARG TA 87 -41.21 4.14 -79.58
CA ARG TA 87 -40.14 5.00 -79.09
C ARG TA 87 -38.85 4.67 -79.83
N ASP TA 88 -38.12 5.72 -80.20
CA ASP TA 88 -36.88 5.53 -80.95
C ASP TA 88 -35.93 4.63 -80.18
N VAL TA 89 -35.36 3.65 -80.88
CA VAL TA 89 -34.46 2.71 -80.24
C VAL TA 89 -33.24 3.46 -79.72
N ARG TA 90 -32.88 3.21 -78.47
CA ARG TA 90 -31.70 3.81 -77.86
C ARG TA 90 -30.61 2.76 -77.79
N VAL TA 91 -29.43 3.07 -78.32
CA VAL TA 91 -28.37 2.07 -78.42
C VAL TA 91 -27.98 1.62 -77.01
N PRO TA 92 -27.92 0.31 -76.73
CA PRO TA 92 -27.49 -0.15 -75.41
C PRO TA 92 -25.99 0.05 -75.21
N THR TA 93 -25.60 0.13 -73.95
CA THR TA 93 -24.21 0.35 -73.57
C THR TA 93 -23.52 -0.92 -73.11
N ARG TA 94 -24.14 -1.69 -72.23
CA ARG TA 94 -23.48 -2.87 -71.68
C ARG TA 94 -23.18 -3.89 -72.78
N ARG TA 95 -24.14 -4.12 -73.67
CA ARG TA 95 -23.98 -5.10 -74.74
C ARG TA 95 -25.07 -4.86 -75.77
N TRP TA 96 -24.78 -5.25 -77.02
CA TRP TA 96 -25.66 -4.94 -78.14
C TRP TA 96 -26.30 -6.17 -78.76
N HIS TA 97 -25.50 -7.15 -79.20
CA HIS TA 97 -26.01 -8.19 -80.09
C HIS TA 97 -26.49 -9.44 -79.35
N THR TA 98 -26.37 -9.48 -78.04
CA THR TA 98 -26.78 -10.66 -77.28
C THR TA 98 -28.24 -10.53 -76.84
N SER TA 99 -28.65 -11.41 -75.94
CA SER TA 99 -29.96 -11.33 -75.30
C SER TA 99 -29.92 -11.54 -73.79
N TYR TA 100 -28.84 -12.12 -73.26
CA TYR TA 100 -28.67 -12.45 -71.85
C TYR TA 100 -29.63 -13.54 -71.38
N VAL TA 101 -30.32 -14.22 -72.29
CA VAL TA 101 -31.24 -15.30 -71.92
C VAL TA 101 -30.43 -16.56 -71.68
N ASN TA 102 -31.00 -17.49 -70.92
CA ASN TA 102 -30.35 -18.75 -70.61
C ASN TA 102 -30.85 -19.84 -71.57
N THR TA 103 -29.92 -20.68 -72.01
CA THR TA 103 -30.19 -21.64 -73.07
C THR TA 103 -31.05 -22.79 -72.59
N HIS TA 104 -31.93 -23.26 -73.48
CA HIS TA 104 -32.69 -24.49 -73.30
C HIS TA 104 -33.56 -24.42 -72.04
N ARG TA 105 -34.41 -23.39 -71.99
CA ARG TA 105 -35.47 -23.23 -71.01
C ARG TA 105 -34.94 -22.98 -69.59
N THR TA 106 -33.62 -23.01 -69.37
CA THR TA 106 -33.09 -22.80 -68.03
C THR TA 106 -33.52 -21.46 -67.45
N GLY TA 107 -33.66 -20.44 -68.28
CA GLY TA 107 -34.14 -19.15 -67.83
C GLY TA 107 -35.65 -19.09 -67.77
N SER TA 108 -36.32 -20.11 -68.31
CA SER TA 108 -37.77 -20.18 -68.35
C SER TA 108 -38.33 -21.35 -67.56
N ARG TA 109 -37.48 -22.21 -67.00
CA ARG TA 109 -37.98 -23.34 -66.22
C ARG TA 109 -38.63 -22.88 -64.91
N LEU TA 110 -38.45 -21.61 -64.53
CA LEU TA 110 -39.08 -21.12 -63.32
C LEU TA 110 -40.60 -21.16 -63.42
N THR TA 111 -41.14 -20.81 -64.58
CA THR TA 111 -42.58 -20.77 -64.79
C THR TA 111 -43.02 -21.90 -65.70
N GLY TA 112 -44.20 -22.43 -65.42
CA GLY TA 112 -44.74 -23.53 -66.19
C GLY TA 112 -45.94 -24.13 -65.50
N HIS TA 113 -46.27 -25.35 -65.90
CA HIS TA 113 -47.39 -26.08 -65.33
C HIS TA 113 -46.89 -27.11 -64.34
N PHE TA 114 -47.59 -27.24 -63.22
CA PHE TA 114 -47.21 -28.17 -62.16
C PHE TA 114 -48.34 -29.17 -61.88
N ARG UA 1 33.04 18.80 -122.73
CA ARG UA 1 34.32 19.31 -123.23
C ARG UA 1 34.15 19.97 -124.58
N ILE UA 2 33.29 19.39 -125.42
CA ILE UA 2 33.08 19.94 -126.76
C ILE UA 2 32.47 21.33 -126.68
N SER UA 3 31.49 21.53 -125.80
CA SER UA 3 30.87 22.83 -125.59
C SER UA 3 31.74 23.63 -124.63
N GLU UA 4 32.65 24.41 -125.20
CA GLU UA 4 33.64 25.12 -124.40
C GLU UA 4 33.23 26.53 -124.02
N ARG UA 5 32.06 27.00 -124.46
CA ARG UA 5 31.61 28.34 -124.13
C ARG UA 5 30.15 28.27 -123.67
N ALA UA 6 29.76 29.24 -122.84
CA ALA UA 6 28.40 29.36 -122.38
C ALA UA 6 27.97 30.82 -122.46
N PHE UA 7 26.70 31.03 -122.76
CA PHE UA 7 26.16 32.38 -122.87
C PHE UA 7 24.78 32.42 -122.24
N MET UA 8 24.40 33.61 -121.78
CA MET UA 8 23.12 33.83 -121.14
C MET UA 8 22.59 35.20 -121.55
N ASP UA 9 21.27 35.29 -121.75
CA ASP UA 9 20.62 36.57 -122.06
C ASP UA 9 19.88 37.03 -120.81
N ILE UA 10 20.30 38.16 -120.27
CA ILE UA 10 19.78 38.67 -119.02
C ILE UA 10 19.27 40.09 -119.22
N ALA UA 11 18.07 40.36 -118.71
CA ALA UA 11 17.43 41.65 -118.81
C ALA UA 11 17.22 42.23 -117.42
N ILE UA 12 17.15 43.55 -117.35
CA ILE UA 12 16.90 44.26 -116.11
C ILE UA 12 15.55 44.94 -116.25
N GLY UA 13 14.63 44.67 -115.32
CA GLY UA 13 13.30 45.23 -115.38
C GLY UA 13 12.58 44.81 -116.64
N THR UA 14 12.37 45.76 -117.56
CA THR UA 14 11.73 45.49 -118.84
C THR UA 14 12.63 45.92 -120.00
N LYS UA 15 13.95 45.81 -119.82
CA LYS UA 15 14.90 46.21 -120.84
C LYS UA 15 15.23 45.03 -121.75
N ALA UA 16 15.91 45.34 -122.85
CA ALA UA 16 16.29 44.30 -123.81
C ALA UA 16 17.30 43.36 -123.17
N PRO UA 17 17.09 42.04 -123.23
CA PRO UA 17 18.07 41.12 -122.65
C PRO UA 17 19.45 41.32 -123.26
N ARG UA 18 20.45 41.44 -122.38
CA ARG UA 18 21.83 41.62 -122.81
C ARG UA 18 22.54 40.27 -122.82
N ARG UA 19 23.43 40.08 -123.79
CA ARG UA 19 24.11 38.82 -123.98
C ARG UA 19 25.49 38.84 -123.32
N ILE UA 20 25.85 37.72 -122.71
CA ILE UA 20 27.15 37.54 -122.08
C ILE UA 20 27.73 36.21 -122.54
N VAL UA 21 29.06 36.09 -122.47
CA VAL UA 21 29.76 34.91 -122.94
C VAL UA 21 30.73 34.46 -121.85
N PHE UA 22 30.74 33.15 -121.59
CA PHE UA 22 31.63 32.54 -120.61
C PHE UA 22 32.59 31.58 -121.30
N LYS UA 23 33.86 31.66 -120.91
CA LYS UA 23 34.88 30.72 -121.35
C LYS UA 23 35.28 29.86 -120.16
N LEU UA 24 35.11 28.55 -120.30
CA LEU UA 24 35.30 27.62 -119.20
C LEU UA 24 36.66 26.93 -119.30
N PHE UA 25 37.06 26.29 -118.20
CA PHE UA 25 38.33 25.58 -118.10
C PHE UA 25 38.08 24.17 -117.56
N PRO UA 26 37.59 23.26 -118.40
CA PRO UA 26 37.29 21.90 -117.91
C PRO UA 26 38.49 21.21 -117.31
N ARG UA 27 39.70 21.49 -117.83
CA ARG UA 27 40.89 20.76 -117.37
C ARG UA 27 41.17 21.03 -115.90
N LYS UA 28 41.03 22.27 -115.45
CA LYS UA 28 41.33 22.63 -114.07
C LYS UA 28 40.18 22.41 -113.11
N CYS UA 29 38.93 22.55 -113.57
CA CYS UA 29 37.76 22.38 -112.73
C CYS UA 29 36.75 21.49 -113.45
N PRO UA 30 37.06 20.20 -113.57
CA PRO UA 30 36.15 19.31 -114.33
C PRO UA 30 34.73 19.28 -113.80
N SER UA 31 34.56 18.98 -112.51
CA SER UA 31 33.21 18.82 -111.96
C SER UA 31 32.43 20.13 -112.02
N ALA UA 32 33.06 21.23 -111.62
CA ALA UA 32 32.37 22.52 -111.63
C ALA UA 32 31.99 22.91 -113.05
N VAL UA 33 32.91 22.72 -114.00
CA VAL UA 33 32.62 23.07 -115.39
C VAL UA 33 31.48 22.22 -115.93
N LYS UA 34 31.49 20.91 -115.62
CA LYS UA 34 30.41 20.05 -116.08
C LYS UA 34 29.07 20.50 -115.50
N ASN UA 35 29.05 20.82 -114.20
CA ASN UA 35 27.81 21.26 -113.58
C ASN UA 35 27.32 22.55 -114.22
N PHE UA 36 28.22 23.50 -114.45
CA PHE UA 36 27.84 24.77 -115.06
C PHE UA 36 27.30 24.56 -116.47
N ILE UA 37 27.97 23.70 -117.25
CA ILE UA 37 27.53 23.45 -118.61
C ILE UA 37 26.14 22.81 -118.61
N GLU UA 38 25.92 21.84 -117.72
CA GLU UA 38 24.61 21.21 -117.65
C GLU UA 38 23.53 22.21 -117.26
N LEU UA 39 23.83 23.08 -116.29
CA LEU UA 39 22.85 24.08 -115.88
C LEU UA 39 22.54 25.04 -117.02
N CYS UA 40 23.57 25.49 -117.74
CA CYS UA 40 23.34 26.39 -118.87
C CYS UA 40 22.55 25.72 -119.97
N SER UA 41 22.84 24.46 -120.28
CA SER UA 41 22.06 23.74 -121.29
C SER UA 41 20.60 23.64 -120.87
N GLY UA 42 20.36 23.14 -119.67
CA GLY UA 42 18.99 23.06 -119.17
C GLY UA 42 18.07 22.28 -120.09
N ASN UA 43 18.55 21.15 -120.61
CA ASN UA 43 17.78 20.35 -121.55
C ASN UA 43 16.91 19.36 -120.80
N VAL UA 44 15.62 19.35 -121.12
CA VAL UA 44 14.66 18.42 -120.54
C VAL UA 44 13.87 17.83 -121.71
N SER UA 45 14.30 16.65 -122.18
CA SER UA 45 13.62 16.02 -123.30
C SER UA 45 12.26 15.45 -122.91
N THR UA 46 12.00 15.28 -121.61
CA THR UA 46 10.73 14.73 -121.16
C THR UA 46 9.64 15.79 -121.29
N ASP UA 47 8.79 15.65 -122.30
CA ASP UA 47 7.70 16.57 -122.55
C ASP UA 47 6.43 16.10 -121.85
N THR UA 48 5.56 17.06 -121.55
CA THR UA 48 4.34 16.75 -120.82
C THR UA 48 3.45 15.82 -121.63
N TYR UA 49 2.92 14.80 -120.96
CA TYR UA 49 1.97 13.86 -121.57
C TYR UA 49 0.88 13.58 -120.54
N GLU UA 50 -0.37 13.88 -120.90
CA GLU UA 50 -1.44 13.86 -119.91
C GLU UA 50 -1.64 12.46 -119.32
N SER UA 51 -1.74 11.45 -120.17
CA SER UA 51 -2.07 10.11 -119.68
C SER UA 51 -0.98 9.58 -118.76
N GLY UA 52 0.28 9.62 -119.21
CA GLY UA 52 1.37 9.13 -118.38
C GLY UA 52 1.55 9.95 -117.11
N ASN UA 53 1.39 11.27 -117.22
CA ASN UA 53 1.52 12.12 -116.04
C ASN UA 53 0.47 11.78 -115.01
N ARG UA 54 -0.77 11.56 -115.45
CA ARG UA 54 -1.81 11.14 -114.51
C ARG UA 54 -1.50 9.76 -113.93
N ASP UA 55 -1.02 8.84 -114.76
CA ASP UA 55 -0.76 7.49 -114.29
C ASP UA 55 0.30 7.48 -113.19
N LYS UA 56 1.38 8.25 -113.38
CA LYS UA 56 2.45 8.25 -112.40
C LYS UA 56 2.18 9.19 -111.23
N LEU UA 57 1.37 10.22 -111.42
CA LEU UA 57 1.06 11.20 -110.38
C LEU UA 57 2.35 11.75 -109.76
N ILE UA 58 3.30 12.10 -110.62
CA ILE UA 58 4.58 12.69 -110.22
C ILE UA 58 4.71 13.99 -110.99
N SER UA 59 4.75 15.12 -110.27
CA SER UA 59 4.88 16.42 -110.90
C SER UA 59 6.36 16.74 -111.07
N GLU UA 60 6.91 16.27 -112.20
CA GLU UA 60 8.30 16.56 -112.51
C GLU UA 60 8.53 18.06 -112.64
N SER UA 61 7.57 18.77 -113.24
CA SER UA 61 7.67 20.22 -113.33
C SER UA 61 7.67 20.84 -111.94
N ALA UA 62 6.83 20.33 -111.04
CA ALA UA 62 6.83 20.81 -109.66
C ALA UA 62 8.19 20.60 -109.02
N LEU UA 63 8.82 19.46 -109.29
CA LEU UA 63 10.18 19.24 -108.81
C LEU UA 63 11.10 20.31 -109.41
N PRO UA 64 12.02 20.86 -108.63
CA PRO UA 64 12.90 21.91 -109.17
C PRO UA 64 13.69 21.40 -110.37
N GLN UA 65 13.89 22.30 -111.33
CA GLN UA 65 14.58 21.98 -112.58
C GLN UA 65 15.98 22.59 -112.57
N LEU UA 66 16.95 21.80 -113.06
CA LEU UA 66 18.34 22.22 -113.09
C LEU UA 66 18.64 23.09 -114.32
N THR UA 67 17.92 24.20 -114.44
CA THR UA 67 18.07 25.13 -115.55
C THR UA 67 18.33 26.52 -115.01
N TYR UA 68 19.37 27.18 -115.52
CA TYR UA 68 19.66 28.55 -115.10
C TYR UA 68 18.57 29.51 -115.53
N LYS UA 69 17.90 29.23 -116.65
CA LYS UA 69 16.88 30.13 -117.16
C LYS UA 69 15.79 30.34 -116.12
N ASN UA 70 15.30 31.56 -116.02
CA ASN UA 70 14.27 32.02 -115.09
C ASN UA 70 14.85 32.30 -113.71
N SER UA 71 16.14 32.05 -113.48
CA SER UA 71 16.76 32.37 -112.21
C SER UA 71 17.02 33.87 -112.16
N THR UA 72 17.65 34.34 -111.09
CA THR UA 72 17.90 35.76 -110.91
C THR UA 72 19.20 35.96 -110.16
N PHE UA 73 19.75 37.17 -110.28
CA PHE UA 73 20.94 37.59 -109.53
C PHE UA 73 20.43 38.11 -108.18
N HIS UA 74 20.31 37.20 -107.21
CA HIS UA 74 19.72 37.56 -105.92
C HIS UA 74 20.57 38.62 -105.21
N ARG UA 75 21.89 38.46 -105.25
CA ARG UA 75 22.80 39.38 -104.60
C ARG UA 75 23.69 40.06 -105.65
N VAL UA 76 23.92 41.37 -105.45
CA VAL UA 76 24.76 42.14 -106.33
C VAL UA 76 25.34 43.29 -105.54
N GLU UA 77 26.62 43.59 -105.78
CA GLU UA 77 27.32 44.69 -105.12
C GLU UA 77 27.60 45.77 -106.15
N LYS UA 78 28.29 46.82 -105.71
CA LYS UA 78 28.61 47.94 -106.59
C LYS UA 78 29.96 47.77 -107.27
N GLY UA 79 30.98 47.39 -106.49
CA GLY UA 79 32.33 47.28 -107.03
C GLY UA 79 32.99 45.95 -106.75
N TYR UA 80 32.41 45.17 -105.84
CA TYR UA 80 33.06 43.93 -105.42
C TYR UA 80 32.74 42.78 -106.38
N LEU UA 81 31.49 42.36 -106.43
CA LEU UA 81 31.09 41.24 -107.27
C LEU UA 81 29.56 41.14 -107.26
N ILE UA 82 29.06 40.12 -107.96
CA ILE UA 82 27.63 39.82 -108.00
C ILE UA 82 27.47 38.31 -107.90
N GLN UA 83 26.30 37.88 -107.41
CA GLN UA 83 25.97 36.48 -107.29
C GLN UA 83 24.67 36.19 -108.04
N GLY UA 84 24.47 34.92 -108.36
CA GLY UA 84 23.24 34.51 -109.02
C GLY UA 84 23.24 33.02 -109.24
N GLY UA 85 22.22 32.55 -109.96
CA GLY UA 85 22.12 31.17 -110.34
C GLY UA 85 21.31 30.28 -109.42
N ASP UA 86 20.77 30.83 -108.32
CA ASP UA 86 19.93 30.04 -107.43
C ASP UA 86 18.67 29.64 -108.17
N ILE UA 87 18.52 28.35 -108.45
CA ILE UA 87 17.40 27.87 -109.26
C ILE UA 87 16.16 27.62 -108.42
N VAL UA 88 16.32 27.00 -107.25
CA VAL UA 88 15.14 26.68 -106.43
C VAL UA 88 14.43 27.96 -105.99
N THR UA 89 15.17 28.99 -105.64
CA THR UA 89 14.58 30.26 -105.24
C THR UA 89 15.38 31.40 -105.86
N GLY UA 90 14.74 32.56 -105.96
CA GLY UA 90 15.40 33.74 -106.47
C GLY UA 90 16.02 34.58 -105.38
N ARG UA 91 16.17 33.99 -104.19
CA ARG UA 91 16.71 34.70 -103.04
C ARG UA 91 18.15 34.32 -102.72
N GLY UA 92 18.63 33.17 -103.18
CA GLY UA 92 19.97 32.73 -102.87
C GLY UA 92 20.12 32.04 -101.53
N THR UA 93 19.02 31.77 -100.83
CA THR UA 93 19.11 31.15 -99.51
C THR UA 93 19.73 29.76 -99.60
N GLU UA 94 19.33 28.97 -100.59
CA GLU UA 94 19.80 27.60 -100.74
C GLU UA 94 20.16 27.35 -102.20
N GLN UA 95 21.00 26.34 -102.41
CA GLN UA 95 21.52 26.02 -103.73
C GLN UA 95 21.30 24.54 -104.03
N LEU UA 96 21.26 24.21 -105.32
CA LEU UA 96 21.07 22.86 -105.79
C LEU UA 96 22.04 22.59 -106.92
N SER UA 97 22.30 21.31 -107.17
CA SER UA 97 23.22 20.91 -108.22
C SER UA 97 22.72 19.63 -108.88
N ILE UA 98 23.21 19.38 -110.10
CA ILE UA 98 22.78 18.20 -110.85
C ILE UA 98 23.21 16.93 -110.13
N TYR UA 99 24.37 16.95 -109.47
CA TYR UA 99 24.86 15.75 -108.79
C TYR UA 99 23.94 15.30 -107.66
N GLY UA 100 23.03 16.16 -107.22
CA GLY UA 100 22.08 15.81 -106.19
C GLY UA 100 22.42 16.31 -104.80
N GLY UA 101 23.04 17.47 -104.69
CA GLY UA 101 23.42 18.01 -103.40
C GLY UA 101 24.53 19.04 -103.54
N THR UA 102 25.35 19.11 -102.50
CA THR UA 102 26.49 20.04 -102.47
C THR UA 102 27.75 19.24 -102.80
N PHE UA 103 28.13 19.26 -104.07
CA PHE UA 103 29.32 18.55 -104.49
C PHE UA 103 30.58 19.21 -103.92
N SER UA 104 31.66 18.46 -103.86
CA SER UA 104 32.92 18.93 -103.30
C SER UA 104 34.06 18.58 -104.23
N ALA UA 105 35.11 19.39 -104.18
CA ALA UA 105 36.30 19.19 -105.00
C ALA UA 105 37.51 19.81 -104.31
N PRO UA 106 38.10 19.13 -103.33
CA PRO UA 106 39.26 19.72 -102.63
C PRO UA 106 40.39 20.10 -103.55
N GLU UA 107 40.68 19.28 -104.57
CA GLU UA 107 41.74 19.62 -105.50
C GLU UA 107 41.42 20.90 -106.26
N GLU UA 108 40.17 21.05 -106.71
CA GLU UA 108 39.79 22.28 -107.41
C GLU UA 108 39.88 23.49 -106.49
N VAL UA 109 39.44 23.33 -105.24
CA VAL UA 109 39.51 24.45 -104.29
C VAL UA 109 40.95 24.86 -104.06
N ARG UA 110 41.84 23.88 -103.87
CA ARG UA 110 43.25 24.20 -103.65
C ARG UA 110 43.87 24.87 -104.87
N ALA UA 111 43.54 24.38 -106.07
CA ALA UA 111 44.12 24.94 -107.29
C ALA UA 111 43.53 26.30 -107.63
N SER UA 112 42.35 26.64 -107.11
CA SER UA 112 41.71 27.89 -107.47
C SER UA 112 42.53 29.08 -106.96
N VAL UA 113 42.53 30.15 -107.76
CA VAL UA 113 43.20 31.39 -107.38
C VAL UA 113 42.56 32.54 -108.16
N PHE UA 114 42.23 33.62 -107.47
CA PHE UA 114 41.56 34.78 -108.07
C PHE UA 114 42.55 35.94 -108.07
N ASP UA 115 43.18 36.18 -109.21
CA ASP UA 115 44.11 37.29 -109.38
C ASP UA 115 43.82 38.07 -110.66
N LYS UA 116 42.61 37.92 -111.20
CA LYS UA 116 42.22 38.58 -112.42
C LYS UA 116 40.86 39.21 -112.23
N PRO UA 117 40.59 40.37 -112.83
CA PRO UA 117 39.25 40.96 -112.72
C PRO UA 117 38.27 40.39 -113.74
N GLY UA 118 36.98 40.59 -113.50
CA GLY UA 118 35.96 40.17 -114.44
C GLY UA 118 35.95 38.69 -114.71
N LEU UA 119 36.01 37.88 -113.65
CA LEU UA 119 35.97 36.43 -113.79
C LEU UA 119 34.77 35.89 -113.03
N VAL UA 120 34.62 34.56 -113.06
CA VAL UA 120 33.48 33.89 -112.42
C VAL UA 120 33.98 32.71 -111.61
N GLY UA 121 33.20 32.35 -110.60
CA GLY UA 121 33.51 31.24 -109.74
C GLY UA 121 32.25 30.71 -109.09
N THR UA 122 32.43 29.66 -108.28
CA THR UA 122 31.31 29.01 -107.60
C THR UA 122 31.07 29.69 -106.25
N ALA UA 123 29.82 30.09 -106.02
CA ALA UA 123 29.43 30.73 -104.77
C ALA UA 123 28.96 29.66 -103.80
N SER UA 124 29.57 29.62 -102.61
CA SER UA 124 29.25 28.61 -101.62
C SER UA 124 29.46 29.18 -100.23
N SER UA 125 28.82 28.53 -99.25
CA SER UA 125 28.92 28.92 -97.85
C SER UA 125 30.11 28.26 -97.16
N SER UA 126 30.81 27.35 -97.82
CA SER UA 126 31.98 26.69 -97.26
C SER UA 126 32.82 26.15 -98.41
N PRO UA 127 34.10 25.89 -98.18
CA PRO UA 127 34.96 25.40 -99.27
C PRO UA 127 34.42 24.13 -99.91
N ASN UA 128 34.17 23.09 -99.11
CA ASN UA 128 33.71 21.82 -99.67
C ASN UA 128 32.35 21.98 -100.34
N ALA UA 129 31.43 22.68 -99.70
CA ALA UA 129 30.09 22.84 -100.26
C ALA UA 129 30.15 23.65 -101.55
N HIS UA 130 29.37 23.24 -102.54
CA HIS UA 130 29.27 23.95 -103.81
C HIS UA 130 27.91 23.64 -104.42
N GLY UA 131 27.50 24.48 -105.36
CA GLY UA 131 26.20 24.31 -105.96
C GLY UA 131 26.06 25.12 -107.23
N SER UA 132 24.82 25.18 -107.72
CA SER UA 132 24.55 25.89 -108.96
C SER UA 132 24.85 27.38 -108.86
N GLN UA 133 24.89 27.93 -107.65
CA GLN UA 133 25.10 29.36 -107.50
C GLN UA 133 26.49 29.75 -107.97
N PHE UA 134 26.56 30.74 -108.86
CA PHE UA 134 27.82 31.28 -109.35
C PHE UA 134 27.92 32.74 -108.92
N PHE UA 135 29.14 33.26 -108.97
CA PHE UA 135 29.40 34.65 -108.67
C PHE UA 135 30.43 35.19 -109.66
N ILE UA 136 30.13 36.37 -110.21
CA ILE UA 136 31.02 37.05 -111.14
C ILE UA 136 31.66 38.21 -110.37
N LEU UA 137 32.98 38.19 -110.26
CA LEU UA 137 33.73 39.20 -109.53
C LEU UA 137 34.45 40.11 -110.52
N THR UA 138 34.27 41.41 -110.33
CA THR UA 138 34.92 42.43 -111.15
C THR UA 138 36.16 43.02 -110.49
N ALA UA 139 36.26 42.95 -109.17
CA ALA UA 139 37.43 43.48 -108.48
C ALA UA 139 38.69 42.73 -108.93
N LYS UA 140 39.80 43.47 -109.00
CA LYS UA 140 41.04 42.93 -109.52
C LYS UA 140 41.82 42.09 -108.53
N GLU UA 141 41.49 42.15 -107.24
CA GLU UA 141 42.13 41.33 -106.21
C GLU UA 141 41.07 40.61 -105.42
N ALA UA 142 41.20 39.28 -105.32
CA ALA UA 142 40.34 38.45 -104.49
C ALA UA 142 41.17 37.37 -103.80
N ASN UA 143 42.34 37.75 -103.30
CA ASN UA 143 43.20 36.78 -102.62
C ASN UA 143 42.53 36.21 -101.38
N HIS UA 144 41.62 36.95 -100.76
CA HIS UA 144 40.86 36.40 -99.64
C HIS UA 144 39.82 35.38 -100.09
N LEU UA 145 39.57 35.26 -101.39
CA LEU UA 145 38.74 34.21 -101.95
C LEU UA 145 39.52 33.14 -102.69
N ASN UA 146 40.81 33.38 -102.96
CA ASN UA 146 41.57 32.47 -103.81
C ASN UA 146 41.44 31.02 -103.33
N GLY UA 147 41.59 30.79 -102.02
CA GLY UA 147 41.54 29.46 -101.48
C GLY UA 147 40.18 28.99 -101.03
N THR UA 148 39.12 29.77 -101.24
CA THR UA 148 37.79 29.43 -100.76
C THR UA 148 36.91 28.84 -101.87
N CYS UA 149 36.74 29.57 -102.97
CA CYS UA 149 35.86 29.16 -104.06
C CYS UA 149 36.69 28.59 -105.21
N ILE UA 150 35.99 28.23 -106.29
CA ILE UA 150 36.60 27.61 -107.45
C ILE UA 150 36.32 28.49 -108.67
N CYS UA 151 37.36 28.82 -109.42
CA CYS UA 151 37.23 29.57 -110.67
C CYS UA 151 37.07 28.54 -111.80
N PHE UA 152 35.82 28.29 -112.18
CA PHE UA 152 35.50 27.35 -113.23
C PHE UA 152 35.40 28.01 -114.61
N GLY UA 153 35.65 29.31 -114.70
CA GLY UA 153 35.52 29.99 -115.97
C GLY UA 153 35.83 31.47 -115.83
N GLN UA 154 35.54 32.20 -116.91
CA GLN UA 154 35.78 33.63 -116.98
C GLN UA 154 34.75 34.24 -117.92
N VAL UA 155 34.53 35.54 -117.77
CA VAL UA 155 33.64 36.29 -118.64
C VAL UA 155 34.46 36.86 -119.78
N ALA UA 156 34.01 36.62 -121.02
CA ALA UA 156 34.73 37.04 -122.21
C ALA UA 156 34.10 38.22 -122.94
N ASP UA 157 32.77 38.32 -122.95
CA ASP UA 157 32.06 39.36 -123.68
C ASP UA 157 31.20 40.24 -122.78
N GLY UA 158 30.54 39.65 -121.79
CA GLY UA 158 29.63 40.40 -120.95
C GLY UA 158 30.30 41.17 -119.83
N LEU UA 159 30.99 42.25 -120.18
CA LEU UA 159 31.60 43.13 -119.18
C LEU UA 159 30.75 44.37 -118.92
N ASP UA 160 30.26 45.02 -119.98
CA ASP UA 160 29.38 46.17 -119.79
C ASP UA 160 28.10 45.75 -119.10
N VAL UA 161 27.58 44.56 -119.41
CA VAL UA 161 26.38 44.08 -118.76
C VAL UA 161 26.62 43.90 -117.26
N VAL UA 162 27.76 43.31 -116.90
CA VAL UA 162 28.08 43.12 -115.49
C VAL UA 162 28.23 44.46 -114.79
N GLN UA 163 28.88 45.42 -115.46
CA GLN UA 163 29.05 46.75 -114.86
C GLN UA 163 27.70 47.43 -114.63
N GLU UA 164 26.79 47.32 -115.60
CA GLU UA 164 25.46 47.90 -115.43
C GLU UA 164 24.71 47.22 -114.30
N ILE UA 165 24.82 45.89 -114.21
CA ILE UA 165 24.17 45.17 -113.11
C ILE UA 165 24.71 45.64 -111.77
N GLU UA 166 26.02 45.83 -111.67
CA GLU UA 166 26.61 46.35 -110.45
C GLU UA 166 26.08 47.74 -110.14
N GLN UA 167 26.00 48.60 -111.15
CA GLN UA 167 25.50 49.95 -110.96
C GLN UA 167 24.02 49.99 -110.58
N VAL UA 168 23.28 48.92 -110.87
CA VAL UA 168 21.86 48.87 -110.52
C VAL UA 168 21.72 49.13 -109.01
N PRO UA 169 20.79 49.98 -108.57
CA PRO UA 169 20.68 50.26 -107.13
C PRO UA 169 20.26 49.05 -106.31
N ILE UA 170 20.17 49.22 -105.00
CA ILE UA 170 19.76 48.17 -104.08
C ILE UA 170 18.58 48.67 -103.25
N ASP UA 171 17.53 47.88 -103.19
CA ASP UA 171 16.34 48.22 -102.41
C ASP UA 171 16.63 48.05 -100.92
N PRO UA 172 15.81 48.64 -100.05
CA PRO UA 172 16.05 48.48 -98.61
C PRO UA 172 16.08 47.03 -98.15
N SER UA 173 15.35 46.14 -98.81
CA SER UA 173 15.36 44.74 -98.40
C SER UA 173 16.75 44.13 -98.53
N GLY UA 174 17.47 44.44 -99.62
CA GLY UA 174 18.79 43.91 -99.84
C GLY UA 174 18.98 43.44 -101.27
N PHE UA 175 17.90 42.97 -101.88
CA PHE UA 175 17.95 42.52 -103.27
C PHE UA 175 18.07 43.73 -104.19
N PRO UA 176 18.53 43.51 -105.43
CA PRO UA 176 18.62 44.64 -106.37
C PRO UA 176 17.26 45.27 -106.60
N SER UA 177 17.25 46.59 -106.76
CA SER UA 177 16.01 47.31 -106.97
C SER UA 177 15.28 46.82 -108.22
N LEU UA 178 16.03 46.33 -109.20
CA LEU UA 178 15.47 45.77 -110.43
C LEU UA 178 15.85 44.29 -110.52
N LYS UA 179 14.87 43.45 -110.78
CA LYS UA 179 15.09 42.00 -110.84
C LYS UA 179 15.95 41.69 -112.06
N VAL UA 180 17.21 41.36 -111.81
CA VAL UA 180 18.15 40.98 -112.88
C VAL UA 180 17.94 39.48 -113.11
N SER UA 181 16.99 39.15 -113.98
CA SER UA 181 16.59 37.78 -114.22
C SER UA 181 17.35 37.19 -115.41
N ILE UA 182 17.16 35.89 -115.61
CA ILE UA 182 17.77 35.17 -116.72
C ILE UA 182 16.67 34.81 -117.71
N VAL UA 183 16.85 35.21 -118.96
CA VAL UA 183 15.86 34.90 -119.99
C VAL UA 183 16.14 33.57 -120.68
N ASP UA 184 17.41 33.26 -120.94
CA ASP UA 184 17.76 32.00 -121.59
C ASP UA 184 19.25 31.77 -121.42
N CYS UA 185 19.64 30.49 -121.46
CA CYS UA 185 21.02 30.09 -121.32
C CYS UA 185 21.33 29.02 -122.38
N GLY UA 186 22.49 29.16 -123.04
CA GLY UA 186 22.87 28.23 -124.08
C GLY UA 186 24.36 27.95 -124.03
N VAL UA 187 24.75 26.90 -124.76
CA VAL UA 187 26.14 26.48 -124.82
C VAL UA 187 26.68 26.70 -126.23
N LEU UA 188 27.98 26.50 -126.41
CA LEU UA 188 28.62 26.71 -127.70
C LEU UA 188 29.94 25.96 -127.74
N GLU UA 189 30.29 25.45 -128.91
CA GLU UA 189 31.52 24.68 -129.08
C GLU UA 189 32.65 25.59 -129.57
N GLN VA 1 4.93 -2.88 -49.91
CA GLN VA 1 5.42 -4.15 -49.38
C GLN VA 1 6.08 -4.97 -50.48
N GLY VA 2 5.76 -4.66 -51.73
CA GLY VA 2 6.32 -5.38 -52.84
C GLY VA 2 7.73 -4.95 -53.19
N MET VA 3 8.39 -5.75 -54.01
CA MET VA 3 9.75 -5.43 -54.44
C MET VA 3 9.77 -4.14 -55.23
N PHE VA 4 8.68 -3.82 -55.94
CA PHE VA 4 8.63 -2.54 -56.65
C PHE VA 4 8.82 -1.38 -55.69
N SER VA 5 8.03 -1.33 -54.62
CA SER VA 5 8.20 -0.26 -53.63
C SER VA 5 9.55 -0.35 -52.94
N HIS VA 6 10.01 -1.57 -52.63
CA HIS VA 6 11.29 -1.73 -51.98
C HIS VA 6 12.41 -1.06 -52.79
N GLN VA 7 12.40 -1.29 -54.11
CA GLN VA 7 13.36 -0.61 -54.96
C GLN VA 7 13.08 0.89 -55.04
N LEU VA 8 11.82 1.25 -55.25
CA LEU VA 8 11.47 2.65 -55.51
C LEU VA 8 11.92 3.56 -54.37
N LYS VA 9 11.88 3.09 -53.13
CA LYS VA 9 12.30 3.96 -52.04
C LYS VA 9 13.70 4.52 -52.30
N ARG VA 10 14.65 3.64 -52.56
CA ARG VA 10 16.03 4.07 -52.78
C ARG VA 10 16.23 4.69 -54.17
N LEU VA 11 15.52 4.18 -55.18
CA LEU VA 11 15.66 4.74 -56.51
C LEU VA 11 15.24 6.21 -56.51
N LEU VA 12 14.14 6.54 -55.83
CA LEU VA 12 13.74 7.93 -55.69
C LEU VA 12 14.63 8.69 -54.73
N GLN VA 13 15.18 8.01 -53.72
CA GLN VA 13 16.17 8.66 -52.87
C GLN VA 13 17.37 9.14 -53.66
N LYS VA 14 17.69 8.46 -54.77
CA LYS VA 14 18.82 8.87 -55.61
C LYS VA 14 18.75 10.36 -55.95
N LYS VA 15 19.90 10.98 -56.18
CA LYS VA 15 19.98 12.38 -56.56
C LYS VA 15 19.93 12.53 -58.07
N SER VA 16 19.63 13.75 -58.53
CA SER VA 16 19.48 14.03 -59.95
C SER VA 16 20.44 15.13 -60.36
N ILE VA 17 20.84 15.08 -61.63
CA ILE VA 17 21.72 16.10 -62.22
C ILE VA 17 21.10 17.47 -61.99
N HIS VA 18 21.92 18.45 -61.62
CA HIS VA 18 21.46 19.80 -61.32
C HIS VA 18 22.18 20.79 -62.21
N ARG VA 19 21.44 21.80 -62.67
CA ARG VA 19 22.01 22.87 -63.48
C ARG VA 19 21.31 24.16 -63.10
N TYR VA 20 22.08 25.25 -63.04
CA TYR VA 20 21.56 26.55 -62.67
C TYR VA 20 21.17 27.30 -63.94
N ASN VA 21 19.88 27.26 -64.25
CA ASN VA 21 19.34 27.91 -65.45
C ASN VA 21 18.92 29.32 -65.11
N TRP VA 22 19.57 30.30 -65.73
CA TRP VA 22 19.21 31.70 -65.51
C TRP VA 22 17.80 31.96 -66.04
N ASP VA 23 17.07 32.81 -65.35
CA ASP VA 23 15.72 33.14 -65.76
C ASP VA 23 15.77 33.83 -67.13
N PRO VA 24 14.89 33.46 -68.07
CA PRO VA 24 14.96 34.06 -69.40
C PRO VA 24 14.54 35.52 -69.37
N LEU VA 25 14.68 36.17 -70.53
CA LEU VA 25 14.32 37.58 -70.72
C LEU VA 25 13.45 37.67 -71.95
N PRO VA 26 12.24 37.13 -71.90
CA PRO VA 26 11.37 37.18 -73.09
C PRO VA 26 11.05 38.60 -73.56
N MET VA 27 10.87 39.54 -72.63
CA MET VA 27 10.54 40.90 -73.02
C MET VA 27 11.77 41.65 -73.54
N TYR VA 28 12.92 41.44 -72.90
CA TYR VA 28 14.16 42.13 -73.26
C TYR VA 28 15.10 41.11 -73.90
N ASP VA 29 15.44 41.34 -75.16
CA ASP VA 29 16.27 40.40 -75.93
C ASP VA 29 17.58 41.08 -76.30
N PRO VA 30 18.69 40.77 -75.62
CA PRO VA 30 19.98 41.36 -76.02
C PRO VA 30 20.35 41.05 -77.46
N ARG VA 31 20.02 39.85 -77.94
CA ARG VA 31 20.33 39.51 -79.33
C ARG VA 31 19.62 40.44 -80.29
N LYS VA 32 18.36 40.78 -80.01
CA LYS VA 32 17.65 41.77 -80.81
C LYS VA 32 18.24 43.15 -80.63
N LEU VA 33 18.67 43.51 -79.42
CA LEU VA 33 19.26 44.81 -79.18
C LEU VA 33 20.58 45.01 -79.90
N VAL VA 34 21.27 43.93 -80.27
CA VAL VA 34 22.56 44.05 -80.94
C VAL VA 34 22.50 45.10 -82.04
N HIS VA 35 21.34 45.25 -82.70
CA HIS VA 35 21.18 46.18 -83.79
C HIS VA 35 20.79 47.58 -83.34
N ALA VA 36 20.60 47.81 -82.04
CA ALA VA 36 20.13 49.10 -81.57
C ALA VA 36 21.22 50.16 -81.67
N SER VA 37 20.80 51.39 -81.94
CA SER VA 37 21.70 52.54 -81.99
C SER VA 37 22.80 52.33 -83.02
N ARG VA 38 22.40 52.01 -84.26
CA ARG VA 38 23.32 51.80 -85.35
C ARG VA 38 22.90 52.66 -86.54
N HIS VA 39 23.88 53.29 -87.18
CA HIS VA 39 23.63 54.02 -88.40
C HIS VA 39 23.52 53.05 -89.58
N MET VA 40 22.83 53.50 -90.63
CA MET VA 40 22.55 52.66 -91.79
C MET VA 40 23.12 53.31 -93.03
N ASP VA 41 24.16 52.70 -93.60
CA ASP VA 41 24.64 53.11 -94.91
C ASP VA 41 23.57 52.81 -95.95
N VAL VA 42 23.27 53.80 -96.78
CA VAL VA 42 22.14 53.69 -97.70
C VAL VA 42 22.56 53.08 -99.03
N GLU VA 43 23.82 53.24 -99.43
CA GLU VA 43 24.28 52.66 -100.68
C GLU VA 43 24.07 51.15 -100.69
N THR VA 44 24.12 50.51 -99.53
CA THR VA 44 23.82 49.09 -99.40
C THR VA 44 22.68 48.81 -98.45
N TRP VA 45 22.11 49.83 -97.81
CA TRP VA 45 21.04 49.64 -96.83
C TRP VA 45 21.46 48.63 -95.77
N ARG VA 46 22.64 48.86 -95.19
CA ARG VA 46 23.21 47.95 -94.21
C ARG VA 46 23.79 48.72 -93.03
N GLU VA 47 23.83 48.05 -91.88
CA GLU VA 47 24.40 48.67 -90.69
C GLU VA 47 25.86 49.07 -90.94
N VAL VA 48 26.21 50.26 -90.50
CA VAL VA 48 27.56 50.79 -90.64
C VAL VA 48 28.39 50.30 -89.46
N PRO VA 49 29.51 49.62 -89.69
CA PRO VA 49 30.36 49.23 -88.56
C PRO VA 49 30.80 50.47 -87.79
N ASP VA 50 30.75 50.38 -86.46
CA ASP VA 50 31.01 51.52 -85.59
C ASP VA 50 31.96 51.09 -84.47
N PRO VA 51 33.25 51.38 -84.58
CA PRO VA 51 34.17 51.04 -83.48
C PRO VA 51 33.79 51.70 -82.18
N HIS VA 52 33.24 52.92 -82.23
CA HIS VA 52 32.76 53.55 -81.01
C HIS VA 52 31.63 52.75 -80.37
N TRP VA 53 30.70 52.25 -81.20
CA TRP VA 53 29.64 51.40 -80.68
C TRP VA 53 30.21 50.14 -80.06
N ASP VA 54 31.19 49.52 -80.72
CA ASP VA 54 31.79 48.31 -80.18
C ASP VA 54 32.45 48.59 -78.83
N GLU VA 55 33.17 49.71 -78.72
CA GLU VA 55 33.80 50.06 -77.46
C GLU VA 55 32.75 50.29 -76.37
N ARG VA 56 31.68 51.02 -76.70
CA ARG VA 56 30.64 51.27 -75.73
C ARG VA 56 29.91 49.99 -75.34
N SER VA 57 29.97 48.96 -76.19
CA SER VA 57 29.18 47.76 -75.99
C SER VA 57 29.35 47.20 -74.60
N TYR VA 58 28.25 47.09 -73.87
CA TYR VA 58 28.19 46.39 -72.60
C TYR VA 58 27.89 44.92 -72.88
N LEU VA 59 28.72 44.04 -72.34
CA LEU VA 59 28.68 42.62 -72.66
C LEU VA 59 27.78 41.92 -71.65
N VAL VA 60 26.53 41.68 -72.03
CA VAL VA 60 25.59 40.93 -71.21
C VAL VA 60 25.96 39.46 -71.27
N PRO VA 61 26.00 38.74 -70.15
CA PRO VA 61 26.28 37.31 -70.19
C PRO VA 61 25.05 36.51 -70.62
N ASP VA 62 25.29 35.26 -71.00
CA ASP VA 62 24.22 34.35 -71.36
C ASP VA 62 24.77 32.95 -71.41
N GLN VA 63 23.92 31.97 -71.06
CA GLN VA 63 24.36 30.59 -71.03
C GLN VA 63 24.50 30.01 -72.43
N MET VA 64 23.59 30.36 -73.34
CA MET VA 64 23.70 29.89 -74.72
C MET VA 64 24.76 30.66 -75.49
N PHE VA 65 24.94 31.94 -75.19
CA PHE VA 65 25.87 32.81 -75.92
C PHE VA 65 26.90 33.36 -74.95
N TYR VA 66 28.18 33.20 -75.30
CA TYR VA 66 29.26 33.61 -74.40
C TYR VA 66 29.15 35.08 -74.04
N ASN VA 67 28.70 35.92 -74.97
CA ASN VA 67 28.53 37.34 -74.74
C ASN VA 67 27.40 37.84 -75.61
N ILE VA 68 26.83 38.98 -75.22
CA ILE VA 68 25.94 39.71 -76.10
C ILE VA 68 26.25 41.20 -75.97
N PRO VA 69 26.74 41.86 -77.02
CA PRO VA 69 26.99 43.30 -76.91
C PRO VA 69 25.69 44.08 -77.04
N VAL VA 70 25.40 44.90 -76.02
CA VAL VA 70 24.20 45.74 -76.01
C VAL VA 70 24.67 47.16 -75.74
N PRO VA 71 24.09 48.18 -76.38
CA PRO VA 71 24.52 49.55 -76.11
C PRO VA 71 24.34 49.87 -74.63
N PRO VA 72 25.25 50.66 -74.04
CA PRO VA 72 25.19 50.88 -72.60
C PRO VA 72 23.94 51.58 -72.13
N GLU VA 73 23.11 52.10 -73.04
CA GLU VA 73 21.89 52.79 -72.63
C GLU VA 73 20.92 51.84 -71.95
N TYR VA 74 20.79 50.61 -72.46
CA TYR VA 74 19.78 49.66 -71.99
C TYR VA 74 20.35 48.62 -71.05
N LYS VA 75 21.59 48.77 -70.58
CA LYS VA 75 22.17 47.76 -69.71
C LYS VA 75 21.42 47.65 -68.39
N ASP VA 76 20.73 48.73 -67.98
CA ASP VA 76 20.08 48.74 -66.68
C ASP VA 76 18.95 47.75 -66.56
N ALA VA 77 18.48 47.18 -67.67
CA ALA VA 77 17.42 46.17 -67.64
C ALA VA 77 17.96 44.76 -67.46
N TYR VA 78 19.27 44.59 -67.35
CA TYR VA 78 19.89 43.27 -67.23
C TYR VA 78 20.69 43.13 -65.94
N TRP VA 79 20.39 43.95 -64.93
CA TRP VA 79 21.16 43.91 -63.70
C TRP VA 79 21.04 42.56 -63.02
N TRP VA 80 19.82 42.00 -62.97
CA TRP VA 80 19.62 40.71 -62.30
C TRP VA 80 20.40 39.61 -62.99
N ARG VA 81 20.41 39.60 -64.32
CA ARG VA 81 21.17 38.58 -65.03
C ARG VA 81 22.65 38.71 -64.74
N GLU VA 82 23.14 39.93 -64.55
CA GLU VA 82 24.55 40.11 -64.20
C GLU VA 82 24.85 39.47 -62.84
N LEU VA 83 23.97 39.66 -61.86
CA LEU VA 83 24.17 39.02 -60.57
C LEU VA 83 24.12 37.51 -60.70
N GLN VA 84 23.19 36.99 -61.50
CA GLN VA 84 23.10 35.55 -61.69
C GLN VA 84 24.37 34.99 -62.32
N ALA VA 85 24.93 35.72 -63.29
CA ALA VA 85 26.17 35.29 -63.92
C ALA VA 85 27.34 35.37 -62.96
N ARG VA 86 27.36 36.38 -62.09
CA ARG VA 86 28.48 36.54 -61.17
C ARG VA 86 28.44 35.57 -60.01
N ARG VA 87 27.27 35.10 -59.60
CA ARG VA 87 27.14 34.28 -58.41
C ARG VA 87 27.79 32.91 -58.65
N VAL VA 88 27.69 32.03 -57.65
CA VAL VA 88 28.45 30.78 -57.66
C VAL VA 88 27.92 29.74 -58.64
N GLN VA 89 26.71 29.91 -59.15
CA GLN VA 89 26.11 28.96 -60.09
C GLN VA 89 25.83 27.62 -59.42
N CYS VA 90 25.37 27.66 -58.17
CA CYS VA 90 24.92 26.50 -57.44
C CYS VA 90 24.33 26.96 -56.12
N PRO VA 91 23.48 26.15 -55.47
CA PRO VA 91 22.96 26.55 -54.15
C PRO VA 91 24.11 26.81 -53.19
N VAL VA 92 23.97 27.88 -52.39
CA VAL VA 92 25.01 28.24 -51.45
C VAL VA 92 25.24 27.12 -50.44
N GLU VA 93 24.15 26.45 -50.02
CA GLU VA 93 24.28 25.38 -49.04
C GLU VA 93 25.35 24.36 -49.42
N TRP VA 94 25.70 24.26 -50.70
CA TRP VA 94 26.72 23.33 -51.15
C TRP VA 94 28.14 23.83 -50.91
N VAL VA 95 28.33 25.13 -50.70
CA VAL VA 95 29.66 25.70 -50.51
C VAL VA 95 29.75 26.55 -49.25
N SER VA 96 28.72 26.56 -48.41
CA SER VA 96 28.72 27.41 -47.22
C SER VA 96 29.84 27.06 -46.24
N HIS VA 97 30.46 25.89 -46.37
CA HIS VA 97 31.62 25.60 -45.52
C HIS VA 97 32.71 26.64 -45.69
N ARG VA 98 32.77 27.27 -46.87
CA ARG VA 98 33.73 28.36 -47.08
C ARG VA 98 33.45 29.51 -46.12
N MET VA 99 32.19 29.89 -45.96
CA MET VA 99 31.84 30.92 -44.99
C MET VA 99 32.08 30.44 -43.57
N TYR VA 100 31.84 29.17 -43.31
CA TYR VA 100 31.88 28.67 -41.93
C TYR VA 100 33.30 28.58 -41.40
N ASN VA 101 34.25 28.09 -42.18
CA ASN VA 101 35.62 28.00 -41.69
C ASN VA 101 36.36 29.32 -41.90
N LYS VA 102 37.23 29.65 -40.95
CA LYS VA 102 37.93 30.93 -40.95
C LYS VA 102 38.89 31.06 -42.13
N GLY VA 103 39.64 30.01 -42.48
CA GLY VA 103 40.61 30.14 -43.54
C GLY VA 103 39.97 30.56 -44.84
N ASP VA 104 38.85 29.94 -45.21
CA ASP VA 104 38.20 30.30 -46.46
C ASP VA 104 37.54 31.66 -46.38
N ARG VA 105 37.11 32.09 -45.18
CA ARG VA 105 36.57 33.44 -45.05
C ARG VA 105 37.59 34.49 -45.45
N GLN VA 106 38.89 34.18 -45.34
CA GLN VA 106 39.93 35.07 -45.79
C GLN VA 106 40.48 34.71 -47.16
N ARG VA 107 40.27 33.48 -47.62
CA ARG VA 107 40.88 32.99 -48.84
C ARG VA 107 39.93 32.98 -50.03
N TYR VA 108 38.64 33.27 -49.84
CA TYR VA 108 37.65 33.23 -50.89
C TYR VA 108 36.97 34.58 -51.04
N ASP VA 109 36.61 34.91 -52.28
CA ASP VA 109 35.91 36.13 -52.61
C ASP VA 109 34.41 35.87 -52.55
N PHE VA 110 33.73 36.53 -51.61
CA PHE VA 110 32.30 36.35 -51.41
C PHE VA 110 31.46 37.45 -52.03
N GLN VA 111 32.06 38.31 -52.85
CA GLN VA 111 31.29 39.37 -53.50
C GLN VA 111 30.26 38.75 -54.44
N ASP VA 112 29.09 39.39 -54.50
CA ASP VA 112 27.97 38.93 -55.32
C ASP VA 112 27.79 37.42 -55.25
N LEU VA 113 27.93 36.86 -54.04
CA LEU VA 113 27.69 35.45 -53.76
C LEU VA 113 28.65 34.53 -54.50
N ALA VA 114 29.67 35.07 -55.16
CA ALA VA 114 30.69 34.23 -55.75
C ALA VA 114 31.48 33.51 -54.67
N PHE VA 115 31.98 32.33 -55.00
CA PHE VA 115 32.77 31.54 -54.07
C PHE VA 115 34.05 31.07 -54.75
N ARG VA 116 34.65 31.94 -55.55
CA ARG VA 116 35.90 31.64 -56.23
C ARG VA 116 37.07 32.00 -55.32
N LYS VA 117 37.98 31.05 -55.14
CA LYS VA 117 39.11 31.26 -54.25
C LYS VA 117 40.00 32.38 -54.78
N LYS VA 118 40.50 33.21 -53.86
CA LYS VA 118 41.41 34.28 -54.22
C LYS VA 118 42.80 33.70 -54.51
N PHE VA 119 43.69 34.56 -55.00
CA PHE VA 119 45.07 34.13 -55.22
C PHE VA 119 45.72 33.77 -53.89
N GLU VA 120 46.58 32.76 -53.92
CA GLU VA 120 47.24 32.27 -52.70
C GLU VA 120 48.65 31.87 -53.06
N PHE VA 121 49.64 32.53 -52.46
CA PHE VA 121 51.02 32.16 -52.66
C PHE VA 121 51.27 30.74 -52.18
N SER VA 122 51.98 29.96 -52.99
CA SER VA 122 52.40 28.63 -52.56
C SER VA 122 53.47 28.73 -51.50
N TYR VA 123 53.64 27.66 -50.72
CA TYR VA 123 54.62 27.67 -49.65
C TYR VA 123 56.03 27.95 -50.18
N GLU VA 124 56.36 27.43 -51.35
CA GLU VA 124 57.69 27.67 -51.91
C GLU VA 124 57.89 29.16 -52.17
N GLU VA 125 56.90 29.82 -52.78
CA GLU VA 125 57.02 31.25 -53.03
C GLU VA 125 57.03 32.05 -51.75
N VAL VA 126 56.26 31.62 -50.74
CA VAL VA 126 56.27 32.31 -49.46
C VAL VA 126 57.65 32.25 -48.83
N VAL VA 127 58.26 31.07 -48.82
CA VAL VA 127 59.59 30.91 -48.27
C VAL VA 127 60.60 31.74 -49.07
N LYS VA 128 60.46 31.75 -50.40
CA LYS VA 128 61.38 32.52 -51.22
C LYS VA 128 61.28 34.01 -50.89
N ASN VA 129 60.06 34.53 -50.77
CA ASN VA 129 59.89 35.94 -50.45
C ASN VA 129 60.44 36.28 -49.08
N ALA VA 130 60.15 35.43 -48.09
CA ALA VA 130 60.65 35.69 -46.74
C ALA VA 130 62.17 35.68 -46.72
N LYS VA 131 62.79 34.71 -47.40
CA LYS VA 131 64.24 34.63 -47.42
C LYS VA 131 64.84 35.82 -48.16
N ASP VA 132 64.20 36.26 -49.26
CA ASP VA 132 64.69 37.43 -49.97
C ASP VA 132 64.64 38.67 -49.09
N MET VA 133 63.56 38.84 -48.33
CA MET VA 133 63.48 39.96 -47.41
C MET VA 133 64.31 39.77 -46.16
N ARG VA 134 64.87 38.57 -45.94
CA ARG VA 134 65.72 38.29 -44.79
C ARG VA 134 64.95 38.51 -43.48
N SER VA 135 63.87 37.74 -43.34
CA SER VA 135 63.03 37.81 -42.15
C SER VA 135 62.24 36.52 -41.97
N HIS WA 1 12.01 14.60 89.45
CA HIS WA 1 11.85 16.00 89.81
C HIS WA 1 12.64 16.32 91.08
N MET WA 2 12.40 17.49 91.66
CA MET WA 2 13.15 17.93 92.83
C MET WA 2 12.89 16.99 94.01
N VAL WA 3 13.95 16.68 94.75
CA VAL WA 3 13.90 15.82 95.92
C VAL WA 3 14.81 16.42 96.98
N HIS WA 4 14.71 15.90 98.20
CA HIS WA 4 15.57 16.36 99.29
C HIS WA 4 17.04 16.17 98.93
N ASP WA 5 17.93 16.79 99.69
CA ASP WA 5 19.35 16.80 99.37
C ASP WA 5 20.15 15.79 100.18
N SER WA 6 19.85 15.61 101.46
CA SER WA 6 20.59 14.65 102.27
C SER WA 6 20.42 13.23 101.75
N HIS WA 7 19.19 12.88 101.37
CA HIS WA 7 18.92 11.54 100.84
C HIS WA 7 19.72 11.31 99.55
N LYS WA 8 19.71 12.30 98.66
CA LYS WA 8 20.48 12.16 97.42
C LYS WA 8 21.97 12.05 97.71
N LEU WA 9 22.47 12.84 98.67
CA LEU WA 9 23.88 12.78 99.02
C LEU WA 9 24.26 11.39 99.51
N ARG WA 10 23.51 10.86 100.48
CA ARG WA 10 23.84 9.55 101.02
C ARG WA 10 23.70 8.47 99.97
N GLU WA 11 22.69 8.55 99.12
CA GLU WA 11 22.52 7.56 98.05
C GLU WA 11 23.71 7.60 97.10
N LYS WA 12 24.04 8.78 96.58
CA LYS WA 12 25.18 8.88 95.66
C LYS WA 12 26.49 8.46 96.31
N LEU WA 13 26.62 8.63 97.63
CA LEU WA 13 27.87 8.27 98.29
C LEU WA 13 27.99 6.77 98.51
N SER WA 14 26.97 6.16 99.11
CA SER WA 14 27.05 4.78 99.59
C SER WA 14 26.20 3.82 98.76
N SER WA 15 25.84 4.21 97.54
CA SER WA 15 25.07 3.35 96.66
C SER WA 15 25.77 3.06 95.34
N ARG WA 16 26.31 4.07 94.68
CA ARG WA 16 26.87 3.93 93.33
C ARG WA 16 28.38 3.70 93.34
N LYS WA 17 29.13 4.58 94.00
CA LYS WA 17 30.59 4.50 94.00
C LYS WA 17 31.14 4.52 92.58
N GLY WA 18 30.54 5.36 91.73
CA GLY WA 18 30.95 5.47 90.35
C GLY WA 18 30.44 6.74 89.71
N ILE WA 19 30.03 6.66 88.44
CA ILE WA 19 29.47 7.78 87.71
C ILE WA 19 28.09 7.38 87.22
N PHE WA 20 27.08 8.18 87.58
CA PHE WA 20 25.71 7.91 87.16
C PHE WA 20 24.96 9.19 86.76
N VAL WA 21 25.68 10.30 86.58
CA VAL WA 21 25.07 11.59 86.29
C VAL WA 21 25.34 11.92 84.82
N ILE WA 22 24.26 12.22 84.10
CA ILE WA 22 24.32 12.64 82.70
C ILE WA 22 23.94 14.11 82.66
N ASP WA 23 24.82 14.94 82.13
CA ASP WA 23 24.64 16.39 82.12
C ASP WA 23 24.21 16.82 80.74
N VAL WA 24 23.04 17.43 80.65
CA VAL WA 24 22.51 17.92 79.37
C VAL WA 24 22.34 19.43 79.53
N ARG WA 25 23.37 20.18 79.15
CA ARG WA 25 23.38 21.63 79.29
C ARG WA 25 24.24 22.22 78.18
N ASP WA 26 24.05 23.51 77.93
CA ASP WA 26 24.87 24.19 76.94
C ASP WA 26 26.32 24.22 77.40
N PRO WA 27 27.28 24.20 76.46
CA PRO WA 27 28.69 24.19 76.87
C PRO WA 27 29.07 25.37 77.74
N GLY WA 28 28.54 26.55 77.47
CA GLY WA 28 28.85 27.70 78.30
C GLY WA 28 28.42 27.51 79.73
N GLU WA 29 27.19 27.05 79.93
CA GLU WA 29 26.69 26.83 81.29
C GLU WA 29 27.45 25.69 81.97
N ARG WA 30 27.80 24.65 81.22
CA ARG WA 30 28.57 23.55 81.79
C ARG WA 30 29.93 24.04 82.29
N LYS WA 31 30.60 24.87 81.48
CA LYS WA 31 31.87 25.44 81.91
C LYS WA 31 31.68 26.38 83.11
N LEU WA 32 30.60 27.15 83.12
CA LEU WA 32 30.36 28.08 84.23
C LEU WA 32 30.16 27.32 85.54
N ASN WA 33 29.40 26.23 85.51
CA ASN WA 33 29.09 25.42 86.69
C ASN WA 33 29.40 23.97 86.37
N PRO WA 34 30.68 23.61 86.31
CA PRO WA 34 31.05 22.25 85.90
C PRO WA 34 30.89 21.23 87.03
N VAL WA 35 30.78 19.98 86.63
CA VAL WA 35 30.75 18.85 87.56
C VAL WA 35 31.73 17.80 87.05
N PRO WA 36 32.78 17.47 87.80
CA PRO WA 36 33.82 16.60 87.22
C PRO WA 36 33.37 15.17 87.02
N ARG WA 37 32.55 14.62 87.91
CA ARG WA 37 32.20 13.21 87.86
C ARG WA 37 30.95 12.93 87.03
N SER WA 38 30.36 13.94 86.40
CA SER WA 38 29.18 13.76 85.56
C SER WA 38 29.57 13.77 84.09
N VAL WA 39 29.05 12.80 83.33
CA VAL WA 39 29.37 12.72 81.92
C VAL WA 39 28.43 13.63 81.13
N ALA WA 40 29.01 14.43 80.25
CA ALA WA 40 28.26 15.44 79.50
C ALA WA 40 27.78 14.84 78.19
N LEU WA 41 26.46 14.84 78.00
CA LEU WA 41 25.84 14.35 76.78
C LEU WA 41 24.91 15.43 76.24
N HIS WA 42 24.20 15.10 75.16
CA HIS WA 42 23.22 15.98 74.56
C HIS WA 42 21.90 15.25 74.49
N HIS WA 43 20.80 15.94 74.80
CA HIS WA 43 19.50 15.28 74.82
C HIS WA 43 19.15 14.70 73.46
N HIS WA 44 19.57 15.36 72.37
CA HIS WA 44 19.37 14.79 71.05
C HIS WA 44 20.13 13.48 70.89
N ASP WA 45 21.36 13.42 71.40
CA ASP WA 45 22.12 12.17 71.35
C ASP WA 45 21.41 11.08 72.14
N LEU WA 46 20.93 11.42 73.34
CA LEU WA 46 20.20 10.44 74.15
C LEU WA 46 18.99 9.91 73.41
N LEU WA 47 18.19 10.80 72.84
CA LEU WA 47 16.97 10.39 72.15
C LEU WA 47 17.26 9.62 70.88
N SER WA 48 18.34 9.96 70.17
CA SER WA 48 18.66 9.27 68.92
C SER WA 48 19.28 7.90 69.16
N GLY WA 49 20.03 7.74 70.25
CA GLY WA 49 20.66 6.48 70.56
C GLY WA 49 22.17 6.46 70.42
N ALA WA 50 22.80 7.61 70.18
CA ALA WA 50 24.25 7.64 70.09
C ALA WA 50 24.93 7.29 71.40
N SER WA 51 24.22 7.43 72.52
CA SER WA 51 24.77 7.15 73.84
C SER WA 51 24.45 5.75 74.33
N CYS WA 52 23.81 4.91 73.51
CA CYS WA 52 23.43 3.58 73.96
C CYS WA 52 24.59 2.75 74.49
N PRO WA 53 25.73 2.65 73.80
CA PRO WA 53 26.79 1.77 74.31
C PRO WA 53 27.41 2.25 75.63
N ILE WA 54 27.58 3.56 75.79
CA ILE WA 54 28.18 4.05 77.03
C ILE WA 54 27.25 3.85 78.21
N LEU WA 55 25.93 3.91 77.99
CA LEU WA 55 24.99 3.75 79.07
C LEU WA 55 25.09 2.34 79.67
N PRO WA 56 24.80 2.19 80.96
CA PRO WA 56 25.01 0.89 81.62
C PRO WA 56 24.19 -0.22 81.00
N GLN WA 57 24.76 -1.42 80.98
CA GLN WA 57 24.08 -2.58 80.40
C GLN WA 57 22.92 -3.04 81.28
N GLN WA 58 23.14 -3.15 82.59
CA GLN WA 58 22.11 -3.63 83.51
C GLN WA 58 21.07 -2.52 83.70
N LYS WA 59 19.98 -2.62 82.93
CA LYS WA 59 18.94 -1.60 83.00
C LYS WA 59 18.33 -1.53 84.39
N SER WA 60 17.94 -2.68 84.95
CA SER WA 60 17.27 -2.69 86.24
C SER WA 60 18.18 -2.21 87.36
N ALA WA 61 19.44 -2.63 87.34
CA ALA WA 61 20.37 -2.33 88.43
C ALA WA 61 21.03 -0.97 88.29
N ALA WA 62 20.73 -0.23 87.23
CA ALA WA 62 21.34 1.08 86.98
C ALA WA 62 20.29 2.16 87.18
N GLU WA 63 20.53 3.05 88.15
CA GLU WA 63 19.68 4.22 88.36
C GLU WA 63 20.48 5.47 88.00
N LEU WA 64 19.93 6.28 87.12
CA LEU WA 64 20.64 7.42 86.54
C LEU WA 64 20.07 8.72 87.06
N PHE WA 65 20.92 9.75 87.06
CA PHE WA 65 20.52 11.10 87.40
C PHE WA 65 20.82 12.00 86.22
N VAL WA 66 19.96 13.01 86.01
CA VAL WA 66 20.08 13.93 84.89
C VAL WA 66 20.24 15.34 85.43
N LEU WA 67 21.28 16.02 84.99
CA LEU WA 67 21.59 17.38 85.41
C LEU WA 67 21.28 18.34 84.26
N ALA WA 68 20.29 19.21 84.47
CA ALA WA 68 19.88 20.15 83.44
C ALA WA 68 19.34 21.40 84.11
N SER WA 69 19.34 22.50 83.36
CA SER WA 69 18.82 23.77 83.86
C SER WA 69 17.34 23.95 83.54
N ASN WA 70 16.85 23.28 82.50
CA ASN WA 70 15.45 23.39 82.09
C ASN WA 70 14.71 22.12 82.48
N GLU WA 71 13.56 22.30 83.14
CA GLU WA 71 12.75 21.15 83.51
C GLU WA 71 12.28 20.39 82.29
N SER WA 72 11.90 21.11 81.23
CA SER WA 72 11.48 20.45 79.99
C SER WA 72 12.62 19.64 79.39
N ARG WA 73 13.83 20.20 79.39
CA ARG WA 73 14.98 19.46 78.86
C ARG WA 73 15.25 18.21 79.69
N GLY WA 74 15.19 18.34 81.02
CA GLY WA 74 15.39 17.17 81.86
C GLY WA 74 14.33 16.10 81.62
N LEU WA 75 13.08 16.52 81.46
CA LEU WA 75 12.01 15.57 81.18
C LEU WA 75 12.21 14.89 79.84
N ASN WA 76 12.66 15.63 78.83
CA ASN WA 76 12.94 15.03 77.53
C ASN WA 76 14.06 14.01 77.63
N SER WA 77 15.12 14.34 78.38
CA SER WA 77 16.21 13.39 78.56
C SER WA 77 15.73 12.14 79.29
N ALA WA 78 14.91 12.31 80.32
CA ALA WA 78 14.37 11.16 81.04
C ALA WA 78 13.49 10.32 80.12
N ALA WA 79 12.70 10.96 79.27
CA ALA WA 79 11.88 10.21 78.32
C ALA WA 79 12.73 9.43 77.35
N ALA WA 80 13.82 10.02 76.87
CA ALA WA 80 14.73 9.31 75.97
C ALA WA 80 15.33 8.09 76.66
N LEU WA 81 15.78 8.27 77.91
CA LEU WA 81 16.35 7.15 78.65
C LEU WA 81 15.33 6.05 78.87
N ARG WA 82 14.09 6.43 79.23
CA ARG WA 82 13.05 5.43 79.44
C ARG WA 82 12.72 4.70 78.14
N ARG WA 83 12.69 5.43 77.02
CA ARG WA 83 12.47 4.79 75.73
C ARG WA 83 13.57 3.79 75.41
N TRP WA 84 14.82 4.14 75.70
CA TRP WA 84 15.91 3.20 75.48
C TRP WA 84 15.96 2.09 76.52
N GLY WA 85 15.22 2.22 77.62
CA GLY WA 85 15.08 1.13 78.56
C GLY WA 85 15.67 1.40 79.93
N TYR WA 86 15.64 2.67 80.35
CA TYR WA 86 16.14 3.08 81.66
C TYR WA 86 15.02 3.85 82.36
N ASP WA 87 14.20 3.13 83.13
CA ASP WA 87 13.09 3.74 83.86
C ASP WA 87 13.53 4.38 85.17
N SER WA 88 14.60 3.89 85.79
CA SER WA 88 15.09 4.44 87.05
C SER WA 88 15.92 5.68 86.73
N VAL WA 89 15.23 6.81 86.59
CA VAL WA 89 15.87 8.09 86.26
C VAL WA 89 15.34 9.15 87.20
N VAL WA 90 16.25 9.99 87.70
CA VAL WA 90 15.90 11.10 88.58
C VAL WA 90 16.53 12.36 88.00
N GLN WA 91 16.02 13.51 88.42
CA GLN WA 91 16.51 14.80 87.97
C GLN WA 91 17.11 15.57 89.14
N VAL WA 92 18.27 16.19 88.90
CA VAL WA 92 18.97 16.97 89.90
C VAL WA 92 19.44 18.27 89.24
N ASP WA 93 19.73 19.27 90.08
CA ASP WA 93 20.22 20.55 89.62
C ASP WA 93 21.54 20.88 90.29
N TYR WA 94 22.23 21.88 89.73
CA TYR WA 94 23.55 22.22 90.24
C TYR WA 94 23.49 22.67 91.69
N ASN WA 95 22.44 23.38 92.08
CA ASN WA 95 22.31 23.80 93.48
C ASN WA 95 22.21 22.59 94.40
N THR WA 96 21.39 21.60 94.04
CA THR WA 96 21.29 20.40 94.86
C THR WA 96 22.61 19.66 94.92
N LEU WA 97 23.31 19.54 93.79
CA LEU WA 97 24.58 18.85 93.78
C LEU WA 97 25.59 19.56 94.67
N VAL WA 98 25.66 20.89 94.60
CA VAL WA 98 26.60 21.64 95.42
C VAL WA 98 26.26 21.47 96.90
N GLU WA 99 24.98 21.58 97.25
CA GLU WA 99 24.58 21.43 98.64
C GLU WA 99 24.91 20.04 99.16
N ALA WA 100 24.71 19.01 98.32
CA ALA WA 100 25.08 17.65 98.71
C ALA WA 100 26.59 17.53 98.89
N GLY WA 101 27.36 18.22 98.05
CA GLY WA 101 28.80 18.12 98.06
C GLY WA 101 29.37 17.26 96.94
N TYR WA 102 28.52 16.77 96.04
CA TYR WA 102 29.01 15.97 94.93
C TYR WA 102 29.98 16.75 94.06
N VAL WA 103 29.83 18.06 94.00
CA VAL WA 103 30.73 18.90 93.23
C VAL WA 103 32.10 18.96 93.90
N ASP XA 1 -2.99 -40.96 11.37
CA ASP XA 1 -3.57 -41.97 12.23
C ASP XA 1 -4.22 -41.31 13.45
N SER XA 2 -5.55 -41.28 13.46
CA SER XA 2 -6.29 -40.63 14.53
C SER XA 2 -5.94 -41.26 15.89
N PHE XA 3 -6.38 -40.59 16.95
CA PHE XA 3 -6.11 -41.09 18.30
C PHE XA 3 -6.72 -42.46 18.50
N LYS XA 4 -8.01 -42.61 18.21
CA LYS XA 4 -8.68 -43.89 18.42
C LYS XA 4 -8.22 -44.93 17.43
N GLU XA 5 -7.93 -44.53 16.19
CA GLU XA 5 -7.37 -45.48 15.22
C GLU XA 5 -6.05 -46.05 15.73
N HIS XA 6 -5.17 -45.18 16.23
CA HIS XA 6 -3.89 -45.66 16.77
C HIS XA 6 -4.11 -46.52 18.00
N TYR XA 7 -5.03 -46.12 18.88
CA TYR XA 7 -5.31 -46.91 20.07
C TYR XA 7 -5.73 -48.33 19.68
N HIS XA 8 -6.70 -48.45 18.78
CA HIS XA 8 -7.17 -49.77 18.38
C HIS XA 8 -6.09 -50.53 17.63
N ARG XA 9 -5.31 -49.85 16.80
CA ARG XA 9 -4.22 -50.52 16.10
C ARG XA 9 -3.26 -51.16 17.09
N VAL XA 10 -2.90 -50.42 18.14
CA VAL XA 10 -1.95 -50.94 19.12
C VAL XA 10 -2.59 -52.04 19.96
N HIS XA 11 -3.86 -51.91 20.30
CA HIS XA 11 -4.46 -52.76 21.33
C HIS XA 11 -5.14 -54.01 20.80
N LEU XA 12 -5.63 -54.00 19.56
CA LEU XA 12 -6.30 -55.19 19.02
C LEU XA 12 -5.42 -56.43 19.10
N PRO XA 13 -4.14 -56.40 18.69
CA PRO XA 13 -3.27 -57.53 19.00
C PRO XA 13 -3.13 -57.79 20.50
N ARG XA 14 -3.13 -56.74 21.31
CA ARG XA 14 -3.04 -56.95 22.76
C ARG XA 14 -4.31 -57.59 23.31
N ARG XA 15 -5.47 -57.17 22.81
CA ARG XA 15 -6.71 -57.83 23.21
C ARG XA 15 -6.72 -59.29 22.77
N LEU XA 16 -6.20 -59.56 21.56
CA LEU XA 16 -6.07 -60.94 21.12
C LEU XA 16 -5.17 -61.73 22.04
N ALA XA 17 -4.07 -61.12 22.49
CA ALA XA 17 -3.18 -61.81 23.43
C ALA XA 17 -3.87 -62.09 24.75
N LEU XA 18 -4.66 -61.13 25.24
CA LEU XA 18 -5.39 -61.34 26.49
C LEU XA 18 -6.40 -62.49 26.34
N GLN XA 19 -7.11 -62.52 25.21
CA GLN XA 19 -8.04 -63.62 24.96
C GLN XA 19 -7.30 -64.94 24.83
N ARG XA 20 -6.10 -64.91 24.25
CA ARG XA 20 -5.28 -66.11 24.15
C ARG XA 20 -4.89 -66.61 25.54
N TYR XA 21 -4.55 -65.70 26.45
CA TYR XA 21 -4.26 -66.07 27.83
C TYR XA 21 -5.49 -66.69 28.49
N ALA XA 22 -6.65 -66.08 28.28
CA ALA XA 22 -7.88 -66.64 28.84
C ALA XA 22 -8.14 -68.05 28.33
N ARG XA 23 -7.95 -68.26 27.02
CA ARG XA 23 -8.10 -69.59 26.46
C ARG XA 23 -7.05 -70.56 27.03
N GLN XA 24 -5.83 -70.07 27.22
CA GLN XA 24 -4.76 -70.92 27.76
C GLN XA 24 -5.11 -71.41 29.15
N GLN XA 25 -5.86 -70.62 29.91
CA GLN XA 25 -6.39 -71.10 31.19
C GLN XA 25 -7.07 -72.46 31.02
N SER XA 26 -8.13 -72.50 30.22
CA SER XA 26 -8.86 -73.74 29.99
C SER XA 26 -8.01 -74.78 29.29
N LEU XA 27 -7.08 -74.34 28.42
CA LEU XA 27 -6.22 -75.30 27.73
C LEU XA 27 -5.34 -76.05 28.72
N ARG XA 28 -4.80 -75.35 29.72
CA ARG XA 28 -4.07 -76.02 30.79
C ARG XA 28 -5.01 -76.94 31.57
N ASN XA 29 -6.20 -76.44 31.91
CA ASN XA 29 -7.14 -77.28 32.65
C ASN XA 29 -7.45 -78.57 31.90
N ALA XA 30 -7.41 -78.53 30.58
CA ALA XA 30 -7.70 -79.71 29.77
C ALA XA 30 -6.48 -80.63 29.66
N ALA XA 31 -5.31 -80.05 29.34
CA ALA XA 31 -4.10 -80.84 29.23
C ALA XA 31 -3.76 -81.52 30.55
N LYS XA 32 -4.22 -80.96 31.67
CA LYS XA 32 -4.04 -81.63 32.95
C LYS XA 32 -4.69 -83.01 32.96
N GLY XA 33 -5.69 -83.21 32.12
CA GLY XA 33 -6.39 -84.48 32.04
C GLY XA 33 -7.89 -84.33 32.01
N ASN XA 34 -8.38 -83.20 32.54
CA ASN XA 34 -9.82 -82.92 32.59
C ASN XA 34 -10.27 -82.44 31.21
N VAL XA 35 -10.53 -83.41 30.33
CA VAL XA 35 -10.91 -83.09 28.96
C VAL XA 35 -12.21 -82.32 28.88
N LYS XA 36 -13.03 -82.38 29.93
CA LYS XA 36 -14.31 -81.68 29.90
C LYS XA 36 -14.11 -80.18 29.69
N ALA XA 37 -14.88 -79.62 28.77
CA ALA XA 37 -14.75 -78.21 28.42
C ALA XA 37 -15.36 -77.33 29.51
N GLU XA 38 -14.87 -76.10 29.59
CA GLU XA 38 -15.35 -75.16 30.60
C GLU XA 38 -16.86 -74.99 30.49
N GLU XA 39 -17.54 -74.99 31.63
CA GLU XA 39 -18.98 -74.90 31.68
C GLU XA 39 -19.41 -73.53 32.19
N VAL XA 40 -20.43 -72.98 31.54
CA VAL XA 40 -20.97 -71.68 31.91
C VAL XA 40 -22.28 -71.90 32.66
N PRO XA 41 -22.48 -71.28 33.82
CA PRO XA 41 -23.71 -71.53 34.59
C PRO XA 41 -24.94 -70.97 33.89
N TYR XA 42 -26.07 -71.62 34.14
CA TYR XA 42 -27.36 -71.17 33.64
C TYR XA 42 -27.95 -70.16 34.61
N LYS XA 43 -28.48 -69.06 34.05
CA LYS XA 43 -29.02 -67.97 34.85
C LYS XA 43 -30.54 -68.06 34.86
N TYR XA 44 -31.09 -68.46 36.00
CA TYR XA 44 -32.54 -68.52 36.15
C TYR XA 44 -33.19 -67.14 36.18
N ASN XA 45 -32.46 -66.14 36.67
CA ASN XA 45 -33.01 -64.80 36.88
C ASN XA 45 -32.92 -64.02 35.57
N ARG XA 46 -33.93 -64.19 34.72
CA ARG XA 46 -34.00 -63.48 33.44
C ARG XA 46 -35.36 -62.87 33.17
N TRP XA 47 -36.39 -63.17 33.97
CA TRP XA 47 -37.71 -62.58 33.81
C TRP XA 47 -37.90 -61.54 34.91
N TRP XA 48 -38.23 -60.31 34.51
CA TRP XA 48 -38.25 -59.19 35.43
C TRP XA 48 -39.49 -58.32 35.18
N VAL XA 49 -39.82 -57.54 36.20
CA VAL XA 49 -40.85 -56.51 36.11
C VAL XA 49 -40.15 -55.18 36.36
N ASN XA 50 -39.99 -54.38 35.30
CA ASN XA 50 -39.19 -53.18 35.39
C ASN XA 50 -39.88 -52.14 36.27
N GLU XA 51 -39.23 -50.98 36.42
CA GLU XA 51 -39.73 -49.95 37.32
C GLU XA 51 -41.13 -49.49 36.96
N GLU XA 52 -41.49 -49.51 35.67
CA GLU XA 52 -42.83 -49.11 35.22
C GLU XA 52 -43.81 -50.27 35.18
N HIS XA 53 -43.54 -51.34 35.93
CA HIS XA 53 -44.42 -52.49 35.99
C HIS XA 53 -44.68 -53.07 34.60
N GLU XA 54 -43.63 -53.15 33.80
CA GLU XA 54 -43.67 -53.76 32.49
C GLU XA 54 -42.79 -55.01 32.47
N PHE XA 55 -43.26 -56.04 31.79
CA PHE XA 55 -42.54 -57.30 31.71
C PHE XA 55 -41.29 -57.14 30.85
N VAL XA 56 -40.19 -57.73 31.30
CA VAL XA 56 -38.92 -57.71 30.58
C VAL XA 56 -38.31 -59.09 30.66
N HIS XA 57 -37.68 -59.51 29.55
CA HIS XA 57 -37.01 -60.81 29.49
C HIS XA 57 -35.62 -60.63 28.92
N GLN XA 58 -34.63 -61.18 29.60
CA GLN XA 58 -33.26 -61.19 29.08
C GLN XA 58 -33.01 -62.51 28.37
N TYR XA 59 -32.68 -62.45 27.09
CA TYR XA 59 -32.42 -63.64 26.31
C TYR XA 59 -30.96 -64.05 26.44
N ALA XA 60 -30.72 -65.23 27.01
CA ALA XA 60 -29.38 -65.76 27.19
C ALA XA 60 -29.27 -67.06 26.42
N PHE XA 61 -28.30 -67.12 25.49
CA PHE XA 61 -28.07 -68.30 24.69
C PHE XA 61 -26.63 -68.76 24.88
N VAL XA 62 -26.46 -70.07 25.04
CA VAL XA 62 -25.16 -70.69 25.28
C VAL XA 62 -24.85 -71.61 24.11
N GLU XA 63 -23.65 -71.47 23.55
CA GLU XA 63 -23.20 -72.24 22.40
C GLU XA 63 -22.38 -73.41 22.89
N ASP XA 64 -22.81 -74.63 22.52
CA ASP XA 64 -22.15 -75.83 22.98
C ASP XA 64 -21.12 -76.29 21.94
N PRO XA 65 -19.84 -76.36 22.28
CA PRO XA 65 -18.85 -76.79 21.27
C PRO XA 65 -19.14 -78.18 20.71
N GLU XA 66 -19.60 -79.11 21.53
CA GLU XA 66 -19.91 -80.45 21.02
C GLU XA 66 -21.04 -80.40 20.00
N VAL XA 67 -22.09 -79.62 20.29
CA VAL XA 67 -23.20 -79.50 19.35
C VAL XA 67 -22.74 -78.83 18.07
N THR XA 68 -21.90 -77.80 18.18
CA THR XA 68 -21.39 -77.14 16.98
C THR XA 68 -20.58 -78.10 16.13
N LYS XA 69 -19.71 -78.90 16.76
CA LYS XA 69 -18.93 -79.88 16.02
C LYS XA 69 -19.82 -80.91 15.36
N ALA XA 70 -20.84 -81.39 16.08
CA ALA XA 70 -21.76 -82.36 15.50
C ALA XA 70 -22.47 -81.77 14.29
N LYS XA 71 -22.91 -80.53 14.39
CA LYS XA 71 -23.58 -79.89 13.25
C LYS XA 71 -22.63 -79.75 12.07
N ARG XA 72 -21.39 -79.36 12.33
CA ARG XA 72 -20.44 -79.20 11.23
C ARG XA 72 -20.06 -80.53 10.60
N GLU XA 73 -20.13 -81.63 11.35
CA GLU XA 73 -19.70 -82.92 10.84
C GLU XA 73 -20.83 -83.68 10.17
N THR XA 74 -21.90 -83.98 10.91
CA THR XA 74 -22.94 -84.88 10.43
C THR XA 74 -24.02 -84.12 9.66
N LEU XA 75 -24.76 -84.87 8.85
CA LEU XA 75 -25.86 -84.31 8.10
C LEU XA 75 -27.00 -83.93 9.05
N PRO XA 76 -27.82 -82.95 8.68
CA PRO XA 76 -29.00 -82.64 9.47
C PRO XA 76 -30.14 -83.57 9.14
N PRO XA 77 -31.19 -83.60 9.96
CA PRO XA 77 -32.33 -84.48 9.67
C PRO XA 77 -33.09 -84.03 8.43
N VAL XA 78 -33.77 -85.00 7.81
CA VAL XA 78 -34.55 -84.70 6.61
C VAL XA 78 -35.60 -83.64 6.94
N THR XA 79 -35.83 -82.74 5.98
CA THR XA 79 -36.77 -81.66 6.18
C THR XA 79 -38.19 -82.21 6.25
N ARG XA 80 -38.98 -81.69 7.19
CA ARG XA 80 -40.36 -82.11 7.30
C ARG XA 80 -41.15 -81.73 6.05
N GLU XA 81 -42.12 -82.58 5.70
CA GLU XA 81 -42.90 -82.35 4.49
C GLU XA 81 -43.68 -81.04 4.58
N ASN XA 82 -44.26 -80.75 5.75
CA ASN XA 82 -45.06 -79.55 5.91
C ASN XA 82 -44.22 -78.30 5.70
N ILE XA 83 -42.98 -78.31 6.18
CA ILE XA 83 -42.14 -77.11 6.11
C ILE XA 83 -41.96 -76.68 4.66
N TRP XA 84 -41.64 -77.63 3.78
CA TRP XA 84 -41.35 -77.29 2.40
C TRP XA 84 -42.57 -77.36 1.49
N LYS XA 85 -43.71 -77.86 1.98
CA LYS XA 85 -44.93 -77.84 1.17
C LYS XA 85 -45.83 -76.65 1.46
N GLU XA 86 -45.87 -76.17 2.71
CA GLU XA 86 -46.70 -75.01 3.03
C GLU XA 86 -45.90 -73.73 2.85
N PRO XA 87 -46.55 -72.62 2.50
CA PRO XA 87 -45.83 -71.36 2.32
C PRO XA 87 -45.65 -70.61 3.63
N GLN XA 88 -44.81 -69.58 3.57
CA GLN XA 88 -44.57 -68.68 4.69
C GLN XA 88 -45.59 -67.55 4.58
N GLN XA 89 -46.54 -67.53 5.52
CA GLN XA 89 -47.63 -66.58 5.44
C GLN XA 89 -47.09 -65.16 5.34
N THR XA 90 -47.60 -64.41 4.35
CA THR XA 90 -47.10 -63.07 4.09
C THR XA 90 -47.63 -62.05 5.08
N PHE XA 91 -48.71 -62.35 5.77
CA PHE XA 91 -49.28 -61.47 6.78
C PHE XA 91 -49.05 -62.06 8.17
N PHE XA 92 -49.32 -61.24 9.18
CA PHE XA 92 -49.20 -61.63 10.59
C PHE XA 92 -50.53 -61.27 11.24
N LEU XA 93 -51.44 -62.24 11.32
CA LEU XA 93 -52.77 -61.95 11.81
C LEU XA 93 -52.70 -61.49 13.27
N PRO XA 94 -53.66 -60.68 13.71
CA PRO XA 94 -53.58 -60.12 15.07
C PRO XA 94 -53.63 -61.21 16.13
N PHE XA 95 -52.98 -60.92 17.26
CA PHE XA 95 -53.07 -61.82 18.40
C PHE XA 95 -54.50 -61.91 18.93
N ALA XA 96 -55.24 -60.79 18.92
CA ALA XA 96 -56.62 -60.74 19.42
C ALA XA 96 -57.51 -60.11 18.38
N PRO XA 97 -57.80 -60.83 17.29
CA PRO XA 97 -58.67 -60.26 16.25
C PRO XA 97 -60.03 -59.90 16.80
N TYR XA 98 -60.56 -58.77 16.33
CA TYR XA 98 -61.82 -58.23 16.80
C TYR XA 98 -62.92 -58.54 15.79
N VAL XA 99 -63.98 -59.20 16.26
CA VAL XA 99 -65.12 -59.56 15.41
C VAL XA 99 -66.37 -59.15 16.18
N ARG XA 100 -66.91 -57.97 15.87
CA ARG XA 100 -68.15 -57.53 16.50
C ARG XA 100 -69.32 -58.44 16.14
N VAL XA 101 -69.22 -59.14 15.01
CA VAL XA 101 -70.31 -59.99 14.55
C VAL XA 101 -70.38 -61.26 15.39
N VAL XA 102 -71.59 -61.61 15.82
CA VAL XA 102 -71.82 -62.86 16.55
C VAL XA 102 -73.30 -63.16 16.47
N ASP XA 103 -73.64 -64.44 16.33
CA ASP XA 103 -75.01 -64.87 16.12
C ASP XA 103 -75.63 -65.52 17.35
N TYR XA 104 -74.97 -65.45 18.50
CA TYR XA 104 -75.49 -66.11 19.70
C TYR XA 104 -76.66 -65.33 20.28
N PRO XA 105 -76.49 -64.07 20.65
CA PRO XA 105 -77.60 -63.33 21.28
C PRO XA 105 -78.64 -62.91 20.26
N LYS XA 106 -79.90 -63.12 20.62
CA LYS XA 106 -81.00 -62.60 19.82
C LYS XA 106 -81.02 -61.07 19.90
N ASP XA 107 -81.39 -60.45 18.79
CA ASP XA 107 -81.37 -58.99 18.73
C ASP XA 107 -79.95 -58.52 19.04
N PRO XA 108 -78.99 -58.77 18.14
CA PRO XA 108 -77.58 -58.46 18.46
C PRO XA 108 -77.34 -57.04 18.93
N ASP XA 109 -78.32 -56.14 18.84
CA ASP XA 109 -78.11 -54.79 19.32
C ASP XA 109 -77.80 -54.76 20.81
N ALA XA 110 -78.22 -55.78 21.55
CA ALA XA 110 -77.97 -55.82 23.00
C ALA XA 110 -76.50 -56.12 23.27
N LYS XA 111 -75.80 -55.17 23.89
CA LYS XA 111 -74.40 -55.35 24.21
C LYS XA 111 -74.17 -56.28 25.40
N PHE XA 112 -75.05 -56.25 26.40
CA PHE XA 112 -74.82 -56.99 27.63
C PHE XA 112 -74.93 -58.49 27.46
N LEU XA 113 -75.14 -59.00 26.25
CA LEU XA 113 -75.19 -60.43 26.00
C LEU XA 113 -74.05 -60.93 25.12
N LYS XA 114 -73.15 -60.05 24.69
CA LYS XA 114 -72.04 -60.48 23.86
C LYS XA 114 -71.14 -61.43 24.64
N PRO XA 115 -70.63 -62.51 24.03
CA PRO XA 115 -69.70 -63.39 24.77
C PRO XA 115 -68.47 -62.64 25.24
N VAL XA 116 -67.96 -63.02 26.42
CA VAL XA 116 -66.81 -62.33 27.00
C VAL XA 116 -65.52 -62.95 26.49
N ASN XA 117 -65.60 -64.18 25.99
CA ASN XA 117 -64.40 -64.87 25.51
C ASN XA 117 -63.80 -64.20 24.28
N ILE XA 118 -64.60 -63.51 23.47
CA ILE XA 118 -64.07 -62.85 22.28
C ILE XA 118 -63.43 -61.53 22.71
N PRO XA 119 -62.45 -61.02 21.98
CA PRO XA 119 -61.74 -59.82 22.42
C PRO XA 119 -62.56 -58.56 22.22
N ARG XA 120 -62.17 -57.52 22.94
CA ARG XA 120 -62.67 -56.17 22.73
C ARG XA 120 -61.76 -55.44 21.76
N TRP XA 121 -62.20 -54.28 21.30
CA TRP XA 121 -61.36 -53.48 20.41
C TRP XA 121 -60.12 -52.98 21.13
N LYS XA 122 -60.27 -52.61 22.41
CA LYS XA 122 -59.11 -52.20 23.19
C LYS XA 122 -58.09 -53.33 23.30
N ASP XA 123 -58.56 -54.55 23.55
CA ASP XA 123 -57.66 -55.69 23.58
C ASP XA 123 -57.02 -55.92 22.22
N TYR XA 124 -57.81 -55.82 21.15
CA TYR XA 124 -57.27 -56.03 19.81
C TYR XA 124 -56.14 -55.05 19.52
N MET XA 125 -56.29 -53.79 19.94
CA MET XA 125 -55.24 -52.81 19.70
C MET XA 125 -54.05 -52.99 20.64
N GLN XA 126 -54.31 -53.34 21.89
CA GLN XA 126 -53.24 -53.42 22.89
C GLN XA 126 -52.39 -54.66 22.74
N ARG XA 127 -52.96 -55.77 22.27
CA ARG XA 127 -52.27 -57.07 22.26
C ARG XA 127 -51.36 -57.16 21.04
N THR XA 128 -50.29 -56.37 21.07
CA THR XA 128 -49.27 -56.40 20.04
C THR XA 128 -48.12 -57.33 20.38
N LYS XA 129 -48.10 -57.90 21.58
CA LYS XA 129 -47.04 -58.80 22.04
C LYS XA 129 -47.66 -60.03 22.69
N PRO XA 130 -46.91 -61.13 22.78
CA PRO XA 130 -47.45 -62.33 23.43
C PRO XA 130 -47.86 -62.05 24.88
N VAL XA 131 -48.50 -63.04 25.48
CA VAL XA 131 -48.92 -62.90 26.87
C VAL XA 131 -47.67 -62.70 27.74
N ILE XA 132 -47.89 -62.14 28.93
CA ILE XA 132 -46.80 -61.66 29.78
C ILE XA 132 -45.74 -62.73 29.98
N PRO XA 133 -46.03 -63.87 30.62
CA PRO XA 133 -44.97 -64.86 30.86
C PRO XA 133 -44.32 -65.39 29.60
N ARG XA 134 -45.06 -65.54 28.51
CA ARG XA 134 -44.54 -66.12 27.28
C ARG XA 134 -43.67 -65.12 26.54
N THR XA 135 -42.70 -65.63 25.79
CA THR XA 135 -41.81 -64.84 24.96
C THR XA 135 -41.91 -65.15 23.49
N TRP XA 136 -42.06 -66.42 23.12
CA TRP XA 136 -42.18 -66.81 21.73
C TRP XA 136 -43.59 -66.54 21.22
N TYR XA 137 -43.69 -66.05 19.99
CA TYR XA 137 -44.99 -65.71 19.40
C TYR XA 137 -45.89 -66.94 19.37
N LEU YA 1 -49.57 -70.55 14.48
CA LEU YA 1 -50.52 -71.58 14.89
C LEU YA 1 -51.95 -71.16 14.59
N SER YA 2 -52.60 -70.53 15.56
CA SER YA 2 -53.99 -70.10 15.42
C SER YA 2 -54.27 -69.04 16.48
N VAL YA 3 -55.53 -68.67 16.64
CA VAL YA 3 -55.95 -67.64 17.57
C VAL YA 3 -56.33 -68.29 18.89
N ARG YA 4 -56.07 -67.60 20.00
CA ARG YA 4 -56.30 -68.19 21.31
C ARG YA 4 -56.63 -67.11 22.34
N THR YA 5 -57.32 -67.52 23.40
CA THR YA 5 -57.64 -66.61 24.49
C THR YA 5 -56.40 -66.21 25.27
N GLU YA 6 -55.38 -67.07 25.28
CA GLU YA 6 -54.10 -66.69 25.85
C GLU YA 6 -53.55 -65.46 25.14
N ASP YA 7 -53.63 -65.45 23.80
CA ASP YA 7 -53.28 -64.26 23.05
C ASP YA 7 -54.24 -63.11 23.35
N PHE YA 8 -55.53 -63.41 23.49
CA PHE YA 8 -56.51 -62.37 23.76
C PHE YA 8 -56.15 -61.56 24.99
N PHE YA 9 -56.11 -62.21 26.14
CA PHE YA 9 -56.07 -61.53 27.42
C PHE YA 9 -54.68 -61.58 28.05
N SER YA 10 -54.23 -60.45 28.59
CA SER YA 10 -52.91 -60.31 29.15
C SER YA 10 -52.97 -60.34 30.67
N LYS YA 11 -51.99 -61.02 31.28
CA LYS YA 11 -51.93 -61.15 32.72
C LYS YA 11 -51.31 -59.90 33.35
N GLU YA 12 -51.36 -59.86 34.68
CA GLU YA 12 -50.75 -58.77 35.43
C GLU YA 12 -49.25 -58.99 35.54
N ALA YA 13 -48.47 -57.92 35.32
CA ALA YA 13 -47.02 -57.97 35.46
C ALA YA 13 -46.68 -57.63 36.91
N ILE YA 14 -46.66 -58.64 37.76
CA ILE YA 14 -46.40 -58.48 39.18
C ILE YA 14 -45.24 -59.38 39.57
N SER YA 15 -44.34 -58.86 40.40
CA SER YA 15 -43.17 -59.63 40.79
C SER YA 15 -43.54 -60.77 41.73
N HIS YA 16 -42.63 -61.73 41.84
CA HIS YA 16 -42.89 -62.90 42.69
C HIS YA 16 -43.10 -62.50 44.14
N ALA YA 17 -42.28 -61.59 44.65
CA ALA YA 17 -42.41 -61.17 46.04
C ALA YA 17 -43.76 -60.54 46.31
N ARG YA 18 -44.19 -59.63 45.41
CA ARG YA 18 -45.48 -58.97 45.60
C ARG YA 18 -46.64 -59.95 45.45
N ARG YA 19 -46.54 -60.88 44.50
CA ARG YA 19 -47.62 -61.82 44.27
C ARG YA 19 -47.94 -62.59 45.55
N VAL YA 20 -49.21 -62.59 45.94
CA VAL YA 20 -49.62 -63.33 47.12
C VAL YA 20 -49.55 -64.84 46.88
N SER YA 21 -49.95 -65.29 45.70
CA SER YA 21 -49.89 -66.71 45.37
C SER YA 21 -49.96 -66.85 43.86
N TRP YA 22 -49.56 -68.04 43.38
CA TRP YA 22 -49.61 -68.37 41.98
C TRP YA 22 -50.86 -69.14 41.59
N ALA YA 23 -51.82 -69.25 42.50
CA ALA YA 23 -53.01 -70.04 42.21
C ALA YA 23 -53.80 -69.43 41.05
N PRO YA 24 -54.50 -70.25 40.27
CA PRO YA 24 -55.29 -69.69 39.16
C PRO YA 24 -56.30 -68.66 39.62
N HIS YA 25 -56.92 -68.88 40.78
CA HIS YA 25 -57.93 -67.94 41.27
C HIS YA 25 -57.29 -66.62 41.69
N THR YA 26 -56.08 -66.65 42.23
CA THR YA 26 -55.35 -65.45 42.60
C THR YA 26 -54.56 -64.86 41.44
N THR YA 27 -54.63 -65.47 40.25
CA THR YA 27 -53.90 -64.94 39.10
C THR YA 27 -54.30 -63.50 38.81
N GLU YA 28 -55.55 -63.15 39.06
CA GLU YA 28 -56.04 -61.81 38.69
C GLU YA 28 -55.44 -60.75 39.61
N LYS YA 29 -55.84 -59.50 39.36
CA LYS YA 29 -55.35 -58.38 40.13
C LYS YA 29 -56.12 -58.21 41.43
N LYS YA 30 -55.48 -57.59 42.42
CA LYS YA 30 -56.13 -57.37 43.71
C LYS YA 30 -57.34 -56.46 43.56
N GLN YA 31 -57.22 -55.40 42.76
CA GLN YA 31 -58.33 -54.46 42.61
C GLN YA 31 -59.54 -55.12 41.97
N GLY YA 32 -59.37 -56.29 41.36
CA GLY YA 32 -60.51 -57.00 40.80
C GLY YA 32 -61.57 -57.33 41.84
N ALA YA 33 -61.14 -57.66 43.06
CA ALA YA 33 -62.11 -57.95 44.12
C ALA YA 33 -62.95 -56.73 44.43
N PHE YA 34 -62.32 -55.56 44.57
CA PHE YA 34 -63.08 -54.34 44.82
C PHE YA 34 -63.99 -54.01 43.65
N ALA YA 35 -63.49 -54.19 42.42
CA ALA YA 35 -64.31 -53.89 41.25
C ALA YA 35 -65.54 -54.79 41.21
N LYS YA 36 -65.37 -56.07 41.52
CA LYS YA 36 -66.51 -56.98 41.56
C LYS YA 36 -67.47 -56.60 42.67
N LEU YA 37 -66.94 -56.25 43.85
CA LEU YA 37 -67.82 -55.90 44.97
C LEU YA 37 -68.63 -54.66 44.65
N ALA YA 38 -68.01 -53.66 44.03
CA ALA YA 38 -68.72 -52.44 43.66
C ALA YA 38 -69.51 -52.58 42.36
N ARG YA 39 -69.33 -53.67 41.62
CA ARG YA 39 -70.01 -53.88 40.34
C ARG YA 39 -69.76 -52.68 39.42
N SER YA 40 -68.49 -52.29 39.32
CA SER YA 40 -68.08 -51.19 38.46
C SER YA 40 -66.67 -51.50 37.94
N ASN YA 41 -66.11 -50.55 37.20
CA ASN YA 41 -64.76 -50.69 36.67
C ASN YA 41 -63.99 -49.41 36.92
N PHE YA 42 -62.67 -49.54 36.98
CA PHE YA 42 -61.80 -48.39 37.23
C PHE YA 42 -60.35 -48.77 36.99
N SER YA 49 -45.58 -47.44 40.37
CA SER YA 49 -44.30 -47.12 39.76
C SER YA 49 -43.19 -47.11 40.80
N PHE YA 50 -42.20 -47.97 40.62
CA PHE YA 50 -41.08 -48.03 41.55
C PHE YA 50 -40.34 -46.69 41.57
N ALA YA 51 -39.86 -46.33 42.75
CA ALA YA 51 -39.07 -45.12 42.92
C ALA YA 51 -37.75 -45.26 42.18
N GLN YA 52 -37.00 -44.16 42.12
CA GLN YA 52 -35.72 -44.18 41.43
C GLN YA 52 -34.76 -45.17 42.09
N GLU YA 53 -34.78 -45.24 43.42
CA GLU YA 53 -33.95 -46.16 44.19
C GLU YA 53 -34.88 -46.93 45.14
N PRO YA 54 -35.57 -47.95 44.63
CA PRO YA 54 -36.49 -48.73 45.48
C PRO YA 54 -35.71 -49.71 46.34
N TYR YA 55 -35.59 -49.41 47.63
CA TYR YA 55 -34.84 -50.26 48.56
C TYR YA 55 -35.79 -50.75 49.64
N PHE YA 56 -35.73 -52.05 49.92
CA PHE YA 56 -36.53 -52.67 50.97
C PHE YA 56 -35.61 -53.44 51.90
N GLU YA 57 -35.88 -53.31 53.21
CA GLU YA 57 -35.20 -54.12 54.21
C GLU YA 57 -35.90 -55.47 54.30
N GLU YA 58 -35.10 -56.53 54.36
CA GLU YA 58 -35.64 -57.87 54.20
C GLU YA 58 -36.74 -58.14 55.23
N GLU YA 59 -37.82 -58.75 54.76
CA GLU YA 59 -38.95 -59.07 55.61
C GLU YA 59 -38.65 -60.33 56.44
N ILE YA 60 -39.37 -60.46 57.54
CA ILE YA 60 -39.25 -61.61 58.43
C ILE YA 60 -40.65 -62.11 58.75
N GLU YA 61 -40.73 -63.41 59.07
CA GLU YA 61 -42.01 -63.98 59.47
C GLU YA 61 -42.61 -63.16 60.60
N ALA YA 62 -43.93 -63.03 60.60
CA ALA YA 62 -44.59 -62.12 61.53
C ALA YA 62 -44.35 -62.53 62.98
N HIS YA 63 -44.62 -63.80 63.30
CA HIS YA 63 -44.50 -64.24 64.68
C HIS YA 63 -43.06 -64.17 65.18
N ARG YA 64 -42.10 -64.54 64.33
CA ARG YA 64 -40.71 -64.48 64.73
C ARG YA 64 -40.21 -63.05 64.87
N LYS YA 65 -40.63 -62.16 63.97
CA LYS YA 65 -40.12 -60.79 64.00
C LYS YA 65 -40.71 -60.00 65.16
N HIS YA 66 -41.97 -60.24 65.49
CA HIS YA 66 -42.59 -59.47 66.58
C HIS YA 66 -42.06 -59.91 67.94
N HIS YA 67 -41.63 -61.17 68.06
CA HIS YA 67 -41.07 -61.69 69.30
C HIS YA 67 -39.74 -62.37 68.95
N ARG YA 68 -38.67 -61.60 68.96
CA ARG YA 68 -37.35 -62.12 68.65
C ARG YA 68 -36.62 -62.43 69.95
N PRO YA 69 -36.30 -63.69 70.24
CA PRO YA 69 -35.60 -63.99 71.49
C PRO YA 69 -34.25 -63.30 71.56
N ASP YA 70 -33.89 -62.84 72.75
CA ASP YA 70 -32.63 -62.13 72.97
C ASP YA 70 -31.53 -63.15 73.26
N VAL YA 71 -31.32 -64.05 72.30
CA VAL YA 71 -30.32 -65.10 72.39
C VAL YA 71 -29.11 -64.66 71.58
N TYR YA 72 -27.93 -64.79 72.17
CA TYR YA 72 -26.68 -64.42 71.52
C TYR YA 72 -25.64 -65.51 71.69
N ILE YA 73 -24.62 -65.46 70.85
CA ILE YA 73 -23.48 -66.36 70.92
C ILE YA 73 -22.25 -65.47 71.08
N TYR YA 74 -21.06 -66.06 70.96
CA TYR YA 74 -19.81 -65.36 71.26
C TYR YA 74 -19.90 -63.88 70.93
N LYS YA 75 -20.13 -63.52 69.67
CA LYS YA 75 -20.40 -62.12 69.34
C LYS YA 75 -21.42 -61.99 68.22
N TYR YA 76 -22.27 -62.99 68.02
CA TYR YA 76 -23.26 -62.98 66.95
C TYR YA 76 -24.61 -63.38 67.52
N ASN YA 77 -25.64 -62.60 67.21
CA ASN YA 77 -26.99 -63.02 67.56
C ASN YA 77 -27.34 -64.29 66.82
N VAL YA 78 -27.89 -65.26 67.54
CA VAL YA 78 -28.29 -66.54 66.97
C VAL YA 78 -29.78 -66.72 67.18
N SER YA 79 -30.50 -67.00 66.10
CA SER YA 79 -31.94 -67.21 66.10
C SER YA 79 -32.23 -68.46 65.30
N PRO YA 80 -33.41 -69.06 65.48
CA PRO YA 80 -33.72 -70.28 64.71
C PRO YA 80 -33.73 -70.07 63.22
N THR YA 81 -33.84 -68.83 62.75
CA THR YA 81 -33.92 -68.54 61.32
C THR YA 81 -32.80 -67.65 60.82
N HIS YA 82 -32.28 -66.73 61.66
CA HIS YA 82 -31.34 -65.73 61.22
C HIS YA 82 -30.15 -65.64 62.17
N PHE YA 83 -29.01 -65.24 61.62
CA PHE YA 83 -27.87 -64.78 62.39
C PHE YA 83 -27.79 -63.27 62.29
N SER YA 84 -26.79 -62.68 62.94
CA SER YA 84 -26.54 -61.25 62.85
C SER YA 84 -25.21 -60.96 63.54
N LEU YA 85 -24.84 -59.70 63.60
CA LEU YA 85 -23.63 -59.26 64.28
C LEU YA 85 -23.99 -58.19 65.30
N ARG YA 86 -23.31 -58.23 66.44
CA ARG YA 86 -23.56 -57.28 67.52
C ARG YA 86 -22.32 -57.08 68.37
N GLY ZA 1 -8.82 -50.74 -79.16
CA GLY ZA 1 -9.26 -49.38 -79.39
C GLY ZA 1 -10.51 -49.03 -78.58
N ARG ZA 2 -10.31 -48.66 -77.32
CA ARG ZA 2 -11.42 -48.29 -76.47
C ARG ZA 2 -11.86 -46.85 -76.74
N PHE ZA 3 -10.95 -45.90 -76.57
CA PHE ZA 3 -11.25 -44.50 -76.83
C PHE ZA 3 -9.97 -43.70 -76.65
N ASN ZA 4 -9.78 -42.68 -77.49
CA ASN ZA 4 -8.64 -41.79 -77.39
C ASN ZA 4 -9.08 -40.38 -77.70
N MET ZA 5 -8.51 -39.40 -76.99
CA MET ZA 5 -8.86 -38.01 -77.22
C MET ZA 5 -8.48 -37.57 -78.63
N ASP ZA 6 -7.30 -37.98 -79.10
CA ASP ZA 6 -6.89 -37.63 -80.46
C ASP ZA 6 -7.83 -38.24 -81.49
N GLU ZA 7 -8.22 -39.50 -81.28
CA GLU ZA 7 -9.16 -40.14 -82.21
C GLU ZA 7 -10.49 -39.43 -82.22
N ALA ZA 8 -11.00 -39.04 -81.04
CA ALA ZA 8 -12.27 -38.32 -80.98
C ALA ZA 8 -12.16 -36.98 -81.68
N ALA ZA 9 -11.06 -36.26 -81.46
CA ALA ZA 9 -10.87 -34.98 -82.13
C ALA ZA 9 -10.81 -35.14 -83.64
N ALA ZA 10 -10.11 -36.17 -84.11
CA ALA ZA 10 -10.06 -36.41 -85.56
C ALA ZA 10 -11.44 -36.74 -86.11
N ALA ZA 11 -12.21 -37.55 -85.38
CA ALA ZA 11 -13.55 -37.90 -85.84
C ALA ZA 11 -14.46 -36.67 -85.88
N LEU ZA 12 -14.35 -35.80 -84.89
CA LEU ZA 12 -15.19 -34.61 -84.82
C LEU ZA 12 -14.64 -33.45 -85.63
N GLN ZA 13 -13.47 -33.60 -86.26
CA GLN ZA 13 -12.84 -32.54 -87.03
C GLN ZA 13 -12.43 -31.38 -86.11
N LEU ZA 14 -11.67 -31.71 -85.07
CA LEU ZA 14 -11.20 -30.75 -84.08
C LEU ZA 14 -9.71 -30.93 -83.88
N ASN ZA 15 -9.10 -29.98 -83.18
CA ASN ZA 15 -7.66 -30.01 -82.93
C ASN ZA 15 -7.36 -30.78 -81.65
N PRO ZA 16 -6.46 -31.78 -81.69
CA PRO ZA 16 -6.13 -32.48 -80.45
C PRO ZA 16 -5.63 -31.56 -79.34
N ALA ZA 17 -4.84 -30.55 -79.69
CA ALA ZA 17 -4.39 -29.60 -78.67
C ALA ZA 17 -5.57 -28.83 -78.10
N TYR ZA 18 -6.52 -28.45 -78.95
CA TYR ZA 18 -7.71 -27.75 -78.47
C TYR ZA 18 -8.51 -28.63 -77.51
N ALA ZA 19 -8.66 -29.93 -77.85
CA ALA ZA 19 -9.37 -30.84 -76.96
C ALA ZA 19 -8.65 -31.00 -75.64
N ALA ZA 20 -7.32 -31.12 -75.68
CA ALA ZA 20 -6.54 -31.24 -74.45
C ALA ZA 20 -6.71 -30.00 -73.59
N ALA ZA 21 -6.66 -28.81 -74.19
CA ALA ZA 21 -6.87 -27.59 -73.45
C ALA ZA 21 -8.26 -27.55 -72.84
N LEU ZA 22 -9.26 -28.01 -73.59
CA LEU ZA 22 -10.63 -28.04 -73.07
C LEU ZA 22 -10.73 -28.93 -71.85
N TYR ZA 23 -10.11 -30.11 -71.90
CA TYR ZA 23 -10.25 -31.10 -70.84
C TYR ZA 23 -9.17 -31.02 -69.77
N ARG ZA 24 -8.30 -30.01 -69.83
CA ARG ZA 24 -7.32 -29.74 -68.79
C ARG ZA 24 -7.46 -28.30 -68.37
N PRO ZA 25 -6.98 -27.93 -67.17
CA PRO ZA 25 -7.29 -26.60 -66.64
C PRO ZA 25 -6.83 -25.49 -67.56
N LEU ZA 26 -7.61 -24.41 -67.56
CA LEU ZA 26 -7.44 -23.29 -68.47
C LEU ZA 26 -6.09 -22.61 -68.31
N ASN ZA 27 -5.61 -22.46 -67.08
CA ASN ZA 27 -4.35 -21.75 -66.84
C ASN ZA 27 -3.17 -22.44 -67.51
N TYR ZA 28 -3.18 -23.76 -67.62
CA TYR ZA 28 -2.04 -24.47 -68.19
C TYR ZA 28 -1.87 -24.17 -69.67
N THR ZA 29 -2.98 -24.08 -70.41
CA THR ZA 29 -2.92 -23.97 -71.86
C THR ZA 29 -3.25 -22.57 -72.38
N PHE ZA 30 -3.61 -21.63 -71.51
CA PHE ZA 30 -3.90 -20.27 -71.95
C PHE ZA 30 -3.19 -19.28 -71.05
N HIS ZA 31 -2.94 -18.08 -71.61
CA HIS ZA 31 -2.26 -17.01 -70.88
C HIS ZA 31 -3.27 -16.35 -69.95
N ILE ZA 32 -3.55 -17.03 -68.84
CA ILE ZA 32 -4.50 -16.55 -67.85
C ILE ZA 32 -3.84 -16.66 -66.48
N ARG ZA 33 -4.32 -15.84 -65.54
CA ARG ZA 33 -3.76 -15.81 -64.20
C ARG ZA 33 -4.39 -16.91 -63.36
N GLY ZA 34 -3.55 -17.80 -62.84
CA GLY ZA 34 -4.00 -18.88 -61.98
C GLY ZA 34 -2.88 -19.41 -61.11
N GLN ZA 35 -3.22 -19.93 -59.94
CA GLN ZA 35 -2.20 -20.41 -59.00
C GLN ZA 35 -1.34 -21.48 -59.64
N LEU ZA 36 -0.04 -21.41 -59.39
CA LEU ZA 36 0.91 -22.41 -59.84
C LEU ZA 36 1.79 -22.80 -58.67
N TYR ZA 37 1.88 -24.11 -58.41
CA TYR ZA 37 2.63 -24.57 -57.25
C TYR ZA 37 4.12 -24.32 -57.43
N PRO ZA 38 4.83 -23.99 -56.35
CA PRO ZA 38 6.26 -23.64 -56.50
C PRO ZA 38 7.11 -24.76 -57.04
N ALA ZA 39 6.76 -26.02 -56.77
CA ALA ZA 39 7.58 -27.13 -57.25
C ALA ZA 39 7.62 -27.16 -58.77
N GLN ZA 40 6.49 -26.86 -59.42
CA GLN ZA 40 6.44 -26.89 -60.87
C GLN ZA 40 7.41 -25.88 -61.48
N LYS ZA 41 7.69 -24.78 -60.78
CA LYS ZA 41 8.54 -23.74 -61.36
C LYS ZA 41 9.93 -24.26 -61.68
N GLY ZA 42 10.41 -25.26 -60.95
CA GLY ZA 42 11.71 -25.84 -61.22
C GLY ZA 42 12.82 -25.14 -60.46
N ARG ZA 43 13.99 -25.75 -60.53
CA ARG ZA 43 15.18 -25.26 -59.85
C ARG ZA 43 16.37 -25.45 -60.76
N PRO ZA 44 17.45 -24.70 -60.56
CA PRO ZA 44 18.65 -24.88 -61.39
C PRO ZA 44 19.36 -26.20 -61.07
N SER ZA 45 20.52 -26.41 -61.67
CA SER ZA 45 21.29 -27.62 -61.45
C SER ZA 45 22.17 -27.47 -60.21
N ARG ZA 46 21.98 -28.35 -59.25
CA ARG ZA 46 22.77 -28.40 -58.02
C ARG ZA 46 23.97 -29.31 -58.21
N PRO ZA 47 24.92 -29.30 -57.27
CA PRO ZA 47 26.14 -30.10 -57.46
C PRO ZA 47 25.86 -31.57 -57.71
N GLY ZA 48 24.87 -32.15 -57.03
CA GLY ZA 48 24.56 -33.56 -57.20
C GLY ZA 48 23.32 -33.82 -58.03
N SER ZA 49 22.86 -32.82 -58.77
CA SER ZA 49 21.61 -32.96 -59.52
C SER ZA 49 21.68 -32.09 -60.77
N LEU ZA 50 20.84 -32.42 -61.75
CA LEU ZA 50 20.75 -31.67 -62.98
C LEU ZA 50 19.61 -30.65 -62.90
N ALA ZA 51 19.58 -29.75 -63.88
CA ALA ZA 51 18.61 -28.67 -63.89
C ALA ZA 51 17.20 -29.21 -64.10
N ALA ZA 52 16.22 -28.48 -63.58
CA ALA ZA 52 14.81 -28.81 -63.72
C ALA ZA 52 14.06 -27.61 -64.27
N SER ZA 53 13.14 -27.87 -65.19
CA SER ZA 53 12.36 -26.81 -65.81
C SER ZA 53 11.01 -27.35 -66.25
N GLN ZA 54 10.02 -26.45 -66.28
CA GLN ZA 54 8.68 -26.84 -66.70
C GLN ZA 54 8.71 -27.52 -68.07
N GLY ZA 55 9.56 -27.02 -68.97
CA GLY ZA 55 9.64 -27.58 -70.30
C GLY ZA 55 10.01 -29.05 -70.33
N ARG ZA 56 10.60 -29.56 -69.25
CA ARG ZA 56 10.95 -30.97 -69.16
C ARG ZA 56 10.12 -31.75 -68.16
N MET ZA 57 9.59 -31.10 -67.12
CA MET ZA 57 8.81 -31.81 -66.11
C MET ZA 57 7.31 -31.76 -66.37
N PHE ZA 58 6.83 -30.91 -67.28
CA PHE ZA 58 5.42 -30.85 -67.62
C PHE ZA 58 5.24 -30.37 -69.05
N PRO ZA 59 5.72 -31.14 -70.03
CA PRO ZA 59 5.59 -30.70 -71.43
C PRO ZA 59 4.15 -30.47 -71.87
N LEU ZA 60 3.21 -31.27 -71.38
CA LEU ZA 60 1.83 -31.13 -71.82
C LEU ZA 60 1.15 -29.91 -71.23
N TYR ZA 61 1.51 -29.53 -70.01
CA TYR ZA 61 0.86 -28.40 -69.35
C TYR ZA 61 1.36 -27.05 -69.84
N GLN ZA 62 2.37 -27.03 -70.72
CA GLN ZA 62 2.87 -25.77 -71.24
C GLN ZA 62 1.76 -25.03 -72.00
N ARG ZA 63 1.90 -23.70 -72.06
CA ARG ZA 63 0.94 -22.87 -72.77
C ARG ZA 63 1.11 -23.05 -74.27
N ASN ZA 64 0.15 -22.52 -75.04
CA ASN ZA 64 0.17 -22.63 -76.50
C ASN ZA 64 -0.18 -21.26 -77.07
N ASP ZA 65 0.84 -20.57 -77.59
CA ASP ZA 65 0.62 -19.23 -78.13
C ASP ZA 65 -0.33 -19.25 -79.31
N ARG ZA 66 -0.22 -20.25 -80.19
CA ARG ZA 66 -1.09 -20.32 -81.35
C ARG ZA 66 -2.55 -20.38 -80.93
N LEU ZA 67 -2.90 -21.32 -80.06
CA LEU ZA 67 -4.29 -21.44 -79.61
C LEU ZA 67 -4.71 -20.21 -78.82
N ASP ZA 68 -3.81 -19.66 -77.99
CA ASP ZA 68 -4.17 -18.49 -77.21
C ASP ZA 68 -4.54 -17.32 -78.12
N LYS ZA 69 -3.75 -17.08 -79.16
CA LYS ZA 69 -4.05 -15.99 -80.08
C LYS ZA 69 -5.30 -16.30 -80.91
N GLU ZA 70 -5.48 -17.56 -81.29
CA GLU ZA 70 -6.66 -17.93 -82.07
C GLU ZA 70 -7.95 -17.71 -81.29
N LEU ZA 71 -7.96 -18.04 -80.00
CA LEU ZA 71 -9.17 -18.03 -79.20
C LEU ZA 71 -9.40 -16.72 -78.46
N PHE ZA 72 -8.40 -16.20 -77.77
CA PHE ZA 72 -8.58 -15.07 -76.87
C PHE ZA 72 -8.33 -13.72 -77.57
N ARG ZA 73 -7.13 -13.52 -78.07
CA ARG ZA 73 -6.75 -12.23 -78.62
C ARG ZA 73 -7.28 -12.06 -80.05
N LEU ZA 74 -7.71 -10.84 -80.35
CA LEU ZA 74 -8.22 -10.51 -81.66
C LEU ZA 74 -7.09 -10.39 -82.66
N ASN ZA 75 -7.45 -10.32 -83.94
CA ASN ZA 75 -6.50 -10.05 -85.01
C ASN ZA 75 -6.73 -8.63 -85.52
N SER ZA 76 -5.64 -7.88 -85.67
CA SER ZA 76 -5.76 -6.47 -86.07
C SER ZA 76 -6.42 -6.34 -87.43
N ARG ZA 77 -6.08 -7.23 -88.36
CA ARG ZA 77 -6.62 -7.12 -89.72
C ARG ZA 77 -8.14 -7.28 -89.72
N GLY ZA 78 -8.66 -8.20 -88.89
CA GLY ZA 78 -10.09 -8.45 -88.87
C GLY ZA 78 -10.92 -7.25 -88.44
N LEU ZA 79 -10.28 -6.24 -87.85
CA LEU ZA 79 -10.97 -5.03 -87.40
C LEU ZA 79 -10.42 -3.78 -88.06
N THR ZA 80 -9.36 -3.89 -88.85
CA THR ZA 80 -8.74 -2.71 -89.45
C THR ZA 80 -9.76 -1.91 -90.26
N THR ZA 81 -9.76 -0.60 -90.05
CA THR ZA 81 -10.65 0.31 -90.76
C THR ZA 81 -9.83 1.49 -91.27
N GLU ZA 82 -10.06 1.86 -92.53
CA GLU ZA 82 -9.30 2.94 -93.14
C GLU ZA 82 -9.77 3.18 -94.58
N ALA AB 1 -37.37 -41.88 -57.97
CA ALA AB 1 -37.64 -40.66 -58.73
C ALA AB 1 -38.05 -41.00 -60.16
N LEU AB 2 -38.72 -40.06 -60.81
CA LEU AB 2 -39.14 -40.23 -62.20
C LEU AB 2 -38.12 -39.60 -63.13
N PHE AB 3 -37.77 -40.33 -64.19
CA PHE AB 3 -36.83 -39.83 -65.19
C PHE AB 3 -37.50 -39.94 -66.56
N SER AB 4 -37.43 -38.87 -67.32
CA SER AB 4 -38.11 -38.76 -68.62
C SER AB 4 -37.07 -38.60 -69.72
N CYS AB 5 -37.23 -39.37 -70.79
CA CYS AB 5 -36.35 -39.24 -71.94
C CYS AB 5 -36.38 -37.81 -72.46
N PHE AB 6 -35.20 -37.28 -72.81
CA PHE AB 6 -35.10 -35.88 -73.21
C PHE AB 6 -35.98 -35.60 -74.42
N ARG AB 7 -35.96 -36.50 -75.41
CA ARG AB 7 -36.73 -36.31 -76.63
C ARG AB 7 -38.08 -37.02 -76.56
N CYS AB 8 -38.08 -38.33 -76.25
CA CYS AB 8 -39.32 -39.09 -76.26
C CYS AB 8 -40.30 -38.59 -75.21
N GLY AB 9 -39.82 -38.26 -74.02
CA GLY AB 9 -40.71 -37.98 -72.91
C GLY AB 9 -41.20 -39.20 -72.18
N TYR AB 10 -40.80 -40.39 -72.60
CA TYR AB 10 -41.14 -41.61 -71.89
C TYR AB 10 -40.57 -41.55 -70.48
N MET AB 11 -41.40 -41.88 -69.49
CA MET AB 11 -41.05 -41.72 -68.09
C MET AB 11 -40.93 -43.09 -67.42
N TYR AB 12 -39.87 -43.26 -66.63
CA TYR AB 12 -39.71 -44.47 -65.83
C TYR AB 12 -39.32 -44.10 -64.41
N GLU AB 13 -39.76 -44.91 -63.46
CA GLU AB 13 -39.56 -44.65 -62.04
C GLU AB 13 -38.48 -45.56 -61.49
N PHE AB 14 -37.59 -44.98 -60.68
CA PHE AB 14 -36.54 -45.76 -60.01
C PHE AB 14 -35.98 -44.93 -58.87
N ALA AB 15 -36.04 -45.47 -57.66
CA ALA AB 15 -35.48 -44.78 -56.51
C ALA AB 15 -33.96 -44.75 -56.58
N VAL AB 16 -33.38 -43.64 -56.14
CA VAL AB 16 -31.93 -43.43 -56.20
C VAL AB 16 -31.38 -43.49 -54.78
N SER AB 17 -30.31 -44.27 -54.60
CA SER AB 17 -29.68 -44.45 -53.32
C SER AB 17 -28.56 -43.41 -53.13
N ASN AB 18 -27.95 -43.42 -51.95
CA ASN AB 18 -26.86 -42.48 -51.67
C ASN AB 18 -25.66 -42.74 -52.57
N SER AB 19 -25.50 -43.97 -53.05
CA SER AB 19 -24.36 -44.29 -53.91
C SER AB 19 -24.43 -43.57 -55.25
N TYR AB 20 -25.60 -43.06 -55.62
CA TYR AB 20 -25.78 -42.42 -56.92
C TYR AB 20 -26.32 -41.01 -56.76
N CYS AB 21 -25.74 -40.23 -55.83
CA CYS AB 21 -26.20 -38.87 -55.61
C CYS AB 21 -25.95 -37.99 -56.83
N ARG AB 22 -24.78 -38.13 -57.46
CA ARG AB 22 -24.44 -37.28 -58.59
C ARG AB 22 -25.11 -37.72 -59.89
N LYS AB 23 -26.08 -38.64 -59.84
CA LYS AB 23 -26.82 -39.05 -61.03
C LYS AB 23 -28.33 -38.98 -60.80
N LEU AB 24 -28.79 -37.99 -60.03
CA LEU AB 24 -30.22 -37.82 -59.81
C LEU AB 24 -30.81 -36.82 -60.79
N THR AB 25 -30.22 -35.63 -60.89
CA THR AB 25 -30.76 -34.60 -61.77
C THR AB 25 -30.74 -35.04 -63.22
N LEU AB 26 -29.64 -35.63 -63.66
CA LEU AB 26 -29.49 -36.10 -65.04
C LEU AB 26 -29.06 -37.56 -65.03
N ARG AB 27 -29.48 -38.31 -66.04
CA ARG AB 27 -29.10 -39.70 -66.21
C ARG AB 27 -28.88 -39.98 -67.69
N ASN AB 28 -28.30 -41.14 -67.97
CA ASN AB 28 -28.16 -41.64 -69.34
C ASN AB 28 -28.65 -43.07 -69.36
N ASP AB 29 -29.60 -43.38 -70.24
CA ASP AB 29 -30.21 -44.70 -70.22
C ASP AB 29 -30.71 -45.05 -71.62
N HIS AB 30 -30.91 -46.34 -71.85
CA HIS AB 30 -31.42 -46.82 -73.12
C HIS AB 30 -32.95 -46.75 -73.11
N CYS AB 31 -33.49 -45.64 -73.64
CA CYS AB 31 -34.94 -45.45 -73.66
C CYS AB 31 -35.60 -46.52 -74.54
N PRO AB 32 -36.77 -47.02 -74.13
CA PRO AB 32 -37.43 -48.04 -74.95
C PRO AB 32 -38.07 -47.47 -76.21
N ARG AB 33 -38.66 -46.28 -76.10
CA ARG AB 33 -39.35 -45.70 -77.26
C ARG AB 33 -38.37 -45.43 -78.40
N CYS AB 34 -37.19 -44.90 -78.08
CA CYS AB 34 -36.13 -44.67 -79.05
C CYS AB 34 -35.00 -45.65 -78.73
N ASP AB 35 -34.65 -46.50 -79.70
CA ASP AB 35 -33.67 -47.55 -79.49
C ASP AB 35 -32.24 -46.99 -79.55
N GLN AB 36 -32.00 -45.99 -78.70
CA GLN AB 36 -30.69 -45.37 -78.61
C GLN AB 36 -30.46 -44.94 -77.16
N LEU AB 37 -29.19 -44.85 -76.78
CA LEU AB 37 -28.83 -44.32 -75.46
C LEU AB 37 -29.12 -42.82 -75.44
N THR AB 38 -30.06 -42.40 -74.60
CA THR AB 38 -30.49 -41.02 -74.53
C THR AB 38 -30.40 -40.50 -73.11
N LEU AB 39 -30.34 -39.18 -73.01
CA LEU AB 39 -30.33 -38.49 -71.72
C LEU AB 39 -31.71 -38.52 -71.11
N PHE AB 40 -31.76 -38.66 -69.79
CA PHE AB 40 -32.99 -38.67 -69.02
C PHE AB 40 -32.95 -37.55 -68.00
N ARG AB 41 -34.04 -36.78 -67.94
CA ARG AB 41 -34.16 -35.62 -67.07
C ARG AB 41 -35.02 -35.99 -65.87
N PHE AB 42 -34.59 -35.54 -64.69
CA PHE AB 42 -35.39 -35.73 -63.49
C PHE AB 42 -36.67 -34.92 -63.58
N MET AB 43 -37.77 -35.51 -63.13
CA MET AB 43 -39.06 -34.84 -63.14
C MET AB 43 -39.76 -34.85 -61.79
N SER AB 44 -39.63 -35.90 -61.00
CA SER AB 44 -40.28 -35.97 -59.71
C SER AB 44 -39.57 -37.03 -58.87
N VAL AB 45 -39.85 -37.01 -57.56
CA VAL AB 45 -39.19 -37.87 -56.59
C VAL AB 45 -40.18 -38.94 -56.12
N SER AB 46 -39.71 -40.18 -56.05
CA SER AB 46 -40.56 -41.30 -55.66
C SER AB 46 -40.39 -41.66 -54.19
N GLY AB 47 -39.16 -41.94 -53.76
CA GLY AB 47 -38.91 -42.28 -52.38
C GLY AB 47 -37.48 -42.74 -52.15
N MET AB 48 -36.90 -42.37 -51.01
CA MET AB 48 -35.52 -42.68 -50.72
C MET AB 48 -35.35 -44.17 -50.38
N VAL AB 49 -34.17 -44.70 -50.71
CA VAL AB 49 -33.83 -46.06 -50.32
C VAL AB 49 -33.60 -46.10 -48.81
N GLY AB 50 -34.10 -47.17 -48.18
CA GLY AB 50 -34.00 -47.27 -46.74
C GLY AB 50 -35.03 -46.42 -46.04
N ASN AB 51 -34.67 -45.86 -44.89
CA ASN AB 51 -35.62 -45.05 -44.13
C ASN AB 51 -34.85 -44.24 -43.09
N MET AB 52 -35.39 -43.07 -42.76
CA MET AB 52 -34.79 -42.23 -41.73
C MET AB 52 -35.07 -42.81 -40.35
N PRO AB 53 -34.24 -42.46 -39.36
CA PRO AB 53 -34.38 -43.10 -38.04
C PRO AB 53 -35.74 -42.82 -37.40
N PHE AB 54 -36.27 -43.85 -36.74
CA PHE AB 54 -37.41 -43.71 -35.83
C PHE AB 54 -38.66 -43.16 -36.53
N LYS AB 55 -38.81 -43.44 -37.82
CA LYS AB 55 -39.98 -43.05 -38.57
C LYS AB 55 -40.40 -44.19 -39.49
N PRO AB 56 -41.68 -44.26 -39.86
CA PRO AB 56 -42.11 -45.24 -40.85
C PRO AB 56 -41.34 -45.11 -42.16
N ILE AB 57 -41.51 -46.11 -43.01
CA ILE AB 57 -40.77 -46.15 -44.28
C ILE AB 57 -41.21 -45.02 -45.20
N GLY AB 58 -42.52 -44.78 -45.29
CA GLY AB 58 -43.04 -43.86 -46.28
C GLY AB 58 -43.16 -42.43 -45.81
N VAL AB 59 -42.50 -42.08 -44.70
CA VAL AB 59 -42.59 -40.72 -44.18
C VAL AB 59 -42.10 -39.69 -45.20
N PRO AB 60 -40.98 -39.88 -45.91
CA PRO AB 60 -40.62 -38.86 -46.92
C PRO AB 60 -41.69 -38.67 -47.97
N GLY AB 61 -42.36 -39.74 -48.40
CA GLY AB 61 -43.51 -39.64 -49.24
C GLY AB 61 -43.16 -39.46 -50.70
N PRO AB 62 -43.85 -40.17 -51.59
CA PRO AB 62 -43.72 -39.86 -53.02
C PRO AB 62 -44.39 -38.53 -53.34
N SER AB 63 -43.87 -37.86 -54.37
CA SER AB 63 -44.45 -36.59 -54.77
C SER AB 63 -45.82 -36.83 -55.40
N TYR AB 64 -46.63 -35.76 -55.43
CA TYR AB 64 -47.95 -35.86 -56.03
C TYR AB 64 -47.85 -36.24 -57.51
N ALA AB 65 -46.84 -35.73 -58.22
CA ALA AB 65 -46.67 -36.09 -59.62
C ALA AB 65 -46.39 -37.58 -59.77
N THR AB 66 -45.51 -38.13 -58.93
CA THR AB 66 -45.24 -39.56 -58.98
C THR AB 66 -46.48 -40.37 -58.66
N LEU AB 67 -47.24 -39.93 -57.66
CA LEU AB 67 -48.48 -40.63 -57.32
C LEU AB 67 -49.46 -40.61 -58.48
N TRP AB 68 -49.60 -39.47 -59.15
CA TRP AB 68 -50.50 -39.38 -60.29
C TRP AB 68 -50.03 -40.27 -61.43
N TRP AB 69 -48.72 -40.29 -61.69
CA TRP AB 69 -48.18 -41.14 -62.75
C TRP AB 69 -48.45 -42.61 -62.45
N ARG AB 70 -48.20 -43.03 -61.21
CA ARG AB 70 -48.45 -44.41 -60.81
C ARG AB 70 -49.94 -44.74 -60.90
N LYS AB 71 -50.81 -43.81 -60.50
CA LYS AB 71 -52.24 -44.04 -60.61
C LYS AB 71 -52.65 -44.20 -62.06
N THR AB 72 -52.11 -43.37 -62.95
CA THR AB 72 -52.44 -43.49 -64.37
C THR AB 72 -51.99 -44.82 -64.93
N ARG AB 73 -50.81 -45.30 -64.53
CA ARG AB 73 -50.27 -46.54 -65.08
C ARG AB 73 -50.80 -47.81 -64.41
N GLU AB 74 -51.40 -47.71 -63.22
CA GLU AB 74 -51.84 -48.90 -62.51
C GLU AB 74 -53.18 -48.72 -61.82
N GLY AB 75 -54.07 -47.87 -62.33
CA GLY AB 75 -55.32 -47.56 -61.67
C GLY AB 75 -56.43 -48.50 -62.09
N LYS AB 76 -57.64 -48.17 -61.61
CA LYS AB 76 -58.81 -48.98 -61.93
C LYS AB 76 -59.07 -48.98 -63.43
N GLU AB 77 -59.13 -47.80 -64.04
CA GLU AB 77 -59.37 -47.73 -65.48
C GLU AB 77 -58.20 -48.32 -66.25
N ALA AB 78 -56.96 -48.04 -65.81
CA ALA AB 78 -55.80 -48.58 -66.49
C ALA AB 78 -55.73 -50.09 -66.35
N SER AB 79 -56.04 -50.61 -65.17
CA SER AB 79 -55.95 -52.05 -64.93
C SER AB 79 -57.12 -52.82 -65.54
N ALA AB 80 -58.25 -52.17 -65.80
CA ALA AB 80 -59.41 -52.87 -66.34
C ALA AB 80 -59.12 -53.59 -67.65
N PRO AB 81 -58.55 -52.95 -68.68
CA PRO AB 81 -58.25 -53.69 -69.91
C PRO AB 81 -57.24 -54.82 -69.70
N LEU AB 82 -56.28 -54.64 -68.79
CA LEU AB 82 -55.22 -55.63 -68.60
C LEU AB 82 -55.59 -56.67 -67.54
N ASP AB 83 -56.35 -56.27 -66.51
CA ASP AB 83 -56.70 -57.21 -65.46
C ASP AB 83 -57.44 -58.42 -66.02
N ALA AB 84 -58.25 -58.22 -67.05
CA ALA AB 84 -58.93 -59.34 -67.69
C ALA AB 84 -57.93 -60.29 -68.33
N VAL AB 85 -56.88 -59.75 -68.93
CA VAL AB 85 -55.85 -60.60 -69.55
C VAL AB 85 -55.23 -61.52 -68.52
N CYS AB 86 -54.89 -60.99 -67.35
CA CYS AB 86 -54.31 -61.79 -66.28
C CYS AB 86 -54.51 -61.06 -64.98
N LYS AB 87 -55.27 -61.67 -64.06
CA LYS AB 87 -55.46 -61.12 -62.73
C LYS AB 87 -54.14 -60.64 -62.15
N SER AB 88 -54.08 -59.36 -61.80
CA SER AB 88 -52.82 -58.76 -61.34
C SER AB 88 -52.26 -59.44 -60.11
N ASP AB 89 -53.09 -60.14 -59.34
CA ASP AB 89 -52.63 -60.80 -58.13
C ASP AB 89 -51.85 -62.08 -58.41
N ARG AB 90 -52.23 -62.84 -59.44
CA ARG AB 90 -51.64 -64.15 -59.71
C ARG AB 90 -51.47 -64.29 -61.22
N TRP AB 91 -51.20 -65.52 -61.66
CA TRP AB 91 -51.00 -65.79 -63.07
C TRP AB 91 -52.29 -66.27 -63.73
N ALA BB 1 -45.43 45.22 -96.39
CA ALA BB 1 -44.52 46.28 -96.90
C ALA BB 1 -43.14 45.71 -97.19
N ALA BB 2 -43.11 44.52 -97.81
CA ALA BB 2 -41.83 43.87 -98.11
C ALA BB 2 -41.01 44.71 -99.08
N ALA BB 3 -41.65 45.23 -100.13
CA ALA BB 3 -40.95 46.06 -101.10
C ALA BB 3 -40.42 47.35 -100.47
N ALA BB 4 -41.24 48.00 -99.65
CA ALA BB 4 -40.79 49.22 -98.98
C ALA BB 4 -39.61 48.94 -98.05
N ALA BB 5 -39.68 47.83 -97.30
CA ALA BB 5 -38.58 47.48 -96.42
C ALA BB 5 -37.32 47.19 -97.22
N ALA BB 6 -37.44 46.49 -98.35
CA ALA BB 6 -36.28 46.21 -99.18
C ALA BB 6 -35.66 47.49 -99.72
N ALA BB 7 -36.51 48.41 -100.19
CA ALA BB 7 -35.99 49.68 -100.71
C ALA BB 7 -35.29 50.47 -99.61
N ALA BB 8 -35.89 50.53 -98.42
CA ALA BB 8 -35.26 51.25 -97.31
C ALA BB 8 -33.93 50.61 -96.93
N ALA BB 9 -33.87 49.28 -96.88
CA ALA BB 9 -32.62 48.61 -96.55
C ALA BB 9 -31.55 48.89 -97.61
N ALA BB 10 -31.93 48.85 -98.88
CA ALA BB 10 -30.96 49.14 -99.94
C ALA BB 10 -30.44 50.56 -99.84
N ALA BB 11 -31.34 51.52 -99.59
CA ALA BB 11 -30.92 52.91 -99.46
C ALA BB 11 -29.99 53.10 -98.27
N ALA BB 12 -30.33 52.46 -97.13
CA ALA BB 12 -29.48 52.57 -95.95
C ALA BB 12 -28.11 51.95 -96.20
N ALA BB 13 -28.08 50.80 -96.88
CA ALA BB 13 -26.80 50.16 -97.19
C ALA BB 13 -25.96 51.04 -98.11
N ALA BB 14 -26.58 51.64 -99.12
CA ALA BB 14 -25.84 52.53 -100.02
C ALA BB 14 -25.30 53.73 -99.26
N ALA BB 15 -26.10 54.33 -98.39
CA ALA BB 15 -25.65 55.48 -97.62
C ALA BB 15 -24.49 55.10 -96.70
N ALA BB 16 -24.59 53.94 -96.03
CA ALA BB 16 -23.53 53.51 -95.14
C ALA BB 16 -22.25 53.22 -95.92
N ALA BB 17 -22.36 52.59 -97.08
CA ALA BB 17 -21.18 52.33 -97.90
C ALA BB 17 -20.53 53.64 -98.35
N ALA BB 18 -21.34 54.61 -98.77
CA ALA BB 18 -20.79 55.90 -99.18
C ALA BB 18 -20.09 56.58 -98.00
N ALA BB 19 -20.69 56.54 -96.82
CA ALA BB 19 -20.07 57.16 -95.65
C ALA BB 19 -18.75 56.48 -95.30
N ALA BB 20 -18.73 55.15 -95.35
CA ALA BB 20 -17.49 54.42 -95.06
C ALA BB 20 -16.40 54.75 -96.08
N ALA BB 21 -16.77 54.82 -97.36
CA ALA BB 21 -15.78 55.17 -98.39
C ALA BB 21 -15.25 56.58 -98.16
N ALA BB 22 -16.14 57.53 -97.84
CA ALA BB 22 -15.70 58.90 -97.59
C ALA BB 22 -14.82 58.98 -96.36
N ALA BB 23 -15.05 58.13 -95.37
CA ALA BB 23 -14.25 58.17 -94.15
C ALA BB 23 -12.77 57.91 -94.43
N ALA BB 24 -12.48 56.93 -95.29
CA ALA BB 24 -11.10 56.59 -95.63
C ALA BB 24 -10.68 57.18 -96.98
N ALA BB 25 -11.51 58.03 -97.56
CA ALA BB 25 -11.21 58.63 -98.87
C ALA BB 25 -11.04 57.56 -99.94
N ALA BB 26 -11.81 56.47 -99.82
CA ALA BB 26 -11.69 55.37 -100.77
C ALA BB 26 -12.08 55.81 -102.17
N ALA BB 27 -13.12 56.64 -102.28
CA ALA BB 27 -13.63 57.00 -103.60
C ALA BB 27 -12.54 57.58 -104.51
N ALA BB 28 -11.57 58.29 -103.93
CA ALA BB 28 -10.51 58.90 -104.74
C ALA BB 28 -9.80 57.86 -105.58
N ALA BB 29 -9.32 56.78 -104.94
CA ALA BB 29 -8.65 55.72 -105.66
C ALA BB 29 -9.64 54.82 -106.40
N ALA BB 30 -10.87 54.69 -105.88
CA ALA BB 30 -11.86 53.83 -106.52
C ALA BB 30 -12.26 54.35 -107.89
N ALA BB 31 -12.34 55.68 -108.05
CA ALA BB 31 -12.66 56.23 -109.36
C ALA BB 31 -11.62 55.83 -110.40
N ALA BB 32 -10.34 55.98 -110.06
CA ALA BB 32 -9.28 55.59 -110.98
C ALA BB 32 -9.29 54.09 -111.23
N ALA BB 33 -9.55 53.30 -110.17
CA ALA BB 33 -9.60 51.85 -110.34
C ALA BB 33 -10.70 51.45 -111.31
N ALA BB 34 -11.89 52.04 -111.16
CA ALA BB 34 -12.96 51.78 -112.09
C ALA BB 34 -12.65 52.24 -113.50
N ALA BB 35 -12.00 53.40 -113.64
CA ALA BB 35 -11.67 53.93 -114.95
C ALA BB 35 -10.66 53.05 -115.69
N ALA BB 36 -9.64 52.54 -114.99
CA ALA BB 36 -8.53 51.85 -115.63
C ALA BB 36 -8.57 50.35 -115.48
N ALA BB 37 -8.64 49.83 -114.26
CA ALA BB 37 -8.50 48.40 -113.97
C ALA BB 37 -9.70 47.91 -113.18
N ALA BB 38 -10.90 48.21 -113.66
CA ALA BB 38 -12.12 47.81 -112.95
C ALA BB 38 -12.21 46.31 -112.77
N ALA BB 39 -11.50 45.54 -113.60
CA ALA BB 39 -11.59 44.08 -113.55
C ALA BB 39 -11.33 43.55 -112.15
N ALA BB 40 -10.22 43.98 -111.55
CA ALA BB 40 -9.87 43.54 -110.20
C ALA BB 40 -8.74 44.40 -109.69
N ALA BB 41 -8.84 44.83 -108.43
CA ALA BB 41 -7.85 45.68 -107.79
C ALA BB 41 -7.17 44.91 -106.67
N ALA BB 42 -5.85 44.86 -106.70
CA ALA BB 42 -5.07 44.17 -105.67
C ALA BB 42 -3.67 44.76 -105.66
N ALA BB 43 -3.17 45.06 -104.45
CA ALA BB 43 -1.84 45.63 -104.27
C ALA BB 43 -0.94 44.62 -103.59
N ALA BB 44 0.21 44.37 -104.18
CA ALA BB 44 1.15 43.39 -103.64
C ALA BB 44 1.63 43.85 -102.26
N ALA BB 45 1.33 43.05 -101.24
CA ALA BB 45 1.73 43.33 -99.86
C ALA BB 45 2.95 42.48 -99.53
N ALA BB 46 4.10 43.13 -99.40
CA ALA BB 46 5.34 42.43 -99.10
C ALA BB 46 6.43 43.42 -98.70
N ALA CB 1 41.04 -36.65 -77.29
CA ALA CB 1 41.90 -36.53 -76.08
C ALA CB 1 41.47 -35.35 -75.23
N ALA CB 2 40.38 -35.53 -74.47
CA ALA CB 2 39.87 -34.49 -73.60
C ALA CB 2 39.14 -35.14 -72.44
N ALA CB 3 39.18 -34.46 -71.28
CA ALA CB 3 38.54 -34.95 -70.08
C ALA CB 3 37.76 -33.81 -69.43
N ALA CB 4 36.74 -34.17 -68.66
CA ALA CB 4 35.91 -33.20 -67.96
C ALA CB 4 36.59 -32.84 -66.64
N ALA CB 5 37.15 -31.63 -66.58
CA ALA CB 5 37.84 -31.15 -65.40
C ALA CB 5 37.03 -30.06 -64.72
N ALA CB 6 37.10 -30.03 -63.39
CA ALA CB 6 36.33 -29.05 -62.64
C ALA CB 6 36.78 -27.63 -62.95
N ALA CB 7 38.09 -27.41 -63.05
CA ALA CB 7 38.64 -26.09 -63.33
C ALA CB 7 39.80 -26.20 -64.31
N ALA CB 8 39.99 -25.14 -65.08
CA ALA CB 8 41.08 -25.07 -66.05
C ALA CB 8 41.72 -23.69 -65.98
N ALA CB 9 43.04 -23.64 -66.07
CA ALA CB 9 43.78 -22.39 -66.01
C ALA CB 9 43.50 -21.66 -64.71
N ALA DB 1 -1.16 83.83 -74.54
CA ALA DB 1 -2.03 83.75 -73.34
C ALA DB 1 -2.90 82.50 -73.38
N ALA DB 2 -3.22 81.96 -72.20
CA ALA DB 2 -4.04 80.77 -72.09
C ALA DB 2 -4.89 80.89 -70.83
N ALA DB 3 -6.01 80.16 -70.84
CA ALA DB 3 -6.94 80.17 -69.72
C ALA DB 3 -7.30 78.73 -69.37
N ALA DB 4 -7.46 78.46 -68.07
CA ALA DB 4 -7.81 77.13 -67.61
C ALA DB 4 -8.37 77.22 -66.21
N ALA DB 5 -9.42 76.43 -65.94
CA ALA DB 5 -10.01 76.39 -64.61
C ALA DB 5 -9.19 75.49 -63.70
N ALA DB 6 -9.64 75.35 -62.45
CA ALA DB 6 -8.95 74.55 -61.46
C ALA DB 6 -9.26 73.06 -61.57
N ALA DB 7 -10.28 72.68 -62.35
CA ALA DB 7 -10.61 71.28 -62.52
C ALA DB 7 -10.99 70.93 -63.96
N ALA DB 8 -10.68 71.79 -64.93
CA ALA DB 8 -11.08 71.55 -66.30
C ALA DB 8 -10.42 70.29 -66.85
N ALA DB 9 -9.13 70.12 -66.58
CA ALA DB 9 -8.37 69.01 -67.13
C ALA DB 9 -8.07 67.99 -66.05
N ALA DB 10 -8.24 66.71 -66.38
CA ALA DB 10 -7.93 65.61 -65.48
C ALA DB 10 -6.87 64.73 -66.12
N ALA DB 11 -5.87 64.34 -65.33
CA ALA DB 11 -4.78 63.53 -65.85
C ALA DB 11 -5.30 62.24 -66.47
N ALA DB 12 -6.14 61.53 -65.74
CA ALA DB 12 -6.73 60.30 -66.26
C ALA DB 12 -7.84 60.64 -67.26
N ALA DB 13 -8.24 59.65 -68.03
CA ALA DB 13 -9.30 59.79 -69.03
C ALA DB 13 -10.63 59.46 -68.37
N ALA DB 14 -11.43 60.49 -68.10
CA ALA DB 14 -12.72 60.30 -67.46
C ALA DB 14 -13.75 59.80 -68.47
N ALA EB 1 30.69 33.88 -17.21
CA ALA EB 1 31.23 33.89 -18.60
C ALA EB 1 30.60 35.01 -19.41
N ALA EB 2 31.00 35.12 -20.68
CA ALA EB 2 30.40 36.12 -21.56
C ALA EB 2 28.95 35.79 -21.84
N ALA EB 3 28.66 34.53 -22.20
CA ALA EB 3 27.30 34.05 -22.35
C ALA EB 3 26.94 33.24 -21.11
N ALA EB 4 26.56 33.96 -20.06
CA ALA EB 4 26.25 33.31 -18.79
C ALA EB 4 25.11 32.32 -18.97
N ALA EB 5 25.28 31.13 -18.40
CA ALA EB 5 24.29 30.07 -18.55
C ALA EB 5 22.94 30.53 -18.02
N ALA EB 6 21.90 30.35 -18.82
CA ALA EB 6 20.56 30.73 -18.41
C ALA EB 6 20.11 29.88 -17.22
N ALA EB 7 19.54 30.55 -16.22
CA ALA EB 7 19.07 29.89 -15.01
C ALA EB 7 17.54 29.86 -15.02
N ALA EB 8 16.98 28.68 -14.79
CA ALA EB 8 15.52 28.51 -14.80
C ALA EB 8 14.90 29.16 -13.56
N ALA FB 1 56.81 60.79 81.24
CA ALA FB 1 57.12 60.68 79.78
C ALA FB 1 57.08 59.22 79.34
N ALA FB 2 55.90 58.61 79.45
CA ALA FB 2 55.73 57.21 79.08
C ALA FB 2 55.19 57.02 77.67
N ALA FB 3 54.57 58.05 77.09
CA ALA FB 3 54.02 57.93 75.74
C ALA FB 3 55.12 57.68 74.72
N ALA FB 4 56.31 58.26 74.95
CA ALA FB 4 57.41 58.06 74.01
C ALA FB 4 57.76 56.59 73.88
N ALA FB 5 57.81 55.86 75.00
CA ALA FB 5 58.05 54.42 74.95
C ALA FB 5 56.82 53.64 74.51
N ALA FB 6 55.62 54.09 74.88
CA ALA FB 6 54.42 53.37 74.51
C ALA FB 6 54.23 53.34 73.01
N ALA FB 7 54.46 54.46 72.33
CA ALA FB 7 54.28 54.57 70.88
C ALA FB 7 55.63 54.43 70.21
N ALA FB 8 55.89 53.25 69.65
CA ALA FB 8 57.15 52.99 68.97
C ALA FB 8 57.19 53.74 67.63
N ALA FB 9 58.40 54.15 67.25
CA ALA FB 9 58.59 54.87 66.01
C ALA FB 9 58.54 53.90 64.82
N ALA FB 10 58.11 54.43 63.69
CA ALA FB 10 58.03 53.64 62.46
C ALA FB 10 58.51 54.49 61.30
N ALA FB 11 59.24 53.88 60.37
CA ALA FB 11 59.74 54.56 59.17
C ALA FB 11 59.42 53.69 57.98
N ALA FB 12 58.29 53.98 57.31
CA ALA FB 12 57.86 53.18 56.18
C ALA FB 12 58.82 53.32 55.00
N ALA GB 1 -11.89 -89.86 126.20
CA ALA GB 1 -12.80 -89.25 125.18
C ALA GB 1 -13.02 -87.77 125.49
N ALA GB 2 -13.25 -86.99 124.44
CA ALA GB 2 -13.50 -85.56 124.59
C ALA GB 2 -14.97 -85.25 124.36
N ALA GB 3 -15.56 -84.50 125.28
CA ALA GB 3 -16.96 -84.12 125.21
C ALA GB 3 -17.06 -82.61 125.10
N ALA GB 4 -17.85 -82.14 124.13
CA ALA GB 4 -18.09 -80.73 123.92
C ALA GB 4 -19.57 -80.43 124.17
N ALA GB 5 -19.83 -79.45 125.03
CA ALA GB 5 -21.19 -79.05 125.38
C ALA GB 5 -21.46 -77.66 124.83
N ALA GB 6 -22.60 -77.52 124.15
CA ALA GB 6 -22.96 -76.26 123.52
C ALA GB 6 -24.48 -76.25 123.33
N ALA GB 7 -25.02 -75.06 123.10
CA ALA GB 7 -26.45 -74.87 122.92
C ALA GB 7 -26.83 -75.04 121.45
N ALA GB 8 -28.12 -74.86 121.17
CA ALA GB 8 -28.58 -75.04 119.79
C ALA GB 8 -27.98 -73.99 118.85
N ALA GB 9 -27.89 -72.74 119.31
CA ALA GB 9 -27.32 -71.69 118.47
C ALA GB 9 -25.86 -71.99 118.16
N ALA GB 10 -25.09 -72.41 119.17
CA ALA GB 10 -23.69 -72.77 118.94
C ALA GB 10 -23.56 -73.97 118.03
N ALA GB 11 -24.44 -74.97 118.19
CA ALA GB 11 -24.42 -76.13 117.30
C ALA GB 11 -24.67 -75.72 115.86
N ALA GB 12 -25.64 -74.83 115.64
CA ALA GB 12 -25.88 -74.31 114.30
C ALA GB 12 -24.68 -73.55 113.78
N ALA GB 13 -24.02 -72.77 114.63
CA ALA GB 13 -22.86 -72.01 114.21
C ALA GB 13 -21.77 -72.94 113.69
N ALA GB 14 -20.81 -72.35 112.97
CA ALA GB 14 -19.74 -73.13 112.36
C ALA GB 14 -18.73 -73.64 113.38
N ALA GB 15 -18.59 -72.95 114.50
CA ALA GB 15 -17.58 -73.34 115.48
C ALA GB 15 -17.83 -74.75 116.00
N ALA GB 16 -19.08 -75.07 116.31
CA ALA GB 16 -19.39 -76.41 116.81
C ALA GB 16 -19.08 -77.47 115.76
N ALA GB 17 -19.44 -77.20 114.51
CA ALA GB 17 -19.15 -78.15 113.45
C ALA GB 17 -17.64 -78.34 113.27
N ALA GB 18 -16.88 -77.24 113.34
CA ALA GB 18 -15.43 -77.35 113.22
C ALA GB 18 -14.84 -78.17 114.36
N ALA GB 19 -15.32 -77.94 115.59
CA ALA GB 19 -14.84 -78.70 116.72
C ALA GB 19 -15.17 -80.18 116.57
N ALA GB 20 -16.38 -80.49 116.12
CA ALA GB 20 -16.76 -81.88 115.93
C ALA GB 20 -15.90 -82.54 114.86
N ALA GB 21 -15.65 -81.84 113.76
CA ALA GB 21 -14.82 -82.40 112.70
C ALA GB 21 -13.39 -82.63 113.20
N ALA GB 22 -12.85 -81.68 113.95
CA ALA GB 22 -11.50 -81.86 114.48
C ALA GB 22 -11.44 -83.04 115.43
N ALA GB 23 -12.44 -83.19 116.30
CA ALA GB 23 -12.47 -84.32 117.21
C ALA GB 23 -12.57 -85.63 116.46
N ALA GB 24 -13.40 -85.69 115.42
CA ALA GB 24 -13.52 -86.91 114.62
C ALA GB 24 -12.20 -87.24 113.95
N ALA GB 25 -11.53 -86.23 113.38
CA ALA GB 25 -10.24 -86.48 112.74
C ALA GB 25 -9.21 -86.97 113.75
N ALA GB 26 -9.17 -86.37 114.94
CA ALA GB 26 -8.23 -86.80 115.96
C ALA GB 26 -8.49 -88.24 116.39
N ALA GB 27 -9.76 -88.58 116.57
CA ALA GB 27 -10.14 -89.93 117.00
C ALA GB 27 -11.62 -90.19 116.75
N ALA GB 28 -14.86 -91.60 121.76
CA ALA GB 28 -13.90 -90.69 121.13
C ALA GB 28 -14.37 -89.24 121.27
N ALA GB 29 -15.45 -88.91 120.58
CA ALA GB 29 -16.02 -87.57 120.59
C ALA GB 29 -17.48 -87.64 121.05
N ALA GB 30 -17.86 -86.72 121.92
CA ALA GB 30 -19.22 -86.65 122.45
C ALA GB 30 -19.74 -85.22 122.34
N ALA GB 31 -21.03 -85.10 122.07
CA ALA GB 31 -21.70 -83.82 121.93
C ALA GB 31 -22.83 -83.72 122.94
N ALA GB 32 -22.93 -82.55 123.57
CA ALA GB 32 -23.97 -82.30 124.58
C ALA GB 32 -24.68 -81.00 124.25
N ALA GB 33 -26.00 -81.01 124.43
CA ALA GB 33 -26.81 -79.81 124.16
C ALA GB 33 -26.73 -78.85 125.33
N ALA GB 34 -5.66 -73.56 131.38
CA ALA GB 34 -7.10 -73.37 131.42
C ALA GB 34 -7.45 -71.91 131.69
N ALA GB 35 -6.89 -71.37 132.77
CA ALA GB 35 -7.14 -69.96 133.10
C ALA GB 35 -6.59 -69.04 132.01
N ALA GB 36 -5.40 -69.34 131.50
CA ALA GB 36 -4.83 -68.53 130.43
C ALA GB 36 -5.71 -68.60 129.18
N ALA GB 37 -6.20 -69.79 128.84
CA ALA GB 37 -7.07 -69.93 127.67
C ALA GB 37 -8.36 -69.15 127.86
N ALA GB 38 -8.95 -69.20 129.06
CA ALA GB 38 -10.17 -68.44 129.32
C ALA GB 38 -9.92 -66.94 129.22
N ALA GB 39 -8.79 -66.48 129.76
CA ALA GB 39 -8.46 -65.05 129.67
C ALA GB 39 -8.26 -64.64 128.21
N ALA GB 40 -7.59 -65.48 127.43
CA ALA GB 40 -7.40 -65.16 126.01
C ALA GB 40 -8.73 -65.11 125.28
N ALA GB 41 -9.63 -66.04 125.58
CA ALA GB 41 -10.94 -66.03 124.94
C ALA GB 41 -11.72 -64.77 125.32
N ALA GB 42 -11.67 -64.37 126.59
CA ALA GB 42 -12.35 -63.16 127.01
C ALA GB 42 -11.77 -61.93 126.31
N ALA GB 43 -10.45 -61.86 126.21
CA ALA GB 43 -9.82 -60.74 125.52
C ALA GB 43 -10.21 -60.71 124.05
N ALA GB 44 -10.26 -61.88 123.41
CA ALA GB 44 -10.68 -61.93 122.01
C ALA GB 44 -12.12 -61.47 121.85
N ALA GB 45 -13.00 -61.87 122.77
CA ALA GB 45 -14.39 -61.43 122.70
C ALA GB 45 -14.49 -59.93 122.88
N ALA GB 46 -13.74 -59.37 123.82
CA ALA GB 46 -13.75 -57.93 124.03
C ALA GB 46 -13.23 -57.20 122.79
N ALA GB 47 -12.17 -57.72 122.17
CA ALA GB 47 -11.64 -57.10 120.96
C ALA GB 47 -12.65 -57.16 119.83
N ALA GB 48 -13.35 -58.29 119.69
CA ALA GB 48 -14.37 -58.40 118.65
C ALA GB 48 -15.50 -57.41 118.89
N ALA GB 49 -15.92 -57.26 120.14
CA ALA GB 49 -16.97 -56.28 120.46
C ALA GB 49 -16.51 -54.87 120.14
N ALA GB 50 -15.25 -54.54 120.48
CA ALA GB 50 -14.72 -53.22 120.17
C ALA GB 50 -14.67 -52.99 118.66
N ALA GB 51 -14.25 -54.00 117.90
CA ALA GB 51 -14.21 -53.87 116.46
C ALA GB 51 -15.60 -53.67 115.87
N ALA GB 52 -16.59 -54.40 116.40
CA ALA GB 52 -17.96 -54.23 115.94
C ALA GB 52 -18.46 -52.82 116.24
N ALA GB 53 -18.15 -52.31 117.43
CA ALA GB 53 -18.56 -50.95 117.77
C ALA GB 53 -17.90 -49.93 116.86
N ALA GB 54 -16.61 -50.12 116.56
CA ALA GB 54 -15.91 -49.21 115.65
C ALA GB 54 -16.53 -49.25 114.26
N ALA GB 55 -16.85 -50.44 113.77
CA ALA GB 55 -17.49 -50.56 112.46
C ALA GB 55 -18.85 -49.87 112.45
N ALA GB 56 -19.63 -50.05 113.52
CA ALA GB 56 -20.94 -49.39 113.59
C ALA GB 56 -20.78 -47.88 113.60
N ALA GB 57 -19.80 -47.37 114.36
CA ALA GB 57 -19.57 -45.93 114.40
C ALA GB 57 -19.16 -45.42 113.02
N ALA GB 58 -18.29 -46.15 112.33
CA ALA GB 58 -17.88 -45.73 110.99
C ALA GB 58 -19.07 -45.71 110.04
N ALA GB 59 -19.92 -46.74 110.10
CA ALA GB 59 -21.10 -46.77 109.24
C ALA GB 59 -22.03 -45.60 109.54
N ALA GB 60 -22.22 -45.29 110.81
CA ALA GB 60 -23.08 -44.17 111.21
C ALA GB 60 -22.44 -42.84 110.84
N ALA GB 61 -26.24 -46.20 112.50
CA ALA GB 61 -27.09 -45.10 112.92
C ALA GB 61 -26.92 -44.84 114.42
N ALA GB 62 -27.70 -43.89 114.95
CA ALA GB 62 -27.60 -43.57 116.37
C ALA GB 62 -27.99 -44.76 117.23
N ALA GB 63 -29.06 -45.47 116.85
CA ALA GB 63 -29.48 -46.63 117.63
C ALA GB 63 -28.42 -47.71 117.61
N ALA GB 64 -27.82 -47.96 116.45
CA ALA GB 64 -26.77 -48.98 116.36
C ALA GB 64 -25.57 -48.58 117.20
N ALA GB 65 -25.19 -47.30 117.15
CA ALA GB 65 -24.06 -46.83 117.97
C ALA GB 65 -24.36 -47.00 119.45
N ALA GB 66 -25.58 -46.66 119.88
CA ALA GB 66 -25.95 -46.82 121.27
C ALA GB 66 -25.91 -48.29 121.69
N ALA GB 67 -26.41 -49.18 120.84
CA ALA GB 67 -26.38 -50.60 121.16
C ALA GB 67 -24.95 -51.11 121.26
N ALA GB 68 -24.09 -50.69 120.34
CA ALA GB 68 -22.69 -51.11 120.40
C ALA GB 68 -22.01 -50.59 121.66
N ALA GB 69 -22.29 -49.33 122.03
CA ALA GB 69 -21.72 -48.78 123.25
C ALA GB 69 -22.20 -49.54 124.48
N ALA GB 70 -23.49 -49.89 124.52
CA ALA GB 70 -24.00 -50.67 125.63
C ALA GB 70 -23.34 -52.04 125.70
N ALA GB 71 -23.16 -52.69 124.56
CA ALA GB 71 -22.50 -53.99 124.54
C ALA GB 71 -21.06 -53.88 125.03
N ALA GB 72 -20.34 -52.85 124.59
CA ALA GB 72 -18.97 -52.65 125.03
C ALA GB 72 -18.92 -52.39 126.53
N ALA GB 73 -19.85 -51.58 127.05
CA ALA GB 73 -19.88 -51.32 128.49
C ALA GB 73 -20.17 -52.60 129.27
N ALA GB 74 -21.09 -53.42 128.78
CA ALA GB 74 -21.38 -54.68 129.45
C ALA GB 74 -20.16 -55.60 129.45
N ALA GB 75 -19.46 -55.67 128.32
CA ALA GB 75 -18.25 -56.50 128.25
C ALA GB 75 -17.19 -55.99 129.22
N ALA GB 76 -17.00 -54.66 129.29
CA ALA GB 76 -16.02 -54.10 130.21
C ALA GB 76 -16.40 -54.39 131.66
N ALA GB 77 -17.69 -54.28 131.99
CA ALA GB 77 -18.13 -54.59 133.35
C ALA GB 77 -17.90 -56.05 133.68
N ALA GB 78 -18.18 -56.95 132.74
CA ALA GB 78 -17.94 -58.36 132.96
C ALA GB 78 -16.46 -58.64 133.17
N ALA GB 79 -15.60 -58.01 132.37
CA ALA GB 79 -14.16 -58.20 132.52
C ALA GB 79 -13.69 -57.68 133.88
N ALA GB 80 -14.20 -56.52 134.30
CA ALA GB 80 -13.82 -55.98 135.61
C ALA GB 80 -14.27 -56.90 136.73
N ALA GB 81 -15.49 -57.43 136.63
CA ALA GB 81 -15.96 -58.36 137.66
C ALA GB 81 -15.11 -59.62 137.70
N ALA GB 82 -14.73 -60.14 136.52
CA ALA GB 82 -13.87 -61.32 136.49
C ALA GB 82 -12.51 -61.04 137.10
N ALA GB 83 -11.95 -59.87 136.83
CA ALA GB 83 -10.65 -59.49 137.39
C ALA GB 83 -10.77 -59.20 138.88
N ALA GB 84 -3.18 -62.96 131.97
CA ALA GB 84 -2.24 -61.94 132.42
C ALA GB 84 -1.86 -61.02 131.27
N ALA GB 85 -1.08 -61.54 130.33
CA ALA GB 85 -0.66 -60.74 129.18
C ALA GB 85 -1.85 -60.31 128.34
N ALA GB 86 -2.81 -61.20 128.12
CA ALA GB 86 -4.00 -60.85 127.35
C ALA GB 86 -4.79 -59.76 128.05
N ALA GB 87 -4.95 -59.87 129.37
CA ALA GB 87 -5.68 -58.84 130.12
C ALA GB 87 -4.95 -57.51 130.05
N ALA GB 88 -3.62 -57.53 130.17
CA ALA GB 88 -2.86 -56.29 130.08
C ALA GB 88 -3.01 -55.65 128.71
N ALA GB 89 -2.95 -56.47 127.65
CA ALA GB 89 -3.13 -55.94 126.30
C ALA GB 89 -4.52 -55.35 126.12
N ALA GB 90 -5.55 -56.02 126.63
CA ALA GB 90 -6.90 -55.50 126.53
C ALA GB 90 -7.04 -54.17 127.28
N ALA GB 91 -6.45 -54.08 128.47
CA ALA GB 91 -6.50 -52.84 129.23
C ALA GB 91 -5.78 -51.71 128.48
N ALA GB 92 -4.62 -52.02 127.89
CA ALA GB 92 -3.90 -51.01 127.13
C ALA GB 92 -4.71 -50.55 125.93
N ALA GB 93 -5.35 -51.47 125.22
CA ALA GB 93 -6.19 -51.10 124.09
C ALA GB 93 -7.36 -50.23 124.53
N ALA GB 94 -8.00 -50.59 125.65
CA ALA GB 94 -9.11 -49.78 126.15
C ALA GB 94 -8.64 -48.38 126.52
N ALA GB 95 -7.48 -48.28 127.17
CA ALA GB 95 -6.96 -46.96 127.53
C ALA GB 95 -6.64 -46.14 126.27
N ALA GB 96 -6.05 -46.77 125.25
CA ALA GB 96 -5.75 -46.06 124.02
C ALA GB 96 -7.00 -45.65 123.28
N ALA GB 97 -8.09 -46.40 123.41
CA ALA GB 97 -9.35 -46.06 122.74
C ALA GB 97 -9.83 -44.67 123.15
N ALA GB 98 12.08 -65.08 129.32
CA ALA GB 98 12.05 -64.37 128.04
C ALA GB 98 10.77 -64.68 127.29
N ALA GB 99 10.22 -65.89 127.50
CA ALA GB 99 8.99 -66.27 126.83
C ALA GB 99 7.84 -65.36 127.24
N ALA GB 100 7.73 -65.05 128.54
CA ALA GB 100 6.67 -64.16 129.01
C ALA GB 100 6.81 -62.77 128.41
N ALA GB 101 8.04 -62.25 128.35
CA ALA GB 101 8.26 -60.93 127.76
C ALA GB 101 7.89 -60.93 126.29
N ALA GB 102 8.27 -61.98 125.56
CA ALA GB 102 7.93 -62.07 124.15
C ALA GB 102 6.42 -62.13 123.95
N ALA GB 103 5.73 -62.92 124.78
CA ALA GB 103 4.27 -63.00 124.68
C ALA GB 103 3.62 -61.66 124.96
N ALA GB 104 4.11 -60.95 125.99
CA ALA GB 104 3.56 -59.64 126.30
C ALA GB 104 3.78 -58.65 125.16
N ALA GB 105 4.98 -58.68 124.57
CA ALA GB 105 5.27 -57.79 123.44
C ALA GB 105 4.37 -58.10 122.25
N ALA GB 106 4.17 -59.40 121.97
CA ALA GB 106 3.30 -59.78 120.86
C ALA GB 106 1.87 -59.33 121.11
N ALA GB 107 1.38 -59.50 122.34
CA ALA GB 107 0.03 -59.07 122.67
C ALA GB 107 -0.10 -57.55 122.52
N ALA GB 108 0.89 -56.80 123.00
CA ALA GB 108 0.84 -55.35 122.87
C ALA GB 108 0.85 -54.93 121.40
N ALA GB 109 1.68 -55.58 120.59
CA ALA GB 109 1.71 -55.25 119.16
C ALA GB 109 0.36 -55.56 118.51
N ALA GB 110 -0.24 -56.70 118.86
CA ALA GB 110 -1.55 -57.04 118.31
C ALA GB 110 -2.60 -56.01 118.71
N ALA GB 111 -2.57 -55.57 119.97
CA ALA GB 111 -3.52 -54.58 120.46
C ALA GB 111 -3.26 -53.23 119.80
N ALA GB 112 13.82 -47.67 113.67
CA ALA GB 112 14.88 -47.19 114.56
C ALA GB 112 14.27 -46.58 115.82
N ALA GB 113 13.71 -45.38 115.69
CA ALA GB 113 13.08 -44.73 116.84
C ALA GB 113 11.90 -45.54 117.36
N ALA GB 114 11.10 -46.07 116.45
CA ALA GB 114 9.96 -46.90 116.86
C ALA GB 114 10.44 -48.16 117.59
N ALA GB 115 11.49 -48.80 117.07
CA ALA GB 115 12.03 -49.98 117.73
C ALA GB 115 12.56 -49.64 119.12
N ALA GB 116 13.27 -48.51 119.25
CA ALA GB 116 13.78 -48.11 120.55
C ALA GB 116 12.63 -47.84 121.52
N ALA GB 117 11.58 -47.17 121.07
CA ALA GB 117 10.43 -46.90 121.92
C ALA GB 117 9.76 -48.19 122.35
N ALA GB 118 9.61 -49.15 121.43
CA ALA GB 118 9.01 -50.43 121.77
C ALA GB 118 9.86 -51.17 122.80
N ALA GB 119 11.19 -51.16 122.62
CA ALA GB 119 12.06 -51.81 123.59
C ALA GB 119 11.95 -51.16 124.96
N ALA GB 120 11.90 -49.83 124.99
CA ALA GB 120 11.77 -49.12 126.26
C ALA GB 120 10.44 -49.47 126.94
N ALA GB 121 9.35 -49.53 126.15
CA ALA GB 121 8.07 -49.90 126.73
C ALA GB 121 8.09 -51.32 127.27
N ALA GB 122 8.71 -52.25 126.53
CA ALA GB 122 8.81 -53.61 127.01
C ALA GB 122 9.60 -53.68 128.31
N ALA GB 123 10.70 -52.93 128.39
CA ALA GB 123 11.50 -52.91 129.62
C ALA GB 123 10.69 -52.34 130.79
N ALA GB 124 9.94 -51.26 130.54
CA ALA GB 124 9.13 -50.62 131.56
C ALA GB 124 7.76 -51.27 131.72
N ALA GB 125 7.54 -52.45 131.12
CA ALA GB 125 6.25 -53.10 131.23
C ALA GB 125 5.83 -53.31 132.68
N ALA GB 126 6.80 -53.47 133.59
CA ALA GB 126 6.47 -53.63 135.00
C ALA GB 126 5.68 -52.42 135.51
N ALA GB 127 6.17 -51.22 135.21
CA ALA GB 127 5.42 -50.02 135.58
C ALA GB 127 4.08 -49.97 134.84
N ALA GB 128 4.09 -50.33 133.55
CA ALA GB 128 2.84 -50.38 132.80
C ALA GB 128 1.89 -51.42 133.37
N ALA GB 129 2.43 -52.57 133.79
CA ALA GB 129 1.59 -53.60 134.40
C ALA GB 129 0.97 -53.10 135.70
N ALA GB 130 1.76 -52.40 136.52
CA ALA GB 130 1.23 -51.85 137.77
C ALA GB 130 0.14 -50.82 137.48
N ALA GB 131 0.37 -49.95 136.49
CA ALA GB 131 -0.64 -48.95 136.15
C ALA GB 131 -1.91 -49.61 135.66
N ALA GB 132 -1.79 -50.66 134.83
CA ALA GB 132 -2.97 -51.37 134.35
C ALA GB 132 -3.72 -52.03 135.51
N ALA GB 133 -2.99 -52.63 136.44
CA ALA GB 133 -3.63 -53.24 137.61
C ALA GB 133 -4.37 -52.20 138.43
N ALA GB 134 -3.74 -51.04 138.64
CA ALA GB 134 -4.40 -49.97 139.39
C ALA GB 134 -5.66 -49.50 138.67
N ALA GB 135 -5.60 -49.33 137.35
CA ALA GB 135 -6.76 -48.92 136.59
C ALA GB 135 -7.88 -49.95 136.69
N ALA GB 136 -7.53 -51.23 136.58
CA ALA GB 136 -8.55 -52.28 136.69
C ALA GB 136 -9.18 -52.28 138.08
N ALA GB 137 -8.37 -52.11 139.12
CA ALA GB 137 -8.92 -52.05 140.47
C ALA GB 137 -9.85 -50.86 140.62
N ALA GB 138 -9.47 -49.70 140.07
CA ALA GB 138 -10.33 -48.53 140.14
C ALA GB 138 -11.65 -48.77 139.41
N ALA GB 139 -11.58 -49.41 138.25
CA ALA GB 139 -12.79 -49.69 137.46
C ALA GB 139 -13.69 -50.67 138.20
N ALA HB 1 -13.19 -27.98 -34.15
CA ALA HB 1 -12.54 -28.65 -35.31
C ALA HB 1 -13.58 -29.32 -36.19
N ALA HB 2 -14.71 -29.71 -35.59
CA ALA HB 2 -15.75 -30.42 -36.32
C ALA HB 2 -16.22 -29.60 -37.52
N ALA HB 3 -16.81 -28.43 -37.28
CA ALA HB 3 -17.27 -27.59 -38.37
C ALA HB 3 -16.11 -26.94 -39.10
N ALA HB 4 -14.98 -26.77 -38.43
CA ALA HB 4 -13.83 -26.15 -39.07
C ALA HB 4 -13.29 -27.01 -40.22
N ALA HB 5 -13.30 -28.33 -40.07
CA ALA HB 5 -12.85 -29.20 -41.14
C ALA HB 5 -13.73 -29.05 -42.38
N ALA HB 6 -15.05 -29.03 -42.18
CA ALA HB 6 -15.96 -28.85 -43.31
C ALA HB 6 -15.77 -27.49 -43.96
N ALA HB 7 -15.59 -26.44 -43.14
CA ALA HB 7 -15.36 -25.11 -43.69
C ALA HB 7 -14.09 -25.08 -44.51
N ALA HB 8 -13.02 -25.71 -44.02
CA ALA HB 8 -11.76 -25.75 -44.76
C ALA HB 8 -11.91 -26.52 -46.06
N ALA HB 9 -12.66 -27.63 -46.03
CA ALA HB 9 -12.88 -28.39 -47.26
C ALA HB 9 -13.64 -27.57 -48.28
N ALA HB 10 -14.68 -26.84 -47.84
CA ALA HB 10 -15.42 -25.99 -48.76
C ALA HB 10 -14.53 -24.89 -49.32
N ALA HB 11 -13.70 -24.29 -48.48
CA ALA HB 11 -12.78 -23.25 -48.95
C ALA HB 11 -11.80 -23.81 -49.97
N ALA HB 12 -11.29 -25.02 -49.73
CA ALA HB 12 -10.39 -25.65 -50.68
C ALA HB 12 -11.09 -25.91 -52.02
N ALA HB 13 -12.34 -26.38 -51.96
CA ALA HB 13 -13.09 -26.59 -53.20
C ALA HB 13 -13.27 -25.28 -53.96
N ALA HB 14 -13.62 -24.21 -53.24
CA ALA HB 14 -13.78 -22.91 -53.89
C ALA HB 14 -12.45 -22.43 -54.50
N ALA HB 15 -11.34 -22.62 -53.78
CA ALA HB 15 -10.05 -22.20 -54.30
C ALA HB 15 -9.68 -22.99 -55.55
N ALA HB 16 -9.94 -24.29 -55.55
CA ALA HB 16 -9.69 -25.10 -56.74
C ALA HB 16 -10.55 -24.64 -57.90
N ALA HB 17 -11.81 -24.30 -57.65
CA ALA HB 17 -12.68 -23.80 -58.71
C ALA HB 17 -12.15 -22.48 -59.26
N ALA HB 18 -11.69 -21.59 -58.38
CA ALA HB 18 -11.26 -20.26 -58.77
C ALA HB 18 -9.83 -20.23 -59.33
N ALA HB 19 -9.08 -21.31 -59.19
CA ALA HB 19 -7.71 -21.34 -59.71
C ALA HB 19 -7.71 -21.63 -61.21
N ALA IB 1 3.49 -8.52 90.77
CA ALA IB 1 2.52 -8.99 89.75
C ALA IB 1 2.23 -7.88 88.74
N ALA IB 2 2.13 -6.66 89.23
CA ALA IB 2 1.89 -5.52 88.36
C ALA IB 2 3.12 -5.24 87.51
N ALA IB 3 3.01 -4.22 86.66
CA ALA IB 3 4.10 -3.84 85.76
C ALA IB 3 4.01 -2.34 85.50
N ALA IB 4 4.69 -1.88 84.46
CA ALA IB 4 4.66 -0.48 84.07
C ALA IB 4 3.34 -0.08 83.42
N ALA IB 5 2.40 -1.02 83.26
CA ALA IB 5 1.10 -0.67 82.71
C ALA IB 5 0.42 0.43 83.51
N ALA IB 6 0.67 0.47 84.82
CA ALA IB 6 0.12 1.54 85.64
C ALA IB 6 0.59 2.90 85.14
N ALA IB 7 1.91 3.06 84.98
CA ALA IB 7 2.44 4.33 84.48
C ALA IB 7 1.98 4.62 83.06
N ALA IB 8 1.90 3.59 82.21
CA ALA IB 8 1.44 3.81 80.85
C ALA IB 8 0.01 4.34 80.84
N ALA IB 9 -0.87 3.74 81.63
CA ALA IB 9 -2.25 4.21 81.70
C ALA IB 9 -2.32 5.61 82.28
N ALA IB 10 -1.49 5.90 83.29
CA ALA IB 10 -1.48 7.24 83.87
C ALA IB 10 -1.09 8.27 82.82
N ALA IB 11 -0.06 7.98 82.03
CA ALA IB 11 0.38 8.92 81.01
C ALA IB 11 -0.65 9.05 79.89
N ALA IB 12 -1.35 7.97 79.56
CA ALA IB 12 -2.31 7.99 78.45
C ALA IB 12 -3.63 8.65 78.87
N ALA IB 13 -3.57 9.90 79.31
CA ALA IB 13 -4.76 10.65 79.67
C ALA IB 13 -4.71 12.02 78.99
N ALA IB 14 -5.86 12.44 78.46
CA ALA IB 14 -5.96 13.68 77.71
C ALA IB 14 -6.17 14.90 78.59
N ALA IB 15 -6.46 14.71 79.88
CA ALA IB 15 -6.65 15.82 80.79
C ALA IB 15 -5.90 15.53 82.08
N ALA IB 16 -5.33 16.58 82.67
CA ALA IB 16 -4.57 16.48 83.91
C ALA IB 16 -3.43 15.46 83.81
N ALA IB 17 -2.73 15.43 82.67
CA ALA IB 17 -1.63 14.50 82.48
C ALA IB 17 -0.61 15.08 81.50
N ALA JB 1 -95.53 -77.32 29.95
CA ALA JB 1 -94.19 -77.37 30.59
C ALA JB 1 -93.11 -77.72 29.57
N ALA JB 2 -93.07 -79.00 29.18
CA ALA JB 2 -92.09 -79.44 28.19
C ALA JB 2 -92.29 -78.71 26.87
N ALA JB 3 -93.53 -78.64 26.39
CA ALA JB 3 -93.81 -77.90 25.17
C ALA JB 3 -93.56 -76.40 25.34
N ALA JB 4 -93.87 -75.84 26.51
CA ALA JB 4 -93.63 -74.42 26.74
C ALA JB 4 -92.15 -74.07 26.67
N ALA JB 5 -91.28 -74.91 27.25
CA ALA JB 5 -89.86 -74.63 27.31
C ALA JB 5 -89.13 -75.00 26.03
N ALA JB 6 -89.44 -76.15 25.43
CA ALA JB 6 -88.69 -76.62 24.27
C ALA JB 6 -88.89 -75.68 23.09
N ALA JB 7 -87.82 -75.48 22.32
CA ALA JB 7 -87.85 -74.66 21.12
C ALA JB 7 -87.19 -75.45 20.00
N ALA JB 8 -87.95 -75.76 18.96
CA ALA JB 8 -87.48 -76.53 17.82
C ALA JB 8 -87.27 -75.59 16.64
N ALA JB 9 -86.06 -75.56 16.10
CA ALA JB 9 -85.77 -74.69 14.97
C ALA JB 9 -86.51 -75.15 13.73
N ALA JB 10 -86.83 -74.20 12.86
CA ALA JB 10 -87.53 -74.52 11.63
C ALA JB 10 -86.67 -75.41 10.74
N ALA JB 11 -87.31 -75.99 9.73
CA ALA JB 11 -86.64 -76.90 8.80
C ALA JB 11 -85.90 -76.08 7.76
N ALA JB 12 -84.58 -76.25 7.68
CA ALA JB 12 -83.75 -75.56 6.72
C ALA JB 12 -83.76 -76.35 5.41
N ALA JB 13 -84.38 -75.79 4.38
CA ALA JB 13 -84.46 -76.47 3.10
C ALA JB 13 -83.06 -76.76 2.55
N ALA JB 14 -82.89 -77.97 2.02
CA ALA JB 14 -81.59 -78.38 1.50
C ALA JB 14 -81.17 -77.47 0.36
N ALA JB 15 -79.90 -77.05 0.37
CA ALA JB 15 -79.33 -76.20 -0.67
C ALA JB 15 -80.14 -74.91 -0.84
N ALA JB 16 -80.60 -74.33 0.27
CA ALA JB 16 -81.36 -73.10 0.20
C ALA JB 16 -80.40 -71.91 0.14
N ALA JB 17 -80.62 -71.03 -0.84
CA ALA JB 17 -79.80 -69.83 -0.99
C ALA JB 17 -80.36 -68.70 -0.14
N ALA JB 18 -79.46 -67.82 0.31
CA ALA JB 18 -79.82 -66.67 1.12
C ALA JB 18 -79.25 -65.41 0.49
N ALA JB 19 -80.04 -64.35 0.50
CA ALA JB 19 -79.63 -63.07 -0.09
C ALA JB 19 -78.76 -62.32 0.92
N ALA JB 20 -78.44 -61.06 0.60
CA ALA JB 20 -77.65 -60.25 1.52
C ALA JB 20 -78.37 -60.02 2.83
N ALA JB 21 -79.67 -59.75 2.78
CA ALA JB 21 -80.48 -59.50 3.96
C ALA JB 21 -80.96 -60.79 4.64
N ALA JB 22 -80.41 -61.94 4.26
CA ALA JB 22 -80.71 -63.26 4.82
C ALA JB 22 -82.13 -63.73 4.48
N ALA JB 23 -82.86 -63.01 3.65
CA ALA JB 23 -84.21 -63.43 3.28
C ALA JB 23 -84.15 -64.71 2.45
N ALA JB 24 -85.18 -65.54 2.59
CA ALA JB 24 -85.25 -66.78 1.83
C ALA JB 24 -85.25 -66.49 0.34
N ALA JB 25 -84.44 -67.23 -0.41
CA ALA JB 25 -84.25 -67.00 -1.83
C ALA JB 25 -85.08 -67.98 -2.64
N ALA JB 26 -85.90 -67.45 -3.54
CA ALA JB 26 -86.70 -68.26 -4.45
C ALA JB 26 -86.02 -68.31 -5.82
N ALA JB 27 -86.22 -69.42 -6.52
CA ALA JB 27 -85.61 -69.63 -7.81
C ALA JB 27 -85.90 -68.44 -8.73
N ALA JB 28 -84.84 -67.77 -9.19
CA ALA JB 28 -84.98 -66.62 -10.06
C ALA JB 28 -83.68 -66.44 -10.82
N ALA JB 29 -83.73 -66.59 -12.14
CA ALA JB 29 -82.58 -66.44 -13.01
C ALA JB 29 -82.75 -65.21 -13.90
N ALA JB 30 -81.65 -64.47 -14.09
CA ALA JB 30 -81.68 -63.25 -14.88
C ALA JB 30 -80.71 -63.39 -16.05
N ALA JB 31 -81.18 -63.01 -17.23
CA ALA JB 31 -80.36 -63.00 -18.44
C ALA JB 31 -80.59 -61.71 -19.19
N ALA JB 32 -79.56 -61.25 -19.89
CA ALA JB 32 -79.65 -60.01 -20.65
C ALA JB 32 -80.76 -60.10 -21.68
N ALA JB 33 -81.83 -59.33 -21.47
CA ALA JB 33 -82.96 -59.37 -22.40
C ALA JB 33 -82.58 -58.80 -23.77
N ALA JB 34 -81.76 -57.75 -23.79
CA ALA JB 34 -81.38 -57.14 -25.06
C ALA JB 34 -80.58 -58.07 -25.95
N ALA JB 35 -79.94 -59.09 -25.38
CA ALA JB 35 -79.12 -60.01 -26.16
C ALA JB 35 -80.02 -61.00 -26.89
N ALA JB 36 -79.85 -61.10 -28.21
CA ALA JB 36 -80.61 -62.03 -29.03
C ALA JB 36 -79.70 -63.22 -29.36
N ALA JB 37 -79.64 -64.18 -28.44
CA ALA JB 37 -78.82 -65.37 -28.62
C ALA JB 37 -79.58 -66.39 -29.46
N ALA JB 38 -79.05 -67.60 -29.56
CA ALA JB 38 -79.67 -68.66 -30.32
C ALA JB 38 -80.69 -69.45 -29.51
N ALA JB 39 -80.86 -69.14 -28.23
CA ALA JB 39 -81.82 -69.84 -27.39
C ALA JB 39 -82.34 -68.93 -26.28
N ALA KB 1 -64.71 -35.63 -40.26
CA ALA KB 1 -65.14 -36.60 -41.30
C ALA KB 1 -65.46 -37.95 -40.68
N ALA KB 2 -64.74 -38.29 -39.62
CA ALA KB 2 -64.93 -39.55 -38.91
C ALA KB 2 -65.51 -39.40 -37.51
N ALA KB 3 -65.42 -38.23 -36.89
CA ALA KB 3 -65.96 -37.99 -35.57
C ALA KB 3 -67.06 -36.94 -35.65
N ALA KB 4 -68.13 -37.14 -34.88
CA ALA KB 4 -69.27 -36.24 -34.83
C ALA KB 4 -69.21 -35.43 -33.55
N ALA KB 5 -69.27 -34.11 -33.68
CA ALA KB 5 -69.25 -33.21 -32.53
C ALA KB 5 -70.64 -32.68 -32.24
N ALA KB 6 -71.03 -32.75 -30.97
CA ALA KB 6 -72.34 -32.29 -30.54
C ALA KB 6 -72.21 -31.59 -29.20
N ALA KB 7 -73.17 -30.72 -28.92
CA ALA KB 7 -73.23 -29.98 -27.66
C ALA KB 7 -74.47 -30.45 -26.91
N ALA KB 8 -74.33 -31.53 -26.14
CA ALA KB 8 -75.44 -32.09 -25.39
C ALA KB 8 -75.67 -31.38 -24.06
N ALA KB 9 -74.59 -30.94 -23.40
CA ALA KB 9 -74.74 -30.29 -22.10
C ALA KB 9 -75.54 -28.99 -22.21
N ALA KB 10 -75.55 -28.34 -23.38
CA ALA KB 10 -76.32 -27.12 -23.53
C ALA KB 10 -77.82 -27.37 -23.47
N ALA KB 11 -78.26 -28.56 -23.90
CA ALA KB 11 -79.68 -28.88 -23.89
C ALA KB 11 -80.18 -29.08 -22.46
N ALA KB 12 -81.49 -29.04 -22.31
CA ALA KB 12 -82.11 -29.22 -21.00
C ALA KB 12 -81.99 -30.67 -20.55
N ALA KB 13 -82.28 -30.89 -19.27
CA ALA KB 13 -82.17 -32.23 -18.70
C ALA KB 13 -83.15 -33.19 -19.38
N ALA KB 14 -84.39 -32.74 -19.60
CA ALA KB 14 -85.39 -33.60 -20.22
C ALA KB 14 -84.96 -34.02 -21.62
N ALA KB 15 -84.47 -33.07 -22.41
CA ALA KB 15 -84.01 -33.39 -23.76
C ALA KB 15 -82.80 -34.31 -23.73
N ALA KB 16 -81.80 -33.96 -22.91
CA ALA KB 16 -80.59 -34.76 -22.84
C ALA KB 16 -80.84 -36.15 -22.27
N ALA KB 17 -81.98 -36.36 -21.61
CA ALA KB 17 -82.33 -37.67 -21.06
C ALA KB 17 -83.17 -38.50 -22.02
N ALA KB 18 -84.18 -37.90 -22.65
CA ALA KB 18 -85.11 -38.61 -23.51
C ALA KB 18 -84.68 -38.64 -24.97
N ALA KB 19 -83.59 -37.96 -25.33
CA ALA KB 19 -83.14 -37.93 -26.72
C ALA KB 19 -81.63 -38.09 -26.83
N ALA KB 20 -81.01 -38.74 -25.86
CA ALA KB 20 -79.57 -38.97 -25.93
C ALA KB 20 -79.22 -39.95 -27.05
N ALA KB 21 -79.92 -41.08 -27.09
CA ALA KB 21 -79.63 -42.08 -28.12
C ALA KB 21 -79.98 -41.56 -29.51
N ALA KB 22 -81.11 -40.88 -29.64
CA ALA KB 22 -81.51 -40.37 -30.96
C ALA KB 22 -80.49 -39.37 -31.49
N ALA KB 23 -80.02 -38.46 -30.64
CA ALA KB 23 -78.99 -37.52 -31.05
C ALA KB 23 -77.65 -38.20 -31.33
N ALA KB 24 -77.27 -39.19 -30.52
CA ALA KB 24 -76.01 -39.89 -30.74
C ALA KB 24 -76.00 -40.67 -32.05
N ALA KB 25 -77.10 -41.32 -32.40
CA ALA KB 25 -77.16 -42.11 -33.64
C ALA KB 25 -76.88 -41.23 -34.85
N ALA LB 1 27.99 25.13 32.54
CA ALA LB 1 27.52 23.77 32.93
C ALA LB 1 27.17 23.72 34.41
N ALA LB 2 27.87 24.53 35.21
CA ALA LB 2 27.61 24.55 36.64
C ALA LB 2 26.19 25.02 36.93
N ALA LB 3 25.74 26.08 36.24
CA ALA LB 3 24.39 26.57 36.47
C ALA LB 3 23.34 25.55 36.06
N ALA LB 4 23.53 24.91 34.91
CA ALA LB 4 22.57 23.90 34.47
C ALA LB 4 22.51 22.73 35.43
N ALA LB 5 23.68 22.27 35.90
CA ALA LB 5 23.69 21.16 36.85
C ALA LB 5 23.02 21.53 38.16
N ALA LB 6 23.28 22.75 38.65
CA ALA LB 6 22.65 23.19 39.88
C ALA LB 6 21.14 23.27 39.72
N ALA LB 7 20.68 23.80 38.57
CA ALA LB 7 19.25 23.87 38.32
C ALA LB 7 18.63 22.49 38.25
N ALA LB 8 19.31 21.54 37.60
CA ALA LB 8 18.78 20.18 37.53
C ALA LB 8 18.71 19.55 38.92
N ALA LB 9 19.74 19.75 39.74
CA ALA LB 9 19.71 19.21 41.09
C ALA LB 9 18.59 19.83 41.91
N ALA LB 10 18.39 21.14 41.78
CA ALA LB 10 17.31 21.80 42.51
C ALA LB 10 15.95 21.29 42.05
N ALA LB 11 15.77 21.11 40.74
CA ALA LB 11 14.51 20.59 40.24
C ALA LB 11 14.25 19.18 40.75
N ALA LB 12 15.27 18.32 40.73
CA ALA LB 12 15.10 16.97 41.24
C ALA LB 12 14.75 16.99 42.73
N ALA LB 13 15.43 17.82 43.50
CA ALA LB 13 15.13 17.91 44.93
C ALA LB 13 13.71 18.37 45.17
N ALA LB 14 13.28 19.41 44.44
CA ALA LB 14 11.93 19.93 44.61
C ALA LB 14 10.88 18.91 44.20
N ALA LB 15 11.10 18.16 43.13
CA ALA LB 15 10.13 17.19 42.64
C ALA LB 15 10.17 15.86 43.39
N ALA LB 16 11.22 15.61 44.19
CA ALA LB 16 11.34 14.35 44.90
C ALA LB 16 11.18 14.46 46.41
N ALA LB 17 11.29 15.67 46.98
CA ALA LB 17 11.19 15.80 48.43
C ALA LB 17 9.73 15.84 48.89
N ALA LB 18 8.99 16.85 48.45
CA ALA LB 18 7.60 17.03 48.87
C ALA LB 18 6.73 16.01 48.12
N ALA LB 19 6.76 14.78 48.62
CA ALA LB 19 5.97 13.72 47.99
C ALA LB 19 4.48 14.03 48.04
N ALA LB 20 3.99 14.47 49.20
CA ALA LB 20 2.59 14.82 49.38
C ALA LB 20 2.48 16.17 50.07
N ALA LB 21 1.41 16.90 49.74
CA ALA LB 21 1.13 18.21 50.29
C ALA LB 21 -0.12 18.16 51.13
N ALA LB 22 -0.11 18.86 52.27
CA ALA LB 22 -1.27 18.88 53.15
C ALA LB 22 -2.47 19.46 52.42
N ALA LB 23 -3.65 18.93 52.74
CA ALA LB 23 -4.87 19.34 52.06
C ALA LB 23 -5.05 20.85 52.19
N ALA LB 24 -5.47 21.47 51.08
CA ALA LB 24 -5.61 22.92 51.07
C ALA LB 24 -6.64 23.40 52.08
N ALA LB 25 -7.73 22.64 52.27
CA ALA LB 25 -8.74 23.02 53.24
C ALA LB 25 -8.15 23.09 54.65
N ALA LB 26 -7.33 22.09 55.00
CA ALA LB 26 -6.67 22.12 56.31
C ALA LB 26 -5.70 23.28 56.41
N ALA LB 27 -4.95 23.55 55.34
CA ALA LB 27 -4.02 24.67 55.31
C ALA LB 27 -3.60 24.97 53.88
N ALA LB 28 -3.79 26.22 53.44
CA ALA LB 28 -3.51 26.62 52.07
C ALA LB 28 -2.01 26.86 51.92
N ALA LB 29 -1.34 26.03 51.12
CA ALA LB 29 0.08 26.20 50.89
C ALA LB 29 0.37 27.53 50.20
N ALA LB 30 -0.44 27.90 49.22
CA ALA LB 30 -0.25 29.15 48.48
C ALA LB 30 -0.46 30.39 49.34
N ALA LB 31 -1.14 30.27 50.48
CA ALA LB 31 -1.36 31.40 51.39
C ALA LB 31 -0.34 31.43 52.52
N ALA LB 32 0.69 30.58 52.47
CA ALA LB 32 1.78 30.49 53.44
C ALA LB 32 1.34 29.79 54.72
N ALA LB 33 0.06 29.41 54.85
CA ALA LB 33 -0.39 28.74 56.07
C ALA LB 33 0.26 27.37 56.19
N ALA LB 34 0.62 27.00 57.42
CA ALA LB 34 1.24 25.72 57.71
C ALA LB 34 0.58 25.09 58.93
N ALA LB 35 0.66 23.77 59.00
CA ALA LB 35 0.06 23.00 60.08
C ALA LB 35 1.16 22.51 61.02
N ALA LB 36 0.98 22.74 62.31
CA ALA LB 36 1.94 22.31 63.30
C ALA LB 36 1.75 20.82 63.58
N ALA LB 37 2.43 20.30 64.61
CA ALA LB 37 2.37 18.89 64.96
C ALA LB 37 1.45 18.70 66.15
N ALA LB 38 0.47 17.79 66.00
CA ALA LB 38 -0.48 17.47 67.05
C ALA LB 38 -0.15 16.07 67.56
N ALA LB 39 0.55 16.01 68.70
CA ALA LB 39 0.96 14.76 69.31
C ALA LB 39 0.12 14.39 70.52
N ALA LB 40 -1.11 14.92 70.62
CA ALA LB 40 -1.94 14.64 71.77
C ALA LB 40 -2.21 13.14 71.91
N ALA LB 41 -2.88 12.56 70.92
CA ALA LB 41 -3.23 11.14 70.95
C ALA LB 41 -2.13 10.27 70.34
N ALA LB 42 -0.91 10.44 70.83
CA ALA LB 42 0.26 9.72 70.35
C ALA LB 42 0.72 8.73 71.41
N ALA LB 43 1.77 7.97 71.09
CA ALA LB 43 2.33 7.00 72.01
C ALA LB 43 3.85 7.07 71.95
N ALA LB 44 4.48 6.67 73.05
CA ALA LB 44 5.94 6.68 73.15
C ALA LB 44 6.58 5.33 72.87
N ALA LB 45 5.85 4.24 73.06
CA ALA LB 45 6.41 2.92 72.81
C ALA LB 45 6.74 2.74 71.33
N ALA LB 46 7.82 2.00 71.07
CA ALA LB 46 8.26 1.74 69.71
C ALA LB 46 7.35 0.68 69.09
N ALA LB 47 6.21 1.12 68.58
CA ALA LB 47 5.26 0.21 67.96
C ALA LB 47 5.61 -0.04 66.50
N ASN MB 1 -27.53 35.08 -3.61
CA ASN MB 1 -27.24 34.37 -2.38
C ASN MB 1 -25.80 34.60 -1.95
N ILE MB 2 -25.59 34.67 -0.63
CA ILE MB 2 -24.27 34.86 -0.05
C ILE MB 2 -23.87 33.52 0.57
N LYS MB 3 -23.09 32.73 -0.15
CA LYS MB 3 -22.70 31.40 0.29
C LYS MB 3 -21.42 31.49 1.14
N GLY MB 4 -21.53 31.05 2.39
CA GLY MB 4 -20.41 31.02 3.30
C GLY MB 4 -19.65 29.71 3.24
N GLY MB 5 -18.71 29.57 4.17
CA GLY MB 5 -17.91 28.37 4.26
C GLY MB 5 -17.54 28.02 5.69
N VAL MB 6 -17.86 26.80 6.11
CA VAL MB 6 -17.51 26.34 7.45
C VAL MB 6 -17.29 24.83 7.39
N GLY MB 7 -16.19 24.36 7.96
CA GLY MB 7 -15.83 22.96 7.92
C GLY MB 7 -16.59 22.15 8.95
N SER MB 8 -16.78 20.87 8.63
CA SER MB 8 -17.46 19.96 9.56
C SER MB 8 -16.64 19.76 10.82
N PHE MB 9 -15.32 19.82 10.71
CA PHE MB 9 -14.44 19.60 11.85
C PHE MB 9 -14.69 20.66 12.92
N LEU MB 10 -15.03 21.87 12.50
CA LEU MB 10 -15.37 22.94 13.45
C LEU MB 10 -16.65 22.63 14.22
N MET MB 11 -17.66 22.09 13.54
CA MET MB 11 -18.93 21.75 14.18
C MET MB 11 -18.85 20.48 15.01
N ARG MB 12 -17.88 19.60 14.73
CA ARG MB 12 -17.81 18.33 15.45
C ARG MB 12 -17.66 18.52 16.95
N ARG MB 13 -17.19 19.68 17.40
CA ARG MB 13 -17.11 19.95 18.83
C ARG MB 13 -18.45 19.76 19.52
N ALA MB 14 -19.55 20.17 18.86
CA ALA MB 14 -20.88 20.12 19.46
C ALA MB 14 -21.70 18.95 18.94
N ALA MB 15 -21.05 17.88 18.48
CA ALA MB 15 -21.80 16.71 18.02
C ALA MB 15 -22.75 16.17 19.09
N PRO MB 16 -22.36 16.05 20.36
CA PRO MB 16 -23.30 15.55 21.37
C PRO MB 16 -24.56 16.40 21.46
N LYS MB 17 -25.71 15.75 21.65
CA LYS MB 17 -26.99 16.44 21.73
C LYS MB 17 -27.73 16.15 23.04
N SER MB 18 -26.99 15.83 24.10
CA SER MB 18 -27.60 15.57 25.39
C SER MB 18 -26.50 15.61 26.45
N ILE MB 19 -26.93 15.71 27.71
CA ILE MB 19 -25.98 15.66 28.82
C ILE MB 19 -25.31 14.29 28.86
N ARG MB 20 -26.09 13.22 28.73
CA ARG MB 20 -25.52 11.87 28.76
C ARG MB 20 -24.44 11.70 27.70
N GLN MB 21 -24.67 12.22 26.50
CA GLN MB 21 -23.71 12.06 25.41
C GLN MB 21 -22.50 12.98 25.57
N LYS MB 22 -22.74 14.27 25.81
CA LYS MB 22 -21.63 15.21 25.96
C LYS MB 22 -20.76 14.82 27.16
N TYR MB 23 -21.34 14.83 28.35
CA TYR MB 23 -20.68 14.34 29.55
C TYR MB 23 -21.16 12.92 29.79
N GLN MB 24 -20.25 11.96 29.67
CA GLN MB 24 -20.65 10.55 29.72
C GLN MB 24 -21.03 10.19 31.15
N THR MB 25 -22.19 10.66 31.59
CA THR MB 25 -22.64 10.43 32.96
C THR MB 25 -23.38 9.10 33.12
N GLY MB 26 -23.95 8.58 32.04
CA GLY MB 26 -24.69 7.34 32.09
C GLY MB 26 -24.37 6.43 30.94
N PRO MB 27 -24.94 5.22 30.94
CA PRO MB 27 -24.67 4.28 29.85
C PRO MB 27 -25.08 4.86 28.51
N GLN MB 28 -24.25 4.60 27.50
CA GLN MB 28 -24.46 5.14 26.16
C GLN MB 28 -25.24 4.11 25.35
N PHE MB 29 -26.55 4.35 25.20
CA PHE MB 29 -27.43 3.42 24.50
C PHE MB 29 -27.30 3.66 23.00
N TYR MB 30 -26.19 3.18 22.45
CA TYR MB 30 -25.94 3.26 21.01
C TYR MB 30 -26.00 4.71 20.51
N LYS MB 31 -25.50 5.63 21.35
CA LYS MB 31 -25.47 7.04 20.98
C LYS MB 31 -24.15 7.70 21.36
N ARG MB 32 -23.07 6.92 21.47
CA ARG MB 32 -21.77 7.51 21.76
C ARG MB 32 -21.25 8.24 20.53
N LYS MB 33 -20.74 9.46 20.75
CA LYS MB 33 -20.24 10.28 19.66
C LYS MB 33 -18.73 10.22 19.48
N PHE MB 34 -17.98 10.14 20.57
CA PHE MB 34 -16.53 10.15 20.53
C PHE MB 34 -16.00 8.84 21.09
N PHE MB 35 -15.07 8.22 20.36
CA PHE MB 35 -14.50 6.94 20.73
C PHE MB 35 -12.99 7.07 20.85
N GLN MB 36 -12.42 6.35 21.82
CA GLN MB 36 -10.98 6.34 22.07
C GLN MB 36 -10.49 4.90 21.93
N PHE MB 37 -9.97 4.56 20.76
CA PHE MB 37 -9.40 3.24 20.50
C PHE MB 37 -7.88 3.31 20.63
N GLN MB 38 -7.24 2.14 20.53
CA GLN MB 38 -5.79 2.09 20.60
C GLN MB 38 -5.18 2.71 19.35
N LYS MB 39 -3.92 3.14 19.50
CA LYS MB 39 -3.27 3.94 18.46
C LYS MB 39 -2.92 3.15 17.21
N GLY MB 40 -3.03 1.83 17.23
CA GLY MB 40 -2.62 1.04 16.09
C GLY MB 40 -3.73 0.22 15.44
N HIS MB 41 -4.85 0.07 16.13
CA HIS MB 41 -5.94 -0.76 15.65
C HIS MB 41 -6.62 -0.09 14.46
N HIS MB 42 -7.11 -0.93 13.55
CA HIS MB 42 -7.78 -0.48 12.34
C HIS MB 42 -9.25 -0.85 12.28
N ARG MB 43 -9.64 -1.96 12.92
CA ARG MB 43 -11.03 -2.40 12.84
C ARG MB 43 -11.94 -1.70 13.82
N LEU MB 44 -11.39 -0.96 14.78
CA LEU MB 44 -12.17 -0.08 15.66
C LEU MB 44 -13.24 -0.86 16.43
N HIS MB 45 -12.79 -1.77 17.28
CA HIS MB 45 -13.67 -2.38 18.27
C HIS MB 45 -12.83 -2.86 19.44
N ARG MB 46 -13.37 -2.71 20.65
CA ARG MB 46 -12.67 -3.17 21.84
C ARG MB 46 -12.56 -4.69 21.83
N ARG MB 47 -11.51 -5.19 22.48
CA ARG MB 47 -11.20 -6.61 22.47
C ARG MB 47 -11.05 -7.11 23.89
N ILE MB 48 -11.96 -8.01 24.29
CA ILE MB 48 -11.84 -8.72 25.57
C ILE MB 48 -11.47 -10.15 25.25
N SER MB 49 -10.18 -10.44 25.23
CA SER MB 49 -9.66 -11.69 24.68
C SER MB 49 -9.39 -12.71 25.78
N GLY MB 50 -9.20 -13.96 25.34
CA GLY MB 50 -8.86 -15.05 26.23
C GLY MB 50 -7.60 -15.77 25.77
N VAL MB 51 -7.17 -16.71 26.58
CA VAL MB 51 -5.95 -17.48 26.32
C VAL MB 51 -6.24 -18.95 26.56
N GLN MB 52 -5.81 -19.80 25.63
CA GLN MB 52 -5.95 -21.24 25.76
C GLN MB 52 -4.57 -21.87 25.88
N THR MB 53 -4.43 -22.83 26.79
CA THR MB 53 -3.15 -23.48 27.05
C THR MB 53 -3.27 -25.00 27.01
N GLY MB 54 -4.38 -25.56 26.55
CA GLY MB 54 -4.52 -27.00 26.49
C GLY MB 54 -5.89 -27.38 25.98
N SER MB 55 -6.11 -28.69 25.89
CA SER MB 55 -7.38 -29.22 25.43
C SER MB 55 -8.44 -29.07 26.50
N PRO MB 56 -9.72 -29.18 26.14
CA PRO MB 56 -10.79 -29.03 27.14
C PRO MB 56 -10.69 -30.01 28.29
N THR MB 57 -10.06 -31.16 28.08
CA THR MB 57 -9.92 -32.14 29.15
C THR MB 57 -8.97 -31.68 30.26
N HIS MB 58 -8.22 -30.61 30.03
CA HIS MB 58 -7.26 -30.12 31.03
C HIS MB 58 -7.56 -28.67 31.40
N GLN MB 59 -8.14 -27.92 30.47
CA GLN MB 59 -8.48 -26.51 30.69
C GLN MB 59 -9.86 -26.26 30.12
N ARG MB 60 -10.84 -26.05 31.00
CA ARG MB 60 -12.18 -25.74 30.54
C ARG MB 60 -12.20 -24.36 29.89
N GLU MB 61 -13.14 -24.17 28.96
CA GLU MB 61 -13.11 -22.97 28.13
C GLU MB 61 -13.28 -21.70 28.98
N TYR MB 62 -14.16 -21.73 29.97
CA TYR MB 62 -14.36 -20.56 30.80
C TYR MB 62 -13.08 -20.15 31.53
N GLU MB 63 -12.15 -21.09 31.74
CA GLU MB 63 -10.89 -20.78 32.37
C GLU MB 63 -9.94 -20.01 31.46
N ARG MB 64 -10.27 -19.88 30.17
CA ARG MB 64 -9.41 -19.10 29.28
C ARG MB 64 -9.32 -17.65 29.75
N PHE MB 65 -10.45 -17.06 30.13
CA PHE MB 65 -10.46 -15.69 30.61
C PHE MB 65 -10.21 -15.65 32.11
N HIS MB 66 -9.15 -16.30 32.56
CA HIS MB 66 -8.80 -16.31 33.98
C HIS MB 66 -7.88 -15.16 34.37
N HIS MB 67 -7.26 -14.49 33.39
CA HIS MB 67 -6.43 -13.33 33.70
C HIS MB 67 -7.26 -12.11 34.05
N LEU MB 68 -8.54 -12.10 33.69
CA LEU MB 68 -9.40 -10.97 34.00
C LEU MB 68 -10.08 -11.17 35.36
N PRO MB 69 -10.39 -10.09 36.08
CA PRO MB 69 -11.08 -10.24 37.37
C PRO MB 69 -12.58 -10.39 37.19
N GLY MB 70 -13.31 -10.57 38.28
CA GLY MB 70 -14.75 -10.64 38.25
C GLY MB 70 -15.27 -12.05 38.31
N ASP MB 71 -16.55 -12.20 37.96
CA ASP MB 71 -17.21 -13.49 38.01
C ASP MB 71 -16.53 -14.53 37.11
N VAL MB 72 -15.78 -14.08 36.11
CA VAL MB 72 -15.18 -15.01 35.16
C VAL MB 72 -14.23 -15.97 35.83
N ARG MB 73 -13.73 -15.62 37.02
CA ARG MB 73 -12.86 -16.50 37.78
C ARG MB 73 -13.64 -17.50 38.64
N THR MB 74 -14.96 -17.44 38.61
CA THR MB 74 -15.81 -18.41 39.30
C THR MB 74 -16.41 -19.37 38.27
N ARG MB 75 -16.61 -20.62 38.70
CA ARG MB 75 -17.12 -21.62 37.79
C ARG MB 75 -18.55 -21.29 37.37
N PRO MB 76 -18.88 -21.32 36.08
CA PRO MB 76 -20.24 -20.95 35.66
C PRO MB 76 -21.27 -21.90 36.23
N GLN MB 77 -22.46 -21.37 36.47
CA GLN MB 77 -23.55 -22.16 37.04
C GLN MB 77 -24.14 -23.14 36.04
N PHE MB 78 -24.20 -22.79 34.76
CA PHE MB 78 -24.83 -23.63 33.75
C PHE MB 78 -23.85 -23.91 32.63
N ASP MB 79 -23.76 -25.18 32.24
CA ASP MB 79 -22.92 -25.63 31.13
C ASP MB 79 -23.79 -26.27 30.08
N PHE MB 80 -23.65 -25.82 28.83
CA PHE MB 80 -24.48 -26.29 27.73
C PHE MB 80 -23.61 -26.92 26.63
N THR MB 81 -22.57 -27.66 27.04
CA THR MB 81 -21.65 -28.28 26.10
C THR MB 81 -21.98 -29.75 25.85
N PHE MB 82 -22.16 -30.54 26.90
CA PHE MB 82 -22.34 -31.98 26.73
C PHE MB 82 -23.64 -32.27 25.99
N GLY MB 83 -24.73 -31.61 26.36
CA GLY MB 83 -26.03 -31.91 25.81
C GLY MB 83 -26.12 -31.71 24.32
N GLU MB 84 -26.05 -30.45 23.88
CA GLU MB 84 -26.21 -30.09 22.48
C GLU MB 84 -25.40 -28.82 22.21
N THR MB 85 -25.44 -28.37 20.97
CA THR MB 85 -24.80 -27.13 20.56
C THR MB 85 -25.88 -26.09 20.28
N ARG MB 86 -26.03 -25.13 21.18
CA ARG MB 86 -27.05 -24.11 21.04
C ARG MB 86 -26.77 -23.24 19.82
N ALA MB 87 -27.85 -22.74 19.21
CA ALA MB 87 -27.72 -21.98 17.97
C ALA MB 87 -26.83 -20.75 18.19
N ASP MB 88 -27.05 -20.03 19.28
CA ASP MB 88 -26.22 -18.87 19.60
C ASP MB 88 -24.79 -19.24 19.97
N ARG MB 89 -24.53 -20.52 20.24
CA ARG MB 89 -23.22 -21.06 20.59
C ARG MB 89 -22.81 -20.74 22.01
N VAL MB 90 -23.71 -20.23 22.86
CA VAL MB 90 -23.36 -19.99 24.26
C VAL MB 90 -23.08 -21.33 24.91
N MET MB 91 -21.89 -21.48 25.48
CA MET MB 91 -21.51 -22.74 26.12
C MET MB 91 -21.53 -22.66 27.64
N PHE MB 92 -21.32 -21.50 28.22
CA PHE MB 92 -21.36 -21.35 29.67
C PHE MB 92 -22.22 -20.15 30.05
N ALA MB 93 -22.87 -20.26 31.21
CA ALA MB 93 -23.65 -19.16 31.77
C ALA MB 93 -23.41 -19.08 33.27
N TRP MB 94 -23.18 -17.86 33.76
CA TRP MB 94 -22.89 -17.63 35.16
C TRP MB 94 -24.17 -17.28 35.92
N ARG MB 95 -24.08 -17.37 37.25
CA ARG MB 95 -25.18 -16.99 38.10
C ARG MB 95 -25.52 -15.52 37.89
N LYS MB 96 -26.82 -15.23 37.83
CA LYS MB 96 -27.26 -13.86 37.61
C LYS MB 96 -26.73 -12.94 38.69
N ARG MB 97 -25.92 -11.96 38.31
CA ARG MB 97 -25.42 -10.95 39.24
C ARG MB 97 -26.35 -9.73 39.23
N GLY MB 98 -27.58 -9.97 39.69
CA GLY MB 98 -28.64 -8.98 39.59
C GLY MB 98 -29.55 -9.30 38.43
N ASP MB 99 -29.96 -8.29 37.68
CA ASP MB 99 -30.66 -8.53 36.43
C ASP MB 99 -29.73 -8.85 35.28
N LEU MB 100 -28.42 -8.74 35.49
CA LEU MB 100 -27.43 -9.06 34.47
C LEU MB 100 -27.03 -10.52 34.57
N GLN MB 101 -26.81 -11.15 33.41
CA GLN MB 101 -26.31 -12.51 33.36
C GLN MB 101 -25.20 -12.61 32.33
N LEU MB 102 -24.15 -13.35 32.66
CA LEU MB 102 -22.97 -13.46 31.83
C LEU MB 102 -22.97 -14.79 31.09
N TYR MB 103 -22.66 -14.74 29.80
CA TYR MB 103 -22.60 -15.92 28.94
C TYR MB 103 -21.27 -15.94 28.19
N GLN MB 104 -20.79 -17.15 27.92
CA GLN MB 104 -19.61 -17.37 27.11
C GLN MB 104 -19.94 -18.36 26.01
N MET MB 105 -19.47 -18.07 24.80
CA MET MB 105 -19.78 -18.83 23.60
C MET MB 105 -18.51 -19.41 23.00
N SER MB 106 -18.70 -20.48 22.23
CA SER MB 106 -17.57 -21.19 21.60
C SER MB 106 -17.35 -20.69 20.17
N GLY MB 107 -17.11 -19.39 20.05
CA GLY MB 107 -16.88 -18.78 18.75
C GLY MB 107 -15.71 -17.82 18.83
N ARG MB 108 -15.23 -17.44 17.65
CA ARG MB 108 -14.09 -16.51 17.58
C ARG MB 108 -14.42 -15.20 18.26
N GLY MB 109 -15.68 -14.77 18.23
CA GLY MB 109 -16.08 -13.54 18.87
C GLY MB 109 -17.22 -12.88 18.15
N GLU MB 110 -18.21 -12.42 18.91
CA GLU MB 110 -19.39 -11.76 18.37
C GLU MB 110 -19.21 -10.25 18.59
N THR MB 111 -19.13 -9.49 17.50
CA THR MB 111 -18.93 -8.05 17.59
C THR MB 111 -20.27 -7.38 17.90
N PHE MB 112 -20.51 -7.12 19.18
CA PHE MB 112 -21.72 -6.46 19.65
C PHE MB 112 -21.36 -5.05 20.12
N VAL MB 113 -22.39 -4.28 20.49
CA VAL MB 113 -22.22 -2.95 21.04
C VAL MB 113 -22.82 -2.95 22.44
N CYS MB 114 -22.01 -2.64 23.44
CA CYS MB 114 -22.49 -2.60 24.81
C CYS MB 114 -23.06 -1.21 25.11
N TYR MB 115 -24.18 -1.19 25.82
CA TYR MB 115 -24.90 0.05 26.07
C TYR MB 115 -24.29 0.88 27.20
N ARG MB 116 -23.30 0.35 27.92
CA ARG MB 116 -22.62 1.16 28.93
C ARG MB 116 -21.43 1.90 28.33
N CYS MB 117 -20.42 1.18 27.86
CA CYS MB 117 -19.31 1.85 27.18
C CYS MB 117 -19.76 2.49 25.89
N GLY MB 118 -20.62 1.80 25.14
CA GLY MB 118 -21.05 2.27 23.84
C GLY MB 118 -20.15 1.86 22.70
N TYR MB 119 -19.00 1.24 22.97
CA TYR MB 119 -18.07 0.84 21.95
C TYR MB 119 -18.46 -0.52 21.38
N PRO MB 120 -18.19 -0.76 20.09
CA PRO MB 120 -18.26 -2.13 19.58
C PRO MB 120 -17.21 -3.00 20.24
N VAL MB 121 -17.63 -4.16 20.72
CA VAL MB 121 -16.75 -5.08 21.44
C VAL MB 121 -16.83 -6.45 20.79
N ARG MB 122 -15.66 -7.06 20.57
CA ARG MB 122 -15.56 -8.39 19.98
C ARG MB 122 -14.95 -9.32 21.02
N SER MB 123 -15.79 -10.17 21.61
CA SER MB 123 -15.34 -11.10 22.64
C SER MB 123 -16.36 -12.20 22.77
N GLN MB 124 -15.99 -13.26 23.49
CA GLN MB 124 -16.90 -14.36 23.77
C GLN MB 124 -17.75 -14.13 25.00
N LEU MB 125 -17.34 -13.22 25.89
CA LEU MB 125 -18.11 -12.92 27.09
C LEU MB 125 -19.12 -11.82 26.78
N VAL MB 126 -20.39 -12.11 27.02
CA VAL MB 126 -21.48 -11.18 26.77
C VAL MB 126 -22.38 -11.14 28.00
N ALA MB 127 -22.65 -9.95 28.51
CA ALA MB 127 -23.57 -9.77 29.64
C ALA MB 127 -24.88 -9.21 29.11
N VAL MB 128 -25.97 -9.89 29.39
CA VAL MB 128 -27.30 -9.51 28.93
C VAL MB 128 -28.11 -9.02 30.12
N LYS MB 129 -29.01 -8.07 29.86
CA LYS MB 129 -29.78 -7.40 30.88
C LYS MB 129 -31.19 -7.98 30.93
N ALA MB 130 -31.56 -8.58 32.05
CA ALA MB 130 -32.90 -9.10 32.28
C ALA MB 130 -33.34 -10.02 31.14
N ASP MB 131 -32.41 -10.87 30.70
CA ASP MB 131 -32.63 -11.88 29.66
C ASP MB 131 -32.89 -11.28 28.29
N ASN MB 132 -32.89 -9.96 28.15
CA ASN MB 132 -33.12 -9.34 26.86
C ASN MB 132 -31.81 -9.24 26.09
N TRP MB 133 -31.65 -10.09 25.09
CA TRP MB 133 -30.42 -10.15 24.30
C TRP MB 133 -30.25 -8.95 23.39
N ASP MB 134 -31.28 -8.12 23.23
CA ASP MB 134 -31.15 -6.90 22.45
C ASP MB 134 -30.23 -5.89 23.10
N TYR MB 135 -29.95 -6.04 24.40
CA TYR MB 135 -29.08 -5.13 25.16
C TYR MB 135 -27.93 -5.96 25.74
N ARG MB 136 -26.86 -6.08 24.96
CA ARG MB 136 -25.65 -6.77 25.40
C ARG MB 136 -24.73 -5.81 26.13
N MET MB 137 -23.80 -6.37 26.89
CA MET MB 137 -22.88 -5.58 27.69
C MET MB 137 -21.56 -6.33 27.81
N CYS MB 138 -20.45 -5.65 27.50
CA CYS MB 138 -19.17 -6.31 27.48
C CYS MB 138 -18.68 -6.57 28.91
N TYR MB 139 -17.69 -7.45 29.03
CA TYR MB 139 -17.28 -7.92 30.35
C TYR MB 139 -16.66 -6.81 31.17
N ARG MB 140 -15.96 -5.86 30.53
CA ARG MB 140 -15.35 -4.78 31.28
C ARG MB 140 -16.41 -3.96 32.01
N CYS MB 141 -17.42 -3.50 31.29
CA CYS MB 141 -18.47 -2.72 31.94
C CYS MB 141 -19.34 -3.57 32.85
N TYR MB 142 -19.49 -4.86 32.54
CA TYR MB 142 -20.19 -5.75 33.46
C TYR MB 142 -19.48 -5.82 34.81
N THR MB 143 -18.16 -6.02 34.79
CA THR MB 143 -17.39 -6.07 36.02
C THR MB 143 -17.45 -4.73 36.75
N ASN MB 144 -17.32 -3.62 36.02
CA ASN MB 144 -17.39 -2.32 36.67
C ASN MB 144 -18.75 -2.08 37.31
N THR MB 145 -19.83 -2.46 36.61
CA THR MB 145 -21.17 -2.31 37.17
C THR MB 145 -21.34 -3.15 38.42
N VAL MB 146 -20.87 -4.39 38.40
CA VAL MB 146 -20.98 -5.24 39.58
C VAL MB 146 -20.18 -4.65 40.74
N HIS MB 147 -18.97 -4.16 40.46
CA HIS MB 147 -18.13 -3.58 41.50
C HIS MB 147 -18.80 -2.35 42.12
N ARG MB 148 -19.38 -1.49 41.28
CA ARG MB 148 -20.03 -0.29 41.79
C ARG MB 148 -21.36 -0.60 42.46
N GLY MB 149 -21.96 -1.74 42.16
CA GLY MB 149 -23.25 -2.10 42.70
C GLY MB 149 -24.44 -1.60 41.91
N MET MB 150 -24.25 -1.24 40.64
CA MET MB 150 -25.32 -0.71 39.79
C MET MB 150 -25.92 -1.81 38.92
N GLU MB 151 -26.01 -3.04 39.43
CA GLU MB 151 -26.48 -4.15 38.63
C GLU MB 151 -27.89 -3.90 38.12
N ASN MB 152 -28.78 -3.41 38.99
CA ASN MB 152 -30.18 -3.21 38.65
C ASN MB 152 -30.48 -1.76 38.29
N ASP MB 153 -29.44 -0.94 38.07
CA ASP MB 153 -29.63 0.48 37.85
C ASP MB 153 -28.79 0.99 36.69
N THR MB 154 -28.78 0.27 35.56
CA THR MB 154 -28.06 0.71 34.38
C THR MB 154 -29.03 0.85 33.20
N VAL NB 1 -11.33 7.45 -16.22
CA VAL NB 1 -10.24 7.50 -17.18
C VAL NB 1 -8.98 8.11 -16.55
N PRO NB 2 -9.09 9.29 -15.93
CA PRO NB 2 -7.90 9.89 -15.31
C PRO NB 2 -7.43 9.10 -14.10
N GLN NB 3 -8.33 8.85 -13.15
CA GLN NB 3 -8.02 8.05 -11.97
C GLN NB 3 -9.32 7.47 -11.43
N GLN NB 4 -9.26 6.23 -10.96
CA GLN NB 4 -10.44 5.51 -10.49
C GLN NB 4 -10.25 4.96 -9.09
N LEU NB 5 -9.45 5.65 -8.27
CA LEU NB 5 -9.24 5.21 -6.89
C LEU NB 5 -8.73 6.40 -6.10
N LYS NB 6 -9.50 6.85 -5.12
CA LYS NB 6 -9.13 7.98 -4.28
C LYS NB 6 -9.42 7.65 -2.82
N ALA NB 7 -8.58 8.19 -1.94
CA ALA NB 7 -8.78 8.10 -0.50
C ALA NB 7 -9.28 9.39 0.10
N TYR NB 8 -8.74 10.53 -0.32
CA TYR NB 8 -9.23 11.83 0.11
C TYR NB 8 -8.90 12.83 -0.99
N GLY NB 9 -9.91 13.25 -1.75
CA GLY NB 9 -9.69 14.12 -2.88
C GLY NB 9 -9.20 15.50 -2.48
N GLY NB 10 -9.75 16.06 -1.40
CA GLY NB 10 -9.39 17.41 -1.00
C GLY NB 10 -7.99 17.49 -0.42
N THR NB 11 -7.60 18.72 -0.10
CA THR NB 11 -6.29 19.01 0.47
C THR NB 11 -6.43 19.50 1.90
N PHE NB 12 -5.47 19.11 2.73
CA PHE NB 12 -5.44 19.49 4.14
C PHE NB 12 -4.74 20.84 4.29
N SER NB 13 -4.79 21.37 5.51
CA SER NB 13 -4.21 22.67 5.81
C SER NB 13 -2.76 22.53 6.27
N ARG NB 14 -1.92 23.48 5.88
CA ARG NB 14 -0.52 23.44 6.26
C ARG NB 14 -0.32 23.60 7.76
N SER NB 15 -1.31 24.12 8.47
CA SER NB 15 -1.16 24.38 9.89
C SER NB 15 -0.93 23.09 10.65
N VAL NB 16 -0.10 23.16 11.69
CA VAL NB 16 0.22 22.01 12.51
C VAL NB 16 -0.15 22.28 13.95
N GLY NB 17 0.45 23.30 14.56
CA GLY NB 17 0.24 23.55 15.97
C GLY NB 17 -1.16 23.97 16.34
N GLU NB 18 -1.96 24.44 15.39
CA GLU NB 18 -3.29 24.97 15.68
C GLU NB 18 -4.04 25.08 14.36
N ARG NB 19 -5.30 25.48 14.45
CA ARG NB 19 -6.12 25.69 13.26
C ARG NB 19 -5.68 26.91 12.46
N SER NB 20 -5.08 27.92 13.10
CA SER NB 20 -4.77 29.20 12.49
C SER NB 20 -3.28 29.49 12.59
N ASN NB 21 -2.47 28.52 12.21
CA ASN NB 21 -1.02 28.66 12.31
C ASN NB 21 -0.51 29.85 11.49
N HIS NB 22 -1.10 30.08 10.32
CA HIS NB 22 -0.64 31.15 9.43
C HIS NB 22 -1.09 32.53 9.89
N LEU NB 23 -2.28 32.64 10.48
CA LEU NB 23 -2.78 33.94 10.91
C LEU NB 23 -1.94 34.48 12.06
N VAL NB 24 -1.85 35.81 12.13
CA VAL NB 24 -1.13 36.48 13.20
C VAL NB 24 -1.95 36.42 14.48
N SER NB 25 -1.28 36.54 15.61
CA SER NB 25 -1.94 36.38 16.90
C SER NB 25 -3.02 37.45 17.10
N ASP NB 26 -2.72 38.68 16.75
CA ASP NB 26 -3.66 39.78 17.01
C ASP NB 26 -4.86 39.79 16.07
N VAL NB 27 -5.07 38.75 15.27
CA VAL NB 27 -6.22 38.65 14.39
C VAL NB 27 -7.08 37.43 14.69
N VAL NB 28 -6.50 36.42 15.35
CA VAL NB 28 -7.22 35.20 15.69
C VAL NB 28 -7.02 34.89 17.17
N LEU NB 29 -8.00 34.21 17.75
CA LEU NB 29 -7.88 33.77 19.13
C LEU NB 29 -7.10 32.45 19.19
N GLN NB 30 -6.83 32.00 20.41
CA GLN NB 30 -6.10 30.75 20.64
C GLN NB 30 -7.05 29.76 21.30
N SER NB 31 -7.12 28.56 20.75
CA SER NB 31 -7.98 27.54 21.33
C SER NB 31 -7.59 27.26 22.77
N LEU NB 32 -8.60 27.22 23.65
CA LEU NB 32 -8.37 26.97 25.07
C LEU NB 32 -8.61 25.52 25.46
N SER NB 33 -8.82 24.64 24.49
CA SER NB 33 -9.02 23.23 24.80
C SER NB 33 -7.78 22.69 25.51
N PRO NB 34 -7.95 21.72 26.41
CA PRO NB 34 -6.78 21.20 27.13
C PRO NB 34 -5.70 20.67 26.22
N SER NB 35 -6.05 20.15 25.04
CA SER NB 35 -5.03 19.64 24.12
C SER NB 35 -4.07 20.75 23.72
N SER NB 36 -4.60 21.94 23.40
CA SER NB 36 -3.73 23.06 23.07
C SER NB 36 -3.06 23.64 24.31
N THR NB 37 -3.80 23.70 25.42
CA THR NB 37 -3.24 24.22 26.66
C THR NB 37 -1.99 23.43 27.06
N HIS NB 38 -1.99 22.13 26.79
CA HIS NB 38 -0.85 21.29 27.18
C HIS NB 38 0.45 21.84 26.61
N ASN NB 39 0.47 22.14 25.31
CA ASN NB 39 1.65 22.73 24.70
C ASN NB 39 1.79 24.22 25.02
N SER NB 40 0.70 24.87 25.42
CA SER NB 40 0.78 26.30 25.67
C SER NB 40 1.81 26.58 26.77
N PRO NB 41 2.57 27.68 26.66
CA PRO NB 41 3.58 27.98 27.69
C PRO NB 41 3.02 28.69 28.91
N LEU NB 42 1.76 29.08 28.89
CA LEU NB 42 1.14 29.81 30.00
C LEU NB 42 -0.01 29.05 30.63
N LEU NB 43 -0.89 28.47 29.81
CA LEU NB 43 -2.11 27.84 30.31
C LEU NB 43 -1.87 26.48 30.95
N SER NB 44 -0.67 25.92 30.82
CA SER NB 44 -0.40 24.59 31.36
C SER NB 44 0.14 24.64 32.79
N LYS NB 45 1.07 25.55 33.07
CA LYS NB 45 1.77 25.56 34.34
C LYS NB 45 0.81 25.79 35.51
N ASN NB 46 0.23 26.98 35.59
CA ASN NB 46 -0.62 27.36 36.72
C ASN NB 46 -1.92 27.96 36.20
N ILE NB 47 -3.03 27.51 36.78
CA ILE NB 47 -4.35 28.03 36.42
C ILE NB 47 -5.22 27.97 37.68
N LYS NB 48 -5.73 29.12 38.08
CA LYS NB 48 -6.51 29.27 39.30
C LYS NB 48 -7.99 29.32 38.93
N THR NB 49 -8.77 28.42 39.52
CA THR NB 49 -10.20 28.34 39.24
C THR NB 49 -11.07 28.28 40.50
N LYS NB 50 -10.52 27.91 41.65
CA LYS NB 50 -11.30 27.93 42.88
C LYS NB 50 -11.69 29.36 43.23
N THR NB 51 -12.85 29.51 43.87
CA THR NB 51 -13.43 30.82 44.08
C THR NB 51 -13.86 30.99 45.53
N VAL NB 52 -13.74 32.22 46.02
CA VAL NB 52 -14.31 32.63 47.29
C VAL NB 52 -15.54 33.49 46.98
N THR NB 53 -16.67 33.15 47.60
CA THR NB 53 -17.97 33.63 47.17
C THR NB 53 -18.49 34.80 47.99
N SER NB 54 -17.60 35.67 48.49
CA SER NB 54 -18.08 36.84 49.22
C SER NB 54 -16.92 37.80 49.46
N PHE NB 55 -17.18 39.10 49.26
CA PHE NB 55 -16.21 40.11 49.66
C PHE NB 55 -15.97 40.05 51.15
N GLU NB 56 -16.99 39.71 51.93
CA GLU NB 56 -16.81 39.55 53.37
C GLU NB 56 -15.79 38.45 53.66
N ASP NB 57 -15.87 37.34 52.94
CA ASP NB 57 -14.85 36.30 53.06
C ASP NB 57 -13.50 36.83 52.63
N MET NB 58 -13.46 37.62 51.56
CA MET NB 58 -12.21 38.24 51.14
C MET NB 58 -11.73 39.20 52.22
N PRO NB 59 -10.43 39.20 52.55
CA PRO NB 59 -9.91 40.16 53.53
C PRO NB 59 -9.72 41.53 52.90
N LEU NB 60 -10.60 42.46 53.25
CA LEU NB 60 -10.58 43.80 52.68
C LEU NB 60 -10.64 44.83 53.80
N TYR NB 61 -10.00 45.97 53.57
CA TYR NB 61 -10.03 47.05 54.54
C TYR NB 61 -11.41 47.70 54.55
N PRO NB 62 -11.79 48.32 55.67
CA PRO NB 62 -13.07 49.05 55.69
C PRO NB 62 -13.14 50.13 54.63
N GLU NB 63 -12.01 50.75 54.28
CA GLU NB 63 -12.01 51.75 53.23
C GLU NB 63 -12.41 51.14 51.90
N LEU NB 64 -11.84 49.98 51.56
CA LEU NB 64 -12.21 49.30 50.33
C LEU NB 64 -13.67 48.86 50.36
N ARG NB 65 -14.14 48.38 51.51
CA ARG NB 65 -15.54 47.98 51.61
C ARG NB 65 -16.46 49.17 51.37
N SER NB 66 -16.13 50.32 51.95
CA SER NB 66 -16.92 51.52 51.69
C SER NB 66 -16.85 51.94 50.23
N ALA NB 67 -15.67 51.80 49.62
CA ALA NB 67 -15.52 52.16 48.21
C ALA NB 67 -16.43 51.30 47.34
N LEU NB 68 -16.45 49.99 47.59
CA LEU NB 68 -17.30 49.11 46.78
C LEU NB 68 -18.78 49.33 47.10
N ARG NB 69 -19.11 49.70 48.34
CA ARG NB 69 -20.49 50.08 48.64
C ARG NB 69 -20.90 51.32 47.84
N GLN NB 70 -20.01 52.30 47.75
CA GLN NB 70 -20.29 53.47 46.92
C GLN NB 70 -20.46 53.08 45.46
N LEU NB 71 -19.61 52.18 44.96
CA LEU NB 71 -19.70 51.69 43.60
C LEU NB 71 -20.90 50.77 43.39
N ARG NB 72 -21.59 50.38 44.45
CA ARG NB 72 -22.77 49.52 44.41
C ARG NB 72 -22.43 48.06 44.16
N ILE NB 73 -21.16 47.67 44.33
CA ILE NB 73 -20.76 46.28 44.15
C ILE NB 73 -21.02 45.55 45.46
N THR NB 74 -21.78 44.47 45.39
CA THR NB 74 -22.16 43.71 46.57
C THR NB 74 -21.81 42.24 46.46
N THR NB 75 -21.92 41.64 45.27
CA THR NB 75 -21.59 40.26 45.05
C THR NB 75 -20.42 40.13 44.07
N PRO NB 76 -19.39 39.37 44.40
CA PRO NB 76 -18.24 39.28 43.48
C PRO NB 76 -18.56 38.42 42.27
N SER NB 77 -18.18 38.93 41.10
CA SER NB 77 -18.25 38.12 39.89
C SER NB 77 -17.23 36.99 39.99
N PRO NB 78 -17.46 35.88 39.29
CA PRO NB 78 -16.53 34.75 39.40
C PRO NB 78 -15.10 35.14 39.08
N ILE NB 79 -14.91 36.05 38.14
CA ILE NB 79 -13.55 36.51 37.82
C ILE NB 79 -12.92 37.18 39.03
N GLN NB 80 -13.67 38.04 39.71
CA GLN NB 80 -13.15 38.68 40.91
C GLN NB 80 -12.88 37.64 42.00
N GLN NB 81 -13.79 36.69 42.16
CA GLN NB 81 -13.59 35.64 43.17
C GLN NB 81 -12.27 34.92 42.93
N SER NB 82 -11.97 34.61 41.67
CA SER NB 82 -10.75 33.88 41.36
C SER NB 82 -9.50 34.75 41.43
N ALA NB 83 -9.61 36.04 41.11
CA ALA NB 83 -8.43 36.89 40.95
C ALA NB 83 -8.02 37.62 42.22
N VAL NB 84 -8.97 37.98 43.08
CA VAL NB 84 -8.62 38.75 44.28
C VAL NB 84 -7.67 37.95 45.15
N GLU NB 85 -7.94 36.65 45.31
CA GLU NB 85 -7.10 35.82 46.17
C GLU NB 85 -5.65 35.83 45.69
N VAL NB 86 -5.45 35.60 44.39
CA VAL NB 86 -4.08 35.49 43.88
C VAL NB 86 -3.38 36.85 43.93
N ILE NB 87 -4.09 37.92 43.59
CA ILE NB 87 -3.45 39.24 43.59
C ILE NB 87 -3.06 39.63 45.02
N MET NB 88 -3.89 39.25 46.01
CA MET NB 88 -3.50 39.45 47.40
C MET NB 88 -2.30 38.58 47.75
N GLN NB 89 -2.25 37.35 47.24
CA GLN NB 89 -1.09 36.49 47.43
C GLN NB 89 0.14 37.03 46.71
N ARG NB 90 -0.01 38.08 45.90
CA ARG NB 90 1.12 38.75 45.28
C ARG NB 90 1.86 37.86 44.30
N LYS NB 91 1.15 37.35 43.31
CA LYS NB 91 1.73 36.59 42.21
C LYS NB 91 1.36 37.26 40.90
N ASP NB 92 2.28 37.29 39.94
CA ASP NB 92 1.97 37.78 38.61
C ASP NB 92 0.76 37.01 38.08
N THR NB 93 -0.21 37.74 37.56
CA THR NB 93 -1.50 37.13 37.25
C THR NB 93 -2.01 37.58 35.89
N VAL NB 94 -2.73 36.67 35.24
CA VAL NB 94 -3.40 36.93 33.97
C VAL NB 94 -4.87 36.63 34.17
N VAL NB 95 -5.67 37.68 34.25
CA VAL NB 95 -7.12 37.56 34.41
C VAL NB 95 -7.76 37.60 33.03
N ALA NB 96 -8.68 36.67 32.77
CA ALA NB 96 -9.41 36.63 31.52
C ALA NB 96 -10.91 36.59 31.81
N ALA NB 97 -11.69 37.32 31.02
CA ALA NB 97 -13.12 37.37 31.24
C ALA NB 97 -13.84 37.79 29.97
N PRO NB 98 -15.03 37.28 29.70
CA PRO NB 98 -15.74 37.64 28.45
C PRO NB 98 -16.42 39.01 28.47
N HIS NB 99 -15.60 40.06 28.55
CA HIS NB 99 -16.04 41.43 28.24
C HIS NB 99 -17.22 41.86 29.12
N GLY NB 100 -16.94 42.03 30.40
CA GLY NB 100 -17.91 42.62 31.30
C GLY NB 100 -18.21 41.82 32.55
N GLU NB 101 -17.26 41.00 33.00
CA GLU NB 101 -17.38 40.29 34.27
C GLU NB 101 -16.77 41.06 35.44
N GLY NB 102 -16.12 42.19 35.18
CA GLY NB 102 -15.57 42.99 36.26
C GLY NB 102 -14.06 42.88 36.40
N LYS NB 103 -13.36 42.78 35.28
CA LYS NB 103 -11.90 42.68 35.33
C LYS NB 103 -11.28 43.94 35.94
N THR NB 104 -11.86 45.10 35.63
CA THR NB 104 -11.30 46.35 36.16
C THR NB 104 -11.22 46.31 37.67
N LEU NB 105 -12.34 46.01 38.33
CA LEU NB 105 -12.32 45.88 39.79
C LEU NB 105 -11.45 44.71 40.22
N ALA NB 106 -11.52 43.59 39.49
CA ALA NB 106 -10.76 42.41 39.88
C ALA NB 106 -9.28 42.72 40.02
N TYR NB 107 -8.71 43.50 39.10
CA TYR NB 107 -7.30 43.81 39.16
C TYR NB 107 -7.01 45.16 39.81
N LEU NB 108 -8.01 45.95 40.15
CA LEU NB 108 -7.77 47.21 40.85
C LEU NB 108 -7.90 47.07 42.36
N LEU NB 109 -9.02 46.52 42.83
CA LEU NB 109 -9.28 46.48 44.26
C LEU NB 109 -8.20 45.71 45.03
N PRO NB 110 -7.78 44.51 44.63
CA PRO NB 110 -6.66 43.87 45.32
C PRO NB 110 -5.38 44.67 45.25
N LEU NB 111 -5.10 45.34 44.13
CA LEU NB 111 -3.90 46.15 44.03
C LEU NB 111 -3.96 47.34 45.00
N TYR NB 112 -5.13 47.96 45.14
CA TYR NB 112 -5.28 49.04 46.11
C TYR NB 112 -5.13 48.51 47.52
N GLN NB 113 -5.64 47.31 47.79
CA GLN NB 113 -5.45 46.71 49.10
C GLN NB 113 -3.96 46.52 49.39
N ASN NB 114 -3.21 46.02 48.40
CA ASN NB 114 -1.78 45.83 48.57
C ASN NB 114 -1.06 47.17 48.77
N MET NB 115 -1.46 48.20 48.02
CA MET NB 115 -0.84 49.51 48.18
C MET NB 115 -1.11 50.07 49.58
N ILE NB 116 -2.33 49.91 50.08
CA ILE NB 116 -2.63 50.36 51.44
C ILE NB 116 -1.80 49.60 52.45
N LYS NB 117 -1.65 48.28 52.24
CA LYS NB 117 -0.82 47.49 53.14
C LYS NB 117 0.61 48.00 53.14
N ASP NB 118 1.16 48.28 51.95
CA ASP NB 118 2.51 48.81 51.87
C ASP NB 118 2.63 50.15 52.58
N ARG NB 119 1.64 51.03 52.40
CA ARG NB 119 1.72 52.37 52.94
C ARG NB 119 1.58 52.38 54.46
N ASP NB 120 0.77 51.47 55.01
CA ASP NB 120 0.47 51.49 56.44
C ASP NB 120 1.30 50.49 57.23
N VAL NB 121 1.24 49.21 56.87
CA VAL NB 121 1.97 48.19 57.62
C VAL NB 121 3.48 48.32 57.38
N TYR NB 122 3.90 48.15 56.11
CA TYR NB 122 5.31 48.27 55.78
C TYR NB 122 5.80 49.72 55.82
N LYS NB 123 4.89 50.69 55.75
CA LYS NB 123 5.27 52.11 55.83
C LYS NB 123 6.30 52.46 54.77
N ILE NB 124 6.13 51.94 53.55
CA ILE NB 124 7.05 52.32 52.48
C ILE NB 124 6.81 53.77 52.12
N PRO NB 125 7.84 54.63 52.14
CA PRO NB 125 7.61 56.05 51.86
C PRO NB 125 7.21 56.31 50.42
N LEU NB 126 6.51 57.43 50.24
CA LEU NB 126 6.10 57.89 48.93
C LEU NB 126 7.02 59.01 48.46
N ARG NB 127 7.62 58.83 47.29
CA ARG NB 127 8.53 59.80 46.71
C ARG NB 127 7.83 60.53 45.57
N GLU NB 128 8.51 61.53 45.01
CA GLU NB 128 7.87 62.43 44.06
C GLU NB 128 7.67 61.76 42.71
N ARG NB 129 8.75 61.34 42.06
CA ARG NB 129 8.70 60.80 40.71
C ARG NB 129 8.85 59.29 40.67
N ARG NB 130 8.43 58.59 41.74
CA ARG NB 130 8.55 57.15 41.85
C ARG NB 130 7.21 56.57 42.27
N PRO NB 131 6.26 56.44 41.34
CA PRO NB 131 4.92 55.98 41.71
C PRO NB 131 4.91 54.50 42.09
N ARG NB 132 3.94 54.13 42.92
CA ARG NB 132 3.74 52.76 43.32
C ARG NB 132 3.17 51.88 42.21
N MET NB 133 2.17 52.39 41.48
CA MET NB 133 1.45 51.58 40.50
C MET NB 133 1.44 52.30 39.16
N ILE NB 134 1.71 51.54 38.10
CA ILE NB 134 1.60 52.03 36.73
C ILE NB 134 0.52 51.22 36.04
N LEU NB 135 -0.54 51.91 35.59
CA LEU NB 135 -1.64 51.28 34.88
C LEU NB 135 -1.58 51.68 33.41
N LEU NB 136 -1.79 50.72 32.53
CA LEU NB 136 -1.66 50.90 31.09
C LEU NB 136 -2.98 50.59 30.40
N ALA NB 137 -3.38 51.47 29.48
CA ALA NB 137 -4.60 51.28 28.71
C ALA NB 137 -4.43 51.98 27.37
N PRO NB 138 -4.91 51.41 26.26
CA PRO NB 138 -4.58 51.95 24.94
C PRO NB 138 -5.22 53.29 24.62
N THR NB 139 -6.53 53.39 24.78
CA THR NB 139 -7.26 54.55 24.27
C THR NB 139 -7.39 55.63 25.33
N ARG NB 140 -7.53 56.88 24.86
CA ARG NB 140 -7.71 58.00 25.78
C ARG NB 140 -8.99 57.86 26.58
N GLU NB 141 -10.07 57.43 25.94
CA GLU NB 141 -11.33 57.25 26.64
C GLU NB 141 -11.20 56.20 27.75
N LEU NB 142 -10.52 55.09 27.45
CA LEU NB 142 -10.31 54.07 28.47
C LEU NB 142 -9.39 54.58 29.56
N ILE NB 143 -8.41 55.41 29.21
CA ILE NB 143 -7.54 56.02 30.22
C ILE NB 143 -8.36 56.87 31.17
N ALA NB 144 -9.27 57.67 30.63
CA ALA NB 144 -10.12 58.52 31.47
C ALA NB 144 -11.04 57.67 32.34
N GLN NB 145 -11.61 56.61 31.77
CA GLN NB 145 -12.48 55.73 32.56
C GLN NB 145 -11.71 55.09 33.72
N LEU NB 146 -10.50 54.60 33.45
CA LEU NB 146 -9.69 54.04 34.51
C LEU NB 146 -9.30 55.11 35.52
N HIS NB 147 -9.06 56.34 35.06
CA HIS NB 147 -8.75 57.42 35.99
C HIS NB 147 -9.91 57.67 36.94
N HIS NB 148 -11.14 57.63 36.41
CA HIS NB 148 -12.31 57.81 37.27
C HIS NB 148 -12.44 56.66 38.27
N VAL NB 149 -12.32 55.42 37.78
CA VAL NB 149 -12.47 54.25 38.65
C VAL NB 149 -11.37 54.19 39.69
N CYS NB 150 -10.21 54.78 39.41
CA CYS NB 150 -9.13 54.86 40.39
C CYS NB 150 -9.26 56.06 41.29
N SER NB 151 -9.88 57.15 40.82
CA SER NB 151 -10.06 58.33 41.65
C SER NB 151 -11.10 58.06 42.74
N VAL NB 152 -12.14 57.28 42.43
CA VAL NB 152 -13.10 56.93 43.47
C VAL NB 152 -12.39 56.13 44.58
N LEU NB 153 -11.58 55.16 44.19
CA LEU NB 153 -10.84 54.38 45.19
C LEU NB 153 -9.85 55.25 45.94
N GLY NB 154 -9.20 56.18 45.25
CA GLY NB 154 -8.25 57.07 45.93
C GLY NB 154 -8.93 57.95 46.95
N GLU NB 155 -10.08 58.52 46.59
CA GLU NB 155 -10.84 59.32 47.55
C GLU NB 155 -11.29 58.47 48.73
N ALA NB 156 -11.61 57.20 48.48
CA ALA NB 156 -12.04 56.33 49.57
C ALA NB 156 -10.89 55.94 50.50
N THR NB 157 -9.71 55.68 49.96
CA THR NB 157 -8.63 55.04 50.71
C THR NB 157 -7.46 55.97 51.01
N GLY NB 158 -7.53 57.25 50.62
CA GLY NB 158 -6.45 58.17 50.85
C GLY NB 158 -5.34 58.13 49.83
N LEU NB 159 -5.40 57.25 48.84
CA LEU NB 159 -4.38 57.18 47.81
C LEU NB 159 -4.65 58.23 46.72
N HIS NB 160 -3.67 58.42 45.85
CA HIS NB 160 -3.78 59.41 44.78
C HIS NB 160 -3.40 58.78 43.45
N ALA NB 161 -4.21 59.04 42.43
CA ALA NB 161 -3.99 58.53 41.09
C ALA NB 161 -4.14 59.66 40.08
N ILE NB 162 -3.23 59.71 39.11
CA ILE NB 162 -3.28 60.70 38.04
C ILE NB 162 -3.37 59.98 36.72
N SER NB 163 -3.68 60.74 35.67
CA SER NB 163 -3.72 60.21 34.31
C SER NB 163 -3.44 61.37 33.36
N PHE NB 164 -2.80 61.06 32.23
CA PHE NB 164 -2.43 62.07 31.25
C PHE NB 164 -2.71 61.55 29.85
N THR NB 165 -3.02 62.48 28.94
CA THR NB 165 -3.26 62.16 27.54
C THR NB 165 -2.69 63.26 26.65
N SER NB 166 -2.90 63.17 25.35
CA SER NB 166 -2.38 64.18 24.43
C SER NB 166 -3.14 65.49 24.62
N ARG NB 167 -2.40 66.59 24.60
CA ARG NB 167 -2.97 67.92 24.82
C ARG NB 167 -2.19 68.90 23.94
N LYS NB 168 -2.34 70.20 24.23
CA LYS NB 168 -1.60 71.21 23.47
C LYS NB 168 -0.12 71.16 23.81
N ARG NB 169 0.23 71.44 25.06
CA ARG NB 169 1.61 71.30 25.52
C ARG NB 169 1.68 70.07 26.41
N ALA NB 170 1.86 68.92 25.77
CA ALA NB 170 1.86 67.66 26.51
C ALA NB 170 3.03 67.57 27.47
N ASN NB 171 4.24 67.87 26.98
CA ASN NB 171 5.42 67.77 27.83
C ASN NB 171 5.31 68.72 29.01
N HIS NB 172 4.96 69.98 28.76
CA HIS NB 172 4.87 70.95 29.83
C HIS NB 172 3.81 70.57 30.84
N ARG NB 173 2.63 70.16 30.36
CA ARG NB 173 1.56 69.80 31.28
C ARG NB 173 1.94 68.61 32.14
N LEU NB 174 2.52 67.58 31.52
CA LEU NB 174 2.87 66.38 32.28
C LEU NB 174 3.98 66.67 33.29
N SER NB 175 4.99 67.45 32.89
CA SER NB 175 6.06 67.79 33.82
C SER NB 175 5.52 68.63 34.97
N ARG NB 176 4.60 69.56 34.68
CA ARG NB 176 4.01 70.36 35.75
C ARG NB 176 3.21 69.48 36.71
N LEU NB 177 2.45 68.53 36.18
CA LEU NB 177 1.71 67.61 37.05
C LEU NB 177 2.66 66.85 37.96
N LEU NB 178 3.74 66.30 37.38
CA LEU NB 178 4.70 65.53 38.18
C LEU NB 178 5.35 66.40 39.24
N LYS NB 179 5.74 67.63 38.89
CA LYS NB 179 6.37 68.52 39.85
C LYS NB 179 5.41 68.89 40.97
N GLN NB 180 4.14 69.16 40.62
CA GLN NB 180 3.20 69.64 41.62
C GLN NB 180 2.78 68.53 42.57
N GLN NB 181 2.17 67.47 42.05
CA GLN NB 181 1.53 66.47 42.88
C GLN NB 181 2.25 65.13 42.74
N LEU NB 182 2.91 64.70 43.82
CA LEU NB 182 3.42 63.34 43.89
C LEU NB 182 2.25 62.37 43.99
N VAL NB 183 2.37 61.23 43.30
CA VAL NB 183 1.23 60.35 43.07
C VAL NB 183 1.60 58.92 43.45
N ASP NB 184 0.57 58.15 43.78
CA ASP NB 184 0.71 56.73 44.06
C ASP NB 184 0.44 55.87 42.83
N VAL NB 185 -0.52 56.26 42.00
CA VAL NB 185 -0.88 55.52 40.80
C VAL NB 185 -0.84 56.46 39.61
N MET NB 186 -0.31 55.98 38.49
CA MET NB 186 -0.35 56.73 37.24
C MET NB 186 -0.97 55.85 36.16
N ILE NB 187 -2.09 56.30 35.60
CA ILE NB 187 -2.75 55.62 34.50
C ILE NB 187 -2.36 56.34 33.21
N MET NB 188 -1.60 55.66 32.37
CA MET NB 188 -1.00 56.33 31.22
C MET NB 188 -0.67 55.31 30.16
N ASP NB 189 -0.49 55.77 28.93
CA ASP NB 189 -0.13 54.90 27.84
C ASP NB 189 1.34 54.46 27.98
N PRO NB 190 1.67 53.23 27.58
CA PRO NB 190 3.05 52.79 27.70
C PRO NB 190 4.03 53.64 26.91
N LYS NB 191 3.59 54.23 25.79
CA LYS NB 191 4.47 55.11 25.03
C LYS NB 191 4.87 56.31 25.87
N ILE NB 192 3.91 56.95 26.54
CA ILE NB 192 4.22 58.11 27.35
C ILE NB 192 5.04 57.71 28.58
N VAL NB 193 4.72 56.54 29.15
CA VAL NB 193 5.51 56.07 30.28
C VAL NB 193 6.96 55.88 29.88
N LEU NB 194 7.20 55.29 28.70
CA LEU NB 194 8.56 55.12 28.22
C LEU NB 194 9.22 56.46 27.93
N ARG NB 195 8.47 57.41 27.37
CA ARG NB 195 9.02 58.75 27.19
C ARG NB 195 9.51 59.32 28.52
N LEU NB 196 8.68 59.23 29.56
CA LEU NB 196 9.05 59.75 30.86
C LEU NB 196 10.28 59.03 31.40
N ILE NB 197 10.31 57.70 31.28
CA ILE NB 197 11.45 56.95 31.81
C ILE NB 197 12.74 57.35 31.10
N ARG NB 198 12.69 57.48 29.77
CA ARG NB 198 13.89 57.81 29.01
C ARG NB 198 14.34 59.23 29.29
N ALA NB 199 13.40 60.16 29.46
CA ALA NB 199 13.72 61.52 29.88
C ALA NB 199 13.92 61.62 31.38
N ARG NB 200 13.97 60.47 32.08
CA ARG NB 200 14.14 60.40 33.52
C ARG NB 200 13.28 61.44 34.23
N ARG NB 201 12.04 61.60 33.79
CA ARG NB 201 11.03 62.33 34.53
C ARG NB 201 10.35 61.46 35.57
N VAL NB 202 10.34 60.13 35.37
CA VAL NB 202 9.79 59.19 36.33
C VAL NB 202 10.82 58.08 36.52
N PHE NB 203 10.76 57.43 37.68
CA PHE NB 203 11.71 56.39 38.03
C PHE NB 203 10.97 55.18 38.57
N LEU NB 204 11.58 54.01 38.42
CA LEU NB 204 11.02 52.75 38.88
C LEU NB 204 11.56 52.34 40.23
N ASP NB 205 12.18 53.27 40.97
CA ASP NB 205 12.80 52.93 42.24
C ASP NB 205 11.77 52.39 43.24
N ASP NB 206 10.62 53.05 43.37
CA ASP NB 206 9.60 52.64 44.31
C ASP NB 206 8.41 51.95 43.64
N LEU NB 207 8.49 51.71 42.33
CA LEU NB 207 7.38 51.07 41.63
C LEU NB 207 7.24 49.62 42.08
N ARG NB 208 6.02 49.24 42.44
CA ARG NB 208 5.74 47.90 42.94
C ARG NB 208 4.62 47.19 42.20
N TYR NB 209 3.78 47.88 41.44
CA TYR NB 209 2.66 47.24 40.76
C TYR NB 209 2.58 47.73 39.32
N VAL NB 210 2.40 46.79 38.40
CA VAL NB 210 2.13 47.11 37.00
C VAL NB 210 0.84 46.42 36.60
N ALA NB 211 -0.08 47.18 36.02
CA ALA NB 211 -1.35 46.65 35.56
C ALA NB 211 -1.55 47.01 34.10
N VAL NB 212 -2.03 46.05 33.32
CA VAL NB 212 -2.33 46.23 31.91
C VAL NB 212 -3.80 45.91 31.71
N ASP NB 213 -4.53 46.82 31.09
CA ASP NB 213 -5.97 46.64 30.95
C ASP NB 213 -6.35 45.88 29.68
N GLU NB 214 -5.60 46.07 28.59
CA GLU NB 214 -5.81 45.34 27.34
C GLU NB 214 -4.49 44.69 26.99
N ALA NB 215 -4.24 43.52 27.58
CA ALA NB 215 -2.95 42.86 27.40
C ALA NB 215 -2.73 42.45 25.96
N ASP NB 216 -3.79 42.00 25.28
CA ASP NB 216 -3.65 41.56 23.89
C ASP NB 216 -3.04 42.66 23.03
N GLY NB 217 -3.73 43.79 22.92
CA GLY NB 217 -3.22 44.88 22.12
C GLY NB 217 -1.90 45.41 22.65
N MET NB 218 -1.78 45.51 23.98
CA MET NB 218 -0.57 46.10 24.56
C MET NB 218 0.67 45.29 24.23
N LEU NB 219 0.58 43.97 24.29
CA LEU NB 219 1.72 43.11 24.01
C LEU NB 219 1.83 42.73 22.54
N SER NB 220 0.84 43.05 21.73
CA SER NB 220 0.94 42.81 20.29
C SER NB 220 1.64 43.99 19.61
N SER NB 221 1.98 43.79 18.34
CA SER NB 221 2.58 44.86 17.56
C SER NB 221 1.58 45.97 17.25
N GLN NB 222 0.30 45.74 17.53
CA GLN NB 222 -0.70 46.78 17.33
C GLN NB 222 -0.40 48.02 18.17
N HIS NB 223 0.37 47.87 19.24
CA HIS NB 223 0.76 48.99 20.09
C HIS NB 223 2.27 49.05 20.25
N ASP NB 224 3.01 48.56 19.26
CA ASP NB 224 4.45 48.79 19.13
C ASP NB 224 5.26 48.11 20.22
N HIS NB 225 4.67 47.17 20.96
CA HIS NB 225 5.36 46.50 22.06
C HIS NB 225 5.86 47.47 23.13
N ASP NB 226 5.22 48.63 23.25
CA ASP NB 226 5.62 49.58 24.28
C ASP NB 226 5.43 48.98 25.67
N ALA NB 227 4.31 48.29 25.87
CA ALA NB 227 4.10 47.61 27.15
C ALA NB 227 5.17 46.56 27.38
N VAL NB 228 5.55 45.84 26.34
CA VAL NB 228 6.59 44.81 26.48
C VAL NB 228 7.91 45.44 26.91
N HIS NB 229 8.28 46.56 26.27
CA HIS NB 229 9.52 47.24 26.65
C HIS NB 229 9.46 47.75 28.08
N LEU NB 230 8.32 48.32 28.48
CA LEU NB 230 8.18 48.79 29.85
C LEU NB 230 8.29 47.64 30.84
N LEU NB 231 7.68 46.50 30.53
CA LEU NB 231 7.76 45.35 31.41
C LEU NB 231 9.18 44.79 31.48
N MET NB 232 9.92 44.82 30.38
CA MET NB 232 11.32 44.42 30.43
C MET NB 232 12.13 45.36 31.32
N LYS NB 233 11.85 46.66 31.24
CA LYS NB 233 12.51 47.60 32.15
C LYS NB 233 12.17 47.29 33.60
N VAL NB 234 10.90 46.95 33.85
CA VAL NB 234 10.50 46.60 35.21
C VAL NB 234 11.23 45.35 35.68
N GLN NB 235 11.39 44.36 34.80
CA GLN NB 235 12.14 43.16 35.16
C GLN NB 235 13.59 43.48 35.46
N LYS NB 236 14.19 44.38 34.69
CA LYS NB 236 15.55 44.81 34.97
C LYS NB 236 15.63 45.47 36.35
N ARG NB 237 14.65 46.32 36.66
CA ARG NB 237 14.62 46.95 37.99
C ARG NB 237 14.53 45.90 39.08
N VAL NB 238 13.67 44.89 38.90
CA VAL NB 238 13.53 43.84 39.91
C VAL NB 238 14.85 43.09 40.07
N MET NB 239 15.51 42.78 38.96
CA MET NB 239 16.79 42.09 39.04
C MET NB 239 17.83 42.94 39.78
N PHE NB 240 17.78 44.26 39.59
CA PHE NB 240 18.74 45.14 40.24
C PHE NB 240 18.75 44.91 41.75
N LYS NB 241 19.95 44.78 42.31
CA LYS NB 241 20.12 44.37 43.70
C LYS NB 241 20.45 45.51 44.65
N HIS NB 242 21.08 46.58 44.17
CA HIS NB 242 21.54 47.63 45.07
C HIS NB 242 20.40 48.44 45.66
N LEU NB 243 19.20 48.35 45.11
CA LEU NB 243 18.03 49.03 45.66
C LEU NB 243 17.22 48.06 46.50
N TRP NB 244 16.34 48.63 47.32
CA TRP NB 244 15.57 47.82 48.26
C TRP NB 244 14.73 46.79 47.49
N PRO NB 245 14.57 45.57 48.01
CA PRO NB 245 13.93 44.51 47.23
C PRO NB 245 12.45 44.81 47.02
N VAL NB 246 12.09 45.08 45.77
CA VAL NB 246 10.71 45.32 45.38
C VAL NB 246 10.29 44.16 44.49
N GLN NB 247 9.35 43.35 44.98
CA GLN NB 247 8.83 42.21 44.23
C GLN NB 247 7.68 42.70 43.35
N THR NB 248 8.04 43.50 42.35
CA THR NB 248 7.04 44.07 41.46
C THR NB 248 6.22 42.97 40.82
N GLN NB 249 4.90 43.12 40.85
CA GLN NB 249 3.98 42.16 40.28
C GLN NB 249 3.21 42.79 39.14
N THR NB 250 2.94 41.97 38.12
CA THR NB 250 2.23 42.39 36.92
C THR NB 250 0.90 41.67 36.82
N VAL NB 251 -0.15 42.45 36.55
CA VAL NB 251 -1.49 41.92 36.32
C VAL NB 251 -1.87 42.26 34.88
N PHE NB 252 -2.36 41.26 34.16
CA PHE NB 252 -2.79 41.43 32.77
C PHE NB 252 -4.27 41.07 32.67
N ALA NB 253 -5.11 42.07 32.47
CA ALA NB 253 -6.54 41.83 32.25
C ALA NB 253 -6.80 41.78 30.75
N THR NB 254 -7.36 40.67 30.28
CA THR NB 254 -7.48 40.46 28.84
C THR NB 254 -8.75 39.68 28.54
N ALA NB 255 -9.66 40.31 27.79
CA ALA NB 255 -10.87 39.62 27.37
C ALA NB 255 -10.59 38.53 26.36
N PHE NB 256 -9.44 38.55 25.70
CA PHE NB 256 -8.98 37.48 24.83
C PHE NB 256 -7.58 37.08 25.25
N ILE NB 257 -7.27 35.80 25.13
CA ILE NB 257 -5.90 35.32 25.30
C ILE NB 257 -5.47 34.72 23.96
N THR NB 258 -4.40 35.27 23.41
CA THR NB 258 -3.93 34.95 22.07
C THR NB 258 -2.52 34.40 22.13
N ARG NB 259 -2.01 34.00 20.96
CA ARG NB 259 -0.66 33.43 20.90
C ARG NB 259 0.37 34.42 21.42
N LYS NB 260 0.28 35.67 20.98
CA LYS NB 260 1.25 36.68 21.40
C LYS NB 260 1.24 36.85 22.91
N LEU NB 261 0.06 37.08 23.49
CA LEU NB 261 -0.02 37.31 24.93
C LEU NB 261 0.47 36.10 25.71
N GLU NB 262 -0.01 34.91 25.34
CA GLU NB 262 0.35 33.72 26.11
C GLU NB 262 1.85 33.46 26.02
N PHE NB 263 2.43 33.61 24.84
CA PHE NB 263 3.86 33.38 24.71
C PHE NB 263 4.68 34.41 25.47
N VAL NB 264 4.31 35.69 25.38
CA VAL NB 264 5.06 36.72 26.11
C VAL NB 264 5.02 36.44 27.60
N VAL NB 265 3.82 36.20 28.13
CA VAL NB 265 3.69 35.98 29.58
C VAL NB 265 4.41 34.71 30.00
N GLY NB 266 4.26 33.63 29.21
CA GLY NB 266 4.89 32.38 29.60
C GLY NB 266 6.40 32.43 29.54
N LYS NB 267 6.97 33.14 28.57
CA LYS NB 267 8.42 33.19 28.41
C LYS NB 267 9.07 34.27 29.25
N LYS NB 268 8.31 35.23 29.78
CA LYS NB 268 8.89 36.26 30.64
C LYS NB 268 8.56 36.06 32.11
N TYR NB 269 7.31 35.81 32.45
CA TYR NB 269 6.90 35.55 33.83
C TYR NB 269 6.54 34.07 33.98
N PRO NB 270 7.54 33.19 34.14
CA PRO NB 270 7.22 31.76 34.21
C PRO NB 270 6.27 31.40 35.35
N ASP NB 271 6.37 32.08 36.48
CA ASP NB 271 5.50 31.81 37.63
C ASP NB 271 4.27 32.71 37.61
N ALA NB 272 3.54 32.70 36.50
CA ALA NB 272 2.36 33.54 36.33
C ALA NB 272 1.12 32.68 36.46
N VAL NB 273 0.26 33.03 37.41
CA VAL NB 273 -1.02 32.34 37.56
C VAL NB 273 -2.00 32.88 36.53
N THR NB 274 -2.96 32.03 36.15
CA THR NB 274 -3.94 32.38 35.12
C THR NB 274 -5.33 32.10 35.67
N CYS NB 275 -6.23 33.07 35.52
CA CYS NB 275 -7.61 32.94 35.98
C CYS NB 275 -8.52 33.01 34.76
N ILE NB 276 -9.01 31.85 34.34
CA ILE NB 276 -9.84 31.72 33.14
C ILE NB 276 -10.94 30.71 33.43
N ARG NB 277 -12.10 30.94 32.82
CA ARG NB 277 -13.21 29.99 32.80
C ARG NB 277 -13.42 29.59 31.35
N ARG NB 278 -12.85 28.45 30.95
CA ARG NB 278 -12.88 28.07 29.55
C ARG NB 278 -14.31 27.93 29.04
N GLN NB 279 -15.26 27.59 29.91
CA GLN NB 279 -16.63 27.39 29.47
C GLN NB 279 -17.23 28.68 28.92
N ARG NB 280 -16.89 29.83 29.50
CA ARG NB 280 -17.43 31.11 29.08
C ARG NB 280 -16.36 32.04 28.52
N MET NB 281 -15.19 31.53 28.17
CA MET NB 281 -14.12 32.33 27.61
C MET NB 281 -14.21 32.33 26.09
N HIS NB 282 -13.97 33.50 25.49
CA HIS NB 282 -14.05 33.71 24.04
C HIS NB 282 -15.46 33.55 23.50
N ARG NB 283 -16.48 33.76 24.32
CA ARG NB 283 -17.87 33.68 23.89
C ARG NB 283 -18.61 34.96 24.31
N PRO NB 284 -19.63 35.36 23.55
CA PRO NB 284 -20.43 36.52 23.96
C PRO NB 284 -21.32 36.17 25.13
N PRO NB 285 -21.82 37.16 25.86
CA PRO NB 285 -22.73 36.87 26.98
C PRO NB 285 -24.02 36.23 26.51
N GLY NB 286 -24.71 35.61 27.45
CA GLY NB 286 -25.96 34.93 27.15
C GLY NB 286 -27.11 35.87 26.90
N THR NB 287 -27.00 37.10 27.39
CA THR NB 287 -28.03 38.12 27.21
C THR NB 287 -27.81 38.98 25.98
N LEU NB 288 -27.10 38.46 24.98
CA LEU NB 288 -26.80 39.18 23.76
C LEU NB 288 -27.45 38.48 22.58
N ARG NB 289 -28.18 39.25 21.77
CA ARG NB 289 -28.79 38.76 20.54
C ARG NB 289 -28.00 39.24 19.35
N HIS NB 290 -27.98 38.42 18.30
CA HIS NB 290 -27.20 38.69 17.10
C HIS NB 290 -28.11 38.70 15.88
N ARG NB 291 -27.85 39.62 14.95
CA ARG NB 291 -28.60 39.67 13.70
C ARG NB 291 -27.65 40.07 12.59
N PHE NB 292 -27.35 39.14 11.70
CA PHE NB 292 -26.47 39.38 10.56
C PHE NB 292 -27.34 39.67 9.35
N LEU NB 293 -27.40 40.94 8.97
CA LEU NB 293 -28.25 41.37 7.86
C LEU NB 293 -27.44 41.38 6.56
N PRO NB 294 -27.79 40.58 5.56
CA PRO NB 294 -27.15 40.72 4.26
C PRO NB 294 -27.66 41.95 3.52
N VAL NB 295 -26.78 42.50 2.68
CA VAL NB 295 -27.14 43.61 1.81
C VAL NB 295 -26.77 43.25 0.38
N GLU NB 296 -27.71 43.48 -0.54
CA GLU NB 296 -27.45 43.17 -1.95
C GLU NB 296 -26.25 43.95 -2.47
N ARG NB 297 -26.11 45.20 -2.05
CA ARG NB 297 -24.99 46.03 -2.46
C ARG NB 297 -24.67 47.00 -1.33
N GLU NB 298 -23.45 47.54 -1.38
CA GLU NB 298 -22.99 48.44 -0.31
C GLU NB 298 -23.90 49.65 -0.19
N ARG NB 299 -24.61 50.01 -1.26
CA ARG NB 299 -25.48 51.18 -1.22
C ARG NB 299 -26.65 50.99 -0.26
N GLU NB 300 -27.21 49.78 -0.18
CA GLU NB 300 -28.36 49.50 0.67
C GLU NB 300 -28.03 49.58 2.16
N LYS NB 301 -26.75 49.64 2.52
CA LYS NB 301 -26.36 49.64 3.91
C LYS NB 301 -26.88 50.87 4.65
N MET NB 302 -26.84 52.04 4.01
CA MET NB 302 -27.35 53.24 4.65
C MET NB 302 -28.85 53.11 4.93
N ASP NB 303 -29.61 52.59 3.98
CA ASP NB 303 -31.04 52.39 4.20
C ASP NB 303 -31.29 51.39 5.32
N THR NB 304 -30.51 50.32 5.37
CA THR NB 304 -30.67 49.34 6.45
C THR NB 304 -30.37 49.99 7.80
N LEU NB 305 -29.32 50.81 7.87
CA LEU NB 305 -28.98 51.49 9.10
C LEU NB 305 -30.09 52.43 9.54
N GLN NB 306 -30.65 53.17 8.59
CA GLN NB 306 -31.78 54.05 8.92
C GLN NB 306 -32.96 53.24 9.44
N HIS NB 307 -33.23 52.09 8.81
CA HIS NB 307 -34.32 51.25 9.28
C HIS NB 307 -34.09 50.79 10.70
N LEU NB 308 -32.86 50.36 11.01
CA LEU NB 308 -32.56 49.90 12.36
C LEU NB 308 -32.72 51.03 13.37
N LEU NB 309 -32.24 52.23 13.03
CA LEU NB 309 -32.38 53.36 13.95
C LEU NB 309 -33.84 53.70 14.20
N LYS NB 310 -34.64 53.74 13.13
CA LYS NB 310 -36.07 54.02 13.28
C LYS NB 310 -36.74 52.95 14.12
N LYS NB 311 -36.41 51.68 13.87
CA LYS NB 311 -37.03 50.59 14.62
C LYS NB 311 -36.72 50.71 16.10
N HIS NB 312 -35.47 51.02 16.45
CA HIS NB 312 -35.11 51.13 17.85
C HIS NB 312 -35.49 52.47 18.45
N GLY NB 313 -35.99 53.41 17.65
CA GLY NB 313 -36.66 54.59 18.18
C GLY NB 313 -35.92 55.90 18.00
N ASN NB 314 -34.78 55.94 17.29
CA ASN NB 314 -34.06 57.19 17.06
C ASN NB 314 -34.63 57.84 15.80
N ARG NB 315 -35.83 58.38 15.94
CA ARG NB 315 -36.52 58.98 14.81
C ARG NB 315 -35.77 60.23 14.33
N PRO NB 316 -35.74 60.47 13.02
CA PRO NB 316 -35.08 61.66 12.50
C PRO NB 316 -35.96 62.90 12.57
N ARG NB 317 -35.32 64.06 12.46
CA ARG NB 317 -36.03 65.33 12.38
C ARG NB 317 -36.39 65.59 10.93
N GLU NB 318 -37.68 65.51 10.62
CA GLU NB 318 -38.13 65.70 9.24
C GLU NB 318 -37.69 67.05 8.70
N ILE NB 319 -37.03 67.03 7.56
CA ILE NB 319 -36.58 68.25 6.90
C ILE NB 319 -37.54 68.58 5.76
N LEU NB 320 -38.02 69.82 5.74
CA LEU NB 320 -38.98 70.23 4.74
C LEU NB 320 -38.69 71.62 4.16
N THR NB 321 -37.53 72.21 4.46
CA THR NB 321 -37.21 73.52 3.92
C THR NB 321 -35.70 73.68 3.88
N ASP NB 322 -35.25 74.59 2.99
CA ASP NB 322 -33.82 74.78 2.76
C ASP NB 322 -33.13 75.29 4.01
N ILE NB 323 -33.74 76.23 4.73
CA ILE NB 323 -33.13 76.75 5.95
C ILE NB 323 -33.00 75.64 6.98
N GLU NB 324 -34.02 74.79 7.10
CA GLU NB 324 -33.95 73.68 8.04
C GLU NB 324 -32.83 72.72 7.66
N GLU NB 325 -32.69 72.41 6.37
CA GLU NB 325 -31.61 71.54 5.94
C GLU NB 325 -30.25 72.16 6.23
N GLU NB 326 -30.10 73.46 5.95
CA GLU NB 326 -28.82 74.13 6.18
C GLU NB 326 -28.46 74.12 7.66
N GLN NB 327 -29.41 74.43 8.53
CA GLN NB 327 -29.11 74.43 9.95
C GLN NB 327 -28.84 73.02 10.46
N ALA NB 328 -29.55 72.02 9.92
CA ALA NB 328 -29.28 70.64 10.31
C ALA NB 328 -27.85 70.25 9.96
N TYR NB 329 -27.38 70.63 8.76
CA TYR NB 329 -26.01 70.33 8.40
C TYR NB 329 -25.00 71.12 9.22
N SER NB 330 -25.31 72.37 9.54
CA SER NB 330 -24.34 73.25 10.17
C SER NB 330 -24.22 73.03 11.67
N LYS NB 331 -25.31 73.22 12.40
CA LYS NB 331 -25.25 73.20 13.85
C LYS NB 331 -25.77 71.89 14.42
N PRO NB 332 -25.25 71.46 15.57
CA PRO NB 332 -25.75 70.24 16.19
C PRO NB 332 -27.10 70.44 16.86
N HIS NB 333 -27.83 69.33 16.98
CA HIS NB 333 -29.14 69.31 17.64
C HIS NB 333 -29.09 68.30 18.77
N TYR NB 334 -28.86 68.80 19.99
CA TYR NB 334 -28.80 67.94 21.17
C TYR NB 334 -30.19 67.61 21.66
N LEU NB 335 -30.32 66.43 22.25
CA LEU NB 335 -31.59 66.03 22.86
C LEU NB 335 -31.65 66.51 24.30
N SER NB 336 -32.87 66.62 24.81
CA SER NB 336 -33.10 67.07 26.18
C SER NB 336 -34.12 66.16 26.85
N GLY NB 337 -34.05 66.11 28.18
CA GLY NB 337 -34.95 65.29 28.95
C GLY NB 337 -34.54 65.17 30.41
N SER NB 338 -35.32 64.43 31.18
CA SER NB 338 -35.05 64.22 32.59
C SER NB 338 -35.57 62.86 33.02
N LEU NB 339 -35.09 62.39 34.17
CA LEU NB 339 -35.53 61.10 34.69
C LEU NB 339 -37.04 61.09 34.92
N GLU NB 340 -37.57 62.16 35.52
CA GLU NB 340 -39.01 62.23 35.77
C GLU NB 340 -39.79 62.23 34.46
N GLU NB 341 -39.32 62.97 33.47
CA GLU NB 341 -40.01 63.00 32.18
C GLU NB 341 -40.01 61.61 31.53
N LEU NB 342 -38.86 60.92 31.58
CA LEU NB 342 -38.81 59.58 31.01
C LEU NB 342 -39.74 58.62 31.76
N VAL NB 343 -39.78 58.73 33.09
CA VAL NB 343 -40.67 57.87 33.87
C VAL NB 343 -42.12 58.12 33.48
N GLU NB 344 -42.50 59.39 33.35
CA GLU NB 344 -43.85 59.72 32.93
C GLU NB 344 -44.15 59.25 31.52
N LEU NB 345 -43.14 59.22 30.65
CA LEU NB 345 -43.32 58.75 29.28
C LEU NB 345 -43.62 57.25 29.28
N ASP NB 398 -33.31 56.10 47.32
CA ASP NB 398 -33.19 56.16 45.87
C ASP NB 398 -33.49 54.81 45.23
N GLU NB 399 -34.25 53.98 45.94
CA GLU NB 399 -34.61 52.67 45.40
C GLU NB 399 -35.46 52.81 44.15
N MET NB 400 -36.37 53.78 44.14
CA MET NB 400 -37.16 54.03 42.94
C MET NB 400 -36.27 54.46 41.78
N LYS NB 401 -35.28 55.32 42.06
CA LYS NB 401 -34.35 55.72 41.01
C LYS NB 401 -33.57 54.53 40.48
N GLU NB 402 -33.13 53.63 41.36
CA GLU NB 402 -32.41 52.44 40.91
C GLU NB 402 -33.29 51.54 40.08
N ARG NB 403 -34.56 51.38 40.47
CA ARG NB 403 -35.48 50.57 39.68
C ARG NB 403 -35.71 51.19 38.31
N VAL NB 404 -35.85 52.51 38.25
CA VAL NB 404 -36.01 53.18 36.95
C VAL NB 404 -34.77 52.97 36.10
N ARG NB 405 -33.58 53.04 36.71
CA ARG NB 405 -32.35 52.80 35.98
C ARG NB 405 -32.31 51.38 35.43
N HIS NB 406 -32.71 50.41 36.25
CA HIS NB 406 -32.76 49.02 35.78
C HIS NB 406 -33.69 48.88 34.58
N ALA NB 407 -34.89 49.46 34.69
CA ALA NB 407 -35.85 49.36 33.59
C ALA NB 407 -35.32 50.03 32.33
N LEU NB 408 -34.68 51.19 32.47
CA LEU NB 408 -34.20 51.93 31.31
C LEU NB 408 -33.03 51.21 30.64
N GLU NB 409 -32.10 50.68 31.43
CA GLU NB 409 -30.91 50.04 30.88
C GLU NB 409 -31.13 48.57 30.55
N GLY NB 410 -32.28 48.01 30.86
CA GLY NB 410 -32.51 46.60 30.61
C GLY NB 410 -31.77 45.69 31.55
N VAL NB 411 -31.37 46.18 32.72
CA VAL NB 411 -30.64 45.36 33.66
C VAL NB 411 -31.51 44.18 34.10
N ARG NB 412 -30.90 43.00 34.14
CA ARG NB 412 -31.56 41.80 34.63
C ARG NB 412 -30.62 41.10 35.59
N PRO NB 413 -31.14 40.28 36.51
CA PRO NB 413 -30.26 39.63 37.48
C PRO NB 413 -29.19 38.80 36.81
N VAL NB 414 -27.99 38.86 37.37
CA VAL NB 414 -26.85 38.09 36.86
C VAL NB 414 -26.83 36.76 37.59
N HIS NB 415 -27.10 35.68 36.87
CA HIS NB 415 -27.24 34.34 37.46
C HIS NB 415 -25.87 33.66 37.43
N TRP NB 416 -25.26 33.58 38.60
CA TRP NB 416 -23.99 32.87 38.78
C TRP NB 416 -24.26 31.51 39.41
N GLY NB 417 -23.20 30.81 39.80
CA GLY NB 417 -23.30 29.45 40.29
C GLY NB 417 -24.43 29.25 41.27
N HIS NB 418 -24.37 29.91 42.43
CA HIS NB 418 -25.38 29.77 43.46
C HIS NB 418 -25.80 31.10 44.05
N LEU NB 419 -25.45 32.21 43.42
CA LEU NB 419 -25.79 33.53 43.94
C LEU NB 419 -26.07 34.47 42.77
N THR NB 420 -26.84 35.51 43.05
CA THR NB 420 -27.31 36.44 42.03
C THR NB 420 -27.12 37.87 42.54
N THR NB 421 -26.99 38.79 41.59
CA THR NB 421 -26.89 40.21 41.91
C THR NB 421 -27.52 40.99 40.77
N VAL NB 422 -27.36 42.32 40.82
CA VAL NB 422 -27.86 43.22 39.79
C VAL NB 422 -26.71 44.11 39.35
N ALA NB 423 -26.58 44.29 38.03
CA ALA NB 423 -25.45 45.05 37.52
C ALA NB 423 -25.40 46.44 38.12
N ALA NB 424 -24.21 46.85 38.56
CA ALA NB 424 -24.02 48.16 39.15
C ALA NB 424 -24.01 49.23 38.07
N PRO NB 425 -24.26 50.48 38.44
CA PRO NB 425 -24.25 51.56 37.43
C PRO NB 425 -22.90 51.66 36.73
N PHE NB 426 -22.95 52.04 35.46
CA PHE NB 426 -21.75 52.09 34.64
C PHE NB 426 -20.68 52.94 35.32
N THR NB 427 -19.43 52.66 34.97
CA THR NB 427 -18.27 53.39 35.48
C THR NB 427 -17.64 54.12 34.31
N CYS NB 428 -18.12 55.34 34.05
CA CYS NB 428 -17.60 56.18 32.99
C CYS NB 428 -17.37 57.59 33.54
N HIS NB 429 -16.43 58.30 32.93
CA HIS NB 429 -16.05 59.63 33.40
C HIS NB 429 -17.03 60.71 32.96
N VAL NB 430 -18.18 60.34 32.42
CA VAL NB 430 -19.21 61.31 32.05
C VAL NB 430 -20.57 60.71 32.41
N PRO NB 431 -21.23 61.15 33.47
CA PRO NB 431 -22.51 60.55 33.87
C PRO NB 431 -23.61 60.87 32.88
N ARG NB 432 -24.62 60.00 32.88
CA ARG NB 432 -25.79 60.13 32.00
C ARG NB 432 -26.66 61.27 32.53
N THR NB 433 -26.34 62.49 32.10
CA THR NB 433 -27.07 63.67 32.58
C THR NB 433 -28.34 63.94 31.77
N VAL NB 434 -28.49 63.34 30.60
CA VAL NB 434 -29.64 63.58 29.73
C VAL NB 434 -30.23 62.25 29.30
N PHE NB 435 -31.56 62.21 29.24
CA PHE NB 435 -32.29 61.00 28.88
C PHE NB 435 -33.26 61.33 27.76
N ALA NB 436 -33.39 60.41 26.80
CA ALA NB 436 -34.26 60.59 25.66
C ALA NB 436 -34.97 59.27 25.37
N ASP NB 437 -36.08 59.36 24.64
CA ASP NB 437 -36.88 58.17 24.36
C ASP NB 437 -36.10 57.15 23.54
N GLY NB 438 -35.34 57.61 22.55
CA GLY NB 438 -34.64 56.69 21.68
C GLY NB 438 -33.61 55.86 22.42
N LYS NB 439 -33.40 54.64 21.93
CA LYS NB 439 -32.43 53.73 22.53
C LYS NB 439 -31.01 54.12 22.10
N ARG NB 440 -30.07 53.95 23.03
CA ARG NB 440 -28.68 54.25 22.74
C ARG NB 440 -28.12 53.28 21.71
N CYS NB 441 -27.33 53.82 20.78
CA CYS NB 441 -26.77 53.00 19.71
C CYS NB 441 -25.31 53.35 19.52
N ILE NB 442 -24.54 52.38 19.03
CA ILE NB 442 -23.17 52.67 18.61
C ILE NB 442 -22.89 51.97 17.29
N ILE NB 443 -22.45 52.73 16.29
CA ILE NB 443 -22.21 52.22 14.95
C ILE NB 443 -20.71 52.17 14.72
N PHE NB 444 -20.16 50.97 14.62
CA PHE NB 444 -18.75 50.77 14.33
C PHE NB 444 -18.58 50.64 12.82
N THR NB 445 -17.69 51.46 12.26
CA THR NB 445 -17.44 51.49 10.83
C THR NB 445 -16.08 50.89 10.53
N ARG NB 446 -15.77 50.81 9.23
CA ARG NB 446 -14.51 50.25 8.77
C ARG NB 446 -13.31 51.13 9.09
N GLY NB 447 -13.48 52.45 9.06
CA GLY NB 447 -12.35 53.34 9.31
C GLY NB 447 -12.83 54.73 9.60
N ILE NB 448 -11.86 55.65 9.68
CA ILE NB 448 -12.18 57.05 9.97
C ILE NB 448 -13.05 57.64 8.88
N ASP NB 449 -12.70 57.38 7.61
CA ASP NB 449 -13.46 57.94 6.50
C ASP NB 449 -14.90 57.45 6.53
N CYS NB 450 -15.09 56.14 6.74
CA CYS NB 450 -16.43 55.60 6.79
C CYS NB 450 -17.20 56.15 7.98
N ALA NB 451 -16.54 56.28 9.12
CA ALA NB 451 -17.19 56.84 10.31
C ALA NB 451 -17.71 58.24 10.03
N THR NB 452 -16.84 59.12 9.51
CA THR NB 452 -17.26 60.48 9.24
C THR NB 452 -18.34 60.54 8.16
N ALA NB 453 -18.24 59.68 7.14
CA ALA NB 453 -19.25 59.66 6.09
C ALA NB 453 -20.61 59.28 6.66
N VAL NB 454 -20.66 58.24 7.48
CA VAL NB 454 -21.93 57.83 8.07
C VAL NB 454 -22.46 58.91 8.99
N TYR NB 455 -21.58 59.54 9.77
CA TYR NB 455 -21.99 60.63 10.66
C TYR NB 455 -22.66 61.75 9.87
N HIS NB 456 -22.01 62.21 8.80
CA HIS NB 456 -22.58 63.30 8.02
C HIS NB 456 -23.85 62.87 7.30
N ARG NB 457 -23.90 61.64 6.80
CA ARG NB 457 -25.11 61.17 6.14
C ARG NB 457 -26.29 61.14 7.09
N LEU NB 458 -26.08 60.63 8.31
CA LEU NB 458 -27.17 60.61 9.29
C LEU NB 458 -27.59 62.02 9.67
N ARG NB 459 -26.62 62.92 9.84
CA ARG NB 459 -26.98 64.30 10.16
C ARG NB 459 -27.82 64.92 9.05
N GLY NB 460 -27.43 64.68 7.79
CA GLY NB 460 -28.23 65.19 6.69
C GLY NB 460 -29.61 64.57 6.63
N CYS NB 461 -29.71 63.27 6.91
CA CYS NB 461 -31.02 62.63 6.93
C CYS NB 461 -31.93 63.21 8.01
N GLY NB 462 -31.37 63.52 9.18
CA GLY NB 462 -32.14 64.17 10.21
C GLY NB 462 -31.86 63.66 11.62
N TYR NB 463 -31.04 62.63 11.74
CA TYR NB 463 -30.73 62.06 13.04
C TYR NB 463 -29.77 62.97 13.80
N THR NB 464 -29.73 62.77 15.12
CA THR NB 464 -28.78 63.43 16.00
C THR NB 464 -27.67 62.43 16.29
N CYS NB 465 -26.46 62.71 15.80
CA CYS NB 465 -25.36 61.78 15.88
C CYS NB 465 -24.12 62.48 16.41
N SER NB 466 -23.24 61.69 17.02
CA SER NB 466 -21.93 62.13 17.44
C SER NB 466 -20.89 61.30 16.70
N LEU NB 467 -19.67 61.83 16.62
CA LEU NB 467 -18.58 61.19 15.89
C LEU NB 467 -17.41 60.96 16.81
N LEU NB 468 -16.79 59.79 16.71
CA LEU NB 468 -15.63 59.48 17.55
C LEU NB 468 -14.60 58.71 16.75
N HIS NB 469 -13.44 59.32 16.53
CA HIS NB 469 -12.31 58.63 15.95
C HIS NB 469 -11.06 59.46 16.25
N ALA NB 470 -9.89 58.84 16.03
CA ALA NB 470 -8.64 59.45 16.47
C ALA NB 470 -8.37 60.77 15.76
N ALA NB 471 -8.68 60.85 14.47
CA ALA NB 471 -8.32 62.01 13.68
C ALA NB 471 -8.94 63.30 14.21
N LEU NB 472 -10.01 63.21 14.99
CA LEU NB 472 -10.64 64.41 15.52
C LEU NB 472 -9.67 65.13 16.46
N PRO NB 473 -9.74 66.45 16.53
CA PRO NB 473 -8.92 67.19 17.50
C PRO NB 473 -9.34 66.86 18.93
N ALA NB 474 -8.48 67.22 19.88
CA ALA NB 474 -8.71 66.82 21.26
C ALA NB 474 -10.03 67.39 21.79
N ALA NB 475 -10.26 68.68 21.55
CA ALA NB 475 -11.47 69.31 22.08
C ALA NB 475 -12.72 68.70 21.46
N VAL NB 476 -12.71 68.49 20.14
CA VAL NB 476 -13.88 67.93 19.47
C VAL NB 476 -14.12 66.50 19.95
N ARG NB 477 -13.06 65.73 20.11
CA ARG NB 477 -13.20 64.34 20.57
C ARG NB 477 -13.80 64.30 21.97
N ARG NB 478 -13.28 65.15 22.87
CA ARG NB 478 -13.83 65.21 24.22
C ARG NB 478 -15.30 65.61 24.19
N ARG NB 479 -15.65 66.61 23.38
CA ARG NB 479 -17.02 67.07 23.31
C ARG NB 479 -17.95 65.97 22.78
N MET NB 480 -17.51 65.26 21.73
CA MET NB 480 -18.34 64.20 21.17
C MET NB 480 -18.57 63.09 22.17
N PHE NB 481 -17.50 62.62 22.82
CA PHE NB 481 -17.67 61.55 23.80
C PHE NB 481 -18.54 62.01 24.96
N ALA NB 482 -18.34 63.25 25.43
CA ALA NB 482 -19.15 63.77 26.52
C ALA NB 482 -20.62 63.84 26.12
N ASP NB 483 -20.90 64.30 24.90
CA ASP NB 483 -22.28 64.34 24.42
C ASP NB 483 -22.90 62.95 24.46
N PHE NB 484 -22.22 61.97 23.86
CA PHE NB 484 -22.81 60.63 23.81
C PHE NB 484 -23.02 60.06 25.21
N ALA NB 485 -22.01 60.21 26.08
CA ALA NB 485 -22.10 59.64 27.42
C ALA NB 485 -23.22 60.30 28.22
N SER NB 486 -23.33 61.63 28.13
CA SER NB 486 -24.35 62.34 28.90
C SER NB 486 -25.74 62.11 28.33
N GLY NB 487 -25.83 61.69 27.06
CA GLY NB 487 -27.10 61.38 26.44
C GLY NB 487 -27.64 62.47 25.54
N ARG NB 488 -26.90 63.55 25.33
CA ARG NB 488 -27.32 64.57 24.38
C ARG NB 488 -27.26 64.07 22.94
N THR NB 489 -26.66 62.91 22.71
CA THR NB 489 -26.71 62.24 21.41
C THR NB 489 -26.87 60.76 21.66
N ASN NB 490 -27.95 60.17 21.13
CA ASN NB 490 -28.24 58.77 21.33
C ASN NB 490 -27.62 57.87 20.27
N ILE NB 491 -26.87 58.44 19.32
CA ILE NB 491 -26.20 57.69 18.28
C ILE NB 491 -24.76 58.14 18.22
N LEU NB 492 -23.83 57.18 18.18
CA LEU NB 492 -22.40 57.46 18.11
C LEU NB 492 -21.80 56.67 16.96
N CYS NB 493 -21.39 57.36 15.90
CA CYS NB 493 -20.64 56.74 14.82
C CYS NB 493 -19.16 56.78 15.17
N SER NB 494 -18.53 55.61 15.18
CA SER NB 494 -17.15 55.51 15.62
C SER NB 494 -16.47 54.38 14.87
N THR NB 495 -15.21 54.14 15.21
CA THR NB 495 -14.40 53.05 14.72
C THR NB 495 -13.94 52.21 15.91
N ASP NB 496 -13.02 51.28 15.67
CA ASP NB 496 -12.54 50.41 16.74
C ASP NB 496 -11.99 51.17 17.94
N VAL NB 497 -11.86 52.51 17.85
CA VAL NB 497 -11.38 53.28 18.99
C VAL NB 497 -12.25 53.02 20.21
N ALA NB 498 -13.57 53.00 20.03
CA ALA NB 498 -14.49 52.78 21.14
C ALA NB 498 -14.76 51.31 21.40
N ALA NB 499 -14.23 50.40 20.58
CA ALA NB 499 -14.52 48.99 20.75
C ALA NB 499 -13.65 48.34 21.83
N ARG NB 500 -12.61 49.02 22.30
CA ARG NB 500 -11.64 48.43 23.21
C ARG NB 500 -11.97 48.86 24.64
N GLY NB 501 -12.76 48.03 25.33
CA GLY NB 501 -12.98 48.19 26.76
C GLY NB 501 -13.52 49.54 27.18
N LEU NB 502 -14.77 49.84 26.82
CA LEU NB 502 -15.46 51.03 27.30
C LEU NB 502 -16.71 50.61 28.04
N ASP NB 503 -16.85 51.07 29.27
CA ASP NB 503 -18.03 50.77 30.10
C ASP NB 503 -19.01 51.93 29.93
N LEU NB 504 -19.92 51.80 28.98
CA LEU NB 504 -20.83 52.88 28.64
C LEU NB 504 -22.19 52.27 28.27
N HIS NB 505 -23.24 53.03 28.53
CA HIS NB 505 -24.61 52.56 28.27
C HIS NB 505 -24.90 52.65 26.79
N VAL NB 506 -24.92 51.49 26.12
CA VAL NB 506 -25.32 51.39 24.72
C VAL NB 506 -26.33 50.26 24.60
N ASP NB 507 -27.49 50.56 24.00
CA ASP NB 507 -28.53 49.56 23.90
C ASP NB 507 -28.23 48.54 22.81
N PHE NB 508 -27.61 48.96 21.71
CA PHE NB 508 -27.25 48.02 20.66
C PHE NB 508 -26.09 48.55 19.85
N VAL NB 509 -25.41 47.62 19.18
CA VAL NB 509 -24.21 47.88 18.39
C VAL NB 509 -24.49 47.47 16.95
N VAL NB 510 -24.32 48.41 16.03
CA VAL NB 510 -24.42 48.15 14.60
C VAL NB 510 -23.01 48.08 14.04
N ASN NB 511 -22.74 47.06 13.24
CA ASN NB 511 -21.48 46.93 12.51
C ASN NB 511 -21.77 47.32 11.08
N PHE NB 512 -21.47 48.58 10.74
CA PHE NB 512 -21.67 49.06 9.38
C PHE NB 512 -20.70 48.39 8.41
N ASP NB 513 -19.68 47.72 8.91
CA ASP NB 513 -18.78 46.90 8.10
C ASP NB 513 -18.46 45.66 8.92
N MET NB 514 -19.03 44.52 8.53
CA MET NB 514 -18.90 43.30 9.30
C MET NB 514 -17.42 42.99 9.53
N PRO NB 515 -16.98 42.81 10.77
CA PRO NB 515 -15.56 42.51 11.01
C PRO NB 515 -15.14 41.20 10.38
N THR NB 516 -13.88 41.11 9.96
CA THR NB 516 -13.35 39.90 9.34
C THR NB 516 -12.69 38.96 10.34
N ASN NB 517 -12.60 39.36 11.61
CA ASN NB 517 -11.95 38.55 12.63
C ASN NB 517 -12.82 38.51 13.88
N ALA NB 518 -12.61 37.47 14.68
CA ALA NB 518 -13.42 37.30 15.89
C ALA NB 518 -13.13 38.36 16.93
N LEU NB 519 -11.88 38.83 17.01
CA LEU NB 519 -11.51 39.75 18.07
C LEU NB 519 -12.36 41.01 18.05
N THR NB 520 -12.30 41.76 16.94
CA THR NB 520 -13.02 43.02 16.86
C THR NB 520 -14.52 42.80 16.95
N TYR NB 521 -15.03 41.77 16.29
CA TYR NB 521 -16.47 41.51 16.34
C TYR NB 521 -16.93 41.26 17.76
N LEU NB 522 -16.21 40.42 18.50
CA LEU NB 522 -16.62 40.10 19.86
C LEU NB 522 -16.43 41.28 20.80
N SER NB 523 -15.41 42.11 20.57
CA SER NB 523 -15.26 43.31 21.39
C SER NB 523 -16.43 44.26 21.17
N ARG NB 524 -16.79 44.51 19.91
CA ARG NB 524 -17.94 45.36 19.62
C ARG NB 524 -19.21 44.77 20.23
N ALA NB 525 -19.38 43.46 20.12
CA ALA NB 525 -20.55 42.82 20.69
C ALA NB 525 -20.59 43.01 22.20
N GLY NB 526 -19.45 42.84 22.87
CA GLY NB 526 -19.39 42.99 24.31
C GLY NB 526 -19.55 44.43 24.77
N ARG NB 527 -19.36 45.39 23.87
CA ARG NB 527 -19.59 46.78 24.26
C ARG NB 527 -20.99 47.00 24.81
N THR NB 528 -21.96 46.20 24.37
CA THR NB 528 -23.36 46.39 24.78
C THR NB 528 -23.82 45.39 25.82
N ALA NB 529 -23.45 44.12 25.69
CA ALA NB 529 -23.89 43.08 26.61
C ALA NB 529 -22.99 43.08 27.84
N ARG NB 530 -23.37 43.91 28.82
CA ARG NB 530 -22.62 44.05 30.06
C ARG NB 530 -22.98 42.92 31.03
N GLN NB 531 -22.69 43.13 32.31
CA GLN NB 531 -22.90 42.10 33.33
C GLN NB 531 -24.17 41.29 33.10
N GLY NB 532 -25.31 41.96 33.07
CA GLY NB 532 -26.58 41.28 32.83
C GLY NB 532 -27.52 42.06 31.95
N ARG NB 533 -27.08 43.24 31.52
CA ARG NB 533 -27.92 44.09 30.68
C ARG NB 533 -28.14 43.42 29.33
N LEU NB 534 -29.38 43.49 28.83
CA LEU NB 534 -29.67 42.96 27.52
C LEU NB 534 -28.88 43.72 26.45
N GLY NB 535 -28.43 43.00 25.45
CA GLY NB 535 -27.67 43.62 24.37
C GLY NB 535 -28.07 43.03 23.04
N GLN NB 536 -27.91 43.82 21.99
CA GLN NB 536 -28.21 43.37 20.64
C GLN NB 536 -27.16 43.92 19.69
N VAL NB 537 -26.70 43.06 18.78
CA VAL NB 537 -25.68 43.43 17.80
C VAL NB 537 -26.21 43.09 16.42
N TYR NB 538 -26.36 44.11 15.58
CA TYR NB 538 -26.63 43.94 14.17
C TYR NB 538 -25.34 44.08 13.39
N SER NB 539 -25.25 43.37 12.27
CA SER NB 539 -24.04 43.40 11.44
C SER NB 539 -24.45 43.41 9.98
N LEU NB 540 -24.20 44.52 9.29
CA LEU NB 540 -24.53 44.60 7.86
C LEU NB 540 -23.37 44.00 7.07
N TYR NB 541 -23.62 42.89 6.39
CA TYR NB 541 -22.57 42.20 5.66
C TYR NB 541 -22.94 42.07 4.19
N THR NB 542 -21.93 41.69 3.40
CA THR NB 542 -22.02 41.60 1.95
C THR NB 542 -21.47 40.25 1.53
N LYS NB 543 -21.28 40.07 0.21
CA LYS NB 543 -20.70 38.84 -0.29
C LYS NB 543 -19.31 38.62 0.30
N ARG NB 544 -18.55 39.70 0.51
CA ARG NB 544 -17.16 39.56 0.92
C ARG NB 544 -17.04 38.87 2.26
N GLN NB 545 -17.93 39.18 3.20
CA GLN NB 545 -17.87 38.63 4.55
C GLN NB 545 -18.70 37.36 4.70
N GLY NB 546 -19.00 36.67 3.60
CA GLY NB 546 -19.86 35.50 3.69
C GLY NB 546 -19.28 34.40 4.57
N VAL NB 547 -18.00 34.09 4.39
CA VAL NB 547 -17.39 33.01 5.15
C VAL NB 547 -17.41 33.34 6.64
N ILE NB 548 -16.98 34.55 6.99
CA ILE NB 548 -16.89 34.93 8.40
C ILE NB 548 -18.28 34.96 9.03
N VAL NB 549 -19.27 35.51 8.31
CA VAL NB 549 -20.61 35.59 8.89
C VAL NB 549 -21.19 34.19 9.08
N SER NB 550 -20.99 33.30 8.10
CA SER NB 550 -21.50 31.93 8.26
C SER NB 550 -20.83 31.24 9.44
N ALA NB 551 -19.51 31.38 9.57
CA ALA NB 551 -18.81 30.74 10.69
C ALA NB 551 -19.31 31.27 12.02
N VAL NB 552 -19.42 32.59 12.15
CA VAL NB 552 -19.87 33.18 13.41
C VAL NB 552 -21.30 32.78 13.69
N ARG NB 553 -22.15 32.73 12.66
CA ARG NB 553 -23.54 32.37 12.87
C ARG NB 553 -23.66 30.94 13.38
N ALA NB 554 -22.93 30.00 12.77
CA ALA NB 554 -22.98 28.63 13.26
C ALA NB 554 -22.44 28.53 14.67
N PHE NB 555 -21.30 29.19 14.93
CA PHE NB 555 -20.69 29.12 16.26
C PHE NB 555 -21.64 29.64 17.33
N LEU NB 556 -22.28 30.78 17.07
CA LEU NB 556 -23.22 31.33 18.03
C LEU NB 556 -24.46 30.47 18.15
N GLN NB 557 -24.91 29.87 17.05
CA GLN NB 557 -26.11 29.05 17.10
C GLN NB 557 -25.91 27.84 18.01
N LYS NB 558 -24.76 27.18 17.91
CA LYS NB 558 -24.50 26.00 18.75
C LYS NB 558 -23.57 26.30 19.92
N GLN NB 559 -23.42 27.58 20.27
CA GLN NB 559 -22.78 27.98 21.53
C GLN NB 559 -21.44 27.28 21.74
N LEU NB 560 -20.51 27.55 20.83
CA LEU NB 560 -19.14 27.08 20.96
C LEU NB 560 -18.22 28.25 20.68
N PRO NB 561 -17.02 28.24 21.26
CA PRO NB 561 -16.17 29.45 21.23
C PRO NB 561 -15.65 29.76 19.84
N LEU NB 562 -15.40 31.04 19.61
CA LEU NB 562 -14.83 31.53 18.35
C LEU NB 562 -13.31 31.45 18.37
N GLU NB 563 -12.79 30.26 18.73
CA GLU NB 563 -11.34 30.12 18.90
C GLU NB 563 -10.60 30.41 17.61
N GLY NB 564 -10.98 29.77 16.52
CA GLY NB 564 -10.39 30.04 15.23
C GLY NB 564 -11.44 30.23 14.15
N ILE NB 565 -11.52 31.44 13.61
CA ILE NB 565 -12.40 31.74 12.47
C ILE NB 565 -11.74 32.83 11.65
N SER NB 566 -12.03 32.80 10.35
CA SER NB 566 -11.45 33.77 9.41
C SER NB 566 -12.42 33.95 8.26
N ASN NB 567 -12.10 34.90 7.39
CA ASN NB 567 -12.90 35.19 6.22
C ASN NB 567 -12.43 34.43 4.99
N TRP NB 568 -11.45 33.54 5.15
CA TRP NB 568 -10.86 32.80 4.03
C TRP NB 568 -11.57 31.45 3.91
N LYS NB 569 -12.23 31.23 2.77
CA LYS NB 569 -13.01 30.03 2.59
C LYS NB 569 -12.14 28.78 2.65
N ARG NB 570 -10.95 28.83 2.03
CA ARG NB 570 -10.06 27.69 2.09
C ARG NB 570 -9.63 27.39 3.53
N HIS NB 571 -9.32 28.43 4.30
CA HIS NB 571 -8.94 28.21 5.69
C HIS NB 571 -10.08 27.60 6.48
N MET NB 572 -11.31 28.08 6.29
CA MET NB 572 -12.43 27.59 7.07
C MET NB 572 -12.97 26.26 6.56
N MET NB 573 -12.59 25.82 5.36
CA MET NB 573 -13.05 24.56 4.81
C MET NB 573 -12.01 23.45 4.97
N GLU NB 574 -10.80 23.64 4.47
CA GLU NB 574 -9.79 22.60 4.51
C GLU NB 574 -9.50 22.20 5.95
N PRO NB 575 -9.60 20.93 6.30
CA PRO NB 575 -9.29 20.50 7.66
C PRO NB 575 -7.80 20.33 7.86
N ARG NB 576 -7.42 20.01 9.09
CA ARG NB 576 -6.05 19.71 9.46
C ARG NB 576 -5.92 18.20 9.63
N TYR NB 577 -4.91 17.61 9.02
CA TYR NB 577 -4.92 16.16 8.79
C TYR NB 577 -5.24 15.37 10.04
N ALA NB 578 -4.60 15.70 11.17
CA ALA NB 578 -4.85 14.94 12.39
C ALA NB 578 -6.29 15.10 12.87
N GLU NB 579 -6.83 16.32 12.79
CA GLU NB 579 -8.21 16.55 13.17
C GLU NB 579 -9.17 15.79 12.27
N TRP NB 580 -8.89 15.79 10.96
CA TRP NB 580 -9.70 15.02 10.03
C TRP NB 580 -9.61 13.54 10.33
N ARG NB 581 -8.42 13.06 10.71
CA ARG NB 581 -8.27 11.66 11.07
C ARG NB 581 -9.09 11.31 12.30
N THR NB 582 -9.07 12.19 13.31
CA THR NB 582 -9.87 11.94 14.51
C THR NB 582 -11.35 11.90 14.18
N HIS NB 583 -11.82 12.86 13.39
CA HIS NB 583 -13.23 12.89 13.01
C HIS NB 583 -13.60 11.68 12.17
N LYS NB 584 -12.71 11.26 11.27
CA LYS NB 584 -12.95 10.08 10.46
C LYS NB 584 -13.01 8.82 11.31
N LEU NB 585 -12.15 8.72 12.32
CA LEU NB 585 -12.20 7.58 13.23
C LEU NB 585 -13.52 7.55 13.99
N ASN NB 586 -13.96 8.70 14.48
CA ASN NB 586 -15.24 8.75 15.18
C ASN NB 586 -16.39 8.39 14.25
N ALA NB 587 -16.35 8.88 13.01
CA ALA NB 587 -17.41 8.57 12.05
C ALA NB 587 -17.42 7.08 11.71
N ILE NB 588 -16.25 6.49 11.53
CA ILE NB 588 -16.17 5.06 11.25
C ILE NB 588 -16.70 4.25 12.42
N ALA NB 589 -16.37 4.68 13.64
CA ALA NB 589 -16.89 3.99 14.82
C ALA NB 589 -18.41 4.09 14.89
N ARG NB 590 -18.97 5.27 14.61
CA ARG NB 590 -20.41 5.42 14.61
C ARG NB 590 -21.07 4.55 13.54
N SER NB 591 -20.49 4.52 12.35
CA SER NB 591 -21.03 3.68 11.28
C SER NB 591 -20.95 2.21 11.68
N TYR NB 592 -19.84 1.80 12.30
CA TYR NB 592 -19.71 0.43 12.76
C TYR NB 592 -20.78 0.09 13.80
N VAL NB 593 -21.02 1.01 14.74
CA VAL NB 593 -22.04 0.78 15.76
C VAL NB 593 -23.41 0.62 15.11
N SER NB 594 -23.73 1.51 14.18
CA SER NB 594 -25.03 1.42 13.51
C SER NB 594 -25.16 0.12 12.75
N LEU NB 595 -24.11 -0.30 12.04
CA LEU NB 595 -24.15 -1.55 11.30
C LEU NB 595 -24.33 -2.74 12.23
N ILE NB 596 -23.61 -2.74 13.36
CA ILE NB 596 -23.73 -3.84 14.32
C ILE NB 596 -25.15 -3.90 14.86
N THR NB 597 -25.70 -2.75 15.24
CA THR NB 597 -26.98 -2.73 15.96
C THR NB 597 -28.15 -3.03 15.04
N GLN NB 598 -28.15 -2.45 13.84
CA GLN NB 598 -29.34 -2.50 12.99
C GLN NB 598 -29.29 -3.59 11.93
N LYS NB 599 -28.15 -3.79 11.28
CA LYS NB 599 -28.04 -4.66 10.12
C LYS NB 599 -27.42 -5.99 10.53
N THR NB 600 -27.88 -7.06 9.88
CA THR NB 600 -27.27 -8.38 9.98
C THR NB 600 -26.88 -8.83 8.58
N ILE NB 601 -25.63 -9.26 8.42
CA ILE NB 601 -25.08 -9.53 7.10
C ILE NB 601 -24.50 -10.94 7.07
N PRO NB 602 -24.45 -11.55 5.90
CA PRO NB 602 -23.94 -12.91 5.76
C PRO NB 602 -22.41 -12.95 5.73
N ALA NB 603 -21.88 -14.17 5.77
CA ALA NB 603 -20.43 -14.35 5.84
C ALA NB 603 -19.75 -13.82 4.58
N HIS NB 604 -20.31 -14.10 3.40
CA HIS NB 604 -19.67 -13.68 2.16
C HIS NB 604 -19.69 -12.18 1.97
N LEU NB 605 -20.46 -11.43 2.76
CA LEU NB 605 -20.46 -9.98 2.71
C LEU NB 605 -19.85 -9.34 3.95
N GLU NB 606 -19.54 -10.11 4.99
CA GLU NB 606 -18.95 -9.52 6.19
C GLU NB 606 -17.64 -8.81 5.88
N ARG NB 607 -16.79 -9.41 5.05
CA ARG NB 607 -15.50 -8.81 4.76
C ARG NB 607 -15.66 -7.45 4.11
N THR NB 608 -16.49 -7.36 3.07
CA THR NB 608 -16.67 -6.09 2.38
C THR NB 608 -17.35 -5.07 3.28
N TYR NB 609 -18.36 -5.48 4.04
CA TYR NB 609 -19.03 -4.54 4.94
C TYR NB 609 -18.07 -3.97 5.96
N LEU NB 610 -17.24 -4.82 6.57
CA LEU NB 610 -16.28 -4.34 7.55
C LEU NB 610 -15.24 -3.44 6.91
N ARG NB 611 -14.80 -3.78 5.70
CA ARG NB 611 -13.81 -2.95 5.03
C ARG NB 611 -14.36 -1.56 4.73
N HIS NB 612 -15.60 -1.48 4.26
CA HIS NB 612 -16.12 -0.22 3.77
C HIS NB 612 -16.92 0.56 4.81
N ASN NB 613 -17.16 0.00 5.99
CA ASN NB 613 -17.96 0.67 7.00
C ASN NB 613 -17.37 0.58 8.40
N ALA NB 614 -16.33 -0.21 8.62
CA ALA NB 614 -15.84 -0.43 9.98
C ALA NB 614 -14.32 -0.46 10.11
N THR NB 615 -13.57 -0.07 9.09
CA THR NB 615 -12.11 -0.11 9.13
C THR NB 615 -11.55 1.28 8.90
N TRP NB 616 -10.49 1.60 9.65
CA TRP NB 616 -9.76 2.85 9.50
C TRP NB 616 -8.61 2.60 8.52
N ARG NB 617 -8.67 3.29 7.38
CA ARG NB 617 -7.70 3.09 6.31
C ARG NB 617 -6.87 4.35 6.16
N PRO NB 618 -5.66 4.41 6.74
CA PRO NB 618 -4.89 5.67 6.68
C PRO NB 618 -4.49 6.02 5.26
N LEU NB 619 -4.37 7.32 5.03
CA LEU NB 619 -3.98 7.86 3.74
C LEU NB 619 -2.49 7.63 3.50
N PHE NB 620 -2.10 7.72 2.22
CA PHE NB 620 -0.72 7.46 1.85
C PHE NB 620 0.20 8.59 2.25
N HIS NB 621 0.00 9.78 1.67
CA HIS NB 621 0.76 10.97 2.03
C HIS NB 621 -0.21 12.14 2.09
N PRO NB 622 -0.73 12.46 3.27
CA PRO NB 622 -1.71 13.55 3.36
C PRO NB 622 -1.19 14.87 2.82
N GLN NB 623 0.12 15.12 2.90
CA GLN NB 623 0.69 16.34 2.35
C GLN NB 623 0.59 16.40 0.83
N THR NB 624 0.33 15.27 0.16
CA THR NB 624 0.24 15.22 -1.29
C THR NB 624 -1.07 14.60 -1.76
N THR NB 625 -2.09 14.61 -0.89
CA THR NB 625 -3.38 14.08 -1.28
C THR NB 625 -3.97 14.85 -2.45
N GLY NB 626 -3.77 16.16 -2.50
CA GLY NB 626 -4.26 16.94 -3.62
C GLY NB 626 -3.68 16.52 -4.96
N VAL NB 627 -2.59 15.75 -4.94
CA VAL NB 627 -1.94 15.30 -6.16
C VAL NB 627 -2.26 13.85 -6.46
N HIS NB 628 -2.18 12.96 -5.46
CA HIS NB 628 -2.33 11.52 -5.70
C HIS NB 628 -3.55 10.93 -5.01
N GLY NB 629 -4.55 11.74 -4.69
CA GLY NB 629 -5.80 11.20 -4.17
C GLY NB 629 -5.65 10.45 -2.86
N GLY NB 630 -4.55 10.63 -2.16
CA GLY NB 630 -4.34 9.90 -0.92
C GLY NB 630 -4.16 8.41 -1.09
N VAL NB 631 -3.78 7.96 -2.28
CA VAL NB 631 -3.59 6.54 -2.54
C VAL NB 631 -2.18 6.36 -3.10
N PRO NB 632 -1.47 5.28 -2.76
CA PRO NB 632 -0.12 5.09 -3.32
C PRO NB 632 -0.17 5.06 -4.83
N PRO NB 633 0.73 5.77 -5.51
CA PRO NB 633 0.76 5.68 -6.97
C PRO NB 633 0.99 4.27 -7.49
N ARG NB 634 1.72 3.44 -6.73
CA ARG NB 634 1.96 2.06 -7.16
C ARG NB 634 0.65 1.28 -7.26
N GLN NB 635 -0.16 1.34 -6.20
CA GLN NB 635 -1.51 0.77 -6.28
C GLN NB 635 -2.32 1.46 -7.36
N GLN NB 636 -2.24 2.79 -7.43
CA GLN NB 636 -2.89 3.52 -8.50
C GLN NB 636 -2.34 3.08 -9.85
N GLN NB 637 -1.04 2.79 -9.92
CA GLN NB 637 -0.45 2.34 -11.17
C GLN NB 637 -1.07 1.02 -11.62
N ARG NB 638 -1.19 0.06 -10.69
CA ARG NB 638 -1.80 -1.22 -11.04
C ARG NB 638 -3.26 -1.03 -11.45
N VAL NB 639 -4.01 -0.24 -10.69
CA VAL NB 639 -5.42 -0.04 -10.99
C VAL NB 639 -5.59 0.58 -12.36
N MET NB 640 -4.78 1.59 -12.67
CA MET NB 640 -4.87 2.24 -13.97
C MET NB 640 -4.39 1.32 -15.08
N ASP NB 641 -3.42 0.45 -14.82
CA ASP NB 641 -3.02 -0.53 -15.83
C ASP NB 641 -4.19 -1.43 -16.19
N ALA NB 642 -4.86 -1.99 -15.19
CA ALA NB 642 -5.99 -2.87 -15.47
C ALA NB 642 -7.11 -2.11 -16.18
N ILE NB 643 -7.45 -0.93 -15.68
CA ILE NB 643 -8.55 -0.17 -16.25
C ILE NB 643 -8.23 0.27 -17.67
N THR NB 644 -6.96 0.61 -17.93
CA THR NB 644 -6.57 1.02 -19.27
C THR NB 644 -6.57 -0.16 -20.23
N TRP NB 645 -6.20 -1.35 -19.75
CA TRP NB 645 -6.34 -2.54 -20.59
C TRP NB 645 -7.81 -2.74 -20.98
N LYS NB 646 -8.70 -2.67 -19.99
CA LYS NB 646 -10.12 -2.83 -20.29
C LYS NB 646 -10.62 -1.76 -21.25
N ALA NB 647 -10.21 -0.51 -21.03
CA ALA NB 647 -10.67 0.59 -21.86
C ALA NB 647 -10.13 0.47 -23.27
N VAL NB 648 -8.89 0.01 -23.44
CA VAL NB 648 -8.34 -0.19 -24.78
C VAL NB 648 -9.11 -1.28 -25.50
N CYS NB 649 -9.42 -2.37 -24.81
CA CYS NB 649 -10.22 -3.42 -25.44
C CYS NB 649 -11.58 -2.88 -25.87
N PHE NB 650 -12.23 -2.12 -24.98
CA PHE NB 650 -13.54 -1.56 -25.29
C PHE NB 650 -13.45 -0.59 -26.47
N ARG NB 651 -12.40 0.23 -26.51
CA ARG NB 651 -12.24 1.19 -27.61
C ARG NB 651 -12.00 0.49 -28.93
N ARG NB 652 -11.20 -0.58 -28.92
CA ARG NB 652 -11.01 -1.34 -30.15
C ARG NB 652 -12.31 -1.95 -30.62
N GLY NB 653 -13.08 -2.52 -29.70
CA GLY NB 653 -14.39 -3.06 -30.08
C GLY NB 653 -15.32 -1.99 -30.64
N LEU NB 654 -15.31 -0.81 -30.02
CA LEU NB 654 -16.18 0.28 -30.47
C LEU NB 654 -15.76 0.77 -31.85
N LEU NB 655 -14.46 0.89 -32.10
CA LEU NB 655 -13.98 1.27 -33.43
C LEU NB 655 -14.39 0.24 -34.46
N ALA NB 656 -14.25 -1.05 -34.13
CA ALA NB 656 -14.68 -2.09 -35.06
C ALA NB 656 -16.16 -1.97 -35.36
N ARG NB 657 -16.98 -1.76 -34.33
CA ARG NB 657 -18.42 -1.63 -34.54
C ARG NB 657 -18.74 -0.43 -35.43
N ARG NB 658 -18.07 0.71 -35.18
CA ARG NB 658 -18.39 1.93 -35.91
C ARG NB 658 -17.85 1.94 -37.33
N LYS NB 659 -16.79 1.18 -37.62
CA LYS NB 659 -16.20 1.16 -38.95
C LYS NB 659 -16.57 -0.07 -39.77
N GLY NB 660 -17.24 -1.06 -39.18
CA GLY NB 660 -17.67 -2.22 -39.94
C GLY NB 660 -16.93 -3.50 -39.60
N GLY NB 661 -16.58 -3.67 -38.32
CA GLY NB 661 -15.96 -4.88 -37.84
C GLY NB 661 -14.45 -4.87 -37.89
N ARG NB 662 -13.83 -3.87 -38.51
CA ARG NB 662 -12.38 -3.77 -38.58
C ARG NB 662 -11.98 -2.31 -38.43
N ALA NB 663 -11.10 -2.03 -37.48
CA ALA NB 663 -10.70 -0.65 -37.20
C ALA NB 663 -9.97 -0.05 -38.40
N LYS NB 664 -8.81 -0.60 -38.75
CA LYS NB 664 -8.05 -0.05 -39.87
C LYS NB 664 -8.82 -0.17 -41.18
N PHE NB 665 -9.45 -1.32 -41.40
CA PHE NB 665 -10.06 -1.63 -42.70
C PHE NB 665 -11.51 -1.18 -42.76
N GLY NB 666 -12.33 -1.62 -41.82
CA GLY NB 666 -13.75 -1.29 -41.83
C GLY NB 666 -14.51 -2.12 -42.85
N MET OB 1 67.06 51.37 40.43
CA MET OB 1 66.58 51.13 41.83
C MET OB 1 65.11 51.50 41.95
N LYS OB 2 64.28 50.50 42.23
CA LYS OB 2 62.83 50.67 42.31
C LYS OB 2 62.43 51.18 43.69
N VAL OB 3 61.25 51.80 43.75
CA VAL OB 3 60.72 52.26 45.03
C VAL OB 3 60.26 51.06 45.85
N SER OB 4 60.12 51.28 47.15
CA SER OB 4 59.74 50.21 48.07
C SER OB 4 59.00 50.83 49.25
N SER OB 5 58.47 49.96 50.11
CA SER OB 5 57.76 50.37 51.30
C SER OB 5 58.16 49.42 52.44
N ARG OB 6 57.41 49.46 53.54
CA ARG OB 6 57.74 48.65 54.70
C ARG OB 6 56.66 47.66 55.10
N GLY OB 7 55.39 48.01 54.98
CA GLY OB 7 54.32 47.16 55.45
C GLY OB 7 53.77 46.23 54.38
N PRO OB 8 53.01 45.23 54.79
CA PRO OB 8 52.41 44.31 53.82
C PRO OB 8 51.36 45.00 52.96
N ILE OB 9 51.20 44.49 51.75
CA ILE OB 9 50.23 44.99 50.78
C ILE OB 9 48.97 44.14 50.90
N VAL OB 10 47.95 44.70 51.52
CA VAL OB 10 46.67 44.01 51.68
C VAL OB 10 45.63 44.75 50.86
N ARG OB 11 44.98 44.04 49.95
CA ARG OB 11 43.88 44.61 49.16
C ARG OB 11 42.60 44.42 49.94
N TRP OB 12 42.00 45.53 50.39
CA TRP OB 12 40.82 45.42 51.23
C TRP OB 12 39.64 44.79 50.49
N ALA OB 13 39.44 45.14 49.22
CA ALA OB 13 38.31 44.64 48.46
C ALA OB 13 38.65 43.30 47.82
N LEU OB 14 37.73 42.77 47.04
CA LEU OB 14 37.90 41.51 46.32
C LEU OB 14 38.10 41.78 44.84
N SER OB 15 38.76 40.83 44.17
CA SER OB 15 38.92 40.93 42.72
C SER OB 15 37.59 40.89 41.99
N ARG OB 16 36.56 40.29 42.60
CA ARG OB 16 35.23 40.24 42.00
C ARG OB 16 34.18 40.13 43.09
N PRO OB 17 33.80 41.24 43.72
CA PRO OB 17 32.78 41.18 44.77
C PRO OB 17 31.38 40.99 44.21
N THR OB 18 31.03 39.74 43.91
CA THR OB 18 29.74 39.43 43.30
C THR OB 18 28.68 39.05 44.33
N SER OB 19 29.07 38.69 45.54
CA SER OB 19 28.15 38.22 46.57
C SER OB 19 27.82 39.32 47.59
N GLY OB 20 28.21 40.55 47.30
CA GLY OB 20 27.98 41.64 48.24
C GLY OB 20 29.11 41.78 49.24
N LEU OB 21 29.71 40.66 49.64
CA LEU OB 21 30.86 40.68 50.54
C LEU OB 21 32.03 41.31 49.81
N VAL OB 22 32.37 42.55 50.18
CA VAL OB 22 33.43 43.28 49.50
C VAL OB 22 34.80 42.99 50.11
N SER OB 23 34.89 43.01 51.44
CA SER OB 23 36.17 42.79 52.10
C SER OB 23 36.71 41.42 51.76
N SER OB 24 37.99 41.36 51.39
CA SER OB 24 38.63 40.08 51.09
C SER OB 24 39.04 39.35 52.37
N PRO OB 25 39.71 40.02 53.32
CA PRO OB 25 40.07 39.33 54.55
C PRO OB 25 38.84 38.86 55.32
N SER OB 26 38.96 37.69 55.94
CA SER OB 26 37.83 37.13 56.67
C SER OB 26 37.46 37.99 57.86
N GLU OB 27 38.45 38.44 58.63
CA GLU OB 27 38.16 39.27 59.79
C GLU OB 27 37.56 40.61 59.36
N TRP OB 28 38.05 41.18 58.26
CA TRP OB 28 37.46 42.42 57.76
C TRP OB 28 36.02 42.20 57.31
N ARG OB 29 35.74 41.05 56.68
CA ARG OB 29 34.36 40.72 56.33
C ARG OB 29 33.48 40.68 57.58
N CYS OB 30 33.95 39.97 58.61
CA CYS OB 30 33.19 39.89 59.85
C CYS OB 30 33.15 41.21 60.61
N GLY OB 31 33.96 42.18 60.21
CA GLY OB 31 33.99 43.48 60.86
C GLY OB 31 35.40 43.96 61.11
N ARG OB 32 35.73 45.15 60.62
CA ARG OB 32 37.06 45.72 60.77
C ARG OB 32 37.16 46.41 62.11
N ASP OB 33 38.10 45.99 62.94
CA ASP OB 33 38.37 46.61 64.23
C ASP OB 33 39.72 47.30 64.15
N LEU OB 34 39.69 48.63 64.22
CA LEU OB 34 40.90 49.45 64.08
C LEU OB 34 41.53 49.79 65.42
N SER OB 35 41.38 48.93 66.43
CA SER OB 35 41.97 49.23 67.74
C SER OB 35 43.49 49.33 67.63
N ASP OB 36 44.12 48.38 66.93
CA ASP OB 36 45.57 48.41 66.79
C ASP OB 36 46.03 49.63 65.99
N GLU OB 37 45.31 49.95 64.91
CA GLU OB 37 45.68 51.11 64.12
C GLU OB 37 45.55 52.39 64.93
N GLU OB 38 44.49 52.51 65.73
CA GLU OB 38 44.34 53.68 66.59
C GLU OB 38 45.45 53.75 67.63
N LYS OB 39 45.80 52.61 68.23
CA LYS OB 39 46.88 52.60 69.20
C LYS OB 39 48.18 53.06 68.57
N HIS OB 40 48.47 52.60 67.36
CA HIS OB 40 49.69 53.03 66.68
C HIS OB 40 49.60 54.48 66.20
N SER OB 41 48.41 55.00 65.98
CA SER OB 41 48.22 56.36 65.52
C SER OB 41 48.12 57.38 66.64
N GLY OB 42 48.03 56.93 67.90
CA GLY OB 42 48.11 57.85 69.01
C GLY OB 42 47.00 57.73 70.03
N LEU OB 43 45.88 57.11 69.64
CA LEU OB 43 44.76 56.98 70.56
C LEU OB 43 45.06 55.88 71.58
N LEU OB 44 46.08 56.11 72.40
CA LEU OB 44 46.53 55.09 73.34
C LEU OB 44 45.57 54.94 74.51
N LEU OB 45 45.06 56.05 75.04
CA LEU OB 45 44.38 56.06 76.32
C LEU OB 45 42.87 56.20 76.14
N ARG OB 46 42.14 55.83 77.19
CA ARG OB 46 40.69 55.92 77.19
C ARG OB 46 40.24 56.51 78.53
N ILE OB 47 39.14 57.25 78.49
CA ILE OB 47 38.64 57.89 79.71
C ILE OB 47 38.27 56.86 80.75
N ARG OB 48 37.68 55.74 80.33
CA ARG OB 48 37.36 54.67 81.27
C ARG OB 48 38.64 54.05 81.85
N ASP OB 49 39.68 53.93 81.03
CA ASP OB 49 40.97 53.47 81.55
C ASP OB 49 41.51 54.42 82.61
N ILE OB 50 41.38 55.73 82.39
CA ILE OB 50 41.83 56.70 83.39
C ILE OB 50 41.03 56.55 84.66
N CYS OB 51 39.70 56.47 84.54
CA CYS OB 51 38.84 56.39 85.72
C CYS OB 51 39.11 55.12 86.50
N GLN OB 52 38.85 53.97 85.90
CA GLN OB 52 39.10 52.71 86.57
C GLN OB 52 40.61 52.54 86.80
N PRO OB 53 41.04 52.03 87.95
CA PRO OB 53 42.47 51.80 88.15
C PRO OB 53 43.08 50.86 87.12
N LEU OB 54 42.32 49.89 86.65
CA LEU OB 54 42.77 48.95 85.64
C LEU OB 54 42.35 49.43 84.25
N ALA OB 55 43.01 48.87 83.23
CA ALA OB 55 42.74 49.20 81.84
C ALA OB 55 42.12 48.00 81.15
N LYS OB 56 40.99 48.21 80.47
CA LYS OB 56 40.27 47.15 79.79
C LYS OB 56 39.90 46.02 80.76
N ASN OB 57 39.58 46.37 82.00
CA ASN OB 57 39.16 45.36 82.97
C ASN OB 57 37.87 44.67 82.52
N ASP OB 58 36.92 45.44 82.01
CA ASP OB 58 35.66 44.91 81.49
C ASP OB 58 35.60 45.18 79.99
N GLN OB 59 35.41 44.13 79.21
CA GLN OB 59 35.34 44.29 77.76
C GLN OB 59 34.17 45.20 77.38
N LEU OB 60 34.44 46.16 76.52
CA LEU OB 60 33.40 47.07 76.08
C LEU OB 60 32.39 46.34 75.20
N PRO OB 61 31.12 46.74 75.21
CA PRO OB 61 30.14 46.09 74.33
C PRO OB 61 30.55 46.22 72.87
N VAL OB 62 30.31 45.17 72.10
CA VAL OB 62 30.66 45.16 70.69
C VAL OB 62 29.56 45.87 69.90
N ALA OB 63 29.99 46.61 68.88
CA ALA OB 63 29.05 47.30 68.00
C ALA OB 63 29.66 47.36 66.59
N VAL OB 64 28.80 47.44 65.60
CA VAL OB 64 29.20 47.59 64.21
C VAL OB 64 28.59 48.89 63.68
N VAL OB 65 29.41 49.72 63.05
CA VAL OB 65 29.03 51.08 62.72
C VAL OB 65 29.18 51.34 61.23
N LYS OB 66 28.29 52.17 60.71
CA LYS OB 66 28.26 52.59 59.30
C LYS OB 66 28.53 51.41 58.37
N ALA OB 67 27.63 50.44 58.41
CA ALA OB 67 27.58 49.40 57.40
C ALA OB 67 26.82 49.83 56.16
N GLN OB 68 26.18 51.01 56.20
CA GLN OB 68 25.41 51.54 55.10
C GLN OB 68 25.70 53.04 55.05
N PRO OB 69 25.82 53.64 53.86
CA PRO OB 69 26.11 55.08 53.81
C PRO OB 69 25.08 55.93 54.53
N SER OB 70 23.82 55.53 54.52
CA SER OB 70 22.78 56.29 55.22
C SER OB 70 22.97 56.26 56.73
N ASP OB 71 23.77 55.34 57.25
CA ASP OB 71 23.91 55.20 58.70
C ASP OB 71 24.53 56.45 59.32
N LEU OB 72 25.57 56.99 58.69
CA LEU OB 72 26.27 58.17 59.21
C LEU OB 72 25.87 59.38 58.38
N GLN OB 73 25.38 60.42 59.06
CA GLN OB 73 25.00 61.67 58.42
C GLN OB 73 25.61 62.82 59.21
N VAL OB 74 26.27 63.74 58.50
CA VAL OB 74 26.96 64.86 59.12
C VAL OB 74 26.49 66.15 58.47
N ASN OB 75 26.16 67.13 59.30
CA ASN OB 75 25.75 68.46 58.83
C ASN OB 75 26.64 69.50 59.47
N GLU OB 76 27.17 70.40 58.64
CA GLU OB 76 28.09 71.42 59.12
C GLU OB 76 27.32 72.59 59.72
N VAL OB 77 28.00 73.35 60.58
CA VAL OB 77 27.44 74.54 61.21
C VAL OB 77 28.54 75.60 61.21
N ASP OB 78 28.41 76.60 60.35
CA ASP OB 78 29.42 77.63 60.18
C ASP OB 78 29.41 78.61 61.34
N ALA OB 79 30.49 79.38 61.44
CA ALA OB 79 30.62 80.35 62.52
C ALA OB 79 29.44 81.31 62.56
N VAL OB 80 28.83 81.59 61.40
CA VAL OB 80 27.65 82.43 61.37
C VAL OB 80 26.48 81.77 62.07
N GLY OB 81 26.50 80.45 62.23
CA GLY OB 81 25.45 79.72 62.90
C GLY OB 81 24.51 78.99 61.98
N ASP OB 82 24.48 79.34 60.70
CA ASP OB 82 23.59 78.68 59.75
C ASP OB 82 24.08 77.25 59.51
N VAL OB 83 23.13 76.30 59.53
CA VAL OB 83 23.45 74.89 59.34
C VAL OB 83 23.43 74.56 57.86
N ALA OB 84 24.13 73.49 57.47
CA ALA OB 84 24.17 73.04 56.09
C ALA OB 84 23.08 72.00 55.90
N ALA OB 85 22.01 72.37 55.19
CA ALA OB 85 20.89 71.49 54.96
C ALA OB 85 20.50 71.55 53.49
N LEU OB 86 20.04 70.41 52.97
CA LEU OB 86 19.62 70.29 51.58
C LEU OB 86 18.27 70.96 51.41
N SER OB 87 18.26 72.19 50.90
CA SER OB 87 17.03 72.96 50.79
C SER OB 87 16.20 72.54 49.59
N LYS OB 88 16.75 72.73 48.39
CA LYS OB 88 16.05 72.39 47.15
C LYS OB 88 17.06 71.92 46.12
N VAL OB 89 16.58 71.22 45.11
CA VAL OB 89 17.41 70.59 44.09
C VAL OB 89 17.24 71.35 42.78
N VAL OB 90 18.37 71.78 42.21
CA VAL OB 90 18.38 72.47 40.92
C VAL OB 90 19.27 71.67 39.98
N LYS OB 91 18.74 71.37 38.79
CA LYS OB 91 19.47 70.61 37.80
C LYS OB 91 20.23 71.53 36.86
N GLY OB 92 21.33 71.02 36.32
CA GLY OB 92 22.09 71.78 35.34
C GLY OB 92 21.26 72.07 34.11
N LYS OB 93 21.26 73.32 33.68
CA LYS OB 93 20.50 73.74 32.51
C LYS OB 93 21.33 73.62 31.25
N TRP OB 94 20.68 73.24 30.16
CA TRP OB 94 21.33 73.09 28.86
C TRP OB 94 20.64 73.97 27.83
N ARG OB 95 21.41 74.38 26.82
CA ARG OB 95 20.89 75.15 25.70
C ARG OB 95 21.11 74.36 24.43
N LYS OB 96 20.07 74.29 23.60
CA LYS OB 96 20.13 73.54 22.35
C LYS OB 96 20.73 74.44 21.27
N ILE OB 97 21.83 73.99 20.69
CA ILE OB 97 22.57 74.78 19.71
C ILE OB 97 22.30 74.35 18.27
N SER OB 98 21.77 73.15 18.06
CA SER OB 98 21.57 72.63 16.70
C SER OB 98 20.16 72.08 16.61
N ARG OB 99 19.71 71.85 15.38
CA ARG OB 99 18.39 71.33 15.08
C ARG OB 99 18.49 69.84 14.80
N GLN OB 100 17.46 69.10 15.20
CA GLN OB 100 17.50 67.65 15.05
C GLN OB 100 17.65 67.27 13.59
N LYS OB 101 18.53 66.32 13.31
CA LYS OB 101 18.79 65.85 11.96
C LYS OB 101 17.86 64.69 11.64
N THR OB 102 17.24 64.72 10.48
CA THR OB 102 16.33 63.68 10.03
C THR OB 102 16.75 63.21 8.64
N LEU OB 103 16.39 61.96 8.35
CA LEU OB 103 16.63 61.38 7.05
C LEU OB 103 15.34 60.75 6.54
N LEU OB 104 15.06 60.94 5.25
CA LEU OB 104 13.84 60.42 4.65
C LEU OB 104 14.05 58.98 4.20
N ILE OB 105 13.24 58.07 4.72
CA ILE OB 105 13.29 56.66 4.38
C ILE OB 105 11.98 56.29 3.72
N GLU OB 106 12.05 55.31 2.81
CA GLU OB 106 10.87 54.92 2.06
C GLU OB 106 9.74 54.51 3.00
N ASP OB 107 8.55 55.03 2.74
CA ASP OB 107 7.39 54.69 3.56
C ASP OB 107 6.85 53.31 3.21
N ASP OB 108 6.92 52.93 1.94
CA ASP OB 108 6.45 51.65 1.45
C ASP OB 108 7.50 51.04 0.54
N ALA OB 109 7.52 49.70 0.49
CA ALA OB 109 8.50 48.96 -0.31
C ALA OB 109 7.97 48.51 -1.66
N ARG OB 110 6.65 48.31 -1.78
CA ARG OB 110 6.10 47.83 -3.04
C ARG OB 110 6.30 48.85 -4.15
N THR OB 111 6.00 50.12 -3.87
CA THR OB 111 6.11 51.15 -4.89
C THR OB 111 7.57 51.35 -5.28
N PRO OB 112 7.91 51.30 -6.56
CA PRO OB 112 9.31 51.49 -6.96
C PRO OB 112 9.78 52.92 -6.68
N PHE OB 113 11.10 53.05 -6.51
CA PHE OB 113 11.71 54.36 -6.34
C PHE OB 113 11.52 55.25 -7.56
N SER OB 114 11.25 54.68 -8.73
CA SER OB 114 11.06 55.45 -9.95
C SER OB 114 9.71 56.16 -10.00
N ASP OB 115 8.80 55.88 -9.07
CA ASP OB 115 7.48 56.48 -9.07
C ASP OB 115 7.57 57.87 -8.48
N PRO OB 116 7.15 58.93 -9.19
CA PRO OB 116 7.18 60.27 -8.60
C PRO OB 116 6.37 60.38 -7.32
N SER OB 117 5.29 59.61 -7.21
CA SER OB 117 4.45 59.62 -6.02
C SER OB 117 5.02 58.80 -4.87
N LYS OB 118 6.30 58.44 -4.94
CA LYS OB 118 6.91 57.66 -3.87
C LYS OB 118 6.77 58.40 -2.55
N SER OB 119 6.37 57.67 -1.51
CA SER OB 119 6.13 58.24 -0.18
C SER OB 119 7.34 57.99 0.70
N PHE OB 120 7.86 59.05 1.30
CA PHE OB 120 8.99 58.98 2.22
C PHE OB 120 8.59 59.60 3.56
N SER OB 121 9.14 59.06 4.63
CA SER OB 121 8.88 59.56 5.97
C SER OB 121 10.19 59.85 6.69
N PRO OB 122 10.22 60.83 7.58
CA PRO OB 122 11.46 61.17 8.26
C PRO OB 122 11.72 60.31 9.48
N ARG OB 123 13.00 60.02 9.70
CA ARG OB 123 13.47 59.33 10.90
C ARG OB 123 14.62 60.13 11.48
N VAL OB 124 14.61 60.29 12.80
CA VAL OB 124 15.55 61.17 13.49
C VAL OB 124 16.85 60.41 13.73
N GLN OB 125 17.97 61.01 13.31
CA GLN OB 125 19.29 60.48 13.62
C GLN OB 125 19.89 61.11 14.87
N SER OB 126 19.78 62.42 15.01
CA SER OB 126 20.28 63.12 16.19
C SER OB 126 19.23 64.12 16.64
N TYR OB 127 18.79 64.01 17.89
CA TYR OB 127 17.80 64.94 18.41
C TYR OB 127 18.34 66.36 18.46
N GLY OB 128 19.65 66.53 18.42
CA GLY OB 128 20.25 67.86 18.45
C GLY OB 128 21.52 67.90 19.26
N GLU OB 129 22.11 69.10 19.37
CA GLU OB 129 23.31 69.32 20.15
C GLU OB 129 22.98 70.23 21.32
N TYR OB 130 23.57 69.96 22.49
CA TYR OB 130 23.31 70.72 23.69
C TYR OB 130 24.62 71.17 24.32
N VAL OB 131 24.59 72.33 24.96
CA VAL OB 131 25.74 72.87 25.66
C VAL OB 131 25.29 73.38 27.03
N ARG OB 132 26.11 73.11 28.05
CA ARG OB 132 25.77 73.57 29.40
C ARG OB 132 25.64 75.08 29.41
N LEU OB 133 24.60 75.57 30.10
CA LEU OB 133 24.22 76.98 30.05
C LEU OB 133 25.09 77.75 31.05
N THR OB 134 26.26 78.17 30.58
CA THR OB 134 27.14 79.03 31.36
C THR OB 134 26.45 80.37 31.60
N GLY OB 135 26.19 80.69 32.85
CA GLY OB 135 25.52 81.94 33.21
C GLY OB 135 26.47 83.12 33.15
N LYS OB 136 25.93 84.27 33.51
CA LYS OB 136 26.69 85.52 33.57
C LYS OB 136 27.21 85.73 34.98
N LEU OB 137 28.51 85.97 35.12
CA LEU OB 137 29.16 86.11 36.40
C LEU OB 137 29.46 87.58 36.67
N PRO OB 138 28.81 88.24 37.63
CA PRO OB 138 29.16 89.63 37.92
C PRO OB 138 30.58 89.74 38.43
N ARG OB 139 31.23 90.84 38.06
CA ARG OB 139 32.61 91.07 38.45
C ARG OB 139 32.75 91.61 39.88
N ASP OB 140 31.66 92.09 40.47
CA ASP OB 140 31.70 92.63 41.82
C ASP OB 140 31.51 91.56 42.89
N LEU OB 141 30.87 90.45 42.54
CA LEU OB 141 30.59 89.37 43.49
C LEU OB 141 31.03 88.04 42.88
N PRO OB 142 32.35 87.85 42.73
CA PRO OB 142 32.83 86.61 42.12
C PRO OB 142 32.68 85.40 43.02
N VAL OB 143 32.75 85.58 44.33
CA VAL OB 143 32.69 84.45 45.26
C VAL OB 143 31.28 83.89 45.29
N LEU OB 144 31.15 82.57 45.12
CA LEU OB 144 29.87 81.89 45.15
C LEU OB 144 29.84 80.95 46.35
N ARG OB 145 28.78 81.07 47.16
CA ARG OB 145 28.57 80.23 48.32
C ARG OB 145 27.49 79.22 48.01
N PHE OB 146 27.75 77.95 48.32
CA PHE OB 146 26.82 76.88 47.99
C PHE OB 146 26.83 75.86 49.13
N VAL OB 147 25.94 74.88 49.03
CA VAL OB 147 25.94 73.74 49.93
C VAL OB 147 26.01 72.47 49.10
N LEU OB 148 26.81 71.52 49.58
CA LEU OB 148 27.11 70.28 48.89
C LEU OB 148 26.72 69.11 49.78
N TYR OB 149 25.93 68.20 49.24
CA TYR OB 149 25.55 66.97 49.92
C TYR OB 149 26.10 65.80 49.11
N ARG OB 150 27.04 65.07 49.71
CA ARG OB 150 27.70 63.94 49.06
C ARG OB 150 27.41 62.67 49.85
N ASP OB 151 26.96 61.63 49.15
CA ASP OB 151 26.56 60.40 49.83
C ASP OB 151 27.77 59.62 50.33
N SER OB 152 28.65 59.21 49.42
CA SER OB 152 29.81 58.41 49.78
C SER OB 152 31.05 58.83 49.00
N TYR OB 153 31.19 60.10 48.68
CA TYR OB 153 32.32 60.60 47.91
C TYR OB 153 33.35 61.22 48.84
N SER OB 154 34.62 60.89 48.61
CA SER OB 154 35.70 61.53 49.32
C SER OB 154 35.87 62.96 48.82
N LEU OB 155 36.47 63.79 49.68
CA LEU OB 155 36.70 65.19 49.30
C LEU OB 155 37.59 65.28 48.08
N ASN OB 156 38.60 64.40 47.98
CA ASN OB 156 39.45 64.38 46.81
C ASN OB 156 38.64 64.03 45.56
N SER OB 157 37.73 63.07 45.67
CA SER OB 157 36.89 62.73 44.53
C SER OB 157 36.00 63.90 44.13
N VAL OB 158 35.45 64.62 45.10
CA VAL OB 158 34.62 65.78 44.80
C VAL OB 158 35.44 66.84 44.07
N GLU OB 159 36.66 67.11 44.56
CA GLU OB 159 37.51 68.09 43.92
C GLU OB 159 37.86 67.67 42.50
N ASN OB 160 38.15 66.38 42.31
CA ASN OB 160 38.46 65.88 40.97
C ASN OB 160 37.27 66.05 40.04
N ARG OB 161 36.05 65.75 40.54
CA ARG OB 161 34.87 65.90 39.71
C ARG OB 161 34.67 67.36 39.32
N LEU OB 162 34.82 68.28 40.28
CA LEU OB 162 34.73 69.69 39.94
C LEU OB 162 35.76 70.06 38.90
N GLY OB 163 37.00 69.59 39.06
CA GLY OB 163 38.05 69.95 38.13
C GLY OB 163 37.77 69.48 36.72
N TYR OB 164 37.34 68.22 36.56
CA TYR OB 164 37.20 67.69 35.20
C TYR OB 164 35.87 68.06 34.56
N VAL OB 165 34.79 68.16 35.33
CA VAL OB 165 33.52 68.60 34.77
C VAL OB 165 33.57 70.07 34.43
N LEU OB 166 34.15 70.89 35.31
CA LEU OB 166 34.13 72.33 35.17
C LEU OB 166 35.40 72.91 34.56
N SER OB 167 36.50 72.16 34.58
CA SER OB 167 37.77 72.63 34.03
C SER OB 167 38.41 73.72 34.87
N LEU OB 168 38.12 73.72 36.17
CA LEU OB 168 38.73 74.66 37.11
C LEU OB 168 39.91 74.01 37.80
N GLN OB 169 40.63 74.82 38.55
CA GLN OB 169 41.79 74.34 39.29
C GLN OB 169 41.44 74.18 40.77
N PRO OB 170 42.16 73.31 41.49
CA PRO OB 170 41.75 73.00 42.86
C PRO OB 170 41.71 74.21 43.78
N ASP OB 171 42.53 75.22 43.54
CA ASP OB 171 42.57 76.39 44.40
C ASP OB 171 41.33 77.27 44.24
N CYS OB 172 40.47 77.01 43.26
CA CYS OB 172 39.27 77.81 43.03
C CYS OB 172 38.09 77.36 43.89
N VAL OB 173 38.20 76.23 44.56
CA VAL OB 173 37.10 75.68 45.37
C VAL OB 173 37.62 75.44 46.78
N PHE OB 174 36.83 75.84 47.77
CA PHE OB 174 37.20 75.72 49.19
C PHE OB 174 36.10 74.94 49.90
N LEU OB 175 36.36 73.68 50.20
CA LEU OB 175 35.46 72.84 50.97
C LEU OB 175 36.16 72.39 52.25
N ARG OB 176 35.58 72.73 53.40
CA ARG OB 176 36.15 72.35 54.68
C ARG OB 176 35.90 70.87 54.94
N ASP OB 177 36.95 70.17 55.36
CA ASP OB 177 36.79 68.75 55.68
C ASP OB 177 35.79 68.56 56.81
N GLN OB 178 35.01 67.48 56.70
CA GLN OB 178 33.96 67.18 57.67
C GLN OB 178 34.33 65.95 58.47
N PRO OB 179 34.37 66.02 59.81
CA PRO OB 179 34.72 64.83 60.60
C PRO OB 179 33.87 63.62 60.25
N GLY OB 180 34.31 62.44 60.68
CA GLY OB 180 33.64 61.21 60.33
C GLY OB 180 34.07 60.70 58.97
N GLY OB 181 33.94 59.39 58.74
CA GLY OB 181 34.34 58.84 57.47
C GLY OB 181 33.53 59.41 56.32
N SER OB 182 34.17 59.51 55.16
CA SER OB 182 33.50 60.05 53.97
C SER OB 182 32.43 59.12 53.44
N PHE OB 183 32.35 57.88 53.92
CA PHE OB 183 31.39 56.93 53.40
C PHE OB 183 29.96 57.40 53.64
N GLY OB 184 29.67 57.93 54.82
CA GLY OB 184 28.33 58.36 55.13
C GLY OB 184 27.95 59.66 54.43
N CYS OB 185 26.65 59.92 54.40
CA CYS OB 185 26.15 61.17 53.84
C CYS OB 185 26.73 62.35 54.59
N ILE OB 186 27.23 63.35 53.86
CA ILE OB 186 27.81 64.54 54.45
C ILE OB 186 27.31 65.76 53.71
N THR OB 187 26.73 66.71 54.45
CA THR OB 187 26.27 67.98 53.92
C THR OB 187 27.11 69.10 54.52
N GLN OB 188 27.69 69.94 53.66
CA GLN OB 188 28.60 70.96 54.13
C GLN OB 188 28.51 72.19 53.24
N HIS OB 189 28.83 73.35 53.82
CA HIS OB 189 28.93 74.57 53.05
C HIS OB 189 30.22 74.57 52.23
N GLY OB 190 30.22 75.39 51.18
CA GLY OB 190 31.38 75.49 50.32
C GLY OB 190 31.43 76.84 49.64
N VAL OB 191 32.64 77.23 49.28
CA VAL OB 191 32.90 78.52 48.63
C VAL OB 191 33.74 78.27 47.39
N CYS OB 192 33.38 78.92 46.29
CA CYS OB 192 34.09 78.77 45.03
C CYS OB 192 34.32 80.14 44.41
N LEU OB 193 35.31 80.21 43.53
CA LEU OB 193 35.70 81.46 42.89
C LEU OB 193 35.53 81.35 41.38
N GLY OB 194 34.99 82.41 40.79
CA GLY OB 194 34.88 82.47 39.34
C GLY OB 194 33.94 81.46 38.74
N VAL OB 195 33.01 80.93 39.51
CA VAL OB 195 32.05 79.95 39.02
C VAL OB 195 30.66 80.57 39.11
N THR OB 196 29.78 80.11 38.24
CA THR OB 196 28.40 80.57 38.18
C THR OB 196 27.47 79.46 38.68
N LYS OB 197 26.25 79.86 39.04
CA LYS OB 197 25.30 78.92 39.63
C LYS OB 197 25.00 77.77 38.67
N GLU OB 198 24.80 78.09 37.39
CA GLU OB 198 24.41 77.04 36.43
C GLU OB 198 25.49 75.97 36.35
N ILE OB 199 26.75 76.37 36.19
CA ILE OB 199 27.82 75.39 36.03
C ILE OB 199 28.08 74.66 37.35
N LEU OB 200 27.99 75.37 38.47
CA LEU OB 200 28.16 74.69 39.75
C LEU OB 200 27.09 73.64 39.96
N SER OB 201 25.87 73.88 39.45
CA SER OB 201 24.84 72.86 39.50
C SER OB 201 25.12 71.73 38.52
N HIS OB 202 25.65 72.07 37.34
CA HIS OB 202 26.05 71.04 36.38
C HIS OB 202 27.08 70.09 36.98
N ALA OB 203 27.91 70.59 37.89
CA ALA OB 203 28.95 69.76 38.48
C ALA OB 203 28.39 68.59 39.28
N SER OB 204 27.10 68.60 39.63
CA SER OB 204 26.51 67.56 40.44
C SER OB 204 26.16 66.34 39.60
N ARG OB 205 25.62 65.31 40.28
CA ARG OB 205 25.15 64.11 39.60
C ARG OB 205 24.01 63.53 40.43
N HIS OB 206 22.79 63.62 39.90
CA HIS OB 206 21.59 63.29 40.66
C HIS OB 206 21.11 61.86 40.46
N TYR OB 207 21.54 61.19 39.39
CA TYR OB 207 20.98 59.91 38.98
C TYR OB 207 21.91 58.75 39.32
N ASN OB 208 22.57 58.81 40.47
CA ASN OB 208 23.48 57.77 40.92
C ASN OB 208 23.06 57.31 42.31
N LEU OB 209 23.32 56.03 42.60
CA LEU OB 209 23.00 55.50 43.92
C LEU OB 209 23.62 56.34 45.01
N HIS OB 210 24.84 56.82 44.79
CA HIS OB 210 25.50 57.75 45.70
C HIS OB 210 25.37 59.15 45.13
N PRO OB 211 24.37 59.92 45.55
CA PRO OB 211 24.18 61.27 45.00
C PRO OB 211 25.24 62.24 45.49
N LEU OB 212 25.76 63.03 44.56
CA LEU OB 212 26.62 64.17 44.84
C LEU OB 212 25.91 65.40 44.28
N ILE OB 213 25.31 66.19 45.16
CA ILE OB 213 24.43 67.28 44.75
C ILE OB 213 24.97 68.60 45.26
N PHE OB 214 25.03 69.58 44.38
CA PHE OB 214 25.46 70.93 44.70
C PHE OB 214 24.26 71.87 44.59
N GLU OB 215 24.31 72.96 45.36
CA GLU OB 215 23.31 73.99 45.12
C GLU OB 215 23.79 75.35 45.65
N PRO OB 216 23.90 76.36 44.80
CA PRO OB 216 24.30 77.69 45.28
C PRO OB 216 23.19 78.34 46.08
N ARG OB 217 23.60 79.28 46.94
CA ARG OB 217 22.65 80.08 47.71
C ARG OB 217 22.69 81.54 47.32
N GLU OB 218 23.86 82.19 47.39
CA GLU OB 218 23.97 83.60 47.05
C GLU OB 218 25.41 83.89 46.64
N TYR OB 219 25.58 85.02 45.97
CA TYR OB 219 26.90 85.52 45.62
C TYR OB 219 27.43 86.42 46.74
N PHE OB 220 28.75 86.52 46.82
CA PHE OB 220 29.41 87.37 47.80
C PHE OB 220 30.64 88.00 47.18
N SER OB 221 31.03 89.15 47.71
CA SER OB 221 32.22 89.84 47.25
C SER OB 221 33.48 89.15 47.77
N THR OB 222 34.60 89.42 47.12
CA THR OB 222 35.87 88.83 47.53
C THR OB 222 36.30 89.31 48.91
N ASP OB 223 35.73 90.40 49.42
CA ASP OB 223 36.12 90.90 50.74
C ASP OB 223 35.77 89.90 51.83
N LYS OB 224 34.59 89.29 51.74
CA LYS OB 224 34.11 88.36 52.76
C LYS OB 224 34.62 86.95 52.55
N LEU OB 225 35.62 86.76 51.69
CA LEU OB 225 36.14 85.42 51.45
C LEU OB 225 36.72 84.81 52.73
N HIS OB 226 37.49 85.59 53.48
CA HIS OB 226 38.06 85.07 54.72
C HIS OB 226 36.96 84.73 55.72
N SER OB 227 35.96 85.59 55.85
CA SER OB 227 34.87 85.32 56.78
C SER OB 227 34.15 84.03 56.40
N LEU OB 228 33.91 83.81 55.11
CA LEU OB 228 33.29 82.57 54.69
C LEU OB 228 34.20 81.37 54.93
N LEU OB 229 35.51 81.56 54.77
CA LEU OB 229 36.47 80.47 54.96
C LEU OB 229 36.72 80.15 56.41
N GLN OB 230 36.28 81.00 57.34
CA GLN OB 230 36.44 80.70 58.76
C GLN OB 230 35.87 79.33 59.08
N GLY OB 231 36.60 78.57 59.89
CA GLY OB 231 36.22 77.21 60.21
C GLY OB 231 34.84 77.07 60.82
N ALA OB 232 34.19 75.94 60.55
CA ALA OB 232 32.84 75.70 61.06
C ALA OB 232 32.86 75.58 62.57
N ARG OB 233 31.77 76.02 63.20
CA ARG OB 233 31.65 76.02 64.65
C ARG OB 233 30.69 74.95 65.17
N GLY OB 234 30.39 73.94 64.35
CA GLY OB 234 29.58 72.84 64.85
C GLY OB 234 29.41 71.75 63.81
N HIS OB 235 29.08 70.56 64.29
CA HIS OB 235 28.74 69.45 63.42
C HIS OB 235 27.65 68.61 64.07
N HIS OB 236 26.53 68.45 63.37
CA HIS OB 236 25.47 67.55 63.80
C HIS OB 236 25.70 66.18 63.18
N HIS OB 237 25.89 65.18 64.03
CA HIS OB 237 26.18 63.82 63.58
C HIS OB 237 25.02 62.90 63.93
N ARG OB 238 24.50 62.21 62.93
CA ARG OB 238 23.48 61.19 63.11
C ARG OB 238 24.09 59.84 62.77
N VAL OB 239 24.06 58.91 63.72
CA VAL OB 239 24.73 57.63 63.58
C VAL OB 239 23.76 56.51 63.89
N LEU OB 240 24.01 55.34 63.30
CA LEU OB 240 23.20 54.16 63.50
C LEU OB 240 24.14 52.96 63.65
N LEU OB 241 24.16 52.38 64.85
CA LEU OB 241 24.93 51.18 65.14
C LEU OB 241 24.00 49.98 65.03
N ARG OB 242 24.44 48.96 64.31
CA ARG OB 242 23.55 47.87 63.89
C ARG OB 242 23.43 46.77 64.94
N CYS OB 243 24.55 46.22 65.39
CA CYS OB 243 24.55 45.03 66.25
C CYS OB 243 25.26 45.38 67.55
N VAL OB 244 24.50 45.73 68.57
CA VAL OB 244 25.04 46.12 69.86
C VAL OB 244 24.55 45.15 70.91
N GLU OB 245 25.49 44.56 71.66
CA GLU OB 245 25.18 43.65 72.74
C GLU OB 245 24.66 44.42 73.94
N GLY OB 246 23.84 43.75 74.74
CA GLY OB 246 23.32 44.33 75.97
C GLY OB 246 21.83 44.57 75.92
N SER OB 247 21.37 45.58 76.65
CA SER OB 247 19.96 45.94 76.72
C SER OB 247 19.80 47.44 76.62
N GLN OB 248 18.55 47.87 76.43
CA GLN OB 248 18.28 49.30 76.31
C GLN OB 248 18.75 50.05 77.55
N ASP OB 249 18.47 49.51 78.74
CA ASP OB 249 18.82 50.20 79.96
C ASP OB 249 20.33 50.42 80.06
N THR OB 250 21.12 49.37 79.83
CA THR OB 250 22.56 49.50 79.98
C THR OB 250 23.16 50.36 78.88
N ILE OB 251 22.64 50.25 77.65
CA ILE OB 251 23.14 51.10 76.57
C ILE OB 251 22.89 52.57 76.89
N ARG OB 252 21.67 52.88 77.35
CA ARG OB 252 21.35 54.25 77.71
C ARG OB 252 22.18 54.73 78.89
N ALA OB 253 22.45 53.87 79.87
CA ALA OB 253 23.31 54.27 80.98
C ALA OB 253 24.71 54.58 80.50
N LEU OB 254 25.26 53.75 79.61
CA LEU OB 254 26.60 54.00 79.08
C LEU OB 254 26.64 55.33 78.34
N LEU OB 255 25.63 55.59 77.51
CA LEU OB 255 25.62 56.85 76.78
C LEU OB 255 25.42 58.04 77.71
N LYS OB 256 24.62 57.87 78.77
CA LYS OB 256 24.45 58.95 79.73
C LYS OB 256 25.77 59.29 80.42
N LYS OB 257 26.50 58.27 80.88
CA LYS OB 257 27.77 58.54 81.54
C LYS OB 257 28.76 59.15 80.56
N THR OB 258 28.78 58.69 79.31
CA THR OB 258 29.67 59.27 78.32
C THR OB 258 29.35 60.74 78.08
N ALA OB 259 28.07 61.06 77.93
CA ALA OB 259 27.69 62.46 77.72
C ALA OB 259 28.05 63.31 78.91
N GLU OB 260 27.82 62.81 80.12
CA GLU OB 260 28.12 63.59 81.32
C GLU OB 260 29.61 63.83 81.46
N ARG OB 261 30.43 62.81 81.20
CA ARG OB 261 31.86 62.88 81.45
C ARG OB 261 32.66 63.37 80.25
N GLY OB 262 32.03 63.57 79.10
CA GLY OB 262 32.75 63.99 77.92
C GLY OB 262 33.55 62.84 77.32
N PHE OB 263 34.31 63.17 76.28
CA PHE OB 263 35.19 62.21 75.64
C PHE OB 263 36.43 62.94 75.11
N ILE OB 264 37.53 62.19 75.00
CA ILE OB 264 38.78 62.79 74.54
C ILE OB 264 38.64 63.19 73.08
N ASN OB 265 39.20 64.36 72.74
CA ASN OB 265 39.07 64.93 71.40
C ASN OB 265 40.30 64.55 70.60
N TYR OB 266 40.42 63.26 70.29
CA TYR OB 266 41.51 62.75 69.47
C TYR OB 266 41.26 63.06 67.99
N PHE OB 267 42.34 63.04 67.22
CA PHE OB 267 42.26 63.09 65.76
C PHE OB 267 42.07 61.67 65.27
N TRP OB 268 40.82 61.32 64.96
CA TRP OB 268 40.52 59.97 64.53
C TRP OB 268 41.25 59.67 63.21
N LEU OB 269 41.24 58.39 62.84
CA LEU OB 269 42.01 57.93 61.67
C LEU OB 269 41.56 58.56 60.37
N ASP OB 270 40.50 59.36 60.37
CA ASP OB 270 40.12 60.06 59.14
C ASP OB 270 41.23 60.99 58.67
N ARG OB 271 42.14 61.39 59.56
CA ARG OB 271 43.25 62.26 59.20
C ARG OB 271 44.43 61.47 58.65
N PHE OB 272 44.72 60.30 59.21
CA PHE OB 272 45.81 59.44 58.76
C PHE OB 272 45.22 58.11 58.29
N SER OB 273 45.57 57.72 57.06
CA SER OB 273 44.97 56.54 56.46
C SER OB 273 45.15 55.32 57.36
N VAL OB 274 44.34 54.30 57.09
CA VAL OB 274 44.41 53.04 57.85
C VAL OB 274 45.47 52.09 57.31
N GLY OB 275 46.09 52.41 56.17
CA GLY OB 275 47.09 51.55 55.58
C GLY OB 275 48.25 51.28 56.52
N THR OB 276 49.15 50.39 56.12
CA THR OB 276 50.29 50.06 56.98
C THR OB 276 51.18 51.28 57.20
N ASN OB 277 51.42 52.07 56.16
CA ASN OB 277 52.17 53.30 56.26
C ASN OB 277 51.20 54.48 56.21
N ARG OB 278 51.38 55.42 57.13
CA ARG OB 278 50.46 56.53 57.32
C ARG OB 278 50.98 57.80 56.66
N PHE OB 279 50.11 58.81 56.62
CA PHE OB 279 50.47 60.08 56.02
C PHE OB 279 51.66 60.70 56.73
N PHE OB 280 51.70 60.60 58.06
CA PHE OB 280 52.84 61.15 58.79
C PHE OB 280 54.11 60.35 58.52
N ASP OB 281 53.99 59.04 58.29
CA ASP OB 281 55.16 58.26 57.87
C ASP OB 281 55.70 58.76 56.54
N MET OB 282 54.80 59.00 55.58
CA MET OB 282 55.23 59.55 54.30
C MET OB 282 55.87 60.92 54.49
N ALA OB 283 55.28 61.75 55.36
CA ALA OB 283 55.82 63.09 55.59
C ALA OB 283 57.22 63.04 56.17
N VAL OB 284 57.45 62.15 57.16
CA VAL OB 284 58.78 62.07 57.75
C VAL OB 284 59.78 61.53 56.76
N LEU OB 285 59.37 60.55 55.94
CA LEU OB 285 60.27 60.06 54.89
C LEU OB 285 60.68 61.20 53.96
N ALA OB 286 59.70 61.97 53.48
CA ALA OB 286 60.01 63.07 52.59
C ALA OB 286 60.91 64.09 53.27
N ALA OB 287 60.63 64.41 54.54
CA ALA OB 287 61.42 65.41 55.25
C ALA OB 287 62.86 64.96 55.39
N ARG OB 288 63.08 63.70 55.78
CA ARG OB 288 64.45 63.21 55.90
C ARG OB 288 65.08 62.96 54.54
N GLY OB 289 64.31 63.03 53.45
CA GLY OB 289 64.87 63.07 52.12
C GLY OB 289 64.83 61.76 51.37
N ASP OB 290 64.34 60.68 51.98
CA ASP OB 290 64.22 59.40 51.28
C ASP OB 290 63.00 59.42 50.37
N TYR OB 291 63.07 60.29 49.37
CA TYR OB 291 61.94 60.47 48.46
C TYR OB 291 61.55 59.16 47.79
N LEU OB 292 62.53 58.30 47.52
CA LEU OB 292 62.22 57.00 46.92
C LEU OB 292 61.27 56.20 47.82
N LYS OB 293 61.60 56.09 49.10
CA LYS OB 293 60.73 55.35 50.01
C LYS OB 293 59.41 56.09 50.24
N SER OB 294 59.43 57.42 50.22
CA SER OB 294 58.18 58.15 50.40
C SER OB 294 57.21 57.89 49.26
N ILE OB 295 57.70 57.95 48.02
CA ILE OB 295 56.84 57.66 46.87
C ILE OB 295 56.44 56.19 46.87
N GLY OB 296 57.33 55.31 47.30
CA GLY OB 296 56.97 53.91 47.42
C GLY OB 296 55.80 53.69 48.38
N ALA OB 297 55.86 54.36 49.54
CA ALA OB 297 54.76 54.25 50.49
C ALA OB 297 53.48 54.88 49.95
N LEU OB 298 53.61 55.99 49.22
CA LEU OB 298 52.43 56.59 48.59
C LEU OB 298 51.76 55.60 47.64
N LEU OB 299 52.56 54.98 46.76
CA LEU OB 299 52.02 53.99 45.84
C LEU OB 299 51.46 52.80 46.59
N HIS OB 300 52.08 52.43 47.70
CA HIS OB 300 51.59 51.31 48.50
C HIS OB 300 50.19 51.61 49.04
N CYS OB 301 50.00 52.79 49.61
CA CYS OB 301 48.68 53.16 50.12
C CYS OB 301 47.66 53.23 48.99
N VAL OB 302 48.05 53.80 47.85
CA VAL OB 302 47.14 53.87 46.71
C VAL OB 302 46.75 52.47 46.24
N ALA OB 303 47.71 51.55 46.22
CA ALA OB 303 47.42 50.17 45.83
C ALA OB 303 46.46 49.52 46.81
N GLU OB 304 46.70 49.70 48.10
CA GLU OB 304 45.77 49.15 49.08
C GLU OB 304 44.37 49.72 48.89
N SER OB 305 44.28 51.00 48.50
CA SER OB 305 42.96 51.62 48.34
C SER OB 305 42.25 51.11 47.09
N ASN OB 306 42.97 51.00 45.96
CA ASN OB 306 42.37 50.69 44.68
C ASN OB 306 42.85 49.34 44.16
N GLY OB 307 41.94 48.58 43.54
CA GLY OB 307 42.29 47.25 43.08
C GLY OB 307 43.24 47.24 41.89
N VAL OB 308 42.95 48.06 40.88
CA VAL OB 308 43.80 48.07 39.69
C VAL OB 308 45.21 48.51 40.03
N HIS OB 309 45.32 49.57 40.84
CA HIS OB 309 46.62 50.00 41.33
C HIS OB 309 47.31 48.89 42.09
N TYR OB 310 46.55 48.08 42.84
CA TYR OB 310 47.15 46.92 43.50
C TYR OB 310 47.67 45.93 42.47
N ASP OB 311 46.92 45.69 41.41
CA ASP OB 311 47.39 44.76 40.38
C ASP OB 311 48.70 45.23 39.77
N HIS OB 312 48.81 46.51 39.43
CA HIS OB 312 50.00 47.01 38.77
C HIS OB 312 51.17 47.22 39.73
N PHE OB 313 50.91 47.52 41.00
CA PHE OB 313 52.00 47.74 41.94
C PHE OB 313 52.80 46.47 42.14
N LEU OB 314 52.12 45.33 42.28
CA LEU OB 314 52.83 44.07 42.45
C LEU OB 314 53.64 43.72 41.20
N LYS OB 315 53.07 43.97 40.02
CA LYS OB 315 53.82 43.73 38.79
C LYS OB 315 55.07 44.60 38.74
N TYR OB 316 54.95 45.87 39.14
CA TYR OB 316 56.12 46.73 39.19
C TYR OB 316 57.15 46.23 40.18
N LEU OB 317 56.70 45.79 41.36
CA LEU OB 317 57.61 45.32 42.39
C LEU OB 317 58.38 44.09 41.92
N ASN OB 318 57.68 43.16 41.28
CA ASN OB 318 58.28 41.88 40.88
C ASN OB 318 58.85 41.92 39.47
N ALA OB 319 58.79 43.05 38.78
CA ALA OB 319 59.31 43.14 37.42
C ALA OB 319 60.83 43.13 37.42
N ASP OB 320 61.38 42.46 36.42
CA ASP OB 320 62.82 42.45 36.22
C ASP OB 320 63.30 43.86 35.89
N PRO OB 321 64.46 44.28 36.42
CA PRO OB 321 64.94 45.64 36.14
C PRO OB 321 65.05 45.95 34.65
N SER OB 322 65.04 44.94 33.79
CA SER OB 322 65.00 45.17 32.35
C SER OB 322 63.62 45.62 31.87
N THR OB 323 62.56 44.99 32.37
CA THR OB 323 61.21 45.28 31.92
C THR OB 323 60.46 46.26 32.82
N VAL OB 324 61.08 46.71 33.92
CA VAL OB 324 60.38 47.62 34.82
C VAL OB 324 59.92 48.90 34.11
N PRO OB 325 60.69 49.50 33.21
CA PRO OB 325 60.17 50.71 32.54
C PRO OB 325 58.88 50.46 31.80
N GLY OB 326 58.77 49.32 31.13
CA GLY OB 326 57.54 48.99 30.43
C GLY OB 326 56.38 48.76 31.37
N ILE OB 327 56.64 48.14 32.52
CA ILE OB 327 55.58 47.96 33.52
C ILE OB 327 55.10 49.31 34.03
N ALA OB 328 56.03 50.23 34.30
CA ALA OB 328 55.65 51.56 34.73
C ALA OB 328 54.83 52.28 33.65
N GLN OB 329 55.24 52.14 32.39
CA GLN OB 329 54.50 52.77 31.31
C GLN OB 329 53.09 52.20 31.21
N THR OB 330 52.96 50.87 31.34
CA THR OB 330 51.63 50.26 31.31
C THR OB 330 50.78 50.72 32.47
N TRP OB 331 51.38 50.84 33.66
CA TRP OB 331 50.63 51.32 34.82
C TRP OB 331 50.13 52.74 34.60
N ALA OB 332 51.01 53.61 34.08
CA ALA OB 332 50.59 54.99 33.82
C ALA OB 332 49.49 55.03 32.77
N THR OB 333 49.62 54.24 31.71
CA THR OB 333 48.59 54.21 30.68
C THR OB 333 47.27 53.72 31.23
N THR OB 334 47.30 52.69 32.07
CA THR OB 334 46.07 52.17 32.66
C THR OB 334 45.43 53.21 33.57
N ALA OB 335 46.23 53.92 34.36
CA ALA OB 335 45.68 54.97 35.20
C ALA OB 335 45.02 56.06 34.35
N LYS OB 336 45.71 56.48 33.29
CA LYS OB 336 45.14 57.48 32.40
C LYS OB 336 43.84 57.00 31.77
N HIS OB 337 43.80 55.73 31.36
CA HIS OB 337 42.61 55.19 30.70
C HIS OB 337 41.44 55.12 31.67
N MET OB 338 41.66 54.57 32.86
CA MET OB 338 40.60 54.54 33.86
C MET OB 338 40.30 55.91 34.44
N ARG OB 339 41.08 56.93 34.05
CA ARG OB 339 40.79 58.31 34.42
C ARG OB 339 40.96 58.51 35.93
N SER OB 340 42.11 58.06 36.43
CA SER OB 340 42.51 58.32 37.80
C SER OB 340 42.91 59.79 37.93
N PRO OB 341 43.00 60.30 39.16
CA PRO OB 341 43.31 61.72 39.34
C PRO OB 341 44.61 62.12 38.64
N ASN OB 342 44.63 63.37 38.17
CA ASN OB 342 45.75 63.84 37.37
C ASN OB 342 47.05 63.77 38.15
N TRP OB 343 47.02 64.01 39.47
CA TRP OB 343 48.26 63.99 40.22
C TRP OB 343 48.89 62.60 40.22
N ILE OB 344 48.08 61.56 40.43
CA ILE OB 344 48.62 60.20 40.40
C ILE OB 344 49.02 59.81 38.99
N VAL OB 345 48.26 60.24 37.99
CA VAL OB 345 48.64 59.93 36.61
C VAL OB 345 50.02 60.51 36.30
N GLN OB 346 50.22 61.77 36.67
CA GLN OB 346 51.52 62.41 36.44
C GLN OB 346 52.61 61.76 37.28
N LEU OB 347 52.29 61.32 38.50
CA LEU OB 347 53.29 60.65 39.32
C LEU OB 347 53.75 59.35 38.66
N LEU OB 348 52.81 58.57 38.14
CA LEU OB 348 53.16 57.33 37.46
C LEU OB 348 53.96 57.62 36.19
N ARG OB 349 53.57 58.66 35.44
CA ARG OB 349 54.32 59.02 34.24
C ARG OB 349 55.75 59.42 34.60
N GLY OB 350 55.92 60.19 35.67
CA GLY OB 350 57.25 60.56 36.11
C GLY OB 350 58.06 59.36 36.58
N LEU OB 351 57.41 58.41 37.25
CA LEU OB 351 58.10 57.19 37.64
C LEU OB 351 58.57 56.41 36.42
N HIS OB 352 57.71 56.31 35.39
CA HIS OB 352 58.13 55.65 34.16
C HIS OB 352 59.31 56.36 33.53
N LYS OB 353 59.29 57.69 33.48
CA LYS OB 353 60.42 58.43 32.91
C LYS OB 353 61.68 58.19 33.73
N TYR OB 354 61.55 58.18 35.06
CA TYR OB 354 62.69 57.94 35.93
C TYR OB 354 63.31 56.58 35.65
N HIS OB 355 62.48 55.55 35.48
CA HIS OB 355 63.01 54.22 35.22
C HIS OB 355 63.55 54.08 33.81
N ALA OB 356 62.99 54.81 32.84
CA ALA OB 356 63.40 54.66 31.45
C ALA OB 356 64.67 55.45 31.15
N ASP OB 357 64.60 56.78 31.29
CA ASP OB 357 65.70 57.65 30.90
C ASP OB 357 66.74 57.70 32.00
N ALA OB 358 68.02 57.56 31.60
CA ALA OB 358 69.12 57.70 32.55
C ALA OB 358 69.26 59.13 33.07
N GLU OB 359 68.75 60.11 32.32
CA GLU OB 359 68.82 61.49 32.78
C GLU OB 359 68.03 61.68 34.08
N CYS OB 360 66.85 61.06 34.17
CA CYS OB 360 65.99 61.19 35.32
C CYS OB 360 66.25 60.14 36.39
N GLY OB 361 67.16 59.20 36.12
CA GLY OB 361 67.44 58.14 37.08
C GLY OB 361 68.26 58.60 38.26
N LYS OB 362 67.77 59.61 38.97
CA LYS OB 362 68.47 60.16 40.13
C LYS OB 362 67.44 60.66 41.13
N SER OB 363 67.89 60.83 42.38
CA SER OB 363 66.98 61.27 43.43
C SER OB 363 66.44 62.67 43.20
N SER OB 364 67.11 63.46 42.36
CA SER OB 364 66.61 64.81 42.08
C SER OB 364 65.25 64.75 41.40
N TYR OB 365 65.08 63.83 40.45
CA TYR OB 365 63.80 63.71 39.76
C TYR OB 365 62.70 63.29 40.73
N LEU OB 366 63.01 62.35 41.64
CA LEU OB 366 62.01 61.93 42.62
C LEU OB 366 61.66 63.09 43.56
N ALA OB 367 62.65 63.88 43.96
CA ALA OB 367 62.37 65.05 44.79
C ALA OB 367 61.47 66.04 44.05
N GLU OB 368 61.74 66.25 42.76
CA GLU OB 368 60.89 67.13 41.98
C GLU OB 368 59.46 66.61 41.89
N LEU OB 369 59.31 65.30 41.69
CA LEU OB 369 57.97 64.71 41.64
C LEU OB 369 57.25 64.90 42.98
N TRP OB 370 57.95 64.66 44.09
CA TRP OB 370 57.32 64.84 45.39
C TRP OB 370 56.93 66.29 45.60
N SER OB 371 57.78 67.23 45.21
CA SER OB 371 57.45 68.63 45.34
C SER OB 371 56.21 68.99 44.53
N ALA OB 372 56.12 68.47 43.30
CA ALA OB 372 54.92 68.70 42.50
C ALA OB 372 53.70 68.04 43.13
N LEU OB 373 53.90 66.98 43.90
CA LEU OB 373 52.79 66.30 44.54
C LEU OB 373 52.04 67.27 45.46
N PRO OB 374 50.72 67.38 45.36
CA PRO OB 374 49.99 68.38 46.14
C PRO OB 374 49.58 67.92 47.54
N MET OB 375 49.99 66.74 47.98
CA MET OB 375 49.57 66.21 49.26
C MET OB 375 50.54 66.52 50.40
N ARG OB 376 51.65 67.20 50.12
CA ARG OB 376 52.68 67.39 51.14
C ARG OB 376 52.14 68.11 52.37
N GLU OB 377 51.36 69.17 52.15
CA GLU OB 377 50.80 69.91 53.29
C GLU OB 377 49.87 69.02 54.11
N ALA OB 378 49.06 68.20 53.43
CA ALA OB 378 48.17 67.30 54.16
C ALA OB 378 48.97 66.30 54.99
N LEU OB 379 50.05 65.75 54.43
CA LEU OB 379 50.86 64.80 55.19
C LEU OB 379 51.49 65.47 56.40
N ARG OB 380 52.00 66.69 56.23
CA ARG OB 380 52.59 67.40 57.36
C ARG OB 380 51.57 67.70 58.44
N ARG OB 381 50.36 68.10 58.03
CA ARG OB 381 49.30 68.32 59.02
C ARG OB 381 48.95 67.03 59.74
N SER OB 382 48.93 65.91 59.03
CA SER OB 382 48.67 64.63 59.67
C SER OB 382 49.75 64.32 60.71
N ALA OB 383 51.01 64.61 60.38
CA ALA OB 383 52.08 64.39 61.34
C ALA OB 383 51.89 65.26 62.58
N ALA OB 384 51.54 66.53 62.38
CA ALA OB 384 51.30 67.42 63.51
C ALA OB 384 50.16 66.90 64.38
N GLU OB 385 49.09 66.42 63.75
CA GLU OB 385 47.95 65.89 64.51
C GLU OB 385 48.32 64.62 65.27
N PHE OB 386 49.15 63.77 64.67
CA PHE OB 386 49.64 62.59 65.38
C PHE OB 386 50.46 63.00 66.62
N VAL OB 387 51.32 64.01 66.46
CA VAL OB 387 52.08 64.48 67.61
C VAL OB 387 51.15 65.00 68.69
N TRP OB 388 50.11 65.75 68.28
CA TRP OB 388 49.16 66.27 69.26
C TRP OB 388 48.44 65.14 69.99
N ASN OB 389 48.06 64.09 69.27
CA ASN OB 389 47.40 62.95 69.91
C ASN OB 389 48.32 62.32 70.94
N ALA OB 390 49.59 62.11 70.57
CA ALA OB 390 50.53 61.51 71.50
C ALA OB 390 50.70 62.38 72.74
N MET OB 391 50.83 63.69 72.55
CA MET OB 391 51.02 64.59 73.69
C MET OB 391 49.79 64.64 74.58
N ALA OB 392 48.60 64.63 73.99
CA ALA OB 392 47.38 64.61 74.79
C ALA OB 392 47.27 63.32 75.58
N SER OB 393 47.62 62.19 74.97
CA SER OB 393 47.61 60.93 75.70
C SER OB 393 48.58 60.98 76.87
N GLN OB 394 49.78 61.52 76.66
CA GLN OB 394 50.74 61.64 77.74
C GLN OB 394 50.23 62.56 78.84
N ARG OB 395 49.58 63.66 78.46
CA ARG OB 395 49.04 64.59 79.44
C ARG OB 395 47.99 63.90 80.32
N LEU OB 396 47.07 63.16 79.69
CA LEU OB 396 46.05 62.46 80.46
C LEU OB 396 46.67 61.39 81.35
N LEU OB 397 47.68 60.68 80.84
CA LEU OB 397 48.34 59.66 81.65
C LEU OB 397 49.00 60.29 82.87
N SER OB 398 49.66 61.43 82.69
CA SER OB 398 50.43 62.02 83.78
C SER OB 398 49.52 62.72 84.80
N LYS OB 399 48.76 63.72 84.34
CA LYS OB 399 47.95 64.52 85.26
C LYS OB 399 46.56 63.92 85.49
N GLY OB 400 45.87 63.55 84.41
CA GLY OB 400 44.54 62.98 84.53
C GLY OB 400 43.44 63.99 84.34
N LEU OB 401 42.25 63.69 84.88
CA LEU OB 401 41.12 64.59 84.69
C LEU OB 401 41.36 65.94 85.37
N ASN OB 402 41.96 65.93 86.56
CA ASN OB 402 42.17 67.17 87.29
C ASN OB 402 43.09 68.10 86.50
N VAL OB 403 42.93 69.40 86.75
CA VAL OB 403 43.69 70.44 86.06
C VAL OB 403 44.63 71.10 87.06
N VAL OB 404 45.91 71.18 86.69
CA VAL OB 404 46.92 71.82 87.53
C VAL OB 404 47.91 72.58 86.65
N GLU OB 405 47.85 73.91 86.71
CA GLU OB 405 48.79 74.76 85.98
C GLU OB 405 48.85 74.37 84.51
N GLY OB 406 47.69 74.03 83.94
CA GLY OB 406 47.58 73.65 82.55
C GLY OB 406 46.95 74.76 81.71
N ASP OB 407 47.24 74.72 80.42
CA ASP OB 407 46.71 75.71 79.50
C ASP OB 407 45.19 75.59 79.41
N VAL OB 408 44.54 76.75 79.34
CA VAL OB 408 43.09 76.85 79.27
C VAL OB 408 42.72 77.86 78.19
N VAL OB 409 41.47 77.79 77.75
CA VAL OB 409 40.95 78.68 76.71
C VAL OB 409 40.64 80.03 77.34
N ARG OB 410 41.14 81.10 76.73
CA ARG OB 410 40.91 82.45 77.22
C ARG OB 410 39.65 83.00 76.55
N MET OB 411 38.55 83.00 77.30
CA MET OB 411 37.28 83.49 76.76
C MET OB 411 37.33 84.99 76.55
N THR OB 444 37.73 79.38 88.51
CA THR OB 444 38.53 78.19 88.29
C THR OB 444 38.11 77.50 86.99
N PHE OB 445 39.04 77.38 86.05
CA PHE OB 445 38.76 76.74 84.78
C PHE OB 445 38.60 75.23 84.98
N LYS OB 446 37.92 74.61 84.01
CA LYS OB 446 37.59 73.19 84.06
C LYS OB 446 38.39 72.42 83.01
N ILE OB 447 38.32 71.09 83.11
CA ILE OB 447 39.01 70.24 82.14
C ILE OB 447 38.46 70.49 80.74
N THR OB 448 37.16 70.75 80.62
CA THR OB 448 36.60 71.08 79.32
C THR OB 448 37.29 72.30 78.73
N ASP OB 449 37.58 73.30 79.55
CA ASP OB 449 38.33 74.47 79.10
C ASP OB 449 39.80 74.17 78.86
N VAL OB 450 40.35 73.15 79.53
CA VAL OB 450 41.76 72.81 79.32
C VAL OB 450 42.00 72.52 77.84
N VAL OB 451 43.10 73.05 77.31
CA VAL OB 451 43.44 72.94 75.90
C VAL OB 451 44.92 72.62 75.78
N LEU OB 452 45.30 72.02 74.64
CA LEU OB 452 46.70 71.77 74.32
C LEU OB 452 46.98 72.27 72.91
N PRO OB 453 48.20 72.76 72.64
CA PRO OB 453 48.50 73.21 71.29
C PRO OB 453 48.89 72.06 70.37
N VAL OB 454 48.49 72.19 69.10
CA VAL OB 454 48.90 71.29 68.04
C VAL OB 454 49.93 72.02 67.19
N PRO OB 455 51.19 71.56 67.12
CA PRO OB 455 52.21 72.35 66.43
C PRO OB 455 52.11 72.25 64.92
N TYR OB 456 51.58 73.30 64.31
CA TYR OB 456 51.52 73.40 62.85
C TYR OB 456 52.65 74.27 62.32
N GLY OB 457 53.88 73.86 62.63
CA GLY OB 457 55.07 74.54 62.14
C GLY OB 457 55.73 75.37 63.23
N SER OB 458 56.82 76.03 62.82
CA SER OB 458 57.57 76.86 63.76
C SER OB 458 56.75 78.04 64.25
N VAL OB 459 55.91 78.60 63.39
CA VAL OB 459 55.07 79.73 63.81
C VAL OB 459 54.17 79.31 64.96
N ALA OB 460 53.54 78.13 64.84
CA ALA OB 460 52.73 77.62 65.94
C ALA OB 460 53.59 77.33 67.16
N ALA OB 461 54.74 76.67 66.96
CA ALA OB 461 55.60 76.33 68.08
C ALA OB 461 56.00 77.57 68.87
N ASN OB 462 56.15 78.71 68.20
CA ASN OB 462 56.54 79.93 68.88
C ASN OB 462 55.33 80.61 69.53
N ASN OB 463 54.31 80.93 68.72
CA ASN OB 463 53.19 81.72 69.22
C ASN OB 463 52.42 80.97 70.30
N CYS OB 464 52.18 79.68 70.11
CA CYS OB 464 51.34 78.94 71.05
C CYS OB 464 51.97 78.88 72.43
N LEU OB 465 51.11 78.90 73.45
CA LEU OB 465 51.54 78.83 74.85
C LEU OB 465 51.48 77.37 75.29
N PHE OB 466 52.59 76.66 75.13
CA PHE OB 466 52.65 75.27 75.54
C PHE OB 466 52.55 75.17 77.06
N PRO OB 467 51.96 74.08 77.57
CA PRO OB 467 51.83 73.93 79.02
C PRO OB 467 53.19 73.91 79.70
N HIS OB 468 53.25 74.53 80.87
CA HIS OB 468 54.47 74.64 81.66
C HIS OB 468 54.40 73.58 82.77
N LEU OB 469 54.73 72.34 82.41
CA LEU OB 469 54.78 71.23 83.34
C LEU OB 469 56.14 70.57 83.26
N SER OB 470 56.63 70.10 84.41
CA SER OB 470 57.95 69.48 84.43
C SER OB 470 58.06 68.29 83.50
N PRO OB 471 57.14 67.32 83.53
CA PRO OB 471 57.27 66.17 82.62
C PRO OB 471 56.92 66.52 81.18
N LEU OB 472 55.84 67.27 80.99
CA LEU OB 472 55.33 67.61 79.66
C LEU OB 472 55.53 69.10 79.40
N ASP OB 473 56.13 69.42 78.26
CA ASP OB 473 56.39 70.81 77.88
C ASP OB 473 56.90 70.82 76.45
N LYS OB 474 57.28 72.02 76.00
CA LYS OB 474 57.86 72.17 74.68
C LYS OB 474 59.05 71.26 74.49
N LYS OB 475 59.83 71.04 75.56
CA LYS OB 475 60.98 70.15 75.45
C LYS OB 475 60.56 68.73 75.13
N LEU OB 476 59.51 68.23 75.80
CA LEU OB 476 59.02 66.88 75.50
C LEU OB 476 58.40 66.82 74.12
N TYR OB 477 57.70 67.88 73.71
CA TYR OB 477 57.18 67.94 72.34
C TYR OB 477 58.32 67.75 71.34
N VAL OB 478 59.40 68.52 71.51
CA VAL OB 478 60.52 68.45 70.57
C VAL OB 478 61.18 67.08 70.63
N GLU OB 479 61.31 66.51 71.83
CA GLU OB 479 61.94 65.20 71.96
C GLU OB 479 61.13 64.14 71.22
N PHE OB 480 59.81 64.16 71.40
CA PHE OB 480 58.94 63.20 70.71
C PHE OB 480 59.03 63.39 69.20
N ALA OB 481 58.98 64.64 68.74
CA ALA OB 481 59.07 64.90 67.31
C ALA OB 481 60.39 64.39 66.74
N THR OB 482 61.49 64.65 67.44
CA THR OB 482 62.80 64.21 66.97
C THR OB 482 62.89 62.70 66.93
N LYS OB 483 62.40 62.03 67.97
CA LYS OB 483 62.53 60.57 68.03
C LYS OB 483 61.63 59.89 67.02
N HIS OB 484 60.49 60.50 66.67
CA HIS OB 484 59.61 59.94 65.63
C HIS OB 484 59.90 60.52 64.25
N GLY OB 485 60.90 61.39 64.12
CA GLY OB 485 61.27 61.90 62.82
C GLY OB 485 60.46 63.08 62.35
N MET OB 486 59.64 63.68 63.22
CA MET OB 486 58.80 64.81 62.88
C MET OB 486 59.43 66.13 63.34
N SER OB 487 60.77 66.21 63.32
CA SER OB 487 61.44 67.44 63.72
C SER OB 487 61.21 68.59 62.74
N PHE OB 488 60.72 68.30 61.53
CA PHE OB 488 60.51 69.36 60.54
C PHE OB 488 59.43 70.34 60.99
N LEU OB 489 58.37 69.84 61.62
CA LEU OB 489 57.27 70.71 62.01
C LEU OB 489 57.66 71.69 63.11
N PHE OB 490 58.81 71.50 63.74
CA PHE OB 490 59.38 72.50 64.64
C PHE OB 490 60.52 73.28 64.00
N ASP OB 491 61.30 72.65 63.13
CA ASP OB 491 62.40 73.36 62.48
C ASP OB 491 61.89 74.45 61.56
N GLU OB 492 60.88 74.15 60.75
CA GLU OB 492 60.35 75.08 59.76
C GLU OB 492 58.86 75.28 59.98
N GLN OB 493 58.25 76.06 59.08
CA GLN OB 493 56.85 76.43 59.17
C GLN OB 493 56.08 75.86 58.00
N MET OB 494 54.75 75.74 58.17
CA MET OB 494 53.87 75.25 57.13
C MET OB 494 52.72 76.23 56.94
N PRO OB 495 52.37 76.56 55.69
CA PRO OB 495 51.28 77.51 55.46
C PRO OB 495 49.94 76.93 55.88
N SER OB 496 49.04 77.83 56.25
CA SER OB 496 47.68 77.42 56.62
C SER OB 496 46.83 77.30 55.36
N PRO OB 497 46.32 76.11 55.02
CA PRO OB 497 45.48 75.99 53.83
C PRO OB 497 44.25 76.89 53.93
N LEU OB 498 43.88 77.48 52.80
CA LEU OB 498 42.73 78.37 52.77
C LEU OB 498 41.42 77.60 52.92
N SER OB 499 41.34 76.39 52.36
CA SER OB 499 40.11 75.62 52.43
C SER OB 499 39.72 75.33 53.87
N ASN OB 500 40.65 74.79 54.65
CA ASN OB 500 40.43 74.44 56.05
C ASN OB 500 41.52 75.09 56.89
N PRO OB 501 41.29 76.32 57.39
CA PRO OB 501 42.35 77.01 58.15
C PRO OB 501 42.73 76.25 59.41
N LEU OB 502 43.98 76.44 59.81
CA LEU OB 502 44.53 75.72 60.94
C LEU OB 502 43.84 76.14 62.23
N GLN OB 503 43.81 75.21 63.19
CA GLN OB 503 43.25 75.45 64.52
C GLN OB 503 44.32 75.06 65.52
N PHE OB 504 45.04 76.06 66.04
CA PHE OB 504 46.20 75.77 66.88
C PHE OB 504 45.80 75.25 68.26
N TYR OB 505 44.68 75.72 68.80
CA TYR OB 505 44.21 75.30 70.12
C TYR OB 505 43.04 74.35 69.95
N ARG OB 506 43.22 73.10 70.38
CA ARG OB 506 42.19 72.07 70.31
C ARG OB 506 41.94 71.55 71.72
N HIS OB 507 40.69 71.61 72.17
CA HIS OB 507 40.34 71.23 73.53
C HIS OB 507 40.81 69.81 73.84
N LEU OB 508 40.91 69.49 75.13
CA LEU OB 508 41.38 68.17 75.54
C LEU OB 508 40.24 67.15 75.48
N ILE OB 509 39.12 67.45 76.11
CA ILE OB 509 37.92 66.63 76.05
C ILE OB 509 36.74 67.51 75.67
N THR OB 510 35.71 66.89 75.11
CA THR OB 510 34.52 67.60 74.68
C THR OB 510 33.28 66.84 75.12
N LYS OB 511 32.19 67.58 75.27
CA LYS OB 511 30.91 67.03 75.69
C LYS OB 511 29.87 67.43 74.65
N PRO OB 512 29.13 66.49 74.07
CA PRO OB 512 28.11 66.87 73.08
C PRO OB 512 27.11 67.86 73.66
N VAL OB 513 26.83 68.92 72.90
CA VAL OB 513 25.88 69.94 73.36
C VAL OB 513 24.49 69.32 73.47
N ASN OB 514 24.10 68.55 72.46
CA ASN OB 514 22.84 67.83 72.45
C ASN OB 514 23.11 66.39 72.05
N MET OB 515 22.32 65.48 72.63
CA MET OB 515 22.54 64.04 72.43
C MET OB 515 21.21 63.33 72.67
N GLN OB 516 20.62 62.81 71.61
CA GLN OB 516 19.40 62.00 71.69
C GLN OB 516 19.69 60.59 71.21
N VAL OB 517 19.09 59.61 71.87
CA VAL OB 517 19.33 58.19 71.58
C VAL OB 517 18.01 57.44 71.55
N SER OB 518 17.95 56.43 70.70
CA SER OB 518 16.85 55.50 70.65
C SER OB 518 17.41 54.11 70.39
N VAL OB 519 16.77 53.10 70.95
CA VAL OB 519 17.20 51.71 70.82
C VAL OB 519 16.04 50.88 70.30
N ILE OB 520 16.34 50.03 69.32
CA ILE OB 520 15.35 49.17 68.69
C ILE OB 520 15.88 47.74 68.72
N ARG OB 521 14.96 46.79 68.63
CA ARG OB 521 15.30 45.36 68.61
C ARG OB 521 15.26 44.90 67.16
N ASP OB 522 16.39 44.42 66.65
CA ASP OB 522 16.48 43.90 65.29
C ASP OB 522 17.68 42.96 65.20
N PRO OB 523 17.51 41.70 65.59
CA PRO OB 523 18.64 40.76 65.52
C PRO OB 523 19.20 40.59 64.12
N ASN OB 524 18.37 40.73 63.08
CA ASN OB 524 18.83 40.62 61.70
C ASN OB 524 19.23 41.96 61.09
N SER OB 525 19.10 43.05 61.85
CA SER OB 525 19.63 44.35 61.44
C SER OB 525 19.06 44.80 60.10
N LEU OB 526 17.75 45.01 60.08
CA LEU OB 526 17.06 45.57 58.93
C LEU OB 526 16.64 47.02 59.14
N THR OB 527 17.10 47.65 60.22
CA THR OB 527 16.76 49.03 60.51
C THR OB 527 17.51 49.98 59.57
N SER OB 528 16.91 51.14 59.34
CA SER OB 528 17.52 52.13 58.47
C SER OB 528 16.97 53.51 58.83
N ILE OB 529 17.73 54.54 58.46
CA ILE OB 529 17.34 55.93 58.67
C ILE OB 529 17.39 56.65 57.33
N LYS OB 530 16.32 57.39 57.03
CA LYS OB 530 16.24 58.10 55.77
C LYS OB 530 17.26 59.24 55.72
N SER OB 531 17.76 59.51 54.53
CA SER OB 531 18.75 60.56 54.32
C SER OB 531 18.08 61.87 53.90
N ASP OB 532 18.89 62.93 53.89
CA ASP OB 532 18.35 64.24 53.54
C ASP OB 532 17.77 64.25 52.14
N LEU OB 533 18.45 63.61 51.19
CA LEU OB 533 17.92 63.54 49.84
C LEU OB 533 16.63 62.74 49.80
N ALA OB 534 16.51 61.69 50.60
CA ALA OB 534 15.28 60.93 50.65
C ALA OB 534 14.13 61.80 51.17
N VAL OB 535 14.38 62.58 52.21
CA VAL OB 535 13.36 63.48 52.73
C VAL OB 535 12.95 64.49 51.67
N MET OB 536 13.94 65.06 50.98
CA MET OB 536 13.64 66.01 49.91
C MET OB 536 12.81 65.36 48.81
N GLN OB 537 13.15 64.12 48.45
CA GLN OB 537 12.40 63.42 47.42
C GLN OB 537 10.95 63.22 47.84
N GLU OB 538 10.73 62.83 49.09
CA GLU OB 538 9.36 62.71 49.59
C GLU OB 538 8.74 64.06 49.94
N ARG OB 539 9.45 65.15 49.67
CA ARG OB 539 8.94 66.53 49.67
C ARG OB 539 8.85 67.13 51.06
N LYS OB 540 9.17 66.41 52.12
CA LYS OB 540 9.24 67.02 53.44
C LYS OB 540 10.55 67.79 53.58
N LEU OB 541 10.57 68.70 54.54
CA LEU OB 541 11.77 69.46 54.82
C LEU OB 541 12.74 68.65 55.68
N VAL OB 542 13.99 69.09 55.72
CA VAL OB 542 15.04 68.42 56.47
C VAL OB 542 15.29 69.20 57.75
N GLN OB 543 15.24 68.50 58.88
CA GLN OB 543 15.51 69.08 60.19
C GLN OB 543 16.79 68.49 60.74
N ILE OB 544 17.71 69.35 61.17
CA ILE OB 544 19.01 68.89 61.65
C ILE OB 544 19.13 68.97 63.17
N GLY OB 545 18.18 69.59 63.86
CA GLY OB 545 18.33 69.80 65.28
C GLY OB 545 18.41 68.51 66.07
N ASP OB 546 17.55 67.54 65.75
CA ASP OB 546 17.43 66.33 66.54
C ASP OB 546 17.05 65.16 65.64
N ILE OB 547 17.19 63.95 66.17
CA ILE OB 547 16.80 62.74 65.45
C ILE OB 547 15.28 62.75 65.30
N ASP OB 548 14.83 62.52 64.07
CA ASP OB 548 13.39 62.50 63.77
C ASP OB 548 12.98 61.04 63.66
N TYR OB 549 12.47 60.49 64.77
CA TYR OB 549 12.06 59.10 64.78
C TYR OB 549 10.89 58.86 63.83
N SER OB 550 9.92 59.78 63.80
CA SER OB 550 8.77 59.62 62.91
C SER OB 550 9.16 59.66 61.45
N THR OB 551 10.06 60.57 61.07
CA THR OB 551 10.43 60.76 59.67
C THR OB 551 11.74 60.05 59.31
N ARG OB 552 12.83 60.40 59.98
CA ARG OB 552 14.13 59.87 59.59
C ARG OB 552 14.23 58.39 59.90
N VAL OB 553 13.83 57.97 61.11
CA VAL OB 553 13.99 56.59 61.50
C VAL OB 553 12.92 55.72 60.83
N ARG OB 554 13.35 54.63 60.21
CA ARG OB 554 12.45 53.66 59.59
C ARG OB 554 12.43 52.40 60.45
N GLU OB 555 11.23 51.90 60.71
CA GLU OB 555 11.09 50.70 61.51
C GLU OB 555 11.69 49.51 60.77
N PRO OB 556 12.13 48.48 61.49
CA PRO OB 556 12.78 47.33 60.84
C PRO OB 556 11.79 46.55 59.98
N CYS OB 557 12.12 46.43 58.69
CA CYS OB 557 11.37 45.57 57.78
C CYS OB 557 12.27 45.24 56.61
N VAL OB 558 11.92 44.17 55.88
CA VAL OB 558 12.77 43.69 54.80
C VAL OB 558 12.94 44.75 53.71
N TYR OB 559 11.97 45.66 53.58
CA TYR OB 559 11.98 46.66 52.52
C TYR OB 559 12.75 47.90 52.90
N ASN OB 560 13.59 47.84 53.93
CA ASN OB 560 14.37 48.99 54.36
C ASN OB 560 15.77 49.03 53.75
N VAL OB 561 16.35 47.86 53.42
CA VAL OB 561 17.72 47.77 52.95
C VAL OB 561 17.76 46.93 51.69
N SER OB 562 18.82 47.12 50.91
CA SER OB 562 18.99 46.41 49.65
C SER OB 562 19.35 44.95 49.91
N GLU OB 563 19.16 44.13 48.89
CA GLU OB 563 19.57 42.73 48.96
C GLU OB 563 21.09 42.57 49.04
N ARG OB 564 21.83 43.44 48.34
CA ARG OB 564 23.27 43.43 48.50
C ARG OB 564 23.67 43.74 49.94
N PHE OB 565 22.96 44.68 50.57
CA PHE OB 565 23.24 44.98 51.97
C PHE OB 565 22.98 43.78 52.86
N THR OB 566 21.89 43.05 52.60
CA THR OB 566 21.61 41.85 53.40
C THR OB 566 22.69 40.80 53.20
N GLU OB 567 23.12 40.60 51.96
CA GLU OB 567 24.18 39.63 51.70
C GLU OB 567 25.48 40.03 52.38
N LYS OB 568 25.80 41.33 52.38
CA LYS OB 568 26.97 41.83 53.09
C LYS OB 568 26.85 41.67 54.60
N MET OB 569 25.67 41.90 55.16
CA MET OB 569 25.49 41.90 56.60
C MET OB 569 25.27 40.51 57.18
N GLU OB 570 24.97 39.52 56.35
CA GLU OB 570 24.77 38.17 56.88
C GLU OB 570 26.04 37.65 57.54
N GLU OB 571 27.20 37.90 56.94
CA GLU OB 571 28.45 37.45 57.53
C GLU OB 571 28.68 38.10 58.90
N ILE OB 572 28.39 39.39 59.01
CA ILE OB 572 28.54 40.08 60.29
C ILE OB 572 27.58 39.48 61.31
N LEU OB 573 26.33 39.23 60.90
CA LEU OB 573 25.34 38.68 61.81
C LEU OB 573 25.71 37.27 62.27
N LYS OB 574 26.42 36.50 61.43
CA LYS OB 574 26.87 35.18 61.84
C LYS OB 574 27.94 35.23 62.93
N THR OB 575 28.50 36.41 63.21
CA THR OB 575 29.54 36.56 64.22
C THR OB 575 29.06 37.39 65.41
N HIS OB 576 28.46 38.54 65.17
CA HIS OB 576 28.04 39.45 66.23
C HIS OB 576 26.56 39.22 66.54
N ARG OB 577 26.28 38.69 67.72
CA ARG OB 577 24.90 38.49 68.17
C ARG OB 577 24.41 39.76 68.87
N GLY OB 578 24.24 40.81 68.08
CA GLY OB 578 23.77 42.07 68.58
C GLY OB 578 22.30 42.29 68.30
N PRO OB 579 21.44 42.10 69.31
CA PRO OB 579 20.00 42.25 69.09
C PRO OB 579 19.54 43.69 69.08
N ASN OB 580 20.41 44.62 69.50
CA ASN OB 580 20.01 46.01 69.66
C ASN OB 580 20.64 46.87 68.57
N SER OB 581 19.82 47.73 67.97
CA SER OB 581 20.27 48.74 67.03
C SER OB 581 20.04 50.11 67.63
N VAL OB 582 21.06 50.94 67.63
CA VAL OB 582 21.04 52.24 68.31
C VAL OB 582 21.06 53.34 67.26
N VAL OB 583 20.10 54.26 67.36
CA VAL OB 583 20.04 55.44 66.51
C VAL OB 583 20.28 56.65 67.38
N LEU OB 584 21.35 57.40 67.10
CA LEU OB 584 21.72 58.53 67.94
C LEU OB 584 21.96 59.76 67.09
N SER OB 585 21.66 60.92 67.68
CA SER OB 585 21.91 62.20 67.04
C SER OB 585 22.57 63.12 68.07
N CYS OB 586 23.77 63.60 67.74
CA CYS OB 586 24.56 64.39 68.67
C CYS OB 586 25.10 65.62 67.98
N TYR OB 587 25.53 66.58 68.80
CA TYR OB 587 26.17 67.79 68.31
C TYR OB 587 27.59 67.88 68.86
N LEU OB 588 28.54 68.21 67.99
CA LEU OB 588 29.94 68.32 68.39
C LEU OB 588 30.46 69.72 68.09
N PRO OB 589 31.24 70.29 69.02
CA PRO OB 589 31.43 71.76 69.03
C PRO OB 589 32.16 72.33 67.83
N GLU OB 590 33.40 71.92 67.56
CA GLU OB 590 34.17 72.51 66.47
C GLU OB 590 34.58 71.48 65.43
N ASP OB 591 35.27 70.42 65.84
CA ASP OB 591 35.74 69.39 64.91
C ASP OB 591 36.01 68.14 65.72
N SER OB 592 35.12 67.16 65.63
CA SER OB 592 35.26 65.93 66.39
C SER OB 592 34.52 64.83 65.66
N SER OB 593 35.15 63.65 65.60
CA SER OB 593 34.52 62.50 64.98
C SER OB 593 33.65 61.79 66.00
N PRO OB 594 32.36 61.55 65.72
CA PRO OB 594 31.55 60.80 66.70
C PRO OB 594 32.08 59.41 66.94
N PHE OB 595 32.90 58.88 66.02
CA PHE OB 595 33.50 57.57 66.23
C PHE OB 595 34.43 57.55 67.43
N VAL OB 596 35.02 58.70 67.79
CA VAL OB 596 35.85 58.75 69.00
C VAL OB 596 34.98 58.49 70.23
N MET OB 597 33.84 59.18 70.32
CA MET OB 597 32.93 58.97 71.44
C MET OB 597 32.40 57.55 71.45
N LEU OB 598 32.02 57.04 70.27
CA LEU OB 598 31.51 55.68 70.21
C LEU OB 598 32.57 54.65 70.52
N ARG OB 599 33.85 54.96 70.26
CA ARG OB 599 34.94 54.08 70.67
C ARG OB 599 35.11 54.10 72.18
N GLU OB 600 34.99 55.27 72.79
CA GLU OB 600 35.11 55.34 74.24
C GLU OB 600 33.95 54.63 74.92
N VAL OB 601 32.77 54.60 74.29
CA VAL OB 601 31.62 53.96 74.91
C VAL OB 601 31.66 52.46 74.65
N PHE OB 602 31.65 52.07 73.38
CA PHE OB 602 31.63 50.68 72.95
C PHE OB 602 32.96 50.29 72.32
N ASP OB 603 33.05 49.02 71.94
CA ASP OB 603 34.10 48.52 71.06
C ASP OB 603 33.48 48.45 69.67
N LEU OB 604 33.84 49.40 68.80
CA LEU OB 604 33.18 49.56 67.52
C LEU OB 604 34.03 48.96 66.40
N ARG OB 605 33.34 48.40 65.42
CA ARG OB 605 33.95 47.81 64.23
C ARG OB 605 33.27 48.37 63.00
N HIS OB 606 34.06 48.74 62.00
CA HIS OB 606 33.56 49.42 60.82
C HIS OB 606 33.42 48.43 59.67
N ALA OB 607 32.18 48.12 59.30
CA ALA OB 607 31.94 47.29 58.13
C ALA OB 607 32.43 47.95 56.85
N SER OB 608 32.22 49.26 56.71
CA SER OB 608 32.74 50.04 55.59
C SER OB 608 33.87 50.90 56.13
N PHE OB 609 35.07 50.70 55.59
CA PHE OB 609 36.25 51.41 56.05
C PHE OB 609 37.12 51.96 54.93
N HIS OB 610 36.81 51.65 53.66
CA HIS OB 610 37.63 52.14 52.56
C HIS OB 610 37.64 53.67 52.51
N ASP OB 611 36.60 54.32 53.04
CA ASP OB 611 36.56 55.77 53.04
C ASP OB 611 37.71 56.38 53.82
N LEU OB 612 38.27 55.65 54.78
CA LEU OB 612 39.37 56.18 55.58
C LEU OB 612 40.66 56.34 54.79
N TYR OB 613 40.79 55.68 53.63
CA TYR OB 613 41.94 55.90 52.77
C TYR OB 613 41.82 57.27 52.12
N GLY OB 614 42.44 58.28 52.72
CA GLY OB 614 42.24 59.65 52.26
C GLY OB 614 42.66 59.87 50.82
N LEU OB 615 43.83 59.36 50.44
CA LEU OB 615 44.35 59.60 49.10
C LEU OB 615 43.56 58.78 48.09
N LEU OB 616 43.33 59.36 46.91
CA LEU OB 616 42.58 58.70 45.85
C LEU OB 616 41.17 58.36 46.33
N GLN PB 1 -122.77 -64.69 -19.78
CA GLN PB 1 -124.12 -65.24 -19.72
C GLN PB 1 -125.02 -64.37 -18.86
N TYR PB 2 -124.42 -63.65 -17.91
CA TYR PB 2 -125.16 -62.77 -17.01
C TYR PB 2 -124.64 -61.34 -17.16
N LEU PB 3 -125.55 -60.39 -17.04
CA LEU PB 3 -125.24 -58.97 -17.15
C LEU PB 3 -125.57 -58.27 -15.85
N LEU PB 4 -124.75 -57.27 -15.51
CA LEU PB 4 -124.92 -56.53 -14.28
C LEU PB 4 -126.15 -55.60 -14.38
N ASN PB 5 -126.71 -55.27 -13.23
CA ASN PB 5 -127.88 -54.41 -13.18
C ASN PB 5 -127.51 -52.99 -13.61
N LYS PB 6 -128.38 -52.38 -14.41
CA LYS PB 6 -128.13 -51.02 -14.87
C LYS PB 6 -128.01 -50.06 -13.69
N ASP PB 7 -128.94 -50.16 -12.73
CA ASP PB 7 -128.89 -49.28 -11.57
C ASP PB 7 -127.64 -49.52 -10.73
N ASP PB 8 -127.27 -50.79 -10.55
CA ASP PB 8 -126.08 -51.10 -9.77
C ASP PB 8 -124.83 -50.50 -10.43
N VAL PB 9 -124.69 -50.67 -11.74
CA VAL PB 9 -123.53 -50.13 -12.44
C VAL PB 9 -123.53 -48.61 -12.37
N LEU PB 10 -124.71 -48.00 -12.52
CA LEU PB 10 -124.80 -46.54 -12.42
C LEU PB 10 -124.36 -46.06 -11.05
N THR PB 11 -124.82 -46.74 -9.99
CA THR PB 11 -124.42 -46.36 -8.65
C THR PB 11 -122.92 -46.53 -8.45
N ARG PB 12 -122.35 -47.62 -8.97
CA ARG PB 12 -120.92 -47.85 -8.82
C ARG PB 12 -120.11 -46.76 -9.52
N VAL PB 13 -120.49 -46.40 -10.74
CA VAL PB 13 -119.75 -45.35 -11.45
C VAL PB 13 -119.94 -44.00 -10.76
N LEU PB 14 -121.14 -43.75 -10.23
CA LEU PB 14 -121.40 -42.49 -9.54
C LEU PB 14 -120.52 -42.37 -8.30
N GLU PB 15 -120.44 -43.44 -7.51
CA GLU PB 15 -119.60 -43.38 -6.32
C GLU PB 15 -118.12 -43.31 -6.68
N VAL PB 16 -117.71 -43.96 -7.78
CA VAL PB 16 -116.32 -43.86 -8.22
C VAL PB 16 -115.97 -42.43 -8.56
N VAL PB 17 -116.84 -41.77 -9.34
CA VAL PB 17 -116.55 -40.38 -9.72
C VAL PB 17 -116.62 -39.47 -8.50
N LYS PB 18 -117.54 -39.73 -7.57
CA LYS PB 18 -117.60 -38.92 -6.35
C LYS PB 18 -116.33 -39.06 -5.53
N ASN PB 19 -115.81 -40.28 -5.41
CA ASN PB 19 -114.53 -40.46 -4.74
C ASN PB 19 -113.40 -39.74 -5.47
N PHE PB 20 -113.43 -39.79 -6.80
CA PHE PB 20 -112.47 -39.02 -7.59
C PHE PB 20 -112.58 -37.54 -7.23
N GLU PB 21 -111.56 -37.02 -6.54
CA GLU PB 21 -111.67 -35.67 -5.99
C GLU PB 21 -111.76 -34.62 -7.08
N LYS PB 22 -111.32 -34.94 -8.29
CA LYS PB 22 -111.39 -33.98 -9.39
C LYS PB 22 -112.82 -33.70 -9.84
N VAL PB 23 -113.79 -34.52 -9.43
CA VAL PB 23 -115.17 -34.37 -9.84
C VAL PB 23 -115.99 -33.91 -8.65
N ASP PB 24 -117.07 -33.18 -8.92
CA ASP PB 24 -117.96 -32.66 -7.90
C ASP PB 24 -119.27 -33.45 -7.93
N ALA PB 25 -119.69 -33.92 -6.76
CA ALA PB 25 -120.93 -34.70 -6.69
C ALA PB 25 -122.12 -33.88 -7.15
N SER PB 26 -122.15 -32.59 -6.80
CA SER PB 26 -123.27 -31.74 -7.22
C SER PB 26 -123.37 -31.68 -8.73
N LYS PB 27 -122.24 -31.51 -9.43
CA LYS PB 27 -122.27 -31.47 -10.89
C LYS PB 27 -122.50 -32.85 -11.49
N VAL PB 28 -122.18 -33.91 -10.74
CA VAL PB 28 -122.38 -35.26 -11.26
C VAL PB 28 -123.86 -35.50 -11.52
N THR PB 29 -124.17 -35.97 -12.73
CA THR PB 29 -125.51 -36.32 -13.14
C THR PB 29 -125.38 -37.64 -13.89
N PRO PB 30 -126.40 -38.52 -13.85
CA PRO PB 30 -126.27 -39.82 -14.52
C PRO PB 30 -125.94 -39.71 -16.00
N GLN PB 31 -126.33 -38.60 -16.63
CA GLN PB 31 -126.08 -38.37 -18.06
C GLN PB 31 -125.04 -37.27 -18.28
N SER PB 32 -124.20 -37.01 -17.28
CA SER PB 32 -123.18 -35.99 -17.44
C SER PB 32 -122.07 -36.45 -18.39
N HIS PB 33 -121.34 -35.49 -18.91
CA HIS PB 33 -120.22 -35.74 -19.82
C HIS PB 33 -118.93 -35.24 -19.18
N PHE PB 34 -117.86 -36.02 -19.33
CA PHE PB 34 -116.61 -35.69 -18.66
C PHE PB 34 -116.06 -34.34 -19.09
N VAL PB 35 -116.32 -33.94 -20.34
CA VAL PB 35 -115.70 -32.74 -20.89
C VAL PB 35 -116.61 -31.52 -20.70
N ASN PB 36 -117.80 -31.56 -21.31
CA ASN PB 36 -118.67 -30.40 -21.33
C ASN PB 36 -119.47 -30.21 -20.04
N ASP PB 37 -119.45 -31.19 -19.14
CA ASP PB 37 -120.11 -31.07 -17.84
C ASP PB 37 -119.14 -31.10 -16.67
N LEU PB 38 -118.30 -32.12 -16.58
CA LEU PB 38 -117.33 -32.22 -15.49
C LEU PB 38 -116.06 -31.43 -15.74
N GLY PB 39 -115.82 -30.97 -16.97
CA GLY PB 39 -114.63 -30.19 -17.27
C GLY PB 39 -113.35 -30.96 -17.03
N LEU PB 40 -113.32 -32.22 -17.45
CA LEU PB 40 -112.17 -33.09 -17.25
C LEU PB 40 -111.27 -33.06 -18.47
N ASN PB 41 -109.96 -33.07 -18.23
CA ASN PB 41 -108.98 -32.97 -19.31
C ASN PB 41 -108.94 -34.25 -20.14
N LEU PB 43 -106.53 -36.50 -20.05
CA LEU PB 43 -105.97 -37.59 -19.26
C LEU PB 43 -106.87 -37.92 -18.07
N ASP PB 44 -107.68 -36.94 -17.66
CA ASP PB 44 -108.65 -37.20 -16.61
C ASP PB 44 -109.68 -38.25 -17.01
N VAL PB 45 -110.15 -38.21 -18.27
CA VAL PB 45 -111.06 -39.23 -18.75
C VAL PB 45 -110.38 -40.59 -18.74
N VAL PB 46 -109.11 -40.63 -19.12
CA VAL PB 46 -108.37 -41.89 -19.10
C VAL PB 46 -108.28 -42.43 -17.68
N GLU PB 47 -107.99 -41.55 -16.72
CA GLU PB 47 -107.92 -41.98 -15.33
C GLU PB 47 -109.27 -42.50 -14.84
N VAL PB 48 -110.35 -41.82 -15.22
CA VAL PB 48 -111.68 -42.28 -14.81
C VAL PB 48 -111.98 -43.65 -15.40
N VAL PB 49 -111.65 -43.85 -16.68
CA VAL PB 49 -111.89 -45.13 -17.32
C VAL PB 49 -111.07 -46.22 -16.63
N PHE PB 50 -109.82 -45.92 -16.29
CA PHE PB 50 -108.98 -46.90 -15.61
C PHE PB 50 -109.54 -47.23 -14.22
N ALA PB 51 -110.05 -46.22 -13.52
CA ALA PB 51 -110.67 -46.45 -12.22
C ALA PB 51 -111.90 -47.35 -12.35
N ILE PB 52 -112.71 -47.11 -13.39
CA ILE PB 52 -113.88 -47.97 -13.61
C ILE PB 52 -113.44 -49.39 -13.94
N GLU PB 53 -112.38 -49.54 -14.73
CA GLU PB 53 -111.86 -50.86 -15.06
C GLU PB 53 -111.31 -51.57 -13.83
N GLN PB 54 -110.72 -50.84 -12.89
CA GLN PB 54 -110.29 -51.44 -11.64
C GLN PB 54 -111.48 -51.84 -10.78
N GLU PB 55 -112.51 -50.99 -10.74
CA GLU PB 55 -113.69 -51.31 -9.95
C GLU PB 55 -114.38 -52.56 -10.47
N PHE PB 56 -114.50 -52.70 -11.78
CA PHE PB 56 -115.10 -53.86 -12.41
C PHE PB 56 -114.00 -54.80 -12.90
N ILE PB 57 -113.98 -56.03 -12.39
CA ILE PB 57 -112.90 -56.96 -12.67
C ILE PB 57 -112.69 -57.14 -14.17
N LEU PB 58 -113.71 -56.88 -14.98
CA LEU PB 58 -113.57 -56.99 -16.42
C LEU PB 58 -112.49 -56.05 -16.93
N ASP PB 59 -112.10 -56.25 -18.19
CA ASP PB 59 -111.05 -55.47 -18.84
C ASP PB 59 -111.66 -54.63 -19.95
N ILE PB 60 -111.16 -53.42 -20.10
CA ILE PB 60 -111.61 -52.47 -21.12
C ILE PB 60 -110.50 -52.34 -22.16
N PRO PB 61 -110.69 -52.84 -23.38
CA PRO PB 61 -109.65 -52.66 -24.40
C PRO PB 61 -109.44 -51.20 -24.74
N ASP PB 62 -108.35 -50.95 -25.47
CA ASP PB 62 -107.99 -49.56 -25.80
C ASP PB 62 -109.06 -48.89 -26.65
N HIS PB 63 -109.56 -49.59 -27.67
CA HIS PB 63 -110.57 -49.00 -28.54
C HIS PB 63 -111.86 -48.75 -27.78
N ASP PB 64 -112.26 -49.68 -26.91
CA ASP PB 64 -113.46 -49.48 -26.10
C ASP PB 64 -113.29 -48.27 -25.17
N ALA PB 65 -112.11 -48.13 -24.57
CA ALA PB 65 -111.86 -46.98 -23.71
C ALA PB 65 -111.94 -45.68 -24.51
N GLU PB 66 -111.36 -45.68 -25.72
CA GLU PB 66 -111.44 -44.49 -26.56
C GLU PB 66 -112.88 -44.15 -26.90
N LYS PB 67 -113.68 -45.16 -27.24
CA LYS PB 67 -115.08 -44.91 -27.55
C LYS PB 67 -115.82 -44.37 -26.34
N ILE PB 68 -115.55 -44.91 -25.16
CA ILE PB 68 -116.22 -44.44 -23.94
C ILE PB 68 -115.85 -42.99 -23.70
N GLN PB 69 -116.88 -42.14 -23.59
CA GLN PB 69 -116.67 -40.72 -23.35
C GLN PB 69 -117.65 -40.14 -22.34
N SER PB 70 -118.53 -40.95 -21.74
CA SER PB 70 -119.47 -40.47 -20.76
C SER PB 70 -119.77 -41.59 -19.78
N ILE PB 71 -120.26 -41.21 -18.59
CA ILE PB 71 -120.56 -42.21 -17.57
C ILE PB 71 -121.71 -43.10 -18.02
N THR PB 72 -122.69 -42.52 -18.71
CA THR PB 72 -123.79 -43.33 -19.24
C THR PB 72 -123.28 -44.34 -20.26
N ASP PB 73 -122.37 -43.92 -21.14
CA ASP PB 73 -121.79 -44.84 -22.10
C ASP PB 73 -121.01 -45.95 -21.40
N ALA PB 74 -120.25 -45.59 -20.36
CA ALA PB 74 -119.51 -46.59 -19.61
C ALA PB 74 -120.45 -47.59 -18.95
N VAL PB 75 -121.55 -47.11 -18.38
CA VAL PB 75 -122.53 -47.99 -17.75
C VAL PB 75 -123.12 -48.93 -18.79
N GLU PB 76 -123.49 -48.39 -19.96
CA GLU PB 76 -124.05 -49.22 -21.01
C GLU PB 76 -123.06 -50.30 -21.45
N TYR PB 77 -121.79 -49.92 -21.62
CA TYR PB 77 -120.78 -50.89 -22.04
C TYR PB 77 -120.58 -51.96 -20.98
N ILE PB 78 -120.55 -51.57 -19.70
CA ILE PB 78 -120.37 -52.53 -18.62
C ILE PB 78 -121.54 -53.51 -18.60
N SER PB 79 -122.76 -53.00 -18.73
CA SER PB 79 -123.93 -53.87 -18.75
C SER PB 79 -123.89 -54.82 -19.95
N GLN PB 80 -123.48 -54.33 -21.11
CA GLN PB 80 -123.38 -55.19 -22.29
C GLN PB 80 -122.34 -56.29 -22.07
N ASN PB 81 -121.20 -55.93 -21.50
CA ASN PB 81 -120.15 -56.92 -21.27
C ASN PB 81 -120.56 -57.85 -20.14
N PRO PB 82 -120.58 -59.17 -20.36
CA PRO PB 82 -120.98 -60.09 -19.28
C PRO PB 82 -119.98 -60.18 -18.13
N MET PB 83 -118.83 -59.50 -18.23
CA MET PB 83 -117.84 -59.52 -17.15
C MET PB 83 -117.37 -60.94 -16.87
N GLN QB 1 -2.89 131.78 34.54
CA GLN QB 1 -2.05 132.50 35.49
C GLN QB 1 -0.57 132.36 35.10
N TYR QB 2 -0.24 131.28 34.40
CA TYR QB 2 1.12 131.01 33.95
C TYR QB 2 1.14 130.90 32.43
N LEU QB 3 2.22 131.41 31.84
CA LEU QB 3 2.40 131.42 30.40
C LEU QB 3 3.64 130.63 30.04
N LEU QB 4 3.59 129.96 28.89
CA LEU QB 4 4.72 129.17 28.42
C LEU QB 4 5.83 130.08 27.90
N ASN QB 5 7.05 129.57 27.91
CA ASN QB 5 8.19 130.33 27.42
C ASN QB 5 8.10 130.53 25.92
N LYS QB 6 8.48 131.72 25.47
CA LYS QB 6 8.41 132.02 24.04
C LYS QB 6 9.28 131.06 23.24
N ASP QB 7 10.53 130.83 23.70
CA ASP QB 7 11.42 129.94 22.99
C ASP QB 7 10.90 128.51 22.99
N ASP QB 8 10.35 128.06 24.12
CA ASP QB 8 9.81 126.70 24.19
C ASP QB 8 8.65 126.53 23.20
N VAL QB 9 7.72 127.49 23.19
CA VAL QB 9 6.59 127.41 22.27
C VAL QB 9 7.08 127.46 20.83
N LEU QB 10 8.07 128.30 20.54
CA LEU QB 10 8.61 128.38 19.19
C LEU QB 10 9.19 127.04 18.77
N THR QB 11 9.96 126.41 19.66
CA THR QB 11 10.55 125.12 19.32
C THR QB 11 9.47 124.07 19.09
N ARG QB 12 8.43 124.06 19.93
CA ARG QB 12 7.38 123.06 19.78
C ARG QB 12 6.64 123.24 18.46
N VAL QB 13 6.29 124.48 18.11
CA VAL QB 13 5.59 124.71 16.86
C VAL QB 13 6.48 124.39 15.67
N LEU QB 14 7.77 124.72 15.78
CA LEU QB 14 8.70 124.43 14.70
C LEU QB 14 8.80 122.93 14.46
N GLU QB 15 8.92 122.14 15.52
CA GLU QB 15 8.99 120.70 15.33
C GLU QB 15 7.66 120.13 14.84
N VAL QB 16 6.54 120.72 15.25
CA VAL QB 16 5.25 120.27 14.74
C VAL QB 16 5.16 120.48 13.23
N VAL QB 17 5.52 121.68 12.77
CA VAL QB 17 5.45 121.96 11.34
C VAL QB 17 6.45 121.12 10.57
N LYS QB 18 7.64 120.89 11.15
CA LYS QB 18 8.62 120.04 10.49
C LYS QB 18 8.10 118.60 10.36
N ASN QB 19 7.44 118.09 11.40
CA ASN QB 19 6.83 116.77 11.30
C ASN QB 19 5.75 116.75 10.23
N PHE QB 20 4.98 117.83 10.12
CA PHE QB 20 4.02 117.93 9.03
C PHE QB 20 4.74 117.79 7.70
N GLU QB 21 4.45 116.70 6.98
CA GLU QB 21 5.26 116.36 5.80
C GLU QB 21 5.12 117.39 4.71
N LYS QB 22 3.98 118.08 4.63
CA LYS QB 22 3.76 119.05 3.56
C LYS QB 22 4.73 120.22 3.61
N VAL QB 23 5.42 120.44 4.73
CA VAL QB 23 6.32 121.56 4.89
C VAL QB 23 7.76 121.04 4.89
N ASP QB 24 8.69 121.91 4.49
CA ASP QB 24 10.11 121.59 4.43
C ASP QB 24 10.81 122.30 5.57
N ALA QB 25 11.57 121.53 6.36
CA ALA QB 25 12.29 122.12 7.49
C ALA QB 25 13.28 123.17 7.02
N SER QB 26 13.89 122.96 5.85
CA SER QB 26 14.84 123.94 5.34
C SER QB 26 14.18 125.29 5.12
N LYS QB 27 12.98 125.29 4.52
CA LYS QB 27 12.27 126.55 4.31
C LYS QB 27 11.66 127.10 5.59
N VAL QB 28 11.39 126.24 6.58
CA VAL QB 28 10.82 126.73 7.83
C VAL QB 28 11.79 127.70 8.50
N THR QB 29 11.27 128.87 8.86
CA THR QB 29 12.04 129.91 9.54
C THR QB 29 11.18 130.41 10.69
N PRO QB 30 11.79 130.80 11.82
CA PRO QB 30 10.97 131.20 12.98
C PRO QB 30 9.93 132.27 12.66
N GLN QB 31 10.12 133.01 11.58
CA GLN QB 31 9.16 134.02 11.15
C GLN QB 31 8.52 133.65 9.80
N SER QB 32 8.47 132.37 9.47
CA SER QB 32 7.90 131.95 8.20
C SER QB 32 6.39 132.11 8.20
N HIS QB 33 5.83 132.24 7.01
CA HIS QB 33 4.39 132.35 6.80
C HIS QB 33 3.89 131.13 6.03
N PHE QB 34 2.76 130.59 6.47
CA PHE QB 34 2.27 129.35 5.87
C PHE QB 34 1.93 129.51 4.40
N VAL QB 35 1.58 130.72 3.97
CA VAL QB 35 1.09 130.93 2.62
C VAL QB 35 2.22 131.40 1.71
N ASN QB 36 2.80 132.57 2.01
CA ASN QB 36 3.76 133.19 1.11
C ASN QB 36 5.18 132.67 1.29
N ASP QB 37 5.42 131.80 2.28
CA ASP QB 37 6.73 131.19 2.47
C ASP QB 37 6.71 129.68 2.38
N LEU QB 38 5.71 129.03 2.98
CA LEU QB 38 5.60 127.58 2.93
C LEU QB 38 4.74 127.07 1.77
N GLY QB 39 4.06 127.96 1.05
CA GLY QB 39 3.27 127.56 -0.09
C GLY QB 39 2.19 126.54 0.26
N LEU QB 40 1.47 126.80 1.35
CA LEU QB 40 0.44 125.89 1.82
C LEU QB 40 -0.95 126.43 1.48
N ASN QB 41 -1.79 125.55 0.95
CA ASN QB 41 -3.19 125.90 0.68
C ASN QB 41 -3.88 126.24 2.00
N LEU QB 43 -6.34 125.01 3.31
CA LEU QB 43 -6.71 123.81 4.02
C LEU QB 43 -5.53 123.31 4.84
N ASP QB 44 -4.33 123.37 4.26
CA ASP QB 44 -3.13 122.96 4.98
C ASP QB 44 -2.88 123.87 6.19
N VAL QB 45 -3.26 125.15 6.10
CA VAL QB 45 -3.14 126.02 7.25
C VAL QB 45 -4.04 125.53 8.37
N VAL QB 46 -5.26 125.13 8.04
CA VAL QB 46 -6.17 124.59 9.05
C VAL QB 46 -5.60 123.30 9.63
N GLU QB 47 -5.00 122.47 8.79
CA GLU QB 47 -4.40 121.23 9.28
C GLU QB 47 -3.27 121.52 10.25
N VAL QB 48 -2.44 122.51 9.94
CA VAL QB 48 -1.35 122.88 10.84
C VAL QB 48 -1.89 123.43 12.15
N VAL QB 49 -2.94 124.25 12.08
CA VAL QB 49 -3.55 124.77 13.29
C VAL QB 49 -4.09 123.64 14.15
N PHE QB 50 -4.74 122.66 13.52
CA PHE QB 50 -5.24 121.51 14.27
C PHE QB 50 -4.11 120.71 14.89
N ALA QB 51 -2.99 120.56 14.16
CA ALA QB 51 -1.84 119.86 14.73
C ALA QB 51 -1.29 120.60 15.95
N ILE QB 52 -1.23 121.93 15.87
CA ILE QB 52 -0.79 122.71 17.02
C ILE QB 52 -1.75 122.56 18.18
N GLU QB 53 -3.05 122.55 17.90
CA GLU QB 53 -4.05 122.36 18.95
C GLU QB 53 -3.98 120.97 19.56
N GLN QB 54 -3.53 119.97 18.80
CA GLN QB 54 -3.28 118.66 19.38
C GLN QB 54 -2.03 118.67 20.24
N GLU QB 55 -0.97 119.33 19.78
CA GLU QB 55 0.26 119.40 20.55
C GLU QB 55 0.04 120.08 21.89
N PHE QB 56 -0.70 121.18 21.88
CA PHE QB 56 -1.05 121.90 23.11
C PHE QB 56 -2.49 121.59 23.47
N ILE QB 57 -2.70 121.05 24.68
CA ILE QB 57 -4.02 120.57 25.07
C ILE QB 57 -5.09 121.64 24.93
N LEU QB 58 -4.71 122.91 24.94
CA LEU QB 58 -5.68 123.98 24.80
C LEU QB 58 -6.44 123.84 23.48
N ASP QB 59 -7.54 124.60 23.39
CA ASP QB 59 -8.42 124.57 22.23
C ASP QB 59 -8.38 125.92 21.52
N ILE QB 60 -8.41 125.87 20.20
CA ILE QB 60 -8.33 127.05 19.34
C ILE QB 60 -9.72 127.29 18.76
N PRO QB 61 -10.42 128.37 19.13
CA PRO QB 61 -11.70 128.67 18.49
C PRO QB 61 -11.51 128.95 17.00
N ASP QB 62 -12.63 128.94 16.27
CA ASP QB 62 -12.58 129.12 14.83
C ASP QB 62 -11.99 130.48 14.46
N HIS QB 63 -12.43 131.54 15.14
CA HIS QB 63 -11.93 132.87 14.82
C HIS QB 63 -10.45 133.00 15.16
N ASP QB 64 -10.02 132.42 16.27
CA ASP QB 64 -8.60 132.45 16.61
C ASP QB 64 -7.77 131.70 15.57
N ALA QB 65 -8.28 130.55 15.12
CA ALA QB 65 -7.57 129.80 14.07
C ALA QB 65 -7.48 130.62 12.79
N GLU QB 66 -8.57 131.29 12.41
CA GLU QB 66 -8.54 132.12 11.22
C GLU QB 66 -7.53 133.24 11.36
N LYS QB 67 -7.49 133.88 12.53
CA LYS QB 67 -6.51 134.93 12.77
C LYS QB 67 -5.09 134.41 12.66
N ILE QB 68 -4.84 133.22 13.21
CA ILE QB 68 -3.51 132.62 13.14
C ILE QB 68 -3.18 132.34 11.68
N GLN QB 69 -2.08 132.93 11.19
CA GLN QB 69 -1.65 132.71 9.82
C GLN QB 69 -0.14 132.54 9.69
N SER QB 70 0.60 132.51 10.80
CA SER QB 70 2.04 132.31 10.76
C SER QB 70 2.45 131.61 12.05
N ILE QB 71 3.62 130.97 12.01
CA ILE QB 71 4.11 130.27 13.19
C ILE QB 71 4.41 131.27 14.31
N THR QB 72 4.93 132.45 13.95
CA THR QB 72 5.16 133.48 14.96
C THR QB 72 3.85 133.93 15.60
N ASP QB 73 2.81 134.10 14.78
CA ASP QB 73 1.51 134.46 15.32
C ASP QB 73 0.97 133.38 16.24
N ALA QB 74 1.14 132.11 15.85
CA ALA QB 74 0.70 131.02 16.70
C ALA QB 74 1.46 131.00 18.02
N VAL QB 75 2.77 131.25 17.97
CA VAL QB 75 3.56 131.30 19.21
C VAL QB 75 3.07 132.43 20.10
N GLU QB 76 2.82 133.60 19.52
CA GLU QB 76 2.32 134.72 20.30
C GLU QB 76 0.99 134.39 20.95
N TYR QB 77 0.07 133.79 20.17
CA TYR QB 77 -1.23 133.45 20.71
C TYR QB 77 -1.12 132.43 21.83
N ILE QB 78 -0.29 131.41 21.65
CA ILE QB 78 -0.14 130.37 22.67
C ILE QB 78 0.45 130.97 23.94
N SER QB 79 1.45 131.82 23.80
CA SER QB 79 2.04 132.47 24.97
C SER QB 79 1.03 133.35 25.68
N GLN QB 80 0.21 134.08 24.93
CA GLN QB 80 -0.82 134.91 25.55
C GLN QB 80 -1.84 134.05 26.29
N ASN QB 81 -2.24 132.93 25.69
CA ASN QB 81 -3.23 132.07 26.31
C ASN QB 81 -2.63 131.33 27.49
N PRO QB 82 -3.19 131.43 28.69
CA PRO QB 82 -2.64 130.69 29.84
C PRO QB 82 -2.70 129.18 29.70
N MET QB 83 -3.53 128.66 28.81
CA MET QB 83 -3.65 127.22 28.62
C MET QB 83 -4.06 126.53 29.93
N GLN RB 1 0.91 -75.41 111.30
CA GLN RB 1 1.27 -74.48 110.23
C GLN RB 1 0.10 -74.30 109.27
N SER RB 2 -0.16 -75.33 108.45
CA SER RB 2 -1.29 -75.26 107.53
C SER RB 2 -2.61 -75.14 108.29
N TYR RB 3 -2.74 -75.90 109.39
CA TYR RB 3 -3.94 -75.80 110.20
C TYR RB 3 -4.08 -74.40 110.80
N LEU RB 4 -2.97 -73.82 111.25
CA LEU RB 4 -3.03 -72.46 111.80
C LEU RB 4 -3.46 -71.46 110.73
N ASN RB 5 -2.91 -71.59 109.52
CA ASN RB 5 -3.32 -70.69 108.45
C ASN RB 5 -4.79 -70.85 108.12
N ALA RB 6 -5.27 -72.09 108.07
CA ALA RB 6 -6.69 -72.33 107.81
C ALA RB 6 -7.55 -71.70 108.91
N VAL RB 7 -7.13 -71.83 110.16
CA VAL RB 7 -7.88 -71.24 111.26
C VAL RB 7 -7.92 -69.72 111.13
N VAL RB 8 -6.77 -69.12 110.78
CA VAL RB 8 -6.72 -67.67 110.63
C VAL RB 8 -7.65 -67.21 109.52
N VAL RB 9 -7.63 -67.92 108.39
CA VAL RB 9 -8.50 -67.54 107.28
C VAL RB 9 -9.96 -67.70 107.67
N SER RB 10 -10.28 -68.77 108.39
CA SER RB 10 -11.66 -68.97 108.85
C SER RB 10 -12.09 -67.85 109.78
N ASN RB 11 -11.19 -67.42 110.68
CA ASN RB 11 -11.52 -66.31 111.58
C ASN RB 11 -11.74 -65.03 110.78
N GLN RB 12 -10.93 -64.78 109.76
CA GLN RB 12 -11.15 -63.60 108.93
C GLN RB 12 -12.50 -63.66 108.23
N VAL RB 13 -12.86 -64.85 107.71
CA VAL RB 13 -14.16 -65.00 107.06
C VAL RB 13 -15.29 -64.77 108.04
N LEU RB 14 -15.14 -65.28 109.27
CA LEU RB 14 -16.17 -65.07 110.29
C LEU RB 14 -16.31 -63.60 110.64
N ARG RB 15 -15.18 -62.88 110.75
CA ARG RB 15 -15.25 -61.45 111.01
C ARG RB 15 -15.94 -60.72 109.87
N ALA RB 16 -15.65 -61.11 108.63
CA ALA RB 16 -16.33 -60.50 107.48
C ALA RB 16 -17.82 -60.76 107.52
N ALA RB 17 -18.21 -61.99 107.87
CA ALA RB 17 -19.63 -62.30 107.97
C ALA RB 17 -20.31 -61.50 109.07
N ASP RB 18 -19.63 -61.33 110.21
CA ASP RB 18 -20.16 -60.50 111.28
C ASP RB 18 -20.33 -59.06 110.82
N ASP RB 19 -19.36 -58.54 110.08
CA ASP RB 19 -19.48 -57.20 109.53
C ASP RB 19 -20.67 -57.09 108.59
N VAL RB 20 -20.88 -58.12 107.76
CA VAL RB 20 -22.02 -58.13 106.84
C VAL RB 20 -23.32 -58.10 107.63
N LEU RB 21 -23.40 -58.91 108.68
CA LEU RB 21 -24.62 -58.94 109.50
C LEU RB 21 -24.87 -57.60 110.17
N ILE RB 22 -23.81 -56.97 110.69
CA ILE RB 22 -23.96 -55.66 111.32
C ILE RB 22 -24.45 -54.63 110.31
N ALA RB 23 -23.87 -54.67 109.10
CA ALA RB 23 -24.29 -53.73 108.06
C ALA RB 23 -25.75 -53.95 107.69
N LEU RB 24 -26.17 -55.21 107.58
CA LEU RB 24 -27.58 -55.50 107.27
C LEU RB 24 -28.48 -54.99 108.37
N SER RB 25 -28.09 -55.19 109.63
CA SER RB 25 -28.91 -54.70 110.74
C SER RB 25 -29.01 -53.19 110.72
N ILE RB 26 -27.90 -52.49 110.46
CA ILE RB 26 -27.93 -51.04 110.41
C ILE RB 26 -28.81 -50.56 109.26
N GLY RB 27 -28.65 -51.15 108.09
CA GLY RB 27 -29.44 -50.78 106.93
C GLY RB 27 -28.77 -49.72 106.07
N GLU RB 28 -27.46 -49.83 105.90
CA GLU RB 28 -26.69 -48.90 105.07
C GLU RB 28 -26.14 -49.65 103.87
N MET RB 29 -26.49 -49.20 102.67
CA MET RB 29 -26.10 -49.92 101.46
C MET RB 29 -24.60 -49.82 101.21
N GLU RB 30 -23.98 -48.68 101.53
CA GLU RB 30 -22.53 -48.57 101.36
C GLU RB 30 -21.80 -49.61 102.19
N ALA RB 31 -22.13 -49.69 103.48
CA ALA RB 31 -21.50 -50.68 104.35
C ALA RB 31 -21.85 -52.10 103.90
N VAL RB 32 -23.09 -52.33 103.46
CA VAL RB 32 -23.48 -53.64 102.97
C VAL RB 32 -22.57 -54.06 101.82
N ARG RB 33 -22.40 -53.17 100.84
CA ARG RB 33 -21.57 -53.50 99.68
C ARG RB 33 -20.12 -53.70 100.08
N GLN RB 34 -19.59 -52.85 100.96
CA GLN RB 34 -18.20 -52.99 101.37
C GLN RB 34 -17.97 -54.33 102.07
N THR RB 35 -18.87 -54.70 102.97
CA THR RB 35 -18.71 -55.95 103.71
C THR RB 35 -18.89 -57.15 102.78
N HIS RB 36 -19.81 -57.06 101.82
CA HIS RB 36 -19.97 -58.15 100.86
C HIS RB 36 -18.71 -58.31 100.02
N GLY RB 37 -18.12 -57.20 99.59
CA GLY RB 37 -16.87 -57.28 98.85
C GLY RB 37 -15.75 -57.87 99.68
N ASN RB 38 -15.69 -57.50 100.96
CA ASN RB 38 -14.68 -58.09 101.84
C ASN RB 38 -14.88 -59.59 101.98
N LEU RB 39 -16.14 -60.03 102.12
CA LEU RB 39 -16.41 -61.45 102.23
C LEU RB 39 -16.00 -62.19 100.96
N ILE RB 40 -16.30 -61.62 99.81
CA ILE RB 40 -15.95 -62.27 98.54
C ILE RB 40 -14.44 -62.31 98.38
N ASP RB 41 -13.73 -61.26 98.80
CA ASP RB 41 -12.28 -61.28 98.76
C ASP RB 41 -11.72 -62.35 99.68
N CYS RB 42 -12.32 -62.52 100.87
CA CYS RB 42 -11.87 -63.57 101.77
C CYS RB 42 -12.09 -64.95 101.16
N VAL RB 43 -13.22 -65.15 100.49
CA VAL RB 43 -13.47 -66.44 99.84
C VAL RB 43 -12.48 -66.68 98.71
N ALA RB 44 -12.14 -65.62 97.96
CA ALA RB 44 -11.14 -65.75 96.92
C ALA RB 44 -9.78 -66.13 97.52
N ALA RB 45 -9.43 -65.53 98.66
CA ALA RB 45 -8.21 -65.91 99.35
C ALA RB 45 -8.26 -67.36 99.79
N LEU RB 46 -9.42 -67.83 100.25
CA LEU RB 46 -9.59 -69.23 100.59
C LEU RB 46 -9.30 -70.11 99.39
N ASP RB 47 -9.86 -69.75 98.23
CA ASP RB 47 -9.62 -70.54 97.02
C ASP RB 47 -8.14 -70.56 96.67
N ALA RB 48 -7.48 -69.39 96.74
CA ALA RB 48 -6.08 -69.32 96.40
C ALA RB 48 -5.24 -70.18 97.34
N SER RB 49 -5.53 -70.13 98.64
CA SER RB 49 -4.79 -70.93 99.60
C SER RB 49 -5.01 -72.41 99.36
N LEU RB 50 -6.25 -72.82 99.06
CA LEU RB 50 -6.52 -74.22 98.80
C LEU RB 50 -5.82 -74.70 97.53
N GLN RB 51 -5.71 -73.84 96.53
CA GLN RB 51 -4.99 -74.20 95.30
C GLN RB 51 -3.58 -74.66 95.62
N TRP RB 75 -10.57 -78.44 107.10
CA TRP RB 75 -11.74 -78.83 107.86
C TRP RB 75 -12.49 -77.63 108.44
N PRO RB 76 -11.78 -76.75 109.15
CA PRO RB 76 -12.43 -75.47 109.53
C PRO RB 76 -12.89 -74.68 108.33
N LEU RB 77 -12.13 -74.71 107.23
CA LEU RB 77 -12.59 -74.09 105.99
C LEU RB 77 -13.86 -74.75 105.50
N PHE RB 78 -13.94 -76.07 105.59
CA PHE RB 78 -15.14 -76.78 105.17
C PHE RB 78 -16.34 -76.37 106.02
N THR RB 79 -16.14 -76.23 107.34
CA THR RB 79 -17.24 -75.81 108.20
C THR RB 79 -17.68 -74.39 107.88
N THR RB 80 -16.72 -73.49 107.62
CA THR RB 80 -17.08 -72.13 107.23
C THR RB 80 -17.87 -72.13 105.93
N ILE RB 81 -17.46 -72.95 104.97
CA ILE RB 81 -18.19 -73.04 103.70
C ILE RB 81 -19.59 -73.59 103.94
N GLN RB 82 -19.71 -74.58 104.83
CA GLN RB 82 -21.03 -75.11 105.16
C GLN RB 82 -21.92 -74.03 105.73
N PHE RB 83 -21.37 -73.21 106.64
CA PHE RB 83 -22.16 -72.11 107.20
C PHE RB 83 -22.56 -71.12 106.13
N LEU RB 84 -21.63 -70.80 105.23
CA LEU RB 84 -21.91 -69.81 104.18
C LEU RB 84 -22.90 -70.32 103.15
N VAL RB 85 -22.99 -71.63 102.95
CA VAL RB 85 -23.89 -72.19 101.95
C VAL RB 85 -25.21 -72.65 102.54
N GLU RB 86 -25.29 -72.89 103.85
CA GLU RB 86 -26.50 -73.38 104.49
C GLU RB 86 -27.24 -72.27 105.22
N GLU RB 87 -26.56 -71.58 106.15
CA GLU RB 87 -27.18 -70.44 106.82
C GLU RB 87 -27.54 -69.36 105.81
N GLY RB 88 -26.65 -69.08 104.88
CA GLY RB 88 -26.90 -68.13 103.81
C GLY RB 88 -26.70 -68.81 102.46
N GLY RB 89 -27.25 -68.21 101.42
CA GLY RB 89 -27.12 -68.75 100.08
C GLY RB 89 -25.94 -68.15 99.34
N LEU RB 90 -24.82 -68.87 99.31
CA LEU RB 90 -23.64 -68.38 98.61
C LEU RB 90 -23.53 -69.02 97.23
N PRO RB 91 -23.64 -68.27 96.14
CA PRO RB 91 -23.46 -68.89 94.81
C PRO RB 91 -22.03 -69.34 94.61
N LEU RB 92 -21.85 -70.61 94.23
CA LEU RB 92 -20.53 -71.20 94.06
C LEU RB 92 -20.02 -71.11 92.63
N GLY RB 93 -20.75 -70.41 91.75
CA GLY RB 93 -20.33 -70.28 90.37
C GLY RB 93 -18.95 -69.69 90.23
N PRO RB 94 -18.67 -68.60 90.96
CA PRO RB 94 -17.33 -68.00 90.90
C PRO RB 94 -16.23 -68.87 91.48
N PHE RB 95 -16.57 -69.94 92.19
CA PHE RB 95 -15.60 -70.77 92.90
C PHE RB 95 -15.82 -72.23 92.50
N PRO RB 96 -15.43 -72.59 91.27
CA PRO RB 96 -15.66 -73.98 90.83
C PRO RB 96 -14.87 -75.00 91.63
N ARG RB 97 -13.58 -74.74 91.87
CA ARG RB 97 -12.79 -75.66 92.68
C ARG RB 97 -13.32 -75.74 94.09
N MET RB 98 -13.76 -74.61 94.65
CA MET RB 98 -14.36 -74.62 95.98
C MET RB 98 -15.61 -75.49 96.01
N SER RB 99 -16.46 -75.38 94.98
CA SER RB 99 -17.66 -76.22 94.92
C SER RB 99 -17.28 -77.69 94.81
N ARG RB 100 -16.27 -78.00 93.99
CA ARG RB 100 -15.82 -79.38 93.86
C ARG RB 100 -15.37 -79.93 95.21
N ALA RB 101 -14.57 -79.15 95.93
CA ALA RB 101 -14.09 -79.60 97.24
C ALA RB 101 -15.25 -79.77 98.21
N TYR RB 102 -16.20 -78.84 98.20
CA TYR RB 102 -17.35 -78.95 99.10
C TYR RB 102 -18.15 -80.21 98.81
N TYR RB 103 -18.41 -80.49 97.53
CA TYR RB 103 -19.16 -81.69 97.19
C TYR RB 103 -18.39 -82.96 97.55
N ARG RB 104 -17.08 -82.96 97.32
CA ARG RB 104 -16.28 -84.13 97.70
C ARG RB 104 -16.35 -84.38 99.20
N LEU RB 105 -16.22 -83.32 99.99
CA LEU RB 105 -16.28 -83.47 101.45
C LEU RB 105 -17.67 -83.91 101.90
N LYS RB 106 -18.72 -83.37 101.27
CA LYS RB 106 -20.07 -83.82 101.61
C LYS RB 106 -20.24 -85.30 101.31
N GLU RB 107 -19.75 -85.75 100.16
CA GLU RB 107 -19.83 -87.17 99.82
C GLU RB 107 -18.97 -88.03 100.75
N SER RB 108 -17.90 -87.47 101.31
CA SER RB 108 -17.03 -88.24 102.18
C SER RB 108 -17.80 -88.75 103.40
N THR RB 109 -17.40 -89.92 103.88
CA THR RB 109 -18.10 -90.54 105.01
C THR RB 109 -18.09 -89.68 106.27
N PRO RB 110 -16.97 -89.07 106.69
CA PRO RB 110 -16.99 -88.38 108.00
C PRO RB 110 -18.07 -87.32 108.11
N VAL RB 111 -18.35 -86.61 107.01
CA VAL RB 111 -19.44 -85.63 107.04
C VAL RB 111 -20.77 -86.32 107.30
N VAL RB 112 -20.96 -87.49 106.71
CA VAL RB 112 -22.19 -88.24 106.94
C VAL RB 112 -22.30 -88.63 108.41
N ALA RB 113 -21.19 -89.07 109.01
CA ALA RB 113 -21.21 -89.43 110.43
C ALA RB 113 -21.53 -88.21 111.29
N HIS RB 114 -20.94 -87.06 110.96
CA HIS RB 114 -21.21 -85.84 111.72
C HIS RB 114 -22.69 -85.46 111.62
N SER RB 115 -23.26 -85.54 110.41
CA SER RB 115 -24.68 -85.23 110.24
C SER RB 115 -25.54 -86.19 111.04
N GLN RB 116 -25.20 -87.48 111.02
CA GLN RB 116 -25.96 -88.46 111.80
C GLN RB 116 -25.89 -88.16 113.28
N LEU RB 117 -24.70 -87.81 113.79
CA LEU RB 117 -24.57 -87.46 115.19
C LEU RB 117 -25.40 -86.23 115.53
N VAL RB 118 -25.39 -85.22 114.65
CA VAL RB 118 -26.18 -84.02 114.88
C VAL RB 118 -27.66 -84.36 114.93
N TRP RB 119 -28.13 -85.21 114.00
CA TRP RB 119 -29.53 -85.60 114.00
C TRP RB 119 -29.89 -86.36 115.27
N ARG RB 120 -29.01 -87.26 115.72
CA ARG RB 120 -29.28 -88.01 116.94
C ARG RB 120 -29.37 -87.07 118.14
N THR RB 121 -28.44 -86.10 118.23
CA THR RB 121 -28.49 -85.15 119.33
C THR RB 121 -29.77 -84.32 119.29
N PHE RB 122 -30.19 -83.90 118.09
CA PHE RB 122 -31.41 -83.13 117.97
C PHE RB 122 -32.62 -83.97 118.40
N GLU RB 123 -32.67 -85.23 117.98
CA GLU RB 123 -33.77 -86.10 118.38
C GLU RB 123 -33.79 -86.28 119.90
N LEU RB 124 -32.62 -86.46 120.51
CA LEU RB 124 -32.56 -86.56 121.96
C LEU RB 124 -33.06 -85.29 122.62
N SER RB 125 -32.70 -84.13 122.07
CA SER RB 125 -33.15 -82.86 122.64
C SER RB 125 -34.67 -82.71 122.51
N ARG RB 126 -35.26 -83.21 121.44
CA ARG RB 126 -36.70 -83.14 121.25
C ARG RB 126 -37.44 -83.60 122.49
N ARG RB 141 -30.76 -69.44 106.49
CA ARG RB 141 -31.30 -68.09 106.66
C ARG RB 141 -31.38 -67.38 105.32
N GLY RB 142 -30.48 -67.74 104.41
CA GLY RB 142 -30.47 -67.12 103.08
C GLY RB 142 -30.08 -65.67 103.09
N PHE RB 143 -29.35 -65.23 104.12
CA PHE RB 143 -28.99 -63.82 104.20
C PHE RB 143 -28.09 -63.42 103.04
N LEU RB 144 -27.25 -64.32 102.55
CA LEU RB 144 -26.39 -63.99 101.42
C LEU RB 144 -27.21 -63.72 100.16
N ARG RB 145 -28.18 -64.58 99.87
CA ARG RB 145 -29.05 -64.33 98.71
C ARG RB 145 -29.86 -63.06 98.90
N ASP RB 146 -30.36 -62.83 100.11
CA ASP RB 146 -31.15 -61.62 100.35
C ASP RB 146 -30.31 -60.37 100.13
N ILE RB 147 -29.08 -60.36 100.64
CA ILE RB 147 -28.22 -59.18 100.50
C ILE RB 147 -27.81 -59.00 99.06
N GLN RB 148 -27.58 -60.10 98.32
CA GLN RB 148 -27.29 -59.98 96.90
C GLN RB 148 -28.45 -59.34 96.15
N ARG RB 149 -29.68 -59.78 96.44
CA ARG RB 149 -30.84 -59.16 95.82
C ARG RB 149 -30.94 -57.69 96.19
N GLN RB 150 -30.68 -57.37 97.46
CA GLN RB 150 -30.78 -55.97 97.90
C GLN RB 150 -29.77 -55.10 97.17
N ILE RB 151 -28.53 -55.55 97.04
CA ILE RB 151 -27.52 -54.74 96.37
C ILE RB 151 -27.83 -54.64 94.89
N ALA RB 152 -28.34 -55.71 94.27
CA ALA RB 152 -28.72 -55.64 92.87
C ALA RB 152 -29.81 -54.61 92.65
N GLU RB 153 -30.83 -54.60 93.51
CA GLU RB 153 -31.89 -53.61 93.38
C GLU RB 153 -31.36 -52.20 93.64
N TYR RB 154 -30.49 -52.04 94.64
CA TYR RB 154 -29.95 -50.73 94.97
C TYR RB 154 -29.06 -50.19 93.85
N THR RB 155 -28.43 -51.08 93.07
CA THR RB 155 -27.57 -50.66 91.99
C THR RB 155 -28.34 -50.37 90.71
N THR RB 156 -29.26 -51.27 90.33
CA THR RB 156 -30.01 -51.09 89.10
C THR RB 156 -30.86 -49.84 89.16
N ASP RB 157 -30.81 -49.03 88.11
CA ASP RB 157 -31.61 -47.83 87.99
C ASP RB 157 -32.95 -48.14 87.34
N PRO RB 158 -33.97 -47.31 87.58
CA PRO RB 158 -35.30 -47.61 87.01
C PRO RB 158 -35.27 -47.70 85.50
N PRO RB 159 -34.53 -46.81 84.82
CA PRO RB 159 -34.43 -46.96 83.35
C PRO RB 159 -33.88 -48.30 82.90
N GLU RB 160 -32.81 -48.76 83.54
CA GLU RB 160 -32.24 -50.05 83.17
C GLU RB 160 -33.20 -51.18 83.51
N ARG RB 161 -33.91 -51.08 84.64
CA ARG RB 161 -34.86 -52.10 85.02
C ARG RB 161 -35.99 -52.22 84.01
N ILE RB 162 -36.52 -51.08 83.56
CA ILE RB 162 -37.61 -51.11 82.58
C ILE RB 162 -37.10 -51.58 81.23
N MET RB 163 -35.88 -51.17 80.86
CA MET RB 163 -35.33 -51.57 79.57
C MET RB 163 -34.91 -53.03 79.53
N ALA RB 164 -34.71 -53.66 80.69
CA ALA RB 164 -34.29 -55.04 80.73
C ALA RB 164 -35.38 -55.95 80.19
N GLY RB 165 -34.96 -57.03 79.52
CA GLY RB 165 -35.89 -58.00 78.98
C GLY RB 165 -36.84 -57.42 77.96
N VAL RB 166 -36.30 -56.63 77.03
CA VAL RB 166 -37.10 -56.01 75.97
C VAL RB 166 -36.40 -56.23 74.65
N THR RB 167 -37.19 -56.59 73.63
CA THR RB 167 -36.67 -56.84 72.29
C THR RB 167 -37.52 -56.07 71.28
N GLY RB 168 -36.86 -55.58 70.24
CA GLY RB 168 -37.51 -54.85 69.18
C GLY RB 168 -37.86 -55.72 68.00
N GLU RB 169 -38.22 -55.06 66.89
CA GLU RB 169 -38.55 -55.73 65.65
C GLU RB 169 -37.36 -55.87 64.71
N LYS RB 170 -36.18 -55.41 65.12
CA LYS RB 170 -34.93 -55.65 64.39
C LYS RB 170 -33.91 -56.38 65.25
N GLY RB 171 -34.30 -56.92 66.40
CA GLY RB 171 -33.40 -57.62 67.27
C GLY RB 171 -33.45 -57.06 68.68
N PRO RB 172 -32.40 -57.32 69.47
CA PRO RB 172 -32.35 -56.73 70.82
C PRO RB 172 -32.20 -55.22 70.77
N LEU RB 173 -32.57 -54.54 71.85
CA LEU RB 173 -32.52 -53.08 71.88
C LEU RB 173 -31.10 -52.60 71.61
N ARG RB 174 -30.98 -51.58 70.76
CA ARG RB 174 -29.67 -50.99 70.49
C ARG RB 174 -29.01 -50.53 71.77
N ALA RB 175 -29.80 -49.99 72.70
CA ALA RB 175 -29.24 -49.54 73.97
C ALA RB 175 -28.61 -50.71 74.73
N ARG RB 176 -29.29 -51.84 74.79
CA ARG RB 176 -28.73 -53.01 75.46
C ARG RB 176 -27.48 -53.51 74.74
N VAL RB 177 -27.53 -53.57 73.41
CA VAL RB 177 -26.39 -54.12 72.67
C VAL RB 177 -25.16 -53.24 72.81
N SER RB 178 -25.32 -51.92 72.73
CA SER RB 178 -24.21 -50.98 72.75
C SER RB 178 -23.96 -50.37 74.12
N GLY RB 179 -24.63 -50.86 75.16
CA GLY RB 179 -24.42 -50.31 76.49
C GLY RB 179 -23.00 -50.49 76.98
N ALA RB 180 -22.36 -51.61 76.63
CA ALA RB 180 -20.98 -51.83 77.02
C ALA RB 180 -20.09 -50.70 76.53
N ARG RB 181 -20.16 -50.40 75.24
CA ARG RB 181 -19.45 -49.28 74.63
C ARG RB 181 -18.01 -49.19 75.16
N LEU RB 182 -17.24 -50.26 74.92
CA LEU RB 182 -15.83 -50.23 75.27
C LEU RB 182 -15.07 -49.22 74.43
N GLY RB 183 -15.67 -48.70 73.36
CA GLY RB 183 -15.07 -47.66 72.57
C GLY RB 183 -15.93 -47.27 71.38
N LEU RB 184 -16.11 -45.97 71.16
CA LEU RB 184 -16.87 -45.55 69.99
C LEU RB 184 -16.15 -45.90 68.70
N GLN RB 185 -14.84 -46.15 68.76
CA GLN RB 185 -14.12 -46.59 67.58
C GLN RB 185 -14.58 -47.97 67.14
N ARG RB 186 -15.04 -48.80 68.08
CA ARG RB 186 -15.54 -50.13 67.75
C ARG RB 186 -17.05 -50.20 67.73
N THR RB 187 -17.75 -49.23 68.30
CA THR RB 187 -19.21 -49.26 68.28
C THR RB 187 -19.70 -49.02 66.86
N PRO RB 188 -20.51 -49.91 66.30
CA PRO RB 188 -20.96 -49.72 64.91
C PRO RB 188 -22.07 -48.68 64.78
N ALA RB 189 -22.40 -48.31 63.55
CA ALA RB 189 -23.45 -47.34 63.26
C ALA RB 189 -24.69 -48.08 62.79
N ARG RB 190 -25.85 -47.75 63.36
CA ARG RB 190 -27.09 -48.44 63.04
C ARG RB 190 -28.28 -47.51 62.90
N ILE RB 191 -28.08 -46.19 62.84
CA ILE RB 191 -29.17 -45.23 62.88
C ILE RB 191 -29.54 -44.86 61.44
N PRO RB 192 -30.76 -45.17 60.98
CA PRO RB 192 -31.17 -44.69 59.66
C PRO RB 192 -31.17 -43.17 59.60
N TRP RB 193 -30.86 -42.65 58.41
CA TRP RB 193 -30.81 -41.21 58.23
C TRP RB 193 -32.14 -40.52 58.53
N THR RB 194 -33.26 -41.25 58.40
CA THR RB 194 -34.56 -40.65 58.71
C THR RB 194 -34.65 -40.28 60.18
N MET RB 195 -34.18 -41.15 61.07
CA MET RB 195 -34.23 -40.92 62.51
C MET RB 195 -32.91 -40.39 63.06
N GLN RB 196 -31.91 -40.16 62.21
CA GLN RB 196 -30.61 -39.72 62.68
C GLN RB 196 -30.71 -38.37 63.37
N GLY RB 197 -31.46 -37.44 62.78
CA GLY RB 197 -31.69 -36.15 63.41
C GLY RB 197 -32.52 -36.25 64.67
N LEU RB 198 -32.03 -35.67 65.76
CA LEU RB 198 -32.74 -35.72 67.03
C LEU RB 198 -33.73 -34.56 67.13
N LYS SB 1 -33.16 -10.49 0.01
CA LYS SB 1 -32.70 -11.73 0.61
C LYS SB 1 -33.31 -11.92 1.98
N LEU SB 2 -33.79 -13.13 2.28
CA LEU SB 2 -34.40 -13.40 3.57
C LEU SB 2 -34.18 -14.87 3.92
N PRO SB 3 -33.82 -15.19 5.17
CA PRO SB 3 -33.50 -14.25 6.25
C PRO SB 3 -32.11 -13.65 6.08
N ALA SB 4 -31.96 -12.37 6.40
CA ALA SB 4 -30.67 -11.71 6.28
C ALA SB 4 -29.64 -12.41 7.16
N GLY SB 5 -28.46 -12.67 6.59
CA GLY SB 5 -27.43 -13.38 7.31
C GLY SB 5 -27.38 -14.84 6.93
N LYS SB 6 -28.48 -15.35 6.37
CA LYS SB 6 -28.55 -16.72 5.88
C LYS SB 6 -29.72 -16.83 4.92
N PRO SB 7 -29.61 -16.25 3.72
CA PRO SB 7 -30.76 -16.25 2.81
C PRO SB 7 -31.24 -17.66 2.50
N ALA SB 8 -32.56 -17.82 2.43
CA ALA SB 8 -33.22 -19.08 2.11
C ALA SB 8 -34.04 -18.92 0.85
N ASN SB 9 -34.73 -19.99 0.47
CA ASN SB 9 -35.56 -19.99 -0.72
C ASN SB 9 -36.99 -19.58 -0.37
N LYS SB 10 -37.52 -18.63 -1.12
CA LYS SB 10 -38.87 -18.12 -0.90
C LYS SB 10 -39.96 -19.05 -1.40
N SER SB 11 -39.61 -20.27 -1.82
CA SER SB 11 -40.56 -21.24 -2.36
C SER SB 11 -40.91 -22.32 -1.35
N TRP SB 12 -40.76 -22.02 -0.07
CA TRP SB 12 -41.01 -23.00 0.97
C TRP SB 12 -42.45 -23.47 0.99
N PHE SB 13 -43.41 -22.55 0.82
CA PHE SB 13 -44.82 -22.96 0.86
C PHE SB 13 -45.19 -23.78 -0.37
N ARG SB 14 -44.77 -23.35 -1.55
CA ARG SB 14 -45.06 -24.12 -2.74
C ARG SB 14 -44.37 -25.48 -2.71
N HIS SB 15 -43.26 -25.60 -1.98
CA HIS SB 15 -42.65 -26.92 -1.81
C HIS SB 15 -43.61 -27.87 -1.11
N ASN SB 16 -44.28 -27.41 -0.05
CA ASN SB 16 -45.29 -28.24 0.60
C ASN SB 16 -46.47 -28.48 -0.35
N LEU SB 17 -46.89 -27.45 -1.08
CA LEU SB 17 -48.06 -27.59 -1.94
C LEU SB 17 -47.85 -28.63 -3.04
N ILE SB 18 -46.68 -28.60 -3.69
CA ILE SB 18 -46.43 -29.42 -4.86
C ILE SB 18 -45.63 -30.65 -4.45
N ILE SB 19 -45.73 -31.71 -5.26
CA ILE SB 19 -44.92 -32.91 -5.09
C ILE SB 19 -43.96 -32.97 -6.27
N ARG SB 20 -42.67 -32.94 -5.97
CA ARG SB 20 -41.63 -32.96 -6.98
C ARG SB 20 -40.74 -34.20 -6.80
N ARG SB 21 -40.36 -34.79 -7.93
CA ARG SB 21 -39.55 -36.00 -7.95
C ARG SB 21 -38.16 -35.63 -8.45
N LYS SB 22 -37.15 -35.87 -7.63
CA LYS SB 22 -35.78 -35.54 -7.98
C LYS SB 22 -35.42 -36.22 -9.30
N ALA SB 23 -35.14 -35.41 -10.32
CA ALA SB 23 -34.86 -35.92 -11.67
C ALA SB 23 -33.45 -36.50 -11.69
N SER SB 24 -33.31 -37.70 -11.16
CA SER SB 24 -32.05 -38.42 -11.16
C SER SB 24 -32.26 -39.78 -11.81
N TYR SB 25 -31.16 -40.42 -12.21
CA TYR SB 25 -31.27 -41.67 -12.94
C TYR SB 25 -32.04 -42.72 -12.17
N ARG SB 26 -32.05 -42.63 -10.83
CA ARG SB 26 -32.81 -43.55 -10.00
C ARG SB 26 -34.20 -43.06 -9.66
N SER SB 27 -34.53 -41.82 -10.04
CA SER SB 27 -35.84 -41.23 -9.71
C SER SB 27 -36.24 -40.29 -10.84
N ARG SB 28 -37.32 -40.64 -11.54
CA ARG SB 28 -37.80 -39.81 -12.64
C ARG SB 28 -39.30 -39.98 -12.79
N TRP SB 29 -39.93 -38.99 -13.42
CA TRP SB 29 -41.34 -39.05 -13.77
C TRP SB 29 -41.47 -39.78 -15.09
N GLY SB 30 -41.87 -41.05 -15.04
CA GLY SB 30 -42.04 -41.83 -16.25
C GLY SB 30 -43.09 -41.22 -17.15
N THR SB 31 -43.31 -41.90 -18.27
CA THR SB 31 -44.33 -41.49 -19.24
C THR SB 31 -45.71 -41.99 -18.86
N GLY SB 32 -45.84 -42.73 -17.76
CA GLY SB 32 -47.11 -43.32 -17.38
C GLY SB 32 -47.43 -44.63 -18.05
N ALA SB 33 -46.50 -45.17 -18.84
CA ALA SB 33 -46.72 -46.42 -19.55
C ALA SB 33 -45.85 -47.56 -19.07
N GLU SB 34 -44.99 -47.34 -18.07
CA GLU SB 34 -44.10 -48.38 -17.58
C GLU SB 34 -44.69 -49.14 -16.41
N GLY SB 35 -45.42 -48.48 -15.53
CA GLY SB 35 -46.01 -49.15 -14.39
C GLY SB 35 -46.65 -48.15 -13.45
N TYR SB 36 -47.15 -48.68 -12.35
CA TYR SB 36 -47.79 -47.84 -11.34
C TYR SB 36 -46.77 -46.90 -10.72
N GLY SB 37 -47.20 -45.69 -10.38
CA GLY SB 37 -46.33 -44.69 -9.82
C GLY SB 37 -45.60 -43.85 -10.84
N THR SB 38 -45.74 -44.15 -12.12
CA THR SB 38 -45.11 -43.38 -13.18
C THR SB 38 -46.13 -42.48 -13.85
N GLY SB 39 -45.67 -41.32 -14.30
CA GLY SB 39 -46.54 -40.31 -14.87
C GLY SB 39 -46.12 -38.94 -14.41
N VAL SB 40 -47.07 -38.03 -14.24
CA VAL SB 40 -46.78 -36.72 -13.67
C VAL SB 40 -48.10 -36.03 -13.34
N PRO SB 41 -48.32 -35.55 -12.11
CA PRO SB 41 -49.54 -34.82 -11.82
C PRO SB 41 -49.57 -33.49 -12.57
N PHE SB 42 -50.79 -33.04 -12.87
CA PHE SB 42 -50.96 -31.80 -13.60
C PHE SB 42 -50.48 -30.61 -12.77
N SER SB 43 -50.09 -29.55 -13.46
CA SER SB 43 -49.66 -28.32 -12.82
C SER SB 43 -50.88 -27.44 -12.54
N ASP SB 44 -50.64 -26.19 -12.15
CA ASP SB 44 -51.74 -25.29 -11.82
C ASP SB 44 -52.60 -24.98 -13.05
N GLN SB 45 -52.03 -24.30 -14.03
CA GLN SB 45 -52.80 -23.65 -15.09
C GLN SB 45 -53.31 -24.62 -16.14
N VAL SB 46 -53.34 -25.93 -15.87
CA VAL SB 46 -53.86 -26.86 -16.86
C VAL SB 46 -55.34 -26.62 -17.08
N LYS SB 47 -55.74 -26.59 -18.34
CA LYS SB 47 -57.14 -26.43 -18.74
C LYS SB 47 -57.70 -27.80 -19.11
N LEU SB 48 -58.88 -28.12 -18.56
CA LEU SB 48 -59.50 -29.42 -18.79
C LEU SB 48 -60.99 -29.23 -19.00
N HIS SB 49 -61.62 -30.25 -19.56
CA HIS SB 49 -63.04 -30.21 -19.88
C HIS SB 49 -63.87 -30.58 -18.66
N CYS SB 50 -64.96 -29.85 -18.46
CA CYS SB 50 -65.93 -30.12 -17.40
C CYS SB 50 -67.20 -30.64 -18.05
N VAL SB 51 -67.54 -31.89 -17.78
CA VAL SB 51 -68.66 -32.56 -18.43
C VAL SB 51 -69.77 -32.70 -17.38
N ASP SB 52 -70.83 -31.92 -17.55
CA ASP SB 52 -72.02 -31.99 -16.71
C ASP SB 52 -73.01 -30.97 -17.25
N ASN SB 53 -74.21 -30.97 -16.66
CA ASN SB 53 -75.23 -30.00 -17.06
C ASN SB 53 -74.85 -28.57 -16.70
N THR SB 54 -73.81 -28.37 -15.90
CA THR SB 54 -73.42 -27.02 -15.50
C THR SB 54 -73.03 -26.20 -16.72
N ASN SB 55 -73.29 -24.90 -16.64
CA ASN SB 55 -72.97 -24.00 -17.75
C ASN SB 55 -71.48 -24.00 -18.08
N CYS SB 56 -70.63 -24.34 -17.12
CA CYS SB 56 -69.20 -24.33 -17.36
C CYS SB 56 -68.81 -25.41 -18.36
N LYS SB 57 -67.80 -25.09 -19.19
CA LYS SB 57 -67.29 -26.02 -20.19
C LYS SB 57 -65.79 -26.26 -20.09
N HIS SB 58 -65.01 -25.29 -19.61
CA HIS SB 58 -63.58 -25.47 -19.41
C HIS SB 58 -63.22 -25.00 -18.02
N VAL SB 59 -62.28 -25.68 -17.39
CA VAL SB 59 -61.88 -25.41 -16.02
C VAL SB 59 -60.36 -25.37 -15.96
N ARG SB 60 -59.81 -24.31 -15.36
CA ARG SB 60 -58.38 -24.22 -15.09
C ARG SB 60 -58.11 -24.69 -13.67
N LEU SB 61 -57.22 -25.65 -13.52
CA LEU SB 61 -56.93 -26.20 -12.20
C LEU SB 61 -56.17 -25.19 -11.36
N ILE SB 62 -56.20 -25.41 -10.05
CA ILE SB 62 -55.43 -24.61 -9.10
C ILE SB 62 -54.43 -25.43 -8.31
N SER SB 63 -54.67 -26.72 -8.10
CA SER SB 63 -53.76 -27.54 -7.33
C SER SB 63 -52.44 -27.71 -8.08
N LYS SB 64 -51.33 -27.59 -7.36
CA LYS SB 64 -50.02 -27.76 -7.96
C LYS SB 64 -49.74 -29.19 -8.37
N ALA SB 65 -50.56 -30.15 -7.94
CA ALA SB 65 -50.39 -31.55 -8.31
C ALA SB 65 -51.76 -32.21 -8.35
N THR SB 66 -52.14 -32.70 -9.53
CA THR SB 66 -53.43 -33.35 -9.72
C THR SB 66 -53.24 -34.63 -10.51
N ALA SB 67 -53.69 -35.74 -9.95
CA ALA SB 67 -53.55 -37.04 -10.59
C ALA SB 67 -54.59 -37.99 -9.99
N GLU SB 68 -54.81 -39.11 -10.68
CA GLU SB 68 -55.75 -40.11 -10.20
C GLU SB 68 -55.19 -40.90 -9.03
N ARG SB 69 -53.86 -41.05 -8.95
CA ARG SB 69 -53.27 -41.84 -7.89
C ARG SB 69 -53.63 -41.31 -6.52
N PHE SB 70 -53.85 -40.01 -6.40
CA PHE SB 70 -54.19 -39.39 -5.12
C PHE SB 70 -55.34 -38.41 -5.29
N ALA SB 71 -56.36 -38.83 -6.04
CA ALA SB 71 -57.57 -38.02 -6.18
C ALA SB 71 -58.44 -38.04 -4.94
N HIS SB 72 -58.15 -38.93 -3.98
CA HIS SB 72 -58.94 -39.04 -2.76
C HIS SB 72 -58.23 -38.49 -1.53
N CYS SB 73 -56.92 -38.23 -1.62
CA CYS SB 73 -56.15 -37.70 -0.51
C CYS SB 73 -55.81 -36.23 -0.69
N ARG SB 74 -56.46 -35.55 -1.63
CA ARG SB 74 -56.14 -34.16 -1.91
C ARG SB 74 -57.37 -33.48 -2.48
N VAL SB 75 -57.43 -32.16 -2.32
CA VAL SB 75 -58.53 -31.34 -2.82
C VAL SB 75 -58.04 -30.58 -4.05
N PHE SB 76 -58.82 -30.64 -5.12
CA PHE SB 76 -58.46 -30.04 -6.41
C PHE SB 76 -59.34 -28.83 -6.66
N PRO SB 77 -59.00 -27.67 -6.11
CA PRO SB 77 -59.73 -26.46 -6.47
C PRO SB 77 -59.45 -26.05 -7.90
N ALA SB 78 -60.44 -25.39 -8.51
CA ALA SB 78 -60.30 -24.97 -9.89
C ALA SB 78 -61.27 -23.84 -10.18
N VAL SB 79 -61.02 -23.12 -11.28
CA VAL SB 79 -61.78 -21.95 -11.66
C VAL SB 79 -62.35 -22.16 -13.05
N ALA SB 80 -63.65 -21.91 -13.21
CA ALA SB 80 -64.26 -21.94 -14.53
C ALA SB 80 -63.59 -20.90 -15.43
N HIS SB 81 -63.28 -21.31 -16.66
CA HIS SB 81 -62.53 -20.47 -17.58
C HIS SB 81 -63.36 -20.00 -18.77
N ARG SB 82 -63.95 -20.95 -19.52
CA ARG SB 82 -64.76 -20.62 -20.69
C ARG SB 82 -66.14 -21.22 -20.45
N VAL SB 83 -67.07 -20.39 -19.97
CA VAL SB 83 -68.41 -20.82 -19.67
C VAL SB 83 -69.27 -20.68 -20.92
N SER SB 84 -70.28 -21.55 -21.03
CA SER SB 84 -71.19 -21.53 -22.16
C SER SB 84 -72.27 -20.47 -21.94
N VAL SB 85 -73.23 -20.40 -22.85
CA VAL SB 85 -74.32 -19.44 -22.79
C VAL SB 85 -75.59 -20.11 -23.27
N GLN SB 86 -76.73 -19.45 -23.05
CA GLN SB 86 -78.04 -19.94 -23.44
C GLN SB 86 -78.76 -18.87 -24.24
N ARG SB 87 -80.01 -19.17 -24.61
CA ARG SB 87 -80.85 -18.21 -25.33
C ARG SB 87 -82.26 -18.14 -24.76
N PHE SB 88 -82.48 -18.59 -23.53
CA PHE SB 88 -83.81 -18.55 -22.92
C PHE SB 88 -84.37 -17.14 -22.92
N VAL SB 95 -81.18 -24.16 -11.49
CA VAL SB 95 -80.71 -22.87 -12.01
C VAL SB 95 -79.28 -22.63 -11.55
N SER SB 96 -78.92 -23.16 -10.38
CA SER SB 96 -77.56 -23.01 -9.90
C SER SB 96 -76.55 -23.65 -10.84
N ARG SB 97 -76.90 -24.78 -11.43
CA ARG SB 97 -75.99 -25.43 -12.37
C ARG SB 97 -75.74 -24.55 -13.59
N HIS SB 98 -76.77 -23.89 -14.09
CA HIS SB 98 -76.65 -23.01 -15.25
C HIS SB 98 -76.17 -21.61 -14.89
N ARG SB 99 -76.02 -21.30 -13.60
CA ARG SB 99 -75.62 -19.98 -13.15
C ARG SB 99 -74.15 -19.95 -12.72
N VAL SB 100 -73.30 -20.69 -13.43
CA VAL SB 100 -71.87 -20.61 -13.21
C VAL SB 100 -71.33 -19.39 -13.95
N LYS SB 101 -70.21 -18.88 -13.47
CA LYS SB 101 -69.57 -17.70 -14.03
C LYS SB 101 -68.10 -18.00 -14.28
N PRO SB 102 -67.46 -17.28 -15.21
CA PRO SB 102 -66.07 -17.59 -15.56
C PRO SB 102 -65.06 -17.17 -14.50
N GLY SB 103 -65.53 -16.71 -13.35
CA GLY SB 103 -64.64 -16.31 -12.28
C GLY SB 103 -64.80 -17.15 -11.03
N ASN SB 104 -65.96 -17.80 -10.89
CA ASN SB 104 -66.23 -18.57 -9.69
C ASN SB 104 -65.25 -19.74 -9.56
N ILE SB 105 -65.02 -20.15 -8.32
CA ILE SB 105 -64.07 -21.21 -7.99
C ILE SB 105 -64.84 -22.35 -7.33
N TYR SB 106 -64.64 -23.57 -7.85
CA TYR SB 106 -65.25 -24.76 -7.31
C TYR SB 106 -64.20 -25.85 -7.22
N TRP SB 107 -64.50 -26.93 -6.50
CA TRP SB 107 -63.64 -28.09 -6.54
C TRP SB 107 -63.94 -28.91 -7.78
N VAL SB 108 -63.05 -29.86 -8.09
CA VAL SB 108 -63.24 -30.73 -9.25
C VAL SB 108 -62.94 -32.16 -8.85
N CYS SB 109 -63.50 -33.09 -9.62
CA CYS SB 109 -63.28 -34.52 -9.43
C CYS SB 109 -62.78 -35.10 -10.73
N LEU SB 110 -61.57 -35.66 -10.71
CA LEU SB 110 -61.00 -36.23 -11.93
C LEU SB 110 -61.87 -37.38 -12.43
N LEU SB 111 -62.13 -37.38 -13.73
CA LEU SB 111 -62.82 -38.48 -14.39
C LEU SB 111 -61.95 -39.19 -15.42
N SER SB 112 -60.91 -38.55 -15.93
CA SER SB 112 -60.05 -39.15 -16.93
C SER SB 112 -58.83 -38.26 -17.12
N ARG SB 113 -57.77 -38.85 -17.67
CA ARG SB 113 -56.55 -38.10 -17.98
C ARG SB 113 -56.14 -38.44 -19.40
N ARG SB 114 -55.81 -37.43 -20.19
CA ARG SB 114 -55.34 -37.67 -21.54
C ARG SB 114 -53.99 -38.38 -21.56
N GLN SB 115 -53.27 -38.37 -20.45
CA GLN SB 115 -51.98 -39.06 -20.36
C GLN SB 115 -52.19 -40.54 -20.11
N THR SB 116 -51.17 -41.32 -20.45
CA THR SB 116 -51.22 -42.76 -20.24
C THR SB 116 -51.28 -43.07 -18.75
N ASN SB 117 -52.36 -43.70 -18.31
CA ASN SB 117 -52.55 -44.06 -16.92
C ASN SB 117 -52.43 -45.57 -16.77
N THR SB 118 -51.62 -46.02 -15.80
CA THR SB 118 -51.35 -47.43 -15.59
C THR SB 118 -51.91 -47.84 -14.23
N ARG SB 119 -52.77 -48.86 -14.23
CA ARG SB 119 -53.26 -49.45 -13.01
C ARG SB 119 -52.20 -50.37 -12.40
N MET SB 120 -52.43 -50.77 -11.14
CA MET SB 120 -51.58 -51.78 -10.53
C MET SB 120 -51.78 -53.15 -11.15
N SER SB 121 -52.86 -53.33 -11.91
CA SER SB 121 -53.17 -54.60 -12.55
C SER SB 121 -52.47 -54.80 -13.89
N GLY SB 122 -51.67 -53.82 -14.32
CA GLY SB 122 -51.03 -53.87 -15.62
C GLY SB 122 -51.84 -53.26 -16.74
N LEU SB 123 -53.08 -52.88 -16.48
CA LEU SB 123 -53.89 -52.20 -17.49
C LEU SB 123 -53.32 -50.81 -17.74
N ARG SB 124 -53.33 -50.40 -19.01
CA ARG SB 124 -52.92 -49.06 -19.40
C ARG SB 124 -54.04 -48.45 -20.22
N THR SB 125 -54.34 -47.17 -19.97
CA THR SB 125 -55.45 -46.50 -20.63
C THR SB 125 -55.02 -45.12 -21.09
N ASN SB 126 -55.67 -44.66 -22.17
CA ASN SB 126 -55.41 -43.35 -22.76
C ASN SB 126 -56.76 -42.75 -23.17
N PHE SB 127 -57.34 -41.92 -22.31
CA PHE SB 127 -58.57 -41.24 -22.64
C PHE SB 127 -58.26 -40.08 -23.59
N ASP SB 128 -59.28 -39.58 -24.28
CA ASP SB 128 -59.09 -38.53 -25.28
C ASP SB 128 -59.22 -37.12 -24.72
N ARG SB 129 -59.84 -36.95 -23.55
CA ARG SB 129 -60.09 -35.64 -22.99
C ARG SB 129 -59.75 -35.63 -21.51
N ASN SB 130 -59.17 -34.53 -21.04
CA ASN SB 130 -59.01 -34.31 -19.61
C ASN SB 130 -60.34 -33.87 -19.03
N THR SB 131 -60.97 -34.72 -18.23
CA THR SB 131 -62.35 -34.56 -17.85
C THR SB 131 -62.48 -34.34 -16.34
N CYS SB 132 -63.39 -33.46 -15.96
CA CYS SB 132 -63.67 -33.19 -14.55
C CYS SB 132 -65.14 -32.82 -14.43
N ILE SB 133 -65.57 -32.53 -13.21
CA ILE SB 133 -66.93 -32.06 -12.92
C ILE SB 133 -66.86 -31.10 -11.74
N LEU SB 134 -67.69 -30.07 -11.77
CA LEU SB 134 -67.72 -29.08 -10.71
C LEU SB 134 -68.27 -29.69 -9.44
N MET SB 135 -67.75 -29.22 -8.30
CA MET SB 135 -68.16 -29.71 -7.00
C MET SB 135 -68.21 -28.54 -6.02
N ASN SB 136 -69.25 -28.55 -5.19
CA ASN SB 136 -69.37 -27.60 -4.09
C ASN SB 136 -68.37 -27.95 -2.99
N ASP SB 137 -68.19 -27.01 -2.06
CA ASP SB 137 -67.26 -27.23 -0.96
C ASP SB 137 -67.66 -28.42 -0.11
N GLN SB 138 -68.91 -28.86 -0.18
CA GLN SB 138 -69.39 -30.03 0.55
C GLN SB 138 -69.25 -31.31 -0.26
N ARG SB 139 -68.39 -31.32 -1.27
CA ARG SB 139 -68.17 -32.51 -2.10
C ARG SB 139 -69.46 -33.04 -2.72
N VAL SB 140 -70.31 -32.13 -3.18
CA VAL SB 140 -71.53 -32.50 -3.90
C VAL SB 140 -71.50 -31.84 -5.27
N PRO SB 141 -71.59 -32.60 -6.36
CA PRO SB 141 -71.47 -31.99 -7.69
C PRO SB 141 -72.60 -31.02 -7.99
N LEU SB 142 -72.26 -29.96 -8.72
CA LEU SB 142 -73.24 -28.97 -9.11
C LEU SB 142 -74.12 -29.46 -10.26
N GLY SB 143 -73.55 -30.21 -11.20
CA GLY SB 143 -74.32 -30.70 -12.33
C GLY SB 143 -75.26 -31.82 -11.93
N THR SB 144 -76.30 -31.99 -12.73
CA THR SB 144 -77.28 -33.04 -12.45
C THR SB 144 -76.76 -34.42 -12.83
N ARG SB 145 -75.98 -34.52 -13.90
CA ARG SB 145 -75.47 -35.80 -14.37
C ARG SB 145 -74.14 -35.55 -15.09
N VAL SB 146 -73.60 -36.61 -15.69
CA VAL SB 146 -72.28 -36.58 -16.30
C VAL SB 146 -72.40 -37.06 -17.74
N MET SB 147 -71.43 -36.65 -18.57
CA MET SB 147 -71.41 -36.98 -19.99
C MET SB 147 -70.07 -37.60 -20.36
N TYR SB 148 -69.47 -38.34 -19.44
CA TYR SB 148 -68.18 -38.98 -19.68
C TYR SB 148 -68.01 -40.08 -18.65
N CYS SB 149 -67.05 -40.96 -18.91
CA CYS SB 149 -66.79 -42.10 -18.04
C CYS SB 149 -65.71 -41.74 -17.02
N ALA SB 150 -65.97 -42.12 -15.77
CA ALA SB 150 -65.04 -41.85 -14.68
C ALA SB 150 -63.94 -42.93 -14.70
N GLY SB 151 -63.11 -42.95 -13.66
CA GLY SB 151 -62.08 -43.94 -13.52
C GLY SB 151 -62.25 -44.73 -12.22
N ARG SB 152 -61.36 -45.70 -12.03
CA ARG SB 152 -61.40 -46.50 -10.81
C ARG SB 152 -61.18 -45.67 -9.57
N HIS SB 153 -60.37 -44.61 -9.66
CA HIS SB 153 -60.13 -43.73 -8.52
C HIS SB 153 -61.39 -43.00 -8.08
N VAL SB 154 -62.41 -42.91 -8.93
CA VAL SB 154 -63.61 -42.13 -8.62
C VAL SB 154 -64.58 -42.99 -7.82
N ASN SB 155 -64.19 -44.24 -7.53
CA ASN SB 155 -65.03 -45.15 -6.76
C ASN SB 155 -64.81 -45.03 -5.26
N HIS SB 156 -63.96 -44.10 -4.82
CA HIS SB 156 -63.72 -43.89 -3.40
C HIS SB 156 -64.92 -43.23 -2.75
N LYS SB 157 -65.08 -43.48 -1.45
CA LYS SB 157 -66.17 -42.86 -0.70
C LYS SB 157 -66.05 -41.35 -0.64
N TYR SB 158 -64.87 -40.79 -0.89
CA TYR SB 158 -64.69 -39.35 -0.96
C TYR SB 158 -65.38 -38.74 -2.17
N HIS SB 159 -65.84 -39.58 -3.11
CA HIS SB 159 -66.57 -39.15 -4.30
C HIS SB 159 -67.90 -39.86 -4.39
N LEU SB 160 -68.64 -39.90 -3.28
CA LEU SB 160 -69.86 -40.71 -3.23
C LEU SB 160 -70.91 -40.18 -4.20
N LYS SB 161 -71.18 -38.88 -4.16
CA LYS SB 161 -72.20 -38.31 -5.05
C LYS SB 161 -71.75 -38.40 -6.50
N ALA SB 162 -70.45 -38.23 -6.75
CA ALA SB 162 -69.94 -38.40 -8.10
C ALA SB 162 -70.18 -39.82 -8.61
N VAL SB 163 -69.97 -40.82 -7.75
CA VAL SB 163 -70.26 -42.20 -8.12
C VAL SB 163 -71.75 -42.37 -8.42
N VAL SB 164 -72.59 -41.78 -7.57
CA VAL SB 164 -74.03 -41.91 -7.76
C VAL SB 164 -74.45 -41.34 -9.11
N LEU SB 165 -73.92 -40.18 -9.48
CA LEU SB 165 -74.33 -39.54 -10.73
C LEU SB 165 -73.71 -40.20 -11.94
N ALA SB 166 -72.38 -40.36 -11.94
CA ALA SB 166 -71.69 -40.94 -13.08
C ALA SB 166 -72.22 -42.34 -13.38
N ASN SB 167 -72.72 -42.53 -14.59
CA ASN SB 167 -73.32 -43.82 -14.96
C ASN SB 167 -72.26 -44.89 -15.15
N PHE SB 168 -71.19 -44.57 -15.88
CA PHE SB 168 -70.23 -45.56 -16.34
C PHE SB 168 -68.85 -45.28 -15.79
N PHE SB 169 -68.16 -46.33 -15.33
CA PHE SB 169 -66.80 -46.26 -14.85
C PHE SB 169 -65.88 -47.02 -15.81
N VAL SB 170 -64.58 -46.90 -15.55
CA VAL SB 170 -63.58 -47.61 -16.34
C VAL SB 170 -62.44 -48.07 -15.42
N LYS TB 1 -14.16 -15.36 109.07
CA LYS TB 1 -15.40 -15.21 108.32
C LYS TB 1 -15.34 -16.02 107.03
N SER TB 2 -16.37 -15.89 106.20
CA SER TB 2 -16.48 -16.62 104.94
C SER TB 2 -16.67 -15.64 103.80
N VAL TB 3 -16.00 -15.93 102.67
CA VAL TB 3 -16.14 -15.08 101.49
C VAL TB 3 -17.61 -15.04 101.06
N PHE TB 4 -18.31 -16.16 101.16
CA PHE TB 4 -19.71 -16.20 100.75
C PHE TB 4 -20.59 -15.37 101.69
N ASP TB 5 -20.30 -15.40 102.99
CA ASP TB 5 -21.03 -14.55 103.92
C ASP TB 5 -20.77 -13.07 103.62
N ILE TB 6 -19.52 -12.73 103.31
CA ILE TB 6 -19.21 -11.35 102.94
C ILE TB 6 -19.97 -10.96 101.69
N ALA TB 7 -20.04 -11.86 100.71
CA ALA TB 7 -20.78 -11.58 99.49
C ALA TB 7 -22.26 -11.37 99.78
N ARG TB 8 -22.83 -12.18 100.67
CA ARG TB 8 -24.23 -12.01 101.04
C ARG TB 8 -24.46 -10.65 101.70
N SER TB 9 -23.56 -10.25 102.61
CA SER TB 9 -23.69 -8.96 103.27
C SER TB 9 -23.64 -7.82 102.25
N HIS TB 10 -22.71 -7.91 101.30
CA HIS TB 10 -22.59 -6.86 100.29
C HIS TB 10 -23.79 -6.85 99.36
N VAL TB 11 -24.34 -8.02 99.04
CA VAL TB 11 -25.55 -8.08 98.24
C VAL TB 11 -26.70 -7.41 98.97
N THR TB 12 -26.80 -7.62 100.28
CA THR TB 12 -27.80 -6.91 101.06
C THR TB 12 -27.56 -5.41 101.02
N PHE TB 13 -26.30 -4.98 101.08
CA PHE TB 13 -26.01 -3.56 101.00
C PHE TB 13 -26.45 -3.00 99.65
N PRO TB 14 -27.05 -1.80 99.60
CA PRO TB 14 -27.45 -1.19 98.31
C PRO TB 14 -26.30 -0.44 97.63
N VAL TB 15 -25.46 -1.20 96.93
CA VAL TB 15 -24.26 -0.64 96.33
C VAL TB 15 -24.61 0.26 95.15
N SER TB 16 -25.52 -0.17 94.28
CA SER TB 16 -25.71 0.50 93.00
C SER TB 16 -26.27 1.91 93.15
N ARG TB 17 -26.92 2.21 94.28
CA ARG TB 17 -27.57 3.50 94.45
C ARG TB 17 -26.85 4.42 95.43
N ASP TB 18 -25.90 3.92 96.21
CA ASP TB 18 -25.24 4.71 97.25
C ASP TB 18 -23.74 4.60 97.10
N GLY TB 19 -23.09 5.72 96.79
CA GLY TB 19 -21.63 5.75 96.81
C GLY TB 19 -21.07 5.39 98.16
N THR TB 20 -21.73 5.81 99.24
CA THR TB 20 -21.32 5.40 100.58
C THR TB 20 -21.43 3.89 100.73
N ALA TB 21 -22.48 3.28 100.18
CA ALA TB 21 -22.59 1.83 100.23
C ALA TB 21 -21.45 1.15 99.47
N LEU TB 22 -21.10 1.69 98.30
CA LEU TB 22 -19.99 1.13 97.54
C LEU TB 22 -18.68 1.25 98.32
N ARG TB 23 -18.46 2.41 98.95
CA ARG TB 23 -17.27 2.59 99.76
C ARG TB 23 -17.24 1.61 100.92
N ARG TB 24 -18.39 1.38 101.55
CA ARG TB 24 -18.47 0.40 102.64
C ARG TB 24 -18.14 -1.00 102.14
N VAL TB 25 -18.64 -1.36 100.96
CA VAL TB 25 -18.36 -2.69 100.41
C VAL TB 25 -16.87 -2.84 100.14
N LEU TB 26 -16.26 -1.82 99.54
CA LEU TB 26 -14.82 -1.88 99.27
C LEU TB 26 -14.03 -1.96 100.56
N LYS TB 27 -14.43 -1.20 101.58
CA LYS TB 27 -13.73 -1.24 102.86
C LYS TB 27 -13.87 -2.62 103.51
N ASP TB 28 -15.04 -3.24 103.42
CA ASP TB 28 -15.21 -4.58 103.95
C ASP TB 28 -14.31 -5.58 103.23
N TRP TB 29 -14.25 -5.48 101.90
CA TRP TB 29 -13.36 -6.37 101.16
C TRP TB 29 -11.90 -6.15 101.56
N LEU TB 30 -11.50 -4.90 101.73
CA LEU TB 30 -10.13 -4.61 102.15
C LEU TB 30 -9.85 -5.15 103.55
N ASP TB 31 -10.82 -5.03 104.45
CA ASP TB 31 -10.67 -5.57 105.79
C ASP TB 31 -10.50 -7.08 105.75
N TYR TB 32 -11.29 -7.76 104.92
CA TYR TB 32 -11.12 -9.20 104.76
C TYR TB 32 -9.74 -9.52 104.19
N THR TB 33 -9.28 -8.73 103.22
CA THR TB 33 -8.00 -9.02 102.58
C THR TB 33 -6.83 -8.84 103.54
N GLU TB 34 -6.87 -7.80 104.37
CA GLU TB 34 -5.73 -7.45 105.22
C GLU TB 34 -5.87 -7.94 106.64
N CYS TB 35 -6.92 -7.50 107.35
CA CYS TB 35 -7.05 -7.83 108.77
C CYS TB 35 -7.23 -9.33 108.98
N GLN TB 36 -8.06 -9.97 108.15
CA GLN TB 36 -8.36 -11.38 108.33
C GLN TB 36 -7.07 -12.19 108.27
N SER TB 37 -6.90 -13.09 109.23
CA SER TB 37 -5.71 -13.92 109.27
C SER TB 37 -5.75 -14.96 108.15
N LEU TB 38 -4.59 -15.17 107.52
CA LEU TB 38 -4.50 -16.15 106.45
C LEU TB 38 -4.83 -17.55 106.98
N GLN TB 39 -4.38 -17.86 108.20
CA GLN TB 39 -4.76 -19.12 108.82
C GLN TB 39 -6.27 -19.20 109.03
N ALA TB 40 -6.89 -18.09 109.43
CA ALA TB 40 -8.34 -18.07 109.59
C ALA TB 40 -9.05 -18.28 108.25
N LYS TB 41 -8.43 -17.87 107.15
CA LYS TB 41 -9.04 -18.06 105.85
C LYS TB 41 -9.25 -19.56 105.60
N PRO TB 42 -10.45 -19.99 105.18
CA PRO TB 42 -10.68 -21.43 104.98
C PRO TB 42 -9.71 -22.01 103.94
N ALA TB 43 -9.28 -23.24 104.20
CA ALA TB 43 -8.41 -24.00 103.31
C ALA TB 43 -9.07 -25.33 102.97
N PHE TB 44 -8.53 -26.00 101.95
CA PHE TB 44 -9.07 -27.26 101.48
C PHE TB 44 -7.91 -28.21 101.19
N PRO TB 45 -8.14 -29.51 101.23
CA PRO TB 45 -7.04 -30.47 101.03
C PRO TB 45 -6.76 -30.75 99.56
N ALA TB 46 -5.53 -31.18 99.32
CA ALA TB 46 -5.09 -31.61 98.00
C ALA TB 46 -3.84 -32.47 98.18
N GLU TB 47 -3.41 -33.10 97.08
CA GLU TB 47 -2.30 -34.03 97.14
C GLU TB 47 -1.33 -33.75 96.00
N LEU TB 48 -0.07 -34.09 96.24
CA LEU TB 48 0.97 -34.08 95.22
C LEU TB 48 1.41 -35.51 94.96
N CYS TB 49 1.34 -35.92 93.70
CA CYS TB 49 1.74 -37.26 93.28
C CYS TB 49 3.07 -37.14 92.54
N ILE TB 50 4.10 -37.75 93.09
CA ILE TB 50 5.43 -37.77 92.48
C ILE TB 50 5.66 -39.19 91.97
N THR TB 51 5.82 -39.31 90.66
CA THR TB 51 6.03 -40.60 90.01
C THR TB 51 7.48 -40.70 89.57
N VAL TB 52 8.13 -41.80 89.95
CA VAL TB 52 9.53 -42.07 89.62
C VAL TB 52 9.56 -43.23 88.63
N HIS TB 53 10.13 -42.97 87.45
CA HIS TB 53 10.30 -43.98 86.42
C HIS TB 53 11.77 -44.38 86.35
N PRO TB 54 12.15 -45.62 86.71
CA PRO TB 54 13.56 -46.01 86.64
C PRO TB 54 14.02 -46.24 85.21
N SER TB 55 7.30 -48.35 87.97
CA SER TB 55 7.17 -46.96 88.34
C SER TB 55 6.63 -46.82 89.76
N TYR TB 56 7.30 -46.00 90.56
CA TYR TB 56 6.93 -45.79 91.95
C TYR TB 56 6.12 -44.50 92.09
N THR TB 57 5.24 -44.48 93.09
CA THR TB 57 4.38 -43.33 93.34
C THR TB 57 4.54 -42.88 94.79
N LYS TB 58 4.53 -41.56 94.99
CA LYS TB 58 4.63 -40.96 96.32
C LYS TB 58 3.54 -39.91 96.45
N ARG TB 59 2.78 -40.00 97.53
CA ARG TB 59 1.68 -39.06 97.79
C ARG TB 59 2.04 -38.15 98.95
N VAL TB 60 1.85 -36.84 98.75
CA VAL TB 60 2.12 -35.84 99.77
C VAL TB 60 0.86 -35.03 99.99
N ARG TB 61 0.33 -35.06 101.22
CA ARG TB 61 -0.86 -34.29 101.56
C ARG TB 61 -0.49 -32.81 101.69
N LEU TB 62 -1.49 -31.95 101.53
CA LEU TB 62 -1.29 -30.54 101.81
C LEU TB 62 -2.64 -29.83 101.84
N LEU TB 63 -2.64 -28.64 102.42
CA LEU TB 63 -3.81 -27.77 102.46
C LEU TB 63 -3.56 -26.53 101.63
N LEU TB 64 -4.55 -26.14 100.83
CA LEU TB 64 -4.41 -25.03 99.90
C LEU TB 64 -5.49 -24.00 100.15
N TRP TB 65 -5.11 -22.73 100.02
CA TRP TB 65 -6.04 -21.61 100.10
C TRP TB 65 -6.33 -21.16 98.68
N SER TB 66 -7.59 -21.33 98.25
CA SER TB 66 -7.98 -20.92 96.91
C SER TB 66 -7.94 -19.40 96.80
N ALA TB 67 -7.15 -18.89 95.86
CA ALA TB 67 -6.98 -17.45 95.64
C ALA TB 67 -7.16 -17.17 94.15
N VAL TB 68 -8.40 -16.94 93.75
CA VAL TB 68 -8.71 -16.58 92.37
C VAL TB 68 -9.31 -15.20 92.24
N LEU TB 69 -9.82 -14.60 93.33
CA LEU TB 69 -10.36 -13.26 93.25
C LEU TB 69 -9.25 -12.25 92.97
N PRO TB 70 -9.57 -11.11 92.36
CA PRO TB 70 -8.51 -10.16 91.99
C PRO TB 70 -7.70 -9.67 93.19
N TRP TB 71 -8.37 -9.33 94.30
CA TRP TB 71 -7.62 -8.88 95.47
C TRP TB 71 -6.80 -10.00 96.07
N GLU TB 72 -7.32 -11.23 96.06
CA GLU TB 72 -6.56 -12.36 96.58
C GLU TB 72 -5.29 -12.59 95.78
N VAL TB 73 -5.40 -12.54 94.45
CA VAL TB 73 -4.22 -12.76 93.62
C VAL TB 73 -3.26 -11.59 93.75
N GLN TB 74 -3.78 -10.37 93.89
CA GLN TB 74 -2.90 -9.22 94.09
C GLN TB 74 -2.11 -9.35 95.39
N ARG TB 75 -2.78 -9.77 96.46
CA ARG TB 75 -2.15 -9.97 97.76
C ARG TB 75 -2.47 -11.38 98.24
N GLY TB 76 -1.70 -12.34 97.78
CA GLY TB 76 -1.68 -13.68 98.37
C GLY TB 76 -0.34 -13.96 99.02
N LEU TB 77 -0.36 -14.42 100.27
CA LEU TB 77 0.82 -14.73 101.08
C LEU TB 77 1.59 -13.48 101.50
N SER TB 78 1.17 -12.28 101.10
CA SER TB 78 1.85 -11.06 101.51
C SER TB 78 1.46 -10.71 102.94
N MET TB 79 2.44 -10.30 103.73
CA MET TB 79 2.21 -9.94 105.14
C MET TB 79 1.50 -11.07 105.87
N SER TB 80 1.97 -12.30 105.63
CA SER TB 80 1.39 -13.47 106.26
C SER TB 80 2.49 -14.47 106.53
N VAL TB 81 2.22 -15.38 107.46
CA VAL TB 81 3.17 -16.41 107.87
C VAL TB 81 2.62 -17.76 107.44
N LEU TB 82 3.43 -18.51 106.70
CA LEU TB 82 3.02 -19.82 106.19
C LEU TB 82 3.38 -20.92 107.18
N ILE TB 83 0.87 -32.74 106.79
CA ILE TB 83 0.13 -31.65 106.16
C ILE TB 83 1.02 -30.44 106.01
N ILE TB 84 1.14 -29.93 104.79
CA ILE TB 84 1.96 -28.78 104.47
C ILE TB 84 1.05 -27.71 103.88
N PRO TB 85 0.98 -26.51 104.44
CA PRO TB 85 0.13 -25.47 103.87
C PRO TB 85 0.66 -24.96 102.54
N GLY TB 86 -0.28 -24.44 101.74
CA GLY TB 86 0.06 -23.89 100.43
C GLY TB 86 -1.06 -23.00 99.95
N MET TB 87 -0.82 -22.36 98.81
CA MET TB 87 -1.82 -21.50 98.20
C MET TB 87 -1.85 -21.71 96.69
N LEU TB 88 -3.04 -21.57 96.11
CA LEU TB 88 -3.25 -21.72 94.68
C LEU TB 88 -3.66 -20.38 94.06
N PHE TB 89 -3.14 -20.14 92.85
CA PHE TB 89 -3.52 -18.95 92.07
C PHE TB 89 -3.99 -19.44 90.71
N VAL TB 90 -5.17 -19.01 90.30
CA VAL TB 90 -5.74 -19.37 89.01
C VAL TB 90 -5.63 -18.15 88.11
N MET TB 91 -4.56 -18.08 87.33
CA MET TB 91 -4.31 -16.92 86.50
C MET TB 91 -5.18 -16.98 85.24
N SER TB 92 -5.56 -15.80 84.77
CA SER TB 92 -6.41 -15.72 83.59
C SER TB 92 -5.63 -16.13 82.34
N PRO TB 93 -6.34 -16.57 81.29
CA PRO TB 93 -5.63 -16.91 80.05
C PRO TB 93 -4.81 -15.76 79.50
N GLU TB 94 -5.30 -14.53 79.59
CA GLU TB 94 -4.54 -13.38 79.11
C GLU TB 94 -3.25 -13.22 79.91
N SER TB 95 -3.32 -13.35 81.23
CA SER TB 95 -2.12 -13.26 82.05
C SER TB 95 -1.14 -14.38 81.72
N ALA TB 96 -1.66 -15.59 81.52
CA ALA TB 96 -0.79 -16.71 81.16
C ALA TB 96 -0.09 -16.46 79.84
N ALA TB 97 -0.82 -15.96 78.84
CA ALA TB 97 -0.21 -15.66 77.55
C ALA TB 97 0.84 -14.57 77.67
N GLN TB 98 0.53 -13.50 78.41
CA GLN TB 98 1.49 -12.42 78.59
C GLN TB 98 2.68 -12.82 79.43
N GLY TB 99 2.57 -13.92 80.18
CA GLY TB 99 3.65 -14.37 81.05
C GLY TB 99 3.36 -14.08 82.50
N LEU TB 100 3.53 -15.08 83.35
CA LEU TB 100 3.24 -14.96 84.78
C LEU TB 100 4.51 -14.54 85.51
N CYS TB 101 4.54 -13.29 85.95
CA CYS TB 101 5.68 -12.75 86.70
C CYS TB 101 5.21 -12.49 88.13
N PHE TB 102 5.49 -13.42 89.02
CA PHE TB 102 5.11 -13.28 90.42
C PHE TB 102 6.19 -12.56 91.20
N TRP TB 103 5.76 -11.62 92.04
CA TRP TB 103 6.66 -10.76 92.78
C TRP TB 103 6.51 -11.02 94.28
N SER TB 104 7.62 -11.25 94.95
CA SER TB 104 7.63 -11.56 96.38
C SER TB 104 7.33 -10.28 97.15
N GLY TB 105 6.04 -10.04 97.40
CA GLY TB 105 5.62 -8.81 98.05
C GLY TB 105 5.27 -9.01 99.51
N ALA TB 106 6.14 -8.54 100.40
CA ALA TB 106 5.88 -8.54 101.84
C ALA TB 106 5.67 -9.93 102.40
N ILE TB 107 6.17 -10.97 101.73
CA ILE TB 107 6.09 -12.32 102.25
C ILE TB 107 7.06 -12.45 103.41
N ARG TB 108 6.61 -13.06 104.50
CA ARG TB 108 7.45 -13.19 105.69
C ARG TB 108 8.35 -14.42 105.66
N GLN TB 109 8.16 -15.33 104.72
CA GLN TB 109 8.95 -16.55 104.65
C GLN TB 109 9.26 -16.87 103.19
N PRO TB 110 10.42 -17.45 102.90
CA PRO TB 110 10.69 -17.91 101.53
C PRO TB 110 9.69 -18.96 101.10
N ILE TB 111 9.35 -18.95 99.81
CA ILE TB 111 8.33 -19.84 99.29
C ILE TB 111 8.76 -20.35 97.93
N ASP TB 112 8.53 -21.65 97.69
CA ASP TB 112 8.72 -22.23 96.37
C ASP TB 112 7.42 -22.18 95.59
N ILE TB 113 7.51 -21.70 94.36
CA ILE TB 113 6.37 -21.53 93.47
C ILE TB 113 6.55 -22.44 92.27
N ALA TB 114 5.54 -23.27 92.02
CA ALA TB 114 5.54 -24.19 90.89
C ALA TB 114 4.38 -23.83 89.97
N PHE TB 115 4.66 -23.69 88.68
CA PHE TB 115 3.65 -23.34 87.70
C PHE TB 115 2.95 -24.60 87.23
N ILE TB 116 1.63 -24.65 87.43
CA ILE TB 116 0.83 -25.83 87.19
C ILE TB 116 0.05 -25.67 85.89
N ALA TB 117 0.10 -26.71 85.05
CA ALA TB 117 -0.60 -26.76 83.80
C ALA TB 117 -1.45 -28.02 83.75
N PRO TB 118 -2.73 -27.93 83.40
CA PRO TB 118 -3.56 -29.13 83.25
C PRO TB 118 -3.33 -29.75 81.88
N VAL TB 119 -3.01 -31.04 81.85
CA VAL TB 119 -2.74 -31.74 80.61
C VAL TB 119 -3.57 -33.02 80.55
N GLU TB 120 -3.77 -33.50 79.33
CA GLU TB 120 -4.58 -34.66 79.03
C GLU TB 120 -3.72 -35.75 78.40
N PRO TB 121 -4.17 -37.01 78.45
CA PRO TB 121 -3.46 -38.06 77.73
C PRO TB 121 -3.43 -37.75 76.25
N PRO TB 122 -2.39 -38.19 75.53
CA PRO TB 122 -2.34 -37.89 74.09
C PRO TB 122 -3.57 -38.36 73.34
N ALA TB 123 -4.12 -39.53 73.70
CA ALA TB 123 -5.30 -40.03 73.00
C ALA TB 123 -6.49 -39.09 73.18
N ALA TB 124 -6.69 -38.59 74.41
CA ALA TB 124 -7.79 -37.65 74.68
C ALA TB 124 -7.50 -36.25 74.19
N ASP TB 125 -6.24 -35.92 73.88
CA ASP TB 125 -5.89 -34.61 73.35
C ASP TB 125 -5.96 -34.59 71.83
N THR TB 126 -7.12 -35.00 71.31
CA THR TB 126 -7.38 -35.06 69.89
C THR TB 126 -8.29 -33.90 69.48
N PRO TB 127 -8.22 -33.43 68.24
CA PRO TB 127 -9.13 -32.35 67.83
C PRO TB 127 -10.59 -32.66 68.07
N SER TB 128 -10.99 -33.94 67.97
CA SER TB 128 -12.38 -34.30 68.23
C SER TB 128 -12.76 -34.01 69.68
N PHE TB 129 -11.95 -34.48 70.62
CA PHE TB 129 -12.25 -34.22 72.03
C PHE TB 129 -12.16 -32.74 72.37
N SER TB 130 -11.21 -32.03 71.76
CA SER TB 130 -11.15 -30.58 71.96
C SER TB 130 -12.42 -29.91 71.48
N GLU TB 131 -12.93 -30.33 70.32
CA GLU TB 131 -14.19 -29.77 69.81
C GLU TB 131 -15.34 -30.09 70.75
N LEU TB 132 -15.38 -31.31 71.28
CA LEU TB 132 -16.45 -31.68 72.20
C LEU TB 132 -16.42 -30.81 73.46
N ARG TB 133 -15.23 -30.62 74.02
CA ARG TB 133 -15.10 -29.77 75.20
C ARG TB 133 -15.47 -28.33 74.88
N GLN TB 134 -15.09 -27.85 73.70
CA GLN TB 134 -15.45 -26.49 73.30
C GLN TB 134 -16.96 -26.35 73.19
N ARG TB 135 -17.64 -27.36 72.65
CA ARG TB 135 -19.09 -27.31 72.58
C ARG TB 135 -19.71 -27.31 73.97
N ARG TB 136 -19.14 -28.09 74.89
CA ARG TB 136 -19.61 -28.03 76.27
C ARG TB 136 -19.47 -26.63 76.85
N LEU TB 137 -18.32 -26.00 76.62
CA LEU TB 137 -18.12 -24.64 77.10
C LEU TB 137 -19.14 -23.68 76.48
N GLN TB 138 -19.37 -23.82 75.18
CA GLN TB 138 -20.36 -22.97 74.51
C GLN TB 138 -21.73 -23.13 75.14
N LEU TB 139 -22.10 -24.37 75.47
CA LEU TB 139 -23.34 -24.59 76.21
C LEU TB 139 -23.32 -23.85 77.54
N SER TB 140 -22.18 -23.92 78.24
CA SER TB 140 -21.98 -23.16 79.48
C SER TB 140 -23.12 -23.40 80.47
N LEU TB 141 -23.30 -24.66 80.82
CA LEU TB 141 -24.37 -25.05 81.74
C LEU TB 141 -23.99 -24.86 83.20
N GLU TB 142 -22.71 -24.67 83.50
CA GLU TB 142 -22.30 -24.53 84.89
C GLU TB 142 -22.62 -23.15 85.44
N GLY TB 143 -22.51 -22.11 84.61
CA GLY TB 143 -22.94 -20.78 85.00
C GLY TB 143 -21.83 -19.73 85.00
N TYR TB 144 -20.65 -20.09 85.50
CA TYR TB 144 -19.56 -19.12 85.54
C TYR TB 144 -18.97 -18.92 84.14
N ASP TB 145 -18.38 -17.74 83.93
CA ASP TB 145 -17.73 -17.45 82.66
C ASP TB 145 -16.64 -18.48 82.38
N ILE TB 146 -16.64 -19.00 81.15
CA ILE TB 146 -15.66 -20.00 80.75
C ILE TB 146 -14.52 -19.40 79.95
N SER TB 147 -14.72 -18.26 79.30
CA SER TB 147 -13.65 -17.65 78.53
C SER TB 147 -12.46 -17.27 79.40
N ARG TB 148 -12.67 -17.11 80.71
CA ARG TB 148 -11.62 -16.73 81.65
C ARG TB 148 -11.24 -17.84 82.61
N PHE TB 149 -12.20 -18.66 83.05
CA PHE TB 149 -11.96 -19.69 84.06
C PHE TB 149 -12.14 -21.07 83.43
N PHE TB 150 -11.13 -21.90 83.56
CA PHE TB 150 -11.21 -23.30 83.17
C PHE TB 150 -11.56 -23.44 81.70
N PRO TB 151 -10.77 -22.83 80.80
CA PRO TB 151 -11.06 -22.98 79.36
C PRO TB 151 -10.95 -24.41 78.88
N ASP TB 152 -10.24 -25.28 79.60
CA ASP TB 152 -10.10 -26.68 79.22
C ASP TB 152 -11.10 -27.59 79.92
N GLY TB 153 -11.98 -27.04 80.76
CA GLY TB 153 -12.89 -27.88 81.51
C GLY TB 153 -12.19 -28.86 82.43
N GLU TB 154 -11.14 -28.40 83.12
CA GLU TB 154 -10.33 -29.30 83.93
C GLU TB 154 -11.16 -29.90 85.05
N LEU TB 155 -11.94 -29.06 85.76
CA LEU TB 155 -12.76 -29.56 86.84
C LEU TB 155 -13.87 -30.47 86.34
N GLU TB 156 -14.13 -30.45 85.04
CA GLU TB 156 -15.16 -31.31 84.44
C GLU TB 156 -14.59 -32.53 83.76
N SER TB 157 -13.35 -32.48 83.29
CA SER TB 157 -12.74 -33.59 82.57
C SER TB 157 -12.45 -34.75 83.52
N PRO TB 158 -12.86 -35.98 83.20
CA PRO TB 158 -12.55 -37.11 84.08
C PRO TB 158 -11.06 -37.40 84.16
N THR TB 159 -10.42 -37.52 83.00
CA THR TB 159 -9.00 -37.84 82.92
C THR TB 159 -8.23 -36.56 82.61
N VAL TB 160 -7.48 -36.07 83.59
CA VAL TB 160 -6.67 -34.87 83.42
C VAL TB 160 -5.72 -34.78 84.61
N THR TB 161 -4.49 -34.33 84.37
CA THR TB 161 -3.48 -34.25 85.42
C THR TB 161 -2.89 -32.84 85.44
N PHE TB 162 -2.82 -32.26 86.63
CA PHE TB 162 -2.23 -30.93 86.81
C PHE TB 162 -0.73 -31.11 87.05
N ALA TB 163 0.03 -31.09 85.97
CA ALA TB 163 1.47 -31.29 86.06
C ALA TB 163 2.17 -29.96 86.32
N VAL TB 164 3.47 -30.04 86.62
CA VAL TB 164 4.31 -28.87 86.83
C VAL TB 164 5.21 -28.71 85.62
N GLN TB 165 5.25 -27.50 85.06
CA GLN TB 165 6.10 -27.20 83.92
C GLN TB 165 7.32 -26.37 84.28
N SER TB 166 7.41 -25.86 85.50
CA SER TB 166 8.56 -25.09 85.95
C SER TB 166 8.35 -24.74 87.41
N HIS TB 167 9.44 -24.37 88.08
CA HIS TB 167 9.37 -23.95 89.48
C HIS TB 167 10.54 -23.05 89.78
N SER TB 168 10.39 -22.25 90.84
CA SER TB 168 11.42 -21.33 91.26
C SER TB 168 11.12 -20.88 92.70
N TYR TB 169 12.18 -20.50 93.40
CA TYR TB 169 12.06 -20.05 94.78
C TYR TB 169 12.02 -18.52 94.84
N LEU TB 170 11.31 -18.01 95.83
CA LEU TB 170 11.22 -16.58 96.09
C LEU TB 170 11.58 -16.32 97.54
N ASP TB 171 12.42 -15.33 97.77
CA ASP TB 171 12.89 -14.96 99.08
C ASP TB 171 12.24 -13.67 99.55
N PRO TB 172 12.11 -13.48 100.87
CA PRO TB 172 11.48 -12.25 101.37
C PRO TB 172 12.44 -11.07 101.36
N PHE TB 173 11.90 -9.89 101.10
CA PHE TB 173 12.70 -8.68 101.17
C PHE TB 173 13.09 -8.42 102.63
N PRO TB 174 14.21 -7.75 102.88
CA PRO TB 174 14.58 -7.43 104.26
C PRO TB 174 13.50 -6.62 104.95
N ASP TB 175 13.25 -6.92 106.22
CA ASP TB 175 12.22 -6.24 106.99
C ASP TB 175 10.86 -6.44 106.32
N ARG TB 199 19.52 -14.21 95.68
CA ARG TB 199 18.07 -14.23 95.91
C ARG TB 199 17.33 -13.80 94.66
N ARG TB 200 16.10 -14.30 94.51
CA ARG TB 200 15.24 -13.96 93.38
C ARG TB 200 13.88 -13.54 93.92
N TYR TB 201 13.55 -12.26 93.77
CA TYR TB 201 12.26 -11.74 94.19
C TYR TB 201 11.20 -11.80 93.09
N THR TB 202 11.58 -12.21 91.88
CA THR TB 202 10.66 -12.35 90.76
C THR TB 202 10.74 -13.76 90.20
N ALA TB 203 9.59 -14.38 90.01
CA ALA TB 203 9.50 -15.75 89.52
C ALA TB 203 8.72 -15.76 88.22
N THR TB 204 9.25 -16.47 87.21
CA THR TB 204 8.62 -16.60 85.92
C THR TB 204 9.00 -17.96 85.36
N PRO TB 205 8.09 -18.65 84.67
CA PRO TB 205 8.42 -19.96 84.13
C PRO TB 205 9.49 -19.88 83.05
N GLU TB 206 10.29 -20.93 82.95
CA GLU TB 206 11.35 -21.00 81.95
C GLU TB 206 11.24 -22.30 81.16
N GLY TB 207 10.71 -23.35 81.80
CA GLY TB 207 10.55 -24.63 81.12
C GLY TB 207 9.59 -24.57 79.95
N VAL TB 208 8.78 -23.52 79.88
CA VAL TB 208 7.82 -23.34 78.79
C VAL TB 208 8.14 -22.02 78.09
N GLY TB 209 8.22 -22.06 76.77
CA GLY TB 209 8.49 -20.86 75.99
C GLY TB 209 7.27 -19.97 75.90
N ARG TB 210 6.89 -19.36 77.02
CA ARG TB 210 5.71 -18.50 77.09
C ARG TB 210 4.44 -19.28 76.74
N GLY TB 211 4.36 -20.52 77.19
CA GLY TB 211 3.15 -21.30 77.00
C GLY TB 211 1.96 -20.61 77.65
N ASN TB 212 0.83 -20.58 76.95
CA ASN TB 212 -0.35 -19.86 77.41
C ASN TB 212 -1.48 -20.77 77.87
N GLU TB 213 -1.91 -21.70 77.03
CA GLU TB 213 -2.99 -22.59 77.42
C GLU TB 213 -2.55 -23.53 78.54
N ASN TB 214 -1.32 -24.03 78.45
CA ASN TB 214 -0.84 -24.99 79.44
C ASN TB 214 -0.77 -24.37 80.83
N VAL TB 215 0.10 -23.39 81.02
CA VAL TB 215 0.38 -22.86 82.36
C VAL TB 215 -0.70 -21.85 82.71
N ARG TB 216 -1.60 -22.22 83.63
CA ARG TB 216 -2.62 -21.31 84.11
C ARG TB 216 -2.83 -21.35 85.61
N TYR TB 217 -2.11 -22.20 86.36
CA TYR TB 217 -2.24 -22.24 87.80
C TYR TB 217 -0.86 -22.07 88.41
N VAL TB 218 -0.84 -21.73 89.69
CA VAL TB 218 0.42 -21.58 90.41
C VAL TB 218 0.22 -22.06 91.85
N LEU TB 219 1.13 -22.92 92.29
CA LEU TB 219 1.10 -23.45 93.65
C LEU TB 219 2.31 -22.93 94.41
N GLU TB 220 2.05 -22.25 95.53
CA GLU TB 220 3.13 -21.70 96.34
C GLU TB 220 3.12 -22.37 97.71
N THR TB 221 4.28 -22.84 98.14
CA THR TB 221 4.43 -23.55 99.40
C THR TB 221 5.77 -23.17 100.01
N ARG TB 222 6.21 -23.92 101.01
CA ARG TB 222 7.52 -23.70 101.60
C ARG TB 222 8.61 -24.08 100.61
N ARG TB 223 9.78 -23.47 100.77
CA ARG TB 223 10.79 -23.53 99.72
C ARG TB 223 11.24 -24.95 99.44
N ASN TB 224 11.85 -25.60 100.43
CA ASN TB 224 12.49 -26.90 100.23
C ASN TB 224 11.50 -28.06 100.16
N LEU TB 225 10.21 -27.79 100.02
CA LEU TB 225 9.24 -28.88 99.99
C LEU TB 225 9.49 -29.81 98.80
N LEU TB 226 9.73 -29.25 97.62
CA LEU TB 226 9.93 -30.07 96.43
C LEU TB 226 11.16 -30.94 96.57
N ARG TB 227 12.27 -30.36 97.04
CA ARG TB 227 13.49 -31.12 97.21
C ARG TB 227 13.31 -32.22 98.24
N ASP TB 228 12.66 -31.90 99.37
CA ASP TB 228 12.44 -32.91 100.40
C ASP TB 228 11.57 -34.05 99.88
N SER TB 229 10.51 -33.71 99.15
CA SER TB 229 9.63 -34.75 98.60
C SER TB 229 10.37 -35.62 97.60
N ILE TB 230 11.19 -35.01 96.74
CA ILE TB 230 11.95 -35.80 95.78
C ILE TB 230 12.92 -36.73 96.49
N ARG TB 231 13.60 -36.23 97.52
CA ARG TB 231 14.52 -37.07 98.26
C ARG TB 231 13.80 -38.22 98.94
N SER TB 232 12.63 -37.94 99.53
CA SER TB 232 11.87 -38.99 100.19
C SER TB 232 11.42 -40.05 99.19
N ALA TB 233 10.97 -39.61 98.01
CA ALA TB 233 10.58 -40.57 96.97
C ALA TB 233 11.76 -41.42 96.53
N LEU TB 234 12.93 -40.79 96.37
CA LEU TB 234 14.11 -41.55 95.97
C LEU TB 234 14.47 -42.58 97.03
N ARG TB 235 14.41 -42.21 98.30
CA ARG TB 235 14.71 -43.12 99.39
C ARG TB 235 13.76 -44.32 99.37
N VAL TB 266 16.34 -42.53 84.69
CA VAL TB 266 15.63 -42.07 85.88
C VAL TB 266 14.89 -40.78 85.55
N GLU TB 267 13.57 -40.80 85.69
CA GLU TB 267 12.73 -39.65 85.40
C GLU TB 267 11.77 -39.43 86.57
N VAL TB 268 11.42 -38.17 86.80
CA VAL TB 268 10.51 -37.79 87.88
C VAL TB 268 9.43 -36.88 87.31
N THR TB 269 8.18 -37.17 87.66
CA THR TB 269 7.04 -36.39 87.21
C THR TB 269 6.24 -35.97 88.43
N ILE TB 270 5.91 -34.69 88.51
CA ILE TB 270 5.15 -34.13 89.62
C ILE TB 270 3.78 -33.71 89.12
N SER TB 271 2.73 -34.14 89.82
CA SER TB 271 1.36 -33.81 89.47
C SER TB 271 0.62 -33.39 90.72
N LEU TB 272 -0.43 -32.58 90.52
CA LEU TB 272 -1.25 -32.07 91.61
C LEU TB 272 -2.67 -32.59 91.42
N THR TB 273 -3.24 -33.15 92.49
CA THR TB 273 -4.61 -33.63 92.48
C THR TB 273 -5.43 -32.87 93.51
N LEU TB 274 -6.57 -32.35 93.05
CA LEU TB 274 -7.45 -31.55 93.89
C LEU TB 274 -8.58 -32.42 94.44
N SER TB 275 -8.88 -32.22 95.71
CA SER TB 275 -9.95 -32.93 96.38
C SER TB 275 -11.30 -32.42 95.88
N ASP TB 276 -12.35 -33.20 96.17
CA ASP TB 276 -13.68 -32.81 95.72
C ASP TB 276 -14.11 -31.48 96.34
N GLU TB 277 -13.84 -31.29 97.63
CA GLU TB 277 -14.21 -30.04 98.29
C GLU TB 277 -13.43 -28.87 97.70
N LEU TB 278 -12.13 -29.07 97.43
CA LEU TB 278 -11.34 -28.00 96.82
C LEU TB 278 -11.86 -27.65 95.44
N LYS TB 279 -12.23 -28.66 94.65
CA LYS TB 279 -12.77 -28.41 93.33
C LYS TB 279 -14.09 -27.64 93.41
N GLU TB 280 -14.95 -28.04 94.35
CA GLU TB 280 -16.22 -27.33 94.54
C GLU TB 280 -15.97 -25.89 94.97
N ASP TB 281 -14.98 -25.68 95.84
CA ASP TB 281 -14.66 -24.32 96.27
C ASP TB 281 -14.16 -23.48 95.11
N LEU TB 282 -13.32 -24.06 94.24
CA LEU TB 282 -12.85 -23.32 93.07
C LEU TB 282 -14.00 -22.97 92.15
N ARG TB 283 -14.92 -23.91 91.92
CA ARG TB 283 -16.06 -23.64 91.06
C ARG TB 283 -16.94 -22.54 91.65
N GLU TB 284 -17.18 -22.60 92.96
CA GLU TB 284 -18.01 -21.59 93.61
C GLU TB 284 -17.31 -20.23 93.58
N LYS TB 285 -16.00 -20.21 93.75
CA LYS TB 285 -15.25 -18.95 93.64
C LYS TB 285 -15.37 -18.37 92.25
N ALA TB 286 -15.27 -19.23 91.21
CA ALA TB 286 -15.42 -18.73 89.84
C ALA TB 286 -16.80 -18.16 89.62
N ARG TB 287 -17.84 -18.85 90.09
CA ARG TB 287 -19.20 -18.33 89.95
C ARG TB 287 -19.35 -17.00 90.67
N LEU TB 288 -18.85 -16.92 91.91
CA LEU TB 288 -18.95 -15.68 92.67
C LEU TB 288 -18.24 -14.55 91.96
N TYR TB 289 -17.04 -14.81 91.46
CA TYR TB 289 -16.32 -13.81 90.69
C TYR TB 289 -17.18 -13.32 89.53
N THR TB 290 -17.49 -14.23 88.60
CA THR TB 290 -18.14 -13.84 87.36
C THR TB 290 -19.56 -13.30 87.55
N ASN TB 291 -20.17 -13.49 88.73
CA ASN TB 291 -21.52 -13.00 88.96
C ASN TB 291 -21.60 -11.80 89.90
N TYR TB 292 -20.55 -11.52 90.67
CA TYR TB 292 -20.56 -10.42 91.62
C TYR TB 292 -19.49 -9.38 91.32
N VAL TB 293 -18.25 -9.80 91.07
CA VAL TB 293 -17.17 -8.85 90.87
C VAL TB 293 -17.43 -8.01 89.61
N VAL TB 294 -17.87 -8.66 88.54
CA VAL TB 294 -18.13 -7.93 87.30
C VAL TB 294 -19.20 -6.87 87.49
N PRO TB 295 -20.37 -7.15 88.08
CA PRO TB 295 -21.26 -6.05 88.46
C PRO TB 295 -20.60 -5.05 89.40
N LEU TB 296 -19.79 -5.54 90.35
CA LEU TB 296 -19.04 -4.64 91.21
C LEU TB 296 -18.03 -3.84 90.40
N GLU TB 297 -17.41 -4.47 89.42
CA GLU TB 297 -16.47 -3.76 88.54
C GLU TB 297 -17.18 -2.62 87.83
N GLY TB 298 -18.36 -2.89 87.27
CA GLY TB 298 -19.11 -1.84 86.59
C GLY TB 298 -19.53 -0.73 87.52
N HIS TB 299 -19.97 -1.09 88.74
CA HIS TB 299 -20.37 -0.08 89.70
C HIS TB 299 -19.18 0.81 90.08
N VAL TB 300 -18.01 0.20 90.31
CA VAL TB 300 -16.83 0.98 90.66
C VAL TB 300 -16.42 1.88 89.51
N ARG TB 301 -16.50 1.37 88.27
CA ARG TB 301 -16.16 2.20 87.12
C ARG TB 301 -17.11 3.38 87.00
N ARG TB 302 -18.41 3.14 87.20
CA ARG TB 302 -19.38 4.24 87.15
C ARG TB 302 -19.11 5.26 88.25
N HIS TB 303 -18.78 4.78 89.45
CA HIS TB 303 -18.48 5.70 90.55
C HIS TB 303 -17.24 6.53 90.24
N ILE TB 304 -16.22 5.90 89.67
CA ILE TB 304 -15.01 6.64 89.30
C ILE TB 304 -15.33 7.69 88.25
N LYS TB 305 -16.13 7.34 87.26
CA LYS TB 305 -16.52 8.33 86.25
C LYS TB 305 -17.29 9.49 86.88
N CYS TB 306 -18.22 9.19 87.80
CA CYS TB 306 -18.97 10.24 88.45
C CYS TB 306 -18.05 11.16 89.25
N LEU TB 307 -17.08 10.57 89.97
CA LEU TB 307 -16.13 11.38 90.71
C LEU TB 307 -15.30 12.24 89.77
N SER TB 308 -14.90 11.69 88.62
CA SER TB 308 -14.21 12.48 87.61
C SER TB 308 -15.11 13.57 87.04
N GLY TB 309 -16.43 13.43 87.18
CA GLY TB 309 -17.35 14.48 86.77
C GLY TB 309 -17.91 14.29 85.38
N ILE TB 310 -18.43 13.09 85.10
CA ILE TB 310 -19.07 12.81 83.83
C ILE TB 310 -20.05 11.66 84.03
N SER TB 311 -21.16 11.70 83.30
CA SER TB 311 -22.18 10.67 83.39
C SER TB 311 -21.85 9.48 82.50
N ARG TB 370 -32.53 -1.04 52.93
CA ARG TB 370 -33.11 -1.29 51.62
C ARG TB 370 -32.17 -0.86 50.50
N PRO TB 371 -31.04 -1.53 50.38
CA PRO TB 371 -30.08 -1.20 49.32
C PRO TB 371 -30.55 -1.73 47.97
N ARG TB 372 -29.83 -1.34 46.92
CA ARG TB 372 -30.13 -1.79 45.57
C ARG TB 372 -29.40 -3.06 45.19
N SER TB 373 -28.35 -3.43 45.92
CA SER TB 373 -27.62 -4.67 45.67
C SER TB 373 -26.88 -5.05 46.94
N PRO TB 374 -26.51 -6.32 47.09
CA PRO TB 374 -25.84 -6.73 48.33
C PRO TB 374 -24.56 -5.97 48.63
N MET TB 375 -23.85 -5.53 47.60
CA MET TB 375 -22.57 -4.85 47.78
C MET TB 375 -22.70 -3.45 48.35
N LEU TB 376 -23.93 -2.93 48.44
CA LEU TB 376 -24.17 -1.62 49.05
C LEU TB 376 -24.46 -1.70 50.54
N ALA TB 377 -24.46 -2.91 51.12
CA ALA TB 377 -24.65 -3.04 52.56
C ALA TB 377 -23.52 -2.36 53.31
N ASP TB 378 -22.28 -2.53 52.84
CA ASP TB 378 -21.15 -1.84 53.46
C ASP TB 378 -21.27 -0.34 53.33
N GLU TB 379 -21.69 0.15 52.16
CA GLU TB 379 -21.88 1.59 51.98
C GLU TB 379 -22.94 2.13 52.92
N ALA TB 380 -24.02 1.37 53.15
CA ALA TB 380 -25.05 1.81 54.07
C ALA TB 380 -24.49 2.10 55.46
N GLU TB 381 -23.43 1.38 55.85
CA GLU TB 381 -22.81 1.62 57.14
C GLU TB 381 -22.16 2.99 57.19
N GLY TB 382 -22.23 3.62 58.35
CA GLY TB 382 -21.56 4.89 58.58
C GLY TB 382 -22.29 6.11 58.07
N ARG TB 383 -23.46 5.94 57.47
CA ARG TB 383 -24.20 7.10 56.96
C ARG TB 383 -24.66 7.95 58.14
N PRO TB 384 -24.37 9.25 58.14
CA PRO TB 384 -24.78 10.09 59.27
C PRO TB 384 -26.30 10.18 59.38
N THR TB 385 -26.78 10.38 60.61
CA THR TB 385 -28.21 10.46 60.85
C THR TB 385 -28.78 11.86 60.60
N ARG TB 386 -27.92 12.85 60.39
CA ARG TB 386 -28.38 14.23 60.19
C ARG TB 386 -28.16 14.66 58.74
N LEU TB 387 -29.18 15.31 58.18
CA LEU TB 387 -29.09 15.85 56.84
C LEU TB 387 -28.23 17.11 56.83
N ALA TB 388 -27.94 17.61 55.63
CA ALA TB 388 -27.05 18.75 55.47
C ALA TB 388 -27.85 20.03 55.25
N PRO TB 389 -27.29 21.19 55.62
CA PRO TB 389 -28.00 22.46 55.41
C PRO TB 389 -28.24 22.72 53.93
N SER TB 390 -29.34 23.40 53.64
CA SER TB 390 -29.74 23.69 52.27
C SER TB 390 -30.19 25.15 52.16
N VAL TB 391 -30.11 25.69 50.95
CA VAL TB 391 -30.63 27.01 50.63
C VAL TB 391 -31.55 26.86 49.43
N PHE TB 392 -32.72 27.49 49.50
CA PHE TB 392 -33.80 27.28 48.53
C PHE TB 392 -33.87 28.34 47.46
N GLY TB 393 -32.73 28.86 47.00
CA GLY TB 393 -32.74 29.81 45.91
C GLY TB 393 -31.38 30.45 45.73
N ARG TB 394 -31.36 31.42 44.82
CA ARG TB 394 -30.15 32.18 44.53
C ARG TB 394 -30.29 33.57 45.13
N HIS TB 395 -29.37 33.92 46.02
CA HIS TB 395 -29.43 35.17 46.76
C HIS TB 395 -28.07 35.84 46.72
N ASP TB 396 -28.08 37.15 46.94
CA ASP TB 396 -26.84 37.90 47.00
C ASP TB 396 -26.03 37.49 48.23
N ALA TB 397 -24.75 37.87 48.23
CA ALA TB 397 -23.91 37.57 49.39
C ALA TB 397 -24.44 38.21 50.66
N PRO TB 398 -24.84 39.48 50.68
CA PRO TB 398 -25.43 40.03 51.91
C PRO TB 398 -26.69 39.30 52.33
N ALA TB 399 -27.53 38.91 51.38
CA ALA TB 399 -28.75 38.19 51.74
C ALA TB 399 -28.42 36.84 52.39
N LEU TB 400 -27.46 36.12 51.81
CA LEU TB 400 -27.05 34.85 52.40
C LEU TB 400 -26.45 35.05 53.79
N GLN TB 401 -25.63 36.09 53.95
CA GLN TB 401 -25.03 36.35 55.26
C GLN TB 401 -26.11 36.67 56.30
N ARG TB 402 -27.09 37.50 55.93
CA ARG TB 402 -28.17 37.82 56.86
C ARG TB 402 -28.98 36.58 57.20
N ALA TB 403 -29.26 35.74 56.20
CA ALA TB 403 -30.00 34.51 56.47
C ALA TB 403 -29.23 33.61 57.42
N GLN TB 404 -27.93 33.46 57.20
CA GLN TB 404 -27.11 32.64 58.08
C GLN TB 404 -27.13 33.19 59.51
N GLN TB 405 -26.97 34.50 59.66
CA GLN TB 405 -26.95 35.08 60.99
C GLN TB 405 -28.29 34.92 61.68
N GLU TB 406 -29.40 35.10 60.95
CA GLU TB 406 -30.73 34.96 61.54
C GLU TB 406 -31.02 33.52 61.94
N CYS TB 407 -30.66 32.56 61.08
CA CYS TB 407 -30.98 31.16 61.33
C CYS TB 407 -29.94 30.45 62.19
N ASN TB 408 -28.84 31.12 62.56
CA ASN TB 408 -27.78 30.49 63.35
C ASN TB 408 -27.19 29.28 62.63
N GLN TB 409 -27.24 29.30 61.30
CA GLN TB 409 -26.71 28.22 60.47
C GLN TB 409 -25.75 28.82 59.45
N LEU TB 410 -24.61 28.16 59.26
CA LEU TB 410 -23.59 28.59 58.33
C LEU TB 410 -23.62 27.71 57.09
N ILE TB 411 -23.77 28.34 55.92
CA ILE TB 411 -23.76 27.59 54.67
C ILE TB 411 -22.37 27.03 54.40
N SER TB 412 -21.34 27.84 54.63
CA SER TB 412 -19.97 27.43 54.37
C SER TB 412 -19.60 26.22 55.22
N ALA TB 413 -19.37 25.08 54.55
CA ALA TB 413 -18.96 23.88 55.28
C ALA TB 413 -17.65 24.11 56.02
N SER TB 414 -16.69 24.75 55.36
CA SER TB 414 -15.41 25.03 55.99
C SER TB 414 -15.61 25.93 57.22
N ALA TB 415 -16.45 26.95 57.09
CA ALA TB 415 -16.67 27.86 58.22
C ALA TB 415 -17.29 27.13 59.39
N LEU TB 416 -18.33 26.33 59.13
CA LEU TB 416 -18.98 25.62 60.23
C LEU TB 416 -18.10 24.54 60.82
N ALA TB 417 -17.16 24.00 60.04
CA ALA TB 417 -16.19 23.05 60.58
C ALA TB 417 -15.14 23.74 61.44
N ARG TB 418 -14.68 24.92 61.03
CA ARG TB 418 -13.67 25.64 61.80
C ARG TB 418 -14.24 26.33 63.03
N ILE TB 419 -15.54 26.59 63.05
CA ILE TB 419 -16.16 27.28 64.19
C ILE TB 419 -17.09 26.32 64.92
N PRO TB 420 -16.56 25.42 65.74
CA PRO TB 420 -17.42 24.54 66.53
C PRO TB 420 -18.06 25.28 67.69
N ASN TB 421 -19.19 24.74 68.14
CA ASN TB 421 -19.93 25.28 69.28
C ASN TB 421 -19.50 24.51 70.53
N THR TB 422 -18.39 24.94 71.12
CA THR TB 422 -17.80 24.28 72.28
C THR TB 422 -18.25 24.97 73.55
N SER TB 423 -17.70 24.49 74.68
CA SER TB 423 -17.98 25.05 76.00
C SER TB 423 -16.67 25.61 76.56
N PRO TB 424 -16.45 26.92 76.48
CA PRO TB 424 -15.15 27.45 76.96
C PRO TB 424 -14.89 27.14 78.42
N ARG TB 425 -15.93 27.16 79.26
CA ARG TB 425 -15.75 26.86 80.67
C ARG TB 425 -15.37 25.39 80.86
N ALA TB 426 -14.40 25.15 81.72
CA ALA TB 426 -13.94 23.79 81.95
C ALA TB 426 -15.00 22.98 82.67
N PRO TB 427 -15.10 21.67 82.40
CA PRO TB 427 -16.06 20.84 83.14
C PRO TB 427 -15.76 20.84 84.63
N GLU TB 428 -16.76 21.23 85.42
CA GLU TB 428 -16.61 21.21 86.87
C GLU TB 428 -16.50 19.78 87.35
N ILE TB 429 -15.58 19.53 88.28
CA ILE TB 429 -15.38 18.20 88.84
C ILE TB 429 -15.27 18.30 90.35
N PRO TB 430 -15.70 17.30 91.11
CA PRO TB 430 -15.56 17.34 92.56
C PRO TB 430 -14.14 17.04 92.98
N PRO TB 431 -13.78 17.28 94.24
CA PRO TB 431 -12.42 16.99 94.69
C PRO TB 431 -12.07 15.50 94.60
N ILE TB 432 -10.80 15.21 94.37
CA ILE TB 432 -10.32 13.84 94.24
C ILE TB 432 -10.65 13.05 95.49
N ASP TB 433 -11.00 11.79 95.32
CA ASP TB 433 -11.36 10.89 96.40
C ASP TB 433 -10.16 10.00 96.72
N TYR TB 434 -9.33 10.46 97.66
CA TYR TB 434 -8.20 9.65 98.09
C TYR TB 434 -8.64 8.32 98.65
N GLU TB 435 -9.79 8.29 99.33
CA GLU TB 435 -10.28 7.02 99.87
C GLU TB 435 -10.56 6.03 98.76
N ILE TB 436 -11.25 6.47 97.70
CA ILE TB 436 -11.57 5.58 96.59
C ILE TB 436 -10.28 5.15 95.89
N PHE TB 437 -9.36 6.09 95.67
CA PHE TB 437 -8.11 5.74 95.01
C PHE TB 437 -7.34 4.68 95.79
N ASP TB 438 -7.22 4.89 97.11
CA ASP TB 438 -6.51 3.93 97.94
C ASP TB 438 -7.21 2.58 97.95
N LEU TB 439 -8.54 2.57 98.05
CA LEU TB 439 -9.27 1.31 98.06
C LEU TB 439 -9.06 0.56 96.76
N CYS TB 440 -9.15 1.25 95.63
CA CYS TB 440 -8.95 0.59 94.35
C CYS TB 440 -7.53 0.04 94.22
N LEU TB 441 -6.53 0.83 94.62
CA LEU TB 441 -5.15 0.35 94.52
C LEU TB 441 -4.93 -0.87 95.42
N ARG TB 442 -5.44 -0.82 96.64
CA ARG TB 442 -5.27 -1.95 97.56
C ARG TB 442 -5.98 -3.20 97.05
N LEU TB 443 -7.20 -3.04 96.53
CA LEU TB 443 -8.01 -4.17 96.12
C LEU TB 443 -7.64 -4.72 94.75
N GLY TB 444 -6.92 -3.95 93.93
CA GLY TB 444 -6.64 -4.40 92.58
C GLY TB 444 -7.90 -4.66 91.79
N LEU TB 445 -8.93 -3.84 91.98
CA LEU TB 445 -10.22 -4.07 91.35
C LEU TB 445 -10.29 -3.41 89.97
N CYS TB 446 -10.14 -2.09 89.91
CA CYS TB 446 -10.01 -1.36 88.64
C CYS TB 446 -8.71 -0.55 88.72
N GLN TB 447 -7.59 -1.22 88.46
CA GLN TB 447 -6.30 -0.54 88.52
C GLN TB 447 -6.17 0.47 87.39
N SER TB 448 -6.43 0.04 86.16
CA SER TB 448 -6.32 0.93 85.02
C SER TB 448 -7.29 2.10 85.14
N GLU TB 449 -8.54 1.82 85.52
CA GLU TB 449 -9.54 2.89 85.64
C GLU TB 449 -9.13 3.89 86.71
N ALA TB 450 -8.81 3.38 87.91
CA ALA TB 450 -8.47 4.28 89.01
C ALA TB 450 -7.24 5.12 88.67
N ILE TB 451 -6.21 4.48 88.11
CA ILE TB 451 -5.01 5.23 87.76
C ILE TB 451 -5.32 6.28 86.70
N TYR TB 452 -5.94 5.87 85.60
CA TYR TB 452 -6.21 6.79 84.50
C TYR TB 452 -7.08 7.96 84.93
N TYR TB 453 -7.91 7.77 85.95
CA TYR TB 453 -8.85 8.81 86.35
C TYR TB 453 -8.41 9.61 87.58
N PHE TB 454 -7.37 9.18 88.31
CA PHE TB 454 -6.97 9.90 89.51
C PHE TB 454 -5.47 10.16 89.65
N TYR TB 455 -4.60 9.38 89.00
CA TYR TB 455 -3.17 9.53 89.23
C TYR TB 455 -2.70 10.91 88.79
N GLY TB 456 -3.12 11.35 87.62
CA GLY TB 456 -2.70 12.66 87.14
C GLY TB 456 -3.17 13.77 88.06
N ARG TB 457 -4.42 13.72 88.48
CA ARG TB 457 -4.96 14.77 89.35
C ARG TB 457 -4.21 14.80 90.68
N ILE TB 458 -3.99 13.63 91.28
CA ILE TB 458 -3.34 13.62 92.59
C ILE TB 458 -1.89 14.07 92.47
N MET TB 459 -1.19 13.63 91.41
CA MET TB 459 0.18 14.07 91.21
C MET TB 459 0.26 15.58 91.02
N ARG TB 460 -0.66 16.13 90.22
CA ARG TB 460 -0.67 17.57 89.99
C ARG TB 460 -0.94 18.33 91.29
N GLU TB 461 -1.92 17.86 92.07
CA GLU TB 461 -2.25 18.54 93.32
C GLU TB 461 -1.07 18.49 94.30
N TRP TB 462 -0.42 17.33 94.40
CA TRP TB 462 0.70 17.20 95.33
C TRP TB 462 1.89 18.04 94.86
N SER TB 463 2.12 18.12 93.56
CA SER TB 463 3.19 18.98 93.05
C SER TB 463 2.88 20.44 93.37
N LYS TB 464 1.63 20.87 93.19
CA LYS TB 464 1.27 22.24 93.51
C LYS TB 464 1.45 22.51 95.01
N GLU TB 465 1.05 21.56 95.85
CA GLU TB 465 1.22 21.73 97.29
C GLU TB 465 2.69 21.81 97.67
N LEU TB 466 3.53 20.97 97.06
CA LEU TB 466 4.96 21.03 97.34
C LEU TB 466 5.55 22.37 96.92
N ARG TB 467 5.16 22.87 95.74
CA ARG TB 467 5.65 24.18 95.31
C ARG TB 467 5.20 25.28 96.26
N ARG TB 468 3.95 25.22 96.72
CA ARG TB 468 3.45 26.21 97.66
C ARG TB 468 4.22 26.16 98.97
N LEU TB 469 4.50 24.95 99.46
CA LEU TB 469 5.24 24.82 100.71
C LEU TB 469 6.67 25.34 100.55
N ARG TB 470 7.30 25.05 99.41
CA ARG TB 470 8.64 25.58 99.16
C ARG TB 470 8.63 27.10 99.13
N ALA TB 471 7.62 27.69 98.48
CA ALA TB 471 7.52 29.14 98.44
C ALA TB 471 7.33 29.72 99.83
N ALA TB 472 6.48 29.08 100.64
CA ALA TB 472 6.25 29.56 102.00
C ALA TB 472 7.53 29.48 102.82
N LYS TB 473 8.27 28.38 102.70
CA LYS TB 473 9.52 28.24 103.44
C LYS TB 473 10.54 29.29 103.00
N SER TB 474 10.63 29.55 101.69
CA SER TB 474 11.55 30.58 101.21
C SER TB 474 11.15 31.95 101.75
N HIS TB 475 9.85 32.24 101.76
CA HIS TB 475 9.38 33.52 102.31
C HIS TB 475 9.72 33.64 103.79
N GLY TB 476 9.52 32.56 104.54
CA GLY TB 476 9.81 32.56 105.97
C GLY TB 476 11.23 32.12 106.27
N VAL TB 487 -5.96 23.17 99.22
CA VAL TB 487 -5.02 22.61 100.17
C VAL TB 487 -5.30 21.12 100.35
N LEU TB 488 -4.38 20.44 101.04
CA LEU TB 488 -4.50 19.01 101.30
C LEU TB 488 -4.99 18.79 102.73
N ARG TB 489 -5.36 17.55 103.02
CA ARG TB 489 -5.88 17.16 104.33
C ARG TB 489 -4.87 16.24 105.01
N GLU TB 490 -4.78 16.35 106.34
CA GLU TB 490 -3.86 15.52 107.09
C GLU TB 490 -4.22 14.05 106.95
N GLU TB 491 -5.51 13.73 106.99
CA GLU TB 491 -5.92 12.33 106.84
C GLU TB 491 -5.54 11.80 105.46
N ASP TB 492 -5.73 12.62 104.41
CA ASP TB 492 -5.35 12.19 103.06
C ASP TB 492 -3.84 12.00 102.96
N VAL TB 493 -3.06 12.89 103.56
CA VAL TB 493 -1.61 12.77 103.53
C VAL TB 493 -1.18 11.47 104.22
N HIS TB 494 -1.78 11.18 105.38
CA HIS TB 494 -1.45 9.95 106.09
C HIS TB 494 -1.84 8.72 105.26
N ARG TB 495 -3.01 8.77 104.63
CA ARG TB 495 -3.46 7.65 103.80
C ARG TB 495 -2.47 7.40 102.66
N MET TB 496 -2.06 8.46 101.97
CA MET TB 496 -1.12 8.31 100.87
C MET TB 496 0.23 7.80 101.37
N LEU TB 497 0.69 8.31 102.51
CA LEU TB 497 1.96 7.86 103.06
C LEU TB 497 1.91 6.38 103.38
N ARG TB 498 0.83 5.93 104.02
CA ARG TB 498 0.70 4.50 104.33
C ARG TB 498 0.62 3.68 103.06
N LEU TB 499 -0.12 4.14 102.06
CA LEU TB 499 -0.23 3.41 100.80
C LEU TB 499 1.13 3.25 100.15
N VAL TB 500 1.93 4.31 100.12
CA VAL TB 500 3.24 4.25 99.48
C VAL TB 500 4.20 3.37 100.29
N HIS TB 501 4.17 3.50 101.61
CA HIS TB 501 5.06 2.69 102.44
C HIS TB 501 4.66 1.23 102.48
N ASP TB 502 3.42 0.91 102.09
CA ASP TB 502 2.97 -0.47 102.08
C ASP TB 502 3.90 -1.33 101.23
N PRO TB 503 4.70 -2.20 101.82
CA PRO TB 503 5.62 -3.03 101.01
C PRO TB 503 4.91 -4.00 100.08
N SER TB 504 3.62 -4.27 100.30
CA SER TB 504 2.89 -5.26 99.51
C SER TB 504 2.37 -4.70 98.19
N LEU TB 505 2.63 -3.43 97.89
CA LEU TB 505 2.16 -2.80 96.66
C LEU TB 505 3.32 -2.10 95.98
N GLN TB 506 3.25 -2.02 94.66
CA GLN TB 506 4.26 -1.34 93.85
C GLN TB 506 3.71 0.02 93.44
N VAL TB 507 4.47 1.07 93.72
CA VAL TB 507 4.05 2.44 93.45
C VAL TB 507 5.13 3.12 92.61
N PRO TB 508 4.78 3.99 91.68
CA PRO TB 508 5.81 4.62 90.84
C PRO TB 508 6.82 5.39 91.69
N PRO TB 509 8.10 5.34 91.33
CA PRO TB 509 9.10 6.08 92.11
C PRO TB 509 8.82 7.56 92.18
N GLU TB 510 8.32 8.17 91.11
CA GLU TB 510 8.05 9.60 91.12
C GLU TB 510 6.98 9.93 92.17
N LEU TB 511 5.89 9.16 92.19
CA LEU TB 511 4.84 9.40 93.18
C LEU TB 511 5.37 9.17 94.58
N SER TB 512 6.13 8.10 94.78
CA SER TB 512 6.65 7.82 96.12
C SER TB 512 7.54 8.96 96.60
N ALA TB 513 8.44 9.43 95.73
CA ALA TB 513 9.34 10.51 96.12
C ALA TB 513 8.56 11.79 96.40
N CYS TB 514 7.57 12.11 95.57
CA CYS TB 514 6.80 13.33 95.80
C CYS TB 514 6.05 13.27 97.12
N VAL TB 515 5.41 12.14 97.42
CA VAL TB 515 4.65 12.04 98.66
C VAL TB 515 5.59 12.07 99.87
N GLU TB 516 6.74 11.41 99.76
CA GLU TB 516 7.69 11.44 100.87
C GLU TB 516 8.19 12.86 101.11
N ALA TB 517 8.50 13.60 100.05
CA ALA TB 517 8.96 14.97 100.20
C ALA TB 517 7.87 15.84 100.83
N VAL TB 518 6.64 15.69 100.37
CA VAL TB 518 5.55 16.48 100.94
C VAL TB 518 5.36 16.16 102.41
N ALA TB 519 5.39 14.89 102.77
CA ALA TB 519 5.22 14.49 104.16
C ALA TB 519 6.35 15.06 105.02
N SER TB 520 7.58 14.97 104.54
CA SER TB 520 8.71 15.49 105.31
C SER TB 520 8.59 17.00 105.49
N LEU TB 521 8.20 17.72 104.43
CA LEU TB 521 8.05 19.16 104.54
C LEU TB 521 6.95 19.53 105.52
N ARG TB 522 5.83 18.81 105.46
CA ARG TB 522 4.73 19.08 106.38
C ARG TB 522 5.09 18.73 107.82
N LYS TB 523 5.95 17.75 108.03
CA LYS TB 523 6.32 17.33 109.38
C LYS TB 523 7.71 16.70 109.38
N LEU UB 1 -3.95 57.06 -2.55
CA LEU UB 1 -5.36 56.84 -2.85
C LEU UB 1 -5.87 57.91 -3.80
N LYS UB 2 -5.42 59.14 -3.61
CA LYS UB 2 -5.80 60.22 -4.49
C LYS UB 2 -5.39 59.89 -5.92
N LEU UB 3 -6.31 60.14 -6.86
CA LEU UB 3 -6.11 59.66 -8.23
C LEU UB 3 -5.13 60.54 -9.00
N SER UB 4 -5.46 61.83 -9.16
CA SER UB 4 -4.61 62.78 -9.86
C SER UB 4 -4.47 64.04 -9.02
N PRO UB 5 -3.79 63.94 -7.87
CA PRO UB 5 -3.58 65.12 -7.03
C PRO UB 5 -2.37 65.93 -7.48
N ASP UB 6 -2.51 67.26 -7.38
CA ASP UB 6 -1.36 68.13 -7.65
C ASP UB 6 -0.27 67.93 -6.63
N ARG UB 7 -0.63 67.59 -5.39
CA ARG UB 7 0.32 67.39 -4.30
C ARG UB 7 0.32 65.93 -3.90
N THR UB 8 1.51 65.32 -3.88
CA THR UB 8 1.64 63.95 -3.39
C THR UB 8 1.46 63.96 -1.88
N ARG UB 9 1.60 62.79 -1.25
CA ARG UB 9 1.46 62.73 0.20
C ARG UB 9 2.53 63.56 0.89
N ASN UB 10 3.78 63.47 0.43
CA ASN UB 10 4.84 64.27 1.01
C ASN UB 10 4.59 65.75 0.80
N GLU UB 11 4.11 66.14 -0.37
CA GLU UB 11 3.83 67.55 -0.62
C GLU UB 11 2.71 68.05 0.26
N GLU UB 12 1.67 67.24 0.46
CA GLU UB 12 0.59 67.63 1.37
C GLU UB 12 1.11 67.79 2.79
N ILE UB 13 1.95 66.86 3.24
CA ILE UB 13 2.51 66.97 4.58
C ILE UB 13 3.36 68.24 4.71
N GLN UB 14 4.17 68.53 3.70
CA GLN UB 14 4.98 69.74 3.72
C GLN UB 14 4.10 70.99 3.78
N ASP UB 15 3.05 71.02 2.97
CA ASP UB 15 2.16 72.18 2.95
C ASP UB 15 1.47 72.37 4.29
N ARG UB 16 1.04 71.28 4.93
CA ARG UB 16 0.38 71.41 6.22
C ARG UB 16 1.35 71.78 7.33
N GLN UB 17 2.59 71.29 7.27
CA GLN UB 17 3.58 71.62 8.30
C GLN UB 17 4.11 73.05 8.15
N ASN UB 18 4.14 73.57 6.91
CA ASN UB 18 4.61 74.93 6.69
C ASN UB 18 3.55 75.98 7.01
N ALA UB 19 2.28 75.57 7.16
CA ALA UB 19 1.24 76.54 7.52
C ALA UB 19 1.53 77.18 8.87
N PHE UB 20 2.23 76.48 9.75
CA PHE UB 20 2.58 77.04 11.05
C PHE UB 20 3.41 78.30 10.87
N VAL UB 21 3.03 79.37 11.57
CA VAL UB 21 3.76 80.62 11.57
C VAL UB 21 3.91 81.09 13.01
N TRP UB 22 5.16 81.09 13.50
CA TRP UB 22 5.40 81.47 14.88
C TRP UB 22 4.95 82.91 15.15
N SER UB 23 4.98 83.76 14.12
CA SER UB 23 4.58 85.15 14.32
C SER UB 23 3.13 85.26 14.79
N ASP UB 24 2.23 84.48 14.19
CA ASP UB 24 0.84 84.48 14.62
C ASP UB 24 0.62 83.59 15.83
N GLU UB 25 1.41 82.52 15.96
CA GLU UB 25 1.22 81.60 17.07
C GLU UB 25 1.76 82.16 18.38
N HIS UB 26 2.55 83.23 18.34
CA HIS UB 26 3.10 83.84 19.55
C HIS UB 26 3.14 85.35 19.33
N ILE UB 27 3.76 86.05 20.29
CA ILE UB 27 4.02 87.48 20.15
C ILE UB 27 5.53 87.69 20.29
N PHE UB 28 6.01 88.85 19.86
CA PHE UB 28 7.44 89.14 19.91
C PHE UB 28 7.62 90.62 20.21
N ARG UB 29 8.14 90.94 21.38
CA ARG UB 29 8.31 92.32 21.80
C ARG UB 29 9.63 92.90 21.28
N PRO UB 30 9.70 94.22 21.12
CA PRO UB 30 10.88 94.79 20.45
C PRO UB 30 12.20 94.47 21.13
N HIS UB 31 12.23 94.42 22.46
CA HIS UB 31 13.48 94.16 23.16
C HIS UB 31 14.05 92.79 22.85
N GLN UB 32 13.21 91.85 22.41
CA GLN UB 32 13.67 90.49 22.12
C GLN UB 32 14.42 90.39 20.79
N HIS UB 33 14.24 91.36 19.88
CA HIS UB 33 14.96 91.32 18.61
C HIS UB 33 16.46 91.38 18.79
N PHE UB 34 16.95 91.88 19.91
CA PHE UB 34 18.38 92.06 20.14
C PHE UB 34 18.99 90.99 21.02
N THR UB 35 18.18 90.11 21.63
CA THR UB 35 18.72 89.13 22.56
C THR UB 35 18.06 87.76 22.45
N HIS UB 36 17.19 87.53 21.47
CA HIS UB 36 16.52 86.24 21.35
C HIS UB 36 16.02 86.08 19.92
N ASP UB 37 16.05 84.83 19.44
CA ASP UB 37 15.63 84.50 18.07
C ASP UB 37 15.01 83.11 18.08
N PRO UB 38 13.73 83.00 18.47
CA PRO UB 38 13.11 81.68 18.51
C PRO UB 38 13.15 80.97 17.17
N CYS UB 39 12.95 81.69 16.07
CA CYS UB 39 12.96 81.11 14.73
C CYS UB 39 14.31 81.33 14.08
N SER UB 40 15.30 80.59 14.56
CA SER UB 40 16.66 80.65 14.00
C SER UB 40 16.89 79.55 12.96
N TRP UB 41 16.84 78.28 13.38
CA TRP UB 41 17.13 77.19 12.48
C TRP UB 41 16.03 77.02 11.44
N SER UB 42 14.77 77.00 11.89
CA SER UB 42 13.66 76.82 10.97
C SER UB 42 13.57 77.97 9.98
N ARG UB 43 13.78 79.21 10.47
CA ARG UB 43 13.71 80.36 9.58
C ARG UB 43 14.88 80.37 8.59
N SER UB 44 16.07 79.96 9.03
CA SER UB 44 17.18 79.83 8.11
C SER UB 44 16.89 78.82 7.02
N LEU UB 45 16.32 77.67 7.41
CA LEU UB 45 15.96 76.65 6.42
C LEU UB 45 14.90 77.17 5.46
N GLU UB 46 13.91 77.91 5.97
CA GLU UB 46 12.88 78.47 5.10
C GLU UB 46 13.47 79.46 4.10
N GLN UB 47 14.39 80.31 4.57
CA GLN UB 47 15.03 81.26 3.66
C GLN UB 47 15.86 80.54 2.61
N SER UB 48 16.56 79.48 3.00
CA SER UB 48 17.31 78.70 2.02
C SER UB 48 16.38 78.06 0.99
N MET UB 49 15.24 77.55 1.45
CA MET UB 49 14.27 76.96 0.53
C MET UB 49 13.76 78.01 -0.45
N LYS UB 50 13.49 79.23 0.04
CA LYS UB 50 13.09 80.30 -0.86
C LYS UB 50 14.20 80.63 -1.86
N LYS UB 51 15.45 80.65 -1.39
CA LYS UB 51 16.57 80.92 -2.29
C LYS UB 51 16.68 79.85 -3.37
N GLN UB 52 16.29 78.61 -3.06
CA GLN UB 52 16.39 77.54 -4.04
C GLN UB 52 15.73 77.94 -5.36
N ARG UB 53 14.53 78.50 -5.29
CA ARG UB 53 13.88 79.02 -6.48
C ARG UB 53 14.42 80.40 -6.83
N LYS UB 54 14.16 80.82 -8.07
CA LYS UB 54 14.60 82.11 -8.58
C LYS UB 54 13.42 82.77 -9.27
N LEU UB 55 12.93 83.87 -8.71
CA LEU UB 55 11.75 84.53 -9.24
C LEU UB 55 12.14 85.53 -10.31
N SER UB 56 11.60 85.34 -11.52
CA SER UB 56 11.92 86.23 -12.62
C SER UB 56 11.49 87.66 -12.32
N MET UB 57 10.32 87.83 -11.72
CA MET UB 57 9.82 89.17 -11.43
C MET UB 57 10.78 89.93 -10.51
N VAL UB 58 11.15 89.31 -9.39
CA VAL UB 58 12.01 90.00 -8.43
C VAL UB 58 13.41 90.21 -9.01
N GLU UB 59 13.92 89.21 -9.75
CA GLU UB 59 15.24 89.37 -10.35
C GLU UB 59 15.25 90.54 -11.33
N ARG UB 60 14.22 90.64 -12.18
CA ARG UB 60 14.15 91.72 -13.14
C ARG UB 60 14.00 93.07 -12.45
N LEU UB 61 13.18 93.14 -11.40
CA LEU UB 61 13.02 94.39 -10.67
C LEU UB 61 14.34 94.83 -10.06
N ARG UB 62 15.06 93.91 -9.43
CA ARG UB 62 16.33 94.24 -8.82
C ARG UB 62 17.35 94.68 -9.87
N SER UB 63 17.39 93.98 -11.00
CA SER UB 63 18.31 94.36 -12.06
C SER UB 63 18.01 95.75 -12.59
N LEU UB 64 16.72 96.06 -12.80
CA LEU UB 64 16.35 97.38 -13.27
C LEU UB 64 16.74 98.46 -12.26
N GLU UB 65 16.50 98.19 -10.98
CA GLU UB 65 16.88 99.15 -9.95
C GLU UB 65 18.38 99.39 -9.94
N GLN UB 66 19.17 98.31 -10.06
CA GLN UB 66 20.62 98.46 -10.11
C GLN UB 66 21.05 99.26 -11.33
N ARG UB 67 20.43 99.00 -12.48
CA ARG UB 67 20.76 99.74 -13.68
C ARG UB 67 20.47 101.23 -13.49
N GLN UB 68 19.33 101.55 -12.88
CA GLN UB 68 19.03 102.95 -12.60
C GLN UB 68 20.04 103.56 -11.64
N LEU UB 69 20.44 102.82 -10.61
CA LEU UB 69 21.40 103.34 -9.65
C LEU UB 69 22.76 103.59 -10.28
N GLU UB 70 23.16 102.75 -11.24
CA GLU UB 70 24.51 102.87 -11.81
C GLU UB 70 24.71 104.25 -12.42
N GLU UB 71 23.72 104.75 -13.16
CA GLU UB 71 23.82 106.07 -13.76
C GLU UB 71 23.70 107.16 -12.70
N PRO UB 132 46.84 116.31 20.05
CA PRO UB 132 46.54 115.01 20.66
C PRO UB 132 45.52 115.10 21.79
N LEU UB 133 45.09 116.32 22.13
CA LEU UB 133 44.10 116.48 23.19
C LEU UB 133 42.78 115.82 22.79
N GLN UB 134 42.37 115.99 21.53
CA GLN UB 134 41.15 115.35 21.08
C GLN UB 134 41.25 113.84 21.17
N GLU UB 135 42.39 113.28 20.76
CA GLU UB 135 42.60 111.84 20.84
C GLU UB 135 42.53 111.38 22.29
N LEU UB 136 43.17 112.11 23.20
CA LEU UB 136 43.17 111.70 24.61
C LEU UB 136 41.77 111.74 25.19
N VAL UB 137 41.00 112.79 24.92
CA VAL UB 137 39.66 112.87 25.47
C VAL UB 137 38.77 111.79 24.87
N ASP UB 138 38.92 111.51 23.57
CA ASP UB 138 38.15 110.44 22.96
C ASP UB 138 38.50 109.08 23.57
N GLU UB 139 39.78 108.84 23.82
CA GLU UB 139 40.20 107.59 24.44
C GLU UB 139 39.63 107.46 25.84
N VAL UB 140 39.66 108.55 26.61
CA VAL UB 140 39.10 108.51 27.96
C VAL UB 140 37.60 108.22 27.91
N GLN UB 141 36.89 108.88 26.99
CA GLN UB 141 35.45 108.64 26.86
C GLN UB 141 35.18 107.19 26.50
N SER UB 142 35.93 106.64 25.54
CA SER UB 142 35.72 105.26 25.12
C SER UB 142 35.99 104.30 26.27
N LEU UB 143 37.08 104.51 27.01
CA LEU UB 143 37.39 103.62 28.12
C LEU UB 143 36.33 103.71 29.20
N HIS UB 144 35.85 104.92 29.50
CA HIS UB 144 34.78 105.04 30.50
C HIS UB 144 33.52 104.33 30.04
N VAL UB 145 33.17 104.45 28.76
CA VAL UB 145 32.00 103.77 28.24
C VAL UB 145 32.15 102.27 28.40
N LEU UB 146 33.32 101.74 28.02
CA LEU UB 146 33.55 100.31 28.13
C LEU UB 146 33.48 99.84 29.58
N LEU UB 147 34.05 100.61 30.50
CA LEU UB 147 34.08 100.20 31.90
C LEU UB 147 32.75 100.36 32.62
N SER UB 148 31.88 101.27 32.17
CA SER UB 148 30.66 101.57 32.89
C SER UB 148 29.41 100.96 32.26
N SER UB 149 29.30 100.98 30.93
CA SER UB 149 28.06 100.60 30.29
C SER UB 149 27.72 99.13 30.60
N PRO UB 150 26.44 98.81 30.81
CA PRO UB 150 26.08 97.41 31.10
C PRO UB 150 26.37 96.44 29.99
N ARG UB 151 26.50 96.90 28.74
CA ARG UB 151 26.69 95.99 27.62
C ARG UB 151 27.95 95.14 27.79
N TYR UB 152 29.04 95.75 28.26
CA TYR UB 152 30.30 95.06 28.46
C TYR UB 152 30.49 94.63 29.91
N GLU UB 153 29.39 94.46 30.66
CA GLU UB 153 29.48 94.12 32.07
C GLU UB 153 30.10 92.75 32.29
N ASP UB 154 29.99 91.83 31.33
CA ASP UB 154 30.46 90.46 31.48
C ASP UB 154 31.70 90.19 30.63
N THR UB 155 32.57 91.20 30.49
CA THR UB 155 33.82 91.00 29.80
C THR UB 155 34.80 90.22 30.67
N PRO UB 156 35.84 89.64 30.09
CA PRO UB 156 36.82 88.90 30.89
C PRO UB 156 37.44 89.80 31.94
N LEU UB 157 37.74 89.21 33.11
CA LEU UB 157 38.29 89.99 34.20
C LEU UB 157 39.67 90.54 33.84
N ALA UB 158 40.48 89.77 33.11
CA ALA UB 158 41.76 90.28 32.67
C ALA UB 158 41.57 91.49 31.75
N THR UB 159 40.61 91.42 30.83
CA THR UB 159 40.34 92.55 29.95
C THR UB 159 39.86 93.75 30.76
N VAL UB 160 39.02 93.52 31.78
CA VAL UB 160 38.55 94.61 32.61
C VAL UB 160 39.72 95.28 33.34
N GLU UB 161 40.64 94.47 33.87
CA GLU UB 161 41.80 95.03 34.55
C GLU UB 161 42.66 95.84 33.59
N ARG UB 162 42.88 95.32 32.38
CA ARG UB 162 43.67 96.04 31.39
C ARG UB 162 43.01 97.36 31.02
N LEU UB 163 41.68 97.34 30.83
CA LEU UB 163 40.96 98.58 30.51
C LEU UB 163 41.03 99.56 31.66
N GLN UB 164 40.96 99.07 32.90
CA GLN UB 164 41.08 99.95 34.06
C GLN UB 164 42.45 100.61 34.10
N CYS UB 165 43.50 99.83 33.84
CA CYS UB 165 44.85 100.40 33.81
C CYS UB 165 44.98 101.44 32.71
N ALA UB 166 44.44 101.14 31.53
CA ALA UB 166 44.50 102.10 30.42
C ALA UB 166 43.73 103.37 30.76
N TYR UB 167 42.58 103.23 31.42
CA TYR UB 167 41.78 104.38 31.82
C TYR UB 167 42.55 105.24 32.82
N SER UB 168 43.20 104.60 33.79
CA SER UB 168 44.00 105.35 34.75
C SER UB 168 45.14 106.09 34.04
N GLU UB 169 45.82 105.42 33.11
CA GLU UB 169 46.91 106.06 32.39
C GLU UB 169 46.40 107.25 31.57
N ALA UB 170 45.26 107.09 30.90
CA ALA UB 170 44.70 108.18 30.10
C ALA UB 170 44.31 109.35 30.98
N LEU UB 171 43.70 109.08 32.13
CA LEU UB 171 43.34 110.17 33.05
C LEU UB 171 44.59 110.88 33.55
N ARG UB 172 45.65 110.13 33.87
CA ARG UB 172 46.89 110.77 34.30
C ARG UB 172 47.47 111.65 33.20
N CYS UB 173 47.45 111.16 31.96
CA CYS UB 173 47.96 111.95 30.84
C CYS UB 173 47.14 113.22 30.66
N VAL UB 174 45.81 113.12 30.74
CA VAL UB 174 44.96 114.30 30.61
C VAL UB 174 45.24 115.29 31.72
N PHE UB 175 45.40 114.80 32.94
CA PHE UB 175 45.70 115.68 34.07
C PHE UB 175 47.03 116.39 33.86
N ASP UB 176 48.05 115.66 33.40
CA ASP UB 176 49.34 116.27 33.15
C ASP UB 176 49.25 117.32 32.06
N ARG UB 177 48.52 117.03 30.99
CA ARG UB 177 48.36 118.00 29.92
C ARG UB 177 47.64 119.25 30.39
N VAL UB 178 46.59 119.09 31.21
CA VAL UB 178 45.86 120.24 31.72
C VAL UB 178 46.75 121.08 32.63
N ARG UB 179 47.48 120.42 33.52
CA ARG UB 179 48.34 121.13 34.47
C ARG UB 179 49.60 121.65 33.76
N CYS UB 189 39.03 126.67 24.71
CA CYS UB 189 38.46 126.58 26.06
C CYS UB 189 37.42 125.47 26.13
N ASN UB 190 36.71 125.25 25.02
CA ASN UB 190 35.71 124.18 24.99
C ASN UB 190 36.36 122.82 25.23
N ALA UB 191 37.50 122.58 24.59
CA ALA UB 191 38.22 121.32 24.81
C ALA UB 191 38.67 121.19 26.26
N LEU UB 192 39.16 122.28 26.85
CA LEU UB 192 39.58 122.24 28.25
C LEU UB 192 38.41 121.90 29.16
N LEU UB 193 37.25 122.51 28.91
CA LEU UB 193 36.07 122.22 29.72
C LEU UB 193 35.62 120.78 29.54
N PHE UB 194 35.65 120.26 28.31
CA PHE UB 194 35.27 118.87 28.09
C PHE UB 194 36.21 117.93 28.82
N SER UB 195 37.52 118.19 28.74
CA SER UB 195 38.49 117.36 29.44
C SER UB 195 38.27 117.43 30.94
N TRP UB 196 37.96 118.61 31.47
CA TRP UB 196 37.71 118.75 32.90
C TRP UB 196 36.46 117.99 33.33
N SER UB 197 35.40 118.05 32.51
CA SER UB 197 34.19 117.29 32.84
C SER UB 197 34.49 115.79 32.86
N LEU UB 198 35.21 115.30 31.85
CA LEU UB 198 35.56 113.89 31.84
C LEU UB 198 36.42 113.52 33.04
N LEU UB 199 37.39 114.37 33.39
CA LEU UB 199 38.26 114.10 34.52
C LEU UB 199 37.48 114.06 35.83
N LEU UB 200 36.56 115.02 36.01
CA LEU UB 200 35.75 115.03 37.21
C LEU UB 200 34.86 113.80 37.29
N GLN UB 201 34.30 113.37 36.16
CA GLN UB 201 33.51 112.14 36.15
C GLN UB 201 34.37 110.94 36.53
N GLY UB 202 35.60 110.90 36.04
CA GLY UB 202 36.50 109.79 36.33
C GLY UB 202 37.40 110.06 37.53
N LEU UB 203 36.97 110.98 38.40
CA LEU UB 203 37.74 111.43 39.55
C LEU UB 203 38.47 110.31 40.27
N PRO UB 204 37.76 109.30 40.81
CA PRO UB 204 38.45 108.32 41.66
C PRO UB 204 39.62 107.64 40.97
N ALA UB 205 39.50 107.31 39.68
CA ALA UB 205 40.62 106.71 38.96
C ALA UB 205 41.78 107.69 38.89
N LEU UB 206 41.50 108.97 38.63
CA LEU UB 206 42.57 109.97 38.61
C LEU UB 206 43.24 110.06 39.97
N LEU UB 207 42.45 110.07 41.05
CA LEU UB 207 43.03 110.17 42.37
C LEU UB 207 43.93 108.97 42.66
N GLU UB 208 43.49 107.77 42.29
CA GLU UB 208 44.32 106.59 42.50
C GLU UB 208 45.59 106.64 41.67
N SER UB 209 45.51 107.13 40.44
CA SER UB 209 46.64 107.01 39.51
C SER UB 209 47.68 108.10 39.74
N LEU UB 210 47.25 109.34 39.93
CA LEU UB 210 48.18 110.47 39.88
C LEU UB 210 49.24 110.36 40.98
N ALA UB 211 48.84 110.52 42.24
CA ALA UB 211 49.80 110.60 43.32
C ALA UB 211 49.39 109.81 44.55
N GLU UB 212 48.44 108.88 44.43
CA GLU UB 212 48.01 108.06 45.56
C GLU UB 212 48.96 106.87 45.76
N LYS UB 213 50.21 107.19 46.11
CA LYS UB 213 51.16 106.13 46.43
C LYS UB 213 50.71 105.34 47.65
N ARG UB 214 50.22 106.05 48.67
CA ARG UB 214 49.64 105.43 49.85
C ARG UB 214 48.17 105.84 49.96
N THR UB 215 47.36 104.95 50.52
CA THR UB 215 45.91 105.10 50.45
C THR UB 215 45.42 106.36 51.16
N GLU UB 216 45.97 106.68 52.32
CA GLU UB 216 45.37 107.71 53.19
C GLU UB 216 46.06 109.06 53.06
N GLU UB 217 47.36 109.13 53.36
CA GLU UB 217 48.02 110.43 53.49
C GLU UB 217 48.12 111.14 52.15
N CYS UB 218 48.63 110.45 51.13
CA CYS UB 218 48.77 111.08 49.82
C CYS UB 218 47.42 111.51 49.28
N LEU UB 219 46.43 110.62 49.35
CA LEU UB 219 45.09 110.97 48.91
C LEU UB 219 44.58 112.21 49.62
N VAL UB 220 44.77 112.28 50.94
CA VAL UB 220 44.25 113.40 51.71
C VAL UB 220 44.93 114.70 51.30
N ARG UB 221 46.26 114.68 51.16
CA ARG UB 221 47.01 115.92 51.03
C ARG UB 221 47.35 116.29 49.59
N ALA UB 222 48.06 115.43 48.86
CA ALA UB 222 48.61 115.85 47.58
C ALA UB 222 47.52 116.02 46.53
N LEU UB 223 46.66 115.01 46.40
CA LEU UB 223 45.58 115.10 45.41
C LEU UB 223 44.66 116.26 45.75
N SER UB 224 44.30 116.42 47.02
CA SER UB 224 43.47 117.54 47.42
C SER UB 224 44.11 118.86 47.02
N THR UB 225 45.39 119.05 47.36
CA THR UB 225 46.03 120.33 47.08
C THR UB 225 46.09 120.59 45.57
N VAL UB 226 46.47 119.61 44.77
CA VAL UB 226 46.62 119.82 43.34
C VAL UB 226 45.27 120.07 42.67
N HIS UB 227 44.29 119.22 42.94
CA HIS UB 227 43.00 119.37 42.26
C HIS UB 227 42.28 120.61 42.72
N GLU UB 228 42.40 120.99 44.00
CA GLU UB 228 41.80 122.23 44.45
C GLU UB 228 42.45 123.43 43.79
N ALA UB 229 43.78 123.39 43.61
CA ALA UB 229 44.46 124.48 42.92
C ALA UB 229 43.98 124.60 41.48
N LEU UB 230 43.87 123.48 40.78
CA LEU UB 230 43.39 123.52 39.41
C LEU UB 230 41.94 124.02 39.33
N ASN UB 231 41.09 123.57 40.26
CA ASN UB 231 39.72 124.05 40.29
C ASN UB 231 39.65 125.53 40.62
N ILE UB 232 40.59 126.03 41.42
CA ILE UB 232 40.65 127.47 41.69
C ILE UB 232 41.06 128.22 40.42
N VAL UB 233 41.98 127.66 39.65
CA VAL UB 233 42.31 128.26 38.36
C VAL UB 233 41.07 128.35 37.49
N LEU UB 234 40.31 127.25 37.41
CA LEU UB 234 39.09 127.24 36.61
C LEU UB 234 38.08 128.25 37.14
N GLN UB 235 37.93 128.34 38.46
CA GLN UB 235 36.93 129.23 39.03
C GLN UB 235 37.31 130.69 38.81
N GLU UB 236 38.60 131.03 38.87
CA GLU UB 236 39.00 132.40 38.56
C GLU UB 236 38.82 132.70 37.09
N PHE UB 237 39.06 131.72 36.21
CA PHE UB 237 38.75 131.92 34.80
C PHE UB 237 37.27 132.21 34.59
N ASN UB 238 36.40 131.44 35.26
CA ASN UB 238 34.96 131.71 35.16
C ASN UB 238 34.59 133.05 35.76
N ARG UB 239 35.26 133.45 36.84
CA ARG UB 239 35.02 134.77 37.43
C ARG UB 239 35.33 135.87 36.44
N ILE UB 240 36.48 135.76 35.76
CA ILE UB 240 36.83 136.74 34.73
C ILE UB 240 35.81 136.72 33.62
N THR UB 241 35.37 135.52 33.21
CA THR UB 241 34.40 135.41 32.13
C THR UB 241 33.11 136.14 32.48
N HIS UB 242 32.56 135.89 33.67
CA HIS UB 242 31.31 136.52 34.05
C HIS UB 242 31.48 138.01 34.35
N SER UB 243 32.66 138.43 34.80
CA SER UB 243 32.91 139.85 34.94
C SER UB 243 32.89 140.55 33.58
N LYS UB 244 33.47 139.91 32.57
CA LYS UB 244 33.40 140.45 31.22
C LYS UB 244 31.98 140.41 30.68
N GLU UB 245 31.19 139.41 31.07
CA GLU UB 245 29.80 139.27 30.63
C GLU UB 245 29.72 139.12 29.12
N ARG UB 246 30.40 138.10 28.62
CA ARG UB 246 30.39 137.79 27.20
C ARG UB 246 29.14 136.99 26.85
N VAL UB 247 28.93 136.69 25.58
CA VAL UB 247 27.71 136.02 25.14
C VAL UB 247 28.00 135.25 23.87
N GLU UB 248 27.51 134.01 23.81
CA GLU UB 248 27.39 133.18 22.62
C GLU UB 248 28.72 132.60 22.14
N LEU UB 249 29.85 132.99 22.72
CA LEU UB 249 31.13 132.48 22.22
C LEU UB 249 31.26 130.99 22.48
N LEU UB 250 30.85 130.52 23.66
CA LEU UB 250 30.99 129.13 24.04
C LEU UB 250 29.89 128.30 23.42
N PRO UB 251 30.06 126.97 23.40
CA PRO UB 251 28.97 126.08 22.99
C PRO UB 251 28.10 125.67 24.18
N LEU UB 252 26.95 125.10 23.86
CA LEU UB 252 26.04 124.64 24.90
C LEU UB 252 26.69 123.55 25.76
N GLU UB 253 27.40 122.62 25.11
CA GLU UB 253 28.12 121.59 25.86
C GLU UB 253 29.16 122.23 26.78
N GLY UB 254 29.86 123.25 26.30
CA GLY UB 254 30.82 123.94 27.13
C GLY UB 254 30.19 124.59 28.34
N TRP UB 255 29.04 125.24 28.14
CA TRP UB 255 28.34 125.84 29.28
C TRP UB 255 27.89 124.77 30.27
N ILE UB 256 27.38 123.64 29.78
CA ILE UB 256 26.97 122.56 30.67
C ILE UB 256 28.16 122.06 31.48
N GLU UB 257 29.30 121.86 30.82
CA GLU UB 257 30.48 121.37 31.52
C GLU UB 257 30.95 122.38 32.56
N SER UB 258 30.94 123.67 32.22
CA SER UB 258 31.35 124.68 33.18
C SER UB 258 30.42 124.70 34.39
N LEU UB 259 29.11 124.60 34.14
CA LEU UB 259 28.16 124.55 35.24
C LEU UB 259 28.41 123.35 36.13
N ASP UB 260 28.68 122.19 35.53
CA ASP UB 260 28.96 121.00 36.32
C ASP UB 260 30.22 121.19 37.15
N VAL UB 261 31.27 121.77 36.55
CA VAL UB 261 32.53 121.95 37.27
C VAL UB 261 32.33 122.89 38.45
N VAL UB 262 31.63 124.01 38.23
CA VAL UB 262 31.47 124.98 39.30
C VAL UB 262 30.57 124.43 40.40
N THR UB 263 29.53 123.67 40.04
CA THR UB 263 28.61 123.16 41.06
C THR UB 263 29.21 121.99 41.83
N HIS UB 264 30.07 121.19 41.20
CA HIS UB 264 30.64 120.05 41.87
C HIS UB 264 31.53 120.49 43.04
N PRO UB 265 31.55 119.72 44.14
CA PRO UB 265 32.44 120.08 45.25
C PRO UB 265 33.90 120.23 44.83
N THR UB 295 27.44 134.62 39.71
CA THR UB 295 28.39 133.56 39.42
C THR UB 295 27.66 132.30 38.93
N VAL UB 296 27.25 131.46 39.89
CA VAL UB 296 26.56 130.22 39.52
C VAL UB 296 25.24 130.53 38.83
N GLU UB 297 24.49 131.51 39.35
CA GLU UB 297 23.23 131.88 38.71
C GLU UB 297 23.47 132.44 37.32
N PHE UB 298 24.53 133.23 37.14
CA PHE UB 298 24.86 133.76 35.82
C PHE UB 298 25.18 132.62 34.85
N VAL UB 299 25.97 131.65 35.29
CA VAL UB 299 26.31 130.52 34.44
C VAL UB 299 25.06 129.74 34.08
N HIS UB 300 24.17 129.54 35.05
CA HIS UB 300 22.94 128.79 34.78
C HIS UB 300 22.07 129.52 33.76
N SER UB 301 21.93 130.84 33.90
CA SER UB 301 21.13 131.60 32.96
C SER UB 301 21.74 131.57 31.57
N ARG UB 302 23.07 131.68 31.48
CA ARG UB 302 23.73 131.61 30.18
C ARG UB 302 23.53 130.24 29.55
N ALA UB 303 23.61 129.18 30.35
CA ALA UB 303 23.36 127.84 29.84
C ALA UB 303 21.93 127.69 29.35
N ILE UB 304 20.98 128.27 30.07
CA ILE UB 304 19.58 128.21 29.63
C ILE UB 304 19.40 128.91 28.29
N GLN UB 305 20.00 130.10 28.15
CA GLN UB 305 19.90 130.82 26.89
C GLN UB 305 20.56 130.03 25.76
N ALA UB 306 21.70 129.41 26.05
CA ALA UB 306 22.38 128.61 25.04
C ALA UB 306 21.54 127.41 24.64
N ALA UB 307 20.86 126.78 25.60
CA ALA UB 307 19.97 125.67 25.27
C ALA UB 307 18.82 126.14 24.39
N ALA UB 308 18.25 127.30 24.69
CA ALA UB 308 17.18 127.84 23.86
C ALA UB 308 17.67 128.06 22.43
N ILE UB 309 18.87 128.66 22.29
CA ILE UB 309 19.41 128.91 20.96
C ILE UB 309 19.66 127.59 20.24
N ARG UB 310 20.22 126.60 20.94
CA ARG UB 310 20.48 125.31 20.32
C ARG UB 310 19.20 124.67 19.82
N MET UB 311 18.15 124.70 20.64
CA MET UB 311 16.87 124.12 20.24
C MET UB 311 16.28 124.86 19.04
N ILE UB 312 16.35 126.20 19.04
CA ILE UB 312 15.74 126.96 17.96
C ILE UB 312 16.50 126.79 16.65
N GLU UB 313 17.84 126.74 16.70
CA GLU UB 313 18.63 126.68 15.48
C GLU UB 313 18.25 125.48 14.63
N ASN UB 314 17.89 125.76 13.38
CA ASN UB 314 17.52 124.71 12.42
C ASN UB 314 18.70 124.34 11.51
N ASP UB 315 19.83 124.01 12.12
CA ASP UB 315 21.01 123.65 11.33
C ASP UB 315 20.74 122.40 10.50
N GLN UB 316 20.22 121.34 11.12
CA GLN UB 316 19.72 120.18 10.40
C GLN UB 316 18.62 119.56 11.25
N SER UB 317 17.37 119.85 10.90
CA SER UB 317 16.21 119.40 11.69
C SER UB 317 15.73 118.04 11.18
N ASP UB 318 16.45 117.00 11.60
CA ASP UB 318 16.09 115.61 11.33
C ASP UB 318 16.02 114.84 12.64
N VAL UB 319 15.61 113.57 12.54
CA VAL UB 319 15.42 112.76 13.74
C VAL UB 319 16.71 112.07 14.17
N GLU UB 320 17.72 112.01 13.31
CA GLU UB 320 18.99 111.37 13.65
C GLU UB 320 19.97 112.33 14.34
N THR UB 321 19.60 113.59 14.53
CA THR UB 321 20.46 114.56 15.19
C THR UB 321 20.00 114.75 16.63
N GLU UB 322 20.96 114.95 17.52
CA GLU UB 322 20.67 115.11 18.94
C GLU UB 322 20.86 116.56 19.36
N PRO UB 323 19.88 117.19 20.00
CA PRO UB 323 20.13 118.52 20.57
C PRO UB 323 21.28 118.52 21.55
N LEU UB 324 21.44 117.44 22.32
CA LEU UB 324 22.57 117.28 23.22
C LEU UB 324 22.87 115.80 23.38
N ASP UB 325 24.14 115.50 23.63
CA ASP UB 325 24.51 114.12 23.93
C ASP UB 325 23.85 113.68 25.22
N PRO UB 326 23.45 112.41 25.34
CA PRO UB 326 22.82 111.97 26.60
C PRO UB 326 23.70 112.19 27.81
N TYR UB 327 25.02 112.12 27.66
CA TYR UB 327 25.91 112.42 28.78
C TYR UB 327 25.73 113.85 29.24
N HIS UB 328 25.70 114.81 28.31
CA HIS UB 328 25.51 116.20 28.68
C HIS UB 328 24.11 116.43 29.23
N LEU UB 329 23.11 115.71 28.71
CA LEU UB 329 21.76 115.81 29.28
C LEU UB 329 21.75 115.36 30.73
N TYR UB 330 22.43 114.25 31.02
CA TYR UB 330 22.51 113.77 32.39
C TYR UB 330 23.24 114.78 33.28
N ILE UB 331 24.30 115.39 32.75
CA ILE UB 331 25.01 116.42 33.51
C ILE UB 331 24.09 117.58 33.82
N LEU UB 332 23.31 118.02 32.83
CA LEU UB 332 22.39 119.13 33.04
C LEU UB 332 21.33 118.77 34.09
N LEU UB 333 20.82 117.54 34.04
CA LEU UB 333 19.83 117.13 35.03
C LEU UB 333 20.43 117.08 36.42
N ARG UB 334 21.67 116.59 36.54
CA ARG UB 334 22.34 116.61 37.83
C ARG UB 334 22.50 118.04 38.35
N CYS UB 335 22.89 118.96 37.47
CA CYS UB 335 23.01 120.35 37.89
C CYS UB 335 21.67 120.91 38.34
N MET UB 336 20.59 120.58 37.62
CA MET UB 336 19.27 121.03 38.03
C MET UB 336 18.90 120.49 39.41
N VAL UB 337 19.19 119.20 39.65
CA VAL UB 337 18.87 118.61 40.94
C VAL UB 337 19.67 119.31 42.05
N ARG UB 338 20.96 119.56 41.80
CA ARG UB 338 21.78 120.22 42.80
C ARG UB 338 21.28 121.64 43.10
N LEU UB 339 20.91 122.38 42.05
CA LEU UB 339 20.42 123.74 42.22
C LEU UB 339 18.98 123.80 42.71
N ALA UB 340 18.27 122.67 42.74
CA ALA UB 340 16.90 122.68 43.24
C ALA UB 340 16.82 123.26 44.64
N GLU UB 341 17.88 123.12 45.44
CA GLU UB 341 17.89 123.73 46.76
C GLU UB 341 17.76 125.25 46.65
N LYS UB 342 18.48 125.86 45.70
CA LYS UB 342 18.38 127.29 45.46
C LYS UB 342 17.07 127.69 44.79
N GLY UB 343 16.31 126.72 44.27
CA GLY UB 343 15.05 127.01 43.64
C GLY UB 343 15.10 126.84 42.12
N VAL UB 344 14.05 126.22 41.57
CA VAL UB 344 13.92 126.04 40.13
C VAL UB 344 12.52 126.50 39.73
N ASN UB 345 12.39 126.87 38.46
CA ASN UB 345 11.15 127.43 37.95
C ASN UB 345 10.51 126.50 36.91
N ASP UB 346 9.21 126.68 36.74
CA ASP UB 346 8.45 125.82 35.83
C ASP UB 346 9.00 125.88 34.41
N SER UB 347 9.45 127.07 33.97
CA SER UB 347 9.99 127.18 32.62
C SER UB 347 11.24 126.31 32.47
N HIS UB 348 12.16 126.38 33.43
CA HIS UB 348 13.36 125.55 33.36
C HIS UB 348 13.01 124.08 33.40
N ILE UB 349 12.09 123.68 34.28
CA ILE UB 349 11.71 122.27 34.37
C ILE UB 349 11.11 121.79 33.05
N HIS UB 350 10.23 122.61 32.47
CA HIS UB 350 9.58 122.23 31.22
C HIS UB 350 10.61 122.11 30.09
N ARG UB 351 11.55 123.05 30.03
CA ARG UB 351 12.56 122.98 28.98
C ARG UB 351 13.46 121.76 29.14
N ALA UB 352 13.84 121.44 30.38
CA ALA UB 352 14.62 120.24 30.62
C ALA UB 352 13.86 118.99 30.20
N ALA UB 353 12.56 118.94 30.54
CA ALA UB 353 11.73 117.80 30.15
C ALA UB 353 11.65 117.69 28.64
N LEU UB 354 11.50 118.83 27.95
CA LEU UB 354 11.44 118.81 26.49
C LEU UB 354 12.75 118.29 25.89
N LEU UB 355 13.88 118.73 26.44
CA LEU UB 355 15.16 118.26 25.92
C LEU UB 355 15.32 116.75 26.14
N THR UB 356 14.94 116.28 27.33
CA THR UB 356 14.99 114.85 27.61
C THR UB 356 14.09 114.08 26.65
N GLY UB 357 12.90 114.61 26.39
CA GLY UB 357 12.00 113.96 25.45
C GLY UB 357 12.58 113.91 24.05
N MET UB 358 13.27 114.97 23.63
CA MET UB 358 13.90 114.99 22.31
C MET UB 358 14.97 113.90 22.22
N VAL UB 359 15.82 113.79 23.25
CA VAL UB 359 16.87 112.77 23.23
C VAL UB 359 16.25 111.38 23.21
N GLY UB 360 15.25 111.16 24.06
CA GLY UB 360 14.58 109.87 24.08
C GLY UB 360 13.94 109.52 22.75
N GLU UB 361 13.31 110.51 22.11
CA GLU UB 361 12.72 110.28 20.80
C GLU UB 361 13.77 109.93 19.77
N ARG UB 362 14.92 110.61 19.82
CA ARG UB 362 16.01 110.28 18.89
C ARG UB 362 16.42 108.83 19.02
N ILE UB 363 16.75 108.41 20.25
CA ILE UB 363 17.25 107.04 20.40
C ILE UB 363 16.14 106.02 20.17
N PHE UB 364 14.90 106.36 20.49
CA PHE UB 364 13.78 105.47 20.20
C PHE UB 364 13.61 105.27 18.70
N SER UB 365 13.73 106.35 17.92
CA SER UB 365 13.67 106.22 16.47
C SER UB 365 14.82 105.36 15.96
N SER UB 366 16.01 105.55 16.53
CA SER UB 366 17.15 104.73 16.13
C SER UB 366 16.85 103.25 16.37
N LEU UB 367 16.28 102.92 17.54
CA LEU UB 367 15.94 101.53 17.83
C LEU UB 367 14.85 101.02 16.90
N GLU UB 368 13.83 101.84 16.63
CA GLU UB 368 12.70 101.39 15.83
C GLU UB 368 13.13 101.13 14.39
N ARG UB 369 14.09 101.90 13.87
CA ARG UB 369 14.59 101.63 12.54
C ARG UB 369 15.01 100.18 12.40
N THR UB 370 15.79 99.67 13.36
CA THR UB 370 16.12 98.24 13.34
C THR UB 370 14.90 97.38 13.59
N VAL UB 371 14.14 97.67 14.65
CA VAL UB 371 12.89 96.96 14.93
C VAL UB 371 11.77 97.77 14.27
N ALA UB 372 11.63 97.58 12.96
CA ALA UB 372 10.52 98.14 12.19
C ALA UB 372 9.74 97.00 11.53
N PRO UB 373 8.42 97.01 11.57
CA PRO UB 373 7.65 95.90 11.01
C PRO UB 373 7.84 95.81 9.50
N PRO UB 374 7.74 94.61 8.92
CA PRO UB 374 7.93 94.47 7.48
C PRO UB 374 6.73 94.97 6.70
N ARG UB 375 6.96 95.20 5.40
CA ARG UB 375 5.90 95.71 4.53
C ARG UB 375 4.74 94.72 4.44
N ARG UB 376 5.05 93.43 4.35
CA ARG UB 376 3.99 92.43 4.26
C ARG UB 376 3.04 92.51 5.44
N TYR UB 377 3.58 92.68 6.65
CA TYR UB 377 2.76 92.83 7.84
C TYR UB 377 2.22 94.24 8.01
N SER UB 378 2.70 95.21 7.25
CA SER UB 378 2.19 96.58 7.37
C SER UB 378 0.69 96.63 7.13
N LEU UB 379 0.23 96.08 6.01
CA LEU UB 379 -1.20 96.10 5.72
C LEU UB 379 -1.97 95.20 6.66
N ARG UB 380 -1.38 94.08 7.06
CA ARG UB 380 -2.04 93.21 8.03
C ARG UB 380 -2.36 93.98 9.31
N HIS UB 381 -1.38 94.74 9.82
CA HIS UB 381 -1.64 95.56 10.99
C HIS UB 381 -2.67 96.65 10.68
N ALA UB 382 -2.52 97.32 9.53
CA ALA UB 382 -3.43 98.40 9.18
C ALA UB 382 -4.88 97.92 9.17
N LEU UB 383 -5.09 96.64 8.83
CA LEU UB 383 -6.44 96.14 8.71
C LEU UB 383 -6.95 95.52 10.02
N LEU UB 384 -6.12 94.73 10.70
CA LEU UB 384 -6.56 93.96 11.85
C LEU UB 384 -6.11 94.58 13.18
N GLY UB 385 -5.65 95.82 13.17
CA GLY UB 385 -5.20 96.45 14.40
C GLY UB 385 -4.05 95.71 15.03
N LYS UB 386 -4.19 95.37 16.31
CA LYS UB 386 -3.13 94.68 17.02
C LYS UB 386 -3.58 93.35 17.62
N GLN UB 387 -4.81 92.92 17.34
CA GLN UB 387 -5.32 91.67 17.87
C GLN UB 387 -4.63 90.50 17.20
N LEU UB 388 -3.70 89.87 17.90
CA LEU UB 388 -3.00 88.69 17.38
C LEU UB 388 -3.90 87.46 17.31
N ARG UB 389 -4.83 87.31 18.25
CA ARG UB 389 -5.75 86.17 18.28
C ARG UB 389 -7.03 86.64 18.96
N ASP UB 390 -8.08 85.84 18.83
CA ASP UB 390 -9.35 86.12 19.48
C ASP UB 390 -9.18 86.05 20.99
N ALA UB 391 -9.92 86.91 21.71
CA ALA UB 391 -9.84 86.99 23.15
C ALA UB 391 -10.69 85.96 23.86
N SER UB 392 -11.11 84.89 23.18
CA SER UB 392 -11.93 83.88 23.82
C SER UB 392 -11.20 83.24 25.01
N LYS UB 393 -9.93 82.92 24.84
CA LYS UB 393 -9.10 82.35 25.88
C LYS UB 393 -8.06 83.37 26.34
N PRO UB 394 -7.56 83.24 27.57
CA PRO UB 394 -6.53 84.19 28.04
C PRO UB 394 -5.31 84.17 27.13
N HIS UB 395 -4.75 85.35 26.92
CA HIS UB 395 -3.56 85.50 26.06
C HIS UB 395 -2.75 86.69 26.58
N ALA UB 396 -1.80 87.12 25.78
CA ALA UB 396 -0.95 88.27 26.10
C ALA UB 396 -1.19 89.37 25.09
N ILE UB 397 -1.50 90.57 25.57
CA ILE UB 397 -1.77 91.70 24.70
C ILE UB 397 -0.46 92.47 24.50
N PRO UB 398 0.02 92.63 23.27
CA PRO UB 398 1.25 93.39 23.04
C PRO UB 398 1.00 94.88 23.22
N LEU UB 399 2.08 95.63 23.31
CA LEU UB 399 2.02 97.07 23.49
C LEU UB 399 2.58 97.87 22.33
N ASP UB 400 3.33 97.25 21.42
CA ASP UB 400 3.91 97.96 20.29
C ASP UB 400 3.98 97.03 19.09
N VAL UB 401 3.92 97.62 17.90
CA VAL UB 401 4.03 96.85 16.67
C VAL UB 401 5.51 96.69 16.31
N CYS UB 402 5.92 95.45 16.04
CA CYS UB 402 7.31 95.14 15.77
C CYS UB 402 7.37 94.02 14.74
N ALA UB 403 8.52 93.88 14.10
CA ALA UB 403 8.72 92.86 13.10
C ALA UB 403 8.79 91.48 13.74
N PRO UB 404 8.47 90.42 13.01
CA PRO UB 404 8.56 89.07 13.56
C PRO UB 404 10.02 88.71 13.84
N PRO UB 405 10.26 87.50 14.34
CA PRO UB 405 11.66 87.11 14.65
C PRO UB 405 12.50 86.96 13.39
N GLY UB 406 12.92 88.09 12.82
CA GLY UB 406 13.74 88.09 11.62
C GLY UB 406 15.22 87.89 11.86
N GLY UB 407 15.63 87.66 13.10
CA GLY UB 407 17.04 87.45 13.41
C GLY UB 407 17.54 88.43 14.45
N VAL UB 408 18.60 88.06 15.16
CA VAL UB 408 19.16 88.95 16.18
C VAL UB 408 19.75 90.18 15.51
N LYS UB 409 19.39 91.35 16.01
CA LYS UB 409 19.81 92.63 15.44
C LYS UB 409 20.80 93.29 16.38
N LYS UB 410 21.91 93.78 15.84
CA LYS UB 410 22.85 94.55 16.63
C LYS UB 410 22.29 95.95 16.88
N PRO UB 411 22.21 96.40 18.14
CA PRO UB 411 21.61 97.70 18.39
C PRO UB 411 22.39 98.81 17.73
N PRO UB 412 21.72 99.86 17.25
CA PRO UB 412 22.46 100.96 16.59
C PRO UB 412 23.00 101.97 17.57
N THR UB 413 22.37 102.10 18.72
CA THR UB 413 22.76 103.09 19.71
C THR UB 413 23.91 102.59 20.56
N ALA UB 414 24.66 103.54 21.14
CA ALA UB 414 25.75 103.21 22.02
C ALA UB 414 25.21 102.65 23.33
N ALA UB 415 26.04 101.86 24.02
CA ALA UB 415 25.60 101.18 25.22
C ALA UB 415 25.18 102.15 26.32
N ASP UB 416 25.94 103.23 26.50
CA ASP UB 416 25.69 104.14 27.61
C ASP UB 416 24.49 105.04 27.37
N ASP UB 417 23.96 105.08 26.14
CA ASP UB 417 22.87 106.00 25.83
C ASP UB 417 21.64 105.71 26.69
N VAL UB 418 21.24 104.44 26.76
CA VAL UB 418 20.03 104.10 27.52
C VAL UB 418 20.23 104.36 29.00
N LEU UB 419 21.39 104.00 29.54
CA LEU UB 419 21.67 104.23 30.95
C LEU UB 419 21.62 105.73 31.27
N LEU UB 420 22.26 106.55 30.44
CA LEU UB 420 22.28 107.98 30.68
C LEU UB 420 20.87 108.56 30.58
N LEU UB 421 20.08 108.11 29.60
CA LEU UB 421 18.71 108.61 29.51
C LEU UB 421 17.89 108.22 30.73
N THR UB 422 18.05 106.99 31.22
CA THR UB 422 17.32 106.57 32.40
C THR UB 422 17.69 107.42 33.60
N ARG UB 423 18.99 107.66 33.80
CA ARG UB 423 19.42 108.50 34.92
C ARG UB 423 18.87 109.92 34.77
N ALA UB 424 18.92 110.46 33.56
CA ALA UB 424 18.41 111.82 33.34
C ALA UB 424 16.92 111.90 33.64
N CYS UB 425 16.14 110.91 33.21
CA CYS UB 425 14.70 110.98 33.43
C CYS UB 425 14.36 110.80 34.90
N THR UB 426 15.06 109.91 35.61
CA THR UB 426 14.78 109.76 37.03
C THR UB 426 15.16 111.04 37.79
N LEU UB 427 16.27 111.67 37.42
CA LEU UB 427 16.61 112.95 38.05
C LEU UB 427 15.56 114.01 37.75
N LEU UB 428 15.05 114.01 36.51
CA LEU UB 428 13.99 114.96 36.16
C LEU UB 428 12.76 114.75 37.03
N MET UB 429 12.36 113.49 37.22
CA MET UB 429 11.20 113.21 38.07
C MET UB 429 11.48 113.64 39.51
N ASN UB 430 12.70 113.39 40.00
CA ASN UB 430 13.04 113.81 41.35
C ASN UB 430 12.93 115.33 41.51
N VAL UB 431 13.41 116.08 40.53
CA VAL UB 431 13.46 117.53 40.68
C VAL UB 431 12.09 118.15 40.42
N ALA UB 432 11.24 117.51 39.61
CA ALA UB 432 9.93 118.07 39.27
C ALA UB 432 8.82 117.57 40.17
N THR UB 433 9.13 117.24 41.43
CA THR UB 433 8.12 116.69 42.32
C THR UB 433 7.05 117.71 42.66
N ASN UB 434 7.43 118.97 42.87
CA ASN UB 434 6.53 119.99 43.38
C ASN UB 434 6.03 120.96 42.31
N VAL UB 435 6.22 120.64 41.03
CA VAL UB 435 5.84 121.56 39.96
C VAL UB 435 4.32 121.60 39.83
N LEU UB 436 3.80 122.60 39.12
CA LEU UB 436 2.37 122.77 38.94
C LEU UB 436 1.86 121.78 37.90
N PRO UB 437 0.54 121.60 37.82
CA PRO UB 437 -0.01 120.49 37.01
C PRO UB 437 0.44 120.47 35.56
N GLN UB 438 0.59 121.63 34.91
CA GLN UB 438 1.02 121.63 33.52
C GLN UB 438 2.42 121.04 33.37
N THR UB 439 3.36 121.52 34.19
CA THR UB 439 4.72 120.97 34.15
C THR UB 439 4.73 119.50 34.55
N LYS UB 440 3.89 119.13 35.51
CA LYS UB 440 3.81 117.72 35.90
C LYS UB 440 3.33 116.86 34.74
N PHE UB 441 2.34 117.34 33.98
CA PHE UB 441 1.85 116.61 32.82
C PHE UB 441 2.93 116.49 31.75
N LYS UB 442 3.69 117.58 31.53
CA LYS UB 442 4.78 117.50 30.57
C LYS UB 442 5.82 116.48 31.00
N VAL UB 443 6.16 116.47 32.30
CA VAL UB 443 7.13 115.49 32.81
C VAL UB 443 6.59 114.08 32.65
N LEU UB 444 5.28 113.90 32.88
CA LEU UB 444 4.68 112.58 32.70
C LEU UB 444 4.75 112.13 31.25
N GLU UB 445 4.52 113.05 30.31
CA GLU UB 445 4.65 112.71 28.90
C GLU UB 445 6.09 112.31 28.56
N THR UB 446 7.06 113.05 29.08
CA THR UB 446 8.46 112.69 28.85
C THR UB 446 8.79 111.34 29.46
N VAL UB 447 8.25 111.05 30.64
CA VAL UB 447 8.48 109.77 31.28
C VAL UB 447 7.86 108.63 30.47
N ASP UB 448 6.68 108.87 29.90
CA ASP UB 448 6.07 107.86 29.03
C ASP UB 448 6.94 107.62 27.80
N THR UB 449 7.48 108.69 27.22
CA THR UB 449 8.38 108.53 26.09
C THR UB 449 9.60 107.70 26.47
N VAL UB 450 10.18 107.98 27.64
CA VAL UB 450 11.34 107.23 28.09
C VAL UB 450 10.98 105.77 28.35
N LEU UB 451 9.79 105.53 28.89
CA LEU UB 451 9.34 104.15 29.11
C LEU UB 451 9.21 103.40 27.80
N LYS UB 452 8.63 104.05 26.78
CA LYS UB 452 8.55 103.41 25.46
C LYS UB 452 9.94 103.14 24.91
N THR UB 453 10.87 104.08 25.08
CA THR UB 453 12.24 103.88 24.62
C THR UB 453 12.88 102.68 25.32
N LEU UB 454 12.70 102.57 26.64
CA LEU UB 454 13.26 101.45 27.36
C LEU UB 454 12.63 100.13 26.92
N SER UB 455 11.32 100.15 26.67
CA SER UB 455 10.65 98.95 26.17
C SER UB 455 11.25 98.50 24.86
N TYR UB 456 11.53 99.44 23.96
CA TYR UB 456 12.16 99.09 22.69
C TYR UB 456 13.63 98.73 22.85
N ALA UB 457 14.28 99.18 23.93
CA ALA UB 457 15.70 98.94 24.10
C ALA UB 457 15.98 97.48 24.41
N PRO UB 458 17.23 97.01 24.20
CA PRO UB 458 17.55 95.61 24.47
C PRO UB 458 17.44 95.26 25.95
N ASN UB 459 17.69 94.00 26.30
CA ASN UB 459 17.68 93.56 27.69
C ASN UB 459 19.03 93.64 28.36
N TYR UB 460 20.09 93.93 27.61
CA TYR UB 460 21.43 94.06 28.19
C TYR UB 460 21.93 95.48 28.23
N ASP UB 461 21.28 96.42 27.54
CA ASP UB 461 21.62 97.83 27.62
C ASP UB 461 20.90 98.54 28.75
N LEU UB 462 20.40 97.79 29.73
CA LEU UB 462 19.68 98.36 30.87
C LEU UB 462 20.49 98.13 32.14
N SER UB 463 20.79 99.20 32.86
CA SER UB 463 21.45 99.11 34.15
C SER UB 463 20.41 98.71 35.19
N THR UB 464 20.70 97.66 35.96
CA THR UB 464 19.73 97.15 36.91
C THR UB 464 19.35 98.19 37.94
N ALA UB 465 20.35 98.81 38.57
CA ALA UB 465 20.08 99.76 39.66
C ALA UB 465 19.32 100.98 39.15
N ASP UB 466 19.82 101.60 38.08
CA ASP UB 466 19.15 102.78 37.53
C ASP UB 466 17.74 102.44 37.08
N THR UB 467 17.57 101.28 36.44
CA THR UB 467 16.27 100.91 35.92
C THR UB 467 15.27 100.68 37.06
N VAL UB 468 15.71 100.00 38.13
CA VAL UB 468 14.79 99.77 39.24
C VAL UB 468 14.46 101.08 39.95
N ILE UB 469 15.43 101.99 40.06
CA ILE UB 469 15.16 103.30 40.66
C ILE UB 469 14.11 104.04 39.83
N PHE UB 470 14.30 104.07 38.51
CA PHE UB 470 13.33 104.74 37.64
C PHE UB 470 11.97 104.09 37.73
N SER UB 471 11.93 102.76 37.76
CA SER UB 471 10.65 102.06 37.83
C SER UB 471 9.92 102.36 39.12
N ASN UB 472 10.64 102.38 40.25
CA ASN UB 472 9.96 102.67 41.51
C ASN UB 472 9.51 104.13 41.57
N MET UB 473 10.28 105.05 40.98
CA MET UB 473 9.82 106.43 40.89
C MET UB 473 8.54 106.52 40.07
N VAL UB 474 8.48 105.80 38.95
CA VAL UB 474 7.29 105.82 38.11
C VAL UB 474 6.11 105.23 38.87
N LEU UB 475 6.34 104.14 39.61
CA LEU UB 475 5.26 103.53 40.38
C LEU UB 475 4.76 104.49 41.46
N GLU UB 476 5.67 105.19 42.12
CA GLU UB 476 5.26 106.18 43.12
C GLU UB 476 4.42 107.28 42.49
N GLU UB 477 4.84 107.77 41.31
CA GLU UB 477 4.07 108.80 40.63
C GLU UB 477 2.69 108.30 40.24
N LEU UB 478 2.61 107.06 39.76
CA LEU UB 478 1.32 106.49 39.38
C LEU UB 478 0.41 106.33 40.60
N HIS UB 479 0.97 105.90 41.72
CA HIS UB 479 0.18 105.80 42.94
C HIS UB 479 -0.32 107.17 43.39
N HIS UB 480 0.53 108.19 43.30
CA HIS UB 480 0.12 109.53 43.71
C HIS UB 480 -0.99 110.07 42.79
N VAL UB 481 -0.85 109.88 41.49
CA VAL UB 481 -1.79 110.43 40.51
C VAL UB 481 -2.20 109.33 39.54
N ASP UB 482 -3.51 109.22 39.29
CA ASP UB 482 -4.07 108.24 38.38
C ASP UB 482 -4.80 108.95 37.25
N GLU UB 483 -4.63 108.43 36.03
CA GLU UB 483 -5.23 109.03 34.85
C GLU UB 483 -5.72 107.91 33.93
N ALA UB 484 -6.24 108.30 32.76
CA ALA UB 484 -6.75 107.31 31.81
C ALA UB 484 -5.66 106.39 31.30
N SER UB 485 -4.48 106.94 31.01
CA SER UB 485 -3.35 106.14 30.55
C SER UB 485 -2.70 105.32 31.66
N ALA UB 486 -3.30 105.31 32.86
CA ALA UB 486 -2.70 104.59 33.98
C ALA UB 486 -2.54 103.10 33.66
N THR UB 487 -3.51 102.52 32.96
CA THR UB 487 -3.44 101.09 32.66
C THR UB 487 -2.24 100.79 31.77
N ASP UB 488 -2.06 101.56 30.70
CA ASP UB 488 -0.94 101.31 29.80
C ASP UB 488 0.39 101.59 30.48
N ARG UB 489 0.45 102.66 31.30
CA ARG UB 489 1.68 102.93 32.03
C ARG UB 489 2.02 101.80 32.99
N HIS UB 490 1.02 101.29 33.70
CA HIS UB 490 1.26 100.17 34.62
C HIS UB 490 1.77 98.95 33.86
N LEU UB 491 1.12 98.62 32.73
CA LEU UB 491 1.56 97.47 31.96
C LEU UB 491 2.99 97.65 31.48
N ARG UB 492 3.32 98.84 30.97
CA ARG UB 492 4.66 99.07 30.44
C ARG UB 492 5.71 98.98 31.54
N VAL UB 493 5.45 99.59 32.69
CA VAL UB 493 6.44 99.59 33.76
C VAL UB 493 6.61 98.18 34.33
N LEU UB 494 5.51 97.43 34.46
CA LEU UB 494 5.61 96.07 34.96
C LEU UB 494 6.38 95.19 33.98
N LEU UB 495 6.14 95.35 32.67
CA LEU UB 495 6.93 94.60 31.69
C LEU UB 495 8.40 94.95 31.79
N LEU UB 496 8.70 96.24 31.93
CA LEU UB 496 10.10 96.65 32.04
C LEU UB 496 10.75 96.04 33.28
N LEU UB 497 10.03 96.03 34.40
CA LEU UB 497 10.57 95.40 35.61
C LEU UB 497 10.78 93.90 35.41
N SER UB 498 9.81 93.23 34.80
CA SER UB 498 9.95 91.80 34.57
C SER UB 498 11.15 91.48 33.69
N ARG UB 499 11.47 92.38 32.75
CA ARG UB 499 12.63 92.17 31.89
C ARG UB 499 13.94 92.11 32.65
N LEU UB 500 14.00 92.64 33.87
CA LEU UB 500 15.26 92.84 34.57
C LEU UB 500 15.66 91.60 35.37
N ARG UB 501 16.94 91.56 35.73
CA ARG UB 501 17.51 90.54 36.62
C ARG UB 501 17.64 91.18 37.99
N LEU UB 502 16.59 91.08 38.80
CA LEU UB 502 16.58 91.71 40.11
C LEU UB 502 17.55 91.06 41.09
N SER UB 503 18.11 89.89 40.76
CA SER UB 503 19.05 89.22 41.64
C SER UB 503 20.50 89.56 41.35
N MET UB 504 20.84 89.84 40.08
CA MET UB 504 22.21 90.17 39.75
C MET UB 504 22.67 91.44 40.44
N CYS UB 505 21.81 92.45 40.50
CA CYS UB 505 22.16 93.70 41.17
C CYS UB 505 22.37 93.47 42.66
N ALA UB 506 23.37 94.14 43.22
CA ALA UB 506 23.60 94.07 44.65
C ALA UB 506 22.37 94.54 45.40
N ASP UB 507 21.99 93.81 46.44
CA ASP UB 507 20.80 94.15 47.21
C ASP UB 507 20.99 95.49 47.90
N ARG UB 508 20.13 96.45 47.57
CA ARG UB 508 20.20 97.80 48.11
C ARG UB 508 18.81 98.24 48.54
N SER UB 509 18.71 99.50 48.97
CA SER UB 509 17.42 100.07 49.35
C SER UB 509 16.49 100.20 48.16
N ALA UB 510 17.02 100.19 46.93
CA ALA UB 510 16.18 100.31 45.75
C ALA UB 510 15.20 99.13 45.65
N LEU UB 511 15.68 97.92 45.92
CA LEU UB 511 14.81 96.75 45.84
C LEU UB 511 13.69 96.84 46.88
N SER UB 512 14.02 97.25 48.10
CA SER UB 512 13.00 97.38 49.13
C SER UB 512 11.99 98.47 48.78
N HIS UB 513 12.46 99.59 48.23
CA HIS UB 513 11.55 100.64 47.81
C HIS UB 513 10.62 100.16 46.71
N LEU UB 514 11.16 99.39 45.76
CA LEU UB 514 10.32 98.79 44.73
C LEU UB 514 9.31 97.83 45.33
N LEU UB 515 9.73 97.09 46.36
CA LEU UB 515 8.80 96.18 47.04
C LEU UB 515 7.64 96.95 47.64
N SER UB 516 7.93 98.07 48.32
CA SER UB 516 6.88 98.89 48.88
C SER UB 516 5.97 99.44 47.79
N CYS UB 517 6.55 99.90 46.69
CA CYS UB 517 5.75 100.45 45.60
C CYS UB 517 4.81 99.39 45.04
N LEU UB 518 5.31 98.17 44.83
CA LEU UB 518 4.47 97.10 44.29
C LEU UB 518 3.37 96.71 45.28
N CYS UB 519 3.72 96.63 46.57
CA CYS UB 519 2.72 96.29 47.56
C CYS UB 519 1.62 97.34 47.67
N ASN UB 520 1.96 98.62 47.60
CA ASN UB 520 0.97 99.68 47.64
C ASN UB 520 0.28 99.90 46.30
N LEU UB 521 0.80 99.32 45.22
CA LEU UB 521 0.20 99.52 43.91
C LEU UB 521 -1.18 98.90 43.85
N LEU UB 522 -2.07 99.55 43.11
CA LEU UB 522 -3.43 99.08 42.91
C LEU UB 522 -3.75 99.05 41.42
N PRO UB 523 -4.61 98.13 40.98
CA PRO UB 523 -4.99 98.11 39.56
C PRO UB 523 -5.87 99.29 39.22
N PRO UB 524 -5.47 100.11 38.25
CA PRO UB 524 -6.30 101.26 37.88
C PRO UB 524 -7.70 100.83 37.48
N HIS UB 525 -8.69 101.62 37.89
CA HIS UB 525 -10.08 101.32 37.57
C HIS UB 525 -10.32 101.45 36.07
N SER UB 526 -11.43 100.88 35.61
CA SER UB 526 -11.85 100.85 34.21
C SER UB 526 -10.94 99.97 33.36
N ILE UB 527 -10.12 99.12 33.97
CA ILE UB 527 -9.23 98.25 33.21
C ILE UB 527 -10.01 97.08 32.66
N GLN UB 528 -9.79 96.76 31.39
CA GLN UB 528 -10.44 95.62 30.76
C GLN UB 528 -9.91 94.31 31.35
N GLN UB 529 -10.63 93.22 31.10
CA GLN UB 529 -10.27 91.94 31.70
C GLN UB 529 -8.89 91.47 31.23
N ASP UB 530 -8.63 91.57 29.93
CA ASP UB 530 -7.34 91.12 29.40
C ASP UB 530 -6.19 91.95 29.96
N LYS UB 531 -6.39 93.27 30.03
CA LYS UB 531 -5.36 94.14 30.59
C LYS UB 531 -5.12 93.81 32.06
N LEU UB 532 -6.18 93.52 32.81
CA LEU UB 532 -6.01 93.13 34.20
C LEU UB 532 -5.26 91.82 34.32
N ARG UB 533 -5.55 90.86 33.44
CA ARG UB 533 -4.83 89.59 33.47
C ARG UB 533 -3.34 89.82 33.23
N GLU UB 534 -3.01 90.63 32.23
CA GLU UB 534 -1.61 90.91 31.96
C GLU UB 534 -0.96 91.62 33.13
N TRP UB 535 -1.67 92.58 33.73
CA TRP UB 535 -1.15 93.30 34.89
C TRP UB 535 -0.84 92.34 36.03
N LYS UB 536 -1.77 91.43 36.32
CA LYS UB 536 -1.56 90.46 37.39
C LYS UB 536 -0.38 89.55 37.09
N ARG UB 537 -0.28 89.07 35.84
CA ARG UB 537 0.82 88.17 35.49
C ARG UB 537 2.16 88.87 35.66
N LEU UB 538 2.28 90.08 35.11
CA LEU UB 538 3.55 90.80 35.19
C LEU UB 538 3.92 91.14 36.63
N ARG UB 539 2.94 91.61 37.41
CA ARG UB 539 3.24 91.94 38.80
C ARG UB 539 3.61 90.69 39.59
N GLY UB 540 2.97 89.56 39.30
CA GLY UB 540 3.36 88.32 39.96
C GLY UB 540 4.79 87.93 39.64
N LEU UB 541 5.17 88.01 38.36
CA LEU UB 541 6.55 87.71 37.99
C LEU UB 541 7.53 88.63 38.71
N VAL UB 542 7.23 89.94 38.71
CA VAL UB 542 8.14 90.90 39.33
C VAL UB 542 8.25 90.64 40.82
N MET UB 543 7.12 90.37 41.48
CA MET UB 543 7.14 90.12 42.91
C MET UB 543 7.91 88.84 43.23
N ARG UB 544 7.73 87.79 42.43
CA ARG UB 544 8.49 86.57 42.67
C ARG UB 544 9.98 86.82 42.56
N HIS UB 545 10.40 87.52 41.50
CA HIS UB 545 11.82 87.83 41.33
C HIS UB 545 12.33 88.63 42.52
N LEU UB 546 11.59 89.68 42.91
CA LEU UB 546 12.05 90.54 44.00
C LEU UB 546 12.15 89.78 45.31
N LEU UB 547 11.14 88.96 45.63
CA LEU UB 547 11.15 88.21 46.88
C LEU UB 547 12.28 87.19 46.91
N TYR UB 548 12.53 86.50 45.80
CA TYR UB 548 13.61 85.52 45.78
C TYR UB 548 14.99 86.17 45.72
N SER UB 549 15.07 87.44 45.31
CA SER UB 549 16.36 88.12 45.24
C SER UB 549 16.71 88.86 46.52
N VAL UB 550 15.74 89.43 47.21
CA VAL UB 550 15.99 90.28 48.37
C VAL UB 550 16.02 89.42 49.63
N ARG UB 551 16.63 89.96 50.67
CA ARG UB 551 16.69 89.35 51.99
C ARG UB 551 15.79 90.11 52.96
N GLY UB 552 15.81 89.70 54.23
CA GLY UB 552 14.92 90.29 55.22
C GLY UB 552 15.49 91.46 55.97
N GLU UB 553 16.76 91.37 56.37
CA GLU UB 553 17.37 92.44 57.16
C GLU UB 553 17.44 93.74 56.36
N GLU UB 554 17.79 93.66 55.08
CA GLU UB 554 17.86 94.87 54.27
C GLU UB 554 16.50 95.53 54.16
N VAL UB 555 15.45 94.75 53.93
CA VAL UB 555 14.10 95.30 53.83
C VAL UB 555 13.68 95.93 55.14
N GLU UB 556 13.98 95.25 56.26
CA GLU UB 556 13.61 95.80 57.56
C GLU UB 556 14.32 97.12 57.82
N GLN UB 557 15.62 97.19 57.53
CA GLN UB 557 16.35 98.43 57.71
C GLN UB 557 15.79 99.53 56.82
N HIS UB 558 15.46 99.21 55.58
CA HIS UB 558 14.91 100.21 54.67
C HIS UB 558 13.58 100.75 55.19
N TYR UB 559 12.71 99.87 55.68
CA TYR UB 559 11.39 100.30 56.12
C TYR UB 559 11.37 100.82 57.54
N THR UB 560 12.47 100.73 58.29
CA THR UB 560 12.55 101.31 59.61
C THR UB 560 13.47 102.53 59.68
N ARG UB 561 14.23 102.83 58.63
CA ARG UB 561 15.16 103.96 58.63
C ARG UB 561 14.80 105.02 57.61
N VAL UB 562 14.62 104.66 56.35
CA VAL UB 562 14.41 105.65 55.30
C VAL UB 562 12.94 105.84 54.95
N LEU UB 563 12.04 104.98 55.45
CA LEU UB 563 10.61 105.15 55.24
C LEU UB 563 9.87 105.64 56.48
N LYS UB 564 10.36 105.29 57.68
CA LYS UB 564 9.75 105.67 58.95
C LYS UB 564 8.35 105.09 59.11
N SER UB 565 7.95 104.15 58.25
CA SER UB 565 6.59 103.62 58.31
C SER UB 565 6.40 102.81 59.58
N SER UB 566 5.33 103.12 60.32
CA SER UB 566 5.01 102.35 61.51
C SER UB 566 4.65 100.92 61.16
N GLU UB 567 3.89 100.72 60.08
CA GLU UB 567 3.50 99.39 59.66
C GLU UB 567 4.74 98.55 59.34
N THR UB 568 4.78 97.32 59.86
CA THR UB 568 5.90 96.44 59.60
C THR UB 568 5.87 95.96 58.16
N TRP UB 569 7.06 95.64 57.63
CA TRP UB 569 7.16 95.19 56.26
C TRP UB 569 6.48 93.85 56.05
N VAL UB 570 6.52 92.97 57.04
CA VAL UB 570 5.83 91.70 56.92
C VAL UB 570 4.33 91.93 56.80
N GLU UB 571 3.78 92.83 57.61
CA GLU UB 571 2.35 93.15 57.51
C GLU UB 571 2.03 93.78 56.17
N HIS UB 572 2.89 94.68 55.69
CA HIS UB 572 2.68 95.31 54.39
C HIS UB 572 2.59 94.26 53.30
N LEU UB 573 3.56 93.33 53.28
CA LEU UB 573 3.52 92.26 52.29
C LEU UB 573 2.28 91.39 52.45
N ALA UB 574 1.93 91.05 53.70
CA ALA UB 574 0.84 90.13 53.93
C ALA UB 574 -0.49 90.69 53.44
N PHE UB 575 -0.81 91.93 53.82
CA PHE UB 575 -2.11 92.50 53.47
C PHE UB 575 -2.02 93.29 52.16
N GLY UB 576 -1.21 94.35 52.16
CA GLY UB 576 -0.83 95.05 50.94
C GLY UB 576 -1.87 95.06 49.84
N GLN UB 577 -1.40 94.83 48.62
CA GLN UB 577 -2.26 94.50 47.48
C GLN UB 577 -1.82 93.23 46.78
N TYR UB 578 -0.81 92.54 47.31
CA TYR UB 578 -0.24 91.34 46.71
C TYR UB 578 -0.53 90.16 47.61
N SER UB 579 -1.07 89.08 47.02
CA SER UB 579 -1.44 87.88 47.76
C SER UB 579 -0.86 86.64 47.12
N GLY UB 580 0.37 86.73 46.61
CA GLY UB 580 1.03 85.60 46.00
C GLY UB 580 1.90 84.85 46.98
N GLY UB 581 2.82 84.07 46.42
CA GLY UB 581 3.69 83.23 47.22
C GLY UB 581 4.81 84.02 47.89
N LEU UB 582 5.53 83.32 48.76
CA LEU UB 582 6.65 83.91 49.49
C LEU UB 582 7.67 82.82 49.75
N PRO UB 583 8.97 83.09 49.56
CA PRO UB 583 9.97 82.06 49.86
C PRO UB 583 10.07 81.77 51.34
N LEU UB 584 10.14 80.48 51.66
CA LEU UB 584 10.20 80.06 53.06
C LEU UB 584 11.48 80.52 53.72
N SER UB 585 12.57 80.66 52.97
CA SER UB 585 13.80 81.22 53.54
C SER UB 585 13.57 82.64 54.02
N LEU UB 586 12.90 83.45 53.20
CA LEU UB 586 12.58 84.82 53.61
C LEU UB 586 11.65 84.82 54.82
N TRP UB 587 10.66 83.92 54.83
CA TRP UB 587 9.77 83.85 55.97
C TRP UB 587 10.53 83.52 57.24
N LEU UB 588 11.45 82.56 57.17
CA LEU UB 588 12.23 82.18 58.34
C LEU UB 588 13.12 83.32 58.80
N GLU UB 589 13.74 84.04 57.86
CA GLU UB 589 14.58 85.17 58.24
C GLU UB 589 13.77 86.25 58.92
N ALA UB 590 12.58 86.56 58.39
CA ALA UB 590 11.71 87.54 59.03
C ALA UB 590 11.31 87.07 60.42
N CYS UB 591 10.96 85.79 60.55
CA CYS UB 591 10.59 85.27 61.86
C CYS UB 591 11.74 85.39 62.85
N HIS UB 592 12.96 85.09 62.42
CA HIS UB 592 14.10 85.22 63.31
C HIS UB 592 14.27 86.67 63.77
N ILE UB 593 14.31 87.60 62.81
CA ILE UB 593 14.58 88.99 63.16
C ILE UB 593 13.48 89.57 64.02
N TYR UB 594 12.26 89.05 63.90
CA TYR UB 594 11.16 89.58 64.71
C TYR UB 594 11.07 88.90 66.08
N LEU UB 595 11.09 87.57 66.12
CA LEU UB 595 11.06 86.86 67.39
C LEU UB 595 12.30 87.11 68.24
N THR UB 596 13.35 87.68 67.65
CA THR UB 596 14.49 88.12 68.44
C THR UB 596 14.01 88.88 69.68
N ALA UB 597 14.51 88.48 70.85
CA ALA UB 597 14.00 89.01 72.11
C ALA UB 597 14.05 90.53 72.14
N GLY UB 598 15.10 91.13 71.58
CA GLY UB 598 15.22 92.57 71.62
C GLY UB 598 14.09 93.28 70.89
N ARG UB 599 13.60 92.71 69.80
CA ARG UB 599 12.57 93.32 68.97
C ARG UB 599 11.22 92.78 69.41
N LYS UB 600 10.40 93.65 70.01
CA LYS UB 600 9.07 93.25 70.44
C LYS UB 600 8.14 93.12 69.23
N LEU UB 601 7.13 92.28 69.38
CA LEU UB 601 6.17 92.00 68.32
C LEU UB 601 4.78 92.47 68.73
N THR UB 602 3.87 92.46 67.75
CA THR UB 602 2.48 92.86 67.96
C THR UB 602 1.56 91.80 67.36
N VAL UB 603 0.30 91.86 67.77
CA VAL UB 603 -0.69 90.90 67.28
C VAL UB 603 -0.83 91.02 65.76
N SER UB 604 -0.84 92.23 65.23
CA SER UB 604 -0.97 92.41 63.79
C SER UB 604 0.22 91.80 63.06
N CYS UB 605 1.43 92.02 63.57
CA CYS UB 605 2.61 91.42 62.94
C CYS UB 605 2.57 89.91 63.00
N ALA UB 606 2.12 89.34 64.13
CA ALA UB 606 2.01 87.90 64.25
C ALA UB 606 1.00 87.35 63.24
N GLU UB 607 -0.14 88.03 63.10
CA GLU UB 607 -1.13 87.62 62.12
C GLU UB 607 -0.56 87.68 60.71
N ALA UB 608 0.21 88.73 60.41
CA ALA UB 608 0.84 88.84 59.10
C ALA UB 608 1.79 87.68 58.85
N LEU UB 609 2.58 87.32 59.86
CA LEU UB 609 3.51 86.20 59.71
C LEU UB 609 2.74 84.90 59.50
N ILE UB 610 1.63 84.72 60.20
CA ILE UB 610 0.80 83.53 60.00
C ILE UB 610 0.30 83.48 58.56
N THR UB 611 -0.18 84.63 58.06
CA THR UB 611 -0.69 84.67 56.68
C THR UB 611 0.41 84.36 55.69
N LEU UB 612 1.62 84.89 55.91
CA LEU UB 612 2.74 84.60 55.01
C LEU UB 612 3.08 83.13 55.03
N ARG UB 613 3.12 82.52 56.22
CA ARG UB 613 3.40 81.09 56.29
C ARG UB 613 2.34 80.30 55.54
N GLY UB 614 1.08 80.73 55.63
CA GLY UB 614 0.04 80.10 54.82
C GLY UB 614 0.35 80.22 53.34
N ARG UB 615 0.67 81.42 52.89
CA ARG UB 615 1.06 81.63 51.49
C ARG UB 615 2.57 81.57 51.29
N CYS UB 616 3.19 80.52 51.83
CA CYS UB 616 4.58 80.19 51.51
C CYS UB 616 4.64 79.27 50.29
N LYS UB 617 5.83 79.18 49.70
CA LYS UB 617 6.04 78.38 48.51
C LYS UB 617 6.96 77.19 48.74
N ASP UB 618 8.16 77.41 49.26
CA ASP UB 618 9.17 76.36 49.39
C ASP UB 618 8.94 75.45 50.59
N GLY UB 619 7.77 75.53 51.24
CA GLY UB 619 7.48 74.69 52.38
C GLY UB 619 7.07 73.29 51.96
N GLY UB 620 6.82 72.46 52.97
CA GLY UB 620 6.41 71.10 52.72
C GLY UB 620 5.01 71.02 52.13
N VAL UB 621 4.74 69.91 51.44
CA VAL UB 621 3.44 69.72 50.83
C VAL UB 621 2.35 69.74 51.90
N LEU UB 622 1.20 70.29 51.54
CA LEU UB 622 0.03 70.40 52.42
C LEU UB 622 -1.15 69.83 51.66
N ARG UB 623 -1.34 68.51 51.76
CA ARG UB 623 -2.43 67.83 51.06
C ARG UB 623 -3.70 67.86 51.88
N PRO UB 632 1.79 66.76 58.00
CA PRO UB 632 2.81 67.21 58.95
C PRO UB 632 3.50 68.49 58.49
N LEU UB 633 4.35 69.07 59.35
CA LEU UB 633 5.09 70.27 59.01
C LEU UB 633 6.41 70.27 59.78
N ASP UB 634 7.37 71.03 59.25
CA ASP UB 634 8.70 71.04 59.84
C ASP UB 634 8.66 71.58 61.27
N PHE UB 635 9.49 70.99 62.13
CA PHE UB 635 9.44 71.32 63.55
C PHE UB 635 9.81 72.78 63.79
N VAL UB 636 10.78 73.31 63.03
CA VAL UB 636 11.18 74.71 63.22
C VAL UB 636 10.00 75.64 62.93
N SER UB 637 9.34 75.41 61.80
CA SER UB 637 8.18 76.23 61.46
C SER UB 637 7.07 76.05 62.49
N VAL UB 638 6.88 74.83 62.99
CA VAL UB 638 5.83 74.61 63.99
C VAL UB 638 6.13 75.40 65.25
N THR UB 639 7.39 75.39 65.71
CA THR UB 639 7.75 76.14 66.91
C THR UB 639 7.56 77.64 66.68
N LEU UB 640 8.02 78.15 65.54
CA LEU UB 640 7.85 79.57 65.27
C LEU UB 640 6.37 79.96 65.23
N LEU UB 641 5.55 79.13 64.58
CA LEU UB 641 4.14 79.43 64.49
C LEU UB 641 3.44 79.32 65.85
N ALA UB 642 3.89 78.40 66.70
CA ALA UB 642 3.34 78.34 68.06
C ALA UB 642 3.68 79.60 68.84
N GLN UB 643 4.92 80.09 68.69
CA GLN UB 643 5.28 81.36 69.33
C GLN UB 643 4.39 82.50 68.81
N LEU UB 644 4.18 82.54 67.49
CA LEU UB 644 3.31 83.57 66.93
C LEU UB 644 1.88 83.46 67.48
N LEU UB 645 1.37 82.23 67.60
CA LEU UB 645 0.01 82.05 68.10
C LEU UB 645 -0.11 82.47 69.56
N GLU UB 646 0.87 82.14 70.39
CA GLU UB 646 0.80 82.55 71.79
C GLU UB 646 0.96 84.06 71.91
N VAL UB 647 1.70 84.69 70.99
CA VAL UB 647 1.74 86.15 70.96
C VAL UB 647 0.37 86.72 70.60
N VAL UB 648 -0.29 86.11 69.61
CA VAL UB 648 -1.60 86.58 69.17
C VAL UB 648 -2.63 86.42 70.28
N SER UB 649 -2.51 85.35 71.09
CA SER UB 649 -3.51 85.05 72.11
C SER UB 649 -3.67 86.15 73.14
N HIS UB 650 -2.86 87.21 73.09
CA HIS UB 650 -2.99 88.36 73.98
C HIS UB 650 -2.76 87.98 75.44
N GLY UB 651 -1.57 87.43 75.69
CA GLY UB 651 -1.08 87.14 77.02
C GLY UB 651 -1.22 85.68 77.42
N CYS UB 652 -2.03 84.91 76.70
CA CYS UB 652 -2.22 83.49 77.00
C CYS UB 652 -1.02 82.72 76.44
N CYS UB 653 0.12 82.89 77.11
CA CYS UB 653 1.35 82.24 76.69
C CYS UB 653 1.21 80.73 76.86
N SER UB 654 1.06 80.01 75.75
CA SER UB 654 0.85 78.57 75.78
C SER UB 654 1.73 77.89 74.74
N ALA UB 655 2.96 78.37 74.58
CA ALA UB 655 3.88 77.73 73.66
C ALA UB 655 4.18 76.30 74.09
N ASP UB 656 4.40 76.09 75.39
CA ASP UB 656 4.65 74.75 75.90
C ASP UB 656 3.47 73.83 75.63
N ASP UB 657 2.24 74.32 75.87
CA ASP UB 657 1.06 73.51 75.61
C ASP UB 657 0.93 73.18 74.13
N LEU UB 658 1.19 74.17 73.27
CA LEU UB 658 1.10 73.93 71.83
C LEU UB 658 2.11 72.89 71.37
N VAL UB 659 3.33 72.95 71.89
CA VAL UB 659 4.36 72.00 71.46
C VAL UB 659 4.18 70.63 72.11
N ALA UB 660 3.48 70.55 73.24
CA ALA UB 660 3.32 69.28 73.93
C ALA UB 660 2.05 68.54 73.53
N SER UB 661 0.89 69.17 73.71
CA SER UB 661 -0.38 68.50 73.50
C SER UB 661 -1.06 69.00 72.23
N PRO UB 662 -1.57 68.10 71.37
CA PRO UB 662 -2.36 68.55 70.21
C PRO UB 662 -3.64 69.28 70.57
N VAL UB 663 -4.21 69.07 71.75
CA VAL UB 663 -5.47 69.69 72.14
C VAL UB 663 -5.28 71.20 72.22
N ALA UB 664 -4.08 71.62 72.62
CA ALA UB 664 -3.79 73.05 72.69
C ALA UB 664 -3.97 73.71 71.33
N TRP UB 665 -3.63 73.00 70.26
CA TRP UB 665 -3.81 73.56 68.92
C TRP UB 665 -5.28 73.80 68.62
N ASP UB 666 -6.15 72.85 68.97
CA ASP UB 666 -7.58 73.06 68.77
C ASP UB 666 -8.08 74.21 69.61
N LYS UB 667 -7.64 74.31 70.87
CA LYS UB 667 -8.08 75.40 71.72
C LYS UB 667 -7.67 76.75 71.16
N VAL UB 668 -6.43 76.85 70.65
CA VAL UB 668 -5.97 78.11 70.07
C VAL UB 668 -6.73 78.41 68.78
N ARG UB 669 -7.04 77.38 67.98
CA ARG UB 669 -7.83 77.61 66.78
C ARG UB 669 -9.20 78.17 67.13
N GLN UB 670 -9.84 77.62 68.17
CA GLN UB 670 -11.11 78.18 68.63
C GLN UB 670 -10.95 79.60 69.14
N THR UB 671 -9.89 79.89 69.89
CA THR UB 671 -9.70 81.22 70.44
C THR UB 671 -9.52 82.25 69.33
N ILE UB 672 -8.71 81.93 68.33
CA ILE UB 672 -8.44 82.86 67.24
C ILE UB 672 -9.63 82.89 66.30
N GLN UB 673 -9.94 84.10 65.81
CA GLN UB 673 -11.09 84.30 64.94
C GLN UB 673 -10.69 85.00 63.64
N GLY UB 674 -9.73 85.92 63.74
CA GLY UB 674 -9.30 86.69 62.58
C GLY UB 674 -8.66 85.84 61.51
N ALA UB 675 -7.85 84.86 61.91
CA ALA UB 675 -7.14 84.01 60.96
C ALA UB 675 -8.08 82.95 60.43
N ILE UB 676 -8.50 83.10 59.17
CA ILE UB 676 -9.38 82.15 58.51
C ILE UB 676 -8.80 81.85 57.13
N GLY UB 677 -9.12 80.66 56.62
CA GLY UB 677 -8.66 80.25 55.30
C GLY UB 677 -7.55 79.22 55.36
N GLU UB 678 -6.46 79.48 54.66
CA GLU UB 678 -5.32 78.56 54.68
C GLU UB 678 -4.74 78.40 56.08
N ASP UB 679 -4.99 79.36 56.97
CA ASP UB 679 -4.48 79.25 58.33
C ASP UB 679 -5.10 78.06 59.05
N GLU UB 680 -6.37 77.75 58.76
CA GLU UB 680 -7.01 76.60 59.37
C GLU UB 680 -6.29 75.31 58.99
N ASN UB 681 -5.99 75.15 57.70
CA ASN UB 681 -5.25 73.97 57.26
C ASN UB 681 -3.85 73.95 57.86
N THR UB 682 -3.20 75.11 57.95
CA THR UB 682 -1.88 75.18 58.55
C THR UB 682 -1.92 74.69 59.99
N ILE UB 683 -2.90 75.16 60.77
CA ILE UB 683 -3.02 74.75 62.16
C ILE UB 683 -3.32 73.27 62.25
N GLN UB 684 -4.19 72.76 61.38
CA GLN UB 684 -4.52 71.34 61.40
C GLN UB 684 -3.29 70.49 61.16
N LEU UB 685 -2.50 70.84 60.14
CA LEU UB 685 -1.31 70.06 59.83
C LEU UB 685 -0.25 70.20 60.92
N LEU UB 686 -0.13 71.37 61.53
CA LEU UB 686 0.79 71.53 62.64
C LEU UB 686 0.39 70.66 63.82
N ARG UB 687 -0.91 70.62 64.12
CA ARG UB 687 -1.38 69.74 65.18
C ARG UB 687 -1.09 68.28 64.87
N ALA UB 688 -1.29 67.88 63.62
CA ALA UB 688 -0.97 66.51 63.25
C ALA UB 688 0.51 66.22 63.43
N GLY UB 689 1.37 67.15 63.00
CA GLY UB 689 2.80 66.95 63.15
C GLY UB 689 3.23 66.85 64.60
N ARG UB 690 2.69 67.72 65.46
CA ARG UB 690 3.06 67.66 66.87
C ARG UB 690 2.49 66.43 67.55
N LEU UB 691 1.31 65.97 67.14
CA LEU UB 691 0.80 64.70 67.65
C LEU UB 691 1.74 63.56 67.28
N CYS UB 692 2.19 63.53 66.02
CA CYS UB 692 3.13 62.50 65.60
C CYS UB 692 4.43 62.58 66.41
N VAL UB 693 4.93 63.79 66.63
CA VAL UB 693 6.17 63.95 67.39
C VAL UB 693 6.00 63.45 68.82
N ALA UB 694 4.91 63.84 69.47
CA ALA UB 694 4.67 63.43 70.85
C ALA UB 694 4.36 61.94 70.96
N ASP UB 695 3.91 61.30 69.87
CA ASP UB 695 3.63 59.88 69.92
C ASP UB 695 4.87 59.09 70.34
N ARG UB 696 6.06 59.60 70.06
CA ARG UB 696 7.30 58.90 70.35
C ARG UB 696 7.81 59.27 71.74
N GLN UB 697 8.04 58.25 72.57
CA GLN UB 697 8.62 58.43 73.89
C GLN UB 697 9.87 57.59 74.11
N ALA UB 698 10.15 56.62 73.25
CA ALA UB 698 11.38 55.84 73.39
C ALA UB 698 12.61 56.71 73.28
N THR UB 699 12.54 57.78 72.50
CA THR UB 699 13.68 58.69 72.36
C THR UB 699 14.04 59.28 73.71
N GLY UB 700 15.34 59.32 73.99
CA GLY UB 700 15.84 59.90 75.22
C GLY UB 700 16.83 61.01 74.98
N SER UB 701 16.53 62.21 75.49
CA SER UB 701 17.40 63.37 75.32
C SER UB 701 18.45 63.39 76.43
N LEU UB 702 19.50 62.59 76.22
CA LEU UB 702 20.59 62.47 77.17
C LEU UB 702 21.48 63.71 77.02
N VAL UB 703 21.00 64.83 77.52
CA VAL UB 703 21.72 66.09 77.42
C VAL UB 703 23.05 65.98 78.18
N GLN VB 1 -78.30 -54.10 -49.52
CA GLN VB 1 -78.83 -54.29 -48.17
C GLN VB 1 -77.90 -53.70 -47.12
N PRO VB 2 -77.83 -52.37 -47.05
CA PRO VB 2 -76.96 -51.72 -46.06
C PRO VB 2 -77.53 -51.86 -44.66
N LEU VB 3 -76.86 -51.22 -43.71
CA LEU VB 3 -77.27 -51.21 -42.31
C LEU VB 3 -77.31 -49.77 -41.79
N PRO VB 4 -78.31 -49.40 -40.99
CA PRO VB 4 -78.40 -48.00 -40.56
C PRO VB 4 -77.19 -47.51 -39.79
N TYR VB 5 -76.48 -48.39 -39.10
CA TYR VB 5 -75.33 -47.97 -38.31
C TYR VB 5 -74.23 -47.41 -39.20
N ASP VB 6 -73.52 -46.41 -38.66
CA ASP VB 6 -72.53 -45.69 -39.46
C ASP VB 6 -71.42 -46.62 -39.94
N ASP VB 7 -70.91 -47.48 -39.06
CA ASP VB 7 -69.85 -48.42 -39.41
C ASP VB 7 -70.49 -49.76 -39.74
N GLU VB 8 -70.74 -49.99 -41.04
CA GLU VB 8 -71.45 -51.20 -41.45
C GLU VB 8 -70.67 -52.45 -41.11
N ARG VB 9 -69.37 -52.45 -41.37
CA ARG VB 9 -68.56 -53.64 -41.13
C ARG VB 9 -68.56 -54.01 -39.65
N PHE VB 10 -68.25 -53.04 -38.79
CA PHE VB 10 -68.19 -53.31 -37.36
C PHE VB 10 -69.58 -53.67 -36.83
N ALA VB 11 -70.63 -53.03 -37.34
CA ALA VB 11 -71.97 -53.37 -36.91
C ALA VB 11 -72.33 -54.80 -37.26
N ASP VB 12 -71.98 -55.23 -38.48
CA ASP VB 12 -72.23 -56.62 -38.86
C ASP VB 12 -71.43 -57.58 -37.99
N MET VB 13 -70.17 -57.25 -37.71
CA MET VB 13 -69.36 -58.10 -36.84
C MET VB 13 -69.99 -58.22 -35.47
N LEU VB 14 -70.45 -57.10 -34.90
CA LEU VB 14 -71.06 -57.13 -33.57
C LEU VB 14 -72.36 -57.93 -33.59
N LEU VB 15 -73.17 -57.77 -34.64
CA LEU VB 15 -74.40 -58.54 -34.72
C LEU VB 15 -74.12 -60.04 -34.79
N GLU VB 16 -73.14 -60.43 -35.60
CA GLU VB 16 -72.78 -61.84 -35.69
C GLU VB 16 -72.27 -62.36 -34.34
N MET VB 17 -71.44 -61.56 -33.66
CA MET VB 17 -70.92 -61.96 -32.35
C MET VB 17 -72.05 -62.15 -31.36
N GLU VB 18 -73.01 -61.23 -31.34
CA GLU VB 18 -74.14 -61.33 -30.43
C GLU VB 18 -75.00 -62.55 -30.74
N VAL VB 19 -75.25 -62.81 -32.02
CA VAL VB 19 -76.13 -63.91 -32.39
C VAL VB 19 -75.47 -65.27 -32.10
N GLU VB 20 -74.17 -65.40 -32.39
CA GLU VB 20 -73.53 -66.69 -32.20
C GLU VB 20 -73.47 -67.13 -30.75
N GLY VB 21 -73.73 -66.22 -29.80
CA GLY VB 21 -73.73 -66.58 -28.40
C GLY VB 21 -72.37 -66.42 -27.76
N SER VB 22 -71.74 -65.27 -27.95
CA SER VB 22 -70.44 -64.97 -27.39
C SER VB 22 -70.44 -63.79 -26.43
N LEU VB 23 -71.20 -62.74 -26.75
CA LEU VB 23 -71.29 -61.60 -25.84
C LEU VB 23 -71.88 -62.02 -24.51
N ASP VB 24 -72.95 -62.82 -24.53
CA ASP VB 24 -73.56 -63.28 -23.29
C ASP VB 24 -72.60 -64.16 -22.50
N GLU VB 25 -71.88 -65.06 -23.19
CA GLU VB 25 -70.93 -65.92 -22.50
C GLU VB 25 -69.81 -65.12 -21.86
N THR VB 26 -69.33 -64.07 -22.53
CA THR VB 26 -68.25 -63.26 -21.98
C THR VB 26 -68.72 -62.38 -20.84
N TRP VB 27 -69.95 -61.85 -20.94
CA TRP VB 27 -70.44 -60.91 -19.94
C TRP VB 27 -71.23 -61.57 -18.82
N GLN VB 28 -71.43 -62.89 -18.87
CA GLN VB 28 -72.22 -63.55 -17.84
C GLN VB 28 -71.60 -63.36 -16.47
N ASP VB 29 -72.44 -63.01 -15.49
CA ASP VB 29 -72.00 -62.84 -14.12
C ASP VB 29 -73.16 -63.16 -13.19
N GLY VB 30 -72.87 -63.82 -12.08
CA GLY VB 30 -73.89 -64.23 -11.14
C GLY VB 30 -73.98 -63.36 -9.91
N ARG VB 31 -73.36 -62.18 -9.94
CA ARG VB 31 -73.36 -61.26 -8.82
C ARG VB 31 -74.54 -60.27 -8.86
N LYS VB 32 -75.62 -60.64 -9.53
CA LYS VB 32 -76.78 -59.76 -9.62
C LYS VB 32 -77.41 -59.55 -8.24
N ALA VB 33 -78.07 -58.40 -8.09
CA ALA VB 33 -78.74 -58.06 -6.85
C ALA VB 33 -79.98 -58.94 -6.70
N TYR VB 34 -80.74 -58.73 -5.61
CA TYR VB 34 -81.89 -59.56 -5.30
C TYR VB 34 -83.13 -58.69 -5.14
N ILE VB 35 -84.16 -58.99 -5.93
CA ILE VB 35 -85.44 -58.30 -5.80
C ILE VB 35 -86.00 -58.52 -4.39
N GLU VB 36 -85.65 -59.63 -3.76
CA GLU VB 36 -86.07 -59.84 -2.37
C GLU VB 36 -85.46 -58.79 -1.44
N ASP VB 37 -84.17 -58.51 -1.62
CA ASP VB 37 -83.54 -57.45 -0.84
C ASP VB 37 -84.16 -56.10 -1.16
N VAL VB 38 -84.47 -55.87 -2.44
CA VAL VB 38 -85.11 -54.62 -2.82
C VAL VB 38 -86.45 -54.46 -2.09
N LYS VB 39 -87.24 -55.53 -2.06
CA LYS VB 39 -88.54 -55.48 -1.40
C LYS VB 39 -88.39 -55.29 0.11
N GLU VB 40 -87.38 -55.93 0.71
CA GLU VB 40 -87.16 -55.74 2.14
C GLU VB 40 -86.81 -54.28 2.45
N ILE VB 41 -85.96 -53.68 1.62
CA ILE VB 41 -85.63 -52.27 1.81
C ILE VB 41 -86.87 -51.41 1.62
N LEU VB 42 -87.70 -51.76 0.65
CA LEU VB 42 -88.96 -51.04 0.45
C LEU VB 42 -89.82 -51.10 1.70
N GLU VB 43 -89.93 -52.28 2.31
CA GLU VB 43 -90.72 -52.43 3.51
C GLU VB 43 -90.14 -51.62 4.66
N VAL VB 44 -88.81 -51.60 4.78
CA VAL VB 44 -88.18 -50.80 5.84
C VAL VB 44 -88.50 -49.33 5.66
N LEU VB 45 -88.39 -48.84 4.42
CA LEU VB 45 -88.70 -47.43 4.16
C LEU VB 45 -90.16 -47.12 4.44
N ARG VB 46 -91.06 -48.03 4.04
CA ARG VB 46 -92.48 -47.82 4.31
C ARG VB 46 -92.75 -47.76 5.80
N SER VB 47 -92.09 -48.64 6.57
CA SER VB 47 -92.25 -48.61 8.02
C SER VB 47 -91.74 -47.30 8.59
N LEU VB 48 -90.63 -46.79 8.06
CA LEU VB 48 -90.11 -45.49 8.49
C LEU VB 48 -90.87 -44.32 7.88
N LYS VB 49 -91.90 -44.58 7.08
CA LYS VB 49 -92.79 -43.54 6.58
C LYS VB 49 -92.11 -42.67 5.52
N VAL VB 50 -91.28 -43.28 4.69
CA VAL VB 50 -90.72 -42.60 3.54
C VAL VB 50 -91.79 -42.52 2.44
N ARG VB 51 -91.74 -41.46 1.65
CA ARG VB 51 -92.74 -41.21 0.62
C ARG VB 51 -92.15 -41.47 -0.76
N ASP VB 52 -93.02 -41.87 -1.68
CA ASP VB 52 -92.68 -42.00 -3.09
C ASP VB 52 -91.43 -42.86 -3.29
N ILE VB 53 -91.55 -44.12 -2.90
CA ILE VB 53 -90.45 -45.07 -3.07
C ILE VB 53 -90.50 -45.65 -4.47
N CYS VB 54 -89.36 -45.64 -5.15
CA CYS VB 54 -89.24 -46.19 -6.50
C CYS VB 54 -88.03 -47.12 -6.56
N ALA VB 55 -88.19 -48.22 -7.29
CA ALA VB 55 -87.10 -49.17 -7.49
C ALA VB 55 -86.94 -49.41 -8.98
N ILE VB 56 -85.86 -48.89 -9.55
CA ILE VB 56 -85.61 -48.96 -11.00
C ILE VB 56 -84.46 -49.93 -11.22
N ASP VB 57 -84.73 -51.00 -11.96
CA ASP VB 57 -83.68 -51.95 -12.30
C ASP VB 57 -82.77 -51.35 -13.37
N VAL VB 58 -81.46 -51.49 -13.15
CA VAL VB 58 -80.47 -50.91 -14.06
C VAL VB 58 -79.48 -51.97 -14.48
N SER VB 59 -79.78 -53.24 -14.16
CA SER VB 59 -78.86 -54.32 -14.51
C SER VB 59 -78.64 -54.40 -16.02
N ASN VB 60 -79.72 -54.35 -16.80
CA ASN VB 60 -79.58 -54.38 -18.24
C ASN VB 60 -78.86 -53.16 -18.77
N LYS VB 61 -79.19 -51.98 -18.25
CA LYS VB 61 -78.61 -50.73 -18.72
C LYS VB 61 -77.19 -50.56 -18.19
N THR VB 62 -76.36 -49.89 -18.98
CA THR VB 62 -75.00 -49.62 -18.56
C THR VB 62 -75.01 -48.69 -17.34
N SER VB 63 -74.41 -49.16 -16.25
CA SER VB 63 -74.41 -48.40 -15.01
C SER VB 63 -73.40 -49.05 -14.06
N ASN VB 64 -73.34 -48.55 -12.83
CA ASN VB 64 -72.48 -49.11 -11.78
C ASN VB 64 -73.31 -49.63 -10.61
N PHE VB 65 -74.60 -49.86 -10.81
CA PHE VB 65 -75.47 -50.34 -9.74
C PHE VB 65 -76.63 -51.11 -10.35
N ASP VB 66 -77.30 -51.88 -9.50
CA ASP VB 66 -78.48 -52.63 -9.89
C ASP VB 66 -79.61 -52.33 -8.91
N TYR VB 67 -80.82 -52.15 -9.43
CA TYR VB 67 -82.00 -51.89 -8.60
C TYR VB 67 -81.79 -50.64 -7.73
N MET VB 68 -81.63 -49.50 -8.39
CA MET VB 68 -81.50 -48.25 -7.67
C MET VB 68 -82.84 -47.89 -7.01
N LEU VB 69 -82.78 -47.49 -5.74
CA LEU VB 69 -83.95 -47.11 -4.99
C LEU VB 69 -83.93 -45.61 -4.74
N PHE VB 70 -85.09 -44.97 -4.90
CA PHE VB 70 -85.22 -43.53 -4.72
C PHE VB 70 -86.36 -43.26 -3.74
N GLY VB 71 -86.10 -42.39 -2.78
CA GLY VB 71 -87.12 -42.00 -1.82
C GLY VB 71 -86.99 -40.53 -1.47
N THR VB 72 -88.11 -39.94 -1.10
CA THR VB 72 -88.18 -38.54 -0.69
C THR VB 72 -88.53 -38.47 0.79
N CYS VB 73 -87.86 -37.57 1.52
CA CYS VB 73 -88.05 -37.41 2.94
C CYS VB 73 -88.38 -35.97 3.27
N GLU VB 74 -89.02 -35.76 4.43
CA GLU VB 74 -89.52 -34.45 4.81
C GLU VB 74 -88.43 -33.53 5.36
N GLY VB 75 -87.28 -34.06 5.74
CA GLY VB 75 -86.22 -33.24 6.28
C GLY VB 75 -84.92 -33.98 6.46
N PRO VB 76 -83.84 -33.24 6.75
CA PRO VB 76 -82.54 -33.90 6.95
C PRO VB 76 -82.54 -34.91 8.08
N ARG VB 77 -83.26 -34.64 9.17
CA ARG VB 77 -83.33 -35.61 10.26
C ARG VB 77 -83.99 -36.89 9.79
N HIS VB 78 -85.09 -36.77 9.03
CA HIS VB 78 -85.75 -37.95 8.49
C HIS VB 78 -84.82 -38.70 7.55
N ILE VB 79 -84.07 -37.98 6.73
CA ILE VB 79 -83.13 -38.62 5.81
C ILE VB 79 -82.10 -39.42 6.59
N HIS VB 80 -81.53 -38.80 7.63
CA HIS VB 80 -80.51 -39.49 8.43
C HIS VB 80 -81.09 -40.72 9.11
N LEU VB 81 -82.29 -40.60 9.68
CA LEU VB 81 -82.92 -41.74 10.34
C LEU VB 81 -83.17 -42.87 9.35
N ALA VB 82 -83.66 -42.54 8.15
CA ALA VB 82 -83.91 -43.57 7.15
C ALA VB 82 -82.61 -44.24 6.71
N ALA VB 83 -81.55 -43.46 6.54
CA ALA VB 83 -80.27 -44.04 6.17
C ALA VB 83 -79.76 -44.99 7.25
N TRP VB 84 -79.90 -44.58 8.52
CA TRP VB 84 -79.49 -45.46 9.61
C TRP VB 84 -80.32 -46.74 9.62
N ALA VB 85 -81.62 -46.62 9.38
CA ALA VB 85 -82.46 -47.81 9.35
C ALA VB 85 -82.06 -48.76 8.22
N VAL VB 86 -81.74 -48.20 7.04
CA VAL VB 86 -81.30 -49.04 5.93
C VAL VB 86 -80.00 -49.75 6.28
N GLN VB 87 -79.06 -49.00 6.87
CA GLN VB 87 -77.79 -49.63 7.24
C GLN VB 87 -78.00 -50.72 8.29
N GLU VB 88 -78.90 -50.49 9.25
CA GLU VB 88 -79.19 -51.52 10.24
C GLU VB 88 -79.81 -52.76 9.61
N ALA VB 89 -80.72 -52.55 8.66
CA ALA VB 89 -81.30 -53.68 7.93
C ALA VB 89 -80.22 -54.46 7.19
N ASP VB 90 -79.23 -53.75 6.65
CA ASP VB 90 -78.11 -54.40 5.97
C ASP VB 90 -77.02 -54.87 6.93
N ALA VB 91 -77.21 -54.64 8.24
CA ALA VB 91 -76.18 -54.92 9.24
C ALA VB 91 -75.50 -56.27 9.05
N LEU VB 92 -76.25 -57.27 8.59
CA LEU VB 92 -75.67 -58.61 8.44
C LEU VB 92 -74.43 -58.58 7.55
N LYS VB 93 -74.60 -58.20 6.28
CA LYS VB 93 -73.49 -58.11 5.36
C LYS VB 93 -72.84 -56.73 5.33
N ARG VB 94 -73.38 -55.77 6.07
CA ARG VB 94 -72.81 -54.43 6.09
C ARG VB 94 -71.37 -54.47 6.58
N VAL VB 95 -70.51 -53.69 5.92
CA VAL VB 95 -69.11 -53.62 6.28
C VAL VB 95 -68.76 -52.32 7.02
N CYS VB 96 -69.47 -51.23 6.74
CA CYS VB 96 -69.18 -49.95 7.38
C CYS VB 96 -70.48 -49.16 7.51
N LYS VB 97 -70.45 -48.17 8.39
CA LYS VB 97 -71.60 -47.31 8.65
C LYS VB 97 -71.44 -45.99 7.91
N ILE VB 98 -72.54 -45.25 7.83
CA ILE VB 98 -72.55 -43.94 7.21
C ILE VB 98 -71.99 -42.91 8.19
N ARG VB 99 -71.69 -41.72 7.70
CA ARG VB 99 -71.25 -40.64 8.58
C ARG VB 99 -72.37 -40.27 9.55
N ARG VB 100 -71.98 -39.92 10.78
CA ARG VB 100 -72.95 -39.44 11.76
C ARG VB 100 -73.14 -37.94 11.70
N LYS VB 101 -72.35 -37.22 10.90
CA LYS VB 101 -72.54 -35.81 10.65
C LYS VB 101 -72.93 -35.64 9.19
N GLN VB 102 -74.22 -35.37 8.96
CA GLN VB 102 -74.74 -35.31 7.60
C GLN VB 102 -74.06 -34.21 6.80
N VAL VB 103 -73.25 -34.60 5.81
CA VAL VB 103 -72.55 -33.61 4.99
C VAL VB 103 -73.54 -32.84 4.13
N ASP VB 104 -74.45 -33.55 3.48
CA ASP VB 104 -75.46 -32.95 2.61
C ASP VB 104 -76.81 -33.07 3.29
N HIS VB 105 -77.38 -31.93 3.68
CA HIS VB 105 -78.64 -31.90 4.41
C HIS VB 105 -79.86 -32.09 3.51
N THR VB 106 -79.67 -32.46 2.25
CA THR VB 106 -80.79 -32.69 1.35
C THR VB 106 -80.62 -33.93 0.48
N TRP VB 107 -79.60 -34.75 0.72
CA TRP VB 107 -79.35 -35.93 -0.10
C TRP VB 107 -78.42 -36.86 0.66
N GLU VB 108 -78.89 -38.10 0.89
CA GLU VB 108 -78.06 -39.10 1.54
C GLU VB 108 -78.21 -40.40 0.77
N VAL VB 109 -77.08 -41.02 0.44
CA VAL VB 109 -77.05 -42.24 -0.36
C VAL VB 109 -76.41 -43.36 0.46
N VAL VB 110 -77.13 -44.47 0.59
CA VAL VB 110 -76.65 -45.66 1.27
C VAL VB 110 -76.37 -46.73 0.22
N PRO VB 111 -75.12 -47.12 -0.01
CA PRO VB 111 -74.85 -48.21 -0.95
C PRO VB 111 -74.95 -49.57 -0.25
N VAL VB 112 -75.77 -50.45 -0.81
CA VAL VB 112 -75.96 -51.79 -0.28
C VAL VB 112 -75.55 -52.76 -1.40
N GLY VB 113 -74.28 -53.13 -1.41
CA GLY VB 113 -73.78 -54.02 -2.44
C GLY VB 113 -74.09 -53.51 -3.84
N ARG VB 114 -74.76 -54.33 -4.64
CA ARG VB 114 -75.21 -53.90 -5.95
C ARG VB 114 -76.36 -52.90 -5.89
N ILE VB 115 -77.04 -52.81 -4.74
CA ILE VB 115 -78.18 -51.92 -4.59
C ILE VB 115 -77.73 -50.64 -3.91
N ILE VB 116 -78.31 -49.52 -4.35
CA ILE VB 116 -78.01 -48.21 -3.80
C ILE VB 116 -79.31 -47.46 -3.59
N VAL VB 117 -79.45 -46.86 -2.40
CA VAL VB 117 -80.67 -46.15 -2.01
C VAL VB 117 -80.34 -44.68 -1.88
N ASN VB 118 -81.13 -43.82 -2.51
CA ASN VB 118 -80.93 -42.38 -2.48
C ASN VB 118 -82.16 -41.74 -1.83
N LEU VB 119 -81.96 -41.08 -0.70
CA LEU VB 119 -83.01 -40.37 0.02
C LEU VB 119 -82.77 -38.88 -0.12
N MET VB 120 -83.72 -38.18 -0.72
CA MET VB 120 -83.62 -36.75 -0.96
C MET VB 120 -84.85 -36.05 -0.42
N GLN VB 121 -84.85 -34.72 -0.51
CA GLN VB 121 -86.05 -33.94 -0.27
C GLN VB 121 -86.82 -33.78 -1.58
N GLU VB 122 -88.06 -33.33 -1.48
CA GLU VB 122 -88.90 -33.23 -2.67
C GLU VB 122 -88.31 -32.26 -3.68
N SER VB 123 -87.80 -31.12 -3.21
CA SER VB 123 -87.24 -30.13 -4.13
C SER VB 123 -86.07 -30.69 -4.92
N LEU VB 124 -85.12 -31.31 -4.22
CA LEU VB 124 -83.94 -31.85 -4.91
C LEU VB 124 -84.32 -33.02 -5.80
N ARG VB 125 -85.27 -33.86 -5.35
CA ARG VB 125 -85.71 -34.98 -6.17
C ARG VB 125 -86.31 -34.48 -7.48
N GLU VB 126 -87.15 -33.44 -7.41
CA GLU VB 126 -87.70 -32.87 -8.63
C GLU VB 126 -86.62 -32.21 -9.48
N GLU VB 127 -85.65 -31.56 -8.85
CA GLU VB 127 -84.56 -30.94 -9.58
C GLU VB 127 -83.80 -31.98 -10.41
N LEU VB 128 -83.18 -32.95 -9.74
CA LEU VB 128 -82.46 -34.02 -10.42
C LEU VB 128 -83.38 -35.24 -10.51
N SER VB 129 -83.82 -35.55 -11.73
CA SER VB 129 -84.75 -36.66 -11.96
C SER VB 129 -83.97 -37.90 -12.37
N LEU VB 130 -83.22 -38.45 -11.40
CA LEU VB 130 -82.47 -39.66 -11.65
C LEU VB 130 -83.40 -40.82 -12.01
N GLU VB 131 -84.56 -40.88 -11.36
CA GLU VB 131 -85.53 -41.93 -11.68
C GLU VB 131 -85.93 -41.88 -13.15
N ARG VB 132 -86.27 -40.69 -13.64
CA ARG VB 132 -86.66 -40.56 -15.04
C ARG VB 132 -85.52 -40.95 -15.97
N LYS VB 133 -84.31 -40.50 -15.66
CA LYS VB 133 -83.17 -40.82 -16.52
C LYS VB 133 -82.93 -42.32 -16.59
N TRP VB 134 -82.95 -42.99 -15.44
CA TRP VB 134 -82.67 -44.43 -15.41
C TRP VB 134 -83.84 -45.26 -15.91
N ALA VB 135 -85.05 -44.72 -15.93
CA ALA VB 135 -86.17 -45.43 -16.53
C ALA VB 135 -86.23 -45.23 -18.04
N VAL VB 136 -85.74 -44.10 -18.53
CA VAL VB 136 -85.82 -43.80 -19.96
C VAL VB 136 -84.60 -44.33 -20.70
N THR VB 137 -83.44 -44.41 -20.05
CA THR VB 137 -82.25 -44.87 -20.72
C THR VB 137 -82.46 -46.28 -21.27
N LYS VB 138 -82.06 -46.47 -22.53
CA LYS VB 138 -82.23 -47.75 -23.19
C LYS VB 138 -81.22 -48.77 -22.65
N CYS VB 139 -81.57 -50.05 -22.79
CA CYS VB 139 -80.73 -51.13 -22.31
C CYS VB 139 -79.41 -51.16 -23.05
N MET VB 140 -78.49 -52.03 -22.64
CA MET VB 140 -77.16 -52.12 -23.23
C MET VB 140 -77.25 -52.92 -24.53
N ASP VB 141 -77.36 -52.22 -25.65
CA ASP VB 141 -77.37 -52.86 -26.95
C ASP VB 141 -75.93 -53.01 -27.44
N PRO VB 142 -75.44 -54.22 -27.72
CA PRO VB 142 -74.08 -54.35 -28.22
C PRO VB 142 -73.82 -53.55 -29.48
N LEU VB 143 -74.82 -53.42 -30.36
CA LEU VB 143 -74.67 -52.65 -31.58
C LEU VB 143 -74.64 -51.15 -31.33
N SER VB 144 -75.01 -50.69 -30.13
CA SER VB 144 -75.01 -49.26 -29.85
C SER VB 144 -73.62 -48.64 -29.99
N VAL VB 145 -72.56 -49.41 -29.75
CA VAL VB 145 -71.20 -48.90 -29.92
C VAL VB 145 -70.81 -48.73 -31.38
N ALA VB 146 -71.63 -49.22 -32.30
CA ALA VB 146 -71.37 -49.09 -33.74
C ALA VB 146 -71.88 -47.75 -34.28
N ASN VB 147 -71.42 -46.66 -33.66
CA ASN VB 147 -71.79 -45.33 -34.11
C ASN VB 147 -70.55 -44.43 -34.14
N ALA VB 148 -70.71 -43.19 -34.60
CA ALA VB 148 -69.58 -42.29 -34.69
C ALA VB 148 -69.14 -41.86 -33.28
N PRO VB 149 -67.85 -41.54 -33.10
CA PRO VB 149 -67.40 -41.03 -31.81
C PRO VB 149 -68.03 -39.68 -31.47
N VAL VB 150 -67.84 -39.22 -30.24
CA VAL VB 150 -68.36 -37.94 -29.81
C VAL VB 150 -67.32 -37.19 -28.98
N SER WB 1 37.27 71.95 -47.93
CA SER WB 1 37.57 70.79 -48.76
C SER WB 1 37.32 69.50 -47.99
N PHE WB 2 38.19 69.20 -47.04
CA PHE WB 2 38.06 67.99 -46.22
C PHE WB 2 37.10 68.30 -45.08
N ASN WB 3 35.81 68.06 -45.29
CA ASN WB 3 34.81 68.28 -44.26
C ASN WB 3 33.68 67.27 -44.46
N LEU WB 4 32.99 66.98 -43.37
CA LEU WB 4 31.91 65.99 -43.39
C LEU WB 4 30.56 66.70 -43.39
N PRO WB 5 29.55 66.14 -44.06
CA PRO WB 5 28.23 66.78 -44.08
C PRO WB 5 27.65 66.91 -42.68
N ARG WB 6 26.97 68.04 -42.46
CA ARG WB 6 26.26 68.25 -41.20
C ARG WB 6 25.15 67.22 -41.07
N GLU WB 7 25.06 66.58 -39.90
CA GLU WB 7 24.10 65.52 -39.69
C GLU WB 7 23.78 65.40 -38.21
N ARG WB 8 22.55 65.00 -37.90
CA ARG WB 8 22.14 64.84 -36.51
C ARG WB 8 22.91 63.68 -35.88
N GLN WB 9 23.15 63.81 -34.57
CA GLN WB 9 23.90 62.79 -33.84
C GLN WB 9 22.98 61.72 -33.25
N ILE WB 10 21.99 62.13 -32.47
CA ILE WB 10 21.02 61.17 -31.94
C ILE WB 10 20.26 60.55 -33.11
N LEU WB 11 20.22 59.22 -33.13
CA LEU WB 11 19.65 58.48 -34.26
C LEU WB 11 18.17 58.20 -34.02
N GLY WB 12 17.44 58.00 -35.12
CA GLY WB 12 16.03 57.70 -35.03
C GLY WB 12 15.12 58.89 -34.92
N GLY WB 13 15.66 60.11 -35.00
CA GLY WB 13 14.84 61.30 -34.88
C GLY WB 13 14.33 61.54 -33.47
N LEU WB 14 14.95 60.87 -32.50
CA LEU WB 14 14.56 61.04 -31.11
C LEU WB 14 14.99 62.41 -30.61
N HIS WB 15 14.66 62.71 -29.36
CA HIS WB 15 15.01 63.97 -28.72
C HIS WB 15 15.78 63.69 -27.44
N ALA WB 16 16.76 64.54 -27.16
CA ALA WB 16 17.56 64.39 -25.95
C ALA WB 16 16.80 64.76 -24.68
N ASP WB 17 15.60 65.33 -24.80
CA ASP WB 17 14.81 65.76 -23.65
C ASP WB 17 13.62 64.83 -23.50
N TRP WB 18 13.58 64.10 -22.39
CA TRP WB 18 12.46 63.21 -22.13
C TRP WB 18 11.15 63.98 -22.02
N ARG WB 19 11.19 65.26 -21.66
CA ARG WB 19 9.97 66.05 -21.65
C ARG WB 19 9.44 66.27 -23.08
N THR WB 20 10.35 66.60 -24.01
CA THR WB 20 9.94 66.71 -25.40
C THR WB 20 9.40 65.38 -25.92
N GLN WB 21 10.06 64.28 -25.57
CA GLN WB 21 9.57 62.97 -25.99
C GLN WB 21 8.20 62.68 -25.38
N MET WB 22 7.97 63.09 -24.13
CA MET WB 22 6.68 62.89 -23.50
C MET WB 22 5.58 63.65 -24.23
N LYS WB 23 5.82 64.93 -24.52
CA LYS WB 23 4.80 65.71 -25.22
C LYS WB 23 4.55 65.15 -26.62
N ARG WB 24 5.60 64.60 -27.25
CA ARG WB 24 5.37 63.90 -28.52
C ARG WB 24 4.49 62.67 -28.32
N SER WB 25 4.73 61.90 -27.26
CA SER WB 25 3.90 60.75 -26.97
C SER WB 25 2.44 61.16 -26.85
N GLY WB 26 2.13 62.05 -25.90
CA GLY WB 26 0.83 62.68 -25.86
C GLY WB 26 -0.12 62.22 -24.77
N SER WB 27 -1.28 61.71 -25.19
CA SER WB 27 -2.43 61.61 -24.29
C SER WB 27 -2.12 60.74 -23.08
N ILE WB 28 -1.54 59.56 -23.29
CA ILE WB 28 -1.36 58.59 -22.21
C ILE WB 28 -0.50 59.21 -21.10
N LEU WB 29 0.41 60.10 -21.46
CA LEU WB 29 1.28 60.75 -20.50
C LEU WB 29 0.73 62.10 -20.03
N ASN WB 30 0.45 63.00 -20.97
CA ASN WB 30 -0.12 64.31 -20.63
C ASN WB 30 -1.64 64.22 -20.79
N ASP WB 31 -2.29 63.82 -19.69
CA ASP WB 31 -3.74 63.66 -19.70
C ASP WB 31 -4.46 64.99 -19.84
N ILE WB 32 -3.91 66.04 -19.24
CA ILE WB 32 -4.58 67.33 -19.21
C ILE WB 32 -4.42 68.01 -20.55
N THR WB 33 -5.55 68.33 -21.20
CA THR WB 33 -5.52 69.03 -22.47
C THR WB 33 -5.13 70.49 -22.25
N PRO WB 34 -4.61 71.16 -23.29
CA PRO WB 34 -4.19 72.56 -23.13
C PRO WB 34 -5.37 73.49 -22.91
N ALA WB 35 -5.09 74.77 -22.68
CA ALA WB 35 -6.15 75.74 -22.47
C ALA WB 35 -7.05 75.83 -23.69
N LEU WB 36 -8.35 76.00 -23.44
CA LEU WB 36 -9.34 76.08 -24.51
C LEU WB 36 -9.55 77.53 -24.88
N PRO WB 37 -9.22 77.96 -26.10
CA PRO WB 37 -9.46 79.35 -26.49
C PRO WB 37 -10.93 79.61 -26.75
N ASP WB 38 -11.26 80.89 -26.85
CA ASP WB 38 -12.64 81.31 -27.12
C ASP WB 38 -13.08 80.73 -28.46
N THR WB 39 -14.27 80.13 -28.48
CA THR WB 39 -14.77 79.52 -29.70
C THR WB 39 -15.15 80.60 -30.71
N LYS WB 40 -15.09 80.22 -32.00
CA LYS WB 40 -15.44 81.12 -33.10
C LYS WB 40 -16.96 81.13 -33.23
N ARG WB 41 -17.59 82.18 -32.73
CA ARG WB 41 -19.05 82.32 -32.79
C ARG WB 41 -19.41 83.11 -34.03
N THR WB 42 -20.17 82.50 -34.93
CA THR WB 42 -20.60 83.17 -36.15
C THR WB 42 -21.74 84.14 -35.85
N GLU WB 43 -21.98 85.04 -36.80
CA GLU WB 43 -23.08 85.99 -36.65
C GLU WB 43 -24.42 85.27 -36.55
N GLU WB 44 -24.61 84.23 -37.37
CA GLU WB 44 -25.84 83.45 -37.29
C GLU WB 44 -25.97 82.79 -35.92
N GLN WB 45 -24.87 82.25 -35.39
CA GLN WB 45 -24.91 81.63 -34.07
C GLN WB 45 -25.27 82.66 -33.00
N ARG WB 46 -24.71 83.86 -33.08
CA ARG WB 46 -25.05 84.91 -32.14
C ARG WB 46 -26.53 85.28 -32.24
N ARG WB 47 -27.04 85.38 -33.47
CA ARG WB 47 -28.46 85.71 -33.65
C ARG WB 47 -29.35 84.63 -33.05
N ARG WB 48 -29.01 83.36 -33.27
CA ARG WB 48 -29.80 82.28 -32.70
C ARG WB 48 -29.75 82.31 -31.17
N VAL WB 49 -28.56 82.56 -30.61
CA VAL WB 49 -28.45 82.63 -29.15
C VAL WB 49 -29.31 83.76 -28.61
N ALA WB 50 -29.30 84.91 -29.29
CA ALA WB 50 -30.15 86.02 -28.87
C ALA WB 50 -31.62 85.63 -28.96
N GLY WB 51 -32.00 84.91 -30.02
CA GLY WB 51 -33.38 84.49 -30.19
C GLY WB 51 -33.84 83.43 -29.21
N TRP WB 52 -32.90 82.70 -28.60
CA TRP WB 52 -33.27 81.69 -27.62
C TRP WB 52 -34.13 82.30 -26.51
N ARG WB 53 -34.83 81.43 -25.80
CA ARG WB 53 -35.65 81.81 -24.66
C ARG WB 53 -35.33 80.91 -23.48
N PRO WB 54 -35.44 81.41 -22.25
CA PRO WB 54 -35.15 80.58 -21.07
C PRO WB 54 -36.35 79.75 -20.67
N VAL WB 55 -36.22 78.42 -20.78
CA VAL WB 55 -37.30 77.55 -20.34
C VAL WB 55 -37.40 77.51 -18.82
N VAL WB 56 -36.34 77.88 -18.11
CA VAL WB 56 -36.36 78.01 -16.66
C VAL WB 56 -35.79 79.37 -16.30
N LYS WB 57 -36.20 79.88 -15.14
CA LYS WB 57 -35.78 81.19 -14.66
C LYS WB 57 -34.55 81.03 -13.78
N LEU WB 58 -33.46 81.67 -14.17
CA LEU WB 58 -32.25 81.66 -13.36
C LEU WB 58 -32.38 82.66 -12.22
N LEU WB 59 -32.07 82.21 -11.01
CA LEU WB 59 -32.24 83.04 -9.82
C LEU WB 59 -30.94 83.73 -9.47
N GLY WB 60 -31.01 85.05 -9.28
CA GLY WB 60 -29.86 85.82 -8.85
C GLY WB 60 -29.63 85.65 -7.35
N ASP WB 61 -28.54 84.98 -7.00
CA ASP WB 61 -28.23 84.73 -5.59
C ASP WB 61 -28.30 86.01 -4.78
N GLN WB 62 -29.21 86.05 -3.81
CA GLN WB 62 -29.37 87.24 -2.98
C GLN WB 62 -28.09 87.59 -2.23
N ARG WB 63 -27.27 86.59 -1.90
CA ARG WB 63 -26.04 86.86 -1.18
C ARG WB 63 -25.05 87.60 -2.06
N LEU WB 64 -24.09 88.27 -1.41
CA LEU WB 64 -23.10 89.06 -2.13
C LEU WB 64 -22.33 88.17 -3.10
N ARG WB 65 -22.20 88.62 -4.35
CA ARG WB 65 -21.51 87.88 -5.39
C ARG WB 65 -20.10 88.47 -5.55
N ILE WB 66 -19.09 87.63 -5.31
CA ILE WB 66 -17.70 88.04 -5.45
C ILE WB 66 -17.01 87.09 -6.41
N ALA WB 67 -16.36 87.64 -7.43
CA ALA WB 67 -15.71 86.84 -8.46
C ALA WB 67 -14.21 87.04 -8.40
N ILE WB 68 -13.46 85.95 -8.59
CA ILE WB 68 -12.01 85.98 -8.58
C ILE WB 68 -11.52 85.92 -10.02
N VAL WB 69 -10.63 86.84 -10.38
CA VAL WB 69 -10.12 86.95 -11.73
C VAL WB 69 -8.60 87.04 -11.67
N GLY WB 70 -7.97 86.85 -12.84
CA GLY WB 70 -6.52 86.89 -12.93
C GLY WB 70 -5.99 85.99 -14.02
N ARG WB 71 -4.67 85.88 -14.14
CA ARG WB 71 -4.07 85.03 -15.15
C ARG WB 71 -4.08 83.58 -14.68
N MET WB 72 -3.66 82.69 -15.57
CA MET WB 72 -3.60 81.27 -15.24
C MET WB 72 -2.50 81.00 -14.22
N ASN WB 73 -2.73 79.96 -13.42
CA ASN WB 73 -1.80 79.55 -12.35
C ASN WB 73 -1.57 80.67 -11.36
N SER WB 74 -2.58 81.50 -11.10
CA SER WB 74 -2.46 82.60 -10.16
C SER WB 74 -2.96 82.23 -8.77
N GLY WB 75 -3.34 80.97 -8.54
CA GLY WB 75 -3.89 80.57 -7.27
C GLY WB 75 -5.37 80.83 -7.12
N LYS WB 76 -6.06 81.21 -8.19
CA LYS WB 76 -7.48 81.54 -8.09
C LYS WB 76 -8.29 80.33 -7.66
N SER WB 77 -8.03 79.16 -8.25
CA SER WB 77 -8.80 77.97 -7.90
C SER WB 77 -8.51 77.54 -6.46
N SER WB 78 -7.24 77.64 -6.04
CA SER WB 78 -6.90 77.30 -4.66
C SER WB 78 -7.61 78.22 -3.69
N LEU WB 79 -7.61 79.53 -3.96
CA LEU WB 79 -8.34 80.46 -3.11
C LEU WB 79 -9.83 80.15 -3.10
N PHE WB 80 -10.39 79.80 -4.25
CA PHE WB 80 -11.81 79.47 -4.33
C PHE WB 80 -12.13 78.27 -3.48
N ASN WB 81 -11.33 77.20 -3.56
CA ASN WB 81 -11.63 76.00 -2.81
C ASN WB 81 -11.30 76.17 -1.33
N LEU WB 82 -10.43 77.12 -0.98
CA LEU WB 82 -10.22 77.43 0.43
C LEU WB 82 -11.42 78.18 1.01
N LEU WB 83 -11.95 79.15 0.26
CA LEU WB 83 -13.07 79.93 0.75
C LEU WB 83 -14.38 79.13 0.76
N ARG WB 84 -14.58 78.29 -0.26
CA ARG WB 84 -15.85 77.59 -0.40
C ARG WB 84 -16.03 76.55 0.70
N LEU WB 85 -17.29 76.30 1.04
CA LEU WB 85 -17.65 75.27 2.02
C LEU WB 85 -19.04 74.78 1.69
N GLU WB 86 -19.14 73.56 1.17
CA GLU WB 86 -20.42 72.99 0.75
C GLU WB 86 -20.90 72.03 1.84
N PRO WB 87 -21.92 72.39 2.64
CA PRO WB 87 -22.39 71.47 3.66
C PRO WB 87 -23.27 70.35 3.14
N THR WB 88 -23.79 70.47 1.91
CA THR WB 88 -24.74 69.51 1.38
C THR WB 88 -24.16 68.58 0.32
N VAL WB 89 -23.06 68.98 -0.34
CA VAL WB 89 -22.47 68.17 -1.40
C VAL WB 89 -20.97 68.02 -1.13
N PRO WB 90 -20.58 67.12 -0.23
CA PRO WB 90 -19.16 66.90 0.03
C PRO WB 90 -18.44 66.39 -1.21
N GLY WB 91 -17.15 66.72 -1.29
CA GLY WB 91 -16.32 66.33 -2.42
C GLY WB 91 -16.29 67.31 -3.58
N ARG WB 92 -16.93 68.46 -3.43
CA ARG WB 92 -16.93 69.49 -4.48
C ARG WB 92 -15.65 70.31 -4.36
N SER WB 93 -14.57 69.74 -4.88
CA SER WB 93 -13.27 70.41 -4.93
C SER WB 93 -12.90 70.67 -6.38
N ASN WB 94 -12.66 71.95 -6.70
CA ASN WB 94 -12.26 72.33 -8.05
C ASN WB 94 -10.89 71.77 -8.37
N VAL WB 95 -10.74 71.26 -9.58
CA VAL WB 95 -9.46 70.70 -10.01
C VAL WB 95 -8.38 71.76 -9.91
N VAL WB 96 -7.27 71.42 -9.27
CA VAL WB 96 -6.12 72.30 -9.16
C VAL WB 96 -4.88 71.54 -9.61
N ARG WB 97 -4.13 72.12 -10.53
CA ARG WB 97 -2.93 71.49 -11.06
C ARG WB 97 -1.94 72.59 -11.44
N ASP WB 98 -0.70 72.17 -11.70
CA ASP WB 98 0.37 73.10 -12.04
C ASP WB 98 0.37 73.49 -13.52
N PHE WB 99 -0.56 72.93 -14.31
CA PHE WB 99 -0.64 73.27 -15.72
C PHE WB 99 -1.33 74.62 -15.90
N ASP WB 100 -1.51 75.03 -17.15
CA ASP WB 100 -2.10 76.31 -17.50
C ASP WB 100 -3.54 76.08 -17.97
N GLY WB 101 -4.46 76.90 -17.45
CA GLY WB 101 -5.84 76.82 -17.86
C GLY WB 101 -6.53 75.51 -17.54
N ILE WB 102 -6.30 74.97 -16.34
CA ILE WB 102 -6.97 73.74 -15.95
C ILE WB 102 -8.47 73.97 -15.81
N THR WB 103 -8.86 75.14 -15.30
CA THR WB 103 -10.26 75.48 -15.14
C THR WB 103 -10.85 75.79 -16.51
N ARG WB 104 -11.79 74.95 -16.96
CA ARG WB 104 -12.39 75.15 -18.28
C ARG WB 104 -13.53 76.16 -18.21
N ASP WB 105 -14.48 75.96 -17.32
CA ASP WB 105 -15.70 76.75 -17.24
C ASP WB 105 -15.82 77.40 -15.88
N SER WB 106 -16.54 78.52 -15.85
CA SER WB 106 -16.77 79.23 -14.61
C SER WB 106 -17.58 78.38 -13.63
N VAL WB 107 -17.27 78.52 -12.34
CA VAL WB 107 -17.96 77.80 -11.28
C VAL WB 107 -18.35 78.81 -10.20
N GLU WB 108 -19.38 78.45 -9.44
CA GLU WB 108 -19.88 79.31 -8.37
C GLU WB 108 -20.23 78.44 -7.18
N GLY WB 109 -19.97 78.96 -5.98
CA GLY WB 109 -20.26 78.21 -4.77
C GLY WB 109 -20.34 79.11 -3.57
N GLN WB 110 -21.11 78.69 -2.57
CA GLN WB 110 -21.27 79.46 -1.35
C GLN WB 110 -20.02 79.34 -0.49
N ALA WB 111 -19.55 80.49 0.00
CA ALA WB 111 -18.35 80.55 0.81
C ALA WB 111 -18.58 81.48 2.00
N GLN WB 112 -17.81 81.25 3.05
CA GLN WB 112 -17.87 82.08 4.25
C GLN WB 112 -16.48 82.17 4.86
N LEU WB 113 -16.11 83.36 5.31
CA LEU WB 113 -14.80 83.61 5.89
C LEU WB 113 -14.86 83.74 7.41
N GLU WB 114 -15.70 84.62 7.92
CA GLU WB 114 -15.80 84.86 9.36
C GLU WB 114 -17.27 85.03 9.76
N GLY WB 115 -18.10 84.08 9.34
CA GLY WB 115 -19.52 84.17 9.57
C GLY WB 115 -20.26 84.96 8.51
N MET WB 116 -19.57 85.53 7.54
CA MET WB 116 -20.18 86.26 6.44
C MET WB 116 -20.40 85.29 5.29
N HIS WB 117 -21.66 84.99 4.99
CA HIS WB 117 -22.00 84.07 3.92
C HIS WB 117 -22.20 84.84 2.62
N PHE WB 118 -21.45 84.45 1.58
CA PHE WB 118 -21.60 85.05 0.26
C PHE WB 118 -21.42 83.94 -0.77
N THR WB 119 -21.50 84.31 -2.04
CA THR WB 119 -21.27 83.38 -3.14
C THR WB 119 -20.04 83.84 -3.92
N ILE WB 120 -19.07 82.93 -4.06
CA ILE WB 120 -17.82 83.21 -4.73
C ILE WB 120 -17.80 82.48 -6.06
N ILE WB 121 -17.17 83.12 -7.05
CA ILE WB 121 -17.15 82.65 -8.42
C ILE WB 121 -15.71 82.52 -8.86
N ASP WB 122 -15.38 81.39 -9.48
CA ASP WB 122 -14.10 81.18 -10.13
C ASP WB 122 -14.31 81.19 -11.64
N THR WB 123 -13.40 81.84 -12.36
CA THR WB 123 -13.51 81.97 -13.80
C THR WB 123 -12.24 81.46 -14.46
N PRO WB 124 -12.34 81.00 -15.71
CA PRO WB 124 -11.13 80.54 -16.41
C PRO WB 124 -10.10 81.64 -16.54
N GLY WB 125 -8.83 81.25 -16.46
CA GLY WB 125 -7.76 82.21 -16.61
C GLY WB 125 -7.70 82.79 -18.01
N MET WB 126 -7.08 83.96 -18.12
CA MET WB 126 -6.98 84.63 -19.41
C MET WB 126 -6.26 83.75 -20.41
N VAL WB 127 -6.85 83.62 -21.60
CA VAL WB 127 -6.28 82.84 -22.69
C VAL WB 127 -6.28 83.71 -23.94
N GLN WB 128 -5.14 83.77 -24.62
CA GLN WB 128 -4.96 84.62 -25.79
C GLN WB 128 -5.16 86.09 -25.48
N GLY WB 129 -5.10 86.47 -24.20
CA GLY WB 129 -5.31 87.85 -23.82
C GLY WB 129 -6.74 88.33 -23.96
N ARG WB 130 -7.70 87.41 -24.04
CA ARG WB 130 -9.11 87.75 -24.19
C ARG WB 130 -9.92 86.73 -23.42
N MET WB 131 -10.47 87.13 -22.28
CA MET WB 131 -11.27 86.22 -21.47
C MET WB 131 -12.49 85.76 -22.24
N VAL WB 132 -12.92 84.53 -21.97
CA VAL WB 132 -14.04 83.93 -22.68
C VAL WB 132 -15.33 84.66 -22.31
N GLU WB 133 -16.32 84.56 -23.20
CA GLU WB 133 -17.57 85.28 -23.01
C GLU WB 133 -18.29 84.83 -21.73
N GLU WB 134 -18.19 83.55 -21.39
CA GLU WB 134 -18.76 83.08 -20.13
C GLU WB 134 -18.10 83.78 -18.95
N ALA WB 135 -16.77 83.93 -18.99
CA ALA WB 135 -16.07 84.64 -17.94
C ALA WB 135 -16.51 86.10 -17.87
N PHE WB 136 -16.67 86.75 -19.02
CA PHE WB 136 -17.13 88.13 -19.03
C PHE WB 136 -18.53 88.23 -18.39
N ARG WB 137 -19.42 87.32 -18.77
CA ARG WB 137 -20.78 87.35 -18.22
C ARG WB 137 -20.77 87.16 -16.71
N THR WB 138 -19.99 86.18 -16.24
CA THR WB 138 -19.93 85.92 -14.80
C THR WB 138 -19.34 87.11 -14.05
N VAL WB 139 -18.28 87.71 -14.58
CA VAL WB 139 -17.66 88.85 -13.92
C VAL WB 139 -18.64 90.02 -13.86
N GLU WB 140 -19.35 90.28 -14.96
CA GLU WB 140 -20.33 91.36 -14.96
C GLU WB 140 -21.45 91.08 -13.96
N THR WB 141 -21.90 89.83 -13.86
CA THR WB 141 -22.94 89.50 -12.89
C THR WB 141 -22.44 89.70 -11.47
N ALA WB 142 -21.19 89.35 -11.20
CA ALA WB 142 -20.64 89.44 -9.85
C ALA WB 142 -20.64 90.89 -9.36
N ASP WB 143 -20.94 91.06 -8.07
CA ASP WB 143 -20.99 92.37 -7.44
C ASP WB 143 -19.62 92.96 -7.17
N ALA WB 144 -18.66 92.14 -6.74
CA ALA WB 144 -17.31 92.60 -6.45
C ALA WB 144 -16.31 91.64 -7.07
N ALA WB 145 -15.07 92.10 -7.21
CA ALA WB 145 -14.04 91.30 -7.85
C ALA WB 145 -12.75 91.35 -7.04
N ILE WB 146 -12.06 90.22 -7.02
CA ILE WB 146 -10.70 90.15 -6.47
C ILE WB 146 -9.78 89.73 -7.61
N PHE WB 147 -8.82 90.58 -7.93
CA PHE WB 147 -7.82 90.31 -8.96
C PHE WB 147 -6.61 89.69 -8.28
N VAL WB 148 -6.38 88.41 -8.54
CA VAL WB 148 -5.32 87.66 -7.88
C VAL WB 148 -4.15 87.50 -8.85
N THR WB 149 -2.94 87.77 -8.36
CA THR WB 149 -1.73 87.67 -9.16
C THR WB 149 -0.65 86.96 -8.37
N ALA WB 150 0.28 86.34 -9.11
CA ALA WB 150 1.41 85.64 -8.53
C ALA WB 150 2.64 86.54 -8.56
N VAL WB 151 3.66 86.15 -7.79
CA VAL WB 151 4.92 86.87 -7.75
C VAL WB 151 6.01 86.19 -8.56
N ASP WB 152 5.88 84.91 -8.87
CA ASP WB 152 6.84 84.21 -9.70
C ASP WB 152 6.66 84.51 -11.18
N GLU WB 153 5.86 85.51 -11.53
CA GLU WB 153 5.58 85.84 -12.92
C GLU WB 153 5.18 87.32 -12.95
N ASP WB 154 6.02 88.14 -13.57
CA ASP WB 154 5.77 89.58 -13.59
C ASP WB 154 4.45 89.87 -14.29
N ILE WB 155 3.85 91.00 -13.94
CA ILE WB 155 2.58 91.39 -14.53
C ILE WB 155 2.72 91.44 -16.06
N MET WB 156 1.62 91.18 -16.74
CA MET WB 156 1.59 90.98 -18.18
C MET WB 156 0.61 91.94 -18.83
N PRO WB 157 0.79 92.21 -20.12
CA PRO WB 157 -0.19 93.07 -20.81
C PRO WB 157 -1.60 92.51 -20.75
N GLU WB 158 -1.76 91.19 -20.68
CA GLU WB 158 -3.09 90.61 -20.51
C GLU WB 158 -3.70 91.05 -19.19
N GLU WB 159 -2.91 91.01 -18.11
CA GLU WB 159 -3.42 91.48 -16.81
C GLU WB 159 -3.72 92.97 -16.85
N LEU WB 160 -2.86 93.75 -17.51
CA LEU WB 160 -3.12 95.18 -17.62
C LEU WB 160 -4.43 95.45 -18.36
N SER WB 161 -4.67 94.71 -19.45
CA SER WB 161 -5.91 94.89 -20.20
C SER WB 161 -7.11 94.47 -19.37
N LEU WB 162 -6.98 93.38 -18.60
CA LEU WB 162 -8.09 92.97 -17.75
C LEU WB 162 -8.40 94.02 -16.69
N MET WB 163 -7.35 94.61 -16.09
CA MET WB 163 -7.56 95.67 -15.11
C MET WB 163 -8.24 96.88 -15.76
N GLN WB 164 -7.80 97.24 -16.96
CA GLN WB 164 -8.42 98.37 -17.65
C GLN WB 164 -9.89 98.07 -17.96
N TYR WB 165 -10.19 96.84 -18.37
CA TYR WB 165 -11.57 96.45 -18.64
C TYR WB 165 -12.43 96.54 -17.37
N LEU WB 166 -11.90 96.06 -16.25
CA LEU WB 166 -12.64 96.15 -15.00
C LEU WB 166 -12.87 97.61 -14.61
N HIS WB 167 -11.85 98.46 -14.78
CA HIS WB 167 -12.03 99.89 -14.50
C HIS WB 167 -13.10 100.49 -15.40
N LEU WB 168 -13.09 100.13 -16.69
CA LEU WB 168 -14.09 100.66 -17.60
C LEU WB 168 -15.50 100.23 -17.20
N LYS WB 169 -15.66 98.99 -16.76
CA LYS WB 169 -16.96 98.50 -16.32
C LYS WB 169 -17.29 98.92 -14.89
N HIS WB 170 -16.38 99.61 -14.20
CA HIS WB 170 -16.64 100.14 -12.86
C HIS WB 170 -16.83 99.04 -11.83
N MET WB 171 -16.20 97.89 -12.05
CA MET WB 171 -16.32 96.79 -11.11
C MET WB 171 -15.43 97.05 -9.89
N PRO WB 172 -15.98 97.09 -8.68
CA PRO WB 172 -15.12 97.24 -7.50
C PRO WB 172 -14.15 96.08 -7.35
N VAL WB 173 -12.86 96.33 -7.54
CA VAL WB 173 -11.84 95.29 -7.59
C VAL WB 173 -10.82 95.53 -6.49
N VAL WB 174 -10.37 94.43 -5.88
CA VAL WB 174 -9.33 94.45 -4.86
C VAL WB 174 -8.20 93.54 -5.30
N LEU WB 175 -6.97 94.01 -5.14
CA LEU WB 175 -5.79 93.31 -5.64
C LEU WB 175 -5.18 92.41 -4.57
N LEU WB 176 -4.90 91.16 -4.93
CA LEU WB 176 -4.35 90.17 -4.02
C LEU WB 176 -3.13 89.52 -4.68
N ALA WB 177 -2.11 89.25 -3.86
CA ALA WB 177 -0.88 88.59 -4.32
C ALA WB 177 -0.81 87.24 -3.62
N ASN WB 178 -1.01 86.17 -4.38
CA ASN WB 178 -1.36 84.86 -3.83
C ASN WB 178 -0.16 83.94 -3.61
N LYS WB 179 1.06 84.36 -3.91
CA LYS WB 179 2.23 83.51 -3.78
C LYS WB 179 3.35 84.25 -3.06
N MET WB 180 3.01 84.89 -1.94
CA MET WB 180 3.99 85.62 -1.16
C MET WB 180 4.88 84.71 -0.33
N ASP WB 181 4.58 83.41 -0.25
CA ASP WB 181 5.45 82.48 0.47
C ASP WB 181 6.67 82.08 -0.34
N LEU WB 182 6.72 82.40 -1.62
CA LEU WB 182 7.87 82.10 -2.46
C LEU WB 182 8.84 83.27 -2.58
N ILE WB 183 8.59 84.36 -1.85
CA ILE WB 183 9.38 85.58 -2.00
C ILE WB 183 9.86 86.01 -0.61
N GLN WB 184 10.97 86.75 -0.60
CA GLN WB 184 11.62 87.17 0.63
C GLN WB 184 11.33 88.63 0.93
N GLU WB 185 11.66 89.04 2.15
CA GLU WB 185 11.25 90.37 2.64
C GLU WB 185 11.79 91.48 1.74
N GLU WB 186 13.08 91.43 1.40
CA GLU WB 186 13.65 92.48 0.55
C GLU WB 186 12.94 92.51 -0.80
N GLU WB 187 12.65 91.34 -1.36
CA GLU WB 187 11.88 91.25 -2.60
C GLU WB 187 10.40 91.54 -2.37
N GLU WB 188 9.89 91.20 -1.18
CA GLU WB 188 8.50 91.54 -0.86
C GLU WB 188 8.28 93.04 -0.94
N GLU WB 189 9.23 93.83 -0.42
CA GLU WB 189 9.10 95.27 -0.47
C GLU WB 189 8.94 95.76 -1.91
N ALA WB 190 9.81 95.28 -2.81
CA ALA WB 190 9.76 95.74 -4.20
C ALA WB 190 8.47 95.31 -4.87
N VAL WB 191 8.06 94.05 -4.71
CA VAL WB 191 6.85 93.59 -5.39
C VAL WB 191 5.62 94.33 -4.87
N LEU WB 192 5.55 94.55 -3.55
CA LEU WB 192 4.42 95.27 -3.01
C LEU WB 192 4.42 96.72 -3.45
N ASP WB 193 5.60 97.32 -3.60
CA ASP WB 193 5.68 98.69 -4.12
C ASP WB 193 5.14 98.74 -5.55
N ARG WB 194 5.52 97.77 -6.38
CA ARG WB 194 5.01 97.74 -7.75
C ARG WB 194 3.49 97.57 -7.76
N TYR WB 195 2.98 96.66 -6.94
CA TYR WB 195 1.53 96.45 -6.89
C TYR WB 195 0.81 97.70 -6.40
N ASN WB 196 1.37 98.41 -5.43
CA ASN WB 196 0.76 99.66 -4.99
C ASN WB 196 0.77 100.70 -6.10
N SER WB 197 1.89 100.81 -6.83
CA SER WB 197 1.98 101.78 -7.92
C SER WB 197 1.09 101.42 -9.09
N LEU WB 198 0.63 100.18 -9.18
CA LEU WB 198 -0.27 99.79 -10.27
C LEU WB 198 -1.45 100.76 -10.37
N GLY WB 199 -2.08 101.07 -9.24
CA GLY WB 199 -3.15 102.05 -9.24
C GLY WB 199 -4.33 101.67 -8.37
N PHE WB 200 -4.59 100.37 -8.24
CA PHE WB 200 -5.70 99.92 -7.38
C PHE WB 200 -5.46 100.36 -5.94
N GLY WB 201 -4.39 99.88 -5.34
CA GLY WB 201 -4.09 100.20 -3.95
C GLY WB 201 -3.20 99.14 -3.35
N ASN WB 202 -3.13 99.16 -2.02
CA ASN WB 202 -2.31 98.19 -1.31
C ASN WB 202 -2.78 96.78 -1.62
N ALA WB 203 -1.94 96.01 -2.29
CA ALA WB 203 -2.26 94.64 -2.63
C ALA WB 203 -2.17 93.77 -1.37
N ILE WB 204 -3.21 93.01 -1.12
CA ILE WB 204 -3.26 92.15 0.07
C ILE WB 204 -2.38 90.92 -0.17
N PRO WB 205 -1.37 90.66 0.66
CA PRO WB 205 -0.62 89.41 0.52
C PRO WB 205 -1.45 88.21 0.93
N PHE WB 206 -1.08 87.06 0.38
CA PHE WB 206 -1.83 85.84 0.60
C PHE WB 206 -0.99 84.66 0.11
N SER WB 207 -1.20 83.50 0.73
CA SER WB 207 -0.52 82.28 0.30
C SER WB 207 -1.46 81.11 0.51
N ALA WB 208 -1.87 80.47 -0.58
CA ALA WB 208 -2.82 79.37 -0.48
C ALA WB 208 -2.25 78.20 0.32
N ARG WB 209 -0.98 77.86 0.08
CA ARG WB 209 -0.38 76.76 0.83
C ARG WB 209 -0.36 77.06 2.32
N ARG WB 210 0.03 78.29 2.68
CA ARG WB 210 0.08 78.68 4.08
C ARG WB 210 -1.28 79.05 4.64
N LYS WB 211 -2.30 79.22 3.79
CA LYS WB 211 -3.62 79.63 4.22
C LYS WB 211 -3.55 80.94 5.02
N SER WB 212 -2.66 81.82 4.58
CA SER WB 212 -2.44 83.11 5.22
C SER WB 212 -3.15 84.19 4.42
N GLY WB 213 -3.79 85.13 5.13
CA GLY WB 213 -4.52 86.22 4.52
C GLY WB 213 -6.02 86.03 4.53
N LEU WB 214 -6.50 84.83 4.86
CA LEU WB 214 -7.95 84.61 4.92
C LEU WB 214 -8.60 85.52 5.94
N GLU WB 215 -7.99 85.63 7.13
CA GLU WB 215 -8.49 86.56 8.14
C GLU WB 215 -8.40 87.99 7.66
N MET WB 216 -7.32 88.35 6.96
CA MET WB 216 -7.17 89.71 6.44
C MET WB 216 -8.12 89.97 5.28
N LEU WB 217 -8.36 88.98 4.42
CA LEU WB 217 -9.27 89.17 3.31
C LEU WB 217 -10.68 89.45 3.80
N ALA WB 218 -11.10 88.78 4.88
CA ALA WB 218 -12.45 88.97 5.39
C ALA WB 218 -12.70 90.43 5.77
N ALA WB 219 -11.72 91.07 6.41
CA ALA WB 219 -11.89 92.48 6.79
C ALA WB 219 -12.13 93.36 5.57
N VAL WB 220 -11.46 93.06 4.46
CA VAL WB 220 -11.63 93.87 3.26
C VAL WB 220 -13.02 93.71 2.67
N LEU WB 221 -13.58 92.50 2.70
CA LEU WB 221 -14.88 92.24 2.12
C LEU WB 221 -16.04 92.65 3.02
N GLU WB 222 -15.81 92.80 4.32
CA GLU WB 222 -16.91 93.08 5.24
C GLU WB 222 -17.70 94.34 4.88
N PRO WB 223 -17.08 95.46 4.51
CA PRO WB 223 -17.88 96.60 4.04
C PRO WB 223 -18.77 96.25 2.86
N LEU WB 224 -18.24 95.47 1.91
CA LEU WB 224 -19.06 95.06 0.77
C LEU WB 224 -20.24 94.21 1.22
N TYR WB 225 -19.99 93.28 2.15
CA TYR WB 225 -21.07 92.44 2.65
C TYR WB 225 -22.15 93.28 3.33
N HIS WB 226 -21.74 94.25 4.14
CA HIS WB 226 -22.71 95.08 4.85
C HIS WB 226 -23.53 95.92 3.86
N ILE WB 227 -22.87 96.57 2.90
CA ILE WB 227 -23.60 97.41 1.96
C ILE WB 227 -24.52 96.55 1.09
N HIS WB 228 -24.08 95.35 0.74
CA HIS WB 228 -24.94 94.46 -0.04
C HIS WB 228 -26.16 94.05 0.77
N ALA WB 229 -25.98 93.77 2.06
CA ALA WB 229 -27.14 93.45 2.90
C ALA WB 229 -28.09 94.63 2.97
N MET WB 230 -27.56 95.84 3.11
CA MET WB 230 -28.42 97.02 3.15
C MET WB 230 -29.20 97.16 1.85
N HIS WB 231 -28.54 96.96 0.71
CA HIS WB 231 -29.22 97.03 -0.58
C HIS WB 231 -30.29 95.96 -0.69
N LYS WB 232 -30.00 94.75 -0.23
CA LYS WB 232 -30.99 93.67 -0.28
C LYS WB 232 -32.22 94.03 0.55
N VAL WB 233 -32.02 94.54 1.76
CA VAL WB 233 -33.17 94.88 2.59
C VAL WB 233 -33.93 96.05 2.01
N GLU WB 234 -33.22 97.00 1.38
CA GLU WB 234 -33.90 98.10 0.69
C GLU WB 234 -34.78 97.57 -0.43
N ASN WB 235 -34.26 96.62 -1.21
CA ASN WB 235 -35.05 96.03 -2.29
C ASN WB 235 -36.26 95.29 -1.74
N ASP WB 236 -36.07 94.58 -0.63
CA ASP WB 236 -37.19 93.88 -0.01
C ASP WB 236 -38.27 94.86 0.45
N TRP WB 237 -37.85 95.98 1.06
CA TRP WB 237 -38.81 96.99 1.48
C TRP WB 237 -39.55 97.58 0.29
N ASP WB 238 -38.82 97.84 -0.80
CA ASP WB 238 -39.47 98.37 -2.00
C ASP WB 238 -40.49 97.37 -2.54
N ILE WB 239 -40.14 96.09 -2.57
CA ILE WB 239 -41.07 95.06 -3.04
C ILE WB 239 -42.30 95.03 -2.17
N GLU WB 240 -42.12 95.07 -0.84
CA GLU WB 240 -43.26 95.07 0.06
C GLU WB 240 -44.15 96.28 -0.17
N ASP WB 241 -43.54 97.46 -0.36
CA ASP WB 241 -44.32 98.67 -0.58
C ASP WB 241 -45.11 98.60 -1.89
N LEU WB 242 -44.50 98.08 -2.94
CA LEU WB 242 -45.11 98.07 -4.27
C LEU WB 242 -45.77 96.74 -4.61
N ALA WB 243 -46.00 95.88 -3.62
CA ALA WB 243 -46.59 94.57 -3.89
C ALA WB 243 -47.97 94.68 -4.54
N MET WB 244 -48.64 95.83 -4.40
CA MET WB 244 -49.99 95.98 -4.95
C MET WB 244 -50.02 95.76 -6.46
N GLN WB 245 -48.89 95.92 -7.15
CA GLN WB 245 -48.88 95.75 -8.60
C GLN WB 245 -49.26 94.33 -8.99
N GLY WB 246 -48.72 93.34 -8.29
CA GLY WB 246 -49.02 91.95 -8.55
C GLY WB 246 -47.80 91.15 -8.98
N ASP WB 247 -46.99 91.72 -9.89
CA ASP WB 247 -45.73 91.07 -10.23
C ASP WB 247 -44.80 91.02 -9.04
N GLU WB 248 -44.72 92.11 -8.29
CA GLU WB 248 -43.89 92.13 -7.09
C GLU WB 248 -44.49 91.25 -6.00
N SER WB 249 -45.81 91.13 -5.93
CA SER WB 249 -46.42 90.20 -4.99
C SER WB 249 -46.03 88.76 -5.34
N ALA WB 250 -46.04 88.42 -6.63
CA ALA WB 250 -45.58 87.10 -7.05
C ALA WB 250 -44.11 86.89 -6.72
N MET WB 251 -43.30 87.93 -6.90
CA MET WB 251 -41.89 87.83 -6.54
C MET WB 251 -41.71 87.57 -5.05
N GLU WB 252 -42.48 88.27 -4.22
CA GLU WB 252 -42.44 88.03 -2.77
C GLU WB 252 -42.88 86.61 -2.45
N GLU WB 253 -43.92 86.12 -3.13
CA GLU WB 253 -44.34 84.74 -2.94
C GLU WB 253 -43.22 83.77 -3.28
N ILE WB 254 -42.50 84.03 -4.36
CA ILE WB 254 -41.38 83.18 -4.74
C ILE WB 254 -40.30 83.21 -3.66
N ARG WB 255 -39.95 84.42 -3.21
CA ARG WB 255 -38.89 84.57 -2.21
C ARG WB 255 -39.27 84.03 -0.85
N GLU WB 256 -40.57 83.82 -0.60
CA GLU WB 256 -41.00 83.18 0.64
C GLU WB 256 -41.05 81.66 0.49
N ARG WB 257 -41.64 81.16 -0.60
CA ARG WB 257 -41.76 79.73 -0.80
C ARG WB 257 -40.41 79.06 -1.05
N ASN WB 258 -39.44 79.79 -1.60
CA ASN WB 258 -38.11 79.19 -1.77
C ASN WB 258 -37.50 78.85 -0.42
N CYS WB 259 -37.62 79.76 0.55
CA CYS WB 259 -37.16 79.45 1.90
C CYS WB 259 -38.04 78.39 2.56
N SER WB 260 -39.34 78.43 2.31
CA SER WB 260 -40.25 77.46 2.89
C SER WB 260 -40.07 76.05 2.31
N ASP WB 261 -39.38 75.92 1.18
CA ASP WB 261 -39.14 74.63 0.55
C ASP WB 261 -37.64 74.43 0.36
N ARG WB 262 -37.28 73.29 -0.22
CA ARG WB 262 -35.88 72.92 -0.41
C ARG WB 262 -35.62 72.64 -1.89
N PHE WB 263 -34.43 73.02 -2.33
CA PHE WB 263 -34.04 72.82 -3.73
C PHE WB 263 -33.92 71.34 -4.04
N ILE WB 264 -34.17 70.99 -5.30
CA ILE WB 264 -33.99 69.62 -5.79
C ILE WB 264 -32.79 69.63 -6.72
N ARG WB 265 -31.85 68.71 -6.48
CA ARG WB 265 -30.59 68.66 -7.21
C ARG WB 265 -30.78 67.80 -8.47
N ILE WB 266 -30.88 68.45 -9.62
CA ILE WB 266 -30.98 67.77 -10.90
C ILE WB 266 -29.61 67.75 -11.54
N ALA WB 267 -29.06 66.56 -11.73
CA ALA WB 267 -27.71 66.38 -12.25
C ALA WB 267 -27.78 65.75 -13.63
N ILE WB 268 -27.13 66.38 -14.61
CA ILE WB 268 -27.08 65.89 -15.98
C ILE WB 268 -25.75 65.20 -16.19
N VAL WB 269 -25.80 63.95 -16.67
CA VAL WB 269 -24.63 63.10 -16.82
C VAL WB 269 -24.60 62.57 -18.24
N GLY WB 270 -23.45 62.06 -18.64
CA GLY WB 270 -23.31 61.49 -19.96
C GLY WB 270 -21.85 61.32 -20.32
N ARG WB 271 -21.63 60.88 -21.56
CA ARG WB 271 -20.27 60.68 -22.05
C ARG WB 271 -19.66 62.03 -22.41
N THR WB 272 -18.43 62.01 -22.95
CA THR WB 272 -17.67 63.23 -23.12
C THR WB 272 -18.35 64.19 -24.09
N ASN WB 273 -18.89 63.68 -25.19
CA ASN WB 273 -19.45 64.50 -26.26
C ASN WB 273 -20.95 64.29 -26.43
N SER WB 274 -21.67 64.10 -25.32
CA SER WB 274 -23.11 63.88 -25.42
C SER WB 274 -23.86 65.15 -25.79
N GLY WB 275 -23.51 66.26 -25.14
CA GLY WB 275 -24.18 67.52 -25.38
C GLY WB 275 -24.89 68.05 -24.15
N LYS WB 276 -24.45 67.60 -22.97
CA LYS WB 276 -25.06 68.06 -21.72
C LYS WB 276 -24.83 69.55 -21.51
N SER WB 277 -23.65 70.05 -21.88
CA SER WB 277 -23.38 71.48 -21.75
C SER WB 277 -24.33 72.29 -22.63
N SER WB 278 -24.55 71.84 -23.87
CA SER WB 278 -25.52 72.51 -24.72
C SER WB 278 -26.92 72.43 -24.14
N LEU WB 279 -27.28 71.28 -23.57
CA LEU WB 279 -28.61 71.14 -22.99
C LEU WB 279 -28.82 72.13 -21.85
N VAL WB 280 -27.82 72.27 -20.97
CA VAL WB 280 -27.95 73.19 -19.85
C VAL WB 280 -27.95 74.63 -20.33
N ASN WB 281 -27.16 74.93 -21.36
CA ASN WB 281 -27.19 76.28 -21.94
C ASN WB 281 -28.58 76.61 -22.46
N ARG WB 282 -29.19 75.67 -23.19
CA ARG WB 282 -30.55 75.90 -23.68
C ARG WB 282 -31.53 76.06 -22.54
N LEU WB 283 -31.42 75.22 -21.50
CA LEU WB 283 -32.34 75.31 -20.39
C LEU WB 283 -32.24 76.67 -19.70
N VAL WB 284 -31.02 77.13 -19.43
CA VAL WB 284 -30.84 78.40 -18.74
C VAL WB 284 -31.15 79.58 -19.68
N GLY WB 285 -31.19 79.35 -20.98
CA GLY WB 285 -31.58 80.38 -21.93
C GLY WB 285 -30.44 81.09 -22.61
N PHE WB 286 -29.20 80.84 -22.19
CA PHE WB 286 -28.02 81.42 -22.83
C PHE WB 286 -26.86 80.47 -22.62
N GLU WB 287 -25.66 80.90 -23.02
CA GLU WB 287 -24.47 80.06 -22.92
C GLU WB 287 -23.73 80.40 -21.63
N ARG WB 288 -24.32 79.97 -20.50
CA ARG WB 288 -23.64 80.11 -19.22
C ARG WB 288 -22.36 79.28 -19.20
N ASN WB 289 -22.43 78.05 -19.71
CA ASN WB 289 -21.24 77.22 -19.88
C ASN WB 289 -20.73 77.39 -21.30
N ARG WB 290 -19.70 76.63 -21.66
CA ARG WB 290 -19.12 76.70 -23.00
C ARG WB 290 -19.14 75.31 -23.62
N ALA WB 291 -19.62 75.23 -24.84
CA ALA WB 291 -19.71 73.98 -25.58
C ALA WB 291 -18.78 74.02 -26.78
N VAL WB 292 -17.90 73.02 -26.87
CA VAL WB 292 -16.94 72.91 -27.96
C VAL WB 292 -16.90 71.47 -28.43
N ASP WB 293 -16.44 71.27 -29.67
CA ASP WB 293 -16.39 69.94 -30.25
C ASP WB 293 -15.37 69.04 -29.55
N GLU WB 294 -14.50 69.61 -28.72
CA GLU WB 294 -13.52 68.80 -28.01
C GLU WB 294 -14.22 67.79 -27.10
N LYS WB 295 -13.61 66.62 -26.98
CA LYS WB 295 -14.21 65.53 -26.20
C LYS WB 295 -14.52 65.97 -24.78
N ASN WB 296 -13.48 66.30 -24.01
CA ASN WB 296 -13.63 66.70 -22.61
C ASN WB 296 -13.63 68.23 -22.53
N SER WB 297 -14.76 68.81 -22.92
CA SER WB 297 -14.87 70.26 -22.98
C SER WB 297 -14.71 70.89 -21.60
N THR WB 298 -15.37 70.34 -20.59
CA THR WB 298 -15.35 70.89 -19.24
C THR WB 298 -14.83 69.83 -18.28
N ARG WB 299 -14.10 70.28 -17.26
CA ARG WB 299 -13.42 69.39 -16.34
C ARG WB 299 -13.92 69.48 -14.90
N ASP WB 300 -14.88 70.36 -14.61
CA ASP WB 300 -15.39 70.52 -13.25
C ASP WB 300 -16.90 70.64 -13.27
N PRO WB 301 -17.58 70.17 -12.23
CA PRO WB 301 -19.04 70.33 -12.17
C PRO WB 301 -19.45 71.78 -12.03
N VAL WB 302 -20.63 72.09 -12.55
CA VAL WB 302 -21.19 73.44 -12.49
C VAL WB 302 -22.63 73.34 -11.98
N GLU WB 303 -23.00 74.26 -11.10
CA GLU WB 303 -24.32 74.27 -10.48
C GLU WB 303 -24.97 75.62 -10.75
N LEU WB 304 -26.22 75.60 -11.20
CA LEU WB 304 -26.97 76.81 -11.50
C LEU WB 304 -28.33 76.73 -10.81
N PRO WB 305 -28.63 77.58 -9.83
CA PRO WB 305 -29.98 77.59 -9.27
C PRO WB 305 -30.98 78.17 -10.26
N CYS WB 306 -32.22 77.70 -10.17
CA CYS WB 306 -33.27 78.18 -11.05
C CYS WB 306 -34.60 77.58 -10.61
N SER WB 307 -35.68 78.24 -11.02
CA SER WB 307 -37.03 77.82 -10.69
C SER WB 307 -37.79 77.50 -11.97
N TYR WB 308 -38.42 76.33 -12.00
CA TYR WB 308 -39.24 75.90 -13.13
C TYR WB 308 -40.65 75.66 -12.62
N LYS WB 309 -41.61 76.40 -13.17
CA LYS WB 309 -43.02 76.31 -12.79
C LYS WB 309 -43.22 76.45 -11.29
N GLY WB 310 -42.50 77.37 -10.66
CA GLY WB 310 -42.63 77.60 -9.24
C GLY WB 310 -42.14 76.45 -8.37
N ARG WB 311 -41.01 75.84 -8.77
CA ARG WB 311 -40.39 74.77 -7.99
C ARG WB 311 -38.88 74.96 -8.09
N LYS WB 312 -38.25 75.32 -6.97
CA LYS WB 312 -36.83 75.58 -6.97
C LYS WB 312 -36.03 74.32 -7.27
N LEU WB 313 -34.89 74.49 -7.91
CA LEU WB 313 -33.99 73.39 -8.23
C LEU WB 313 -32.63 73.97 -8.54
N LYS WB 314 -31.64 73.10 -8.60
CA LYS WB 314 -30.26 73.48 -8.94
C LYS WB 314 -29.78 72.56 -10.06
N LEU WB 315 -29.84 73.06 -11.28
CA LEU WB 315 -29.41 72.26 -12.43
C LEU WB 315 -27.89 72.10 -12.41
N ILE WB 316 -27.43 70.88 -12.53
CA ILE WB 316 -26.01 70.55 -12.39
C ILE WB 316 -25.51 69.91 -13.68
N ASP WB 317 -24.38 70.42 -14.17
CA ASP WB 317 -23.70 69.85 -15.31
C ASP WB 317 -22.38 69.23 -14.85
N THR WB 318 -22.06 68.07 -15.40
CA THR WB 318 -20.88 67.31 -15.03
C THR WB 318 -19.89 67.26 -16.19
N ALA WB 319 -18.65 66.90 -15.87
CA ALA WB 319 -17.60 66.86 -16.88
C ALA WB 319 -17.84 65.75 -17.90
N GLY WB 320 -18.20 64.58 -17.42
CA GLY WB 320 -18.43 63.44 -18.29
C GLY WB 320 -17.83 62.18 -17.69
N LEU WB 321 -18.43 61.05 -18.04
CA LEU WB 321 -18.03 59.75 -17.52
C LEU WB 321 -17.33 58.95 -18.61
N ALA WB 322 -16.16 58.40 -18.28
CA ALA WB 322 -15.38 57.61 -19.19
C ALA WB 322 -15.19 56.21 -18.63
N ARG WB 323 -14.94 55.25 -19.53
CA ARG WB 323 -14.78 53.87 -19.12
C ARG WB 323 -13.44 53.65 -18.43
N HIS WB 324 -13.37 52.61 -17.62
CA HIS WB 324 -12.17 52.34 -16.85
C HIS WB 324 -10.97 52.11 -17.76
N ARG WB 325 -11.19 51.50 -18.93
CA ARG WB 325 -10.11 51.31 -19.88
C ARG WB 325 -9.40 52.63 -20.16
N TYR WB 326 -10.16 53.67 -20.46
CA TYR WB 326 -9.60 54.99 -20.76
C TYR WB 326 -9.08 55.70 -19.52
N ARG WB 327 -9.79 55.57 -18.40
CA ARG WB 327 -9.39 56.26 -17.17
C ARG WB 327 -8.05 55.75 -16.66
N ALA WB 328 -7.83 54.44 -16.72
CA ALA WB 328 -6.57 53.88 -16.21
C ALA WB 328 -5.38 54.49 -16.93
N ASP WB 329 -5.46 54.60 -18.25
CA ASP WB 329 -4.40 55.27 -19.00
C ASP WB 329 -4.34 56.76 -18.66
N ARG WB 330 -5.49 57.41 -18.55
CA ARG WB 330 -5.57 58.84 -18.24
C ARG WB 330 -6.30 58.99 -16.90
N ASP WB 331 -5.53 58.90 -15.81
CA ASP WB 331 -6.10 59.03 -14.47
C ASP WB 331 -6.79 60.39 -14.28
N PHE WB 332 -6.25 61.45 -14.88
CA PHE WB 332 -6.79 62.78 -14.65
C PHE WB 332 -8.27 62.85 -15.05
N ILE WB 333 -8.58 62.41 -16.27
CA ILE WB 333 -9.98 62.30 -16.64
C ILE WB 333 -10.68 61.33 -15.71
N GLY WB 334 -9.93 60.37 -15.15
CA GLY WB 334 -10.46 59.58 -14.05
C GLY WB 334 -10.79 60.43 -12.84
N ARG WB 335 -9.97 61.45 -12.56
CA ARG WB 335 -10.27 62.34 -11.44
C ARG WB 335 -11.56 63.10 -11.69
N ILE WB 336 -11.74 63.64 -12.89
CA ILE WB 336 -12.98 64.38 -13.17
C ILE WB 336 -14.16 63.42 -13.19
N HIS WB 337 -13.96 62.19 -13.64
CA HIS WB 337 -15.03 61.19 -13.57
C HIS WB 337 -15.42 60.92 -12.13
N GLY WB 338 -14.45 60.81 -11.24
CA GLY WB 338 -14.76 60.64 -9.83
C GLY WB 338 -15.49 61.84 -9.25
N LEU WB 339 -15.09 63.04 -9.65
CA LEU WB 339 -15.80 64.24 -9.21
C LEU WB 339 -17.25 64.21 -9.67
N SER WB 340 -17.48 63.81 -10.92
CA SER WB 340 -18.85 63.71 -11.43
C SER WB 340 -19.65 62.65 -10.67
N VAL WB 341 -19.03 61.49 -10.40
CA VAL WB 341 -19.72 60.43 -9.68
C VAL WB 341 -20.09 60.91 -8.28
N ASN WB 342 -19.22 61.70 -7.65
CA ASN WB 342 -19.53 62.24 -6.34
C ASN WB 342 -20.80 63.07 -6.35
N GLU WB 343 -21.00 63.90 -7.37
CA GLU WB 343 -22.21 64.70 -7.47
C GLU WB 343 -23.42 63.87 -7.86
N ILE WB 344 -23.23 62.86 -8.72
CA ILE WB 344 -24.32 61.95 -9.02
C ILE WB 344 -24.83 61.28 -7.75
N ARG WB 345 -23.90 60.93 -6.86
CA ARG WB 345 -24.24 60.27 -5.61
C ARG WB 345 -25.08 61.14 -4.68
N PHE WB 346 -25.04 62.47 -4.86
CA PHE WB 346 -25.77 63.39 -4.00
C PHE WB 346 -26.93 64.08 -4.71
N ALA WB 347 -27.08 63.87 -6.01
CA ALA WB 347 -28.18 64.49 -6.73
C ALA WB 347 -29.52 63.90 -6.29
N HIS WB 348 -30.59 64.68 -6.49
CA HIS WB 348 -31.94 64.23 -6.19
C HIS WB 348 -32.65 63.67 -7.42
N VAL WB 349 -32.21 64.04 -8.62
CA VAL WB 349 -32.69 63.44 -9.86
C VAL WB 349 -31.51 63.43 -10.82
N VAL WB 350 -31.44 62.38 -11.65
CA VAL WB 350 -30.34 62.22 -12.58
C VAL WB 350 -30.91 62.08 -13.99
N ILE WB 351 -30.33 62.81 -14.93
CA ILE WB 351 -30.73 62.79 -16.32
C ILE WB 351 -29.52 62.44 -17.17
N VAL WB 352 -29.60 61.33 -17.88
CA VAL WB 352 -28.48 60.79 -18.66
C VAL WB 352 -28.72 61.14 -20.13
N VAL WB 353 -27.79 61.91 -20.71
CA VAL WB 353 -27.85 62.31 -22.10
C VAL WB 353 -27.05 61.30 -22.93
N PHE WB 354 -27.61 60.90 -24.06
CA PHE WB 354 -26.87 60.11 -25.03
C PHE WB 354 -27.19 60.63 -26.42
N ASP WB 355 -26.17 60.79 -27.24
CA ASP WB 355 -26.36 61.38 -28.57
C ASP WB 355 -27.20 60.44 -29.43
N ALA WB 356 -28.30 60.95 -29.99
CA ALA WB 356 -29.14 60.15 -30.86
C ALA WB 356 -28.44 59.81 -32.17
N THR WB 357 -27.43 60.59 -32.56
CA THR WB 357 -26.70 60.26 -33.79
C THR WB 357 -26.10 58.87 -33.73
N GLU WB 358 -25.73 58.42 -32.53
CA GLU WB 358 -25.26 57.04 -32.38
C GLU WB 358 -26.34 56.04 -32.75
N GLY WB 359 -27.61 56.40 -32.51
CA GLY WB 359 -28.74 55.58 -32.88
C GLY WB 359 -29.37 54.84 -31.72
N HIS WB 360 -28.68 54.71 -30.60
CA HIS WB 360 -29.20 54.00 -29.44
C HIS WB 360 -28.22 54.18 -28.28
N PRO WB 361 -28.70 54.09 -27.05
CA PRO WB 361 -27.80 54.21 -25.89
C PRO WB 361 -26.74 53.12 -25.90
N ASN WB 362 -25.56 53.47 -25.41
CA ASN WB 362 -24.42 52.56 -25.38
C ASN WB 362 -24.47 51.68 -24.14
N LYS WB 363 -23.63 50.64 -24.16
CA LYS WB 363 -23.49 49.79 -22.99
C LYS WB 363 -23.03 50.60 -21.78
N TYR WB 364 -22.13 51.56 -22.00
CA TYR WB 364 -21.70 52.42 -20.90
C TYR WB 364 -22.83 53.34 -20.46
N ASP WB 365 -23.69 53.78 -21.38
CA ASP WB 365 -24.85 54.56 -20.97
C ASP WB 365 -25.75 53.74 -20.06
N MET WB 366 -25.99 52.47 -20.40
CA MET WB 366 -26.78 51.62 -19.52
C MET WB 366 -26.07 51.38 -18.20
N ALA WB 367 -24.74 51.29 -18.23
CA ALA WB 367 -23.99 51.13 -16.99
C ALA WB 367 -24.17 52.34 -16.08
N VAL WB 368 -24.13 53.55 -16.65
CA VAL WB 368 -24.34 54.76 -15.86
C VAL WB 368 -25.76 54.78 -15.31
N LEU WB 369 -26.74 54.37 -16.13
CA LEU WB 369 -28.12 54.35 -15.65
C LEU WB 369 -28.28 53.37 -14.50
N HIS WB 370 -27.68 52.19 -14.59
CA HIS WB 370 -27.72 51.24 -13.49
C HIS WB 370 -27.00 51.78 -12.27
N SER WB 371 -25.89 52.50 -12.46
CA SER WB 371 -25.18 53.07 -11.33
C SER WB 371 -26.04 54.07 -10.59
N VAL WB 372 -26.72 54.96 -11.31
CA VAL WB 372 -27.58 55.94 -10.65
C VAL WB 372 -28.77 55.24 -9.99
N ALA WB 373 -29.30 54.19 -10.63
CA ALA WB 373 -30.38 53.42 -10.01
C ALA WB 373 -29.93 52.81 -8.70
N ALA WB 374 -28.73 52.23 -8.67
CA ALA WB 374 -28.21 51.64 -7.44
C ALA WB 374 -28.01 52.71 -6.38
N GLU WB 375 -27.47 53.88 -6.77
CA GLU WB 375 -27.35 54.98 -5.83
C GLU WB 375 -28.72 55.37 -5.27
N GLY WB 376 -29.77 55.21 -6.07
CA GLY WB 376 -31.13 55.42 -5.58
C GLY WB 376 -31.69 56.78 -5.96
N ARG WB 377 -31.33 57.27 -7.13
CA ARG WB 377 -31.81 58.54 -7.63
C ARG WB 377 -32.75 58.32 -8.81
N PRO WB 378 -33.89 59.02 -8.87
CA PRO WB 378 -34.76 58.91 -10.04
C PRO WB 378 -33.99 59.21 -11.31
N PHE WB 379 -33.90 58.21 -12.19
CA PHE WB 379 -33.12 58.29 -13.40
C PHE WB 379 -34.02 58.51 -14.61
N LEU WB 380 -33.56 59.38 -15.51
CA LEU WB 380 -34.27 59.66 -16.74
C LEU WB 380 -33.26 59.58 -17.87
N LEU WB 381 -33.73 59.21 -19.06
CA LEU WB 381 -32.89 59.04 -20.23
C LEU WB 381 -33.34 60.02 -21.31
N CYS WB 382 -32.37 60.76 -21.87
CA CYS WB 382 -32.66 61.74 -22.90
C CYS WB 382 -31.75 61.52 -24.10
N ALA WB 383 -32.36 61.43 -25.27
CA ALA WB 383 -31.64 61.30 -26.54
C ALA WB 383 -31.41 62.69 -27.10
N ASN WB 384 -30.14 63.08 -27.22
CA ASN WB 384 -29.76 64.38 -27.72
C ASN WB 384 -29.50 64.31 -29.23
N LYS WB 385 -29.27 65.48 -29.83
CA LYS WB 385 -29.05 65.59 -31.27
C LYS WB 385 -30.23 65.02 -32.06
N TRP WB 386 -31.44 65.19 -31.53
CA TRP WB 386 -32.62 64.68 -32.22
C TRP WB 386 -32.91 65.46 -33.50
N ASP WB 387 -32.54 66.73 -33.53
CA ASP WB 387 -32.68 67.51 -34.76
C ASP WB 387 -31.65 67.11 -35.82
N ALA WB 388 -30.64 66.34 -35.44
CA ALA WB 388 -29.61 65.87 -36.37
C ALA WB 388 -29.77 64.41 -36.77
N VAL WB 389 -30.35 63.58 -35.91
CA VAL WB 389 -30.53 62.18 -36.26
C VAL WB 389 -31.43 62.08 -37.50
N LEU WB 390 -31.17 61.07 -38.33
CA LEU WB 390 -31.86 60.90 -39.60
C LEU WB 390 -33.12 60.05 -39.45
N ASP WB 391 -32.98 58.80 -39.01
CA ASP WB 391 -34.11 57.88 -38.90
C ASP WB 391 -34.67 57.98 -37.49
N GLN WB 392 -35.59 58.92 -37.30
CA GLN WB 392 -36.15 59.15 -35.98
C GLN WB 392 -36.91 57.93 -35.47
N SER WB 393 -37.73 57.32 -36.34
CA SER WB 393 -38.50 56.16 -35.92
C SER WB 393 -37.59 54.99 -35.55
N ALA WB 394 -36.57 54.73 -36.35
CA ALA WB 394 -35.66 53.63 -36.05
C ALA WB 394 -34.90 53.91 -34.76
N THR WB 395 -34.46 55.14 -34.55
CA THR WB 395 -33.76 55.48 -33.31
C THR WB 395 -34.68 55.28 -32.10
N ALA WB 396 -35.93 55.72 -32.20
CA ALA WB 396 -36.87 55.53 -31.10
C ALA WB 396 -37.11 54.06 -30.82
N GLU WB 397 -37.27 53.26 -31.88
CA GLU WB 397 -37.46 51.83 -31.69
C GLU WB 397 -36.25 51.18 -31.03
N ALA WB 398 -35.04 51.58 -31.44
CA ALA WB 398 -33.84 51.03 -30.82
C ALA WB 398 -33.76 51.41 -29.35
N ILE WB 399 -34.07 52.66 -29.02
CA ILE WB 399 -34.04 53.09 -27.63
C ILE WB 399 -35.03 52.29 -26.81
N ASP WB 400 -36.25 52.13 -27.33
CA ASP WB 400 -37.26 51.36 -26.60
C ASP WB 400 -36.83 49.91 -26.43
N PHE WB 401 -36.21 49.33 -27.46
CA PHE WB 401 -35.73 47.95 -27.36
C PHE WB 401 -34.67 47.82 -26.28
N LYS WB 402 -33.73 48.77 -26.23
CA LYS WB 402 -32.71 48.75 -25.18
C LYS WB 402 -33.35 48.84 -23.80
N ILE WB 403 -34.30 49.76 -23.63
CA ILE WB 403 -34.95 49.93 -22.33
C ILE WB 403 -35.65 48.65 -21.92
N LYS WB 404 -36.37 48.04 -22.87
CA LYS WB 404 -37.06 46.79 -22.55
C LYS WB 404 -36.07 45.69 -22.18
N ARG WB 405 -34.97 45.58 -22.92
CA ARG WB 405 -33.98 44.54 -22.63
C ARG WB 405 -33.33 44.75 -21.26
N GLN WB 406 -33.28 45.99 -20.79
CA GLN WB 406 -32.76 46.22 -19.45
C GLN WB 406 -33.57 45.42 -18.43
N VAL WB 407 -32.88 44.90 -17.42
CA VAL WB 407 -33.42 43.90 -16.52
C VAL WB 407 -33.98 44.52 -15.24
N ARG WB 408 -33.20 45.36 -14.57
CA ARG WB 408 -33.58 45.89 -13.28
C ARG WB 408 -34.58 47.05 -13.48
N GLU WB 409 -34.84 47.80 -12.42
CA GLU WB 409 -35.79 48.91 -12.50
C GLU WB 409 -35.49 49.85 -13.66
N VAL WB 410 -34.26 49.81 -14.19
CA VAL WB 410 -33.94 50.61 -15.37
C VAL WB 410 -34.87 50.28 -16.52
N LYS WB 411 -35.45 49.08 -16.51
CA LYS WB 411 -36.39 48.70 -17.58
C LYS WB 411 -37.58 49.64 -17.61
N TYR WB 412 -37.90 50.29 -16.50
CA TYR WB 412 -39.00 51.23 -16.42
C TYR WB 412 -38.58 52.66 -16.72
N SER WB 413 -37.30 52.90 -16.98
CA SER WB 413 -36.84 54.25 -17.29
C SER WB 413 -37.54 54.78 -18.53
N ASN WB 414 -37.93 56.06 -18.48
CA ASN WB 414 -38.62 56.72 -19.57
C ASN WB 414 -37.61 57.48 -20.42
N ALA WB 415 -37.69 57.29 -21.73
CA ALA WB 415 -36.78 57.95 -22.66
C ALA WB 415 -37.49 59.10 -23.36
N VAL WB 416 -36.81 60.24 -23.44
CA VAL WB 416 -37.37 61.44 -24.06
C VAL WB 416 -36.35 61.99 -25.04
N VAL WB 417 -36.83 62.45 -26.18
CA VAL WB 417 -35.98 63.02 -27.21
C VAL WB 417 -35.92 64.54 -27.03
N VAL WB 418 -34.71 65.07 -26.92
CA VAL WB 418 -34.49 66.49 -26.70
C VAL WB 418 -33.36 66.95 -27.61
N SER WB 419 -33.54 68.12 -28.22
CA SER WB 419 -32.54 68.71 -29.11
C SER WB 419 -32.13 70.07 -28.54
N ALA WB 420 -30.82 70.30 -28.49
CA ALA WB 420 -30.31 71.56 -27.94
C ALA WB 420 -30.48 72.70 -28.94
N HIS WB 421 -29.84 72.58 -30.11
CA HIS WB 421 -29.88 73.65 -31.09
C HIS WB 421 -31.32 74.06 -31.40
N THR WB 422 -32.17 73.09 -31.69
CA THR WB 422 -33.58 73.37 -31.98
C THR WB 422 -34.39 73.65 -30.71
N GLY WB 423 -34.02 73.04 -29.58
CA GLY WB 423 -34.76 73.23 -28.35
C GLY WB 423 -36.13 72.59 -28.39
N LEU WB 424 -36.16 71.26 -28.45
CA LEU WB 424 -37.39 70.50 -28.56
C LEU WB 424 -37.64 69.70 -27.29
N ASN WB 425 -38.85 69.80 -26.76
CA ASN WB 425 -39.29 69.00 -25.61
C ASN WB 425 -38.51 69.31 -24.34
N LEU WB 426 -37.91 70.49 -24.24
CA LEU WB 426 -37.22 70.86 -23.00
C LEU WB 426 -38.22 71.00 -21.85
N THR WB 427 -39.38 71.62 -22.11
CA THR WB 427 -40.39 71.73 -21.06
C THR WB 427 -40.89 70.35 -20.66
N LEU WB 428 -41.05 69.45 -21.63
CA LEU WB 428 -41.45 68.08 -21.30
C LEU WB 428 -40.40 67.38 -20.45
N LEU WB 429 -39.12 67.59 -20.77
CA LEU WB 429 -38.05 67.01 -19.98
C LEU WB 429 -38.09 67.51 -18.54
N MET WB 430 -38.27 68.81 -18.37
CA MET WB 430 -38.35 69.36 -17.01
C MET WB 430 -39.56 68.82 -16.28
N ASP WB 431 -40.70 68.72 -16.96
CA ASP WB 431 -41.90 68.19 -16.33
C ASP WB 431 -41.68 66.75 -15.90
N GLN WB 432 -41.04 65.94 -16.75
CA GLN WB 432 -40.76 64.56 -16.38
C GLN WB 432 -39.81 64.47 -15.20
N ALA WB 433 -38.81 65.35 -15.15
CA ALA WB 433 -37.90 65.35 -14.00
C ALA WB 433 -38.65 65.69 -12.72
N LEU WB 434 -39.53 66.69 -12.77
CA LEU WB 434 -40.30 67.04 -11.58
C LEU WB 434 -41.23 65.90 -11.17
N GLU WB 435 -41.84 65.23 -12.15
CA GLU WB 435 -42.69 64.08 -11.83
C GLU WB 435 -41.88 62.95 -11.20
N LEU WB 436 -40.67 62.72 -11.70
CA LEU WB 436 -39.81 61.70 -11.10
C LEU WB 436 -39.46 62.04 -9.66
N TYR WB 437 -39.15 63.32 -9.40
CA TYR WB 437 -38.88 63.71 -8.01
C TYR WB 437 -40.12 63.52 -7.14
N ASP WB 438 -41.29 63.87 -7.65
CA ASP WB 438 -42.52 63.68 -6.88
C ASP WB 438 -42.74 62.20 -6.57
N LYS WB 439 -42.51 61.33 -7.55
CA LYS WB 439 -42.62 59.89 -7.30
C LYS WB 439 -41.60 59.44 -6.26
N TRP WB 440 -40.39 59.99 -6.35
CA TRP WB 440 -39.35 59.65 -5.39
C TRP WB 440 -39.81 59.96 -3.97
N ASN WB 441 -40.41 61.13 -3.79
CA ASN WB 441 -40.89 61.56 -2.47
C ASN WB 441 -42.29 61.04 -2.16
N LYS WB 442 -42.89 60.27 -3.04
CA LYS WB 442 -44.26 59.81 -2.85
C LYS WB 442 -44.34 58.82 -1.69
N ARG WB 443 -45.55 58.71 -1.12
CA ARG WB 443 -45.83 57.85 0.01
C ARG WB 443 -46.91 56.84 -0.37
N VAL WB 444 -46.90 55.69 0.29
CA VAL WB 444 -47.86 54.63 0.04
C VAL WB 444 -48.47 54.21 1.37
N ARG WB 445 -49.67 53.63 1.29
CA ARG WB 445 -50.44 53.24 2.46
C ARG WB 445 -50.13 51.81 2.86
N ARG WB 446 -50.00 51.59 4.17
CA ARG WB 446 -49.69 50.26 4.68
C ARG WB 446 -50.78 49.25 4.33
N ALA WB 447 -52.04 49.65 4.46
CA ALA WB 447 -53.14 48.75 4.12
C ALA WB 447 -53.08 48.37 2.65
N GLU WB 448 -52.82 49.35 1.78
CA GLU WB 448 -52.70 49.05 0.35
C GLU WB 448 -51.56 48.10 0.08
N LEU WB 449 -50.41 48.32 0.74
CA LEU WB 449 -49.28 47.42 0.55
C LEU WB 449 -49.62 46.00 0.99
N THR WB 450 -50.28 45.86 2.14
CA THR WB 450 -50.63 44.54 2.64
C THR WB 450 -51.61 43.84 1.70
N ARG WB 451 -52.63 44.56 1.21
CA ARG WB 451 -53.57 43.95 0.28
C ARG WB 451 -52.88 43.55 -1.01
N LEU WB 452 -51.99 44.40 -1.52
CA LEU WB 452 -51.27 44.07 -2.74
C LEU WB 452 -50.42 42.81 -2.54
N TRP WB 453 -49.74 42.71 -1.40
CA TRP WB 453 -48.93 41.53 -1.13
C TRP WB 453 -49.79 40.29 -1.03
N ARG WB 454 -50.95 40.39 -0.36
CA ARG WB 454 -51.83 39.24 -0.24
C ARG WB 454 -52.30 38.78 -1.61
N LYS WB 455 -52.71 39.73 -2.47
CA LYS WB 455 -53.15 39.37 -3.81
C LYS WB 455 -52.01 38.74 -4.60
N MET WB 456 -50.80 39.28 -4.48
CA MET WB 456 -49.66 38.70 -5.19
C MET WB 456 -49.38 37.29 -4.71
N GLU WB 457 -49.45 37.07 -3.39
CA GLU WB 457 -49.21 35.73 -2.86
C GLU WB 457 -50.25 34.75 -3.38
N LYS WB 458 -51.51 35.17 -3.46
CA LYS WB 458 -52.54 34.31 -4.02
C LYS WB 458 -52.37 34.11 -5.53
N SER WB 459 -51.77 35.08 -6.23
CA SER WB 459 -51.67 35.01 -7.67
C SER WB 459 -50.47 34.19 -8.15
N VAL WB 460 -49.36 34.25 -7.42
CA VAL WB 460 -48.16 33.50 -7.81
C VAL WB 460 -47.52 32.84 -6.60
N VAL WB 466 -39.91 28.58 0.75
CA VAL WB 466 -39.39 29.75 1.43
C VAL WB 466 -40.32 30.14 2.58
N ALA WB 467 -40.01 31.26 3.24
CA ALA WB 467 -40.80 31.77 4.35
C ALA WB 467 -41.61 32.98 3.88
N ARG WB 468 -42.91 32.95 4.16
CA ARG WB 468 -43.79 34.02 3.73
C ARG WB 468 -43.54 35.28 4.56
N ILE WB 469 -44.24 36.36 4.20
CA ILE WB 469 -44.17 37.62 4.93
C ILE WB 469 -45.59 38.06 5.25
N GLY WB 470 -45.74 38.78 6.35
CA GLY WB 470 -47.05 39.21 6.80
C GLY WB 470 -47.23 40.71 6.82
N ARG WB 471 -46.16 41.44 7.09
CA ARG WB 471 -46.20 42.89 7.20
C ARG WB 471 -45.29 43.51 6.16
N ILE WB 472 -45.82 44.45 5.38
CA ILE WB 472 -45.03 45.25 4.44
C ILE WB 472 -45.37 46.71 4.68
N THR WB 473 -44.32 47.52 4.89
CA THR WB 473 -44.49 48.93 5.17
C THR WB 473 -43.40 49.71 4.47
N GLN WB 474 -43.70 50.98 4.18
CA GLN WB 474 -42.74 51.90 3.57
C GLN WB 474 -42.06 52.67 4.68
N VAL WB 475 -40.79 52.38 4.92
CA VAL WB 475 -40.08 53.00 6.05
C VAL WB 475 -39.54 54.37 5.64
N ASN WB 476 -38.67 54.41 4.64
CA ASN WB 476 -38.08 55.66 4.19
C ASN WB 476 -38.96 56.32 3.14
N THR WB 477 -38.73 57.62 2.94
CA THR WB 477 -39.57 58.43 2.06
C THR WB 477 -38.84 58.86 0.80
N ARG WB 478 -37.68 59.52 0.92
CA ARG WB 478 -37.01 60.05 -0.26
C ARG WB 478 -36.67 58.94 -1.24
N PRO WB 479 -35.80 57.97 -0.92
CA PRO WB 479 -35.77 56.74 -1.70
C PRO WB 479 -36.80 55.76 -1.16
N PRO WB 480 -37.81 55.40 -1.97
CA PRO WB 480 -38.87 54.53 -1.44
C PRO WB 480 -38.34 53.16 -1.05
N THR WB 481 -38.30 52.89 0.26
CA THR WB 481 -37.82 51.64 0.79
C THR WB 481 -38.94 50.94 1.54
N PHE WB 482 -39.17 49.67 1.24
CA PHE WB 482 -40.25 48.89 1.83
C PHE WB 482 -39.65 47.82 2.73
N LEU WB 483 -40.16 47.76 3.97
CA LEU WB 483 -39.72 46.74 4.91
C LEU WB 483 -40.70 45.58 4.93
N LEU WB 484 -40.20 44.39 4.59
CA LEU WB 484 -41.02 43.17 4.57
C LEU WB 484 -40.51 42.26 5.68
N GLN WB 485 -41.43 41.81 6.53
CA GLN WB 485 -41.08 40.99 7.68
C GLN WB 485 -41.29 39.52 7.36
N LEU WB 486 -40.30 38.70 7.68
CA LEU WB 486 -40.35 37.27 7.43
C LEU WB 486 -40.84 36.51 8.66
N GLN WB 487 -41.75 35.57 8.44
CA GLN WB 487 -42.31 34.77 9.52
C GLN WB 487 -41.42 33.58 9.85
N THR WB 488 -40.15 33.87 10.16
CA THR WB 488 -39.21 32.83 10.56
C THR WB 488 -38.09 33.48 11.34
N LYS WB 489 -37.57 32.73 12.32
CA LYS WB 489 -36.47 33.21 13.16
C LYS WB 489 -35.10 32.81 12.62
N ASN WB 490 -35.05 32.06 11.52
CA ASN WB 490 -33.77 31.70 10.91
C ASN WB 490 -33.24 32.91 10.15
N ASP WB 491 -32.19 33.52 10.69
CA ASP WB 491 -31.69 34.78 10.14
C ASP WB 491 -31.18 34.65 8.72
N SER WB 492 -30.83 33.45 8.26
CA SER WB 492 -30.32 33.25 6.91
C SER WB 492 -31.39 32.80 5.92
N ASN WB 493 -32.64 32.69 6.34
CA ASN WB 493 -33.72 32.25 5.47
C ASN WB 493 -34.44 33.45 4.85
N THR WB 494 -33.66 34.25 4.13
CA THR WB 494 -34.18 35.45 3.48
C THR WB 494 -34.93 35.04 2.20
N LEU WB 495 -35.35 36.05 1.39
CA LEU WB 495 -36.08 35.76 0.17
C LEU WB 495 -35.14 35.65 -1.02
N PRO WB 496 -35.50 34.87 -2.03
CA PRO WB 496 -34.66 34.80 -3.23
C PRO WB 496 -34.59 36.16 -3.93
N LYS WB 497 -33.44 36.40 -4.58
CA LYS WB 497 -33.27 37.64 -5.31
C LYS WB 497 -34.27 37.76 -6.45
N ALA WB 498 -34.58 36.65 -7.11
CA ALA WB 498 -35.62 36.68 -8.15
C ALA WB 498 -36.95 37.10 -7.56
N LEU WB 499 -37.31 36.55 -6.40
CA LEU WB 499 -38.57 36.90 -5.77
C LEU WB 499 -38.61 38.37 -5.38
N GLN WB 500 -37.51 38.89 -4.83
CA GLN WB 500 -37.50 40.29 -4.43
C GLN WB 500 -37.54 41.21 -5.63
N GLU WB 501 -36.87 40.84 -6.73
CA GLU WB 501 -36.96 41.63 -7.95
C GLU WB 501 -38.38 41.62 -8.49
N MET WB 502 -39.06 40.48 -8.45
CA MET WB 502 -40.45 40.41 -8.87
C MET WB 502 -41.33 41.30 -8.00
N MET WB 503 -41.08 41.31 -6.69
CA MET WB 503 -41.84 42.18 -5.80
C MET WB 503 -41.61 43.65 -6.12
N LYS WB 504 -40.36 44.02 -6.37
CA LYS WB 504 -40.06 45.39 -6.75
C LYS WB 504 -40.76 45.77 -8.05
N ASN WB 505 -40.75 44.87 -9.03
CA ASN WB 505 -41.45 45.15 -10.29
C ASN WB 505 -42.94 45.30 -10.06
N THR WB 506 -43.53 44.47 -9.21
CA THR WB 506 -44.95 44.61 -8.90
C THR WB 506 -45.25 45.97 -8.27
N LEU WB 507 -44.41 46.38 -7.31
CA LEU WB 507 -44.62 47.68 -6.69
C LEU WB 507 -44.51 48.81 -7.71
N VAL WB 508 -43.51 48.72 -8.59
CA VAL WB 508 -43.35 49.75 -9.62
C VAL WB 508 -44.57 49.81 -10.51
N GLU WB 509 -45.05 48.64 -10.94
CA GLU WB 509 -46.22 48.60 -11.82
C GLU WB 509 -47.47 49.13 -11.16
N GLU WB 510 -47.67 48.82 -9.87
CA GLU WB 510 -48.93 49.18 -9.21
C GLU WB 510 -48.94 50.63 -8.73
N PHE WB 511 -47.90 51.04 -8.00
CA PHE WB 511 -47.89 52.35 -7.36
C PHE WB 511 -47.23 53.43 -8.21
N ASP WB 512 -46.87 53.12 -9.45
CA ASP WB 512 -46.36 54.10 -10.40
C ASP WB 512 -44.97 54.61 -10.00
N PHE WB 513 -44.16 53.75 -9.39
CA PHE WB 513 -42.75 54.09 -9.16
C PHE WB 513 -41.95 53.72 -10.41
N ARG WB 514 -42.36 54.24 -11.56
CA ARG WB 514 -41.80 53.78 -12.82
C ARG WB 514 -40.33 54.17 -12.94
N GLY WB 515 -40.03 55.46 -12.88
CA GLY WB 515 -38.66 55.93 -13.02
C GLY WB 515 -37.95 56.10 -11.71
N VAL WB 516 -38.47 55.47 -10.66
CA VAL WB 516 -37.92 55.61 -9.31
C VAL WB 516 -37.39 54.25 -8.85
N PRO WB 517 -36.14 54.15 -8.38
CA PRO WB 517 -35.68 52.89 -7.81
C PRO WB 517 -36.36 52.58 -6.48
N ILE WB 518 -36.45 51.30 -6.16
CA ILE WB 518 -37.09 50.83 -4.94
C ILE WB 518 -36.11 49.93 -4.20
N ARG WB 519 -36.25 49.92 -2.88
CA ARG WB 519 -35.39 49.14 -2.01
C ARG WB 519 -36.24 48.28 -1.09
N LEU WB 520 -35.72 47.09 -0.77
CA LEU WB 520 -36.39 46.14 0.11
C LEU WB 520 -35.45 45.76 1.24
N ILE WB 521 -36.04 45.47 2.40
CA ILE WB 521 -35.29 45.06 3.59
C ILE WB 521 -35.93 43.79 4.10
N GLN WB 522 -35.15 42.71 4.15
CA GLN WB 522 -35.63 41.42 4.67
C GLN WB 522 -35.40 41.40 6.17
N GLU WB 523 -36.50 41.39 6.93
CA GLU WB 523 -36.44 41.39 8.39
C GLU WB 523 -37.04 40.10 8.92
N VAL WB 524 -36.42 39.57 9.97
CA VAL WB 524 -36.90 38.38 10.65
C VAL WB 524 -37.40 38.77 12.03
N LYS WB 525 -38.41 38.06 12.50
CA LYS WB 525 -39.00 38.34 13.80
C LYS WB 525 -38.03 38.01 14.92
N ASP WB 526 -38.23 38.63 16.07
CA ASP WB 526 -37.38 38.40 17.24
C ASP WB 526 -38.03 38.95 18.49
N ARG XB 1 -58.88 -42.02 -49.07
CA ARG XB 1 -59.73 -42.45 -47.96
C ARG XB 1 -60.68 -41.35 -47.55
N ALA XB 2 -60.19 -40.11 -47.54
CA ALA XB 2 -61.05 -38.98 -47.18
C ALA XB 2 -62.19 -38.83 -48.18
N ALA XB 3 -61.89 -38.97 -49.47
CA ALA XB 3 -62.94 -38.88 -50.49
C ALA XB 3 -63.97 -39.97 -50.30
N ALA XB 4 -63.53 -41.20 -50.02
CA ALA XB 4 -64.47 -42.28 -49.80
C ALA XB 4 -65.34 -42.02 -48.58
N ARG XB 5 -64.75 -41.50 -47.50
CA ARG XB 5 -65.53 -41.18 -46.31
C ARG XB 5 -66.55 -40.09 -46.61
N ARG XB 6 -66.16 -39.08 -47.38
CA ARG XB 6 -67.11 -38.02 -47.75
C ARG XB 6 -68.25 -38.58 -48.60
N MET XB 7 -67.92 -39.47 -49.54
CA MET XB 7 -68.97 -40.08 -50.36
C MET XB 7 -69.93 -40.90 -49.51
N GLN XB 8 -69.40 -41.67 -48.55
CA GLN XB 8 -70.26 -42.44 -47.66
C GLN XB 8 -71.14 -41.51 -46.83
N LEU XB 9 -70.57 -40.40 -46.34
CA LEU XB 9 -71.36 -39.45 -45.57
C LEU XB 9 -72.49 -38.86 -46.42
N GLU XB 10 -72.19 -38.53 -47.67
CA GLU XB 10 -73.23 -38.02 -48.56
C GLU XB 10 -74.32 -39.05 -48.78
N ARG XB 11 -73.94 -40.32 -49.00
CA ARG XB 11 -74.94 -41.36 -49.17
C ARG XB 11 -75.81 -41.52 -47.93
N ARG XB 12 -75.20 -41.48 -46.74
CA ARG XB 12 -75.96 -41.59 -45.51
C ARG XB 12 -76.90 -40.40 -45.33
N ARG XB 13 -76.43 -39.20 -45.70
CA ARG XB 13 -77.30 -38.03 -45.64
C ARG XB 13 -78.49 -38.19 -46.58
N LEU XB 14 -78.26 -38.71 -47.79
CA LEU XB 14 -79.36 -38.93 -48.71
C LEU XB 14 -80.35 -39.93 -48.14
N GLU XB 15 -79.84 -41.02 -47.54
CA GLU XB 15 -80.73 -42.01 -46.95
C GLU XB 15 -81.55 -41.42 -45.81
N ALA XB 16 -80.91 -40.61 -44.95
CA ALA XB 16 -81.62 -39.98 -43.86
C ALA XB 16 -82.70 -39.03 -44.38
N SER XB 17 -82.37 -38.25 -45.41
CA SER XB 17 -83.36 -37.35 -46.00
C SER XB 17 -84.53 -38.14 -46.57
N THR XB 18 -84.25 -39.26 -47.23
CA THR XB 18 -85.33 -40.11 -47.72
C THR XB 18 -86.20 -40.61 -46.58
N HIS XB 19 -85.58 -41.03 -45.47
CA HIS XB 19 -86.33 -41.49 -44.32
C HIS XB 19 -87.10 -40.32 -43.69
N PRO XB 20 -88.27 -40.59 -43.13
CA PRO XB 20 -89.09 -39.52 -42.55
C PRO XB 20 -88.52 -39.06 -41.21
N PRO XB 21 -88.83 -37.84 -40.79
CA PRO XB 21 -88.36 -37.36 -39.49
C PRO XB 21 -89.39 -37.65 -38.40
N PRO XB 22 -89.03 -37.45 -37.13
CA PRO XB 22 -90.02 -37.63 -36.07
C PRO XB 22 -91.11 -36.57 -36.12
N VAL XB 23 -92.29 -36.92 -35.62
CA VAL XB 23 -93.46 -36.07 -35.68
C VAL XB 23 -94.14 -36.04 -34.31
N ASP XB 24 -94.86 -34.96 -34.06
CA ASP XB 24 -95.59 -34.83 -32.79
C ASP XB 24 -96.85 -35.67 -32.83
N PRO XB 25 -97.08 -36.54 -31.85
CA PRO XB 25 -98.31 -37.33 -31.83
C PRO XB 25 -99.54 -36.46 -31.57
N THR XB 26 -100.69 -36.94 -32.04
CA THR XB 26 -101.94 -36.25 -31.84
C THR XB 26 -102.49 -36.53 -30.44
N ALA XB 27 -103.60 -35.88 -30.11
CA ALA XB 27 -104.20 -36.05 -28.79
C ALA XB 27 -104.64 -37.48 -28.56
N GLN XB 28 -105.26 -38.10 -29.57
CA GLN XB 28 -105.70 -39.48 -29.41
C GLN XB 28 -104.52 -40.43 -29.19
N GLN XB 29 -103.44 -40.23 -29.95
CA GLN XB 29 -102.26 -41.06 -29.76
C GLN XB 29 -101.66 -40.86 -28.38
N ALA XB 30 -101.60 -39.61 -27.91
CA ALA XB 30 -101.07 -39.35 -26.58
C ALA XB 30 -101.92 -40.01 -25.51
N CYS XB 31 -103.25 -39.93 -25.64
CA CYS XB 31 -104.12 -40.57 -24.66
C CYS XB 31 -103.95 -42.08 -24.67
N VAL XB 32 -103.85 -42.67 -25.87
CA VAL XB 32 -103.66 -44.12 -25.96
C VAL XB 32 -102.34 -44.51 -25.31
N LEU XB 33 -101.27 -43.77 -25.58
CA LEU XB 33 -99.98 -44.08 -24.97
C LEU XB 33 -100.04 -43.95 -23.45
N TYR XB 34 -100.70 -42.91 -22.95
CA TYR XB 34 -100.82 -42.74 -21.51
C TYR XB 34 -101.59 -43.89 -20.88
N ARG XB 35 -102.70 -44.30 -21.50
CA ARG XB 35 -103.47 -45.42 -20.97
C ARG XB 35 -102.66 -46.70 -20.98
N ARG XB 36 -101.92 -46.96 -22.07
CA ARG XB 36 -101.10 -48.16 -22.13
C ARG XB 36 -100.03 -48.14 -21.05
N LEU XB 37 -99.37 -46.99 -20.86
CA LEU XB 37 -98.34 -46.90 -19.83
C LEU XB 37 -98.93 -47.14 -18.45
N LEU XB 38 -100.09 -46.53 -18.16
CA LEU XB 38 -100.71 -46.70 -16.85
C LEU XB 38 -101.09 -48.16 -16.61
N LYS XB 39 -101.72 -48.79 -17.60
CA LYS XB 39 -102.13 -50.19 -17.44
C LYS XB 39 -100.92 -51.10 -17.29
N ALA XB 40 -99.88 -50.89 -18.09
CA ALA XB 40 -98.68 -51.72 -17.99
C ALA XB 40 -98.02 -51.56 -16.63
N GLY XB 41 -97.92 -50.32 -16.14
CA GLY XB 41 -97.36 -50.12 -14.82
C GLY XB 41 -98.16 -50.82 -13.74
N HIS XB 42 -99.48 -50.66 -13.79
CA HIS XB 42 -100.33 -51.29 -12.78
C HIS XB 42 -100.18 -52.81 -12.81
N GLN XB 43 -100.08 -53.39 -14.00
CA GLN XB 43 -99.96 -54.84 -14.09
C GLN XB 43 -98.57 -55.34 -13.70
N GLN XB 44 -97.52 -54.56 -13.97
CA GLN XB 44 -96.15 -55.05 -13.80
C GLN XB 44 -95.56 -54.67 -12.44
N LEU XB 45 -95.49 -53.37 -12.14
CA LEU XB 45 -94.72 -52.91 -11.01
C LEU XB 45 -95.27 -53.47 -9.70
N LEU XB 46 -94.36 -53.77 -8.78
CA LEU XB 46 -94.72 -54.24 -7.44
C LEU XB 46 -93.99 -53.52 -6.32
N VAL XB 47 -92.83 -52.91 -6.59
CA VAL XB 47 -92.08 -52.20 -5.55
C VAL XB 47 -92.40 -50.71 -5.56
N THR XB 48 -92.34 -50.09 -6.73
CA THR XB 48 -92.63 -48.66 -6.83
C THR XB 48 -94.10 -48.40 -6.53
N ASP XB 49 -94.38 -47.20 -6.04
CA ASP XB 49 -95.75 -46.81 -5.74
C ASP XB 49 -96.51 -46.56 -7.04
N LYS XB 50 -97.64 -47.25 -7.20
CA LYS XB 50 -98.43 -47.08 -8.42
C LYS XB 50 -98.96 -45.66 -8.55
N SER XB 51 -99.41 -45.09 -7.43
CA SER XB 51 -99.91 -43.71 -7.47
C SER XB 51 -98.80 -42.75 -7.87
N TYR XB 52 -97.61 -42.91 -7.32
CA TYR XB 52 -96.50 -42.04 -7.67
C TYR XB 52 -96.12 -42.20 -9.13
N TYR XB 53 -96.10 -43.44 -9.63
CA TYR XB 53 -95.80 -43.66 -11.03
C TYR XB 53 -96.83 -42.98 -11.94
N ALA XB 54 -98.11 -43.11 -11.60
CA ALA XB 54 -99.15 -42.46 -12.38
C ALA XB 54 -98.99 -40.95 -12.35
N ARG XB 55 -98.70 -40.39 -11.17
CA ARG XB 55 -98.51 -38.95 -11.07
C ARG XB 55 -97.32 -38.49 -11.89
N LYS XB 56 -96.23 -39.25 -11.87
CA LYS XB 56 -95.04 -38.87 -12.62
C LYS XB 56 -95.30 -38.90 -14.12
N VAL XB 57 -95.97 -39.94 -14.61
CA VAL XB 57 -96.26 -40.00 -16.04
C VAL XB 57 -97.22 -38.89 -16.44
N ARG XB 58 -98.21 -38.60 -15.59
CA ARG XB 58 -99.14 -37.51 -15.89
C ARG XB 58 -98.40 -36.18 -15.97
N HIS XB 59 -97.51 -35.93 -15.00
CA HIS XB 59 -96.74 -34.69 -15.01
C HIS XB 59 -95.86 -34.60 -16.25
N GLU XB 60 -95.20 -35.71 -16.60
CA GLU XB 60 -94.37 -35.72 -17.81
C GLU XB 60 -95.20 -35.33 -19.02
N PHE XB 61 -96.33 -36.01 -19.23
CA PHE XB 61 -97.15 -35.76 -20.41
C PHE XB 61 -97.64 -34.32 -20.44
N GLU XB 62 -98.09 -33.79 -19.28
CA GLU XB 62 -98.73 -32.49 -19.28
C GLU XB 62 -97.76 -31.33 -19.16
N VAL XB 63 -96.47 -31.58 -18.90
CA VAL XB 63 -95.49 -30.52 -18.72
C VAL XB 63 -94.36 -30.61 -19.76
N THR XB 64 -93.64 -31.73 -19.79
CA THR XB 64 -92.42 -31.79 -20.60
C THR XB 64 -92.74 -31.72 -22.08
N ALA XB 65 -93.81 -32.39 -22.51
CA ALA XB 65 -94.18 -32.34 -23.93
C ALA XB 65 -94.49 -30.92 -24.36
N ARG XB 66 -95.26 -30.20 -23.55
CA ARG XB 66 -95.58 -28.82 -23.88
C ARG XB 66 -94.33 -27.95 -23.88
N GLN XB 67 -93.44 -28.15 -22.91
CA GLN XB 67 -92.25 -27.31 -22.81
C GLN XB 67 -91.28 -27.55 -23.97
N THR XB 68 -91.14 -28.79 -24.42
CA THR XB 68 -90.20 -29.12 -25.46
C THR XB 68 -90.82 -28.88 -26.84
N SER XB 69 -90.06 -29.20 -27.88
CA SER XB 69 -90.47 -28.95 -29.26
C SER XB 69 -91.17 -30.19 -29.82
N ALA XB 70 -91.63 -30.10 -31.08
CA ALA XB 70 -92.35 -31.20 -31.69
C ALA XB 70 -91.46 -32.43 -31.86
N ARG XB 71 -90.22 -32.23 -32.28
CA ARG XB 71 -89.31 -33.36 -32.45
C ARG XB 71 -89.08 -34.08 -31.12
N VAL XB 72 -88.89 -33.32 -30.05
CA VAL XB 72 -88.72 -33.93 -28.74
C VAL XB 72 -89.97 -34.67 -28.31
N ARG XB 73 -91.15 -34.12 -28.65
CA ARG XB 73 -92.39 -34.81 -28.31
C ARG XB 73 -92.50 -36.14 -29.05
N GLY XB 74 -92.14 -36.16 -30.33
CA GLY XB 74 -92.15 -37.41 -31.06
C GLY XB 74 -91.14 -38.41 -30.51
N ILE XB 75 -89.97 -37.94 -30.14
CA ILE XB 75 -88.96 -38.82 -29.54
C ILE XB 75 -89.48 -39.41 -28.25
N MET XB 76 -90.13 -38.59 -27.42
CA MET XB 76 -90.69 -39.09 -26.17
C MET XB 76 -91.82 -40.08 -26.42
N TYR XB 77 -92.63 -39.85 -27.45
CA TYR XB 77 -93.67 -40.81 -27.80
C TYR XB 77 -93.07 -42.16 -28.17
N GLU XB 78 -92.04 -42.14 -29.02
CA GLU XB 78 -91.37 -43.39 -29.39
C GLU XB 78 -90.75 -44.05 -28.18
N ARG XB 79 -90.16 -43.27 -27.28
CA ARG XB 79 -89.55 -43.83 -26.08
C ARG XB 79 -90.61 -44.46 -25.17
N GLY XB 80 -91.78 -43.83 -25.07
CA GLY XB 80 -92.86 -44.42 -24.30
C GLY XB 80 -93.35 -45.72 -24.89
N GLN XB 81 -93.45 -45.78 -26.21
CA GLN XB 81 -93.79 -47.04 -26.88
C GLN XB 81 -92.74 -48.10 -26.56
N TRP XB 82 -91.47 -47.73 -26.61
CA TRP XB 82 -90.40 -48.66 -26.29
C TRP XB 82 -90.51 -49.15 -24.86
N LEU XB 83 -90.83 -48.24 -23.93
CA LEU XB 83 -90.99 -48.63 -22.53
C LEU XB 83 -92.14 -49.62 -22.37
N VAL XB 84 -93.28 -49.33 -23.02
CA VAL XB 84 -94.42 -50.23 -22.94
C VAL XB 84 -94.05 -51.61 -23.48
N GLU XB 85 -93.27 -51.66 -24.56
CA GLU XB 85 -92.88 -52.93 -25.15
C GLU XB 85 -91.81 -53.66 -24.35
N ASN XB 86 -90.97 -52.94 -23.60
CA ASN XB 86 -89.83 -53.53 -22.89
C ASN XB 86 -90.00 -53.44 -21.38
N LYS XB 87 -91.25 -53.35 -20.90
CA LYS XB 87 -91.56 -53.49 -19.49
C LYS XB 87 -91.11 -52.27 -18.69
N LEU XB 88 -91.25 -51.08 -19.28
CA LEU XB 88 -90.99 -49.82 -18.61
C LEU XB 88 -89.52 -49.67 -18.21
N GLY XB 89 -88.63 -50.47 -18.79
CA GLY XB 89 -87.23 -50.37 -18.48
C GLY XB 89 -86.86 -50.83 -17.08
N GLY XB 90 -87.78 -51.47 -16.37
CA GLY XB 90 -87.49 -51.97 -15.03
C GLY XB 90 -87.95 -51.02 -13.95
N ILE XB 91 -89.04 -51.38 -13.26
CA ILE XB 91 -89.58 -50.55 -12.19
C ILE XB 91 -90.13 -51.45 -11.10
N CYS YB 1 -96.05 -70.70 51.45
CA CYS YB 1 -95.46 -71.79 52.21
C CYS YB 1 -94.57 -72.66 51.32
N SER YB 2 -93.40 -72.14 50.99
CA SER YB 2 -92.44 -72.85 50.16
C SER YB 2 -91.04 -72.68 50.74
N PRO YB 3 -90.11 -73.61 50.49
CA PRO YB 3 -88.76 -73.43 51.03
C PRO YB 3 -88.09 -72.16 50.56
N PHE YB 4 -88.28 -71.78 49.29
CA PHE YB 4 -87.68 -70.56 48.78
C PHE YB 4 -88.23 -69.34 49.51
N LEU YB 5 -89.55 -69.28 49.69
CA LEU YB 5 -90.15 -68.15 50.39
C LEU YB 5 -89.69 -68.11 51.85
N SER YB 6 -89.58 -69.27 52.49
CA SER YB 6 -89.11 -69.31 53.86
C SER YB 6 -87.68 -68.80 53.96
N SER YB 7 -86.82 -69.21 53.03
CA SER YB 7 -85.45 -68.70 53.02
C SER YB 7 -85.42 -67.20 52.81
N LEU YB 8 -86.24 -66.69 51.89
CA LEU YB 8 -86.26 -65.25 51.64
C LEU YB 8 -86.73 -64.48 52.86
N LEU YB 9 -87.76 -64.97 53.54
CA LEU YB 9 -88.34 -64.23 54.66
C LEU YB 9 -87.48 -64.35 55.90
N SER YB 10 -87.28 -65.59 56.38
CA SER YB 10 -86.46 -65.83 57.56
C SER YB 10 -85.18 -66.54 57.15
N PRO YB 11 -84.19 -65.81 56.61
CA PRO YB 11 -82.94 -66.45 56.19
C PRO YB 11 -82.16 -67.06 57.36
N VAL YB 12 -81.32 -68.04 57.06
CA VAL YB 12 -80.58 -68.76 58.08
C VAL YB 12 -79.60 -67.82 58.77
N GLU YB 13 -79.08 -68.24 59.92
CA GLU YB 13 -78.17 -67.41 60.71
C GLU YB 13 -76.75 -67.70 60.28
N THR YB 14 -76.09 -66.69 59.74
CA THR YB 14 -74.69 -66.77 59.35
C THR YB 14 -73.83 -66.17 60.45
N VAL YB 15 -72.55 -65.96 60.16
CA VAL YB 15 -71.59 -65.40 61.12
C VAL YB 15 -72.20 -64.15 61.75
N PRO YB 16 -72.54 -64.15 63.04
CA PRO YB 16 -73.12 -62.95 63.65
C PRO YB 16 -72.13 -61.79 63.63
N LEU YB 17 -72.65 -60.58 63.48
CA LEU YB 17 -71.88 -59.34 63.53
C LEU YB 17 -72.63 -58.37 64.43
N HIS YB 18 -72.08 -58.11 65.61
CA HIS YB 18 -72.75 -57.25 66.56
C HIS YB 18 -72.52 -55.77 66.20
N ASP YB 19 -73.35 -54.91 66.77
CA ASP YB 19 -73.20 -53.47 66.61
C ASP YB 19 -73.65 -52.82 67.92
N VAL YB 20 -73.80 -51.49 67.90
CA VAL YB 20 -74.20 -50.78 69.11
C VAL YB 20 -75.70 -50.76 69.32
N THR YB 21 -76.48 -51.27 68.36
CA THR YB 21 -77.94 -51.25 68.48
C THR YB 21 -78.54 -52.62 68.21
N ARG YB 22 -77.89 -53.43 67.38
CA ARG YB 22 -78.48 -54.69 66.93
C ARG YB 22 -77.37 -55.69 66.63
N THR YB 23 -77.73 -56.79 65.99
CA THR YB 23 -76.76 -57.80 65.58
C THR YB 23 -77.25 -58.42 64.28
N TYR YB 24 -76.44 -58.29 63.23
CA TYR YB 24 -76.79 -58.80 61.91
C TYR YB 24 -76.27 -60.22 61.80
N SER YB 25 -77.18 -61.18 61.60
CA SER YB 25 -76.82 -62.58 61.54
C SER YB 25 -77.25 -63.28 60.27
N THR YB 26 -77.97 -62.61 59.36
CA THR YB 26 -78.46 -63.24 58.14
C THR YB 26 -77.65 -62.85 56.91
N MET YB 27 -76.50 -62.18 57.09
CA MET YB 27 -75.67 -61.82 55.96
C MET YB 27 -75.15 -63.08 55.28
N ASP YB 28 -75.19 -63.09 53.95
CA ASP YB 28 -74.72 -64.23 53.17
C ASP YB 28 -73.23 -64.06 52.92
N VAL YB 29 -72.43 -64.51 53.89
CA VAL YB 29 -70.98 -64.39 53.78
C VAL YB 29 -70.45 -65.45 52.81
N VAL YB 30 -69.33 -65.14 52.17
CA VAL YB 30 -68.73 -66.08 51.23
C VAL YB 30 -68.28 -67.33 51.97
N ASP YB 31 -68.25 -68.44 51.24
CA ASP YB 31 -67.79 -69.70 51.81
C ASP YB 31 -66.33 -69.56 52.24
N PRO YB 32 -65.98 -69.92 53.47
CA PRO YB 32 -64.57 -69.86 53.89
C PRO YB 32 -63.68 -70.58 52.91
N PRO YB 33 -62.37 -70.30 52.93
CA PRO YB 33 -61.48 -70.88 51.91
C PRO YB 33 -61.50 -72.40 51.94
N ALA YB 34 -61.35 -72.97 50.76
CA ALA YB 34 -61.30 -74.42 50.60
C ALA YB 34 -59.95 -74.96 51.08
N ARG YB 35 -59.95 -76.23 51.46
CA ARG YB 35 -58.74 -76.90 51.89
C ARG YB 35 -58.78 -78.35 51.43
N TYR YB 36 -57.60 -78.95 51.30
CA TYR YB 36 -57.47 -80.34 50.88
C TYR YB 36 -56.69 -81.09 51.96
N ASN YB 37 -57.37 -82.00 52.67
CA ASN YB 37 -56.74 -82.79 53.69
C ASN YB 37 -56.45 -84.18 53.15
N PRO YB 38 -55.19 -84.58 52.98
CA PRO YB 38 -54.93 -85.94 52.49
C PRO YB 38 -55.51 -87.02 53.38
N MET YB 39 -55.66 -86.75 54.68
CA MET YB 39 -56.24 -87.74 55.58
C MET YB 39 -57.65 -88.10 55.17
N VAL YB 40 -58.47 -87.12 54.78
CA VAL YB 40 -59.84 -87.37 54.37
C VAL YB 40 -59.84 -88.14 53.06
N PRO YB 41 -60.49 -89.29 52.96
CA PRO YB 41 -60.52 -90.04 51.71
C PRO YB 41 -61.43 -89.36 50.69
N ASN YB 42 -61.22 -89.70 49.42
CA ASN YB 42 -62.00 -89.13 48.34
C ASN YB 42 -63.41 -89.71 48.24
N VAL YB 43 -63.60 -90.96 48.69
CA VAL YB 43 -64.91 -91.59 48.58
C VAL YB 43 -65.95 -90.83 49.38
N GLU YB 44 -65.58 -90.35 50.57
CA GLU YB 44 -66.50 -89.61 51.41
C GLU YB 44 -65.74 -88.81 52.47
N LEU YB 75 -79.36 -114.44 49.02
CA LEU YB 75 -80.50 -113.60 48.69
C LEU YB 75 -81.26 -114.17 47.50
N TRP YB 76 -82.32 -113.47 47.08
CA TRP YB 76 -83.10 -113.92 45.93
C TRP YB 76 -82.24 -113.97 44.67
N GLY YB 77 -81.42 -112.94 44.46
CA GLY YB 77 -80.52 -112.96 43.32
C GLY YB 77 -79.52 -114.09 43.37
N VAL YB 78 -79.00 -114.38 44.57
CA VAL YB 78 -78.06 -115.48 44.72
C VAL YB 78 -78.74 -116.81 44.36
N PHE YB 79 -79.96 -117.00 44.87
CA PHE YB 79 -80.69 -118.23 44.56
C PHE YB 79 -80.98 -118.33 43.06
N GLU YB 80 -81.36 -117.22 42.44
CA GLU YB 80 -81.63 -117.23 41.01
C GLU YB 80 -80.38 -117.61 40.22
N GLY YB 81 -79.23 -117.02 40.58
CA GLY YB 81 -78.00 -117.40 39.92
C GLY YB 81 -77.67 -118.86 40.14
N SER YB 82 -77.86 -119.36 41.35
CA SER YB 82 -77.54 -120.75 41.67
C SER YB 82 -78.40 -121.72 40.88
N GLU YB 83 -79.71 -121.74 41.15
CA GLU YB 83 -80.58 -122.74 40.53
C GLU YB 83 -81.90 -122.22 39.98
N ASP YB 84 -82.45 -121.13 40.52
CA ASP YB 84 -83.83 -120.76 40.17
C ASP YB 84 -83.94 -120.17 38.77
N ASN YB 85 -82.84 -119.67 38.21
CA ASN YB 85 -82.88 -119.07 36.87
C ASN YB 85 -83.40 -120.08 35.86
N LYS YB 86 -84.38 -119.64 35.06
CA LYS YB 86 -84.96 -120.48 34.02
C LYS YB 86 -85.20 -119.66 32.76
N PRO YB 87 -84.91 -120.20 31.58
CA PRO YB 87 -85.10 -119.44 30.34
C PRO YB 87 -86.54 -119.54 29.85
N PRO YB 88 -87.26 -118.43 29.79
CA PRO YB 88 -88.60 -118.44 29.19
C PRO YB 88 -88.51 -118.47 27.67
N ALA YB 89 -89.66 -118.69 27.03
CA ALA YB 89 -89.70 -118.85 25.59
C ALA YB 89 -89.24 -117.58 24.88
N TRP YB 90 -89.76 -116.42 25.30
CA TRP YB 90 -89.40 -115.18 24.62
C TRP YB 90 -87.93 -114.84 24.81
N PHE YB 91 -87.41 -115.03 26.02
CA PHE YB 91 -85.99 -114.78 26.26
C PHE YB 91 -85.12 -115.72 25.45
N TYR YB 92 -85.51 -117.00 25.37
CA TYR YB 92 -84.76 -117.95 24.55
C TYR YB 92 -84.77 -117.52 23.09
N ARG YB 93 -85.93 -117.08 22.59
CA ARG YB 93 -86.00 -116.63 21.20
C ARG YB 93 -85.11 -115.43 20.96
N LEU YB 94 -85.13 -114.46 21.89
CA LEU YB 94 -84.29 -113.27 21.73
C LEU YB 94 -82.81 -113.64 21.75
N CYS YB 95 -82.41 -114.52 22.67
CA CYS YB 95 -81.01 -114.93 22.73
C CYS YB 95 -80.60 -115.66 21.46
N LYS YB 96 -81.47 -116.54 20.94
CA LYS YB 96 -81.14 -117.25 19.71
C LYS YB 96 -81.01 -116.29 18.54
N LEU YB 98 -81.92 -115.31 18.44
CA LEU YB 98 -81.83 -114.32 17.37
C LEU YB 98 -80.53 -113.51 17.48
N PHE YB 99 -80.17 -113.10 18.70
CA PHE YB 99 -78.94 -112.34 18.88
C PHE YB 99 -77.73 -113.18 18.49
N TYR YB 100 -77.71 -114.45 18.89
CA TYR YB 100 -76.60 -115.33 18.52
C TYR YB 100 -76.50 -115.49 17.02
N ARG YB 101 -77.65 -115.70 16.35
CA ARG YB 101 -77.65 -115.83 14.90
C ARG YB 101 -77.28 -114.52 14.20
N THR YB 102 -77.47 -113.38 14.86
CA THR YB 102 -77.13 -112.08 14.31
C THR YB 102 -77.97 -111.79 13.05
N ASN YB 103 -79.28 -111.73 13.26
CA ASN YB 103 -80.21 -111.44 12.17
C ASN YB 103 -81.49 -110.80 12.72
N ASP YB 152 -68.06 -100.77 9.54
CA ASP YB 152 -67.17 -100.14 10.51
C ASP YB 152 -67.61 -100.46 11.93
N PRO YB 153 -66.68 -100.44 12.88
CA PRO YB 153 -67.07 -100.70 14.27
C PRO YB 153 -68.08 -99.71 14.81
N TYR YB 154 -68.06 -98.46 14.33
CA TYR YB 154 -69.01 -97.47 14.80
C TYR YB 154 -70.45 -97.87 14.47
N VAL YB 155 -70.68 -98.43 13.28
CA VAL YB 155 -72.02 -98.82 12.86
C VAL YB 155 -72.36 -100.24 13.26
N TRP YB 156 -71.39 -101.14 13.31
CA TRP YB 156 -71.67 -102.52 13.68
C TRP YB 156 -72.10 -102.61 15.14
N ILE YB 157 -73.10 -103.45 15.40
CA ILE YB 157 -73.65 -103.61 16.74
C ILE YB 157 -73.34 -105.02 17.24
N PRO YB 158 -72.33 -105.21 18.09
CA PRO YB 158 -72.02 -106.54 18.60
C PRO YB 158 -72.97 -106.97 19.70
N PHE YB 159 -72.97 -108.29 19.94
CA PHE YB 159 -73.77 -108.90 21.01
C PHE YB 159 -72.98 -110.07 21.57
N ASN YB 160 -72.31 -109.85 22.70
CA ASN YB 160 -71.52 -110.88 23.36
C ASN YB 160 -72.42 -111.59 24.38
N LEU YB 161 -73.08 -112.65 23.94
CA LEU YB 161 -73.96 -113.41 24.81
C LEU YB 161 -73.15 -114.23 25.81
N LEU YB 162 -73.59 -114.22 27.06
CA LEU YB 162 -72.94 -114.96 28.12
C LEU YB 162 -73.64 -116.31 28.30
N ASP YB 163 -73.17 -117.11 29.25
CA ASP YB 163 -73.76 -118.40 29.58
C ASP YB 163 -74.72 -118.23 30.75
N GLU YB 164 -75.74 -119.08 30.79
CA GLU YB 164 -76.76 -118.97 31.83
C GLU YB 164 -76.15 -119.00 33.21
N ALA YB 165 -75.06 -119.76 33.39
CA ALA YB 165 -74.38 -119.78 34.68
C ALA YB 165 -73.57 -118.51 34.91
N ASP YB 166 -73.15 -117.85 33.83
CA ASP YB 166 -72.31 -116.67 33.93
C ASP YB 166 -73.09 -115.36 33.96
N TYR YB 167 -74.42 -115.41 33.89
CA TYR YB 167 -75.20 -114.18 33.94
C TYR YB 167 -74.97 -113.48 35.27
N HIS YB 168 -74.86 -112.15 35.22
CA HIS YB 168 -74.70 -111.34 36.42
C HIS YB 168 -76.06 -111.12 37.05
N VAL YB 169 -76.25 -111.63 38.27
CA VAL YB 169 -77.51 -111.53 38.98
C VAL YB 169 -77.28 -110.71 40.25
N GLY YB 170 -78.08 -109.67 40.43
CA GLY YB 170 -77.97 -108.81 41.58
C GLY YB 170 -78.65 -107.48 41.36
N PRO YB 171 -78.68 -106.65 42.39
CA PRO YB 171 -79.27 -105.31 42.26
C PRO YB 171 -78.28 -104.35 41.63
N TYR YB 172 -78.78 -103.16 41.28
CA TYR YB 172 -77.93 -102.12 40.75
C TYR YB 172 -77.14 -101.48 41.88
N ARG YB 173 -75.81 -101.50 41.77
CA ARG YB 173 -74.93 -100.97 42.79
C ARG YB 173 -74.38 -99.63 42.31
N PHE YB 174 -74.76 -98.55 43.00
CA PHE YB 174 -74.27 -97.23 42.65
C PHE YB 174 -72.76 -97.18 42.87
N PRO YB 175 -72.01 -96.47 42.02
CA PRO YB 175 -70.57 -96.33 42.27
C PRO YB 175 -70.30 -95.63 43.60
N SER YB 176 -69.14 -95.91 44.17
CA SER YB 176 -68.79 -95.31 45.46
C SER YB 176 -68.89 -93.80 45.41
N THR YB 177 -68.59 -93.20 44.26
CA THR YB 177 -68.73 -91.75 44.08
C THR YB 177 -70.15 -91.44 43.60
N ALA YB 178 -71.09 -91.61 44.52
CA ALA YB 178 -72.51 -91.34 44.25
C ALA YB 178 -73.08 -90.65 45.48
N THR YB 179 -73.27 -89.34 45.38
CA THR YB 179 -73.73 -88.52 46.50
C THR YB 179 -75.25 -88.46 46.61
N TYR YB 180 -75.97 -89.40 45.99
CA TYR YB 180 -77.42 -89.40 46.09
C TYR YB 180 -77.86 -89.72 47.51
N THR YB 181 -78.99 -89.15 47.90
CA THR YB 181 -79.60 -89.46 49.18
C THR YB 181 -80.33 -90.79 49.10
N HIS YB 182 -80.83 -91.25 50.25
CA HIS YB 182 -81.58 -92.50 50.26
C HIS YB 182 -82.84 -92.40 49.42
N GLU YB 183 -83.57 -91.29 49.54
CA GLU YB 183 -84.77 -91.11 48.73
C GLU YB 183 -84.43 -91.05 47.25
N GLN YB 184 -83.35 -90.35 46.89
CA GLN YB 184 -82.94 -90.28 45.50
C GLN YB 184 -82.58 -91.66 44.96
N ARG YB 185 -81.86 -92.45 45.75
CA ARG YB 185 -81.52 -93.81 45.32
C ARG YB 185 -82.78 -94.66 45.14
N THR YB 186 -83.73 -94.55 46.06
CA THR YB 186 -84.96 -95.31 45.92
C THR YB 186 -85.71 -94.90 44.65
N LEU YB 187 -85.80 -93.60 44.39
CA LEU YB 187 -86.48 -93.14 43.19
C LEU YB 187 -85.78 -93.62 41.92
N LEU YB 188 -84.44 -93.59 41.92
CA LEU YB 188 -83.70 -94.05 40.75
C LEU YB 188 -83.83 -95.55 40.56
N CYS YB 189 -84.00 -96.30 41.64
CA CYS YB 189 -84.24 -97.74 41.57
C CYS YB 189 -85.71 -98.07 41.47
N LEU YB 190 -86.58 -97.07 41.34
CA LEU YB 190 -88.01 -97.27 41.14
C LEU YB 190 -88.65 -97.91 42.36
N GLY YB 191 -88.49 -97.28 43.53
CA GLY YB 191 -89.20 -97.70 44.71
C GLY YB 191 -88.63 -98.89 45.43
N ASP YB 192 -87.52 -99.46 44.95
CA ASP YB 192 -86.92 -100.61 45.62
C ASP YB 192 -85.48 -100.74 45.13
N THR YB 193 -84.53 -100.58 46.04
CA THR YB 193 -83.12 -100.83 45.74
C THR YB 193 -82.77 -102.31 45.80
N ARG YB 194 -83.64 -103.14 46.37
CA ARG YB 194 -83.35 -104.56 46.49
C ARG YB 194 -83.65 -105.32 45.21
N ARG YB 195 -84.37 -104.72 44.27
CA ARG YB 195 -84.72 -105.40 43.03
C ARG YB 195 -83.47 -105.82 42.28
N GLU YB 196 -83.48 -107.05 41.76
CA GLU YB 196 -82.32 -107.60 41.06
C GLU YB 196 -82.60 -107.71 39.57
N TYR YB 197 -81.64 -107.27 38.76
CA TYR YB 197 -81.73 -107.30 37.31
C TYR YB 197 -80.67 -108.25 36.78
N VAL YB 198 -81.08 -109.15 35.89
CA VAL YB 198 -80.15 -110.13 35.33
C VAL YB 198 -79.54 -109.59 34.05
N HIS YB 199 -78.21 -109.50 34.03
CA HIS YB 199 -77.45 -109.07 32.87
C HIS YB 199 -76.88 -110.31 32.19
N PHE YB 200 -77.16 -110.47 30.90
CA PHE YB 200 -76.82 -111.69 30.18
C PHE YB 200 -75.92 -111.49 28.98
N CYS YB 201 -75.79 -110.27 28.46
CA CYS YB 201 -74.92 -110.03 27.31
C CYS YB 201 -74.56 -108.56 27.26
N ASP YB 202 -73.49 -108.27 26.54
CA ASP YB 202 -73.05 -106.91 26.31
C ASP YB 202 -73.68 -106.37 25.03
N SER YB 203 -73.28 -105.17 24.64
CA SER YB 203 -73.88 -104.51 23.47
C SER YB 203 -72.90 -103.46 22.96
N TYR YB 204 -73.39 -102.58 22.09
CA TYR YB 204 -72.59 -101.54 21.48
C TYR YB 204 -71.70 -100.86 22.50
N ALA YB 205 -70.50 -100.46 22.05
CA ALA YB 205 -69.51 -99.86 22.92
C ALA YB 205 -69.39 -98.36 22.66
N PHE YB 206 -68.99 -97.64 23.71
CA PHE YB 206 -68.82 -96.20 23.66
C PHE YB 206 -67.42 -95.85 24.14
N PRO YB 207 -66.85 -94.74 23.64
CA PRO YB 207 -65.48 -94.40 24.01
C PRO YB 207 -65.36 -94.00 25.47
N GLY YB 208 -64.16 -94.18 26.01
CA GLY YB 208 -63.89 -93.76 27.37
C GLY YB 208 -63.98 -92.25 27.50
N ARG YB 209 -64.35 -91.81 28.70
CA ARG YB 209 -64.54 -90.38 28.94
C ARG YB 209 -63.28 -89.59 28.62
N ALA YB 210 -62.13 -90.05 29.12
CA ALA YB 210 -60.89 -89.30 28.91
C ALA YB 210 -60.41 -89.38 27.47
N GLN YB 211 -60.75 -90.47 26.78
CA GLN YB 211 -60.28 -90.65 25.42
C GLN YB 211 -60.79 -89.54 24.51
N ILE YB 212 -60.18 -89.45 23.33
CA ILE YB 212 -60.62 -88.44 22.36
C ILE YB 212 -62.07 -88.72 21.99
N PRO YB 213 -62.93 -87.70 21.89
CA PRO YB 213 -64.38 -87.99 21.74
C PRO YB 213 -64.70 -88.86 20.53
N THR YB 214 -63.98 -88.66 19.42
CA THR YB 214 -64.27 -89.41 18.20
C THR YB 214 -63.43 -90.68 18.14
N SER YB 215 -63.49 -91.49 19.19
CA SER YB 215 -62.72 -92.73 19.28
C SER YB 215 -63.65 -93.92 19.19
N VAL YB 216 -63.06 -95.08 18.90
CA VAL YB 216 -63.86 -96.30 18.80
C VAL YB 216 -64.42 -96.67 20.16
N GLY YB 217 -65.62 -97.24 20.14
CA GLY YB 217 -66.27 -97.63 21.39
C GLY YB 217 -65.44 -98.63 22.16
N THR YB 218 -65.23 -98.37 23.45
CA THR YB 218 -64.46 -99.25 24.32
C THR YB 218 -65.32 -99.88 25.41
N CYS YB 219 -66.02 -99.08 26.19
CA CYS YB 219 -66.86 -99.61 27.25
C CYS YB 219 -68.17 -100.12 26.66
N PRO YB 220 -68.51 -101.40 26.84
CA PRO YB 220 -69.76 -101.91 26.25
C PRO YB 220 -70.98 -101.55 27.08
N SER YB 221 -72.13 -101.62 26.42
CA SER YB 221 -73.41 -101.47 27.09
C SER YB 221 -73.91 -102.82 27.61
N LYS YB 222 -74.87 -102.77 28.52
CA LYS YB 222 -75.42 -103.96 29.15
C LYS YB 222 -76.89 -104.10 28.79
N LEU YB 223 -77.35 -105.35 28.72
CA LEU YB 223 -78.75 -105.67 28.44
C LEU YB 223 -79.29 -106.47 29.63
N TYR YB 224 -79.99 -105.79 30.52
CA TYR YB 224 -80.59 -106.41 31.68
C TYR YB 224 -82.00 -106.90 31.37
N VAL YB 225 -82.45 -107.86 32.16
CA VAL YB 225 -83.81 -108.38 32.05
C VAL YB 225 -84.24 -108.85 33.43
N ASN YB 226 -85.43 -108.40 33.84
CA ASN YB 226 -85.97 -108.76 35.14
C ASN YB 226 -86.48 -110.20 35.07
N PRO YB 227 -85.94 -111.14 35.85
CA PRO YB 227 -86.39 -112.53 35.74
C PRO YB 227 -87.87 -112.71 36.07
N LYS YB 228 -88.42 -111.91 36.98
CA LYS YB 228 -89.82 -112.01 37.39
C LYS YB 228 -90.51 -110.71 36.97
N GLN YB 229 -91.01 -110.69 35.73
CA GLN YB 229 -91.73 -109.54 35.21
C GLN YB 229 -92.89 -110.04 34.36
N GLN YB 230 -94.06 -109.40 34.52
CA GLN YB 230 -95.23 -109.82 33.77
C GLN YB 230 -95.06 -109.64 32.27
N GLN YB 231 -94.44 -108.54 31.84
CA GLN YB 231 -94.23 -108.29 30.43
C GLN YB 231 -92.78 -108.58 30.04
N PRO YB 232 -92.51 -108.95 28.80
CA PRO YB 232 -91.12 -109.25 28.38
C PRO YB 232 -90.32 -107.99 28.10
N VAL YB 233 -89.97 -107.28 29.17
CA VAL YB 233 -89.24 -106.02 29.05
C VAL YB 233 -87.75 -106.29 29.11
N VAL YB 234 -87.00 -105.58 28.28
CA VAL YB 234 -85.54 -105.67 28.25
C VAL YB 234 -85.00 -104.27 28.47
N TYR YB 235 -84.09 -104.11 29.43
CA TYR YB 235 -83.51 -102.81 29.73
C TYR YB 235 -82.13 -102.70 29.11
N ILE YB 236 -81.85 -101.55 28.53
CA ILE YB 236 -80.55 -101.23 27.95
C ILE YB 236 -79.89 -100.21 28.86
N GLN YB 237 -78.70 -100.54 29.36
CA GLN YB 237 -77.90 -99.66 30.21
C GLN YB 237 -76.67 -99.23 29.41
N LEU YB 238 -76.59 -97.94 29.10
CA LEU YB 238 -75.45 -97.43 28.35
C LEU YB 238 -74.16 -97.49 29.16
N SER YB 239 -74.23 -97.34 30.48
CA SER YB 239 -73.04 -97.36 31.31
C SER YB 239 -73.45 -97.60 32.76
N ASN YB 240 -72.44 -97.83 33.60
CA ASN YB 240 -72.67 -98.09 35.01
C ASN YB 240 -73.13 -96.86 35.78
N ASP YB 241 -73.03 -95.67 35.20
CA ASP YB 241 -73.34 -94.43 35.89
C ASP YB 241 -74.81 -94.05 35.81
N ILE YB 242 -75.61 -94.76 35.03
CA ILE YB 242 -77.03 -94.48 34.87
C ILE YB 242 -77.81 -95.54 35.65
N PRO YB 243 -78.76 -95.15 36.50
CA PRO YB 243 -79.49 -96.14 37.30
C PRO YB 243 -80.64 -96.75 36.51
N PRO YB 244 -81.37 -97.69 37.11
CA PRO YB 244 -82.48 -98.31 36.37
C PRO YB 244 -83.52 -97.32 35.89
N ALA YB 245 -83.73 -96.22 36.63
CA ALA YB 245 -84.74 -95.24 36.21
C ALA YB 245 -84.41 -94.67 34.84
N MET YB 246 -83.15 -94.69 34.43
CA MET YB 246 -82.74 -94.17 33.13
C MET YB 246 -82.43 -95.27 32.11
N TRP YB 247 -82.43 -96.54 32.52
CA TRP YB 247 -82.25 -97.61 31.56
C TRP YB 247 -83.36 -97.57 30.53
N LEU YB 248 -82.99 -97.71 29.27
CA LEU YB 248 -83.97 -97.64 28.19
C LEU YB 248 -84.79 -98.92 28.15
N PRO YB 249 -86.10 -98.86 28.32
CA PRO YB 249 -86.92 -100.07 28.15
C PRO YB 249 -87.18 -100.36 26.69
N VAL YB 250 -87.31 -101.65 26.38
CA VAL YB 250 -87.58 -102.10 25.02
C VAL YB 250 -88.80 -103.01 25.05
N LYS YB 251 -89.42 -103.15 23.88
CA LYS YB 251 -90.63 -103.95 23.74
C LYS YB 251 -90.35 -105.45 23.77
N GLY YB 252 -89.13 -105.86 24.09
CA GLY YB 252 -88.80 -107.28 24.16
C GLY YB 252 -88.60 -107.95 22.83
N THR YB 253 -88.34 -107.19 21.77
CA THR YB 253 -88.16 -107.72 20.43
C THR YB 253 -86.72 -107.51 19.98
N ALA YB 254 -86.15 -108.52 19.32
CA ALA YB 254 -84.78 -108.41 18.83
C ALA YB 254 -84.65 -107.27 17.84
N ALA YB 255 -85.63 -107.12 16.94
CA ALA YB 255 -85.61 -106.01 15.99
C ALA YB 255 -85.67 -104.67 16.73
N SER YB 256 -86.51 -104.58 17.76
CA SER YB 256 -86.60 -103.33 18.51
C SER YB 256 -85.27 -102.99 19.18
N VAL YB 257 -84.63 -103.98 19.80
CA VAL YB 257 -83.34 -103.74 20.44
C VAL YB 257 -82.31 -103.32 19.40
N ARG YB 258 -82.31 -103.99 18.25
CA ARG YB 258 -81.35 -103.65 17.21
C ARG YB 258 -81.54 -102.22 16.72
N ARG YB 259 -82.81 -101.81 16.53
CA ARG YB 259 -83.06 -100.43 16.10
C ARG YB 259 -82.65 -99.43 17.17
N VAL YB 260 -82.94 -99.73 18.43
CA VAL YB 260 -82.56 -98.82 19.51
C VAL YB 260 -81.05 -98.64 19.55
N LEU YB 261 -80.30 -99.73 19.42
CA LEU YB 261 -78.84 -99.62 19.41
C LEU YB 261 -78.34 -98.95 18.14
N ALA YB 262 -79.02 -99.17 17.01
CA ALA YB 262 -78.62 -98.56 15.76
C ALA YB 262 -78.80 -97.05 15.79
N GLU YB 263 -79.78 -96.56 16.54
CA GLU YB 263 -79.91 -95.11 16.70
C GLU YB 263 -78.64 -94.52 17.28
N PHE YB 264 -78.15 -95.07 18.39
CA PHE YB 264 -76.92 -94.58 19.00
C PHE YB 264 -75.72 -94.80 18.09
N ALA YB 265 -75.67 -95.94 17.42
CA ALA YB 265 -74.54 -96.22 16.52
C ALA YB 265 -74.48 -95.19 15.40
N SER YB 266 -75.63 -94.89 14.79
CA SER YB 266 -75.66 -93.90 13.72
C SER YB 266 -75.31 -92.52 14.25
N MET YB 267 -75.79 -92.17 15.44
CA MET YB 267 -75.44 -90.88 16.02
C MET YB 267 -73.93 -90.76 16.23
N ALA YB 268 -73.32 -91.83 16.76
CA ALA YB 268 -71.88 -91.82 16.96
C ALA YB 268 -71.14 -91.72 15.63
N ALA YB 269 -71.62 -92.43 14.61
CA ALA YB 269 -70.99 -92.36 13.30
C ALA YB 269 -71.07 -90.95 12.73
N LEU YB 270 -72.23 -90.30 12.86
CA LEU YB 270 -72.37 -88.93 12.37
C LEU YB 270 -71.44 -87.99 13.14
N HIS YB 271 -71.36 -88.16 14.45
CA HIS YB 271 -70.47 -87.32 15.24
C HIS YB 271 -69.02 -87.49 14.80
N ARG YB 272 -68.60 -88.72 14.57
CA ARG YB 272 -67.24 -88.98 14.10
C ARG YB 272 -67.01 -88.34 12.73
N ASP YB 273 -67.97 -88.50 11.81
CA ASP YB 273 -67.82 -87.95 10.48
C ASP YB 273 -67.74 -86.42 10.52
N TRP YB 274 -68.44 -85.80 11.48
CA TRP YB 274 -68.49 -84.35 11.51
C TRP YB 274 -67.29 -83.73 12.22
N HIS YB 275 -66.99 -84.21 13.43
CA HIS YB 275 -66.06 -83.52 14.32
C HIS YB 275 -64.76 -84.28 14.52
N HIS YB 276 -64.40 -85.16 13.59
CA HIS YB 276 -63.12 -85.86 13.70
C HIS YB 276 -61.96 -85.04 13.16
N ASP YB 277 -62.18 -84.30 12.07
CA ASP YB 277 -61.12 -83.45 11.53
C ASP YB 277 -60.77 -82.34 12.52
N GLU YB 278 -61.77 -81.74 13.16
CA GLU YB 278 -61.50 -80.69 14.13
C GLU YB 278 -60.68 -81.23 15.31
N PHE YB 279 -61.04 -82.41 15.80
CA PHE YB 279 -60.30 -83.00 16.90
C PHE YB 279 -58.89 -83.42 16.47
N MET YB 280 -58.72 -83.85 15.22
CA MET YB 280 -57.38 -84.13 14.73
C MET YB 280 -56.53 -82.87 14.69
N GLU YB 281 -57.12 -81.76 14.23
CA GLU YB 281 -56.41 -80.49 14.24
C GLU YB 281 -56.03 -80.09 15.66
N ARG YB 282 -56.96 -80.26 16.60
CA ARG YB 282 -56.68 -79.93 17.99
C ARG YB 282 -55.57 -80.80 18.56
N HIS YB 283 -55.58 -82.10 18.22
CA HIS YB 283 -54.54 -82.99 18.69
C HIS YB 283 -53.18 -82.59 18.12
N ALA YB 284 -53.12 -82.24 16.84
CA ALA YB 284 -51.86 -81.81 16.24
C ALA YB 284 -51.35 -80.54 16.91
N THR YB 285 -52.25 -79.58 17.15
CA THR YB 285 -51.83 -78.34 17.80
C THR YB 285 -51.37 -78.61 19.23
N ALA YB 286 -52.04 -79.53 19.93
CA ALA YB 286 -51.63 -79.87 21.28
C ALA YB 286 -50.23 -80.50 21.28
N VAL YB 287 -49.96 -81.39 20.32
CA VAL YB 287 -48.64 -81.99 20.23
C VAL YB 287 -47.60 -80.92 19.95
N ARG YB 288 -47.90 -79.99 19.04
CA ARG YB 288 -46.96 -78.93 18.73
C ARG YB 288 -46.69 -78.04 19.95
N MET YB 289 -47.74 -77.72 20.70
CA MET YB 289 -47.57 -76.88 21.88
C MET YB 289 -46.77 -77.59 22.96
N LEU YB 290 -46.99 -78.90 23.11
CA LEU YB 290 -46.18 -79.67 24.06
C LEU YB 290 -44.72 -79.70 23.62
N GLU YB 291 -44.47 -79.80 22.31
CA GLU YB 291 -43.09 -79.72 21.82
C GLU YB 291 -42.48 -78.36 22.13
N LEU YB 292 -43.25 -77.28 21.92
CA LEU YB 292 -42.76 -75.94 22.17
C LEU YB 292 -42.44 -75.73 23.64
N GLN YB 293 -43.45 -75.81 24.49
CA GLN YB 293 -43.22 -75.75 25.94
C GLN YB 293 -42.81 -77.14 26.39
N ARG YB 294 -41.53 -77.30 26.73
CA ARG YB 294 -40.98 -78.62 27.00
C ARG YB 294 -41.81 -79.33 28.06
N LEU YB 295 -42.49 -80.41 27.64
CA LEU YB 295 -43.36 -81.19 28.50
C LEU YB 295 -43.36 -82.62 27.99
N PRO YB 296 -43.68 -83.59 28.84
CA PRO YB 296 -43.76 -84.97 28.37
C PRO YB 296 -44.84 -85.12 27.30
N ALA YB 297 -44.55 -85.95 26.30
CA ALA YB 297 -45.43 -86.11 25.14
C ALA YB 297 -46.15 -87.45 25.13
N GLY YB 298 -46.52 -87.97 26.30
CA GLY YB 298 -47.27 -89.21 26.36
C GLY YB 298 -48.70 -89.02 25.86
N GLU YB 299 -49.38 -90.15 25.66
CA GLU YB 299 -50.76 -90.10 25.21
C GLU YB 299 -51.65 -89.41 26.23
N GLY YB 300 -51.47 -89.74 27.52
CA GLY YB 300 -52.23 -89.06 28.55
C GLY YB 300 -51.94 -87.58 28.61
N ASP YB 301 -50.66 -87.21 28.46
CA ASP YB 301 -50.31 -85.80 28.44
C ASP YB 301 -50.97 -85.08 27.27
N ILE YB 302 -50.99 -85.71 26.10
CA ILE YB 302 -51.62 -85.09 24.94
C ILE YB 302 -53.12 -84.94 25.18
N LEU YB 303 -53.76 -85.95 25.77
CA LEU YB 303 -55.19 -85.84 26.05
C LEU YB 303 -55.48 -84.72 27.03
N ARG YB 304 -54.67 -84.61 28.09
CA ARG YB 304 -54.85 -83.53 29.05
C ARG YB 304 -54.64 -82.17 28.40
N TYR YB 305 -53.65 -82.06 27.52
CA TYR YB 305 -53.42 -80.78 26.87
C TYR YB 305 -54.52 -80.45 25.88
N MET YB 306 -55.13 -81.45 25.24
CA MET YB 306 -56.29 -81.19 24.41
C MET YB 306 -57.45 -80.68 25.24
N ALA YB 307 -57.68 -81.31 26.39
CA ALA YB 307 -58.72 -80.82 27.29
C ALA YB 307 -58.45 -79.38 27.72
N TYR YB 308 -57.20 -79.04 27.98
CA TYR YB 308 -56.85 -77.67 28.32
C TYR YB 308 -57.08 -76.73 27.13
N ASP YB 309 -56.57 -77.09 25.96
CA ASP YB 309 -56.71 -76.28 24.77
C ASP YB 309 -58.17 -76.05 24.42
N ALA YB 310 -59.06 -76.92 24.90
CA ALA YB 310 -60.48 -76.62 24.83
C ALA YB 310 -60.76 -75.20 25.32
N ARG YB 311 -59.93 -74.69 26.23
CA ARG YB 311 -60.06 -73.31 26.67
C ARG YB 311 -59.86 -72.34 25.51
N ASN YB 312 -58.86 -72.61 24.67
CA ASN YB 312 -58.53 -71.74 23.53
C ASN YB 312 -59.35 -72.10 22.30
N ALA YB 313 -60.67 -72.12 22.44
CA ALA YB 313 -61.58 -72.42 21.35
C ALA YB 313 -62.38 -71.18 21.00
N GLN YB 314 -62.49 -70.90 19.70
CA GLN YB 314 -63.17 -69.71 19.23
C GLN YB 314 -64.68 -69.92 19.24
N PHE YB 315 -65.40 -68.87 19.64
CA PHE YB 315 -66.86 -68.96 19.72
C PHE YB 315 -67.47 -69.18 18.35
N ALA YB 316 -66.98 -68.47 17.33
CA ALA YB 316 -67.56 -68.59 16.00
C ALA YB 316 -67.42 -70.02 15.47
N PHE YB 317 -66.24 -70.63 15.66
CA PHE YB 317 -65.99 -71.99 15.22
C PHE YB 317 -66.34 -72.99 16.32
N ALA YB 318 -67.57 -72.87 16.82
CA ALA YB 318 -68.06 -73.75 17.86
C ALA YB 318 -69.28 -74.52 17.37
N PRO YB 319 -69.43 -75.82 17.75
CA PRO YB 319 -70.59 -76.60 17.31
C PRO YB 319 -71.88 -76.27 18.06
N ILE YB 320 -72.16 -74.98 18.20
CA ILE YB 320 -73.42 -74.53 18.78
C ILE YB 320 -74.43 -74.41 17.65
N ARG YB 321 -75.72 -74.49 18.00
CA ARG YB 321 -76.81 -74.47 17.03
C ARG YB 321 -76.74 -75.67 16.09
N GLU YB 322 -76.19 -76.79 16.55
CA GLU YB 322 -75.96 -77.93 15.67
C GLU YB 322 -77.27 -78.68 15.40
N PHE YB 323 -77.91 -79.17 16.48
CA PHE YB 323 -79.16 -79.90 16.29
C PHE YB 323 -80.36 -78.96 16.44
N PRO YB 324 -81.47 -79.22 15.75
CA PRO YB 324 -82.59 -78.28 15.80
C PRO YB 324 -83.16 -78.08 17.19
N ASN YB 325 -83.18 -79.12 18.02
CA ASN YB 325 -83.86 -79.06 19.29
C ASN YB 325 -83.02 -78.30 20.32
N GLN YB 326 -83.67 -77.45 21.11
CA GLN YB 326 -83.02 -76.67 22.15
C GLN YB 326 -83.92 -76.58 23.37
N GLN YB 327 -83.30 -76.40 24.53
CA GLN YB 327 -84.05 -76.20 25.77
C GLN YB 327 -83.08 -75.71 26.84
N GLU YB 328 -83.48 -74.64 27.54
CA GLU YB 328 -82.65 -74.07 28.59
C GLU YB 328 -83.08 -74.59 29.96
N PHE YB 329 -82.11 -74.67 30.87
CA PHE YB 329 -82.37 -75.03 32.26
C PHE YB 329 -81.57 -74.10 33.16
N PHE YB 330 -82.08 -73.91 34.37
CA PHE YB 330 -81.47 -73.02 35.36
C PHE YB 330 -80.73 -73.86 36.39
N LEU YB 331 -79.44 -73.58 36.55
CA LEU YB 331 -78.58 -74.34 37.47
C LEU YB 331 -78.35 -73.60 38.79
N GLY YB 332 -79.12 -72.55 39.03
CA GLY YB 332 -79.02 -71.86 40.32
C GLY YB 332 -77.98 -70.75 40.30
N GLU YB 333 -78.16 -69.79 41.20
CA GLU YB 333 -77.19 -68.73 41.38
C GLU YB 333 -76.02 -69.22 42.21
N HIS YB 334 -74.82 -68.74 41.87
CA HIS YB 334 -73.61 -69.16 42.55
C HIS YB 334 -72.73 -67.95 42.83
N ASP YB 335 -71.59 -68.19 43.47
CA ASP YB 335 -70.60 -67.17 43.74
C ASP YB 335 -69.25 -67.45 43.11
N ASP YB 336 -68.90 -68.71 42.91
CA ASP YB 336 -67.68 -69.11 42.22
C ASP YB 336 -68.07 -70.10 41.13
N PRO YB 337 -68.52 -69.60 39.97
CA PRO YB 337 -69.00 -70.52 38.92
C PRO YB 337 -67.98 -71.56 38.51
N GLU YB 338 -66.69 -71.30 38.70
CA GLU YB 338 -65.69 -72.32 38.40
C GLU YB 338 -65.88 -73.56 39.25
N LYS YB 339 -66.38 -73.42 40.48
CA LYS YB 339 -66.65 -74.58 41.32
C LYS YB 339 -67.70 -75.50 40.73
N LEU YB 340 -68.76 -74.96 40.12
CA LEU YB 340 -69.74 -75.78 39.41
C LEU YB 340 -69.23 -76.28 38.08
N MET YB 341 -68.44 -75.46 37.37
CA MET YB 341 -67.89 -75.91 36.09
C MET YB 341 -66.92 -77.06 36.28
N GLU YB 342 -66.24 -77.13 37.42
CA GLU YB 342 -65.40 -78.28 37.71
C GLU YB 342 -66.24 -79.56 37.81
N HIS YB 343 -67.39 -79.48 38.49
CA HIS YB 343 -68.28 -80.63 38.54
C HIS YB 343 -68.76 -80.99 37.15
N VAL YB 344 -69.10 -80.00 36.34
CA VAL YB 344 -69.54 -80.26 34.97
C VAL YB 344 -68.44 -80.99 34.19
N ASP YB 345 -67.21 -80.53 34.34
CA ASP YB 345 -66.10 -81.18 33.63
C ASP YB 345 -65.91 -82.61 34.11
N LEU YB 346 -66.00 -82.84 35.41
CA LEU YB 346 -65.74 -84.15 35.99
C LEU YB 346 -66.94 -85.08 35.93
N CYS YB 347 -68.07 -84.63 35.41
CA CYS YB 347 -69.23 -85.50 35.27
C CYS YB 347 -68.86 -86.71 34.43
N PRO YB 348 -69.07 -87.94 34.90
CA PRO YB 348 -68.65 -89.11 34.13
C PRO YB 348 -69.38 -89.29 32.82
N LEU YB 349 -70.55 -88.65 32.66
CA LEU YB 349 -71.35 -88.80 31.46
C LEU YB 349 -70.97 -87.80 30.36
N LEU YB 350 -69.94 -87.00 30.57
CA LEU YB 350 -69.47 -86.04 29.58
C LEU YB 350 -68.02 -86.31 29.25
N PHE YB 351 -67.62 -85.97 28.03
CA PHE YB 351 -66.24 -86.15 27.61
C PHE YB 351 -65.32 -85.20 28.38
N ALA YB 352 -64.03 -85.52 28.38
CA ALA YB 352 -63.02 -84.70 29.04
C ALA YB 352 -62.41 -83.67 28.10
N ILE YB 353 -62.87 -83.59 26.86
CA ILE YB 353 -62.32 -82.65 25.88
C ILE YB 353 -63.46 -81.83 25.30
N PRO YB 354 -63.95 -80.83 26.00
CA PRO YB 354 -65.07 -80.03 25.48
C PRO YB 354 -64.66 -79.23 24.25
N HIS YB 355 -65.67 -78.90 23.43
CA HIS YB 355 -65.45 -78.09 22.25
C HIS YB 355 -65.07 -76.65 22.59
N MET YB 356 -65.62 -76.10 23.66
CA MET YB 356 -65.32 -74.72 24.04
C MET YB 356 -65.46 -74.59 25.55
N ARG YB 357 -64.43 -74.03 26.19
CA ARG YB 357 -64.43 -73.80 27.62
C ARG YB 357 -63.94 -72.39 27.90
N THR YB 358 -64.50 -71.77 28.94
CA THR YB 358 -64.10 -70.43 29.34
C THR YB 358 -64.10 -70.36 30.86
N VAL YB 359 -62.93 -70.09 31.44
CA VAL YB 359 -62.81 -69.97 32.88
C VAL YB 359 -63.44 -68.65 33.33
N VAL YB 360 -64.32 -68.72 34.32
CA VAL YB 360 -65.07 -67.56 34.79
C VAL YB 360 -64.25 -66.96 35.93
N ASP YB 361 -63.32 -66.06 35.58
CA ASP YB 361 -62.59 -65.27 36.55
C ASP YB 361 -63.33 -63.95 36.73
N LEU YB 362 -64.16 -63.89 37.76
CA LEU YB 362 -64.98 -62.71 38.00
C LEU YB 362 -64.15 -61.46 38.28
N HIS YB 363 -62.89 -61.62 38.67
CA HIS YB 363 -62.03 -60.50 38.99
C HIS YB 363 -61.25 -59.98 37.79
N ALA YB 364 -61.30 -60.67 36.66
CA ALA YB 364 -60.65 -60.20 35.45
C ALA YB 364 -61.33 -58.93 34.95
N GLU YB 365 -60.53 -58.04 34.36
CA GLU YB 365 -61.05 -56.74 33.94
C GLU YB 365 -62.18 -56.85 32.94
N HIS YB 366 -62.29 -57.98 32.22
CA HIS YB 366 -63.33 -58.16 31.23
C HIS YB 366 -64.48 -59.04 31.71
N MET YB 367 -64.44 -59.54 32.94
CA MET YB 367 -65.48 -60.40 33.47
C MET YB 367 -66.12 -59.86 34.74
N ILE YB 368 -65.87 -58.60 35.08
CA ILE YB 368 -66.46 -58.01 36.28
C ILE YB 368 -67.96 -57.80 36.04
N PRO YB 369 -68.84 -58.41 36.84
CA PRO YB 369 -70.28 -58.21 36.60
C PRO YB 369 -70.71 -56.77 36.78
N THR YB 370 -71.64 -56.31 35.95
CA THR YB 370 -72.14 -54.95 35.99
C THR YB 370 -73.53 -54.91 35.35
N ILE YB 371 -74.24 -53.80 35.59
CA ILE YB 371 -75.55 -53.63 34.97
C ILE YB 371 -75.43 -53.72 33.45
N ALA YB 372 -74.50 -52.97 32.87
CA ALA YB 372 -74.11 -53.14 31.48
C ALA YB 372 -72.91 -54.09 31.42
N GLY YB 373 -73.08 -55.24 32.05
CA GLY YB 373 -71.99 -56.16 32.28
C GLY YB 373 -71.32 -56.63 31.01
N PRO YB 374 -70.25 -57.42 31.17
CA PRO YB 374 -69.53 -57.88 29.97
C PRO YB 374 -70.34 -58.81 29.10
N GLY YB 375 -71.03 -59.78 29.69
CA GLY YB 375 -71.85 -60.68 28.89
C GLY YB 375 -72.01 -62.07 29.47
N VAL YB 376 -71.68 -63.07 28.67
CA VAL YB 376 -71.90 -64.48 29.01
C VAL YB 376 -70.61 -65.25 28.78
N ALA YB 377 -70.24 -66.08 29.75
CA ALA YB 377 -69.15 -67.03 29.61
C ALA YB 377 -69.73 -68.37 29.22
N THR YB 378 -69.31 -68.89 28.08
CA THR YB 378 -69.92 -70.06 27.48
C THR YB 378 -68.96 -71.24 27.49
N SER YB 379 -69.48 -72.41 27.87
CA SER YB 379 -68.70 -73.65 27.86
C SER YB 379 -69.54 -74.74 27.24
N LEU YB 380 -69.04 -75.37 26.18
CA LEU YB 380 -69.80 -76.36 25.42
C LEU YB 380 -69.20 -77.74 25.68
N TYR YB 381 -70.03 -78.66 26.17
CA TYR YB 381 -69.64 -80.03 26.42
C TYR YB 381 -70.50 -80.97 25.59
N ARG YB 382 -69.97 -82.15 25.30
CA ARG YB 382 -70.68 -83.17 24.55
C ARG YB 382 -70.85 -84.41 25.42
N CYS YB 383 -72.05 -84.98 25.41
CA CYS YB 383 -72.32 -86.18 26.18
C CYS YB 383 -71.62 -87.38 25.57
N ILE YB 384 -71.47 -88.43 26.37
CA ILE YB 384 -70.68 -89.59 25.96
C ILE YB 384 -71.45 -90.45 24.96
N TYR YB 385 -72.66 -90.85 25.32
CA TYR YB 385 -73.37 -91.91 24.59
C TYR YB 385 -74.29 -91.33 23.52
N SER YB 386 -75.24 -90.51 23.90
CA SER YB 386 -76.03 -89.73 22.96
C SER YB 386 -75.30 -88.43 22.70
N LYS YB 387 -74.88 -88.21 21.46
CA LYS YB 387 -74.02 -87.07 21.16
C LYS YB 387 -74.80 -85.77 21.22
N ALA YB 388 -75.27 -85.42 22.41
CA ALA YB 388 -75.96 -84.16 22.66
C ALA YB 388 -74.97 -83.17 23.25
N LEU YB 389 -75.37 -81.90 23.24
CA LEU YB 389 -74.52 -80.80 23.67
C LEU YB 389 -75.13 -80.09 24.86
N LEU YB 390 -74.32 -79.91 25.91
CA LEU YB 390 -74.66 -79.07 27.04
C LEU YB 390 -73.89 -77.76 26.88
N PHE YB 391 -74.63 -76.68 26.61
CA PHE YB 391 -74.05 -75.37 26.39
C PHE YB 391 -74.32 -74.57 27.66
N VAL YB 392 -73.35 -74.58 28.58
CA VAL YB 392 -73.48 -73.90 29.86
C VAL YB 392 -73.12 -72.43 29.67
N GLN YB 393 -73.93 -71.56 30.28
CA GLN YB 393 -73.81 -70.12 30.13
C GLN YB 393 -73.82 -69.48 31.51
N VAL YB 394 -72.70 -68.91 31.90
CA VAL YB 394 -72.61 -68.12 33.13
C VAL YB 394 -72.85 -66.67 32.73
N HIS YB 395 -73.99 -66.13 33.14
CA HIS YB 395 -74.38 -64.77 32.71
C HIS YB 395 -73.77 -63.77 33.68
N LEU YB 396 -72.58 -63.28 33.34
CA LEU YB 396 -71.94 -62.26 34.17
C LEU YB 396 -72.64 -60.92 34.07
N SER YB 397 -73.44 -60.71 33.02
CA SER YB 397 -74.07 -59.40 32.80
C SER YB 397 -75.25 -59.17 33.73
N SER YB 398 -76.00 -60.23 34.04
CA SER YB 398 -77.23 -60.07 34.82
C SER YB 398 -76.94 -59.42 36.16
N GLU YB 399 -77.37 -58.17 36.31
CA GLU YB 399 -77.19 -57.40 37.54
C GLU YB 399 -78.24 -56.29 37.54
N VAL YB 400 -78.59 -55.83 38.74
CA VAL YB 400 -79.57 -54.77 38.89
C VAL YB 400 -79.03 -53.70 39.83
N LYS YB 401 -77.90 -53.98 40.47
CA LYS YB 401 -77.33 -53.07 41.45
C LYS YB 401 -76.50 -52.00 40.74
N LEU YB 402 -76.85 -50.74 40.98
CA LEU YB 402 -76.16 -49.65 40.31
C LEU YB 402 -74.74 -49.51 40.84
N PRO YB 403 -73.80 -49.09 40.00
CA PRO YB 403 -72.43 -48.83 40.48
C PRO YB 403 -72.43 -47.70 41.49
N PRO YB 404 -71.47 -47.69 42.42
CA PRO YB 404 -71.40 -46.61 43.39
C PRO YB 404 -71.10 -45.27 42.74
N GLN YB 405 -71.76 -44.24 43.25
CA GLN YB 405 -71.49 -42.87 42.83
C GLN YB 405 -70.34 -42.24 43.62
N ASP YB 406 -69.88 -42.88 44.68
CA ASP YB 406 -68.74 -42.42 45.47
C ASP YB 406 -67.78 -43.59 45.64
N PRO YB 407 -67.07 -43.98 44.57
CA PRO YB 407 -66.20 -45.14 44.66
C PRO YB 407 -65.12 -45.03 45.73
N GLU YB 408 -64.59 -43.83 45.97
CA GLU YB 408 -63.59 -43.67 47.02
C GLU YB 408 -64.16 -44.05 48.38
N ALA YB 409 -65.36 -43.52 48.68
CA ALA YB 409 -65.99 -43.84 49.96
C ALA YB 409 -66.34 -45.32 50.05
N PHE YB 410 -66.81 -45.91 48.94
CA PHE YB 410 -67.14 -47.32 48.96
C PHE YB 410 -65.90 -48.18 49.24
N LYS YB 411 -64.79 -47.84 48.59
CA LYS YB 411 -63.55 -48.57 48.84
C LYS YB 411 -63.10 -48.39 50.29
N PHE YB 412 -63.22 -47.18 50.82
CA PHE YB 412 -62.87 -46.96 52.22
C PHE YB 412 -63.72 -47.82 53.14
N MET YB 413 -65.02 -47.93 52.83
CA MET YB 413 -65.92 -48.74 53.66
C MET YB 413 -65.53 -50.21 53.61
N TRP YB 414 -65.28 -50.73 52.41
CA TRP YB 414 -65.07 -52.17 52.23
C TRP YB 414 -63.60 -52.54 52.05
N LYS YB 415 -62.68 -51.72 52.55
CA LYS YB 415 -61.26 -52.03 52.44
C LYS YB 415 -60.82 -53.03 53.49
N ASP YB 416 -60.99 -52.68 54.77
CA ASP YB 416 -60.51 -53.51 55.87
C ASP YB 416 -61.51 -54.59 56.30
N SER YB 417 -62.68 -54.65 55.68
CA SER YB 417 -63.69 -55.60 56.11
C SER YB 417 -63.23 -57.03 55.83
N GLN YB 418 -63.36 -57.90 56.84
CA GLN YB 418 -63.05 -59.31 56.69
C GLN YB 418 -64.27 -60.14 56.30
N VAL YB 419 -65.45 -59.52 56.21
CA VAL YB 419 -66.67 -60.19 55.78
C VAL YB 419 -67.09 -59.59 54.44
N LEU YB 420 -67.29 -60.46 53.45
CA LEU YB 420 -67.65 -60.04 52.11
C LEU YB 420 -68.92 -60.77 51.71
N PRO YB 421 -69.98 -60.05 51.31
CA PRO YB 421 -71.23 -60.74 50.95
C PRO YB 421 -71.06 -61.63 49.73
N LYS YB 422 -71.76 -62.75 49.74
CA LYS YB 422 -71.68 -63.70 48.64
C LYS YB 422 -72.38 -63.15 47.40
N MET YB 423 -71.78 -63.40 46.25
CA MET YB 423 -72.32 -62.93 44.98
C MET YB 423 -73.49 -63.81 44.55
N ARG YB 424 -74.17 -63.38 43.48
CA ARG YB 424 -75.30 -64.11 42.90
C ARG YB 424 -75.18 -64.02 41.38
N ILE YB 425 -74.56 -65.01 40.78
CA ILE YB 425 -74.32 -65.07 39.34
C ILE YB 425 -75.09 -66.26 38.80
N PRO YB 426 -75.92 -66.10 37.76
CA PRO YB 426 -76.71 -67.23 37.27
C PRO YB 426 -75.97 -68.05 36.23
N VAL YB 427 -76.26 -69.35 36.25
CA VAL YB 427 -75.70 -70.30 35.31
C VAL YB 427 -76.85 -71.10 34.70
N PHE YB 428 -77.03 -70.97 33.39
CA PHE YB 428 -78.04 -71.71 32.64
C PHE YB 428 -77.33 -72.78 31.81
N VAL YB 429 -78.12 -73.66 31.20
CA VAL YB 429 -77.58 -74.68 30.31
C VAL YB 429 -78.58 -75.00 29.21
N ARG YB 430 -78.16 -74.83 27.96
CA ARG YB 430 -78.96 -75.23 26.82
C ARG YB 430 -78.64 -76.69 26.48
N VAL YB 431 -79.68 -77.50 26.34
CA VAL YB 431 -79.51 -78.89 25.92
C VAL YB 431 -79.89 -78.98 24.45
N VAL YB 432 -78.92 -79.29 23.60
CA VAL YB 432 -79.13 -79.41 22.16
C VAL YB 432 -78.97 -80.87 21.78
N TRP YB 433 -80.05 -81.49 21.33
CA TRP YB 433 -80.04 -82.91 21.03
C TRP YB 433 -80.66 -83.14 19.67
N PRO YB 434 -80.27 -84.21 18.99
CA PRO YB 434 -80.82 -84.50 17.66
C PRO YB 434 -82.25 -85.02 17.75
N THR YB 435 -82.98 -84.87 16.64
CA THR YB 435 -84.32 -85.42 16.54
C THR YB 435 -84.24 -86.95 16.56
N ASN YB 436 -84.68 -87.55 17.67
CA ASN YB 436 -84.59 -88.98 17.87
C ASN YB 436 -85.92 -89.52 18.31
N GLU YB 437 -86.17 -90.79 17.97
CA GLU YB 437 -87.39 -91.48 18.33
C GLU YB 437 -87.17 -92.60 19.34
N ARG YB 438 -85.92 -92.97 19.62
CA ARG YB 438 -85.63 -94.04 20.56
C ARG YB 438 -84.55 -93.68 21.57
N MET YB 439 -83.68 -92.72 21.29
CA MET YB 439 -82.64 -92.35 22.24
C MET YB 439 -83.24 -91.75 23.51
N SER YB 440 -84.39 -91.08 23.39
CA SER YB 440 -85.04 -90.53 24.57
C SER YB 440 -85.85 -91.57 25.33
N GLY YB 441 -86.00 -92.76 24.76
CA GLY YB 441 -86.74 -93.83 25.41
C GLY YB 441 -88.21 -93.89 25.07
N GLY YB 442 -88.65 -93.19 24.02
CA GLY YB 442 -90.05 -93.18 23.63
C GLY YB 442 -90.88 -92.11 24.30
N GLY YB 443 -90.31 -91.38 25.26
CA GLY YB 443 -91.04 -90.30 25.92
C GLY YB 443 -91.53 -90.67 27.30
N GLY YB 444 -92.07 -91.88 27.44
CA GLY YB 444 -92.59 -92.31 28.73
C GLY YB 444 -91.54 -92.34 29.81
N LEU YB 445 -90.31 -92.73 29.45
CA LEU YB 445 -89.24 -92.77 30.44
C LEU YB 445 -88.98 -91.39 31.03
N LEU YB 446 -88.85 -90.37 30.19
CA LEU YB 446 -88.63 -89.04 30.70
C LEU YB 446 -89.88 -88.48 31.37
N ARG YB 447 -91.07 -88.89 30.93
CA ARG YB 447 -92.28 -88.48 31.61
C ARG YB 447 -92.29 -88.96 33.05
N ARG YB 448 -91.98 -90.24 33.27
CA ARG YB 448 -91.91 -90.74 34.63
C ARG YB 448 -90.77 -90.09 35.42
N PHE YB 449 -89.63 -89.85 34.75
CA PHE YB 449 -88.51 -89.20 35.42
C PHE YB 449 -88.92 -87.81 35.90
N ASN YB 450 -89.63 -87.06 35.06
CA ASN YB 450 -90.11 -85.74 35.46
C ASN YB 450 -91.12 -85.85 36.59
N ARG YB 451 -92.06 -86.80 36.50
CA ARG YB 451 -93.04 -86.95 37.56
C ARG YB 451 -92.37 -87.29 38.89
N LEU YB 452 -91.23 -87.96 38.85
CA LEU YB 452 -90.52 -88.34 40.06
C LEU YB 452 -89.69 -87.19 40.64
N PHE YB 453 -88.89 -86.54 39.79
CA PHE YB 453 -87.91 -85.57 40.25
C PHE YB 453 -88.39 -84.12 40.14
N GLY YB 454 -89.64 -83.89 39.74
CA GLY YB 454 -90.12 -82.53 39.62
C GLY YB 454 -89.35 -81.69 38.63
N THR YB 455 -88.70 -82.31 37.66
CA THR YB 455 -87.92 -81.59 36.67
C THR YB 455 -88.84 -81.07 35.56
N GLU YB 456 -88.25 -80.57 34.48
CA GLU YB 456 -88.99 -80.03 33.35
C GLU YB 456 -88.36 -80.47 32.04
N PHE YB 457 -87.76 -81.65 32.03
CA PHE YB 457 -87.14 -82.16 30.81
C PHE YB 457 -88.19 -82.43 29.74
N ALA YB 458 -87.84 -82.11 28.50
CA ALA YB 458 -88.69 -82.42 27.36
C ALA YB 458 -88.65 -83.91 27.09
N SER YB 459 -89.80 -84.45 26.65
CA SER YB 459 -89.93 -85.88 26.46
C SER YB 459 -88.93 -86.42 25.44
N ASP YB 460 -88.41 -85.57 24.56
CA ASP YB 460 -87.50 -86.00 23.51
C ASP YB 460 -86.03 -85.91 23.91
N ILE YB 461 -85.73 -85.47 25.13
CA ILE YB 461 -84.33 -85.32 25.54
C ILE YB 461 -83.67 -86.69 25.56
N PRO YB 462 -82.41 -86.81 25.13
CA PRO YB 462 -81.69 -88.07 25.34
C PRO YB 462 -81.52 -88.37 26.82
N VAL YB 463 -81.57 -89.65 27.17
CA VAL YB 463 -81.54 -90.04 28.58
C VAL YB 463 -80.23 -89.63 29.21
N ASP YB 464 -79.12 -89.77 28.48
CA ASP YB 464 -77.81 -89.49 29.08
C ASP YB 464 -77.67 -88.03 29.46
N ALA YB 465 -78.20 -87.12 28.64
CA ALA YB 465 -78.11 -85.71 28.95
C ALA YB 465 -78.85 -85.37 30.24
N ALA YB 466 -80.07 -85.87 30.38
CA ALA YB 466 -80.83 -85.62 31.60
C ALA YB 466 -80.13 -86.23 32.81
N MET YB 467 -79.61 -87.45 32.66
CA MET YB 467 -78.91 -88.09 33.77
C MET YB 467 -77.68 -87.29 34.16
N ALA YB 468 -76.94 -86.78 33.17
CA ALA YB 468 -75.75 -85.98 33.46
C ALA YB 468 -76.12 -84.70 34.19
N LEU YB 469 -77.18 -84.03 33.75
CA LEU YB 469 -77.61 -82.81 34.43
C LEU YB 469 -77.99 -83.11 35.87
N LEU YB 470 -78.77 -84.18 36.09
CA LEU YB 470 -79.19 -84.52 37.45
C LEU YB 470 -77.98 -84.88 38.31
N TYR YB 471 -77.03 -85.65 37.76
CA TYR YB 471 -75.86 -86.04 38.53
C TYR YB 471 -75.02 -84.81 38.90
N VAL YB 472 -74.84 -83.89 37.96
CA VAL YB 472 -74.05 -82.70 38.23
C VAL YB 472 -74.72 -81.86 39.31
N MET YB 473 -76.04 -81.67 39.21
CA MET YB 473 -76.73 -80.86 40.20
C MET YB 473 -76.68 -81.51 41.58
N GLN YB 474 -76.87 -82.82 41.65
CA GLN YB 474 -76.77 -83.50 42.94
C GLN YB 474 -75.37 -83.39 43.51
N TRP YB 475 -74.35 -83.57 42.67
CA TRP YB 475 -72.97 -83.48 43.13
C TRP YB 475 -72.65 -82.09 43.67
N SER YB 476 -73.08 -81.05 42.95
CA SER YB 476 -72.83 -79.69 43.41
C SER YB 476 -73.61 -79.39 44.69
N GLY YB 477 -74.84 -79.88 44.79
CA GLY YB 477 -75.69 -79.61 45.95
C GLY YB 477 -76.69 -78.52 45.68
N HIS YB 478 -77.26 -78.50 44.47
CA HIS YB 478 -78.20 -77.47 44.05
C HIS YB 478 -79.38 -78.10 43.33
N ILE YB 479 -79.82 -79.27 43.79
CA ILE YB 479 -80.99 -79.92 43.20
C ILE YB 479 -82.20 -79.01 43.33
N LYS YB 480 -82.34 -78.33 44.47
CA LYS YB 480 -83.46 -77.42 44.65
C LYS YB 480 -83.41 -76.28 43.64
N ASP YB 481 -82.22 -75.74 43.38
CA ASP YB 481 -82.07 -74.67 42.41
C ASP YB 481 -82.18 -75.14 40.97
N PHE YB 482 -82.08 -76.44 40.72
CA PHE YB 482 -82.25 -76.96 39.37
C PHE YB 482 -83.71 -76.85 38.95
N LEU YB 483 -84.05 -75.78 38.25
CA LEU YB 483 -85.43 -75.46 37.93
C LEU YB 483 -85.58 -75.18 36.44
N GLY YB 484 -86.79 -75.43 35.93
CA GLY YB 484 -87.12 -75.12 34.55
C GLY YB 484 -87.98 -73.89 34.44
N VAL YB 485 -88.80 -73.81 33.39
CA VAL YB 485 -89.64 -72.63 33.19
C VAL YB 485 -90.69 -72.53 34.30
N ARG YB 486 -91.35 -73.65 34.62
CA ARG YB 486 -92.35 -73.64 35.67
C ARG YB 486 -91.72 -73.34 37.02
N GLY YB 487 -90.55 -73.92 37.29
CA GLY YB 487 -89.86 -73.62 38.52
C GLY YB 487 -89.50 -72.15 38.64
N MET YB 488 -89.05 -71.54 37.54
CA MET YB 488 -88.75 -70.12 37.56
C MET YB 488 -90.02 -69.29 37.78
N ARG YB 489 -91.14 -69.72 37.19
CA ARG YB 489 -92.40 -69.02 37.43
C ARG YB 489 -92.76 -69.06 38.91
N GLN YB 490 -92.62 -70.23 39.53
CA GLN YB 490 -92.94 -70.35 40.95
C GLN YB 490 -92.00 -69.51 41.80
N ARG YB 491 -90.70 -69.50 41.45
CA ARG YB 491 -89.75 -68.69 42.19
C ARG YB 491 -90.10 -67.21 42.05
N LEU YB 492 -90.50 -66.78 40.86
CA LEU YB 492 -90.90 -65.39 40.67
C LEU YB 492 -92.14 -65.05 41.49
N ALA YB 493 -93.10 -65.97 41.56
CA ALA YB 493 -94.27 -65.74 42.40
C ALA YB 493 -93.87 -65.60 43.86
N ASP YB 494 -92.97 -66.46 44.33
CA ASP YB 494 -92.51 -66.36 45.72
C ASP YB 494 -91.78 -65.03 45.96
N LEU YB 495 -90.99 -64.61 44.97
CA LEU YB 495 -90.29 -63.32 45.09
C LEU YB 495 -91.29 -62.17 45.16
N LEU YB 496 -92.36 -62.24 44.37
CA LEU YB 496 -93.40 -61.22 44.46
C LEU YB 496 -94.06 -61.21 45.83
N LEU YB 497 -94.32 -62.40 46.38
CA LEU YB 497 -94.87 -62.47 47.73
C LEU YB 497 -93.93 -61.84 48.74
N ALA YB 498 -92.64 -62.13 48.63
CA ALA YB 498 -91.66 -61.53 49.54
C ALA YB 498 -91.63 -60.01 49.39
N SER YB 499 -91.69 -59.52 48.15
CA SER YB 499 -91.70 -58.08 47.91
C SER YB 499 -92.89 -57.44 48.58
N GLN YB 500 -94.07 -58.06 48.45
CA GLN YB 500 -95.25 -57.53 49.11
C GLN YB 500 -95.10 -57.55 50.63
N GLN YB 501 -94.50 -58.61 51.19
CA GLN YB 501 -94.25 -58.65 52.62
C GLN YB 501 -93.14 -57.65 52.98
N PRO YB 502 -93.13 -57.17 54.23
CA PRO YB 502 -92.11 -56.19 54.61
C PRO YB 502 -90.70 -56.77 54.50
N GLU YB 503 -89.76 -55.90 54.13
CA GLU YB 503 -88.38 -56.33 53.92
C GLU YB 503 -87.59 -56.26 55.21
N PRO YB 504 -86.86 -57.32 55.58
CA PRO YB 504 -86.00 -57.25 56.76
C PRO YB 504 -84.86 -56.28 56.56
N THR YB 505 -84.34 -55.77 57.68
CA THR YB 505 -83.21 -54.85 57.65
C THR YB 505 -81.93 -55.59 57.28
N LYS YB 506 -80.90 -54.82 56.97
CA LYS YB 506 -79.62 -55.37 56.53
C LYS YB 506 -78.50 -54.60 57.24
N LEU YB 507 -77.26 -54.83 56.82
CA LEU YB 507 -76.12 -54.20 57.47
C LEU YB 507 -76.26 -52.69 57.47
N TYR YB 508 -76.49 -52.11 56.29
CA TYR YB 508 -76.80 -50.70 56.17
C TYR YB 508 -77.69 -50.52 54.96
N PRO YB 509 -78.58 -49.52 54.96
CA PRO YB 509 -79.57 -49.44 53.88
C PRO YB 509 -78.95 -49.36 52.49
N GLY YB 510 -77.85 -48.63 52.36
CA GLY YB 510 -77.21 -48.48 51.06
C GLY YB 510 -77.79 -47.35 50.27
N THR YB 511 -76.94 -46.43 49.82
CA THR YB 511 -77.36 -45.26 49.06
C THR YB 511 -76.57 -45.23 47.76
N ARG YB 512 -76.96 -44.31 46.87
CA ARG YB 512 -76.29 -44.21 45.58
C ARG YB 512 -74.80 -43.90 45.75
N GLU YB 513 -74.45 -43.19 46.82
CA GLU YB 513 -73.02 -42.94 47.08
C GLU YB 513 -72.32 -44.19 47.57
N ILE YB 514 -72.96 -44.92 48.49
CA ILE YB 514 -72.37 -46.12 49.08
C ILE YB 514 -73.40 -47.25 49.03
N PRO YB 515 -73.58 -47.91 47.90
CA PRO YB 515 -74.57 -48.99 47.83
C PRO YB 515 -74.15 -50.19 48.67
N ASN YB 516 -75.15 -50.97 49.05
CA ASN YB 516 -74.95 -52.16 49.87
C ASN YB 516 -74.79 -53.38 48.98
N PRO YB 517 -73.62 -54.04 48.96
CA PRO YB 517 -73.48 -55.24 48.11
C PRO YB 517 -74.22 -56.44 48.66
N GLU YB 518 -75.51 -56.29 48.94
CA GLU YB 518 -76.36 -57.38 49.43
C GLU YB 518 -77.65 -57.35 48.63
N TYR YB 519 -77.86 -58.40 47.83
CA TYR YB 519 -79.05 -58.45 46.98
C TYR YB 519 -80.31 -58.39 47.84
N THR YB 520 -81.20 -57.47 47.49
CA THR YB 520 -82.45 -57.28 48.21
C THR YB 520 -83.57 -57.98 47.45
N VAL YB 521 -84.79 -57.87 47.99
CA VAL YB 521 -85.93 -58.56 47.41
C VAL YB 521 -86.21 -58.05 46.00
N ALA YB 522 -86.20 -56.72 45.82
CA ALA YB 522 -86.49 -56.16 44.50
C ALA YB 522 -85.41 -56.53 43.50
N GLU YB 523 -84.14 -56.47 43.89
CA GLU YB 523 -83.06 -56.83 42.98
C GLU YB 523 -83.15 -58.29 42.59
N ARG YB 524 -83.41 -59.17 43.55
CA ARG YB 524 -83.57 -60.58 43.23
C ARG YB 524 -84.78 -60.81 42.34
N LEU YB 525 -85.86 -60.07 42.54
CA LEU YB 525 -87.02 -60.19 41.67
C LEU YB 525 -86.67 -59.81 40.23
N GLY YB 526 -85.94 -58.71 40.06
CA GLY YB 526 -85.52 -58.33 38.73
C GLY YB 526 -84.62 -59.37 38.09
N MET YB 527 -83.67 -59.89 38.87
CA MET YB 527 -82.77 -60.91 38.34
C MET YB 527 -83.54 -62.16 37.94
N HIS YB 528 -84.54 -62.55 38.72
CA HIS YB 528 -85.31 -63.74 38.38
C HIS YB 528 -86.24 -63.48 37.20
N VAL YB 529 -86.72 -62.26 37.02
CA VAL YB 529 -87.43 -61.92 35.78
C VAL YB 529 -86.50 -62.09 34.59
N GLN YB 530 -85.25 -61.64 34.72
CA GLN YB 530 -84.27 -61.84 33.65
C GLN YB 530 -84.05 -63.32 33.40
N TYR YB 531 -83.97 -64.12 34.46
CA TYR YB 531 -83.77 -65.56 34.29
C TYR YB 531 -84.94 -66.20 33.57
N LEU YB 532 -86.17 -65.79 33.93
CA LEU YB 532 -87.36 -66.32 33.26
C LEU YB 532 -87.35 -65.95 31.78
N ALA YB 533 -86.94 -64.72 31.47
CA ALA YB 533 -86.82 -64.35 30.06
C ALA YB 533 -85.76 -65.18 29.35
N GLN YB 534 -84.63 -65.41 30.01
CA GLN YB 534 -83.58 -66.23 29.42
C GLN YB 534 -84.10 -67.62 29.09
N LEU YB 535 -84.79 -68.24 30.05
CA LEU YB 535 -85.48 -69.50 29.79
C LEU YB 535 -86.66 -69.21 28.90
N HIS YB 536 -86.52 -69.52 27.60
CA HIS YB 536 -87.50 -69.08 26.61
C HIS YB 536 -88.92 -69.38 27.07
N ASP YB 537 -89.71 -68.33 27.29
CA ASP YB 537 -91.06 -68.44 27.79
C ASP YB 537 -92.00 -67.65 26.88
N PRO YB 538 -93.05 -68.28 26.34
CA PRO YB 538 -93.95 -67.55 25.44
C PRO YB 538 -94.67 -66.41 26.12
N ASP YB 539 -94.80 -66.48 27.45
CA ASP YB 539 -95.54 -65.50 28.22
C ASP YB 539 -94.65 -64.46 28.90
N ILE YB 540 -93.37 -64.40 28.53
CA ILE YB 540 -92.46 -63.46 29.17
C ILE YB 540 -92.89 -62.02 28.91
N SER YB 541 -93.27 -61.72 27.67
CA SER YB 541 -93.68 -60.36 27.34
C SER YB 541 -94.92 -59.95 28.12
N LEU YB 542 -95.91 -60.84 28.20
CA LEU YB 542 -97.11 -60.54 28.95
C LEU YB 542 -96.80 -60.36 30.44
N THR YB 543 -95.95 -61.22 30.99
CA THR YB 543 -95.58 -61.10 32.39
C THR YB 543 -94.89 -59.77 32.66
N ILE YB 544 -93.97 -59.36 31.78
CA ILE YB 544 -93.29 -58.08 31.95
C ILE YB 544 -94.30 -56.94 31.86
N GLN YB 545 -95.22 -57.01 30.91
CA GLN YB 545 -96.21 -55.96 30.75
C GLN YB 545 -97.10 -55.84 31.98
N ARG YB 546 -97.42 -56.98 32.60
CA ARG YB 546 -98.26 -56.95 33.81
C ARG YB 546 -97.47 -56.49 35.03
N LEU YB 547 -96.17 -56.78 35.08
CA LEU YB 547 -95.37 -56.35 36.23
C LEU YB 547 -95.02 -54.88 36.17
N LEU YB 548 -94.82 -54.34 34.97
CA LEU YB 548 -94.31 -52.97 34.83
C LEU YB 548 -95.16 -51.93 35.56
N PRO YB 549 -96.50 -51.95 35.47
CA PRO YB 549 -97.27 -50.89 36.15
C PRO YB 549 -97.00 -50.78 37.63
N VAL YB 550 -96.80 -51.91 38.31
CA VAL YB 550 -96.55 -51.93 39.75
C VAL YB 550 -95.25 -52.68 39.97
N ALA YB 551 -94.17 -51.95 40.22
CA ALA YB 551 -92.85 -52.53 40.44
C ALA YB 551 -91.91 -51.40 40.88
N SER YB 552 -90.72 -51.78 41.32
CA SER YB 552 -89.70 -50.82 41.76
C SER YB 552 -88.70 -50.61 40.64
N ALA YB 553 -87.77 -49.68 40.87
CA ALA YB 553 -86.75 -49.38 39.86
C ALA YB 553 -85.88 -50.58 39.54
N PRO YB 554 -85.38 -51.34 40.51
CA PRO YB 554 -84.62 -52.55 40.16
C PRO YB 554 -85.44 -53.53 39.33
N VAL YB 555 -86.73 -53.66 39.65
CA VAL YB 555 -87.58 -54.58 38.90
C VAL YB 555 -87.78 -54.08 37.48
N ARG YB 556 -87.90 -52.77 37.30
CA ARG YB 556 -88.02 -52.22 35.96
C ARG YB 556 -86.74 -52.42 35.16
N MET YB 557 -85.58 -52.28 35.81
CA MET YB 557 -84.31 -52.58 35.14
C MET YB 557 -84.27 -54.05 34.71
N GLY YB 558 -84.67 -54.95 35.61
CA GLY YB 558 -84.72 -56.35 35.27
C GLY YB 558 -85.67 -56.64 34.12
N CYS YB 559 -86.82 -55.95 34.11
CA CYS YB 559 -87.77 -56.13 33.02
C CYS YB 559 -87.19 -55.65 31.70
N ALA YB 560 -86.44 -54.54 31.71
CA ALA YB 560 -85.81 -54.05 30.49
C ALA YB 560 -84.79 -55.07 29.98
N LYS YB 561 -83.96 -55.59 30.88
CA LYS YB 561 -82.98 -56.59 30.46
C LYS YB 561 -83.67 -57.85 29.95
N ALA YB 562 -84.77 -58.25 30.58
CA ALA YB 562 -85.53 -59.40 30.10
C ALA YB 562 -86.10 -59.14 28.72
N ALA YB 563 -86.59 -57.93 28.47
CA ALA YB 563 -87.11 -57.59 27.15
C ALA YB 563 -86.00 -57.66 26.11
N LEU YB 564 -84.81 -57.16 26.45
CA LEU YB 564 -83.68 -57.30 25.53
C LEU YB 564 -83.37 -58.76 25.24
N ILE YB 565 -83.35 -59.59 26.29
CA ILE YB 565 -83.03 -61.00 26.10
C ILE YB 565 -84.06 -61.66 25.20
N ALA YB 566 -85.34 -61.38 25.43
CA ALA YB 566 -86.39 -61.96 24.60
C ALA YB 566 -86.27 -61.49 23.16
N GLY YB 567 -85.96 -60.20 22.97
CA GLY YB 567 -85.87 -59.63 21.64
C GLY YB 567 -87.05 -58.73 21.32
N ASP YB 568 -87.69 -58.20 22.37
CA ASP YB 568 -88.86 -57.34 22.21
C ASP YB 568 -88.40 -55.88 22.25
N ARG YB 569 -87.97 -55.39 21.08
CA ARG YB 569 -87.45 -54.04 21.00
C ARG YB 569 -88.52 -53.02 21.35
N GLU YB 570 -89.75 -53.23 20.88
CA GLU YB 570 -90.84 -52.31 21.21
C GLU YB 570 -91.08 -52.27 22.72
N LEU YB 571 -91.09 -53.44 23.36
CA LEU YB 571 -91.30 -53.48 24.80
C LEU YB 571 -90.17 -52.76 25.53
N PHE YB 572 -88.93 -52.98 25.11
CA PHE YB 572 -87.81 -52.29 25.76
C PHE YB 572 -87.91 -50.78 25.59
N ARG YB 573 -88.27 -50.33 24.39
CA ARG YB 573 -88.41 -48.89 24.17
C ARG YB 573 -89.51 -48.33 25.05
N HIS YB 574 -90.63 -49.05 25.17
CA HIS YB 574 -91.70 -48.59 26.04
C HIS YB 574 -91.23 -48.50 27.48
N ILE YB 575 -90.50 -49.51 27.95
CA ILE YB 575 -90.04 -49.51 29.33
C ILE YB 575 -89.10 -48.34 29.59
N VAL YB 576 -88.14 -48.12 28.68
CA VAL YB 576 -87.18 -47.05 28.90
C VAL YB 576 -87.85 -45.69 28.80
N SER YB 577 -88.81 -45.52 27.89
CA SER YB 577 -89.51 -44.25 27.80
C SER YB 577 -90.33 -43.99 29.06
N SER YB 578 -90.99 -45.02 29.59
CA SER YB 578 -91.77 -44.84 30.80
C SER YB 578 -90.89 -44.60 32.02
N GLU YB 579 -89.67 -45.13 32.01
CA GLU YB 579 -88.77 -44.94 33.14
C GLU YB 579 -88.48 -43.46 33.34
N PRO YB 580 -88.64 -42.93 34.56
CA PRO YB 580 -88.33 -41.51 34.79
C PRO YB 580 -86.85 -41.25 34.71
N PRO YB 581 -86.43 -39.99 34.54
CA PRO YB 581 -85.00 -39.70 34.42
C PRO YB 581 -84.23 -40.17 35.64
N GLY YB 582 -83.03 -40.67 35.39
CA GLY YB 582 -82.16 -41.14 36.46
C GLY YB 582 -81.07 -42.03 35.93
N ARG YB 583 -80.18 -42.42 36.84
CA ARG YB 583 -79.09 -43.32 36.45
C ARG YB 583 -79.61 -44.66 35.98
N MET YB 584 -80.78 -45.09 36.50
CA MET YB 584 -81.39 -46.30 35.99
C MET YB 584 -81.68 -46.18 34.50
N GLN YB 585 -82.32 -45.10 34.09
CA GLN YB 585 -82.60 -44.90 32.67
C GLN YB 585 -81.32 -44.73 31.87
N THR YB 586 -80.33 -44.05 32.45
CA THR YB 586 -79.05 -43.90 31.76
C THR YB 586 -78.44 -45.26 31.44
N TYR YB 587 -78.36 -46.15 32.43
CA TYR YB 587 -77.81 -47.47 32.18
C TYR YB 587 -78.69 -48.30 31.26
N MET YB 588 -80.00 -48.13 31.35
CA MET YB 588 -80.89 -48.84 30.43
C MET YB 588 -80.59 -48.45 28.98
N THR YB 589 -80.40 -47.15 28.74
CA THR YB 589 -80.01 -46.71 27.40
C THR YB 589 -78.65 -47.28 27.02
N LYS YB 590 -77.71 -47.25 27.95
CA LYS YB 590 -76.36 -47.76 27.66
C LYS YB 590 -76.37 -49.25 27.34
N LEU YB 591 -77.36 -49.99 27.81
CA LEU YB 591 -77.40 -51.43 27.57
C LEU YB 591 -77.32 -51.76 26.08
N VAL YB 592 -78.32 -51.34 25.32
CA VAL YB 592 -78.48 -51.77 23.93
C VAL YB 592 -77.67 -50.88 23.01
N ARG YB 593 -77.39 -51.40 21.82
CA ARG YB 593 -76.74 -50.62 20.77
C ARG YB 593 -77.78 -49.76 20.07
N LYS YB 594 -77.62 -48.44 20.18
CA LYS YB 594 -78.64 -47.49 19.75
C LYS YB 594 -78.01 -46.47 18.80
N ARG YB 595 -78.88 -45.78 18.07
CA ARG YB 595 -78.43 -44.68 17.21
C ARG YB 595 -78.16 -43.43 18.05
N LYS YB 596 -79.20 -42.92 18.71
CA LYS YB 596 -79.08 -41.77 19.59
C LYS YB 596 -79.87 -42.03 20.86
N THR YB 597 -79.34 -41.56 21.98
CA THR YB 597 -80.02 -41.77 23.26
C THR YB 597 -81.42 -41.18 23.26
N ARG YB 598 -81.64 -40.12 22.49
CA ARG YB 598 -82.96 -39.48 22.47
C ARG YB 598 -84.02 -40.41 21.88
N ASP YB 599 -83.65 -41.26 20.92
CA ASP YB 599 -84.62 -42.17 20.33
C ASP YB 599 -85.29 -43.02 21.41
N LEU YB 600 -84.56 -43.36 22.46
CA LEU YB 600 -85.12 -44.14 23.57
C LEU YB 600 -85.68 -43.26 24.67
N VAL YB 601 -84.97 -42.20 25.04
CA VAL YB 601 -85.37 -41.39 26.18
C VAL YB 601 -86.68 -40.66 25.89
N ASP YB 602 -86.79 -40.05 24.70
CA ASP YB 602 -87.94 -39.21 24.38
C ASP YB 602 -89.16 -40.11 24.15
N ALA YB 603 -90.03 -40.17 25.16
CA ALA YB 603 -91.30 -40.89 24.99
C ALA YB 603 -92.13 -40.23 23.89
N GLU YB 604 -92.18 -38.90 23.88
CA GLU YB 604 -92.83 -38.12 22.84
C GLU YB 604 -91.79 -37.49 21.93
N PRO YB 605 -92.00 -37.45 20.61
CA PRO YB 605 -91.00 -36.84 19.74
C PRO YB 605 -90.78 -35.38 20.10
N ARG YB 606 -89.53 -35.04 20.40
CA ARG YB 606 -89.15 -33.69 20.80
C ARG YB 606 -88.57 -32.96 19.58
N LEU YB 607 -89.17 -31.83 19.24
CA LEU YB 607 -88.75 -31.10 18.06
C LEU YB 607 -87.29 -30.68 18.17
N LEU YB 608 -86.53 -30.93 17.11
CA LEU YB 608 -85.12 -30.55 17.04
C LEU YB 608 -84.91 -29.83 15.71
N GLU YB 609 -84.37 -28.61 15.77
CA GLU YB 609 -84.20 -27.77 14.59
C GLU YB 609 -85.53 -27.59 13.86
N ASP YB 610 -86.62 -27.46 14.62
CA ASP YB 610 -87.96 -27.34 14.07
C ASP YB 610 -88.34 -28.57 13.26
N GLN YB 611 -87.87 -29.75 13.67
CA GLN YB 611 -88.16 -30.99 12.97
C GLN YB 611 -88.36 -32.10 13.98
N TYR YB 612 -89.40 -32.91 13.77
CA TYR YB 612 -89.70 -34.04 14.64
C TYR YB 612 -89.11 -35.32 14.06
N GLU YB 613 -88.57 -36.16 14.95
CA GLU YB 613 -88.00 -37.44 14.57
C GLU YB 613 -88.84 -38.57 15.17
N PHE YB 614 -89.23 -39.51 14.32
CA PHE YB 614 -90.02 -40.67 14.72
C PHE YB 614 -89.10 -41.88 14.68
N ALA YB 615 -88.47 -42.19 15.82
CA ALA YB 615 -87.59 -43.34 15.94
C ALA YB 615 -88.33 -44.60 16.37
N ALA YB 616 -89.64 -44.51 16.60
CA ALA YB 616 -90.40 -45.71 16.98
C ALA YB 616 -90.27 -46.83 15.97
N PRO YB 617 -90.31 -46.60 14.66
CA PRO YB 617 -90.19 -47.71 13.71
C PRO YB 617 -88.91 -48.51 13.89
N LEU YB 618 -87.84 -47.89 14.36
CA LEU YB 618 -86.59 -48.62 14.55
C LEU YB 618 -86.76 -49.76 15.55
N TRP YB 619 -87.48 -49.51 16.64
CA TRP YB 619 -87.66 -50.51 17.69
C TRP YB 619 -89.03 -51.18 17.53
N THR YB 620 -89.10 -52.09 16.57
CA THR YB 620 -90.31 -52.84 16.30
C THR YB 620 -89.98 -54.24 15.78
N PRO ZB 1 -79.07 7.13 -35.81
CA PRO ZB 1 -78.82 6.27 -34.65
C PRO ZB 1 -78.27 7.04 -33.45
N ALA ZB 2 -77.07 7.60 -33.60
CA ALA ZB 2 -76.48 8.36 -32.49
C ALA ZB 2 -77.32 9.59 -32.17
N SER ZB 3 -77.82 10.28 -33.20
CA SER ZB 3 -78.62 11.48 -32.96
C SER ZB 3 -79.86 11.17 -32.13
N ARG ZB 4 -80.40 9.96 -32.24
CA ARG ZB 4 -81.59 9.57 -31.48
C ARG ZB 4 -81.27 9.61 -30.00
N ASN ZB 5 -82.16 10.21 -29.22
CA ASN ZB 5 -81.98 10.29 -27.77
C ASN ZB 5 -82.65 9.12 -27.07
N ILE ZB 6 -82.08 8.74 -25.93
CA ILE ZB 6 -82.60 7.65 -25.11
C ILE ZB 6 -82.83 8.18 -23.71
N VAL ZB 7 -84.02 7.91 -23.17
CA VAL ZB 7 -84.39 8.33 -21.83
C VAL ZB 7 -84.40 7.10 -20.93
N VAL ZB 8 -83.59 7.12 -19.88
CA VAL ZB 8 -83.48 6.00 -18.95
C VAL ZB 8 -84.47 6.19 -17.82
N PRO ZB 9 -85.44 5.29 -17.63
CA PRO ZB 9 -86.39 5.46 -16.54
C PRO ZB 9 -85.71 5.32 -15.17
N ASP ZB 10 -86.28 6.04 -14.20
CA ASP ZB 10 -85.72 6.01 -12.85
C ASP ZB 10 -85.82 4.64 -12.21
N ALA ZB 11 -86.65 3.75 -12.75
CA ALA ZB 11 -86.84 2.43 -12.14
C ALA ZB 11 -85.54 1.64 -12.14
N VAL ZB 12 -84.79 1.68 -13.25
CA VAL ZB 12 -83.57 0.88 -13.35
C VAL ZB 12 -82.53 1.35 -12.34
N HIS ZB 13 -82.47 2.65 -12.08
CA HIS ZB 13 -81.51 3.18 -11.12
C HIS ZB 13 -81.77 2.59 -9.74
N ALA ZB 14 -80.70 2.17 -9.08
CA ALA ZB 14 -80.82 1.56 -7.76
C ALA ZB 14 -81.31 2.58 -6.74
N LYS ZB 15 -81.95 2.07 -5.69
CA LYS ZB 15 -82.47 2.91 -4.62
C LYS ZB 15 -81.33 3.62 -3.89
N VAL ZB 16 -81.62 4.83 -3.41
CA VAL ZB 16 -80.58 5.65 -2.79
C VAL ZB 16 -80.00 4.95 -1.56
N GLY ZB 17 -80.85 4.34 -0.75
CA GLY ZB 17 -80.40 3.72 0.48
C GLY ZB 17 -79.98 2.27 0.30
N SER ZB 18 -79.90 1.81 -0.95
CA SER ZB 18 -79.56 0.42 -1.19
C SER ZB 18 -78.10 0.14 -0.81
N PRO ZB 19 -77.81 -1.07 -0.35
CA PRO ZB 19 -76.41 -1.41 -0.06
C PRO ZB 19 -75.51 -1.29 -1.28
N ASP ZB 20 -76.02 -1.57 -2.46
CA ASP ZB 20 -75.23 -1.41 -3.68
C ASP ZB 20 -74.81 0.05 -3.85
N THR ZB 21 -75.75 0.98 -3.67
CA THR ZB 21 -75.42 2.40 -3.78
C THR ZB 21 -74.48 2.82 -2.67
N LEU ZB 22 -74.68 2.31 -1.46
CA LEU ZB 22 -73.82 2.70 -0.34
C LEU ZB 22 -72.40 2.17 -0.58
N PRO ZB 23 -71.36 2.95 -0.29
CA PRO ZB 23 -69.99 2.44 -0.40
C PRO ZB 23 -69.74 1.27 0.54
N ALA ZB 24 -68.84 0.38 0.13
CA ALA ZB 24 -68.55 -0.80 0.91
C ALA ZB 24 -68.00 -0.46 2.29
N GLU ZB 25 -67.34 0.69 2.44
CA GLU ZB 25 -66.78 1.05 3.73
C GLU ZB 25 -67.87 1.19 4.78
N ILE ZB 26 -68.99 1.82 4.43
CA ILE ZB 26 -70.07 2.01 5.39
C ILE ZB 26 -70.66 0.65 5.79
N LEU ZB 27 -70.87 -0.23 4.81
CA LEU ZB 27 -71.42 -1.54 5.12
C LEU ZB 27 -70.49 -2.34 6.03
N GLN ZB 28 -69.19 -2.32 5.74
CA GLN ZB 28 -68.25 -3.03 6.60
C GLN ZB 28 -68.23 -2.43 8.00
N LYS ZB 29 -68.28 -1.10 8.09
CA LYS ZB 29 -68.27 -0.47 9.41
C LYS ZB 29 -69.51 -0.85 10.22
N ARG ZB 30 -70.68 -0.87 9.58
CA ARG ZB 30 -71.88 -1.26 10.30
C ARG ZB 30 -71.83 -2.73 10.72
N ALA ZB 31 -71.32 -3.60 9.84
CA ALA ZB 31 -71.20 -5.00 10.21
C ALA ZB 31 -70.25 -5.18 11.39
N GLN ZB 32 -69.13 -4.47 11.37
CA GLN ZB 32 -68.17 -4.60 12.47
C GLN ZB 32 -68.72 -4.01 13.76
N ARG ZB 33 -69.50 -2.93 13.67
CA ARG ZB 33 -70.16 -2.40 14.86
C ARG ZB 33 -71.12 -3.43 15.44
N ALA ZB 34 -71.90 -4.10 14.59
CA ALA ZB 34 -72.80 -5.13 15.06
C ALA ZB 34 -72.03 -6.27 15.72
N LEU ZB 35 -70.92 -6.68 15.11
CA LEU ZB 35 -70.12 -7.76 15.69
C LEU ZB 35 -69.54 -7.37 17.04
N LEU ZB 36 -69.06 -6.13 17.17
CA LEU ZB 36 -68.52 -5.67 18.44
C LEU ZB 36 -69.61 -5.63 19.51
N MET ZB 37 -70.80 -5.15 19.16
CA MET ZB 37 -71.88 -5.14 20.13
C MET ZB 37 -72.25 -6.56 20.54
N GLN ZB 38 -72.27 -7.50 19.58
CA GLN ZB 38 -72.55 -8.88 19.92
C GLN ZB 38 -71.50 -9.44 20.88
N LEU ZB 39 -70.23 -9.12 20.63
CA LEU ZB 39 -69.17 -9.58 21.53
C LEU ZB 39 -69.34 -8.99 22.92
N GLN ZB 40 -69.67 -7.69 23.00
CA GLN ZB 40 -69.87 -7.06 24.30
C GLN ZB 40 -71.04 -7.69 25.04
N GLN ZB 41 -72.11 -8.03 24.32
CA GLN ZB 41 -73.22 -8.74 24.96
C GLN ZB 41 -72.79 -10.13 25.43
N ASN ZB 42 -72.02 -10.84 24.61
CA ASN ZB 42 -71.62 -12.20 24.95
C ASN ZB 42 -70.76 -12.23 26.21
N VAL ZB 43 -69.79 -11.32 26.30
CA VAL ZB 43 -68.96 -11.21 27.49
C VAL ZB 43 -69.37 -9.95 28.24
N ILE ZB 44 -69.77 -10.12 29.50
CA ILE ZB 44 -70.41 -9.02 30.24
C ILE ZB 44 -69.44 -7.86 30.35
N TRP ZB 45 -69.77 -6.76 29.67
CA TRP ZB 45 -68.96 -5.55 29.72
C TRP ZB 45 -69.70 -4.48 30.53
N GLU ZB 46 -68.98 -3.46 30.98
CA GLU ZB 46 -69.56 -2.42 31.82
C GLU ZB 46 -70.45 -1.52 30.98
N GLY ZB 47 -71.60 -1.17 31.55
CA GLY ZB 47 -72.57 -0.36 30.83
C GLY ZB 47 -73.35 -1.10 29.77
N THR ZB 48 -73.28 -2.43 29.76
CA THR ZB 48 -73.96 -3.25 28.77
C THR ZB 48 -75.19 -3.87 29.43
N VAL ZB 49 -76.36 -3.48 28.95
CA VAL ZB 49 -77.63 -4.02 29.44
C VAL ZB 49 -78.05 -5.16 28.53
N ILE ZB 50 -78.41 -6.30 29.14
CA ILE ZB 50 -78.82 -7.48 28.38
C ILE ZB 50 -80.32 -7.33 28.13
N SER ZB 51 -80.64 -6.56 27.09
CA SER ZB 51 -82.03 -6.35 26.69
C SER ZB 51 -82.50 -7.31 25.61
N ASP ZB 52 -81.62 -8.17 25.12
CA ASP ZB 52 -81.94 -9.11 24.05
C ASP ZB 52 -82.31 -10.46 24.64
N GLU ZB 53 -82.47 -11.46 23.77
CA GLU ZB 53 -82.79 -12.82 24.17
C GLU ZB 53 -81.85 -13.77 23.45
N ARG ZB 54 -81.71 -14.97 24.01
CA ARG ZB 54 -80.83 -16.03 23.52
C ARG ZB 54 -79.39 -15.77 23.92
N HIS ZB 55 -79.14 -14.79 24.78
CA HIS ZB 55 -77.80 -14.61 25.34
C HIS ZB 55 -77.40 -15.86 26.13
N HIS ZB 56 -76.10 -16.13 26.17
CA HIS ZB 56 -75.65 -17.35 26.81
C HIS ZB 56 -76.05 -17.39 28.29
N LEU ZB 57 -75.92 -16.26 28.98
CA LEU ZB 57 -76.26 -16.24 30.40
C LEU ZB 57 -77.77 -16.37 30.62
N ILE ZB 58 -78.56 -15.72 29.77
CA ILE ZB 58 -80.02 -15.84 29.89
C ILE ZB 58 -80.44 -17.28 29.66
N GLN ZB 59 -79.86 -17.93 28.65
CA GLN ZB 59 -80.14 -19.34 28.42
C GLN ZB 59 -79.69 -20.19 29.59
N HIS ZB 60 -78.55 -19.86 30.18
CA HIS ZB 60 -78.08 -20.56 31.37
C HIS ZB 60 -79.14 -20.53 32.47
N PHE ZB 61 -79.64 -19.33 32.77
CA PHE ZB 61 -80.66 -19.21 33.82
C PHE ZB 61 -81.95 -19.94 33.45
N VAL ZB 62 -82.39 -19.80 32.20
CA VAL ZB 62 -83.65 -20.43 31.78
C VAL ZB 62 -83.54 -21.95 31.91
N LYS ZB 63 -82.44 -22.51 31.44
CA LYS ZB 63 -82.26 -23.96 31.52
C LYS ZB 63 -82.06 -24.41 32.96
N LEU ZB 64 -81.44 -23.58 33.80
CA LEU ZB 64 -81.34 -23.91 35.22
C LEU ZB 64 -82.72 -24.03 35.84
N ARG ZB 65 -83.61 -23.10 35.52
CA ARG ZB 65 -84.94 -23.15 36.12
C ARG ZB 65 -85.84 -24.21 35.49
N GLN ZB 66 -85.61 -24.57 34.23
CA GLN ZB 66 -86.48 -25.53 33.55
C GLN ZB 66 -85.97 -26.96 33.66
N ASN ZB 67 -84.77 -27.22 33.17
CA ASN ZB 67 -84.24 -28.59 33.12
C ASN ZB 67 -83.68 -28.97 34.49
N PRO ZB 68 -84.12 -30.09 35.08
CA PRO ZB 68 -83.55 -30.49 36.38
C PRO ZB 68 -82.16 -31.10 36.24
N LYS ZB 69 -81.92 -31.83 35.16
CA LYS ZB 69 -80.62 -32.45 34.97
C LYS ZB 69 -79.52 -31.40 34.81
N TYR ZB 70 -79.83 -30.30 34.12
CA TYR ZB 70 -78.82 -29.26 33.93
C TYR ZB 70 -78.40 -28.65 35.27
N ARG ZB 71 -79.38 -28.34 36.12
CA ARG ZB 71 -79.04 -27.78 37.42
C ARG ZB 71 -78.36 -28.81 38.31
N SER ZB 72 -78.73 -30.08 38.18
CA SER ZB 72 -78.03 -31.12 38.92
C SER ZB 72 -76.57 -31.19 38.52
N SER ZB 73 -76.29 -31.07 37.23
CA SER ZB 73 -74.90 -31.13 36.76
C SER ZB 73 -74.13 -29.88 37.16
N LYS ZB 74 -74.76 -28.71 37.07
CA LYS ZB 74 -74.08 -27.45 37.39
C LYS ZB 74 -74.00 -27.17 38.88
N GLN ZB 75 -74.75 -27.90 39.71
CA GLN ZB 75 -74.77 -27.66 41.14
C GLN ZB 75 -75.13 -26.20 41.45
N MET ZB 76 -76.15 -25.70 40.75
CA MET ZB 76 -76.61 -24.33 40.92
C MET ZB 76 -78.13 -24.31 40.96
N MET ZB 77 -78.67 -23.18 41.39
CA MET ZB 77 -80.12 -22.99 41.50
C MET ZB 77 -80.42 -21.52 41.30
N VAL ZB 78 -81.69 -21.23 41.01
CA VAL ZB 78 -82.14 -19.87 40.72
C VAL ZB 78 -83.09 -19.43 41.82
N VAL ZB 79 -82.84 -18.24 42.37
CA VAL ZB 79 -83.64 -17.68 43.45
C VAL ZB 79 -84.04 -16.26 43.08
N GLY ZB 80 -85.11 -15.78 43.71
CA GLY ZB 80 -85.60 -14.44 43.43
C GLY ZB 80 -86.18 -13.81 44.66
N GLY ZB 81 -86.30 -12.48 44.63
CA GLY ZB 81 -86.85 -11.73 45.72
C GLY ZB 81 -85.82 -10.90 46.46
N ARG ZB 82 -86.05 -9.59 46.54
CA ARG ZB 82 -85.12 -8.71 47.23
C ARG ZB 82 -84.93 -9.13 48.68
N HIS ZB 83 -86.03 -9.37 49.39
CA HIS ZB 83 -85.95 -9.74 50.79
C HIS ZB 83 -85.26 -11.09 50.97
N LEU ZB 84 -85.58 -12.05 50.10
CA LEU ZB 84 -84.97 -13.37 50.18
C LEU ZB 84 -83.46 -13.28 49.97
N LEU ZB 85 -83.04 -12.53 48.95
CA LEU ZB 85 -81.62 -12.37 48.69
C LEU ZB 85 -80.93 -11.65 49.84
N HIS ZB 86 -81.58 -10.65 50.43
CA HIS ZB 86 -80.99 -9.95 51.57
C HIS ZB 86 -80.82 -10.89 52.75
N GLU ZB 87 -81.83 -11.73 53.02
CA GLU ZB 87 -81.72 -12.70 54.11
C GLU ZB 87 -80.59 -13.69 53.85
N LEU ZB 88 -80.47 -14.17 52.62
CA LEU ZB 88 -79.39 -15.10 52.30
C LEU ZB 88 -78.03 -14.43 52.47
N HIS ZB 89 -77.90 -13.17 52.04
CA HIS ZB 89 -76.64 -12.46 52.22
C HIS ZB 89 -76.31 -12.30 53.70
N LYS ZB 90 -77.31 -11.96 54.51
CA LYS ZB 90 -77.09 -11.84 55.94
C LYS ZB 90 -76.64 -13.17 56.54
N ARG ZB 91 -77.27 -14.27 56.13
CA ARG ZB 91 -76.90 -15.58 56.64
C ARG ZB 91 -75.56 -16.06 56.10
N GLY ZB 92 -75.06 -15.45 55.02
CA GLY ZB 92 -73.75 -15.75 54.46
C GLY ZB 92 -73.78 -16.13 52.99
N TYR ZB 93 -74.82 -16.83 52.56
CA TYR ZB 93 -74.90 -17.27 51.18
C TYR ZB 93 -75.05 -16.06 50.26
N THR ZB 94 -74.29 -16.07 49.17
CA THR ZB 94 -74.34 -15.01 48.17
C THR ZB 94 -74.46 -15.62 46.79
N PRO ZB 95 -75.14 -14.94 45.86
CA PRO ZB 95 -75.34 -15.53 44.53
C PRO ZB 95 -74.21 -15.23 43.56
N ARG ZB 96 -74.35 -15.72 42.33
CA ARG ZB 96 -73.48 -15.37 41.23
C ARG ZB 96 -74.33 -14.91 40.06
N HIS ZB 97 -73.82 -13.94 39.31
CA HIS ZB 97 -74.52 -13.39 38.16
C HIS ZB 97 -75.93 -12.93 38.55
N LEU ZB 98 -75.97 -11.96 39.45
CA LEU ZB 98 -77.24 -11.41 39.91
C LEU ZB 98 -77.80 -10.47 38.85
N LEU ZB 99 -78.94 -10.82 38.28
CA LEU ZB 99 -79.61 -10.02 37.27
C LEU ZB 99 -80.60 -9.08 37.93
N VAL ZB 100 -80.52 -7.80 37.58
CA VAL ZB 100 -81.36 -6.76 38.15
C VAL ZB 100 -82.04 -6.01 37.02
N ARG ZB 101 -83.34 -5.73 37.20
CA ARG ZB 101 -84.07 -4.97 36.20
C ARG ZB 101 -83.65 -3.51 36.25
N GLU ZB 102 -83.91 -2.80 35.14
CA GLU ZB 102 -83.49 -1.41 35.04
C GLU ZB 102 -84.22 -0.53 36.03
N GLY ZB 103 -85.52 -0.73 36.20
CA GLY ZB 103 -86.30 0.09 37.11
C GLY ZB 103 -85.78 0.00 38.54
N GLN ZB 104 -85.83 -1.19 39.13
CA GLN ZB 104 -85.33 -1.38 40.47
C GLN ZB 104 -83.85 -1.03 40.53
N GLN ZB 105 -83.46 -0.33 41.59
CA GLN ZB 105 -82.10 0.13 41.74
C GLN ZB 105 -81.21 -0.99 42.27
N LYS ZB 106 -79.93 -0.69 42.45
CA LYS ZB 106 -78.98 -1.69 42.93
C LYS ZB 106 -79.32 -2.08 44.37
N PRO ZB 107 -79.16 -3.35 44.73
CA PRO ZB 107 -79.46 -3.77 46.12
C PRO ZB 107 -78.53 -3.18 47.17
N LYS ZB 108 -77.53 -2.41 46.76
CA LYS ZB 108 -76.63 -1.69 47.69
C LYS ZB 108 -76.08 -2.61 48.78
N TRP ZB 109 -75.74 -3.84 48.42
CA TRP ZB 109 -74.94 -4.71 49.29
C TRP ZB 109 -73.84 -5.42 48.52
N ALA ZB 110 -73.54 -4.96 47.31
CA ALA ZB 110 -72.45 -5.53 46.50
C ALA ZB 110 -71.13 -4.86 46.90
N THR ZB 111 -70.68 -5.22 48.10
CA THR ZB 111 -69.46 -4.66 48.67
C THR ZB 111 -68.51 -5.78 49.07
N ASN ZB 112 -67.46 -5.44 49.82
CA ASN ZB 112 -66.49 -6.45 50.25
C ASN ZB 112 -67.19 -7.64 50.90
N THR ZB 113 -68.22 -7.38 51.70
CA THR ZB 113 -69.00 -8.48 52.27
C THR ZB 113 -69.76 -9.23 51.18
N GLY ZB 114 -70.24 -8.53 50.15
CA GLY ZB 114 -70.95 -9.15 49.05
C GLY ZB 114 -70.03 -9.46 47.89
N VAL ZB 115 -68.73 -9.52 48.15
CA VAL ZB 115 -67.76 -9.76 47.09
C VAL ZB 115 -68.04 -11.11 46.43
N LYS ZB 116 -67.49 -11.27 45.22
CA LYS ZB 116 -67.64 -12.44 44.35
C LYS ZB 116 -68.96 -12.41 43.57
N THR ZB 117 -69.78 -11.38 43.73
CA THR ZB 117 -71.04 -11.27 43.00
C THR ZB 117 -70.90 -10.31 41.83
N GLU ZB 118 -71.43 -10.72 40.68
CA GLU ZB 118 -71.37 -9.92 39.46
C GLU ZB 118 -72.79 -9.46 39.14
N ILE ZB 119 -72.98 -8.16 39.07
CA ILE ZB 119 -74.30 -7.57 38.82
C ILE ZB 119 -74.47 -7.31 37.34
N ILE ZB 120 -75.59 -7.75 36.79
CA ILE ZB 120 -75.89 -7.58 35.37
C ILE ZB 120 -77.25 -6.91 35.24
N ARG ZB 121 -77.30 -5.81 34.49
CA ARG ZB 121 -78.57 -5.16 34.20
C ARG ZB 121 -79.29 -5.92 33.09
N VAL ZB 122 -80.60 -6.07 33.24
CA VAL ZB 122 -81.41 -6.78 32.26
C VAL ZB 122 -82.71 -6.01 32.07
N ASP ZB 123 -83.29 -6.14 30.88
CA ASP ZB 123 -84.58 -5.54 30.60
C ASP ZB 123 -85.69 -6.26 31.36
N ARG ZB 124 -86.84 -5.59 31.47
CA ARG ZB 124 -87.97 -6.21 32.17
C ARG ZB 124 -88.43 -7.47 31.44
N HIS ZB 125 -88.47 -7.44 30.12
CA HIS ZB 125 -88.87 -8.63 29.35
C HIS ZB 125 -87.88 -9.77 29.56
N VAL ZB 126 -86.58 -9.46 29.56
CA VAL ZB 126 -85.58 -10.49 29.78
C VAL ZB 126 -85.71 -11.07 31.18
N ALA ZB 127 -85.95 -10.22 32.18
CA ALA ZB 127 -86.15 -10.71 33.53
C ALA ZB 127 -87.38 -11.60 33.63
N ASP ZB 128 -88.47 -11.23 32.94
CA ASP ZB 128 -89.65 -12.07 32.93
C ASP ZB 128 -89.36 -13.42 32.27
N VAL ZB 129 -88.59 -13.41 31.18
CA VAL ZB 129 -88.22 -14.66 30.53
C VAL ZB 129 -87.40 -15.53 31.48
N CYS ZB 130 -86.44 -14.93 32.18
CA CYS ZB 130 -85.63 -15.68 33.12
C CYS ZB 130 -86.50 -16.28 34.23
N SER ZB 131 -87.42 -15.49 34.77
CA SER ZB 131 -88.32 -15.95 35.81
C SER ZB 131 -89.71 -15.40 35.48
N PRO ZB 132 -90.73 -16.24 35.34
CA PRO ZB 132 -92.06 -15.71 34.99
C PRO ZB 132 -92.56 -14.66 35.97
N GLY ZB 133 -92.27 -14.82 37.26
CA GLY ZB 133 -92.67 -13.83 38.24
C GLY ZB 133 -91.76 -12.63 38.26
N ASN ZB 134 -92.31 -11.45 38.00
CA ASN ZB 134 -91.53 -10.21 37.96
C ASN ZB 134 -91.21 -9.82 39.39
N ASP ZB 135 -90.27 -10.55 40.00
CA ASP ZB 135 -89.88 -10.32 41.39
C ASP ZB 135 -88.69 -9.36 41.50
N GLY ZB 136 -88.16 -8.89 40.38
CA GLY ZB 136 -87.03 -7.97 40.40
C GLY ZB 136 -85.69 -8.71 40.24
N PHE ZB 137 -84.89 -8.68 41.31
CA PHE ZB 137 -83.60 -9.35 41.29
C PHE ZB 137 -83.78 -10.85 41.17
N ILE ZB 138 -82.89 -11.47 40.38
CA ILE ZB 138 -82.84 -12.93 40.29
C ILE ZB 138 -81.38 -13.35 40.33
N GLY ZB 139 -81.05 -14.28 41.22
CA GLY ZB 139 -79.68 -14.68 41.46
C GLY ZB 139 -79.47 -16.17 41.22
N ASP ZB 140 -78.26 -16.52 40.80
CA ASP ZB 140 -77.83 -17.90 40.61
C ASP ZB 140 -76.99 -18.27 41.82
N PHE ZB 141 -77.57 -19.04 42.74
CA PHE ZB 141 -76.90 -19.46 43.96
C PHE ZB 141 -76.30 -20.83 43.77
N ASP ZB 142 -75.05 -21.00 44.17
CA ASP ZB 142 -74.45 -22.32 44.18
C ASP ZB 142 -75.27 -23.25 45.06
N ILE ZB 143 -75.50 -24.46 44.57
CA ILE ZB 143 -76.40 -25.38 45.29
C ILE ZB 143 -75.80 -25.66 46.67
N PRO ZB 144 -76.59 -25.61 47.74
CA PRO ZB 144 -76.04 -25.95 49.06
C PRO ZB 144 -75.56 -27.39 49.09
N LYS ZB 145 -74.51 -27.62 49.87
CA LYS ZB 145 -73.93 -28.95 49.94
C LYS ZB 145 -74.98 -29.94 50.41
N PRO ZB 146 -75.21 -31.03 49.68
CA PRO ZB 146 -76.27 -31.97 50.08
C PRO ZB 146 -75.96 -32.59 51.43
N PRO ZB 147 -76.94 -32.68 52.32
CA PRO ZB 147 -76.69 -33.33 53.61
C PRO ZB 147 -76.25 -34.77 53.41
N PRO ZB 148 -75.28 -35.25 54.18
CA PRO ZB 148 -74.82 -36.63 54.00
C PRO ZB 148 -75.79 -37.63 54.62
N LYS ZB 149 -76.11 -38.66 53.85
CA LYS ZB 149 -76.96 -39.74 54.34
C LYS ZB 149 -76.25 -40.57 55.41
N GLU ZB 150 -74.94 -40.38 55.58
CA GLU ZB 150 -74.24 -41.01 56.69
C GLU ZB 150 -74.85 -40.60 58.02
N SER ZB 151 -75.34 -39.36 58.11
CA SER ZB 151 -75.99 -38.91 59.34
C SER ZB 151 -77.22 -39.75 59.66
N LEU ZB 152 -78.06 -40.05 58.67
CA LEU ZB 152 -79.20 -40.93 58.88
C LEU ZB 152 -78.76 -42.36 59.18
N ILE ZB 153 -77.73 -42.84 58.49
CA ILE ZB 153 -77.28 -44.22 58.67
C ILE ZB 153 -76.79 -44.43 60.09
N ALA ZB 154 -75.99 -43.50 60.60
CA ALA ZB 154 -75.42 -43.57 61.95
C ALA ZB 154 -75.51 -42.20 62.58
N ASN ZB 155 -76.48 -42.02 63.48
CA ASN ZB 155 -76.73 -40.75 64.15
C ASN ZB 155 -76.39 -40.93 65.63
N LYS ZB 156 -75.52 -40.06 66.15
CA LYS ZB 156 -75.17 -40.13 67.56
C LYS ZB 156 -76.38 -39.83 68.44
N GLN ZB 157 -77.16 -38.81 68.06
CA GLN ZB 157 -78.39 -38.46 68.77
C GLN ZB 157 -79.58 -39.09 68.05
N ARG ZB 158 -80.35 -39.89 68.76
CA ARG ZB 158 -81.51 -40.53 68.14
C ARG ZB 158 -82.55 -39.49 67.76
N PHE ZB 159 -83.12 -39.66 66.57
CA PHE ZB 159 -84.14 -38.75 66.08
C PHE ZB 159 -85.41 -38.89 66.91
N ASP ZB 160 -86.06 -37.76 67.18
CA ASP ZB 160 -87.34 -37.77 67.88
C ASP ZB 160 -88.50 -37.65 66.89
N ARG ZB 161 -88.48 -36.64 66.03
CA ARG ZB 161 -89.49 -36.46 65.00
C ARG ZB 161 -88.81 -36.43 63.64
N VAL ZB 162 -89.29 -37.27 62.73
CA VAL ZB 162 -88.78 -37.33 61.36
C VAL ZB 162 -89.95 -37.16 60.40
N LEU ZB 163 -89.68 -36.56 59.25
CA LEU ZB 163 -90.72 -36.28 58.26
C LEU ZB 163 -90.36 -36.94 56.94
N VAL ZB 164 -91.37 -37.54 56.30
CA VAL ZB 164 -91.22 -38.15 54.99
C VAL ZB 164 -92.33 -37.61 54.09
N LEU ZB 165 -91.96 -37.20 52.89
CA LEU ZB 165 -92.87 -36.65 51.91
C LEU ZB 165 -92.97 -37.63 50.76
N ASP ZB 166 -94.17 -38.16 50.53
CA ASP ZB 166 -94.40 -39.20 49.53
C ASP ZB 166 -95.26 -38.64 48.41
N ASN ZB 167 -94.68 -38.53 47.22
CA ASN ZB 167 -95.41 -38.16 46.01
C ASN ZB 167 -96.18 -36.85 46.22
N VAL ZB 168 -95.43 -35.79 46.48
CA VAL ZB 168 -96.04 -34.47 46.61
C VAL ZB 168 -96.37 -33.90 45.23
N ASP ZB 169 -95.35 -33.75 44.38
CA ASP ZB 169 -95.48 -33.35 42.98
C ASP ZB 169 -95.93 -31.91 42.81
N ASP ZB 170 -96.33 -31.22 43.88
CA ASP ZB 170 -96.78 -29.84 43.78
C ASP ZB 170 -95.67 -28.94 44.31
N PRO ZB 171 -95.02 -28.13 43.47
CA PRO ZB 171 -93.89 -27.32 43.99
C PRO ZB 171 -94.28 -26.40 45.13
N GLY ZB 172 -95.44 -25.73 45.04
CA GLY ZB 172 -95.84 -24.82 46.09
C GLY ZB 172 -96.12 -25.54 47.40
N LEU ZB 173 -96.85 -26.66 47.33
CA LEU ZB 173 -97.13 -27.43 48.53
C LEU ZB 173 -95.84 -27.95 49.15
N LEU ZB 174 -94.91 -28.43 48.31
CA LEU ZB 174 -93.65 -28.92 48.83
C LEU ZB 174 -92.86 -27.82 49.52
N GLY ZB 175 -92.83 -26.62 48.92
CA GLY ZB 175 -92.11 -25.51 49.53
C GLY ZB 175 -92.73 -25.10 50.85
N THR ZB 176 -94.07 -25.05 50.91
CA THR ZB 176 -94.72 -24.70 52.16
C THR ZB 176 -94.46 -25.74 53.23
N VAL ZB 177 -94.47 -27.03 52.85
CA VAL ZB 177 -94.16 -28.08 53.80
C VAL ZB 177 -92.74 -27.94 54.31
N LEU ZB 178 -91.80 -27.62 53.42
CA LEU ZB 178 -90.42 -27.41 53.86
C LEU ZB 178 -90.32 -26.23 54.82
N ARG ZB 179 -91.04 -25.15 54.53
CA ARG ZB 179 -91.03 -24.00 55.44
C ARG ZB 179 -91.58 -24.39 56.81
N THR ZB 180 -92.68 -25.14 56.84
CA THR ZB 180 -93.26 -25.55 58.10
C THR ZB 180 -92.29 -26.46 58.86
N ALA ZB 181 -91.62 -27.36 58.16
CA ALA ZB 181 -90.64 -28.23 58.81
C ALA ZB 181 -89.50 -27.42 59.39
N ALA ZB 182 -89.01 -26.44 58.64
CA ALA ZB 182 -87.93 -25.59 59.15
C ALA ZB 182 -88.39 -24.82 60.38
N GLY ZB 183 -89.62 -24.28 60.35
CA GLY ZB 183 -90.12 -23.54 61.49
C GLY ZB 183 -90.29 -24.41 62.72
N PHE ZB 184 -90.78 -25.63 62.56
CA PHE ZB 184 -90.95 -26.56 63.67
C PHE ZB 184 -89.64 -27.23 64.07
N HIS ZB 185 -88.57 -27.04 63.29
CA HIS ZB 185 -87.26 -27.60 63.62
C HIS ZB 185 -87.29 -29.12 63.58
N TYR ZB 186 -87.89 -29.67 62.53
CA TYR ZB 186 -87.94 -31.12 62.37
C TYR ZB 186 -86.53 -31.68 62.28
N ASP ZB 187 -86.34 -32.88 62.84
CA ASP ZB 187 -85.01 -33.47 62.89
C ASP ZB 187 -84.46 -33.72 61.49
N ALA ZB 188 -85.29 -34.19 60.58
CA ALA ZB 188 -84.87 -34.44 59.20
C ALA ZB 188 -86.10 -34.71 58.35
N VAL ZB 189 -86.06 -34.20 57.12
CA VAL ZB 189 -87.14 -34.39 56.16
C VAL ZB 189 -86.58 -35.13 54.95
N ILE ZB 190 -87.33 -36.11 54.46
CA ILE ZB 190 -86.89 -36.99 53.38
C ILE ZB 190 -87.98 -37.05 52.33
N ALA ZB 191 -87.64 -36.68 51.09
CA ALA ZB 191 -88.55 -36.81 49.97
C ALA ZB 191 -88.33 -38.17 49.32
N THR ZB 192 -89.36 -39.02 49.35
CA THR ZB 192 -89.20 -40.44 49.05
C THR ZB 192 -89.60 -40.81 47.62
N ASN ZB 193 -90.84 -40.53 47.23
CA ASN ZB 193 -91.42 -41.08 46.00
C ASN ZB 193 -91.78 -39.96 45.04
N HIS ZB 194 -91.06 -39.88 43.93
CA HIS ZB 194 -91.39 -38.98 42.81
C HIS ZB 194 -91.87 -37.63 43.30
N CYS ZB 195 -91.21 -37.13 44.34
CA CYS ZB 195 -91.54 -35.81 44.87
C CYS ZB 195 -91.06 -34.73 43.91
N ALA ZB 196 -91.71 -33.57 43.99
CA ALA ZB 196 -91.31 -32.45 43.15
C ALA ZB 196 -89.85 -32.11 43.40
N ASP ZB 197 -89.14 -31.78 42.33
CA ASP ZB 197 -87.70 -31.51 42.41
C ASP ZB 197 -87.42 -30.54 43.56
N LEU ZB 198 -86.59 -30.99 44.50
CA LEU ZB 198 -86.27 -30.15 45.65
C LEU ZB 198 -85.63 -28.84 45.26
N TYR ZB 199 -84.97 -28.78 44.10
CA TYR ZB 199 -84.31 -27.58 43.60
C TYR ZB 199 -85.06 -27.15 42.33
N ASP ZB 200 -86.12 -26.36 42.51
CA ASP ZB 200 -86.91 -25.86 41.40
C ASP ZB 200 -87.30 -24.42 41.70
N HIS ZB 201 -87.56 -23.65 40.64
CA HIS ZB 201 -87.88 -22.24 40.84
C HIS ZB 201 -89.14 -22.07 41.69
N ARG ZB 202 -90.18 -22.86 41.40
CA ARG ZB 202 -91.41 -22.77 42.20
C ARG ZB 202 -91.17 -23.18 43.64
N VAL ZB 203 -90.40 -24.26 43.85
CA VAL ZB 203 -90.14 -24.73 45.20
C VAL ZB 203 -89.38 -23.67 45.99
N ILE ZB 204 -88.37 -23.06 45.37
CA ILE ZB 204 -87.63 -22.00 46.03
C ILE ZB 204 -88.51 -20.79 46.30
N ARG ZB 205 -89.38 -20.42 45.36
CA ARG ZB 205 -90.29 -19.31 45.61
C ARG ZB 205 -91.18 -19.59 46.82
N ALA ZB 206 -91.70 -20.81 46.92
CA ALA ZB 206 -92.55 -21.17 48.04
C ALA ZB 206 -91.76 -21.17 49.35
N ALA ZB 207 -90.55 -21.72 49.33
CA ALA ZB 207 -89.71 -21.82 50.51
C ALA ZB 207 -88.57 -20.81 50.44
N ARG ZB 208 -88.62 -19.81 51.32
CA ARG ZB 208 -87.68 -18.69 51.27
C ARG ZB 208 -86.26 -19.13 51.60
N GLY ZB 209 -86.08 -19.93 52.65
CA GLY ZB 209 -84.76 -20.31 53.08
C GLY ZB 209 -84.67 -21.74 53.60
N ALA ZB 210 -85.63 -22.58 53.22
CA ALA ZB 210 -85.64 -23.96 53.70
C ALA ZB 210 -84.39 -24.71 53.23
N HIS ZB 211 -84.00 -24.51 51.96
CA HIS ZB 211 -82.86 -25.25 51.42
C HIS ZB 211 -81.55 -24.81 52.03
N PHE ZB 212 -81.49 -23.62 52.63
CA PHE ZB 212 -80.25 -23.10 53.21
C PHE ZB 212 -80.20 -23.21 54.72
N GLN ZB 213 -81.09 -23.99 55.32
CA GLN ZB 213 -81.16 -24.15 56.76
C GLN ZB 213 -80.53 -25.47 57.18
N LYS ZB 214 -79.57 -25.39 58.09
CA LYS ZB 214 -78.88 -26.56 58.63
C LYS ZB 214 -79.71 -27.35 59.63
N ALA ZB 215 -80.59 -26.67 60.37
CA ALA ZB 215 -81.38 -27.34 61.39
C ALA ZB 215 -82.29 -28.41 60.82
N VAL ZB 216 -82.84 -28.20 59.62
CA VAL ZB 216 -83.79 -29.13 59.02
C VAL ZB 216 -83.12 -29.80 57.83
N PRO ZB 217 -82.29 -30.83 58.03
CA PRO ZB 217 -81.64 -31.48 56.89
C PRO ZB 217 -82.65 -32.13 55.96
N ILE ZB 218 -82.50 -31.85 54.67
CA ILE ZB 218 -83.38 -32.35 53.63
C ILE ZB 218 -82.63 -33.40 52.82
N TYR ZB 219 -83.25 -34.57 52.67
CA TYR ZB 219 -82.70 -35.64 51.86
C TYR ZB 219 -83.69 -35.98 50.75
N THR ZB 220 -83.16 -36.46 49.63
CA THR ZB 220 -83.97 -36.83 48.48
C THR ZB 220 -83.60 -38.26 48.10
N LEU ZB 221 -84.45 -39.21 48.47
CA LEU ZB 221 -84.19 -40.63 48.21
C LEU ZB 221 -85.02 -41.07 47.01
N LYS ZB 222 -84.35 -41.59 45.99
CA LYS ZB 222 -85.00 -42.06 44.78
C LYS ZB 222 -84.56 -43.49 44.51
N GLU ZB 223 -85.53 -44.39 44.34
CA GLU ZB 223 -85.21 -45.77 44.00
C GLU ZB 223 -84.61 -45.90 42.60
N GLU ZB 224 -84.71 -44.87 41.78
CA GLU ZB 224 -84.18 -44.90 40.42
C GLU ZB 224 -82.74 -44.42 40.34
N ASP ZB 225 -82.10 -44.16 41.49
CA ASP ZB 225 -80.69 -43.80 41.52
C ASP ZB 225 -79.84 -44.72 42.39
N GLY ZB 226 -80.39 -45.83 42.88
CA GLY ZB 226 -79.62 -46.78 43.66
C GLY ZB 226 -79.87 -46.68 45.16
N ASP ZB 227 -80.87 -45.90 45.55
CA ASP ZB 227 -81.21 -45.72 46.95
C ASP ZB 227 -82.41 -46.58 47.32
N ASN ZB 228 -82.23 -47.42 48.34
CA ASN ZB 228 -83.30 -48.24 48.88
C ASN ZB 228 -84.01 -47.40 49.95
N VAL ZB 229 -85.02 -46.64 49.52
CA VAL ZB 229 -85.66 -45.70 50.43
C VAL ZB 229 -86.37 -46.43 51.56
N TYR ZB 230 -87.08 -47.51 51.24
CA TYR ZB 230 -87.76 -48.27 52.29
C TYR ZB 230 -86.77 -48.92 53.23
N GLY ZB 231 -85.65 -49.41 52.70
CA GLY ZB 231 -84.61 -49.93 53.57
C GLY ZB 231 -84.06 -48.87 54.51
N MET ZB 232 -83.85 -47.66 53.99
CA MET ZB 232 -83.39 -46.56 54.84
C MET ZB 232 -84.40 -46.24 55.92
N LEU ZB 233 -85.69 -46.20 55.56
CA LEU ZB 233 -86.72 -45.91 56.55
C LEU ZB 233 -86.77 -46.98 57.63
N ASN ZB 234 -86.69 -48.25 57.23
CA ASN ZB 234 -86.68 -49.34 58.22
C ASN ZB 234 -85.45 -49.25 59.11
N HIS ZB 235 -84.29 -48.94 58.53
CA HIS ZB 235 -83.08 -48.81 59.33
C HIS ZB 235 -83.21 -47.69 60.34
N ILE ZB 236 -83.74 -46.53 59.91
CA ILE ZB 236 -83.92 -45.41 60.82
C ILE ZB 236 -84.87 -45.79 61.94
N LEU ZB 237 -85.98 -46.44 61.59
CA LEU ZB 237 -86.97 -46.82 62.59
C LEU ZB 237 -86.36 -47.76 63.62
N GLN ZB 238 -85.66 -48.80 63.14
CA GLN ZB 238 -85.04 -49.75 64.07
C GLN ZB 238 -83.98 -49.09 64.94
N ARG ZB 239 -83.14 -48.23 64.35
CA ARG ZB 239 -82.07 -47.60 65.11
C ARG ZB 239 -82.60 -46.67 66.19
N ASN ZB 240 -83.61 -45.87 65.85
CA ASN ZB 240 -84.10 -44.85 66.77
C ASN ZB 240 -85.30 -45.31 67.59
N ASP ZB 241 -85.74 -46.57 67.46
CA ASP ZB 241 -86.88 -47.07 68.21
C ASP ZB 241 -88.10 -46.18 67.96
N LEU ZB 242 -88.24 -45.75 66.72
CA LEU ZB 242 -89.27 -44.82 66.29
C LEU ZB 242 -90.57 -45.56 66.00
N SER ZB 243 -91.66 -44.80 65.96
CA SER ZB 243 -92.96 -45.32 65.60
C SER ZB 243 -93.43 -44.66 64.31
N PRO ZB 244 -93.98 -45.41 63.36
CA PRO ZB 244 -94.45 -44.80 62.11
C PRO ZB 244 -95.90 -44.38 62.17
N VAL ZB 245 -96.18 -43.22 61.60
CA VAL ZB 245 -97.55 -42.73 61.44
C VAL ZB 245 -97.67 -42.16 60.04
N CYS ZB 246 -98.75 -42.54 59.34
CA CYS ZB 246 -98.96 -42.14 57.96
C CYS ZB 246 -100.14 -41.19 57.87
N PHE ZB 247 -100.09 -40.30 56.88
CA PHE ZB 247 -101.16 -39.36 56.60
C PHE ZB 247 -101.34 -39.25 55.09
N ALA ZB 248 -102.58 -39.45 54.65
CA ALA ZB 248 -102.94 -39.39 53.24
C ALA ZB 248 -103.91 -38.26 53.02
N ALA ZB 249 -103.63 -37.43 52.00
CA ALA ZB 249 -104.53 -36.32 51.70
C ALA ZB 249 -105.93 -36.81 51.34
N ARG ZB 250 -106.03 -37.89 50.57
CA ARG ZB 250 -107.31 -38.49 50.21
C ARG ZB 250 -107.43 -39.83 50.92
N ASP ZB 251 -108.54 -40.51 50.67
CA ASP ZB 251 -108.79 -41.81 51.28
C ASP ZB 251 -108.01 -42.88 50.52
N ASP ZB 252 -108.28 -44.15 50.83
CA ASP ZB 252 -107.60 -45.27 50.18
C ASP ZB 252 -108.61 -46.37 49.94
N ASN ZB 253 -108.75 -46.78 48.68
CA ASN ZB 253 -109.68 -47.83 48.30
C ASN ZB 253 -109.00 -49.19 48.40
N ASP ZB 254 -109.72 -50.24 47.99
CA ASP ZB 254 -109.22 -51.60 48.02
C ASP ZB 254 -109.23 -52.15 46.59
N ALA ZB 255 -108.05 -52.38 46.03
CA ALA ZB 255 -107.92 -52.93 44.70
C ALA ZB 255 -106.47 -53.33 44.48
N THR ZB 256 -106.26 -54.52 43.91
CA THR ZB 256 -104.92 -55.03 43.69
C THR ZB 256 -104.95 -56.06 42.57
N ASP ZB 257 -103.81 -56.19 41.89
CA ASP ZB 257 -103.64 -57.19 40.84
C ASP ZB 257 -102.47 -58.13 41.09
N GLU ZB 258 -101.67 -57.87 42.13
CA GLU ZB 258 -100.57 -58.78 42.45
C GLU ZB 258 -101.09 -60.17 42.77
N LEU ZB 259 -102.27 -60.26 43.41
CA LEU ZB 259 -102.86 -61.56 43.66
C LEU ZB 259 -103.17 -62.29 42.36
N ASP ZB 260 -103.71 -61.58 41.37
CA ASP ZB 260 -103.99 -62.19 40.08
C ASP ZB 260 -102.70 -62.64 39.40
N ASP ZB 261 -101.65 -61.81 39.49
CA ASP ZB 261 -100.37 -62.19 38.90
C ASP ZB 261 -99.82 -63.44 39.55
N LEU ZB 262 -99.89 -63.52 40.88
CA LEU ZB 262 -99.42 -64.70 41.59
C LEU ZB 262 -100.23 -65.93 41.20
N VAL ZB 263 -101.55 -65.78 41.08
CA VAL ZB 263 -102.39 -66.91 40.68
C VAL ZB 263 -102.00 -67.39 39.30
N ARG ZB 264 -101.80 -66.46 38.36
CA ARG ZB 264 -101.41 -66.85 37.02
C ARG ZB 264 -100.05 -67.56 37.03
N GLN ZB 265 -99.10 -67.05 37.80
CA GLN ZB 265 -97.79 -67.68 37.87
C GLN ZB 265 -97.91 -69.10 38.43
N LEU ZB 266 -98.70 -69.27 39.48
CA LEU ZB 266 -98.88 -70.60 40.07
C LEU ZB 266 -99.55 -71.56 39.11
N ARG ZB 267 -100.56 -71.10 38.37
CA ARG ZB 267 -101.24 -71.95 37.40
C ARG ZB 267 -100.25 -72.52 36.38
N LYS ZB 286 -104.71 -52.55 59.25
CA LYS ZB 286 -104.37 -51.20 59.68
C LYS ZB 286 -105.41 -50.68 60.67
N ARG ZB 287 -105.05 -49.63 61.40
CA ARG ZB 287 -105.92 -49.02 62.40
C ARG ZB 287 -105.89 -47.51 62.21
N GLU ZB 288 -106.78 -47.01 61.34
CA GLU ZB 288 -106.91 -45.57 61.13
C GLU ZB 288 -107.57 -44.95 62.36
N THR ZB 289 -106.97 -43.88 62.87
CA THR ZB 289 -107.44 -43.25 64.10
C THR ZB 289 -107.25 -41.74 63.98
N LEU ZB 290 -107.87 -41.02 64.90
CA LEU ZB 290 -107.76 -39.57 64.99
C LEU ZB 290 -106.52 -39.19 65.81
N SER ZB 291 -106.13 -37.92 65.71
CA SER ZB 291 -104.98 -37.43 66.45
C SER ZB 291 -105.16 -37.54 67.96
N ASP ZB 292 -106.34 -37.91 68.44
CA ASP ZB 292 -106.53 -38.10 69.88
C ASP ZB 292 -105.63 -39.20 70.42
N TYR ZB 293 -105.52 -40.31 69.69
CA TYR ZB 293 -104.63 -41.38 70.14
C TYR ZB 293 -103.17 -40.93 70.11
N CYS ZB 294 -102.78 -40.18 69.09
CA CYS ZB 294 -101.41 -39.69 69.01
C CYS ZB 294 -101.09 -38.76 70.17
N ARG ZB 295 -102.00 -37.84 70.49
CA ARG ZB 295 -101.74 -36.94 71.61
C ARG ZB 295 -101.79 -37.69 72.94
N ASN ZB 296 -102.57 -38.76 73.04
CA ASN ZB 296 -102.52 -39.60 74.23
C ASN ZB 296 -101.16 -40.26 74.37
N ASN ZB 297 -100.63 -40.79 73.26
CA ASN ZB 297 -99.29 -41.39 73.30
C ASN ZB 297 -98.25 -40.36 73.69
N PHE ZB 298 -98.37 -39.13 73.16
CA PHE ZB 298 -97.45 -38.08 73.54
C PHE ZB 298 -97.56 -37.77 75.03
N THR ZB 299 -98.78 -37.58 75.53
CA THR ZB 299 -98.98 -37.28 76.94
C THR ZB 299 -98.39 -38.37 77.83
N LYS ZB 300 -98.42 -39.61 77.37
CA LYS ZB 300 -97.73 -40.67 78.09
C LYS ZB 300 -96.27 -40.28 78.28
N SER ZB 301 -95.79 -40.37 79.52
CA SER ZB 301 -94.47 -39.84 79.85
C SER ZB 301 -93.37 -40.51 79.03
N ASP ZB 302 -93.42 -41.84 78.93
CA ASP ZB 302 -92.42 -42.61 78.20
C ASP ZB 302 -92.81 -42.64 76.72
N ALA ZB 303 -92.77 -41.46 76.11
CA ALA ZB 303 -93.13 -41.30 74.71
C ALA ZB 303 -91.91 -41.52 73.81
N LYS ZB 304 -92.13 -42.22 72.71
CA LYS ZB 304 -91.09 -42.54 71.75
C LYS ZB 304 -91.13 -41.56 70.59
N GLY ZB 305 -90.00 -41.47 69.88
CA GLY ZB 305 -89.94 -40.65 68.69
C GLY ZB 305 -90.79 -41.24 67.58
N GLN ZB 306 -91.16 -40.38 66.62
CA GLN ZB 306 -92.09 -40.77 65.58
C GLN ZB 306 -91.59 -40.29 64.22
N LEU ZB 307 -91.83 -41.11 63.20
CA LEU ZB 307 -91.68 -40.70 61.81
C LEU ZB 307 -93.06 -40.54 61.20
N LEU ZB 308 -93.23 -39.48 60.43
CA LEU ZB 308 -94.53 -39.08 59.88
C LEU ZB 308 -94.42 -39.08 58.35
N MET ZB 309 -95.10 -40.03 57.72
CA MET ZB 309 -95.10 -40.14 56.25
C MET ZB 309 -96.36 -39.46 55.73
N VAL ZB 310 -96.21 -38.24 55.23
CA VAL ZB 310 -97.32 -37.47 54.68
C VAL ZB 310 -97.27 -37.54 53.17
N GLY ZB 311 -98.44 -37.70 52.54
CA GLY ZB 311 -98.50 -37.75 51.10
C GLY ZB 311 -99.88 -37.48 50.53
N PRO ZB 312 -99.94 -36.75 49.43
CA PRO ZB 312 -101.18 -36.73 48.63
C PRO ZB 312 -101.19 -37.92 47.69
N ASN ZB 313 -102.16 -38.81 47.86
CA ASN ZB 313 -102.12 -40.10 47.19
C ASN ZB 313 -102.10 -39.94 45.67
N HIS ZB 314 -103.19 -39.43 45.10
CA HIS ZB 314 -103.37 -39.38 43.65
C HIS ZB 314 -103.54 -40.77 43.05
N LYS ZB 315 -103.36 -41.81 43.86
CA LYS ZB 315 -103.57 -43.19 43.44
C LYS ZB 315 -104.42 -44.00 44.40
N ARG ZB 316 -104.54 -43.60 45.66
CA ARG ZB 316 -105.33 -44.31 46.66
C ARG ZB 316 -104.75 -45.69 46.97
N ASN ZB 317 -103.42 -45.76 47.03
CA ASN ZB 317 -102.73 -46.98 47.42
C ASN ZB 317 -101.58 -46.73 48.37
N SER ZB 318 -101.29 -45.47 48.73
CA SER ZB 318 -100.10 -45.16 49.51
C SER ZB 318 -100.14 -45.81 50.88
N VAL ZB 319 -101.30 -45.82 51.53
CA VAL ZB 319 -101.41 -46.40 52.86
C VAL ZB 319 -101.06 -47.89 52.82
N ARG ZB 320 -101.61 -48.60 51.85
CA ARG ZB 320 -101.30 -50.02 51.71
C ARG ZB 320 -99.83 -50.24 51.37
N ARG ZB 321 -99.27 -49.41 50.50
CA ARG ZB 321 -97.86 -49.54 50.17
C ARG ZB 321 -97.00 -49.40 51.41
N TRP ZB 322 -97.27 -48.37 52.22
CA TRP ZB 322 -96.49 -48.15 53.43
C TRP ZB 322 -96.67 -49.30 54.42
N SER ZB 323 -97.91 -49.74 54.61
CA SER ZB 323 -98.14 -50.86 55.53
C SER ZB 323 -97.41 -52.11 55.09
N LYS ZB 324 -97.30 -52.33 53.78
CA LYS ZB 324 -96.60 -53.50 53.26
C LYS ZB 324 -95.09 -53.36 53.41
N GLN ZB 325 -94.56 -52.17 53.14
CA GLN ZB 325 -93.12 -51.98 53.07
C GLN ZB 325 -92.48 -51.54 54.37
N LEU ZB 326 -93.27 -51.34 55.44
CA LEU ZB 326 -92.72 -50.95 56.73
C LEU ZB 326 -92.55 -52.17 57.62
N SER ZB 327 -91.38 -52.28 58.25
CA SER ZB 327 -91.06 -53.43 59.08
C SER ZB 327 -91.90 -53.50 60.35
N ILE ZB 328 -92.59 -52.42 60.72
CA ILE ZB 328 -93.43 -52.39 61.91
C ILE ZB 328 -94.79 -51.86 61.50
N PRO ZB 329 -95.90 -52.34 62.09
CA PRO ZB 329 -97.21 -51.83 61.67
C PRO ZB 329 -97.31 -50.32 61.83
N VAL ZB 330 -97.99 -49.69 60.88
CA VAL ZB 330 -98.13 -48.23 60.82
C VAL ZB 330 -99.59 -47.88 61.03
N THR ZB 331 -99.82 -46.69 61.59
CA THR ZB 331 -101.15 -46.20 61.92
C THR ZB 331 -101.45 -44.99 61.06
N GLN ZB 332 -102.66 -44.96 60.50
CA GLN ZB 332 -103.10 -43.83 59.68
C GLN ZB 332 -103.76 -42.78 60.56
N LEU ZB 333 -103.52 -41.51 60.22
CA LEU ZB 333 -104.02 -40.39 60.98
C LEU ZB 333 -105.06 -39.65 60.15
N LEU ZB 334 -106.24 -39.46 60.71
CA LEU ZB 334 -107.30 -38.67 60.09
C LEU ZB 334 -107.44 -37.34 60.82
N LEU ZB 335 -108.22 -36.45 60.24
CA LEU ZB 335 -108.40 -35.10 60.75
C LEU ZB 335 -109.88 -34.86 61.05
N ASP ZB 336 -110.14 -33.93 61.97
CA ASP ZB 336 -111.51 -33.61 62.34
C ASP ZB 336 -112.33 -33.21 61.11
N GLU ZB 337 -111.80 -32.29 60.31
CA GLU ZB 337 -112.46 -31.91 59.08
C GLU ZB 337 -112.50 -33.09 58.11
N VAL ZB 338 -113.58 -33.20 57.36
CA VAL ZB 338 -113.77 -34.25 56.38
C VAL ZB 338 -113.66 -33.73 54.97
N SER ZB 339 -114.11 -32.50 54.73
CA SER ZB 339 -114.04 -31.88 53.39
C SER ZB 339 -112.77 -31.04 53.25
N GLN ZB 340 -111.61 -31.66 53.48
CA GLN ZB 340 -110.33 -30.98 53.36
C GLN ZB 340 -109.93 -30.97 51.88
N THR ZB 341 -110.57 -30.05 51.14
CA THR ZB 341 -110.30 -29.96 49.70
C THR ZB 341 -108.84 -29.65 49.44
N ASP ZB 342 -108.26 -28.73 50.20
CA ASP ZB 342 -106.85 -28.37 50.07
C ASP ZB 342 -106.05 -29.17 51.09
N ALA ZB 343 -105.11 -29.98 50.60
CA ALA ZB 343 -104.26 -30.77 51.48
C ALA ZB 343 -103.22 -29.95 52.21
N LEU ZB 344 -103.01 -28.69 51.79
CA LEU ZB 344 -101.99 -27.87 52.43
C LEU ZB 344 -102.33 -27.62 53.90
N ILE ZB 345 -103.57 -27.24 54.18
CA ILE ZB 345 -103.96 -26.97 55.56
C ILE ZB 345 -103.90 -28.25 56.40
N ALA ZB 346 -104.29 -29.37 55.80
CA ALA ZB 346 -104.24 -30.65 56.51
C ALA ZB 346 -102.79 -30.99 56.88
N PHE ZB 347 -101.87 -30.84 55.93
CA PHE ZB 347 -100.47 -31.12 56.22
C PHE ZB 347 -99.93 -30.15 57.27
N SER ZB 348 -100.32 -28.88 57.19
CA SER ZB 348 -99.85 -27.90 58.17
C SER ZB 348 -100.31 -28.26 59.58
N VAL ZB 349 -101.58 -28.64 59.72
CA VAL ZB 349 -102.10 -28.97 61.05
C VAL ZB 349 -101.47 -30.27 61.55
N VAL ZB 350 -101.24 -31.23 60.65
CA VAL ZB 350 -100.61 -32.47 61.06
C VAL ZB 350 -99.19 -32.21 61.55
N LEU ZB 351 -98.44 -31.38 60.83
CA LEU ZB 351 -97.09 -31.05 61.25
C LEU ZB 351 -97.10 -30.31 62.58
N HIS ZB 352 -98.04 -29.38 62.76
CA HIS ZB 352 -98.14 -28.68 64.04
C HIS ZB 352 -98.42 -29.64 65.17
N ALA ZB 353 -99.33 -30.59 64.95
CA ALA ZB 353 -99.67 -31.56 65.99
C ALA ZB 353 -98.47 -32.46 66.32
N LEU ZB 354 -97.73 -32.90 65.30
CA LEU ZB 354 -96.62 -33.83 65.49
C LEU ZB 354 -95.26 -33.12 65.49
N ARG ZB 355 -95.23 -31.83 65.84
CA ARG ZB 355 -93.98 -31.13 65.97
C ARG ZB 355 -93.05 -31.87 66.93
N PRO ZB 356 -91.75 -31.53 66.93
CA PRO ZB 356 -90.80 -32.27 67.77
C PRO ZB 356 -91.14 -32.27 69.25
N HIS ZB 357 -91.79 -31.23 69.76
CA HIS ZB 357 -92.07 -31.13 71.19
C HIS ZB 357 -93.57 -31.01 71.46
N GLY ZB 358 -94.39 -31.65 70.63
CA GLY ZB 358 -95.82 -31.69 70.91
C GLY ZB 358 -96.12 -32.37 72.22
N ASN ZB 359 -95.33 -33.39 72.59
CA ASN ZB 359 -95.49 -34.02 73.89
C ASN ZB 359 -95.28 -33.02 75.02
N TRP ZB 360 -94.23 -32.21 74.92
CA TRP ZB 360 -93.98 -31.19 75.93
C TRP ZB 360 -95.12 -30.18 75.97
N ASP ZB 361 -95.62 -29.78 74.80
CA ASP ZB 361 -96.73 -28.83 74.77
C ASP ZB 361 -97.95 -29.40 75.45
N TYR ZB 362 -98.27 -30.68 75.19
CA TYR ZB 362 -99.42 -31.30 75.83
C TYR ZB 362 -99.21 -31.42 77.33
N LEU ZB 363 -98.01 -31.78 77.77
CA LEU ZB 363 -97.73 -31.92 79.19
C LEU ZB 363 -97.71 -30.55 79.87
N SER ZB 376 -82.07 -31.11 88.51
CA SER ZB 376 -80.86 -31.03 89.33
C SER ZB 376 -79.62 -30.93 88.45
N LEU ZB 377 -78.45 -31.03 89.08
CA LEU ZB 377 -77.21 -30.98 88.32
C LEU ZB 377 -77.12 -32.14 87.33
N GLU ZB 378 -77.59 -33.32 87.74
CA GLU ZB 378 -77.63 -34.45 86.82
C GLU ZB 378 -78.53 -34.15 85.64
N LEU ZB 379 -79.68 -33.51 85.88
CA LEU ZB 379 -80.56 -33.12 84.78
C LEU ZB 379 -79.86 -32.13 83.85
N GLN ZB 380 -79.13 -31.17 84.43
CA GLN ZB 380 -78.40 -30.21 83.60
C GLN ZB 380 -77.37 -30.92 82.73
N GLY ZB 381 -76.63 -31.88 83.29
CA GLY ZB 381 -75.59 -32.58 82.60
C GLY ZB 381 -76.04 -33.81 81.83
N MET ZB 382 -77.33 -34.08 81.77
CA MET ZB 382 -77.84 -35.29 81.13
C MET ZB 382 -77.52 -35.35 79.64
N LYS ZB 383 -77.22 -34.23 79.00
CA LYS ZB 383 -77.01 -34.21 77.56
C LYS ZB 383 -75.57 -34.53 77.16
N ALA ZB 384 -74.65 -34.67 78.12
CA ALA ZB 384 -73.27 -34.99 77.76
C ALA ZB 384 -73.17 -36.35 77.08
N SER ZB 385 -73.86 -37.35 77.61
CA SER ZB 385 -73.78 -38.70 77.07
C SER ZB 385 -74.47 -38.77 75.71
N VAL ZB 386 -74.04 -39.74 74.90
CA VAL ZB 386 -74.64 -40.02 73.61
C VAL ZB 386 -75.65 -41.14 73.80
N ASP ZB 387 -76.91 -40.88 73.46
CA ASP ZB 387 -77.97 -41.84 73.72
C ASP ZB 387 -77.78 -43.12 72.93
N ILE ZB 388 -77.37 -43.04 71.66
CA ILE ZB 388 -77.27 -44.22 70.80
C ILE ZB 388 -75.90 -44.86 70.97
N GLY ZB 389 -74.85 -44.15 70.57
CA GLY ZB 389 -73.51 -44.71 70.58
C GLY ZB 389 -72.81 -44.47 71.90
N PRO ZB 390 -71.62 -45.04 72.05
CA PRO ZB 390 -70.84 -44.83 73.28
C PRO ZB 390 -70.27 -43.42 73.36
N ASN ZB 391 -69.60 -43.11 74.46
CA ASN ZB 391 -69.03 -41.79 74.70
C ASN ZB 391 -67.54 -41.84 74.34
N ARG ZB 392 -67.25 -41.69 73.06
CA ARG ZB 392 -65.87 -41.65 72.60
C ARG ZB 392 -65.26 -40.28 72.89
N PHE ZB 393 -64.06 -40.29 73.46
CA PHE ZB 393 -63.41 -39.06 73.87
C PHE ZB 393 -62.95 -38.20 72.69
N ASP ZB 394 -62.50 -38.79 71.60
CA ASP ZB 394 -62.04 -38.01 70.47
C ASP ZB 394 -62.00 -38.88 69.22
N LEU ZB 395 -62.15 -38.24 68.07
CA LEU ZB 395 -62.03 -38.93 66.78
C LEU ZB 395 -61.60 -37.88 65.76
N ASN ZB 396 -60.30 -37.87 65.45
CA ASN ZB 396 -59.72 -36.83 64.61
C ASN ZB 396 -59.16 -37.50 63.35
N GLU ZB 397 -58.59 -36.68 62.46
CA GLU ZB 397 -58.02 -37.21 61.23
C GLU ZB 397 -56.86 -38.14 61.51
N LYS ZB 398 -56.13 -37.90 62.60
CA LYS ZB 398 -54.96 -38.72 62.92
C LYS ZB 398 -55.33 -40.15 63.29
N ASP ZB 399 -56.61 -40.44 63.55
CA ASP ZB 399 -57.02 -41.78 63.96
C ASP ZB 399 -57.30 -42.72 62.80
N LEU ZB 400 -57.43 -42.20 61.58
CA LEU ZB 400 -57.71 -43.06 60.43
C LEU ZB 400 -56.49 -43.93 60.11
N SER ZB 401 -56.72 -45.22 59.93
CA SER ZB 401 -55.65 -46.12 59.57
C SER ZB 401 -55.30 -45.97 58.09
N LEU ZB 402 -54.10 -46.43 57.74
CA LEU ZB 402 -53.62 -46.34 56.37
C LEU ZB 402 -52.87 -47.63 56.04
N ASP ZB 403 -53.16 -48.18 54.87
CA ASP ZB 403 -52.59 -49.45 54.45
C ASP ZB 403 -51.23 -49.22 53.79
N GLU ZB 404 -50.68 -50.27 53.17
CA GLU ZB 404 -49.35 -50.16 52.58
C GLU ZB 404 -49.33 -49.15 51.44
N GLU ZB 405 -50.36 -49.16 50.59
CA GLU ZB 405 -50.40 -48.23 49.47
C GLU ZB 405 -50.43 -46.78 49.95
N GLU ZB 406 -51.28 -46.50 50.93
CA GLU ZB 406 -51.36 -45.13 51.46
C GLU ZB 406 -50.06 -44.74 52.14
N GLN ZB 407 -49.43 -45.67 52.87
CA GLN ZB 407 -48.19 -45.37 53.55
C GLN ZB 407 -47.07 -45.05 52.56
N VAL ZB 408 -46.96 -45.84 51.48
CA VAL ZB 408 -45.93 -45.56 50.49
C VAL ZB 408 -46.22 -44.26 49.78
N GLU ZB 409 -47.50 -43.96 49.52
CA GLU ZB 409 -47.85 -42.68 48.92
C GLU ZB 409 -47.43 -41.53 49.82
N LYS ZB 410 -47.69 -41.64 51.13
CA LYS ZB 410 -47.32 -40.58 52.05
C LYS ZB 410 -45.82 -40.42 52.13
N ALA ZB 411 -45.08 -41.54 52.15
CA ALA ZB 411 -43.62 -41.45 52.17
C ALA ZB 411 -43.09 -40.78 50.92
N ARG ZB 412 -43.65 -41.13 49.76
CA ARG ZB 412 -43.24 -40.49 48.51
C ARG ZB 412 -43.53 -38.99 48.56
N LEU ZB 413 -44.70 -38.61 49.08
CA LEU ZB 413 -45.02 -37.19 49.17
C LEU ZB 413 -44.04 -36.47 50.10
N ASP ZB 414 -43.68 -37.09 51.21
CA ASP ZB 414 -42.73 -36.47 52.13
C ASP ZB 414 -41.36 -36.29 51.47
N ASN ZB 415 -40.89 -37.32 50.77
CA ASN ZB 415 -39.60 -37.21 50.10
C ASN ZB 415 -39.64 -36.13 49.02
N GLU ZB 416 -40.72 -36.08 48.24
CA GLU ZB 416 -40.83 -35.06 47.21
C GLU ZB 416 -40.91 -33.66 47.82
N LEU ZB 417 -41.58 -33.53 48.96
CA LEU ZB 417 -41.62 -32.24 49.65
C LEU ZB 417 -40.24 -31.83 50.13
N MET ZB 418 -39.47 -32.78 50.65
CA MET ZB 418 -38.10 -32.48 51.07
C MET ZB 418 -37.27 -32.01 49.89
N ARG ZB 419 -37.38 -32.71 48.76
CA ARG ZB 419 -36.65 -32.30 47.56
C ARG ZB 419 -37.08 -30.92 47.10
N TRP ZB 420 -38.39 -30.65 47.14
CA TRP ZB 420 -38.89 -29.35 46.72
C TRP ZB 420 -38.38 -28.24 47.62
N ARG ZB 421 -38.36 -28.48 48.93
CA ARG ZB 421 -37.80 -27.48 49.85
C ARG ZB 421 -36.34 -27.24 49.56
N ARG ZB 422 -35.58 -28.31 49.31
CA ARG ZB 422 -34.16 -28.17 48.99
C ARG ZB 422 -33.97 -27.33 47.73
N LEU ZB 423 -34.75 -27.63 46.68
CA LEU ZB 423 -34.63 -26.90 45.43
C LEU ZB 423 -35.01 -25.44 45.60
N GLN ZB 424 -36.08 -25.16 46.34
CA GLN ZB 424 -36.48 -23.78 46.57
C GLN ZB 424 -35.41 -23.01 47.34
N ARG ZB 425 -34.83 -23.66 48.36
CA ARG ZB 425 -33.76 -23.01 49.11
C ARG ZB 425 -32.56 -22.74 48.22
N ALA ZB 426 -32.22 -23.68 47.34
CA ALA ZB 426 -31.12 -23.46 46.41
C ALA ZB 426 -31.42 -22.30 45.47
N GLN ZB 427 -32.66 -22.21 44.98
CA GLN ZB 427 -33.03 -21.10 44.12
C GLN ZB 427 -32.93 -19.77 44.86
N GLY ZB 428 -33.38 -19.73 46.11
CA GLY ZB 428 -33.32 -18.51 46.91
C GLY ZB 428 -31.94 -18.28 47.50
N HIS AC 1 -47.92 17.00 31.32
CA HIS AC 1 -48.77 18.18 31.44
C HIS AC 1 -48.47 19.16 30.31
N ALA AC 2 -49.38 20.11 30.09
CA ALA AC 2 -49.23 21.09 29.04
C ALA AC 2 -48.22 22.17 29.46
N ARG AC 3 -48.07 23.20 28.62
CA ARG AC 3 -47.13 24.29 28.87
C ARG AC 3 -45.68 23.83 28.87
N TYR AC 4 -45.40 22.69 28.25
CA TYR AC 4 -44.04 22.19 28.06
C TYR AC 4 -43.70 22.30 26.58
N ARG AC 5 -42.72 23.13 26.27
CA ARG AC 5 -42.33 23.35 24.89
C ARG AC 5 -41.10 22.52 24.55
N PRO AC 6 -40.91 22.15 23.29
CA PRO AC 6 -39.67 21.46 22.89
C PRO AC 6 -38.50 22.42 22.99
N LEU AC 7 -37.44 21.98 23.68
CA LEU AC 7 -36.30 22.82 23.98
C LEU AC 7 -35.02 22.19 23.44
N SER AC 8 -34.23 22.98 22.74
CA SER AC 8 -32.91 22.55 22.33
C SER AC 8 -32.01 22.42 23.55
N LEU AC 9 -30.81 21.89 23.33
CA LEU AC 9 -29.88 21.71 24.46
C LEU AC 9 -29.52 23.06 25.07
N ARG AC 10 -29.22 24.05 24.23
CA ARG AC 10 -28.88 25.38 24.73
C ARG AC 10 -30.04 25.99 25.48
N ALA AC 11 -31.26 25.83 24.96
CA ALA AC 11 -32.43 26.38 25.65
C ALA AC 11 -32.65 25.71 27.00
N ARG AC 12 -32.47 24.39 27.06
CA ARG AC 12 -32.63 23.69 28.33
C ARG AC 12 -31.60 24.17 29.34
N GLN AC 13 -30.34 24.30 28.91
CA GLN AC 13 -29.31 24.79 29.83
C GLN AC 13 -29.61 26.21 30.29
N THR AC 14 -30.05 27.07 29.37
CA THR AC 14 -30.36 28.45 29.73
C THR AC 14 -31.49 28.51 30.74
N LEU AC 15 -32.55 27.73 30.52
CA LEU AC 15 -33.65 27.70 31.48
C LEU AC 15 -33.20 27.17 32.83
N SER AC 16 -32.39 26.11 32.83
CA SER AC 16 -31.92 25.55 34.09
C SER AC 16 -31.09 26.55 34.88
N GLU AC 17 -30.22 27.30 34.19
CA GLU AC 17 -29.39 28.27 34.90
C GLU AC 17 -30.18 29.49 35.34
N LYS AC 18 -31.16 29.93 34.53
CA LYS AC 18 -31.93 31.11 34.89
C LYS AC 18 -32.91 30.83 36.02
N SER AC 19 -33.47 29.62 36.06
CA SER AC 19 -34.49 29.32 37.06
C SER AC 19 -33.92 29.47 38.47
N ASP AC 20 -34.71 30.10 39.35
CA ASP AC 20 -34.35 30.29 40.74
C ASP AC 20 -34.89 29.20 41.65
N ASP AC 21 -35.59 28.22 41.10
CA ASP AC 21 -36.20 27.16 41.90
C ASP AC 21 -35.24 25.97 42.03
N LEU AC 22 -34.11 26.25 42.66
CA LEU AC 22 -33.07 25.25 42.88
C LEU AC 22 -32.71 25.19 44.35
N GLN AC 23 -32.44 23.97 44.83
CA GLN AC 23 -32.03 23.75 46.20
C GLN AC 23 -30.58 23.27 46.20
N TYR AC 24 -29.75 23.93 47.01
CA TYR AC 24 -28.33 23.64 47.10
C TYR AC 24 -28.06 22.95 48.44
N HIS AC 25 -27.78 21.65 48.38
CA HIS AC 25 -27.40 20.90 49.57
C HIS AC 25 -25.89 20.98 49.74
N VAL AC 26 -25.44 21.50 50.87
CA VAL AC 26 -24.02 21.61 51.14
C VAL AC 26 -23.49 20.24 51.58
N VAL AC 27 -22.27 19.91 51.16
CA VAL AC 27 -21.62 18.68 51.57
C VAL AC 27 -20.72 19.00 52.76
N THR AC 28 -21.15 18.58 53.95
CA THR AC 28 -20.43 18.87 55.18
C THR AC 28 -19.46 17.73 55.48
N GLN AC 29 -18.86 17.77 56.68
CA GLN AC 29 -17.95 16.70 57.08
C GLN AC 29 -18.64 15.34 57.09
N GLU AC 30 -19.92 15.30 57.43
CA GLU AC 30 -20.63 14.04 57.58
C GLU AC 30 -20.99 13.38 56.26
N TRP AC 31 -21.24 14.17 55.21
CA TRP AC 31 -21.62 13.64 53.91
C TRP AC 31 -20.50 13.78 52.88
N PHE AC 32 -19.24 13.93 53.33
CA PHE AC 32 -18.15 14.15 52.41
C PHE AC 32 -17.99 12.99 51.44
N GLY AC 33 -17.71 11.80 51.96
CA GLY AC 33 -17.43 10.65 51.11
C GLY AC 33 -18.64 9.90 50.63
N GLU AC 34 -19.83 10.26 51.08
CA GLU AC 34 -21.02 9.52 50.68
C GLU AC 34 -21.27 9.68 49.18
N ARG AC 35 -21.73 8.60 48.57
CA ARG AC 35 -21.97 8.55 47.14
C ARG AC 35 -23.18 9.40 46.78
N VAL AC 36 -23.24 9.83 45.52
CA VAL AC 36 -24.30 10.73 45.09
C VAL AC 36 -25.66 10.04 45.23
N ASP AC 37 -25.75 8.79 44.79
CA ASP AC 37 -27.04 8.09 44.84
C ASP AC 37 -27.50 7.91 46.27
N SER AC 38 -26.60 7.52 47.19
CA SER AC 38 -26.99 7.36 48.58
C SER AC 38 -27.39 8.68 49.21
N PHE AC 39 -26.65 9.76 48.89
CA PHE AC 39 -27.00 11.07 49.41
C PHE AC 39 -28.39 11.49 48.96
N LEU AC 40 -28.68 11.32 47.66
CA LEU AC 40 -30.00 11.69 47.16
C LEU AC 40 -31.09 10.80 47.76
N THR AC 41 -30.81 9.51 47.92
CA THR AC 41 -31.81 8.62 48.52
C THR AC 41 -32.12 9.05 49.95
N CYS AC 42 -31.09 9.40 50.71
CA CYS AC 42 -31.31 9.83 52.09
C CYS AC 42 -32.04 11.16 52.16
N HIS AC 43 -31.75 12.09 51.24
CA HIS AC 43 -32.33 13.41 51.33
C HIS AC 43 -33.68 13.54 50.64
N TYR AC 44 -34.08 12.57 49.80
CA TYR AC 44 -35.37 12.58 49.12
C TYR AC 44 -36.02 11.21 49.25
N PRO AC 45 -36.51 10.88 50.44
CA PRO AC 45 -37.20 9.57 50.59
C PRO AC 45 -38.39 9.41 49.67
N GLN AC 46 -39.11 10.50 49.38
CA GLN AC 46 -40.31 10.39 48.54
C GLN AC 46 -39.97 9.94 47.13
N TRP AC 47 -38.84 10.38 46.59
CA TRP AC 47 -38.46 10.02 45.24
C TRP AC 47 -38.05 8.55 45.16
N ASP AC 48 -38.07 8.01 43.95
CA ASP AC 48 -37.68 6.64 43.69
C ASP AC 48 -36.31 6.62 43.02
N TYR AC 49 -35.58 5.52 43.20
CA TYR AC 49 -34.25 5.43 42.62
C TYR AC 49 -34.28 5.60 41.11
N GLU AC 50 -35.38 5.20 40.47
CA GLU AC 50 -35.51 5.45 39.04
C GLU AC 50 -35.46 6.95 38.75
N THR AC 51 -36.23 7.73 39.51
CA THR AC 51 -36.21 9.18 39.34
C THR AC 51 -34.83 9.75 39.64
N ILE AC 52 -34.18 9.25 40.70
CA ILE AC 52 -32.85 9.73 41.04
C ILE AC 52 -31.90 9.51 39.88
N LYS AC 53 -31.87 8.29 39.33
CA LYS AC 53 -30.94 8.00 38.25
C LYS AC 53 -31.28 8.81 37.01
N ARG AC 54 -32.56 8.96 36.68
CA ARG AC 54 -32.94 9.73 35.51
C ARG AC 54 -32.48 11.17 35.63
N LEU AC 55 -32.77 11.80 36.77
CA LEU AC 55 -32.35 13.19 36.96
C LEU AC 55 -30.84 13.33 36.89
N VAL AC 56 -30.12 12.45 37.60
CA VAL AC 56 -28.67 12.58 37.66
C VAL AC 56 -28.04 12.38 36.29
N GLN AC 57 -28.49 11.36 35.56
CA GLN AC 57 -27.90 11.03 34.27
C GLN AC 57 -28.34 11.98 33.16
N GLN AC 58 -29.47 12.66 33.32
CA GLN AC 58 -29.93 13.62 32.33
C GLN AC 58 -29.59 15.06 32.72
N GLY AC 59 -28.89 15.26 33.84
CA GLY AC 59 -28.32 16.55 34.16
C GLY AC 59 -29.19 17.49 34.95
N HIS AC 60 -30.44 17.10 35.23
CA HIS AC 60 -31.30 17.96 36.02
C HIS AC 60 -30.77 18.16 37.44
N ILE AC 61 -30.06 17.17 37.98
CA ILE AC 61 -29.39 17.28 39.28
C ILE AC 61 -27.90 17.26 39.03
N TYR AC 62 -27.20 18.24 39.58
CA TYR AC 62 -25.75 18.33 39.35
C TYR AC 62 -25.09 18.81 40.64
N ARG AC 63 -23.80 19.12 40.57
CA ARG AC 63 -23.10 19.65 41.73
C ARG AC 63 -22.18 20.79 41.30
N TYR AC 64 -21.94 21.70 42.24
CA TYR AC 64 -21.14 22.89 42.05
C TYR AC 64 -19.96 22.80 43.01
N ARG AC 65 -18.75 22.71 42.46
CA ARG AC 65 -17.53 22.52 43.25
C ARG AC 65 -16.80 23.82 43.53
N LYS AC 66 -17.51 24.95 43.50
CA LYS AC 66 -16.93 26.28 43.61
C LYS AC 66 -15.98 26.59 42.45
N ASN AC 67 -16.04 25.79 41.39
CA ASN AC 67 -15.09 25.86 40.28
C ASN AC 67 -15.52 26.85 39.20
N GLY AC 68 -16.66 27.51 39.37
CA GLY AC 68 -17.20 28.37 38.33
C GLY AC 68 -17.95 27.65 37.25
N LYS AC 69 -18.00 26.33 37.29
CA LYS AC 69 -18.75 25.52 36.33
C LYS AC 69 -19.52 24.46 37.09
N LYS AC 70 -20.65 24.04 36.52
CA LYS AC 70 -21.49 23.01 37.11
C LYS AC 70 -21.06 21.65 36.58
N LYS AC 71 -20.59 20.79 37.49
CA LYS AC 71 -20.16 19.46 37.09
C LYS AC 71 -21.33 18.50 37.05
N PHE AC 72 -21.43 17.75 35.96
CA PHE AC 72 -22.43 16.71 35.80
C PHE AC 72 -21.82 15.38 36.18
N THR AC 73 -22.42 14.72 37.17
CA THR AC 73 -21.79 13.60 37.86
C THR AC 73 -22.58 12.32 37.65
N ARG AC 74 -21.87 11.20 37.76
CA ARG AC 74 -22.50 9.89 37.73
C ARG AC 74 -23.09 9.56 39.10
N LEU AC 75 -23.94 8.53 39.12
CA LEU AC 75 -24.52 8.07 40.38
C LEU AC 75 -23.50 7.46 41.31
N THR AC 76 -22.36 7.00 40.79
CA THR AC 76 -21.35 6.32 41.58
C THR AC 76 -20.22 7.23 42.01
N ASP AC 77 -20.27 8.51 41.67
CA ASP AC 77 -19.18 9.43 42.00
C ASP AC 77 -19.33 9.95 43.43
N ARG AC 78 -18.20 10.02 44.13
CA ARG AC 78 -18.19 10.50 45.50
C ARG AC 78 -18.32 12.02 45.55
N LEU AC 79 -18.82 12.52 46.68
CA LEU AC 79 -18.95 13.95 46.90
C LEU AC 79 -17.64 14.51 47.46
N GLU AC 80 -17.60 15.83 47.65
CA GLU AC 80 -16.40 16.51 48.12
C GLU AC 80 -16.79 17.51 49.19
N PHE AC 81 -15.79 18.00 49.91
CA PHE AC 81 -16.04 18.91 51.02
C PHE AC 81 -16.43 20.30 50.51
N ASP AC 82 -17.35 20.93 51.22
CA ASP AC 82 -17.74 22.32 50.96
C ASP AC 82 -18.12 22.52 49.50
N GLU AC 83 -18.85 21.56 48.94
CA GLU AC 83 -19.40 21.69 47.60
C GLU AC 83 -20.91 21.61 47.67
N LEU AC 84 -21.56 22.32 46.76
CA LEU AC 84 -23.01 22.33 46.69
C LEU AC 84 -23.49 21.24 45.76
N LEU AC 85 -24.70 20.75 46.02
CA LEU AC 85 -25.39 19.82 45.13
C LEU AC 85 -26.71 20.47 44.76
N VAL AC 86 -26.89 20.76 43.48
CA VAL AC 86 -28.04 21.50 42.99
C VAL AC 86 -29.09 20.50 42.53
N VAL AC 87 -30.29 20.61 43.12
CA VAL AC 87 -31.41 19.74 42.80
C VAL AC 87 -32.62 20.63 42.50
N PRO AC 88 -33.40 20.34 41.47
CA PRO AC 88 -34.58 21.18 41.19
C PRO AC 88 -35.68 20.92 42.21
N THR AC 89 -36.76 21.69 42.07
CA THR AC 89 -37.90 21.63 42.97
C THR AC 89 -39.18 21.48 42.17
N ARG AC 90 -40.26 21.15 42.89
CA ARG AC 90 -41.58 21.04 42.26
C ARG AC 90 -41.90 22.33 41.51
N ALA AC 91 -41.52 23.47 42.07
CA ALA AC 91 -41.69 24.73 41.36
C ALA AC 91 -40.89 24.75 40.07
N PHE AC 92 -39.65 24.26 40.12
CA PHE AC 92 -38.83 24.19 38.91
C PHE AC 92 -39.50 23.35 37.85
N TRP AC 93 -40.12 22.24 38.23
CA TRP AC 93 -40.73 21.34 37.25
C TRP AC 93 -42.06 21.87 36.72
N GLU AC 94 -42.82 22.59 37.55
CA GLU AC 94 -44.14 23.01 37.13
C GLU AC 94 -44.12 24.40 36.51
N LYS AC 95 -43.67 25.40 37.26
CA LYS AC 95 -43.80 26.79 36.84
C LYS AC 95 -42.70 27.21 35.87
N GLN AC 96 -42.58 26.49 34.76
CA GLN AC 96 -41.75 26.90 33.64
C GLN AC 96 -41.98 25.93 32.49
N LEU AC 97 -41.25 26.15 31.40
CA LEU AC 97 -41.45 25.41 30.17
C LEU AC 97 -40.66 24.10 30.11
N ALA AC 98 -39.70 23.91 31.00
CA ALA AC 98 -38.87 22.71 30.96
C ALA AC 98 -39.67 21.51 31.46
N PRO AC 99 -39.86 20.47 30.66
CA PRO AC 99 -40.62 19.31 31.12
C PRO AC 99 -39.77 18.42 32.01
N PRO AC 100 -40.36 17.78 33.02
CA PRO AC 100 -39.60 16.89 33.89
C PRO AC 100 -39.43 15.50 33.26
N SER AC 101 -38.56 14.72 33.87
CA SER AC 101 -38.47 13.31 33.53
C SER AC 101 -39.80 12.63 33.84
N GLY AC 102 -40.16 11.63 33.06
CA GLY AC 102 -41.50 11.08 33.10
C GLY AC 102 -41.81 10.21 34.29
N VAL AC 103 -41.08 10.40 35.39
CA VAL AC 103 -41.23 9.58 36.59
C VAL AC 103 -41.53 10.42 37.83
N LEU AC 104 -40.84 11.56 37.98
CA LEU AC 104 -40.92 12.29 39.25
C LEU AC 104 -42.33 12.80 39.52
N GLU AC 105 -43.12 13.04 38.48
CA GLU AC 105 -44.47 13.54 38.68
C GLU AC 105 -45.33 12.49 39.39
N GLU AC 106 -46.28 12.97 40.20
CA GLU AC 106 -47.13 12.12 41.02
C GLU AC 106 -48.50 11.90 40.41
N THR AC 107 -48.60 11.83 39.08
CA THR AC 107 -49.88 11.62 38.44
C THR AC 107 -50.44 10.24 38.80
N ASP AC 108 -51.77 10.19 38.90
CA ASP AC 108 -52.46 8.95 39.25
C ASP AC 108 -53.82 8.94 38.57
N GLY AC 109 -54.40 7.75 38.46
CA GLY AC 109 -55.69 7.60 37.83
C GLY AC 109 -56.51 6.49 38.47
N PRO AC 110 -57.81 6.46 38.19
CA PRO AC 110 -58.68 5.43 38.77
C PRO AC 110 -58.51 4.07 38.10
N LYS AC 111 -59.32 3.10 38.51
CA LYS AC 111 -59.28 1.75 37.94
C LYS AC 111 -60.63 1.45 37.29
N PHE AC 112 -60.78 0.21 36.82
CA PHE AC 112 -62.00 -0.20 36.14
C PHE AC 112 -62.19 -1.69 36.37
N LYS AC 113 -63.43 -2.08 36.65
CA LYS AC 113 -63.75 -3.47 36.98
C LYS AC 113 -63.91 -4.29 35.71
N LEU AC 114 -63.50 -5.55 35.78
CA LEU AC 114 -63.62 -6.50 34.67
C LEU AC 114 -64.42 -7.72 35.12
N SER AC 115 -65.22 -8.25 34.20
CA SER AC 115 -66.06 -9.40 34.51
C SER AC 115 -65.26 -10.70 34.44
N ALA AC 116 -65.79 -11.73 35.09
CA ALA AC 116 -65.14 -13.04 35.04
C ALA AC 116 -65.11 -13.60 33.62
N THR AC 117 -66.17 -13.37 32.85
CA THR AC 117 -66.17 -13.81 31.46
C THR AC 117 -65.06 -13.11 30.68
N ALA AC 118 -64.90 -11.81 30.90
CA ALA AC 118 -63.84 -11.07 30.22
C ALA AC 118 -62.46 -11.58 30.64
N ARG AC 119 -62.28 -11.87 31.93
CA ARG AC 119 -61.00 -12.39 32.38
C ARG AC 119 -60.70 -13.75 31.75
N GLU AC 120 -61.71 -14.61 31.66
CA GLU AC 120 -61.51 -15.92 31.02
C GLU AC 120 -61.20 -15.75 29.53
N MET AC 121 -61.86 -14.81 28.87
CA MET AC 121 -61.57 -14.52 27.48
C MET AC 121 -60.12 -14.07 27.31
N ALA AC 122 -59.66 -13.20 28.21
CA ALA AC 122 -58.27 -12.74 28.15
C ALA AC 122 -57.30 -13.89 28.38
N HIS AC 123 -57.60 -14.76 29.36
CA HIS AC 123 -56.73 -15.89 29.64
C HIS AC 123 -56.64 -16.82 28.42
N ASN AC 124 -57.77 -17.08 27.77
CA ASN AC 124 -57.74 -17.89 26.57
C ASN AC 124 -56.98 -17.19 25.44
N MET AC 125 -57.10 -15.86 25.37
CA MET AC 125 -56.40 -15.10 24.35
C MET AC 125 -54.89 -15.21 24.51
N VAL AC 126 -54.39 -15.18 25.75
CA VAL AC 126 -52.95 -15.22 25.96
C VAL AC 126 -52.34 -16.43 25.26
N LEU AC 127 -51.20 -16.20 24.60
CA LEU AC 127 -50.47 -17.24 23.90
C LEU AC 127 -49.15 -17.59 24.57
N PHE AC 128 -48.28 -16.61 24.77
CA PHE AC 128 -46.96 -16.84 25.34
C PHE AC 128 -46.77 -15.90 26.53
N LYS AC 129 -46.01 -16.36 27.52
CA LYS AC 129 -45.82 -15.59 28.74
C LYS AC 129 -44.52 -16.03 29.41
N ASN AC 130 -43.72 -15.06 29.84
CA ASN AC 130 -42.55 -15.32 30.65
C ASN AC 130 -42.48 -14.22 31.71
N GLU AC 131 -41.35 -14.15 32.41
CA GLU AC 131 -41.21 -13.17 33.48
C GLU AC 131 -41.21 -11.73 32.95
N HIS AC 132 -40.97 -11.54 31.66
CA HIS AC 132 -40.78 -10.20 31.09
C HIS AC 132 -41.88 -9.79 30.12
N VAL AC 133 -42.33 -10.68 29.24
CA VAL AC 133 -43.21 -10.30 28.13
C VAL AC 133 -44.36 -11.30 28.03
N ILE AC 134 -45.46 -10.82 27.44
CA ILE AC 134 -46.60 -11.64 27.08
C ILE AC 134 -46.90 -11.39 25.61
N VAL AC 135 -47.29 -12.44 24.90
CA VAL AC 135 -47.76 -12.32 23.54
C VAL AC 135 -49.15 -12.92 23.48
N ILE AC 136 -50.13 -12.15 23.00
CA ILE AC 136 -51.52 -12.57 23.01
C ILE AC 136 -52.08 -12.48 21.60
N ASN AC 137 -53.05 -13.34 21.32
CA ASN AC 137 -53.68 -13.40 19.99
C ASN AC 137 -54.86 -12.44 19.97
N LYS AC 138 -54.57 -11.17 19.70
CA LYS AC 138 -55.62 -10.18 19.61
C LYS AC 138 -56.60 -10.58 18.51
N PRO AC 139 -57.92 -10.61 18.79
CA PRO AC 139 -58.87 -11.04 17.75
C PRO AC 139 -59.02 -10.04 16.61
N HIS AC 140 -59.95 -10.33 15.70
CA HIS AC 140 -60.14 -9.47 14.53
C HIS AC 140 -60.86 -8.19 14.91
N GLY AC 141 -62.10 -8.28 15.39
CA GLY AC 141 -62.93 -7.13 15.59
C GLY AC 141 -62.59 -6.24 16.76
N LEU AC 142 -61.89 -6.76 17.76
CA LEU AC 142 -61.62 -5.96 18.95
C LEU AC 142 -60.60 -4.86 18.64
N PRO AC 143 -60.75 -3.68 19.22
CA PRO AC 143 -59.75 -2.63 19.06
C PRO AC 143 -58.66 -2.73 20.11
N MET AC 144 -57.62 -1.91 19.92
CA MET AC 144 -56.50 -1.88 20.87
C MET AC 144 -56.69 -0.78 21.92
N MET AC 145 -56.80 0.46 21.48
CA MET AC 145 -57.01 1.59 22.37
C MET AC 145 -58.49 1.96 22.40
N PRO AC 146 -58.90 2.79 23.36
CA PRO AC 146 -60.29 3.23 23.39
C PRO AC 146 -60.68 3.91 22.08
N THR AC 147 -61.91 3.65 21.65
CA THR AC 147 -62.44 4.14 20.40
C THR AC 147 -63.03 5.53 20.61
N ASP AC 148 -63.44 6.16 19.50
CA ASP AC 148 -64.07 7.47 19.59
C ASP AC 148 -65.30 7.42 20.48
N ASP AC 149 -65.95 6.26 20.59
CA ASP AC 149 -67.06 6.07 21.51
C ASP AC 149 -66.52 5.54 22.83
N PRO AC 150 -66.62 6.29 23.92
CA PRO AC 150 -66.01 5.80 25.18
C PRO AC 150 -66.52 4.45 25.61
N GLN AC 151 -67.80 4.14 25.39
CA GLN AC 151 -68.40 2.88 25.83
C GLN AC 151 -68.15 1.79 24.78
N GLU AC 152 -66.91 1.32 24.73
CA GLU AC 152 -66.52 0.23 23.86
C GLU AC 152 -65.39 -0.56 24.50
N MET AC 153 -65.32 -1.85 24.17
CA MET AC 153 -64.28 -2.71 24.69
C MET AC 153 -62.94 -2.40 24.03
N SER AC 154 -61.86 -2.71 24.73
CA SER AC 154 -60.53 -2.43 24.21
C SER AC 154 -59.50 -3.29 24.92
N ILE AC 155 -58.40 -3.57 24.22
CA ILE AC 155 -57.29 -4.31 24.83
C ILE AC 155 -56.74 -3.53 26.01
N ALA AC 156 -56.69 -2.20 25.90
CA ALA AC 156 -56.24 -1.37 27.00
C ALA AC 156 -57.14 -1.57 28.20
N ALA AC 157 -58.46 -1.65 27.96
CA ALA AC 157 -59.39 -1.90 29.05
C ALA AC 157 -59.17 -3.27 29.67
N MET AC 158 -58.91 -4.29 28.84
CA MET AC 158 -58.75 -5.65 29.36
C MET AC 158 -57.35 -5.91 29.91
N LEU AC 159 -56.43 -4.96 29.78
CA LEU AC 159 -55.05 -5.16 30.23
C LEU AC 159 -54.95 -5.70 31.65
N PRO AC 160 -55.71 -5.20 32.63
CA PRO AC 160 -55.60 -5.77 33.99
C PRO AC 160 -55.94 -7.24 34.08
N ALA AC 161 -56.61 -7.81 33.07
CA ALA AC 161 -56.99 -9.22 33.14
C ALA AC 161 -55.79 -10.12 33.26
N TRP AC 162 -54.73 -9.85 32.49
CA TRP AC 162 -53.52 -10.69 32.48
C TRP AC 162 -52.42 -10.09 33.34
N LYS AC 163 -52.78 -9.44 34.45
CA LYS AC 163 -51.80 -8.97 35.43
C LYS AC 163 -51.48 -10.12 36.39
N PHE AC 164 -50.77 -11.11 35.85
CA PHE AC 164 -50.49 -12.32 36.60
C PHE AC 164 -49.49 -12.04 37.72
N THR AC 165 -49.92 -12.25 38.96
CA THR AC 165 -49.07 -12.15 40.15
C THR AC 165 -48.13 -10.95 40.08
N ASN AC 166 -48.60 -9.83 39.56
CA ASN AC 166 -47.83 -8.61 39.49
C ASN AC 166 -48.66 -7.44 40.02
N VAL AC 167 -47.99 -6.54 40.72
CA VAL AC 167 -48.69 -5.40 41.32
C VAL AC 167 -49.20 -4.46 40.24
N ALA AC 168 -48.42 -4.25 39.18
CA ALA AC 168 -48.78 -3.32 38.11
C ALA AC 168 -49.11 -4.09 36.84
N LYS AC 169 -50.16 -3.64 36.16
CA LYS AC 169 -50.59 -4.29 34.92
C LYS AC 169 -49.55 -4.07 33.82
N PRO AC 170 -49.48 -4.99 32.85
CA PRO AC 170 -48.52 -4.82 31.75
C PRO AC 170 -48.90 -3.65 30.84
N VAL AC 171 -48.01 -3.32 29.91
CA VAL AC 171 -48.23 -2.19 28.99
C VAL AC 171 -48.04 -2.69 27.56
N VAL AC 172 -48.98 -2.34 26.69
CA VAL AC 172 -48.87 -2.73 25.29
C VAL AC 172 -47.64 -2.10 24.69
N CYS AC 173 -46.84 -2.91 23.97
CA CYS AC 173 -45.66 -2.39 23.30
C CYS AC 173 -45.96 -1.86 21.90
N HIS AC 174 -46.99 -2.39 21.24
CA HIS AC 174 -47.35 -1.93 19.91
C HIS AC 174 -48.84 -2.17 19.71
N ASN AC 175 -49.40 -1.48 18.71
CA ASN AC 175 -50.83 -1.48 18.47
C ASN AC 175 -51.15 -1.98 17.07
N LEU AC 176 -52.32 -2.62 16.96
CA LEU AC 176 -52.83 -3.16 15.71
C LEU AC 176 -54.14 -2.48 15.35
N ASP AC 177 -54.52 -2.61 14.09
CA ASP AC 177 -55.75 -2.03 13.59
C ASP AC 177 -56.97 -2.73 14.20
N ARG AC 178 -58.14 -2.11 14.06
CA ARG AC 178 -59.37 -2.69 14.58
C ARG AC 178 -59.84 -3.88 13.75
N GLU AC 179 -59.32 -4.05 12.54
CA GLU AC 179 -59.72 -5.14 11.67
C GLU AC 179 -58.69 -6.24 11.55
N THR AC 180 -57.46 -6.03 12.01
CA THR AC 180 -56.41 -7.02 11.89
C THR AC 180 -56.23 -7.76 13.21
N SER AC 181 -56.08 -9.08 13.11
CA SER AC 181 -55.86 -9.95 14.25
C SER AC 181 -54.43 -10.46 14.24
N GLY AC 182 -54.03 -11.08 15.36
CA GLY AC 182 -52.75 -11.73 15.43
C GLY AC 182 -52.01 -11.37 16.70
N CYS AC 183 -50.70 -11.63 16.69
CA CYS AC 183 -49.90 -11.45 17.88
C CYS AC 183 -49.79 -9.98 18.25
N VAL AC 184 -49.91 -9.69 19.55
CA VAL AC 184 -49.63 -8.38 20.10
C VAL AC 184 -48.88 -8.57 21.41
N VAL AC 185 -47.92 -7.69 21.68
CA VAL AC 185 -46.91 -7.88 22.71
C VAL AC 185 -47.17 -6.92 23.86
N LEU AC 186 -47.07 -7.42 25.07
CA LEU AC 186 -47.23 -6.64 26.29
C LEU AC 186 -45.99 -6.81 27.15
N ALA AC 187 -45.43 -5.70 27.61
CA ALA AC 187 -44.30 -5.72 28.53
C ALA AC 187 -44.80 -5.79 29.96
N ARG AC 188 -44.31 -6.79 30.70
CA ARG AC 188 -44.72 -6.96 32.10
C ARG AC 188 -44.27 -5.79 32.97
N THR AC 189 -43.01 -5.38 32.82
CA THR AC 189 -42.40 -4.38 33.67
C THR AC 189 -42.03 -3.15 32.84
N ARG AC 190 -41.83 -2.03 33.54
CA ARG AC 190 -41.49 -0.79 32.86
C ARG AC 190 -40.12 -0.89 32.18
N ASN AC 191 -39.14 -1.50 32.86
CA ASN AC 191 -37.83 -1.69 32.24
C ASN AC 191 -37.94 -2.59 31.01
N ALA AC 192 -38.74 -3.65 31.11
CA ALA AC 192 -38.95 -4.51 29.95
C ALA AC 192 -39.58 -3.74 28.81
N HIS AC 193 -40.55 -2.88 29.11
CA HIS AC 193 -41.18 -2.07 28.08
C HIS AC 193 -40.17 -1.15 27.41
N ARG AC 194 -39.33 -0.49 28.21
CA ARG AC 194 -38.34 0.42 27.64
C ARG AC 194 -37.36 -0.34 26.75
N MET AC 195 -36.91 -1.50 27.21
CA MET AC 195 -35.97 -2.29 26.41
C MET AC 195 -36.60 -2.80 25.13
N LEU AC 196 -37.86 -3.23 25.19
CA LEU AC 196 -38.52 -3.83 24.05
C LEU AC 196 -39.10 -2.80 23.09
N GLY AC 197 -39.18 -1.53 23.50
CA GLY AC 197 -39.68 -0.50 22.60
C GLY AC 197 -38.77 -0.23 21.41
N ARG AC 198 -37.49 -0.60 21.51
CA ARG AC 198 -36.57 -0.39 20.40
C ARG AC 198 -36.82 -1.36 19.26
N MET AC 199 -37.65 -2.38 19.46
CA MET AC 199 -37.96 -3.34 18.40
C MET AC 199 -38.94 -2.76 17.39
N PHE AC 200 -39.91 -1.97 17.85
CA PHE AC 200 -41.05 -1.58 17.04
C PHE AC 200 -40.85 -0.24 16.33
N VAL AC 201 -39.67 0.38 16.48
CA VAL AC 201 -39.32 1.55 15.69
C VAL AC 201 -38.82 1.07 14.34
N LYS AC 202 -38.66 1.98 13.38
CA LYS AC 202 -38.23 1.61 12.05
C LYS AC 202 -36.95 0.80 12.10
N ARG AC 203 -36.93 -0.29 11.35
CA ARG AC 203 -35.84 -1.26 11.40
C ARG AC 203 -35.53 -1.72 9.99
N VAL AC 204 -34.32 -2.26 9.80
CA VAL AC 204 -33.91 -2.77 8.49
C VAL AC 204 -34.00 -4.29 8.39
N VAL AC 205 -34.10 -4.99 9.51
CA VAL AC 205 -34.21 -6.44 9.53
C VAL AC 205 -35.60 -6.80 10.03
N PRO AC 206 -36.46 -7.42 9.22
CA PRO AC 206 -37.79 -7.78 9.71
C PRO AC 206 -37.73 -8.78 10.86
N ASN AC 207 -38.71 -8.69 11.75
CA ASN AC 207 -38.77 -9.57 12.91
C ASN AC 207 -40.16 -10.18 13.07
N SER AC 208 -41.12 -9.75 12.26
CA SER AC 208 -42.48 -10.24 12.30
C SER AC 208 -43.01 -10.39 10.88
N VAL AC 209 -44.10 -11.15 10.73
CA VAL AC 209 -44.68 -11.38 9.40
C VAL AC 209 -46.17 -11.12 9.48
N TYR AC 210 -46.76 -10.83 8.32
CA TYR AC 210 -48.21 -10.67 8.17
C TYR AC 210 -48.68 -11.55 7.03
N TRP AC 211 -49.46 -12.58 7.35
CA TRP AC 211 -50.07 -13.43 6.35
C TRP AC 211 -51.37 -12.78 5.88
N SER AC 212 -51.48 -12.57 4.57
CA SER AC 212 -52.64 -11.91 4.00
C SER AC 212 -53.14 -12.71 2.81
N PHE AC 213 -54.45 -12.67 2.61
CA PHE AC 213 -55.07 -13.22 1.40
C PHE AC 213 -55.54 -12.04 0.56
N CYS AC 214 -54.90 -11.84 -0.58
CA CYS AC 214 -55.10 -10.66 -1.41
C CYS AC 214 -55.81 -11.04 -2.70
N VAL AC 215 -56.87 -10.30 -3.04
CA VAL AC 215 -57.53 -10.49 -4.31
C VAL AC 215 -56.56 -10.12 -5.43
N GLY AC 216 -56.46 -10.98 -6.43
CA GLY AC 216 -55.52 -10.78 -7.52
C GLY AC 216 -54.13 -11.30 -7.18
N LYS AC 217 -53.22 -11.25 -8.15
CA LYS AC 217 -51.87 -11.77 -7.97
C LYS AC 217 -50.89 -10.70 -8.44
N PRO AC 218 -49.89 -10.32 -7.63
CA PRO AC 218 -48.93 -9.32 -8.08
C PRO AC 218 -48.08 -9.87 -9.23
N THR AC 219 -47.58 -8.94 -10.05
CA THR AC 219 -46.83 -9.34 -11.24
C THR AC 219 -45.56 -10.12 -10.89
N VAL AC 220 -45.03 -9.95 -9.68
CA VAL AC 220 -43.81 -10.62 -9.26
C VAL AC 220 -44.06 -11.33 -7.95
N ASN AC 221 -43.39 -12.47 -7.77
CA ASN AC 221 -43.60 -13.31 -6.60
C ASN AC 221 -43.03 -12.69 -5.33
N TYR AC 222 -41.82 -12.15 -5.40
CA TYR AC 222 -41.18 -11.54 -4.24
C TYR AC 222 -40.61 -10.19 -4.63
N GLY AC 223 -40.66 -9.25 -3.69
CA GLY AC 223 -40.13 -7.93 -3.96
C GLY AC 223 -40.24 -7.04 -2.74
N ARG AC 224 -39.91 -5.76 -2.96
CA ARG AC 224 -39.97 -4.75 -1.92
C ARG AC 224 -40.92 -3.64 -2.33
N VAL AC 225 -41.62 -3.09 -1.34
CA VAL AC 225 -42.58 -2.02 -1.54
C VAL AC 225 -42.16 -0.83 -0.66
N ARG AC 226 -42.15 0.35 -1.25
CA ARG AC 226 -41.78 1.57 -0.55
C ARG AC 226 -42.76 2.68 -0.95
N MET AC 227 -43.41 3.28 0.04
CA MET AC 227 -44.35 4.35 -0.20
C MET AC 227 -44.22 5.40 0.89
N HIS AC 228 -44.27 6.68 0.51
CA HIS AC 228 -44.18 7.76 1.48
C HIS AC 228 -45.58 8.31 1.73
N PHE AC 229 -45.99 8.30 2.99
CA PHE AC 229 -47.32 8.73 3.40
C PHE AC 229 -47.26 10.15 3.96
N ASP AC 230 -48.32 10.91 3.71
CA ASP AC 230 -48.45 12.30 4.12
C ASP AC 230 -49.73 12.48 4.91
N ILE AC 231 -49.95 11.60 5.89
CA ILE AC 231 -51.19 11.59 6.66
C ILE AC 231 -51.50 13.01 7.13
N THR AC 232 -52.73 13.45 6.87
CA THR AC 232 -53.19 14.77 7.28
C THR AC 232 -54.62 14.63 7.80
N ARG AC 233 -55.05 15.62 8.57
CA ARG AC 233 -56.37 15.60 9.16
C ARG AC 233 -57.41 16.08 8.15
N GLY AC 234 -58.59 15.47 8.22
CA GLY AC 234 -59.69 15.83 7.33
C GLY AC 234 -60.92 16.25 8.09
N ASN AC 235 -62.09 16.15 7.46
CA ASN AC 235 -63.34 16.55 8.13
C ASN AC 235 -63.58 15.69 9.36
N LYS AC 236 -63.84 14.40 9.17
CA LYS AC 236 -64.00 13.45 10.26
C LYS AC 236 -62.86 12.44 10.30
N GLY AC 237 -62.59 11.77 9.19
CA GLY AC 237 -61.45 10.88 9.09
C GLY AC 237 -60.18 11.64 8.75
N ASP AC 238 -59.15 10.85 8.42
CA ASP AC 238 -57.85 11.39 8.05
C ASP AC 238 -57.50 10.98 6.63
N ILE AC 239 -56.93 11.92 5.88
CA ILE AC 239 -56.52 11.66 4.50
C ILE AC 239 -55.10 11.11 4.52
N ILE AC 240 -54.84 10.14 3.64
CA ILE AC 240 -53.53 9.47 3.57
C ILE AC 240 -53.08 9.59 2.12
N VAL AC 241 -52.20 10.53 1.84
CA VAL AC 241 -51.64 10.70 0.50
C VAL AC 241 -50.36 9.87 0.41
N ALA AC 242 -50.31 8.98 -0.58
CA ALA AC 242 -49.16 8.12 -0.79
C ALA AC 242 -48.45 8.54 -2.06
N ARG AC 243 -47.13 8.65 -1.99
CA ARG AC 243 -46.31 9.08 -3.10
C ARG AC 243 -45.09 8.20 -3.20
N PRO AC 244 -44.45 8.13 -4.38
CA PRO AC 244 -43.24 7.31 -4.52
C PRO AC 244 -41.99 8.00 -3.99
N SER AC 245 -41.92 9.33 -4.15
CA SER AC 245 -40.73 10.09 -3.78
C SER AC 245 -40.87 10.66 -2.38
N PRO AC 246 -39.76 11.00 -1.73
CA PRO AC 246 -39.81 11.53 -0.36
C PRO AC 246 -40.36 12.96 -0.34
N THR AC 247 -40.60 13.44 0.87
CA THR AC 247 -41.07 14.80 1.09
C THR AC 247 -40.68 15.23 2.49
N LYS AC 248 -40.68 16.54 2.72
CA LYS AC 248 -40.25 17.07 4.01
C LYS AC 248 -41.12 16.53 5.14
N THR AC 249 -42.44 16.54 4.95
CA THR AC 249 -43.37 16.14 5.99
C THR AC 249 -43.84 14.70 5.87
N SER AC 250 -43.35 13.96 4.88
CA SER AC 250 -43.80 12.59 4.67
C SER AC 250 -43.03 11.62 5.55
N LYS AC 251 -43.61 10.43 5.72
CA LYS AC 251 -42.98 9.34 6.47
C LYS AC 251 -42.94 8.11 5.59
N VAL AC 252 -41.81 7.40 5.60
CA VAL AC 252 -41.64 6.27 4.71
C VAL AC 252 -42.35 5.04 5.26
N ALA AC 253 -42.68 4.11 4.36
CA ALA AC 253 -43.27 2.84 4.71
C ALA AC 253 -42.67 1.79 3.78
N ILE AC 254 -41.97 0.83 4.37
CA ILE AC 254 -41.18 -0.15 3.62
C ILE AC 254 -41.61 -1.55 4.05
N ALA AC 255 -41.76 -2.44 3.08
CA ALA AC 255 -42.09 -3.82 3.37
C ALA AC 255 -41.47 -4.73 2.32
N GLU AC 256 -41.34 -6.00 2.68
CA GLU AC 256 -40.89 -7.05 1.76
C GLU AC 256 -42.03 -8.04 1.60
N PHE AC 257 -42.55 -8.17 0.39
CA PHE AC 257 -43.68 -9.06 0.12
C PHE AC 257 -43.19 -10.30 -0.60
N VAL AC 258 -43.66 -11.46 -0.14
CA VAL AC 258 -43.36 -12.74 -0.76
C VAL AC 258 -44.67 -13.46 -1.00
N VAL AC 259 -44.96 -13.79 -2.26
CA VAL AC 259 -46.17 -14.53 -2.61
C VAL AC 259 -45.93 -15.99 -2.27
N ASN AC 260 -46.45 -16.42 -1.12
CA ASN AC 260 -46.21 -17.80 -0.69
C ASN AC 260 -46.81 -18.79 -1.68
N ALA AC 261 -48.05 -18.53 -2.12
CA ALA AC 261 -48.70 -19.37 -3.11
C ALA AC 261 -49.94 -18.67 -3.65
N SER AC 262 -50.06 -18.60 -4.97
CA SER AC 262 -51.18 -17.93 -5.62
C SER AC 262 -52.00 -18.97 -6.35
N ALA AC 263 -53.30 -19.01 -6.07
CA ALA AC 263 -54.19 -19.91 -6.79
C ALA AC 263 -54.11 -19.64 -8.29
N LEU AC 264 -54.52 -18.46 -8.70
CA LEU AC 264 -54.42 -18.01 -10.09
C LEU AC 264 -54.37 -16.48 -10.06
N GLU AC 265 -54.59 -15.86 -11.22
CA GLU AC 265 -54.66 -14.40 -11.26
C GLU AC 265 -55.80 -13.83 -10.43
N PHE AC 266 -56.66 -14.68 -9.85
CA PHE AC 266 -57.83 -14.21 -9.10
C PHE AC 266 -57.50 -13.93 -7.64
N GLY AC 267 -56.86 -14.88 -6.97
CA GLY AC 267 -56.50 -14.71 -5.57
C GLY AC 267 -55.07 -15.11 -5.28
N SER AC 268 -54.53 -14.65 -4.16
CA SER AC 268 -53.14 -14.96 -3.82
C SER AC 268 -52.96 -14.93 -2.32
N PHE AC 269 -51.93 -15.63 -1.85
CA PHE AC 269 -51.53 -15.66 -0.45
C PHE AC 269 -50.16 -15.02 -0.35
N ILE AC 270 -50.08 -13.92 0.40
CA ILE AC 270 -48.86 -13.12 0.48
C ILE AC 270 -48.42 -13.03 1.93
N SER AC 271 -47.11 -12.86 2.11
CA SER AC 271 -46.52 -12.60 3.42
C SER AC 271 -45.78 -11.28 3.36
N PHE AC 272 -46.14 -10.35 4.24
CA PHE AC 272 -45.51 -9.04 4.31
C PHE AC 272 -44.58 -8.99 5.52
N TYR AC 273 -43.36 -8.54 5.29
CA TYR AC 273 -42.37 -8.34 6.36
C TYR AC 273 -42.07 -6.85 6.42
N PRO AC 274 -42.63 -6.13 7.39
CA PRO AC 274 -42.48 -4.67 7.40
C PRO AC 274 -41.21 -4.21 8.07
N LEU AC 275 -40.54 -3.25 7.41
CA LEU AC 275 -39.35 -2.61 7.95
C LEU AC 275 -39.67 -1.26 8.58
N THR AC 276 -40.94 -0.87 8.60
CA THR AC 276 -41.35 0.43 9.11
C THR AC 276 -42.77 0.32 9.64
N THR AC 277 -43.15 1.29 10.47
CA THR AC 277 -44.47 1.31 11.10
C THR AC 277 -45.23 2.55 10.64
N ARG AC 278 -46.39 2.35 10.03
CA ARG AC 278 -47.27 3.43 9.61
C ARG AC 278 -48.71 2.99 9.76
N ARG AC 279 -49.63 3.95 9.63
CA ARG AC 279 -51.03 3.73 9.99
C ARG AC 279 -51.56 2.41 9.44
N HIS AC 280 -51.62 2.30 8.12
CA HIS AC 280 -52.17 1.11 7.46
C HIS AC 280 -51.25 0.66 6.34
N GLN AC 281 -49.95 0.55 6.64
CA GLN AC 281 -48.96 0.34 5.58
C GLN AC 281 -49.22 -0.95 4.82
N GLU AC 282 -49.51 -2.04 5.52
CA GLU AC 282 -49.68 -3.32 4.84
C GLU AC 282 -50.86 -3.27 3.89
N ARG AC 283 -52.01 -2.78 4.38
CA ARG AC 283 -53.20 -2.72 3.54
C ARG AC 283 -52.99 -1.78 2.36
N ILE AC 284 -52.40 -0.62 2.60
CA ILE AC 284 -52.20 0.35 1.52
C ILE AC 284 -51.24 -0.21 0.47
N MET AC 285 -50.15 -0.84 0.90
CA MET AC 285 -49.20 -1.40 -0.05
C MET AC 285 -49.82 -2.54 -0.85
N ALA AC 286 -50.60 -3.39 -0.19
CA ALA AC 286 -51.28 -4.47 -0.91
C ALA AC 286 -52.28 -3.91 -1.92
N ALA AC 287 -53.01 -2.85 -1.55
CA ALA AC 287 -54.06 -2.34 -2.41
C ALA AC 287 -53.49 -1.58 -3.60
N HIS AC 288 -52.47 -0.76 -3.38
CA HIS AC 288 -51.97 0.15 -4.42
C HIS AC 288 -50.64 -0.29 -4.99
N ALA AC 289 -49.62 -0.49 -4.15
CA ALA AC 289 -48.31 -0.88 -4.66
C ALA AC 289 -48.37 -2.22 -5.36
N LEU AC 290 -49.05 -3.20 -4.76
CA LEU AC 290 -49.22 -4.51 -5.38
C LEU AC 290 -50.47 -4.61 -6.23
N ARG AC 291 -51.42 -3.69 -6.07
CA ARG AC 291 -52.69 -3.75 -6.80
C ARG AC 291 -53.40 -5.07 -6.52
N CYS AC 292 -53.39 -5.49 -5.26
CA CYS AC 292 -54.06 -6.72 -4.83
C CYS AC 292 -54.60 -6.51 -3.43
N PRO AC 293 -55.80 -5.95 -3.31
CA PRO AC 293 -56.35 -5.66 -1.98
C PRO AC 293 -56.59 -6.94 -1.17
N VAL AC 294 -56.50 -6.80 0.15
CA VAL AC 294 -56.80 -7.91 1.04
C VAL AC 294 -58.26 -8.31 0.86
N LEU AC 295 -58.55 -9.59 1.10
CA LEU AC 295 -59.86 -10.13 0.78
C LEU AC 295 -60.98 -9.52 1.62
N GLY AC 296 -60.65 -8.86 2.72
CA GLY AC 296 -61.67 -8.29 3.58
C GLY AC 296 -61.53 -6.81 3.81
N ASP AC 297 -60.73 -6.15 2.97
CA ASP AC 297 -60.44 -4.73 3.13
C ASP AC 297 -61.41 -3.92 2.28
N ALA AC 298 -62.41 -3.31 2.94
CA ALA AC 298 -63.36 -2.44 2.27
C ALA AC 298 -62.95 -0.97 2.35
N LYS AC 299 -61.99 -0.62 3.20
CA LYS AC 299 -61.58 0.78 3.33
C LYS AC 299 -60.75 1.24 2.14
N TYR AC 300 -60.03 0.32 1.49
CA TYR AC 300 -59.24 0.65 0.31
C TYR AC 300 -59.71 -0.12 -0.92
N GLY AC 301 -59.96 -1.42 -0.79
CA GLY AC 301 -60.46 -2.21 -1.89
C GLY AC 301 -61.97 -2.33 -1.89
N GLY AC 302 -62.65 -1.21 -1.63
CA GLY AC 302 -64.10 -1.23 -1.57
C GLY AC 302 -64.74 -1.78 -2.84
N ASP AC 303 -65.58 -2.81 -2.68
CA ASP AC 303 -66.25 -3.52 -3.75
C ASP AC 303 -65.27 -4.35 -4.60
N ALA AC 304 -63.96 -4.28 -4.32
CA ALA AC 304 -62.98 -5.10 -5.00
C ALA AC 304 -62.36 -6.15 -4.09
N ALA AC 305 -62.34 -5.91 -2.78
CA ALA AC 305 -61.87 -6.91 -1.83
C ALA AC 305 -62.85 -8.05 -1.66
N PHE AC 306 -64.12 -7.87 -2.03
CA PHE AC 306 -65.15 -8.89 -1.95
C PHE AC 306 -65.44 -9.38 -3.36
N PRO AC 307 -64.73 -10.39 -3.85
CA PRO AC 307 -64.88 -10.79 -5.25
C PRO AC 307 -65.93 -11.87 -5.45
N SER AC 308 -66.50 -11.87 -6.65
CA SER AC 308 -67.41 -12.94 -7.04
C SER AC 308 -66.67 -14.26 -7.28
N SER AC 309 -65.34 -14.22 -7.33
CA SER AC 309 -64.58 -15.44 -7.56
C SER AC 309 -64.79 -16.46 -6.45
N LEU AC 310 -64.83 -16.00 -5.20
CA LEU AC 310 -65.01 -16.88 -4.04
C LEU AC 310 -66.46 -16.88 -3.56
N SER AC 311 -67.40 -16.75 -4.51
CA SER AC 311 -68.81 -16.81 -4.16
C SER AC 311 -69.20 -18.14 -3.54
N LEU AC 312 -68.51 -19.22 -3.92
CA LEU AC 312 -68.83 -20.53 -3.35
C LEU AC 312 -68.45 -20.61 -1.88
N PHE AC 313 -67.37 -19.93 -1.48
CA PHE AC 313 -66.90 -19.99 -0.10
C PHE AC 313 -67.49 -18.84 0.73
N TRP AC 314 -67.27 -17.60 0.29
CA TRP AC 314 -67.77 -16.42 0.99
C TRP AC 314 -68.82 -15.74 0.13
N ASP AC 315 -69.88 -15.24 0.77
CA ASP AC 315 -70.90 -14.50 0.06
C ASP AC 315 -70.36 -13.14 -0.36
N PRO AC 316 -70.32 -12.82 -1.65
CA PRO AC 316 -69.82 -11.49 -2.06
C PRO AC 316 -70.63 -10.33 -1.50
N GLU AC 317 -71.90 -10.55 -1.16
CA GLU AC 317 -72.75 -9.48 -0.64
C GLU AC 317 -72.62 -9.29 0.86
N ASN AC 318 -71.91 -10.18 1.55
CA ASN AC 318 -71.69 -10.06 2.99
C ASN AC 318 -70.49 -9.16 3.22
N LYS AC 319 -70.76 -7.87 3.44
CA LYS AC 319 -69.70 -6.89 3.62
C LYS AC 319 -69.02 -7.01 4.98
N GLY AC 320 -69.55 -7.84 5.88
CA GLY AC 320 -68.93 -8.06 7.18
C GLY AC 320 -67.77 -9.02 7.18
N LEU AC 321 -67.28 -9.40 6.00
CA LEU AC 321 -66.20 -10.37 5.93
C LEU AC 321 -64.99 -9.85 6.72
N PRO AC 322 -64.47 -10.62 7.67
CA PRO AC 322 -63.28 -10.16 8.40
C PRO AC 322 -62.09 -9.97 7.46
N LEU AC 323 -61.27 -8.97 7.78
CA LEU AC 323 -60.07 -8.72 7.00
C LEU AC 323 -59.17 -9.95 7.00
N HIS AC 324 -58.72 -10.34 5.82
CA HIS AC 324 -57.82 -11.49 5.67
C HIS AC 324 -56.36 -11.05 5.80
N LEU AC 325 -56.07 -10.45 6.95
CA LEU AC 325 -54.72 -10.05 7.33
C LEU AC 325 -54.48 -10.51 8.77
N HIS AC 326 -53.30 -11.11 9.01
CA HIS AC 326 -53.05 -11.75 10.27
C HIS AC 326 -51.58 -11.58 10.64
N HIS AC 327 -51.32 -10.92 11.77
CA HIS AC 327 -49.97 -10.79 12.29
C HIS AC 327 -49.52 -12.14 12.84
N ARG AC 328 -48.30 -12.55 12.51
CA ARG AC 328 -47.82 -13.88 12.86
C ARG AC 328 -46.30 -13.85 13.07
N LYS AC 329 -45.84 -14.80 13.86
CA LYS AC 329 -44.42 -15.07 14.10
C LYS AC 329 -43.67 -13.79 14.45
N ILE AC 330 -44.02 -13.25 15.60
CA ILE AC 330 -43.27 -12.15 16.19
C ILE AC 330 -42.04 -12.71 16.88
N GLN AC 331 -40.86 -12.19 16.53
CA GLN AC 331 -39.60 -12.65 17.09
C GLN AC 331 -39.20 -11.72 18.24
N LEU AC 332 -38.89 -12.32 19.39
CA LEU AC 332 -38.56 -11.57 20.58
C LEU AC 332 -37.08 -11.71 20.92
N PRO AC 333 -36.48 -10.72 21.59
CA PRO AC 333 -35.06 -10.84 21.94
C PRO AC 333 -34.78 -12.02 22.84
N TYR AC 334 -35.73 -12.40 23.69
CA TYR AC 334 -35.49 -13.46 24.66
C TYR AC 334 -35.32 -14.79 23.93
N LYS AC 335 -34.34 -15.58 24.37
CA LYS AC 335 -34.04 -16.86 23.75
C LYS AC 335 -34.72 -17.98 24.54
N ASN AC 336 -34.49 -19.22 24.11
CA ASN AC 336 -35.07 -20.39 24.77
C ASN AC 336 -33.96 -21.34 25.21
N THR AC 337 -34.35 -22.52 25.72
CA THR AC 337 -33.36 -23.49 26.17
C THR AC 337 -32.46 -23.97 25.04
N ALA AC 338 -32.93 -23.92 23.80
CA ALA AC 338 -32.17 -24.37 22.65
C ALA AC 338 -31.23 -23.30 22.11
N GLY AC 339 -31.26 -22.09 22.66
CA GLY AC 339 -30.39 -21.02 22.25
C GLY AC 339 -30.92 -20.14 21.14
N GLU AC 340 -32.07 -20.49 20.56
CA GLU AC 340 -32.64 -19.69 19.49
C GLU AC 340 -33.72 -18.76 20.04
N PHE AC 341 -33.92 -17.65 19.33
CA PHE AC 341 -34.88 -16.64 19.76
C PHE AC 341 -36.30 -17.20 19.70
N ILE AC 342 -37.17 -16.61 20.53
CA ILE AC 342 -38.55 -17.07 20.66
C ILE AC 342 -39.39 -16.39 19.59
N CYS AC 343 -39.97 -17.20 18.71
CA CYS AC 343 -40.85 -16.72 17.64
C CYS AC 343 -42.26 -17.17 17.98
N VAL AC 344 -43.05 -16.24 18.54
CA VAL AC 344 -44.41 -16.54 18.95
C VAL AC 344 -45.33 -16.42 17.74
N THR AC 345 -46.09 -17.47 17.45
CA THR AC 345 -47.04 -17.49 16.36
C THR AC 345 -48.46 -17.43 16.91
N ALA AC 346 -49.41 -17.10 16.04
CA ALA AC 346 -50.81 -17.05 16.42
C ALA AC 346 -51.60 -17.87 15.41
N PRO AC 347 -52.51 -18.73 15.86
CA PRO AC 347 -53.29 -19.53 14.91
C PRO AC 347 -54.12 -18.64 13.99
N LEU AC 348 -54.26 -19.07 12.75
CA LEU AC 348 -55.02 -18.28 11.79
C LEU AC 348 -56.45 -18.12 12.28
N PRO AC 349 -57.09 -16.96 12.05
CA PRO AC 349 -58.47 -16.79 12.49
C PRO AC 349 -59.43 -17.68 11.71
N THR AC 350 -60.71 -17.65 12.08
CA THR AC 350 -61.67 -18.57 11.47
C THR AC 350 -61.79 -18.37 9.97
N GLN AC 351 -61.88 -17.11 9.52
CA GLN AC 351 -62.11 -16.86 8.10
C GLN AC 351 -60.89 -17.26 7.27
N MET AC 352 -59.69 -16.90 7.72
CA MET AC 352 -58.49 -17.27 6.98
C MET AC 352 -58.28 -18.78 6.98
N GLU AC 353 -58.55 -19.44 8.11
CA GLU AC 353 -58.47 -20.89 8.16
C GLU AC 353 -59.44 -21.51 7.16
N LYS AC 354 -60.67 -20.99 7.11
CA LYS AC 354 -61.65 -21.53 6.18
C LYS AC 354 -61.20 -21.36 4.73
N THR AC 355 -60.69 -20.16 4.40
CA THR AC 355 -60.25 -19.93 3.03
C THR AC 355 -59.09 -20.85 2.65
N PHE AC 356 -58.12 -21.01 3.56
CA PHE AC 356 -57.00 -21.90 3.27
C PHE AC 356 -57.48 -23.34 3.11
N LYS AC 357 -58.38 -23.80 3.98
CA LYS AC 357 -58.88 -25.16 3.87
C LYS AC 357 -59.59 -25.37 2.55
N LYS AC 358 -60.44 -24.41 2.15
CA LYS AC 358 -61.17 -24.55 0.91
C LYS AC 358 -60.24 -24.54 -0.30
N LEU AC 359 -59.19 -23.71 -0.27
CA LEU AC 359 -58.22 -23.71 -1.35
C LEU AC 359 -57.26 -24.90 -1.28
N GLY AC 360 -57.28 -25.68 -0.20
CA GLY AC 360 -56.44 -26.84 -0.08
C GLY AC 360 -55.05 -26.56 0.45
N TRP AC 361 -54.71 -25.30 0.70
CA TRP AC 361 -53.40 -24.96 1.23
C TRP AC 361 -53.35 -25.26 2.72
N PRO AC 362 -52.23 -25.77 3.23
CA PRO AC 362 -52.10 -25.98 4.67
C PRO AC 362 -52.06 -24.67 5.43
N CYS AC 363 -52.53 -24.72 6.67
CA CYS AC 363 -52.59 -23.53 7.53
C CYS AC 363 -51.41 -23.47 8.50
N GLU AC 364 -51.23 -24.51 9.31
CA GLU AC 364 -50.14 -24.54 10.29
C GLU AC 364 -48.85 -24.89 9.56
N VAL AC 365 -48.03 -23.88 9.28
CA VAL AC 365 -46.74 -24.08 8.64
C VAL AC 365 -45.78 -23.03 9.18
N ASP AC 366 -44.53 -23.43 9.38
CA ASP AC 366 -43.51 -22.54 9.92
C ASP AC 366 -42.97 -21.66 8.81
N ASP AC 367 -42.91 -20.34 9.08
CA ASP AC 367 -42.39 -19.38 8.13
C ASP AC 367 -40.89 -19.24 8.32
N PRO AC 368 -40.05 -19.84 7.47
CA PRO AC 368 -38.60 -19.79 7.71
C PRO AC 368 -37.99 -18.40 7.57
N LEU AC 369 -38.69 -17.46 6.93
CA LEU AC 369 -38.10 -16.15 6.70
C LEU AC 369 -37.95 -15.33 7.97
N ILE AC 370 -38.55 -15.77 9.07
CA ILE AC 370 -38.41 -15.10 10.36
C ILE AC 370 -37.85 -16.11 11.36
N PRO AC 371 -36.51 -16.16 11.50
CA PRO AC 371 -35.90 -17.11 12.44
C PRO AC 371 -35.95 -16.63 13.89
N SER BC 1 -55.04 -3.96 -17.05
CA SER BC 1 -55.98 -4.99 -17.48
C SER BC 1 -56.10 -6.09 -16.42
N ARG BC 2 -55.08 -6.95 -16.37
CA ARG BC 2 -55.10 -8.04 -15.39
C ARG BC 2 -55.07 -7.49 -13.97
N LYS BC 3 -54.27 -6.46 -13.72
CA LYS BC 3 -54.14 -5.92 -12.38
C LYS BC 3 -55.48 -5.42 -11.88
N GLY BC 4 -55.77 -5.69 -10.61
CA GLY BC 4 -57.10 -5.46 -10.07
C GLY BC 4 -57.44 -4.00 -9.83
N MET BC 5 -56.74 -3.36 -8.90
CA MET BC 5 -57.09 -1.99 -8.52
C MET BC 5 -56.78 -1.03 -9.66
N SER BC 6 -57.75 -0.20 -10.02
CA SER BC 6 -57.56 0.79 -11.06
C SER BC 6 -56.81 2.00 -10.50
N ARG BC 7 -55.75 2.40 -11.20
CA ARG BC 7 -54.92 3.51 -10.74
C ARG BC 7 -55.58 4.87 -10.96
N GLU BC 8 -56.30 5.03 -12.07
CA GLU BC 8 -56.89 6.32 -12.40
C GLU BC 8 -57.89 6.79 -11.35
N ALA BC 9 -58.40 5.88 -10.53
CA ALA BC 9 -59.36 6.24 -9.49
C ALA BC 9 -58.69 6.79 -8.24
N PHE BC 10 -57.37 6.79 -8.17
CA PHE BC 10 -56.66 7.26 -6.98
C PHE BC 10 -55.56 8.25 -7.33
N VAL BC 11 -55.01 8.15 -8.53
CA VAL BC 11 -53.78 8.86 -8.89
C VAL BC 11 -54.13 10.20 -9.53
N ASP BC 12 -53.23 11.16 -9.34
CA ASP BC 12 -53.29 12.45 -10.01
C ASP BC 12 -51.86 12.93 -10.20
N ILE BC 13 -51.70 14.21 -10.58
CA ILE BC 13 -50.39 14.78 -10.83
C ILE BC 13 -50.31 16.13 -10.12
N ASN BC 14 -49.51 16.20 -9.06
CA ASN BC 14 -49.24 17.44 -8.37
C ASN BC 14 -47.98 18.07 -8.96
N GLU BC 15 -47.46 19.12 -8.32
CA GLU BC 15 -46.23 19.74 -8.82
C GLU BC 15 -45.04 18.80 -8.65
N LYS BC 16 -44.90 18.21 -7.46
CA LYS BC 16 -43.77 17.32 -7.22
C LYS BC 16 -43.85 16.07 -8.08
N GLY BC 17 -45.03 15.51 -8.24
CA GLY BC 17 -45.18 14.33 -9.08
C GLY BC 17 -46.50 13.62 -8.80
N ALA BC 18 -46.56 12.36 -9.22
CA ALA BC 18 -47.75 11.56 -9.02
C ALA BC 18 -47.98 11.28 -7.54
N ALA BC 19 -49.25 11.29 -7.14
CA ALA BC 19 -49.63 11.03 -5.76
C ALA BC 19 -50.87 10.15 -5.75
N TRP BC 20 -51.04 9.42 -4.66
CA TRP BC 20 -52.18 8.52 -4.47
C TRP BC 20 -52.98 9.01 -3.28
N TYR BC 21 -53.94 9.89 -3.54
CA TYR BC 21 -54.83 10.36 -2.48
C TYR BC 21 -55.82 9.27 -2.11
N LEU BC 22 -56.07 9.13 -0.81
CA LEU BC 22 -56.90 8.06 -0.27
C LEU BC 22 -58.02 8.67 0.58
N GLY BC 23 -59.10 7.90 0.72
CA GLY BC 23 -60.25 8.36 1.46
C GLY BC 23 -61.34 8.90 0.55
N HIS BC 24 -62.40 9.40 1.18
CA HIS BC 24 -63.57 9.92 0.49
C HIS BC 24 -63.55 11.44 0.53
N MET BC 25 -64.31 12.04 -0.39
CA MET BC 25 -64.28 13.48 -0.57
C MET BC 25 -64.75 14.24 0.67
N GLN BC 26 -65.57 13.62 1.51
CA GLN BC 26 -65.99 14.26 2.74
C GLN BC 26 -64.81 14.60 3.65
N LEU BC 27 -63.75 13.79 3.63
CA LEU BC 27 -62.56 14.11 4.41
C LEU BC 27 -61.92 15.41 3.95
N ALA BC 28 -61.82 15.61 2.64
CA ALA BC 28 -61.20 16.81 2.09
C ALA BC 28 -62.14 18.01 2.07
N SER BC 29 -63.44 17.79 2.28
CA SER BC 29 -64.42 18.86 2.28
C SER BC 29 -63.90 20.17 2.89
N ARG BC 30 -63.27 20.09 4.05
CA ARG BC 30 -62.80 21.30 4.72
C ARG BC 30 -61.71 22.00 3.91
N THR BC 31 -60.73 21.24 3.44
CA THR BC 31 -59.66 21.85 2.65
C THR BC 31 -60.21 22.43 1.35
N LEU BC 32 -61.16 21.74 0.72
CA LEU BC 32 -61.78 22.26 -0.48
C LEU BC 32 -62.51 23.56 -0.21
N ALA BC 33 -63.24 23.62 0.91
CA ALA BC 33 -63.94 24.85 1.26
C ALA BC 33 -62.96 25.99 1.49
N GLU BC 34 -61.85 25.71 2.17
CA GLU BC 34 -60.85 26.75 2.39
C GLU BC 34 -60.23 27.21 1.07
N LYS BC 35 -59.95 26.27 0.17
CA LYS BC 35 -59.42 26.63 -1.14
C LYS BC 35 -60.37 27.54 -1.89
N VAL BC 36 -61.65 27.17 -1.91
CA VAL BC 36 -62.63 27.99 -2.62
C VAL BC 36 -62.75 29.37 -1.97
N LYS BC 37 -62.74 29.41 -0.63
CA LYS BC 37 -62.85 30.69 0.07
C LYS BC 37 -61.69 31.61 -0.29
N ASP BC 38 -60.45 31.08 -0.29
CA ASP BC 38 -59.31 31.92 -0.61
C ASP BC 38 -59.21 32.20 -2.10
N ALA BC 39 -59.88 31.44 -2.95
CA ALA BC 39 -59.90 31.71 -4.39
C ALA BC 39 -60.92 32.79 -4.70
N ASP BC 40 -61.03 33.17 -5.97
CA ASP BC 40 -61.98 34.19 -6.42
C ASP BC 40 -63.19 33.58 -7.12
N PHE BC 41 -62.98 32.62 -8.01
CA PHE BC 41 -64.09 31.91 -8.63
C PHE BC 41 -63.76 30.43 -8.70
N VAL BC 42 -64.72 29.63 -9.17
CA VAL BC 42 -64.56 28.18 -9.25
C VAL BC 42 -64.84 27.73 -10.67
N LEU BC 43 -63.98 26.87 -11.19
CA LEU BC 43 -64.16 26.24 -12.49
C LEU BC 43 -64.26 24.74 -12.25
N GLU BC 44 -65.46 24.19 -12.40
CA GLU BC 44 -65.70 22.77 -12.23
C GLU BC 44 -65.76 22.11 -13.59
N ILE BC 45 -65.06 20.98 -13.74
CA ILE BC 45 -65.03 20.23 -14.99
C ILE BC 45 -65.63 18.87 -14.71
N ARG BC 46 -66.70 18.53 -15.43
CA ARG BC 46 -67.44 17.31 -15.20
C ARG BC 46 -67.76 16.66 -16.54
N ASP BC 47 -68.25 15.43 -16.49
CA ASP BC 47 -68.61 14.67 -17.68
C ASP BC 47 -70.11 14.75 -17.88
N ALA BC 48 -70.53 15.16 -19.09
CA ALA BC 48 -71.94 15.32 -19.37
C ALA BC 48 -72.71 14.01 -19.27
N ARG BC 49 -72.06 12.88 -19.55
CA ARG BC 49 -72.77 11.61 -19.52
C ARG BC 49 -73.27 11.26 -18.13
N LEU BC 50 -72.46 11.48 -17.10
CA LEU BC 50 -72.86 11.26 -15.71
C LEU BC 50 -72.43 12.47 -14.88
N PRO BC 51 -73.12 13.60 -15.06
CA PRO BC 51 -72.67 14.84 -14.40
C PRO BC 51 -72.66 14.75 -12.88
N PHE BC 52 -73.79 14.41 -12.28
CA PHE BC 52 -73.92 14.36 -10.83
C PHE BC 52 -73.03 13.30 -10.20
N THR BC 53 -72.60 12.29 -10.97
CA THR BC 53 -71.63 11.31 -10.48
C THR BC 53 -70.20 11.80 -10.59
N THR BC 54 -69.88 12.59 -11.61
CA THR BC 54 -68.54 13.16 -11.74
C THR BC 54 -68.31 14.31 -10.77
N GLY BC 55 -69.34 15.06 -10.42
CA GLY BC 55 -69.16 16.23 -9.57
C GLY BC 55 -68.79 15.87 -8.16
N ASN BC 56 -68.27 16.87 -7.44
CA ASN BC 56 -67.86 16.69 -6.05
C ASN BC 56 -69.02 17.10 -5.15
N PRO BC 57 -69.63 16.16 -4.41
CA PRO BC 57 -70.78 16.55 -3.58
C PRO BC 57 -70.44 17.58 -2.51
N ASN BC 58 -69.24 17.51 -1.95
CA ASN BC 58 -68.88 18.41 -0.87
C ASN BC 58 -68.84 19.86 -1.34
N LEU BC 59 -68.34 20.10 -2.56
CA LEU BC 59 -68.29 21.46 -3.08
C LEU BC 59 -69.68 22.07 -3.13
N GLN BC 60 -70.62 21.37 -3.77
CA GLN BC 60 -71.98 21.89 -3.90
C GLN BC 60 -72.68 21.97 -2.55
N LYS BC 61 -72.32 21.11 -1.60
CA LYS BC 61 -72.95 21.14 -0.27
C LYS BC 61 -72.44 22.28 0.58
N ILE BC 62 -71.16 22.66 0.45
CA ILE BC 62 -70.54 23.61 1.35
C ILE BC 62 -70.51 25.02 0.77
N ILE BC 63 -70.10 25.17 -0.49
CA ILE BC 63 -69.92 26.49 -1.09
C ILE BC 63 -70.89 26.64 -2.25
N ILE BC 64 -71.71 27.68 -2.19
CA ILE BC 64 -72.59 28.05 -3.30
C ILE BC 64 -72.45 29.54 -3.58
N ASP BC 65 -71.87 30.27 -2.63
CA ASP BC 65 -71.79 31.73 -2.76
C ASP BC 65 -70.82 32.14 -3.86
N ARG BC 66 -69.63 31.55 -3.87
CA ARG BC 66 -68.62 31.95 -4.84
C ARG BC 66 -69.10 31.63 -6.25
N PRO BC 67 -68.89 32.51 -7.22
CA PRO BC 67 -69.29 32.20 -8.60
C PRO BC 67 -68.60 30.93 -9.09
N ARG BC 68 -69.36 30.09 -9.79
CA ARG BC 68 -68.85 28.83 -10.31
C ARG BC 68 -69.32 28.62 -11.74
N LEU BC 69 -68.42 28.11 -12.57
CA LEU BC 69 -68.70 27.78 -13.96
C LEU BC 69 -68.43 26.29 -14.14
N ILE BC 70 -69.46 25.56 -14.58
CA ILE BC 70 -69.37 24.12 -14.79
C ILE BC 70 -69.22 23.86 -16.28
N VAL BC 71 -68.30 22.97 -16.63
CA VAL BC 71 -68.02 22.59 -18.01
C VAL BC 71 -68.31 21.11 -18.13
N PHE BC 72 -69.39 20.78 -18.84
CA PHE BC 72 -69.80 19.39 -19.06
C PHE BC 72 -69.18 18.94 -20.38
N ASN BC 73 -68.14 18.13 -20.29
CA ASN BC 73 -67.51 17.58 -21.48
C ASN BC 73 -68.34 16.42 -22.04
N LYS BC 74 -68.06 16.04 -23.28
CA LYS BC 74 -68.76 14.95 -23.94
C LYS BC 74 -70.26 15.25 -24.02
N ALA BC 75 -70.59 16.50 -24.33
CA ALA BC 75 -72.00 16.90 -24.44
C ALA BC 75 -72.70 16.13 -25.54
N GLU BC 76 -72.04 15.96 -26.69
CA GLU BC 76 -72.64 15.21 -27.78
C GLU BC 76 -72.93 13.77 -27.35
N MET BC 77 -72.02 13.16 -26.59
CA MET BC 77 -72.28 11.84 -26.04
C MET BC 77 -73.48 11.87 -25.10
N SER BC 78 -73.59 12.89 -24.26
CA SER BC 78 -74.68 12.98 -23.30
C SER BC 78 -76.00 13.30 -24.00
N ASN BC 79 -77.09 12.98 -23.30
CA ASN BC 79 -78.43 13.23 -23.83
C ASN BC 79 -78.73 14.73 -23.81
N GLU BC 80 -79.50 15.17 -24.81
CA GLU BC 80 -79.78 16.59 -24.96
C GLU BC 80 -80.78 17.10 -23.93
N ASP BC 81 -81.85 16.33 -23.67
CA ASP BC 81 -82.89 16.80 -22.76
C ASP BC 81 -82.34 17.01 -21.35
N CYS BC 82 -81.54 16.06 -20.87
CA CYS BC 82 -80.95 16.21 -19.54
C CYS BC 82 -80.01 17.42 -19.51
N ASN BC 83 -79.22 17.59 -20.57
CA ASN BC 83 -78.34 18.75 -20.65
C ASN BC 83 -79.13 20.04 -20.53
N ARG BC 84 -80.23 20.15 -21.29
CA ARG BC 84 -81.01 21.38 -21.26
C ARG BC 84 -81.64 21.61 -19.89
N VAL BC 85 -82.20 20.57 -19.27
CA VAL BC 85 -82.86 20.76 -17.99
C VAL BC 85 -81.84 21.16 -16.91
N ILE BC 86 -80.67 20.51 -16.89
CA ILE BC 86 -79.68 20.89 -15.89
C ILE BC 86 -79.12 22.26 -16.18
N GLN BC 87 -79.02 22.65 -17.45
CA GLN BC 87 -78.57 23.99 -17.79
C GLN BC 87 -79.56 25.03 -17.26
N GLN BC 88 -80.86 24.77 -17.43
CA GLN BC 88 -81.86 25.67 -16.86
C GLN BC 88 -81.77 25.70 -15.35
N TYR BC 89 -81.54 24.56 -14.72
CA TYR BC 89 -81.39 24.52 -13.26
C TYR BC 89 -80.22 25.40 -12.82
N TYR BC 90 -79.08 25.29 -13.49
CA TYR BC 90 -77.93 26.10 -13.14
C TYR BC 90 -78.17 27.57 -13.41
N GLU BC 91 -78.85 27.90 -14.51
CA GLU BC 91 -79.17 29.29 -14.79
C GLU BC 91 -80.06 29.88 -13.72
N ARG BC 92 -81.05 29.12 -13.25
CA ARG BC 92 -81.84 29.56 -12.10
C ARG BC 92 -80.94 29.75 -10.89
N THR BC 93 -80.00 28.82 -10.67
CA THR BC 93 -78.99 28.99 -9.65
C THR BC 93 -78.01 30.08 -10.06
N GLY BC 94 -77.19 30.52 -9.12
CA GLY BC 94 -76.24 31.57 -9.37
C GLY BC 94 -75.03 31.15 -10.20
N ASN BC 95 -74.87 29.86 -10.47
CA ASN BC 95 -73.73 29.38 -11.23
C ASN BC 95 -74.01 29.45 -12.73
N PHE BC 96 -73.02 29.03 -13.52
CA PHE BC 96 -73.12 28.99 -14.97
C PHE BC 96 -72.77 27.59 -15.45
N ALA BC 97 -73.34 27.20 -16.59
CA ALA BC 97 -73.09 25.89 -17.17
C ALA BC 97 -72.76 26.03 -18.66
N LEU BC 98 -71.86 25.16 -19.12
CA LEU BC 98 -71.45 25.17 -20.52
C LEU BC 98 -71.17 23.75 -20.96
N PHE BC 99 -71.82 23.32 -22.04
CA PHE BC 99 -71.68 21.98 -22.57
C PHE BC 99 -70.72 22.00 -23.76
N THR BC 100 -69.72 21.12 -23.74
CA THR BC 100 -68.63 21.19 -24.69
C THR BC 100 -68.33 19.82 -25.28
N SER BC 101 -68.02 19.80 -26.57
CA SER BC 101 -67.53 18.62 -27.26
C SER BC 101 -66.00 18.57 -27.10
N ALA BC 102 -65.33 17.74 -27.90
CA ALA BC 102 -63.88 17.60 -27.79
C ALA BC 102 -63.19 18.95 -27.96
N LYS BC 103 -63.30 19.54 -29.16
CA LYS BC 103 -62.60 20.79 -29.45
C LYS BC 103 -63.11 21.93 -28.57
N ARG BC 104 -64.41 21.91 -28.25
CA ARG BC 104 -64.95 22.94 -27.36
C ARG BC 104 -64.28 22.89 -26.00
N SER BC 105 -64.26 21.72 -25.36
CA SER BC 105 -63.54 21.59 -24.10
C SER BC 105 -62.06 21.90 -24.27
N TRP BC 106 -61.53 21.71 -25.48
CA TRP BC 106 -60.11 22.00 -25.71
C TRP BC 106 -59.83 23.49 -25.60
N ARG BC 107 -60.60 24.32 -26.31
CA ARG BC 107 -60.27 25.76 -26.36
C ARG BC 107 -61.44 26.68 -26.02
N ASP BC 108 -62.64 26.31 -26.45
CA ASP BC 108 -63.80 27.16 -26.20
C ASP BC 108 -64.08 27.25 -24.70
N THR BC 109 -63.66 26.26 -23.92
CA THR BC 109 -63.81 26.36 -22.47
C THR BC 109 -62.97 27.50 -21.92
N VAL BC 110 -61.72 27.62 -22.39
CA VAL BC 110 -60.87 28.74 -21.96
C VAL BC 110 -61.47 30.06 -22.44
N GLU BC 111 -61.98 30.07 -23.68
CA GLU BC 111 -62.60 31.30 -24.18
C GLU BC 111 -63.79 31.70 -23.31
N ALA BC 112 -64.62 30.73 -22.93
CA ALA BC 112 -65.79 31.02 -22.10
C ALA BC 112 -65.37 31.45 -20.70
N VAL BC 113 -64.28 30.87 -20.17
CA VAL BC 113 -63.78 31.31 -18.87
C VAL BC 113 -63.34 32.77 -18.94
N GLN BC 114 -62.64 33.14 -20.00
CA GLN BC 114 -62.24 34.54 -20.18
C GLN BC 114 -63.47 35.44 -20.27
N ARG BC 115 -64.47 35.02 -21.04
CA ARG BC 115 -65.70 35.81 -21.16
C ARG BC 115 -66.37 35.97 -19.80
N PHE BC 116 -66.44 34.88 -19.02
CA PHE BC 116 -67.06 34.92 -17.71
C PHE BC 116 -66.32 35.91 -16.80
N VAL BC 117 -64.99 35.82 -16.78
CA VAL BC 117 -64.22 36.72 -15.93
C VAL BC 117 -64.45 38.17 -16.34
N THR BC 118 -64.42 38.44 -17.65
CA THR BC 118 -64.60 39.82 -18.12
C THR BC 118 -65.99 40.33 -17.79
N HIS BC 119 -67.02 39.50 -17.95
CA HIS BC 119 -68.40 39.97 -17.83
C HIS BC 119 -68.86 40.06 -16.38
N ILE BC 120 -68.86 38.92 -15.68
CA ILE BC 120 -69.54 38.88 -14.39
C ILE BC 120 -68.57 39.08 -13.23
N LEU BC 121 -67.34 38.57 -13.34
CA LEU BC 121 -66.41 38.68 -12.22
C LEU BC 121 -66.09 40.15 -11.96
N PRO BC 122 -66.23 40.62 -10.71
CA PRO BC 122 -65.97 42.04 -10.45
C PRO BC 122 -64.54 42.44 -10.79
N ALA BC 123 -64.30 43.75 -10.78
CA ALA BC 123 -62.99 44.29 -11.06
C ALA BC 123 -62.16 44.37 -9.78
N GLN BC 124 -60.90 43.95 -9.89
CA GLN BC 124 -60.01 43.94 -8.75
C GLN BC 124 -59.59 45.36 -8.37
N ARG BC 125 -59.24 45.54 -7.09
CA ARG BC 125 -58.80 46.84 -6.62
C ARG BC 125 -57.50 47.28 -7.27
N PHE BC 126 -56.70 46.33 -7.78
CA PHE BC 126 -55.44 46.66 -8.43
C PHE BC 126 -55.44 46.13 -9.85
N LYS BC 127 -54.29 46.26 -10.53
CA LYS BC 127 -54.16 45.82 -11.91
C LYS BC 127 -53.14 44.70 -12.08
N THR BC 128 -52.00 44.77 -11.38
CA THR BC 128 -51.00 43.71 -11.48
C THR BC 128 -51.49 42.39 -10.88
N THR BC 129 -52.48 42.43 -10.01
CA THR BC 129 -52.99 41.21 -9.39
C THR BC 129 -53.69 40.36 -10.46
N ALA BC 130 -54.16 39.18 -10.04
CA ALA BC 130 -54.77 38.24 -10.95
C ALA BC 130 -56.03 37.65 -10.33
N ASN BC 131 -57.02 37.38 -11.19
CA ASN BC 131 -58.23 36.70 -10.77
C ASN BC 131 -57.97 35.19 -10.73
N VAL BC 132 -58.22 34.58 -9.59
CA VAL BC 132 -57.85 33.19 -9.34
C VAL BC 132 -59.10 32.33 -9.39
N GLY BC 133 -59.02 31.23 -10.16
CA GLY BC 133 -60.10 30.27 -10.23
C GLY BC 133 -59.66 28.90 -9.79
N LEU BC 134 -60.33 28.34 -8.78
CA LEU BC 134 -60.00 27.00 -8.31
C LEU BC 134 -60.61 25.98 -9.27
N VAL BC 135 -59.77 25.10 -9.82
CA VAL BC 135 -60.22 24.09 -10.77
C VAL BC 135 -60.53 22.82 -10.00
N VAL BC 136 -61.77 22.34 -10.14
CA VAL BC 136 -62.23 21.14 -9.45
C VAL BC 136 -62.76 20.17 -10.48
N GLY BC 137 -62.20 18.97 -10.52
CA GLY BC 137 -62.65 17.96 -11.45
C GLY BC 137 -61.76 16.74 -11.40
N MET BC 138 -62.30 15.65 -11.92
CA MET BC 138 -61.54 14.40 -11.97
C MET BC 138 -60.47 14.50 -13.05
N PRO BC 139 -59.22 14.14 -12.77
CA PRO BC 139 -58.17 14.34 -13.78
C PRO BC 139 -58.43 13.61 -15.09
N ASN BC 140 -59.05 12.42 -15.03
CA ASN BC 140 -59.31 11.66 -16.25
C ASN BC 140 -60.35 12.33 -17.13
N VAL BC 141 -61.22 13.17 -16.57
CA VAL BC 141 -62.25 13.82 -17.36
C VAL BC 141 -61.65 14.76 -18.38
N GLY BC 142 -60.54 15.42 -18.03
CA GLY BC 142 -59.91 16.38 -18.91
C GLY BC 142 -59.31 17.55 -18.15
N LYS BC 143 -59.58 17.63 -16.86
CA LYS BC 143 -58.98 18.67 -16.03
C LYS BC 143 -57.46 18.55 -16.05
N SER BC 144 -56.94 17.33 -15.91
CA SER BC 144 -55.50 17.12 -15.94
C SER BC 144 -54.91 17.52 -17.29
N THR BC 145 -55.59 17.17 -18.38
CA THR BC 145 -55.09 17.54 -19.70
C THR BC 145 -55.06 19.05 -19.87
N LEU BC 146 -56.11 19.74 -19.43
CA LEU BC 146 -56.12 21.20 -19.53
C LEU BC 146 -55.01 21.82 -18.70
N ILE BC 147 -54.82 21.32 -17.47
CA ILE BC 147 -53.77 21.86 -16.61
C ILE BC 147 -52.41 21.63 -17.24
N ASN BC 148 -52.18 20.45 -17.80
CA ASN BC 148 -50.90 20.15 -18.43
C ASN BC 148 -50.66 21.03 -19.65
N SER BC 149 -51.71 21.28 -20.44
CA SER BC 149 -51.56 22.15 -21.61
C SER BC 149 -51.19 23.57 -21.18
N LEU BC 150 -51.87 24.09 -20.16
CA LEU BC 150 -51.54 25.42 -19.66
C LEU BC 150 -50.12 25.45 -19.10
N ARG BC 151 -49.72 24.39 -18.40
CA ARG BC 151 -48.37 24.32 -17.85
C ARG BC 151 -47.34 24.36 -18.97
N LEU BC 152 -47.57 23.58 -20.03
CA LEU BC 152 -46.63 23.58 -21.15
C LEU BC 152 -46.57 24.94 -21.82
N ALA BC 153 -47.72 25.59 -22.00
CA ALA BC 153 -47.73 26.90 -22.62
C ALA BC 153 -46.92 27.90 -21.79
N HIS BC 154 -47.15 27.90 -20.47
CA HIS BC 154 -46.42 28.83 -19.60
C HIS BC 154 -44.92 28.53 -19.58
N GLU BC 155 -44.56 27.24 -19.56
CA GLU BC 155 -43.15 26.87 -19.57
C GLU BC 155 -42.48 27.31 -20.86
N TYR BC 156 -43.17 27.14 -22.00
CA TYR BC 156 -42.61 27.60 -23.26
C TYR BC 156 -42.47 29.11 -23.27
N GLN BC 157 -43.46 29.83 -22.74
CA GLN BC 157 -43.37 31.28 -22.69
C GLN BC 157 -42.16 31.72 -21.86
N PHE BC 158 -41.96 31.10 -20.70
CA PHE BC 158 -40.79 31.42 -19.89
C PHE BC 158 -39.50 31.09 -20.62
N HIS BC 159 -39.45 29.93 -21.28
CA HIS BC 159 -38.25 29.49 -21.99
C HIS BC 159 -37.97 30.37 -23.20
N VAL BC 182 -48.07 25.06 -3.97
CA VAL BC 182 -49.20 25.62 -4.71
C VAL BC 182 -48.99 25.38 -6.19
N LYS BC 183 -50.10 25.26 -6.93
CA LYS BC 183 -50.07 25.04 -8.37
C LYS BC 183 -50.98 26.08 -9.04
N LEU BC 184 -50.36 27.10 -9.62
CA LEU BC 184 -51.07 28.15 -10.33
C LEU BC 184 -50.62 28.15 -11.78
N VAL BC 185 -51.59 28.14 -12.69
CA VAL BC 185 -51.34 28.14 -14.13
C VAL BC 185 -52.03 29.36 -14.73
N PRO BC 186 -51.31 30.24 -15.42
CA PRO BC 186 -51.99 31.38 -16.07
C PRO BC 186 -52.78 30.96 -17.28
N VAL BC 187 -53.76 31.78 -17.65
CA VAL BC 187 -54.61 31.52 -18.79
C VAL BC 187 -54.27 32.53 -19.90
N CYS BC 188 -54.41 33.82 -19.58
CA CYS BC 188 -54.11 34.88 -20.52
C CYS BC 188 -53.58 36.08 -19.75
N LYS BC 189 -52.81 36.93 -20.43
CA LYS BC 189 -52.27 38.12 -19.78
C LYS BC 189 -53.39 39.06 -19.34
N ASP BC 190 -54.41 39.23 -20.16
CA ASP BC 190 -55.55 40.06 -19.83
C ASP BC 190 -56.81 39.21 -19.81
N PRO BC 191 -57.66 39.30 -18.78
CA PRO BC 191 -57.56 40.16 -17.59
C PRO BC 191 -56.78 39.53 -16.44
N ASN BC 192 -55.63 38.93 -16.74
CA ASN BC 192 -54.75 38.33 -15.74
C ASN BC 192 -55.49 37.24 -14.95
N ILE BC 193 -55.87 36.20 -15.68
CA ILE BC 193 -56.58 35.06 -15.11
C ILE BC 193 -55.58 33.96 -14.80
N VAL BC 194 -55.67 33.39 -13.59
CA VAL BC 194 -54.86 32.24 -13.20
C VAL BC 194 -55.78 31.20 -12.58
N LEU BC 195 -55.33 29.95 -12.62
CA LEU BC 195 -56.11 28.83 -12.13
C LEU BC 195 -55.31 28.06 -11.09
N TYR BC 196 -55.92 27.86 -9.92
CA TYR BC 196 -55.37 26.97 -8.90
C TYR BC 196 -55.75 25.54 -9.21
N ASP BC 197 -54.81 24.63 -8.97
CA ASP BC 197 -55.04 23.21 -9.21
C ASP BC 197 -55.44 22.52 -7.91
N SER BC 198 -56.41 21.61 -8.01
CA SER BC 198 -56.84 20.76 -6.91
C SER BC 198 -56.64 19.32 -7.34
N PRO BC 199 -55.48 18.73 -7.01
CA PRO BC 199 -55.12 17.44 -7.60
C PRO BC 199 -56.01 16.28 -7.17
N GLY BC 200 -56.18 16.10 -5.87
CA GLY BC 200 -56.87 14.91 -5.36
C GLY BC 200 -58.03 15.20 -4.44
N LEU BC 201 -58.83 16.22 -4.75
CA LEU BC 201 -59.95 16.58 -3.91
C LEU BC 201 -61.28 16.00 -4.40
N THR BC 202 -61.33 15.48 -5.63
CA THR BC 202 -62.57 14.95 -6.20
C THR BC 202 -62.31 13.64 -6.94
N LEU BC 203 -61.39 12.84 -6.44
CA LEU BC 203 -61.13 11.55 -7.06
C LEU BC 203 -62.17 10.51 -6.63
N PRO BC 204 -62.47 9.52 -7.49
CA PRO BC 204 -63.44 8.50 -7.10
C PRO BC 204 -63.01 7.70 -5.89
N GLY BC 205 -61.78 7.20 -5.90
CA GLY BC 205 -61.33 6.33 -4.83
C GLY BC 205 -62.22 5.11 -4.76
N CYS BC 206 -62.54 4.69 -3.53
CA CYS BC 206 -63.51 3.62 -3.36
C CYS BC 206 -64.89 4.10 -3.80
N PHE BC 207 -65.61 3.24 -4.49
CA PHE BC 207 -66.90 3.61 -5.07
C PHE BC 207 -67.86 2.44 -4.96
N ALA BC 208 -69.15 2.76 -5.06
CA ALA BC 208 -70.19 1.75 -5.06
C ALA BC 208 -70.13 0.92 -6.34
N LYS BC 209 -70.78 -0.24 -6.30
CA LYS BC 209 -70.79 -1.10 -7.48
C LYS BC 209 -71.49 -0.42 -8.65
N GLU BC 210 -72.65 0.21 -8.40
CA GLU BC 210 -73.36 0.88 -9.49
C GLU BC 210 -72.55 2.04 -10.04
N ALA BC 211 -71.93 2.83 -9.17
CA ALA BC 211 -71.11 3.95 -9.63
C ALA BC 211 -69.93 3.45 -10.45
N GLY BC 212 -69.28 2.38 -9.98
CA GLY BC 212 -68.17 1.82 -10.74
C GLY BC 212 -68.59 1.30 -12.09
N LEU BC 213 -69.75 0.63 -12.16
CA LEU BC 213 -70.25 0.17 -13.44
C LEU BC 213 -70.54 1.34 -14.38
N LYS BC 214 -71.15 2.40 -13.86
CA LYS BC 214 -71.43 3.57 -14.69
C LYS BC 214 -70.14 4.19 -15.21
N LEU BC 215 -69.15 4.35 -14.35
CA LEU BC 215 -67.89 4.95 -14.78
C LEU BC 215 -67.19 4.07 -15.79
N ALA BC 216 -67.18 2.76 -15.57
CA ALA BC 216 -66.55 1.85 -16.54
C ALA BC 216 -67.25 1.92 -17.88
N ALA BC 217 -68.58 1.97 -17.88
CA ALA BC 217 -69.30 2.10 -19.15
C ALA BC 217 -68.96 3.41 -19.84
N CYS BC 218 -68.86 4.51 -19.06
CA CYS BC 218 -68.45 5.79 -19.62
C CYS BC 218 -66.99 5.80 -20.05
N GLY BC 219 -66.21 4.81 -19.63
CA GLY BC 219 -64.82 4.71 -20.04
C GLY BC 219 -63.84 5.48 -19.17
N ILE BC 220 -64.32 6.17 -18.13
CA ILE BC 220 -63.44 6.95 -17.27
C ILE BC 220 -62.63 6.08 -16.33
N ILE BC 221 -63.06 4.85 -16.09
CA ILE BC 221 -62.31 3.90 -15.26
C ILE BC 221 -62.03 2.66 -16.09
N PRO BC 222 -60.77 2.33 -16.38
CA PRO BC 222 -60.47 1.13 -17.15
C PRO BC 222 -61.02 -0.12 -16.46
N THR BC 223 -61.48 -1.05 -17.29
CA THR BC 223 -62.03 -2.32 -16.81
C THR BC 223 -60.90 -3.30 -16.54
N ASN BC 224 -61.12 -4.15 -15.54
CA ASN BC 224 -60.17 -5.18 -15.16
C ASN BC 224 -60.88 -6.52 -15.13
N ASP BC 225 -60.11 -7.58 -15.36
CA ASP BC 225 -60.65 -8.94 -15.38
C ASP BC 225 -61.01 -9.45 -13.99
N ILE BC 226 -60.66 -8.73 -12.93
CA ILE BC 226 -60.88 -9.19 -11.56
C ILE BC 226 -61.88 -8.29 -10.85
N THR BC 227 -61.51 -7.02 -10.66
CA THR BC 227 -62.36 -6.11 -9.90
C THR BC 227 -63.72 -5.95 -10.55
N LEU BC 228 -63.74 -5.42 -11.78
CA LEU BC 228 -64.99 -5.24 -12.53
C LEU BC 228 -64.78 -5.77 -13.95
N PRO BC 229 -65.27 -6.97 -14.27
CA PRO BC 229 -65.04 -7.53 -15.60
C PRO BC 229 -65.87 -6.86 -16.69
N ARG BC 230 -65.31 -6.95 -17.91
CA ARG BC 230 -66.04 -6.47 -19.08
C ARG BC 230 -67.39 -7.14 -19.21
N SER BC 231 -67.49 -8.41 -18.79
CA SER BC 231 -68.77 -9.10 -18.83
C SER BC 231 -69.81 -8.36 -17.99
N LEU BC 232 -69.45 -8.02 -16.75
CA LEU BC 232 -70.39 -7.29 -15.90
C LEU BC 232 -70.69 -5.90 -16.45
N VAL BC 233 -69.67 -5.21 -16.98
CA VAL BC 233 -69.89 -3.87 -17.52
C VAL BC 233 -70.89 -3.92 -18.67
N ALA BC 234 -70.67 -4.83 -19.62
CA ALA BC 234 -71.56 -4.96 -20.76
C ALA BC 234 -72.94 -5.44 -20.35
N ARG BC 235 -73.02 -6.32 -19.35
CA ARG BC 235 -74.33 -6.75 -18.87
C ARG BC 235 -75.09 -5.58 -18.27
N TYR BC 236 -74.41 -4.72 -17.52
CA TYR BC 236 -75.06 -3.53 -16.98
C TYR BC 236 -75.54 -2.61 -18.11
N ILE BC 237 -74.70 -2.42 -19.13
CA ILE BC 237 -75.09 -1.57 -20.26
C ILE BC 237 -76.34 -2.14 -20.93
N TYR BC 238 -76.35 -3.44 -21.19
CA TYR BC 238 -77.50 -4.07 -21.82
C TYR BC 238 -78.73 -3.95 -20.94
N ASP BC 239 -78.57 -4.11 -19.62
CA ASP BC 239 -79.70 -4.02 -18.72
C ASP BC 239 -80.31 -2.62 -18.75
N VAL BC 240 -79.47 -1.59 -18.70
CA VAL BC 240 -79.99 -0.23 -18.72
C VAL BC 240 -80.67 0.06 -20.06
N LEU BC 241 -80.08 -0.41 -21.16
CA LEU BC 241 -80.72 -0.19 -22.45
C LEU BC 241 -82.07 -0.88 -22.54
N SER BC 242 -82.15 -2.13 -22.06
CA SER BC 242 -83.42 -2.86 -22.07
C SER BC 242 -84.45 -2.16 -21.20
N ALA BC 243 -84.04 -1.68 -20.03
CA ALA BC 243 -84.96 -0.94 -19.18
C ALA BC 243 -85.47 0.30 -19.89
N ALA BC 244 -84.58 1.03 -20.57
CA ALA BC 244 -85.01 2.16 -21.38
C ALA BC 244 -85.94 1.73 -22.51
N GLY BC 245 -85.85 0.48 -22.95
CA GLY BC 245 -86.71 0.01 -24.02
C GLY BC 245 -86.22 0.45 -25.38
N VAL BC 246 -84.93 0.24 -25.64
CA VAL BC 246 -84.30 0.72 -26.86
C VAL BC 246 -83.63 -0.44 -27.56
N GLY BC 247 -84.20 -1.63 -27.41
CA GLY BC 247 -83.57 -2.82 -27.98
C GLY BC 247 -83.47 -2.78 -29.49
N GLU BC 248 -84.55 -2.38 -30.16
CA GLU BC 248 -84.55 -2.36 -31.62
C GLU BC 248 -83.54 -1.33 -32.14
N HIS BC 249 -83.50 -0.15 -31.52
CA HIS BC 249 -82.54 0.86 -31.94
C HIS BC 249 -81.11 0.41 -31.68
N MET BC 250 -80.87 -0.27 -30.56
CA MET BC 250 -79.54 -0.82 -30.29
C MET BC 250 -79.16 -1.84 -31.35
N ALA BC 251 -80.10 -2.70 -31.73
CA ALA BC 251 -79.82 -3.68 -32.78
C ALA BC 251 -79.48 -2.99 -34.10
N GLU BC 252 -80.25 -1.96 -34.46
CA GLU BC 252 -79.97 -1.24 -35.69
C GLU BC 252 -78.60 -0.58 -35.65
N CYS BC 253 -78.25 0.03 -34.52
CA CYS BC 253 -76.94 0.66 -34.40
C CYS BC 253 -75.82 -0.36 -34.52
N LEU BC 254 -75.98 -1.51 -33.86
CA LEU BC 254 -74.95 -2.55 -33.92
C LEU BC 254 -74.93 -3.27 -35.26
N HIS BC 255 -75.95 -3.09 -36.09
CA HIS BC 255 -76.06 -3.66 -37.44
C HIS BC 255 -76.47 -5.12 -37.39
N LEU BC 256 -76.64 -5.72 -36.20
CA LEU BC 256 -77.06 -7.11 -36.13
C LEU BC 256 -78.48 -7.27 -36.68
N PRO BC 257 -78.81 -8.43 -37.26
CA PRO BC 257 -80.04 -8.55 -38.04
C PRO BC 257 -81.31 -8.24 -37.27
N ARG BC 258 -81.56 -8.95 -36.17
CA ARG BC 258 -82.82 -8.85 -35.46
C ARG BC 258 -82.57 -8.43 -34.02
N ALA BC 259 -83.57 -7.79 -33.43
CA ALA BC 259 -83.45 -7.30 -32.06
C ALA BC 259 -83.19 -8.47 -31.11
N PRO BC 260 -82.22 -8.37 -30.23
CA PRO BC 260 -81.91 -9.48 -29.33
C PRO BC 260 -82.95 -9.60 -28.22
N ILE BC 261 -82.94 -10.75 -27.55
CA ILE BC 261 -83.83 -11.00 -26.42
C ILE BC 261 -83.08 -11.14 -25.10
N SER BC 262 -81.78 -11.38 -25.12
CA SER BC 262 -80.99 -11.53 -23.90
C SER BC 262 -79.58 -11.01 -24.15
N PHE BC 263 -78.86 -10.77 -23.06
CA PHE BC 263 -77.48 -10.32 -23.17
C PHE BC 263 -76.61 -11.35 -23.89
N ASP BC 264 -76.80 -12.63 -23.56
CA ASP BC 264 -76.07 -13.69 -24.24
C ASP BC 264 -76.42 -13.72 -25.72
N ASP BC 265 -77.70 -13.54 -26.05
CA ASP BC 265 -78.11 -13.50 -27.45
C ASP BC 265 -77.46 -12.34 -28.19
N CYS BC 266 -77.39 -11.18 -27.54
CA CYS BC 266 -76.73 -10.03 -28.16
C CYS BC 266 -75.24 -10.30 -28.39
N ILE BC 267 -74.59 -10.94 -27.40
CA ILE BC 267 -73.18 -11.28 -27.57
C ILE BC 267 -72.99 -12.24 -28.74
N SER BC 268 -73.86 -13.25 -28.83
CA SER BC 268 -73.75 -14.21 -29.93
C SER BC 268 -73.97 -13.53 -31.27
N MET BC 269 -74.94 -12.63 -31.35
CA MET BC 269 -75.18 -11.91 -32.61
C MET BC 269 -73.98 -11.05 -32.98
N ILE BC 270 -73.38 -10.38 -31.99
CA ILE BC 270 -72.20 -9.56 -32.27
C ILE BC 270 -71.06 -10.41 -32.77
N CYS BC 271 -70.85 -11.57 -32.14
CA CYS BC 271 -69.77 -12.46 -32.59
C CYS BC 271 -70.03 -12.95 -34.01
N GLU BC 272 -71.27 -13.32 -34.31
CA GLU BC 272 -71.60 -13.79 -35.66
C GLU BC 272 -71.38 -12.68 -36.68
N ARG BC 273 -71.78 -11.46 -36.37
CA ARG BC 273 -71.56 -10.34 -37.27
C ARG BC 273 -70.07 -10.10 -37.49
N SER BC 274 -69.28 -10.14 -36.41
CA SER BC 274 -67.85 -9.89 -36.52
C SER BC 274 -67.17 -10.94 -37.38
N GLY BC 275 -67.48 -12.22 -37.14
CA GLY BC 275 -66.88 -13.29 -37.93
C GLY BC 275 -67.21 -14.64 -37.35
N THR BC 276 -66.89 -15.67 -38.12
CA THR BC 276 -67.14 -17.04 -37.68
C THR BC 276 -66.33 -17.38 -36.43
N SER BC 277 -65.06 -16.97 -36.40
CA SER BC 277 -64.20 -17.21 -35.24
C SER BC 277 -64.23 -16.02 -34.28
N GLY BC 278 -65.44 -15.68 -33.86
CA GLY BC 278 -65.63 -14.57 -32.94
C GLY BC 278 -65.64 -15.00 -31.50
N GLN BC 279 -64.56 -14.69 -30.78
CA GLN BC 279 -64.46 -15.04 -29.37
C GLN BC 279 -65.53 -14.29 -28.57
N THR BC 280 -66.01 -14.95 -27.51
CA THR BC 280 -67.04 -14.33 -26.68
C THR BC 280 -66.53 -13.03 -26.06
N ASP BC 281 -65.31 -13.04 -25.53
CA ASP BC 281 -64.73 -11.81 -24.97
C ASP BC 281 -64.50 -10.77 -26.05
N LEU BC 282 -64.05 -11.20 -27.24
CA LEU BC 282 -63.81 -10.26 -28.32
C LEU BC 282 -65.10 -9.54 -28.70
N GLY BC 283 -66.20 -10.29 -28.83
CA GLY BC 283 -67.49 -9.69 -29.13
C GLY BC 283 -68.10 -8.91 -28.00
N ASN BC 284 -67.79 -9.27 -26.76
CA ASN BC 284 -68.25 -8.52 -25.60
C ASN BC 284 -67.50 -7.21 -25.41
N LEU BC 285 -66.27 -7.12 -25.92
CA LEU BC 285 -65.52 -5.87 -25.86
C LEU BC 285 -66.08 -4.80 -26.77
N ASP BC 286 -66.89 -5.17 -27.76
CA ASP BC 286 -67.35 -4.23 -28.77
C ASP BC 286 -68.47 -3.33 -28.24
N PRO BC 287 -69.45 -3.85 -27.50
CA PRO BC 287 -70.47 -2.95 -26.94
C PRO BC 287 -69.90 -1.84 -26.08
N SER BC 288 -68.87 -2.14 -25.27
CA SER BC 288 -68.28 -1.10 -24.44
C SER BC 288 -67.62 -0.02 -25.30
N ARG BC 289 -66.88 -0.43 -26.33
CA ARG BC 289 -66.27 0.54 -27.24
C ARG BC 289 -67.33 1.38 -27.93
N ALA BC 290 -68.43 0.74 -28.36
CA ALA BC 290 -69.50 1.49 -29.01
C ALA BC 290 -70.13 2.50 -28.06
N GLN BC 291 -70.38 2.10 -26.81
CA GLN BC 291 -70.94 3.02 -25.83
C GLN BC 291 -70.00 4.20 -25.60
N LYS BC 292 -68.70 3.93 -25.50
CA LYS BC 292 -67.73 5.01 -25.33
C LYS BC 292 -67.64 5.89 -26.56
N PHE BC 293 -67.86 5.33 -27.75
CA PHE BC 293 -67.72 6.05 -29.01
C PHE BC 293 -69.03 6.67 -29.49
N LEU BC 294 -70.10 6.57 -28.71
CA LEU BC 294 -71.38 7.24 -28.97
C LEU BC 294 -72.21 6.54 -30.03
N ILE BC 295 -71.96 5.26 -30.31
CA ILE BC 295 -72.83 4.53 -31.20
C ILE BC 295 -74.26 4.53 -30.68
N HIS BC 296 -74.44 4.66 -29.37
CA HIS BC 296 -75.74 4.83 -28.75
C HIS BC 296 -75.68 6.06 -27.86
N ASP BC 297 -76.72 6.89 -27.92
CA ASP BC 297 -76.80 8.09 -27.09
C ASP BC 297 -77.67 7.80 -25.88
N ALA BC 298 -77.09 7.90 -24.69
CA ALA BC 298 -77.79 7.59 -23.46
C ALA BC 298 -77.13 8.36 -22.32
N GLN BC 299 -77.56 8.07 -21.09
CA GLN BC 299 -77.03 8.76 -19.92
C GLN BC 299 -77.30 7.90 -18.69
N LEU BC 300 -76.53 8.14 -17.63
CA LEU BC 300 -76.65 7.40 -16.38
C LEU BC 300 -76.53 8.39 -15.23
N GLY BC 301 -77.68 8.78 -14.67
CA GLY BC 301 -77.69 9.71 -13.56
C GLY BC 301 -79.07 10.25 -13.24
N ASN BC 302 -79.33 10.47 -11.95
CA ASN BC 302 -80.59 11.03 -11.48
C ASN BC 302 -80.37 12.45 -10.98
N LEU BC 303 -81.45 13.08 -10.53
CA LEU BC 303 -81.41 14.45 -10.04
C LEU BC 303 -82.75 14.75 -9.39
N GLY BC 304 -82.90 15.99 -8.92
CA GLY BC 304 -84.13 16.44 -8.30
C GLY BC 304 -84.66 17.70 -8.95
N ARG BC 305 -85.84 17.59 -9.57
CA ARG BC 305 -86.47 18.70 -10.29
C ARG BC 305 -85.45 19.52 -11.08
N VAL CC 1 -12.67 133.67 -4.98
CA VAL CC 1 -13.82 133.11 -4.28
C VAL CC 1 -14.25 134.05 -3.18
N PRO CC 2 -15.54 134.04 -2.82
CA PRO CC 2 -16.02 134.93 -1.76
C PRO CC 2 -15.30 134.66 -0.45
N SER CC 3 -15.03 135.74 0.29
CA SER CC 3 -14.36 135.61 1.57
C SER CC 3 -15.22 134.82 2.56
N ALA CC 4 -16.53 135.10 2.60
CA ALA CC 4 -17.41 134.36 3.49
C ALA CC 4 -17.45 132.89 3.12
N ILE CC 5 -17.51 132.58 1.82
CA ILE CC 5 -17.52 131.19 1.40
C ILE CC 5 -16.22 130.49 1.81
N ARG CC 6 -15.09 131.16 1.62
CA ARG CC 6 -13.81 130.57 2.00
C ARG CC 6 -13.75 130.32 3.51
N ILE CC 7 -14.21 131.28 4.31
CA ILE CC 7 -14.20 131.12 5.76
C ILE CC 7 -15.09 129.96 6.16
N ASP CC 8 -16.28 129.87 5.58
CA ASP CC 8 -17.20 128.79 5.93
C ASP CC 8 -16.61 127.44 5.54
N THR CC 9 -15.98 127.35 4.36
CA THR CC 9 -15.35 126.10 3.96
C THR CC 9 -14.23 125.71 4.91
N ARG CC 10 -13.42 126.69 5.33
CA ARG CC 10 -12.35 126.40 6.28
C ARG CC 10 -12.91 125.90 7.60
N VAL CC 11 -13.99 126.53 8.07
CA VAL CC 11 -14.60 126.08 9.32
C VAL CC 11 -15.13 124.66 9.18
N ALA CC 12 -15.77 124.37 8.05
CA ALA CC 12 -16.29 123.01 7.83
C ALA CC 12 -15.15 122.00 7.79
N TYR CC 13 -14.05 122.34 7.13
CA TYR CC 13 -12.91 121.43 7.08
C TYR CC 13 -12.31 121.21 8.46
N ARG CC 14 -12.21 122.27 9.26
CA ARG CC 14 -11.71 122.12 10.62
C ARG CC 14 -12.60 121.20 11.43
N ARG CC 15 -13.92 121.38 11.30
CA ARG CC 15 -14.86 120.50 12.01
C ARG CC 15 -14.70 119.06 11.54
N LEU CC 16 -14.53 118.86 10.24
CA LEU CC 16 -14.40 117.50 9.71
C LEU CC 16 -13.14 116.83 10.23
N ILE CC 17 -12.02 117.54 10.26
CA ILE CC 17 -10.78 116.94 10.75
C ILE CC 17 -10.87 116.68 12.24
N LYS CC 18 -11.52 117.58 12.99
CA LYS CC 18 -11.72 117.33 14.41
C LYS CC 18 -12.57 116.09 14.63
N VAL CC 19 -13.62 115.92 13.83
CA VAL CC 19 -14.46 114.72 13.94
C VAL CC 19 -13.66 113.48 13.61
N ALA CC 20 -12.81 113.55 12.59
CA ALA CC 20 -11.97 112.41 12.24
C ALA CC 20 -11.03 112.06 13.39
N ASP CC 21 -10.44 113.07 14.02
CA ASP CC 21 -9.58 112.82 15.17
C ASP CC 21 -10.36 112.18 16.32
N GLN CC 22 -11.56 112.66 16.58
CA GLN CC 22 -12.37 112.07 17.66
C GLN CC 22 -12.75 110.64 17.33
N VAL CC 23 -13.06 110.36 16.07
CA VAL CC 23 -13.39 109.00 15.66
C VAL CC 23 -12.18 108.09 15.86
N THR CC 24 -11.00 108.55 15.46
CA THR CC 24 -9.79 107.76 15.69
C THR CC 24 -9.57 107.53 17.17
N ARG CC 25 -9.82 108.55 17.99
CA ARG CC 25 -9.64 108.41 19.43
C ARG CC 25 -10.58 107.36 20.01
N ASP CC 26 -11.87 107.44 19.69
CA ASP CC 26 -12.88 106.56 20.28
C ASP CC 26 -12.87 105.20 19.59
N CYS CC 27 -13.32 105.15 18.35
CA CYS CC 27 -13.31 103.91 17.59
C CYS CC 27 -11.88 103.45 17.39
N PRO CC 28 -11.63 102.14 17.41
CA PRO CC 28 -10.25 101.65 17.23
C PRO CC 28 -9.76 101.77 15.79
N LEU CC 29 -9.61 103.01 15.34
CA LEU CC 29 -9.11 103.30 14.00
C LEU CC 29 -7.63 102.94 13.98
N TYR CC 30 -7.31 101.84 13.28
CA TYR CC 30 -5.97 101.27 13.39
C TYR CC 30 -4.93 102.20 12.79
N GLN CC 31 -5.14 102.67 11.57
CA GLN CC 31 -4.20 103.56 10.89
C GLN CC 31 -4.71 104.99 11.00
N THR CC 32 -4.16 105.74 11.95
CA THR CC 32 -4.66 107.09 12.20
C THR CC 32 -4.47 107.98 10.98
N GLU CC 33 -3.32 107.88 10.31
CA GLU CC 33 -3.02 108.78 9.21
C GLU CC 33 -3.92 108.53 8.01
N GLY CC 34 -4.38 107.28 7.84
CA GLY CC 34 -5.08 106.93 6.62
C GLY CC 34 -6.39 107.68 6.45
N LEU CC 35 -7.19 107.74 7.51
CA LEU CC 35 -8.48 108.40 7.41
C LEU CC 35 -8.32 109.89 7.14
N ARG CC 36 -7.39 110.53 7.86
CA ARG CC 36 -7.15 111.95 7.65
C ARG CC 36 -6.67 112.21 6.23
N GLN CC 37 -5.76 111.37 5.72
CA GLN CC 37 -5.28 111.55 4.36
C GLN CC 37 -6.41 111.41 3.35
N TYR CC 38 -7.25 110.39 3.52
CA TYR CC 38 -8.34 110.19 2.55
C TYR CC 38 -9.32 111.35 2.59
N VAL CC 39 -9.71 111.80 3.79
CA VAL CC 39 -10.67 112.89 3.87
C VAL CC 39 -10.07 114.16 3.27
N GLY CC 40 -8.80 114.43 3.56
CA GLY CC 40 -8.16 115.60 2.96
C GLY CC 40 -8.13 115.53 1.45
N ARG CC 41 -7.76 114.37 0.91
CA ARG CC 41 -7.69 114.23 -0.54
C ARG CC 41 -9.05 114.40 -1.19
N ARG CC 42 -10.09 113.79 -0.61
CA ARG CC 42 -11.43 113.93 -1.16
C ARG CC 42 -11.91 115.37 -1.09
N PHE CC 43 -11.65 116.04 0.05
CA PHE CC 43 -12.05 117.42 0.19
C PHE CC 43 -11.34 118.30 -0.84
N LEU CC 44 -10.05 118.06 -1.05
CA LEU CC 44 -9.31 118.82 -2.05
C LEU CC 44 -9.89 118.60 -3.44
N GLU CC 45 -10.22 117.35 -3.78
CA GLU CC 45 -10.80 117.07 -5.09
C GLU CC 45 -12.13 117.81 -5.28
N ARG CC 46 -13.01 117.72 -4.28
CA ARG CC 46 -14.30 118.39 -4.40
C ARG CC 46 -14.14 119.90 -4.46
N ALA CC 47 -13.21 120.46 -3.67
CA ALA CC 47 -12.98 121.89 -3.70
C ALA CC 47 -12.44 122.32 -5.06
N GLU CC 48 -11.55 121.53 -5.66
CA GLU CC 48 -11.05 121.85 -6.99
C GLU CC 48 -12.17 121.82 -8.01
N ARG CC 49 -13.05 120.82 -7.93
CA ARG CC 49 -14.18 120.77 -8.85
C ARG CC 49 -15.07 122.00 -8.70
N ASN CC 50 -15.36 122.38 -7.45
CA ASN CC 50 -16.21 123.53 -7.22
C ASN CC 50 -15.56 124.81 -7.72
N ARG CC 51 -14.24 124.95 -7.50
CA ARG CC 51 -13.55 126.14 -7.96
C ARG CC 51 -13.53 126.22 -9.49
N GLN CC 52 -13.33 125.08 -10.15
CA GLN CC 52 -13.38 125.07 -11.61
C GLN CC 52 -14.77 125.44 -12.11
N GLN CC 53 -15.82 124.90 -11.47
CA GLN CC 53 -17.18 125.26 -11.87
C GLN CC 53 -17.44 126.75 -11.68
N TYR CC 54 -16.98 127.30 -10.55
CA TYR CC 54 -17.16 128.73 -10.32
C TYR CC 54 -16.42 129.56 -11.36
N ARG CC 55 -15.19 129.15 -11.72
CA ARG CC 55 -14.45 129.86 -12.74
C ARG CC 55 -15.17 129.82 -14.07
N HIS CC 56 -15.74 128.66 -14.42
CA HIS CC 56 -16.52 128.54 -15.65
C HIS CC 56 -17.72 129.47 -15.63
N GLN CC 81 -27.37 132.06 -5.64
CA GLN CC 81 -27.47 130.71 -6.19
C GLN CC 81 -26.23 129.90 -5.85
N TYR CC 82 -25.06 130.40 -6.27
CA TYR CC 82 -23.81 129.72 -5.97
C TYR CC 82 -23.57 129.67 -4.46
N GLY CC 83 -23.86 130.77 -3.76
CA GLY CC 83 -23.72 130.76 -2.32
C GLY CC 83 -24.62 129.75 -1.65
N LYS CC 84 -25.87 129.66 -2.10
CA LYS CC 84 -26.80 128.68 -1.55
C LYS CC 84 -26.31 127.26 -1.82
N PHE CC 85 -25.79 127.01 -3.03
CA PHE CC 85 -25.27 125.68 -3.35
C PHE CC 85 -24.07 125.33 -2.47
N ILE CC 86 -23.16 126.28 -2.26
CA ILE CC 86 -22.01 126.01 -1.39
C ILE CC 86 -22.47 125.78 0.04
N ALA CC 87 -23.48 126.53 0.50
CA ALA CC 87 -24.01 126.31 1.84
C ALA CC 87 -24.62 124.92 1.97
N LYS CC 88 -25.33 124.48 0.92
CA LYS CC 88 -25.87 123.12 0.93
C LYS CC 88 -24.75 122.08 1.00
N GLU CC 89 -23.69 122.29 0.23
CA GLU CC 89 -22.56 121.35 0.29
C GLU CC 89 -21.94 121.32 1.68
N LEU CC 90 -21.78 122.48 2.31
CA LEU CC 90 -21.20 122.53 3.64
C LEU CC 90 -22.10 121.87 4.67
N GLN CC 91 -23.42 122.04 4.53
CA GLN CC 91 -24.34 121.35 5.42
C GLN CC 91 -24.26 119.85 5.24
N GLN CC 92 -24.11 119.39 3.99
CA GLN CC 92 -23.92 117.97 3.74
C GLN CC 92 -22.63 117.47 4.38
N VAL CC 93 -21.56 118.27 4.31
CA VAL CC 93 -20.31 117.87 4.94
C VAL CC 93 -20.48 117.78 6.45
N HIS CC 94 -21.21 118.72 7.04
CA HIS CC 94 -21.46 118.67 8.48
C HIS CC 94 -22.27 117.42 8.84
N GLY CC 95 -23.26 117.07 8.04
CA GLY CC 95 -24.00 115.85 8.27
C GLY CC 95 -23.11 114.61 8.18
N LEU CC 96 -22.21 114.60 7.19
CA LEU CC 96 -21.25 113.50 7.09
C LEU CC 96 -20.38 113.43 8.33
N ALA CC 97 -19.97 114.58 8.85
CA ALA CC 97 -19.17 114.60 10.08
C ALA CC 97 -19.97 114.03 11.25
N GLU CC 98 -21.24 114.39 11.35
CA GLU CC 98 -22.08 113.84 12.42
C GLU CC 98 -22.20 112.32 12.29
N LEU CC 99 -22.37 111.82 11.06
CA LEU CC 99 -22.44 110.38 10.85
C LEU CC 99 -21.12 109.71 11.23
N LEU CC 100 -20.00 110.34 10.88
CA LEU CC 100 -18.71 109.81 11.29
C LEU CC 100 -18.60 109.75 12.81
N LEU CC 101 -19.09 110.78 13.49
CA LEU CC 101 -19.08 110.77 14.95
C LEU CC 101 -19.95 109.64 15.48
N ARG CC 102 -21.06 109.34 14.80
CA ARG CC 102 -21.87 108.18 15.17
C ARG CC 102 -21.17 106.86 14.87
N ALA CC 103 -20.20 106.87 13.95
CA ALA CC 103 -19.61 105.62 13.47
C ALA CC 103 -19.18 104.66 14.57
N PRO CC 104 -18.49 105.10 15.64
CA PRO CC 104 -17.97 104.11 16.60
C PRO CC 104 -19.04 103.22 17.21
N GLY CC 105 -20.28 103.72 17.31
CA GLY CC 105 -21.33 102.91 17.91
C GLY CC 105 -21.59 101.62 17.15
N ASN CC 106 -21.58 101.69 15.83
CA ASN CC 106 -21.91 100.55 14.98
C ASN CC 106 -20.63 99.87 14.49
N THR CC 107 -20.58 98.54 14.63
CA THR CC 107 -19.40 97.81 14.19
C THR CC 107 -19.26 97.86 12.68
N ALA CC 108 -20.37 97.80 11.94
CA ALA CC 108 -20.29 97.83 10.49
C ALA CC 108 -19.64 99.11 9.98
N LEU CC 109 -20.06 100.25 10.54
CA LEU CC 109 -19.44 101.51 10.16
C LEU CC 109 -17.97 101.53 10.53
N THR CC 110 -17.62 100.92 11.68
CA THR CC 110 -16.21 100.83 12.05
C THR CC 110 -15.41 100.04 11.01
N SER CC 111 -15.96 98.92 10.53
CA SER CC 111 -15.28 98.14 9.51
C SER CC 111 -15.14 98.93 8.22
N MET CC 112 -16.20 99.65 7.82
CA MET CC 112 -16.12 100.46 6.62
C MET CC 112 -15.03 101.51 6.74
N LEU CC 113 -14.97 102.20 7.89
CA LEU CC 113 -13.96 103.22 8.08
C LEU CC 113 -12.56 102.62 8.09
N GLN CC 114 -12.38 101.46 8.73
CA GLN CC 114 -11.07 100.82 8.74
C GLN CC 114 -10.62 100.46 7.33
N VAL CC 115 -11.50 99.85 6.54
CA VAL CC 115 -11.13 99.49 5.18
C VAL CC 115 -10.84 100.73 4.36
N LEU CC 116 -11.64 101.77 4.52
CA LEU CC 116 -11.42 103.01 3.77
C LEU CC 116 -10.06 103.62 4.12
N SER CC 117 -9.73 103.65 5.41
CA SER CC 117 -8.45 104.19 5.83
C SER CC 117 -7.30 103.36 5.27
N ALA CC 118 -7.44 102.04 5.28
CA ALA CC 118 -6.43 101.17 4.69
C ALA CC 118 -6.29 101.39 3.19
N GLY CC 119 -7.37 101.77 2.51
CA GLY CC 119 -7.29 102.00 1.08
C GLY CC 119 -6.90 100.77 0.29
N VAL CC 120 -7.47 99.62 0.62
CA VAL CC 120 -7.08 98.37 -0.02
C VAL CC 120 -7.55 98.34 -1.46
N GLY CC 121 -8.80 98.73 -1.71
CA GLY CC 121 -9.38 98.58 -3.03
C GLY CC 121 -9.03 99.71 -3.97
N ASN CC 122 -9.59 99.63 -5.17
CA ASN CC 122 -9.38 100.63 -6.20
C ASN CC 122 -10.28 101.85 -5.94
N VAL CC 123 -10.33 102.75 -6.93
CA VAL CC 123 -11.14 103.95 -6.77
C VAL CC 123 -12.60 103.60 -6.60
N HIS CC 124 -13.12 102.70 -7.43
CA HIS CC 124 -14.52 102.32 -7.33
C HIS CC 124 -14.82 101.66 -6.00
N TYR CC 125 -13.92 100.79 -5.54
CA TYR CC 125 -14.10 100.16 -4.23
C TYR CC 125 -14.18 101.21 -3.12
N GLN CC 126 -13.23 102.15 -3.10
CA GLN CC 126 -13.26 103.20 -2.09
C GLN CC 126 -14.47 104.11 -2.29
N GLN CC 127 -14.79 104.44 -3.53
CA GLN CC 127 -15.95 105.29 -3.80
C GLN CC 127 -17.24 104.61 -3.32
N THR CC 128 -17.36 103.31 -3.57
CA THR CC 128 -18.57 102.60 -3.15
C THR CC 128 -18.75 102.69 -1.63
N VAL CC 129 -17.66 102.51 -0.88
CA VAL CC 129 -17.75 102.61 0.58
C VAL CC 129 -18.15 104.02 0.99
N GLU CC 130 -17.52 105.03 0.38
CA GLU CC 130 -17.84 106.41 0.73
C GLU CC 130 -19.29 106.74 0.41
N ARG CC 131 -19.74 106.38 -0.80
CA ARG CC 131 -21.10 106.70 -1.21
C ARG CC 131 -22.12 105.98 -0.33
N ASN CC 132 -21.84 104.72 0.02
CA ASN CC 132 -22.81 103.91 0.76
C ASN CC 132 -22.84 104.22 2.25
N TYR CC 133 -21.91 105.03 2.76
CA TYR CC 133 -21.86 105.27 4.21
C TYR CC 133 -23.09 106.03 4.69
N VAL CC 134 -23.41 107.14 4.04
CA VAL CC 134 -24.58 107.92 4.44
C VAL CC 134 -25.86 107.12 4.22
N ARG CC 135 -25.93 106.36 3.12
CA ARG CC 135 -27.09 105.51 2.89
C ARG CC 135 -27.22 104.48 4.01
N TYR CC 136 -26.10 103.91 4.46
CA TYR CC 136 -26.15 102.95 5.54
C TYR CC 136 -26.66 103.58 6.82
N CYS CC 137 -26.21 104.80 7.14
CA CYS CC 137 -26.68 105.46 8.36
C CYS CC 137 -28.17 105.74 8.29
N GLN CC 138 -28.63 106.31 7.17
CA GLN CC 138 -30.05 106.59 7.01
C GLN CC 138 -30.88 105.31 7.07
N PHE CC 139 -30.39 104.25 6.41
CA PHE CC 139 -31.12 102.98 6.44
C PHE CC 139 -31.11 102.38 7.83
N GLU CC 140 -30.05 102.62 8.60
CA GLU CC 140 -30.03 102.12 9.98
C GLU CC 140 -31.10 102.78 10.82
N GLU CC 141 -31.22 104.10 10.72
CA GLU CC 141 -32.28 104.77 11.48
C GLU CC 141 -33.66 104.34 10.99
N LYS CC 142 -33.84 104.22 9.67
CA LYS CC 142 -35.11 103.77 9.14
C LYS CC 142 -35.45 102.35 9.60
N LYS CC 143 -34.44 101.48 9.65
CA LYS CC 143 -34.65 100.11 10.12
C LYS CC 143 -35.03 100.10 11.59
N LEU CC 144 -34.41 100.95 12.39
CA LEU CC 144 -34.80 101.05 13.79
C LEU CC 144 -36.26 101.47 13.92
N ASP CC 145 -36.67 102.47 13.13
CA ASP CC 145 -38.06 102.91 13.18
C ASP CC 145 -39.00 101.79 12.76
N ARG CC 146 -38.67 101.10 11.67
CA ARG CC 146 -39.55 100.03 11.18
C ARG CC 146 -39.60 98.86 12.15
N ASP CC 147 -38.48 98.56 12.82
CA ASP CC 147 -38.47 97.50 13.82
C ASP CC 147 -39.36 97.89 15.00
N GLU CC 148 -39.31 99.15 15.43
CA GLU CC 148 -40.20 99.59 16.49
C GLU CC 148 -41.67 99.45 16.06
N VAL CC 149 -41.97 99.85 14.82
CA VAL CC 149 -43.35 99.74 14.34
C VAL CC 149 -43.79 98.28 14.29
N GLU CC 150 -42.90 97.39 13.82
CA GLU CC 150 -43.24 95.97 13.74
C GLU CC 150 -43.44 95.38 15.12
N GLU CC 151 -42.62 95.79 16.09
CA GLU CC 151 -42.79 95.31 17.46
C GLU CC 151 -44.14 95.77 18.01
N GLU CC 152 -44.51 97.02 17.76
CA GLU CC 152 -45.81 97.50 18.22
C GLU CC 152 -46.95 96.72 17.57
N ALA CC 153 -46.83 96.46 16.27
CA ALA CC 153 -47.87 95.69 15.58
C ALA CC 153 -47.97 94.28 16.14
N THR CC 154 -46.83 93.64 16.40
CA THR CC 154 -46.85 92.29 16.96
C THR CC 154 -47.45 92.28 18.35
N SER CC 155 -47.12 93.27 19.17
CA SER CC 155 -47.71 93.35 20.51
C SER CC 155 -49.22 93.53 20.42
N ASP CC 156 -49.69 94.38 19.50
CA ASP CC 156 -51.12 94.53 19.31
C ASP CC 156 -51.77 93.22 18.86
N ARG CC 157 -51.12 92.51 17.95
CA ARG CC 157 -51.66 91.24 17.48
C ARG CC 157 -51.75 90.22 18.61
N GLN CC 158 -50.73 90.15 19.46
CA GLN CC 158 -50.76 89.21 20.58
C GLN CC 158 -51.90 89.55 21.54
N ASN CC 159 -52.12 90.84 21.80
CA ASN CC 159 -53.23 91.24 22.66
C ASN CC 159 -54.56 90.80 22.08
N ARG CC 160 -54.70 90.86 20.75
CA ARG CC 160 -55.93 90.40 20.11
C ARG CC 160 -56.18 88.93 20.39
N ILE CC 161 -55.14 88.11 20.31
CA ILE CC 161 -55.27 86.69 20.57
C ILE CC 161 -55.58 86.46 22.05
N LYS DC 1 -24.11 -29.30 -41.53
CA LYS DC 1 -24.46 -29.27 -40.12
C LYS DC 1 -25.97 -29.30 -39.95
N GLU DC 2 -26.67 -29.85 -40.94
CA GLU DC 2 -28.12 -29.96 -40.90
C GLU DC 2 -28.52 -31.41 -40.61
N TYR DC 3 -29.65 -31.56 -39.93
CA TYR DC 3 -30.09 -32.89 -39.53
C TYR DC 3 -30.32 -33.79 -40.75
N ARG DC 4 -30.96 -33.24 -41.79
CA ARG DC 4 -31.25 -34.05 -42.97
C ARG DC 4 -29.97 -34.58 -43.60
N LEU DC 5 -28.96 -33.72 -43.72
CA LEU DC 5 -27.67 -34.18 -44.23
C LEU DC 5 -27.01 -35.16 -43.27
N THR DC 6 -27.31 -35.04 -41.97
CA THR DC 6 -26.76 -35.96 -40.97
C THR DC 6 -27.46 -37.31 -40.98
N VAL DC 7 -28.64 -37.40 -41.58
CA VAL DC 7 -29.39 -38.66 -41.54
C VAL DC 7 -28.57 -39.76 -42.21
N PRO DC 8 -28.53 -40.98 -41.66
CA PRO DC 8 -27.71 -42.03 -42.31
C PRO DC 8 -28.10 -42.29 -43.75
N TYR DC 9 -29.39 -42.27 -44.06
CA TYR DC 9 -29.88 -42.48 -45.42
C TYR DC 9 -30.47 -41.16 -45.92
N ARG DC 10 -29.68 -40.42 -46.70
CA ARG DC 10 -30.12 -39.13 -47.19
C ARG DC 10 -31.35 -39.28 -48.07
N SER DC 11 -32.37 -38.47 -47.79
CA SER DC 11 -33.61 -38.54 -48.56
C SER DC 11 -33.39 -37.97 -49.96
N GLU DC 12 -34.25 -38.39 -50.89
CA GLU DC 12 -34.15 -37.89 -52.25
C GLU DC 12 -34.50 -36.41 -52.33
N VAL DC 13 -35.44 -35.95 -51.51
CA VAL DC 13 -35.77 -34.52 -51.50
C VAL DC 13 -34.56 -33.71 -51.05
N THR DC 14 -33.88 -34.15 -49.99
CA THR DC 14 -32.68 -33.45 -49.54
C THR DC 14 -31.57 -33.54 -50.57
N MET DC 15 -31.46 -34.69 -51.24
CA MET DC 15 -30.46 -34.84 -52.29
C MET DC 15 -30.70 -33.85 -53.42
N LEU DC 16 -31.95 -33.72 -53.84
CA LEU DC 16 -32.29 -32.75 -54.88
C LEU DC 16 -32.00 -31.32 -54.41
N ARG DC 17 -32.34 -31.03 -53.15
CA ARG DC 17 -32.06 -29.71 -52.59
C ARG DC 17 -30.57 -29.41 -52.64
N LEU DC 18 -29.74 -30.38 -52.29
CA LEU DC 18 -28.30 -30.21 -52.35
C LEU DC 18 -27.78 -30.16 -53.78
N ALA DC 19 -28.51 -30.72 -54.72
CA ALA DC 19 -28.09 -30.73 -56.13
C ALA DC 19 -28.24 -29.35 -56.74
N ASN DC 20 -27.37 -28.42 -56.35
CA ASN DC 20 -27.41 -27.04 -56.84
C ASN DC 20 -26.26 -26.74 -57.79
N HIS DC 21 -25.68 -27.74 -58.43
CA HIS DC 21 -24.57 -27.51 -59.34
C HIS DC 21 -25.04 -26.68 -60.53
N LYS DC 22 -24.14 -25.86 -61.05
CA LYS DC 22 -24.44 -24.97 -62.18
C LYS DC 22 -24.39 -25.79 -63.46
N ALA DC 23 -25.50 -26.45 -63.75
CA ALA DC 23 -25.61 -27.32 -64.92
C ALA DC 23 -27.05 -27.34 -65.39
N ILE DC 24 -27.25 -27.89 -66.60
CA ILE DC 24 -28.59 -28.00 -67.16
C ILE DC 24 -29.47 -28.79 -66.21
N ASN DC 25 -30.73 -28.36 -66.09
CA ASN DC 25 -31.72 -29.04 -65.26
C ASN DC 25 -31.26 -29.14 -63.81
N SER DC 26 -30.59 -28.10 -63.33
CA SER DC 26 -30.27 -27.99 -61.92
C SER DC 26 -31.42 -27.27 -61.20
N ASN DC 27 -31.48 -27.42 -59.88
CA ASN DC 27 -32.55 -26.79 -59.13
C ASN DC 27 -32.52 -25.28 -59.34
N ILE DC 28 -33.69 -24.70 -59.62
CA ILE DC 28 -33.75 -23.27 -59.87
C ILE DC 28 -33.98 -22.50 -58.58
N ARG DC 29 -34.66 -23.11 -57.61
CA ARG DC 29 -34.93 -22.42 -56.35
C ARG DC 29 -33.64 -22.10 -55.62
N GLU DC 30 -32.72 -23.07 -55.53
CA GLU DC 30 -31.46 -22.84 -54.84
C GLU DC 30 -30.62 -21.81 -55.57
N LEU DC 31 -30.56 -21.89 -56.90
CA LEU DC 31 -29.79 -20.90 -57.66
C LEU DC 31 -30.36 -19.50 -57.47
N PHE DC 32 -31.69 -19.36 -57.47
CA PHE DC 32 -32.29 -18.05 -57.25
C PHE DC 32 -31.99 -17.54 -55.84
N LYS DC 33 -32.05 -18.42 -54.84
CA LYS DC 33 -31.70 -18.01 -53.49
C LYS DC 33 -30.24 -17.60 -53.38
N LYS DC 34 -29.37 -18.20 -54.19
CA LYS DC 34 -27.98 -17.81 -54.19
C LYS DC 34 -27.81 -16.42 -54.78
N PRO DC 35 -26.68 -15.75 -54.51
CA PRO DC 35 -26.48 -14.39 -55.04
C PRO DC 35 -26.50 -14.39 -56.57
N LEU DC 36 -26.95 -13.26 -57.12
CA LEU DC 36 -27.06 -13.14 -58.57
C LEU DC 36 -25.70 -13.33 -59.23
N VAL DC 37 -24.65 -12.70 -58.68
CA VAL DC 37 -23.32 -12.83 -59.26
C VAL DC 37 -22.83 -14.26 -59.23
N MET DC 38 -23.11 -15.00 -58.15
CA MET DC 38 -22.63 -16.37 -58.05
C MET DC 38 -23.22 -17.26 -59.13
N ASN DC 39 -24.51 -17.14 -59.38
CA ASN DC 39 -25.19 -17.97 -60.37
C ASN DC 39 -25.34 -17.20 -61.68
N ASN DC 40 -26.00 -17.83 -62.66
CA ASN DC 40 -26.22 -17.24 -63.97
C ASN DC 40 -27.69 -17.22 -64.34
N ILE DC 41 -28.58 -17.19 -63.36
CA ILE DC 41 -30.02 -17.16 -63.64
C ILE DC 41 -30.39 -15.73 -64.04
N LYS DC 42 -30.70 -15.55 -65.33
CA LYS DC 42 -31.05 -14.24 -65.87
C LYS DC 42 -32.57 -14.08 -65.91
N ALA DC 43 -33.01 -12.95 -66.44
CA ALA DC 43 -34.43 -12.64 -66.46
C ALA DC 43 -35.19 -13.66 -67.30
N ILE DC 44 -36.42 -13.94 -66.89
CA ILE DC 44 -37.27 -14.92 -67.55
C ILE DC 44 -37.68 -14.35 -68.90
N PRO DC 45 -37.41 -15.03 -70.01
CA PRO DC 45 -37.87 -14.52 -71.32
C PRO DC 45 -39.36 -14.75 -71.49
N ARG DC 46 -40.08 -13.69 -71.84
CA ARG DC 46 -41.52 -13.75 -72.08
C ARG DC 46 -41.85 -13.12 -73.42
N ASP DC 47 -42.96 -13.56 -73.99
CA ASP DC 47 -43.42 -13.10 -75.30
C ASP DC 47 -44.60 -12.16 -75.09
N LEU DC 48 -44.30 -10.86 -74.97
CA LEU DC 48 -45.34 -9.84 -74.92
C LEU DC 48 -45.78 -9.51 -76.34
N GLY DC 49 -46.17 -10.53 -77.10
CA GLY DC 49 -46.32 -10.41 -78.54
C GLY DC 49 -47.77 -10.31 -79.01
N GLU DC 50 -47.91 -10.25 -80.33
CA GLU DC 50 -49.23 -10.06 -80.94
C GLU DC 50 -50.15 -11.24 -80.68
N ILE DC 51 -49.64 -12.47 -80.71
CA ILE DC 51 -50.49 -13.64 -80.52
C ILE DC 51 -50.98 -13.69 -79.08
N PRO DC 52 -50.12 -13.51 -78.07
CA PRO DC 52 -50.63 -13.38 -76.70
C PRO DC 52 -51.62 -12.23 -76.54
N ARG DC 53 -51.35 -11.09 -77.20
CA ARG DC 53 -52.26 -9.96 -77.11
C ARG DC 53 -53.63 -10.34 -77.66
N ASP DC 54 -53.65 -11.02 -78.80
CA ASP DC 54 -54.91 -11.44 -79.41
C ASP DC 54 -55.64 -12.45 -78.52
N TYR DC 55 -54.90 -13.38 -77.92
CA TYR DC 55 -55.53 -14.34 -77.02
C TYR DC 55 -56.18 -13.63 -75.83
N VAL DC 56 -55.46 -12.68 -75.23
CA VAL DC 56 -56.01 -11.94 -74.10
C VAL DC 56 -57.23 -11.14 -74.54
N LEU DC 57 -57.18 -10.55 -75.74
CA LEU DC 57 -58.30 -9.77 -76.24
C LEU DC 57 -59.53 -10.67 -76.46
N ARG DC 58 -59.32 -11.87 -76.99
CA ARG DC 58 -60.43 -12.80 -77.17
C ARG DC 58 -61.04 -13.18 -75.82
N LEU DC 59 -60.20 -13.48 -74.84
CA LEU DC 59 -60.72 -13.82 -73.53
C LEU DC 59 -61.49 -12.66 -72.91
N LEU DC 60 -60.97 -11.43 -73.07
CA LEU DC 60 -61.67 -10.27 -72.53
C LEU DC 60 -62.99 -10.03 -73.24
N PHE DC 61 -63.03 -10.20 -74.56
CA PHE DC 61 -64.28 -10.08 -75.29
C PHE DC 61 -65.30 -11.11 -74.83
N PHE DC 62 -64.84 -12.34 -74.58
CA PHE DC 62 -65.74 -13.36 -74.05
C PHE DC 62 -66.28 -12.93 -72.68
N HIS DC 63 -65.40 -12.57 -71.76
CA HIS DC 63 -65.78 -12.11 -70.43
C HIS DC 63 -65.54 -10.60 -70.36
N GLN DC 64 -66.42 -9.86 -71.02
CA GLN DC 64 -66.34 -8.40 -71.17
C GLN DC 64 -65.92 -7.75 -69.86
N PRO DC 65 -66.68 -7.88 -68.75
CA PRO DC 65 -66.15 -7.45 -67.46
C PRO DC 65 -65.42 -8.59 -66.75
N ILE DC 66 -64.17 -8.36 -66.36
CA ILE DC 66 -63.40 -9.42 -65.72
C ILE DC 66 -62.23 -8.79 -64.98
N ARG DC 67 -61.95 -9.32 -63.79
CA ARG DC 67 -60.78 -8.92 -63.03
C ARG DC 67 -59.54 -9.62 -63.57
N LEU DC 68 -58.37 -9.13 -63.16
CA LEU DC 68 -57.13 -9.79 -63.54
C LEU DC 68 -57.06 -11.20 -62.97
N VAL DC 69 -57.46 -11.37 -61.70
CA VAL DC 69 -57.43 -12.69 -61.09
C VAL DC 69 -58.39 -13.63 -61.79
N ASP DC 70 -59.59 -13.16 -62.10
CA ASP DC 70 -60.57 -14.02 -62.79
C ASP DC 70 -60.08 -14.38 -64.18
N LEU DC 71 -59.47 -13.43 -64.90
CA LEU DC 71 -58.93 -13.72 -66.22
C LEU DC 71 -57.82 -14.76 -66.12
N TRP DC 72 -56.96 -14.65 -65.11
CA TRP DC 72 -55.91 -15.64 -64.91
C TRP DC 72 -56.51 -17.01 -64.60
N THR DC 73 -57.59 -17.05 -63.82
CA THR DC 73 -58.25 -18.31 -63.53
C THR DC 73 -58.83 -18.93 -64.81
N ILE DC 74 -59.43 -18.10 -65.66
CA ILE DC 74 -59.95 -18.60 -66.94
C ILE DC 74 -58.81 -19.13 -67.79
N CYS DC 75 -57.67 -18.44 -67.80
CA CYS DC 75 -56.51 -18.92 -68.54
C CYS DC 75 -56.06 -20.27 -68.01
N LYS DC 76 -56.01 -20.42 -66.69
CA LYS DC 76 -55.63 -21.70 -66.10
C LYS DC 76 -56.60 -22.80 -66.53
N GLU DC 77 -57.90 -22.50 -66.51
CA GLU DC 77 -58.89 -23.48 -66.94
C GLU DC 77 -58.65 -23.87 -68.39
N HIS DC 78 -58.35 -22.89 -69.25
CA HIS DC 78 -58.04 -23.19 -70.63
C HIS DC 78 -56.76 -24.01 -70.71
N ASP DC 79 -56.77 -25.05 -71.54
CA ASP DC 79 -55.63 -25.97 -71.59
C ASP DC 79 -54.46 -25.38 -72.37
N ASP DC 80 -54.68 -25.07 -73.65
CA ASP DC 80 -53.62 -24.56 -74.52
C ASP DC 80 -53.56 -23.04 -74.40
N VAL DC 81 -52.96 -22.59 -73.30
CA VAL DC 81 -52.81 -21.18 -72.98
C VAL DC 81 -51.33 -20.81 -73.15
N PRO DC 82 -51.01 -19.70 -73.84
CA PRO DC 82 -49.60 -19.32 -73.98
C PRO DC 82 -49.09 -18.46 -72.83
N LEU DC 83 -49.85 -18.40 -71.74
CA LEU DC 83 -49.50 -17.59 -70.57
C LEU DC 83 -49.15 -18.49 -69.39
N ASP DC 84 -48.61 -17.88 -68.35
CA ASP DC 84 -48.16 -18.63 -67.18
C ASP DC 84 -47.83 -17.66 -66.05
N SER DC 85 -48.21 -18.05 -64.83
CA SER DC 85 -47.86 -17.31 -63.62
C SER DC 85 -48.68 -16.03 -63.45
N ALA DC 86 -49.39 -15.63 -64.50
CA ALA DC 86 -50.23 -14.44 -64.50
C ALA DC 86 -49.41 -13.15 -64.55
N LYS DC 87 -48.08 -13.26 -64.42
CA LYS DC 87 -47.25 -12.07 -64.61
C LYS DC 87 -47.11 -11.74 -66.08
N HIS DC 88 -47.05 -12.77 -66.94
CA HIS DC 88 -47.11 -12.53 -68.36
C HIS DC 88 -48.43 -11.86 -68.74
N LEU DC 89 -49.54 -12.32 -68.15
CA LEU DC 89 -50.83 -11.70 -68.42
C LEU DC 89 -50.85 -10.25 -67.95
N ARG DC 90 -50.31 -9.98 -66.76
CA ARG DC 90 -50.28 -8.61 -66.26
C ARG DC 90 -49.45 -7.71 -67.17
N LEU DC 91 -48.30 -8.20 -67.64
CA LEU DC 91 -47.48 -7.42 -68.57
C LEU DC 91 -48.19 -7.20 -69.89
N VAL DC 92 -48.90 -8.22 -70.38
CA VAL DC 92 -49.67 -8.07 -71.62
C VAL DC 92 -50.72 -6.99 -71.46
N LEU DC 93 -51.43 -7.00 -70.33
CA LEU DC 93 -52.43 -5.96 -70.08
C LEU DC 93 -51.77 -4.59 -69.98
N LYS DC 94 -50.60 -4.50 -69.36
CA LYS DC 94 -49.91 -3.22 -69.25
C LYS DC 94 -49.55 -2.68 -70.63
N ILE DC 95 -48.98 -3.52 -71.49
CA ILE DC 95 -48.61 -3.06 -72.82
C ILE DC 95 -49.86 -2.72 -73.63
N ALA DC 96 -50.95 -3.48 -73.44
CA ALA DC 96 -52.20 -3.15 -74.12
C ALA DC 96 -52.71 -1.78 -73.70
N LYS DC 97 -52.63 -1.47 -72.40
CA LYS DC 97 -53.02 -0.15 -71.93
C LYS DC 97 -52.12 0.92 -72.53
N LEU DC 98 -50.82 0.67 -72.59
CA LEU DC 98 -49.90 1.65 -73.18
C LEU DC 98 -50.25 1.89 -74.64
N GLN DC 99 -50.61 0.84 -75.37
CA GLN DC 99 -50.96 0.95 -76.78
C GLN DC 99 -52.43 1.28 -77.01
N ARG DC 100 -53.20 1.50 -75.94
CA ARG DC 100 -54.60 1.93 -76.04
C ARG DC 100 -55.50 0.79 -76.51
N TRP DC 101 -55.21 -0.43 -76.06
CA TRP DC 101 -56.03 -1.60 -76.36
C TRP DC 101 -56.93 -2.01 -75.20
N VAL DC 102 -56.37 -2.19 -74.01
CA VAL DC 102 -57.13 -2.59 -72.83
C VAL DC 102 -56.82 -1.60 -71.71
N TYR DC 103 -57.86 -1.05 -71.09
CA TYR DC 103 -57.69 0.00 -70.08
C TYR DC 103 -58.38 -0.41 -68.79
N ALA DC 104 -57.78 -0.02 -67.67
CA ALA DC 104 -58.34 -0.30 -66.36
C ALA DC 104 -59.36 0.78 -65.98
N GLU DC 105 -60.21 0.43 -65.03
CA GLU DC 105 -61.22 1.36 -64.52
C GLU DC 105 -61.50 1.03 -63.07
N LYS DC 106 -61.48 2.07 -62.22
CA LYS DC 106 -61.73 1.90 -60.80
C LYS DC 106 -63.21 1.75 -60.53
N ASN DC 107 -63.53 1.06 -59.44
CA ASN DC 107 -64.90 0.83 -59.00
C ASN DC 107 -65.00 1.07 -57.51
N GLN DC 108 -66.23 1.11 -57.00
CA GLN DC 108 -66.43 1.28 -55.56
C GLN DC 108 -65.62 0.26 -54.77
N THR DC 109 -65.56 -0.97 -55.26
CA THR DC 109 -64.72 -1.98 -54.63
C THR DC 109 -63.25 -1.60 -54.77
N ASN DC 110 -62.45 -2.03 -53.79
CA ASN DC 110 -61.03 -1.68 -53.78
C ASN DC 110 -60.32 -2.12 -55.06
N ASN DC 111 -60.80 -3.17 -55.70
CA ASN DC 111 -60.20 -3.67 -56.93
C ASN DC 111 -60.71 -2.88 -58.13
N LEU DC 112 -60.01 -3.03 -59.25
CA LEU DC 112 -60.35 -2.36 -60.50
C LEU DC 112 -60.57 -3.40 -61.59
N TYR DC 113 -61.37 -3.03 -62.60
CA TYR DC 113 -61.74 -3.94 -63.67
C TYR DC 113 -61.13 -3.48 -64.99
N TYR DC 114 -60.65 -4.44 -65.78
CA TYR DC 114 -60.05 -4.16 -67.08
C TYR DC 114 -61.10 -4.30 -68.17
N TYR DC 115 -61.30 -3.24 -68.94
CA TYR DC 115 -62.22 -3.24 -70.06
C TYR DC 115 -61.45 -3.02 -71.36
N TYR DC 116 -62.14 -3.24 -72.47
CA TYR DC 116 -61.57 -3.10 -73.80
C TYR DC 116 -61.93 -1.74 -74.40
N VAL DC 117 -60.93 -1.06 -74.95
CA VAL DC 117 -61.13 0.26 -75.51
C VAL DC 117 -62.10 0.18 -76.69
N HIS DC 118 -62.95 1.19 -76.82
CA HIS DC 118 -63.97 1.17 -77.86
C HIS DC 118 -63.36 1.26 -79.26
N GLN DC 119 -62.35 2.12 -79.44
CA GLN DC 119 -61.75 2.27 -80.76
C GLN DC 119 -60.92 1.07 -81.18
N SER DC 120 -60.68 0.11 -80.28
CA SER DC 120 -59.92 -1.08 -80.61
C SER DC 120 -60.73 -2.37 -80.52
N ARG DC 121 -61.90 -2.33 -79.89
CA ARG DC 121 -62.72 -3.54 -79.75
C ARG DC 121 -63.33 -3.98 -81.07
N ILE DC 122 -63.66 -3.04 -81.95
CA ILE DC 122 -64.27 -3.40 -83.23
C ILE DC 122 -63.37 -4.34 -84.00
N GLN DC 123 -62.05 -4.10 -83.96
CA GLN DC 123 -61.13 -5.01 -84.61
C GLN DC 123 -61.19 -6.40 -83.98
N GLU DC 124 -61.36 -6.47 -82.66
CA GLU DC 124 -61.47 -7.77 -82.00
C GLU DC 124 -62.71 -8.52 -82.46
N VAL DC 125 -63.83 -7.82 -82.63
CA VAL DC 125 -65.07 -8.48 -83.05
C VAL DC 125 -64.87 -9.16 -84.40
N GLN DC 126 -64.33 -8.42 -85.37
CA GLN DC 126 -64.03 -9.03 -86.66
C GLN DC 126 -62.93 -10.08 -86.54
N GLN DC 127 -61.98 -9.87 -85.63
CA GLN DC 127 -60.95 -10.88 -85.38
C GLN DC 127 -61.59 -12.17 -84.87
N MET DC 128 -62.53 -12.05 -83.94
CA MET DC 128 -63.21 -13.23 -83.43
C MET DC 128 -64.06 -13.90 -84.51
N VAL DC 129 -64.71 -13.11 -85.37
CA VAL DC 129 -65.50 -13.68 -86.45
C VAL DC 129 -64.60 -14.47 -87.39
N ARG DC 130 -63.44 -13.89 -87.74
CA ARG DC 130 -62.50 -14.60 -88.60
C ARG DC 130 -61.99 -15.87 -87.93
N ALA DC 131 -61.73 -15.81 -86.63
CA ALA DC 131 -61.28 -17.00 -85.92
C ALA DC 131 -62.35 -18.09 -85.95
N SER DC 132 -63.61 -17.72 -85.75
CA SER DC 132 -64.69 -18.70 -85.80
C SER DC 132 -64.81 -19.29 -87.20
N GLU DC 133 -64.69 -18.46 -88.23
CA GLU DC 133 -64.74 -18.97 -89.59
C GLU DC 133 -63.59 -19.94 -89.86
N VAL DC 134 -62.39 -19.61 -89.38
CA VAL DC 134 -61.25 -20.50 -89.54
C VAL DC 134 -61.49 -21.81 -88.80
N ARG DC 135 -62.08 -21.74 -87.61
CA ARG DC 135 -62.39 -22.96 -86.86
C ARG DC 135 -63.38 -23.82 -87.62
N LYS DC 136 -64.42 -23.21 -88.21
CA LYS DC 136 -65.39 -23.97 -88.97
C LYS DC 136 -64.75 -24.62 -90.20
N LYS DC 137 -63.89 -23.87 -90.89
CA LYS DC 137 -63.17 -24.44 -92.03
C LYS DC 137 -62.27 -25.59 -91.60
N GLU DC 138 -61.61 -25.44 -90.45
CA GLU DC 138 -60.77 -26.51 -89.93
C GLU DC 138 -61.60 -27.74 -89.60
N GLN DC 139 -62.79 -27.55 -89.04
CA GLN DC 139 -63.66 -28.68 -88.74
C GLN DC 139 -64.11 -29.38 -90.01
N GLU DC 140 -64.44 -28.61 -91.05
CA GLU DC 140 -64.82 -29.23 -92.32
C GLU DC 140 -63.66 -30.01 -92.91
N SER DC 141 -62.45 -29.44 -92.86
CA SER DC 141 -61.27 -30.15 -93.34
C SER DC 141 -61.02 -31.41 -92.50
N VAL DC 142 -61.29 -31.34 -91.20
CA VAL DC 142 -61.10 -32.51 -90.34
C VAL DC 142 -62.11 -33.60 -90.71
N ARG DC 143 -63.34 -33.21 -91.04
CA ARG DC 143 -64.32 -34.20 -91.49
C ARG DC 143 -63.88 -34.86 -92.80
N GLU DC 144 -63.38 -34.05 -93.74
CA GLU DC 144 -62.88 -34.62 -94.99
C GLU DC 144 -61.70 -35.55 -94.73
N ILE DC 145 -60.81 -35.15 -93.82
CA ILE DC 145 -59.67 -36.00 -93.47
C ILE DC 145 -60.15 -37.28 -92.80
N GLU DC 146 -61.22 -37.20 -92.02
CA GLU DC 146 -61.77 -38.40 -91.40
C GLU DC 146 -62.32 -39.36 -92.44
N ALA DC 147 -63.01 -38.83 -93.45
CA ALA DC 147 -63.50 -39.69 -94.52
C ALA DC 147 -62.34 -40.34 -95.27
N GLU DC 148 -61.33 -39.54 -95.63
CA GLU DC 148 -60.16 -40.08 -96.30
C GLU DC 148 -59.47 -41.12 -95.44
N LYS DC 149 -59.39 -40.87 -94.13
CA LYS DC 149 -58.74 -41.78 -93.21
C LYS DC 149 -59.49 -43.10 -93.10
N LEU DC 150 -60.84 -43.05 -93.09
CA LEU DC 150 -61.60 -44.28 -93.01
C LEU DC 150 -61.45 -45.09 -94.30
N ARG DC 151 -61.45 -44.43 -95.46
CA ARG DC 151 -61.21 -45.16 -96.71
C ARG DC 151 -59.81 -45.77 -96.72
N MET DC 152 -58.80 -44.99 -96.32
CA MET DC 152 -57.44 -45.52 -96.25
C MET DC 152 -57.33 -46.64 -95.24
N GLU DC 153 -58.12 -46.59 -94.18
CA GLU DC 153 -58.10 -47.65 -93.17
C GLU DC 153 -58.73 -48.92 -93.72
N GLU DC 154 -59.77 -48.79 -94.54
CA GLU DC 154 -60.32 -49.97 -95.21
C GLU DC 154 -59.29 -50.59 -96.14
N GLN DC 155 -58.60 -49.76 -96.93
CA GLN DC 155 -57.56 -50.29 -97.80
C GLN DC 155 -56.44 -50.94 -97.00
N GLU DC 156 -56.06 -50.30 -95.88
CA GLU DC 156 -55.03 -50.84 -95.01
C GLU DC 156 -55.47 -52.18 -94.42
N ARG DC 157 -56.74 -52.30 -94.03
CA ARG DC 157 -57.26 -53.56 -93.53
C ARG DC 157 -57.16 -54.64 -94.60
N ARG DC 158 -57.52 -54.30 -95.85
CA ARG DC 158 -57.44 -55.28 -96.92
C ARG DC 158 -56.00 -55.78 -97.11
N LYS DC 159 -55.05 -54.83 -97.25
CA LYS DC 159 -53.67 -55.25 -97.49
C LYS DC 159 -53.07 -55.96 -96.27
N VAL DC 160 -53.48 -55.57 -95.06
CA VAL DC 160 -53.00 -56.22 -93.85
C VAL DC 160 -53.54 -57.63 -93.76
N ALA DC 161 -54.79 -57.84 -94.17
CA ALA DC 161 -55.34 -59.18 -94.23
C ALA DC 161 -54.57 -60.04 -95.23
N LEU DC 162 -54.23 -59.46 -96.38
CA LEU DC 162 -53.40 -60.18 -97.35
C LEU DC 162 -52.06 -60.56 -96.73
N ASP DC 163 -51.42 -59.61 -96.06
CA ASP DC 163 -50.12 -59.89 -95.43
C ASP DC 163 -50.25 -60.97 -94.37
N GLU DC 164 -51.30 -60.91 -93.55
CA GLU DC 164 -51.53 -61.93 -92.54
C GLU DC 164 -51.71 -63.29 -93.18
N ASN DC 165 -52.48 -63.37 -94.26
CA ASN DC 165 -52.71 -64.64 -94.93
C ASN DC 165 -51.39 -65.23 -95.43
N ILE DC 166 -50.59 -64.41 -96.12
CA ILE DC 166 -49.34 -64.92 -96.67
C ILE DC 166 -48.39 -65.33 -95.55
N VAL DC 167 -48.31 -64.54 -94.48
CA VAL DC 167 -47.42 -64.86 -93.38
C VAL DC 167 -47.85 -66.15 -92.69
N ALA DC 168 -49.16 -66.31 -92.49
CA ALA DC 168 -49.66 -67.54 -91.86
C ALA DC 168 -49.36 -68.76 -92.73
N LEU DC 169 -49.52 -68.62 -94.05
CA LEU DC 169 -49.19 -69.74 -94.93
C LEU DC 169 -47.70 -70.05 -94.88
N GLN DC 170 -46.86 -69.02 -94.84
CA GLN DC 170 -45.42 -69.26 -94.72
C GLN DC 170 -45.08 -69.97 -93.42
N ASN DC 171 -45.70 -69.56 -92.32
CA ASN DC 171 -45.46 -70.21 -91.04
C ASN DC 171 -45.92 -71.67 -91.07
N ALA DC 172 -47.07 -71.92 -91.71
CA ALA DC 172 -47.55 -73.29 -91.83
C ALA DC 172 -46.57 -74.14 -92.65
N LEU DC 173 -46.04 -73.57 -93.73
CA LEU DC 173 -45.05 -74.29 -94.52
C LEU DC 173 -43.81 -74.60 -93.69
N VAL DC 174 -43.34 -73.62 -92.92
CA VAL DC 174 -42.15 -73.84 -92.10
C VAL DC 174 -42.42 -74.93 -91.07
N SER DC 175 -43.57 -74.90 -90.42
CA SER DC 175 -43.90 -75.92 -89.44
C SER DC 175 -43.98 -77.30 -90.08
N ASN DC 176 -44.60 -77.39 -91.26
CA ASN DC 176 -44.68 -78.68 -91.95
C ASN DC 176 -43.30 -79.20 -92.31
N ILE DC 177 -42.41 -78.31 -92.77
CA ILE DC 177 -41.05 -78.71 -93.08
C ILE DC 177 -40.36 -79.23 -91.82
N ALA DC 178 -40.53 -78.52 -90.70
CA ALA DC 178 -39.92 -78.94 -89.45
C ALA DC 178 -40.52 -80.24 -88.91
N GLN DC 179 -41.73 -80.60 -89.33
CA GLN DC 179 -42.32 -81.85 -88.88
C GLN DC 179 -41.66 -83.06 -89.55
N ILE DC 180 -41.23 -82.91 -90.80
CA ILE DC 180 -40.68 -84.05 -91.53
C ILE DC 180 -39.41 -84.56 -90.85
N GLN DC 181 -38.55 -83.64 -90.41
CA GLN DC 181 -37.29 -84.07 -89.80
C GLN DC 181 -37.52 -84.92 -88.56
N GLU DC 182 -38.46 -84.54 -87.71
CA GLU DC 182 -38.82 -85.35 -86.55
C GLU DC 182 -39.80 -86.45 -86.94
N LEU EC 1 17.27 6.51 11.27
CA LEU EC 1 17.31 5.23 11.95
C LEU EC 1 17.62 5.41 13.44
N VAL EC 2 17.56 4.31 14.18
CA VAL EC 2 17.87 4.32 15.60
C VAL EC 2 19.35 4.02 15.78
N LYS EC 3 20.02 4.81 16.62
CA LYS EC 3 21.44 4.61 16.87
C LYS EC 3 21.66 3.35 17.68
N ARG EC 4 22.08 2.27 17.01
CA ARG EC 4 22.44 1.05 17.73
C ARG EC 4 23.78 1.24 18.42
N HIS EC 5 23.94 0.58 19.56
CA HIS EC 5 25.14 0.69 20.37
C HIS EC 5 25.64 -0.69 20.76
N LYS EC 6 26.96 -0.81 20.88
CA LYS EC 6 27.56 -2.05 21.33
C LYS EC 6 27.19 -2.28 22.79
N ILE EC 7 26.70 -3.47 23.08
CA ILE EC 7 26.22 -3.80 24.41
C ILE EC 7 27.37 -4.36 25.25
N THR EC 8 27.23 -4.21 26.56
CA THR EC 8 28.16 -4.81 27.51
C THR EC 8 27.47 -5.77 28.46
N ASN EC 9 26.14 -5.88 28.39
CA ASN EC 9 25.37 -6.80 29.23
C ASN EC 9 23.91 -6.70 28.80
N ASN EC 10 23.13 -7.71 29.19
CA ASN EC 10 21.71 -7.74 28.83
C ASN EC 10 20.95 -6.56 29.42
N GLN EC 11 21.49 -5.92 30.45
CA GLN EC 11 20.85 -4.72 30.99
C GLN EC 11 20.82 -3.62 29.94
N MET EC 12 21.88 -3.50 29.13
CA MET EC 12 21.86 -2.57 28.01
C MET EC 12 20.85 -2.94 26.95
N LEU EC 13 20.57 -4.24 26.76
CA LEU EC 13 19.50 -4.66 25.86
C LEU EC 13 18.14 -4.22 26.39
N LEU EC 14 17.91 -4.41 27.69
CA LEU EC 14 16.65 -3.98 28.29
C LEU EC 14 16.50 -2.46 28.32
N MET EC 15 17.62 -1.74 28.38
CA MET EC 15 17.57 -0.29 28.47
C MET EC 15 16.96 0.32 27.21
N ARG EC 16 16.11 1.34 27.39
CA ARG EC 16 15.51 2.05 26.27
C ARG EC 16 16.24 3.37 25.99
N ARG EC 17 16.35 4.23 27.01
CA ARG EC 17 17.08 5.47 26.88
C ARG EC 17 18.56 5.24 27.10
N ARG EC 18 19.39 5.83 26.23
CA ARG EC 18 20.83 5.62 26.33
C ARG EC 18 21.39 6.22 27.62
N GLU EC 19 20.79 7.30 28.12
CA GLU EC 19 21.24 8.00 29.32
C GLU EC 19 20.06 8.11 30.27
N PRO EC 20 19.76 7.07 31.04
CA PRO EC 20 18.60 7.14 31.95
C PRO EC 20 18.67 8.26 32.95
N TYR EC 21 19.87 8.66 33.37
CA TYR EC 21 20.04 9.70 34.38
C TYR EC 21 19.94 11.10 33.79
N LYS EC 22 19.36 11.25 32.61
CA LYS EC 22 19.24 12.52 31.94
C LYS EC 22 17.77 12.91 31.83
N PRO EC 23 17.41 14.15 32.14
CA PRO EC 23 15.99 14.53 32.07
C PRO EC 23 15.44 14.40 30.66
N THR EC 24 14.14 14.12 30.59
CA THR EC 24 13.46 14.02 29.31
C THR EC 24 13.53 15.37 28.60
N MET EC 25 12.99 15.43 27.38
CA MET EC 25 13.17 16.62 26.56
C MET EC 25 12.53 17.84 27.20
N LYS EC 26 11.30 17.70 27.70
CA LYS EC 26 10.61 18.85 28.30
C LYS EC 26 11.32 19.32 29.56
N ASP EC 27 11.74 18.39 30.42
CA ASP EC 27 12.48 18.78 31.61
C ASP EC 27 13.81 19.41 31.25
N ARG EC 28 14.46 18.95 30.19
CA ARG EC 28 15.67 19.60 29.72
C ARG EC 28 15.41 21.03 29.32
N GLN EC 29 14.33 21.27 28.58
CA GLN EC 29 13.99 22.64 28.20
C GLN EC 29 13.72 23.49 29.43
N GLU EC 30 12.98 22.95 30.39
CA GLU EC 30 12.69 23.71 31.61
C GLU EC 30 13.97 24.05 32.36
N ILE EC 31 14.86 23.08 32.52
CA ILE EC 31 16.09 23.31 33.27
C ILE EC 31 16.99 24.29 32.55
N ALA EC 32 17.09 24.17 31.22
CA ALA EC 32 17.90 25.12 30.47
C ALA EC 32 17.33 26.53 30.58
N ASP EC 33 16.01 26.67 30.50
CA ASP EC 33 15.42 28.00 30.63
C ASP EC 33 15.66 28.58 32.02
N ARG EC 34 15.51 27.76 33.06
CA ARG EC 34 15.77 28.25 34.41
C ARG EC 34 17.23 28.66 34.57
N ALA EC 35 18.16 27.85 34.05
CA ALA EC 35 19.57 28.19 34.17
C ALA EC 35 19.90 29.48 33.43
N LYS EC 36 19.36 29.64 32.22
CA LYS EC 36 19.60 30.86 31.46
C LYS EC 36 19.02 32.08 32.17
N LEU EC 37 17.81 31.94 32.74
CA LEU EC 37 17.23 33.05 33.48
C LEU EC 37 18.06 33.41 34.70
N GLU EC 38 18.54 32.40 35.43
CA GLU EC 38 19.38 32.67 36.59
C GLU EC 38 20.68 33.37 36.19
N GLU EC 39 21.30 32.91 35.10
CA GLU EC 39 22.52 33.55 34.65
C GLU EC 39 22.26 34.99 34.22
N PHE EC 40 21.14 35.23 33.53
CA PHE EC 40 20.80 36.58 33.12
C PHE EC 40 20.57 37.49 34.32
N GLU EC 41 19.86 36.98 35.33
CA GLU EC 41 19.62 37.78 36.53
C GLU EC 41 20.93 38.06 37.26
N ARG EC 42 21.84 37.08 37.31
CA ARG EC 42 23.13 37.31 37.92
C ARG EC 42 23.92 38.37 37.16
N LYS EC 43 23.86 38.34 35.83
CA LYS EC 43 24.53 39.37 35.04
C LYS EC 43 23.94 40.74 35.31
N ASN EC 44 22.62 40.83 35.43
CA ASN EC 44 21.93 42.10 35.61
C ASN EC 44 21.80 42.51 37.07
N ALA EC 45 22.39 41.74 37.99
CA ALA EC 45 22.34 42.11 39.41
C ALA EC 45 22.84 43.53 39.62
N ASP EC 46 23.96 43.87 38.99
CA ASP EC 46 24.42 45.25 38.94
C ASP EC 46 23.63 46.01 37.88
N GLY EC 47 23.67 47.34 37.99
CA GLY EC 47 22.92 48.17 37.07
C GLY EC 47 23.37 48.02 35.62
N LEU EC 48 22.77 48.80 34.73
CA LEU EC 48 23.16 48.79 33.33
C LEU EC 48 24.29 49.79 33.12
N MET EC 49 25.51 49.29 33.00
CA MET EC 49 26.66 50.17 32.82
C MET EC 49 26.54 50.95 31.53
N PHE EC 50 26.80 52.25 31.60
CA PHE EC 50 26.79 53.11 30.42
C PHE EC 50 28.18 53.04 29.79
N VAL EC 51 28.35 52.13 28.83
CA VAL EC 51 29.63 51.92 28.18
C VAL EC 51 29.98 53.15 27.36
N PRO EC 52 31.27 53.44 27.14
CA PRO EC 52 31.64 54.62 26.35
C PRO EC 52 31.31 54.45 24.87
N GLU EC 53 31.65 55.45 24.07
CA GLU EC 53 31.37 55.39 22.64
C GLU EC 53 32.11 54.23 21.98
N LYS EC 54 33.39 54.06 22.32
CA LYS EC 54 34.21 53.04 21.65
C LYS EC 54 33.73 51.63 21.93
N ALA EC 55 32.97 51.42 23.01
CA ALA EC 55 32.52 50.10 23.39
C ALA EC 55 31.15 49.73 22.82
N LEU EC 56 30.50 50.64 22.10
CA LEU EC 56 29.20 50.35 21.54
C LEU EC 56 29.34 49.31 20.42
N PRO EC 57 28.25 48.62 20.08
CA PRO EC 57 28.32 47.64 18.99
C PRO EC 57 28.77 48.30 17.70
N PRO EC 58 29.15 47.50 16.69
CA PRO EC 58 29.65 48.10 15.44
C PRO EC 58 28.64 49.02 14.77
N TRP EC 59 27.35 48.82 14.99
CA TRP EC 59 26.32 49.58 14.29
C TRP EC 59 25.87 50.82 15.05
N GLN EC 60 26.52 51.15 16.16
CA GLN EC 60 26.23 52.38 16.90
C GLN EC 60 27.50 53.20 17.08
N LYS EC 61 28.65 52.52 17.12
CA LYS EC 61 29.91 53.20 17.36
C LYS EC 61 30.19 54.26 16.31
N SER EC 62 30.10 53.89 15.04
CA SER EC 62 30.42 54.83 13.97
C SER EC 62 29.41 55.97 13.91
N LEU EC 63 28.13 55.67 14.11
CA LEU EC 63 27.11 56.73 14.09
C LEU EC 63 27.38 57.74 15.20
N ALA EC 64 27.68 57.26 16.41
CA ALA EC 64 27.97 58.18 17.51
C ALA EC 64 29.23 58.99 17.22
N HIS EC 65 30.26 58.34 16.67
CA HIS EC 65 31.51 59.05 16.37
C HIS EC 65 31.28 60.14 15.35
N ASN EC 66 30.52 59.84 14.29
CA ASN EC 66 30.21 60.86 13.30
C ASN EC 66 29.36 61.98 13.89
N ALA EC 67 28.41 61.64 14.76
CA ALA EC 67 27.59 62.68 15.39
C ALA EC 67 28.45 63.63 16.21
N LYS EC 68 29.40 63.10 16.97
CA LYS EC 68 30.25 63.92 17.82
C LYS EC 68 31.59 64.27 17.18
N ALA EC 69 31.70 64.12 15.86
CA ALA EC 69 32.98 64.37 15.19
C ALA EC 69 33.45 65.80 15.37
N LEU EC 70 32.54 66.77 15.18
CA LEU EC 70 32.95 68.17 15.23
C LEU EC 70 33.49 68.53 16.60
N GLY EC 71 32.81 68.10 17.67
CA GLY EC 71 33.29 68.35 19.01
C GLY EC 71 34.65 67.75 19.28
N SER EC 72 34.94 66.58 18.70
CA SER EC 72 36.26 65.97 18.86
C SER EC 72 37.36 66.83 18.26
N ARG EC 73 37.13 67.41 17.08
CA ARG EC 73 38.14 68.23 16.43
C ARG EC 73 38.26 69.61 17.06
N ILE EC 74 37.16 70.14 17.61
CA ILE EC 74 37.21 71.41 18.34
C ILE EC 74 36.92 71.12 19.81
N ASN EC 75 37.97 71.15 20.63
CA ASN EC 75 37.87 70.64 21.99
C ASN EC 75 37.30 71.70 22.93
N PHE EC 76 36.11 71.43 23.47
CA PHE EC 76 35.55 72.25 24.53
C PHE EC 76 34.54 71.42 25.30
N ARG EC 77 34.67 71.42 26.62
CA ARG EC 77 33.82 70.59 27.47
C ARG EC 77 32.39 71.12 27.49
N GLY EC 78 31.45 70.21 27.70
CA GLY EC 78 30.04 70.53 27.72
C GLY EC 78 29.32 70.23 26.42
N PHE EC 79 29.99 69.61 25.45
CA PHE EC 79 29.40 69.32 24.15
C PHE EC 79 28.94 67.87 24.16
N ARG EC 80 27.61 67.67 24.08
CA ARG EC 80 27.03 66.34 23.99
C ARG EC 80 25.96 66.33 22.92
N VAL EC 81 26.07 65.39 21.99
CA VAL EC 81 25.06 65.19 20.96
C VAL EC 81 24.07 64.14 21.45
N ARG EC 82 22.79 64.49 21.39
CA ARG EC 82 21.71 63.63 21.88
C ARG EC 82 21.32 62.69 20.75
N VAL EC 83 22.17 61.68 20.51
CA VAL EC 83 21.93 60.70 19.46
C VAL EC 83 20.74 59.82 19.85
N ALA EC 84 20.22 59.06 18.89
CA ALA EC 84 19.05 58.22 19.11
C ALA EC 84 19.41 56.76 19.33
N ASP EC 85 20.49 56.28 18.72
CA ASP EC 85 20.85 54.86 18.80
C ASP EC 85 21.54 54.49 20.11
N GLY EC 86 21.89 55.46 20.95
CA GLY EC 86 22.59 55.16 22.19
C GLY EC 86 21.81 54.21 23.08
N GLN EC 87 22.47 53.76 24.14
CA GLN EC 87 21.85 52.84 25.07
C GLN EC 87 20.64 53.48 25.74
N ASP EC 88 19.60 52.68 25.93
CA ASP EC 88 18.35 53.16 26.50
C ASP EC 88 18.48 53.42 27.99
N GLU EC 89 17.68 54.34 28.49
CA GLU EC 89 17.72 54.72 29.90
C GLU EC 89 17.20 53.56 30.75
N PRO EC 90 17.89 53.19 31.83
CA PRO EC 90 17.43 52.06 32.65
C PRO EC 90 16.16 52.35 33.44
N GLY EC 91 16.10 53.52 34.06
CA GLY EC 91 14.95 53.91 34.86
C GLY EC 91 15.20 53.98 36.36
N PHE EC 92 16.37 53.57 36.84
CA PHE EC 92 16.69 53.60 38.26
C PHE EC 92 18.15 53.98 38.41
N PRO EC 93 18.53 54.53 39.56
CA PRO EC 93 19.94 54.84 39.79
C PRO EC 93 20.79 53.57 39.83
N THR EC 94 22.02 53.69 39.38
CA THR EC 94 22.96 52.58 39.32
C THR EC 94 24.33 53.05 39.79
N PRO EC 95 25.18 52.13 40.23
CA PRO EC 95 26.52 52.55 40.69
C PRO EC 95 27.33 53.25 39.61
N PHE EC 96 27.16 52.86 38.35
CA PHE EC 96 27.94 53.42 37.26
C PHE EC 96 27.34 54.71 36.71
N ARG EC 97 26.21 55.17 37.25
CA ARG EC 97 25.51 56.33 36.73
C ARG EC 97 25.72 57.54 37.63
#